data_7MUD
#
_entry.id   7MUD
#
_cell.length_a   1.00
_cell.length_b   1.00
_cell.length_c   1.00
_cell.angle_alpha   90.00
_cell.angle_beta   90.00
_cell.angle_gamma   90.00
#
_symmetry.space_group_name_H-M   'P 1'
#
loop_
_entity.id
_entity.type
_entity.pdbx_description
1 polymer DotC
2 polymer DotD
3 polymer 'Type IV secretion protein IcmK'
4 polymer 'Inner membrane lipoprotein YiaD'
5 polymer 'Outer membrane protein, OmpA family protein'
6 polymer 'DUF2807 domain-containing protein'
7 polymer 'Neurogenic locus notch'
8 polymer 'Unknown protein fragment'
9 polymer DotF
#
loop_
_entity_poly.entity_id
_entity_poly.type
_entity_poly.pdbx_seq_one_letter_code
_entity_poly.pdbx_strand_id
1 'polypeptide(L)'
;MRKFILSLSILLSALLVACSSRNHYGDTGSLAGLQAMADSKYTRAQKKQKMGKIREMALKETALSVGAQAGLAWRAKIID
EQLNKQARNLDAIYDFNSLVLEHNILPPVLLEGRNTLNLADAQSIRISDRTYKVAKQAHFITTPPTWRQYLWMDYVKPEA
PNVTLLPKTKAEKEIWCIYTERGWKNGIDQANTILEENIARIKEDFGGMILYRKLLAMNMVSPPYVSHTDLGVTGDGSEI
HIDDRVLRITALPELNVNSAEWRAAVAKDENALERFKNMEKLANQAKIVITNKSWQPIIAPVS
;
AC,BC,CC,DC,EC,FC,GC,HC,IC,JC,KC,LC,MC
2 'polypeptide(L)'
;MNNNKIVIMFIFSALLAGCAGTMKFKKPPINNPSDDATIKLAEAAVSVSDSMLEMAKVEKVITPPSKDNTLTIPNAYNLQ
ARASVDWSGPIEELTARIAKAAHFRFRVLGKSPSVPVLISISTKDESLAEILRDIDYQAGKKASIHVYPNSQVVELRYAK
IYS
;
AD,Ad,BD,Bd,CD,Cd,DD,Dd,ED,Ed,FD,Fd,GD,Gd,HD,Hd,ID,Id,JD,Jd,KD,Kd,LD,Ld,MD,Md
3 'polypeptide(L)'
;MMKKYDQLCKYCLVIGLTFSMSCSIYAADQSDDAQQALQQLRMLQQKLSQNPSPDAQSGAGDGGDNAASDSTQQPNQSGQ
ANAPAANQTATAGGDGQIISQDDAEVIDKKAFKDMTRNLYPLNPEQVVKLKQIYETSEYAKAATPGTPPKPTATSQFVNL
SPGSTPPVIRLSQGFVSSLVFLDSTGAPWPIAAYDLGDPSSFNIQWDKTSNTLMIQATKLYNYGNLAVRLRGLNTPVMLT
LIPGQKAVDYRVDLRVQGYGPNAKSMPTEEGIPPSANDLLLHVLEGVPPPGSRRLVVSGGDARAWLSNEKMYVRTNLTIL
SPGWLASMTSADGTHAYEMQKSPVLLVSWHGKVMQLKVEGL
;
AH,BH,CH,DH,EH,FH,GH,HH,IH,JH,KH,LH,MH
4 'polypeptide(L)'
;MRSLRTNYIYVLFKTTGLLFLLLLSACNRSGYIPENEVPKLPCRVDGACDATIIKMMTDLNKKGIKVASVGQNYLISIPA
SALFADQSPRLNWASYSLLNEIAAFLKQFRKIAITVTSYSSKYVSVKRERALTLARSRVVSEYLWSQGVDSRIIFTQGLG
SDKPITSYTLGGDRSPNARVEITFRRAVA
;
AK,BK,CK,DK,EK,FK,GK,HK,IK,JK,KK,LK,MK
5 'polypeptide(L)'
;MRNLMRCLIMIKSLIKGVDMSRKLAKTRILGYGLMICFLAGCFHPPYNNFQPDRRAVKRVGVDTGIGAVAGAIASGTASG
TLIGAAAGGTVGLVASIYRDSKRKIIRDLQKQDIQYVEYGDTRTLIIPTDKYFMFSSPRLNEICYPGLNNVIRLLNFYPQ
STIYVAGFTDNVGSRSHKRKLSQAQAETMMTFLWANGIAAKRLKAEGYGDKNAISDNAIIHGSAQNRRIEIQWFTSPAQP
PQPQMAYVK
;
AL,BL,CL,DL,EL,FL,GL,HL,IL,JL,KL,LL,ML
6 'polypeptide(L)'
;MLKRCYLLILLMFVLASCAHHKPQTPPAEVKKQGTSSTRQFRQVSSFNQIVVQGRLNVNLHTGYNKPEVMLRGDPRDLVQ
VRTIVKQNTLYVSLGQGYPDYGAVTVDIKTKFLNRFRYEGAGVVTGNNLRTSYLDLYLANEGTTRLAGNIGLQKLEAVGN
GVTQINGVSSRNLQIVLKGDPKVLISGFVNLRQLDMYGKGTLSLYWIKSDTLTIRAKKAAKIQLAGIVNRLDVELWDFAQ
FKGKYLRAQRSFVKTHDKSVAEISAVNHQSSLATDASDIYYYNLSKTRADFMAFNGSVLDMREWGQSDLKDFDRYNKQFP
;
AM,BM,CM,DM,EM,FM,GM,HM,IM,JM,KM,LM,MM
7 'polypeptide(L)'
;MLFLKIKTNQRTTMNILKPKAFLLASVFVLSISPAFAADGCCSKMGGINYCDSSAGRLVCNNGFYSTCYCTRHAVMDLQF
LMGCCLWHGGVYPQLNSSGLVVCNDGYVSEECSLQKPVEQISVY
;
AN,BN,CN,DN,EN,FN,GN,HN,IN,JN,KN,LN,MN
8 'polypeptide(L)' (UNK)(UNK)(UNK)(UNK)(UNK)(UNK)(UNK)(UNK)(UNK) AU,BU,CU,DU,EU,FU,GU,HU,IU,JU,KU,LU,MU
9 'polypeptide(L)'
;MMAEHDQNNDEYKFAELDSYDMDQAGESDLDSEASYQSGKEGLTKKKDIKRNALIAIGAVVFIMVMYKIIGWMFFSDKSS
QVTSKPAIPPVTQVATPQPVQTIPTTTPIQQVQPTTIIEDDPDLKKKVSAIEMTQQSLRSEVNALSEQINAVNNNIKNLN
AQIVNLNQIIGNMSNQIARQSEVINVLMARTTPKKVVKVSRPIVQARIIYYIQAVIPGRAWLIGSNGSTLTVREGSKIPG
YGMVKLIDSLQGRILTSSGQVIKFSQEDS
;
Af,Bf,Cf,Df,Ef,Ff,Gf,Hf,If,Jf,Kf,Lf,Mf
#
# COMPACT_ATOMS: atom_id res chain seq x y z
N THR A 28 -67.38 -61.78 5.44
CA THR A 28 -68.14 -61.96 4.22
C THR A 28 -69.14 -63.12 4.36
N GLY A 29 -70.05 -63.23 3.41
CA GLY A 29 -71.04 -64.29 3.46
C GLY A 29 -72.07 -64.02 4.54
N SER A 30 -72.20 -64.96 5.48
CA SER A 30 -73.10 -64.81 6.60
C SER A 30 -72.34 -64.30 7.82
N LEU A 31 -73.07 -64.08 8.93
CA LEU A 31 -72.44 -63.63 10.16
C LEU A 31 -71.58 -64.74 10.77
N ALA A 32 -72.07 -65.98 10.74
CA ALA A 32 -71.29 -67.11 11.22
C ALA A 32 -70.09 -67.38 10.33
N GLY A 33 -70.25 -67.18 9.02
CA GLY A 33 -69.11 -67.30 8.11
C GLY A 33 -68.08 -66.21 8.29
N LEU A 34 -68.51 -65.01 8.69
CA LEU A 34 -67.57 -63.95 9.00
C LEU A 34 -66.85 -64.23 10.31
N GLN A 35 -67.57 -64.75 11.31
CA GLN A 35 -66.97 -65.11 12.58
C GLN A 35 -66.37 -66.51 12.51
N LYS A 60 -47.96 -66.32 -14.65
CA LYS A 60 -49.39 -66.63 -14.68
C LYS A 60 -50.08 -65.92 -15.85
N GLU A 61 -49.84 -64.62 -15.96
CA GLU A 61 -50.48 -63.83 -17.01
C GLU A 61 -49.86 -64.04 -18.38
N THR A 62 -48.65 -64.61 -18.45
CA THR A 62 -48.04 -64.90 -19.74
C THR A 62 -48.59 -66.17 -20.38
N ALA A 63 -49.18 -67.06 -19.59
CA ALA A 63 -49.77 -68.29 -20.12
C ALA A 63 -50.97 -68.01 -21.00
N LEU A 64 -51.81 -67.05 -20.59
CA LEU A 64 -52.95 -66.63 -21.41
C LEU A 64 -52.48 -66.03 -22.73
N SER A 65 -51.42 -65.23 -22.69
CA SER A 65 -50.90 -64.59 -23.90
C SER A 65 -50.33 -65.62 -24.88
N VAL A 66 -49.53 -66.57 -24.38
CA VAL A 66 -48.96 -67.57 -25.29
C VAL A 66 -50.03 -68.55 -25.79
N GLY A 67 -51.05 -68.83 -24.96
CA GLY A 67 -52.14 -69.67 -25.42
C GLY A 67 -52.98 -69.01 -26.50
N ALA A 68 -53.25 -67.71 -26.35
CA ALA A 68 -53.96 -66.95 -27.39
C ALA A 68 -53.14 -66.87 -28.66
N GLN A 69 -51.83 -66.61 -28.55
CA GLN A 69 -50.99 -66.45 -29.72
C GLN A 69 -50.78 -67.78 -30.46
N ALA A 70 -50.88 -68.91 -29.76
CA ALA A 70 -50.82 -70.19 -30.45
C ALA A 70 -52.17 -70.58 -31.05
N GLY A 71 -53.26 -70.40 -30.28
CA GLY A 71 -54.57 -70.80 -30.73
C GLY A 71 -55.10 -70.01 -31.90
N LEU A 72 -54.74 -68.72 -31.99
CA LEU A 72 -55.14 -67.89 -33.12
C LEU A 72 -54.55 -68.41 -34.43
N ALA A 73 -53.26 -68.75 -34.42
CA ALA A 73 -52.61 -69.27 -35.63
C ALA A 73 -53.11 -70.67 -35.97
N TRP A 74 -53.33 -71.51 -34.95
CA TRP A 74 -53.83 -72.87 -35.20
C TRP A 74 -55.23 -72.85 -35.81
N ARG A 75 -56.12 -72.03 -35.25
CA ARG A 75 -57.48 -71.91 -35.78
C ARG A 75 -57.48 -71.26 -37.16
N ALA A 76 -56.56 -70.32 -37.41
CA ALA A 76 -56.43 -69.71 -38.74
C ALA A 76 -56.00 -70.73 -39.78
N LYS A 77 -55.07 -71.63 -39.43
CA LYS A 77 -54.64 -72.68 -40.36
C LYS A 77 -55.77 -73.66 -40.64
N ILE A 78 -56.54 -74.04 -39.61
CA ILE A 78 -57.65 -74.98 -39.83
C ILE A 78 -58.75 -74.32 -40.67
N ILE A 79 -59.01 -73.03 -40.45
CA ILE A 79 -60.00 -72.30 -41.24
C ILE A 79 -59.54 -72.18 -42.70
N ASP A 80 -58.24 -71.96 -42.92
CA ASP A 80 -57.71 -71.91 -44.28
C ASP A 80 -57.84 -73.25 -44.99
N GLU A 81 -57.59 -74.36 -44.28
CA GLU A 81 -57.78 -75.68 -44.87
C GLU A 81 -59.25 -75.96 -45.20
N GLN A 82 -60.17 -75.56 -44.31
CA GLN A 82 -61.60 -75.74 -44.59
C GLN A 82 -62.06 -74.85 -45.74
N LEU A 83 -61.48 -73.66 -45.89
CA LEU A 83 -61.79 -72.81 -47.03
C LEU A 83 -61.28 -73.42 -48.33
N ASN A 84 -60.09 -74.02 -48.30
CA ASN A 84 -59.55 -74.66 -49.50
C ASN A 84 -60.26 -75.95 -49.85
N LYS A 85 -60.95 -76.59 -48.90
CA LYS A 85 -61.72 -77.79 -49.22
C LYS A 85 -62.93 -77.48 -50.11
N GLN A 86 -63.50 -76.28 -50.01
CA GLN A 86 -64.72 -75.92 -50.72
C GLN A 86 -64.48 -74.80 -51.72
N ALA A 87 -63.45 -74.94 -52.56
CA ALA A 87 -63.06 -73.85 -53.46
C ALA A 87 -64.04 -73.66 -54.61
N ARG A 88 -64.54 -74.75 -55.18
CA ARG A 88 -65.42 -74.63 -56.35
C ARG A 88 -66.81 -74.17 -55.98
N ASN A 89 -67.31 -74.59 -54.81
CA ASN A 89 -68.63 -74.15 -54.35
C ASN A 89 -68.65 -72.67 -54.04
N LEU A 90 -67.56 -72.14 -53.48
CA LEU A 90 -67.46 -70.70 -53.22
C LEU A 90 -67.42 -69.90 -54.51
N ASP A 91 -66.74 -70.43 -55.54
CA ASP A 91 -66.77 -69.80 -56.85
C ASP A 91 -68.15 -69.84 -57.48
N ALA A 92 -68.89 -70.93 -57.26
CA ALA A 92 -70.25 -71.00 -57.77
C ALA A 92 -71.18 -70.03 -57.04
N ILE A 93 -70.97 -69.85 -55.74
CA ILE A 93 -71.86 -68.99 -54.95
C ILE A 93 -71.57 -67.52 -55.20
N TYR A 94 -70.31 -67.10 -55.01
CA TYR A 94 -69.95 -65.69 -55.13
C TYR A 94 -69.36 -65.48 -56.53
N ASP A 95 -70.25 -65.43 -57.52
CA ASP A 95 -69.87 -65.30 -58.93
C ASP A 95 -69.88 -63.81 -59.27
N PHE A 96 -68.76 -63.14 -59.02
CA PHE A 96 -68.64 -61.73 -59.35
C PHE A 96 -68.50 -61.48 -60.85
N ASN A 97 -68.10 -62.51 -61.62
CA ASN A 97 -67.76 -62.31 -63.02
C ASN A 97 -68.99 -62.06 -63.89
N SER A 98 -70.12 -62.71 -63.56
CA SER A 98 -71.32 -62.60 -64.38
C SER A 98 -72.23 -61.46 -63.93
N LEU A 99 -71.81 -60.65 -62.96
CA LEU A 99 -72.54 -59.46 -62.57
C LEU A 99 -71.97 -58.18 -63.18
N VAL A 100 -70.89 -58.30 -63.94
CA VAL A 100 -70.22 -57.15 -64.54
C VAL A 100 -71.04 -56.65 -65.72
N LEU A 101 -71.07 -55.33 -65.89
CA LEU A 101 -71.86 -54.69 -66.95
C LEU A 101 -71.18 -54.78 -68.31
N GLU A 102 -71.66 -53.97 -69.27
CA GLU A 102 -71.31 -54.17 -70.68
C GLU A 102 -69.86 -53.80 -70.98
N HIS A 103 -69.39 -52.65 -70.49
CA HIS A 103 -68.06 -52.14 -70.83
C HIS A 103 -67.03 -52.45 -69.76
N ASN A 104 -67.15 -53.63 -69.12
CA ASN A 104 -66.34 -54.08 -67.99
C ASN A 104 -66.37 -53.05 -66.84
N ILE A 105 -67.59 -52.79 -66.37
CA ILE A 105 -67.84 -51.85 -65.29
C ILE A 105 -68.45 -52.62 -64.12
N LEU A 106 -67.84 -52.51 -62.96
CA LEU A 106 -68.38 -53.14 -61.76
C LEU A 106 -69.64 -52.42 -61.33
N PRO A 107 -70.72 -53.14 -61.00
CA PRO A 107 -71.96 -52.47 -60.61
C PRO A 107 -71.82 -51.82 -59.24
N PRO A 108 -72.58 -50.76 -58.97
CA PRO A 108 -72.51 -50.11 -57.66
C PRO A 108 -73.18 -50.94 -56.57
N VAL A 109 -72.92 -50.54 -55.33
CA VAL A 109 -73.42 -51.22 -54.15
C VAL A 109 -74.52 -50.36 -53.53
N LEU A 110 -75.70 -50.94 -53.31
CA LEU A 110 -76.83 -50.24 -52.75
C LEU A 110 -77.22 -50.85 -51.41
N LEU A 111 -77.60 -49.98 -50.47
CA LEU A 111 -78.04 -50.39 -49.15
C LEU A 111 -79.49 -49.98 -48.93
N GLU A 112 -80.24 -50.83 -48.22
CA GLU A 112 -81.67 -50.66 -48.03
C GLU A 112 -82.01 -50.69 -46.55
N GLY A 113 -82.90 -49.81 -46.13
CA GLY A 113 -83.43 -49.83 -44.78
C GLY A 113 -84.93 -49.70 -44.78
N ARG A 114 -85.57 -50.41 -43.86
CA ARG A 114 -87.03 -50.44 -43.78
C ARG A 114 -87.49 -50.06 -42.37
N ASN A 115 -88.58 -49.28 -42.33
CA ASN A 115 -89.31 -48.92 -41.12
C ASN A 115 -88.42 -48.19 -40.12
N THR A 116 -87.95 -47.02 -40.53
CA THR A 116 -86.91 -46.28 -39.81
C THR A 116 -87.54 -45.30 -38.84
N LEU A 117 -87.06 -45.28 -37.61
CA LEU A 117 -87.49 -44.29 -36.61
C LEU A 117 -86.30 -43.61 -35.99
N ASN A 118 -86.41 -42.29 -35.79
CA ASN A 118 -85.41 -41.52 -35.07
C ASN A 118 -86.11 -40.61 -34.06
N LEU A 119 -85.72 -40.74 -32.79
CA LEU A 119 -86.08 -39.81 -31.73
C LEU A 119 -84.95 -38.79 -31.63
N ALA A 120 -85.12 -37.64 -32.27
CA ALA A 120 -84.08 -36.63 -32.26
C ALA A 120 -83.91 -36.00 -30.88
N ASP A 121 -85.02 -35.61 -30.27
CA ASP A 121 -85.07 -35.11 -28.90
C ASP A 121 -86.51 -35.25 -28.43
N ALA A 122 -86.83 -34.61 -27.31
CA ALA A 122 -88.21 -34.54 -26.87
C ALA A 122 -89.04 -33.69 -27.83
N GLN A 123 -90.34 -33.98 -27.86
CA GLN A 123 -91.41 -33.28 -28.58
C GLN A 123 -91.35 -33.42 -30.10
N SER A 124 -90.38 -34.13 -30.66
CA SER A 124 -90.28 -34.25 -32.12
C SER A 124 -89.61 -35.57 -32.49
N ILE A 125 -90.23 -36.31 -33.42
CA ILE A 125 -89.67 -37.54 -33.96
C ILE A 125 -89.77 -37.51 -35.48
N ARG A 126 -88.92 -38.32 -36.12
CA ARG A 126 -88.94 -38.44 -37.58
C ARG A 126 -89.00 -39.90 -37.96
N ILE A 127 -89.95 -40.27 -38.81
CA ILE A 127 -90.11 -41.64 -39.25
C ILE A 127 -90.08 -41.70 -40.77
N SER A 128 -89.65 -42.86 -41.27
CA SER A 128 -89.58 -43.11 -42.70
C SER A 128 -89.99 -44.55 -42.99
N ASP A 129 -90.58 -44.76 -44.16
CA ASP A 129 -91.01 -46.10 -44.54
C ASP A 129 -89.88 -46.93 -45.13
N ARG A 130 -89.12 -46.36 -46.06
CA ARG A 130 -87.98 -47.04 -46.66
C ARG A 130 -86.92 -46.02 -47.01
N THR A 131 -85.66 -46.47 -47.03
CA THR A 131 -84.55 -45.63 -47.42
C THR A 131 -83.56 -46.44 -48.25
N TYR A 132 -82.96 -45.76 -49.23
CA TYR A 132 -81.98 -46.35 -50.14
C TYR A 132 -80.75 -45.46 -50.17
N LYS A 133 -79.58 -46.10 -50.14
CA LYS A 133 -78.31 -45.37 -50.15
C LYS A 133 -77.35 -46.04 -51.13
N VAL A 134 -76.49 -45.23 -51.74
CA VAL A 134 -75.45 -45.70 -52.65
C VAL A 134 -74.16 -45.76 -51.85
N ALA A 135 -73.75 -46.98 -51.44
CA ALA A 135 -72.55 -47.11 -50.60
C ALA A 135 -71.28 -46.95 -51.43
N LYS A 136 -71.24 -47.55 -52.62
CA LYS A 136 -70.08 -47.47 -53.49
C LYS A 136 -70.52 -47.18 -54.92
N GLN A 137 -69.60 -46.64 -55.70
CA GLN A 137 -69.88 -46.14 -57.04
C GLN A 137 -69.20 -47.01 -58.09
N ALA A 138 -69.80 -47.05 -59.28
CA ALA A 138 -69.30 -47.86 -60.38
C ALA A 138 -67.99 -47.29 -60.93
N HIS A 139 -67.14 -48.19 -61.44
CA HIS A 139 -65.85 -47.80 -62.00
C HIS A 139 -65.41 -48.87 -62.99
N PHE A 140 -64.41 -48.52 -63.80
CA PHE A 140 -63.82 -49.47 -64.73
C PHE A 140 -62.97 -50.49 -63.96
N ILE A 141 -63.03 -51.74 -64.40
CA ILE A 141 -62.21 -52.81 -63.84
C ILE A 141 -61.55 -53.58 -64.98
N THR A 142 -60.41 -54.18 -64.67
CA THR A 142 -59.75 -55.11 -65.58
C THR A 142 -59.93 -56.56 -65.20
N THR A 143 -60.10 -56.85 -63.91
CA THR A 143 -60.29 -58.19 -63.40
C THR A 143 -61.49 -58.21 -62.46
N PRO A 144 -62.26 -59.30 -62.45
CA PRO A 144 -63.35 -59.42 -61.47
C PRO A 144 -62.81 -59.76 -60.09
N PRO A 145 -63.55 -59.40 -59.04
CA PRO A 145 -63.12 -59.78 -57.69
C PRO A 145 -63.32 -61.27 -57.42
N THR A 146 -62.63 -61.75 -56.41
CA THR A 146 -62.70 -63.15 -55.98
C THR A 146 -62.89 -63.21 -54.48
N TRP A 147 -63.32 -64.38 -54.00
CA TRP A 147 -63.60 -64.58 -52.57
C TRP A 147 -62.35 -64.66 -51.72
N ARG A 148 -61.17 -64.89 -52.33
CA ARG A 148 -59.94 -64.99 -51.56
C ARG A 148 -59.49 -63.64 -51.01
N GLN A 149 -59.89 -62.54 -51.65
CA GLN A 149 -59.55 -61.22 -51.13
C GLN A 149 -60.38 -60.86 -49.90
N TYR A 150 -61.48 -61.57 -49.64
CA TYR A 150 -62.34 -61.33 -48.50
C TYR A 150 -62.19 -62.35 -47.39
N LEU A 151 -62.12 -63.64 -47.73
CA LEU A 151 -62.29 -64.70 -46.73
C LEU A 151 -61.00 -65.32 -46.24
N TRP A 152 -59.90 -65.16 -46.97
CA TRP A 152 -58.65 -65.83 -46.59
C TRP A 152 -58.03 -65.18 -45.37
N MET A 153 -57.66 -66.01 -44.39
CA MET A 153 -57.02 -65.55 -43.17
C MET A 153 -55.52 -65.75 -43.22
N ASP A 154 -54.82 -64.99 -42.40
CA ASP A 154 -53.36 -64.89 -42.47
C ASP A 154 -52.72 -65.86 -41.47
N TYR A 155 -51.76 -66.65 -41.96
CA TYR A 155 -51.08 -67.66 -41.15
C TYR A 155 -49.58 -67.47 -41.25
N VAL A 156 -48.94 -67.22 -40.11
CA VAL A 156 -47.49 -67.26 -39.97
C VAL A 156 -47.18 -68.18 -38.79
N LYS A 157 -46.33 -69.17 -39.02
CA LYS A 157 -46.04 -70.16 -37.99
C LYS A 157 -45.19 -69.56 -36.88
N PRO A 158 -45.66 -69.54 -35.63
CA PRO A 158 -44.87 -68.93 -34.54
C PRO A 158 -43.89 -69.91 -33.91
N GLU A 159 -42.60 -69.59 -33.98
CA GLU A 159 -41.55 -70.39 -33.36
C GLU A 159 -40.88 -69.62 -32.23
N ALA A 160 -41.64 -68.78 -31.52
CA ALA A 160 -41.12 -67.95 -30.43
C ALA A 160 -41.92 -68.23 -29.17
N PRO A 161 -41.49 -69.21 -28.36
CA PRO A 161 -42.19 -69.55 -27.10
C PRO A 161 -42.00 -68.48 -26.03
N LYS A 173 -45.83 -75.26 -12.65
CA LYS A 173 -46.73 -75.99 -13.54
C LYS A 173 -48.00 -76.41 -12.82
N GLU A 174 -48.19 -75.88 -11.61
CA GLU A 174 -49.39 -76.19 -10.83
C GLU A 174 -50.62 -75.51 -11.41
N ILE A 175 -50.51 -74.23 -11.77
CA ILE A 175 -51.60 -73.45 -12.33
C ILE A 175 -51.31 -72.99 -13.76
N TRP A 176 -50.25 -73.51 -14.38
CA TRP A 176 -49.87 -73.11 -15.72
C TRP A 176 -50.85 -73.65 -16.76
N CYS A 177 -51.28 -74.90 -16.60
CA CYS A 177 -52.03 -75.61 -17.63
C CYS A 177 -53.43 -75.04 -17.84
N ILE A 178 -54.11 -74.67 -16.73
CA ILE A 178 -55.48 -74.19 -16.84
C ILE A 178 -55.53 -72.83 -17.51
N TYR A 179 -54.57 -71.95 -17.22
CA TYR A 179 -54.54 -70.64 -17.85
C TYR A 179 -54.06 -70.72 -19.30
N THR A 180 -53.16 -71.68 -19.60
CA THR A 180 -52.80 -71.92 -21.00
C THR A 180 -54.00 -72.43 -21.80
N GLU A 181 -54.81 -73.30 -21.19
CA GLU A 181 -56.04 -73.77 -21.82
C GLU A 181 -57.05 -72.65 -22.04
N ARG A 182 -57.18 -71.75 -21.06
CA ARG A 182 -58.10 -70.61 -21.19
C ARG A 182 -57.68 -69.67 -22.32
N GLY A 183 -56.38 -69.37 -22.41
CA GLY A 183 -55.89 -68.60 -23.55
C GLY A 183 -56.04 -69.31 -24.87
N TRP A 184 -55.88 -70.64 -24.87
CA TRP A 184 -56.04 -71.45 -26.07
C TRP A 184 -57.47 -71.39 -26.60
N LYS A 185 -58.46 -71.34 -25.70
CA LYS A 185 -59.83 -71.13 -26.15
C LYS A 185 -60.10 -69.68 -26.59
N ASN A 186 -59.45 -68.71 -25.92
CA ASN A 186 -59.65 -67.31 -26.27
C ASN A 186 -59.16 -66.98 -27.68
N GLY A 187 -58.03 -67.57 -28.08
CA GLY A 187 -57.53 -67.34 -29.43
C GLY A 187 -58.44 -67.91 -30.52
N ILE A 188 -59.03 -69.07 -30.25
CA ILE A 188 -59.98 -69.69 -31.17
C ILE A 188 -61.23 -68.83 -31.30
N ASP A 189 -61.72 -68.28 -30.18
CA ASP A 189 -62.87 -67.38 -30.23
C ASP A 189 -62.57 -66.11 -31.04
N GLN A 190 -61.35 -65.56 -30.88
CA GLN A 190 -60.96 -64.39 -31.65
C GLN A 190 -60.90 -64.67 -33.16
N ALA A 191 -60.35 -65.83 -33.54
CA ALA A 191 -60.29 -66.20 -34.95
C ALA A 191 -61.68 -66.41 -35.54
N ASN A 192 -62.60 -66.99 -34.76
CA ASN A 192 -63.98 -67.16 -35.22
C ASN A 192 -64.67 -65.81 -35.42
N THR A 193 -64.41 -64.84 -34.53
CA THR A 193 -64.97 -63.51 -34.69
C THR A 193 -64.45 -62.81 -35.96
N ILE A 194 -63.15 -62.98 -36.24
CA ILE A 194 -62.57 -62.39 -37.45
C ILE A 194 -63.18 -62.99 -38.71
N LEU A 195 -63.36 -64.32 -38.73
CA LEU A 195 -63.97 -64.99 -39.88
C LEU A 195 -65.43 -64.55 -40.07
N GLU A 196 -66.16 -64.36 -38.96
CA GLU A 196 -67.53 -63.87 -39.03
C GLU A 196 -67.61 -62.47 -39.64
N GLU A 197 -66.68 -61.58 -39.26
CA GLU A 197 -66.65 -60.24 -39.83
C GLU A 197 -66.34 -60.26 -41.33
N ASN A 198 -65.41 -61.13 -41.76
CA ASN A 198 -65.10 -61.26 -43.18
C ASN A 198 -66.30 -61.77 -43.99
N ILE A 199 -67.04 -62.74 -43.43
CA ILE A 199 -68.23 -63.28 -44.10
C ILE A 199 -69.31 -62.20 -44.22
N ALA A 200 -69.48 -61.39 -43.17
CA ALA A 200 -70.44 -60.29 -43.21
C ALA A 200 -70.06 -59.25 -44.28
N ARG A 201 -68.77 -58.97 -44.43
CA ARG A 201 -68.32 -58.00 -45.43
C ARG A 201 -68.60 -58.48 -46.87
N ILE A 202 -68.23 -59.73 -47.17
CA ILE A 202 -68.45 -60.22 -48.54
C ILE A 202 -69.95 -60.38 -48.84
N LYS A 203 -70.75 -60.76 -47.82
CA LYS A 203 -72.20 -60.83 -48.01
C LYS A 203 -72.80 -59.45 -48.27
N GLU A 204 -72.30 -58.42 -47.58
CA GLU A 204 -72.77 -57.05 -47.82
C GLU A 204 -72.48 -56.60 -49.25
N ASP A 205 -71.27 -56.86 -49.75
CA ASP A 205 -70.92 -56.43 -51.10
C ASP A 205 -71.76 -57.14 -52.17
N PHE A 206 -71.89 -58.47 -52.04
CA PHE A 206 -72.66 -59.23 -53.03
C PHE A 206 -74.15 -58.88 -52.99
N GLY A 207 -74.70 -58.69 -51.78
CA GLY A 207 -76.09 -58.28 -51.67
C GLY A 207 -76.36 -56.89 -52.21
N GLY A 208 -75.39 -55.97 -52.06
CA GLY A 208 -75.54 -54.66 -52.68
C GLY A 208 -75.56 -54.71 -54.19
N MET A 209 -74.72 -55.56 -54.79
CA MET A 209 -74.76 -55.71 -56.25
C MET A 209 -76.07 -56.34 -56.73
N ILE A 210 -76.59 -57.32 -55.98
CA ILE A 210 -77.88 -57.93 -56.33
C ILE A 210 -79.02 -56.92 -56.21
N LEU A 211 -78.95 -56.06 -55.19
CA LEU A 211 -79.97 -55.01 -55.00
C LEU A 211 -79.93 -54.00 -56.14
N TYR A 212 -78.73 -53.65 -56.61
CA TYR A 212 -78.63 -52.77 -57.78
C TYR A 212 -79.23 -53.41 -59.03
N ARG A 213 -78.95 -54.70 -59.24
CA ARG A 213 -79.55 -55.39 -60.40
C ARG A 213 -81.07 -55.51 -60.30
N LYS A 214 -81.61 -55.58 -59.08
CA LYS A 214 -83.06 -55.59 -58.94
C LYS A 214 -83.66 -54.20 -59.20
N LEU A 215 -83.02 -53.15 -58.67
CA LEU A 215 -83.57 -51.81 -58.81
C LEU A 215 -83.45 -51.28 -60.24
N LEU A 216 -82.47 -51.80 -61.01
CA LEU A 216 -82.39 -51.42 -62.43
C LEU A 216 -83.59 -51.92 -63.20
N ALA A 217 -84.03 -53.15 -62.93
CA ALA A 217 -85.25 -53.67 -63.55
C ALA A 217 -86.50 -53.01 -62.98
N MET A 218 -86.44 -52.56 -61.72
CA MET A 218 -87.58 -51.88 -61.12
C MET A 218 -87.62 -50.38 -61.46
N ASN A 219 -86.64 -49.89 -62.22
CA ASN A 219 -86.60 -48.53 -62.78
C ASN A 219 -86.56 -47.46 -61.68
N MET A 220 -85.60 -47.62 -60.76
CA MET A 220 -85.33 -46.63 -59.74
C MET A 220 -83.93 -46.05 -59.80
N VAL A 221 -83.00 -46.69 -60.51
CA VAL A 221 -81.65 -46.19 -60.69
C VAL A 221 -81.43 -45.96 -62.19
N SER A 222 -80.43 -45.13 -62.48
CA SER A 222 -80.10 -44.92 -63.88
C SER A 222 -78.87 -45.74 -64.27
N PRO A 223 -78.80 -46.25 -65.50
CA PRO A 223 -77.60 -46.99 -65.93
C PRO A 223 -76.47 -46.04 -66.25
N PRO A 224 -75.21 -46.51 -66.18
CA PRO A 224 -74.09 -45.65 -66.59
C PRO A 224 -74.05 -45.45 -68.09
N TYR A 225 -73.48 -44.32 -68.49
CA TYR A 225 -73.40 -43.93 -69.90
C TYR A 225 -71.95 -43.84 -70.33
N VAL A 226 -71.64 -44.47 -71.47
CA VAL A 226 -70.28 -44.63 -71.96
C VAL A 226 -70.16 -43.88 -73.28
N SER A 227 -69.16 -43.02 -73.40
CA SER A 227 -68.83 -42.33 -74.64
C SER A 227 -67.44 -42.74 -75.08
N HIS A 228 -67.33 -43.14 -76.35
CA HIS A 228 -66.06 -43.57 -76.92
C HIS A 228 -65.70 -42.68 -78.10
N THR A 229 -64.46 -42.20 -78.12
CA THR A 229 -63.94 -41.40 -79.21
C THR A 229 -62.94 -42.23 -80.01
N ASP A 230 -63.11 -42.21 -81.33
CA ASP A 230 -62.30 -43.00 -82.25
C ASP A 230 -61.26 -42.08 -82.89
N LEU A 231 -59.99 -42.44 -82.79
CA LEU A 231 -58.93 -41.74 -83.49
C LEU A 231 -58.37 -42.65 -84.57
N GLY A 232 -57.75 -42.04 -85.59
CA GLY A 232 -57.18 -42.82 -86.67
C GLY A 232 -55.78 -43.29 -86.35
N VAL A 233 -54.86 -43.13 -87.30
CA VAL A 233 -53.46 -43.46 -87.09
C VAL A 233 -52.79 -42.20 -86.56
N THR A 234 -52.48 -42.19 -85.27
CA THR A 234 -51.92 -41.03 -84.60
C THR A 234 -50.45 -41.27 -84.25
N GLY A 235 -49.76 -40.17 -83.97
CA GLY A 235 -48.36 -40.22 -83.59
C GLY A 235 -47.48 -39.49 -84.59
N ASP A 236 -46.20 -39.40 -84.24
CA ASP A 236 -45.19 -38.78 -85.06
C ASP A 236 -44.38 -39.86 -85.79
N GLY A 237 -43.29 -39.44 -86.43
CA GLY A 237 -42.48 -40.37 -87.21
C GLY A 237 -41.61 -41.31 -86.40
N SER A 238 -41.53 -41.14 -85.08
CA SER A 238 -40.75 -42.04 -84.24
C SER A 238 -41.59 -43.10 -83.55
N GLU A 239 -42.91 -42.91 -83.46
CA GLU A 239 -43.79 -43.86 -82.80
C GLU A 239 -45.20 -43.64 -83.32
N ILE A 240 -45.87 -44.73 -83.72
CA ILE A 240 -47.24 -44.64 -84.23
C ILE A 240 -48.13 -45.62 -83.48
N HIS A 241 -49.41 -45.27 -83.40
CA HIS A 241 -50.47 -46.15 -82.92
C HIS A 241 -51.53 -46.27 -84.00
N ILE A 242 -51.99 -47.50 -84.25
CA ILE A 242 -52.81 -47.76 -85.42
C ILE A 242 -54.26 -47.33 -85.21
N ASP A 243 -54.89 -47.86 -84.15
CA ASP A 243 -56.32 -47.63 -83.91
C ASP A 243 -56.53 -47.21 -82.45
N ASP A 244 -56.41 -45.92 -82.18
CA ASP A 244 -56.65 -45.40 -80.84
C ASP A 244 -58.14 -45.28 -80.56
N ARG A 245 -58.56 -45.76 -79.39
CA ARG A 245 -59.93 -45.58 -78.93
C ARG A 245 -59.90 -45.18 -77.48
N VAL A 246 -60.57 -44.07 -77.15
CA VAL A 246 -60.60 -43.55 -75.79
C VAL A 246 -62.01 -43.68 -75.27
N LEU A 247 -62.18 -44.41 -74.16
CA LEU A 247 -63.50 -44.65 -73.59
C LEU A 247 -63.61 -43.95 -72.25
N ARG A 248 -64.75 -43.29 -72.03
CA ARG A 248 -64.95 -42.52 -70.82
C ARG A 248 -66.42 -42.61 -70.42
N ILE A 249 -66.68 -42.88 -69.16
CA ILE A 249 -68.07 -42.86 -68.70
C ILE A 249 -68.40 -41.46 -68.23
N THR A 250 -69.56 -40.96 -68.68
CA THR A 250 -69.94 -39.57 -68.46
C THR A 250 -71.03 -39.39 -67.42
N ALA A 251 -71.90 -40.37 -67.25
CA ALA A 251 -72.98 -40.31 -66.27
C ALA A 251 -72.83 -41.49 -65.31
N LEU A 252 -72.68 -41.18 -64.04
CA LEU A 252 -72.63 -42.21 -63.01
C LEU A 252 -74.05 -42.66 -62.67
N PRO A 253 -74.22 -43.90 -62.20
CA PRO A 253 -75.55 -44.35 -61.76
C PRO A 253 -76.03 -43.57 -60.53
N GLU A 254 -77.34 -43.31 -60.49
CA GLU A 254 -77.92 -42.57 -59.38
C GLU A 254 -79.38 -42.96 -59.23
N LEU A 255 -79.87 -42.79 -58.00
CA LEU A 255 -81.28 -42.97 -57.69
C LEU A 255 -82.10 -41.84 -58.27
N ASN A 256 -83.34 -42.15 -58.64
CA ASN A 256 -84.27 -41.11 -59.10
C ASN A 256 -85.35 -40.80 -58.06
N VAL A 257 -85.84 -39.56 -58.11
CA VAL A 257 -86.87 -39.09 -57.19
C VAL A 257 -88.21 -38.90 -57.86
N ASN A 258 -88.32 -39.20 -59.15
CA ASN A 258 -89.58 -39.10 -59.88
C ASN A 258 -90.32 -40.42 -59.70
N SER A 259 -91.21 -40.47 -58.72
CA SER A 259 -91.93 -41.70 -58.39
C SER A 259 -93.00 -42.07 -59.41
N ALA A 260 -93.36 -41.15 -60.30
CA ALA A 260 -94.38 -41.46 -61.31
C ALA A 260 -93.85 -42.31 -62.45
N GLU A 261 -92.53 -42.48 -62.55
CA GLU A 261 -91.91 -43.25 -63.62
C GLU A 261 -91.49 -44.64 -63.18
N TRP A 262 -91.82 -45.04 -61.95
CA TRP A 262 -91.43 -46.36 -61.47
C TRP A 262 -92.34 -47.44 -62.03
N ARG A 263 -91.81 -48.66 -62.14
CA ARG A 263 -92.52 -49.78 -62.72
C ARG A 263 -92.66 -50.88 -61.67
N ALA A 264 -93.88 -51.38 -61.49
CA ALA A 264 -94.17 -52.39 -60.49
C ALA A 264 -94.08 -53.80 -61.11
N ALA A 265 -93.97 -54.79 -60.23
CA ALA A 265 -93.82 -56.18 -60.64
C ALA A 265 -94.79 -57.04 -59.84
N VAL A 266 -95.68 -57.75 -60.55
CA VAL A 266 -96.61 -58.69 -59.95
C VAL A 266 -96.30 -60.07 -60.51
N ALA A 267 -95.90 -60.99 -59.65
CA ALA A 267 -95.47 -62.32 -60.05
C ALA A 267 -96.60 -63.32 -59.83
N LYS A 268 -97.06 -63.93 -60.92
CA LYS A 268 -98.12 -64.94 -60.83
C LYS A 268 -97.56 -66.28 -60.38
N LYS B 24 -83.55 -98.76 -26.98
CA LYS B 24 -82.67 -97.73 -27.49
C LYS B 24 -83.45 -96.70 -28.30
N PHE B 25 -83.17 -95.43 -28.07
CA PHE B 25 -83.83 -94.32 -28.77
C PHE B 25 -82.83 -93.64 -29.68
N LYS B 26 -83.17 -93.57 -30.96
CA LYS B 26 -82.30 -92.95 -31.97
C LYS B 26 -83.16 -92.27 -33.02
N LYS B 27 -82.55 -91.30 -33.70
CA LYS B 27 -83.13 -90.60 -34.84
C LYS B 27 -82.19 -90.74 -36.04
N PRO B 28 -82.73 -90.86 -37.25
CA PRO B 28 -81.97 -91.46 -38.38
C PRO B 28 -80.74 -90.68 -38.81
N PRO B 29 -80.77 -89.32 -39.14
CA PRO B 29 -79.56 -88.75 -39.73
C PRO B 29 -78.44 -88.49 -38.72
N ILE B 30 -77.42 -89.34 -38.74
CA ILE B 30 -76.23 -89.18 -37.90
C ILE B 30 -75.05 -89.18 -38.86
N ASN B 31 -74.57 -87.99 -39.21
CA ASN B 31 -73.51 -87.81 -40.20
C ASN B 31 -72.18 -87.58 -39.49
N ASN B 32 -71.17 -87.21 -40.27
CA ASN B 32 -69.87 -86.83 -39.72
C ASN B 32 -70.01 -85.50 -38.97
N PRO B 33 -69.12 -85.25 -37.99
CA PRO B 33 -69.16 -83.96 -37.28
C PRO B 33 -68.85 -82.79 -38.18
N SER B 34 -69.49 -81.65 -37.88
CA SER B 34 -69.45 -80.47 -38.73
C SER B 34 -68.52 -79.41 -38.14
N ASP B 35 -68.14 -78.46 -38.98
CA ASP B 35 -67.28 -77.35 -38.60
C ASP B 35 -68.06 -76.06 -38.65
N ASP B 36 -67.80 -75.18 -37.67
CA ASP B 36 -68.57 -73.95 -37.53
C ASP B 36 -68.29 -72.96 -38.65
N ALA B 37 -67.10 -73.04 -39.26
CA ALA B 37 -66.80 -72.24 -40.44
C ALA B 37 -67.70 -72.63 -41.61
N THR B 38 -67.88 -73.94 -41.81
CA THR B 38 -68.80 -74.42 -42.85
C THR B 38 -70.24 -74.08 -42.51
N ILE B 39 -70.59 -74.07 -41.22
CA ILE B 39 -71.93 -73.67 -40.79
C ILE B 39 -72.19 -72.21 -41.14
N LYS B 40 -71.22 -71.33 -40.86
CA LYS B 40 -71.36 -69.90 -41.17
C LYS B 40 -71.42 -69.66 -42.68
N LEU B 41 -70.62 -70.40 -43.45
CA LEU B 41 -70.65 -70.27 -44.91
C LEU B 41 -71.99 -70.72 -45.47
N ALA B 42 -72.58 -71.79 -44.92
CA ALA B 42 -73.90 -72.25 -45.35
C ALA B 42 -74.98 -71.24 -45.00
N GLU B 43 -74.88 -70.62 -43.81
CA GLU B 43 -75.86 -69.60 -43.42
C GLU B 43 -75.78 -68.36 -44.32
N ALA B 44 -74.57 -68.00 -44.76
CA ALA B 44 -74.47 -66.91 -45.74
C ALA B 44 -75.01 -67.33 -47.10
N ALA B 45 -74.75 -68.57 -47.51
CA ALA B 45 -75.10 -69.03 -48.86
C ALA B 45 -76.61 -69.17 -49.04
N VAL B 46 -77.34 -69.53 -47.98
CA VAL B 46 -78.80 -69.64 -48.09
C VAL B 46 -79.43 -68.28 -48.36
N SER B 47 -78.95 -67.24 -47.67
CA SER B 47 -79.46 -65.89 -47.88
C SER B 47 -79.07 -65.36 -49.26
N VAL B 48 -77.85 -65.68 -49.73
CA VAL B 48 -77.46 -65.32 -51.09
C VAL B 48 -78.37 -66.02 -52.11
N SER B 49 -78.69 -67.29 -51.86
CA SER B 49 -79.48 -68.08 -52.80
C SER B 49 -80.92 -67.56 -52.93
N ASP B 50 -81.58 -67.26 -51.79
CA ASP B 50 -82.95 -66.79 -51.96
C ASP B 50 -83.03 -65.32 -52.34
N SER B 51 -81.97 -64.52 -52.09
CA SER B 51 -81.91 -63.19 -52.71
C SER B 51 -81.82 -63.28 -54.23
N MET B 52 -80.99 -64.20 -54.73
CA MET B 52 -80.94 -64.44 -56.18
C MET B 52 -82.25 -64.96 -56.72
N LEU B 53 -82.95 -65.80 -55.95
CA LEU B 53 -84.25 -66.31 -56.39
C LEU B 53 -85.28 -65.20 -56.52
N GLU B 54 -85.35 -64.29 -55.54
CA GLU B 54 -86.27 -63.17 -55.62
C GLU B 54 -85.93 -62.23 -56.77
N MET B 55 -84.63 -61.93 -56.96
CA MET B 55 -84.23 -61.01 -58.03
C MET B 55 -84.46 -61.62 -59.40
N ALA B 56 -84.22 -62.93 -59.55
CA ALA B 56 -84.49 -63.60 -60.82
C ALA B 56 -85.97 -63.67 -61.13
N LYS B 57 -86.81 -63.87 -60.10
CA LYS B 57 -88.25 -63.86 -60.30
C LYS B 57 -88.75 -62.49 -60.75
N VAL B 58 -88.26 -61.42 -60.10
CA VAL B 58 -88.66 -60.06 -60.48
C VAL B 58 -88.19 -59.72 -61.89
N GLU B 59 -86.95 -60.12 -62.22
CA GLU B 59 -86.39 -59.88 -63.55
C GLU B 59 -87.16 -60.62 -64.64
N LYS B 60 -87.54 -61.87 -64.38
CA LYS B 60 -88.32 -62.65 -65.33
C LYS B 60 -89.71 -62.07 -65.53
N VAL B 61 -90.33 -61.57 -64.46
CA VAL B 61 -91.65 -60.95 -64.57
C VAL B 61 -91.58 -59.65 -65.38
N ILE B 62 -90.55 -58.81 -65.15
CA ILE B 62 -90.44 -57.56 -65.89
C ILE B 62 -90.11 -57.80 -67.36
N THR B 63 -89.13 -58.66 -67.64
CA THR B 63 -88.71 -58.89 -69.02
C THR B 63 -88.93 -60.34 -69.43
N PRO B 64 -90.01 -60.65 -70.13
CA PRO B 64 -90.22 -62.02 -70.61
C PRO B 64 -89.46 -62.27 -71.91
N PRO B 65 -88.58 -63.28 -71.93
CA PRO B 65 -87.87 -63.60 -73.17
C PRO B 65 -88.79 -64.23 -74.20
N SER B 66 -88.41 -64.08 -75.47
CA SER B 66 -89.22 -64.57 -76.58
C SER B 66 -88.46 -65.46 -77.56
N LYS B 67 -87.13 -65.51 -77.49
CA LYS B 67 -86.34 -66.29 -78.43
C LYS B 67 -85.40 -67.22 -77.69
N ASP B 68 -85.09 -68.35 -78.32
CA ASP B 68 -84.20 -69.36 -77.77
C ASP B 68 -83.08 -69.64 -78.76
N ASN B 69 -81.91 -70.01 -78.24
CA ASN B 69 -80.73 -70.22 -79.08
C ASN B 69 -80.69 -71.60 -79.74
N THR B 70 -81.81 -72.34 -79.75
CA THR B 70 -81.88 -73.59 -80.48
C THR B 70 -81.79 -73.34 -81.99
N LEU B 71 -82.33 -72.22 -82.46
CA LEU B 71 -82.24 -71.85 -83.87
C LEU B 71 -80.80 -71.54 -84.28
N THR B 72 -80.06 -70.84 -83.43
CA THR B 72 -78.67 -70.52 -83.75
C THR B 72 -77.76 -71.72 -83.57
N ILE B 73 -78.01 -72.56 -82.57
CA ILE B 73 -77.20 -73.75 -82.33
C ILE B 73 -78.11 -74.98 -82.41
N PRO B 74 -78.26 -75.57 -83.60
CA PRO B 74 -79.00 -76.83 -83.69
C PRO B 74 -78.09 -78.04 -83.49
N ASN B 75 -78.73 -79.19 -83.27
CA ASN B 75 -78.01 -80.44 -83.12
C ASN B 75 -77.99 -81.26 -84.39
N ALA B 76 -77.10 -82.25 -84.43
CA ALA B 76 -76.93 -83.13 -85.57
C ALA B 76 -76.31 -84.42 -85.06
N TYR B 77 -75.99 -85.33 -85.98
CA TYR B 77 -75.24 -86.52 -85.62
C TYR B 77 -73.80 -86.13 -85.24
N ASN B 78 -73.19 -86.97 -84.40
CA ASN B 78 -71.89 -86.81 -83.72
C ASN B 78 -71.76 -85.46 -82.97
N LEU B 79 -72.88 -84.82 -82.64
CA LEU B 79 -72.96 -83.84 -81.57
C LEU B 79 -73.62 -84.43 -80.33
N GLN B 80 -73.94 -85.72 -80.37
CA GLN B 80 -74.58 -86.41 -79.26
C GLN B 80 -73.61 -87.25 -78.45
N ALA B 81 -72.31 -87.19 -78.76
CA ALA B 81 -71.31 -87.71 -77.85
C ALA B 81 -71.27 -86.83 -76.60
N ARG B 82 -70.96 -87.43 -75.46
CA ARG B 82 -71.20 -86.71 -74.22
C ARG B 82 -69.89 -86.31 -73.56
N ALA B 83 -69.99 -85.40 -72.60
CA ALA B 83 -68.80 -84.86 -71.96
C ALA B 83 -69.13 -84.42 -70.54
N SER B 84 -68.13 -84.55 -69.67
CA SER B 84 -68.17 -83.95 -68.33
C SER B 84 -66.98 -83.02 -68.20
N VAL B 85 -67.24 -81.76 -67.85
CA VAL B 85 -66.25 -80.70 -67.96
C VAL B 85 -66.25 -79.86 -66.68
N ASP B 86 -65.05 -79.50 -66.23
CA ASP B 86 -64.83 -78.56 -65.13
C ASP B 86 -63.73 -77.60 -65.61
N TRP B 87 -64.13 -76.46 -66.15
CA TRP B 87 -63.23 -75.52 -66.79
C TRP B 87 -63.44 -74.13 -66.20
N SER B 88 -62.35 -73.43 -65.92
CA SER B 88 -62.39 -72.12 -65.29
C SER B 88 -61.44 -71.15 -65.98
N GLY B 89 -61.48 -71.12 -67.31
CA GLY B 89 -60.60 -70.25 -68.07
C GLY B 89 -61.28 -69.54 -69.22
N PRO B 90 -60.52 -69.16 -70.23
CA PRO B 90 -61.09 -68.46 -71.39
C PRO B 90 -61.92 -69.39 -72.27
N ILE B 91 -62.68 -68.76 -73.17
CA ILE B 91 -63.73 -69.45 -73.91
C ILE B 91 -63.17 -70.15 -75.16
N GLU B 92 -62.08 -69.63 -75.75
CA GLU B 92 -61.66 -70.04 -77.08
C GLU B 92 -61.04 -71.43 -77.08
N GLU B 93 -60.20 -71.73 -76.08
CA GLU B 93 -59.56 -73.05 -76.01
C GLU B 93 -60.57 -74.15 -75.72
N LEU B 94 -61.52 -73.88 -74.82
CA LEU B 94 -62.57 -74.85 -74.51
C LEU B 94 -63.48 -75.10 -75.71
N THR B 95 -63.83 -74.03 -76.44
CA THR B 95 -64.67 -74.18 -77.62
C THR B 95 -63.93 -74.94 -78.73
N ALA B 96 -62.62 -74.70 -78.86
CA ALA B 96 -61.82 -75.45 -79.84
C ALA B 96 -61.71 -76.92 -79.47
N ARG B 97 -61.58 -77.23 -78.18
CA ARG B 97 -61.55 -78.63 -77.74
C ARG B 97 -62.89 -79.33 -77.99
N ILE B 98 -64.00 -78.63 -77.74
CA ILE B 98 -65.33 -79.20 -78.00
C ILE B 98 -65.52 -79.44 -79.49
N ALA B 99 -65.08 -78.49 -80.34
CA ALA B 99 -65.19 -78.66 -81.78
C ALA B 99 -64.31 -79.80 -82.30
N LYS B 100 -63.10 -79.94 -81.73
CA LYS B 100 -62.22 -81.02 -82.15
C LYS B 100 -62.75 -82.39 -81.72
N ALA B 101 -63.39 -82.45 -80.55
CA ALA B 101 -64.04 -83.69 -80.15
C ALA B 101 -65.28 -83.99 -80.99
N ALA B 102 -65.98 -82.95 -81.44
CA ALA B 102 -67.16 -83.12 -82.28
C ALA B 102 -66.83 -83.24 -83.77
N HIS B 103 -65.53 -83.21 -84.12
CA HIS B 103 -65.03 -83.40 -85.49
C HIS B 103 -65.54 -82.32 -86.44
N PHE B 104 -65.58 -81.09 -85.95
CA PHE B 104 -66.03 -79.94 -86.72
C PHE B 104 -64.87 -78.96 -86.89
N ARG B 105 -64.93 -78.18 -87.96
CA ARG B 105 -63.97 -77.09 -88.14
C ARG B 105 -64.31 -75.96 -87.17
N PHE B 106 -63.29 -75.18 -86.81
CA PHE B 106 -63.43 -74.09 -85.86
C PHE B 106 -63.10 -72.77 -86.53
N ARG B 107 -63.98 -71.78 -86.35
CA ARG B 107 -63.81 -70.47 -86.98
C ARG B 107 -63.98 -69.37 -85.93
N VAL B 108 -63.16 -68.33 -86.05
CA VAL B 108 -63.20 -67.18 -85.16
C VAL B 108 -63.43 -65.92 -86.00
N LEU B 109 -64.40 -65.12 -85.60
CA LEU B 109 -64.71 -63.84 -86.25
C LEU B 109 -64.63 -62.72 -85.24
N GLY B 110 -64.05 -61.60 -85.68
CA GLY B 110 -63.91 -60.43 -84.83
C GLY B 110 -62.58 -60.39 -84.10
N LYS B 111 -62.32 -59.26 -83.46
CA LYS B 111 -61.11 -59.06 -82.68
C LYS B 111 -61.35 -59.47 -81.24
N SER B 112 -60.43 -60.25 -80.69
CA SER B 112 -60.50 -60.61 -79.28
C SER B 112 -60.22 -59.38 -78.42
N PRO B 113 -60.98 -59.17 -77.34
CA PRO B 113 -60.76 -57.99 -76.50
C PRO B 113 -59.51 -58.13 -75.65
N SER B 114 -59.01 -56.98 -75.20
CA SER B 114 -57.82 -56.97 -74.36
C SER B 114 -58.12 -57.53 -72.96
N VAL B 115 -59.27 -57.20 -72.41
CA VAL B 115 -59.75 -57.85 -71.20
C VAL B 115 -60.39 -59.17 -71.63
N PRO B 116 -59.90 -60.31 -71.16
CA PRO B 116 -60.36 -61.59 -71.70
C PRO B 116 -61.76 -61.95 -71.22
N VAL B 117 -62.45 -62.73 -72.06
CA VAL B 117 -63.79 -63.22 -71.74
C VAL B 117 -63.63 -64.53 -70.98
N LEU B 118 -64.03 -64.52 -69.72
CA LEU B 118 -63.83 -65.66 -68.84
C LEU B 118 -65.15 -66.38 -68.60
N ILE B 119 -65.10 -67.72 -68.64
CA ILE B 119 -66.27 -68.55 -68.36
C ILE B 119 -65.89 -69.56 -67.28
N SER B 120 -66.92 -70.15 -66.68
CA SER B 120 -66.73 -71.17 -65.64
C SER B 120 -67.84 -72.20 -65.79
N ILE B 121 -67.47 -73.39 -66.25
CA ILE B 121 -68.42 -74.48 -66.51
C ILE B 121 -68.06 -75.63 -65.59
N SER B 122 -69.07 -76.17 -64.89
CA SER B 122 -68.89 -77.37 -64.06
C SER B 122 -70.14 -78.23 -64.24
N THR B 123 -70.10 -79.14 -65.20
CA THR B 123 -71.23 -79.99 -65.51
C THR B 123 -70.84 -81.46 -65.38
N LYS B 124 -71.78 -82.34 -65.71
CA LYS B 124 -71.56 -83.78 -65.59
C LYS B 124 -72.52 -84.49 -66.54
N ASP B 125 -71.96 -85.12 -67.58
CA ASP B 125 -72.63 -86.05 -68.48
C ASP B 125 -73.84 -85.41 -69.19
N GLU B 126 -73.51 -84.42 -70.03
CA GLU B 126 -74.51 -83.84 -70.91
C GLU B 126 -73.90 -83.66 -72.30
N SER B 127 -74.77 -83.45 -73.28
CA SER B 127 -74.37 -83.47 -74.68
C SER B 127 -73.59 -82.21 -75.06
N LEU B 128 -72.85 -82.31 -76.16
CA LEU B 128 -72.00 -81.20 -76.61
C LEU B 128 -72.82 -80.02 -77.09
N ALA B 129 -74.01 -80.25 -77.64
CA ALA B 129 -74.90 -79.15 -78.00
C ALA B 129 -75.36 -78.39 -76.78
N GLU B 130 -75.66 -79.10 -75.68
CA GLU B 130 -76.03 -78.43 -74.44
C GLU B 130 -74.85 -77.70 -73.83
N ILE B 131 -73.64 -78.26 -73.96
CA ILE B 131 -72.43 -77.59 -73.49
C ILE B 131 -72.22 -76.27 -74.25
N LEU B 132 -72.37 -76.32 -75.58
CA LEU B 132 -72.23 -75.13 -76.41
C LEU B 132 -73.31 -74.09 -76.11
N ARG B 133 -74.53 -74.55 -75.82
CA ARG B 133 -75.61 -73.62 -75.47
C ARG B 133 -75.38 -72.94 -74.13
N ASP B 134 -74.87 -73.69 -73.13
CA ASP B 134 -74.55 -73.07 -71.85
C ASP B 134 -73.38 -72.10 -71.95
N ILE B 135 -72.37 -72.44 -72.77
CA ILE B 135 -71.26 -71.52 -73.01
C ILE B 135 -71.74 -70.25 -73.71
N ASP B 136 -72.64 -70.41 -74.69
CA ASP B 136 -73.18 -69.25 -75.41
C ASP B 136 -74.03 -68.37 -74.51
N TYR B 137 -74.79 -68.97 -73.59
CA TYR B 137 -75.57 -68.19 -72.64
C TYR B 137 -74.69 -67.49 -71.61
N GLN B 138 -73.62 -68.15 -71.16
CA GLN B 138 -72.75 -67.52 -70.18
C GLN B 138 -71.87 -66.44 -70.81
N ALA B 139 -71.62 -66.52 -72.12
CA ALA B 139 -70.86 -65.48 -72.81
C ALA B 139 -71.59 -64.15 -72.80
N GLY B 140 -72.90 -64.17 -73.03
CA GLY B 140 -73.70 -62.96 -72.86
C GLY B 140 -73.55 -62.02 -74.04
N LYS B 141 -73.17 -60.78 -73.74
CA LYS B 141 -73.07 -59.72 -74.74
C LYS B 141 -71.68 -59.60 -75.35
N LYS B 142 -70.75 -60.48 -75.01
CA LYS B 142 -69.37 -60.37 -75.46
C LYS B 142 -69.05 -61.29 -76.64
N ALA B 143 -69.61 -62.50 -76.66
CA ALA B 143 -69.30 -63.45 -77.71
C ALA B 143 -70.54 -64.29 -78.02
N SER B 144 -70.54 -64.90 -79.20
CA SER B 144 -71.66 -65.71 -79.65
C SER B 144 -71.15 -66.96 -80.34
N ILE B 145 -71.96 -68.02 -80.26
CA ILE B 145 -71.67 -69.34 -80.81
C ILE B 145 -72.69 -69.63 -81.91
N HIS B 146 -72.20 -70.03 -83.07
CA HIS B 146 -73.06 -70.49 -84.15
C HIS B 146 -72.56 -71.84 -84.66
N VAL B 147 -73.50 -72.68 -85.08
CA VAL B 147 -73.19 -74.03 -85.56
C VAL B 147 -73.83 -74.20 -86.92
N TYR B 148 -73.01 -74.55 -87.92
CA TYR B 148 -73.50 -74.86 -89.26
C TYR B 148 -73.25 -76.33 -89.52
N PRO B 149 -74.27 -77.19 -89.49
CA PRO B 149 -74.05 -78.64 -89.62
C PRO B 149 -73.84 -79.10 -91.04
N ASN B 150 -74.33 -78.35 -92.04
CA ASN B 150 -74.12 -78.75 -93.43
C ASN B 150 -72.68 -78.57 -93.87
N SER B 151 -71.99 -77.58 -93.28
CA SER B 151 -70.57 -77.37 -93.52
C SER B 151 -69.70 -77.87 -92.37
N GLN B 152 -70.32 -78.30 -91.27
CA GLN B 152 -69.67 -78.84 -90.07
C GLN B 152 -68.70 -77.82 -89.46
N VAL B 153 -69.23 -76.65 -89.14
CA VAL B 153 -68.43 -75.51 -88.69
C VAL B 153 -68.99 -74.98 -87.38
N VAL B 154 -68.15 -74.87 -86.36
CA VAL B 154 -68.47 -74.17 -85.12
C VAL B 154 -67.76 -72.83 -85.15
N GLU B 155 -68.53 -71.75 -84.99
CA GLU B 155 -68.04 -70.39 -85.15
C GLU B 155 -68.23 -69.62 -83.86
N LEU B 156 -67.16 -68.98 -83.41
CA LEU B 156 -67.17 -68.02 -82.31
C LEU B 156 -66.98 -66.62 -82.87
N ARG B 157 -67.93 -65.73 -82.58
CA ARG B 157 -67.83 -64.35 -83.04
C ARG B 157 -67.81 -63.41 -81.84
N TYR B 158 -66.94 -62.41 -81.89
CA TYR B 158 -66.83 -61.42 -80.83
C TYR B 158 -67.74 -60.23 -81.13
N ALA B 159 -68.10 -59.50 -80.07
CA ALA B 159 -69.05 -58.40 -80.20
C ALA B 159 -68.39 -57.19 -80.85
N LYS B 160 -69.21 -56.38 -81.52
CA LYS B 160 -68.77 -55.13 -82.13
C LYS B 160 -68.83 -54.01 -81.10
N ILE B 161 -67.91 -54.11 -80.14
CA ILE B 161 -67.78 -53.15 -79.05
C ILE B 161 -66.30 -52.80 -78.94
N TYR B 162 -65.99 -51.79 -78.12
CA TYR B 162 -64.67 -51.15 -78.00
C TYR B 162 -64.19 -50.60 -79.34
N GLY C 271 -86.76 -25.98 -37.35
CA GLY C 271 -85.89 -26.78 -38.18
C GLY C 271 -86.34 -28.22 -38.28
N ILE C 272 -86.08 -28.84 -39.42
CA ILE C 272 -86.44 -30.25 -39.64
C ILE C 272 -85.49 -31.13 -38.84
N PRO C 273 -86.00 -32.09 -38.07
CA PRO C 273 -85.13 -33.04 -37.35
C PRO C 273 -84.40 -33.95 -38.32
N PRO C 274 -83.24 -34.48 -37.93
CA PRO C 274 -82.51 -35.40 -38.81
C PRO C 274 -83.29 -36.70 -39.05
N SER C 275 -83.05 -37.28 -40.22
CA SER C 275 -83.85 -38.43 -40.65
C SER C 275 -83.47 -39.69 -39.88
N ALA C 276 -82.18 -40.05 -39.91
CA ALA C 276 -81.69 -41.26 -39.24
C ALA C 276 -80.18 -41.14 -39.07
N ASN C 277 -79.56 -42.24 -38.67
CA ASN C 277 -78.12 -42.40 -38.72
C ASN C 277 -77.82 -43.48 -39.75
N ASP C 278 -76.91 -43.19 -40.68
CA ASP C 278 -76.67 -44.11 -41.78
C ASP C 278 -75.73 -45.25 -41.43
N LEU C 279 -75.21 -45.28 -40.20
CA LEU C 279 -74.42 -46.43 -39.75
C LEU C 279 -75.28 -47.65 -39.49
N LEU C 280 -76.59 -47.45 -39.27
CA LEU C 280 -77.48 -48.57 -38.97
C LEU C 280 -77.70 -49.48 -40.17
N LEU C 281 -77.46 -48.99 -41.39
CA LEU C 281 -77.47 -49.88 -42.55
C LEU C 281 -76.32 -50.90 -42.49
N HIS C 282 -75.12 -50.43 -42.11
CA HIS C 282 -74.00 -51.34 -41.92
C HIS C 282 -74.20 -52.25 -40.71
N VAL C 283 -74.86 -51.73 -39.67
CA VAL C 283 -75.19 -52.57 -38.51
C VAL C 283 -76.18 -53.65 -38.90
N LEU C 284 -77.16 -53.32 -39.76
CA LEU C 284 -78.11 -54.29 -40.28
C LEU C 284 -77.41 -55.35 -41.14
N GLU C 285 -76.46 -54.92 -41.97
CA GLU C 285 -75.72 -55.87 -42.79
C GLU C 285 -74.71 -56.68 -41.98
N GLY C 286 -74.36 -56.23 -40.78
CA GLY C 286 -73.44 -56.94 -39.92
C GLY C 286 -72.02 -56.41 -39.92
N VAL C 287 -71.74 -55.38 -40.70
CA VAL C 287 -70.40 -54.79 -40.73
C VAL C 287 -70.28 -53.78 -39.59
N PRO C 288 -69.27 -53.89 -38.74
CA PRO C 288 -69.10 -52.91 -37.67
C PRO C 288 -68.74 -51.55 -38.21
N PRO C 289 -69.13 -50.46 -37.53
CA PRO C 289 -68.71 -49.13 -37.97
C PRO C 289 -67.22 -48.95 -37.80
N PRO C 290 -66.58 -48.15 -38.65
CA PRO C 290 -65.12 -47.98 -38.56
C PRO C 290 -64.72 -47.16 -37.34
N GLY C 291 -63.63 -47.58 -36.70
CA GLY C 291 -63.16 -46.95 -35.49
C GLY C 291 -63.80 -47.44 -34.21
N SER C 292 -64.74 -48.37 -34.29
CA SER C 292 -65.43 -48.88 -33.12
C SER C 292 -64.68 -50.06 -32.51
N ARG C 293 -65.11 -50.45 -31.31
CA ARG C 293 -64.54 -51.59 -30.61
C ARG C 293 -65.66 -52.56 -30.24
N ARG C 294 -65.29 -53.83 -30.10
CA ARG C 294 -66.27 -54.88 -29.90
C ARG C 294 -66.68 -54.98 -28.43
N LEU C 295 -67.91 -55.44 -28.21
CA LEU C 295 -68.43 -55.73 -26.89
C LEU C 295 -68.87 -57.19 -26.84
N VAL C 296 -68.76 -57.79 -25.66
CA VAL C 296 -69.11 -59.19 -25.47
C VAL C 296 -70.55 -59.26 -24.95
N VAL C 297 -71.39 -60.02 -25.66
CA VAL C 297 -72.79 -60.19 -25.33
C VAL C 297 -73.04 -61.65 -24.99
N SER C 298 -73.62 -61.89 -23.82
CA SER C 298 -73.90 -63.24 -23.34
C SER C 298 -75.38 -63.37 -22.99
N GLY C 299 -75.90 -64.58 -23.17
CA GLY C 299 -77.27 -64.89 -22.84
C GLY C 299 -78.22 -64.97 -24.01
N GLY C 300 -77.79 -64.57 -25.21
CA GLY C 300 -78.69 -64.59 -26.35
C GLY C 300 -77.93 -64.30 -27.62
N ASP C 301 -78.67 -64.28 -28.73
CA ASP C 301 -78.11 -64.09 -30.06
C ASP C 301 -78.20 -62.61 -30.43
N ALA C 302 -77.14 -61.86 -30.10
CA ALA C 302 -77.08 -60.44 -30.42
C ALA C 302 -75.61 -60.03 -30.54
N ARG C 303 -75.37 -58.97 -31.30
CA ARG C 303 -74.05 -58.38 -31.42
C ARG C 303 -74.12 -56.90 -31.09
N ALA C 304 -73.05 -56.38 -30.49
CA ALA C 304 -73.01 -54.99 -30.06
C ALA C 304 -71.65 -54.38 -30.36
N TRP C 305 -71.66 -53.09 -30.68
CA TRP C 305 -70.44 -52.33 -30.90
C TRP C 305 -70.55 -50.97 -30.23
N LEU C 306 -69.40 -50.40 -29.89
CA LEU C 306 -69.30 -49.08 -29.25
C LEU C 306 -68.38 -48.21 -30.08
N SER C 307 -68.90 -47.10 -30.60
CA SER C 307 -68.14 -46.22 -31.48
C SER C 307 -67.89 -44.85 -30.89
N ASN C 308 -68.94 -44.13 -30.49
CA ASN C 308 -68.85 -42.75 -30.02
C ASN C 308 -69.60 -42.59 -28.71
N GLU C 309 -69.30 -43.49 -27.75
CA GLU C 309 -70.00 -43.64 -26.48
C GLU C 309 -71.49 -43.94 -26.68
N LYS C 310 -71.81 -44.65 -27.76
CA LYS C 310 -73.15 -45.14 -28.03
C LYS C 310 -73.06 -46.61 -28.42
N MET C 311 -74.08 -47.38 -28.06
CA MET C 311 -74.13 -48.79 -28.42
C MET C 311 -74.96 -48.98 -29.68
N TYR C 312 -74.43 -49.78 -30.60
CA TYR C 312 -75.12 -50.22 -31.79
C TYR C 312 -75.35 -51.72 -31.65
N VAL C 313 -76.62 -52.13 -31.69
CA VAL C 313 -77.02 -53.50 -31.41
C VAL C 313 -77.69 -54.08 -32.64
N ARG C 314 -77.22 -55.25 -33.07
CA ARG C 314 -77.85 -56.02 -34.13
C ARG C 314 -78.40 -57.31 -33.53
N THR C 315 -79.70 -57.53 -33.67
CA THR C 315 -80.35 -58.69 -33.06
C THR C 315 -81.62 -59.01 -33.85
N ASN C 316 -82.38 -59.99 -33.36
CA ASN C 316 -83.74 -60.22 -33.83
C ASN C 316 -84.74 -60.38 -32.68
N LEU C 317 -84.32 -60.09 -31.44
CA LEU C 317 -85.21 -60.08 -30.30
C LEU C 317 -85.87 -58.71 -30.16
N THR C 318 -86.71 -58.56 -29.15
CA THR C 318 -87.41 -57.31 -28.88
C THR C 318 -86.88 -56.72 -27.58
N ILE C 319 -86.39 -55.48 -27.65
CA ILE C 319 -85.81 -54.79 -26.51
C ILE C 319 -86.90 -54.03 -25.77
N LEU C 320 -87.01 -54.27 -24.46
CA LEU C 320 -88.13 -53.75 -23.68
C LEU C 320 -87.74 -52.60 -22.75
N SER C 321 -86.81 -52.81 -21.82
CA SER C 321 -86.58 -51.80 -20.78
C SER C 321 -85.71 -50.59 -21.13
N PRO C 322 -84.46 -50.71 -21.61
CA PRO C 322 -83.52 -49.58 -21.46
C PRO C 322 -83.77 -48.40 -22.37
N GLY C 323 -84.48 -48.57 -23.48
CA GLY C 323 -84.79 -47.45 -24.34
C GLY C 323 -83.71 -47.15 -25.36
N TRP C 324 -84.10 -47.05 -26.63
CA TRP C 324 -83.18 -46.83 -27.73
C TRP C 324 -83.45 -45.48 -28.40
N LEU C 325 -82.45 -44.98 -29.10
CA LEU C 325 -82.54 -43.68 -29.75
C LEU C 325 -82.99 -43.78 -31.22
N ALA C 326 -82.42 -44.70 -31.98
CA ALA C 326 -82.80 -44.85 -33.38
C ALA C 326 -82.96 -46.33 -33.72
N SER C 327 -83.77 -46.62 -34.73
CA SER C 327 -84.04 -48.02 -35.05
C SER C 327 -84.31 -48.20 -36.54
N MET C 328 -83.78 -49.32 -37.07
CA MET C 328 -84.08 -49.79 -38.41
C MET C 328 -84.36 -51.29 -38.41
N THR C 329 -85.04 -51.74 -39.45
CA THR C 329 -85.43 -53.14 -39.62
C THR C 329 -85.07 -53.57 -41.04
N SER C 330 -84.63 -54.82 -41.18
CA SER C 330 -84.29 -55.37 -42.49
C SER C 330 -85.51 -56.10 -43.07
N ALA C 331 -85.34 -56.74 -44.22
CA ALA C 331 -86.44 -57.43 -44.88
C ALA C 331 -86.76 -58.77 -44.21
N ASP C 332 -85.75 -59.43 -43.64
CA ASP C 332 -85.94 -60.76 -43.04
C ASP C 332 -86.25 -60.72 -41.55
N GLY C 333 -86.43 -59.54 -40.96
CA GLY C 333 -86.78 -59.43 -39.57
C GLY C 333 -85.66 -59.12 -38.60
N THR C 334 -84.51 -58.64 -39.10
CA THR C 334 -83.39 -58.27 -38.24
C THR C 334 -83.55 -56.82 -37.82
N HIS C 335 -83.35 -56.56 -36.53
CA HIS C 335 -83.46 -55.23 -35.97
C HIS C 335 -82.08 -54.67 -35.64
N ALA C 336 -81.90 -53.38 -35.92
CA ALA C 336 -80.69 -52.65 -35.57
C ALA C 336 -81.09 -51.43 -34.74
N TYR C 337 -80.43 -51.27 -33.59
CA TYR C 337 -80.74 -50.22 -32.64
C TYR C 337 -79.51 -49.37 -32.38
N GLU C 338 -79.72 -48.06 -32.24
CA GLU C 338 -78.74 -47.13 -31.71
C GLU C 338 -79.26 -46.60 -30.38
N MET C 339 -78.44 -46.75 -29.33
CA MET C 339 -78.87 -46.39 -27.98
C MET C 339 -77.65 -45.94 -27.18
N GLN C 340 -77.90 -45.57 -25.93
CA GLN C 340 -76.83 -45.24 -25.00
C GLN C 340 -76.30 -46.51 -24.33
N LYS C 341 -75.09 -46.41 -23.78
CA LYS C 341 -74.43 -47.57 -23.22
C LYS C 341 -75.08 -48.01 -21.91
N SER C 342 -75.12 -49.33 -21.70
CA SER C 342 -75.72 -49.94 -20.53
C SER C 342 -75.21 -51.36 -20.43
N PRO C 343 -74.94 -51.87 -19.23
CA PRO C 343 -74.39 -53.23 -19.09
C PRO C 343 -75.43 -54.34 -19.08
N VAL C 344 -76.70 -54.05 -19.29
CA VAL C 344 -77.75 -55.06 -19.27
C VAL C 344 -78.82 -54.67 -20.28
N LEU C 345 -79.47 -55.68 -20.87
CA LEU C 345 -80.60 -55.47 -21.77
C LEU C 345 -81.74 -56.38 -21.36
N LEU C 346 -82.97 -55.89 -21.49
CA LEU C 346 -84.17 -56.68 -21.27
C LEU C 346 -84.79 -57.02 -22.61
N VAL C 347 -85.02 -58.31 -22.86
CA VAL C 347 -85.51 -58.76 -24.15
C VAL C 347 -86.72 -59.69 -23.94
N SER C 348 -87.54 -59.76 -24.97
CA SER C 348 -88.64 -60.71 -25.06
C SER C 348 -88.29 -61.72 -26.15
N TRP C 349 -88.26 -63.00 -25.81
CA TRP C 349 -87.77 -64.00 -26.74
C TRP C 349 -88.90 -64.62 -27.56
N HIS C 350 -89.82 -65.31 -26.90
CA HIS C 350 -91.00 -65.89 -27.56
C HIS C 350 -92.21 -65.71 -26.66
N GLY C 351 -92.36 -64.51 -26.10
CA GLY C 351 -93.33 -64.26 -25.05
C GLY C 351 -92.77 -64.38 -23.65
N LYS C 352 -91.47 -64.61 -23.51
CA LYS C 352 -90.82 -64.73 -22.22
C LYS C 352 -89.79 -63.61 -22.08
N VAL C 353 -89.81 -62.94 -20.95
CA VAL C 353 -88.91 -61.81 -20.67
C VAL C 353 -87.66 -62.35 -20.00
N MET C 354 -86.49 -62.01 -20.56
CA MET C 354 -85.21 -62.39 -19.99
C MET C 354 -84.21 -61.25 -20.19
N GLN C 355 -82.96 -61.49 -19.78
CA GLN C 355 -81.95 -60.45 -19.77
C GLN C 355 -80.70 -60.90 -20.50
N LEU C 356 -80.00 -59.93 -21.10
CA LEU C 356 -78.74 -60.14 -21.79
C LEU C 356 -77.66 -59.31 -21.10
N LYS C 357 -76.48 -59.91 -20.96
CA LYS C 357 -75.35 -59.30 -20.28
C LYS C 357 -74.38 -58.71 -21.30
N VAL C 358 -73.96 -57.47 -21.07
CA VAL C 358 -73.06 -56.76 -21.96
C VAL C 358 -71.78 -56.43 -21.18
N GLU C 359 -70.64 -56.88 -21.72
CA GLU C 359 -69.34 -56.65 -21.10
C GLU C 359 -68.47 -55.80 -22.03
N GLY C 360 -67.30 -55.43 -21.52
CA GLY C 360 -66.34 -54.68 -22.30
C GLY C 360 -66.57 -53.19 -22.36
N LEU C 361 -67.52 -52.65 -21.59
CA LEU C 361 -67.81 -51.23 -21.60
C LEU C 361 -66.73 -50.44 -20.86
N LYS D 40 -38.92 -75.86 -48.91
CA LYS D 40 -40.30 -75.48 -48.65
C LYS D 40 -41.17 -75.74 -49.88
N LEU D 41 -40.56 -75.60 -51.05
CA LEU D 41 -41.26 -75.90 -52.29
C LEU D 41 -41.43 -77.40 -52.45
N PRO D 42 -42.49 -77.84 -53.13
CA PRO D 42 -42.63 -79.28 -53.42
C PRO D 42 -41.57 -79.78 -54.38
N CYS D 43 -41.24 -81.06 -54.25
CA CYS D 43 -40.17 -81.66 -55.03
C CYS D 43 -40.67 -82.53 -56.18
N ARG D 44 -41.94 -82.90 -56.17
CA ARG D 44 -42.51 -83.74 -57.23
C ARG D 44 -44.02 -83.52 -57.26
N VAL D 45 -44.67 -84.18 -58.22
CA VAL D 45 -46.11 -84.24 -58.24
C VAL D 45 -46.58 -85.11 -57.07
N ASP D 46 -47.52 -84.61 -56.29
CA ASP D 46 -47.94 -85.30 -55.07
C ASP D 46 -48.70 -86.59 -55.36
N GLY D 47 -48.42 -87.62 -54.56
CA GLY D 47 -49.03 -88.91 -54.77
C GLY D 47 -48.59 -89.65 -56.00
N ALA D 48 -47.40 -89.34 -56.54
CA ALA D 48 -46.92 -89.91 -57.78
C ALA D 48 -45.54 -90.49 -57.60
N CYS D 49 -45.28 -91.62 -58.26
CA CYS D 49 -43.97 -92.26 -58.22
C CYS D 49 -43.77 -93.06 -59.50
N ASP D 50 -42.58 -92.94 -60.07
CA ASP D 50 -42.27 -93.63 -61.33
C ASP D 50 -42.18 -95.13 -61.13
N ALA D 51 -41.64 -95.56 -59.98
CA ALA D 51 -41.59 -96.98 -59.65
C ALA D 51 -42.99 -97.56 -59.49
N THR D 52 -43.89 -96.78 -58.87
CA THR D 52 -45.29 -97.18 -58.77
C THR D 52 -45.95 -97.26 -60.14
N ILE D 53 -45.63 -96.32 -61.03
CA ILE D 53 -46.18 -96.33 -62.39
C ILE D 53 -45.75 -97.58 -63.14
N ILE D 54 -44.45 -97.93 -63.04
CA ILE D 54 -43.93 -99.14 -63.67
C ILE D 54 -44.57 -100.39 -63.07
N LYS D 55 -44.77 -100.38 -61.74
CA LYS D 55 -45.35 -101.54 -61.05
C LYS D 55 -46.79 -101.80 -61.49
N MET D 56 -47.62 -100.76 -61.53
CA MET D 56 -49.00 -100.99 -61.98
C MET D 56 -49.12 -101.22 -63.47
N MET D 57 -48.21 -100.67 -64.29
CA MET D 57 -48.19 -101.03 -65.70
C MET D 57 -47.88 -102.50 -65.90
N THR D 58 -46.88 -103.02 -65.18
CA THR D 58 -46.55 -104.45 -65.25
C THR D 58 -47.68 -105.31 -64.72
N ASP D 59 -48.31 -104.90 -63.62
CA ASP D 59 -49.41 -105.67 -63.05
C ASP D 59 -50.63 -105.70 -63.97
N LEU D 60 -50.96 -104.57 -64.61
CA LEU D 60 -52.08 -104.56 -65.54
C LEU D 60 -51.78 -105.38 -66.79
N ASN D 61 -50.54 -105.35 -67.26
CA ASN D 61 -50.18 -106.18 -68.41
C ASN D 61 -50.18 -107.67 -68.07
N LYS D 62 -49.86 -108.03 -66.83
CA LYS D 62 -49.96 -109.43 -66.43
C LYS D 62 -51.41 -109.87 -66.22
N LYS D 63 -52.26 -108.97 -65.72
CA LYS D 63 -53.69 -109.31 -65.57
C LYS D 63 -54.37 -109.44 -66.93
N GLY D 64 -53.99 -108.61 -67.89
CA GLY D 64 -54.55 -108.73 -69.22
C GLY D 64 -55.12 -107.46 -69.79
N ILE D 65 -55.07 -106.39 -69.02
CA ILE D 65 -55.51 -105.07 -69.49
C ILE D 65 -54.34 -104.44 -70.24
N LYS D 66 -54.57 -104.05 -71.49
CA LYS D 66 -53.47 -103.63 -72.34
C LYS D 66 -53.14 -102.16 -72.08
N VAL D 67 -51.91 -101.90 -71.65
CA VAL D 67 -51.43 -100.54 -71.41
C VAL D 67 -50.32 -100.25 -72.40
N ALA D 68 -50.49 -99.20 -73.20
CA ALA D 68 -49.53 -98.84 -74.23
C ALA D 68 -49.18 -97.37 -74.15
N SER D 69 -47.94 -97.05 -74.51
CA SER D 69 -47.45 -95.67 -74.50
C SER D 69 -46.56 -95.46 -75.71
N VAL D 70 -46.95 -94.53 -76.58
CA VAL D 70 -46.18 -94.11 -77.74
C VAL D 70 -46.02 -92.60 -77.66
N GLY D 71 -44.78 -92.13 -77.52
CA GLY D 71 -44.54 -90.71 -77.35
C GLY D 71 -45.00 -90.22 -75.99
N GLN D 72 -46.00 -89.32 -75.99
CA GLN D 72 -46.64 -88.89 -74.76
C GLN D 72 -48.11 -89.29 -74.72
N ASN D 73 -48.56 -90.14 -75.65
CA ASN D 73 -49.93 -90.63 -75.68
C ASN D 73 -50.02 -91.97 -74.96
N TYR D 74 -51.09 -92.15 -74.19
CA TYR D 74 -51.29 -93.36 -73.41
C TYR D 74 -52.65 -93.97 -73.72
N LEU D 75 -52.65 -95.30 -73.81
CA LEU D 75 -53.80 -96.12 -74.19
C LEU D 75 -54.02 -97.21 -73.14
N ILE D 76 -55.27 -97.35 -72.69
CA ILE D 76 -55.70 -98.46 -71.85
C ILE D 76 -56.84 -99.16 -72.57
N SER D 77 -56.65 -100.44 -72.86
CA SER D 77 -57.65 -101.25 -73.56
C SER D 77 -58.14 -102.35 -72.64
N ILE D 78 -59.46 -102.41 -72.44
CA ILE D 78 -60.09 -103.35 -71.53
C ILE D 78 -61.09 -104.20 -72.32
N PRO D 79 -61.07 -105.52 -72.20
CA PRO D 79 -62.13 -106.34 -72.79
C PRO D 79 -63.46 -106.12 -72.09
N ALA D 80 -64.54 -106.24 -72.86
CA ALA D 80 -65.88 -105.98 -72.32
C ALA D 80 -66.36 -107.09 -71.40
N SER D 81 -65.83 -108.30 -71.52
CA SER D 81 -66.27 -109.41 -70.68
C SER D 81 -65.77 -109.26 -69.25
N ALA D 82 -64.66 -108.56 -69.05
CA ALA D 82 -64.13 -108.32 -67.71
C ALA D 82 -64.84 -107.20 -66.98
N LEU D 83 -65.72 -106.47 -67.65
CA LEU D 83 -66.44 -105.35 -67.05
C LEU D 83 -67.94 -105.56 -67.00
N PHE D 84 -68.56 -105.93 -68.11
CA PHE D 84 -70.00 -105.96 -68.24
C PHE D 84 -70.51 -107.39 -68.33
N ALA D 85 -71.83 -107.53 -68.38
CA ALA D 85 -72.49 -108.82 -68.53
C ALA D 85 -72.62 -109.14 -70.02
N ASP D 86 -73.43 -110.14 -70.36
CA ASP D 86 -73.57 -110.57 -71.75
C ASP D 86 -74.44 -109.56 -72.49
N GLN D 87 -73.76 -108.60 -73.14
CA GLN D 87 -74.35 -107.62 -74.06
C GLN D 87 -75.43 -106.76 -73.39
N SER D 88 -75.18 -106.39 -72.14
CA SER D 88 -76.04 -105.49 -71.38
C SER D 88 -75.18 -104.43 -70.71
N PRO D 89 -75.71 -103.19 -70.53
CA PRO D 89 -74.94 -102.12 -69.86
C PRO D 89 -75.04 -102.15 -68.34
N ARG D 90 -74.83 -103.33 -67.76
CA ARG D 90 -74.87 -103.53 -66.31
C ARG D 90 -73.50 -104.03 -65.86
N LEU D 91 -72.86 -103.28 -64.96
CA LEU D 91 -71.58 -103.70 -64.43
C LEU D 91 -71.74 -104.85 -63.45
N ASN D 92 -70.77 -105.75 -63.45
CA ASN D 92 -70.69 -106.75 -62.40
C ASN D 92 -70.19 -106.10 -61.11
N TRP D 93 -70.46 -106.76 -59.98
CA TRP D 93 -70.05 -106.20 -58.69
C TRP D 93 -68.55 -106.35 -58.48
N ALA D 94 -67.93 -107.34 -59.10
CA ALA D 94 -66.50 -107.62 -58.92
C ALA D 94 -65.60 -106.79 -59.82
N SER D 95 -66.16 -106.07 -60.79
CA SER D 95 -65.34 -105.25 -61.69
C SER D 95 -64.98 -103.90 -61.08
N TYR D 96 -65.56 -103.56 -59.92
CA TYR D 96 -65.24 -102.29 -59.29
C TYR D 96 -63.83 -102.27 -58.72
N SER D 97 -63.27 -103.44 -58.38
CA SER D 97 -61.88 -103.50 -57.97
C SER D 97 -60.94 -103.19 -59.14
N LEU D 98 -61.27 -103.70 -60.33
CA LEU D 98 -60.49 -103.37 -61.53
C LEU D 98 -60.63 -101.91 -61.88
N LEU D 99 -61.84 -101.35 -61.73
CA LEU D 99 -62.04 -99.92 -61.98
C LEU D 99 -61.28 -99.06 -60.96
N ASN D 100 -61.19 -99.52 -59.70
CA ASN D 100 -60.40 -98.82 -58.69
C ASN D 100 -58.92 -98.87 -59.04
N GLU D 101 -58.44 -100.01 -59.56
CA GLU D 101 -57.04 -100.12 -59.99
C GLU D 101 -56.76 -99.19 -61.17
N ILE D 102 -57.69 -99.08 -62.12
CA ILE D 102 -57.54 -98.19 -63.25
C ILE D 102 -57.54 -96.73 -62.81
N ALA D 103 -58.40 -96.39 -61.84
CA ALA D 103 -58.43 -95.03 -61.31
C ALA D 103 -57.15 -94.70 -60.54
N ALA D 104 -56.62 -95.67 -59.79
CA ALA D 104 -55.36 -95.46 -59.07
C ALA D 104 -54.18 -95.32 -60.02
N PHE D 105 -54.23 -95.99 -61.17
CA PHE D 105 -53.23 -95.75 -62.20
C PHE D 105 -53.39 -94.37 -62.83
N LEU D 106 -54.64 -93.93 -63.03
CA LEU D 106 -54.90 -92.67 -63.70
C LEU D 106 -54.58 -91.46 -62.82
N LYS D 107 -54.59 -91.61 -61.49
CA LYS D 107 -54.26 -90.49 -60.61
C LYS D 107 -52.78 -90.12 -60.62
N GLN D 108 -51.92 -90.92 -61.25
CA GLN D 108 -50.48 -90.66 -61.21
C GLN D 108 -50.01 -89.64 -62.24
N PHE D 109 -50.86 -89.23 -63.17
CA PHE D 109 -50.45 -88.33 -64.23
C PHE D 109 -51.20 -87.00 -64.15
N ARG D 110 -50.68 -86.01 -64.86
CA ARG D 110 -51.32 -84.72 -65.04
C ARG D 110 -51.85 -84.64 -66.46
N LYS D 111 -53.10 -84.23 -66.61
CA LYS D 111 -53.78 -84.32 -67.89
C LYS D 111 -54.90 -83.29 -67.94
N ILE D 112 -55.41 -83.07 -69.15
CA ILE D 112 -56.48 -82.10 -69.40
C ILE D 112 -57.75 -82.79 -69.86
N ALA D 113 -57.65 -83.67 -70.85
CA ALA D 113 -58.80 -84.34 -71.42
C ALA D 113 -58.55 -85.84 -71.52
N ILE D 114 -59.57 -86.62 -71.19
CA ILE D 114 -59.57 -88.07 -71.35
C ILE D 114 -60.67 -88.43 -72.34
N THR D 115 -60.45 -89.46 -73.14
CA THR D 115 -61.47 -89.94 -74.07
C THR D 115 -61.76 -91.41 -73.79
N VAL D 116 -63.05 -91.74 -73.67
CA VAL D 116 -63.52 -93.11 -73.46
C VAL D 116 -64.37 -93.48 -74.67
N THR D 117 -63.99 -94.56 -75.34
CA THR D 117 -64.66 -94.99 -76.57
C THR D 117 -65.01 -96.47 -76.43
N SER D 118 -66.23 -96.83 -76.82
CA SER D 118 -66.70 -98.20 -76.67
C SER D 118 -66.93 -98.84 -78.03
N TYR D 119 -66.57 -100.12 -78.15
CA TYR D 119 -66.80 -100.92 -79.35
C TYR D 119 -67.41 -102.26 -78.97
N SER D 120 -68.32 -102.76 -79.80
CA SER D 120 -69.00 -104.02 -79.56
C SER D 120 -69.09 -104.79 -80.87
N SER D 121 -69.94 -105.82 -80.88
CA SER D 121 -70.12 -106.69 -82.04
C SER D 121 -71.58 -106.66 -82.49
N LYS D 122 -71.84 -107.30 -83.64
CA LYS D 122 -73.14 -107.26 -84.28
C LYS D 122 -74.09 -108.25 -83.60
N TYR D 123 -75.20 -107.73 -83.05
CA TYR D 123 -76.19 -108.59 -82.41
C TYR D 123 -77.54 -108.56 -83.13
N VAL D 124 -78.17 -107.40 -83.27
CA VAL D 124 -79.50 -107.31 -83.85
C VAL D 124 -79.50 -106.30 -84.99
N SER D 125 -79.08 -105.07 -84.68
CA SER D 125 -79.04 -104.00 -85.67
C SER D 125 -77.93 -103.04 -85.26
N VAL D 126 -77.89 -101.87 -85.91
CA VAL D 126 -76.86 -100.89 -85.58
C VAL D 126 -77.29 -99.94 -84.47
N LYS D 127 -78.58 -99.64 -84.35
CA LYS D 127 -79.07 -98.72 -83.33
C LYS D 127 -78.89 -99.30 -81.93
N ARG D 128 -79.17 -100.59 -81.79
CA ARG D 128 -79.05 -101.28 -80.51
C ARG D 128 -77.60 -101.33 -80.04
N GLU D 129 -76.66 -101.59 -80.95
CA GLU D 129 -75.26 -101.69 -80.55
C GLU D 129 -74.64 -100.31 -80.31
N ARG D 130 -75.06 -99.27 -81.05
CA ARG D 130 -74.59 -97.92 -80.76
C ARG D 130 -75.11 -97.44 -79.41
N ALA D 131 -76.38 -97.71 -79.11
CA ALA D 131 -76.94 -97.34 -77.81
C ALA D 131 -76.27 -98.10 -76.67
N LEU D 132 -75.98 -99.39 -76.89
CA LEU D 132 -75.29 -100.20 -75.88
C LEU D 132 -73.89 -99.68 -75.60
N THR D 133 -73.15 -99.31 -76.66
CA THR D 133 -71.79 -98.81 -76.47
C THR D 133 -71.79 -97.44 -75.80
N LEU D 134 -72.77 -96.58 -76.15
CA LEU D 134 -72.87 -95.27 -75.50
C LEU D 134 -73.21 -95.41 -74.02
N ALA D 135 -74.12 -96.34 -73.68
CA ALA D 135 -74.47 -96.58 -72.28
C ALA D 135 -73.28 -97.14 -71.49
N ARG D 136 -72.52 -98.06 -72.09
CA ARG D 136 -71.33 -98.63 -71.44
C ARG D 136 -70.28 -97.55 -71.16
N SER D 137 -70.02 -96.69 -72.15
CA SER D 137 -69.06 -95.61 -71.97
C SER D 137 -69.53 -94.60 -70.93
N ARG D 138 -70.85 -94.34 -70.90
CA ARG D 138 -71.42 -93.43 -69.90
C ARG D 138 -71.23 -93.97 -68.49
N VAL D 139 -71.49 -95.26 -68.28
CA VAL D 139 -71.37 -95.85 -66.94
C VAL D 139 -69.90 -95.88 -66.49
N VAL D 140 -68.99 -96.25 -67.40
CA VAL D 140 -67.57 -96.33 -67.07
C VAL D 140 -67.02 -94.95 -66.72
N SER D 141 -67.37 -93.93 -67.52
CA SER D 141 -66.90 -92.58 -67.23
C SER D 141 -67.58 -91.99 -66.01
N GLU D 142 -68.82 -92.41 -65.71
CA GLU D 142 -69.48 -91.96 -64.49
C GLU D 142 -68.74 -92.46 -63.25
N TYR D 143 -68.34 -93.73 -63.25
CA TYR D 143 -67.59 -94.22 -62.09
C TYR D 143 -66.19 -93.61 -62.03
N LEU D 144 -65.56 -93.38 -63.19
CA LEU D 144 -64.24 -92.76 -63.20
C LEU D 144 -64.28 -91.31 -62.73
N TRP D 145 -65.33 -90.57 -63.09
CA TRP D 145 -65.48 -89.20 -62.62
C TRP D 145 -65.91 -89.17 -61.15
N SER D 146 -66.64 -90.18 -60.69
CA SER D 146 -66.96 -90.31 -59.26
C SER D 146 -65.69 -90.50 -58.44
N GLN D 147 -64.77 -91.33 -58.93
CA GLN D 147 -63.46 -91.40 -58.32
C GLN D 147 -62.65 -90.15 -58.66
N GLY D 148 -61.56 -89.96 -57.93
CA GLY D 148 -60.86 -88.68 -57.97
C GLY D 148 -59.76 -88.52 -58.98
N VAL D 149 -60.07 -88.64 -60.27
CA VAL D 149 -59.11 -88.31 -61.31
C VAL D 149 -59.09 -86.80 -61.53
N ASP D 150 -57.89 -86.23 -61.64
CA ASP D 150 -57.73 -84.79 -61.74
C ASP D 150 -57.61 -84.35 -63.20
N SER D 151 -58.70 -84.56 -63.93
CA SER D 151 -58.81 -84.14 -65.32
C SER D 151 -59.84 -83.02 -65.44
N ARG D 152 -59.78 -82.31 -66.55
CA ARG D 152 -60.71 -81.22 -66.79
C ARG D 152 -61.92 -81.67 -67.61
N ILE D 153 -61.69 -82.36 -68.72
CA ILE D 153 -62.76 -82.84 -69.59
C ILE D 153 -62.65 -84.35 -69.77
N ILE D 154 -63.78 -85.03 -69.70
CA ILE D 154 -63.88 -86.44 -70.11
C ILE D 154 -64.92 -86.52 -71.22
N PHE D 155 -64.50 -87.03 -72.38
CA PHE D 155 -65.36 -87.22 -73.53
C PHE D 155 -65.74 -88.69 -73.63
N THR D 156 -66.99 -88.96 -74.02
CA THR D 156 -67.51 -90.33 -74.12
C THR D 156 -68.17 -90.52 -75.48
N GLN D 157 -67.81 -91.61 -76.14
CA GLN D 157 -68.47 -92.00 -77.38
C GLN D 157 -68.53 -93.52 -77.50
N GLY D 158 -69.56 -93.99 -78.21
CA GLY D 158 -69.69 -95.40 -78.53
C GLY D 158 -69.84 -95.60 -80.02
N LEU D 159 -68.92 -96.32 -80.64
CA LEU D 159 -68.87 -96.43 -82.09
C LEU D 159 -69.55 -97.68 -82.63
N GLY D 160 -70.09 -98.53 -81.77
CA GLY D 160 -70.75 -99.74 -82.22
C GLY D 160 -69.77 -100.81 -82.68
N SER D 161 -69.90 -101.23 -83.93
CA SER D 161 -69.01 -102.23 -84.51
C SER D 161 -68.37 -101.72 -85.80
N ASP D 162 -68.13 -100.40 -85.88
CA ASP D 162 -67.61 -99.82 -87.11
C ASP D 162 -66.11 -100.07 -87.30
N LYS D 163 -65.34 -100.13 -86.22
CA LYS D 163 -63.88 -100.23 -86.30
C LYS D 163 -63.41 -101.47 -85.56
N PRO D 164 -63.29 -102.61 -86.24
CA PRO D 164 -62.71 -103.80 -85.62
C PRO D 164 -61.20 -103.85 -85.76
N ILE D 165 -60.57 -104.50 -84.78
CA ILE D 165 -59.12 -104.67 -84.78
C ILE D 165 -58.69 -106.08 -85.16
N THR D 166 -59.64 -107.01 -85.32
CA THR D 166 -59.33 -108.40 -85.64
C THR D 166 -60.37 -108.92 -86.63
N SER D 167 -59.90 -109.64 -87.64
CA SER D 167 -60.78 -110.22 -88.65
C SER D 167 -61.51 -111.47 -88.15
N TYR D 168 -61.13 -112.00 -86.98
CA TYR D 168 -61.77 -113.17 -86.40
C TYR D 168 -62.96 -112.69 -85.58
N THR D 169 -64.16 -112.80 -86.15
CA THR D 169 -65.37 -112.23 -85.54
C THR D 169 -66.40 -113.30 -85.22
N LEU D 170 -65.96 -114.41 -84.62
CA LEU D 170 -66.86 -115.51 -84.31
C LEU D 170 -67.49 -115.41 -82.92
N GLY D 171 -66.83 -114.75 -81.97
CA GLY D 171 -67.35 -114.66 -80.63
C GLY D 171 -68.40 -113.58 -80.46
N GLY D 172 -68.89 -113.45 -79.23
CA GLY D 172 -69.83 -112.41 -78.88
C GLY D 172 -69.17 -111.29 -78.11
N ASP D 173 -69.35 -111.27 -76.78
CA ASP D 173 -68.55 -110.40 -75.94
C ASP D 173 -67.17 -110.98 -75.63
N ARG D 174 -66.95 -112.26 -75.96
CA ARG D 174 -65.65 -112.89 -75.82
C ARG D 174 -64.72 -112.58 -76.98
N SER D 175 -65.21 -111.91 -78.01
CA SER D 175 -64.39 -111.50 -79.14
C SER D 175 -63.38 -110.45 -78.70
N PRO D 176 -62.17 -110.46 -79.28
CA PRO D 176 -61.18 -109.43 -78.92
C PRO D 176 -61.53 -108.03 -79.38
N ASN D 177 -62.44 -107.88 -80.35
CA ASN D 177 -62.83 -106.57 -80.85
C ASN D 177 -64.11 -106.03 -80.20
N ALA D 178 -64.43 -106.50 -79.00
CA ALA D 178 -65.50 -105.93 -78.16
C ALA D 178 -64.81 -105.41 -76.91
N ARG D 179 -64.67 -104.09 -76.80
CA ARG D 179 -63.72 -103.52 -75.85
C ARG D 179 -64.12 -102.11 -75.49
N VAL D 180 -63.44 -101.58 -74.46
CA VAL D 180 -63.51 -100.17 -74.11
C VAL D 180 -62.08 -99.62 -74.07
N GLU D 181 -61.91 -98.42 -74.63
CA GLU D 181 -60.60 -97.81 -74.81
C GLU D 181 -60.58 -96.47 -74.10
N ILE D 182 -59.51 -96.22 -73.35
CA ILE D 182 -59.28 -94.99 -72.61
C ILE D 182 -57.99 -94.38 -73.13
N THR D 183 -58.09 -93.21 -73.75
CA THR D 183 -56.94 -92.54 -74.34
C THR D 183 -56.71 -91.21 -73.66
N PHE D 184 -55.45 -90.86 -73.44
CA PHE D 184 -55.11 -89.51 -72.99
C PHE D 184 -53.69 -89.16 -73.40
N ARG D 185 -53.32 -87.90 -73.16
CA ARG D 185 -51.97 -87.41 -73.37
C ARG D 185 -51.43 -86.84 -72.06
N ARG D 186 -50.24 -87.28 -71.67
CA ARG D 186 -49.59 -86.73 -70.50
C ARG D 186 -49.15 -85.29 -70.76
N ALA D 187 -49.49 -84.39 -69.84
CA ALA D 187 -49.25 -82.97 -70.00
C ALA D 187 -48.00 -82.58 -69.21
N VAL D 188 -47.00 -82.06 -69.92
CA VAL D 188 -45.71 -81.60 -69.38
C VAL D 188 -44.99 -82.70 -68.60
N CYS E 42 -74.88 -118.51 -52.66
CA CYS E 42 -74.53 -117.43 -51.74
C CYS E 42 -75.44 -116.23 -51.95
N PHE E 43 -74.88 -115.03 -51.81
CA PHE E 43 -75.63 -113.79 -51.95
C PHE E 43 -74.91 -112.87 -52.92
N HIS E 44 -75.66 -112.37 -53.91
CA HIS E 44 -75.15 -111.35 -54.82
C HIS E 44 -75.41 -109.98 -54.22
N PRO E 45 -74.39 -109.15 -54.03
CA PRO E 45 -74.58 -107.82 -53.40
C PRO E 45 -75.49 -106.88 -54.20
N PRO E 46 -75.49 -106.88 -55.58
CA PRO E 46 -76.56 -106.02 -56.15
C PRO E 46 -77.93 -106.67 -56.20
N TYR E 47 -78.62 -106.61 -55.05
CA TYR E 47 -80.02 -106.99 -54.82
C TYR E 47 -80.31 -108.48 -55.05
N ASN E 48 -79.28 -109.32 -55.17
CA ASN E 48 -79.38 -110.78 -55.34
C ASN E 48 -80.22 -111.17 -56.56
N ASN E 49 -80.13 -110.34 -57.63
CA ASN E 49 -80.88 -110.51 -58.88
C ASN E 49 -82.39 -110.55 -58.67
N PHE E 50 -82.87 -109.84 -57.64
CA PHE E 50 -84.28 -109.76 -57.24
C PHE E 50 -84.89 -111.14 -57.00
N GLN E 51 -84.12 -112.00 -56.34
CA GLN E 51 -84.55 -113.33 -55.96
C GLN E 51 -84.74 -113.43 -54.45
N PRO E 52 -85.66 -114.26 -53.97
CA PRO E 52 -85.78 -114.48 -52.52
C PRO E 52 -84.58 -115.25 -52.01
N ASP E 53 -83.87 -114.66 -51.05
CA ASP E 53 -82.64 -115.23 -50.54
C ASP E 53 -82.90 -116.44 -49.64
N ARG E 54 -82.05 -117.46 -49.77
CA ARG E 54 -82.14 -118.66 -48.95
C ARG E 54 -81.13 -118.53 -47.81
N ARG E 55 -81.51 -117.70 -46.83
CA ARG E 55 -80.62 -117.34 -45.74
C ARG E 55 -80.46 -118.46 -44.70
N ALA E 56 -81.54 -119.21 -44.44
CA ALA E 56 -81.54 -120.18 -43.36
C ALA E 56 -80.75 -121.44 -43.69
N VAL E 57 -80.80 -121.91 -44.94
CA VAL E 57 -80.17 -123.17 -45.29
C VAL E 57 -78.65 -123.06 -45.27
N LYS E 58 -78.10 -121.89 -45.59
CA LYS E 58 -76.66 -121.69 -45.50
C LYS E 58 -76.17 -121.75 -44.06
N ARG E 59 -76.92 -121.14 -43.13
CA ARG E 59 -76.54 -121.19 -41.72
C ARG E 59 -76.68 -122.59 -41.14
N VAL E 60 -77.77 -123.29 -41.46
CA VAL E 60 -77.91 -124.65 -40.94
C VAL E 60 -77.06 -125.66 -41.67
N GLY E 61 -76.46 -125.29 -42.81
CA GLY E 61 -75.49 -126.14 -43.46
C GLY E 61 -74.06 -125.86 -43.00
N VAL E 62 -73.78 -124.64 -42.56
CA VAL E 62 -72.44 -124.34 -42.06
C VAL E 62 -72.32 -124.67 -40.57
N ASP E 63 -73.43 -124.70 -39.82
CA ASP E 63 -73.35 -125.08 -38.41
C ASP E 63 -73.65 -126.57 -38.24
N THR E 64 -72.84 -127.39 -38.88
CA THR E 64 -72.92 -128.84 -38.72
C THR E 64 -71.58 -129.54 -38.59
N GLY E 65 -70.46 -128.84 -38.81
CA GLY E 65 -69.16 -129.45 -38.72
C GLY E 65 -68.03 -128.48 -39.02
N GLY E 88 -74.35 -128.12 -34.89
CA GLY E 88 -75.55 -128.89 -34.62
C GLY E 88 -76.76 -128.41 -35.38
N GLY E 89 -77.61 -129.36 -35.80
CA GLY E 89 -78.82 -129.00 -36.53
C GLY E 89 -79.82 -128.23 -35.68
N THR E 90 -79.98 -128.64 -34.42
CA THR E 90 -80.88 -127.93 -33.51
C THR E 90 -80.36 -126.53 -33.18
N VAL E 91 -79.04 -126.41 -33.02
CA VAL E 91 -78.42 -125.10 -32.76
C VAL E 91 -78.58 -124.19 -33.98
N GLY E 92 -78.41 -124.74 -35.18
CA GLY E 92 -78.62 -123.96 -36.38
C GLY E 92 -80.07 -123.56 -36.59
N LEU E 93 -81.00 -124.44 -36.21
CA LEU E 93 -82.43 -124.10 -36.28
C LEU E 93 -82.80 -123.01 -35.28
N VAL E 94 -82.21 -123.06 -34.08
CA VAL E 94 -82.44 -122.02 -33.07
C VAL E 94 -81.88 -120.69 -33.54
N ALA E 95 -80.68 -120.70 -34.13
CA ALA E 95 -80.08 -119.47 -34.67
C ALA E 95 -80.90 -118.92 -35.84
N SER E 96 -81.43 -119.80 -36.70
CA SER E 96 -82.26 -119.37 -37.82
C SER E 96 -83.57 -118.77 -37.33
N ILE E 97 -84.23 -119.40 -36.36
CA ILE E 97 -85.50 -118.89 -35.87
C ILE E 97 -85.30 -117.65 -35.00
N TYR E 98 -84.08 -117.41 -34.50
CA TYR E 98 -83.79 -116.15 -33.83
C TYR E 98 -83.57 -115.04 -34.86
N ARG E 99 -82.72 -115.29 -35.86
CA ARG E 99 -82.37 -114.24 -36.81
C ARG E 99 -83.45 -113.98 -37.85
N ASP E 100 -84.45 -114.85 -37.98
CA ASP E 100 -85.56 -114.60 -38.88
C ASP E 100 -86.75 -113.93 -38.18
N SER E 101 -86.61 -113.59 -36.91
CA SER E 101 -87.71 -112.99 -36.16
C SER E 101 -87.89 -111.53 -36.57
N LYS E 102 -89.05 -110.98 -36.20
CA LYS E 102 -89.35 -109.59 -36.54
C LYS E 102 -88.56 -108.61 -35.69
N ARG E 103 -88.35 -108.94 -34.41
CA ARG E 103 -87.62 -108.05 -33.52
C ARG E 103 -86.15 -107.96 -33.89
N LYS E 104 -85.56 -109.05 -34.38
CA LYS E 104 -84.18 -109.00 -34.85
C LYS E 104 -84.04 -108.13 -36.10
N ILE E 105 -85.04 -108.17 -36.98
CA ILE E 105 -85.06 -107.30 -38.15
C ILE E 105 -85.20 -105.84 -37.75
N ILE E 106 -86.04 -105.57 -36.75
CA ILE E 106 -86.23 -104.21 -36.24
C ILE E 106 -84.95 -103.69 -35.59
N ARG E 107 -84.26 -104.53 -34.82
CA ARG E 107 -83.00 -104.11 -34.21
C ARG E 107 -81.88 -103.99 -35.24
N ASP E 108 -81.92 -104.77 -36.33
CA ASP E 108 -80.96 -104.59 -37.40
C ASP E 108 -81.19 -103.25 -38.11
N LEU E 109 -82.46 -102.93 -38.39
CA LEU E 109 -82.80 -101.62 -38.94
C LEU E 109 -82.50 -100.49 -37.97
N GLN E 110 -82.43 -100.78 -36.67
CA GLN E 110 -81.92 -99.83 -35.69
C GLN E 110 -80.39 -99.70 -35.76
N LYS E 111 -79.69 -100.78 -36.12
CA LYS E 111 -78.25 -100.68 -36.32
C LYS E 111 -77.90 -99.83 -37.54
N GLN E 112 -78.64 -99.99 -38.64
CA GLN E 112 -78.56 -98.93 -39.64
C GLN E 112 -79.44 -97.75 -39.24
N ASP E 113 -79.44 -96.71 -40.06
CA ASP E 113 -80.08 -95.45 -39.68
C ASP E 113 -81.52 -95.35 -40.19
N ILE E 114 -82.36 -96.34 -39.90
CA ILE E 114 -83.75 -96.34 -40.34
C ILE E 114 -84.64 -96.46 -39.11
N GLN E 115 -85.62 -95.57 -38.98
CA GLN E 115 -86.44 -95.53 -37.78
C GLN E 115 -87.80 -96.19 -38.02
N TYR E 116 -88.29 -96.89 -36.99
CA TYR E 116 -89.56 -97.61 -37.05
C TYR E 116 -90.48 -97.11 -35.95
N VAL E 117 -91.71 -96.74 -36.32
CA VAL E 117 -92.70 -96.21 -35.40
C VAL E 117 -93.98 -97.01 -35.56
N GLU E 118 -94.47 -97.58 -34.45
CA GLU E 118 -95.74 -98.30 -34.43
C GLU E 118 -96.67 -97.65 -33.43
N TYR E 119 -97.88 -97.31 -33.87
CA TYR E 119 -98.86 -96.64 -33.02
C TYR E 119 -100.24 -97.06 -33.47
N GLY E 120 -100.92 -97.85 -32.66
CA GLY E 120 -102.23 -98.36 -33.04
C GLY E 120 -102.09 -99.48 -34.04
N ASP E 121 -102.73 -99.31 -35.20
CA ASP E 121 -102.66 -100.29 -36.28
C ASP E 121 -101.94 -99.77 -37.52
N THR E 122 -101.16 -98.69 -37.37
CA THR E 122 -100.42 -98.09 -38.47
C THR E 122 -98.93 -98.14 -38.15
N ARG E 123 -98.13 -98.58 -39.13
CA ARG E 123 -96.69 -98.70 -38.97
C ARG E 123 -96.00 -97.78 -39.97
N THR E 124 -94.89 -97.18 -39.54
CA THR E 124 -94.21 -96.15 -40.32
C THR E 124 -92.71 -96.36 -40.25
N LEU E 125 -92.06 -96.28 -41.42
CA LEU E 125 -90.61 -96.34 -41.55
C LEU E 125 -90.09 -95.00 -42.05
N ILE E 126 -89.02 -94.52 -41.43
CA ILE E 126 -88.37 -93.26 -41.78
C ILE E 126 -86.98 -93.57 -42.29
N ILE E 127 -86.68 -93.14 -43.51
CA ILE E 127 -85.44 -93.47 -44.21
C ILE E 127 -84.76 -92.16 -44.62
N PRO E 128 -83.49 -91.95 -44.31
CA PRO E 128 -82.83 -90.69 -44.68
C PRO E 128 -82.31 -90.70 -46.10
N THR E 129 -82.68 -89.68 -46.87
CA THR E 129 -82.23 -89.58 -48.26
C THR E 129 -80.75 -89.23 -48.34
N ASP E 130 -80.20 -88.59 -47.30
CA ASP E 130 -78.80 -88.19 -47.29
C ASP E 130 -77.86 -89.39 -47.29
N LYS E 131 -78.30 -90.54 -46.78
CA LYS E 131 -77.52 -91.76 -46.82
C LYS E 131 -78.06 -92.80 -47.78
N TYR E 132 -79.35 -92.82 -48.07
CA TYR E 132 -79.91 -93.83 -48.95
C TYR E 132 -80.17 -93.31 -50.37
N PHE E 133 -79.73 -92.09 -50.69
CA PHE E 133 -79.76 -91.60 -52.04
C PHE E 133 -78.44 -90.90 -52.33
N MET E 134 -78.07 -90.86 -53.61
CA MET E 134 -76.93 -90.05 -54.01
C MET E 134 -77.33 -88.58 -54.03
N PHE E 135 -76.32 -87.71 -54.03
CA PHE E 135 -76.52 -86.30 -53.76
C PHE E 135 -77.24 -85.61 -54.92
N SER E 136 -78.41 -85.02 -54.61
CA SER E 136 -79.24 -84.22 -55.52
C SER E 136 -79.63 -85.01 -56.77
N SER E 137 -79.93 -86.28 -56.58
CA SER E 137 -80.26 -87.16 -57.69
C SER E 137 -81.34 -88.13 -57.23
N PRO E 138 -82.14 -88.67 -58.16
CA PRO E 138 -83.07 -89.75 -57.78
C PRO E 138 -82.44 -91.13 -57.84
N ARG E 139 -81.10 -91.18 -57.92
CA ARG E 139 -80.39 -92.45 -57.99
C ARG E 139 -80.28 -93.07 -56.60
N LEU E 140 -80.42 -94.39 -56.55
CA LEU E 140 -80.35 -95.13 -55.30
C LEU E 140 -78.92 -95.52 -55.00
N ASN E 141 -78.49 -95.26 -53.76
CA ASN E 141 -77.13 -95.55 -53.33
C ASN E 141 -76.98 -97.06 -53.14
N GLU E 142 -76.14 -97.69 -53.98
CA GLU E 142 -75.99 -99.14 -53.98
C GLU E 142 -75.10 -99.65 -52.86
N ILE E 143 -74.38 -98.79 -52.17
CA ILE E 143 -73.52 -99.21 -51.06
C ILE E 143 -74.36 -99.62 -49.84
N CYS E 144 -75.52 -98.99 -49.64
CA CYS E 144 -76.34 -99.20 -48.45
C CYS E 144 -77.45 -100.22 -48.69
N TYR E 145 -77.17 -101.26 -49.47
CA TYR E 145 -78.11 -102.34 -49.76
C TYR E 145 -78.58 -103.24 -48.60
N PRO E 146 -77.82 -103.47 -47.48
CA PRO E 146 -78.44 -104.23 -46.38
C PRO E 146 -79.65 -103.55 -45.75
N GLY E 147 -79.68 -102.22 -45.69
CA GLY E 147 -80.86 -101.54 -45.18
C GLY E 147 -82.07 -101.73 -46.06
N LEU E 148 -81.87 -101.67 -47.39
CA LEU E 148 -82.97 -101.90 -48.32
C LEU E 148 -83.46 -103.34 -48.27
N ASN E 149 -82.52 -104.30 -48.14
CA ASN E 149 -82.91 -105.70 -48.02
C ASN E 149 -83.66 -105.97 -46.73
N ASN E 150 -83.26 -105.30 -45.64
CA ASN E 150 -84.00 -105.43 -44.39
C ASN E 150 -85.36 -104.76 -44.45
N VAL E 151 -85.50 -103.68 -45.24
CA VAL E 151 -86.80 -103.06 -45.47
C VAL E 151 -87.73 -104.02 -46.21
N ILE E 152 -87.21 -104.70 -47.24
CA ILE E 152 -88.00 -105.71 -47.96
C ILE E 152 -88.36 -106.87 -47.05
N ARG E 153 -87.43 -107.30 -46.20
CA ARG E 153 -87.68 -108.40 -45.27
C ARG E 153 -88.74 -108.04 -44.23
N LEU E 154 -88.73 -106.79 -43.76
CA LEU E 154 -89.76 -106.35 -42.82
C LEU E 154 -91.12 -106.20 -43.50
N LEU E 155 -91.13 -105.69 -44.75
CA LEU E 155 -92.39 -105.51 -45.46
C LEU E 155 -92.98 -106.82 -45.96
N ASN E 156 -92.18 -107.90 -45.99
CA ASN E 156 -92.71 -109.20 -46.38
C ASN E 156 -93.66 -109.80 -45.36
N PHE E 157 -93.66 -109.29 -44.12
CA PHE E 157 -94.51 -109.85 -43.07
C PHE E 157 -95.96 -109.43 -43.16
N TYR E 158 -96.30 -108.46 -44.01
CA TYR E 158 -97.67 -107.93 -44.13
C TYR E 158 -98.08 -108.00 -45.59
N PRO E 159 -98.58 -109.15 -46.05
CA PRO E 159 -98.89 -109.32 -47.47
C PRO E 159 -100.27 -108.84 -47.92
N GLN E 160 -101.02 -108.16 -47.05
CA GLN E 160 -102.37 -107.71 -47.40
C GLN E 160 -102.56 -106.20 -47.30
N SER E 161 -101.66 -105.47 -46.65
CA SER E 161 -101.84 -104.05 -46.42
C SER E 161 -101.47 -103.25 -47.67
N THR E 162 -101.83 -101.97 -47.64
CA THR E 162 -101.48 -101.03 -48.69
C THR E 162 -100.33 -100.14 -48.23
N ILE E 163 -99.53 -99.68 -49.20
CA ILE E 163 -98.28 -98.97 -48.92
C ILE E 163 -98.42 -97.54 -49.41
N TYR E 164 -98.05 -96.58 -48.57
CA TYR E 164 -97.92 -95.18 -48.98
C TYR E 164 -96.48 -94.75 -48.76
N VAL E 165 -95.86 -94.19 -49.81
CA VAL E 165 -94.50 -93.67 -49.72
C VAL E 165 -94.51 -92.18 -50.07
N ALA E 166 -93.83 -91.39 -49.24
CA ALA E 166 -93.81 -89.95 -49.39
C ALA E 166 -92.39 -89.44 -49.27
N GLY E 167 -92.09 -88.37 -50.01
CA GLY E 167 -90.77 -87.76 -50.03
C GLY E 167 -90.80 -86.36 -49.47
N PHE E 168 -89.77 -86.00 -48.69
CA PHE E 168 -89.67 -84.69 -48.07
C PHE E 168 -88.24 -84.17 -48.16
N THR E 169 -88.10 -82.88 -48.46
CA THR E 169 -86.82 -82.17 -48.49
C THR E 169 -86.85 -81.01 -47.52
N ASP E 170 -85.74 -80.26 -47.48
CA ASP E 170 -85.60 -79.08 -46.64
C ASP E 170 -86.04 -77.83 -47.42
N ASN E 171 -85.73 -76.65 -46.89
CA ASN E 171 -86.24 -75.40 -47.43
C ASN E 171 -85.35 -74.77 -48.48
N VAL E 172 -84.18 -75.32 -48.76
CA VAL E 172 -83.24 -74.70 -49.69
C VAL E 172 -83.64 -75.05 -51.12
N GLY E 173 -83.79 -74.04 -51.95
CA GLY E 173 -84.09 -74.20 -53.36
C GLY E 173 -85.41 -73.57 -53.74
N SER E 174 -85.83 -73.82 -54.97
CA SER E 174 -87.10 -73.34 -55.48
C SER E 174 -88.19 -74.36 -55.20
N ARG E 175 -89.45 -73.88 -55.25
CA ARG E 175 -90.61 -74.70 -54.89
C ARG E 175 -90.81 -75.85 -55.87
N SER E 176 -90.72 -75.56 -57.18
CA SER E 176 -90.86 -76.60 -58.19
C SER E 176 -89.70 -77.58 -58.15
N HIS E 177 -88.50 -77.09 -57.83
CA HIS E 177 -87.34 -77.97 -57.69
C HIS E 177 -87.50 -78.93 -56.51
N LYS E 178 -87.98 -78.43 -55.37
CA LYS E 178 -88.22 -79.27 -54.21
C LYS E 178 -89.31 -80.31 -54.48
N ARG E 179 -90.40 -79.88 -55.13
CA ARG E 179 -91.50 -80.80 -55.47
C ARG E 179 -91.04 -81.88 -56.44
N LYS E 180 -90.25 -81.50 -57.45
CA LYS E 180 -89.77 -82.47 -58.44
C LYS E 180 -88.78 -83.45 -57.83
N LEU E 181 -87.89 -82.99 -56.94
CA LEU E 181 -86.94 -83.88 -56.29
C LEU E 181 -87.64 -84.87 -55.37
N SER E 182 -88.62 -84.39 -54.59
CA SER E 182 -89.39 -85.27 -53.72
C SER E 182 -90.19 -86.29 -54.51
N GLN E 183 -90.81 -85.86 -55.62
CA GLN E 183 -91.58 -86.77 -56.46
C GLN E 183 -90.69 -87.83 -57.10
N ALA E 184 -89.51 -87.43 -57.58
CA ALA E 184 -88.59 -88.39 -58.20
C ALA E 184 -88.07 -89.40 -57.20
N GLN E 185 -87.74 -88.96 -55.98
CA GLN E 185 -87.28 -89.90 -54.96
C GLN E 185 -88.40 -90.85 -54.52
N ALA E 186 -89.63 -90.34 -54.42
CA ALA E 186 -90.77 -91.19 -54.06
C ALA E 186 -91.06 -92.23 -55.14
N GLU E 187 -90.99 -91.84 -56.43
CA GLU E 187 -91.16 -92.80 -57.51
C GLU E 187 -90.06 -93.84 -57.54
N THR E 188 -88.81 -93.43 -57.27
CA THR E 188 -87.70 -94.39 -57.23
C THR E 188 -87.88 -95.41 -56.11
N MET E 189 -88.29 -94.96 -54.91
CA MET E 189 -88.49 -95.89 -53.80
C MET E 189 -89.69 -96.80 -54.05
N MET E 190 -90.75 -96.26 -54.66
CA MET E 190 -91.91 -97.09 -55.02
C MET E 190 -91.56 -98.13 -56.07
N THR E 191 -90.73 -97.77 -57.06
CA THR E 191 -90.29 -98.72 -58.07
C THR E 191 -89.42 -99.82 -57.47
N PHE E 192 -88.55 -99.45 -56.51
CA PHE E 192 -87.76 -100.47 -55.82
C PHE E 192 -88.63 -101.40 -54.97
N LEU E 193 -89.71 -100.87 -54.39
CA LEU E 193 -90.65 -101.74 -53.68
C LEU E 193 -91.41 -102.64 -54.65
N TRP E 194 -91.75 -102.12 -55.83
CA TRP E 194 -92.56 -102.88 -56.79
C TRP E 194 -91.74 -104.00 -57.43
N ALA E 195 -90.45 -103.77 -57.66
CA ALA E 195 -89.62 -104.74 -58.36
C ALA E 195 -89.26 -105.96 -57.51
N ASN E 196 -89.55 -105.94 -56.21
CA ASN E 196 -89.21 -107.05 -55.33
C ASN E 196 -90.38 -107.98 -55.05
N GLY E 197 -91.52 -107.77 -55.69
CA GLY E 197 -92.64 -108.69 -55.55
C GLY E 197 -93.97 -108.06 -55.18
N ILE E 198 -93.93 -106.82 -54.68
CA ILE E 198 -95.15 -106.14 -54.25
C ILE E 198 -95.93 -105.69 -55.48
N ALA E 199 -97.23 -105.97 -55.49
CA ALA E 199 -98.09 -105.65 -56.63
C ALA E 199 -98.27 -104.14 -56.77
N ALA E 200 -98.57 -103.70 -58.00
CA ALA E 200 -98.66 -102.29 -58.31
C ALA E 200 -99.92 -101.63 -57.77
N LYS E 201 -100.96 -102.41 -57.49
CA LYS E 201 -102.21 -101.83 -57.00
C LYS E 201 -102.18 -101.51 -55.52
N ARG E 202 -101.14 -101.91 -54.81
CA ARG E 202 -100.99 -101.64 -53.38
C ARG E 202 -100.04 -100.49 -53.09
N LEU E 203 -99.61 -99.76 -54.12
CA LEU E 203 -98.58 -98.75 -53.98
C LEU E 203 -99.08 -97.39 -54.45
N LYS E 204 -98.60 -96.34 -53.78
CA LYS E 204 -98.86 -94.96 -54.17
C LYS E 204 -97.73 -94.10 -53.63
N ALA E 205 -97.22 -93.19 -54.47
CA ALA E 205 -96.09 -92.35 -54.11
C ALA E 205 -96.47 -90.88 -54.23
N GLU E 206 -96.01 -90.08 -53.28
CA GLU E 206 -96.30 -88.66 -53.28
C GLU E 206 -95.10 -87.89 -52.74
N GLY E 207 -94.77 -86.77 -53.38
CA GLY E 207 -93.66 -85.96 -52.92
C GLY E 207 -94.05 -84.57 -52.47
N TYR E 208 -93.90 -84.29 -51.18
CA TYR E 208 -94.16 -82.98 -50.64
C TYR E 208 -92.85 -82.21 -50.51
N GLY E 209 -92.96 -80.89 -50.47
CA GLY E 209 -91.74 -80.09 -50.38
C GLY E 209 -91.34 -79.87 -48.94
N ASP E 210 -91.34 -78.62 -48.51
CA ASP E 210 -91.13 -78.27 -47.11
C ASP E 210 -92.45 -77.93 -46.43
N LYS E 211 -93.50 -78.69 -46.77
CA LYS E 211 -94.86 -78.35 -46.37
C LYS E 211 -95.09 -78.56 -44.88
N ASN E 212 -94.94 -79.81 -44.42
CA ASN E 212 -95.15 -80.18 -43.02
C ASN E 212 -93.90 -80.87 -42.45
N ALA E 213 -92.97 -80.05 -41.98
CA ALA E 213 -91.69 -80.52 -41.47
C ALA E 213 -91.84 -81.02 -40.03
N ILE E 214 -90.82 -81.74 -39.57
CA ILE E 214 -90.79 -82.27 -38.21
C ILE E 214 -89.77 -81.57 -37.33
N SER E 215 -88.92 -80.72 -37.88
CA SER E 215 -87.92 -79.98 -37.12
C SER E 215 -87.80 -78.57 -37.69
N ASP E 216 -86.94 -77.77 -37.07
CA ASP E 216 -86.74 -76.38 -37.46
C ASP E 216 -85.75 -76.32 -38.62
N ASN E 217 -86.08 -75.53 -39.64
CA ASN E 217 -85.23 -75.37 -40.81
C ASN E 217 -84.21 -74.25 -40.65
N ALA E 218 -84.23 -73.52 -39.54
CA ALA E 218 -83.29 -72.45 -39.28
C ALA E 218 -82.04 -72.94 -38.55
N ILE E 219 -81.96 -74.22 -38.23
CA ILE E 219 -80.80 -74.82 -37.57
C ILE E 219 -80.31 -75.98 -38.41
N ILE E 220 -79.04 -76.32 -38.24
CA ILE E 220 -78.34 -77.23 -39.15
C ILE E 220 -78.82 -78.66 -38.98
N HIS E 221 -78.83 -79.15 -37.73
CA HIS E 221 -79.24 -80.53 -37.47
C HIS E 221 -80.74 -80.72 -37.69
N GLY E 222 -81.54 -79.72 -37.32
CA GLY E 222 -82.97 -79.79 -37.58
C GLY E 222 -83.31 -79.74 -39.05
N SER E 223 -82.54 -78.98 -39.84
CA SER E 223 -82.72 -78.99 -41.28
C SER E 223 -82.27 -80.31 -41.90
N ALA E 224 -81.23 -80.94 -41.32
CA ALA E 224 -80.79 -82.24 -41.79
C ALA E 224 -81.81 -83.33 -41.50
N GLN E 225 -82.55 -83.21 -40.39
CA GLN E 225 -83.56 -84.21 -40.05
C GLN E 225 -84.80 -84.14 -40.92
N ASN E 226 -84.97 -83.12 -41.75
CA ASN E 226 -86.20 -82.94 -42.49
C ASN E 226 -86.23 -83.62 -43.85
N ARG E 227 -85.07 -84.03 -44.37
CA ARG E 227 -84.98 -84.68 -45.68
C ARG E 227 -85.14 -86.19 -45.47
N ARG E 228 -86.28 -86.72 -45.89
CA ARG E 228 -86.64 -88.08 -45.47
C ARG E 228 -87.60 -88.72 -46.47
N ILE E 229 -87.73 -90.03 -46.34
CA ILE E 229 -88.72 -90.83 -47.04
C ILE E 229 -89.57 -91.55 -45.98
N GLU E 230 -90.89 -91.38 -46.09
CA GLU E 230 -91.84 -91.95 -45.15
C GLU E 230 -92.58 -93.11 -45.81
N ILE E 231 -92.60 -94.26 -45.14
CA ILE E 231 -93.33 -95.43 -45.63
C ILE E 231 -94.37 -95.82 -44.58
N GLN E 232 -95.64 -95.69 -44.92
CA GLN E 232 -96.73 -96.04 -44.00
C GLN E 232 -97.52 -97.21 -44.54
N TRP E 233 -97.93 -98.10 -43.63
CA TRP E 233 -98.86 -99.17 -43.99
C TRP E 233 -99.74 -99.48 -42.78
N PHE E 234 -100.84 -100.18 -43.06
CA PHE E 234 -101.82 -100.49 -42.02
C PHE E 234 -101.55 -101.86 -41.41
N GLU F 29 -129.10 -139.18 -95.58
CA GLU F 29 -127.70 -139.05 -95.94
C GLU F 29 -127.52 -139.20 -97.46
N VAL F 30 -127.48 -138.08 -98.16
CA VAL F 30 -127.30 -138.07 -99.62
C VAL F 30 -126.18 -137.12 -99.98
N LYS F 31 -125.57 -137.36 -101.13
CA LYS F 31 -124.44 -136.57 -101.60
C LYS F 31 -124.92 -135.41 -102.46
N LYS F 32 -124.00 -134.74 -103.15
CA LYS F 32 -124.32 -133.61 -104.01
C LYS F 32 -123.96 -133.85 -105.46
N GLN F 33 -123.60 -135.08 -105.83
CA GLN F 33 -123.14 -135.38 -107.19
C GLN F 33 -124.30 -135.32 -108.18
N GLY F 34 -124.01 -134.81 -109.38
CA GLY F 34 -125.00 -134.67 -110.42
C GLY F 34 -125.82 -133.41 -110.37
N THR F 35 -125.62 -132.54 -109.38
CA THR F 35 -126.39 -131.33 -109.22
C THR F 35 -125.45 -130.14 -109.09
N SER F 36 -125.74 -129.09 -109.86
CA SER F 36 -124.96 -127.85 -109.82
C SER F 36 -125.63 -126.84 -108.90
N SER F 37 -124.95 -125.72 -108.68
CA SER F 37 -125.42 -124.69 -107.76
C SER F 37 -126.56 -123.91 -108.40
N THR F 38 -127.73 -123.91 -107.76
CA THR F 38 -128.91 -123.23 -108.24
C THR F 38 -129.40 -122.22 -107.21
N ARG F 39 -130.12 -121.20 -107.70
CA ARG F 39 -130.63 -120.13 -106.87
C ARG F 39 -131.94 -120.54 -106.21
N GLN F 40 -132.08 -120.22 -104.92
CA GLN F 40 -133.29 -120.50 -104.18
C GLN F 40 -133.62 -119.31 -103.28
N PHE F 41 -134.90 -118.95 -103.24
CA PHE F 41 -135.39 -117.92 -102.33
C PHE F 41 -136.32 -118.55 -101.31
N ARG F 42 -136.09 -118.26 -100.03
CA ARG F 42 -136.90 -118.81 -98.95
C ARG F 42 -137.20 -117.72 -97.94
N GLN F 43 -138.26 -117.93 -97.17
CA GLN F 43 -138.70 -116.98 -96.16
C GLN F 43 -138.46 -117.53 -94.76
N VAL F 44 -138.04 -116.66 -93.85
CA VAL F 44 -137.70 -117.04 -92.49
C VAL F 44 -138.39 -116.06 -91.54
N SER F 45 -138.65 -116.52 -90.32
CA SER F 45 -139.29 -115.69 -89.31
C SER F 45 -138.24 -114.82 -88.62
N SER F 46 -138.64 -114.18 -87.53
CA SER F 46 -137.76 -113.25 -86.83
C SER F 46 -136.70 -114.00 -86.03
N PHE F 47 -135.46 -113.52 -86.12
CA PHE F 47 -134.33 -114.13 -85.43
C PHE F 47 -133.37 -113.04 -84.97
N ASN F 48 -132.67 -113.31 -83.87
CA ASN F 48 -131.73 -112.35 -83.29
C ASN F 48 -130.35 -112.95 -83.05
N GLN F 49 -130.11 -114.18 -83.48
CA GLN F 49 -128.83 -114.85 -83.28
C GLN F 49 -128.66 -115.86 -84.40
N ILE F 50 -127.48 -115.88 -85.02
CA ILE F 50 -127.20 -116.77 -86.14
C ILE F 50 -126.08 -117.72 -85.75
N VAL F 51 -126.30 -119.03 -85.94
CA VAL F 51 -125.28 -120.05 -85.71
C VAL F 51 -125.11 -120.80 -87.02
N VAL F 52 -123.94 -120.67 -87.65
CA VAL F 52 -123.67 -121.27 -88.96
C VAL F 52 -122.51 -122.23 -88.83
N GLN F 53 -122.73 -123.46 -89.31
CA GLN F 53 -121.70 -124.49 -89.36
C GLN F 53 -121.59 -125.02 -90.79
N GLY F 54 -120.35 -125.17 -91.25
CA GLY F 54 -120.12 -125.79 -92.55
C GLY F 54 -119.20 -125.02 -93.48
N ARG F 55 -118.61 -125.72 -94.45
CA ARG F 55 -117.72 -125.12 -95.44
C ARG F 55 -118.56 -124.38 -96.47
N LEU F 56 -118.80 -123.10 -96.21
CA LEU F 56 -119.73 -122.33 -97.01
C LEU F 56 -119.38 -120.84 -96.88
N ASN F 57 -120.15 -120.02 -97.59
CA ASN F 57 -119.94 -118.57 -97.61
C ASN F 57 -121.22 -117.87 -97.17
N VAL F 58 -121.07 -116.82 -96.36
CA VAL F 58 -122.18 -116.02 -95.84
C VAL F 58 -121.98 -114.58 -96.29
N ASN F 59 -123.04 -113.99 -96.84
CA ASN F 59 -123.10 -112.56 -97.12
C ASN F 59 -124.21 -111.95 -96.27
N LEU F 60 -123.91 -110.83 -95.63
CA LEU F 60 -124.85 -110.17 -94.73
C LEU F 60 -125.27 -108.83 -95.32
N HIS F 61 -126.55 -108.49 -95.13
CA HIS F 61 -127.04 -107.18 -95.51
C HIS F 61 -127.99 -106.66 -94.45
N THR F 62 -128.30 -105.37 -94.52
CA THR F 62 -129.14 -104.71 -93.53
C THR F 62 -130.12 -103.78 -94.23
N GLY F 63 -131.41 -103.97 -93.95
CA GLY F 63 -132.43 -103.10 -94.52
C GLY F 63 -133.62 -103.03 -93.61
N TYR F 64 -134.57 -102.17 -93.98
CA TYR F 64 -135.79 -101.95 -93.20
C TYR F 64 -136.97 -102.76 -93.73
N ASN F 65 -136.71 -103.76 -94.57
CA ASN F 65 -137.76 -104.58 -95.14
C ASN F 65 -137.99 -105.82 -94.26
N LYS F 66 -138.70 -106.80 -94.81
CA LYS F 66 -138.86 -108.09 -94.16
C LYS F 66 -137.52 -108.82 -94.13
N PRO F 67 -137.32 -109.73 -93.18
CA PRO F 67 -136.13 -110.61 -93.25
C PRO F 67 -136.30 -111.70 -94.29
N GLU F 68 -135.19 -112.06 -94.93
CA GLU F 68 -135.19 -113.23 -95.81
C GLU F 68 -133.78 -113.82 -95.88
N VAL F 69 -133.72 -115.04 -96.41
CA VAL F 69 -132.47 -115.76 -96.61
C VAL F 69 -132.50 -116.41 -97.99
N MET F 70 -131.39 -116.30 -98.71
CA MET F 70 -131.20 -116.93 -100.02
C MET F 70 -130.13 -118.00 -99.90
N LEU F 71 -130.46 -119.21 -100.35
CA LEU F 71 -129.60 -120.38 -100.23
C LEU F 71 -129.24 -120.87 -101.63
N ARG F 72 -128.10 -120.41 -102.14
CA ARG F 72 -127.56 -120.91 -103.40
C ARG F 72 -126.83 -122.22 -103.14
N GLY F 73 -127.38 -123.32 -103.67
CA GLY F 73 -126.80 -124.63 -103.46
C GLY F 73 -127.39 -125.64 -104.43
N ASP F 74 -126.89 -126.86 -104.33
CA ASP F 74 -127.34 -127.92 -105.22
C ASP F 74 -128.74 -128.40 -104.81
N PRO F 75 -129.64 -128.63 -105.78
CA PRO F 75 -131.02 -129.03 -105.44
C PRO F 75 -131.14 -130.38 -104.76
N ARG F 76 -130.14 -131.26 -104.89
CA ARG F 76 -130.11 -132.47 -104.08
C ARG F 76 -129.86 -132.15 -102.62
N ASP F 77 -129.09 -131.10 -102.35
CA ASP F 77 -128.71 -130.73 -100.99
C ASP F 77 -129.40 -129.46 -100.49
N LEU F 78 -130.39 -128.93 -101.23
CA LEU F 78 -131.16 -127.81 -100.68
C LEU F 78 -132.07 -128.28 -99.54
N VAL F 79 -132.51 -129.54 -99.58
CA VAL F 79 -133.22 -130.11 -98.44
C VAL F 79 -132.25 -130.31 -97.26
N GLN F 80 -131.01 -130.70 -97.56
CA GLN F 80 -130.03 -130.96 -96.51
C GLN F 80 -129.53 -129.67 -95.87
N VAL F 81 -129.55 -128.56 -96.60
CA VAL F 81 -129.28 -127.26 -96.00
C VAL F 81 -130.45 -126.92 -95.09
N ARG F 82 -130.18 -126.81 -93.79
CA ARG F 82 -131.22 -126.69 -92.78
C ARG F 82 -131.34 -125.24 -92.33
N THR F 83 -132.54 -124.69 -92.41
CA THR F 83 -132.86 -123.34 -91.97
C THR F 83 -133.95 -123.47 -90.92
N ILE F 84 -133.55 -123.65 -89.66
CA ILE F 84 -134.48 -123.88 -88.57
C ILE F 84 -134.36 -122.74 -87.56
N VAL F 85 -135.46 -122.48 -86.87
CA VAL F 85 -135.59 -121.38 -85.92
C VAL F 85 -136.07 -121.96 -84.59
N LYS F 86 -135.33 -121.70 -83.52
CA LYS F 86 -135.71 -122.18 -82.19
C LYS F 86 -135.45 -121.04 -81.20
N GLN F 87 -136.54 -120.41 -80.73
CA GLN F 87 -136.54 -119.36 -79.70
C GLN F 87 -135.66 -118.18 -80.11
N ASN F 88 -136.11 -117.49 -81.18
CA ASN F 88 -135.55 -116.22 -81.67
C ASN F 88 -134.09 -116.42 -82.12
N THR F 89 -133.79 -117.61 -82.63
CA THR F 89 -132.46 -117.94 -83.17
C THR F 89 -132.60 -118.48 -84.59
N LEU F 90 -131.46 -118.70 -85.23
CA LEU F 90 -131.39 -119.28 -86.56
C LEU F 90 -130.20 -120.24 -86.59
N TYR F 91 -130.46 -121.50 -86.97
CA TYR F 91 -129.45 -122.54 -86.99
C TYR F 91 -129.25 -122.98 -88.45
N VAL F 92 -128.19 -122.50 -89.08
CA VAL F 92 -127.84 -122.89 -90.45
C VAL F 92 -126.64 -123.83 -90.34
N SER F 93 -126.90 -125.13 -90.47
CA SER F 93 -125.84 -126.12 -90.34
C SER F 93 -126.17 -127.31 -91.25
N LEU F 94 -125.44 -128.40 -91.06
CA LEU F 94 -125.68 -129.61 -91.83
C LEU F 94 -126.94 -130.31 -91.37
N GLY F 95 -127.69 -130.85 -92.32
CA GLY F 95 -128.90 -131.61 -92.03
C GLY F 95 -128.77 -133.01 -92.59
N GLN F 96 -129.31 -133.99 -91.84
CA GLN F 96 -129.22 -135.43 -92.15
C GLN F 96 -127.78 -135.89 -92.35
N GLY F 97 -126.89 -135.39 -91.50
CA GLY F 97 -125.49 -135.75 -91.58
C GLY F 97 -124.76 -135.01 -92.69
N TYR F 98 -123.48 -135.31 -92.82
CA TYR F 98 -122.62 -134.74 -93.87
C TYR F 98 -121.98 -135.91 -94.63
N PRO F 99 -122.65 -136.40 -95.67
CA PRO F 99 -121.93 -137.25 -96.63
C PRO F 99 -120.95 -136.43 -97.47
N ASP F 100 -121.47 -135.41 -98.15
CA ASP F 100 -120.70 -134.53 -99.03
C ASP F 100 -121.51 -133.31 -99.46
N TYR F 101 -120.94 -132.11 -99.31
CA TYR F 101 -121.40 -130.94 -100.04
C TYR F 101 -120.22 -129.99 -100.21
N GLY F 102 -120.13 -129.39 -101.40
CA GLY F 102 -118.96 -128.59 -101.75
C GLY F 102 -119.10 -127.09 -101.62
N ALA F 103 -120.18 -126.52 -102.16
CA ALA F 103 -120.32 -125.07 -102.22
C ALA F 103 -121.74 -124.68 -101.83
N VAL F 104 -121.85 -123.83 -100.81
CA VAL F 104 -123.12 -123.28 -100.35
C VAL F 104 -122.95 -121.79 -100.13
N THR F 105 -123.84 -120.98 -100.69
CA THR F 105 -123.85 -119.54 -100.50
C THR F 105 -125.11 -119.13 -99.77
N VAL F 106 -124.96 -118.42 -98.65
CA VAL F 106 -126.07 -118.00 -97.81
C VAL F 106 -126.06 -116.48 -97.76
N ASP F 107 -126.99 -115.84 -98.44
CA ASP F 107 -127.19 -114.41 -98.34
C ASP F 107 -128.32 -114.15 -97.35
N ILE F 108 -128.14 -113.16 -96.48
CA ILE F 108 -129.08 -112.94 -95.39
C ILE F 108 -129.43 -111.46 -95.28
N LYS F 109 -130.70 -111.18 -95.01
CA LYS F 109 -131.18 -109.83 -94.75
C LYS F 109 -132.12 -109.86 -93.55
N THR F 110 -131.89 -108.98 -92.60
CA THR F 110 -132.68 -108.91 -91.36
C THR F 110 -132.55 -107.51 -90.79
N LYS F 111 -133.02 -107.35 -89.55
CA LYS F 111 -133.00 -106.05 -88.87
C LYS F 111 -132.12 -106.04 -87.62
N PHE F 112 -132.31 -106.98 -86.70
CA PHE F 112 -131.61 -107.00 -85.44
C PHE F 112 -130.71 -108.22 -85.34
N LEU F 113 -129.46 -108.01 -84.96
CA LEU F 113 -128.50 -109.09 -84.72
C LEU F 113 -127.89 -108.93 -83.33
N ASN F 114 -127.77 -110.04 -82.61
CA ASN F 114 -127.25 -110.00 -81.25
C ASN F 114 -126.21 -111.06 -80.94
N ARG F 115 -126.02 -112.07 -81.80
CA ARG F 115 -125.00 -113.09 -81.58
C ARG F 115 -124.69 -113.77 -82.92
N PHE F 116 -123.40 -114.00 -83.17
CA PHE F 116 -122.98 -114.68 -84.38
C PHE F 116 -121.96 -115.76 -84.02
N ARG F 117 -122.25 -116.99 -84.44
CA ARG F 117 -121.37 -118.14 -84.23
C ARG F 117 -121.05 -118.73 -85.60
N TYR F 118 -119.78 -118.98 -85.86
CA TYR F 118 -119.35 -119.51 -87.15
C TYR F 118 -118.34 -120.62 -86.95
N GLU F 119 -118.58 -121.77 -87.59
CA GLU F 119 -117.69 -122.91 -87.48
C GLU F 119 -117.53 -123.61 -88.83
N GLY F 120 -116.35 -124.15 -89.06
CA GLY F 120 -116.15 -125.12 -90.12
C GLY F 120 -115.63 -124.68 -91.46
N ALA F 121 -114.53 -123.91 -91.47
CA ALA F 121 -113.74 -123.56 -92.68
C ALA F 121 -114.59 -122.81 -93.72
N GLY F 122 -114.97 -121.60 -93.34
CA GLY F 122 -115.84 -120.82 -94.21
C GLY F 122 -115.51 -119.36 -94.38
N VAL F 123 -116.34 -118.65 -95.14
CA VAL F 123 -116.13 -117.23 -95.46
C VAL F 123 -117.35 -116.45 -94.96
N VAL F 124 -117.11 -115.32 -94.31
CA VAL F 124 -118.17 -114.43 -93.83
C VAL F 124 -117.85 -113.01 -94.30
N THR F 125 -118.81 -112.35 -94.94
CA THR F 125 -118.67 -110.96 -95.36
C THR F 125 -119.90 -110.17 -94.93
N GLY F 126 -119.67 -109.02 -94.29
CA GLY F 126 -120.78 -108.17 -93.89
C GLY F 126 -120.33 -106.73 -93.73
N ASN F 127 -121.28 -105.82 -93.95
CA ASN F 127 -120.98 -104.38 -93.87
C ASN F 127 -122.25 -103.60 -93.52
N ASN F 128 -122.02 -102.37 -93.04
CA ASN F 128 -123.07 -101.40 -92.70
C ASN F 128 -124.07 -101.96 -91.68
N LEU F 129 -123.53 -102.55 -90.61
CA LEU F 129 -124.34 -103.15 -89.55
C LEU F 129 -124.34 -102.21 -88.35
N ARG F 130 -125.53 -101.91 -87.85
CA ARG F 130 -125.71 -101.06 -86.68
C ARG F 130 -126.29 -101.90 -85.54
N THR F 131 -125.69 -101.77 -84.35
CA THR F 131 -126.07 -102.59 -83.22
C THR F 131 -125.67 -101.88 -81.93
N SER F 132 -126.17 -102.41 -80.82
CA SER F 132 -125.78 -101.96 -79.49
C SER F 132 -124.76 -102.89 -78.83
N TYR F 133 -125.00 -104.19 -78.88
CA TYR F 133 -124.07 -105.18 -78.33
C TYR F 133 -124.33 -106.51 -79.01
N LEU F 134 -123.26 -107.14 -79.49
CA LEU F 134 -123.34 -108.50 -80.03
C LEU F 134 -121.98 -109.17 -79.89
N ASP F 135 -121.98 -110.50 -80.01
CA ASP F 135 -120.82 -111.32 -79.72
C ASP F 135 -120.44 -112.15 -80.94
N LEU F 136 -119.17 -112.10 -81.32
CA LEU F 136 -118.60 -112.91 -82.39
C LEU F 136 -117.94 -114.14 -81.79
N TYR F 137 -118.18 -115.30 -82.41
CA TYR F 137 -117.46 -116.53 -82.07
C TYR F 137 -117.04 -117.21 -83.36
N LEU F 138 -115.81 -116.98 -83.78
CA LEU F 138 -115.25 -117.58 -84.99
C LEU F 138 -114.43 -118.80 -84.62
N ALA F 139 -114.58 -119.89 -85.38
CA ALA F 139 -113.82 -121.09 -85.12
C ALA F 139 -113.40 -121.76 -86.43
N ASN F 140 -112.15 -122.23 -86.45
CA ASN F 140 -111.60 -123.15 -87.45
C ASN F 140 -111.68 -122.56 -88.87
N GLU F 141 -110.88 -121.51 -89.06
CA GLU F 141 -110.68 -120.81 -90.34
C GLU F 141 -112.00 -120.23 -90.84
N GLY F 142 -112.44 -119.20 -90.12
CA GLY F 142 -113.48 -118.32 -90.62
C GLY F 142 -112.89 -117.05 -91.18
N THR F 143 -112.77 -116.97 -92.50
CA THR F 143 -112.21 -115.77 -93.14
C THR F 143 -113.31 -114.72 -93.16
N THR F 144 -113.14 -113.67 -92.35
CA THR F 144 -114.25 -112.81 -91.96
C THR F 144 -113.93 -111.36 -92.26
N ARG F 145 -114.91 -110.64 -92.81
CA ARG F 145 -114.83 -109.20 -93.00
C ARG F 145 -116.08 -108.55 -92.42
N LEU F 146 -115.89 -107.55 -91.57
CA LEU F 146 -116.94 -106.66 -91.13
C LEU F 146 -116.51 -105.24 -91.43
N ALA F 147 -117.35 -104.51 -92.17
CA ALA F 147 -117.04 -103.15 -92.60
C ALA F 147 -118.14 -102.19 -92.16
N GLY F 148 -118.54 -102.30 -90.91
CA GLY F 148 -119.56 -101.43 -90.35
C GLY F 148 -119.15 -100.79 -89.04
N ASN F 149 -120.12 -100.27 -88.29
CA ASN F 149 -119.90 -99.63 -87.00
C ASN F 149 -120.50 -100.45 -85.85
N ILE F 150 -119.80 -101.53 -85.50
CA ILE F 150 -120.32 -102.55 -84.59
C ILE F 150 -119.73 -102.28 -83.21
N GLY F 151 -120.60 -102.00 -82.24
CA GLY F 151 -120.19 -101.86 -80.86
C GLY F 151 -120.31 -103.17 -80.11
N LEU F 152 -119.19 -103.88 -79.95
CA LEU F 152 -119.18 -105.22 -79.39
C LEU F 152 -118.35 -105.23 -78.11
N GLN F 153 -118.83 -105.97 -77.11
CA GLN F 153 -118.16 -106.06 -75.82
C GLN F 153 -117.34 -107.34 -75.67
N LYS F 154 -117.70 -108.41 -76.38
CA LYS F 154 -116.93 -109.64 -76.36
C LYS F 154 -116.71 -110.15 -77.77
N LEU F 155 -115.59 -110.84 -77.97
CA LEU F 155 -115.23 -111.42 -79.25
C LEU F 155 -114.34 -112.61 -78.98
N GLU F 156 -114.51 -113.68 -79.76
CA GLU F 156 -113.71 -114.89 -79.58
C GLU F 156 -113.31 -115.45 -80.94
N ALA F 157 -112.02 -115.77 -81.07
CA ALA F 157 -111.49 -116.52 -82.21
C ALA F 157 -110.81 -117.76 -81.67
N VAL F 158 -111.13 -118.92 -82.24
CA VAL F 158 -110.65 -120.18 -81.66
C VAL F 158 -109.25 -120.51 -82.15
N GLY F 159 -109.04 -120.52 -83.47
CA GLY F 159 -107.72 -120.85 -83.98
C GLY F 159 -107.59 -120.95 -85.49
N ASN F 160 -106.40 -120.60 -86.00
CA ASN F 160 -106.01 -120.72 -87.40
C ASN F 160 -106.95 -119.95 -88.33
N GLY F 161 -107.33 -118.75 -87.91
CA GLY F 161 -108.21 -117.91 -88.71
C GLY F 161 -107.75 -116.46 -88.72
N VAL F 162 -108.05 -115.78 -89.81
CA VAL F 162 -107.76 -114.35 -89.96
C VAL F 162 -109.06 -113.58 -89.79
N THR F 163 -108.94 -112.35 -89.28
CA THR F 163 -110.08 -111.49 -89.05
C THR F 163 -109.68 -110.04 -89.27
N GLN F 164 -110.45 -109.34 -90.08
CA GLN F 164 -110.19 -107.94 -90.47
C GLN F 164 -111.47 -107.17 -90.20
N ILE F 165 -111.49 -106.39 -89.11
CA ILE F 165 -112.69 -105.62 -88.74
C ILE F 165 -112.35 -104.14 -88.86
N ASN F 166 -113.16 -103.42 -89.62
CA ASN F 166 -112.95 -101.99 -89.88
C ASN F 166 -114.12 -101.24 -89.22
N GLY F 167 -113.89 -100.76 -88.00
CA GLY F 167 -114.86 -99.93 -87.32
C GLY F 167 -115.51 -100.60 -86.13
N VAL F 168 -115.03 -100.29 -84.92
CA VAL F 168 -115.62 -100.76 -83.68
C VAL F 168 -115.67 -99.58 -82.72
N SER F 169 -116.87 -99.27 -82.21
CA SER F 169 -117.07 -98.17 -81.27
C SER F 169 -117.81 -98.73 -80.05
N SER F 170 -117.05 -99.18 -79.07
CA SER F 170 -117.61 -99.77 -77.86
C SER F 170 -116.98 -99.13 -76.63
N ARG F 171 -117.77 -99.08 -75.55
CA ARG F 171 -117.30 -98.55 -74.27
C ARG F 171 -116.57 -99.58 -73.43
N ASN F 172 -116.59 -100.85 -73.82
CA ASN F 172 -115.88 -101.90 -73.10
C ASN F 172 -115.59 -103.05 -74.05
N LEU F 173 -114.45 -103.71 -73.84
CA LEU F 173 -114.06 -104.86 -74.64
C LEU F 173 -113.07 -105.70 -73.84
N GLN F 174 -113.29 -107.02 -73.84
CA GLN F 174 -112.39 -107.97 -73.21
C GLN F 174 -112.08 -109.06 -74.22
N ILE F 175 -110.79 -109.26 -74.50
CA ILE F 175 -110.34 -110.21 -75.52
C ILE F 175 -109.41 -111.21 -74.85
N VAL F 176 -109.72 -112.51 -75.02
CA VAL F 176 -108.84 -113.59 -74.61
C VAL F 176 -108.75 -114.58 -75.76
N LEU F 177 -107.53 -115.01 -76.07
CA LEU F 177 -107.26 -115.89 -77.20
C LEU F 177 -106.51 -117.13 -76.72
N LYS F 178 -106.78 -118.26 -77.38
CA LYS F 178 -106.18 -119.53 -76.98
C LYS F 178 -105.51 -120.29 -78.11
N GLY F 179 -105.76 -119.93 -79.37
CA GLY F 179 -105.18 -120.65 -80.49
C GLY F 179 -104.23 -119.82 -81.32
N ASP F 180 -104.43 -119.80 -82.64
CA ASP F 180 -103.59 -119.04 -83.57
C ASP F 180 -104.42 -118.09 -84.42
N PRO F 181 -104.94 -117.00 -83.86
CA PRO F 181 -105.64 -116.02 -84.69
C PRO F 181 -104.73 -114.93 -85.24
N LYS F 182 -105.17 -114.35 -86.35
CA LYS F 182 -104.50 -113.21 -86.99
C LYS F 182 -105.57 -112.14 -87.16
N VAL F 183 -105.71 -111.26 -86.17
CA VAL F 183 -106.87 -110.40 -86.05
C VAL F 183 -106.46 -108.93 -85.91
N LEU F 184 -107.12 -108.08 -86.70
CA LEU F 184 -106.88 -106.64 -86.65
C LEU F 184 -108.22 -105.92 -86.57
N ILE F 185 -108.30 -104.95 -85.66
CA ILE F 185 -109.53 -104.22 -85.35
C ILE F 185 -109.26 -102.73 -85.50
N SER F 186 -110.15 -102.04 -86.20
CA SER F 186 -110.15 -100.59 -86.33
C SER F 186 -111.32 -100.00 -85.54
N GLY F 187 -111.17 -98.73 -85.17
CA GLY F 187 -112.25 -98.02 -84.52
C GLY F 187 -111.86 -97.32 -83.23
N PHE F 188 -112.68 -97.47 -82.19
CA PHE F 188 -112.43 -96.86 -80.88
C PHE F 188 -112.81 -97.88 -79.82
N VAL F 189 -111.82 -98.34 -79.05
CA VAL F 189 -111.99 -99.43 -78.10
C VAL F 189 -111.49 -98.96 -76.73
N ASN F 190 -112.34 -99.11 -75.71
CA ASN F 190 -111.93 -98.90 -74.32
C ASN F 190 -111.59 -100.26 -73.72
N LEU F 191 -110.39 -100.74 -74.04
CA LEU F 191 -109.94 -102.04 -73.57
C LEU F 191 -109.58 -102.00 -72.09
N ARG F 192 -109.69 -103.15 -71.44
CA ARG F 192 -109.44 -103.23 -70.01
C ARG F 192 -108.41 -104.30 -69.64
N GLN F 193 -108.42 -105.45 -70.32
CA GLN F 193 -107.52 -106.54 -69.98
C GLN F 193 -107.20 -107.33 -71.24
N LEU F 194 -106.05 -108.01 -71.21
CA LEU F 194 -105.64 -108.83 -72.36
C LEU F 194 -104.74 -109.94 -71.84
N ASP F 195 -105.09 -111.18 -72.20
CA ASP F 195 -104.31 -112.36 -71.85
C ASP F 195 -104.10 -113.19 -73.11
N MET F 196 -102.85 -113.59 -73.37
CA MET F 196 -102.56 -114.48 -74.49
C MET F 196 -101.65 -115.62 -74.05
N TYR F 197 -102.02 -116.84 -74.43
CA TYR F 197 -101.23 -118.04 -74.19
C TYR F 197 -100.92 -118.80 -75.48
N GLY F 198 -101.53 -118.44 -76.60
CA GLY F 198 -101.36 -119.12 -77.87
C GLY F 198 -100.34 -118.44 -78.75
N LYS F 199 -100.53 -118.58 -80.06
CA LYS F 199 -99.62 -118.00 -81.06
C LYS F 199 -100.27 -116.85 -81.81
N GLY F 200 -101.01 -115.98 -81.11
CA GLY F 200 -101.84 -115.01 -81.77
C GLY F 200 -101.12 -113.72 -82.14
N THR F 201 -101.60 -113.10 -83.22
CA THR F 201 -101.24 -111.76 -83.61
C THR F 201 -102.50 -110.90 -83.61
N LEU F 202 -102.46 -109.80 -82.86
CA LEU F 202 -103.59 -108.88 -82.75
C LEU F 202 -103.09 -107.46 -82.87
N SER F 203 -103.81 -106.66 -83.67
CA SER F 203 -103.48 -105.25 -83.80
C SER F 203 -104.75 -104.41 -83.74
N LEU F 204 -104.80 -103.46 -82.80
CA LEU F 204 -105.88 -102.48 -82.75
C LEU F 204 -105.35 -101.14 -83.23
N TYR F 205 -106.21 -100.38 -83.92
CA TYR F 205 -105.73 -99.13 -84.50
C TYR F 205 -105.77 -97.97 -83.52
N TRP F 206 -106.93 -97.65 -82.97
CA TRP F 206 -107.07 -96.56 -81.99
C TRP F 206 -107.77 -97.08 -80.75
N ILE F 207 -107.20 -96.80 -79.58
CA ILE F 207 -107.83 -97.11 -78.30
C ILE F 207 -107.80 -95.87 -77.42
N LYS F 208 -108.76 -95.79 -76.49
CA LYS F 208 -108.81 -94.74 -75.47
C LYS F 208 -109.24 -95.42 -74.17
N SER F 209 -108.28 -95.87 -73.38
CA SER F 209 -108.54 -96.65 -72.18
C SER F 209 -108.12 -95.87 -70.94
N ASP F 210 -108.26 -96.52 -69.79
CA ASP F 210 -107.90 -95.96 -68.49
C ASP F 210 -106.92 -96.83 -67.72
N THR F 211 -107.05 -98.15 -67.80
CA THR F 211 -106.12 -99.06 -67.13
C THR F 211 -106.05 -100.34 -67.95
N LEU F 212 -104.87 -100.65 -68.50
CA LEU F 212 -104.66 -101.85 -69.27
C LEU F 212 -103.72 -102.80 -68.53
N THR F 213 -104.07 -104.09 -68.55
CA THR F 213 -103.25 -105.15 -67.99
C THR F 213 -103.03 -106.19 -69.09
N ILE F 214 -101.78 -106.34 -69.53
CA ILE F 214 -101.43 -107.20 -70.64
C ILE F 214 -100.56 -108.33 -70.09
N ARG F 215 -100.94 -109.56 -70.40
CA ARG F 215 -100.16 -110.75 -70.04
C ARG F 215 -99.91 -111.56 -71.28
N ALA F 216 -98.64 -111.85 -71.57
CA ALA F 216 -98.27 -112.65 -72.73
C ALA F 216 -97.41 -113.83 -72.27
N LYS F 217 -97.80 -115.03 -72.69
CA LYS F 217 -97.25 -116.25 -72.13
C LYS F 217 -96.29 -116.98 -73.06
N LYS F 218 -96.72 -117.39 -74.26
CA LYS F 218 -95.94 -118.34 -75.05
C LYS F 218 -95.30 -117.71 -76.28
N ALA F 219 -96.10 -117.14 -77.20
CA ALA F 219 -95.58 -116.37 -78.33
C ALA F 219 -96.70 -115.47 -78.81
N ALA F 220 -96.66 -114.21 -78.44
CA ALA F 220 -97.75 -113.29 -78.76
C ALA F 220 -97.22 -112.09 -79.51
N LYS F 221 -98.04 -111.55 -80.42
CA LYS F 221 -97.74 -110.31 -81.10
C LYS F 221 -98.91 -109.36 -80.87
N ILE F 222 -98.65 -108.23 -80.21
CA ILE F 222 -99.67 -107.25 -79.86
C ILE F 222 -99.23 -105.91 -80.42
N GLN F 223 -100.12 -105.23 -81.14
CA GLN F 223 -99.82 -103.93 -81.72
C GLN F 223 -100.96 -102.96 -81.39
N LEU F 224 -100.70 -102.05 -80.46
CA LEU F 224 -101.68 -101.07 -80.01
C LEU F 224 -101.18 -99.66 -80.29
N ALA F 225 -102.13 -98.73 -80.36
CA ALA F 225 -101.84 -97.31 -80.52
C ALA F 225 -103.03 -96.52 -80.00
N GLY F 226 -102.75 -95.52 -79.18
CA GLY F 226 -103.80 -94.69 -78.62
C GLY F 226 -103.34 -94.07 -77.31
N ILE F 227 -104.33 -93.78 -76.46
CA ILE F 227 -104.12 -93.09 -75.18
C ILE F 227 -104.49 -94.05 -74.06
N VAL F 228 -103.55 -94.29 -73.14
CA VAL F 228 -103.76 -95.15 -71.99
C VAL F 228 -103.26 -94.40 -70.76
N ASN F 229 -104.10 -94.31 -69.73
CA ASN F 229 -103.70 -93.61 -68.52
C ASN F 229 -102.71 -94.42 -67.69
N ARG F 230 -102.93 -95.74 -67.58
CA ARG F 230 -102.05 -96.59 -66.77
C ARG F 230 -101.92 -97.94 -67.44
N LEU F 231 -100.69 -98.40 -67.61
CA LEU F 231 -100.39 -99.61 -68.37
C LEU F 231 -99.54 -100.55 -67.51
N ASP F 232 -99.90 -101.84 -67.52
CA ASP F 232 -99.12 -102.88 -66.89
C ASP F 232 -98.88 -103.98 -67.91
N VAL F 233 -97.61 -104.35 -68.09
CA VAL F 233 -97.21 -105.29 -69.12
C VAL F 233 -96.39 -106.40 -68.48
N GLU F 234 -96.78 -107.66 -68.73
CA GLU F 234 -96.07 -108.83 -68.23
C GLU F 234 -95.76 -109.73 -69.42
N LEU F 235 -94.48 -109.97 -69.69
CA LEU F 235 -94.06 -110.84 -70.78
C LEU F 235 -93.25 -111.99 -70.21
N TRP F 236 -93.59 -113.23 -70.58
CA TRP F 236 -92.92 -114.38 -69.95
C TRP F 236 -91.80 -114.97 -70.81
N ASP F 237 -92.09 -115.48 -72.01
CA ASP F 237 -91.02 -115.84 -72.94
C ASP F 237 -91.53 -115.78 -74.37
N PHE F 238 -90.60 -115.40 -75.26
CA PHE F 238 -90.80 -115.35 -76.72
C PHE F 238 -91.98 -114.46 -77.13
N ALA F 239 -92.21 -113.40 -76.35
CA ALA F 239 -93.35 -112.52 -76.56
C ALA F 239 -92.85 -111.13 -76.93
N GLN F 240 -93.49 -110.53 -77.93
CA GLN F 240 -93.12 -109.21 -78.43
C GLN F 240 -94.29 -108.28 -78.25
N PHE F 241 -94.09 -107.20 -77.48
CA PHE F 241 -95.09 -106.16 -77.28
C PHE F 241 -94.58 -104.90 -77.97
N LYS F 242 -95.29 -104.47 -79.00
CA LYS F 242 -94.96 -103.23 -79.70
C LYS F 242 -95.92 -102.13 -79.25
N GLY F 243 -95.67 -101.61 -78.06
CA GLY F 243 -96.48 -100.53 -77.52
C GLY F 243 -95.96 -99.16 -77.93
N LYS F 244 -95.10 -99.12 -78.95
CA LYS F 244 -94.78 -97.86 -79.61
C LYS F 244 -96.04 -97.31 -80.28
N TYR F 245 -96.12 -95.97 -80.31
CA TYR F 245 -97.29 -95.15 -80.69
C TYR F 245 -98.46 -95.30 -79.72
N LEU F 246 -98.26 -95.97 -78.59
CA LEU F 246 -99.23 -96.05 -77.50
C LEU F 246 -98.66 -95.26 -76.34
N ARG F 247 -99.15 -94.03 -76.17
CA ARG F 247 -98.59 -93.11 -75.18
C ARG F 247 -99.25 -93.37 -73.83
N ALA F 248 -98.45 -93.82 -72.86
CA ALA F 248 -98.92 -94.15 -71.53
C ALA F 248 -98.37 -93.14 -70.53
N GLN F 249 -99.25 -92.61 -69.67
CA GLN F 249 -98.81 -91.72 -68.61
C GLN F 249 -98.03 -92.49 -67.55
N ARG F 250 -98.56 -93.62 -67.11
CA ARG F 250 -97.91 -94.47 -66.12
C ARG F 250 -97.65 -95.82 -66.76
N SER F 251 -96.42 -96.31 -66.68
CA SER F 251 -96.08 -97.60 -67.26
C SER F 251 -95.35 -98.46 -66.25
N PHE F 252 -95.81 -99.70 -66.08
CA PHE F 252 -95.10 -100.74 -65.34
C PHE F 252 -94.87 -101.90 -66.32
N VAL F 253 -93.61 -102.24 -66.54
CA VAL F 253 -93.24 -103.24 -67.54
C VAL F 253 -92.32 -104.27 -66.87
N LYS F 254 -92.65 -105.55 -67.02
CA LYS F 254 -91.79 -106.63 -66.54
C LYS F 254 -91.59 -107.65 -67.64
N THR F 255 -90.33 -107.93 -67.96
CA THR F 255 -89.96 -108.88 -69.00
C THR F 255 -89.10 -109.99 -68.42
N HIS F 256 -89.50 -111.23 -68.67
CA HIS F 256 -88.70 -112.42 -68.38
C HIS F 256 -88.05 -112.90 -69.68
N ASP F 257 -87.53 -114.13 -69.66
CA ASP F 257 -86.50 -114.58 -70.60
C ASP F 257 -86.88 -114.55 -72.08
N LYS F 258 -86.04 -113.86 -72.86
CA LYS F 258 -86.13 -113.76 -74.32
C LYS F 258 -87.46 -113.17 -74.79
N SER F 259 -87.85 -112.05 -74.17
CA SER F 259 -89.04 -111.31 -74.56
C SER F 259 -88.66 -109.87 -74.83
N VAL F 260 -89.41 -109.22 -75.72
CA VAL F 260 -89.09 -107.87 -76.20
C VAL F 260 -90.30 -106.98 -75.99
N ALA F 261 -90.08 -105.83 -75.35
CA ALA F 261 -91.10 -104.81 -75.16
C ALA F 261 -90.59 -103.47 -75.65
N GLU F 262 -91.42 -102.75 -76.41
CA GLU F 262 -91.08 -101.42 -76.94
C GLU F 262 -92.15 -100.44 -76.48
N ILE F 263 -91.82 -99.61 -75.50
CA ILE F 263 -92.82 -98.80 -74.80
C ILE F 263 -92.61 -97.32 -75.13
N SER F 264 -93.62 -96.51 -74.82
CA SER F 264 -93.66 -95.09 -75.13
C SER F 264 -94.18 -94.27 -73.95
N ALA F 265 -93.61 -94.50 -72.77
CA ALA F 265 -94.08 -93.84 -71.55
C ALA F 265 -93.84 -92.32 -71.58
N VAL F 266 -94.70 -91.60 -70.87
CA VAL F 266 -94.79 -90.14 -70.96
C VAL F 266 -94.43 -89.46 -69.64
N ASN F 267 -95.07 -89.87 -68.54
CA ASN F 267 -94.87 -89.20 -67.26
C ASN F 267 -94.01 -90.03 -66.31
N HIS F 268 -94.41 -91.27 -66.03
CA HIS F 268 -93.68 -92.14 -65.11
C HIS F 268 -93.48 -93.51 -65.74
N GLN F 269 -92.22 -93.96 -65.74
CA GLN F 269 -91.83 -95.21 -66.35
C GLN F 269 -91.13 -96.07 -65.30
N SER F 270 -91.59 -97.32 -65.16
CA SER F 270 -90.99 -98.28 -64.25
C SER F 270 -90.84 -99.60 -65.00
N SER F 271 -89.60 -100.05 -65.16
CA SER F 271 -89.32 -101.22 -65.99
C SER F 271 -88.37 -102.17 -65.28
N LEU F 272 -88.56 -103.47 -65.55
CA LEU F 272 -87.70 -104.51 -65.02
C LEU F 272 -87.44 -105.55 -66.10
N ALA F 273 -86.16 -105.83 -66.34
CA ALA F 273 -85.73 -106.87 -67.26
C ALA F 273 -84.97 -107.93 -66.46
N THR F 274 -85.38 -109.19 -66.59
CA THR F 274 -84.82 -110.21 -65.71
C THR F 274 -83.58 -110.88 -66.29
N ASP F 275 -83.72 -111.54 -67.43
CA ASP F 275 -82.64 -112.37 -67.97
C ASP F 275 -82.73 -112.58 -69.48
N ALA F 276 -81.77 -111.98 -70.21
CA ALA F 276 -81.66 -112.02 -71.67
C ALA F 276 -82.93 -111.47 -72.34
N SER F 277 -83.51 -110.44 -71.76
CA SER F 277 -84.68 -109.77 -72.30
C SER F 277 -84.33 -108.32 -72.62
N ASP F 278 -85.12 -107.73 -73.51
CA ASP F 278 -84.86 -106.38 -74.00
C ASP F 278 -86.09 -105.51 -73.82
N ILE F 279 -85.90 -104.35 -73.19
CA ILE F 279 -86.93 -103.32 -73.08
C ILE F 279 -86.40 -102.07 -73.77
N TYR F 280 -87.20 -101.51 -74.67
CA TYR F 280 -86.84 -100.28 -75.37
C TYR F 280 -87.90 -99.23 -75.10
N TYR F 281 -87.47 -98.00 -74.86
CA TYR F 281 -88.39 -96.87 -74.82
C TYR F 281 -88.13 -95.97 -76.02
N TYR F 282 -89.08 -95.07 -76.28
CA TYR F 282 -88.96 -94.15 -77.40
C TYR F 282 -89.31 -92.72 -77.03
N ASN F 283 -89.62 -92.45 -75.77
CA ASN F 283 -89.89 -91.10 -75.29
C ASN F 283 -89.14 -90.90 -73.98
N LEU F 284 -88.74 -89.64 -73.74
CA LEU F 284 -88.04 -89.29 -72.50
C LEU F 284 -89.10 -88.87 -71.48
N SER F 285 -89.39 -89.76 -70.54
CA SER F 285 -90.41 -89.49 -69.54
C SER F 285 -89.89 -88.51 -68.49
N LYS F 286 -90.83 -87.95 -67.74
CA LYS F 286 -90.48 -87.02 -66.67
C LYS F 286 -89.84 -87.74 -65.50
N THR F 287 -90.17 -89.02 -65.30
CA THR F 287 -89.54 -89.83 -64.27
C THR F 287 -89.30 -91.22 -64.83
N ARG F 288 -88.06 -91.69 -64.75
CA ARG F 288 -87.63 -92.96 -65.32
C ARG F 288 -87.00 -93.80 -64.22
N ALA F 289 -87.37 -95.08 -64.17
CA ALA F 289 -86.73 -96.01 -63.23
C ALA F 289 -86.69 -97.40 -63.87
N ASP F 290 -85.48 -97.92 -64.06
CA ASP F 290 -85.25 -99.17 -64.76
C ASP F 290 -84.40 -100.09 -63.90
N PHE F 291 -84.65 -101.39 -63.97
CA PHE F 291 -83.87 -102.36 -63.23
C PHE F 291 -83.54 -103.57 -64.11
N MET F 292 -82.36 -104.15 -63.83
CA MET F 292 -81.79 -105.24 -64.59
C MET F 292 -81.43 -106.34 -63.58
N ALA F 293 -81.69 -107.60 -63.92
CA ALA F 293 -81.45 -108.66 -62.93
C ALA F 293 -80.30 -109.59 -63.30
N PHE F 294 -80.35 -110.28 -64.44
CA PHE F 294 -79.28 -111.20 -64.81
C PHE F 294 -78.56 -110.77 -66.08
N ASN F 295 -79.28 -110.67 -67.20
CA ASN F 295 -78.70 -110.29 -68.47
C ASN F 295 -79.61 -109.35 -69.25
N GLY F 296 -80.69 -108.87 -68.64
CA GLY F 296 -81.59 -107.97 -69.33
C GLY F 296 -80.99 -106.59 -69.51
N SER F 297 -81.63 -105.81 -70.38
CA SER F 297 -81.07 -104.52 -70.76
C SER F 297 -82.18 -103.58 -71.19
N VAL F 298 -82.11 -102.34 -70.73
CA VAL F 298 -83.02 -101.27 -71.14
C VAL F 298 -82.19 -100.24 -71.90
N LEU F 299 -82.59 -99.94 -73.14
CA LEU F 299 -81.81 -99.10 -74.02
C LEU F 299 -82.60 -97.86 -74.41
N ASP F 300 -81.86 -96.82 -74.82
CA ASP F 300 -82.47 -95.53 -75.16
C ASP F 300 -83.23 -95.61 -76.48
N MET F 301 -82.54 -96.03 -77.55
CA MET F 301 -83.12 -96.33 -78.87
C MET F 301 -83.85 -95.13 -79.49
N ARG F 302 -83.19 -93.97 -79.48
CA ARG F 302 -83.71 -92.79 -80.14
C ARG F 302 -82.84 -92.45 -81.35
N GLU F 303 -83.20 -91.37 -82.04
CA GLU F 303 -82.72 -91.13 -83.39
C GLU F 303 -81.29 -90.60 -83.44
N TRP F 304 -80.93 -89.73 -82.49
CA TRP F 304 -79.68 -88.95 -82.35
C TRP F 304 -79.54 -87.84 -83.38
N GLY F 305 -80.45 -87.73 -84.35
CA GLY F 305 -80.33 -86.73 -85.38
C GLY F 305 -81.58 -85.86 -85.50
N GLN F 306 -82.54 -86.07 -84.61
CA GLN F 306 -83.75 -85.27 -84.58
C GLN F 306 -83.42 -83.85 -84.12
N SER F 307 -84.02 -82.87 -84.80
CA SER F 307 -83.68 -81.46 -84.55
C SER F 307 -84.25 -80.94 -83.24
N ASP F 308 -85.24 -81.63 -82.66
CA ASP F 308 -85.87 -81.23 -81.40
C ASP F 308 -85.68 -82.28 -80.31
N LEU F 309 -84.52 -82.93 -80.30
CA LEU F 309 -84.20 -83.94 -79.30
C LEU F 309 -84.01 -83.30 -77.92
N LYS F 310 -84.39 -84.03 -76.89
CA LYS F 310 -84.37 -83.54 -75.51
C LYS F 310 -83.29 -84.26 -74.71
N ASP F 311 -82.56 -83.50 -73.91
CA ASP F 311 -81.50 -84.05 -73.08
C ASP F 311 -82.04 -84.43 -71.71
N PHE F 312 -81.22 -85.18 -70.96
CA PHE F 312 -81.56 -85.53 -69.59
C PHE F 312 -81.51 -84.30 -68.70
N ASP F 313 -82.26 -84.36 -67.61
CA ASP F 313 -82.32 -83.31 -66.61
C ASP F 313 -81.63 -83.79 -65.33
N ARG F 314 -81.73 -82.98 -64.28
CA ARG F 314 -81.34 -83.43 -62.95
C ARG F 314 -82.21 -84.58 -62.46
N TYR F 315 -83.45 -84.65 -62.95
CA TYR F 315 -84.45 -85.56 -62.41
C TYR F 315 -84.59 -86.83 -63.22
N ASN F 316 -83.90 -86.93 -64.35
CA ASN F 316 -83.98 -88.09 -65.24
C ASN F 316 -82.66 -88.85 -65.37
N LYS F 317 -81.56 -88.31 -64.87
CA LYS F 317 -80.24 -88.86 -65.13
C LYS F 317 -80.03 -90.10 -64.26
N GLN F 318 -80.28 -91.27 -64.85
CA GLN F 318 -80.01 -92.55 -64.21
C GLN F 318 -78.94 -93.28 -65.03
N PHE F 319 -77.94 -93.80 -64.35
CA PHE F 319 -76.82 -94.46 -65.03
C PHE F 319 -76.94 -95.98 -64.87
N PRO F 320 -77.22 -96.73 -65.95
CA PRO F 320 -77.40 -98.18 -65.91
C PRO F 320 -76.13 -98.94 -65.52
N GLY G 40 -34.78 -91.07 -54.53
CA GLY G 40 -34.77 -91.77 -55.79
C GLY G 40 -35.89 -91.34 -56.73
N CYS G 41 -35.52 -90.54 -57.74
CA CYS G 41 -36.52 -90.05 -58.68
C CYS G 41 -36.84 -91.08 -59.75
N CYS G 42 -35.83 -91.50 -60.51
CA CYS G 42 -36.03 -92.47 -61.58
C CYS G 42 -35.82 -93.91 -61.07
N SER G 43 -36.57 -94.25 -60.03
CA SER G 43 -36.48 -95.57 -59.42
C SER G 43 -37.16 -96.60 -60.32
N LYS G 44 -36.58 -97.81 -60.36
CA LYS G 44 -36.95 -98.91 -61.25
C LYS G 44 -36.87 -98.52 -62.74
N MET G 45 -36.00 -97.55 -63.05
CA MET G 45 -35.59 -97.23 -64.41
C MET G 45 -34.08 -97.09 -64.43
N GLY G 46 -33.52 -96.57 -65.51
CA GLY G 46 -32.07 -96.52 -65.64
C GLY G 46 -31.38 -95.38 -64.94
N GLY G 47 -32.11 -94.52 -64.23
CA GLY G 47 -31.52 -93.38 -63.56
C GLY G 47 -31.68 -92.09 -64.36
N ILE G 48 -31.23 -91.00 -63.73
CA ILE G 48 -31.47 -89.66 -64.26
C ILE G 48 -30.54 -89.38 -65.43
N ASN G 49 -31.11 -88.96 -66.56
CA ASN G 49 -30.30 -88.52 -67.68
C ASN G 49 -29.90 -87.06 -67.55
N TYR G 50 -30.88 -86.15 -67.58
CA TYR G 50 -30.62 -84.71 -67.50
C TYR G 50 -31.88 -83.97 -67.12
N CYS G 51 -31.69 -82.71 -66.72
CA CYS G 51 -32.79 -81.77 -66.44
C CYS G 51 -33.17 -81.05 -67.72
N ASP G 52 -34.38 -81.31 -68.20
CA ASP G 52 -34.98 -80.52 -69.28
C ASP G 52 -35.60 -79.28 -68.65
N SER G 53 -34.96 -78.13 -68.84
CA SER G 53 -35.43 -76.88 -68.26
C SER G 53 -36.53 -76.21 -69.07
N SER G 54 -36.77 -76.67 -70.30
CA SER G 54 -37.90 -76.16 -71.07
C SER G 54 -39.23 -76.59 -70.46
N ALA G 55 -39.29 -77.82 -69.95
CA ALA G 55 -40.45 -78.29 -69.21
C ALA G 55 -40.24 -78.27 -67.70
N GLY G 56 -39.00 -78.10 -67.25
CA GLY G 56 -38.72 -78.10 -65.82
C GLY G 56 -38.78 -79.46 -65.18
N ARG G 57 -38.43 -80.51 -65.91
CA ARG G 57 -38.55 -81.88 -65.43
C ARG G 57 -37.30 -82.68 -65.71
N LEU G 58 -37.04 -83.69 -64.88
CA LEU G 58 -35.96 -84.62 -65.14
C LEU G 58 -36.36 -85.64 -66.19
N VAL G 59 -35.37 -86.14 -66.93
CA VAL G 59 -35.56 -87.20 -67.90
C VAL G 59 -34.78 -88.41 -67.40
N CYS G 60 -35.43 -89.57 -67.40
CA CYS G 60 -34.77 -90.79 -66.97
C CYS G 60 -33.93 -91.37 -68.12
N ASN G 61 -33.29 -92.50 -67.87
CA ASN G 61 -32.46 -93.11 -68.90
C ASN G 61 -33.27 -93.90 -69.93
N ASN G 62 -34.56 -94.11 -69.68
CA ASN G 62 -35.48 -94.49 -70.73
C ASN G 62 -36.08 -93.23 -71.34
N GLY G 63 -37.13 -93.38 -72.15
CA GLY G 63 -37.72 -92.21 -72.76
C GLY G 63 -38.88 -91.62 -71.99
N PHE G 64 -38.98 -91.95 -70.70
CA PHE G 64 -40.08 -91.52 -69.85
C PHE G 64 -39.69 -90.27 -69.07
N TYR G 65 -40.61 -89.32 -69.01
CA TYR G 65 -40.42 -88.16 -68.15
C TYR G 65 -40.57 -88.55 -66.68
N SER G 66 -39.78 -87.90 -65.84
CA SER G 66 -39.82 -88.14 -64.41
C SER G 66 -40.85 -87.24 -63.74
N THR G 67 -41.28 -87.64 -62.54
CA THR G 67 -42.24 -86.87 -61.78
C THR G 67 -41.59 -85.79 -60.92
N CYS G 68 -40.26 -85.81 -60.79
CA CYS G 68 -39.56 -84.83 -59.97
C CYS G 68 -39.36 -83.52 -60.73
N TYR G 69 -39.35 -82.42 -59.98
CA TYR G 69 -39.01 -81.12 -60.52
C TYR G 69 -37.50 -80.88 -60.40
N CYS G 70 -36.96 -80.08 -61.31
CA CYS G 70 -35.56 -79.69 -61.24
C CYS G 70 -35.33 -78.21 -61.51
N THR G 71 -36.37 -77.44 -61.83
CA THR G 71 -36.31 -75.99 -61.86
C THR G 71 -37.47 -75.43 -61.03
N ARG G 72 -37.37 -74.16 -60.65
CA ARG G 72 -38.45 -73.56 -59.89
C ARG G 72 -39.56 -73.05 -60.80
N HIS G 73 -39.28 -72.94 -62.11
CA HIS G 73 -40.28 -72.51 -63.09
C HIS G 73 -40.95 -73.73 -63.71
N ALA G 74 -41.46 -74.59 -62.83
CA ALA G 74 -42.24 -75.76 -63.23
C ALA G 74 -43.67 -75.60 -62.75
N VAL G 75 -44.59 -76.25 -63.45
CA VAL G 75 -46.01 -76.14 -63.11
C VAL G 75 -46.28 -76.92 -61.82
N MET G 76 -46.48 -76.20 -60.72
CA MET G 76 -46.84 -76.78 -59.45
C MET G 76 -48.26 -76.33 -59.08
N ASP G 77 -49.01 -77.22 -58.45
CA ASP G 77 -50.39 -76.92 -58.06
C ASP G 77 -50.39 -76.33 -56.65
N LEU G 78 -49.89 -75.09 -56.57
CA LEU G 78 -49.78 -74.39 -55.30
C LEU G 78 -51.13 -73.80 -54.93
N GLN G 79 -51.67 -74.23 -53.78
CA GLN G 79 -52.94 -73.74 -53.27
C GLN G 79 -52.84 -73.16 -51.87
N PHE G 80 -51.75 -73.39 -51.15
CA PHE G 80 -51.61 -72.96 -49.76
C PHE G 80 -50.28 -72.21 -49.64
N LEU G 81 -50.37 -70.91 -49.39
CA LEU G 81 -49.19 -70.05 -49.26
C LEU G 81 -49.18 -69.38 -47.89
N MET G 82 -48.00 -69.31 -47.27
CA MET G 82 -47.85 -68.74 -45.95
C MET G 82 -47.50 -67.25 -46.04
N GLY G 83 -47.38 -66.62 -44.88
CA GLY G 83 -47.13 -65.19 -44.79
C GLY G 83 -48.41 -64.40 -44.64
N CYS G 84 -48.30 -63.23 -44.01
CA CYS G 84 -49.44 -62.38 -43.78
C CYS G 84 -49.36 -61.12 -44.64
N CYS G 85 -50.45 -60.34 -44.59
CA CYS G 85 -50.80 -59.30 -45.57
C CYS G 85 -50.84 -59.87 -46.99
N LEU G 86 -51.32 -61.11 -47.10
CA LEU G 86 -51.64 -61.68 -48.40
C LEU G 86 -52.93 -61.07 -48.93
N TRP G 87 -53.04 -61.02 -50.26
CA TRP G 87 -54.11 -60.32 -51.01
C TRP G 87 -54.18 -58.84 -50.63
N HIS G 88 -53.02 -58.27 -50.29
CA HIS G 88 -52.82 -56.83 -50.14
C HIS G 88 -51.45 -56.55 -50.74
N GLY G 89 -50.89 -55.37 -50.45
CA GLY G 89 -49.61 -55.03 -51.01
C GLY G 89 -48.41 -55.64 -50.31
N GLY G 90 -48.62 -56.40 -49.24
CA GLY G 90 -47.54 -56.98 -48.46
C GLY G 90 -47.26 -56.17 -47.21
N VAL G 91 -46.32 -56.68 -46.42
CA VAL G 91 -46.01 -56.08 -45.12
C VAL G 91 -45.18 -54.82 -45.34
N TYR G 92 -45.67 -53.69 -44.83
CA TYR G 92 -44.96 -52.42 -44.96
C TYR G 92 -43.80 -52.40 -43.98
N PRO G 93 -42.56 -52.12 -44.43
CA PRO G 93 -41.37 -52.51 -43.65
C PRO G 93 -40.97 -51.59 -42.51
N GLN G 94 -41.87 -50.74 -42.03
CA GLN G 94 -41.54 -49.89 -40.89
C GLN G 94 -41.39 -50.70 -39.61
N LEU G 95 -40.52 -50.22 -38.72
CA LEU G 95 -40.37 -50.84 -37.41
C LEU G 95 -41.27 -50.09 -36.42
N ASN G 96 -42.05 -50.85 -35.66
CA ASN G 96 -43.11 -50.30 -34.83
C ASN G 96 -42.80 -50.48 -33.36
N SER G 97 -43.14 -49.47 -32.56
CA SER G 97 -43.05 -49.60 -31.11
C SER G 97 -44.07 -50.61 -30.59
N SER G 98 -45.29 -50.59 -31.15
CA SER G 98 -46.31 -51.56 -30.80
C SER G 98 -46.15 -52.81 -31.67
N GLY G 99 -47.03 -53.78 -31.45
CA GLY G 99 -47.01 -55.02 -32.19
C GLY G 99 -47.89 -55.05 -33.43
N LEU G 100 -48.40 -53.90 -33.86
CA LEU G 100 -49.29 -53.85 -35.01
C LEU G 100 -48.53 -54.10 -36.31
N VAL G 101 -49.18 -54.81 -37.23
CA VAL G 101 -48.64 -55.06 -38.56
C VAL G 101 -49.58 -54.41 -39.57
N VAL G 102 -49.05 -53.53 -40.39
CA VAL G 102 -49.83 -52.77 -41.37
C VAL G 102 -49.42 -53.20 -42.77
N CYS G 103 -50.41 -53.41 -43.63
CA CYS G 103 -50.15 -53.77 -45.01
C CYS G 103 -49.88 -52.52 -45.84
N ASN G 104 -49.46 -52.73 -47.10
CA ASN G 104 -49.07 -51.63 -47.96
C ASN G 104 -50.24 -50.81 -48.48
N ASP G 105 -51.47 -51.31 -48.35
CA ASP G 105 -52.66 -50.58 -48.78
C ASP G 105 -53.39 -49.90 -47.62
N GLY G 106 -52.76 -49.81 -46.46
CA GLY G 106 -53.36 -49.20 -45.29
C GLY G 106 -54.14 -50.14 -44.40
N TYR G 107 -54.32 -51.40 -44.82
CA TYR G 107 -55.03 -52.37 -43.99
C TYR G 107 -54.15 -52.82 -42.83
N VAL G 108 -54.81 -53.21 -41.73
CA VAL G 108 -54.13 -53.69 -40.54
C VAL G 108 -54.45 -55.18 -40.40
N SER G 109 -53.41 -56.00 -40.31
CA SER G 109 -53.57 -57.44 -40.20
C SER G 109 -53.68 -57.81 -38.72
N GLU G 110 -54.84 -58.33 -38.32
CA GLU G 110 -55.06 -58.67 -36.92
C GLU G 110 -54.35 -59.96 -36.52
N GLU G 111 -54.10 -60.84 -37.50
CA GLU G 111 -53.49 -62.13 -37.19
C GLU G 111 -52.01 -62.00 -36.85
N CYS G 112 -51.26 -61.20 -37.61
CA CYS G 112 -49.87 -60.94 -37.28
C CYS G 112 -49.69 -59.88 -36.20
N SER G 113 -50.76 -59.20 -35.79
CA SER G 113 -50.66 -58.19 -34.75
C SER G 113 -50.56 -58.85 -33.38
N LEU G 114 -49.60 -58.39 -32.57
CA LEU G 114 -49.46 -58.89 -31.21
C LEU G 114 -50.53 -58.28 -30.33
N GLN G 115 -51.13 -59.12 -29.47
CA GLN G 115 -52.19 -58.67 -28.58
C GLN G 115 -51.62 -57.91 -27.38
N UNK H 1 -56.96 -86.85 -78.43
CA UNK H 1 -56.17 -87.79 -79.21
C UNK H 1 -57.07 -88.81 -79.91
N UNK H 2 -57.71 -89.67 -79.11
CA UNK H 2 -58.69 -90.70 -79.46
C UNK H 2 -58.12 -91.83 -80.32
N UNK H 3 -56.82 -91.84 -80.63
CA UNK H 3 -56.20 -92.91 -81.40
C UNK H 3 -54.72 -92.92 -81.06
N UNK H 4 -54.29 -93.92 -80.28
CA UNK H 4 -52.88 -94.00 -79.89
C UNK H 4 -52.01 -94.49 -81.04
N UNK H 5 -52.51 -95.40 -81.85
CA UNK H 5 -51.78 -95.96 -82.99
C UNK H 5 -52.56 -95.63 -84.26
N UNK H 6 -52.20 -94.51 -84.90
CA UNK H 6 -52.85 -94.11 -86.14
C UNK H 6 -52.42 -95.01 -87.28
N UNK H 7 -53.28 -95.09 -88.30
CA UNK H 7 -53.06 -95.95 -89.44
C UNK H 7 -52.45 -95.18 -90.60
N UNK H 8 -51.59 -95.85 -91.35
CA UNK H 8 -50.91 -95.26 -92.51
C UNK H 8 -51.44 -95.94 -93.77
N UNK H 9 -52.27 -95.20 -94.50
CA UNK H 9 -52.89 -95.63 -95.77
C UNK H 9 -53.65 -96.95 -95.68
N PHE I 25 -65.37 -104.05 -55.15
CA PHE I 25 -66.38 -103.41 -54.32
C PHE I 25 -66.46 -101.91 -54.63
N LYS I 26 -67.69 -101.39 -54.67
CA LYS I 26 -67.93 -100.00 -55.02
C LYS I 26 -67.51 -99.07 -53.88
N LYS I 27 -66.85 -97.96 -54.23
CA LYS I 27 -66.39 -96.96 -53.29
C LYS I 27 -67.23 -95.69 -53.38
N PRO I 28 -67.40 -94.96 -52.29
CA PRO I 28 -68.09 -93.67 -52.34
C PRO I 28 -67.22 -92.61 -53.00
N PRO I 29 -67.80 -91.51 -53.49
CA PRO I 29 -66.98 -90.39 -53.98
C PRO I 29 -66.15 -89.78 -52.87
N ILE I 30 -64.92 -89.37 -53.21
CA ILE I 30 -64.01 -88.84 -52.20
C ILE I 30 -64.41 -87.45 -51.76
N ASN I 31 -64.87 -86.61 -52.69
CA ASN I 31 -65.37 -85.28 -52.36
C ASN I 31 -66.90 -85.29 -52.26
N ASN I 32 -67.40 -86.17 -51.38
CA ASN I 32 -68.84 -86.29 -51.22
C ASN I 32 -69.31 -85.50 -50.01
N PRO I 33 -70.44 -84.81 -50.12
CA PRO I 33 -70.98 -84.10 -48.95
C PRO I 33 -71.57 -85.05 -47.93
N SER I 34 -70.72 -85.61 -47.07
CA SER I 34 -71.16 -86.44 -45.96
C SER I 34 -71.30 -85.63 -44.68
N ASP I 35 -71.48 -84.32 -44.80
CA ASP I 35 -71.61 -83.41 -43.67
C ASP I 35 -72.86 -82.58 -43.84
N ASP I 36 -73.58 -82.36 -42.74
CA ASP I 36 -74.89 -81.72 -42.79
C ASP I 36 -74.84 -80.23 -43.05
N ALA I 37 -73.66 -79.60 -42.97
CA ALA I 37 -73.48 -78.23 -43.43
C ALA I 37 -72.97 -78.15 -44.86
N THR I 38 -72.12 -79.11 -45.28
CA THR I 38 -71.63 -79.15 -46.64
C THR I 38 -72.74 -79.50 -47.62
N ILE I 39 -73.72 -80.29 -47.19
CA ILE I 39 -74.89 -80.60 -48.03
C ILE I 39 -75.67 -79.33 -48.34
N LYS I 40 -75.92 -78.51 -47.30
CA LYS I 40 -76.64 -77.25 -47.47
C LYS I 40 -75.85 -76.26 -48.32
N LEU I 41 -74.54 -76.20 -48.12
CA LEU I 41 -73.67 -75.34 -48.91
C LEU I 41 -73.69 -75.72 -50.40
N ALA I 42 -73.64 -77.02 -50.68
CA ALA I 42 -73.60 -77.48 -52.06
C ALA I 42 -74.95 -77.28 -52.77
N GLU I 43 -76.06 -77.52 -52.05
CA GLU I 43 -77.35 -77.30 -52.71
C GLU I 43 -77.66 -75.81 -52.87
N ALA I 44 -77.15 -74.96 -51.97
CA ALA I 44 -77.23 -73.52 -52.18
C ALA I 44 -76.44 -73.09 -53.40
N ALA I 45 -75.25 -73.68 -53.61
CA ALA I 45 -74.45 -73.40 -54.80
C ALA I 45 -75.18 -73.84 -56.07
N VAL I 46 -75.84 -75.00 -56.03
CA VAL I 46 -76.61 -75.49 -57.18
C VAL I 46 -77.76 -74.54 -57.51
N SER I 47 -78.49 -74.07 -56.48
CA SER I 47 -79.60 -73.15 -56.71
C SER I 47 -79.12 -71.80 -57.23
N VAL I 48 -77.96 -71.33 -56.75
CA VAL I 48 -77.38 -70.08 -57.25
C VAL I 48 -77.00 -70.21 -58.72
N SER I 49 -76.39 -71.34 -59.11
CA SER I 49 -76.02 -71.58 -60.50
C SER I 49 -77.25 -71.66 -61.41
N ASP I 50 -78.31 -72.30 -60.93
CA ASP I 50 -79.56 -72.38 -61.71
C ASP I 50 -80.19 -70.99 -61.89
N SER I 51 -80.18 -70.17 -60.84
CA SER I 51 -80.71 -68.81 -60.94
C SER I 51 -79.89 -67.95 -61.89
N MET I 52 -78.56 -68.11 -61.87
CA MET I 52 -77.69 -67.39 -62.80
C MET I 52 -77.93 -67.82 -64.24
N LEU I 53 -78.17 -69.12 -64.46
CA LEU I 53 -78.51 -69.59 -65.80
C LEU I 53 -79.83 -69.02 -66.29
N GLU I 54 -80.83 -68.94 -65.40
CA GLU I 54 -82.12 -68.33 -65.78
C GLU I 54 -81.97 -66.85 -66.11
N MET I 55 -81.16 -66.13 -65.32
CA MET I 55 -80.90 -64.71 -65.59
C MET I 55 -80.20 -64.51 -66.93
N ALA I 56 -79.25 -65.39 -67.26
CA ALA I 56 -78.57 -65.33 -68.55
C ALA I 56 -79.53 -65.61 -69.70
N LYS I 57 -80.46 -66.57 -69.52
CA LYS I 57 -81.47 -66.84 -70.54
C LYS I 57 -82.40 -65.65 -70.74
N VAL I 58 -82.72 -64.93 -69.67
CA VAL I 58 -83.55 -63.73 -69.80
C VAL I 58 -82.79 -62.63 -70.53
N GLU I 59 -81.55 -62.35 -70.13
CA GLU I 59 -80.84 -61.20 -70.67
C GLU I 59 -80.28 -61.41 -72.07
N LYS I 60 -80.00 -62.64 -72.49
CA LYS I 60 -79.39 -62.82 -73.81
C LYS I 60 -80.41 -62.62 -74.92
N VAL I 61 -80.06 -61.76 -75.89
CA VAL I 61 -80.87 -61.53 -77.08
C VAL I 61 -80.10 -62.07 -78.29
N ILE I 62 -80.83 -62.72 -79.20
CA ILE I 62 -80.27 -63.35 -80.37
C ILE I 62 -80.96 -62.80 -81.61
N THR I 63 -80.51 -63.26 -82.78
CA THR I 63 -81.15 -63.00 -84.06
C THR I 63 -81.42 -64.32 -84.76
N PRO I 64 -82.51 -64.41 -85.53
CA PRO I 64 -82.74 -65.62 -86.31
C PRO I 64 -81.75 -65.75 -87.45
N PRO I 65 -81.43 -66.97 -87.88
CA PRO I 65 -80.45 -67.13 -88.97
C PRO I 65 -80.98 -66.75 -90.34
N SER I 66 -82.28 -66.51 -90.50
CA SER I 66 -82.83 -66.15 -91.80
C SER I 66 -82.47 -64.72 -92.17
N LYS I 67 -82.48 -63.80 -91.19
CA LYS I 67 -82.23 -62.38 -91.43
C LYS I 67 -80.89 -61.92 -90.89
N ASP I 68 -79.94 -62.84 -90.70
CA ASP I 68 -78.62 -62.47 -90.23
C ASP I 68 -77.84 -61.78 -91.36
N ASN I 69 -77.42 -60.53 -91.10
CA ASN I 69 -76.78 -59.71 -92.14
C ASN I 69 -75.28 -59.97 -92.12
N THR I 70 -74.91 -61.12 -92.69
CA THR I 70 -73.51 -61.51 -92.81
C THR I 70 -73.33 -62.18 -94.17
N LEU I 71 -72.24 -61.84 -94.86
CA LEU I 71 -71.98 -62.39 -96.19
C LEU I 71 -71.71 -63.88 -96.12
N THR I 72 -72.40 -64.63 -96.98
CA THR I 72 -72.21 -66.07 -97.04
C THR I 72 -71.01 -66.41 -97.92
N ILE I 73 -70.68 -67.70 -97.96
CA ILE I 73 -69.57 -68.18 -98.78
C ILE I 73 -70.03 -68.17 -100.25
N PRO I 74 -69.32 -67.47 -101.14
CA PRO I 74 -69.77 -67.37 -102.53
C PRO I 74 -69.40 -68.58 -103.39
N ASN I 75 -68.75 -69.59 -102.80
CA ASN I 75 -68.38 -70.92 -103.30
C ASN I 75 -67.98 -70.98 -104.78
N ALA I 76 -67.21 -70.00 -105.25
CA ALA I 76 -66.57 -70.06 -106.55
C ALA I 76 -65.27 -70.85 -106.45
N TYR I 77 -64.78 -71.31 -107.60
CA TYR I 77 -63.59 -72.16 -107.60
C TYR I 77 -62.32 -71.37 -107.30
N ASN I 78 -62.27 -70.11 -107.74
CA ASN I 78 -61.08 -69.30 -107.53
C ASN I 78 -60.93 -68.77 -106.10
N LEU I 79 -61.99 -68.87 -105.28
CA LEU I 79 -61.97 -68.31 -103.94
C LEU I 79 -61.72 -69.35 -102.85
N GLN I 80 -61.40 -70.60 -103.22
CA GLN I 80 -61.10 -71.62 -102.24
C GLN I 80 -59.60 -71.77 -101.97
N ALA I 81 -58.76 -70.93 -102.57
CA ALA I 81 -57.32 -71.03 -102.37
C ALA I 81 -56.94 -70.52 -100.98
N ARG I 82 -55.96 -71.19 -100.38
CA ARG I 82 -55.49 -70.82 -99.06
C ARG I 82 -54.64 -69.54 -99.13
N ALA I 83 -54.52 -68.87 -97.99
CA ALA I 83 -53.80 -67.61 -97.92
C ALA I 83 -53.18 -67.44 -96.54
N SER I 84 -52.23 -66.51 -96.46
CA SER I 84 -51.55 -66.18 -95.21
C SER I 84 -51.46 -64.66 -95.13
N VAL I 85 -52.27 -64.04 -94.26
CA VAL I 85 -52.45 -62.60 -94.25
C VAL I 85 -52.10 -62.07 -92.86
N ASP I 86 -51.24 -61.05 -92.81
CA ASP I 86 -50.96 -60.31 -91.59
C ASP I 86 -51.09 -58.83 -91.97
N TRP I 87 -52.16 -58.20 -91.52
CA TRP I 87 -52.48 -56.84 -91.94
C TRP I 87 -53.27 -56.13 -90.85
N SER I 88 -52.98 -54.84 -90.65
CA SER I 88 -53.74 -54.01 -89.74
C SER I 88 -53.75 -52.60 -90.33
N GLY I 89 -54.80 -52.27 -91.08
CA GLY I 89 -54.88 -51.00 -91.75
C GLY I 89 -56.21 -50.80 -92.46
N PRO I 90 -56.19 -50.00 -93.54
CA PRO I 90 -57.42 -49.73 -94.28
C PRO I 90 -57.98 -50.95 -95.00
N ILE I 91 -59.30 -50.91 -95.23
CA ILE I 91 -60.02 -52.06 -95.79
C ILE I 91 -59.84 -52.16 -97.31
N GLU I 92 -59.69 -51.01 -97.99
CA GLU I 92 -59.73 -50.99 -99.45
C GLU I 92 -58.49 -51.63 -100.06
N GLU I 93 -57.32 -51.37 -99.48
CA GLU I 93 -56.06 -51.92 -100.00
C GLU I 93 -56.02 -53.44 -99.85
N LEU I 94 -56.42 -53.94 -98.67
CA LEU I 94 -56.46 -55.38 -98.45
C LEU I 94 -57.51 -56.06 -99.34
N THR I 95 -58.67 -55.42 -99.52
CA THR I 95 -59.70 -56.02 -100.36
C THR I 95 -59.28 -56.04 -101.82
N ALA I 96 -58.56 -55.01 -102.27
CA ALA I 96 -58.02 -55.00 -103.62
C ALA I 96 -56.97 -56.08 -103.82
N ARG I 97 -56.11 -56.31 -102.81
CA ARG I 97 -55.12 -57.37 -102.92
C ARG I 97 -55.77 -58.75 -102.93
N ILE I 98 -56.83 -58.93 -102.15
CA ILE I 98 -57.58 -60.19 -102.13
C ILE I 98 -58.24 -60.44 -103.48
N ALA I 99 -58.81 -59.39 -104.08
CA ALA I 99 -59.43 -59.51 -105.40
C ALA I 99 -58.39 -59.82 -106.48
N LYS I 100 -57.21 -59.21 -106.40
CA LYS I 100 -56.15 -59.52 -107.36
C LYS I 100 -55.66 -60.96 -107.20
N ALA I 101 -55.52 -61.43 -105.96
CA ALA I 101 -55.10 -62.81 -105.72
C ALA I 101 -56.17 -63.80 -106.16
N ALA I 102 -57.44 -63.43 -106.09
CA ALA I 102 -58.54 -64.26 -106.56
C ALA I 102 -58.87 -64.04 -108.02
N HIS I 103 -58.11 -63.17 -108.72
CA HIS I 103 -58.21 -62.91 -110.16
C HIS I 103 -59.57 -62.32 -110.53
N PHE I 104 -60.17 -61.56 -109.62
CA PHE I 104 -61.41 -60.85 -109.86
C PHE I 104 -61.12 -59.40 -110.18
N ARG I 105 -62.15 -58.68 -110.62
CA ARG I 105 -62.06 -57.23 -110.69
C ARG I 105 -62.52 -56.63 -109.36
N PHE I 106 -62.19 -55.37 -109.16
CA PHE I 106 -62.49 -54.71 -107.89
C PHE I 106 -63.03 -53.31 -108.15
N ARG I 107 -64.15 -52.97 -107.49
CA ARG I 107 -64.73 -51.65 -107.65
C ARG I 107 -65.27 -51.14 -106.32
N VAL I 108 -65.29 -49.82 -106.18
CA VAL I 108 -65.71 -49.12 -104.97
C VAL I 108 -66.87 -48.20 -105.32
N LEU I 109 -67.96 -48.30 -104.57
CA LEU I 109 -69.09 -47.39 -104.70
C LEU I 109 -69.35 -46.72 -103.34
N GLY I 110 -69.17 -45.41 -103.30
CA GLY I 110 -69.38 -44.63 -102.10
C GLY I 110 -68.32 -43.55 -101.99
N LYS I 111 -68.21 -42.98 -100.80
CA LYS I 111 -67.23 -41.93 -100.52
C LYS I 111 -66.45 -42.32 -99.27
N SER I 112 -65.13 -42.24 -99.36
CA SER I 112 -64.29 -42.56 -98.21
C SER I 112 -64.39 -41.44 -97.17
N PRO I 113 -64.55 -41.77 -95.89
CA PRO I 113 -64.65 -40.74 -94.86
C PRO I 113 -63.30 -40.13 -94.53
N SER I 114 -63.33 -39.13 -93.64
CA SER I 114 -62.09 -38.51 -93.18
C SER I 114 -61.26 -39.48 -92.35
N VAL I 115 -61.89 -40.23 -91.46
CA VAL I 115 -61.25 -41.30 -90.71
C VAL I 115 -61.51 -42.61 -91.45
N PRO I 116 -60.49 -43.30 -91.93
CA PRO I 116 -60.73 -44.53 -92.70
C PRO I 116 -61.14 -45.68 -91.81
N VAL I 117 -61.77 -46.68 -92.44
CA VAL I 117 -62.21 -47.88 -91.74
C VAL I 117 -61.00 -48.80 -91.57
N LEU I 118 -60.71 -49.16 -90.33
CA LEU I 118 -59.52 -49.94 -89.99
C LEU I 118 -59.92 -51.33 -89.55
N ILE I 119 -59.31 -52.34 -90.19
CA ILE I 119 -59.54 -53.74 -89.85
C ILE I 119 -58.20 -54.36 -89.47
N SER I 120 -58.26 -55.60 -88.99
CA SER I 120 -57.06 -56.32 -88.58
C SER I 120 -57.27 -57.81 -88.84
N ILE I 121 -56.53 -58.34 -89.80
CA ILE I 121 -56.61 -59.75 -90.18
C ILE I 121 -55.25 -60.39 -89.97
N SER I 122 -55.20 -61.43 -89.14
CA SER I 122 -53.96 -62.14 -88.84
C SER I 122 -54.26 -63.64 -88.86
N THR I 123 -54.08 -64.25 -90.02
CA THR I 123 -54.30 -65.68 -90.19
C THR I 123 -53.16 -66.30 -90.99
N LYS I 124 -52.93 -67.59 -90.75
CA LYS I 124 -51.84 -68.35 -91.35
C LYS I 124 -52.29 -69.22 -92.51
N ASP I 125 -53.46 -69.85 -92.40
CA ASP I 125 -53.96 -70.72 -93.46
C ASP I 125 -55.50 -70.63 -93.43
N GLU I 126 -56.05 -69.78 -94.29
CA GLU I 126 -57.49 -69.57 -94.34
C GLU I 126 -57.88 -69.23 -95.77
N SER I 127 -59.09 -69.63 -96.15
CA SER I 127 -59.57 -69.41 -97.51
C SER I 127 -59.92 -67.93 -97.73
N LEU I 128 -59.88 -67.54 -99.01
CA LEU I 128 -60.13 -66.15 -99.38
C LEU I 128 -61.59 -65.74 -99.12
N ALA I 129 -62.53 -66.67 -99.31
CA ALA I 129 -63.93 -66.39 -99.00
C ALA I 129 -64.14 -66.16 -97.51
N GLU I 130 -63.48 -66.95 -96.67
CA GLU I 130 -63.58 -66.75 -95.22
C GLU I 130 -62.89 -65.48 -94.79
N ILE I 131 -61.78 -65.11 -95.46
CA ILE I 131 -61.12 -63.84 -95.19
C ILE I 131 -62.04 -62.67 -95.55
N LEU I 132 -62.73 -62.77 -96.69
CA LEU I 132 -63.69 -61.73 -97.09
C LEU I 132 -64.87 -61.64 -96.15
N ARG I 133 -65.34 -62.79 -95.64
CA ARG I 133 -66.40 -62.81 -94.65
C ARG I 133 -65.98 -62.15 -93.34
N ASP I 134 -64.73 -62.40 -92.90
CA ASP I 134 -64.24 -61.76 -91.68
C ASP I 134 -64.04 -60.26 -91.88
N ILE I 135 -63.62 -59.85 -93.09
CA ILE I 135 -63.50 -58.44 -93.42
C ILE I 135 -64.86 -57.74 -93.39
N ASP I 136 -65.88 -58.40 -93.96
CA ASP I 136 -67.23 -57.83 -93.96
C ASP I 136 -67.81 -57.77 -92.55
N TYR I 137 -67.50 -58.77 -91.71
CA TYR I 137 -67.95 -58.72 -90.32
C TYR I 137 -67.26 -57.61 -89.54
N GLN I 138 -65.95 -57.43 -89.74
CA GLN I 138 -65.22 -56.41 -89.02
C GLN I 138 -65.50 -55.00 -89.54
N ALA I 139 -65.98 -54.86 -90.77
CA ALA I 139 -66.33 -53.54 -91.29
C ALA I 139 -67.55 -52.97 -90.59
N GLY I 140 -68.51 -53.81 -90.23
CA GLY I 140 -69.70 -53.37 -89.54
C GLY I 140 -70.70 -52.69 -90.44
N LYS I 141 -71.31 -51.61 -89.95
CA LYS I 141 -72.33 -50.88 -90.69
C LYS I 141 -71.75 -49.84 -91.65
N LYS I 142 -70.44 -49.58 -91.58
CA LYS I 142 -69.85 -48.54 -92.41
C LYS I 142 -69.68 -48.99 -93.87
N ALA I 143 -69.39 -50.26 -94.09
CA ALA I 143 -69.12 -50.74 -95.44
C ALA I 143 -69.61 -52.17 -95.58
N SER I 144 -69.79 -52.59 -96.83
CA SER I 144 -70.21 -53.94 -97.17
C SER I 144 -69.45 -54.42 -98.38
N ILE I 145 -69.32 -55.74 -98.50
CA ILE I 145 -68.60 -56.38 -99.59
C ILE I 145 -69.56 -57.31 -100.31
N HIS I 146 -69.73 -57.12 -101.62
CA HIS I 146 -70.56 -57.98 -102.45
C HIS I 146 -69.68 -58.68 -103.47
N VAL I 147 -69.98 -59.94 -103.75
CA VAL I 147 -69.22 -60.75 -104.69
C VAL I 147 -70.15 -61.18 -105.82
N TYR I 148 -69.80 -60.82 -107.05
CA TYR I 148 -70.53 -61.28 -108.22
C TYR I 148 -69.66 -62.27 -108.99
N PRO I 149 -70.06 -63.55 -109.06
CA PRO I 149 -69.20 -64.56 -109.71
C PRO I 149 -69.43 -64.72 -111.20
N ASN I 150 -70.62 -64.35 -111.70
CA ASN I 150 -70.90 -64.50 -113.12
C ASN I 150 -70.09 -63.51 -113.95
N SER I 151 -70.08 -62.25 -113.55
CA SER I 151 -69.09 -61.28 -114.00
C SER I 151 -68.19 -61.03 -112.80
N GLN I 152 -66.99 -61.61 -112.82
CA GLN I 152 -66.20 -61.83 -111.61
C GLN I 152 -65.67 -60.55 -111.01
N VAL I 153 -66.42 -59.98 -110.06
CA VAL I 153 -66.09 -58.68 -109.50
C VAL I 153 -66.41 -58.66 -108.01
N VAL I 154 -65.64 -57.86 -107.27
CA VAL I 154 -65.84 -57.63 -105.84
C VAL I 154 -66.14 -56.15 -105.67
N GLU I 155 -67.28 -55.84 -105.06
CA GLU I 155 -67.76 -54.48 -104.88
C GLU I 155 -67.69 -54.11 -103.41
N LEU I 156 -67.03 -52.99 -103.12
CA LEU I 156 -66.98 -52.42 -101.78
C LEU I 156 -67.91 -51.23 -101.74
N ARG I 157 -68.99 -51.32 -100.98
CA ARG I 157 -70.04 -50.32 -100.95
C ARG I 157 -70.02 -49.63 -99.59
N TYR I 158 -69.90 -48.31 -99.61
CA TYR I 158 -69.90 -47.52 -98.38
C TYR I 158 -71.33 -47.17 -97.97
N ALA I 159 -71.48 -46.75 -96.72
CA ALA I 159 -72.77 -46.37 -96.17
C ALA I 159 -72.94 -44.86 -96.25
N LYS I 160 -74.09 -44.42 -96.75
CA LYS I 160 -74.38 -43.00 -96.89
C LYS I 160 -74.70 -42.37 -95.53
N ILE J 208 -107.71 -70.71 -82.53
CA ILE J 208 -107.58 -72.11 -82.11
C ILE J 208 -106.24 -72.67 -82.54
N ILE J 209 -105.85 -73.79 -81.94
CA ILE J 209 -104.60 -74.47 -82.26
C ILE J 209 -104.81 -75.96 -82.01
N TYR J 210 -104.12 -76.78 -82.81
CA TYR J 210 -104.25 -78.23 -82.74
C TYR J 210 -102.96 -78.87 -82.30
N TYR J 211 -103.07 -79.95 -81.55
CA TYR J 211 -101.96 -80.80 -81.16
C TYR J 211 -102.27 -82.23 -81.53
N ILE J 212 -101.23 -82.99 -81.88
CA ILE J 212 -101.40 -84.39 -82.25
C ILE J 212 -101.53 -85.21 -80.97
N GLN J 213 -102.39 -86.23 -81.01
CA GLN J 213 -102.68 -87.06 -79.86
C GLN J 213 -102.06 -88.46 -79.99
N ALA J 214 -102.20 -89.08 -81.15
CA ALA J 214 -101.54 -90.33 -81.46
C ALA J 214 -101.27 -90.38 -82.95
N VAL J 215 -100.27 -91.16 -83.35
CA VAL J 215 -99.82 -91.18 -84.73
C VAL J 215 -99.58 -92.63 -85.17
N ILE J 216 -99.86 -92.90 -86.43
CA ILE J 216 -99.58 -94.18 -87.06
C ILE J 216 -99.14 -93.90 -88.50
N PRO J 217 -98.38 -94.81 -89.11
CA PRO J 217 -98.16 -94.70 -90.55
C PRO J 217 -99.45 -94.75 -91.36
N GLY J 218 -99.79 -93.64 -92.01
CA GLY J 218 -100.99 -93.56 -92.83
C GLY J 218 -102.00 -92.49 -92.42
N ARG J 219 -102.24 -92.33 -91.12
CA ARG J 219 -103.22 -91.37 -90.65
C ARG J 219 -102.80 -90.90 -89.26
N ALA J 220 -103.48 -89.87 -88.76
CA ALA J 220 -103.15 -89.36 -87.43
C ALA J 220 -104.42 -88.93 -86.70
N TRP J 221 -104.31 -88.87 -85.37
CA TRP J 221 -105.39 -88.47 -84.49
C TRP J 221 -105.02 -87.13 -83.85
N LEU J 222 -105.90 -86.15 -83.99
CA LEU J 222 -105.65 -84.79 -83.53
C LEU J 222 -106.68 -84.39 -82.48
N ILE J 223 -106.24 -83.54 -81.54
CA ILE J 223 -107.11 -82.95 -80.54
C ILE J 223 -106.91 -81.44 -80.59
N GLY J 224 -107.99 -80.70 -80.37
CA GLY J 224 -107.96 -79.25 -80.44
C GLY J 224 -108.03 -78.58 -79.08
N SER J 225 -108.09 -77.25 -79.11
CA SER J 225 -108.19 -76.48 -77.88
C SER J 225 -109.58 -76.62 -77.25
N ASN J 226 -110.61 -76.83 -78.07
CA ASN J 226 -111.97 -76.97 -77.56
C ASN J 226 -112.29 -78.39 -77.12
N GLY J 227 -111.36 -79.34 -77.30
CA GLY J 227 -111.59 -80.70 -76.87
C GLY J 227 -112.27 -81.60 -77.89
N SER J 228 -112.27 -81.22 -79.16
CA SER J 228 -112.91 -81.99 -80.21
C SER J 228 -111.87 -82.84 -80.93
N THR J 229 -112.15 -84.14 -81.07
CA THR J 229 -111.24 -85.05 -81.72
C THR J 229 -111.37 -84.93 -83.24
N LEU J 230 -110.32 -85.36 -83.95
CA LEU J 230 -110.33 -85.34 -85.40
C LEU J 230 -109.40 -86.44 -85.90
N THR J 231 -109.76 -87.02 -87.05
CA THR J 231 -108.92 -88.01 -87.72
C THR J 231 -108.48 -87.43 -89.05
N VAL J 232 -107.17 -87.40 -89.29
CA VAL J 232 -106.62 -86.75 -90.47
C VAL J 232 -105.88 -87.78 -91.32
N ARG J 233 -106.13 -87.70 -92.62
CA ARG J 233 -105.46 -88.49 -93.64
C ARG J 233 -104.28 -87.73 -94.22
N GLU J 234 -103.54 -88.40 -95.11
CA GLU J 234 -102.50 -87.74 -95.89
C GLU J 234 -103.11 -86.66 -96.78
N GLY J 235 -104.10 -87.03 -97.59
CA GLY J 235 -104.82 -86.04 -98.38
C GLY J 235 -106.18 -85.73 -97.80
N SER J 236 -106.28 -84.61 -97.09
CA SER J 236 -107.52 -84.18 -96.45
C SER J 236 -107.40 -82.70 -96.14
N LYS J 237 -108.52 -82.09 -95.75
CA LYS J 237 -108.58 -80.67 -95.43
C LYS J 237 -108.98 -80.50 -93.97
N ILE J 238 -108.24 -79.68 -93.25
CA ILE J 238 -108.55 -79.35 -91.87
C ILE J 238 -108.65 -77.82 -91.77
N PRO J 239 -109.49 -77.28 -90.88
CA PRO J 239 -109.61 -75.82 -90.79
C PRO J 239 -108.44 -75.19 -90.04
N GLY J 240 -108.05 -74.00 -90.50
CA GLY J 240 -107.03 -73.21 -89.84
C GLY J 240 -105.60 -73.55 -90.21
N TYR J 241 -105.37 -74.62 -90.97
CA TYR J 241 -104.03 -75.02 -91.37
C TYR J 241 -103.88 -75.22 -92.86
N GLY J 242 -104.89 -75.76 -93.54
CA GLY J 242 -104.81 -75.97 -94.96
C GLY J 242 -104.66 -77.42 -95.38
N MET J 243 -103.74 -77.68 -96.31
CA MET J 243 -103.54 -79.01 -96.87
C MET J 243 -102.36 -79.71 -96.20
N VAL J 244 -102.57 -80.97 -95.84
CA VAL J 244 -101.50 -81.79 -95.28
C VAL J 244 -100.72 -82.42 -96.42
N LYS J 245 -99.39 -82.26 -96.41
CA LYS J 245 -98.55 -82.83 -97.44
C LYS J 245 -97.67 -83.97 -96.95
N LEU J 246 -97.46 -84.10 -95.64
CA LEU J 246 -96.56 -85.12 -95.12
C LEU J 246 -97.02 -85.51 -93.71
N ILE J 247 -96.97 -86.80 -93.42
CA ILE J 247 -97.22 -87.33 -92.08
C ILE J 247 -96.01 -88.15 -91.68
N ASP J 248 -95.35 -87.76 -90.60
CA ASP J 248 -94.15 -88.42 -90.13
C ASP J 248 -94.49 -89.32 -88.95
N SER J 249 -93.97 -90.55 -88.97
CA SER J 249 -94.22 -91.52 -87.92
C SER J 249 -93.08 -91.65 -86.93
N LEU J 250 -91.83 -91.53 -87.39
CA LEU J 250 -90.68 -91.61 -86.48
C LEU J 250 -90.61 -90.39 -85.59
N GLN J 251 -90.94 -89.21 -86.12
CA GLN J 251 -91.03 -87.98 -85.36
C GLN J 251 -92.45 -87.47 -85.40
N GLY J 252 -92.89 -86.83 -84.32
CA GLY J 252 -94.25 -86.35 -84.24
C GLY J 252 -94.45 -85.02 -84.96
N ARG J 253 -94.49 -85.07 -86.29
CA ARG J 253 -94.58 -83.87 -87.11
C ARG J 253 -95.66 -84.04 -88.17
N ILE J 254 -96.55 -83.05 -88.28
CA ILE J 254 -97.54 -82.98 -89.35
C ILE J 254 -97.33 -81.65 -90.06
N LEU J 255 -96.90 -81.69 -91.32
CA LEU J 255 -96.61 -80.48 -92.07
C LEU J 255 -97.85 -80.01 -92.80
N THR J 256 -98.15 -78.71 -92.72
CA THR J 256 -99.32 -78.15 -93.36
C THR J 256 -98.92 -77.28 -94.55
N SER J 257 -99.92 -76.93 -95.36
CA SER J 257 -99.68 -76.12 -96.55
C SER J 257 -99.39 -74.67 -96.23
N SER J 258 -99.83 -74.18 -95.06
CA SER J 258 -99.56 -72.81 -94.67
C SER J 258 -98.10 -72.59 -94.26
N GLY J 259 -97.38 -73.67 -93.94
CA GLY J 259 -95.98 -73.56 -93.59
C GLY J 259 -95.71 -73.73 -92.11
N GLN J 260 -96.49 -74.58 -91.45
CA GLN J 260 -96.32 -74.82 -90.02
C GLN J 260 -96.53 -76.29 -89.72
N VAL J 261 -95.99 -76.70 -88.57
CA VAL J 261 -95.91 -78.10 -88.17
C VAL J 261 -96.74 -78.30 -86.91
N ILE J 262 -97.65 -79.26 -86.95
CA ILE J 262 -98.36 -79.72 -85.77
C ILE J 262 -97.49 -80.77 -85.08
N LYS J 263 -97.18 -80.54 -83.82
CA LYS J 263 -96.34 -81.42 -83.02
C LYS J 263 -97.09 -81.86 -81.76
N PHE J 264 -96.38 -82.58 -80.89
CA PHE J 264 -96.97 -83.05 -79.65
C PHE J 264 -97.08 -81.91 -78.63
N SER J 265 -97.86 -82.16 -77.58
CA SER J 265 -98.02 -81.19 -76.52
C SER J 265 -96.79 -81.16 -75.62
N GLN J 266 -96.64 -80.06 -74.90
CA GLN J 266 -95.50 -79.87 -74.01
C GLN J 266 -95.94 -79.73 -72.56
N THR K 28 -46.29 -73.42 -30.26
CA THR K 28 -45.73 -73.91 -31.52
C THR K 28 -46.42 -75.20 -31.96
N GLY K 29 -47.61 -75.06 -32.52
CA GLY K 29 -48.37 -76.21 -32.99
C GLY K 29 -49.58 -76.52 -32.14
N SER K 30 -49.52 -77.60 -31.37
CA SER K 30 -50.65 -78.06 -30.58
C SER K 30 -50.53 -77.59 -29.13
N LEU K 31 -51.66 -77.71 -28.41
CA LEU K 31 -51.68 -77.40 -26.98
C LEU K 31 -50.83 -78.39 -26.20
N ALA K 32 -50.85 -79.67 -26.60
CA ALA K 32 -49.96 -80.66 -26.00
C ALA K 32 -48.51 -80.38 -26.36
N GLY K 33 -48.26 -79.84 -27.55
CA GLY K 33 -46.90 -79.43 -27.90
C GLY K 33 -46.43 -78.26 -27.07
N LEU K 34 -47.33 -77.34 -26.72
CA LEU K 34 -47.00 -76.28 -25.77
C LEU K 34 -46.75 -76.84 -24.38
N GLN K 35 -47.55 -77.82 -23.96
CA GLN K 35 -47.39 -78.44 -22.65
C GLN K 35 -46.42 -79.61 -22.71
N LYS K 60 -20.96 -69.95 -40.71
CA LYS K 60 -22.26 -70.35 -41.24
C LYS K 60 -22.65 -69.48 -42.44
N GLU K 61 -22.73 -68.18 -42.21
CA GLU K 61 -23.11 -67.25 -43.27
C GLU K 61 -21.97 -67.00 -44.25
N THR K 62 -20.72 -67.31 -43.89
CA THR K 62 -19.61 -67.13 -44.80
C THR K 62 -19.48 -68.26 -45.82
N ALA K 63 -20.12 -69.42 -45.54
CA ALA K 63 -20.04 -70.55 -46.46
C ALA K 63 -20.77 -70.25 -47.77
N LEU K 64 -21.92 -69.57 -47.68
CA LEU K 64 -22.64 -69.14 -48.87
C LEU K 64 -21.82 -68.17 -49.71
N SER K 65 -21.14 -67.24 -49.04
CA SER K 65 -20.34 -66.23 -49.74
C SER K 65 -19.11 -66.84 -50.40
N VAL K 66 -18.48 -67.84 -49.75
CA VAL K 66 -17.32 -68.46 -50.38
C VAL K 66 -17.72 -69.50 -51.42
N GLY K 67 -18.96 -70.00 -51.39
CA GLY K 67 -19.40 -70.93 -52.41
C GLY K 67 -19.94 -70.27 -53.66
N ALA K 68 -20.57 -69.10 -53.51
CA ALA K 68 -21.28 -68.47 -54.61
C ALA K 68 -20.33 -67.99 -55.71
N GLN K 69 -19.19 -67.41 -55.32
CA GLN K 69 -18.24 -66.88 -56.30
C GLN K 69 -17.59 -68.02 -57.09
N ALA K 70 -17.25 -69.11 -56.41
CA ALA K 70 -16.65 -70.26 -57.09
C ALA K 70 -17.64 -70.93 -58.03
N GLY K 71 -18.91 -71.05 -57.61
CA GLY K 71 -19.93 -71.59 -58.50
C GLY K 71 -20.20 -70.70 -59.70
N LEU K 72 -20.19 -69.38 -59.48
CA LEU K 72 -20.38 -68.43 -60.57
C LEU K 72 -19.24 -68.51 -61.60
N ALA K 73 -18.00 -68.59 -61.11
CA ALA K 73 -16.85 -68.67 -62.02
C ALA K 73 -16.82 -70.00 -62.78
N TRP K 74 -17.13 -71.11 -62.08
CA TRP K 74 -17.14 -72.42 -62.72
C TRP K 74 -18.23 -72.52 -63.79
N ARG K 75 -19.43 -72.04 -63.48
CA ARG K 75 -20.51 -72.06 -64.46
C ARG K 75 -20.24 -71.11 -65.62
N ALA K 76 -19.56 -69.98 -65.37
CA ALA K 76 -19.17 -69.08 -66.46
C ALA K 76 -18.15 -69.73 -67.39
N LYS K 77 -17.20 -70.49 -66.83
CA LYS K 77 -16.22 -71.19 -67.66
C LYS K 77 -16.88 -72.29 -68.50
N ILE K 78 -17.82 -73.04 -67.91
CA ILE K 78 -18.51 -74.09 -68.66
C ILE K 78 -19.39 -73.48 -69.76
N ILE K 79 -20.04 -72.35 -69.46
CA ILE K 79 -20.87 -71.66 -70.46
C ILE K 79 -20.00 -71.12 -71.60
N ASP K 80 -18.80 -70.62 -71.28
CA ASP K 80 -17.89 -70.15 -72.32
C ASP K 80 -17.40 -71.30 -73.21
N GLU K 81 -17.14 -72.47 -72.61
CA GLU K 81 -16.79 -73.64 -73.42
C GLU K 81 -17.93 -74.08 -74.32
N GLN K 82 -19.17 -74.09 -73.80
CA GLN K 82 -20.32 -74.46 -74.61
C GLN K 82 -20.58 -73.45 -75.73
N LEU K 83 -20.30 -72.17 -75.48
CA LEU K 83 -20.41 -71.17 -76.53
C LEU K 83 -19.33 -71.35 -77.59
N ASN K 84 -18.11 -71.73 -77.18
CA ASN K 84 -17.03 -71.92 -78.15
C ASN K 84 -17.21 -73.18 -78.97
N LYS K 85 -17.92 -74.18 -78.46
CA LYS K 85 -18.19 -75.39 -79.25
C LYS K 85 -19.14 -75.15 -80.41
N GLN K 86 -19.96 -74.09 -80.37
CA GLN K 86 -20.94 -73.85 -81.42
C GLN K 86 -20.70 -72.49 -82.09
N ALA K 87 -19.46 -72.23 -82.51
CA ALA K 87 -19.12 -70.90 -83.02
C ALA K 87 -19.68 -70.67 -84.42
N ARG K 88 -19.63 -71.68 -85.29
CA ARG K 88 -20.07 -71.49 -86.67
C ARG K 88 -21.59 -71.44 -86.78
N ASN K 89 -22.30 -72.22 -85.96
CA ASN K 89 -23.77 -72.19 -85.97
C ASN K 89 -24.30 -70.85 -85.49
N LEU K 90 -23.67 -70.26 -84.47
CA LEU K 90 -24.07 -68.93 -84.00
C LEU K 90 -23.76 -67.87 -85.05
N ASP K 91 -22.67 -68.02 -85.79
CA ASP K 91 -22.37 -67.11 -86.89
C ASP K 91 -23.39 -67.24 -88.01
N ALA K 92 -23.89 -68.46 -88.26
CA ALA K 92 -24.92 -68.64 -89.27
C ALA K 92 -26.26 -68.07 -88.82
N ILE K 93 -26.56 -68.18 -87.52
CA ILE K 93 -27.85 -67.72 -87.01
C ILE K 93 -27.88 -66.20 -86.90
N TYR K 94 -26.93 -65.62 -86.16
CA TYR K 94 -26.91 -64.17 -85.95
C TYR K 94 -25.98 -63.51 -86.97
N ASP K 95 -26.46 -63.49 -88.21
CA ASP K 95 -25.69 -62.96 -89.34
C ASP K 95 -26.01 -61.47 -89.48
N PHE K 96 -25.27 -60.64 -88.75
CA PHE K 96 -25.42 -59.20 -88.82
C PHE K 96 -24.82 -58.59 -90.07
N ASN K 97 -23.93 -59.31 -90.76
CA ASN K 97 -23.18 -58.74 -91.88
C ASN K 97 -24.06 -58.53 -93.10
N SER K 98 -25.00 -59.44 -93.35
CA SER K 98 -25.83 -59.38 -94.55
C SER K 98 -27.17 -58.70 -94.31
N LEU K 99 -27.30 -57.97 -93.21
CA LEU K 99 -28.43 -57.07 -92.99
C LEU K 99 -28.06 -55.62 -93.15
N VAL K 100 -26.78 -55.33 -93.44
CA VAL K 100 -26.30 -53.96 -93.57
C VAL K 100 -26.77 -53.39 -94.90
N LEU K 101 -27.14 -52.10 -94.89
CA LEU K 101 -27.65 -51.42 -96.07
C LEU K 101 -26.54 -51.02 -97.04
N GLU K 102 -26.88 -50.13 -97.98
CA GLU K 102 -26.04 -49.91 -99.17
C GLU K 102 -24.73 -49.20 -98.82
N HIS K 103 -24.78 -48.13 -98.03
CA HIS K 103 -23.61 -47.30 -97.75
C HIS K 103 -22.96 -47.65 -96.41
N ASN K 104 -22.97 -48.93 -96.04
CA ASN K 104 -22.51 -49.45 -94.75
C ASN K 104 -23.21 -48.75 -93.59
N ILE K 105 -24.53 -48.87 -93.58
CA ILE K 105 -25.39 -48.27 -92.57
C ILE K 105 -26.13 -49.40 -91.87
N LEU K 106 -26.01 -49.45 -90.54
CA LEU K 106 -26.75 -50.44 -89.76
C LEU K 106 -28.23 -50.08 -89.75
N PRO K 107 -29.13 -51.04 -89.99
CA PRO K 107 -30.56 -50.71 -90.01
C PRO K 107 -31.06 -50.41 -88.60
N PRO K 108 -32.11 -49.59 -88.47
CA PRO K 108 -32.65 -49.27 -87.15
C PRO K 108 -33.40 -50.45 -86.54
N VAL K 109 -33.68 -50.33 -85.25
CA VAL K 109 -34.36 -51.35 -84.46
C VAL K 109 -35.78 -50.86 -84.18
N LEU K 110 -36.77 -51.71 -84.51
CA LEU K 110 -38.17 -51.38 -84.31
C LEU K 110 -38.80 -52.33 -83.31
N LEU K 111 -39.74 -51.82 -82.53
CA LEU K 111 -40.48 -52.59 -81.53
C LEU K 111 -41.97 -52.53 -81.84
N GLU K 112 -42.65 -53.65 -81.65
CA GLU K 112 -44.06 -53.82 -82.01
C GLU K 112 -44.85 -54.30 -80.80
N GLY K 113 -46.01 -53.71 -80.59
CA GLY K 113 -46.93 -54.17 -79.55
C GLY K 113 -48.33 -54.32 -80.11
N ARG K 114 -49.04 -55.30 -79.58
CA ARG K 114 -50.38 -55.64 -80.05
C ARG K 114 -51.35 -55.68 -78.87
N ASN K 115 -52.58 -55.24 -79.12
CA ASN K 115 -53.73 -55.31 -78.20
C ASN K 115 -53.42 -54.61 -76.87
N THR K 116 -53.19 -53.30 -76.96
CA THR K 116 -52.69 -52.53 -75.85
C THR K 116 -53.84 -51.90 -75.08
N LEU K 117 -53.82 -52.03 -73.75
CA LEU K 117 -54.82 -51.40 -72.90
C LEU K 117 -54.14 -50.66 -71.76
N ASN K 118 -54.66 -49.48 -71.43
CA ASN K 118 -54.21 -48.72 -70.28
C ASN K 118 -55.39 -48.20 -69.49
N LEU K 119 -55.39 -48.51 -68.20
CA LEU K 119 -56.32 -47.96 -67.20
C LEU K 119 -55.61 -46.78 -66.56
N ALA K 120 -55.88 -45.57 -67.08
CA ALA K 120 -55.22 -44.37 -66.57
C ALA K 120 -55.69 -44.04 -65.16
N ASP K 121 -57.01 -44.03 -64.96
CA ASP K 121 -57.63 -43.88 -63.66
C ASP K 121 -59.04 -44.45 -63.75
N ALA K 122 -59.87 -44.14 -62.77
CA ALA K 122 -61.27 -44.46 -62.87
C ALA K 122 -61.93 -43.62 -63.97
N GLN K 123 -63.02 -44.16 -64.52
CA GLN K 123 -63.94 -43.56 -65.48
C GLN K 123 -63.37 -43.36 -66.88
N SER K 124 -62.12 -43.73 -67.15
CA SER K 124 -61.52 -43.50 -68.45
C SER K 124 -60.45 -44.54 -68.73
N ILE K 125 -60.49 -45.13 -69.94
CA ILE K 125 -59.49 -46.09 -70.41
C ILE K 125 -59.06 -45.71 -71.81
N ARG K 126 -57.86 -46.16 -72.19
CA ARG K 126 -57.34 -45.94 -73.53
C ARG K 126 -56.85 -47.26 -74.11
N ILE K 127 -57.34 -47.62 -75.31
CA ILE K 127 -56.96 -48.87 -75.94
C ILE K 127 -56.45 -48.61 -77.34
N SER K 128 -55.64 -49.55 -77.83
CA SER K 128 -55.04 -49.47 -79.16
C SER K 128 -54.89 -50.88 -79.72
N ASP K 129 -54.90 -50.96 -81.04
CA ASP K 129 -54.80 -52.24 -81.73
C ASP K 129 -53.34 -52.65 -81.93
N ARG K 130 -52.52 -51.74 -82.45
CA ARG K 130 -51.11 -51.99 -82.64
C ARG K 130 -50.32 -50.70 -82.40
N THR K 131 -49.07 -50.86 -81.97
CA THR K 131 -48.18 -49.74 -81.76
C THR K 131 -46.78 -50.10 -82.26
N TYR K 132 -46.12 -49.12 -82.87
CA TYR K 132 -44.78 -49.28 -83.42
C TYR K 132 -43.88 -48.17 -82.87
N LYS K 133 -42.67 -48.55 -82.47
CA LYS K 133 -41.72 -47.62 -81.89
C LYS K 133 -40.34 -47.84 -82.49
N VAL K 134 -39.58 -46.76 -82.61
CA VAL K 134 -38.19 -46.81 -83.07
C VAL K 134 -37.30 -46.79 -81.83
N ALA K 135 -36.62 -47.91 -81.54
CA ALA K 135 -35.80 -47.99 -80.34
C ALA K 135 -34.42 -47.39 -80.57
N LYS K 136 -33.77 -47.75 -81.66
CA LYS K 136 -32.45 -47.24 -82.01
C LYS K 136 -32.49 -46.71 -83.45
N GLN K 137 -31.55 -45.81 -83.74
CA GLN K 137 -31.53 -45.10 -85.02
C GLN K 137 -30.34 -45.57 -85.85
N ALA K 138 -30.47 -45.43 -87.17
CA ALA K 138 -29.43 -45.86 -88.10
C ALA K 138 -28.22 -44.94 -88.04
N HIS K 139 -27.05 -45.51 -88.31
CA HIS K 139 -25.80 -44.76 -88.29
C HIS K 139 -24.79 -45.47 -89.18
N PHE K 140 -23.70 -44.76 -89.49
CA PHE K 140 -22.60 -45.34 -90.24
C PHE K 140 -21.82 -46.32 -89.37
N ILE K 141 -21.36 -47.42 -89.98
CA ILE K 141 -20.53 -48.40 -89.31
C ILE K 141 -19.33 -48.73 -90.20
N THR K 142 -18.27 -49.19 -89.55
CA THR K 142 -17.12 -49.74 -90.27
C THR K 142 -17.01 -51.25 -90.15
N THR K 143 -17.52 -51.82 -89.06
CA THR K 143 -17.50 -53.26 -88.81
C THR K 143 -18.90 -53.72 -88.42
N PRO K 144 -19.30 -54.93 -88.84
CA PRO K 144 -20.58 -55.47 -88.39
C PRO K 144 -20.49 -55.99 -86.97
N PRO K 145 -21.61 -56.01 -86.24
CA PRO K 145 -21.60 -56.59 -84.89
C PRO K 145 -21.46 -58.11 -84.92
N THR K 146 -21.05 -58.66 -83.78
CA THR K 146 -20.87 -60.10 -83.62
C THR K 146 -21.53 -60.55 -82.32
N TRP K 147 -21.74 -61.86 -82.22
CA TRP K 147 -22.40 -62.44 -81.04
C TRP K 147 -21.50 -62.45 -79.81
N ARG K 148 -20.19 -62.29 -79.97
CA ARG K 148 -19.29 -62.31 -78.82
C ARG K 148 -19.43 -61.06 -77.97
N GLN K 149 -19.88 -59.96 -78.55
CA GLN K 149 -20.13 -58.75 -77.78
C GLN K 149 -21.39 -58.85 -76.93
N TYR K 150 -22.25 -59.83 -77.21
CA TYR K 150 -23.50 -60.02 -76.48
C TYR K 150 -23.44 -61.18 -75.50
N LEU K 151 -22.95 -62.35 -75.94
CA LEU K 151 -23.16 -63.59 -75.23
C LEU K 151 -21.98 -64.04 -74.38
N TRP K 152 -20.78 -63.51 -74.61
CA TRP K 152 -19.61 -63.98 -73.89
C TRP K 152 -19.63 -63.52 -72.44
N MET K 153 -19.43 -64.45 -71.52
CA MET K 153 -19.37 -64.16 -70.10
C MET K 153 -17.92 -64.08 -69.63
N ASP K 154 -17.73 -63.41 -68.51
CA ASP K 154 -16.42 -63.02 -68.02
C ASP K 154 -15.90 -64.05 -67.03
N TYR K 155 -14.67 -64.50 -67.23
CA TYR K 155 -14.04 -65.50 -66.36
C TYR K 155 -12.74 -64.94 -65.80
N VAL K 156 -12.67 -64.84 -64.48
CA VAL K 156 -11.43 -64.61 -63.74
C VAL K 156 -11.35 -65.66 -62.65
N LYS K 157 -10.25 -66.40 -62.60
CA LYS K 157 -10.11 -67.50 -61.66
C LYS K 157 -9.94 -66.98 -60.24
N PRO K 158 -10.84 -67.31 -59.31
CA PRO K 158 -10.72 -66.81 -57.93
C PRO K 158 -9.80 -67.70 -57.11
N GLU K 159 -8.66 -67.14 -56.69
CA GLU K 159 -7.69 -67.86 -55.87
C GLU K 159 -7.55 -67.23 -54.48
N ALA K 160 -8.65 -66.70 -53.94
CA ALA K 160 -8.68 -66.03 -52.64
C ALA K 160 -9.74 -66.68 -51.77
N PRO K 161 -9.40 -67.76 -51.05
CA PRO K 161 -10.37 -68.45 -50.17
C PRO K 161 -10.69 -67.64 -48.93
N LYS K 173 -16.81 -78.07 -39.31
CA LYS K 173 -17.17 -78.70 -40.57
C LYS K 173 -18.43 -79.52 -40.43
N GLU K 174 -19.15 -79.31 -39.33
CA GLU K 174 -20.40 -80.03 -39.10
C GLU K 174 -21.52 -79.52 -40.03
N ILE K 175 -21.65 -78.21 -40.16
CA ILE K 175 -22.67 -77.59 -40.99
C ILE K 175 -22.06 -76.78 -42.13
N TRP K 176 -20.77 -76.96 -42.41
CA TRP K 176 -20.09 -76.18 -43.44
C TRP K 176 -20.49 -76.63 -44.84
N CYS K 177 -20.61 -77.95 -45.03
CA CYS K 177 -20.73 -78.53 -46.36
C CYS K 177 -22.08 -78.22 -47.00
N ILE K 178 -23.17 -78.27 -46.22
CA ILE K 178 -24.51 -78.05 -46.76
C ILE K 178 -24.68 -76.59 -47.20
N TYR K 179 -24.14 -75.65 -46.43
CA TYR K 179 -24.24 -74.25 -46.80
C TYR K 179 -23.30 -73.90 -47.95
N THR K 180 -22.14 -74.58 -48.03
CA THR K 180 -21.29 -74.41 -49.22
C THR K 180 -21.97 -74.92 -50.48
N GLU K 181 -22.69 -76.04 -50.37
CA GLU K 181 -23.47 -76.56 -51.50
C GLU K 181 -24.60 -75.61 -51.90
N ARG K 182 -25.25 -75.01 -50.89
CA ARG K 182 -26.32 -74.04 -51.15
C ARG K 182 -25.78 -72.80 -51.88
N GLY K 183 -24.61 -72.30 -51.46
CA GLY K 183 -23.98 -71.20 -52.17
C GLY K 183 -23.55 -71.57 -53.58
N TRP K 184 -23.08 -72.81 -53.77
CA TRP K 184 -22.71 -73.30 -55.09
C TRP K 184 -23.91 -73.28 -56.04
N LYS K 185 -25.07 -73.77 -55.57
CA LYS K 185 -26.27 -73.77 -56.38
C LYS K 185 -26.77 -72.35 -56.66
N ASN K 186 -26.65 -71.45 -55.67
CA ASN K 186 -27.02 -70.05 -55.89
C ASN K 186 -26.17 -69.39 -56.95
N GLY K 187 -24.86 -69.64 -56.95
CA GLY K 187 -23.98 -69.08 -57.97
C GLY K 187 -24.28 -69.61 -59.36
N ILE K 188 -24.58 -70.91 -59.46
CA ILE K 188 -24.96 -71.50 -60.75
C ILE K 188 -26.25 -70.87 -61.29
N ASP K 189 -27.24 -70.66 -60.40
CA ASP K 189 -28.49 -70.02 -60.80
C ASP K 189 -28.28 -68.58 -61.24
N GLN K 190 -27.38 -67.85 -60.56
CA GLN K 190 -27.07 -66.48 -60.94
C GLN K 190 -26.43 -66.40 -62.33
N ALA K 191 -25.49 -67.32 -62.61
CA ALA K 191 -24.86 -67.35 -63.94
C ALA K 191 -25.87 -67.69 -65.03
N ASN K 192 -26.81 -68.59 -64.74
CA ASN K 192 -27.87 -68.93 -65.71
C ASN K 192 -28.77 -67.74 -65.98
N THR K 193 -29.10 -66.95 -64.94
CA THR K 193 -29.91 -65.75 -65.11
C THR K 193 -29.21 -64.70 -65.98
N ILE K 194 -27.89 -64.52 -65.76
CA ILE K 194 -27.10 -63.57 -66.57
C ILE K 194 -27.08 -63.99 -68.04
N LEU K 195 -26.88 -65.29 -68.29
CA LEU K 195 -26.87 -65.79 -69.67
C LEU K 195 -28.23 -65.63 -70.34
N GLU K 196 -29.32 -65.85 -69.58
CA GLU K 196 -30.67 -65.65 -70.09
C GLU K 196 -30.92 -64.19 -70.51
N GLU K 197 -30.45 -63.24 -69.68
CA GLU K 197 -30.62 -61.83 -70.02
C GLU K 197 -29.82 -61.44 -71.27
N ASN K 198 -28.60 -61.99 -71.41
CA ASN K 198 -27.81 -61.73 -72.61
C ASN K 198 -28.47 -62.26 -73.87
N ILE K 199 -29.05 -63.47 -73.79
CA ILE K 199 -29.75 -64.08 -74.92
C ILE K 199 -30.97 -63.24 -75.31
N ALA K 200 -31.72 -62.75 -74.30
CA ALA K 200 -32.88 -61.91 -74.57
C ALA K 200 -32.48 -60.59 -75.25
N ARG K 201 -31.35 -60.02 -74.85
CA ARG K 201 -30.90 -58.75 -75.42
C ARG K 201 -30.50 -58.91 -76.90
N ILE K 202 -29.71 -59.94 -77.22
CA ILE K 202 -29.32 -60.13 -78.61
C ILE K 202 -30.53 -60.54 -79.47
N LYS K 203 -31.49 -61.27 -78.89
CA LYS K 203 -32.73 -61.60 -79.60
C LYS K 203 -33.55 -60.35 -79.92
N GLU K 204 -33.62 -59.40 -78.98
CA GLU K 204 -34.32 -58.14 -79.21
C GLU K 204 -33.68 -57.35 -80.35
N ASP K 205 -32.35 -57.25 -80.35
CA ASP K 205 -31.66 -56.48 -81.40
C ASP K 205 -31.86 -57.10 -82.79
N PHE K 206 -31.70 -58.42 -82.89
CA PHE K 206 -31.86 -59.07 -84.20
C PHE K 206 -33.31 -59.04 -84.68
N GLY K 207 -34.27 -59.20 -83.77
CA GLY K 207 -35.67 -59.12 -84.16
C GLY K 207 -36.09 -57.73 -84.62
N GLY K 208 -35.56 -56.68 -83.98
CA GLY K 208 -35.82 -55.33 -84.45
C GLY K 208 -35.23 -55.07 -85.83
N MET K 209 -34.03 -55.59 -86.09
CA MET K 209 -33.45 -55.42 -87.42
C MET K 209 -34.20 -56.21 -88.50
N ILE K 210 -34.83 -57.33 -88.13
CA ILE K 210 -35.69 -58.04 -89.09
C ILE K 210 -36.98 -57.25 -89.35
N LEU K 211 -37.56 -56.71 -88.27
CA LEU K 211 -38.83 -55.98 -88.38
C LEU K 211 -38.70 -54.71 -89.20
N TYR K 212 -37.52 -54.07 -89.19
CA TYR K 212 -37.29 -52.92 -90.07
C TYR K 212 -37.41 -53.30 -91.55
N ARG K 213 -36.80 -54.42 -91.94
CA ARG K 213 -36.89 -54.87 -93.33
C ARG K 213 -38.31 -55.27 -93.70
N LYS K 214 -39.04 -55.89 -92.77
CA LYS K 214 -40.43 -56.24 -93.05
C LYS K 214 -41.30 -55.00 -93.24
N LEU K 215 -41.13 -53.98 -92.40
CA LEU K 215 -41.92 -52.76 -92.57
C LEU K 215 -41.48 -51.96 -93.78
N LEU K 216 -40.21 -52.06 -94.18
CA LEU K 216 -39.78 -51.42 -95.43
C LEU K 216 -40.39 -52.12 -96.64
N ALA K 217 -40.53 -53.45 -96.58
CA ALA K 217 -41.22 -54.17 -97.66
C ALA K 217 -42.71 -53.83 -97.68
N MET K 218 -43.31 -53.60 -96.51
CA MET K 218 -44.72 -53.24 -96.45
C MET K 218 -44.97 -51.74 -96.55
N ASN K 219 -43.92 -50.93 -96.76
CA ASN K 219 -44.00 -49.49 -97.05
C ASN K 219 -44.61 -48.70 -95.88
N MET K 220 -43.98 -48.82 -94.71
CA MET K 220 -44.36 -48.05 -93.55
C MET K 220 -43.23 -47.20 -92.97
N VAL K 221 -41.97 -47.48 -93.35
CA VAL K 221 -40.83 -46.67 -92.94
C VAL K 221 -40.20 -46.05 -94.17
N SER K 222 -39.49 -44.96 -93.95
CA SER K 222 -38.77 -44.39 -95.09
C SER K 222 -37.32 -44.85 -95.08
N PRO K 223 -36.72 -45.10 -96.26
CA PRO K 223 -35.31 -45.46 -96.28
C PRO K 223 -34.43 -44.25 -96.01
N PRO K 224 -33.22 -44.45 -95.51
CA PRO K 224 -32.30 -43.32 -95.35
C PRO K 224 -31.76 -42.84 -96.69
N TYR K 225 -31.46 -41.54 -96.76
CA TYR K 225 -30.96 -40.91 -97.97
C TYR K 225 -29.51 -40.48 -97.75
N VAL K 226 -28.67 -40.71 -98.75
CA VAL K 226 -27.24 -40.43 -98.67
C VAL K 226 -26.89 -39.38 -99.72
N SER K 227 -26.23 -38.32 -99.30
CA SER K 227 -25.72 -37.29 -100.20
C SER K 227 -24.20 -37.32 -100.17
N HIS K 228 -23.59 -37.31 -101.35
CA HIS K 228 -22.14 -37.37 -101.48
C HIS K 228 -21.65 -36.15 -102.23
N THR K 229 -20.54 -35.58 -101.73
CA THR K 229 -19.89 -34.43 -102.35
C THR K 229 -18.52 -34.87 -102.85
N ASP K 230 -18.26 -34.62 -104.13
CA ASP K 230 -17.05 -35.09 -104.82
C ASP K 230 -16.12 -33.90 -105.03
N LEU K 231 -15.09 -33.80 -104.21
CA LEU K 231 -14.07 -32.79 -104.44
C LEU K 231 -12.97 -33.35 -105.32
N GLY K 232 -12.21 -32.45 -105.94
CA GLY K 232 -11.14 -32.88 -106.83
C GLY K 232 -9.83 -33.08 -106.09
N VAL K 233 -8.78 -32.42 -106.55
CA VAL K 233 -7.48 -32.46 -105.89
C VAL K 233 -7.40 -31.26 -104.95
N THR K 234 -7.44 -31.53 -103.65
CA THR K 234 -7.47 -30.49 -102.64
C THR K 234 -6.18 -30.50 -101.83
N GLY K 235 -5.91 -29.38 -101.18
CA GLY K 235 -4.76 -29.22 -100.33
C GLY K 235 -3.84 -28.11 -100.80
N ASP K 236 -2.82 -27.85 -99.98
CA ASP K 236 -1.80 -26.86 -100.27
C ASP K 236 -0.54 -27.57 -100.77
N GLY K 237 0.55 -26.82 -100.90
CA GLY K 237 1.79 -27.37 -101.41
C GLY K 237 2.54 -28.29 -100.46
N SER K 238 2.14 -28.34 -99.19
CA SER K 238 2.77 -29.23 -98.23
C SER K 238 2.04 -30.55 -98.04
N GLU K 239 0.78 -30.64 -98.44
CA GLU K 239 0.00 -31.86 -98.30
C GLU K 239 -1.13 -31.83 -99.33
N ILE K 240 -1.29 -32.92 -100.08
CA ILE K 240 -2.34 -33.00 -101.08
C ILE K 240 -3.12 -34.29 -100.91
N HIS K 241 -4.39 -34.24 -101.31
CA HIS K 241 -5.27 -35.40 -101.40
C HIS K 241 -5.80 -35.48 -102.82
N ILE K 242 -5.76 -36.68 -103.40
CA ILE K 242 -6.01 -36.82 -104.84
C ILE K 242 -7.50 -36.79 -105.14
N ASP K 243 -8.27 -37.67 -104.50
CA ASP K 243 -9.71 -37.76 -104.73
C ASP K 243 -10.41 -37.79 -103.38
N ASP K 244 -11.08 -36.69 -103.04
CA ASP K 244 -11.81 -36.57 -101.78
C ASP K 244 -13.30 -36.72 -102.00
N ARG K 245 -13.94 -37.55 -101.17
CA ARG K 245 -15.38 -37.73 -101.21
C ARG K 245 -15.94 -37.66 -99.79
N VAL K 246 -16.95 -36.82 -99.60
CA VAL K 246 -17.56 -36.60 -98.29
C VAL K 246 -18.98 -37.15 -98.37
N LEU K 247 -19.30 -38.12 -97.53
CA LEU K 247 -20.62 -38.73 -97.53
C LEU K 247 -21.37 -38.35 -96.25
N ARG K 248 -22.63 -38.00 -96.40
CA ARG K 248 -23.43 -37.55 -95.27
C ARG K 248 -24.86 -38.03 -95.47
N ILE K 249 -25.47 -38.55 -94.43
CA ILE K 249 -26.87 -38.90 -94.52
C ILE K 249 -27.71 -37.74 -93.96
N THR K 250 -28.74 -37.36 -94.72
CA THR K 250 -29.52 -36.17 -94.41
C THR K 250 -30.91 -36.48 -93.89
N ALA K 251 -31.49 -37.62 -94.24
CA ALA K 251 -32.81 -38.02 -93.77
C ALA K 251 -32.69 -39.35 -93.04
N LEU K 252 -33.03 -39.35 -91.75
CA LEU K 252 -33.06 -40.57 -90.97
C LEU K 252 -34.32 -41.37 -91.32
N PRO K 253 -34.30 -42.69 -91.14
CA PRO K 253 -35.53 -43.47 -91.31
C PRO K 253 -36.58 -43.10 -90.27
N GLU K 254 -37.84 -43.11 -90.70
CA GLU K 254 -38.94 -42.76 -89.80
C GLU K 254 -40.21 -43.46 -90.25
N LEU K 255 -41.12 -43.64 -89.29
CA LEU K 255 -42.45 -44.17 -89.54
C LEU K 255 -43.30 -43.15 -90.28
N ASN K 256 -44.19 -43.63 -91.14
CA ASN K 256 -45.15 -42.74 -91.77
C ASN K 256 -46.54 -42.89 -91.17
N VAL K 257 -47.30 -41.79 -91.20
CA VAL K 257 -48.65 -41.77 -90.64
C VAL K 257 -49.73 -41.73 -91.72
N ASN K 258 -49.36 -41.68 -93.00
CA ASN K 258 -50.32 -41.66 -94.10
C ASN K 258 -50.67 -43.11 -94.44
N SER K 259 -51.80 -43.59 -93.93
CA SER K 259 -52.19 -44.98 -94.11
C SER K 259 -52.72 -45.28 -95.51
N ALA K 260 -52.97 -44.27 -96.34
CA ALA K 260 -53.49 -44.51 -97.67
C ALA K 260 -52.42 -44.99 -98.64
N GLU K 261 -51.14 -44.88 -98.28
CA GLU K 261 -50.04 -45.29 -99.14
C GLU K 261 -49.42 -46.62 -98.73
N TRP K 262 -49.99 -47.32 -97.76
CA TRP K 262 -49.46 -48.61 -97.35
C TRP K 262 -49.81 -49.69 -98.37
N ARG K 263 -48.97 -50.71 -98.45
CA ARG K 263 -49.13 -51.79 -99.42
C ARG K 263 -49.27 -53.12 -98.68
N ALA K 264 -50.32 -53.86 -99.01
CA ALA K 264 -50.60 -55.13 -98.36
C ALA K 264 -49.96 -56.28 -99.12
N ALA K 265 -49.86 -57.44 -98.44
CA ALA K 265 -49.24 -58.63 -99.01
C ALA K 265 -50.12 -59.84 -98.71
N VAL K 266 -50.54 -60.53 -99.75
CA VAL K 266 -51.33 -61.76 -99.64
C VAL K 266 -50.50 -62.89 -100.22
N ALA K 267 -50.22 -63.91 -99.41
CA ALA K 267 -49.34 -65.01 -99.78
C ALA K 267 -50.18 -66.21 -100.21
N LYS K 268 -49.96 -66.69 -101.42
CA LYS K 268 -50.66 -67.87 -101.91
C LYS K 268 -49.95 -69.15 -101.49
N LYS L 24 -39.97 -104.84 -70.04
CA LYS L 24 -39.27 -103.56 -69.96
C LYS L 24 -39.95 -102.52 -70.83
N PHE L 25 -40.00 -101.28 -70.35
CA PHE L 25 -40.64 -100.17 -71.05
C PHE L 25 -39.59 -99.14 -71.42
N LYS L 26 -39.56 -98.75 -72.69
CA LYS L 26 -38.57 -97.80 -73.19
C LYS L 26 -39.14 -97.09 -74.41
N LYS L 27 -38.64 -95.88 -74.66
CA LYS L 27 -38.99 -95.07 -75.81
C LYS L 27 -37.72 -94.73 -76.59
N PRO L 28 -37.78 -94.71 -77.93
CA PRO L 28 -36.55 -94.88 -78.75
C PRO L 28 -35.53 -93.76 -78.64
N PRO L 29 -35.90 -92.41 -78.61
CA PRO L 29 -34.80 -91.43 -78.51
C PRO L 29 -34.17 -91.36 -77.13
N ILE L 30 -32.97 -91.93 -76.99
CA ILE L 30 -32.15 -91.80 -75.79
C ILE L 30 -30.79 -91.29 -76.25
N ASN L 31 -30.61 -89.98 -76.23
CA ASN L 31 -29.39 -89.36 -76.72
C ASN L 31 -28.47 -89.02 -75.55
N ASN L 32 -27.39 -88.29 -75.86
CA ASN L 32 -26.50 -87.78 -74.83
C ASN L 32 -27.20 -86.72 -74.00
N PRO L 33 -26.80 -86.53 -72.73
CA PRO L 33 -27.41 -85.47 -71.91
C PRO L 33 -27.12 -84.07 -72.45
N SER L 34 -28.09 -83.18 -72.24
CA SER L 34 -28.08 -81.85 -72.83
C SER L 34 -27.71 -80.80 -71.79
N ASP L 35 -27.40 -79.61 -72.28
CA ASP L 35 -27.05 -78.47 -71.45
C ASP L 35 -28.11 -77.38 -71.61
N ASP L 36 -28.42 -76.71 -70.49
CA ASP L 36 -29.48 -75.71 -70.49
C ASP L 36 -29.11 -74.48 -71.28
N ALA L 37 -27.81 -74.18 -71.41
CA ALA L 37 -27.35 -73.12 -72.28
C ALA L 37 -27.69 -73.41 -73.74
N THR L 38 -27.45 -74.64 -74.18
CA THR L 38 -27.82 -75.05 -75.53
C THR L 38 -29.34 -75.08 -75.71
N ILE L 39 -30.07 -75.43 -74.65
CA ILE L 39 -31.54 -75.41 -74.70
C ILE L 39 -32.05 -73.99 -74.92
N LYS L 40 -31.49 -73.02 -74.19
CA LYS L 40 -31.88 -71.62 -74.34
C LYS L 40 -31.49 -71.06 -75.71
N LEU L 41 -30.31 -71.44 -76.21
CA LEU L 41 -29.88 -70.99 -77.54
C LEU L 41 -30.79 -71.55 -78.64
N ALA L 42 -31.20 -72.82 -78.52
CA ALA L 42 -32.13 -73.40 -79.47
C ALA L 42 -33.51 -72.73 -79.40
N GLU L 43 -33.94 -72.40 -78.18
CA GLU L 43 -35.22 -71.72 -77.99
C GLU L 43 -35.22 -70.34 -78.63
N ALA L 44 -34.11 -69.61 -78.56
CA ALA L 44 -34.01 -68.34 -79.26
C ALA L 44 -33.94 -68.54 -80.78
N ALA L 45 -33.19 -69.57 -81.22
CA ALA L 45 -32.92 -69.75 -82.64
C ALA L 45 -34.15 -70.18 -83.43
N VAL L 46 -35.07 -70.93 -82.81
CA VAL L 46 -36.31 -71.31 -83.49
C VAL L 46 -37.17 -70.08 -83.81
N SER L 47 -37.27 -69.15 -82.85
CA SER L 47 -38.03 -67.93 -83.07
C SER L 47 -37.36 -67.02 -84.09
N VAL L 48 -36.03 -66.96 -84.08
CA VAL L 48 -35.30 -66.25 -85.14
C VAL L 48 -35.58 -66.86 -86.51
N SER L 49 -35.62 -68.20 -86.57
CA SER L 49 -35.80 -68.90 -87.84
C SER L 49 -37.19 -68.66 -88.42
N ASP L 50 -38.26 -68.75 -87.61
CA ASP L 50 -39.56 -68.55 -88.23
C ASP L 50 -39.91 -67.08 -88.41
N SER L 51 -39.27 -66.15 -87.67
CA SER L 51 -39.36 -64.74 -88.02
C SER L 51 -38.73 -64.46 -89.38
N MET L 52 -37.57 -65.05 -89.66
CA MET L 52 -36.96 -64.94 -90.98
C MET L 52 -37.82 -65.58 -92.07
N LEU L 53 -38.48 -66.70 -91.73
CA LEU L 53 -39.37 -67.36 -92.69
C LEU L 53 -40.54 -66.46 -93.08
N GLU L 54 -41.17 -65.82 -92.08
CA GLU L 54 -42.27 -64.90 -92.36
C GLU L 54 -41.82 -63.68 -93.18
N MET L 55 -40.66 -63.11 -92.82
CA MET L 55 -40.19 -61.91 -93.51
C MET L 55 -39.75 -62.23 -94.95
N ALA L 56 -39.14 -63.39 -95.15
CA ALA L 56 -38.76 -63.82 -96.50
C ALA L 56 -39.99 -64.09 -97.36
N LYS L 57 -41.03 -64.68 -96.76
CA LYS L 57 -42.29 -64.88 -97.49
C LYS L 57 -42.92 -63.55 -97.89
N VAL L 58 -42.89 -62.56 -96.99
CA VAL L 58 -43.46 -61.24 -97.27
C VAL L 58 -42.71 -60.56 -98.41
N GLU L 59 -41.37 -60.58 -98.38
CA GLU L 59 -40.62 -59.95 -99.46
C GLU L 59 -40.74 -60.69 -100.79
N LYS L 60 -40.81 -62.03 -100.76
CA LYS L 60 -40.99 -62.79 -101.99
C LYS L 60 -42.36 -62.52 -102.61
N VAL L 61 -43.39 -62.33 -101.78
CA VAL L 61 -44.72 -61.99 -102.28
C VAL L 61 -44.72 -60.57 -102.85
N ILE L 62 -44.08 -59.62 -102.16
CA ILE L 62 -44.14 -58.22 -102.59
C ILE L 62 -43.34 -58.01 -103.88
N THR L 63 -42.09 -58.46 -103.92
CA THR L 63 -41.23 -58.24 -105.08
C THR L 63 -40.87 -59.57 -105.72
N PRO L 64 -41.53 -59.96 -106.81
CA PRO L 64 -41.16 -61.21 -107.50
C PRO L 64 -39.93 -61.01 -108.37
N PRO L 65 -38.90 -61.83 -108.18
CA PRO L 65 -37.72 -61.74 -109.06
C PRO L 65 -38.01 -62.25 -110.45
N SER L 66 -37.25 -61.75 -111.42
CA SER L 66 -37.47 -62.10 -112.82
C SER L 66 -36.22 -62.57 -113.55
N LYS L 67 -35.03 -62.40 -112.98
CA LYS L 67 -33.79 -62.77 -113.65
C LYS L 67 -32.93 -63.63 -112.74
N ASP L 68 -32.11 -64.47 -113.35
CA ASP L 68 -31.23 -65.40 -112.65
C ASP L 68 -29.81 -65.21 -113.16
N ASN L 69 -28.84 -65.46 -112.28
CA ASN L 69 -27.43 -65.24 -112.61
C ASN L 69 -26.80 -66.41 -113.39
N THR L 70 -27.60 -67.33 -113.90
CA THR L 70 -27.10 -68.39 -114.77
C THR L 70 -26.58 -67.81 -116.09
N LEU L 71 -27.23 -66.75 -116.58
CA LEU L 71 -26.77 -66.09 -117.81
C LEU L 71 -25.44 -65.40 -117.61
N THR L 72 -25.24 -64.75 -116.46
CA THR L 72 -23.96 -64.07 -116.21
C THR L 72 -22.86 -65.05 -115.85
N ILE L 73 -23.19 -66.13 -115.14
CA ILE L 73 -22.21 -67.16 -114.76
C ILE L 73 -22.66 -68.49 -115.35
N PRO L 74 -22.27 -68.81 -116.58
CA PRO L 74 -22.60 -70.12 -117.14
C PRO L 74 -21.58 -71.17 -116.72
N ASN L 75 -21.93 -72.43 -116.94
CA ASN L 75 -21.04 -73.54 -116.65
C ASN L 75 -20.30 -74.01 -117.89
N ALA L 76 -19.24 -74.78 -117.65
CA ALA L 76 -18.38 -75.28 -118.72
C ALA L 76 -17.64 -76.51 -118.20
N TYR L 77 -16.96 -77.19 -119.12
CA TYR L 77 -16.06 -78.27 -118.73
C TYR L 77 -14.88 -77.70 -117.97
N ASN L 78 -14.39 -78.47 -116.99
CA ASN L 78 -13.39 -78.25 -115.91
C ASN L 78 -13.90 -77.27 -114.85
N LEU L 79 -15.12 -76.76 -114.97
CA LEU L 79 -15.82 -76.11 -113.88
C LEU L 79 -16.66 -77.09 -113.08
N GLN L 80 -16.62 -78.37 -113.43
CA GLN L 80 -17.39 -79.41 -112.75
C GLN L 80 -16.57 -80.18 -111.73
N ALA L 81 -15.34 -79.78 -111.46
CA ALA L 81 -14.63 -80.28 -110.30
C ALA L 81 -15.27 -79.73 -109.04
N ARG L 82 -15.19 -80.48 -107.96
CA ARG L 82 -16.03 -80.15 -106.81
C ARG L 82 -15.17 -79.68 -105.64
N ALA L 83 -15.84 -79.08 -104.65
CA ALA L 83 -15.13 -78.51 -103.53
C ALA L 83 -16.00 -78.52 -102.27
N SER L 84 -15.34 -78.67 -101.13
CA SER L 84 -15.95 -78.48 -99.81
C SER L 84 -15.20 -77.34 -99.15
N VAL L 85 -15.93 -76.29 -98.77
CA VAL L 85 -15.32 -75.02 -98.41
C VAL L 85 -15.96 -74.47 -97.13
N ASP L 86 -15.12 -73.92 -96.26
CA ASP L 86 -15.53 -73.22 -95.03
C ASP L 86 -14.65 -71.98 -94.92
N TRP L 87 -15.14 -70.86 -95.45
CA TRP L 87 -14.38 -69.62 -95.53
C TRP L 87 -15.15 -68.48 -94.87
N SER L 88 -14.45 -67.67 -94.09
CA SER L 88 -15.03 -66.57 -93.33
C SER L 88 -14.20 -65.31 -93.46
N GLY L 89 -13.83 -64.95 -94.69
CA GLY L 89 -13.00 -63.79 -94.92
C GLY L 89 -13.41 -62.98 -96.14
N PRO L 90 -12.45 -62.22 -96.69
CA PRO L 90 -12.75 -61.40 -97.88
C PRO L 90 -12.96 -62.24 -99.13
N ILE L 91 -13.55 -61.60 -100.14
CA ILE L 91 -14.05 -62.31 -101.32
C ILE L 91 -12.94 -62.60 -102.34
N GLU L 92 -11.90 -61.75 -102.40
CA GLU L 92 -10.98 -61.77 -103.54
C GLU L 92 -10.04 -62.98 -103.49
N GLU L 93 -9.53 -63.30 -102.30
CA GLU L 93 -8.63 -64.44 -102.16
C GLU L 93 -9.34 -65.76 -102.43
N LEU L 94 -10.57 -65.90 -101.93
CA LEU L 94 -11.36 -67.11 -102.17
C LEU L 94 -11.72 -67.26 -103.65
N THR L 95 -12.09 -66.14 -104.30
CA THR L 95 -12.41 -66.19 -105.72
C THR L 95 -11.18 -66.52 -106.56
N ALA L 96 -10.01 -66.00 -106.16
CA ALA L 96 -8.77 -66.33 -106.85
C ALA L 96 -8.40 -67.80 -106.69
N ARG L 97 -8.62 -68.36 -105.50
CA ARG L 97 -8.36 -69.79 -105.28
C ARG L 97 -9.30 -70.67 -106.11
N ILE L 98 -10.58 -70.28 -106.20
CA ILE L 98 -11.53 -71.02 -107.03
C ILE L 98 -11.14 -70.95 -108.50
N ALA L 99 -10.72 -69.77 -108.98
CA ALA L 99 -10.28 -69.62 -110.36
C ALA L 99 -9.00 -70.41 -110.65
N LYS L 100 -8.07 -70.44 -109.70
CA LYS L 100 -6.83 -71.20 -109.88
C LYS L 100 -7.09 -72.70 -109.89
N ALA L 101 -8.05 -73.16 -109.07
CA ALA L 101 -8.41 -74.58 -109.12
C ALA L 101 -9.20 -74.91 -110.38
N ALA L 102 -9.93 -73.95 -110.94
CA ALA L 102 -10.68 -74.15 -112.17
C ALA L 102 -9.83 -73.87 -113.42
N HIS L 103 -8.56 -73.51 -113.24
CA HIS L 103 -7.59 -73.26 -114.32
C HIS L 103 -8.03 -72.12 -115.23
N PHE L 104 -8.61 -71.09 -114.61
CA PHE L 104 -9.07 -69.90 -115.31
C PHE L 104 -8.24 -68.70 -114.89
N ARG L 105 -8.10 -67.74 -115.79
CA ARG L 105 -7.47 -66.48 -115.44
C ARG L 105 -8.39 -65.67 -114.54
N PHE L 106 -7.79 -64.81 -113.71
CA PHE L 106 -8.53 -64.01 -112.75
C PHE L 106 -8.34 -62.54 -113.07
N ARG L 107 -9.44 -61.79 -113.14
CA ARG L 107 -9.41 -60.38 -113.47
C ARG L 107 -10.24 -59.60 -112.46
N VAL L 108 -9.74 -58.41 -112.09
CA VAL L 108 -10.40 -57.53 -111.14
C VAL L 108 -10.68 -56.20 -111.82
N LEU L 109 -11.93 -55.72 -111.69
CA LEU L 109 -12.34 -54.44 -112.25
C LEU L 109 -12.87 -53.54 -111.14
N GLY L 110 -12.48 -52.27 -111.18
CA GLY L 110 -12.91 -51.30 -110.19
C GLY L 110 -11.97 -51.23 -109.00
N LYS L 111 -12.19 -50.20 -108.19
CA LYS L 111 -11.41 -49.99 -106.98
C LYS L 111 -12.04 -50.74 -105.81
N SER L 112 -11.20 -51.38 -105.01
CA SER L 112 -11.68 -52.05 -103.81
C SER L 112 -12.09 -51.01 -102.77
N PRO L 113 -13.19 -51.23 -102.06
CA PRO L 113 -13.62 -50.26 -101.04
C PRO L 113 -12.73 -50.32 -99.81
N SER L 114 -12.76 -49.23 -99.05
CA SER L 114 -11.96 -49.15 -97.82
C SER L 114 -12.53 -50.06 -96.74
N VAL L 115 -13.86 -50.13 -96.64
CA VAL L 115 -14.51 -51.14 -95.80
C VAL L 115 -14.58 -52.42 -96.62
N PRO L 116 -13.96 -53.51 -96.16
CA PRO L 116 -13.88 -54.72 -97.00
C PRO L 116 -15.22 -55.43 -97.13
N VAL L 117 -15.38 -56.11 -98.26
CA VAL L 117 -16.57 -56.92 -98.53
C VAL L 117 -16.33 -58.30 -97.94
N LEU L 118 -17.04 -58.62 -96.87
CA LEU L 118 -16.86 -59.88 -96.15
C LEU L 118 -17.96 -60.86 -96.54
N ILE L 119 -17.56 -62.11 -96.75
CA ILE L 119 -18.48 -63.19 -97.06
C ILE L 119 -18.24 -64.34 -96.09
N SER L 120 -19.24 -65.20 -95.96
CA SER L 120 -19.16 -66.37 -95.10
C SER L 120 -19.82 -67.54 -95.82
N ILE L 121 -19.01 -68.50 -96.25
CA ILE L 121 -19.47 -69.65 -97.03
C ILE L 121 -19.12 -70.91 -96.27
N SER L 122 -20.10 -71.79 -96.08
CA SER L 122 -19.87 -73.09 -95.43
C SER L 122 -20.71 -74.13 -96.16
N THR L 123 -20.11 -74.78 -97.16
CA THR L 123 -20.80 -75.79 -97.95
C THR L 123 -20.08 -77.13 -97.84
N LYS L 124 -20.57 -78.10 -98.62
CA LYS L 124 -20.01 -79.45 -98.61
C LYS L 124 -20.35 -80.12 -99.94
N ASP L 125 -19.33 -80.38 -100.75
CA ASP L 125 -19.40 -81.19 -101.97
C ASP L 125 -20.39 -80.62 -102.99
N GLU L 126 -20.07 -79.42 -103.50
CA GLU L 126 -20.85 -78.82 -104.55
C GLU L 126 -19.91 -78.20 -105.58
N SER L 127 -20.43 -77.97 -106.77
CA SER L 127 -19.60 -77.61 -107.91
C SER L 127 -19.15 -76.15 -107.83
N LEU L 128 -18.09 -75.85 -108.59
CA LEU L 128 -17.48 -74.52 -108.55
C LEU L 128 -18.38 -73.45 -109.13
N ALA L 129 -19.20 -73.80 -110.13
CA ALA L 129 -20.16 -72.85 -110.68
C ALA L 129 -21.22 -72.46 -109.64
N GLU L 130 -21.70 -73.45 -108.87
CA GLU L 130 -22.64 -73.15 -107.80
C GLU L 130 -21.99 -72.38 -106.67
N ILE L 131 -20.72 -72.65 -106.38
CA ILE L 131 -19.98 -71.88 -105.37
C ILE L 131 -19.86 -70.42 -105.79
N LEU L 132 -19.51 -70.19 -107.06
CA LEU L 132 -19.39 -68.83 -107.59
C LEU L 132 -20.73 -68.13 -107.62
N ARG L 133 -21.81 -68.85 -107.92
CA ARG L 133 -23.15 -68.26 -107.89
C ARG L 133 -23.58 -67.88 -106.48
N ASP L 134 -23.26 -68.71 -105.49
CA ASP L 134 -23.57 -68.38 -104.10
C ASP L 134 -22.76 -67.18 -103.61
N ILE L 135 -21.48 -67.11 -104.00
CA ILE L 135 -20.64 -65.97 -103.65
C ILE L 135 -21.17 -64.69 -104.29
N ASP L 136 -21.59 -64.78 -105.56
CA ASP L 136 -22.12 -63.62 -106.26
C ASP L 136 -23.46 -63.17 -105.66
N TYR L 137 -24.28 -64.12 -105.20
CA TYR L 137 -25.54 -63.76 -104.55
C TYR L 137 -25.31 -63.13 -103.19
N GLN L 138 -24.34 -63.63 -102.42
CA GLN L 138 -24.07 -63.06 -101.11
C GLN L 138 -23.36 -61.71 -101.20
N ALA L 139 -22.61 -61.46 -102.28
CA ALA L 139 -21.94 -60.17 -102.45
C ALA L 139 -22.95 -59.03 -102.59
N GLY L 140 -24.04 -59.26 -103.33
CA GLY L 140 -25.14 -58.32 -103.32
C GLY L 140 -24.87 -57.09 -104.16
N LYS L 141 -25.03 -55.92 -103.54
CA LYS L 141 -24.90 -54.64 -104.23
C LYS L 141 -23.47 -54.13 -104.29
N LYS L 142 -22.51 -54.87 -103.72
CA LYS L 142 -21.13 -54.39 -103.62
C LYS L 142 -20.22 -54.93 -104.71
N ALA L 143 -20.41 -56.18 -105.14
CA ALA L 143 -19.53 -56.77 -106.12
C ALA L 143 -20.31 -57.73 -107.01
N SER L 144 -19.71 -58.06 -108.15
CA SER L 144 -20.34 -58.96 -109.11
C SER L 144 -19.28 -59.89 -109.69
N ILE L 145 -19.73 -61.09 -110.08
CA ILE L 145 -18.87 -62.14 -110.64
C ILE L 145 -19.38 -62.47 -112.04
N HIS L 146 -18.48 -62.47 -113.01
CA HIS L 146 -18.78 -62.87 -114.38
C HIS L 146 -17.79 -63.95 -114.81
N VAL L 147 -18.26 -64.84 -115.69
CA VAL L 147 -17.45 -65.93 -116.19
C VAL L 147 -17.53 -65.93 -117.71
N TYR L 148 -16.38 -65.89 -118.37
CA TYR L 148 -16.29 -65.99 -119.82
C TYR L 148 -15.58 -67.29 -120.17
N PRO L 149 -16.30 -68.32 -120.65
CA PRO L 149 -15.66 -69.61 -120.89
C PRO L 149 -14.85 -69.69 -122.17
N ASN L 150 -15.11 -68.82 -123.14
CA ASN L 150 -14.30 -68.83 -124.36
C ASN L 150 -12.90 -68.29 -124.10
N SER L 151 -12.79 -67.26 -123.26
CA SER L 151 -11.51 -66.73 -122.85
C SER L 151 -10.96 -67.38 -121.58
N GLN L 152 -11.78 -68.21 -120.92
CA GLN L 152 -11.47 -68.87 -119.64
C GLN L 152 -11.08 -67.84 -118.57
N VAL L 153 -11.96 -66.89 -118.35
CA VAL L 153 -11.70 -65.74 -117.49
C VAL L 153 -12.80 -65.62 -116.44
N VAL L 154 -12.41 -65.56 -115.17
CA VAL L 154 -13.31 -65.22 -114.08
C VAL L 154 -13.01 -63.78 -113.69
N GLU L 155 -14.04 -62.93 -113.73
CA GLU L 155 -13.89 -61.51 -113.50
C GLU L 155 -14.71 -61.10 -112.28
N LEU L 156 -14.08 -60.38 -111.36
CA LEU L 156 -14.74 -59.80 -110.20
C LEU L 156 -14.72 -58.30 -110.34
N ARG L 157 -15.89 -57.67 -110.30
CA ARG L 157 -15.99 -56.23 -110.47
C ARG L 157 -16.65 -55.61 -109.23
N TYR L 158 -16.13 -54.46 -108.83
CA TYR L 158 -16.67 -53.72 -107.70
C TYR L 158 -17.70 -52.70 -108.18
N ALA L 159 -18.62 -52.35 -107.29
CA ALA L 159 -19.72 -51.47 -107.65
C ALA L 159 -19.25 -50.02 -107.77
N LYS L 160 -19.96 -49.25 -108.60
CA LYS L 160 -19.69 -47.83 -108.76
C LYS L 160 -20.46 -47.04 -107.69
N ILE L 161 -19.98 -47.19 -106.45
CA ILE L 161 -20.54 -46.53 -105.29
C ILE L 161 -19.37 -45.89 -104.54
N TYR L 162 -19.71 -45.00 -103.59
CA TYR L 162 -18.80 -44.00 -103.00
C TYR L 162 -18.15 -43.17 -104.09
N GLY M 271 -58.66 -33.26 -71.91
CA GLY M 271 -57.78 -34.11 -71.13
C GLY M 271 -57.68 -35.53 -71.65
N ILE M 272 -56.86 -35.71 -72.67
CA ILE M 272 -56.66 -37.04 -73.25
C ILE M 272 -55.82 -37.88 -72.29
N PRO M 273 -56.26 -39.09 -71.94
CA PRO M 273 -55.46 -39.97 -71.08
C PRO M 273 -54.19 -40.44 -71.78
N PRO M 274 -53.16 -40.81 -71.02
CA PRO M 274 -51.95 -41.34 -71.66
C PRO M 274 -52.20 -42.66 -72.37
N SER M 275 -51.42 -42.89 -73.42
CA SER M 275 -51.66 -44.03 -74.31
C SER M 275 -51.31 -45.35 -73.61
N ALA M 276 -50.06 -45.53 -73.24
CA ALA M 276 -49.58 -46.74 -72.59
C ALA M 276 -48.25 -46.42 -71.91
N ASN M 277 -47.57 -47.46 -71.45
CA ASN M 277 -46.16 -47.36 -71.05
C ASN M 277 -45.33 -48.09 -72.08
N ASP M 278 -44.38 -47.40 -72.69
CA ASP M 278 -43.55 -47.99 -73.73
C ASP M 278 -42.50 -48.95 -73.21
N LEU M 279 -42.33 -49.04 -71.88
CA LEU M 279 -41.44 -50.01 -71.28
C LEU M 279 -41.95 -51.44 -71.40
N LEU M 280 -43.27 -51.60 -71.61
CA LEU M 280 -43.84 -52.92 -71.80
C LEU M 280 -43.39 -53.58 -73.11
N LEU M 281 -42.90 -52.81 -74.08
CA LEU M 281 -42.28 -53.40 -75.26
C LEU M 281 -40.99 -54.12 -74.89
N HIS M 282 -40.16 -53.51 -74.05
CA HIS M 282 -38.95 -54.18 -73.56
C HIS M 282 -39.29 -55.34 -72.64
N VAL M 283 -40.38 -55.22 -71.86
CA VAL M 283 -40.85 -56.34 -71.05
C VAL M 283 -41.30 -57.51 -71.93
N LEU M 284 -41.98 -57.20 -73.04
CA LEU M 284 -42.41 -58.22 -74.00
C LEU M 284 -41.21 -58.90 -74.65
N GLU M 285 -40.18 -58.13 -75.00
CA GLU M 285 -38.98 -58.71 -75.59
C GLU M 285 -38.17 -59.50 -74.56
N GLY M 286 -38.30 -59.17 -73.28
CA GLY M 286 -37.60 -59.88 -72.22
C GLY M 286 -36.47 -59.10 -71.59
N VAL M 287 -36.17 -57.91 -72.08
CA VAL M 287 -35.10 -57.10 -71.50
C VAL M 287 -35.64 -56.40 -70.25
N PRO M 288 -34.95 -56.51 -69.11
CA PRO M 288 -35.43 -55.83 -67.90
C PRO M 288 -35.33 -54.33 -68.03
N PRO M 289 -36.17 -53.58 -67.31
CA PRO M 289 -36.03 -52.13 -67.31
C PRO M 289 -34.73 -51.69 -66.66
N PRO M 290 -34.15 -50.58 -67.11
CA PRO M 290 -32.89 -50.12 -66.50
C PRO M 290 -33.11 -49.53 -65.12
N GLY M 291 -32.22 -49.88 -64.20
CA GLY M 291 -32.32 -49.45 -62.82
C GLY M 291 -33.19 -50.33 -61.94
N SER M 292 -33.79 -51.37 -62.50
CA SER M 292 -34.69 -52.25 -61.76
C SER M 292 -33.91 -53.36 -61.07
N ARG M 293 -34.62 -54.11 -60.23
CA ARG M 293 -34.09 -55.29 -59.58
C ARG M 293 -34.98 -56.49 -59.88
N ARG M 294 -34.39 -57.68 -59.80
CA ARG M 294 -35.09 -58.91 -60.14
C ARG M 294 -35.89 -59.43 -58.95
N LEU M 295 -36.99 -60.08 -59.26
CA LEU M 295 -37.80 -60.78 -58.27
C LEU M 295 -37.82 -62.27 -58.60
N VAL M 296 -37.94 -63.08 -57.57
CA VAL M 296 -37.93 -64.54 -57.70
C VAL M 296 -39.38 -65.02 -57.77
N VAL M 297 -39.71 -65.74 -58.84
CA VAL M 297 -41.04 -66.26 -59.08
C VAL M 297 -40.99 -67.78 -59.05
N SER M 298 -41.85 -68.39 -58.25
CA SER M 298 -41.89 -69.84 -58.09
C SER M 298 -43.30 -70.33 -58.36
N GLY M 299 -43.39 -71.56 -58.88
CA GLY M 299 -44.66 -72.20 -59.13
C GLY M 299 -45.11 -72.20 -60.58
N GLY M 300 -44.43 -71.47 -61.45
CA GLY M 300 -44.85 -71.41 -62.85
C GLY M 300 -43.81 -70.67 -63.67
N ASP M 301 -44.11 -70.58 -64.97
CA ASP M 301 -43.20 -69.97 -65.94
C ASP M 301 -43.55 -68.49 -66.07
N ALA M 302 -42.87 -67.66 -65.28
CA ALA M 302 -43.09 -66.22 -65.30
C ALA M 302 -41.84 -65.51 -64.81
N ARG M 303 -41.65 -64.28 -65.29
CA ARG M 303 -40.57 -63.42 -64.85
C ARG M 303 -41.14 -62.10 -64.34
N ALA M 304 -40.46 -61.49 -63.38
CA ALA M 304 -40.96 -60.26 -62.78
C ALA M 304 -39.80 -59.35 -62.42
N TRP M 305 -40.02 -58.05 -62.60
CA TRP M 305 -39.06 -57.02 -62.21
C TRP M 305 -39.77 -55.90 -61.47
N LEU M 306 -39.00 -55.20 -60.62
CA LEU M 306 -39.52 -54.07 -59.85
C LEU M 306 -38.65 -52.86 -60.11
N SER M 307 -39.27 -51.78 -60.60
CA SER M 307 -38.53 -50.56 -60.96
C SER M 307 -38.90 -49.36 -60.11
N ASN M 308 -40.18 -49.00 -60.06
CA ASN M 308 -40.65 -47.80 -59.36
C ASN M 308 -41.82 -48.14 -58.46
N GLU M 309 -41.63 -49.17 -57.62
CA GLU M 309 -42.64 -49.77 -56.75
C GLU M 309 -43.83 -50.29 -57.57
N LYS M 310 -43.54 -50.81 -58.77
CA LYS M 310 -44.50 -51.48 -59.61
C LYS M 310 -43.83 -52.73 -60.17
N MET M 311 -44.59 -53.81 -60.31
CA MET M 311 -44.05 -55.01 -60.94
C MET M 311 -44.32 -54.99 -62.43
N TYR M 312 -43.38 -55.54 -63.19
CA TYR M 312 -43.57 -55.83 -64.60
C TYR M 312 -43.38 -57.34 -64.77
N VAL M 313 -44.41 -57.99 -65.30
CA VAL M 313 -44.50 -59.45 -65.34
C VAL M 313 -44.54 -59.89 -66.80
N ARG M 314 -43.68 -60.84 -67.14
CA ARG M 314 -43.64 -61.45 -68.46
C ARG M 314 -44.00 -62.92 -68.31
N THR M 315 -45.14 -63.32 -68.89
CA THR M 315 -45.63 -64.68 -68.84
C THR M 315 -46.64 -64.88 -69.96
N ASN M 316 -46.97 -66.14 -70.23
CA ASN M 316 -48.03 -66.48 -71.17
C ASN M 316 -49.26 -67.06 -70.49
N LEU M 317 -49.36 -66.93 -69.17
CA LEU M 317 -50.55 -67.33 -68.42
C LEU M 317 -51.53 -66.16 -68.35
N THR M 318 -52.69 -66.40 -67.73
CA THR M 318 -53.72 -65.39 -67.57
C THR M 318 -53.84 -65.02 -66.11
N ILE M 319 -53.62 -63.74 -65.79
CA ILE M 319 -53.69 -63.25 -64.42
C ILE M 319 -55.15 -62.99 -64.06
N LEU M 320 -55.60 -63.56 -62.95
CA LEU M 320 -57.02 -63.54 -62.60
C LEU M 320 -57.35 -62.58 -61.47
N SER M 321 -56.77 -62.77 -60.28
CA SER M 321 -57.22 -62.00 -59.11
C SER M 321 -56.66 -60.59 -58.89
N PRO M 322 -55.33 -60.34 -58.88
CA PRO M 322 -54.85 -59.10 -58.24
C PRO M 322 -55.10 -57.82 -59.03
N GLY M 323 -55.36 -57.89 -60.33
CA GLY M 323 -55.64 -56.69 -61.09
C GLY M 323 -54.40 -55.96 -61.57
N TRP M 324 -54.39 -55.60 -62.85
CA TRP M 324 -53.24 -54.94 -63.45
C TRP M 324 -53.64 -53.57 -63.99
N LEU M 325 -52.64 -52.71 -64.17
CA LEU M 325 -52.87 -51.35 -64.64
C LEU M 325 -52.76 -51.22 -66.16
N ALA M 326 -51.74 -51.82 -66.77
CA ALA M 326 -51.59 -51.74 -68.21
C ALA M 326 -51.22 -53.11 -68.76
N SER M 327 -51.53 -53.33 -70.04
CA SER M 327 -51.28 -54.64 -70.64
C SER M 327 -50.95 -54.52 -72.12
N MET M 328 -50.02 -55.38 -72.55
CA MET M 328 -49.64 -55.54 -73.95
C MET M 328 -49.53 -57.02 -74.29
N THR M 329 -49.64 -57.33 -75.57
CA THR M 329 -49.56 -58.70 -76.06
C THR M 329 -48.62 -58.74 -77.27
N SER M 330 -47.82 -59.80 -77.37
CA SER M 330 -46.91 -59.97 -78.49
C SER M 330 -47.59 -60.78 -79.59
N ALA M 331 -46.82 -61.07 -80.65
CA ALA M 331 -47.37 -61.78 -81.81
C ALA M 331 -47.55 -63.26 -81.55
N ASP M 332 -46.70 -63.87 -80.74
CA ASP M 332 -46.75 -65.31 -80.50
C ASP M 332 -47.58 -65.70 -79.28
N GLY M 333 -48.18 -64.74 -78.59
CA GLY M 333 -49.04 -65.04 -77.46
C GLY M 333 -48.44 -64.79 -76.10
N THR M 334 -47.44 -63.92 -75.97
CA THR M 334 -46.84 -63.58 -74.69
C THR M 334 -47.46 -62.29 -74.17
N HIS M 335 -47.76 -62.27 -72.88
CA HIS M 335 -48.40 -61.12 -72.26
C HIS M 335 -47.40 -60.34 -71.42
N ALA M 336 -47.59 -59.02 -71.36
CA ALA M 336 -46.82 -58.14 -70.50
C ALA M 336 -47.78 -57.28 -69.70
N TYR M 337 -47.57 -57.23 -68.38
CA TYR M 337 -48.46 -56.54 -67.46
C TYR M 337 -47.69 -55.49 -66.67
N GLU M 338 -48.35 -54.38 -66.39
CA GLU M 338 -47.88 -53.40 -65.41
C GLU M 338 -48.93 -53.30 -64.32
N MET M 339 -48.49 -53.46 -63.06
CA MET M 339 -49.39 -53.56 -61.93
C MET M 339 -48.65 -53.14 -60.67
N GLN M 340 -49.39 -53.07 -59.56
CA GLN M 340 -48.81 -52.76 -58.26
C GLN M 340 -48.21 -54.03 -57.64
N LYS M 341 -47.36 -53.84 -56.63
CA LYS M 341 -46.66 -54.96 -56.02
C LYS M 341 -47.57 -55.80 -55.15
N SER M 342 -47.32 -57.10 -55.12
CA SER M 342 -48.07 -58.09 -54.36
C SER M 342 -47.24 -59.36 -54.28
N PRO M 343 -47.24 -60.07 -53.16
CA PRO M 343 -46.45 -61.30 -53.04
C PRO M 343 -47.12 -62.56 -53.58
N VAL M 344 -48.29 -62.46 -54.20
CA VAL M 344 -49.02 -63.63 -54.69
C VAL M 344 -49.72 -63.26 -55.99
N LEU M 345 -49.79 -64.22 -56.91
CA LEU M 345 -50.54 -64.07 -58.14
C LEU M 345 -51.45 -65.27 -58.32
N LEU M 346 -52.68 -65.02 -58.79
CA LEU M 346 -53.62 -66.08 -59.10
C LEU M 346 -53.72 -66.21 -60.61
N VAL M 347 -53.45 -67.41 -61.13
CA VAL M 347 -53.36 -67.62 -62.56
C VAL M 347 -54.22 -68.82 -62.96
N SER M 348 -54.57 -68.86 -64.25
CA SER M 348 -55.23 -70.00 -64.85
C SER M 348 -54.28 -70.62 -65.88
N TRP M 349 -54.03 -71.92 -65.76
CA TRP M 349 -53.03 -72.56 -66.58
C TRP M 349 -53.62 -73.16 -67.87
N HIS M 350 -54.51 -74.13 -67.72
CA HIS M 350 -55.20 -74.75 -68.86
C HIS M 350 -56.65 -75.01 -68.49
N GLY M 351 -57.27 -74.02 -67.86
CA GLY M 351 -58.58 -74.19 -67.27
C GLY M 351 -58.55 -74.51 -65.78
N LYS M 352 -57.38 -74.52 -65.17
CA LYS M 352 -57.22 -74.84 -63.75
C LYS M 352 -56.57 -73.64 -63.06
N VAL M 353 -57.09 -73.28 -61.90
CA VAL M 353 -56.68 -72.09 -61.17
C VAL M 353 -55.63 -72.48 -60.14
N MET M 354 -54.51 -71.75 -60.12
CA MET M 354 -53.43 -72.00 -59.17
C MET M 354 -52.77 -70.68 -58.81
N GLN M 355 -51.70 -70.76 -58.01
CA GLN M 355 -51.06 -69.58 -57.44
C GLN M 355 -49.57 -69.58 -57.74
N LEU M 356 -49.02 -68.37 -57.87
CA LEU M 356 -47.60 -68.13 -58.06
C LEU M 356 -47.08 -67.27 -56.92
N LYS M 357 -45.91 -67.61 -56.42
CA LYS M 357 -45.30 -66.94 -55.29
C LYS M 357 -44.22 -65.98 -55.76
N VAL M 358 -44.29 -64.73 -55.29
CA VAL M 358 -43.34 -63.68 -55.66
C VAL M 358 -42.56 -63.27 -54.43
N GLU M 359 -41.24 -63.38 -54.52
CA GLU M 359 -40.34 -63.06 -53.41
C GLU M 359 -39.41 -61.92 -53.80
N GLY M 360 -38.66 -61.44 -52.82
CA GLY M 360 -37.70 -60.38 -53.04
C GLY M 360 -38.28 -58.98 -53.08
N LEU M 361 -39.51 -58.79 -52.62
CA LEU M 361 -40.13 -57.46 -52.62
C LEU M 361 -39.55 -56.58 -51.53
N LYS N 40 1.77 -69.10 -69.94
CA LYS N 40 0.32 -69.07 -70.14
C LYS N 40 0.00 -69.22 -71.63
N LEU N 41 0.87 -68.68 -72.47
CA LEU N 41 0.72 -68.83 -73.91
C LEU N 41 1.05 -70.27 -74.32
N PRO N 42 0.43 -70.76 -75.40
CA PRO N 42 0.79 -72.09 -75.91
C PRO N 42 2.20 -72.11 -76.48
N CYS N 43 2.85 -73.26 -76.37
CA CYS N 43 4.24 -73.42 -76.79
C CYS N 43 4.39 -74.15 -78.11
N ARG N 44 3.32 -74.74 -78.64
CA ARG N 44 3.38 -75.48 -79.89
C ARG N 44 1.97 -75.55 -80.48
N VAL N 45 1.90 -76.06 -81.71
CA VAL N 45 0.61 -76.39 -82.30
C VAL N 45 0.04 -77.61 -81.57
N ASP N 46 -1.21 -77.49 -81.13
CA ASP N 46 -1.80 -78.52 -80.29
C ASP N 46 -2.07 -79.82 -81.05
N GLY N 47 -1.87 -80.94 -80.37
CA GLY N 47 -2.03 -82.25 -80.98
C GLY N 47 -0.99 -82.59 -82.02
N ALA N 48 0.18 -81.95 -82.00
CA ALA N 48 1.19 -82.13 -83.03
C ALA N 48 2.55 -82.37 -82.39
N CYS N 49 3.33 -83.26 -83.00
CA CYS N 49 4.68 -83.54 -82.55
C CYS N 49 5.51 -83.98 -83.75
N ASP N 50 6.77 -83.49 -83.80
CA ASP N 50 7.65 -83.82 -84.90
C ASP N 50 8.05 -85.29 -84.90
N ALA N 51 8.26 -85.85 -83.70
CA ALA N 51 8.57 -87.27 -83.57
C ALA N 51 7.40 -88.14 -84.03
N THR N 52 6.17 -87.71 -83.71
CA THR N 52 4.97 -88.40 -84.16
C THR N 52 4.81 -88.30 -85.68
N ILE N 53 5.15 -87.15 -86.27
CA ILE N 53 5.11 -86.97 -87.72
C ILE N 53 6.08 -87.90 -88.41
N ILE N 54 7.32 -87.98 -87.89
CA ILE N 54 8.33 -88.89 -88.43
C ILE N 54 7.89 -90.34 -88.29
N LYS N 55 7.25 -90.68 -87.16
CA LYS N 55 6.80 -92.05 -86.92
C LYS N 55 5.70 -92.47 -87.89
N MET N 56 4.72 -91.59 -88.13
CA MET N 56 3.68 -91.93 -89.11
C MET N 56 4.21 -91.93 -90.54
N MET N 57 5.16 -91.06 -90.89
CA MET N 57 5.75 -91.12 -92.23
C MET N 57 6.50 -92.43 -92.44
N THR N 58 7.27 -92.85 -91.43
CA THR N 58 8.03 -94.10 -91.51
C THR N 58 7.09 -95.31 -91.60
N ASP N 59 6.01 -95.29 -90.81
CA ASP N 59 5.05 -96.40 -90.82
C ASP N 59 4.29 -96.48 -92.14
N LEU N 60 3.88 -95.34 -92.69
CA LEU N 60 3.15 -95.34 -93.96
C LEU N 60 4.04 -95.75 -95.12
N ASN N 61 5.29 -95.28 -95.14
CA ASN N 61 6.22 -95.69 -96.19
C ASN N 61 6.65 -97.14 -96.04
N LYS N 62 6.64 -97.66 -94.82
CA LYS N 62 6.94 -99.08 -94.62
C LYS N 62 5.79 -99.96 -95.08
N LYS N 63 4.55 -99.54 -94.82
CA LYS N 63 3.42 -100.38 -95.20
C LYS N 63 3.18 -100.32 -96.71
N GLY N 64 3.30 -99.14 -97.32
CA GLY N 64 3.19 -99.07 -98.77
C GLY N 64 2.49 -97.85 -99.35
N ILE N 65 2.03 -96.95 -98.49
CA ILE N 65 1.46 -95.69 -98.94
C ILE N 65 2.59 -94.68 -99.11
N LYS N 66 2.67 -94.05 -100.28
CA LYS N 66 3.84 -93.22 -100.57
C LYS N 66 3.63 -91.82 -100.02
N VAL N 67 4.54 -91.39 -99.14
CA VAL N 67 4.52 -90.04 -98.58
C VAL N 67 5.79 -89.34 -99.04
N ALA N 68 5.63 -88.19 -99.69
CA ALA N 68 6.75 -87.44 -100.22
C ALA N 68 6.65 -85.98 -99.81
N SER N 69 7.80 -85.35 -99.62
CA SER N 69 7.88 -83.95 -99.22
C SER N 69 9.03 -83.28 -99.94
N VAL N 70 8.72 -82.28 -100.77
CA VAL N 70 9.71 -81.47 -101.47
C VAL N 70 9.43 -80.02 -101.14
N GLY N 71 10.36 -79.36 -100.47
CA GLY N 71 10.15 -78.00 -100.01
C GLY N 71 9.11 -77.94 -98.89
N GLN N 72 7.99 -77.27 -99.16
CA GLN N 72 6.86 -77.25 -98.24
C GLN N 72 5.64 -77.95 -98.82
N ASN N 73 5.78 -78.66 -99.94
CA ASN N 73 4.69 -79.39 -100.55
C ASN N 73 4.73 -80.84 -100.11
N TYR N 74 3.55 -81.39 -99.79
CA TYR N 74 3.43 -82.75 -99.31
C TYR N 74 2.46 -83.52 -100.20
N LEU N 75 2.83 -84.77 -100.49
CA LEU N 75 2.09 -85.64 -101.40
C LEU N 75 1.88 -87.00 -100.74
N ILE N 76 0.64 -87.49 -100.80
CA ILE N 76 0.30 -88.84 -100.35
C ILE N 76 -0.31 -89.58 -101.52
N SER N 77 0.31 -90.68 -101.91
CA SER N 77 -0.13 -91.50 -103.03
C SER N 77 -0.60 -92.85 -102.53
N ILE N 78 -1.84 -93.22 -102.86
CA ILE N 78 -2.47 -94.45 -102.40
C ILE N 78 -2.88 -95.26 -103.61
N PRO N 79 -2.56 -96.55 -103.67
CA PRO N 79 -3.11 -97.41 -104.73
C PRO N 79 -4.60 -97.62 -104.56
N ALA N 80 -5.29 -97.77 -105.69
CA ALA N 80 -6.74 -97.92 -105.67
C ALA N 80 -7.19 -99.29 -105.18
N SER N 81 -6.31 -100.30 -105.24
CA SER N 81 -6.68 -101.63 -104.78
C SER N 81 -6.75 -101.71 -103.27
N ALA N 82 -6.03 -100.85 -102.57
CA ALA N 82 -6.07 -100.82 -101.11
C ALA N 82 -7.26 -100.05 -100.56
N LEU N 83 -8.03 -99.38 -101.42
CA LEU N 83 -9.19 -98.60 -100.99
C LEU N 83 -10.50 -99.12 -101.55
N PHE N 84 -10.57 -99.35 -102.86
CA PHE N 84 -11.83 -99.65 -103.52
C PHE N 84 -11.85 -101.10 -103.99
N ALA N 85 -13.01 -101.50 -104.52
CA ALA N 85 -13.20 -102.82 -105.10
C ALA N 85 -12.74 -102.80 -106.56
N ASP N 86 -13.09 -103.85 -107.31
CA ASP N 86 -12.67 -103.95 -108.70
C ASP N 86 -13.47 -103.00 -109.59
N GLN N 87 -12.92 -101.79 -109.80
CA GLN N 87 -13.43 -100.79 -110.75
C GLN N 87 -14.85 -100.34 -110.42
N SER N 88 -15.12 -100.20 -109.11
CA SER N 88 -16.39 -99.71 -108.61
C SER N 88 -16.12 -98.67 -107.54
N PRO N 89 -17.01 -97.65 -107.39
CA PRO N 89 -16.81 -96.61 -106.37
C PRO N 89 -17.39 -96.99 -105.00
N ARG N 90 -17.07 -98.20 -104.54
CA ARG N 90 -17.53 -98.72 -103.26
C ARG N 90 -16.32 -99.05 -102.40
N LEU N 91 -16.24 -98.40 -101.24
CA LEU N 91 -15.14 -98.67 -100.32
C LEU N 91 -15.32 -100.02 -99.64
N ASN N 92 -14.21 -100.70 -99.40
CA ASN N 92 -14.23 -101.87 -98.53
C ASN N 92 -14.38 -101.43 -97.07
N TRP N 93 -14.83 -102.36 -96.24
CA TRP N 93 -15.03 -102.04 -94.83
C TRP N 93 -13.71 -101.96 -94.07
N ALA N 94 -12.65 -102.60 -94.57
CA ALA N 94 -11.37 -102.62 -93.88
C ALA N 94 -10.46 -101.45 -94.26
N SER N 95 -10.84 -100.64 -95.25
CA SER N 95 -10.04 -99.49 -95.65
C SER N 95 -10.28 -98.27 -94.76
N TYR N 96 -11.26 -98.34 -93.86
CA TYR N 96 -11.53 -97.21 -92.98
C TYR N 96 -10.43 -97.05 -91.93
N SER N 97 -9.71 -98.12 -91.59
CA SER N 97 -8.53 -97.99 -90.75
C SER N 97 -7.42 -97.22 -91.45
N LEU N 98 -7.22 -97.48 -92.74
CA LEU N 98 -6.26 -96.70 -93.53
C LEU N 98 -6.68 -95.24 -93.65
N LEU N 99 -7.98 -95.00 -93.84
CA LEU N 99 -8.47 -93.62 -93.93
C LEU N 99 -8.34 -92.90 -92.59
N ASN N 100 -8.53 -93.62 -91.48
CA ASN N 100 -8.31 -93.05 -90.15
C ASN N 100 -6.83 -92.72 -89.92
N GLU N 101 -5.93 -93.58 -90.41
CA GLU N 101 -4.50 -93.31 -90.30
C GLU N 101 -4.09 -92.09 -91.13
N ILE N 102 -4.67 -91.96 -92.33
CA ILE N 102 -4.39 -90.81 -93.19
C ILE N 102 -4.93 -89.52 -92.56
N ALA N 103 -6.12 -89.59 -91.93
CA ALA N 103 -6.66 -88.43 -91.24
C ALA N 103 -5.83 -88.06 -90.02
N ALA N 104 -5.32 -89.07 -89.29
CA ALA N 104 -4.47 -88.81 -88.13
C ALA N 104 -3.12 -88.20 -88.55
N PHE N 105 -2.62 -88.58 -89.72
CA PHE N 105 -1.43 -87.91 -90.26
C PHE N 105 -1.75 -86.48 -90.69
N LEU N 106 -2.94 -86.26 -91.27
CA LEU N 106 -3.30 -84.95 -91.79
C LEU N 106 -3.62 -83.94 -90.69
N LYS N 107 -4.02 -84.41 -89.49
CA LYS N 107 -4.26 -83.49 -88.38
C LYS N 107 -3.00 -82.88 -87.79
N GLN N 108 -1.81 -83.35 -88.18
CA GLN N 108 -0.56 -82.87 -87.59
C GLN N 108 -0.07 -81.56 -88.19
N PHE N 109 -0.68 -81.08 -89.26
CA PHE N 109 -0.20 -79.89 -89.96
C PHE N 109 -1.25 -78.80 -89.95
N ARG N 110 -0.82 -77.60 -90.33
CA ARG N 110 -1.70 -76.45 -90.54
C ARG N 110 -1.71 -76.13 -92.02
N LYS N 111 -2.91 -75.94 -92.57
CA LYS N 111 -3.06 -75.90 -94.02
C LYS N 111 -4.33 -75.13 -94.37
N ILE N 112 -4.43 -74.76 -95.65
CA ILE N 112 -5.56 -73.99 -96.16
C ILE N 112 -6.37 -74.79 -97.16
N ALA N 113 -5.70 -75.42 -98.13
CA ALA N 113 -6.38 -76.16 -99.19
C ALA N 113 -5.74 -77.52 -99.37
N ILE N 114 -6.59 -78.51 -99.66
CA ILE N 114 -6.18 -79.87 -99.98
C ILE N 114 -6.69 -80.19 -101.37
N THR N 115 -5.91 -80.92 -102.17
CA THR N 115 -6.34 -81.37 -103.48
C THR N 115 -6.36 -82.90 -103.50
N VAL N 116 -7.49 -83.47 -103.92
CA VAL N 116 -7.65 -84.91 -104.07
C VAL N 116 -7.94 -85.18 -105.55
N THR N 117 -7.06 -85.98 -106.17
CA THR N 117 -7.15 -86.25 -107.60
C THR N 117 -7.10 -87.75 -107.82
N SER N 118 -8.00 -88.27 -108.64
CA SER N 118 -8.10 -89.71 -108.87
C SER N 118 -7.69 -90.05 -110.30
N TYR N 119 -7.01 -91.19 -110.45
CA TYR N 119 -6.58 -91.72 -111.74
C TYR N 119 -6.92 -93.19 -111.83
N SER N 120 -7.34 -93.63 -113.03
CA SER N 120 -7.70 -95.02 -113.26
C SER N 120 -7.11 -95.53 -114.58
N SER N 121 -7.57 -96.70 -115.03
CA SER N 121 -7.09 -97.33 -116.26
C SER N 121 -8.23 -97.44 -117.27
N LYS N 122 -7.88 -97.85 -118.49
CA LYS N 122 -8.84 -97.92 -119.58
C LYS N 122 -9.66 -99.20 -119.49
N TYR N 123 -10.97 -99.05 -119.32
CA TYR N 123 -11.86 -100.21 -119.24
C TYR N 123 -12.86 -100.27 -120.38
N VAL N 124 -13.68 -99.24 -120.58
CA VAL N 124 -14.73 -99.28 -121.60
C VAL N 124 -14.62 -98.03 -122.47
N SER N 125 -14.66 -96.86 -121.83
CA SER N 125 -14.60 -95.59 -122.55
C SER N 125 -14.02 -94.55 -121.60
N VAL N 126 -14.00 -93.29 -122.05
CA VAL N 126 -13.43 -92.23 -121.23
C VAL N 126 -14.47 -91.66 -120.25
N LYS N 127 -15.75 -91.67 -120.63
CA LYS N 127 -16.81 -91.12 -119.78
C LYS N 127 -16.98 -91.95 -118.51
N ARG N 128 -16.95 -93.28 -118.64
CA ARG N 128 -17.17 -94.16 -117.51
C ARG N 128 -16.01 -94.07 -116.52
N GLU N 129 -14.78 -93.99 -117.02
CA GLU N 129 -13.63 -93.90 -116.12
C GLU N 129 -13.52 -92.51 -115.49
N ARG N 130 -13.94 -91.45 -116.20
CA ARG N 130 -13.95 -90.12 -115.60
C ARG N 130 -15.00 -90.02 -114.50
N ALA N 131 -16.20 -90.58 -114.73
CA ALA N 131 -17.22 -90.61 -113.70
C ALA N 131 -16.81 -91.47 -112.51
N LEU N 132 -16.13 -92.59 -112.78
CA LEU N 132 -15.63 -93.46 -111.71
C LEU N 132 -14.58 -92.75 -110.85
N THR N 133 -13.67 -92.02 -111.48
CA THR N 133 -12.63 -91.32 -110.72
C THR N 133 -13.22 -90.15 -109.93
N LEU N 134 -14.20 -89.45 -110.51
CA LEU N 134 -14.88 -88.38 -109.78
C LEU N 134 -15.64 -88.91 -108.57
N ALA N 135 -16.31 -90.05 -108.73
CA ALA N 135 -17.02 -90.66 -107.60
C ALA N 135 -16.07 -91.14 -106.51
N ARG N 136 -14.93 -91.72 -106.90
CA ARG N 136 -13.93 -92.16 -105.93
C ARG N 136 -13.35 -90.99 -105.14
N SER N 137 -13.02 -89.90 -105.83
CA SER N 137 -12.49 -88.72 -105.15
C SER N 137 -13.54 -88.08 -104.25
N ARG N 138 -14.81 -88.10 -104.68
CA ARG N 138 -15.90 -87.58 -103.86
C ARG N 138 -16.07 -88.37 -102.57
N VAL N 139 -16.02 -89.70 -102.66
CA VAL N 139 -16.19 -90.55 -101.48
C VAL N 139 -15.02 -90.39 -100.51
N VAL N 140 -13.79 -90.36 -101.04
CA VAL N 140 -12.60 -90.24 -100.20
C VAL N 140 -12.58 -88.89 -99.49
N SER N 141 -12.88 -87.80 -100.22
CA SER N 141 -12.89 -86.49 -99.59
C SER N 141 -14.08 -86.30 -98.66
N GLU N 142 -15.19 -86.99 -98.92
CA GLU N 142 -16.32 -86.94 -97.99
C GLU N 142 -15.97 -87.56 -96.65
N TYR N 143 -15.28 -88.72 -96.67
CA TYR N 143 -14.89 -89.31 -95.39
C TYR N 143 -13.80 -88.48 -94.71
N LEU N 144 -12.89 -87.89 -95.49
CA LEU N 144 -11.83 -87.05 -94.93
C LEU N 144 -12.41 -85.78 -94.29
N TRP N 145 -13.41 -85.18 -94.93
CA TRP N 145 -14.07 -84.01 -94.36
C TRP N 145 -14.97 -84.37 -93.18
N SER N 146 -15.53 -85.59 -93.19
CA SER N 146 -16.27 -86.08 -92.02
C SER N 146 -15.36 -86.23 -90.82
N GLN N 147 -14.14 -86.74 -91.03
CA GLN N 147 -13.15 -86.70 -89.97
C GLN N 147 -12.62 -85.28 -89.79
N GLY N 148 -11.94 -85.04 -88.67
CA GLY N 148 -11.64 -83.70 -88.25
C GLY N 148 -10.35 -83.07 -88.74
N VAL N 149 -10.18 -82.98 -90.06
CA VAL N 149 -9.05 -82.23 -90.60
C VAL N 149 -9.40 -80.75 -90.60
N ASP N 150 -8.45 -79.91 -90.18
CA ASP N 150 -8.68 -78.48 -90.02
C ASP N 150 -8.18 -77.71 -91.24
N SER N 151 -8.82 -77.97 -92.37
CA SER N 151 -8.54 -77.27 -93.62
C SER N 151 -9.74 -76.41 -94.01
N ARG N 152 -9.48 -75.41 -94.84
CA ARG N 152 -10.54 -74.51 -95.28
C ARG N 152 -11.22 -75.01 -96.55
N ILE N 153 -10.44 -75.40 -97.56
CA ILE N 153 -10.99 -75.86 -98.84
C ILE N 153 -10.42 -77.24 -99.15
N ILE N 154 -11.27 -78.14 -99.64
CA ILE N 154 -10.85 -79.40 -100.24
C ILE N 154 -11.40 -79.45 -101.65
N PHE N 155 -10.50 -79.56 -102.63
CA PHE N 155 -10.87 -79.68 -104.04
C PHE N 155 -10.78 -81.13 -104.47
N THR N 156 -11.72 -81.54 -105.33
CA THR N 156 -11.78 -82.92 -105.82
C THR N 156 -11.85 -82.91 -107.34
N GLN N 157 -11.00 -83.73 -107.97
CA GLN N 157 -11.07 -83.95 -109.40
C GLN N 157 -10.70 -85.39 -109.73
N GLY N 158 -11.27 -85.88 -110.83
CA GLY N 158 -10.93 -87.19 -111.35
C GLY N 158 -10.51 -87.11 -112.80
N LEU N 159 -9.26 -87.45 -113.10
CA LEU N 159 -8.71 -87.23 -114.42
C LEU N 159 -8.82 -88.44 -115.34
N GLY N 160 -9.36 -89.56 -114.84
CA GLY N 160 -9.49 -90.73 -115.67
C GLY N 160 -8.18 -91.46 -115.88
N SER N 161 -7.74 -91.56 -117.13
CA SER N 161 -6.48 -92.21 -117.46
C SER N 161 -5.61 -91.30 -118.32
N ASP N 162 -5.70 -89.99 -118.10
CA ASP N 162 -4.98 -89.03 -118.93
C ASP N 162 -3.50 -88.94 -118.59
N LYS N 163 -3.13 -89.11 -117.32
CA LYS N 163 -1.76 -88.89 -116.86
C LYS N 163 -1.23 -90.16 -116.18
N PRO N 164 -0.64 -91.07 -116.93
CA PRO N 164 0.00 -92.23 -116.30
C PRO N 164 1.40 -91.91 -115.83
N ILE N 165 1.87 -92.69 -114.84
CA ILE N 165 3.21 -92.56 -114.31
C ILE N 165 4.12 -93.72 -114.69
N THR N 166 3.58 -94.78 -115.30
CA THR N 166 4.34 -95.97 -115.64
C THR N 166 3.87 -96.45 -117.01
N SER N 167 4.83 -96.80 -117.88
CA SER N 167 4.49 -97.30 -119.21
C SER N 167 4.00 -98.74 -119.20
N TYR N 168 4.10 -99.44 -118.07
CA TYR N 168 3.62 -100.81 -117.95
C TYR N 168 2.14 -100.76 -117.60
N THR N 169 1.28 -101.00 -118.60
CA THR N 169 -0.16 -100.82 -118.44
C THR N 169 -0.92 -102.13 -118.67
N LEU N 170 -0.43 -103.22 -118.08
CA LEU N 170 -1.06 -104.53 -118.28
C LEU N 170 -2.11 -104.87 -117.24
N GLY N 171 -2.01 -104.32 -116.03
CA GLY N 171 -2.95 -104.63 -114.99
C GLY N 171 -4.25 -103.83 -115.09
N GLY N 172 -5.14 -104.10 -114.14
CA GLY N 172 -6.40 -103.38 -114.04
C GLY N 172 -6.34 -102.33 -112.95
N ASP N 173 -6.99 -102.60 -111.82
CA ASP N 173 -6.78 -101.77 -110.63
C ASP N 173 -5.49 -102.10 -109.91
N ARG N 174 -4.84 -103.21 -110.24
CA ARG N 174 -3.56 -103.59 -109.68
C ARG N 174 -2.39 -102.92 -110.41
N SER N 175 -2.67 -102.17 -111.48
CA SER N 175 -1.65 -101.42 -112.16
C SER N 175 -1.15 -100.28 -111.27
N PRO N 176 0.15 -99.94 -111.33
CA PRO N 176 0.65 -98.83 -110.50
C PRO N 176 0.12 -97.46 -110.89
N ASN N 177 -0.41 -97.29 -112.10
CA ASN N 177 -0.92 -96.01 -112.54
C ASN N 177 -2.44 -95.85 -112.33
N ALA N 178 -3.00 -96.58 -111.37
CA ALA N 178 -4.39 -96.40 -110.93
C ALA N 178 -4.33 -96.11 -109.44
N ARG N 179 -4.67 -94.87 -109.07
CA ARG N 179 -4.29 -94.37 -107.75
C ARG N 179 -5.18 -93.19 -107.36
N VAL N 180 -5.05 -92.78 -106.10
CA VAL N 180 -5.58 -91.52 -105.61
C VAL N 180 -4.44 -90.74 -104.98
N GLU N 181 -4.44 -89.42 -105.21
CA GLU N 181 -3.36 -88.54 -104.77
C GLU N 181 -3.94 -87.41 -103.94
N ILE N 182 -3.31 -87.15 -102.79
CA ILE N 182 -3.68 -86.08 -101.88
C ILE N 182 -2.49 -85.15 -101.74
N THR N 183 -2.63 -83.92 -102.23
CA THR N 183 -1.54 -82.95 -102.23
C THR N 183 -1.93 -81.73 -101.41
N PHE N 184 -0.96 -81.17 -100.67
CA PHE N 184 -1.18 -79.91 -99.98
C PHE N 184 0.15 -79.20 -99.76
N ARG N 185 0.06 -77.97 -99.24
CA ARG N 185 1.22 -77.18 -98.85
C ARG N 185 1.09 -76.84 -97.37
N ARG N 186 2.16 -77.08 -96.61
CA ARG N 186 2.20 -76.68 -95.21
C ARG N 186 2.27 -75.17 -95.09
N ALA N 187 1.42 -74.60 -94.24
CA ALA N 187 1.32 -73.15 -94.07
C ALA N 187 2.05 -72.73 -92.80
N VAL N 188 3.07 -71.88 -92.97
CA VAL N 188 3.93 -71.34 -91.90
C VAL N 188 4.57 -72.44 -91.06
N CYS O 42 -17.96 -116.01 -92.78
CA CYS O 42 -18.29 -115.16 -91.63
C CYS O 42 -19.37 -114.15 -92.01
N PHE O 43 -19.26 -112.94 -91.49
CA PHE O 43 -20.24 -111.88 -91.74
C PHE O 43 -19.52 -110.65 -92.26
N HIS O 44 -20.03 -110.09 -93.36
CA HIS O 44 -19.54 -108.82 -93.87
C HIS O 44 -20.35 -107.69 -93.24
N PRO O 45 -19.72 -106.74 -92.56
CA PRO O 45 -20.46 -105.64 -91.90
C PRO O 45 -21.26 -104.76 -92.86
N PRO O 46 -20.78 -104.46 -94.12
CA PRO O 46 -21.78 -103.75 -94.96
C PRO O 46 -22.83 -104.65 -95.60
N TYR O 47 -23.85 -104.97 -94.81
CA TYR O 47 -25.08 -105.66 -95.20
C TYR O 47 -24.89 -107.08 -95.70
N ASN O 48 -23.70 -107.67 -95.52
CA ASN O 48 -23.34 -109.05 -95.89
C ASN O 48 -23.57 -109.31 -97.38
N ASN O 49 -23.33 -108.30 -98.21
CA ASN O 49 -23.50 -108.32 -99.68
C ASN O 49 -24.93 -108.70 -100.09
N PHE O 50 -25.90 -108.33 -99.26
CA PHE O 50 -27.34 -108.61 -99.45
C PHE O 50 -27.62 -110.10 -99.63
N GLN O 51 -26.92 -110.93 -98.86
CA GLN O 51 -27.07 -112.37 -98.87
C GLN O 51 -27.72 -112.85 -97.57
N PRO O 52 -28.47 -113.95 -97.61
CA PRO O 52 -29.01 -114.52 -96.36
C PRO O 52 -27.88 -115.09 -95.50
N ASP O 53 -27.78 -114.59 -94.27
CA ASP O 53 -26.68 -114.97 -93.39
C ASP O 53 -26.91 -116.35 -92.81
N ARG O 54 -25.89 -117.20 -92.88
CA ARG O 54 -25.93 -118.53 -92.31
C ARG O 54 -25.40 -118.45 -90.88
N ARG O 55 -26.26 -117.94 -89.99
CA ARG O 55 -25.86 -117.62 -88.62
C ARG O 55 -25.74 -118.87 -87.76
N ALA O 56 -26.62 -119.85 -87.97
CA ALA O 56 -26.71 -121.00 -87.07
C ALA O 56 -25.58 -122.00 -87.25
N VAL O 57 -25.12 -122.19 -88.49
CA VAL O 57 -24.15 -123.24 -88.77
C VAL O 57 -22.78 -122.91 -88.17
N LYS O 58 -22.44 -121.61 -88.11
CA LYS O 58 -21.18 -121.21 -87.49
C LYS O 58 -21.17 -121.50 -86.00
N ARG O 59 -22.29 -121.23 -85.31
CA ARG O 59 -22.37 -121.49 -83.88
C ARG O 59 -22.40 -122.99 -83.59
N VAL O 60 -23.16 -123.77 -84.38
CA VAL O 60 -23.16 -125.22 -84.13
C VAL O 60 -21.90 -125.91 -84.65
N GLY O 61 -21.08 -125.21 -85.44
CA GLY O 61 -19.79 -125.74 -85.80
C GLY O 61 -18.69 -125.37 -84.82
N VAL O 62 -18.83 -124.23 -84.15
CA VAL O 62 -17.84 -123.84 -83.15
C VAL O 62 -18.15 -124.44 -81.79
N ASP O 63 -19.40 -124.86 -81.54
CA ASP O 63 -19.74 -125.51 -80.28
C ASP O 63 -19.61 -127.03 -80.38
N THR O 64 -18.44 -127.50 -80.83
CA THR O 64 -18.17 -128.92 -80.90
C THR O 64 -16.78 -129.31 -80.40
N GLY O 65 -15.89 -128.37 -80.13
CA GLY O 65 -14.55 -128.68 -79.68
C GLY O 65 -13.78 -127.46 -79.21
N GLY O 88 -21.18 -128.96 -77.47
CA GLY O 88 -21.93 -130.08 -77.98
C GLY O 88 -22.90 -129.71 -79.08
N GLY O 89 -23.27 -130.70 -79.90
CA GLY O 89 -24.21 -130.46 -80.99
C GLY O 89 -25.61 -130.13 -80.49
N THR O 90 -26.06 -130.83 -79.46
CA THR O 90 -27.37 -130.54 -78.87
C THR O 90 -27.38 -129.18 -78.18
N VAL O 91 -26.28 -128.81 -77.52
CA VAL O 91 -26.16 -127.50 -76.89
C VAL O 91 -26.17 -126.40 -77.94
N GLY O 92 -25.47 -126.62 -79.06
CA GLY O 92 -25.50 -125.65 -80.15
C GLY O 92 -26.86 -125.54 -80.81
N LEU O 93 -27.58 -126.66 -80.92
CA LEU O 93 -28.94 -126.62 -81.45
C LEU O 93 -29.90 -125.88 -80.52
N VAL O 94 -29.73 -126.07 -79.21
CA VAL O 94 -30.55 -125.34 -78.23
C VAL O 94 -30.25 -123.85 -78.29
N ALA O 95 -28.97 -123.48 -78.41
CA ALA O 95 -28.60 -122.07 -78.54
C ALA O 95 -29.13 -121.47 -79.84
N SER O 96 -29.09 -122.24 -80.94
CA SER O 96 -29.62 -121.78 -82.22
C SER O 96 -31.13 -121.57 -82.17
N ILE O 97 -31.87 -122.52 -81.58
CA ILE O 97 -33.32 -122.40 -81.54
C ILE O 97 -33.75 -121.36 -80.51
N TYR O 98 -32.88 -121.01 -79.55
CA TYR O 98 -33.18 -119.90 -78.67
C TYR O 98 -32.95 -118.57 -79.37
N ARG O 99 -31.78 -118.39 -80.00
CA ARG O 99 -31.43 -117.11 -80.59
C ARG O 99 -32.11 -116.84 -81.93
N ASP O 100 -32.73 -117.85 -82.54
CA ASP O 100 -33.50 -117.64 -83.76
C ASP O 100 -34.98 -117.39 -83.49
N SER O 101 -35.38 -117.32 -82.22
CA SER O 101 -36.78 -117.11 -81.89
C SER O 101 -37.19 -115.66 -82.13
N LYS O 102 -38.50 -115.44 -82.23
CA LYS O 102 -39.02 -114.10 -82.47
C LYS O 102 -38.85 -113.20 -81.25
N ARG O 103 -39.01 -113.76 -80.05
CA ARG O 103 -38.88 -112.97 -78.83
C ARG O 103 -37.45 -112.51 -78.60
N LYS O 104 -36.46 -113.33 -78.98
CA LYS O 104 -35.06 -112.90 -78.87
C LYS O 104 -34.74 -111.78 -79.85
N ILE O 105 -35.31 -111.82 -81.05
CA ILE O 105 -35.14 -110.75 -82.02
C ILE O 105 -35.80 -109.46 -81.52
N ILE O 106 -36.99 -109.57 -80.92
CA ILE O 106 -37.67 -108.43 -80.34
C ILE O 106 -36.87 -107.85 -79.18
N ARG O 107 -36.29 -108.71 -78.34
CA ARG O 107 -35.50 -108.22 -77.22
C ARG O 107 -34.18 -107.59 -77.67
N ASP O 108 -33.59 -108.11 -78.75
CA ASP O 108 -32.40 -107.46 -79.30
C ASP O 108 -32.73 -106.10 -79.90
N LEU O 109 -33.87 -105.99 -80.59
CA LEU O 109 -34.34 -104.70 -81.08
C LEU O 109 -34.71 -103.76 -79.93
N GLN O 110 -35.07 -104.33 -78.77
CA GLN O 110 -35.32 -103.55 -77.56
C GLN O 110 -34.02 -103.08 -76.92
N LYS O 111 -32.95 -103.88 -77.02
CA LYS O 111 -31.62 -103.42 -76.62
C LYS O 111 -31.14 -102.27 -77.50
N GLN O 112 -31.39 -102.37 -78.80
CA GLN O 112 -31.24 -101.19 -79.64
C GLN O 112 -32.40 -100.23 -79.42
N ASP O 113 -32.36 -99.07 -80.05
CA ASP O 113 -33.38 -98.05 -79.81
C ASP O 113 -34.53 -98.13 -80.81
N ILE O 114 -35.12 -99.30 -80.98
CA ILE O 114 -36.22 -99.50 -81.92
C ILE O 114 -37.39 -100.09 -81.15
N GLN O 115 -38.57 -99.48 -81.29
CA GLN O 115 -39.74 -99.86 -80.49
C GLN O 115 -40.69 -100.72 -81.32
N TYR O 116 -41.22 -101.77 -80.69
CA TYR O 116 -42.17 -102.68 -81.32
C TYR O 116 -43.50 -102.60 -80.59
N VAL O 117 -44.59 -102.40 -81.35
CA VAL O 117 -45.93 -102.30 -80.80
C VAL O 117 -46.83 -103.26 -81.56
N GLU O 118 -47.50 -104.17 -80.83
CA GLU O 118 -48.44 -105.11 -81.42
C GLU O 118 -49.80 -104.93 -80.75
N TYR O 119 -50.83 -104.68 -81.56
CA TYR O 119 -52.17 -104.43 -81.04
C TYR O 119 -53.17 -104.98 -82.05
N GLY O 120 -53.81 -106.10 -81.70
CA GLY O 120 -54.73 -106.75 -82.62
C GLY O 120 -53.99 -107.58 -83.64
N ASP O 121 -54.23 -107.31 -84.93
CA ASP O 121 -53.52 -107.97 -86.01
C ASP O 121 -52.61 -107.02 -86.80
N THR O 122 -52.24 -105.88 -86.21
CA THR O 122 -51.36 -104.91 -86.83
C THR O 122 -50.11 -104.75 -85.97
N ARG O 123 -48.95 -104.77 -86.63
CA ARG O 123 -47.66 -104.64 -85.95
C ARG O 123 -46.94 -103.40 -86.47
N THR O 124 -46.25 -102.71 -85.56
CA THR O 124 -45.66 -101.41 -85.86
C THR O 124 -44.26 -101.33 -85.27
N LEU O 125 -43.31 -100.83 -86.06
CA LEU O 125 -41.94 -100.59 -85.63
C LEU O 125 -41.66 -99.09 -85.70
N ILE O 126 -41.04 -98.56 -84.65
CA ILE O 126 -40.69 -97.15 -84.54
C ILE O 126 -39.18 -97.05 -84.52
N ILE O 127 -38.61 -96.31 -85.47
CA ILE O 127 -37.17 -96.18 -85.67
C ILE O 127 -36.76 -94.71 -85.65
N PRO O 128 -35.77 -94.31 -84.84
CA PRO O 128 -35.41 -92.89 -84.77
C PRO O 128 -34.44 -92.50 -85.87
N THR O 129 -34.77 -91.42 -86.59
CA THR O 129 -33.91 -90.93 -87.67
C THR O 129 -32.65 -90.29 -87.11
N ASP O 130 -32.69 -89.80 -85.87
CA ASP O 130 -31.53 -89.16 -85.25
C ASP O 130 -30.38 -90.13 -85.02
N LYS O 131 -30.66 -91.43 -84.91
CA LYS O 131 -29.60 -92.43 -84.80
C LYS O 131 -29.48 -93.34 -86.01
N TYR O 132 -30.54 -93.52 -86.79
CA TYR O 132 -30.48 -94.42 -87.94
C TYR O 132 -30.37 -93.67 -89.27
N PHE O 133 -30.20 -92.35 -89.24
CA PHE O 133 -29.87 -91.58 -90.42
C PHE O 133 -28.77 -90.60 -90.08
N MET O 134 -27.98 -90.23 -91.09
CA MET O 134 -27.05 -89.14 -90.91
C MET O 134 -27.79 -87.81 -90.92
N PHE O 135 -27.14 -86.77 -90.38
CA PHE O 135 -27.84 -85.56 -89.98
C PHE O 135 -28.33 -84.76 -91.19
N SER O 136 -29.65 -84.52 -91.23
CA SER O 136 -30.32 -83.66 -92.22
C SER O 136 -30.09 -84.15 -93.65
N SER O 137 -30.04 -85.46 -93.83
CA SER O 137 -29.75 -86.08 -95.11
C SER O 137 -30.56 -87.35 -95.25
N PRO O 138 -30.86 -87.78 -96.48
CA PRO O 138 -31.48 -89.09 -96.68
C PRO O 138 -30.51 -90.26 -96.70
N ARG O 139 -29.27 -90.07 -96.25
CA ARG O 139 -28.29 -91.13 -96.24
C ARG O 139 -28.47 -92.01 -95.01
N LEU O 140 -28.27 -93.31 -95.19
CA LEU O 140 -28.45 -94.29 -94.12
C LEU O 140 -27.14 -94.45 -93.35
N ASN O 141 -27.22 -94.36 -92.03
CA ASN O 141 -26.05 -94.47 -91.17
C ASN O 141 -25.60 -95.94 -91.12
N GLU O 142 -24.41 -96.21 -91.63
CA GLU O 142 -23.92 -97.58 -91.76
C GLU O 142 -23.32 -98.14 -90.47
N ILE O 143 -23.12 -97.31 -89.45
CA ILE O 143 -22.59 -97.79 -88.18
C ILE O 143 -23.65 -98.59 -87.43
N CYS O 144 -24.93 -98.26 -87.65
CA CYS O 144 -26.04 -98.88 -86.93
C CYS O 144 -26.65 -100.05 -87.69
N TYR O 145 -25.84 -100.80 -88.44
CA TYR O 145 -26.29 -101.96 -89.21
C TYR O 145 -26.87 -103.17 -88.46
N PRO O 146 -26.50 -103.50 -87.20
CA PRO O 146 -27.23 -104.61 -86.53
C PRO O 146 -28.72 -104.35 -86.32
N GLY O 147 -29.11 -103.10 -86.09
CA GLY O 147 -30.53 -102.80 -85.97
C GLY O 147 -31.29 -103.01 -87.27
N LEU O 148 -30.68 -102.61 -88.39
CA LEU O 148 -31.30 -102.85 -89.70
C LEU O 148 -31.36 -104.33 -90.04
N ASN O 149 -30.31 -105.08 -89.69
CA ASN O 149 -30.32 -106.52 -89.92
C ASN O 149 -31.37 -107.22 -89.06
N ASN O 150 -31.55 -106.76 -87.82
CA ASN O 150 -32.61 -107.31 -86.98
C ASN O 150 -34.00 -106.93 -87.47
N VAL O 151 -34.13 -105.75 -88.09
CA VAL O 151 -35.40 -105.35 -88.70
C VAL O 151 -35.73 -106.28 -89.87
N ILE O 152 -34.74 -106.60 -90.71
CA ILE O 152 -34.93 -107.55 -91.81
C ILE O 152 -35.27 -108.94 -91.27
N ARG O 153 -34.59 -109.36 -90.20
CA ARG O 153 -34.84 -110.67 -89.59
C ARG O 153 -36.25 -110.77 -89.00
N LEU O 154 -36.74 -109.68 -88.39
CA LEU O 154 -38.10 -109.67 -87.86
C LEU O 154 -39.13 -109.64 -88.97
N LEU O 155 -38.86 -108.87 -90.04
CA LEU O 155 -39.82 -108.79 -91.15
C LEU O 155 -39.82 -110.04 -92.01
N ASN O 156 -38.80 -110.91 -91.89
CA ASN O 156 -38.79 -112.17 -92.62
C ASN O 156 -39.83 -113.16 -92.11
N PHE O 157 -40.37 -112.96 -90.91
CA PHE O 157 -41.32 -113.89 -90.33
C PHE O 157 -42.74 -113.75 -90.88
N TYR O 158 -43.00 -112.71 -91.67
CA TYR O 158 -44.35 -112.45 -92.21
C TYR O 158 -44.23 -112.28 -93.72
N PRO O 159 -44.22 -113.38 -94.47
CA PRO O 159 -43.98 -113.29 -95.92
C PRO O 159 -45.22 -113.03 -96.77
N GLN O 160 -46.36 -112.68 -96.18
CA GLN O 160 -47.58 -112.47 -96.94
C GLN O 160 -48.22 -111.10 -96.75
N SER O 161 -47.77 -110.31 -95.77
CA SER O 161 -48.42 -109.05 -95.45
C SER O 161 -47.84 -107.90 -96.28
N THR O 162 -48.63 -106.84 -96.39
CA THR O 162 -48.20 -105.62 -97.05
C THR O 162 -47.56 -104.68 -96.04
N ILE O 163 -46.62 -103.86 -96.51
CA ILE O 163 -45.80 -103.01 -95.66
C ILE O 163 -46.10 -101.55 -95.99
N TYR O 164 -46.27 -100.73 -94.96
CA TYR O 164 -46.36 -99.28 -95.09
C TYR O 164 -45.24 -98.65 -94.29
N VAL O 165 -44.53 -97.71 -94.89
CA VAL O 165 -43.47 -96.98 -94.21
C VAL O 165 -43.77 -95.48 -94.32
N ALA O 166 -43.64 -94.77 -93.20
CA ALA O 166 -43.97 -93.36 -93.11
C ALA O 166 -42.85 -92.62 -92.39
N GLY O 167 -42.63 -91.38 -92.81
CA GLY O 167 -41.58 -90.54 -92.22
C GLY O 167 -42.16 -89.31 -91.57
N PHE O 168 -41.62 -88.95 -90.39
CA PHE O 168 -42.09 -87.81 -89.62
C PHE O 168 -40.91 -87.01 -89.11
N THR O 169 -41.06 -85.67 -89.11
CA THR O 169 -40.06 -84.74 -88.59
C THR O 169 -40.71 -83.83 -87.55
N ASP O 170 -39.91 -82.90 -87.02
CA ASP O 170 -40.37 -81.93 -86.04
C ASP O 170 -40.86 -80.66 -86.76
N ASN O 171 -41.07 -79.59 -85.99
CA ASN O 171 -41.67 -78.36 -86.51
C ASN O 171 -40.65 -77.35 -87.02
N VAL O 172 -39.37 -77.64 -86.93
CA VAL O 172 -38.34 -76.68 -87.32
C VAL O 172 -38.13 -76.73 -88.83
N GLY O 173 -38.24 -75.59 -89.48
CA GLY O 173 -37.98 -75.46 -90.91
C GLY O 173 -39.20 -74.99 -91.65
N SER O 174 -39.15 -75.16 -92.97
CA SER O 174 -40.27 -74.83 -93.86
C SER O 174 -41.07 -76.08 -94.19
N ARG O 175 -42.30 -75.87 -94.66
CA ARG O 175 -43.24 -76.95 -94.90
C ARG O 175 -42.78 -77.85 -96.04
N SER O 176 -42.33 -77.25 -97.14
CA SER O 176 -41.83 -78.02 -98.28
C SER O 176 -40.55 -78.75 -97.93
N HIS O 177 -39.69 -78.13 -97.12
CA HIS O 177 -38.46 -78.78 -96.66
C HIS O 177 -38.75 -80.00 -95.80
N LYS O 178 -39.72 -79.87 -94.87
CA LYS O 178 -40.13 -80.98 -94.02
C LYS O 178 -40.72 -82.12 -94.84
N ARG O 179 -41.61 -81.78 -95.79
CA ARG O 179 -42.23 -82.79 -96.64
C ARG O 179 -41.20 -83.51 -97.51
N LYS O 180 -40.26 -82.77 -98.09
CA LYS O 180 -39.25 -83.38 -98.96
C LYS O 180 -38.28 -84.24 -98.17
N LEU O 181 -37.89 -83.81 -96.97
CA LEU O 181 -36.97 -84.60 -96.13
C LEU O 181 -37.65 -85.89 -95.66
N SER O 182 -38.91 -85.81 -95.23
CA SER O 182 -39.64 -87.00 -94.81
C SER O 182 -39.86 -87.96 -95.97
N GLN O 183 -40.19 -87.44 -97.15
CA GLN O 183 -40.38 -88.28 -98.33
C GLN O 183 -39.08 -88.96 -98.75
N ALA O 184 -37.95 -88.24 -98.70
CA ALA O 184 -36.67 -88.82 -99.04
C ALA O 184 -36.26 -89.93 -98.08
N GLN O 185 -36.48 -89.71 -96.77
CA GLN O 185 -36.14 -90.74 -95.79
C GLN O 185 -37.05 -91.96 -95.93
N ALA O 186 -38.33 -91.74 -96.23
CA ALA O 186 -39.26 -92.85 -96.47
C ALA O 186 -38.88 -93.66 -97.70
N GLU O 187 -38.48 -92.97 -98.80
CA GLU O 187 -38.02 -93.67 -99.99
C GLU O 187 -36.74 -94.46 -99.73
N THR O 188 -35.81 -93.91 -98.93
CA THR O 188 -34.58 -94.62 -98.61
C THR O 188 -34.85 -95.88 -97.79
N MET O 189 -35.73 -95.78 -96.80
CA MET O 189 -36.08 -96.95 -95.99
C MET O 189 -36.83 -98.00 -96.81
N MET O 190 -37.71 -97.54 -97.72
CA MET O 190 -38.45 -98.47 -98.58
C MET O 190 -37.51 -99.16 -99.56
N THR O 191 -36.51 -98.45 -100.08
CA THR O 191 -35.53 -99.05 -100.97
C THR O 191 -34.67 -100.07 -100.25
N PHE O 192 -34.27 -99.77 -98.99
CA PHE O 192 -33.51 -100.74 -98.21
C PHE O 192 -34.34 -101.97 -97.88
N LEU O 193 -35.65 -101.81 -97.68
CA LEU O 193 -36.52 -102.97 -97.50
C LEU O 193 -36.67 -103.76 -98.80
N TRP O 194 -36.73 -103.07 -99.94
CA TRP O 194 -36.91 -103.73 -101.23
C TRP O 194 -35.67 -104.52 -101.64
N ALA O 195 -34.48 -104.01 -101.32
CA ALA O 195 -33.25 -104.62 -101.78
C ALA O 195 -32.89 -105.90 -101.05
N ASN O 196 -33.59 -106.23 -99.96
CA ASN O 196 -33.29 -107.43 -99.18
C ASN O 196 -34.18 -108.62 -99.53
N GLY O 197 -35.08 -108.49 -100.50
CA GLY O 197 -35.87 -109.62 -100.93
C GLY O 197 -37.36 -109.36 -101.01
N ILE O 198 -37.84 -108.32 -100.36
CA ILE O 198 -39.26 -108.00 -100.35
C ILE O 198 -39.65 -107.43 -101.71
N ALA O 199 -40.75 -107.95 -102.26
CA ALA O 199 -41.20 -107.54 -103.59
C ALA O 199 -41.72 -106.10 -103.57
N ALA O 200 -41.68 -105.47 -104.75
CA ALA O 200 -42.03 -104.06 -104.87
C ALA O 200 -43.53 -103.81 -104.76
N LYS O 201 -44.36 -104.81 -105.04
CA LYS O 201 -45.80 -104.63 -104.97
C LYS O 201 -46.35 -104.67 -103.54
N ARG O 202 -45.53 -105.06 -102.57
CA ARG O 202 -45.93 -105.11 -101.17
C ARG O 202 -45.51 -103.87 -100.39
N LEU O 203 -44.95 -102.86 -101.06
CA LEU O 203 -44.33 -101.73 -100.39
C LEU O 203 -44.97 -100.43 -100.84
N LYS O 204 -45.10 -99.49 -99.89
CA LYS O 204 -45.57 -98.14 -100.18
C LYS O 204 -44.97 -97.21 -99.13
N ALA O 205 -44.47 -96.06 -99.56
CA ALA O 205 -43.79 -95.11 -98.69
C ALA O 205 -44.49 -93.76 -98.72
N GLU O 206 -44.50 -93.08 -97.58
CA GLU O 206 -45.16 -91.79 -97.47
C GLU O 206 -44.43 -90.94 -96.43
N GLY O 207 -44.25 -89.66 -96.76
CA GLY O 207 -43.63 -88.74 -95.83
C GLY O 207 -44.54 -87.62 -95.39
N TYR O 208 -44.88 -87.57 -94.10
CA TYR O 208 -45.67 -86.51 -93.53
C TYR O 208 -44.75 -85.53 -92.82
N GLY O 209 -45.24 -84.32 -92.60
CA GLY O 209 -44.41 -83.32 -91.95
C GLY O 209 -44.56 -83.37 -90.45
N ASP O 210 -45.03 -82.27 -89.85
CA ASP O 210 -45.39 -82.22 -88.45
C ASP O 210 -46.89 -82.35 -88.27
N LYS O 211 -47.52 -83.21 -89.08
CA LYS O 211 -48.97 -83.23 -89.22
C LYS O 211 -49.63 -83.82 -87.96
N ASN O 212 -49.32 -85.07 -87.64
CA ASN O 212 -49.91 -85.77 -86.50
C ASN O 212 -48.82 -86.32 -85.57
N ALA O 213 -48.28 -85.42 -84.75
CA ALA O 213 -47.19 -85.73 -83.85
C ALA O 213 -47.69 -86.52 -82.64
N ILE O 214 -46.74 -87.16 -81.95
CA ILE O 214 -47.05 -87.97 -80.78
C ILE O 214 -46.61 -87.33 -79.48
N SER O 215 -45.90 -86.21 -79.53
CA SER O 215 -45.46 -85.52 -78.33
C SER O 215 -45.64 -84.02 -78.54
N ASP O 216 -45.09 -83.22 -77.63
CA ASP O 216 -45.21 -81.77 -77.67
C ASP O 216 -43.96 -81.22 -78.33
N ASN O 217 -44.15 -80.33 -79.32
CA ASN O 217 -43.04 -79.74 -80.04
C ASN O 217 -42.47 -78.50 -79.35
N ALA O 218 -43.09 -78.04 -78.26
CA ALA O 218 -42.61 -76.88 -77.53
C ALA O 218 -41.57 -77.24 -76.48
N ILE O 219 -41.27 -78.52 -76.32
CA ILE O 219 -40.26 -78.98 -75.37
C ILE O 219 -39.23 -79.80 -76.13
N ILE O 220 -38.02 -79.88 -75.55
CA ILE O 220 -36.86 -80.38 -76.28
C ILE O 220 -36.95 -81.89 -76.47
N HIS O 221 -37.22 -82.63 -75.39
CA HIS O 221 -37.30 -84.09 -75.48
C HIS O 221 -38.53 -84.53 -76.26
N GLY O 222 -39.66 -83.84 -76.08
CA GLY O 222 -40.84 -84.16 -76.86
C GLY O 222 -40.68 -83.88 -78.34
N SER O 223 -39.95 -82.81 -78.69
CA SER O 223 -39.66 -82.54 -80.09
C SER O 223 -38.66 -83.55 -80.66
N ALA O 224 -37.74 -84.04 -79.81
CA ALA O 224 -36.81 -85.08 -80.24
C ALA O 224 -37.53 -86.40 -80.50
N GLN O 225 -38.59 -86.68 -79.74
CA GLN O 225 -39.34 -87.93 -79.94
C GLN O 225 -40.19 -87.94 -81.20
N ASN O 226 -40.34 -86.81 -81.90
CA ASN O 226 -41.26 -86.72 -83.02
C ASN O 226 -40.63 -87.06 -84.37
N ARG O 227 -39.30 -87.09 -84.46
CA ARG O 227 -38.61 -87.39 -85.71
C ARG O 227 -38.41 -88.90 -85.80
N ARG O 228 -39.16 -89.56 -86.68
CA ARG O 228 -39.25 -91.01 -86.62
C ARG O 228 -39.61 -91.60 -87.98
N ILE O 229 -39.42 -92.91 -88.08
CA ILE O 229 -39.88 -93.73 -89.20
C ILE O 229 -40.80 -94.80 -88.63
N GLU O 230 -42.00 -94.90 -89.20
CA GLU O 230 -43.02 -95.85 -88.78
C GLU O 230 -43.14 -96.95 -89.83
N ILE O 231 -43.08 -98.20 -89.40
CA ILE O 231 -43.27 -99.35 -90.28
C ILE O 231 -44.46 -100.16 -89.78
N GLN O 232 -45.52 -100.22 -90.57
CA GLN O 232 -46.73 -100.94 -90.20
C GLN O 232 -46.96 -102.10 -91.15
N TRP O 233 -47.39 -103.23 -90.59
CA TRP O 233 -47.84 -104.34 -91.42
C TRP O 233 -48.95 -105.10 -90.71
N PHE O 234 -49.67 -105.91 -91.48
CA PHE O 234 -50.82 -106.65 -90.96
C PHE O 234 -50.42 -108.03 -90.50
N GLU P 29 -47.05 -136.98 -155.57
CA GLU P 29 -45.68 -136.51 -155.36
C GLU P 29 -44.97 -136.27 -156.69
N VAL P 30 -45.02 -135.03 -157.18
CA VAL P 30 -44.38 -134.66 -158.43
C VAL P 30 -43.50 -133.44 -158.21
N LYS P 31 -42.51 -133.29 -159.08
CA LYS P 31 -41.54 -132.21 -158.98
C LYS P 31 -42.02 -131.00 -159.77
N LYS P 32 -41.14 -130.02 -159.95
CA LYS P 32 -41.45 -128.81 -160.70
C LYS P 32 -40.57 -128.61 -161.92
N GLN P 33 -39.76 -129.61 -162.28
CA GLN P 33 -38.81 -129.46 -163.37
C GLN P 33 -39.53 -129.45 -164.72
N GLY P 34 -39.01 -128.64 -165.65
CA GLY P 34 -39.58 -128.51 -166.97
C GLY P 34 -40.70 -127.50 -167.09
N THR P 35 -41.09 -126.85 -165.99
CA THR P 35 -42.18 -125.89 -165.99
C THR P 35 -41.69 -124.58 -165.39
N SER P 36 -41.96 -123.47 -166.09
CA SER P 36 -41.60 -122.14 -165.62
C SER P 36 -42.77 -121.50 -164.86
N SER P 37 -42.49 -120.36 -164.24
CA SER P 37 -43.50 -119.68 -163.44
C SER P 37 -44.52 -118.99 -164.34
N THR P 38 -45.78 -119.39 -164.23
CA THR P 38 -46.87 -118.83 -165.02
C THR P 38 -47.87 -118.15 -164.11
N ARG P 39 -48.81 -117.43 -164.72
CA ARG P 39 -49.82 -116.65 -164.00
C ARG P 39 -51.12 -117.43 -163.92
N GLN P 40 -51.72 -117.43 -162.73
CA GLN P 40 -53.01 -118.09 -162.51
C GLN P 40 -53.90 -117.17 -161.69
N PHE P 41 -55.18 -117.11 -162.07
CA PHE P 41 -56.20 -116.42 -161.29
C PHE P 41 -57.22 -117.44 -160.79
N ARG P 42 -57.51 -117.40 -159.49
CA ARG P 42 -58.44 -118.32 -158.88
C ARG P 42 -59.36 -117.56 -157.94
N GLN P 43 -60.53 -118.14 -157.68
CA GLN P 43 -61.54 -117.56 -156.82
C GLN P 43 -61.66 -118.36 -155.54
N VAL P 44 -61.85 -117.66 -154.42
CA VAL P 44 -61.90 -118.28 -153.10
C VAL P 44 -63.11 -117.71 -152.36
N SER P 45 -63.57 -118.44 -151.35
CA SER P 45 -64.72 -118.04 -150.55
C SER P 45 -64.26 -117.10 -149.43
N SER P 46 -65.15 -116.82 -148.48
CA SER P 46 -64.83 -115.91 -147.38
C SER P 46 -63.91 -116.58 -146.38
N PHE P 47 -62.94 -115.82 -145.88
CA PHE P 47 -61.98 -116.33 -144.91
C PHE P 47 -61.57 -115.21 -143.96
N ASN P 48 -61.22 -115.60 -142.73
CA ASN P 48 -60.78 -114.66 -141.70
C ASN P 48 -59.48 -115.07 -141.03
N GLN P 49 -58.93 -116.23 -141.35
CA GLN P 49 -57.68 -116.72 -140.81
C GLN P 49 -56.84 -117.29 -141.94
N ILE P 50 -55.55 -116.96 -141.98
CA ILE P 50 -54.66 -117.40 -143.04
C ILE P 50 -53.49 -118.15 -142.43
N VAL P 51 -53.26 -119.38 -142.89
CA VAL P 51 -52.11 -120.18 -142.46
C VAL P 51 -51.33 -120.55 -143.72
N VAL P 52 -50.10 -120.05 -143.83
CA VAL P 52 -49.25 -120.32 -144.99
C VAL P 52 -48.02 -121.09 -144.55
N GLN P 53 -47.73 -122.17 -145.28
CA GLN P 53 -46.53 -122.97 -145.07
C GLN P 53 -45.78 -123.11 -146.38
N GLY P 54 -44.46 -122.96 -146.33
CA GLY P 54 -43.63 -123.20 -147.50
C GLY P 54 -42.72 -122.06 -147.92
N ARG P 55 -41.67 -122.39 -148.67
CA ARG P 55 -40.68 -121.42 -149.16
C ARG P 55 -41.31 -120.65 -150.32
N LEU P 56 -41.95 -119.53 -149.99
CA LEU P 56 -42.72 -118.78 -150.99
C LEU P 56 -42.86 -117.34 -150.51
N ASN P 57 -43.50 -116.53 -151.36
CA ASN P 57 -43.70 -115.11 -151.08
C ASN P 57 -45.18 -114.79 -151.09
N VAL P 58 -45.60 -113.93 -150.16
CA VAL P 58 -47.00 -113.54 -150.00
C VAL P 58 -47.08 -112.02 -150.08
N ASN P 59 -47.98 -111.52 -150.92
CA ASN P 59 -48.31 -110.11 -151.01
C ASN P 59 -49.75 -109.91 -150.60
N LEU P 60 -50.00 -108.92 -149.74
CA LEU P 60 -51.33 -108.65 -149.21
C LEU P 60 -51.87 -107.34 -149.79
N HIS P 61 -53.18 -107.29 -150.01
CA HIS P 61 -53.85 -106.05 -150.35
C HIS P 61 -55.18 -105.99 -149.61
N THR P 62 -55.82 -104.82 -149.66
CA THR P 62 -57.07 -104.59 -148.96
C THR P 62 -57.99 -103.75 -149.85
N GLY P 63 -59.19 -104.27 -150.11
CA GLY P 63 -60.17 -103.56 -150.91
C GLY P 63 -61.58 -103.94 -150.51
N TYR P 64 -62.53 -103.25 -151.12
CA TYR P 64 -63.95 -103.48 -150.86
C TYR P 64 -64.61 -104.37 -151.92
N ASN P 65 -63.81 -105.03 -152.75
CA ASN P 65 -64.34 -105.91 -153.79
C ASN P 65 -64.46 -107.33 -153.23
N LYS P 66 -64.70 -108.30 -154.13
CA LYS P 66 -64.75 -109.70 -153.75
C LYS P 66 -63.35 -110.18 -153.38
N PRO P 67 -63.25 -111.14 -152.46
CA PRO P 67 -61.92 -111.71 -152.15
C PRO P 67 -61.42 -112.61 -153.26
N GLU P 68 -60.11 -112.52 -153.52
CA GLU P 68 -59.49 -113.36 -154.53
C GLU P 68 -58.03 -113.62 -154.19
N VAL P 69 -57.47 -114.63 -154.84
CA VAL P 69 -56.08 -115.03 -154.65
C VAL P 69 -55.47 -115.34 -156.01
N MET P 70 -54.23 -114.90 -156.22
CA MET P 70 -53.46 -115.17 -157.42
C MET P 70 -52.25 -116.03 -157.04
N LEU P 71 -52.08 -117.15 -157.74
CA LEU P 71 -51.03 -118.12 -157.46
C LEU P 71 -50.08 -118.18 -158.66
N ARG P 72 -49.02 -117.40 -158.61
CA ARG P 72 -47.97 -117.45 -159.63
C ARG P 72 -47.03 -118.61 -159.31
N GLY P 73 -47.02 -119.62 -160.17
CA GLY P 73 -46.19 -120.79 -159.95
C GLY P 73 -46.12 -121.65 -161.19
N ASP P 74 -45.37 -122.74 -161.08
CA ASP P 74 -45.23 -123.66 -162.19
C ASP P 74 -46.52 -124.46 -162.38
N PRO P 75 -46.95 -124.68 -163.63
CA PRO P 75 -48.22 -125.40 -163.86
C PRO P 75 -48.20 -126.86 -163.43
N ARG P 76 -47.02 -127.47 -163.29
CA ARG P 76 -46.96 -128.84 -162.77
C ARG P 76 -47.29 -128.86 -161.28
N ASP P 77 -46.86 -127.83 -160.55
CA ASP P 77 -47.10 -127.75 -159.12
C ASP P 77 -48.25 -126.80 -158.76
N LEU P 78 -49.01 -126.33 -159.74
CA LEU P 78 -50.18 -125.51 -159.45
C LEU P 78 -51.27 -126.31 -158.75
N VAL P 79 -51.40 -127.60 -159.08
CA VAL P 79 -52.27 -128.49 -158.33
C VAL P 79 -51.70 -128.73 -156.93
N GLN P 80 -50.36 -128.82 -156.83
CA GLN P 80 -49.71 -129.11 -155.56
C GLN P 80 -49.80 -127.94 -154.59
N VAL P 81 -49.92 -126.71 -155.10
CA VAL P 81 -50.19 -125.57 -154.23
C VAL P 81 -51.63 -125.68 -153.75
N ARG P 82 -51.81 -125.95 -152.45
CA ARG P 82 -53.11 -126.27 -151.89
C ARG P 82 -53.78 -125.01 -151.37
N THR P 83 -54.98 -124.75 -151.85
CA THR P 83 -55.80 -123.62 -151.43
C THR P 83 -57.13 -124.18 -150.93
N ILE P 84 -57.19 -124.51 -149.64
CA ILE P 84 -58.37 -125.14 -149.06
C ILE P 84 -58.92 -124.22 -147.97
N VAL P 85 -60.25 -124.25 -147.84
CA VAL P 85 -60.98 -123.42 -146.87
C VAL P 85 -61.77 -124.35 -145.96
N LYS P 86 -61.53 -124.24 -144.66
CA LYS P 86 -62.20 -125.07 -143.66
C LYS P 86 -62.54 -124.20 -142.47
N GLN P 87 -63.84 -124.16 -142.11
CA GLN P 87 -64.38 -123.49 -140.91
C GLN P 87 -63.91 -122.03 -140.79
N ASN P 88 -64.10 -121.29 -141.89
CA ASN P 88 -63.72 -119.89 -142.04
C ASN P 88 -62.21 -119.69 -141.89
N THR P 89 -61.40 -120.68 -142.30
CA THR P 89 -59.95 -120.58 -142.34
C THR P 89 -59.44 -120.95 -143.73
N LEU P 90 -58.31 -120.36 -144.10
CA LEU P 90 -57.64 -120.61 -145.37
C LEU P 90 -56.27 -121.23 -145.09
N TYR P 91 -55.97 -122.35 -145.76
CA TYR P 91 -54.71 -123.06 -145.58
C TYR P 91 -53.97 -123.05 -146.91
N VAL P 92 -52.98 -122.19 -147.04
CA VAL P 92 -52.11 -122.14 -148.22
C VAL P 92 -50.84 -122.89 -147.86
N SER P 93 -50.73 -124.13 -148.31
CA SER P 93 -49.59 -124.97 -147.97
C SER P 93 -49.38 -125.99 -149.08
N LEU P 94 -48.44 -126.89 -148.85
CA LEU P 94 -48.09 -127.92 -149.83
C LEU P 94 -49.17 -129.00 -149.90
N GLY P 95 -49.37 -129.53 -151.09
CA GLY P 95 -50.28 -130.65 -151.30
C GLY P 95 -49.54 -131.84 -151.90
N GLN P 96 -49.96 -133.05 -151.51
CA GLN P 96 -49.35 -134.32 -151.92
C GLN P 96 -47.85 -134.36 -151.61
N GLY P 97 -47.47 -133.86 -150.44
CA GLY P 97 -46.08 -133.87 -150.03
C GLY P 97 -45.27 -132.78 -150.69
N TYR P 98 -43.97 -132.78 -150.36
CA TYR P 98 -43.01 -131.83 -150.91
C TYR P 98 -41.86 -132.64 -151.51
N PRO P 99 -41.96 -133.00 -152.79
CA PRO P 99 -40.75 -133.44 -153.50
C PRO P 99 -39.81 -132.28 -153.78
N ASP P 100 -40.34 -131.25 -154.45
CA ASP P 100 -39.58 -130.06 -154.85
C ASP P 100 -40.49 -128.96 -155.38
N TYR P 101 -40.34 -127.73 -154.87
CA TYR P 101 -40.83 -126.55 -155.55
C TYR P 101 -39.95 -125.37 -155.16
N GLY P 102 -39.65 -124.51 -156.12
CA GLY P 102 -38.69 -123.45 -155.91
C GLY P 102 -39.27 -122.07 -155.63
N ALA P 103 -40.21 -121.62 -156.46
CA ALA P 103 -40.72 -120.25 -156.38
C ALA P 103 -42.23 -120.25 -156.51
N VAL P 104 -42.91 -119.70 -155.50
CA VAL P 104 -44.37 -119.54 -155.50
C VAL P 104 -44.68 -118.14 -155.00
N THR P 105 -45.52 -117.41 -155.75
CA THR P 105 -45.97 -116.08 -155.35
C THR P 105 -47.47 -116.12 -155.12
N VAL P 106 -47.91 -115.68 -153.94
CA VAL P 106 -49.31 -115.70 -153.55
C VAL P 106 -49.73 -114.26 -153.28
N ASP P 107 -50.49 -113.68 -154.21
CA ASP P 107 -51.07 -112.36 -154.00
C ASP P 107 -52.50 -112.54 -153.52
N ILE P 108 -52.91 -111.74 -152.53
CA ILE P 108 -54.19 -111.96 -151.88
C ILE P 108 -54.92 -110.63 -151.71
N LYS P 109 -56.23 -110.65 -151.92
CA LYS P 109 -57.10 -109.50 -151.69
C LYS P 109 -58.33 -109.98 -150.94
N THR P 110 -58.67 -109.27 -149.86
CA THR P 110 -59.77 -109.66 -148.98
C THR P 110 -60.25 -108.43 -148.21
N LYS P 111 -61.12 -108.65 -147.23
CA LYS P 111 -61.68 -107.58 -146.42
C LYS P 111 -61.25 -107.64 -144.96
N PHE P 112 -61.47 -108.77 -144.28
CA PHE P 112 -61.24 -108.89 -142.84
C PHE P 112 -60.22 -109.97 -142.55
N LEU P 113 -59.25 -109.65 -141.68
CA LEU P 113 -58.23 -110.59 -141.24
C LEU P 113 -58.21 -110.65 -139.72
N ASN P 114 -58.04 -111.86 -139.18
CA ASN P 114 -58.05 -112.04 -137.73
C ASN P 114 -56.92 -112.91 -137.19
N ARG P 115 -56.19 -113.65 -138.02
CA ARG P 115 -55.04 -114.41 -137.57
C ARG P 115 -54.15 -114.75 -138.75
N PHE P 116 -52.84 -114.60 -138.56
CA PHE P 116 -51.84 -114.87 -139.59
C PHE P 116 -50.81 -115.85 -139.02
N ARG P 117 -50.63 -116.97 -139.71
CA ARG P 117 -49.61 -117.96 -139.38
C ARG P 117 -48.71 -118.13 -140.59
N TYR P 118 -47.39 -118.07 -140.36
CA TYR P 118 -46.44 -118.17 -141.46
C TYR P 118 -45.28 -119.09 -141.05
N GLU P 119 -45.00 -120.09 -141.88
CA GLU P 119 -43.93 -121.04 -141.59
C GLU P 119 -43.15 -121.37 -142.85
N GLY P 120 -41.84 -121.57 -142.68
CA GLY P 120 -41.03 -122.24 -143.67
C GLY P 120 -40.25 -121.41 -144.67
N ALA P 121 -39.45 -120.45 -144.19
CA ALA P 121 -38.45 -119.71 -144.97
C ALA P 121 -39.08 -118.95 -146.13
N GLY P 122 -39.89 -117.97 -145.78
CA GLY P 122 -40.68 -117.24 -146.76
C GLY P 122 -40.65 -115.74 -146.55
N VAL P 123 -41.37 -115.05 -147.44
CA VAL P 123 -41.46 -113.59 -147.43
C VAL P 123 -42.93 -113.20 -147.32
N VAL P 124 -43.23 -112.21 -146.48
CA VAL P 124 -44.56 -111.63 -146.34
C VAL P 124 -44.46 -110.12 -146.47
N THR P 125 -45.26 -109.53 -147.36
CA THR P 125 -45.32 -108.08 -147.53
C THR P 125 -46.77 -107.63 -147.53
N GLY P 126 -47.08 -106.60 -146.74
CA GLY P 126 -48.43 -106.08 -146.68
C GLY P 126 -48.46 -104.68 -146.15
N ASN P 127 -49.49 -103.94 -146.53
CA ASN P 127 -49.64 -102.54 -146.11
C ASN P 127 -51.12 -102.15 -146.17
N ASN P 128 -51.43 -101.04 -145.49
CA ASN P 128 -52.74 -100.39 -145.47
C ASN P 128 -53.84 -101.34 -144.98
N LEU P 129 -53.56 -102.03 -143.88
CA LEU P 129 -54.47 -103.00 -143.30
C LEU P 129 -55.13 -102.38 -142.07
N ARG P 130 -56.46 -102.43 -142.03
CA ARG P 130 -57.24 -101.93 -140.90
C ARG P 130 -57.92 -103.10 -140.21
N THR P 131 -57.81 -103.15 -138.88
CA THR P 131 -58.32 -104.27 -138.11
C THR P 131 -58.58 -103.81 -136.69
N SER P 132 -59.27 -104.68 -135.93
CA SER P 132 -59.50 -104.49 -134.50
C SER P 132 -58.53 -105.29 -133.65
N TYR P 133 -58.40 -106.59 -133.95
CA TYR P 133 -57.46 -107.45 -133.23
C TYR P 133 -57.10 -108.63 -134.13
N LEU P 134 -55.80 -108.88 -134.28
CA LEU P 134 -55.32 -110.06 -134.98
C LEU P 134 -53.96 -110.45 -134.41
N ASP P 135 -53.57 -111.70 -134.66
CA ASP P 135 -52.39 -112.30 -134.05
C ASP P 135 -51.43 -112.77 -135.14
N LEU P 136 -50.17 -112.37 -135.01
CA LEU P 136 -49.09 -112.82 -135.89
C LEU P 136 -48.36 -114.00 -135.26
N TYR P 137 -48.07 -115.02 -136.07
CA TYR P 137 -47.21 -116.13 -135.65
C TYR P 137 -46.23 -116.40 -136.78
N LEU P 138 -45.03 -115.83 -136.67
CA LEU P 138 -43.97 -116.02 -137.66
C LEU P 138 -43.03 -117.11 -137.20
N ALA P 139 -42.58 -117.94 -138.14
CA ALA P 139 -41.64 -119.00 -137.82
C ALA P 139 -40.62 -119.19 -138.93
N ASN P 140 -39.35 -119.37 -138.53
CA ASN P 140 -38.28 -119.92 -139.36
C ASN P 140 -38.02 -119.10 -140.61
N GLU P 141 -37.48 -117.89 -140.39
CA GLU P 141 -37.07 -116.94 -141.44
C GLU P 141 -38.28 -116.50 -142.28
N GLY P 142 -39.15 -115.76 -141.62
CA GLY P 142 -40.18 -115.02 -142.31
C GLY P 142 -39.78 -113.57 -142.49
N THR P 143 -39.30 -113.21 -143.68
CA THR P 143 -38.93 -111.84 -143.98
C THR P 143 -40.22 -111.03 -144.11
N THR P 144 -40.52 -110.21 -143.11
CA THR P 144 -41.86 -109.71 -142.88
C THR P 144 -41.86 -108.19 -142.94
N ARG P 145 -42.77 -107.63 -143.74
CA ARG P 145 -42.98 -106.20 -143.83
C ARG P 145 -44.46 -105.90 -143.70
N LEU P 146 -44.83 -105.10 -142.69
CA LEU P 146 -46.17 -104.56 -142.53
C LEU P 146 -46.07 -103.05 -142.43
N ALA P 147 -46.83 -102.35 -143.29
CA ALA P 147 -46.81 -100.90 -143.36
C ALA P 147 -48.21 -100.34 -143.24
N GLY P 148 -48.97 -100.82 -142.26
CA GLY P 148 -50.31 -100.34 -142.03
C GLY P 148 -50.56 -99.90 -140.60
N ASN P 149 -51.83 -99.75 -140.22
CA ASN P 149 -52.23 -99.36 -138.88
C ASN P 149 -52.95 -100.50 -138.15
N ILE P 150 -52.16 -101.49 -137.73
CA ILE P 150 -52.66 -102.77 -137.23
C ILE P 150 -52.66 -102.73 -135.71
N GLY P 151 -53.83 -102.88 -135.10
CA GLY P 151 -53.94 -102.98 -133.65
C GLY P 151 -53.93 -104.43 -133.20
N LEU P 152 -52.77 -104.90 -132.72
CA LEU P 152 -52.59 -106.29 -132.33
C LEU P 152 -52.29 -106.39 -130.85
N GLN P 153 -52.87 -107.41 -130.20
CA GLN P 153 -52.71 -107.64 -128.78
C GLN P 153 -51.69 -108.72 -128.48
N LYS P 154 -51.49 -109.67 -129.38
CA LYS P 154 -50.46 -110.68 -129.23
C LYS P 154 -49.66 -110.80 -130.52
N LEU P 155 -48.40 -111.23 -130.38
CA LEU P 155 -47.51 -111.45 -131.51
C LEU P 155 -46.46 -112.47 -131.09
N GLU P 156 -46.08 -113.35 -132.02
CA GLU P 156 -45.11 -114.39 -131.72
C GLU P 156 -44.15 -114.57 -132.89
N ALA P 157 -42.86 -114.64 -132.57
CA ALA P 157 -41.81 -115.00 -133.51
C ALA P 157 -41.05 -116.20 -132.95
N VAL P 158 -40.87 -117.22 -133.77
CA VAL P 158 -40.29 -118.47 -133.29
C VAL P 158 -38.77 -118.38 -133.21
N GLY P 159 -38.12 -117.96 -134.30
CA GLY P 159 -36.68 -117.84 -134.28
C GLY P 159 -36.02 -117.61 -135.62
N ASN P 160 -34.89 -116.89 -135.59
CA ASN P 160 -34.04 -116.61 -136.76
C ASN P 160 -34.79 -115.92 -137.89
N GLY P 161 -35.58 -114.92 -137.55
CA GLY P 161 -36.32 -114.15 -138.54
C GLY P 161 -36.34 -112.69 -138.19
N VAL P 162 -36.42 -111.86 -139.23
CA VAL P 162 -36.48 -110.41 -139.07
C VAL P 162 -37.93 -109.95 -139.28
N THR P 163 -38.28 -108.86 -138.61
CA THR P 163 -39.62 -108.28 -138.67
C THR P 163 -39.52 -106.78 -138.55
N GLN P 164 -40.17 -106.06 -139.47
CA GLN P 164 -40.17 -104.60 -139.50
C GLN P 164 -41.62 -104.16 -139.65
N ILE P 165 -42.23 -103.75 -138.54
CA ILE P 165 -43.63 -103.32 -138.54
C ILE P 165 -43.68 -101.81 -138.34
N ASN P 166 -44.35 -101.12 -139.25
CA ASN P 166 -44.46 -99.66 -139.21
C ASN P 166 -45.92 -99.30 -138.94
N GLY P 167 -46.25 -99.07 -137.66
CA GLY P 167 -47.56 -98.60 -137.29
C GLY P 167 -48.40 -99.61 -136.52
N VAL P 168 -48.43 -99.48 -135.20
CA VAL P 168 -49.27 -100.31 -134.33
C VAL P 168 -49.92 -99.38 -133.31
N SER P 169 -51.25 -99.44 -133.20
CA SER P 169 -52.01 -98.64 -132.25
C SER P 169 -52.94 -99.59 -131.49
N SER P 170 -52.45 -100.10 -130.36
CA SER P 170 -53.20 -101.06 -129.55
C SER P 170 -53.21 -100.61 -128.10
N ARG P 171 -54.28 -100.96 -127.40
CA ARG P 171 -54.43 -100.64 -125.99
C ARG P 171 -53.81 -101.68 -125.07
N ASN P 172 -53.35 -102.80 -125.63
CA ASN P 172 -52.69 -103.84 -124.85
C ASN P 172 -51.80 -104.66 -125.76
N LEU P 173 -50.66 -105.10 -125.23
CA LEU P 173 -49.74 -105.95 -125.98
C LEU P 173 -48.91 -106.74 -124.98
N GLN P 174 -48.69 -108.02 -125.29
CA GLN P 174 -47.83 -108.90 -124.50
C GLN P 174 -46.93 -109.66 -125.45
N ILE P 175 -45.62 -109.52 -125.28
CA ILE P 175 -44.63 -110.12 -126.16
C ILE P 175 -43.75 -111.04 -125.34
N VAL P 176 -43.65 -112.30 -125.75
CA VAL P 176 -42.71 -113.26 -125.19
C VAL P 176 -41.99 -113.95 -126.34
N LEU P 177 -40.66 -114.01 -126.26
CA LEU P 177 -39.82 -114.56 -127.32
C LEU P 177 -38.95 -115.67 -126.76
N LYS P 178 -38.77 -116.73 -127.56
CA LYS P 178 -38.00 -117.89 -127.14
C LYS P 178 -36.82 -118.23 -128.04
N GLY P 179 -36.79 -117.72 -129.27
CA GLY P 179 -35.69 -118.01 -130.17
C GLY P 179 -34.77 -116.84 -130.38
N ASP P 180 -34.39 -116.57 -131.63
CA ASP P 180 -33.47 -115.49 -131.99
C ASP P 180 -34.09 -114.56 -133.03
N PRO P 181 -35.08 -113.75 -132.66
CA PRO P 181 -35.69 -112.85 -133.63
C PRO P 181 -35.02 -111.47 -133.67
N LYS P 182 -35.27 -110.76 -134.76
CA LYS P 182 -34.85 -109.37 -134.93
C LYS P 182 -36.10 -108.58 -135.32
N VAL P 183 -36.86 -108.14 -134.32
CA VAL P 183 -38.15 -107.51 -134.53
C VAL P 183 -38.07 -106.04 -134.11
N LEU P 184 -38.62 -105.17 -134.95
CA LEU P 184 -38.77 -103.76 -134.58
C LEU P 184 -40.15 -103.29 -134.98
N ILE P 185 -40.87 -102.68 -134.03
CA ILE P 185 -42.26 -102.29 -134.18
C ILE P 185 -42.37 -100.79 -133.89
N SER P 186 -43.08 -100.08 -134.74
CA SER P 186 -43.34 -98.66 -134.57
C SER P 186 -44.81 -98.41 -134.29
N GLY P 187 -45.10 -97.28 -133.66
CA GLY P 187 -46.48 -96.89 -133.42
C GLY P 187 -46.76 -96.43 -132.00
N PHE P 188 -47.83 -96.95 -131.41
CA PHE P 188 -48.24 -96.59 -130.05
C PHE P 188 -48.67 -97.88 -129.35
N VAL P 189 -47.91 -98.29 -128.33
CA VAL P 189 -48.07 -99.58 -127.68
C VAL P 189 -48.24 -99.36 -126.18
N ASN P 190 -49.31 -99.91 -125.61
CA ASN P 190 -49.50 -99.94 -124.16
C ASN P 190 -49.01 -101.30 -123.66
N LEU P 191 -47.69 -101.44 -123.59
CA LEU P 191 -47.07 -102.69 -123.17
C LEU P 191 -47.27 -102.91 -121.67
N ARG P 192 -47.33 -104.18 -121.28
CA ARG P 192 -47.56 -104.55 -119.88
C ARG P 192 -46.45 -105.40 -119.28
N GLN P 193 -45.95 -106.40 -120.01
CA GLN P 193 -44.94 -107.30 -119.49
C GLN P 193 -44.03 -107.74 -120.63
N LEU P 194 -42.81 -108.13 -120.27
CA LEU P 194 -41.86 -108.63 -121.27
C LEU P 194 -40.88 -109.57 -120.58
N ASP P 195 -40.78 -110.79 -121.12
CA ASP P 195 -39.82 -111.78 -120.66
C ASP P 195 -39.01 -112.27 -121.86
N MET P 196 -37.69 -112.28 -121.72
CA MET P 196 -36.80 -112.70 -122.79
C MET P 196 -35.84 -113.76 -122.27
N TYR P 197 -35.77 -114.88 -123.00
CA TYR P 197 -34.87 -115.97 -122.69
C TYR P 197 -33.92 -116.33 -123.83
N GLY P 198 -34.14 -115.81 -125.02
CA GLY P 198 -33.33 -116.11 -126.19
C GLY P 198 -32.28 -115.05 -126.45
N LYS P 199 -31.90 -114.92 -127.71
CA LYS P 199 -30.94 -113.92 -128.15
C LYS P 199 -31.61 -112.84 -129.00
N GLY P 200 -32.76 -112.35 -128.54
CA GLY P 200 -33.55 -111.42 -129.32
C GLY P 200 -33.14 -109.98 -129.13
N THR P 201 -33.36 -109.19 -130.18
CA THR P 201 -33.23 -107.74 -130.17
C THR P 201 -34.59 -107.14 -130.54
N LEU P 202 -35.07 -106.23 -129.70
CA LEU P 202 -36.38 -105.61 -129.91
C LEU P 202 -36.26 -104.11 -129.67
N SER P 203 -36.89 -103.33 -130.54
CA SER P 203 -36.92 -101.87 -130.40
C SER P 203 -38.34 -101.36 -130.63
N LEU P 204 -38.80 -100.52 -129.73
CA LEU P 204 -40.09 -99.84 -129.86
C LEU P 204 -39.88 -98.34 -129.85
N TYR P 205 -40.61 -97.64 -130.72
CA TYR P 205 -40.40 -96.21 -130.91
C TYR P 205 -41.09 -95.40 -129.82
N TRP P 206 -42.42 -95.50 -129.74
CA TRP P 206 -43.21 -94.80 -128.73
C TRP P 206 -44.07 -95.81 -127.97
N ILE P 207 -44.02 -95.74 -126.65
CA ILE P 207 -44.90 -96.51 -125.79
C ILE P 207 -45.48 -95.60 -124.72
N LYS P 208 -46.77 -95.77 -124.43
CA LYS P 208 -47.46 -95.01 -123.39
C LYS P 208 -48.13 -96.03 -122.47
N SER P 209 -47.39 -96.49 -121.47
CA SER P 209 -47.83 -97.57 -120.59
C SER P 209 -48.05 -97.04 -119.18
N ASP P 210 -48.36 -97.96 -118.27
CA ASP P 210 -48.59 -97.65 -116.87
C ASP P 210 -47.69 -98.42 -115.93
N THR P 211 -47.42 -99.70 -116.22
CA THR P 211 -46.53 -100.50 -115.39
C THR P 211 -45.86 -101.54 -116.27
N LEU P 212 -44.53 -101.52 -116.33
CA LEU P 212 -43.77 -102.50 -117.09
C LEU P 212 -42.98 -103.41 -116.16
N THR P 213 -42.94 -104.70 -116.51
CA THR P 213 -42.09 -105.68 -115.85
C THR P 213 -41.22 -106.32 -116.91
N ILE P 214 -39.91 -106.07 -116.82
CA ILE P 214 -38.93 -106.54 -117.79
C ILE P 214 -38.09 -107.61 -117.12
N ARG P 215 -38.01 -108.80 -117.73
CA ARG P 215 -37.20 -109.89 -117.20
C ARG P 215 -36.33 -110.45 -118.32
N ALA P 216 -35.03 -110.16 -118.27
CA ALA P 216 -34.10 -110.63 -119.29
C ALA P 216 -33.18 -111.68 -118.68
N LYS P 217 -33.06 -112.82 -119.37
CA LYS P 217 -32.49 -114.03 -118.78
C LYS P 217 -31.13 -114.43 -119.34
N LYS P 218 -30.98 -114.52 -120.67
CA LYS P 218 -29.76 -115.12 -121.23
C LYS P 218 -28.90 -114.13 -121.99
N ALA P 219 -29.41 -113.52 -123.06
CA ALA P 219 -28.70 -112.45 -123.77
C ALA P 219 -29.75 -111.65 -124.55
N ALA P 220 -30.18 -110.53 -124.00
CA ALA P 220 -31.29 -109.79 -124.59
C ALA P 220 -30.85 -108.37 -124.95
N LYS P 221 -31.50 -107.81 -125.97
CA LYS P 221 -31.31 -106.41 -126.32
C LYS P 221 -32.68 -105.76 -126.44
N ILE P 222 -32.97 -104.80 -125.57
CA ILE P 222 -34.26 -104.12 -125.53
C ILE P 222 -34.01 -102.62 -125.65
N GLN P 223 -34.73 -101.96 -126.55
CA GLN P 223 -34.58 -100.53 -126.78
C GLN P 223 -35.96 -99.89 -126.84
N LEU P 224 -36.36 -99.24 -125.76
CA LEU P 224 -37.67 -98.61 -125.65
C LEU P 224 -37.52 -97.10 -125.48
N ALA P 225 -38.61 -96.38 -125.78
CA ALA P 225 -38.68 -94.95 -125.59
C ALA P 225 -40.15 -94.56 -125.47
N GLY P 226 -40.44 -93.67 -124.54
CA GLY P 226 -41.81 -93.22 -124.34
C GLY P 226 -42.03 -92.77 -122.90
N ILE P 227 -43.29 -92.90 -122.47
CA ILE P 227 -43.73 -92.43 -121.16
C ILE P 227 -44.25 -93.64 -120.38
N VAL P 228 -43.67 -93.86 -119.20
CA VAL P 228 -44.01 -95.01 -118.35
C VAL P 228 -44.16 -94.52 -116.91
N ASN P 229 -45.27 -94.89 -116.27
CA ASN P 229 -45.51 -94.48 -114.89
C ASN P 229 -44.68 -95.28 -113.90
N ARG P 230 -44.51 -96.58 -114.14
CA ARG P 230 -43.79 -97.44 -113.19
C ARG P 230 -43.05 -98.53 -113.96
N LEU P 231 -41.77 -98.71 -113.64
CA LEU P 231 -40.90 -99.64 -114.35
C LEU P 231 -40.19 -100.55 -113.36
N ASP P 232 -40.18 -101.84 -113.66
CA ASP P 232 -39.40 -102.83 -112.93
C ASP P 232 -38.55 -103.60 -113.92
N VAL P 233 -37.24 -103.67 -113.65
CA VAL P 233 -36.28 -104.27 -114.57
C VAL P 233 -35.44 -105.29 -113.81
N GLU P 234 -35.35 -106.51 -114.33
CA GLU P 234 -34.55 -107.58 -113.75
C GLU P 234 -33.68 -108.16 -114.85
N LEU P 235 -32.37 -107.93 -114.77
CA LEU P 235 -31.42 -108.46 -115.74
C LEU P 235 -30.56 -109.50 -115.05
N TRP P 236 -30.45 -110.70 -115.65
CA TRP P 236 -29.75 -111.79 -114.96
C TRP P 236 -28.28 -111.90 -115.37
N ASP P 237 -27.99 -112.20 -116.63
CA ASP P 237 -26.61 -112.15 -117.09
C ASP P 237 -26.57 -111.90 -118.58
N PHE P 238 -25.54 -111.17 -119.01
CA PHE P 238 -25.23 -110.85 -120.41
C PHE P 238 -26.40 -110.14 -121.12
N ALA P 239 -27.17 -109.36 -120.37
CA ALA P 239 -28.35 -108.70 -120.88
C ALA P 239 -28.15 -107.19 -120.85
N GLN P 240 -28.60 -106.52 -121.91
CA GLN P 240 -28.44 -105.08 -122.05
C GLN P 240 -29.81 -104.44 -122.19
N PHE P 241 -30.13 -103.54 -121.27
CA PHE P 241 -31.38 -102.78 -121.29
C PHE P 241 -31.04 -101.33 -121.59
N LYS P 242 -31.48 -100.84 -122.74
CA LYS P 242 -31.29 -99.45 -123.12
C LYS P 242 -32.59 -98.67 -122.92
N GLY P 243 -32.89 -98.36 -121.65
CA GLY P 243 -34.08 -97.60 -121.34
C GLY P 243 -33.84 -96.11 -121.35
N LYS P 244 -32.74 -95.68 -121.98
CA LYS P 244 -32.57 -94.27 -122.30
C LYS P 244 -33.63 -93.84 -123.31
N TYR P 245 -34.06 -92.58 -123.18
CA TYR P 245 -35.21 -91.94 -123.84
C TYR P 245 -36.55 -92.54 -123.42
N LEU P 246 -36.56 -93.43 -122.42
CA LEU P 246 -37.78 -93.96 -121.81
C LEU P 246 -37.85 -93.37 -120.40
N ARG P 247 -38.67 -92.35 -120.24
CA ARG P 247 -38.72 -91.59 -119.00
C ARG P 247 -39.73 -92.25 -118.04
N ALA P 248 -39.24 -92.70 -116.89
CA ALA P 248 -40.05 -93.41 -115.91
C ALA P 248 -40.16 -92.57 -114.65
N GLN P 249 -41.38 -92.47 -114.12
CA GLN P 249 -41.59 -91.77 -112.85
C GLN P 249 -41.02 -92.58 -111.69
N ARG P 250 -41.33 -93.87 -111.64
CA ARG P 250 -40.82 -94.77 -110.62
C ARG P 250 -40.00 -95.85 -111.30
N SER P 251 -38.77 -96.05 -110.83
CA SER P 251 -37.89 -97.05 -111.41
C SER P 251 -37.36 -97.98 -110.33
N PHE P 252 -37.52 -99.28 -110.54
CA PHE P 252 -36.87 -100.33 -109.75
C PHE P 252 -36.01 -101.15 -110.70
N VAL P 253 -34.71 -101.20 -110.45
CA VAL P 253 -33.76 -101.86 -111.35
C VAL P 253 -32.87 -102.79 -110.53
N LYS P 254 -32.80 -104.06 -110.94
CA LYS P 254 -31.87 -105.01 -110.34
C LYS P 254 -31.06 -105.70 -111.43
N THR P 255 -29.74 -105.65 -111.30
CA THR P 255 -28.83 -106.27 -112.25
C THR P 255 -27.94 -107.28 -111.51
N HIS P 256 -27.88 -108.49 -112.05
CA HIS P 256 -26.97 -109.53 -111.60
C HIS P 256 -25.79 -109.59 -112.57
N ASP P 257 -25.02 -110.69 -112.49
CA ASP P 257 -23.63 -110.74 -112.96
C ASP P 257 -23.46 -110.44 -114.45
N LYS P 258 -22.67 -109.40 -114.73
CA LYS P 258 -22.28 -108.97 -116.08
C LYS P 258 -23.48 -108.61 -116.95
N SER P 259 -24.33 -107.72 -116.44
CA SER P 259 -25.44 -107.17 -117.19
C SER P 259 -25.39 -105.66 -117.15
N VAL P 260 -25.86 -105.02 -118.21
CA VAL P 260 -25.75 -103.58 -118.39
C VAL P 260 -27.15 -103.00 -118.55
N ALA P 261 -27.48 -102.01 -117.73
CA ALA P 261 -28.74 -101.28 -117.83
C ALA P 261 -28.47 -99.79 -117.79
N GLU P 262 -29.15 -99.05 -118.67
CA GLU P 262 -29.10 -97.58 -118.66
C GLU P 262 -30.53 -97.06 -118.57
N ILE P 263 -30.78 -96.20 -117.58
CA ILE P 263 -32.13 -95.77 -117.21
C ILE P 263 -32.21 -94.25 -117.24
N SER P 264 -33.45 -93.75 -117.25
CA SER P 264 -33.74 -92.33 -117.34
C SER P 264 -34.87 -91.95 -116.37
N ALA P 265 -34.73 -92.35 -115.10
CA ALA P 265 -35.76 -92.11 -114.09
C ALA P 265 -35.95 -90.62 -113.80
N VAL P 266 -37.15 -90.26 -113.38
CA VAL P 266 -37.58 -88.86 -113.28
C VAL P 266 -37.87 -88.46 -111.84
N ASN P 267 -38.70 -89.22 -111.12
CA ASN P 267 -39.12 -88.85 -109.77
C ASN P 267 -38.41 -89.68 -108.71
N HIS P 268 -38.52 -91.01 -108.78
CA HIS P 268 -37.94 -91.90 -107.79
C HIS P 268 -37.17 -93.02 -108.48
N GLN P 269 -35.92 -93.21 -108.07
CA GLN P 269 -35.02 -94.20 -108.66
C GLN P 269 -34.50 -95.11 -107.55
N SER P 270 -34.62 -96.42 -107.78
CA SER P 270 -34.14 -97.43 -106.84
C SER P 270 -33.39 -98.49 -107.63
N SER P 271 -32.10 -98.63 -107.37
CA SER P 271 -31.25 -99.49 -108.20
C SER P 271 -30.36 -100.37 -107.33
N LEU P 272 -30.08 -101.56 -107.83
CA LEU P 272 -29.21 -102.52 -107.15
C LEU P 272 -28.36 -103.26 -108.18
N ALA P 273 -27.05 -103.24 -107.96
CA ALA P 273 -26.09 -103.96 -108.79
C ALA P 273 -25.38 -105.00 -107.92
N THR P 274 -25.38 -106.26 -108.38
CA THR P 274 -24.94 -107.34 -107.50
C THR P 274 -23.45 -107.61 -107.63
N ASP P 275 -22.98 -108.01 -108.80
CA ASP P 275 -21.59 -108.46 -108.93
C ASP P 275 -21.09 -108.26 -110.35
N ALA P 276 -20.14 -107.33 -110.53
CA ALA P 276 -19.55 -106.96 -111.82
C ALA P 276 -20.62 -106.53 -112.83
N SER P 277 -21.63 -105.81 -112.35
CA SER P 277 -22.70 -105.30 -113.18
C SER P 277 -22.69 -103.78 -113.12
N ASP P 278 -23.22 -103.16 -114.18
CA ASP P 278 -23.17 -101.71 -114.32
C ASP P 278 -24.58 -101.18 -114.53
N ILE P 279 -24.95 -100.19 -113.73
CA ILE P 279 -26.17 -99.42 -113.91
C ILE P 279 -25.74 -97.98 -114.13
N TYR P 280 -26.18 -97.38 -115.22
CA TYR P 280 -25.90 -96.00 -115.54
C TYR P 280 -27.20 -95.23 -115.55
N TYR P 281 -27.24 -94.06 -114.93
CA TYR P 281 -28.41 -93.23 -115.13
C TYR P 281 -28.10 -92.08 -116.08
N TYR P 282 -29.13 -91.36 -116.49
CA TYR P 282 -28.96 -90.24 -117.40
C TYR P 282 -29.79 -89.03 -117.03
N ASN P 283 -30.61 -89.11 -115.98
CA ASN P 283 -31.38 -87.99 -115.50
C ASN P 283 -31.23 -87.90 -113.98
N LEU P 284 -31.25 -86.67 -113.48
CA LEU P 284 -31.14 -86.43 -112.03
C LEU P 284 -32.55 -86.44 -111.46
N SER P 285 -32.92 -87.55 -110.81
CA SER P 285 -34.25 -87.69 -110.26
C SER P 285 -34.38 -86.88 -108.97
N LYS P 286 -35.64 -86.70 -108.54
CA LYS P 286 -35.89 -86.00 -107.29
C LYS P 286 -35.49 -86.84 -106.09
N THR P 287 -35.52 -88.16 -106.21
CA THR P 287 -35.05 -89.05 -105.15
C THR P 287 -34.32 -90.22 -105.78
N ARG P 288 -33.09 -90.47 -105.30
CA ARG P 288 -32.21 -91.48 -105.85
C ARG P 288 -31.73 -92.39 -104.72
N ALA P 289 -31.75 -93.70 -104.95
CA ALA P 289 -31.22 -94.65 -103.97
C ALA P 289 -30.62 -95.84 -104.71
N ASP P 290 -29.31 -96.02 -104.54
CA ASP P 290 -28.55 -97.04 -105.26
C ASP P 290 -27.79 -97.91 -104.27
N PHE P 291 -27.66 -99.20 -104.61
CA PHE P 291 -26.90 -100.13 -103.78
C PHE P 291 -26.04 -101.02 -104.66
N MET P 292 -24.87 -101.38 -104.13
CA MET P 292 -23.90 -102.24 -104.79
C MET P 292 -23.51 -103.35 -103.83
N ALA P 293 -23.34 -104.57 -104.34
CA ALA P 293 -23.13 -105.72 -103.46
C ALA P 293 -21.72 -106.28 -103.51
N PHE P 294 -21.24 -106.73 -104.68
CA PHE P 294 -19.90 -107.33 -104.75
C PHE P 294 -18.95 -106.51 -105.60
N ASN P 295 -19.26 -106.30 -106.88
CA ASN P 295 -18.42 -105.52 -107.77
C ASN P 295 -19.24 -104.64 -108.70
N GLY P 296 -20.55 -104.54 -108.49
CA GLY P 296 -21.38 -103.70 -109.32
C GLY P 296 -21.16 -102.22 -109.03
N SER P 297 -21.70 -101.40 -109.92
CA SER P 297 -21.48 -99.96 -109.84
C SER P 297 -22.59 -99.20 -110.53
N VAL P 298 -22.99 -98.08 -109.94
CA VAL P 298 -23.98 -97.17 -110.51
C VAL P 298 -23.27 -95.85 -110.81
N LEU P 299 -23.42 -95.37 -112.05
CA LEU P 299 -22.64 -94.24 -112.53
C LEU P 299 -23.55 -93.13 -113.05
N ASP P 300 -23.00 -91.92 -113.01
CA ASP P 300 -23.73 -90.70 -113.36
C ASP P 300 -23.86 -90.53 -114.87
N MET P 301 -22.73 -90.62 -115.59
CA MET P 301 -22.69 -90.72 -117.06
C MET P 301 -23.36 -89.55 -117.78
N ARG P 302 -23.30 -88.35 -117.22
CA ARG P 302 -23.86 -87.17 -117.87
C ARG P 302 -22.77 -86.44 -118.65
N GLU P 303 -23.14 -85.27 -119.18
CA GLU P 303 -22.34 -84.64 -120.23
C GLU P 303 -21.16 -83.85 -119.69
N TRP P 304 -21.34 -83.18 -118.54
CA TRP P 304 -20.43 -82.26 -117.84
C TRP P 304 -20.24 -80.93 -118.55
N GLY P 305 -20.80 -80.75 -119.74
CA GLY P 305 -20.62 -79.51 -120.49
C GLY P 305 -21.94 -78.94 -120.98
N GLN P 306 -23.05 -79.52 -120.53
CA GLN P 306 -24.36 -79.01 -120.89
C GLN P 306 -24.61 -77.67 -120.21
N SER P 307 -25.26 -76.75 -120.94
CA SER P 307 -25.45 -75.40 -120.45
C SER P 307 -26.48 -75.31 -119.33
N ASP P 308 -27.37 -76.30 -119.22
CA ASP P 308 -28.42 -76.31 -118.21
C ASP P 308 -28.30 -77.54 -117.31
N LEU P 309 -27.08 -77.86 -116.90
CA LEU P 309 -26.86 -78.98 -116.00
C LEU P 309 -27.35 -78.64 -114.59
N LYS P 310 -27.85 -79.65 -113.89
CA LYS P 310 -28.42 -79.50 -112.56
C LYS P 310 -27.53 -80.18 -111.53
N ASP P 311 -27.35 -79.50 -110.39
CA ASP P 311 -26.50 -80.00 -109.32
C ASP P 311 -27.34 -80.76 -108.29
N PHE P 312 -26.65 -81.43 -107.37
CA PHE P 312 -27.31 -82.16 -106.31
C PHE P 312 -27.93 -81.20 -105.30
N ASP P 313 -28.98 -81.67 -104.63
CA ASP P 313 -29.67 -80.93 -103.59
C ASP P 313 -29.40 -81.57 -102.24
N ARG P 314 -30.09 -81.07 -101.21
CA ARG P 314 -30.04 -81.68 -99.89
C ARG P 314 -30.64 -83.08 -99.90
N TYR P 315 -31.66 -83.31 -100.72
CA TYR P 315 -32.39 -84.57 -100.76
C TYR P 315 -31.87 -85.52 -101.84
N ASN P 316 -30.82 -85.15 -102.56
CA ASN P 316 -30.26 -85.97 -103.62
C ASN P 316 -28.82 -86.41 -103.37
N LYS P 317 -28.14 -85.82 -102.38
CA LYS P 317 -26.71 -86.03 -102.20
C LYS P 317 -26.47 -87.38 -101.53
N GLN P 318 -26.17 -88.39 -102.34
CA GLN P 318 -25.75 -89.71 -101.86
C GLN P 318 -24.29 -89.94 -102.24
N PHE P 319 -23.53 -90.53 -101.33
CA PHE P 319 -22.12 -90.77 -101.56
C PHE P 319 -21.86 -92.27 -101.67
N PRO P 320 -21.60 -92.81 -102.87
CA PRO P 320 -21.38 -94.25 -103.10
C PRO P 320 -20.14 -94.80 -102.39
N GLY Q 40 11.41 -81.46 -75.54
CA GLY Q 40 11.98 -81.94 -76.79
C GLY Q 40 11.17 -81.57 -78.01
N CYS Q 41 11.60 -80.52 -78.71
CA CYS Q 41 10.89 -80.06 -79.88
C CYS Q 41 11.24 -80.88 -81.12
N CYS Q 42 12.52 -80.92 -81.47
CA CYS Q 42 12.97 -81.63 -82.67
C CYS Q 42 13.37 -83.07 -82.34
N SER Q 43 12.42 -83.79 -81.74
CA SER Q 43 12.68 -85.16 -81.32
C SER Q 43 12.66 -86.11 -82.52
N LYS Q 44 13.56 -87.09 -82.48
CA LYS Q 44 13.89 -87.97 -83.63
C LYS Q 44 14.26 -87.18 -84.88
N MET Q 45 14.94 -86.05 -84.67
CA MET Q 45 15.58 -85.28 -85.72
C MET Q 45 16.97 -84.90 -85.20
N GLY Q 46 17.64 -84.00 -85.90
CA GLY Q 46 18.99 -83.64 -85.50
C GLY Q 46 19.11 -82.59 -84.43
N GLY Q 47 18.00 -82.10 -83.89
CA GLY Q 47 18.03 -81.05 -82.88
C GLY Q 47 17.76 -79.69 -83.48
N ILE Q 48 17.68 -78.69 -82.59
CA ILE Q 48 17.26 -77.35 -82.97
C ILE Q 48 18.41 -76.62 -83.64
N ASN Q 49 18.16 -76.08 -84.83
CA ASN Q 49 19.15 -75.24 -85.50
C ASN Q 49 19.07 -73.80 -85.01
N TYR Q 50 17.95 -73.12 -85.28
CA TYR Q 50 17.78 -71.72 -84.89
C TYR Q 50 16.30 -71.34 -84.95
N CYS Q 51 16.00 -70.22 -84.30
CA CYS Q 51 14.67 -69.60 -84.34
C CYS Q 51 14.57 -68.69 -85.57
N ASP Q 52 13.73 -69.08 -86.53
CA ASP Q 52 13.35 -68.21 -87.63
C ASP Q 52 12.24 -67.29 -87.13
N SER Q 53 12.58 -66.01 -86.95
CA SER Q 53 11.64 -65.03 -86.41
C SER Q 53 10.75 -64.42 -87.49
N SER Q 54 11.06 -64.64 -88.77
CA SER Q 54 10.16 -64.21 -89.83
C SER Q 54 8.88 -65.02 -89.85
N ALA Q 55 8.95 -66.30 -89.48
CA ALA Q 55 7.78 -67.13 -89.32
C ALA Q 55 7.43 -67.41 -87.86
N GLY Q 56 8.34 -67.11 -86.94
CA GLY Q 56 8.10 -67.39 -85.53
C GLY Q 56 8.22 -68.85 -85.16
N ARG Q 57 9.08 -69.60 -85.84
CA ARG Q 57 9.17 -71.05 -85.65
C ARG Q 57 10.61 -71.49 -85.53
N LEU Q 58 10.83 -72.58 -84.81
CA LEU Q 58 12.15 -73.20 -84.76
C LEU Q 58 12.39 -74.01 -86.03
N VAL Q 59 13.67 -74.14 -86.38
CA VAL Q 59 14.10 -74.97 -87.50
C VAL Q 59 14.96 -76.08 -86.93
N CYS Q 60 14.67 -77.32 -87.33
CA CYS Q 60 15.46 -78.44 -86.86
C CYS Q 60 16.73 -78.58 -87.71
N ASN Q 61 17.56 -79.57 -87.39
CA ASN Q 61 18.82 -79.74 -88.10
C ASN Q 61 18.64 -80.41 -89.46
N ASN Q 62 17.47 -80.97 -89.74
CA ASN Q 62 17.08 -81.31 -91.10
C ASN Q 62 16.38 -80.10 -91.73
N GLY Q 63 15.75 -80.29 -92.88
CA GLY Q 63 15.11 -79.18 -93.55
C GLY Q 63 13.65 -78.99 -93.18
N PHE Q 64 13.22 -79.59 -92.07
CA PHE Q 64 11.83 -79.55 -91.66
C PHE Q 64 11.61 -78.45 -90.63
N TYR Q 65 10.50 -77.73 -90.78
CA TYR Q 65 10.08 -76.78 -89.75
C TYR Q 65 9.57 -77.52 -88.52
N SER Q 66 9.82 -76.93 -87.36
CA SER Q 66 9.36 -77.50 -86.11
C SER Q 66 7.97 -77.00 -85.77
N THR Q 67 7.28 -77.75 -84.90
CA THR Q 67 5.95 -77.38 -84.45
C THR Q 67 5.96 -76.43 -83.25
N CYS Q 68 7.11 -76.20 -82.65
CA CYS Q 68 7.20 -75.31 -81.49
C CYS Q 68 7.29 -73.85 -81.92
N TYR Q 69 6.76 -72.98 -81.08
CA TYR Q 69 6.89 -71.54 -81.27
C TYR Q 69 8.13 -71.05 -80.55
N CYS Q 70 8.71 -69.96 -81.05
CA CYS Q 70 9.82 -69.30 -80.37
C CYS Q 70 9.70 -67.78 -80.31
N THR Q 71 8.68 -67.18 -80.93
CA THR Q 71 8.35 -65.78 -80.73
C THR Q 71 6.88 -65.67 -80.34
N ARG Q 72 6.51 -64.53 -79.76
CA ARG Q 72 5.11 -64.32 -79.40
C ARG Q 72 4.29 -63.85 -80.59
N HIS Q 73 4.96 -63.37 -81.64
CA HIS Q 73 4.28 -62.93 -82.86
C HIS Q 73 4.22 -64.08 -83.87
N ALA Q 74 3.69 -65.21 -83.41
CA ALA Q 74 3.47 -66.37 -84.23
C ALA Q 74 1.97 -66.65 -84.31
N VAL Q 75 1.56 -67.30 -85.40
CA VAL Q 75 0.15 -67.57 -85.62
C VAL Q 75 -0.33 -68.66 -84.67
N MET Q 76 -1.11 -68.26 -83.66
CA MET Q 76 -1.72 -69.18 -82.72
C MET Q 76 -3.24 -69.10 -82.88
N ASP Q 77 -3.90 -70.23 -82.74
CA ASP Q 77 -5.37 -70.30 -82.86
C ASP Q 77 -5.99 -70.07 -81.49
N LEU Q 78 -5.88 -68.82 -81.02
CA LEU Q 78 -6.38 -68.45 -79.71
C LEU Q 78 -7.89 -68.24 -79.78
N GLN Q 79 -8.64 -69.00 -78.97
CA GLN Q 79 -10.09 -68.91 -78.93
C GLN Q 79 -10.65 -68.64 -77.54
N PHE Q 80 -9.87 -68.86 -76.48
CA PHE Q 80 -10.32 -68.69 -75.11
C PHE Q 80 -9.40 -67.71 -74.41
N LEU Q 81 -9.94 -66.56 -74.00
CA LEU Q 81 -9.17 -65.51 -73.34
C LEU Q 81 -9.78 -65.19 -71.98
N MET Q 82 -8.91 -64.97 -71.00
CA MET Q 82 -9.33 -64.71 -69.64
C MET Q 82 -9.42 -63.20 -69.37
N GLY Q 83 -9.90 -62.86 -68.18
CA GLY Q 83 -10.09 -61.47 -67.79
C GLY Q 83 -11.51 -61.00 -67.99
N CYS Q 84 -11.90 -60.00 -67.21
CA CYS Q 84 -13.24 -59.43 -67.31
C CYS Q 84 -13.20 -58.04 -67.93
N CYS Q 85 -14.40 -57.52 -68.19
CA CYS Q 85 -14.65 -56.38 -69.09
C CYS Q 85 -14.08 -56.63 -70.47
N LEU Q 86 -14.15 -57.88 -70.93
CA LEU Q 86 -13.84 -58.20 -72.31
C LEU Q 86 -14.99 -57.75 -73.22
N TRP Q 87 -14.64 -57.44 -74.46
CA TRP Q 87 -15.52 -56.81 -75.46
C TRP Q 87 -16.09 -55.48 -74.96
N HIS Q 88 -15.30 -54.79 -74.14
CA HIS Q 88 -15.54 -53.41 -73.73
C HIS Q 88 -14.17 -52.74 -73.75
N GLY Q 89 -14.05 -51.58 -73.11
CA GLY Q 89 -12.76 -50.91 -73.10
C GLY Q 89 -11.74 -51.49 -72.15
N GLY Q 90 -12.12 -52.45 -71.32
CA GLY Q 90 -11.26 -52.97 -70.27
C GLY Q 90 -11.70 -52.47 -68.90
N VAL Q 91 -10.95 -52.89 -67.88
CA VAL Q 91 -11.27 -52.56 -66.50
C VAL Q 91 -10.84 -51.12 -66.23
N TYR Q 92 -11.79 -50.29 -65.80
CA TYR Q 92 -11.48 -48.90 -65.50
C TYR Q 92 -10.76 -48.83 -64.14
N PRO Q 93 -9.59 -48.17 -64.07
CA PRO Q 93 -8.65 -48.46 -62.98
C PRO Q 93 -8.93 -47.77 -61.64
N GLN Q 94 -10.14 -47.27 -61.42
CA GLN Q 94 -10.45 -46.65 -60.13
C GLN Q 94 -10.52 -47.71 -59.02
N LEU Q 95 -10.25 -47.26 -57.80
CA LEU Q 95 -10.38 -48.12 -56.62
C LEU Q 95 -11.71 -47.80 -55.95
N ASN Q 96 -12.47 -48.85 -55.65
CA ASN Q 96 -13.87 -48.72 -55.25
C ASN Q 96 -14.04 -49.09 -53.78
N SER Q 97 -14.90 -48.34 -53.09
CA SER Q 97 -15.29 -48.71 -51.74
C SER Q 97 -16.09 -49.99 -51.72
N SER Q 98 -16.96 -50.18 -52.70
CA SER Q 98 -17.72 -51.41 -52.86
C SER Q 98 -16.92 -52.39 -53.72
N GLY Q 99 -17.52 -53.53 -54.03
CA GLY Q 99 -16.85 -54.53 -54.84
C GLY Q 99 -17.24 -54.48 -56.30
N LEU Q 100 -17.82 -53.36 -56.74
CA LEU Q 100 -18.26 -53.23 -58.12
C LEU Q 100 -17.08 -53.07 -59.06
N VAL Q 101 -17.21 -53.66 -60.24
CA VAL Q 101 -16.21 -53.53 -61.30
C VAL Q 101 -16.89 -52.87 -62.49
N VAL Q 102 -16.33 -51.75 -62.95
CA VAL Q 102 -16.90 -50.97 -64.03
C VAL Q 102 -15.92 -50.97 -65.20
N CYS Q 103 -16.48 -51.06 -66.42
CA CYS Q 103 -15.68 -51.04 -67.62
C CYS Q 103 -15.48 -49.60 -68.11
N ASN Q 104 -14.64 -49.44 -69.14
CA ASN Q 104 -14.32 -48.12 -69.65
C ASN Q 104 -15.44 -47.48 -70.46
N ASP Q 105 -16.49 -48.23 -70.82
CA ASP Q 105 -17.62 -47.69 -71.53
C ASP Q 105 -18.86 -47.53 -70.64
N GLY Q 106 -18.69 -47.59 -69.32
CA GLY Q 106 -19.77 -47.41 -68.39
C GLY Q 106 -20.51 -48.67 -68.01
N TYR Q 107 -20.22 -49.80 -68.66
CA TYR Q 107 -20.87 -51.06 -68.33
C TYR Q 107 -20.32 -51.59 -67.01
N VAL Q 108 -21.18 -52.31 -66.28
CA VAL Q 108 -20.84 -52.89 -64.99
C VAL Q 108 -20.81 -54.41 -65.15
N SER Q 109 -19.67 -55.01 -64.83
CA SER Q 109 -19.48 -56.45 -64.99
C SER Q 109 -19.95 -57.15 -63.72
N GLU Q 110 -21.01 -57.96 -63.85
CA GLU Q 110 -21.56 -58.66 -62.70
C GLU Q 110 -20.69 -59.84 -62.27
N GLU Q 111 -19.89 -60.40 -63.18
CA GLU Q 111 -19.11 -61.58 -62.86
C GLU Q 111 -17.93 -61.25 -61.95
N CYS Q 112 -17.22 -60.16 -62.24
CA CYS Q 112 -16.13 -59.73 -61.36
C CYS Q 112 -16.62 -58.92 -60.16
N SER Q 113 -17.90 -58.55 -60.12
CA SER Q 113 -18.43 -57.80 -58.99
C SER Q 113 -18.62 -58.70 -57.79
N LEU Q 114 -18.18 -58.24 -56.62
CA LEU Q 114 -18.37 -58.99 -55.38
C LEU Q 114 -19.81 -58.81 -54.91
N GLN Q 115 -20.41 -59.91 -54.46
CA GLN Q 115 -21.79 -59.88 -53.99
C GLN Q 115 -21.88 -59.28 -52.58
N UNK R 1 -1.76 -76.50 -105.23
CA UNK R 1 -0.55 -77.09 -105.78
C UNK R 1 -0.87 -78.06 -106.90
N UNK R 2 -1.49 -79.19 -106.53
CA UNK R 2 -2.00 -80.29 -107.37
C UNK R 2 -0.92 -81.07 -108.11
N UNK R 3 0.36 -80.73 -107.94
CA UNK R 3 1.45 -81.47 -108.57
C UNK R 3 2.70 -81.23 -107.73
N UNK R 4 3.03 -82.22 -106.89
CA UNK R 4 4.19 -82.07 -106.02
C UNK R 4 5.50 -82.32 -106.75
N UNK R 5 5.45 -82.97 -107.91
CA UNK R 5 6.64 -83.26 -108.72
C UNK R 5 6.36 -82.74 -110.13
N UNK R 6 6.72 -81.48 -110.37
CA UNK R 6 6.51 -80.89 -111.69
C UNK R 6 7.53 -81.43 -112.69
N UNK R 7 7.13 -81.45 -113.96
CA UNK R 7 7.94 -82.00 -115.03
C UNK R 7 8.64 -80.88 -115.78
N UNK R 8 9.87 -81.16 -116.21
CA UNK R 8 10.69 -80.20 -116.96
C UNK R 8 10.77 -80.66 -118.41
N UNK R 9 10.03 -79.97 -119.28
CA UNK R 9 9.96 -80.21 -120.73
C UNK R 9 9.61 -81.65 -121.09
N PHE S 25 -12.52 -99.84 -89.48
CA PHE S 25 -13.88 -99.60 -89.01
C PHE S 25 -14.25 -98.13 -89.10
N LYS S 26 -15.48 -97.86 -89.55
CA LYS S 26 -15.93 -96.49 -89.76
C LYS S 26 -16.23 -95.80 -88.44
N LYS S 27 -15.84 -94.53 -88.34
CA LYS S 27 -16.06 -93.71 -87.16
C LYS S 27 -17.11 -92.64 -87.44
N PRO S 28 -17.86 -92.21 -86.42
CA PRO S 28 -18.79 -91.08 -86.59
C PRO S 28 -18.03 -89.77 -86.70
N PRO S 29 -18.66 -88.72 -87.24
CA PRO S 29 -18.02 -87.39 -87.21
C PRO S 29 -17.84 -86.88 -85.78
N ILE S 30 -16.72 -86.19 -85.56
CA ILE S 30 -16.39 -85.75 -84.20
C ILE S 30 -17.27 -84.58 -83.78
N ASN S 31 -17.58 -83.67 -84.70
CA ASN S 31 -18.51 -82.57 -84.43
C ASN S 31 -19.91 -82.92 -84.91
N ASN S 32 -20.42 -84.03 -84.41
CA ASN S 32 -21.76 -84.47 -84.81
C ASN S 32 -22.79 -84.05 -83.79
N PRO S 33 -23.97 -83.62 -84.23
CA PRO S 33 -25.05 -83.32 -83.27
C PRO S 33 -25.65 -84.58 -82.67
N SER S 34 -25.00 -85.12 -81.64
CA SER S 34 -25.52 -86.25 -80.89
C SER S 34 -26.37 -85.81 -79.72
N ASP S 35 -26.63 -84.52 -79.58
CA ASP S 35 -27.41 -83.97 -78.49
C ASP S 35 -28.70 -83.37 -79.04
N ASP S 36 -29.80 -83.62 -78.33
CA ASP S 36 -31.13 -83.32 -78.83
C ASP S 36 -31.50 -81.84 -78.78
N ALA S 37 -30.66 -80.99 -78.18
CA ALA S 37 -30.77 -79.55 -78.35
C ALA S 37 -29.87 -79.02 -79.46
N THR S 38 -28.70 -79.62 -79.63
CA THR S 38 -27.79 -79.25 -80.72
C THR S 38 -28.38 -79.59 -82.08
N ILE S 39 -29.19 -80.66 -82.15
CA ILE S 39 -29.88 -81.02 -83.39
C ILE S 39 -30.85 -79.92 -83.81
N LYS S 40 -31.64 -79.42 -82.85
CA LYS S 40 -32.58 -78.34 -83.11
C LYS S 40 -31.86 -77.03 -83.44
N LEU S 41 -30.75 -76.75 -82.77
CA LEU S 41 -29.95 -75.56 -83.05
C LEU S 41 -29.39 -75.60 -84.47
N ALA S 42 -28.89 -76.76 -84.90
CA ALA S 42 -28.33 -76.87 -86.24
C ALA S 42 -29.40 -76.83 -87.33
N GLU S 43 -30.60 -77.40 -87.07
CA GLU S 43 -31.70 -77.23 -88.02
C GLU S 43 -32.13 -75.77 -88.14
N ALA S 44 -32.16 -75.05 -87.01
CA ALA S 44 -32.48 -73.62 -87.06
C ALA S 44 -31.44 -72.83 -87.85
N ALA S 45 -30.16 -73.19 -87.69
CA ALA S 45 -29.09 -72.53 -88.46
C ALA S 45 -29.23 -72.80 -89.95
N VAL S 46 -29.57 -74.05 -90.32
CA VAL S 46 -29.75 -74.40 -91.73
C VAL S 46 -30.93 -73.64 -92.34
N SER S 47 -32.05 -73.55 -91.60
CA SER S 47 -33.22 -72.84 -92.11
C SER S 47 -32.96 -71.34 -92.22
N VAL S 48 -32.21 -70.77 -91.27
CA VAL S 48 -31.83 -69.35 -91.35
C VAL S 48 -30.96 -69.09 -92.57
N SER S 49 -29.99 -69.98 -92.84
CA SER S 49 -29.13 -69.82 -94.01
C SER S 49 -29.91 -69.94 -95.32
N ASP S 50 -30.88 -70.85 -95.36
CA ASP S 50 -31.76 -70.95 -96.54
C ASP S 50 -32.60 -69.69 -96.74
N SER S 51 -33.09 -69.10 -95.64
CA SER S 51 -33.84 -67.86 -95.72
C SER S 51 -32.97 -66.69 -96.23
N MET S 52 -31.71 -66.63 -95.77
CA MET S 52 -30.80 -65.60 -96.27
C MET S 52 -30.49 -65.79 -97.75
N LEU S 53 -30.35 -67.05 -98.19
CA LEU S 53 -30.12 -67.31 -99.62
C LEU S 53 -31.32 -66.89 -100.47
N GLU S 54 -32.54 -67.20 -100.01
CA GLU S 54 -33.73 -66.77 -100.74
C GLU S 54 -33.87 -65.25 -100.76
N MET S 55 -33.55 -64.59 -99.64
CA MET S 55 -33.60 -63.13 -99.57
C MET S 55 -32.58 -62.49 -100.52
N ALA S 56 -31.39 -63.08 -100.63
CA ALA S 56 -30.38 -62.57 -101.56
C ALA S 56 -30.81 -62.77 -103.01
N LYS S 57 -31.43 -63.92 -103.32
CA LYS S 57 -31.94 -64.16 -104.67
C LYS S 57 -33.06 -63.18 -105.04
N VAL S 58 -33.91 -62.82 -104.08
CA VAL S 58 -34.93 -61.82 -104.34
C VAL S 58 -34.32 -60.43 -104.54
N GLU S 59 -33.39 -60.05 -103.66
CA GLU S 59 -32.90 -58.67 -103.67
C GLU S 59 -31.92 -58.38 -104.81
N LYS S 60 -31.14 -59.36 -105.27
CA LYS S 60 -30.11 -59.06 -106.24
C LYS S 60 -30.69 -58.81 -107.63
N VAL S 61 -30.24 -57.73 -108.27
CA VAL S 61 -30.61 -57.39 -109.64
C VAL S 61 -29.37 -57.51 -110.52
N ILE S 62 -29.55 -58.08 -111.71
CA ILE S 62 -28.46 -58.31 -112.65
C ILE S 62 -28.82 -57.66 -113.99
N THR S 63 -27.88 -57.74 -114.93
CA THR S 63 -28.10 -57.35 -116.31
C THR S 63 -27.73 -58.49 -117.24
N PRO S 64 -28.44 -58.64 -118.36
CA PRO S 64 -28.05 -59.66 -119.32
C PRO S 64 -26.76 -59.28 -120.03
N PRO S 65 -25.98 -60.27 -120.50
CA PRO S 65 -24.73 -59.94 -121.19
C PRO S 65 -24.90 -59.37 -122.59
N SER S 66 -26.11 -59.36 -123.14
CA SER S 66 -26.32 -58.81 -124.48
C SER S 66 -26.26 -57.28 -124.45
N LYS S 67 -26.80 -56.66 -123.40
CA LYS S 67 -26.86 -55.21 -123.29
C LYS S 67 -25.88 -54.65 -122.26
N ASP S 68 -24.81 -55.40 -121.96
CA ASP S 68 -23.81 -54.94 -121.03
C ASP S 68 -22.99 -53.82 -121.66
N ASN S 69 -23.06 -52.63 -121.07
CA ASN S 69 -22.38 -51.44 -121.61
C ASN S 69 -20.94 -51.38 -121.09
N THR S 70 -20.15 -52.33 -121.58
CA THR S 70 -18.74 -52.43 -121.21
C THR S 70 -17.96 -52.77 -122.48
N LEU S 71 -16.80 -52.11 -122.66
CA LEU S 71 -15.98 -52.31 -123.85
C LEU S 71 -15.39 -53.72 -123.88
N THR S 72 -15.50 -54.37 -125.03
CA THR S 72 -14.89 -55.67 -125.24
C THR S 72 -13.43 -55.51 -125.66
N ILE S 73 -12.73 -56.63 -125.74
CA ILE S 73 -11.32 -56.66 -126.11
C ILE S 73 -11.19 -56.36 -127.60
N PRO S 74 -10.41 -55.35 -128.01
CA PRO S 74 -10.33 -54.98 -129.43
C PRO S 74 -9.51 -55.92 -130.29
N ASN S 75 -8.88 -56.93 -129.67
CA ASN S 75 -8.04 -58.02 -130.20
C ASN S 75 -7.17 -57.65 -131.40
N ALA S 76 -6.57 -56.45 -131.35
CA ALA S 76 -5.56 -56.07 -132.30
C ALA S 76 -4.20 -56.58 -131.83
N TYR S 77 -3.26 -56.69 -132.78
CA TYR S 77 -1.96 -57.29 -132.45
C TYR S 77 -1.10 -56.35 -131.62
N ASN S 78 -1.23 -55.04 -131.80
CA ASN S 78 -0.41 -54.08 -131.07
C ASN S 78 -0.88 -53.86 -129.64
N LEU S 79 -2.08 -54.31 -129.28
CA LEU S 79 -2.65 -54.07 -127.96
C LEU S 79 -2.51 -55.26 -127.02
N GLN S 80 -1.80 -56.31 -127.42
CA GLN S 80 -1.60 -57.46 -126.56
C GLN S 80 -0.30 -57.40 -125.75
N ALA S 81 0.46 -56.32 -125.87
CA ALA S 81 1.70 -56.21 -125.13
C ALA S 81 1.43 -55.89 -123.66
N ARG S 82 2.19 -56.53 -122.78
CA ARG S 82 2.00 -56.35 -121.35
C ARG S 82 2.61 -55.02 -120.88
N ALA S 83 2.06 -54.50 -119.79
CA ALA S 83 2.47 -53.20 -119.27
C ALA S 83 2.57 -53.25 -117.76
N SER S 84 3.07 -52.16 -117.18
CA SER S 84 3.22 -52.01 -115.73
C SER S 84 2.90 -50.55 -115.41
N VAL S 85 1.71 -50.30 -114.87
CA VAL S 85 1.17 -48.95 -114.73
C VAL S 85 0.86 -48.69 -113.26
N ASP S 86 1.33 -47.56 -112.75
CA ASP S 86 0.95 -47.06 -111.43
C ASP S 86 0.56 -45.60 -111.61
N TRP S 87 -0.74 -45.31 -111.50
CA TRP S 87 -1.23 -43.97 -111.82
C TRP S 87 -2.49 -43.70 -111.02
N SER S 88 -2.64 -42.46 -110.56
CA SER S 88 -3.86 -42.00 -109.89
C SER S 88 -4.04 -40.53 -110.24
N GLY S 89 -4.85 -40.27 -111.27
CA GLY S 89 -5.05 -38.92 -111.74
C GLY S 89 -6.07 -38.84 -112.86
N PRO S 90 -5.91 -37.84 -113.75
CA PRO S 90 -6.85 -37.67 -114.86
C PRO S 90 -6.77 -38.79 -115.88
N ILE S 91 -7.88 -38.95 -116.61
CA ILE S 91 -8.03 -40.06 -117.54
C ILE S 91 -7.33 -39.79 -118.88
N GLU S 92 -7.28 -38.52 -119.30
CA GLU S 92 -6.82 -38.18 -120.64
C GLU S 92 -5.32 -38.39 -120.81
N GLU S 93 -4.54 -38.04 -119.78
CA GLU S 93 -3.09 -38.18 -119.84
C GLU S 93 -2.68 -39.64 -119.91
N LEU S 94 -3.31 -40.49 -119.08
CA LEU S 94 -3.03 -41.92 -119.09
C LEU S 94 -3.50 -42.57 -120.40
N THR S 95 -4.67 -42.16 -120.92
CA THR S 95 -5.16 -42.73 -122.18
C THR S 95 -4.27 -42.34 -123.35
N ALA S 96 -3.76 -41.11 -123.35
CA ALA S 96 -2.82 -40.67 -124.37
C ALA S 96 -1.52 -41.45 -124.30
N ARG S 97 -1.01 -41.72 -123.09
CA ARG S 97 0.20 -42.51 -122.98
C ARG S 97 -0.02 -43.98 -123.37
N ILE S 98 -1.21 -44.52 -123.10
CA ILE S 98 -1.54 -45.87 -123.55
C ILE S 98 -1.58 -45.94 -125.07
N ALA S 99 -2.16 -44.91 -125.71
CA ALA S 99 -2.20 -44.86 -127.17
C ALA S 99 -0.79 -44.70 -127.76
N LYS S 100 0.06 -43.88 -127.14
CA LYS S 100 1.44 -43.73 -127.63
C LYS S 100 2.26 -45.00 -127.44
N ALA S 101 2.00 -45.74 -126.34
CA ALA S 101 2.68 -47.02 -126.14
C ALA S 101 2.18 -48.08 -127.11
N ALA S 102 0.90 -48.01 -127.51
CA ALA S 102 0.34 -48.96 -128.46
C ALA S 102 0.46 -48.50 -129.90
N HIS S 103 1.13 -47.36 -130.14
CA HIS S 103 1.39 -46.80 -131.48
C HIS S 103 0.11 -46.46 -132.22
N PHE S 104 -0.89 -45.99 -131.46
CA PHE S 104 -2.15 -45.53 -132.03
C PHE S 104 -2.16 -44.00 -132.04
N ARG S 105 -3.16 -43.45 -132.73
CA ARG S 105 -3.47 -42.03 -132.58
C ARG S 105 -4.54 -41.88 -131.50
N PHE S 106 -4.61 -40.67 -130.94
CA PHE S 106 -5.50 -40.40 -129.82
C PHE S 106 -6.29 -39.13 -130.09
N ARG S 107 -7.60 -39.20 -129.98
CA ARG S 107 -8.44 -38.02 -130.19
C ARG S 107 -9.51 -37.92 -129.11
N VAL S 108 -9.91 -36.68 -128.83
CA VAL S 108 -10.87 -36.37 -127.77
C VAL S 108 -12.05 -35.63 -128.40
N LEU S 109 -13.27 -36.10 -128.11
CA LEU S 109 -14.48 -35.40 -128.51
C LEU S 109 -15.33 -35.14 -127.27
N GLY S 110 -15.59 -33.87 -127.00
CA GLY S 110 -16.37 -33.45 -125.86
C GLY S 110 -15.75 -32.23 -125.21
N LYS S 111 -16.18 -31.94 -123.99
CA LYS S 111 -15.66 -30.81 -123.23
C LYS S 111 -15.27 -31.29 -121.84
N SER S 112 -14.07 -30.93 -121.40
CA SER S 112 -13.61 -31.30 -120.06
C SER S 112 -14.36 -30.49 -119.01
N PRO S 113 -14.85 -31.12 -117.95
CA PRO S 113 -15.59 -30.39 -116.92
C PRO S 113 -14.64 -29.60 -116.02
N SER S 114 -15.24 -28.86 -115.07
CA SER S 114 -14.45 -28.11 -114.11
C SER S 114 -13.71 -29.04 -113.16
N VAL S 115 -14.38 -30.09 -112.69
CA VAL S 115 -13.75 -31.14 -111.90
C VAL S 115 -13.41 -32.29 -112.85
N PRO S 116 -12.14 -32.65 -113.01
CA PRO S 116 -11.79 -33.69 -113.98
C PRO S 116 -12.13 -35.08 -113.47
N VAL S 117 -12.24 -36.01 -114.41
CA VAL S 117 -12.53 -37.41 -114.09
C VAL S 117 -11.24 -38.05 -113.60
N LEU S 118 -11.29 -38.63 -112.41
CA LEU S 118 -10.11 -39.19 -111.76
C LEU S 118 -10.23 -40.70 -111.67
N ILE S 119 -9.20 -41.40 -112.17
CA ILE S 119 -9.14 -42.86 -112.12
C ILE S 119 -7.89 -43.26 -111.34
N SER S 120 -7.75 -44.56 -111.12
CA SER S 120 -6.60 -45.10 -110.38
C SER S 120 -6.33 -46.51 -110.89
N ILE S 121 -5.20 -46.68 -111.58
CA ILE S 121 -4.81 -47.96 -112.16
C ILE S 121 -3.46 -48.35 -111.57
N SER S 122 -3.40 -49.52 -110.94
CA SER S 122 -2.17 -50.01 -110.31
C SER S 122 -2.05 -51.50 -110.65
N THR S 123 -1.32 -51.80 -111.72
CA THR S 123 -1.07 -53.16 -112.14
C THR S 123 0.39 -53.34 -112.52
N LYS S 124 0.86 -54.58 -112.39
CA LYS S 124 2.25 -54.94 -112.61
C LYS S 124 2.48 -55.66 -113.94
N ASP S 125 1.55 -56.51 -114.35
CA ASP S 125 1.68 -57.23 -115.63
C ASP S 125 0.27 -57.42 -116.19
N GLU S 126 -0.15 -56.51 -117.07
CA GLU S 126 -1.49 -56.54 -117.63
C GLU S 126 -1.43 -56.00 -119.05
N SER S 127 -2.31 -56.53 -119.90
CA SER S 127 -2.36 -56.12 -121.30
C SER S 127 -2.99 -54.73 -121.43
N LEU S 128 -2.64 -54.06 -122.54
CA LEU S 128 -3.12 -52.71 -122.80
C LEU S 128 -4.62 -52.67 -123.05
N ALA S 129 -5.16 -53.71 -123.69
CA ALA S 129 -6.60 -53.79 -123.91
C ALA S 129 -7.36 -53.94 -122.58
N GLU S 130 -6.82 -54.74 -121.66
CA GLU S 130 -7.45 -54.87 -120.35
C GLU S 130 -7.31 -53.60 -119.53
N ILE S 131 -6.19 -52.89 -119.69
CA ILE S 131 -6.02 -51.59 -119.04
C ILE S 131 -7.04 -50.59 -119.55
N LEU S 132 -7.27 -50.56 -120.87
CA LEU S 132 -8.28 -49.69 -121.46
C LEU S 132 -9.68 -50.06 -121.02
N ARG S 133 -9.96 -51.37 -120.89
CA ARG S 133 -11.26 -51.82 -120.39
C ARG S 133 -11.48 -51.39 -118.95
N ASP S 134 -10.44 -51.49 -118.11
CA ASP S 134 -10.56 -51.04 -116.72
C ASP S 134 -10.73 -49.52 -116.64
N ILE S 135 -10.06 -48.78 -117.51
CA ILE S 135 -10.22 -47.32 -117.57
C ILE S 135 -11.65 -46.96 -117.98
N ASP S 136 -12.21 -47.66 -118.97
CA ASP S 136 -13.56 -47.38 -119.43
C ASP S 136 -14.59 -47.74 -118.36
N TYR S 137 -14.35 -48.84 -117.63
CA TYR S 137 -15.24 -49.21 -116.53
C TYR S 137 -15.17 -48.21 -115.39
N GLN S 138 -13.97 -47.73 -115.05
CA GLN S 138 -13.83 -46.78 -113.95
C GLN S 138 -14.29 -45.37 -114.33
N ALA S 139 -14.34 -45.05 -115.62
CA ALA S 139 -14.85 -43.75 -116.05
C ALA S 139 -16.34 -43.59 -115.77
N GLY S 140 -17.11 -44.66 -115.91
CA GLY S 140 -18.53 -44.61 -115.64
C GLY S 140 -19.33 -43.98 -116.76
N LYS S 141 -20.35 -43.20 -116.41
CA LYS S 141 -21.22 -42.57 -117.39
C LYS S 141 -20.67 -41.24 -117.91
N LYS S 142 -19.58 -40.75 -117.33
CA LYS S 142 -19.07 -39.43 -117.71
C LYS S 142 -18.21 -39.49 -118.98
N ALA S 143 -17.60 -40.62 -119.26
CA ALA S 143 -16.73 -40.72 -120.43
C ALA S 143 -16.75 -42.15 -120.97
N SER S 144 -16.36 -42.28 -122.24
CA SER S 144 -16.28 -43.57 -122.89
C SER S 144 -15.05 -43.59 -123.80
N ILE S 145 -14.56 -44.80 -124.07
CA ILE S 145 -13.38 -45.00 -124.90
C ILE S 145 -13.75 -45.94 -126.04
N HIS S 146 -13.51 -45.50 -127.27
CA HIS S 146 -13.73 -46.30 -128.46
C HIS S 146 -12.41 -46.57 -129.17
N VAL S 147 -12.25 -47.77 -129.70
CA VAL S 147 -11.02 -48.19 -130.36
C VAL S 147 -11.36 -48.58 -131.79
N TYR S 148 -10.72 -47.91 -132.76
CA TYR S 148 -10.86 -48.26 -134.16
C TYR S 148 -9.57 -48.88 -134.66
N PRO S 149 -9.61 -50.16 -135.05
CA PRO S 149 -8.42 -50.85 -135.60
C PRO S 149 -8.32 -50.88 -137.12
N ASN S 150 -9.20 -50.18 -137.85
CA ASN S 150 -9.01 -50.06 -139.29
C ASN S 150 -8.14 -48.85 -139.65
N SER S 151 -8.45 -47.69 -139.08
CA SER S 151 -7.53 -46.58 -138.98
C SER S 151 -7.11 -46.51 -137.51
N GLN S 152 -5.80 -46.63 -137.25
CA GLN S 152 -5.28 -47.05 -135.95
C GLN S 152 -5.47 -45.93 -134.93
N VAL S 153 -6.68 -45.83 -134.37
CA VAL S 153 -7.00 -44.66 -133.55
C VAL S 153 -7.83 -45.08 -132.33
N VAL S 154 -7.72 -44.29 -131.26
CA VAL S 154 -8.59 -44.38 -130.10
C VAL S 154 -9.23 -43.01 -129.86
N GLU S 155 -10.41 -43.05 -129.25
CA GLU S 155 -11.27 -41.88 -129.08
C GLU S 155 -11.79 -41.85 -127.66
N LEU S 156 -11.66 -40.69 -127.01
CA LEU S 156 -12.24 -40.44 -125.69
C LEU S 156 -13.41 -39.49 -125.87
N ARG S 157 -14.61 -40.00 -125.60
CA ARG S 157 -15.86 -39.25 -125.80
C ARG S 157 -16.42 -38.87 -124.45
N TYR S 158 -16.63 -37.58 -124.23
CA TYR S 158 -17.21 -37.10 -122.99
C TYR S 158 -18.73 -37.15 -123.06
N ALA S 159 -19.37 -37.04 -121.90
CA ALA S 159 -20.82 -37.06 -121.81
C ALA S 159 -21.40 -35.66 -121.94
N LYS S 160 -22.57 -35.59 -122.57
CA LYS S 160 -23.23 -34.30 -122.79
C LYS S 160 -24.03 -33.88 -121.55
N ILE T 208 -50.62 -70.24 -125.84
CA ILE T 208 -50.36 -71.68 -125.74
C ILE T 208 -48.85 -71.93 -125.84
N ILE T 209 -48.35 -72.84 -125.00
CA ILE T 209 -46.95 -73.20 -124.99
C ILE T 209 -46.87 -74.73 -125.08
N TYR T 210 -45.78 -75.23 -125.66
CA TYR T 210 -45.60 -76.64 -125.92
C TYR T 210 -44.43 -77.19 -125.10
N TYR T 211 -44.48 -78.49 -124.83
CA TYR T 211 -43.43 -79.21 -124.12
C TYR T 211 -43.05 -80.44 -124.93
N ILE T 212 -42.14 -81.24 -124.38
CA ILE T 212 -41.70 -82.48 -125.02
C ILE T 212 -41.83 -83.62 -124.02
N GLN T 213 -42.29 -84.77 -124.51
CA GLN T 213 -42.48 -85.96 -123.68
C GLN T 213 -41.33 -86.96 -123.83
N ALA T 214 -40.97 -87.28 -125.07
CA ALA T 214 -39.84 -88.17 -125.33
C ALA T 214 -39.20 -87.75 -126.63
N VAL T 215 -37.92 -88.08 -126.77
CA VAL T 215 -37.14 -87.68 -127.94
C VAL T 215 -36.30 -88.86 -128.42
N ILE T 216 -36.23 -89.00 -129.75
CA ILE T 216 -35.42 -90.02 -130.41
C ILE T 216 -34.55 -89.29 -131.43
N PRO T 217 -33.42 -89.88 -131.84
CA PRO T 217 -32.73 -89.35 -133.02
C PRO T 217 -33.60 -89.37 -134.28
N GLY T 218 -34.01 -88.19 -134.75
CA GLY T 218 -34.83 -88.05 -135.93
C GLY T 218 -36.22 -87.47 -135.72
N ARG T 219 -36.92 -87.88 -134.65
CA ARG T 219 -38.32 -87.49 -134.43
C ARG T 219 -38.52 -87.10 -132.97
N ALA T 220 -39.60 -86.36 -132.72
CA ALA T 220 -39.95 -85.97 -131.35
C ALA T 220 -41.44 -86.11 -131.11
N TRP T 221 -41.78 -86.36 -129.84
CA TRP T 221 -43.16 -86.39 -129.38
C TRP T 221 -43.38 -85.18 -128.47
N LEU T 222 -44.35 -84.35 -128.80
CA LEU T 222 -44.61 -83.11 -128.09
C LEU T 222 -46.02 -83.12 -127.51
N ILE T 223 -46.17 -82.43 -126.38
CA ILE T 223 -47.46 -82.24 -125.73
C ILE T 223 -47.65 -80.74 -125.51
N GLY T 224 -48.89 -80.29 -125.55
CA GLY T 224 -49.24 -78.90 -125.40
C GLY T 224 -49.93 -78.60 -124.09
N SER T 225 -50.35 -77.33 -123.96
CA SER T 225 -51.09 -76.92 -122.77
C SER T 225 -52.49 -77.50 -122.74
N ASN T 226 -53.09 -77.73 -123.92
CA ASN T 226 -54.42 -78.31 -124.00
C ASN T 226 -54.44 -79.83 -123.95
N GLY T 227 -53.28 -80.48 -123.90
CA GLY T 227 -53.23 -81.93 -123.84
C GLY T 227 -53.25 -82.64 -125.17
N SER T 228 -52.90 -81.97 -126.26
CA SER T 228 -52.90 -82.57 -127.58
C SER T 228 -51.50 -83.04 -127.95
N THR T 229 -51.39 -84.29 -128.40
CA THR T 229 -50.13 -84.88 -128.78
C THR T 229 -49.73 -84.46 -130.19
N LEU T 230 -48.42 -84.56 -130.47
CA LEU T 230 -47.90 -84.20 -131.78
C LEU T 230 -46.61 -84.97 -132.05
N THR T 231 -46.40 -85.39 -133.30
CA THR T 231 -45.21 -86.10 -133.71
C THR T 231 -44.50 -85.30 -134.79
N VAL T 232 -43.20 -85.04 -134.60
CA VAL T 232 -42.46 -84.06 -135.38
C VAL T 232 -41.25 -84.74 -136.03
N ARG T 233 -41.06 -84.47 -137.32
CA ARG T 233 -39.94 -84.91 -138.14
C ARG T 233 -38.70 -84.05 -137.86
N GLU T 234 -37.68 -84.18 -138.69
CA GLU T 234 -36.57 -83.21 -138.63
C GLU T 234 -37.03 -81.85 -139.15
N GLY T 235 -37.79 -81.86 -140.25
CA GLY T 235 -38.34 -80.64 -140.82
C GLY T 235 -39.84 -80.72 -141.02
N SER T 236 -40.56 -79.86 -140.32
CA SER T 236 -42.01 -79.81 -140.41
C SER T 236 -42.46 -78.40 -140.02
N LYS T 237 -43.77 -78.22 -139.88
CA LYS T 237 -44.36 -76.95 -139.47
C LYS T 237 -45.25 -77.20 -138.26
N ILE T 238 -45.06 -76.39 -137.22
CA ILE T 238 -45.89 -76.46 -136.02
C ILE T 238 -46.44 -75.06 -135.76
N PRO T 239 -47.64 -74.93 -135.19
CA PRO T 239 -48.20 -73.59 -134.93
C PRO T 239 -47.60 -72.95 -133.68
N GLY T 240 -47.31 -71.64 -133.76
CA GLY T 240 -46.82 -70.87 -132.63
C GLY T 240 -45.32 -70.82 -132.51
N TYR T 241 -44.59 -71.62 -133.26
CA TYR T 241 -43.12 -71.60 -133.19
C TYR T 241 -42.46 -71.44 -134.55
N GLY T 242 -43.01 -72.04 -135.59
CA GLY T 242 -42.43 -71.93 -136.92
C GLY T 242 -41.95 -73.24 -137.51
N MET T 243 -40.66 -73.30 -137.85
CA MET T 243 -40.08 -74.45 -138.52
C MET T 243 -38.96 -75.03 -137.68
N VAL T 244 -38.91 -76.35 -137.57
CA VAL T 244 -37.87 -77.03 -136.82
C VAL T 244 -36.67 -77.26 -137.72
N LYS T 245 -35.49 -76.83 -137.27
CA LYS T 245 -34.26 -77.04 -138.03
C LYS T 245 -33.28 -78.00 -137.38
N LEU T 246 -33.44 -78.31 -136.09
CA LEU T 246 -32.48 -79.14 -135.39
C LEU T 246 -33.16 -79.86 -134.24
N ILE T 247 -32.87 -81.15 -134.10
CA ILE T 247 -33.32 -81.97 -132.98
C ILE T 247 -32.08 -82.56 -132.31
N ASP T 248 -31.92 -82.28 -131.02
CA ASP T 248 -30.80 -82.80 -130.25
C ASP T 248 -31.28 -83.98 -129.42
N SER T 249 -30.53 -85.08 -129.48
CA SER T 249 -30.87 -86.30 -128.76
C SER T 249 -30.15 -86.44 -127.42
N LEU T 250 -28.90 -85.96 -127.34
CA LEU T 250 -28.16 -86.03 -126.09
C LEU T 250 -28.72 -85.05 -125.06
N GLN T 251 -29.07 -83.84 -125.51
CA GLN T 251 -29.68 -82.83 -124.67
C GLN T 251 -31.11 -82.57 -125.12
N GLY T 252 -32.02 -82.45 -124.17
CA GLY T 252 -33.42 -82.27 -124.49
C GLY T 252 -33.77 -80.87 -124.91
N ARG T 253 -33.37 -80.49 -126.12
CA ARG T 253 -33.61 -79.14 -126.64
C ARG T 253 -33.87 -79.22 -128.13
N ILE T 254 -34.86 -78.46 -128.60
CA ILE T 254 -35.16 -78.36 -130.02
C ILE T 254 -35.32 -76.88 -130.37
N LEU T 255 -34.52 -76.39 -131.32
CA LEU T 255 -34.58 -75.01 -131.76
C LEU T 255 -35.64 -74.85 -132.84
N THR T 256 -36.25 -73.67 -132.89
CA THR T 256 -37.26 -73.36 -133.89
C THR T 256 -36.78 -72.23 -134.79
N SER T 257 -37.60 -71.92 -135.80
CA SER T 257 -37.24 -70.89 -136.77
C SER T 257 -37.40 -69.48 -136.22
N SER T 258 -38.20 -69.30 -135.18
CA SER T 258 -38.42 -67.98 -134.60
C SER T 258 -37.36 -67.60 -133.56
N GLY T 259 -36.40 -68.47 -133.30
CA GLY T 259 -35.31 -68.17 -132.39
C GLY T 259 -35.50 -68.65 -130.97
N GLN T 260 -36.51 -69.49 -130.71
CA GLN T 260 -36.74 -70.01 -129.37
C GLN T 260 -36.58 -71.54 -129.37
N VAL T 261 -36.31 -72.06 -128.17
CA VAL T 261 -36.01 -73.47 -127.99
C VAL T 261 -37.07 -74.08 -127.07
N ILE T 262 -37.54 -75.27 -127.43
CA ILE T 262 -38.46 -76.05 -126.61
C ILE T 262 -37.66 -77.14 -125.90
N LYS T 263 -37.83 -77.23 -124.59
CA LYS T 263 -37.09 -78.17 -123.75
C LYS T 263 -38.04 -79.01 -122.91
N PHE T 264 -37.49 -79.77 -121.97
CA PHE T 264 -38.28 -80.61 -121.09
C PHE T 264 -39.02 -79.76 -120.05
N SER T 265 -40.02 -80.38 -119.41
CA SER T 265 -40.78 -79.70 -118.38
C SER T 265 -40.01 -79.69 -117.06
N GLN T 266 -40.43 -78.80 -116.17
CA GLN T 266 -39.79 -78.65 -114.87
C GLN T 266 -40.71 -79.07 -113.74
N THR U 28 -11.81 -72.40 -55.26
CA THR U 28 -10.80 -72.55 -56.29
C THR U 28 -10.97 -73.86 -57.04
N GLY U 29 -11.75 -73.84 -58.11
CA GLY U 29 -11.97 -75.03 -58.92
C GLY U 29 -13.36 -75.62 -58.68
N SER U 30 -13.40 -76.82 -58.13
CA SER U 30 -14.65 -77.55 -57.93
C SER U 30 -15.12 -77.47 -56.48
N LEU U 31 -16.30 -78.03 -56.24
CA LEU U 31 -16.86 -78.08 -54.90
C LEU U 31 -16.06 -79.02 -54.01
N ALA U 32 -15.58 -80.14 -54.57
CA ALA U 32 -14.70 -81.03 -53.84
C ALA U 32 -13.34 -80.39 -53.59
N GLY U 33 -12.87 -79.55 -54.51
CA GLY U 33 -11.65 -78.79 -54.27
C GLY U 33 -11.82 -77.77 -53.17
N LEU U 34 -13.00 -77.16 -53.07
CA LEU U 34 -13.31 -76.28 -51.94
C LEU U 34 -13.37 -77.06 -50.64
N GLN U 35 -13.96 -78.26 -50.67
CA GLN U 35 -14.08 -79.08 -49.48
C GLN U 35 -12.89 -80.00 -49.34
N LYS U 60 13.48 -61.72 -54.69
CA LYS U 60 12.64 -62.26 -55.76
C LYS U 60 12.50 -61.27 -56.90
N GLU U 61 11.99 -60.08 -56.60
CA GLU U 61 11.79 -59.05 -57.62
C GLU U 61 13.10 -58.37 -58.01
N THR U 62 14.15 -58.51 -57.22
CA THR U 62 15.44 -57.92 -57.57
C THR U 62 16.20 -58.74 -58.60
N ALA U 63 15.83 -60.02 -58.78
CA ALA U 63 16.51 -60.87 -59.76
C ALA U 63 16.22 -60.42 -61.19
N LEU U 64 14.97 -60.00 -61.45
CA LEU U 64 14.62 -59.45 -62.75
C LEU U 64 15.40 -58.17 -63.04
N SER U 65 15.53 -57.30 -62.04
CA SER U 65 16.25 -56.04 -62.21
C SER U 65 17.74 -56.26 -62.43
N VAL U 66 18.35 -57.23 -61.73
CA VAL U 66 19.77 -57.45 -61.95
C VAL U 66 20.04 -58.28 -63.21
N GLY U 67 19.05 -59.00 -63.73
CA GLY U 67 19.25 -59.71 -64.99
C GLY U 67 19.00 -58.90 -66.23
N ALA U 68 18.08 -57.91 -66.14
CA ALA U 68 17.63 -57.19 -67.32
C ALA U 68 18.73 -56.32 -67.93
N GLN U 69 19.50 -55.62 -67.07
CA GLN U 69 20.57 -54.75 -67.58
C GLN U 69 21.69 -55.56 -68.23
N ALA U 70 22.06 -56.69 -67.63
CA ALA U 70 23.09 -57.55 -68.19
C ALA U 70 22.65 -58.15 -69.53
N GLY U 71 21.39 -58.60 -69.61
CA GLY U 71 20.88 -59.11 -70.88
C GLY U 71 20.81 -58.05 -71.96
N LEU U 72 20.40 -56.83 -71.59
CA LEU U 72 20.32 -55.72 -72.53
C LEU U 72 21.70 -55.35 -73.06
N ALA U 73 22.71 -55.27 -72.18
CA ALA U 73 24.06 -54.92 -72.60
C ALA U 73 24.69 -56.01 -73.45
N TRP U 74 24.47 -57.28 -73.10
CA TRP U 74 25.02 -58.38 -73.87
C TRP U 74 24.41 -58.45 -75.26
N ARG U 75 23.08 -58.29 -75.36
CA ARG U 75 22.42 -58.30 -76.66
C ARG U 75 22.83 -57.09 -77.51
N ALA U 76 23.03 -55.94 -76.88
CA ALA U 76 23.50 -54.76 -77.60
C ALA U 76 24.90 -54.96 -78.16
N LYS U 77 25.79 -55.59 -77.37
CA LYS U 77 27.13 -55.89 -77.85
C LYS U 77 27.12 -56.86 -79.02
N ILE U 78 26.27 -57.89 -78.96
CA ILE U 78 26.18 -58.85 -80.07
C ILE U 78 25.61 -58.18 -81.33
N ILE U 79 24.62 -57.29 -81.16
CA ILE U 79 24.06 -56.57 -82.30
C ILE U 79 25.10 -55.64 -82.93
N ASP U 80 25.91 -54.97 -82.10
CA ASP U 80 26.99 -54.12 -82.62
C ASP U 80 28.03 -54.94 -83.37
N GLU U 81 28.35 -56.15 -82.86
CA GLU U 81 29.28 -57.02 -83.56
C GLU U 81 28.73 -57.48 -84.91
N GLN U 82 27.43 -57.80 -84.98
CA GLN U 82 26.83 -58.19 -86.25
C GLN U 82 26.80 -57.04 -87.25
N LEU U 83 26.53 -55.82 -86.78
CA LEU U 83 26.59 -54.65 -87.66
C LEU U 83 28.00 -54.40 -88.18
N ASN U 84 29.02 -54.58 -87.32
CA ASN U 84 30.39 -54.42 -87.78
C ASN U 84 30.81 -55.52 -88.74
N LYS U 85 30.24 -56.72 -88.60
CA LYS U 85 30.47 -57.76 -89.62
C LYS U 85 29.82 -57.39 -90.95
N GLN U 86 28.61 -56.82 -90.91
CA GLN U 86 27.88 -56.46 -92.13
C GLN U 86 27.98 -54.98 -92.45
N ALA U 87 29.12 -54.34 -92.13
CA ALA U 87 29.28 -52.90 -92.33
C ALA U 87 29.25 -52.48 -93.80
N ARG U 88 29.93 -53.22 -94.68
CA ARG U 88 30.05 -52.78 -96.07
C ARG U 88 28.78 -52.98 -96.88
N ASN U 89 28.02 -54.04 -96.59
CA ASN U 89 26.75 -54.26 -97.28
C ASN U 89 25.73 -53.19 -96.91
N LEU U 90 25.76 -52.71 -95.66
CA LEU U 90 24.89 -51.60 -95.27
C LEU U 90 25.29 -50.31 -95.99
N ASP U 91 26.58 -50.12 -96.21
CA ASP U 91 27.04 -48.97 -97.00
C ASP U 91 26.60 -49.08 -98.45
N ALA U 92 26.56 -50.29 -98.99
CA ALA U 92 26.05 -50.48 -100.35
C ALA U 92 24.54 -50.28 -100.43
N ILE U 93 23.81 -50.67 -99.38
CA ILE U 93 22.35 -50.57 -99.42
C ILE U 93 21.89 -49.13 -99.18
N TYR U 94 22.31 -48.53 -98.07
CA TYR U 94 21.84 -47.20 -97.70
C TYR U 94 22.82 -46.14 -98.22
N ASP U 95 22.79 -45.97 -99.54
CA ASP U 95 23.67 -45.04 -100.23
C ASP U 95 23.06 -43.65 -100.22
N PHE U 96 23.28 -42.94 -99.11
CA PHE U 96 22.79 -41.57 -98.98
C PHE U 96 23.57 -40.58 -99.83
N ASN U 97 24.80 -40.94 -100.23
CA ASN U 97 25.69 -39.99 -100.89
C ASN U 97 25.24 -39.68 -102.32
N SER U 98 24.70 -40.67 -103.03
CA SER U 98 24.35 -40.50 -104.43
C SER U 98 22.90 -40.07 -104.63
N LEU U 99 22.18 -39.76 -103.55
CA LEU U 99 20.84 -39.18 -103.65
C LEU U 99 20.86 -37.67 -103.44
N VAL U 100 22.02 -37.09 -103.17
CA VAL U 100 22.15 -35.65 -102.92
C VAL U 100 22.01 -34.91 -104.23
N LEU U 101 21.36 -33.75 -104.19
CA LEU U 101 21.07 -32.96 -105.39
C LEU U 101 22.30 -32.16 -105.81
N GLU U 102 22.10 -31.17 -106.70
CA GLU U 102 23.19 -30.55 -107.42
C GLU U 102 24.05 -29.65 -106.53
N HIS U 103 23.43 -28.82 -105.69
CA HIS U 103 24.14 -27.84 -104.88
C HIS U 103 24.42 -28.34 -103.47
N ASN U 104 24.65 -29.64 -103.30
CA ASN U 104 24.82 -30.33 -102.02
C ASN U 104 23.62 -30.08 -101.11
N ILE U 105 22.45 -30.44 -101.62
CA ILE U 105 21.18 -30.26 -100.92
C ILE U 105 20.56 -31.64 -100.71
N LEU U 106 20.23 -31.95 -99.46
CA LEU U 106 19.56 -33.21 -99.16
C LEU U 106 18.12 -33.16 -99.68
N PRO U 107 17.65 -34.20 -100.36
CA PRO U 107 16.27 -34.18 -100.86
C PRO U 107 15.27 -34.29 -99.74
N PRO U 108 14.05 -33.78 -99.93
CA PRO U 108 13.04 -33.87 -98.86
C PRO U 108 12.47 -35.28 -98.74
N VAL U 109 11.74 -35.48 -97.65
CA VAL U 109 11.14 -36.76 -97.30
C VAL U 109 9.64 -36.67 -97.55
N LEU U 110 9.11 -37.61 -98.32
CA LEU U 110 7.70 -37.63 -98.67
C LEU U 110 7.04 -38.91 -98.14
N LEU U 111 5.78 -38.78 -97.75
CA LEU U 111 5.00 -39.89 -97.22
C LEU U 111 3.73 -40.06 -98.04
N GLU U 112 3.33 -41.31 -98.23
CA GLU U 112 2.23 -41.69 -99.12
C GLU U 112 1.22 -42.54 -98.36
N GLY U 113 -0.06 -42.26 -98.58
CA GLY U 113 -1.13 -43.09 -98.05
C GLY U 113 -2.16 -43.39 -99.10
N ARG U 114 -2.72 -44.60 -99.02
CA ARG U 114 -3.67 -45.09 -100.01
C ARG U 114 -4.94 -45.58 -99.32
N ASN U 115 -6.09 -45.29 -99.94
CA ASN U 115 -7.42 -45.78 -99.56
C ASN U 115 -7.78 -45.39 -98.12
N THR U 116 -7.88 -44.09 -97.90
CA THR U 116 -8.02 -43.54 -96.55
C THR U 116 -9.49 -43.36 -96.20
N LEU U 117 -9.86 -43.80 -95.00
CA LEU U 117 -11.22 -43.60 -94.50
C LEU U 117 -11.17 -42.98 -93.12
N ASN U 118 -12.08 -42.04 -92.86
CA ASN U 118 -12.25 -41.46 -91.53
C ASN U 118 -13.73 -41.38 -91.19
N LEU U 119 -14.11 -42.06 -90.12
CA LEU U 119 -15.43 -41.92 -89.48
C LEU U 119 -15.29 -40.80 -88.47
N ALA U 120 -15.67 -39.59 -88.87
CA ALA U 120 -15.54 -38.43 -88.00
C ALA U 120 -16.52 -38.51 -86.83
N ASP U 121 -17.78 -38.79 -87.14
CA ASP U 121 -18.83 -39.03 -86.15
C ASP U 121 -19.93 -39.82 -86.85
N ALA U 122 -21.09 -39.89 -86.21
CA ALA U 122 -22.25 -40.46 -86.87
C ALA U 122 -22.71 -39.54 -88.00
N GLN U 123 -23.37 -40.15 -89.00
CA GLN U 123 -24.05 -39.54 -90.14
C GLN U 123 -23.11 -38.89 -91.16
N SER U 124 -21.79 -38.94 -90.98
CA SER U 124 -20.87 -38.28 -91.91
C SER U 124 -19.51 -38.98 -91.88
N ILE U 125 -19.03 -39.34 -93.07
CA ILE U 125 -17.70 -39.94 -93.24
C ILE U 125 -16.95 -39.19 -94.32
N ARG U 126 -15.61 -39.29 -94.28
CA ARG U 126 -14.76 -38.67 -95.29
C ARG U 126 -13.76 -39.71 -95.80
N ILE U 127 -13.71 -39.89 -97.11
CA ILE U 127 -12.83 -40.87 -97.72
C ILE U 127 -11.95 -40.19 -98.76
N SER U 128 -10.79 -40.77 -99.00
CA SER U 128 -9.84 -40.26 -99.96
C SER U 128 -9.15 -41.42 -100.67
N ASP U 129 -8.78 -41.18 -101.93
CA ASP U 129 -8.11 -42.22 -102.70
C ASP U 129 -6.63 -42.31 -102.37
N ARG U 130 -5.93 -41.18 -102.43
CA ARG U 130 -4.51 -41.13 -102.11
C ARG U 130 -4.19 -39.81 -101.43
N THR U 131 -3.15 -39.84 -100.58
CA THR U 131 -2.68 -38.64 -99.91
C THR U 131 -1.15 -38.61 -99.93
N TYR U 132 -0.61 -37.41 -100.09
CA TYR U 132 0.83 -37.17 -100.10
C TYR U 132 1.16 -36.07 -99.11
N LYS U 133 2.22 -36.27 -98.33
CA LYS U 133 2.63 -35.32 -97.30
C LYS U 133 4.13 -35.13 -97.36
N VAL U 134 4.57 -33.91 -97.04
CA VAL U 134 5.98 -33.59 -96.90
C VAL U 134 6.33 -33.68 -95.41
N ALA U 135 7.22 -34.60 -95.05
CA ALA U 135 7.59 -34.80 -93.66
C ALA U 135 8.76 -33.90 -93.25
N LYS U 136 9.82 -33.89 -94.05
CA LYS U 136 10.99 -33.06 -93.80
C LYS U 136 11.31 -32.25 -95.04
N GLN U 137 11.98 -31.12 -94.86
CA GLN U 137 12.24 -30.18 -95.93
C GLN U 137 13.73 -30.19 -96.31
N ALA U 138 14.01 -29.78 -97.54
CA ALA U 138 15.37 -29.75 -98.06
C ALA U 138 16.18 -28.64 -97.40
N HIS U 139 17.49 -28.88 -97.27
CA HIS U 139 18.39 -27.93 -96.64
C HIS U 139 19.80 -28.18 -97.14
N PHE U 140 20.67 -27.19 -96.91
CA PHE U 140 22.07 -27.33 -97.26
C PHE U 140 22.77 -28.28 -96.29
N ILE U 141 23.65 -29.13 -96.83
CA ILE U 141 24.44 -30.05 -96.03
C ILE U 141 25.90 -29.91 -96.44
N THR U 142 26.79 -30.33 -95.54
CA THR U 142 28.21 -30.47 -95.84
C THR U 142 28.67 -31.92 -95.91
N THR U 143 27.99 -32.81 -95.21
CA THR U 143 28.31 -34.24 -95.17
C THR U 143 27.04 -35.05 -95.42
N PRO U 144 27.14 -36.18 -96.10
CA PRO U 144 25.98 -37.07 -96.24
C PRO U 144 25.76 -37.88 -94.97
N PRO U 145 24.53 -38.29 -94.70
CA PRO U 145 24.28 -39.15 -93.53
C PRO U 145 24.80 -40.56 -93.75
N THR U 146 24.92 -41.28 -92.64
CA THR U 146 25.41 -42.65 -92.65
C THR U 146 24.50 -43.52 -91.79
N TRP U 147 24.62 -44.84 -91.98
CA TRP U 147 23.77 -45.79 -91.25
C TRP U 147 24.15 -45.92 -89.78
N ARG U 148 25.37 -45.52 -89.40
CA ARG U 148 25.79 -45.58 -88.01
C ARG U 148 25.04 -44.59 -87.13
N GLN U 149 24.55 -43.50 -87.70
CA GLN U 149 23.76 -42.54 -86.93
C GLN U 149 22.37 -43.07 -86.59
N TYR U 150 21.90 -44.10 -87.30
CA TYR U 150 20.60 -44.69 -87.06
C TYR U 150 20.65 -46.03 -86.34
N LEU U 151 21.60 -46.90 -86.70
CA LEU U 151 21.53 -48.31 -86.32
C LEU U 151 22.45 -48.70 -85.17
N TRP U 152 23.40 -47.84 -84.78
CA TRP U 152 24.35 -48.21 -83.74
C TRP U 152 23.69 -48.24 -82.38
N MET U 153 23.95 -49.30 -81.62
CA MET U 153 23.42 -49.47 -80.28
C MET U 153 24.49 -49.10 -79.25
N ASP U 154 24.01 -48.68 -78.08
CA ASP U 154 24.88 -48.14 -77.05
C ASP U 154 25.29 -49.22 -76.06
N TYR U 155 26.59 -49.36 -75.83
CA TYR U 155 27.13 -50.37 -74.94
C TYR U 155 28.00 -49.73 -73.87
N VAL U 156 27.59 -49.88 -72.61
CA VAL U 156 28.42 -49.58 -71.45
C VAL U 156 28.40 -50.81 -70.55
N LYS U 157 29.58 -51.30 -70.18
CA LYS U 157 29.70 -52.52 -69.41
C LYS U 157 29.22 -52.31 -67.98
N PRO U 158 28.17 -53.00 -67.52
CA PRO U 158 27.68 -52.82 -66.15
C PRO U 158 28.46 -53.69 -65.18
N GLU U 159 29.20 -53.04 -64.27
CA GLU U 159 29.98 -53.73 -63.26
C GLU U 159 29.50 -53.42 -61.85
N ALA U 160 28.20 -53.21 -61.70
CA ALA U 160 27.59 -52.87 -60.41
C ALA U 160 26.48 -53.86 -60.10
N PRO U 161 26.82 -55.01 -59.47
CA PRO U 161 25.81 -56.02 -59.13
C PRO U 161 24.91 -55.58 -57.98
N LYS U 173 19.04 -68.87 -52.90
CA LYS U 173 19.34 -69.24 -54.29
C LYS U 173 18.40 -70.33 -54.78
N GLU U 174 17.31 -70.55 -54.04
CA GLU U 174 16.33 -71.55 -54.44
C GLU U 174 15.52 -71.09 -55.65
N ILE U 175 15.07 -69.84 -55.64
CA ILE U 175 14.28 -69.27 -56.73
C ILE U 175 14.98 -68.09 -57.38
N TRP U 176 16.28 -67.92 -57.14
CA TRP U 176 17.02 -66.80 -57.72
C TRP U 176 17.28 -67.00 -59.20
N CYS U 177 17.67 -68.22 -59.59
CA CYS U 177 18.02 -68.53 -60.98
C CYS U 177 16.83 -68.43 -61.91
N ILE U 178 15.66 -68.91 -61.47
CA ILE U 178 14.48 -68.98 -62.32
C ILE U 178 13.92 -67.60 -62.64
N TYR U 179 14.22 -66.59 -61.82
CA TYR U 179 13.82 -65.22 -62.13
C TYR U 179 14.94 -64.40 -62.77
N THR U 180 16.21 -64.75 -62.49
CA THR U 180 17.31 -64.12 -63.22
C THR U 180 17.27 -64.47 -64.70
N GLU U 181 16.88 -65.71 -65.02
CA GLU U 181 16.70 -66.11 -66.42
C GLU U 181 15.57 -65.32 -67.09
N ARG U 182 14.48 -65.08 -66.35
CA ARG U 182 13.37 -64.30 -66.88
C ARG U 182 13.76 -62.85 -67.15
N GLY U 183 14.55 -62.25 -66.25
CA GLY U 183 15.07 -60.92 -66.49
C GLY U 183 16.02 -60.86 -67.67
N TRP U 184 16.82 -61.92 -67.86
CA TRP U 184 17.71 -62.03 -69.01
C TRP U 184 16.93 -62.03 -70.33
N LYS U 185 15.84 -62.82 -70.37
CA LYS U 185 14.98 -62.88 -71.56
C LYS U 185 14.30 -61.54 -71.82
N ASN U 186 13.86 -60.86 -70.75
CA ASN U 186 13.22 -59.56 -70.90
C ASN U 186 14.19 -58.51 -71.46
N GLY U 187 15.44 -58.54 -71.00
CA GLY U 187 16.44 -57.62 -71.54
C GLY U 187 16.75 -57.87 -73.01
N ILE U 188 16.84 -59.15 -73.40
CA ILE U 188 17.06 -59.50 -74.81
C ILE U 188 15.90 -59.02 -75.68
N ASP U 189 14.66 -59.20 -75.21
CA ASP U 189 13.49 -58.76 -75.96
C ASP U 189 13.45 -57.23 -76.09
N GLN U 190 13.83 -56.51 -75.03
CA GLN U 190 13.87 -55.05 -75.07
C GLN U 190 14.90 -54.55 -76.08
N ALA U 191 16.07 -55.19 -76.12
CA ALA U 191 17.10 -54.81 -77.09
C ALA U 191 16.65 -55.06 -78.53
N ASN U 192 15.95 -56.18 -78.75
CA ASN U 192 15.42 -56.47 -80.09
C ASN U 192 14.36 -55.45 -80.51
N THR U 193 13.52 -55.01 -79.58
CA THR U 193 12.52 -53.98 -79.87
C THR U 193 13.17 -52.66 -80.25
N ILE U 194 14.22 -52.27 -79.51
CA ILE U 194 14.95 -51.03 -79.82
C ILE U 194 15.58 -51.09 -81.21
N LEU U 195 16.18 -52.26 -81.54
CA LEU U 195 16.81 -52.44 -82.85
C LEU U 195 15.80 -52.36 -83.99
N GLU U 196 14.63 -52.98 -83.82
CA GLU U 196 13.65 -52.96 -84.91
C GLU U 196 13.02 -51.57 -85.07
N GLU U 197 12.93 -50.80 -83.97
CA GLU U 197 12.49 -49.41 -84.10
C GLU U 197 13.50 -48.56 -84.87
N ASN U 198 14.80 -48.76 -84.62
CA ASN U 198 15.84 -48.05 -85.37
C ASN U 198 15.81 -48.41 -86.86
N ILE U 199 15.59 -49.69 -87.17
CA ILE U 199 15.50 -50.15 -88.55
C ILE U 199 14.30 -49.51 -89.26
N ALA U 200 13.16 -49.42 -88.55
CA ALA U 200 11.98 -48.77 -89.11
C ALA U 200 12.22 -47.29 -89.38
N ARG U 201 12.95 -46.61 -88.49
CA ARG U 201 13.26 -45.19 -88.70
C ARG U 201 14.13 -44.96 -89.93
N ILE U 202 15.20 -45.75 -90.08
CA ILE U 202 16.09 -45.54 -91.23
C ILE U 202 15.41 -45.95 -92.54
N LYS U 203 14.53 -46.96 -92.49
CA LYS U 203 13.77 -47.34 -93.69
C LYS U 203 12.79 -46.25 -94.09
N GLU U 204 12.15 -45.59 -93.11
CA GLU U 204 11.27 -44.46 -93.39
C GLU U 204 12.02 -43.33 -94.07
N ASP U 205 13.21 -42.98 -93.55
CA ASP U 205 13.98 -41.88 -94.13
C ASP U 205 14.43 -42.18 -95.56
N PHE U 206 14.92 -43.40 -95.80
CA PHE U 206 15.40 -43.74 -97.15
C PHE U 206 14.26 -43.85 -98.16
N GLY U 207 13.12 -44.44 -97.76
CA GLY U 207 11.98 -44.50 -98.65
C GLY U 207 11.38 -43.15 -98.96
N GLY U 208 11.36 -42.25 -97.96
CA GLY U 208 10.92 -40.90 -98.21
C GLY U 208 11.83 -40.13 -99.15
N MET U 209 13.13 -40.41 -99.11
CA MET U 209 14.02 -39.77 -100.09
C MET U 209 13.88 -40.38 -101.49
N ILE U 210 13.52 -41.66 -101.59
CA ILE U 210 13.29 -42.26 -102.91
C ILE U 210 12.00 -41.72 -103.55
N LEU U 211 10.96 -41.54 -102.74
CA LEU U 211 9.66 -41.11 -103.26
C LEU U 211 9.70 -39.69 -103.84
N TYR U 212 10.60 -38.84 -103.34
CA TYR U 212 10.77 -37.51 -103.93
C TYR U 212 11.30 -37.59 -105.36
N ARG U 213 12.28 -38.46 -105.62
CA ARG U 213 12.77 -38.65 -106.98
C ARG U 213 11.70 -39.24 -107.88
N LYS U 214 10.89 -40.16 -107.34
CA LYS U 214 9.80 -40.75 -108.12
C LYS U 214 8.77 -39.69 -108.53
N LEU U 215 8.34 -38.86 -107.57
CA LEU U 215 7.37 -37.82 -107.90
C LEU U 215 7.97 -36.67 -108.70
N LEU U 216 9.29 -36.44 -108.62
CA LEU U 216 9.92 -35.46 -109.49
C LEU U 216 9.97 -35.97 -110.93
N ALA U 217 10.20 -37.27 -111.11
CA ALA U 217 10.11 -37.86 -112.44
C ALA U 217 8.68 -37.82 -112.97
N MET U 218 7.69 -38.01 -112.10
CA MET U 218 6.30 -37.98 -112.51
C MET U 218 5.68 -36.59 -112.49
N ASN U 219 6.47 -35.55 -112.17
CA ASN U 219 6.11 -34.13 -112.29
C ASN U 219 4.94 -33.75 -111.38
N MET U 220 5.10 -34.08 -110.10
CA MET U 220 4.15 -33.66 -109.06
C MET U 220 4.77 -32.75 -108.01
N VAL U 221 6.09 -32.68 -107.91
CA VAL U 221 6.77 -31.80 -106.96
C VAL U 221 7.65 -30.83 -107.75
N SER U 222 7.98 -29.72 -107.11
CA SER U 222 8.85 -28.76 -107.78
C SER U 222 10.28 -28.90 -107.27
N PRO U 223 11.28 -28.72 -108.15
CA PRO U 223 12.66 -28.77 -107.67
C PRO U 223 13.04 -27.48 -106.96
N PRO U 224 14.04 -27.52 -106.08
CA PRO U 224 14.52 -26.28 -105.46
C PRO U 224 15.38 -25.47 -106.42
N TYR U 225 15.30 -24.15 -106.27
CA TYR U 225 16.02 -23.22 -107.12
C TYR U 225 17.07 -22.47 -106.31
N VAL U 226 18.25 -22.29 -106.91
CA VAL U 226 19.43 -21.74 -106.23
C VAL U 226 19.81 -20.44 -106.90
N SER U 227 20.00 -19.39 -106.10
CA SER U 227 20.49 -18.10 -106.58
C SER U 227 21.84 -17.82 -105.94
N HIS U 228 22.82 -17.48 -106.75
CA HIS U 228 24.18 -17.19 -106.28
C HIS U 228 24.58 -15.78 -106.69
N THR U 229 25.15 -15.04 -105.76
CA THR U 229 25.66 -13.70 -106.01
C THR U 229 27.19 -13.73 -105.93
N ASP U 230 27.85 -13.22 -106.96
CA ASP U 230 29.30 -13.23 -107.07
C ASP U 230 29.83 -11.83 -106.77
N LEU U 231 30.56 -11.70 -105.66
CA LEU U 231 31.24 -10.46 -105.34
C LEU U 231 32.71 -10.58 -105.79
N GLY U 232 33.34 -9.43 -105.95
CA GLY U 232 34.72 -9.41 -106.40
C GLY U 232 35.70 -9.55 -105.26
N VAL U 233 36.69 -8.66 -105.21
CA VAL U 233 37.64 -8.61 -104.11
C VAL U 233 37.08 -7.66 -103.06
N THR U 234 36.63 -8.22 -101.95
CA THR U 234 35.96 -7.46 -100.90
C THR U 234 36.81 -7.43 -99.63
N GLY U 235 36.63 -6.38 -98.84
CA GLY U 235 37.32 -6.22 -97.59
C GLY U 235 38.00 -4.87 -97.49
N ASP U 236 38.57 -4.61 -96.32
CA ASP U 236 39.31 -3.39 -96.04
C ASP U 236 40.80 -3.69 -96.12
N GLY U 237 41.62 -2.72 -95.69
CA GLY U 237 43.06 -2.85 -95.77
C GLY U 237 43.68 -3.80 -94.75
N SER U 238 42.90 -4.28 -93.78
CA SER U 238 43.41 -5.21 -92.78
C SER U 238 43.05 -6.66 -93.07
N GLU U 239 42.06 -6.90 -93.93
CA GLU U 239 41.63 -8.26 -94.25
C GLU U 239 40.93 -8.24 -95.60
N ILE U 240 41.32 -9.13 -96.50
CA ILE U 240 40.71 -9.20 -97.82
C ILE U 240 40.28 -10.64 -98.12
N HIS U 241 39.23 -10.74 -98.94
CA HIS U 241 38.78 -12.00 -99.52
C HIS U 241 38.78 -11.86 -101.03
N ILE U 242 39.37 -12.85 -101.71
CA ILE U 242 39.68 -12.70 -103.13
C ILE U 242 38.42 -12.89 -103.98
N ASP U 243 37.78 -14.05 -103.85
CA ASP U 243 36.59 -14.38 -104.65
C ASP U 243 35.50 -14.85 -103.70
N ASP U 244 34.48 -14.01 -103.52
CA ASP U 244 33.36 -14.31 -102.63
C ASP U 244 32.12 -14.69 -103.42
N ARG U 245 31.44 -15.75 -102.98
CA ARG U 245 30.16 -16.13 -103.57
C ARG U 245 29.18 -16.46 -102.45
N VAL U 246 27.98 -15.92 -102.56
CA VAL U 246 26.92 -16.18 -101.58
C VAL U 246 25.84 -16.97 -102.28
N LEU U 247 25.56 -18.18 -101.77
CA LEU U 247 24.56 -19.05 -102.36
C LEU U 247 23.36 -19.15 -101.44
N ARG U 248 22.17 -19.06 -102.02
CA ARG U 248 20.95 -19.07 -101.24
C ARG U 248 19.85 -19.75 -102.04
N ILE U 249 19.12 -20.65 -101.41
CA ILE U 249 17.96 -21.24 -102.06
C ILE U 249 16.71 -20.44 -101.68
N THR U 250 15.92 -20.08 -102.69
CA THR U 250 14.83 -19.14 -102.52
C THR U 250 13.45 -19.78 -102.52
N ALA U 251 13.29 -20.92 -103.20
CA ALA U 251 12.02 -21.62 -103.25
C ALA U 251 12.23 -23.05 -102.80
N LEU U 252 11.52 -23.46 -101.76
CA LEU U 252 11.58 -24.82 -101.25
C LEU U 252 10.74 -25.73 -102.13
N PRO U 253 11.06 -27.03 -102.18
CA PRO U 253 10.21 -27.97 -102.92
C PRO U 253 8.82 -28.09 -102.33
N GLU U 254 7.83 -28.28 -103.19
CA GLU U 254 6.45 -28.42 -102.76
C GLU U 254 5.67 -29.21 -103.81
N LEU U 255 4.58 -29.83 -103.35
CA LEU U 255 3.66 -30.51 -104.24
C LEU U 255 2.83 -29.50 -105.02
N ASN U 256 2.41 -29.88 -106.22
CA ASN U 256 1.51 -29.05 -107.02
C ASN U 256 0.10 -29.62 -107.01
N VAL U 257 -0.89 -28.72 -107.14
CA VAL U 257 -2.29 -29.12 -107.14
C VAL U 257 -2.92 -29.04 -108.53
N ASN U 258 -2.17 -28.58 -109.54
CA ASN U 258 -2.67 -28.52 -110.90
C ASN U 258 -2.44 -29.89 -111.54
N SER U 259 -3.48 -30.72 -111.56
CA SER U 259 -3.38 -32.09 -112.06
C SER U 259 -3.28 -32.17 -113.58
N ALA U 260 -3.51 -31.07 -114.29
CA ALA U 260 -3.45 -31.09 -115.74
C ALA U 260 -2.02 -31.11 -116.28
N GLU U 261 -1.02 -30.85 -115.43
CA GLU U 261 0.37 -30.85 -115.84
C GLU U 261 1.12 -32.10 -115.42
N TRP U 262 0.44 -33.09 -114.86
CA TRP U 262 1.09 -34.32 -114.45
C TRP U 262 1.39 -35.19 -115.66
N ARG U 263 2.41 -36.05 -115.53
CA ARG U 263 2.89 -36.89 -116.62
C ARG U 263 2.86 -38.34 -116.18
N ALA U 264 2.28 -39.20 -117.02
CA ALA U 264 2.15 -40.62 -116.74
C ALA U 264 3.29 -41.41 -117.37
N ALA U 265 3.53 -42.60 -116.83
CA ALA U 265 4.59 -43.48 -117.31
C ALA U 265 4.02 -44.87 -117.53
N VAL U 266 4.20 -45.39 -118.74
CA VAL U 266 3.78 -46.74 -119.10
C VAL U 266 5.04 -47.54 -119.46
N ALA U 267 5.26 -48.63 -118.75
CA ALA U 267 6.47 -49.44 -118.92
C ALA U 267 6.15 -50.67 -119.76
N LYS U 268 6.89 -50.85 -120.84
CA LYS U 268 6.71 -52.01 -121.71
C LYS U 268 7.50 -53.20 -121.19
N LYS V 24 15.67 -92.19 -93.62
CA LYS V 24 15.89 -90.85 -93.11
C LYS V 24 15.28 -89.81 -94.03
N PHE V 25 14.71 -88.76 -93.44
CA PHE V 25 14.06 -87.68 -94.19
C PHE V 25 14.85 -86.40 -93.99
N LYS V 26 15.35 -85.84 -95.08
CA LYS V 26 16.10 -84.59 -95.04
C LYS V 26 15.80 -83.78 -96.29
N LYS V 27 16.00 -82.47 -96.18
CA LYS V 27 15.85 -81.49 -97.25
C LYS V 27 17.18 -80.75 -97.41
N PRO V 28 17.55 -80.37 -98.64
CA PRO V 28 18.97 -80.05 -98.95
C PRO V 28 19.52 -78.82 -98.21
N PRO V 29 18.87 -77.60 -98.22
CA PRO V 29 19.60 -76.45 -97.66
C PRO V 29 19.65 -76.44 -96.14
N ILE V 30 20.79 -76.80 -95.57
CA ILE V 30 21.02 -76.75 -94.13
C ILE V 30 22.31 -75.95 -93.94
N ASN V 31 22.17 -74.66 -93.66
CA ASN V 31 23.30 -73.76 -93.54
C ASN V 31 23.61 -73.50 -92.06
N ASN V 32 24.49 -72.54 -91.81
CA ASN V 32 24.80 -72.12 -90.45
C ASN V 32 23.59 -71.42 -89.84
N PRO V 33 23.45 -71.45 -88.50
CA PRO V 33 22.33 -70.74 -87.87
C PRO V 33 22.42 -69.23 -88.05
N SER V 34 21.24 -68.60 -88.12
CA SER V 34 21.11 -67.19 -88.44
C SER V 34 20.81 -66.38 -87.18
N ASP V 35 20.98 -65.07 -87.31
CA ASP V 35 20.73 -64.12 -86.24
C ASP V 35 19.57 -63.19 -86.63
N ASP V 36 18.72 -62.88 -85.65
CA ASP V 36 17.49 -62.14 -85.91
C ASP V 36 17.75 -60.71 -86.34
N ALA V 37 18.89 -60.14 -85.93
CA ALA V 37 19.31 -58.84 -86.45
C ALA V 37 19.55 -58.89 -87.95
N THR V 38 20.21 -59.95 -88.42
CA THR V 38 20.43 -60.13 -89.85
C THR V 38 19.12 -60.43 -90.58
N ILE V 39 18.19 -61.13 -89.91
CA ILE V 39 16.87 -61.38 -90.48
C ILE V 39 16.13 -60.06 -90.72
N LYS V 40 16.14 -59.17 -89.72
CA LYS V 40 15.47 -57.88 -89.85
C LYS V 40 16.14 -56.98 -90.88
N LEU V 41 17.47 -57.02 -90.95
CA LEU V 41 18.19 -56.23 -91.95
C LEU V 41 17.90 -56.71 -93.37
N ALA V 42 17.82 -58.02 -93.57
CA ALA V 42 17.44 -58.55 -94.89
C ALA V 42 16.00 -58.19 -95.25
N GLU V 43 15.11 -58.23 -94.26
CA GLU V 43 13.70 -57.85 -94.49
C GLU V 43 13.57 -56.39 -94.89
N ALA V 44 14.39 -55.51 -94.30
CA ALA V 44 14.38 -54.11 -94.74
C ALA V 44 15.01 -53.96 -96.13
N ALA V 45 16.10 -54.70 -96.39
CA ALA V 45 16.85 -54.52 -97.63
C ALA V 45 16.09 -54.98 -98.87
N VAL V 46 15.24 -56.01 -98.73
CA VAL V 46 14.44 -56.47 -99.87
C VAL V 46 13.45 -55.39 -100.31
N SER V 47 12.79 -54.73 -99.34
CA SER V 47 11.87 -53.65 -99.65
C SER V 47 12.58 -52.42 -100.22
N VAL V 48 13.78 -52.11 -99.71
CA VAL V 48 14.58 -51.04 -100.30
C VAL V 48 14.95 -51.38 -101.74
N SER V 49 15.30 -52.65 -102.00
CA SER V 49 15.73 -53.07 -103.33
C SER V 49 14.61 -52.99 -104.36
N ASP V 50 13.41 -53.46 -104.02
CA ASP V 50 12.38 -53.38 -105.05
C ASP V 50 11.73 -52.01 -105.14
N SER V 51 11.84 -51.16 -104.10
CA SER V 51 11.50 -49.75 -104.27
C SER V 51 12.43 -49.07 -105.25
N MET V 52 13.74 -49.35 -105.14
CA MET V 52 14.70 -48.82 -106.10
C MET V 52 14.46 -49.35 -107.51
N LEU V 53 14.05 -50.63 -107.62
CA LEU V 53 13.73 -51.21 -108.91
C LEU V 53 12.56 -50.51 -109.58
N GLU V 54 11.48 -50.23 -108.81
CA GLU V 54 10.33 -49.52 -109.34
C GLU V 54 10.68 -48.09 -109.75
N MET V 55 11.47 -47.38 -108.93
CA MET V 55 11.81 -46.00 -109.26
C MET V 55 12.74 -45.92 -110.46
N ALA V 56 13.68 -46.88 -110.58
CA ALA V 56 14.57 -46.92 -111.73
C ALA V 56 13.82 -47.24 -113.02
N LYS V 57 12.82 -48.14 -112.93
CA LYS V 57 11.98 -48.44 -114.09
C LYS V 57 11.19 -47.21 -114.54
N VAL V 58 10.62 -46.48 -113.56
CA VAL V 58 9.84 -45.28 -113.88
C VAL V 58 10.72 -44.21 -114.51
N GLU V 59 11.92 -43.98 -113.96
CA GLU V 59 12.82 -42.96 -114.49
C GLU V 59 13.35 -43.33 -115.87
N LYS V 60 13.66 -44.61 -116.10
CA LYS V 60 14.12 -45.06 -117.41
C LYS V 60 13.02 -44.93 -118.46
N VAL V 61 11.77 -45.20 -118.06
CA VAL V 61 10.64 -45.03 -118.99
C VAL V 61 10.43 -43.55 -119.32
N ILE V 62 10.52 -42.67 -118.31
CA ILE V 62 10.25 -41.25 -118.53
C ILE V 62 11.35 -40.61 -119.37
N THR V 63 12.61 -40.81 -119.01
CA THR V 63 13.73 -40.18 -119.71
C THR V 63 14.63 -41.24 -120.34
N PRO V 64 14.52 -41.47 -121.64
CA PRO V 64 15.41 -42.43 -122.31
C PRO V 64 16.75 -41.80 -122.63
N PRO V 65 17.85 -42.41 -122.19
CA PRO V 65 19.17 -41.88 -122.54
C PRO V 65 19.52 -42.12 -124.00
N SER V 66 20.40 -41.26 -124.52
CA SER V 66 20.77 -41.32 -125.93
C SER V 66 22.27 -41.37 -126.18
N LYS V 67 23.11 -41.09 -125.19
CA LYS V 67 24.55 -41.05 -125.38
C LYS V 67 25.24 -41.93 -124.35
N ASP V 68 26.41 -42.44 -124.72
CA ASP V 68 27.23 -43.28 -123.87
C ASP V 68 28.64 -42.73 -123.82
N ASN V 69 29.31 -42.92 -122.67
CA ASN V 69 30.62 -42.35 -122.42
C ASN V 69 31.77 -43.15 -123.03
N THR V 70 31.48 -44.06 -123.97
CA THR V 70 32.54 -44.75 -124.70
C THR V 70 33.29 -43.79 -125.61
N LEU V 71 32.60 -42.78 -126.15
CA LEU V 71 33.24 -41.76 -126.97
C LEU V 71 34.21 -40.91 -126.17
N THR V 72 33.82 -40.52 -124.94
CA THR V 72 34.69 -39.71 -124.11
C THR V 72 35.81 -40.53 -123.49
N ILE V 73 35.54 -41.78 -123.13
CA ILE V 73 36.54 -42.67 -122.55
C ILE V 73 36.68 -43.90 -123.44
N PRO V 74 37.53 -43.87 -124.46
CA PRO V 74 37.79 -45.07 -125.26
C PRO V 74 38.88 -45.93 -124.62
N ASN V 75 38.97 -47.16 -125.12
CA ASN V 75 40.02 -48.07 -124.66
C ASN V 75 41.19 -48.10 -125.64
N ALA V 76 42.31 -48.64 -125.16
CA ALA V 76 43.54 -48.74 -125.93
C ALA V 76 44.37 -49.87 -125.35
N TYR V 77 45.57 -50.04 -125.89
CA TYR V 77 46.52 -50.99 -125.31
C TYR V 77 47.03 -50.45 -123.97
N ASN V 78 47.42 -51.39 -123.10
CA ASN V 78 47.78 -51.22 -121.67
C ASN V 78 46.73 -50.46 -120.85
N LEU V 79 45.49 -50.42 -121.32
CA LEU V 79 44.33 -50.16 -120.48
C LEU V 79 43.55 -51.44 -120.22
N GLN V 80 44.06 -52.58 -120.70
CA GLN V 80 43.42 -53.87 -120.52
C GLN V 80 44.03 -54.69 -119.38
N ALA V 81 44.99 -54.14 -118.66
CA ALA V 81 45.39 -54.73 -117.39
C ALA V 81 44.25 -54.59 -116.40
N ARG V 82 44.14 -55.54 -115.49
CA ARG V 82 42.91 -55.63 -114.72
C ARG V 82 43.16 -55.23 -113.27
N ALA V 83 42.07 -54.96 -112.55
CA ALA V 83 42.17 -54.48 -111.18
C ALA V 83 40.96 -54.90 -110.38
N SER V 84 41.17 -55.11 -109.08
CA SER V 84 40.11 -55.32 -108.12
C SER V 84 40.27 -54.27 -107.02
N VAL V 85 39.23 -53.49 -106.78
CA VAL V 85 39.34 -52.29 -105.96
C VAL V 85 38.18 -52.24 -104.96
N ASP V 86 38.51 -51.83 -103.72
CA ASP V 86 37.55 -51.54 -102.66
C ASP V 86 37.95 -50.20 -102.06
N TRP V 87 37.41 -49.12 -102.61
CA TRP V 87 37.80 -47.76 -102.28
C TRP V 87 36.58 -46.99 -101.80
N SER V 88 36.74 -46.23 -100.71
CA SER V 88 35.66 -45.47 -100.11
C SER V 88 36.11 -44.06 -99.75
N GLY V 89 36.76 -43.38 -100.69
CA GLY V 89 37.29 -42.06 -100.44
C GLY V 89 37.13 -41.10 -101.61
N PRO V 90 37.96 -40.06 -101.65
CA PRO V 90 37.87 -39.07 -102.73
C PRO V 90 38.34 -39.64 -104.07
N ILE V 91 37.98 -38.90 -105.12
CA ILE V 91 38.12 -39.39 -106.48
C ILE V 91 39.55 -39.22 -107.03
N GLU V 92 40.27 -38.19 -106.56
CA GLU V 92 41.50 -37.77 -107.22
C GLU V 92 42.65 -38.75 -106.99
N GLU V 93 42.79 -39.24 -105.76
CA GLU V 93 43.86 -40.18 -105.44
C GLU V 93 43.67 -41.52 -106.16
N LEU V 94 42.42 -42.01 -106.20
CA LEU V 94 42.12 -43.26 -106.89
C LEU V 94 42.33 -43.12 -108.40
N THR V 95 41.93 -41.98 -108.97
CA THR V 95 42.13 -41.77 -110.40
C THR V 95 43.61 -41.65 -110.75
N ALA V 96 44.40 -41.02 -109.85
CA ALA V 96 45.85 -40.93 -110.06
C ALA V 96 46.51 -42.30 -109.98
N ARG V 97 46.05 -43.16 -109.04
CA ARG V 97 46.60 -44.50 -108.95
C ARG V 97 46.25 -45.34 -110.18
N ILE V 98 45.02 -45.21 -110.70
CA ILE V 98 44.63 -45.93 -111.91
C ILE V 98 45.45 -45.44 -113.11
N ALA V 99 45.67 -44.13 -113.22
CA ALA V 99 46.48 -43.59 -114.32
C ALA V 99 47.94 -44.03 -114.21
N LYS V 100 48.48 -44.08 -112.99
CA LYS V 100 49.87 -44.52 -112.81
C LYS V 100 50.03 -45.99 -113.11
N ALA V 101 49.02 -46.81 -112.79
CA ALA V 101 49.07 -48.22 -113.18
C ALA V 101 48.89 -48.40 -114.68
N ALA V 102 48.12 -47.51 -115.32
CA ALA V 102 47.92 -47.57 -116.76
C ALA V 102 49.00 -46.85 -117.55
N HIS V 103 50.02 -46.31 -116.86
CA HIS V 103 51.20 -45.66 -117.45
C HIS V 103 50.82 -44.42 -118.26
N PHE V 104 49.79 -43.71 -117.83
CA PHE V 104 49.32 -42.51 -118.48
C PHE V 104 49.63 -41.30 -117.61
N ARG V 105 49.79 -40.14 -118.24
CA ARG V 105 49.91 -38.90 -117.49
C ARG V 105 48.56 -38.53 -116.90
N PHE V 106 48.59 -37.79 -115.80
CA PHE V 106 47.38 -37.39 -115.09
C PHE V 106 47.28 -35.87 -115.10
N ARG V 107 46.09 -35.36 -115.45
CA ARG V 107 45.86 -33.93 -115.56
C ARG V 107 44.58 -33.57 -114.83
N VAL V 108 44.57 -32.42 -114.17
CA VAL V 108 43.43 -31.92 -113.42
C VAL V 108 43.04 -30.56 -113.99
N LEU V 109 41.75 -30.38 -114.26
CA LEU V 109 41.21 -29.11 -114.75
C LEU V 109 40.12 -28.62 -113.82
N GLY V 110 40.13 -27.32 -113.55
CA GLY V 110 39.16 -26.70 -112.68
C GLY V 110 39.58 -26.69 -111.22
N LYS V 111 38.80 -25.97 -110.43
CA LYS V 111 39.05 -25.88 -109.00
C LYS V 111 38.30 -26.99 -108.27
N SER V 112 38.98 -27.61 -107.30
CA SER V 112 38.33 -28.60 -106.46
C SER V 112 37.32 -27.93 -105.54
N PRO V 113 36.15 -28.53 -105.34
CA PRO V 113 35.15 -27.91 -104.47
C PRO V 113 35.52 -28.05 -103.00
N SER V 114 34.91 -27.18 -102.19
CA SER V 114 35.17 -27.21 -100.74
C SER V 114 34.56 -28.44 -100.10
N VAL V 115 33.36 -28.82 -100.51
CA VAL V 115 32.78 -30.11 -100.12
C VAL V 115 33.33 -31.15 -101.09
N PRO V 116 34.06 -32.15 -100.62
CA PRO V 116 34.75 -33.08 -101.53
C PRO V 116 33.80 -34.02 -102.24
N VAL V 117 34.21 -34.45 -103.42
CA VAL V 117 33.46 -35.41 -104.22
C VAL V 117 33.86 -36.81 -103.76
N LEU V 118 32.92 -37.49 -103.10
CA LEU V 118 33.19 -38.81 -102.52
C LEU V 118 32.60 -39.90 -103.42
N ILE V 119 33.39 -40.95 -103.66
CA ILE V 119 32.94 -42.10 -104.42
C ILE V 119 33.11 -43.34 -103.57
N SER V 120 32.53 -44.44 -104.05
CA SER V 120 32.60 -45.72 -103.35
C SER V 120 32.54 -46.83 -104.38
N ILE V 121 33.68 -47.47 -104.63
CA ILE V 121 33.79 -48.53 -105.64
C ILE V 121 34.15 -49.82 -104.93
N SER V 122 33.43 -50.89 -105.26
CA SER V 122 33.74 -52.23 -104.72
C SER V 122 33.51 -53.23 -105.86
N THR V 123 34.57 -53.50 -106.63
CA THR V 123 34.46 -54.38 -107.80
C THR V 123 35.45 -55.53 -107.66
N LYS V 124 35.50 -56.35 -108.71
CA LYS V 124 36.37 -57.53 -108.73
C LYS V 124 36.66 -57.91 -110.17
N ASP V 125 37.92 -57.74 -110.58
CA ASP V 125 38.48 -58.24 -111.84
C ASP V 125 37.74 -57.68 -113.07
N GLU V 126 37.89 -56.37 -113.24
CA GLU V 126 37.44 -55.73 -114.47
C GLU V 126 38.51 -54.75 -114.93
N SER V 127 38.42 -54.35 -116.20
CA SER V 127 39.45 -53.54 -116.83
C SER V 127 39.42 -52.11 -116.34
N LEU V 128 40.56 -51.42 -116.55
CA LEU V 128 40.71 -50.04 -116.09
C LEU V 128 39.79 -49.08 -116.83
N ALA V 129 39.46 -49.38 -118.09
CA ALA V 129 38.49 -48.57 -118.81
C ALA V 129 37.10 -48.66 -118.18
N GLU V 130 36.70 -49.86 -117.76
CA GLU V 130 35.43 -50.03 -117.06
C GLU V 130 35.46 -49.38 -115.68
N ILE V 131 36.61 -49.44 -115.00
CA ILE V 131 36.77 -48.75 -113.71
C ILE V 131 36.60 -47.24 -113.88
N LEU V 132 37.24 -46.67 -114.90
CA LEU V 132 37.15 -45.23 -115.15
C LEU V 132 35.74 -44.83 -115.57
N ARG V 133 35.06 -45.67 -116.35
CA ARG V 133 33.68 -45.38 -116.73
C ARG V 133 32.74 -45.43 -115.54
N ASP V 134 32.94 -46.39 -114.63
CA ASP V 134 32.13 -46.47 -113.42
C ASP V 134 32.37 -45.28 -112.50
N ILE V 135 33.64 -44.85 -112.37
CA ILE V 135 33.97 -43.67 -111.57
C ILE V 135 33.36 -42.42 -112.18
N ASP V 136 33.38 -42.30 -113.51
CA ASP V 136 32.78 -41.16 -114.19
C ASP V 136 31.26 -41.12 -114.01
N TYR V 137 30.59 -42.27 -114.13
CA TYR V 137 29.15 -42.34 -113.90
C TYR V 137 28.77 -42.03 -112.45
N GLN V 138 29.55 -42.53 -111.49
CA GLN V 138 29.26 -42.23 -110.09
C GLN V 138 29.55 -40.78 -109.74
N ALA V 139 30.56 -40.16 -110.36
CA ALA V 139 30.80 -38.74 -110.16
C ALA V 139 29.66 -37.90 -110.73
N GLY V 140 29.27 -38.15 -111.97
CA GLY V 140 28.05 -37.55 -112.50
C GLY V 140 28.20 -36.08 -112.82
N LYS V 141 27.46 -35.25 -112.11
CA LYS V 141 27.35 -33.83 -112.40
C LYS V 141 28.44 -32.98 -111.76
N LYS V 142 29.31 -33.57 -110.94
CA LYS V 142 30.36 -32.81 -110.26
C LYS V 142 31.70 -32.89 -110.95
N ALA V 143 32.02 -34.01 -111.59
CA ALA V 143 33.32 -34.18 -112.22
C ALA V 143 33.17 -35.07 -113.45
N SER V 144 34.16 -34.98 -114.34
CA SER V 144 34.17 -35.75 -115.57
C SER V 144 35.57 -36.29 -115.83
N ILE V 145 35.62 -37.43 -116.51
CA ILE V 145 36.86 -38.13 -116.84
C ILE V 145 36.96 -38.20 -118.35
N HIS V 146 38.11 -37.80 -118.90
CA HIS V 146 38.40 -37.92 -120.32
C HIS V 146 39.72 -38.65 -120.50
N VAL V 147 39.80 -39.43 -121.58
CA VAL V 147 41.00 -40.22 -121.88
C VAL V 147 41.42 -39.90 -123.30
N TYR V 148 42.67 -39.46 -123.46
CA TYR V 148 43.27 -39.21 -124.76
C TYR V 148 44.36 -40.25 -124.99
N PRO V 149 44.14 -41.24 -125.85
CA PRO V 149 45.14 -42.32 -125.99
C PRO V 149 46.31 -41.98 -126.88
N ASN V 150 46.16 -41.03 -127.80
CA ASN V 150 47.29 -40.64 -128.64
C ASN V 150 48.33 -39.86 -127.87
N SER V 151 47.91 -39.10 -126.86
CA SER V 151 48.83 -38.40 -125.97
C SER V 151 49.02 -39.11 -124.64
N GLN V 152 48.27 -40.18 -124.40
CA GLN V 152 48.32 -41.01 -123.18
C GLN V 152 48.06 -40.17 -121.92
N VAL V 153 46.90 -39.52 -121.90
CA VAL V 153 46.54 -38.57 -120.86
C VAL V 153 45.17 -38.92 -120.29
N VAL V 154 45.09 -39.09 -118.97
CA VAL V 154 43.83 -39.18 -118.26
C VAL V 154 43.60 -37.84 -117.58
N GLU V 155 42.48 -37.20 -117.89
CA GLU V 155 42.20 -35.85 -117.40
C GLU V 155 40.90 -35.86 -116.61
N LEU V 156 40.94 -35.32 -115.41
CA LEU V 156 39.78 -35.16 -114.54
C LEU V 156 39.45 -33.68 -114.47
N ARG V 157 38.21 -33.33 -114.81
CA ARG V 157 37.78 -31.94 -114.80
C ARG V 157 36.62 -31.76 -113.83
N TYR V 158 36.64 -30.65 -113.11
CA TYR V 158 35.58 -30.32 -112.17
C TYR V 158 34.52 -29.45 -112.84
N ALA V 159 33.30 -29.50 -112.31
CA ALA V 159 32.19 -28.78 -112.91
C ALA V 159 32.29 -27.28 -112.65
N LYS V 160 31.75 -26.49 -113.58
CA LYS V 160 31.70 -25.04 -113.43
C LYS V 160 30.47 -24.68 -112.61
N ILE V 161 30.59 -24.92 -111.31
CA ILE V 161 29.52 -24.70 -110.34
C ILE V 161 30.16 -23.93 -109.19
N TYR V 162 29.32 -23.33 -108.35
CA TYR V 162 29.69 -22.43 -107.23
C TYR V 162 30.46 -21.21 -107.73
N GLY W 271 -20.32 -27.87 -91.72
CA GLY W 271 -18.88 -27.97 -91.59
C GLY W 271 -18.30 -29.22 -92.24
N ILE W 272 -17.18 -29.05 -92.92
CA ILE W 272 -16.50 -30.17 -93.58
C ILE W 272 -15.83 -31.03 -92.52
N PRO W 273 -16.05 -32.35 -92.51
CA PRO W 273 -15.37 -33.23 -91.54
C PRO W 273 -13.87 -33.31 -91.84
N PRO W 274 -13.05 -33.61 -90.84
CA PRO W 274 -11.61 -33.75 -91.08
C PRO W 274 -11.28 -34.92 -91.98
N SER W 275 -10.17 -34.78 -92.71
CA SER W 275 -9.81 -35.76 -93.73
C SER W 275 -9.33 -37.06 -93.12
N ALA W 276 -8.29 -36.99 -92.28
CA ALA W 276 -7.70 -38.16 -91.66
C ALA W 276 -6.87 -37.70 -90.45
N ASN W 277 -6.10 -38.62 -89.90
CA ASN W 277 -5.09 -38.32 -88.90
C ASN W 277 -3.73 -38.62 -89.54
N ASP W 278 -2.80 -37.67 -89.44
CA ASP W 278 -1.53 -37.81 -90.13
C ASP W 278 -0.52 -38.67 -89.38
N LEU W 279 -0.87 -39.15 -88.18
CA LEU W 279 0.00 -40.11 -87.49
C LEU W 279 -0.03 -41.48 -88.14
N LEU W 280 -1.06 -41.79 -88.91
CA LEU W 280 -1.19 -43.10 -89.53
C LEU W 280 -0.17 -43.33 -90.64
N LEU W 281 0.40 -42.27 -91.21
CA LEU W 281 1.51 -42.45 -92.15
C LEU W 281 2.76 -42.97 -91.43
N HIS W 282 3.07 -42.44 -90.26
CA HIS W 282 4.17 -42.96 -89.46
C HIS W 282 3.87 -44.35 -88.92
N VAL W 283 2.60 -44.63 -88.60
CA VAL W 283 2.19 -45.97 -88.20
C VAL W 283 2.38 -46.96 -89.36
N LEU W 284 2.04 -46.52 -90.58
CA LEU W 284 2.23 -47.34 -91.78
C LEU W 284 3.71 -47.61 -92.03
N GLU W 285 4.55 -46.60 -91.83
CA GLU W 285 6.00 -46.81 -91.97
C GLU W 285 6.58 -47.63 -90.83
N GLY W 286 5.89 -47.71 -89.70
CA GLY W 286 6.33 -48.50 -88.56
C GLY W 286 6.96 -47.70 -87.44
N VAL W 287 7.01 -46.38 -87.57
CA VAL W 287 7.60 -45.54 -86.53
C VAL W 287 6.50 -45.16 -85.54
N PRO W 288 6.73 -45.34 -84.23
CA PRO W 288 5.71 -44.97 -83.25
C PRO W 288 5.50 -43.47 -83.19
N PRO W 289 4.31 -43.01 -82.85
CA PRO W 289 4.10 -41.57 -82.65
C PRO W 289 4.84 -41.09 -81.42
N PRO W 290 5.29 -39.83 -81.40
CA PRO W 290 6.05 -39.35 -80.25
C PRO W 290 5.17 -39.14 -79.03
N GLY W 291 5.71 -39.49 -77.87
CA GLY W 291 4.99 -39.42 -76.62
C GLY W 291 4.18 -40.64 -76.26
N SER W 292 4.12 -41.64 -77.14
CA SER W 292 3.33 -42.83 -76.91
C SER W 292 4.12 -43.87 -76.13
N ARG W 293 3.44 -44.95 -75.77
CA ARG W 293 4.07 -46.08 -75.10
C ARG W 293 3.72 -47.37 -75.83
N ARG W 294 4.56 -48.38 -75.67
CA ARG W 294 4.40 -49.63 -76.39
C ARG W 294 3.40 -50.54 -75.68
N LEU W 295 2.68 -51.33 -76.47
CA LEU W 295 1.80 -52.37 -75.95
C LEU W 295 2.29 -53.72 -76.47
N VAL W 296 1.97 -54.77 -75.72
CA VAL W 296 2.41 -56.13 -76.05
C VAL W 296 1.25 -56.86 -76.73
N VAL W 297 1.52 -57.39 -77.92
CA VAL W 297 0.51 -58.09 -78.72
C VAL W 297 0.97 -59.53 -78.89
N SER W 298 0.10 -60.47 -78.56
CA SER W 298 0.39 -61.90 -78.65
C SER W 298 -0.65 -62.60 -79.51
N GLY W 299 -0.22 -63.66 -80.20
CA GLY W 299 -1.08 -64.47 -81.01
C GLY W 299 -0.99 -64.22 -82.50
N GLY W 300 -0.29 -63.17 -82.92
CA GLY W 300 -0.20 -62.88 -84.34
C GLY W 300 0.82 -61.79 -84.59
N ASP W 301 0.99 -61.47 -85.88
CA ASP W 301 1.97 -60.47 -86.31
C ASP W 301 1.30 -59.11 -86.35
N ALA W 302 1.42 -58.36 -85.26
CA ALA W 302 0.84 -57.03 -85.16
C ALA W 302 1.61 -56.22 -84.12
N ARG W 303 1.64 -54.91 -84.31
CA ARG W 303 2.23 -53.98 -83.35
C ARG W 303 1.20 -52.95 -82.95
N ALA W 304 1.30 -52.44 -81.72
CA ALA W 304 0.33 -51.50 -81.20
C ALA W 304 1.01 -50.48 -80.31
N TRP W 305 0.50 -49.24 -80.36
CA TRP W 305 0.97 -48.17 -79.50
C TRP W 305 -0.23 -47.41 -78.94
N LEU W 306 -0.03 -46.78 -77.79
CA LEU W 306 -1.07 -45.99 -77.13
C LEU W 306 -0.55 -44.59 -76.86
N SER W 307 -1.21 -43.58 -77.41
CA SER W 307 -0.76 -42.20 -77.28
C SER W 307 -1.71 -41.32 -76.48
N ASN W 308 -2.98 -41.24 -76.89
CA ASN W 308 -3.96 -40.34 -76.29
C ASN W 308 -5.22 -41.12 -75.91
N GLU W 309 -5.02 -42.23 -75.19
CA GLU W 309 -6.05 -43.23 -74.86
C GLU W 309 -6.72 -43.80 -76.12
N LYS W 310 -5.92 -43.95 -77.17
CA LYS W 310 -6.33 -44.58 -78.43
C LYS W 310 -5.21 -45.50 -78.86
N MET W 311 -5.55 -46.65 -79.44
CA MET W 311 -4.53 -47.53 -79.98
C MET W 311 -4.27 -47.22 -81.44
N TYR W 312 -3.02 -47.34 -81.84
CA TYR W 312 -2.62 -47.35 -83.24
C TYR W 312 -2.01 -48.72 -83.53
N VAL W 313 -2.58 -49.43 -84.50
CA VAL W 313 -2.25 -50.83 -84.76
C VAL W 313 -1.68 -50.93 -86.17
N ARG W 314 -0.53 -51.56 -86.29
CA ARG W 314 0.11 -51.85 -87.56
C ARG W 314 0.11 -53.37 -87.76
N THR W 315 -0.58 -53.83 -88.80
CA THR W 315 -0.68 -55.25 -89.12
C THR W 315 -1.09 -55.39 -90.57
N ASN W 316 -1.03 -56.63 -91.07
CA ASN W 316 -1.54 -56.96 -92.39
C ASN W 316 -2.73 -57.92 -92.34
N LEU W 317 -3.33 -58.12 -91.17
CA LEU W 317 -4.53 -58.92 -91.02
C LEU W 317 -5.76 -58.02 -91.20
N THR W 318 -6.95 -58.58 -90.99
CA THR W 318 -8.20 -57.86 -91.12
C THR W 318 -8.91 -57.84 -89.78
N ILE W 319 -9.11 -56.66 -89.22
CA ILE W 319 -9.77 -56.51 -87.91
C ILE W 319 -11.28 -56.62 -88.12
N LEU W 320 -11.92 -57.51 -87.35
CA LEU W 320 -13.32 -57.84 -87.58
C LEU W 320 -14.26 -57.25 -86.55
N SER W 321 -14.10 -57.58 -85.26
CA SER W 321 -15.12 -57.21 -84.28
C SER W 321 -15.08 -55.81 -83.66
N PRO W 322 -13.96 -55.30 -83.10
CA PRO W 322 -14.09 -54.16 -82.18
C PRO W 322 -14.41 -52.81 -82.83
N GLY W 323 -14.17 -52.64 -84.12
CA GLY W 323 -14.52 -51.40 -84.77
C GLY W 323 -13.45 -50.33 -84.65
N TRP W 324 -13.06 -49.74 -85.77
CA TRP W 324 -12.01 -48.73 -85.81
C TRP W 324 -12.59 -47.39 -86.25
N LEU W 325 -11.82 -46.33 -85.97
CA LEU W 325 -12.22 -44.97 -86.30
C LEU W 325 -11.62 -44.46 -87.60
N ALA W 326 -10.35 -44.74 -87.86
CA ALA W 326 -9.72 -44.28 -89.10
C ALA W 326 -8.85 -45.39 -89.67
N SER W 327 -8.64 -45.36 -90.98
CA SER W 327 -7.84 -46.42 -91.61
C SER W 327 -7.08 -45.90 -92.82
N MET W 328 -5.84 -46.39 -92.95
CA MET W 328 -5.01 -46.19 -94.14
C MET W 328 -4.43 -47.52 -94.60
N THR W 329 -4.02 -47.56 -95.86
CA THR W 329 -3.44 -48.75 -96.47
C THR W 329 -2.18 -48.35 -97.23
N SER W 330 -1.17 -49.22 -97.20
CA SER W 330 0.07 -48.97 -97.92
C SER W 330 0.03 -49.64 -99.29
N ALA W 331 1.15 -49.55 -100.01
CA ALA W 331 1.23 -50.13 -101.35
C ALA W 331 1.37 -51.64 -101.32
N ASP W 332 2.04 -52.19 -100.31
CA ASP W 332 2.30 -53.62 -100.23
C ASP W 332 1.24 -54.41 -99.47
N GLY W 333 0.18 -53.76 -99.00
CA GLY W 333 -0.89 -54.45 -98.32
C GLY W 333 -0.92 -54.33 -96.81
N THR W 334 -0.17 -53.39 -96.23
CA THR W 334 -0.16 -53.18 -94.79
C THR W 334 -1.24 -52.18 -94.41
N HIS W 335 -2.02 -52.52 -93.38
CA HIS W 335 -3.10 -51.67 -92.90
C HIS W 335 -2.69 -50.95 -91.63
N ALA W 336 -3.17 -49.72 -91.47
CA ALA W 336 -2.96 -48.94 -90.26
C ALA W 336 -4.32 -48.46 -89.76
N TYR W 337 -4.58 -48.67 -88.47
CA TYR W 337 -5.88 -48.39 -87.88
C TYR W 337 -5.75 -47.42 -86.72
N GLU W 338 -6.76 -46.55 -86.57
CA GLU W 338 -6.97 -45.75 -85.37
C GLU W 338 -8.29 -46.16 -84.76
N MET W 339 -8.27 -46.50 -83.47
CA MET W 339 -9.42 -47.06 -82.78
C MET W 339 -9.31 -46.76 -81.29
N GLN W 340 -10.34 -47.16 -80.54
CA GLN W 340 -10.36 -47.03 -79.10
C GLN W 340 -9.67 -48.23 -78.45
N LYS W 341 -9.32 -48.08 -77.18
CA LYS W 341 -8.57 -49.10 -76.46
C LYS W 341 -9.45 -50.29 -76.09
N SER W 342 -8.90 -51.50 -76.23
CA SER W 342 -9.58 -52.76 -75.94
C SER W 342 -8.52 -53.83 -75.80
N PRO W 343 -8.68 -54.79 -74.88
CA PRO W 343 -7.64 -55.80 -74.67
C PRO W 343 -7.74 -57.02 -75.59
N VAL W 344 -8.66 -57.03 -76.55
CA VAL W 344 -8.84 -58.19 -77.42
C VAL W 344 -9.18 -57.68 -78.82
N LEU W 345 -8.60 -58.33 -79.83
CA LEU W 345 -8.92 -58.06 -81.23
C LEU W 345 -9.36 -59.36 -81.89
N LEU W 346 -10.33 -59.25 -82.80
CA LEU W 346 -10.80 -60.39 -83.59
C LEU W 346 -10.33 -60.22 -85.02
N VAL W 347 -9.56 -61.19 -85.51
CA VAL W 347 -8.93 -61.09 -86.82
C VAL W 347 -9.30 -62.30 -87.67
N SER W 348 -9.17 -62.12 -88.98
CA SER W 348 -9.28 -63.20 -89.95
C SER W 348 -7.91 -63.38 -90.59
N TRP W 349 -7.39 -64.60 -90.54
CA TRP W 349 -6.01 -64.83 -90.98
C TRP W 349 -5.95 -65.24 -92.46
N HIS W 350 -6.53 -66.39 -92.79
CA HIS W 350 -6.62 -66.84 -94.17
C HIS W 350 -7.98 -67.47 -94.43
N GLY W 351 -9.03 -66.82 -93.95
CA GLY W 351 -10.36 -67.41 -93.93
C GLY W 351 -10.74 -68.03 -92.61
N LYS W 352 -9.88 -67.94 -91.60
CA LYS W 352 -10.12 -68.48 -90.28
C LYS W 352 -10.11 -67.35 -89.26
N VAL W 353 -11.07 -67.37 -88.35
CA VAL W 353 -11.24 -66.30 -87.36
C VAL W 353 -10.52 -66.69 -86.09
N MET W 354 -9.69 -65.78 -85.57
CA MET W 354 -8.95 -65.99 -84.34
C MET W 354 -8.90 -64.68 -83.56
N GLN W 355 -8.21 -64.71 -82.42
CA GLN W 355 -8.15 -63.57 -81.52
C GLN W 355 -6.70 -63.21 -81.22
N LEU W 356 -6.49 -61.91 -80.96
CA LEU W 356 -5.20 -61.36 -80.57
C LEU W 356 -5.35 -60.70 -79.21
N LYS W 357 -4.38 -60.93 -78.34
CA LYS W 357 -4.42 -60.46 -76.96
C LYS W 357 -3.49 -59.27 -76.80
N VAL W 358 -4.00 -58.20 -76.20
CA VAL W 358 -3.27 -56.94 -76.05
C VAL W 358 -3.04 -56.69 -74.57
N GLU W 359 -1.78 -56.60 -74.17
CA GLU W 359 -1.39 -56.33 -72.79
C GLU W 359 -0.90 -54.90 -72.64
N GLY W 360 -0.66 -54.51 -71.39
CA GLY W 360 -0.04 -53.23 -71.09
C GLY W 360 -0.94 -52.02 -71.17
N LEU W 361 -2.26 -52.22 -71.19
CA LEU W 361 -3.18 -51.08 -71.25
C LEU W 361 -3.31 -50.42 -69.88
N LYS X 40 43.58 -49.80 -72.66
CA LYS X 40 42.36 -50.07 -73.42
C LYS X 40 42.64 -49.94 -74.92
N LEU X 41 43.57 -49.04 -75.27
CA LEU X 41 43.98 -48.90 -76.65
C LEU X 41 44.82 -50.10 -77.09
N PRO X 42 44.77 -50.46 -78.37
CA PRO X 42 45.64 -51.54 -78.87
C PRO X 42 47.11 -51.15 -78.83
N CYS X 43 47.96 -52.16 -78.62
CA CYS X 43 49.39 -51.95 -78.50
C CYS X 43 50.15 -52.24 -79.80
N ARG X 44 49.52 -52.90 -80.76
CA ARG X 44 50.15 -53.20 -82.04
C ARG X 44 49.05 -53.42 -83.07
N VAL X 45 49.45 -53.61 -84.33
CA VAL X 45 48.51 -54.05 -85.35
C VAL X 45 48.15 -55.51 -85.09
N ASP X 46 46.86 -55.82 -85.21
CA ASP X 46 46.36 -57.12 -84.78
C ASP X 46 46.76 -58.25 -85.74
N GLY X 47 47.05 -59.41 -85.16
CA GLY X 47 47.40 -60.58 -85.94
C GLY X 47 48.76 -60.53 -86.59
N ALA X 48 49.67 -59.71 -86.08
CA ALA X 48 50.99 -59.54 -86.68
C ALA X 48 52.07 -59.58 -85.61
N CYS X 49 53.23 -60.12 -85.99
CA CYS X 49 54.38 -60.18 -85.10
C CYS X 49 55.65 -60.19 -85.94
N ASP X 50 56.67 -59.48 -85.45
CA ASP X 50 57.93 -59.38 -86.19
C ASP X 50 58.67 -60.70 -86.22
N ALA X 51 58.61 -61.47 -85.13
CA ALA X 51 59.20 -62.80 -85.10
C ALA X 51 58.53 -63.73 -86.10
N THR X 52 57.20 -63.63 -86.22
CA THR X 52 56.45 -64.42 -87.19
C THR X 52 56.80 -63.99 -88.62
N ILE X 53 57.02 -62.70 -88.83
CA ILE X 53 57.44 -62.19 -90.14
C ILE X 53 58.80 -62.75 -90.54
N ILE X 54 59.76 -62.72 -89.60
CA ILE X 54 61.10 -63.25 -89.85
C ILE X 54 61.05 -64.76 -90.09
N LYS X 55 60.19 -65.47 -89.35
CA LYS X 55 60.03 -66.91 -89.54
C LYS X 55 59.45 -67.25 -90.91
N MET X 56 58.42 -66.50 -91.36
CA MET X 56 57.88 -66.74 -92.70
C MET X 56 58.88 -66.41 -93.81
N MET X 57 59.65 -65.32 -93.65
CA MET X 57 60.67 -64.99 -94.65
C MET X 57 61.74 -66.06 -94.73
N THR X 58 62.21 -66.56 -93.57
CA THR X 58 63.22 -67.61 -93.55
C THR X 58 62.69 -68.92 -94.14
N ASP X 59 61.44 -69.29 -93.81
CA ASP X 59 60.87 -70.53 -94.33
C ASP X 59 60.62 -70.44 -95.84
N LEU X 60 60.16 -69.29 -96.33
CA LEU X 60 59.95 -69.13 -97.76
C LEU X 60 61.27 -69.13 -98.53
N ASN X 61 62.32 -68.53 -97.94
CA ASN X 61 63.62 -68.56 -98.61
C ASN X 61 64.24 -69.95 -98.59
N LYS X 62 63.97 -70.75 -97.56
CA LYS X 62 64.44 -72.13 -97.57
C LYS X 62 63.65 -73.00 -98.55
N LYS X 63 62.34 -72.75 -98.70
CA LYS X 63 61.56 -73.50 -99.69
C LYS X 63 61.95 -73.14 -101.11
N GLY X 64 62.24 -71.87 -101.36
CA GLY X 64 62.71 -71.48 -102.68
C GLY X 64 61.99 -70.29 -103.28
N ILE X 65 60.94 -69.83 -102.61
CA ILE X 65 60.22 -68.64 -103.04
C ILE X 65 61.04 -67.43 -102.60
N LYS X 66 61.35 -66.53 -103.54
CA LYS X 66 62.28 -65.46 -103.23
C LYS X 66 61.54 -64.28 -102.60
N VAL X 67 61.97 -63.90 -101.40
CA VAL X 67 61.41 -62.75 -100.70
C VAL X 67 62.51 -61.71 -100.56
N ALA X 68 62.26 -60.50 -101.05
CA ALA X 68 63.25 -59.44 -101.02
C ALA X 68 62.62 -58.16 -100.49
N SER X 69 63.43 -57.37 -99.78
CA SER X 69 62.98 -56.13 -99.17
C SER X 69 64.08 -55.09 -99.27
N VAL X 70 63.81 -54.01 -100.01
CA VAL X 70 64.75 -52.89 -100.15
C VAL X 70 63.99 -51.63 -99.77
N GLY X 71 64.43 -50.96 -98.71
CA GLY X 71 63.74 -49.78 -98.23
C GLY X 71 62.42 -50.12 -97.56
N GLN X 72 61.31 -49.80 -98.22
CA GLN X 72 59.99 -50.24 -97.79
C GLN X 72 59.24 -51.00 -98.87
N ASN X 73 59.92 -51.39 -99.95
CA ASN X 73 59.33 -52.14 -101.04
C ASN X 73 59.61 -53.62 -100.86
N TYR X 74 58.57 -54.44 -101.00
CA TYR X 74 58.68 -55.89 -100.82
C TYR X 74 58.32 -56.60 -102.10
N LEU X 75 59.10 -57.63 -102.43
CA LEU X 75 58.96 -58.42 -103.65
C LEU X 75 58.92 -59.89 -103.31
N ILE X 76 57.96 -60.61 -103.89
CA ILE X 76 57.85 -62.06 -103.79
C ILE X 76 57.91 -62.62 -105.21
N SER X 77 58.87 -63.49 -105.46
CA SER X 77 59.08 -64.10 -106.77
C SER X 77 58.83 -65.59 -106.67
N ILE X 78 57.93 -66.11 -107.50
CA ILE X 78 57.51 -67.49 -107.47
C ILE X 78 57.77 -68.09 -108.84
N PRO X 79 58.43 -69.24 -108.94
CA PRO X 79 58.53 -69.92 -110.23
C PRO X 79 57.18 -70.47 -110.67
N ALA X 80 56.99 -70.51 -112.00
CA ALA X 80 55.71 -70.94 -112.55
C ALA X 80 55.50 -72.45 -112.44
N SER X 81 56.59 -73.22 -112.32
CA SER X 81 56.46 -74.68 -112.22
C SER X 81 55.91 -75.11 -110.87
N ALA X 82 56.10 -74.30 -109.84
CA ALA X 82 55.58 -74.61 -108.52
C ALA X 82 54.10 -74.25 -108.36
N LEU X 83 53.51 -73.58 -109.33
CA LEU X 83 52.11 -73.16 -109.27
C LEU X 83 51.25 -73.79 -110.35
N PHE X 84 51.68 -73.72 -111.61
CA PHE X 84 50.85 -74.10 -112.75
C PHE X 84 51.39 -75.38 -113.39
N ALA X 85 50.65 -75.84 -114.39
CA ALA X 85 51.03 -77.02 -115.16
C ALA X 85 51.94 -76.58 -116.32
N ASP X 86 52.18 -77.47 -117.28
CA ASP X 86 53.07 -77.18 -118.39
C ASP X 86 52.37 -76.25 -119.37
N GLN X 87 52.61 -74.95 -119.18
CA GLN X 87 52.20 -73.88 -120.10
C GLN X 87 50.68 -73.81 -120.30
N SER X 88 49.95 -74.04 -119.22
CA SER X 88 48.51 -73.92 -119.19
C SER X 88 48.09 -73.11 -117.97
N PRO X 89 46.98 -72.34 -118.06
CA PRO X 89 46.53 -71.53 -116.92
C PRO X 89 45.65 -72.31 -115.94
N ARG X 90 46.10 -73.50 -115.55
CA ARG X 90 45.38 -74.36 -114.63
C ARG X 90 46.26 -74.65 -113.42
N LEU X 91 45.77 -74.29 -112.23
CA LEU X 91 46.53 -74.53 -111.00
C LEU X 91 46.50 -76.01 -110.64
N ASN X 92 47.59 -76.46 -110.01
CA ASN X 92 47.60 -77.77 -109.39
C ASN X 92 46.85 -77.71 -108.06
N TRP X 93 46.46 -78.89 -107.56
CA TRP X 93 45.74 -78.94 -106.31
C TRP X 93 46.66 -78.73 -105.11
N ALA X 94 47.93 -79.09 -105.23
CA ALA X 94 48.87 -79.00 -104.13
C ALA X 94 49.47 -77.61 -103.95
N SER X 95 49.28 -76.70 -104.91
CA SER X 95 49.83 -75.36 -104.81
C SER X 95 49.00 -74.45 -103.93
N TYR X 96 47.82 -74.89 -103.49
CA TYR X 96 46.98 -74.06 -102.63
C TYR X 96 47.57 -73.93 -101.23
N SER X 97 48.36 -74.91 -100.78
CA SER X 97 49.07 -74.76 -99.52
C SER X 97 50.13 -73.66 -99.58
N LEU X 98 50.87 -73.61 -100.71
CA LEU X 98 51.83 -72.53 -100.91
C LEU X 98 51.14 -71.18 -101.03
N LEU X 99 49.99 -71.13 -101.71
CA LEU X 99 49.23 -69.89 -101.81
C LEU X 99 48.67 -69.46 -100.45
N ASN X 100 48.29 -70.42 -99.62
CA ASN X 100 47.86 -70.11 -98.26
C ASN X 100 49.01 -69.56 -97.42
N GLU X 101 50.22 -70.12 -97.59
CA GLU X 101 51.39 -69.60 -96.90
C GLU X 101 51.71 -68.17 -97.35
N ILE X 102 51.59 -67.90 -98.64
CA ILE X 102 51.83 -66.55 -99.18
C ILE X 102 50.79 -65.57 -98.66
N ALA X 103 49.53 -66.01 -98.57
CA ALA X 103 48.47 -65.15 -98.01
C ALA X 103 48.68 -64.89 -96.52
N ALA X 104 49.13 -65.91 -95.78
CA ALA X 104 49.42 -65.73 -94.35
C ALA X 104 50.60 -64.80 -94.13
N PHE X 105 51.58 -64.81 -95.04
CA PHE X 105 52.64 -63.82 -94.98
C PHE X 105 52.14 -62.43 -95.33
N LEU X 106 51.21 -62.34 -96.30
CA LEU X 106 50.73 -61.04 -96.75
C LEU X 106 49.81 -60.38 -95.74
N LYS X 107 49.16 -61.17 -94.87
CA LYS X 107 48.31 -60.58 -93.83
C LYS X 107 49.09 -59.88 -92.72
N GLN X 108 50.42 -60.03 -92.69
CA GLN X 108 51.22 -59.46 -91.61
C GLN X 108 51.47 -57.96 -91.76
N PHE X 109 51.20 -57.37 -92.92
CA PHE X 109 51.52 -55.99 -93.19
C PHE X 109 50.25 -55.18 -93.43
N ARG X 110 50.42 -53.86 -93.49
CA ARG X 110 49.35 -52.93 -93.84
C ARG X 110 49.75 -52.23 -95.14
N LYS X 111 48.83 -52.19 -96.09
CA LYS X 111 49.18 -51.82 -97.46
C LYS X 111 47.95 -51.28 -98.17
N ILE X 112 48.19 -50.66 -99.32
CA ILE X 112 47.15 -50.04 -100.14
C ILE X 112 46.97 -50.76 -101.46
N ALA X 113 48.05 -50.96 -102.20
CA ALA X 113 48.00 -51.56 -103.53
C ALA X 113 49.01 -52.68 -103.65
N ILE X 114 48.60 -53.75 -104.31
CA ILE X 114 49.45 -54.89 -104.63
C ILE X 114 49.50 -55.01 -106.15
N THR X 115 50.66 -55.38 -106.69
CA THR X 115 50.82 -55.62 -108.12
C THR X 115 51.24 -57.06 -108.36
N VAL X 116 50.51 -57.75 -109.23
CA VAL X 116 50.82 -59.12 -109.64
C VAL X 116 51.14 -59.08 -111.13
N THR X 117 52.35 -59.54 -111.47
CA THR X 117 52.85 -59.47 -112.84
C THR X 117 53.38 -60.83 -113.24
N SER X 118 52.98 -61.31 -114.41
CA SER X 118 53.38 -62.64 -114.87
C SER X 118 54.32 -62.56 -116.07
N TYR X 119 55.32 -63.45 -116.09
CA TYR X 119 56.26 -63.57 -117.20
C TYR X 119 56.38 -65.04 -117.58
N SER X 120 56.53 -65.29 -118.87
CA SER X 120 56.65 -66.66 -119.40
C SER X 120 57.76 -66.69 -120.44
N SER X 121 57.82 -67.79 -121.20
CA SER X 121 58.81 -67.99 -122.24
C SER X 121 58.13 -68.15 -123.59
N LYS X 122 58.94 -68.19 -124.64
CA LYS X 122 58.43 -68.23 -126.01
C LYS X 122 58.00 -69.64 -126.38
N TYR X 123 56.73 -69.81 -126.73
CA TYR X 123 56.21 -71.11 -127.16
C TYR X 123 55.74 -71.12 -128.61
N VAL X 124 54.80 -70.26 -128.99
CA VAL X 124 54.22 -70.29 -130.33
C VAL X 124 54.29 -68.90 -130.93
N SER X 125 53.71 -67.91 -130.23
CA SER X 125 53.67 -66.54 -130.71
C SER X 125 53.59 -65.62 -129.49
N VAL X 126 53.38 -64.33 -129.73
CA VAL X 126 53.31 -63.38 -128.63
C VAL X 126 51.90 -63.27 -128.03
N LYS X 127 50.85 -63.44 -128.85
CA LYS X 127 49.49 -63.30 -128.34
C LYS X 127 49.13 -64.43 -127.39
N ARG X 128 49.57 -65.65 -127.70
CA ARG X 128 49.30 -66.82 -126.87
C ARG X 128 49.99 -66.68 -125.51
N GLU X 129 51.23 -66.21 -125.49
CA GLU X 129 51.94 -66.09 -124.22
C GLU X 129 51.47 -64.89 -123.40
N ARG X 130 51.06 -63.79 -124.04
CA ARG X 130 50.46 -62.69 -123.28
C ARG X 130 49.12 -63.08 -122.67
N ALA X 131 48.30 -63.82 -123.43
CA ALA X 131 47.03 -64.31 -122.90
C ALA X 131 47.24 -65.30 -121.76
N LEU X 132 48.25 -66.18 -121.90
CA LEU X 132 48.58 -67.13 -120.85
C LEU X 132 49.03 -66.44 -119.57
N THR X 133 49.90 -65.42 -119.69
CA THR X 133 50.36 -64.69 -118.51
C THR X 133 49.24 -63.90 -117.86
N LEU X 134 48.36 -63.29 -118.67
CA LEU X 134 47.22 -62.57 -118.12
C LEU X 134 46.27 -63.50 -117.38
N ALA X 135 46.01 -64.69 -117.93
CA ALA X 135 45.14 -65.65 -117.26
C ALA X 135 45.75 -66.17 -115.96
N ARG X 136 47.07 -66.41 -115.96
CA ARG X 136 47.75 -66.86 -114.75
C ARG X 136 47.71 -65.80 -113.65
N SER X 137 47.94 -64.53 -114.01
CA SER X 137 47.86 -63.45 -113.03
C SER X 137 46.44 -63.27 -112.52
N ARG X 138 45.44 -63.44 -113.40
CA ARG X 138 44.04 -63.35 -113.00
C ARG X 138 43.68 -64.42 -111.98
N VAL X 139 44.11 -65.67 -112.22
CA VAL X 139 43.78 -66.76 -111.30
C VAL X 139 44.48 -66.58 -109.95
N VAL X 140 45.76 -66.18 -109.98
CA VAL X 140 46.53 -66.00 -108.74
C VAL X 140 45.93 -64.87 -107.91
N SER X 141 45.61 -63.74 -108.55
CA SER X 141 45.03 -62.62 -107.83
C SER X 141 43.60 -62.90 -107.38
N GLU X 142 42.86 -63.73 -108.12
CA GLU X 142 41.52 -64.12 -107.68
C GLU X 142 41.56 -64.94 -106.41
N TYR X 143 42.49 -65.90 -106.32
CA TYR X 143 42.59 -66.68 -105.09
C TYR X 143 43.13 -65.83 -103.93
N LEU X 144 44.04 -64.90 -104.23
CA LEU X 144 44.58 -64.03 -103.19
C LEU X 144 43.51 -63.06 -102.66
N TRP X 145 42.65 -62.56 -103.55
CA TRP X 145 41.55 -61.69 -103.11
C TRP X 145 40.46 -62.48 -102.42
N SER X 146 40.27 -63.75 -102.80
CA SER X 146 39.36 -64.62 -102.08
C SER X 146 39.82 -64.84 -100.65
N GLN X 147 41.12 -65.04 -100.46
CA GLN X 147 41.66 -65.04 -99.10
C GLN X 147 41.69 -63.61 -98.55
N GLY X 148 41.84 -63.50 -97.23
CA GLY X 148 41.61 -62.24 -96.56
C GLY X 148 42.78 -61.29 -96.42
N VAL X 149 43.36 -60.86 -97.53
CA VAL X 149 44.37 -59.81 -97.48
C VAL X 149 43.68 -58.45 -97.43
N ASP X 150 44.15 -57.59 -96.54
CA ASP X 150 43.50 -56.30 -96.29
C ASP X 150 44.16 -55.19 -97.11
N SER X 151 44.05 -55.31 -98.41
CA SER X 151 44.50 -54.29 -99.35
C SER X 151 43.31 -53.60 -99.99
N ARG X 152 43.58 -52.46 -100.63
CA ARG X 152 42.54 -51.70 -101.29
C ARG X 152 42.46 -52.00 -102.78
N ILE X 153 43.59 -52.00 -103.48
CA ILE X 153 43.63 -52.27 -104.92
C ILE X 153 44.62 -53.41 -105.18
N ILE X 154 44.23 -54.32 -106.06
CA ILE X 154 45.14 -55.32 -106.62
C ILE X 154 45.14 -55.16 -108.14
N PHE X 155 46.32 -54.91 -108.70
CA PHE X 155 46.51 -54.77 -110.14
C PHE X 155 47.11 -56.05 -110.70
N THR X 156 46.64 -56.46 -111.88
CA THR X 156 47.10 -57.68 -112.54
C THR X 156 47.56 -57.35 -113.95
N GLN X 157 48.75 -57.82 -114.30
CA GLN X 157 49.25 -57.71 -115.67
C GLN X 157 50.10 -58.91 -116.03
N GLY X 158 50.09 -59.25 -117.32
CA GLY X 158 50.95 -60.28 -117.85
C GLY X 158 51.76 -59.79 -119.03
N LEU X 159 53.09 -59.79 -118.90
CA LEU X 159 53.95 -59.16 -119.90
C LEU X 159 54.51 -60.15 -120.91
N GLY X 160 54.15 -61.42 -120.84
CA GLY X 160 54.64 -62.40 -121.79
C GLY X 160 56.09 -62.78 -121.55
N SER X 161 56.96 -62.47 -122.53
CA SER X 161 58.38 -62.77 -122.44
C SER X 161 59.21 -61.54 -122.80
N ASP X 162 58.77 -60.37 -122.33
CA ASP X 162 59.42 -59.12 -122.70
C ASP X 162 60.58 -58.75 -121.78
N LYS X 163 60.55 -59.17 -120.53
CA LYS X 163 61.55 -58.76 -119.53
C LYS X 163 62.16 -59.99 -118.87
N PRO X 164 63.16 -60.62 -119.51
CA PRO X 164 63.83 -61.74 -118.87
C PRO X 164 64.89 -61.29 -117.88
N ILE X 165 65.14 -62.15 -116.89
CA ILE X 165 66.14 -61.88 -115.86
C ILE X 165 67.39 -62.72 -116.04
N THR X 166 67.40 -63.68 -116.96
CA THR X 166 68.54 -64.57 -117.15
C THR X 166 68.70 -64.82 -118.64
N SER X 167 69.95 -64.75 -119.13
CA SER X 167 70.23 -65.00 -120.53
C SER X 167 70.17 -66.47 -120.91
N TYR X 168 70.13 -67.37 -119.93
CA TYR X 168 70.02 -68.81 -120.18
C TYR X 168 68.55 -69.15 -120.39
N THR X 169 68.15 -69.30 -121.66
CA THR X 169 66.75 -69.47 -122.02
C THR X 169 66.49 -70.81 -122.70
N LEU X 170 67.04 -71.89 -122.16
CA LEU X 170 66.89 -73.20 -122.77
C LEU X 170 65.67 -73.97 -122.27
N GLY X 171 65.20 -73.68 -121.05
CA GLY X 171 64.08 -74.40 -120.49
C GLY X 171 62.73 -73.88 -120.99
N GLY X 172 61.68 -74.53 -120.52
CA GLY X 172 60.33 -74.10 -120.81
C GLY X 172 59.71 -73.36 -119.64
N ASP X 173 58.85 -74.04 -118.88
CA ASP X 173 58.41 -73.50 -117.59
C ASP X 173 59.44 -73.75 -116.50
N ARG X 174 60.43 -74.59 -116.74
CA ARG X 174 61.51 -74.83 -115.79
C ARG X 174 62.59 -73.77 -115.86
N SER X 175 62.50 -72.85 -116.84
CA SER X 175 63.44 -71.76 -116.96
C SER X 175 63.27 -70.80 -115.77
N PRO X 176 64.36 -70.18 -115.29
CA PRO X 176 64.22 -69.26 -114.16
C PRO X 176 63.53 -67.94 -114.50
N ASN X 177 63.36 -67.61 -115.78
CA ASN X 177 62.71 -66.37 -116.18
C ASN X 177 61.23 -66.56 -116.56
N ALA X 178 60.62 -67.66 -116.12
CA ALA X 178 59.18 -67.87 -116.22
C ALA X 178 58.64 -67.88 -114.80
N ARG X 179 57.92 -66.83 -114.42
CA ARG X 179 57.66 -66.58 -113.00
C ARG X 179 56.43 -65.71 -112.84
N VAL X 180 56.00 -65.59 -111.58
CA VAL X 180 55.02 -64.59 -111.18
C VAL X 180 55.61 -63.76 -110.04
N GLU X 181 55.36 -62.45 -110.08
CA GLU X 181 55.94 -61.50 -109.14
C GLU X 181 54.83 -60.73 -108.44
N ILE X 182 54.93 -60.65 -107.12
CA ILE X 182 53.99 -59.93 -106.28
C ILE X 182 54.78 -58.83 -105.58
N THR X 183 54.47 -57.58 -105.90
CA THR X 183 55.19 -56.42 -105.37
C THR X 183 54.24 -55.52 -104.61
N PHE X 184 54.73 -54.96 -103.49
CA PHE X 184 53.96 -53.96 -102.77
C PHE X 184 54.90 -53.07 -101.96
N ARG X 185 54.33 -52.06 -101.33
CA ARG X 185 55.04 -51.16 -100.43
C ARG X 185 54.35 -51.16 -99.08
N ARG X 186 55.13 -51.36 -98.01
CA ARG X 186 54.59 -51.28 -96.66
C ARG X 186 54.20 -49.85 -96.34
N ALA X 187 52.99 -49.66 -95.81
CA ALA X 187 52.45 -48.35 -95.51
C ALA X 187 52.59 -48.07 -94.02
N VAL X 188 53.33 -47.01 -93.68
CA VAL X 188 53.60 -46.55 -92.31
C VAL X 188 54.23 -47.65 -91.44
N CYS Y 42 45.94 -93.46 -107.61
CA CYS Y 42 45.09 -92.91 -106.56
C CYS Y 42 43.97 -92.05 -107.15
N PHE Y 43 43.62 -90.98 -106.46
CA PHE Y 43 42.54 -90.09 -106.88
C PHE Y 43 43.06 -88.66 -106.92
N HIS Y 44 42.84 -87.97 -108.04
CA HIS Y 44 43.14 -86.55 -108.14
C HIS Y 44 41.92 -85.76 -107.72
N PRO Y 45 42.02 -84.89 -106.71
CA PRO Y 45 40.86 -84.11 -106.23
C PRO Y 45 40.24 -83.19 -107.28
N PRO Y 46 41.03 -82.54 -108.21
CA PRO Y 46 40.23 -81.85 -109.26
C PRO Y 46 39.71 -82.76 -110.37
N TYR Y 47 38.59 -83.43 -110.08
CA TYR Y 47 37.75 -84.21 -110.98
C TYR Y 47 38.43 -85.45 -111.56
N ASN Y 48 39.62 -85.82 -111.03
CA ASN Y 48 40.40 -87.00 -111.44
C ASN Y 48 40.73 -86.99 -112.94
N ASN Y 49 40.95 -85.79 -113.49
CA ASN Y 49 41.27 -85.54 -114.91
C ASN Y 49 40.21 -86.10 -115.86
N PHE Y 50 38.95 -86.12 -115.40
CA PHE Y 50 37.79 -86.63 -116.13
C PHE Y 50 37.99 -88.07 -116.59
N GLN Y 51 38.58 -88.89 -115.73
CA GLN Y 51 38.84 -90.29 -115.98
C GLN Y 51 37.96 -91.17 -115.09
N PRO Y 52 37.58 -92.37 -115.55
CA PRO Y 52 36.85 -93.30 -114.68
C PRO Y 52 37.75 -93.82 -113.57
N ASP Y 53 37.31 -93.63 -112.32
CA ASP Y 53 38.12 -93.97 -111.17
C ASP Y 53 38.15 -95.49 -110.95
N ARG Y 54 39.35 -96.00 -110.69
CA ARG Y 54 39.54 -97.42 -110.36
C ARG Y 54 39.47 -97.56 -108.84
N ARG Y 55 38.24 -97.49 -108.32
CA ARG Y 55 38.01 -97.43 -106.89
C ARG Y 55 38.11 -98.80 -106.21
N ALA Y 56 37.66 -99.86 -106.88
CA ALA Y 56 37.59 -101.17 -106.25
C ALA Y 56 38.95 -101.86 -106.14
N VAL Y 57 39.82 -101.65 -107.13
CA VAL Y 57 41.09 -102.38 -107.18
C VAL Y 57 42.04 -101.90 -106.09
N LYS Y 58 41.96 -100.61 -105.71
CA LYS Y 58 42.79 -100.10 -104.62
C LYS Y 58 42.38 -100.72 -103.28
N ARG Y 59 41.07 -100.85 -103.04
CA ARG Y 59 40.61 -101.44 -101.79
C ARG Y 59 40.90 -102.93 -101.72
N VAL Y 60 40.69 -103.65 -102.82
CA VAL Y 60 41.01 -105.09 -102.81
C VAL Y 60 42.51 -105.35 -102.89
N GLY Y 61 43.32 -104.35 -103.23
CA GLY Y 61 44.76 -104.48 -103.14
C GLY Y 61 45.31 -104.13 -101.78
N VAL Y 62 44.65 -103.22 -101.06
CA VAL Y 62 45.11 -102.86 -99.72
C VAL Y 62 44.56 -103.81 -98.67
N ASP Y 63 43.44 -104.48 -98.93
CA ASP Y 63 42.89 -105.43 -97.95
C ASP Y 63 43.40 -106.85 -98.22
N THR Y 64 44.72 -107.01 -98.20
CA THR Y 64 45.33 -108.34 -98.31
C THR Y 64 46.48 -108.57 -97.35
N GLY Y 65 46.95 -107.56 -96.63
CA GLY Y 65 48.06 -107.73 -95.71
C GLY Y 65 48.52 -106.43 -95.08
N GLY Y 88 41.53 -109.74 -96.57
CA GLY Y 88 41.35 -110.86 -97.48
C GLY Y 88 40.71 -110.46 -98.79
N GLY Y 89 40.90 -111.31 -99.81
CA GLY Y 89 40.32 -111.04 -101.11
C GLY Y 89 38.80 -111.11 -101.11
N THR Y 90 38.24 -112.10 -100.41
CA THR Y 90 36.79 -112.21 -100.31
C THR Y 90 36.19 -111.05 -99.51
N VAL Y 91 36.88 -110.62 -98.45
CA VAL Y 91 36.44 -109.48 -97.65
C VAL Y 91 36.49 -108.20 -98.48
N GLY Y 92 37.55 -108.03 -99.27
CA GLY Y 92 37.63 -106.88 -100.16
C GLY Y 92 36.58 -106.89 -101.26
N LEU Y 93 36.25 -108.08 -101.77
CA LEU Y 93 35.19 -108.19 -102.77
C LEU Y 93 33.83 -107.89 -102.17
N VAL Y 94 33.59 -108.31 -100.93
CA VAL Y 94 32.35 -108.00 -100.22
C VAL Y 94 32.23 -106.50 -99.98
N ALA Y 95 33.33 -105.86 -99.57
CA ALA Y 95 33.34 -104.42 -99.37
C ALA Y 95 33.13 -103.66 -100.67
N SER Y 96 33.74 -104.15 -101.77
CA SER Y 96 33.55 -103.53 -103.08
C SER Y 96 32.12 -103.65 -103.57
N ILE Y 97 31.51 -104.84 -103.43
CA ILE Y 97 30.14 -105.03 -103.90
C ILE Y 97 29.13 -104.36 -102.97
N TYR Y 98 29.54 -104.02 -101.73
CA TYR Y 98 28.69 -103.20 -100.88
C TYR Y 98 28.77 -101.74 -101.30
N ARG Y 99 29.99 -101.19 -101.42
CA ARG Y 99 30.15 -99.77 -101.68
C ARG Y 99 29.91 -99.38 -103.12
N ASP Y 100 29.81 -100.34 -104.04
CA ASP Y 100 29.45 -100.04 -105.42
C ASP Y 100 27.95 -100.17 -105.69
N SER Y 101 27.15 -100.46 -104.67
CA SER Y 101 25.72 -100.62 -104.85
C SER Y 101 25.04 -99.27 -105.05
N LYS Y 102 23.81 -99.31 -105.56
CA LYS Y 102 23.06 -98.09 -105.81
C LYS Y 102 22.58 -97.46 -104.51
N ARG Y 103 22.16 -98.29 -103.54
CA ARG Y 103 21.66 -97.77 -102.27
C ARG Y 103 22.74 -97.10 -101.46
N LYS Y 104 23.98 -97.59 -101.54
CA LYS Y 104 25.10 -96.94 -100.85
C LYS Y 104 25.39 -95.56 -101.45
N ILE Y 105 25.30 -95.44 -102.78
CA ILE Y 105 25.48 -94.16 -103.44
C ILE Y 105 24.35 -93.19 -103.07
N ILE Y 106 23.12 -93.69 -102.99
CA ILE Y 106 21.97 -92.87 -102.60
C ILE Y 106 22.12 -92.38 -101.16
N ARG Y 107 22.55 -93.27 -100.25
CA ARG Y 107 22.74 -92.85 -98.86
C ARG Y 107 23.94 -91.93 -98.69
N ASP Y 108 24.98 -92.08 -99.52
CA ASP Y 108 26.09 -91.12 -99.48
C ASP Y 108 25.65 -89.74 -99.96
N LEU Y 109 24.87 -89.70 -101.04
CA LEU Y 109 24.30 -88.44 -101.51
C LEU Y 109 23.31 -87.85 -100.50
N GLN Y 110 22.73 -88.71 -99.65
CA GLN Y 110 21.90 -88.24 -98.55
C GLN Y 110 22.76 -87.74 -97.39
N LYS Y 111 23.99 -88.24 -97.25
CA LYS Y 111 24.92 -87.67 -96.26
C LYS Y 111 25.40 -86.29 -96.66
N GLN Y 112 25.70 -86.08 -97.95
CA GLN Y 112 25.75 -84.68 -98.38
C GLN Y 112 24.34 -84.13 -98.59
N ASP Y 113 24.26 -82.87 -98.97
CA ASP Y 113 22.97 -82.19 -99.02
C ASP Y 113 22.31 -82.26 -100.39
N ILE Y 114 22.18 -83.46 -100.95
CA ILE Y 114 21.55 -83.65 -102.25
C ILE Y 114 20.39 -84.62 -102.09
N GLN Y 115 19.21 -84.22 -102.57
CA GLN Y 115 18.00 -85.01 -102.34
C GLN Y 115 17.66 -85.83 -103.57
N TYR Y 116 17.16 -87.04 -103.34
CA TYR Y 116 16.78 -87.97 -104.40
C TYR Y 116 15.32 -88.35 -104.25
N VAL Y 117 14.55 -88.21 -105.33
CA VAL Y 117 13.13 -88.52 -105.34
C VAL Y 117 12.86 -89.49 -106.49
N GLU Y 118 12.22 -90.61 -106.17
CA GLU Y 118 11.82 -91.60 -107.17
C GLU Y 118 10.31 -91.79 -107.10
N TYR Y 119 9.62 -91.66 -108.24
CA TYR Y 119 8.17 -91.77 -108.28
C TYR Y 119 7.78 -92.27 -109.67
N GLY Y 120 7.44 -93.54 -109.77
CA GLY Y 120 7.08 -94.11 -111.06
C GLY Y 120 8.31 -94.38 -111.89
N ASP Y 121 8.29 -93.94 -113.14
CA ASP Y 121 9.40 -94.10 -114.07
C ASP Y 121 10.18 -92.79 -114.25
N THR Y 122 10.21 -91.95 -113.21
CA THR Y 122 10.92 -90.68 -113.26
C THR Y 122 11.75 -90.54 -112.00
N ARG Y 123 13.00 -90.10 -112.14
CA ARG Y 123 13.91 -89.91 -111.03
C ARG Y 123 14.41 -88.47 -111.04
N THR Y 124 14.59 -87.90 -109.85
CA THR Y 124 14.86 -86.48 -109.70
C THR Y 124 15.91 -86.26 -108.62
N LEU Y 125 16.90 -85.43 -108.95
CA LEU Y 125 17.95 -85.01 -108.01
C LEU Y 125 17.83 -83.52 -107.76
N ILE Y 126 17.89 -83.13 -106.49
CA ILE Y 126 17.78 -81.74 -106.07
C ILE Y 126 19.11 -81.34 -105.45
N ILE Y 127 19.73 -80.30 -106.00
CA ILE Y 127 21.06 -79.84 -105.59
C ILE Y 127 21.01 -78.37 -105.21
N PRO Y 128 21.51 -77.97 -104.04
CA PRO Y 128 21.43 -76.55 -103.65
C PRO Y 128 22.57 -75.74 -104.25
N THR Y 129 22.21 -74.63 -104.91
CA THR Y 129 23.20 -73.75 -105.50
C THR Y 129 23.99 -73.00 -104.43
N ASP Y 130 23.41 -72.83 -103.24
CA ASP Y 130 24.07 -72.12 -102.16
C ASP Y 130 25.32 -72.85 -101.66
N LYS Y 131 25.36 -74.17 -101.81
CA LYS Y 131 26.54 -74.95 -101.45
C LYS Y 131 27.30 -75.51 -102.63
N TYR Y 132 26.66 -75.72 -103.78
CA TYR Y 132 27.36 -76.29 -104.93
C TYR Y 132 27.68 -75.26 -105.99
N PHE Y 133 27.47 -73.98 -105.73
CA PHE Y 133 27.94 -72.91 -106.60
C PHE Y 133 28.54 -71.81 -105.74
N MET Y 134 29.46 -71.05 -106.31
CA MET Y 134 29.97 -69.88 -105.61
C MET Y 134 28.96 -68.75 -105.72
N PHE Y 135 29.14 -67.74 -104.88
CA PHE Y 135 28.08 -66.76 -104.61
C PHE Y 135 27.87 -65.84 -105.81
N SER Y 136 26.62 -65.83 -106.32
CA SER Y 136 26.15 -64.96 -107.42
C SER Y 136 27.00 -65.11 -108.67
N SER Y 137 27.40 -66.35 -108.97
CA SER Y 137 28.27 -66.62 -110.10
C SER Y 137 27.89 -67.97 -110.70
N PRO Y 138 28.13 -68.18 -111.99
CA PRO Y 138 27.98 -69.53 -112.57
C PRO Y 138 29.17 -70.44 -112.35
N ARG Y 139 30.08 -70.10 -111.45
CA ARG Y 139 31.26 -70.92 -111.19
C ARG Y 139 30.92 -72.07 -110.25
N LEU Y 140 31.51 -73.23 -110.52
CA LEU Y 140 31.26 -74.42 -109.74
C LEU Y 140 32.23 -74.49 -108.56
N ASN Y 141 31.70 -74.71 -107.36
CA ASN Y 141 32.52 -74.76 -106.15
C ASN Y 141 33.30 -76.06 -106.13
N GLU Y 142 34.63 -75.96 -106.19
CA GLU Y 142 35.48 -77.13 -106.31
C GLU Y 142 35.74 -77.85 -105.00
N ILE Y 143 35.35 -77.26 -103.87
CA ILE Y 143 35.50 -77.93 -102.58
C ILE Y 143 34.50 -79.07 -102.42
N CYS Y 144 33.32 -78.96 -103.04
CA CYS Y 144 32.25 -79.93 -102.90
C CYS Y 144 32.27 -80.98 -104.00
N TYR Y 145 33.46 -81.39 -104.45
CA TYR Y 145 33.63 -82.39 -105.49
C TYR Y 145 33.19 -83.84 -105.18
N PRO Y 146 33.19 -84.38 -103.94
CA PRO Y 146 32.62 -85.73 -103.75
C PRO Y 146 31.14 -85.83 -104.08
N GLY Y 147 30.37 -84.76 -103.84
CA GLY Y 147 28.96 -84.77 -104.22
C GLY Y 147 28.76 -84.84 -105.71
N LEU Y 148 29.56 -84.08 -106.47
CA LEU Y 148 29.49 -84.10 -107.93
C LEU Y 148 29.94 -85.46 -108.48
N ASN Y 149 30.98 -86.05 -107.88
CA ASN Y 149 31.42 -87.37 -108.29
C ASN Y 149 30.37 -88.44 -108.00
N ASN Y 150 29.64 -88.29 -106.89
CA ASN Y 150 28.56 -89.22 -106.58
C ASN Y 150 27.36 -89.02 -107.51
N VAL Y 151 27.11 -87.79 -107.96
CA VAL Y 151 26.08 -87.56 -108.98
C VAL Y 151 26.44 -88.25 -110.30
N ILE Y 152 27.72 -88.16 -110.70
CA ILE Y 152 28.18 -88.86 -111.90
C ILE Y 152 28.08 -90.37 -111.73
N ARG Y 153 28.43 -90.87 -110.53
CA ARG Y 153 28.34 -92.31 -110.24
C ARG Y 153 26.91 -92.82 -110.27
N LEU Y 154 25.96 -92.01 -109.76
CA LEU Y 154 24.55 -92.41 -109.81
C LEU Y 154 24.00 -92.34 -111.23
N LEU Y 155 24.40 -91.31 -111.99
CA LEU Y 155 23.91 -91.18 -113.36
C LEU Y 155 24.56 -92.19 -114.31
N ASN Y 156 25.66 -92.84 -113.91
CA ASN Y 156 26.26 -93.87 -114.73
C ASN Y 156 25.41 -95.14 -114.82
N PHE Y 157 24.45 -95.33 -113.92
CA PHE Y 157 23.64 -96.54 -113.90
C PHE Y 157 22.54 -96.55 -114.95
N TYR Y 158 22.28 -95.43 -115.64
CA TYR Y 158 21.20 -95.33 -116.61
C TYR Y 158 21.76 -94.82 -117.93
N PRO Y 159 22.28 -95.73 -118.77
CA PRO Y 159 22.92 -95.30 -120.02
C PRO Y 159 21.98 -95.11 -121.20
N GLN Y 160 20.66 -95.10 -120.99
CA GLN Y 160 19.71 -94.97 -122.08
C GLN Y 160 18.73 -93.81 -121.95
N SER Y 161 18.57 -93.25 -120.75
CA SER Y 161 17.58 -92.21 -120.52
C SER Y 161 18.08 -90.84 -120.97
N THR Y 162 17.14 -89.91 -121.11
CA THR Y 162 17.45 -88.52 -121.43
C THR Y 162 17.43 -87.69 -120.14
N ILE Y 163 18.23 -86.63 -120.14
CA ILE Y 163 18.47 -85.82 -118.94
C ILE Y 163 17.90 -84.43 -119.16
N TYR Y 164 17.20 -83.91 -118.16
CA TYR Y 164 16.76 -82.52 -118.14
C TYR Y 164 17.33 -81.86 -116.89
N VAL Y 165 17.95 -80.70 -117.06
CA VAL Y 165 18.48 -79.92 -115.94
C VAL Y 165 17.84 -78.54 -115.95
N ALA Y 166 17.39 -78.10 -114.79
CA ALA Y 166 16.67 -76.85 -114.65
C ALA Y 166 17.20 -76.06 -113.46
N GLY Y 167 17.29 -74.75 -113.62
CA GLY Y 167 17.80 -73.85 -112.59
C GLY Y 167 16.69 -72.98 -112.01
N PHE Y 168 16.74 -72.76 -110.69
CA PHE Y 168 15.74 -71.96 -110.00
C PHE Y 168 16.41 -71.07 -108.97
N THR Y 169 15.95 -69.83 -108.87
CA THR Y 169 16.40 -68.85 -107.88
C THR Y 169 15.22 -68.39 -107.02
N ASP Y 170 15.51 -67.48 -106.10
CA ASP Y 170 14.50 -66.88 -105.24
C ASP Y 170 13.97 -65.58 -105.88
N ASN Y 171 13.24 -64.78 -105.11
CA ASN Y 171 12.53 -63.62 -105.64
C ASN Y 171 13.33 -62.33 -105.61
N VAL Y 172 14.53 -62.33 -105.02
CA VAL Y 172 15.30 -61.10 -104.91
C VAL Y 172 16.01 -60.82 -106.23
N GLY Y 173 15.85 -59.61 -106.75
CA GLY Y 173 16.51 -59.16 -107.94
C GLY Y 173 15.53 -58.80 -109.04
N SER Y 174 16.07 -58.55 -110.23
CA SER Y 174 15.28 -58.26 -111.40
C SER Y 174 14.98 -59.54 -112.17
N ARG Y 175 13.97 -59.48 -113.04
CA ARG Y 175 13.46 -60.65 -113.75
C ARG Y 175 14.50 -61.21 -114.71
N SER Y 176 15.12 -60.33 -115.51
CA SER Y 176 16.16 -60.75 -116.44
C SER Y 176 17.40 -61.25 -115.72
N HIS Y 177 17.72 -60.65 -114.57
CA HIS Y 177 18.85 -61.11 -113.77
C HIS Y 177 18.61 -62.52 -113.23
N LYS Y 178 17.39 -62.79 -112.73
CA LYS Y 178 17.06 -64.12 -112.23
C LYS Y 178 17.07 -65.15 -113.34
N ARG Y 179 16.51 -64.79 -114.51
CA ARG Y 179 16.50 -65.70 -115.66
C ARG Y 179 17.91 -65.99 -116.14
N LYS Y 180 18.77 -64.97 -116.18
CA LYS Y 180 20.15 -65.17 -116.66
C LYS Y 180 20.97 -65.99 -115.68
N LEU Y 181 20.77 -65.79 -114.37
CA LEU Y 181 21.45 -66.58 -113.36
C LEU Y 181 21.05 -68.05 -113.43
N SER Y 182 19.74 -68.32 -113.58
CA SER Y 182 19.27 -69.70 -113.69
C SER Y 182 19.76 -70.35 -114.97
N GLN Y 183 19.75 -69.60 -116.09
CA GLN Y 183 20.24 -70.14 -117.35
C GLN Y 183 21.72 -70.45 -117.30
N ALA Y 184 22.52 -69.56 -116.70
CA ALA Y 184 23.97 -69.78 -116.63
C ALA Y 184 24.32 -70.96 -115.73
N GLN Y 185 23.62 -71.10 -114.59
CA GLN Y 185 23.87 -72.25 -113.72
C GLN Y 185 23.43 -73.55 -114.37
N ALA Y 186 22.33 -73.53 -115.13
CA ALA Y 186 21.88 -74.72 -115.86
C ALA Y 186 22.88 -75.11 -116.95
N GLU Y 187 23.42 -74.13 -117.69
CA GLU Y 187 24.44 -74.41 -118.70
C GLU Y 187 25.71 -74.98 -118.08
N THR Y 188 26.13 -74.44 -116.92
CA THR Y 188 27.33 -74.94 -116.24
C THR Y 188 27.15 -76.37 -115.79
N MET Y 189 25.99 -76.69 -115.19
CA MET Y 189 25.73 -78.06 -114.75
C MET Y 189 25.60 -79.03 -115.93
N MET Y 190 24.98 -78.57 -117.04
CA MET Y 190 24.87 -79.40 -118.23
C MET Y 190 26.23 -79.65 -118.88
N THR Y 191 27.10 -78.65 -118.88
CA THR Y 191 28.46 -78.82 -119.40
C THR Y 191 29.26 -79.80 -118.53
N PHE Y 192 29.12 -79.70 -117.21
CA PHE Y 192 29.79 -80.65 -116.31
C PHE Y 192 29.26 -82.07 -116.49
N LEU Y 193 27.97 -82.21 -116.79
CA LEU Y 193 27.43 -83.54 -117.10
C LEU Y 193 27.94 -84.05 -118.45
N TRP Y 194 28.08 -83.15 -119.43
CA TRP Y 194 28.51 -83.55 -120.77
C TRP Y 194 29.98 -83.95 -120.79
N ALA Y 195 30.80 -83.29 -119.98
CA ALA Y 195 32.24 -83.52 -120.01
C ALA Y 195 32.66 -84.84 -119.36
N ASN Y 196 31.76 -85.55 -118.69
CA ASN Y 196 32.09 -86.79 -118.01
C ASN Y 196 31.70 -88.03 -118.83
N GLY Y 197 31.25 -87.85 -120.06
CA GLY Y 197 30.97 -88.99 -120.92
C GLY Y 197 29.59 -89.02 -121.53
N ILE Y 198 28.65 -88.28 -120.95
CA ILE Y 198 27.28 -88.26 -121.45
C ILE Y 198 27.23 -87.47 -122.75
N ALA Y 199 26.58 -88.05 -123.77
CA ALA Y 199 26.50 -87.43 -125.08
C ALA Y 199 25.62 -86.18 -125.05
N ALA Y 200 25.89 -85.27 -125.98
CA ALA Y 200 25.20 -83.98 -126.01
C ALA Y 200 23.76 -84.08 -126.48
N LYS Y 201 23.40 -85.15 -127.19
CA LYS Y 201 22.03 -85.32 -127.67
C LYS Y 201 21.08 -85.79 -126.59
N ARG Y 202 21.58 -86.22 -125.43
CA ARG Y 202 20.76 -86.66 -124.31
C ARG Y 202 20.53 -85.57 -123.28
N LEU Y 203 20.99 -84.35 -123.52
CA LEU Y 203 20.99 -83.30 -122.52
C LEU Y 203 20.22 -82.08 -123.01
N LYS Y 204 19.59 -81.39 -122.07
CA LYS Y 204 18.89 -80.14 -122.34
C LYS Y 204 18.83 -79.35 -121.04
N ALA Y 205 19.13 -78.06 -121.10
CA ALA Y 205 19.18 -77.20 -119.92
C ALA Y 205 18.17 -76.07 -120.05
N GLU Y 206 17.59 -75.69 -118.92
CA GLU Y 206 16.58 -74.63 -118.90
C GLU Y 206 16.63 -73.92 -117.57
N GLY Y 207 16.53 -72.59 -117.60
CA GLY Y 207 16.54 -71.82 -116.38
C GLY Y 207 15.27 -71.03 -116.14
N TYR Y 208 14.51 -71.40 -115.11
CA TYR Y 208 13.32 -70.66 -114.73
C TYR Y 208 13.66 -69.71 -113.58
N GLY Y 209 12.86 -68.67 -113.42
CA GLY Y 209 13.16 -67.68 -112.41
C GLY Y 209 12.54 -68.04 -111.08
N ASP Y 210 11.65 -67.20 -110.59
CA ASP Y 210 10.84 -67.50 -109.41
C ASP Y 210 9.44 -67.94 -109.81
N LYS Y 211 9.36 -68.73 -110.89
CA LYS Y 211 8.09 -69.02 -111.53
C LYS Y 211 7.24 -69.98 -110.71
N ASN Y 212 7.75 -71.19 -110.48
CA ASN Y 212 7.06 -72.22 -109.74
C ASN Y 212 7.89 -72.70 -108.55
N ALA Y 213 7.79 -71.95 -107.45
CA ALA Y 213 8.55 -72.23 -106.25
C ALA Y 213 7.93 -73.39 -105.47
N ILE Y 214 8.73 -73.96 -104.58
CA ILE Y 214 8.29 -75.08 -103.74
C ILE Y 214 8.07 -74.67 -102.29
N SER Y 215 8.43 -73.45 -101.91
CA SER Y 215 8.23 -72.97 -100.55
C SER Y 215 7.78 -71.51 -100.62
N ASP Y 216 7.78 -70.84 -99.48
CA ASP Y 216 7.34 -69.45 -99.37
C ASP Y 216 8.54 -68.53 -99.43
N ASN Y 217 8.47 -67.53 -100.32
CA ASN Y 217 9.55 -66.55 -100.43
C ASN Y 217 9.46 -65.43 -99.41
N ALA Y 218 8.39 -65.39 -98.62
CA ALA Y 218 8.23 -64.37 -97.59
C ALA Y 218 8.93 -64.73 -96.29
N ILE Y 219 9.51 -65.94 -96.19
CA ILE Y 219 10.23 -66.38 -95.01
C ILE Y 219 11.63 -66.81 -95.43
N ILE Y 220 12.55 -66.78 -94.46
CA ILE Y 220 13.97 -66.89 -94.76
C ILE Y 220 14.35 -68.31 -95.17
N HIS Y 221 13.90 -69.31 -94.38
CA HIS Y 221 14.24 -70.70 -94.69
C HIS Y 221 13.52 -71.18 -95.94
N GLY Y 222 12.26 -70.76 -96.12
CA GLY Y 222 11.54 -71.11 -97.34
C GLY Y 222 12.12 -70.47 -98.58
N SER Y 223 12.62 -69.25 -98.46
CA SER Y 223 13.29 -68.60 -99.59
C SER Y 223 14.66 -69.23 -99.85
N ALA Y 224 15.32 -69.74 -98.80
CA ALA Y 224 16.57 -70.46 -98.99
C ALA Y 224 16.36 -71.80 -99.68
N GLN Y 225 15.22 -72.45 -99.43
CA GLN Y 225 14.94 -73.73 -100.06
C GLN Y 225 14.57 -73.63 -101.54
N ASN Y 226 14.39 -72.42 -102.08
CA ASN Y 226 13.93 -72.27 -103.45
C ASN Y 226 15.05 -72.17 -104.47
N ARG Y 227 16.27 -71.85 -104.05
CA ARG Y 227 17.40 -71.71 -104.96
C ARG Y 227 18.01 -73.09 -105.18
N ARG Y 228 17.83 -73.67 -106.37
CA ARG Y 228 18.13 -75.08 -106.53
C ARG Y 228 18.39 -75.41 -108.01
N ILE Y 229 18.94 -76.61 -108.20
CA ILE Y 229 19.13 -77.22 -109.51
C ILE Y 229 18.41 -78.57 -109.50
N GLU Y 230 17.55 -78.77 -110.49
CA GLU Y 230 16.75 -79.99 -110.63
C GLU Y 230 17.29 -80.81 -111.79
N ILE Y 231 17.51 -82.11 -111.55
CA ILE Y 231 17.95 -83.03 -112.59
C ILE Y 231 16.91 -84.16 -112.68
N GLN Y 232 16.22 -84.25 -113.81
CA GLN Y 232 15.20 -85.26 -114.02
C GLN Y 232 15.61 -86.20 -115.14
N TRP Y 233 15.37 -87.50 -114.94
CA TRP Y 233 15.58 -88.46 -116.01
C TRP Y 233 14.58 -89.60 -115.90
N PHE Y 234 14.22 -90.15 -117.05
CA PHE Y 234 13.24 -91.23 -117.11
C PHE Y 234 13.85 -92.55 -116.67
N GLU Z 29 46.48 -104.98 -178.79
CA GLU Z 29 47.52 -104.29 -178.02
C GLU Z 29 48.54 -103.64 -178.95
N VAL Z 30 48.34 -102.35 -179.23
CA VAL Z 30 49.23 -101.60 -180.10
C VAL Z 30 49.64 -100.31 -179.41
N LYS Z 31 50.79 -99.79 -179.80
CA LYS Z 31 51.36 -98.59 -179.20
C LYS Z 31 50.88 -97.34 -179.95
N LYS Z 32 51.49 -96.20 -179.67
CA LYS Z 32 51.13 -94.94 -180.29
C LYS Z 32 52.31 -94.29 -181.03
N GLN Z 33 53.41 -95.01 -181.20
CA GLN Z 33 54.61 -94.43 -181.80
C GLN Z 33 54.42 -94.22 -183.31
N GLY Z 34 55.00 -93.14 -183.82
CA GLY Z 34 54.91 -92.81 -185.22
C GLY Z 34 53.68 -92.02 -185.62
N THR Z 35 52.80 -91.69 -184.68
CA THR Z 35 51.56 -91.01 -184.97
C THR Z 35 51.46 -89.74 -184.11
N SER Z 36 51.13 -88.62 -184.74
CA SER Z 36 50.91 -87.37 -184.05
C SER Z 36 49.42 -87.19 -183.76
N SER Z 37 49.11 -86.22 -182.90
CA SER Z 37 47.74 -86.01 -182.45
C SER Z 37 46.91 -85.37 -183.56
N THR Z 38 45.80 -86.01 -183.91
CA THR Z 38 44.91 -85.56 -184.97
C THR Z 38 43.50 -85.37 -184.42
N ARG Z 39 42.69 -84.64 -185.18
CA ARG Z 39 41.32 -84.30 -184.79
C ARG Z 39 40.34 -85.35 -185.30
N GLN Z 40 39.38 -85.73 -184.46
CA GLN Z 40 38.31 -86.63 -184.85
C GLN Z 40 36.99 -86.13 -184.28
N PHE Z 41 35.95 -86.14 -185.11
CA PHE Z 41 34.59 -85.88 -184.68
C PHE Z 41 33.78 -87.16 -184.76
N ARG Z 42 33.09 -87.49 -183.66
CA ARG Z 42 32.30 -88.70 -183.60
C ARG Z 42 30.96 -88.39 -182.95
N GLN Z 43 29.97 -89.24 -183.24
CA GLN Z 43 28.61 -89.08 -182.74
C GLN Z 43 28.30 -90.16 -181.71
N VAL Z 44 27.58 -89.78 -180.66
CA VAL Z 44 27.26 -90.66 -179.55
C VAL Z 44 25.76 -90.52 -179.27
N SER Z 45 25.18 -91.58 -178.71
CA SER Z 45 23.77 -91.57 -178.36
C SER Z 45 23.56 -90.90 -176.99
N SER Z 46 22.37 -91.03 -176.43
CA SER Z 46 22.04 -90.37 -175.18
C SER Z 46 22.71 -91.07 -174.01
N PHE Z 47 23.19 -90.28 -173.06
CA PHE Z 47 23.87 -90.81 -171.88
C PHE Z 47 23.63 -89.86 -170.71
N ASN Z 48 23.69 -90.42 -169.49
CA ASN Z 48 23.45 -89.65 -168.27
C ASN Z 48 24.53 -89.87 -167.22
N GLN Z 49 25.60 -90.59 -167.55
CA GLN Z 49 26.67 -90.87 -166.61
C GLN Z 49 27.94 -91.09 -167.41
N ILE Z 50 29.04 -90.47 -167.00
CA ILE Z 50 30.31 -90.57 -167.71
C ILE Z 50 31.35 -91.20 -166.79
N VAL Z 51 32.01 -92.25 -167.27
CA VAL Z 51 33.11 -92.91 -166.56
C VAL Z 51 34.34 -92.82 -167.45
N VAL Z 52 35.34 -92.04 -167.01
CA VAL Z 52 36.55 -91.79 -167.80
C VAL Z 52 37.75 -92.36 -167.06
N GLN Z 53 38.57 -93.13 -167.76
CA GLN Z 53 39.78 -93.72 -167.22
C GLN Z 53 40.95 -93.43 -168.15
N GLY Z 54 42.09 -93.08 -167.56
CA GLY Z 54 43.31 -92.90 -168.34
C GLY Z 54 43.99 -91.55 -168.18
N ARG Z 55 45.28 -91.50 -168.50
CA ARG Z 55 46.07 -90.26 -168.43
C ARG Z 55 45.69 -89.40 -169.63
N LEU Z 56 44.71 -88.54 -169.44
CA LEU Z 56 44.13 -87.77 -170.53
C LEU Z 56 43.45 -86.52 -169.97
N ASN Z 57 42.92 -85.70 -170.86
CA ASN Z 57 42.25 -84.46 -170.49
C ASN Z 57 40.82 -84.47 -171.01
N VAL Z 58 39.90 -83.99 -170.19
CA VAL Z 58 38.48 -83.91 -170.53
C VAL Z 58 38.05 -82.45 -170.44
N ASN Z 59 37.34 -81.99 -171.47
CA ASN Z 59 36.69 -80.69 -171.47
C ASN Z 59 35.18 -80.90 -171.62
N LEU Z 60 34.41 -80.20 -170.79
CA LEU Z 60 32.96 -80.33 -170.79
C LEU Z 60 32.31 -79.04 -171.26
N HIS Z 61 31.22 -79.17 -172.02
CA HIS Z 61 30.41 -78.03 -172.40
C HIS Z 61 28.94 -78.39 -172.26
N THR Z 62 28.09 -77.38 -172.35
CA THR Z 62 26.65 -77.55 -172.18
C THR Z 62 25.91 -76.73 -173.21
N GLY Z 63 25.04 -77.39 -173.99
CA GLY Z 63 24.26 -76.71 -175.00
C GLY Z 63 22.94 -77.43 -175.22
N TYR Z 64 22.09 -76.80 -176.03
CA TYR Z 64 20.79 -77.35 -176.36
C TYR Z 64 20.78 -78.11 -177.69
N ASN Z 65 21.95 -78.40 -178.24
CA ASN Z 65 22.06 -79.12 -179.50
C ASN Z 65 22.12 -80.62 -179.23
N LYS Z 66 22.47 -81.39 -180.26
CA LYS Z 66 22.65 -82.82 -180.11
C LYS Z 66 23.91 -83.12 -179.32
N PRO Z 67 23.94 -84.25 -178.58
CA PRO Z 67 25.18 -84.62 -177.88
C PRO Z 67 26.24 -85.11 -178.85
N GLU Z 68 27.49 -84.72 -178.58
CA GLU Z 68 28.61 -85.18 -179.39
C GLU Z 68 29.89 -85.20 -178.56
N VAL Z 69 30.88 -85.92 -179.08
CA VAL Z 69 32.18 -86.06 -178.43
C VAL Z 69 33.27 -85.93 -179.49
N MET Z 70 34.34 -85.21 -179.16
CA MET Z 70 35.51 -85.06 -180.00
C MET Z 70 36.71 -85.70 -179.31
N LEU Z 71 37.42 -86.55 -180.05
CA LEU Z 71 38.55 -87.33 -179.52
C LEU Z 71 39.81 -86.94 -180.29
N ARG Z 72 40.59 -86.02 -179.72
CA ARG Z 72 41.87 -85.64 -180.27
C ARG Z 72 42.93 -86.62 -179.77
N GLY Z 73 43.50 -87.41 -180.68
CA GLY Z 73 44.48 -88.40 -180.30
C GLY Z 73 45.20 -88.93 -181.51
N ASP Z 74 46.10 -89.88 -181.25
CA ASP Z 74 46.88 -90.50 -182.32
C ASP Z 74 45.99 -91.44 -183.13
N PRO Z 75 46.09 -91.42 -184.46
CA PRO Z 75 45.23 -92.28 -185.29
C PRO Z 75 45.47 -93.77 -185.12
N ARG Z 76 46.65 -94.17 -184.62
CA ARG Z 76 46.86 -95.58 -184.28
C ARG Z 76 46.02 -95.96 -183.07
N ASP Z 77 45.83 -95.05 -182.13
CA ASP Z 77 45.10 -95.31 -180.90
C ASP Z 77 43.69 -94.74 -180.90
N LEU Z 78 43.21 -94.21 -182.03
CA LEU Z 78 41.82 -93.77 -182.09
C LEU Z 78 40.85 -94.94 -182.03
N VAL Z 79 41.27 -96.10 -182.54
CA VAL Z 79 40.48 -97.32 -182.36
C VAL Z 79 40.54 -97.76 -180.89
N GLN Z 80 41.70 -97.59 -180.26
CA GLN Z 80 41.88 -98.02 -178.87
C GLN Z 80 41.10 -97.14 -177.90
N VAL Z 81 40.90 -95.87 -178.25
CA VAL Z 81 40.03 -94.99 -177.46
C VAL Z 81 38.61 -95.47 -177.64
N ARG Z 82 38.01 -95.97 -176.57
CA ARG Z 82 36.73 -96.65 -176.62
C ARG Z 82 35.62 -95.71 -176.13
N THR Z 83 34.59 -95.55 -176.95
CA THR Z 83 33.41 -94.73 -176.62
C THR Z 83 32.20 -95.66 -176.71
N ILE Z 84 31.89 -96.33 -175.62
CA ILE Z 84 30.82 -97.33 -175.60
C ILE Z 84 29.73 -96.87 -174.63
N VAL Z 85 28.51 -97.28 -174.95
CA VAL Z 85 27.31 -96.90 -174.20
C VAL Z 85 26.62 -98.19 -173.74
N LYS Z 86 26.40 -98.30 -172.43
CA LYS Z 86 25.72 -99.47 -171.86
C LYS Z 86 24.70 -98.97 -170.84
N GLN Z 87 23.42 -99.01 -171.22
CA GLN Z 87 22.28 -98.64 -170.38
C GLN Z 87 22.38 -97.20 -169.87
N ASN Z 88 22.30 -96.26 -170.83
CA ASN Z 88 22.24 -94.81 -170.60
C ASN Z 88 23.50 -94.28 -169.91
N THR Z 89 24.63 -94.96 -170.12
CA THR Z 89 25.93 -94.56 -169.58
C THR Z 89 26.91 -94.35 -170.72
N LEU Z 90 28.12 -93.90 -170.34
CA LEU Z 90 29.21 -93.69 -171.28
C LEU Z 90 30.51 -94.13 -170.62
N TYR Z 91 31.31 -94.91 -171.34
CA TYR Z 91 32.54 -95.49 -170.80
C TYR Z 91 33.72 -95.10 -171.69
N VAL Z 92 34.38 -94.00 -171.35
CA VAL Z 92 35.55 -93.53 -172.08
C VAL Z 92 36.77 -94.01 -171.31
N SER Z 93 37.31 -95.15 -171.74
CA SER Z 93 38.45 -95.76 -171.06
C SER Z 93 39.36 -96.39 -172.11
N LEU Z 94 40.37 -97.12 -171.65
CA LEU Z 94 41.31 -97.78 -172.54
C LEU Z 94 40.66 -99.01 -173.16
N GLY Z 95 40.99 -99.26 -174.43
CA GLY Z 95 40.51 -100.43 -175.13
C GLY Z 95 41.69 -101.27 -175.62
N GLN Z 96 41.49 -102.59 -175.62
CA GLN Z 96 42.51 -103.60 -175.96
C GLN Z 96 43.78 -103.43 -175.12
N GLY Z 97 43.60 -103.17 -173.83
CA GLY Z 97 44.72 -103.01 -172.93
C GLY Z 97 45.38 -101.65 -173.07
N TYR Z 98 46.46 -101.47 -172.29
CA TYR Z 98 47.25 -100.25 -172.31
C TYR Z 98 48.70 -100.67 -172.56
N PRO Z 99 49.12 -100.75 -173.82
CA PRO Z 99 50.56 -100.79 -174.10
C PRO Z 99 51.21 -99.43 -173.85
N ASP Z 100 50.68 -98.39 -174.52
CA ASP Z 100 51.19 -97.02 -174.43
C ASP Z 100 50.24 -96.03 -175.10
N TYR Z 101 49.86 -94.96 -174.40
CA TYR Z 101 49.33 -93.76 -175.03
C TYR Z 101 49.64 -92.57 -174.14
N GLY Z 102 50.07 -91.47 -174.76
CA GLY Z 102 50.54 -90.32 -174.02
C GLY Z 102 49.57 -89.17 -173.87
N ALA Z 103 48.94 -88.74 -174.96
CA ALA Z 103 48.13 -87.53 -174.96
C ALA Z 103 46.79 -87.81 -175.64
N VAL Z 104 45.71 -87.65 -174.89
CA VAL Z 104 44.34 -87.81 -175.40
C VAL Z 104 43.51 -86.66 -174.87
N THR Z 105 42.79 -85.97 -175.76
CA THR Z 105 41.87 -84.90 -175.39
C THR Z 105 40.45 -85.30 -175.75
N VAL Z 106 39.55 -85.24 -174.79
CA VAL Z 106 38.16 -85.64 -174.97
C VAL Z 106 37.30 -84.42 -174.68
N ASP Z 107 36.76 -83.79 -175.71
CA ASP Z 107 35.80 -82.71 -175.55
C ASP Z 107 34.40 -83.29 -175.68
N ILE Z 108 33.48 -82.82 -174.82
CA ILE Z 108 32.16 -83.42 -174.76
C ILE Z 108 31.10 -82.32 -174.69
N LYS Z 109 29.98 -82.55 -175.38
CA LYS Z 109 28.82 -81.67 -175.33
C LYS Z 109 27.58 -82.54 -175.18
N THR Z 110 26.72 -82.20 -174.22
CA THR Z 110 25.54 -83.00 -173.91
C THR Z 110 24.51 -82.09 -173.23
N LYS Z 111 23.45 -82.70 -172.70
CA LYS Z 111 22.37 -81.97 -172.05
C LYS Z 111 22.26 -82.28 -170.56
N PHE Z 112 22.17 -83.56 -170.19
CA PHE Z 112 21.92 -83.95 -168.81
C PHE Z 112 23.05 -84.85 -168.31
N LEU Z 113 23.54 -84.55 -167.10
CA LEU Z 113 24.57 -85.34 -166.44
C LEU Z 113 24.09 -85.72 -165.04
N ASN Z 114 24.36 -86.97 -164.64
CA ASN Z 114 23.95 -87.45 -163.33
C ASN Z 114 25.03 -88.17 -162.54
N ARG Z 115 26.16 -88.51 -163.16
CA ARG Z 115 27.25 -89.18 -162.45
C ARG Z 115 28.55 -88.97 -163.22
N PHE Z 116 29.62 -88.64 -162.49
CA PHE Z 116 30.94 -88.46 -163.08
C PHE Z 116 31.94 -89.31 -162.31
N ARG Z 117 32.65 -90.17 -163.02
CA ARG Z 117 33.71 -91.00 -162.47
C ARG Z 117 34.99 -90.71 -163.23
N TYR Z 118 36.08 -90.44 -162.52
CA TYR Z 118 37.35 -90.14 -163.17
C TYR Z 118 38.48 -90.87 -162.49
N GLU Z 119 39.30 -91.57 -163.28
CA GLU Z 119 40.44 -92.32 -162.75
C GLU Z 119 41.63 -92.20 -163.68
N GLY Z 120 42.83 -92.22 -163.09
CA GLY Z 120 44.04 -92.47 -163.85
C GLY Z 120 44.94 -91.32 -164.22
N ALA Z 121 45.22 -90.41 -163.27
CA ALA Z 121 46.21 -89.32 -163.39
C ALA Z 121 45.86 -88.39 -164.56
N GLY Z 122 44.74 -87.70 -164.41
CA GLY Z 122 44.24 -86.90 -165.51
C GLY Z 122 43.72 -85.52 -165.19
N VAL Z 123 43.20 -84.82 -166.21
CA VAL Z 123 42.73 -83.44 -166.09
C VAL Z 123 41.26 -83.39 -166.51
N VAL Z 124 40.44 -82.69 -165.72
CA VAL Z 124 39.03 -82.47 -166.02
C VAL Z 124 38.73 -80.99 -165.88
N THR Z 125 38.11 -80.39 -166.91
CA THR Z 125 37.70 -78.99 -166.87
C THR Z 125 36.25 -78.88 -167.35
N GLY Z 126 35.43 -78.16 -166.59
CA GLY Z 126 34.04 -77.98 -166.96
C GLY Z 126 33.46 -76.74 -166.32
N ASN Z 127 32.46 -76.16 -166.98
CA ASN Z 127 31.83 -74.94 -166.49
C ASN Z 127 30.42 -74.84 -167.06
N ASN Z 128 29.62 -73.97 -166.42
CA ASN Z 128 28.26 -73.61 -166.84
C ASN Z 128 27.34 -74.82 -166.93
N LEU Z 129 27.40 -75.66 -165.91
CA LEU Z 129 26.62 -76.90 -165.85
C LEU Z 129 25.45 -76.69 -164.89
N ARG Z 130 24.24 -77.00 -165.36
CA ARG Z 130 23.03 -76.91 -164.55
C ARG Z 130 22.48 -78.32 -164.34
N THR Z 131 22.15 -78.63 -163.09
CA THR Z 131 21.73 -79.98 -162.73
C THR Z 131 20.89 -79.93 -161.46
N SER Z 132 20.28 -81.07 -161.14
CA SER Z 132 19.54 -81.25 -159.90
C SER Z 132 20.34 -82.02 -158.86
N TYR Z 133 20.91 -83.16 -159.24
CA TYR Z 133 21.73 -83.97 -158.35
C TYR Z 133 22.67 -84.82 -159.18
N LEU Z 134 23.96 -84.79 -158.85
CA LEU Z 134 24.95 -85.67 -159.48
C LEU Z 134 26.10 -85.89 -158.51
N ASP Z 135 26.85 -86.96 -158.77
CA ASP Z 135 27.90 -87.42 -157.86
C ASP Z 135 29.25 -87.42 -158.57
N LEU Z 136 30.24 -86.80 -157.93
CA LEU Z 136 31.62 -86.81 -158.38
C LEU Z 136 32.39 -87.92 -157.67
N TYR Z 137 33.19 -88.67 -158.44
CA TYR Z 137 34.12 -89.63 -157.87
C TYR Z 137 35.46 -89.44 -158.58
N LEU Z 138 36.36 -88.69 -157.94
CA LEU Z 138 37.69 -88.43 -158.47
C LEU Z 138 38.68 -89.39 -157.82
N ALA Z 139 39.58 -89.97 -158.61
CA ALA Z 139 40.56 -90.90 -158.07
C ALA Z 139 41.91 -90.71 -158.74
N ASN Z 140 42.96 -90.76 -157.91
CA ASN Z 140 44.37 -90.87 -158.33
C ASN Z 140 44.79 -89.70 -159.22
N GLU Z 141 44.82 -88.52 -158.58
CA GLU Z 141 45.27 -87.24 -159.16
C GLU Z 141 44.39 -86.88 -160.37
N GLY Z 142 43.16 -86.52 -160.01
CA GLY Z 142 42.27 -85.85 -160.95
C GLY Z 142 42.33 -84.35 -160.78
N THR Z 143 43.16 -83.69 -161.60
CA THR Z 143 43.27 -82.24 -161.56
C THR Z 143 42.02 -81.64 -162.17
N THR Z 144 41.16 -81.04 -161.35
CA THR Z 144 39.77 -80.83 -161.69
C THR Z 144 39.36 -79.38 -161.45
N ARG Z 145 38.69 -78.79 -162.44
CA ARG Z 145 38.01 -77.51 -162.28
C ARG Z 145 36.55 -77.67 -162.70
N LEU Z 146 35.64 -77.26 -161.81
CA LEU Z 146 34.23 -77.03 -162.13
C LEU Z 146 33.91 -75.57 -161.80
N ALA Z 147 33.33 -74.87 -162.78
CA ALA Z 147 32.99 -73.45 -162.63
C ALA Z 147 31.55 -73.21 -163.01
N GLY Z 148 30.64 -74.02 -162.47
CA GLY Z 148 29.22 -73.87 -162.72
C GLY Z 148 28.40 -73.79 -161.45
N ASN Z 149 27.09 -73.95 -161.57
CA ASN Z 149 26.17 -73.94 -160.42
C ASN Z 149 25.59 -75.34 -160.18
N ILE Z 150 26.42 -76.22 -159.65
CA ILE Z 150 26.14 -77.65 -159.54
C ILE Z 150 25.64 -77.95 -158.14
N GLY Z 151 24.40 -78.43 -158.04
CA GLY Z 151 23.86 -78.86 -156.77
C GLY Z 151 24.06 -80.35 -156.55
N LEU Z 152 25.05 -80.71 -155.74
CA LEU Z 152 25.45 -82.09 -155.53
C LEU Z 152 25.27 -82.47 -154.06
N GLN Z 153 24.82 -83.71 -153.84
CA GLN Z 153 24.58 -84.22 -152.49
C GLN Z 153 25.72 -85.10 -152.00
N LYS Z 154 26.47 -85.73 -152.90
CA LYS Z 154 27.63 -86.54 -152.52
C LYS Z 154 28.81 -86.20 -153.40
N LEU Z 155 30.01 -86.35 -152.85
CA LEU Z 155 31.26 -86.12 -153.57
C LEU Z 155 32.33 -86.98 -152.93
N GLU Z 156 33.22 -87.52 -153.76
CA GLU Z 156 34.30 -88.36 -153.26
C GLU Z 156 35.59 -88.04 -153.99
N ALA Z 157 36.66 -87.84 -153.23
CA ALA Z 157 38.03 -87.73 -153.74
C ALA Z 157 38.87 -88.80 -153.07
N VAL Z 158 39.59 -89.58 -153.87
CA VAL Z 158 40.27 -90.76 -153.34
C VAL Z 158 41.64 -90.39 -152.78
N GLY Z 159 42.48 -89.75 -153.59
CA GLY Z 159 43.80 -89.42 -153.10
C GLY Z 159 44.69 -88.59 -154.01
N ASN Z 160 45.35 -87.59 -153.41
CA ASN Z 160 46.41 -86.79 -154.04
C ASN Z 160 45.93 -86.04 -155.29
N GLY Z 161 44.66 -85.61 -155.28
CA GLY Z 161 44.14 -84.85 -156.39
C GLY Z 161 43.53 -83.53 -155.96
N VAL Z 162 44.03 -82.43 -156.52
CA VAL Z 162 43.51 -81.11 -156.19
C VAL Z 162 42.15 -80.91 -156.85
N THR Z 163 41.28 -80.15 -156.18
CA THR Z 163 39.94 -79.89 -156.66
C THR Z 163 39.56 -78.45 -156.30
N GLN Z 164 39.08 -77.71 -157.29
CA GLN Z 164 38.68 -76.31 -157.12
C GLN Z 164 37.29 -76.18 -157.73
N ILE Z 165 36.26 -76.11 -156.89
CA ILE Z 165 34.88 -76.01 -157.34
C ILE Z 165 34.34 -74.64 -156.96
N ASN Z 166 33.84 -73.91 -157.95
CA ASN Z 166 33.32 -72.56 -157.77
C ASN Z 166 31.82 -72.57 -158.03
N GLY Z 167 31.05 -72.72 -156.96
CA GLY Z 167 29.59 -72.64 -157.05
C GLY Z 167 28.87 -73.95 -156.81
N VAL Z 168 28.38 -74.14 -155.59
CA VAL Z 168 27.54 -75.29 -155.24
C VAL Z 168 26.37 -74.79 -154.42
N SER Z 169 25.15 -75.13 -154.85
CA SER Z 169 23.92 -74.76 -154.14
C SER Z 169 23.10 -76.02 -153.94
N SER Z 170 23.25 -76.64 -152.77
CA SER Z 170 22.57 -77.88 -152.45
C SER Z 170 21.91 -77.78 -151.09
N ARG Z 171 20.82 -78.52 -150.92
CA ARG Z 171 20.10 -78.57 -149.65
C ARG Z 171 20.66 -79.63 -148.70
N ASN Z 172 21.56 -80.48 -149.17
CA ASN Z 172 22.19 -81.50 -148.34
C ASN Z 172 23.51 -81.90 -148.97
N LEU Z 173 24.50 -82.19 -148.13
CA LEU Z 173 25.81 -82.61 -148.60
C LEU Z 173 26.49 -83.40 -147.48
N GLN Z 174 27.08 -84.54 -147.84
CA GLN Z 174 27.85 -85.35 -146.90
C GLN Z 174 29.20 -85.67 -147.53
N ILE Z 175 30.28 -85.30 -146.85
CA ILE Z 175 31.64 -85.45 -147.35
C ILE Z 175 32.41 -86.34 -146.40
N VAL Z 176 32.99 -87.42 -146.93
CA VAL Z 176 33.91 -88.28 -146.19
C VAL Z 176 35.12 -88.54 -147.07
N LEU Z 177 36.31 -88.41 -146.48
CA LEU Z 177 37.56 -88.57 -147.20
C LEU Z 177 38.38 -89.69 -146.57
N LYS Z 178 38.95 -90.55 -147.42
CA LYS Z 178 39.75 -91.68 -146.96
C LYS Z 178 41.23 -91.54 -147.25
N GLY Z 179 41.62 -90.74 -148.24
CA GLY Z 179 43.02 -90.54 -148.55
C GLY Z 179 43.50 -89.15 -148.21
N ASP Z 180 44.32 -88.55 -149.08
CA ASP Z 180 44.93 -87.25 -148.84
C ASP Z 180 44.62 -86.31 -149.99
N PRO Z 181 43.39 -85.76 -150.05
CA PRO Z 181 43.07 -84.82 -151.13
C PRO Z 181 43.28 -83.36 -150.76
N LYS Z 182 43.19 -82.47 -151.74
CA LYS Z 182 43.23 -81.01 -151.53
C LYS Z 182 42.02 -80.43 -152.27
N VAL Z 183 40.88 -80.39 -151.60
CA VAL Z 183 39.62 -79.97 -152.21
C VAL Z 183 39.18 -78.64 -151.58
N LEU Z 184 38.69 -77.74 -152.42
CA LEU Z 184 38.06 -76.52 -151.93
C LEU Z 184 36.82 -76.24 -152.77
N ILE Z 185 35.69 -76.01 -152.09
CA ILE Z 185 34.38 -75.86 -152.70
C ILE Z 185 33.79 -74.53 -152.23
N SER Z 186 33.26 -73.75 -153.17
CA SER Z 186 32.58 -72.50 -152.87
C SER Z 186 31.10 -72.61 -153.21
N GLY Z 187 30.30 -71.76 -152.58
CA GLY Z 187 28.88 -71.73 -152.85
C GLY Z 187 28.01 -71.64 -151.61
N PHE Z 188 26.98 -72.49 -151.54
CA PHE Z 188 26.06 -72.52 -150.41
C PHE Z 188 25.79 -73.99 -150.10
N VAL Z 189 26.22 -74.44 -148.92
CA VAL Z 189 26.22 -75.86 -148.57
C VAL Z 189 25.51 -76.04 -147.24
N ASN Z 190 24.54 -76.94 -147.20
CA ASN Z 190 23.86 -77.33 -145.97
C ASN Z 190 24.49 -78.63 -145.47
N LEU Z 191 25.67 -78.50 -144.87
CA LEU Z 191 26.42 -79.67 -144.39
C LEU Z 191 25.87 -80.16 -143.05
N ARG Z 192 25.98 -81.46 -142.83
CA ARG Z 192 25.54 -82.08 -141.59
C ARG Z 192 26.64 -82.82 -140.85
N GLN Z 193 27.40 -83.67 -141.54
CA GLN Z 193 28.40 -84.51 -140.88
C GLN Z 193 29.69 -84.47 -141.68
N LEU Z 194 30.80 -84.69 -140.99
CA LEU Z 194 32.12 -84.74 -141.63
C LEU Z 194 33.02 -85.61 -140.78
N ASP Z 195 33.58 -86.64 -141.39
CA ASP Z 195 34.51 -87.55 -140.73
C ASP Z 195 35.77 -87.60 -141.59
N MET Z 196 36.92 -87.27 -140.99
CA MET Z 196 38.17 -87.25 -141.73
C MET Z 196 39.23 -88.04 -140.98
N TYR Z 197 39.91 -88.94 -141.69
CA TYR Z 197 40.96 -89.76 -141.12
C TYR Z 197 42.28 -89.68 -141.88
N GLY Z 198 42.34 -88.91 -142.97
CA GLY Z 198 43.54 -88.82 -143.79
C GLY Z 198 44.33 -87.56 -143.51
N LYS Z 199 45.17 -87.19 -144.49
CA LYS Z 199 45.99 -85.98 -144.41
C LYS Z 199 45.45 -84.87 -145.31
N GLY Z 200 44.12 -84.69 -145.32
CA GLY Z 200 43.50 -83.77 -146.25
C GLY Z 200 43.28 -82.37 -145.71
N THR Z 201 43.15 -81.43 -146.65
CA THR Z 201 42.77 -80.05 -146.39
C THR Z 201 41.48 -79.75 -147.15
N LEU Z 202 40.54 -79.07 -146.48
CA LEU Z 202 39.25 -78.75 -147.06
C LEU Z 202 38.80 -77.39 -146.55
N SER Z 203 38.27 -76.57 -147.47
CA SER Z 203 37.78 -75.25 -147.13
C SER Z 203 36.46 -74.98 -147.85
N LEU Z 204 35.51 -74.44 -147.11
CA LEU Z 204 34.22 -74.02 -147.66
C LEU Z 204 34.01 -72.54 -147.39
N TYR Z 205 33.45 -71.84 -148.38
CA TYR Z 205 33.32 -70.39 -148.27
C TYR Z 205 32.11 -69.98 -147.44
N TRP Z 206 30.92 -70.33 -147.90
CA TRP Z 206 29.68 -70.00 -147.20
C TRP Z 206 28.88 -71.28 -146.98
N ILE Z 207 28.47 -71.52 -145.74
CA ILE Z 207 27.57 -72.61 -145.39
C ILE Z 207 26.44 -72.06 -144.53
N LYS Z 208 25.25 -72.66 -144.68
CA LYS Z 208 24.08 -72.31 -143.88
C LYS Z 208 23.47 -73.64 -143.42
N SER Z 209 23.86 -74.08 -142.24
CA SER Z 209 23.51 -75.40 -141.73
C SER Z 209 22.67 -75.28 -140.46
N ASP Z 210 22.36 -76.43 -139.88
CA ASP Z 210 21.59 -76.52 -138.65
C ASP Z 210 22.30 -77.30 -137.56
N THR Z 211 23.01 -78.36 -137.93
CA THR Z 211 23.76 -79.15 -136.96
C THR Z 211 24.95 -79.78 -137.67
N LEU Z 212 26.16 -79.44 -137.23
CA LEU Z 212 27.39 -80.05 -137.73
C LEU Z 212 27.97 -81.01 -136.72
N THR Z 213 28.40 -82.17 -137.20
CA THR Z 213 29.17 -83.13 -136.41
C THR Z 213 30.50 -83.34 -137.12
N ILE Z 214 31.59 -82.88 -136.49
CA ILE Z 214 32.92 -82.89 -137.07
C ILE Z 214 33.78 -83.87 -136.27
N ARG Z 215 34.40 -84.82 -136.95
CA ARG Z 215 35.31 -85.77 -136.30
C ARG Z 215 36.60 -85.84 -137.11
N ALA Z 216 37.68 -85.33 -136.54
CA ALA Z 216 38.99 -85.32 -137.18
C ALA Z 216 39.93 -86.26 -136.44
N LYS Z 217 40.61 -87.13 -137.19
CA LYS Z 217 41.36 -88.22 -136.59
C LYS Z 217 42.87 -88.04 -136.67
N LYS Z 218 43.47 -87.98 -137.86
CA LYS Z 218 44.91 -88.17 -137.98
C LYS Z 218 45.67 -86.89 -138.29
N ALA Z 219 45.38 -86.23 -139.42
CA ALA Z 219 45.92 -84.89 -139.67
C ALA Z 219 44.95 -84.18 -140.62
N ALA Z 220 44.02 -83.44 -140.05
CA ALA Z 220 42.95 -82.85 -140.84
C ALA Z 220 43.04 -81.33 -140.78
N LYS Z 221 42.82 -80.68 -141.93
CA LYS Z 221 42.71 -79.23 -141.98
C LYS Z 221 41.33 -78.88 -142.51
N ILE Z 222 40.52 -78.22 -141.68
CA ILE Z 222 39.15 -77.85 -142.03
C ILE Z 222 39.02 -76.35 -141.85
N GLN Z 223 38.49 -75.67 -142.86
CA GLN Z 223 38.32 -74.22 -142.82
C GLN Z 223 36.91 -73.87 -143.32
N LEU Z 224 36.00 -73.63 -142.37
CA LEU Z 224 34.61 -73.31 -142.69
C LEU Z 224 34.29 -71.87 -142.29
N ALA Z 225 33.22 -71.35 -142.89
CA ALA Z 225 32.71 -70.02 -142.57
C ALA Z 225 31.24 -69.97 -142.95
N GLY Z 226 30.42 -69.41 -142.07
CA GLY Z 226 29.00 -69.31 -142.34
C GLY Z 226 28.21 -69.27 -141.04
N ILE Z 227 26.97 -69.75 -141.13
CA ILE Z 227 26.01 -69.70 -140.02
C ILE Z 227 25.62 -71.13 -139.66
N VAL Z 228 25.81 -71.50 -138.39
CA VAL Z 228 25.54 -72.83 -137.90
C VAL Z 228 24.77 -72.70 -136.59
N ASN Z 229 23.64 -73.41 -136.48
CA ASN Z 229 22.85 -73.36 -135.25
C ASN Z 229 23.47 -74.20 -134.12
N ARG Z 230 24.07 -75.34 -134.45
CA ARG Z 230 24.60 -76.25 -133.43
C ARG Z 230 25.83 -76.95 -133.98
N LEU Z 231 26.94 -76.89 -133.24
CA LEU Z 231 28.22 -77.41 -133.70
C LEU Z 231 28.78 -78.37 -132.66
N ASP Z 232 29.23 -79.54 -133.12
CA ASP Z 232 29.95 -80.49 -132.29
C ASP Z 232 31.26 -80.84 -132.99
N VAL Z 233 32.37 -80.71 -132.27
CA VAL Z 233 33.71 -80.87 -132.83
C VAL Z 233 34.49 -81.83 -131.94
N GLU Z 234 35.09 -82.86 -132.54
CA GLU Z 234 35.94 -83.81 -131.83
C GLU Z 234 37.26 -83.95 -132.60
N LEU Z 235 38.35 -83.50 -132.00
CA LEU Z 235 39.68 -83.61 -132.58
C LEU Z 235 40.50 -84.60 -131.78
N TRP Z 236 41.10 -85.60 -132.46
CA TRP Z 236 41.78 -86.66 -131.72
C TRP Z 236 43.28 -86.42 -131.55
N ASP Z 237 44.05 -86.39 -132.64
CA ASP Z 237 45.45 -86.01 -132.52
C ASP Z 237 45.95 -85.43 -133.83
N PHE Z 238 46.82 -84.41 -133.71
CA PHE Z 238 47.44 -83.69 -134.83
C PHE Z 238 46.40 -83.10 -135.78
N ALA Z 239 45.26 -82.67 -135.24
CA ALA Z 239 44.17 -82.11 -136.02
C ALA Z 239 44.00 -80.64 -135.70
N GLN Z 240 43.76 -79.85 -136.74
CA GLN Z 240 43.57 -78.41 -136.61
C GLN Z 240 42.20 -78.04 -137.18
N PHE Z 241 41.39 -77.40 -136.34
CA PHE Z 241 40.06 -76.93 -136.74
C PHE Z 241 40.09 -75.40 -136.72
N LYS Z 242 39.98 -74.79 -137.90
CA LYS Z 242 39.93 -73.34 -138.03
C LYS Z 242 38.48 -72.88 -138.22
N GLY Z 243 37.68 -73.01 -137.16
CA GLY Z 243 36.30 -72.61 -137.22
C GLY Z 243 36.08 -71.13 -136.94
N LYS Z 244 37.14 -70.33 -137.01
CA LYS Z 244 37.01 -68.89 -137.04
C LYS Z 244 36.27 -68.47 -138.32
N TYR Z 245 35.49 -67.40 -138.21
CA TYR Z 245 34.51 -66.87 -139.17
C TYR Z 245 33.32 -67.81 -139.37
N LEU Z 246 33.20 -68.86 -138.56
CA LEU Z 246 32.03 -69.73 -138.54
C LEU Z 246 31.34 -69.50 -137.21
N ARG Z 247 30.24 -68.75 -137.24
CA ARG Z 247 29.56 -68.31 -136.04
C ARG Z 247 28.53 -69.35 -135.63
N ALA Z 248 28.74 -69.99 -134.49
CA ALA Z 248 27.87 -71.04 -133.99
C ALA Z 248 27.11 -70.54 -132.78
N GLN Z 249 25.79 -70.80 -132.75
CA GLN Z 249 24.99 -70.44 -131.59
C GLN Z 249 25.32 -71.34 -130.40
N ARG Z 250 25.36 -72.64 -130.62
CA ARG Z 250 25.74 -73.61 -129.59
C ARG Z 250 27.00 -74.33 -130.06
N SER Z 251 28.02 -74.36 -129.20
CA SER Z 251 29.28 -75.00 -129.56
C SER Z 251 29.66 -76.03 -128.50
N PHE Z 252 29.99 -77.24 -128.95
CA PHE Z 252 30.59 -78.27 -128.11
C PHE Z 252 31.91 -78.67 -128.76
N VAL Z 253 33.01 -78.53 -128.02
CA VAL Z 253 34.35 -78.77 -128.55
C VAL Z 253 35.09 -79.71 -127.61
N LYS Z 254 35.63 -80.80 -128.14
CA LYS Z 254 36.49 -81.70 -127.37
C LYS Z 254 37.79 -81.92 -128.14
N THR Z 255 38.91 -81.64 -127.47
CA THR Z 255 40.24 -81.82 -128.06
C THR Z 255 41.06 -82.78 -127.21
N HIS Z 256 41.63 -83.79 -127.87
CA HIS Z 256 42.57 -84.72 -127.27
C HIS Z 256 43.99 -84.34 -127.72
N ASP Z 257 44.94 -85.28 -127.52
CA ASP Z 257 46.38 -84.97 -127.46
C ASP Z 257 46.95 -84.31 -128.71
N LYS Z 258 47.54 -83.12 -128.50
CA LYS Z 258 48.23 -82.31 -129.52
C LYS Z 258 47.31 -81.96 -130.69
N SER Z 259 46.18 -81.33 -130.38
CA SER Z 259 45.25 -80.85 -131.39
C SER Z 259 44.89 -79.40 -131.08
N VAL Z 260 44.62 -78.63 -132.13
CA VAL Z 260 44.38 -77.20 -132.02
C VAL Z 260 43.03 -76.89 -132.66
N ALA Z 261 42.16 -76.23 -131.89
CA ALA Z 261 40.86 -75.79 -132.39
C ALA Z 261 40.67 -74.31 -132.08
N GLU Z 262 40.10 -73.57 -133.02
CA GLU Z 262 39.73 -72.18 -132.80
C GLU Z 262 38.29 -71.98 -133.26
N ILE Z 263 37.49 -71.31 -132.42
CA ILE Z 263 36.05 -71.23 -132.56
C ILE Z 263 35.58 -69.79 -132.41
N SER Z 264 34.33 -69.55 -132.81
CA SER Z 264 33.71 -68.23 -132.79
C SER Z 264 32.27 -68.32 -132.26
N ALA Z 265 32.09 -68.99 -131.12
CA ALA Z 265 30.77 -69.23 -130.55
C ALA Z 265 30.09 -67.93 -130.11
N VAL Z 266 28.77 -67.92 -130.16
CA VAL Z 266 27.96 -66.70 -130.02
C VAL Z 266 27.12 -66.73 -128.73
N ASN Z 267 26.31 -67.77 -128.53
CA ASN Z 267 25.40 -67.82 -127.41
C ASN Z 267 25.92 -68.69 -126.27
N HIS Z 268 26.20 -69.97 -126.56
CA HIS Z 268 26.65 -70.91 -125.54
C HIS Z 268 27.86 -71.67 -126.04
N GLN Z 269 28.91 -71.69 -125.21
CA GLN Z 269 30.18 -72.34 -125.54
C GLN Z 269 30.50 -73.36 -124.47
N SER Z 270 30.80 -74.59 -124.89
CA SER Z 270 31.20 -75.67 -124.00
C SER Z 270 32.44 -76.32 -124.58
N SER Z 271 33.55 -76.28 -123.84
CA SER Z 271 34.83 -76.73 -124.37
C SER Z 271 35.55 -77.60 -123.36
N LEU Z 272 36.29 -78.59 -123.88
CA LEU Z 272 37.08 -79.49 -123.07
C LEU Z 272 38.39 -79.78 -123.78
N ALA Z 273 39.50 -79.55 -123.07
CA ALA Z 273 40.84 -79.87 -123.54
C ALA Z 273 41.46 -80.90 -122.62
N THR Z 274 41.95 -82.01 -123.18
CA THR Z 274 42.37 -83.12 -122.33
C THR Z 274 43.84 -83.04 -121.93
N ASP Z 275 44.74 -83.07 -122.92
CA ASP Z 275 46.18 -83.12 -122.63
C ASP Z 275 47.01 -82.57 -123.78
N ALA Z 276 47.76 -81.49 -123.50
CA ALA Z 276 48.63 -80.79 -124.45
C ALA Z 276 47.88 -80.32 -125.69
N SER Z 277 46.62 -79.93 -125.51
CA SER Z 277 45.77 -79.48 -126.59
C SER Z 277 45.40 -78.01 -126.38
N ASP Z 278 45.04 -77.35 -127.48
CA ASP Z 278 44.79 -75.91 -127.45
C ASP Z 278 43.41 -75.61 -128.01
N ILE Z 279 42.62 -74.86 -127.26
CA ILE Z 279 41.34 -74.31 -127.71
C ILE Z 279 41.42 -72.80 -127.59
N TYR Z 280 41.12 -72.12 -128.70
CA TYR Z 280 41.05 -70.67 -128.73
C TYR Z 280 39.66 -70.26 -129.16
N TYR Z 281 39.12 -69.21 -128.55
CA TYR Z 281 37.89 -68.60 -129.03
C TYR Z 281 38.18 -67.20 -129.53
N TYR Z 282 37.28 -66.67 -130.36
CA TYR Z 282 37.45 -65.34 -130.89
C TYR Z 282 36.24 -64.45 -130.69
N ASN Z 283 35.21 -64.92 -129.99
CA ASN Z 283 34.05 -64.13 -129.64
C ASN Z 283 33.71 -64.35 -128.18
N LEU Z 284 33.21 -63.30 -127.53
CA LEU Z 284 32.76 -63.40 -126.14
C LEU Z 284 31.30 -63.84 -126.14
N SER Z 285 31.07 -65.10 -125.80
CA SER Z 285 29.73 -65.66 -125.81
C SER Z 285 28.94 -65.18 -124.59
N LYS Z 286 27.63 -65.37 -124.65
CA LYS Z 286 26.78 -65.02 -123.52
C LYS Z 286 26.96 -66.00 -122.36
N THR Z 287 27.25 -67.27 -122.66
CA THR Z 287 27.56 -68.23 -121.62
C THR Z 287 28.75 -69.06 -122.07
N ARG Z 288 29.74 -69.19 -121.18
CA ARG Z 288 31.00 -69.86 -121.49
C ARG Z 288 31.28 -70.88 -120.39
N ALA Z 289 31.69 -72.09 -120.79
CA ALA Z 289 32.09 -73.11 -119.84
C ALA Z 289 33.21 -73.94 -120.44
N ASP Z 290 34.37 -73.92 -119.77
CA ASP Z 290 35.57 -74.57 -120.27
C ASP Z 290 36.15 -75.49 -119.20
N PHE Z 291 36.73 -76.60 -119.65
CA PHE Z 291 37.40 -77.52 -118.75
C PHE Z 291 38.71 -77.99 -119.35
N MET Z 292 39.70 -78.19 -118.49
CA MET Z 292 41.02 -78.69 -118.84
C MET Z 292 41.33 -79.88 -117.96
N ALA Z 293 41.98 -80.90 -118.51
CA ALA Z 293 42.17 -82.15 -117.78
C ALA Z 293 43.61 -82.39 -117.34
N PHE Z 294 44.57 -82.46 -118.26
CA PHE Z 294 45.96 -82.71 -117.88
C PHE Z 294 46.87 -81.53 -118.19
N ASN Z 295 46.96 -81.13 -119.46
CA ASN Z 295 47.83 -80.03 -119.87
C ASN Z 295 47.18 -79.19 -120.95
N GLY Z 296 45.93 -79.44 -121.32
CA GLY Z 296 45.26 -78.64 -122.31
C GLY Z 296 44.90 -77.27 -121.78
N SER Z 297 44.62 -76.36 -122.71
CA SER Z 297 44.42 -74.98 -122.32
C SER Z 297 43.45 -74.30 -123.28
N VAL Z 298 42.60 -73.44 -122.72
CA VAL Z 298 41.67 -72.61 -123.48
C VAL Z 298 42.06 -71.16 -123.25
N LEU Z 299 42.29 -70.43 -124.33
CA LEU Z 299 42.84 -69.07 -124.25
C LEU Z 299 41.89 -68.05 -124.85
N ASP Z 300 42.06 -66.80 -124.42
CA ASP Z 300 41.16 -65.73 -124.85
C ASP Z 300 41.45 -65.30 -126.28
N MET Z 301 42.70 -64.93 -126.57
CA MET Z 301 43.23 -64.70 -127.93
C MET Z 301 42.49 -63.59 -128.68
N ARG Z 302 42.08 -62.55 -127.98
CA ARG Z 302 41.47 -61.40 -128.62
C ARG Z 302 42.51 -60.30 -128.82
N GLU Z 303 42.06 -59.13 -129.28
CA GLU Z 303 42.99 -58.14 -129.83
C GLU Z 303 43.62 -57.25 -128.77
N TRP Z 304 42.82 -56.85 -127.76
CA TRP Z 304 43.11 -55.92 -126.66
C TRP Z 304 43.20 -54.47 -127.09
N GLY Z 305 43.15 -54.17 -128.39
CA GLY Z 305 43.26 -52.81 -128.86
C GLY Z 305 42.06 -52.38 -129.68
N GLN Z 306 41.09 -53.27 -129.81
CA GLN Z 306 39.87 -52.96 -130.55
C GLN Z 306 39.03 -51.93 -129.80
N SER Z 307 38.49 -50.96 -130.53
CA SER Z 307 37.82 -49.84 -129.91
C SER Z 307 36.42 -50.17 -129.40
N ASP Z 308 35.85 -51.30 -129.79
CA ASP Z 308 34.56 -51.75 -129.31
C ASP Z 308 34.65 -53.10 -128.61
N LEU Z 309 35.73 -53.30 -127.85
CA LEU Z 309 35.94 -54.54 -127.11
C LEU Z 309 34.95 -54.64 -125.96
N LYS Z 310 34.51 -55.86 -125.69
CA LYS Z 310 33.51 -56.12 -124.66
C LYS Z 310 34.15 -56.81 -123.47
N ASP Z 311 33.80 -56.35 -122.27
CA ASP Z 311 34.34 -56.88 -121.04
C ASP Z 311 33.46 -58.03 -120.54
N PHE Z 312 33.97 -58.73 -119.54
CA PHE Z 312 33.18 -59.78 -118.88
C PHE Z 312 32.04 -59.16 -118.09
N ASP Z 313 31.01 -59.95 -117.87
CA ASP Z 313 29.87 -59.57 -117.06
C ASP Z 313 29.95 -60.31 -115.73
N ARG Z 314 28.85 -60.23 -114.97
CA ARG Z 314 28.66 -61.17 -113.87
C ARG Z 314 28.53 -62.60 -114.38
N TYR Z 315 27.99 -62.77 -115.58
CA TYR Z 315 27.52 -64.05 -116.07
C TYR Z 315 28.53 -64.77 -116.93
N ASN Z 316 29.68 -64.14 -117.21
CA ASN Z 316 30.75 -64.71 -118.03
C ASN Z 316 32.05 -64.91 -117.27
N LYS Z 317 32.16 -64.39 -116.05
CA LYS Z 317 33.44 -64.34 -115.33
C LYS Z 317 33.78 -65.73 -114.80
N GLN Z 318 34.53 -66.50 -115.60
CA GLN Z 318 35.06 -67.79 -115.19
C GLN Z 318 36.58 -67.68 -115.09
N PHE Z 319 37.13 -68.18 -113.99
CA PHE Z 319 38.56 -68.05 -113.72
C PHE Z 319 39.25 -69.38 -113.98
N PRO Z 320 40.09 -69.50 -115.02
CA PRO Z 320 40.75 -70.75 -115.43
C PRO Z 320 41.68 -71.33 -114.37
N GLY AA 40 57.44 -58.32 -75.88
CA GLY AA 40 58.55 -58.30 -76.81
C GLY AA 40 58.16 -57.89 -78.22
N CYS AA 41 58.49 -56.65 -78.58
CA CYS AA 41 58.13 -56.15 -79.91
C CYS AA 41 59.14 -56.59 -80.97
N CYS AA 42 60.41 -56.27 -80.78
CA CYS AA 42 61.43 -56.58 -81.78
C CYS AA 42 62.07 -57.94 -81.51
N SER AA 43 61.22 -58.95 -81.40
CA SER AA 43 61.68 -60.30 -81.12
C SER AA 43 62.29 -60.93 -82.37
N LYS AA 44 63.34 -61.73 -82.14
CA LYS AA 44 64.22 -62.28 -83.20
C LYS AA 44 64.80 -61.18 -84.08
N MET AA 45 65.09 -60.04 -83.46
CA MET AA 45 65.83 -58.94 -84.07
C MET AA 45 66.84 -58.45 -83.03
N GLY AA 46 67.43 -57.29 -83.28
CA GLY AA 46 68.41 -56.77 -82.37
C GLY AA 46 67.87 -55.99 -81.19
N GLY AA 47 66.55 -55.95 -81.02
CA GLY AA 47 65.93 -55.16 -79.96
C GLY AA 47 65.52 -53.79 -80.47
N ILE AA 48 64.87 -53.05 -79.57
CA ILE AA 48 64.27 -51.77 -79.92
C ILE AA 48 65.35 -50.71 -79.99
N ASN AA 49 65.46 -50.01 -81.13
CA ASN AA 49 66.35 -48.86 -81.20
C ASN AA 49 65.67 -47.62 -80.62
N TYR AA 50 64.59 -47.15 -81.26
CA TYR AA 50 63.94 -45.94 -80.76
C TYR AA 50 62.51 -45.83 -81.29
N CYS AA 51 61.73 -44.98 -80.63
CA CYS AA 51 60.38 -44.64 -81.06
C CYS AA 51 60.42 -43.48 -82.04
N ASP AA 52 60.00 -43.72 -83.28
CA ASP AA 52 59.81 -42.68 -84.27
C ASP AA 52 58.40 -42.13 -84.10
N SER AA 53 58.30 -40.89 -83.62
CA SER AA 53 57.01 -40.25 -83.38
C SER AA 53 56.41 -39.62 -84.63
N SER AA 54 57.18 -39.51 -85.71
CA SER AA 54 56.61 -39.00 -86.96
C SER AA 54 55.66 -40.01 -87.60
N ALA AA 55 55.93 -41.30 -87.43
CA ALA AA 55 55.02 -42.35 -87.86
C ALA AA 55 54.32 -43.03 -86.69
N GLY AA 56 54.72 -42.73 -85.46
CA GLY AA 56 54.15 -43.38 -84.29
C GLY AA 56 54.48 -44.84 -84.17
N ARG AA 57 55.70 -45.23 -84.54
CA ARG AA 57 56.07 -46.64 -84.56
C ARG AA 57 57.45 -46.83 -83.97
N LEU AA 58 57.70 -48.03 -83.45
CA LEU AA 58 59.03 -48.37 -82.98
C LEU AA 58 59.92 -48.80 -84.14
N VAL AA 59 61.20 -48.45 -84.04
CA VAL AA 59 62.22 -48.88 -84.98
C VAL AA 59 63.20 -49.75 -84.21
N CYS AA 60 63.47 -50.94 -84.75
CA CYS AA 60 64.32 -51.93 -84.11
C CYS AA 60 65.79 -51.67 -84.46
N ASN AA 61 66.66 -52.57 -84.01
CA ASN AA 61 68.09 -52.40 -84.22
C ASN AA 61 68.54 -52.79 -85.62
N ASN AA 62 67.71 -53.49 -86.38
CA ASN AA 62 67.89 -53.56 -87.82
C ASN AA 62 67.03 -52.46 -88.46
N GLY AA 63 67.07 -52.37 -89.79
CA GLY AA 63 66.34 -51.31 -90.46
C GLY AA 63 64.88 -51.61 -90.74
N PHE AA 64 64.20 -52.28 -89.82
CA PHE AA 64 62.82 -52.70 -89.98
C PHE AA 64 61.93 -51.94 -89.01
N TYR AA 65 60.79 -51.47 -89.49
CA TYR AA 65 59.78 -50.91 -88.62
C TYR AA 65 59.10 -52.02 -87.83
N SER AA 66 58.82 -51.74 -86.55
CA SER AA 66 58.14 -52.70 -85.71
C SER AA 66 56.62 -52.58 -85.88
N THR AA 67 55.92 -53.61 -85.43
CA THR AA 67 54.46 -53.62 -85.49
C THR AA 67 53.83 -52.92 -84.29
N CYS AA 68 54.60 -52.63 -83.24
CA CYS AA 68 54.05 -51.99 -82.05
C CYS AA 68 53.92 -50.49 -82.23
N TYR AA 69 52.94 -49.92 -81.53
CA TYR AA 69 52.76 -48.48 -81.47
C TYR AA 69 53.51 -47.91 -80.27
N CYS AA 70 53.93 -46.64 -80.39
CA CYS AA 70 54.56 -45.96 -79.28
C CYS AA 70 54.01 -44.55 -79.03
N THR AA 71 53.05 -44.09 -79.83
CA THR AA 71 52.29 -42.88 -79.52
C THR AA 71 50.81 -43.17 -79.71
N ARG AA 72 49.96 -42.28 -79.19
CA ARG AA 72 48.52 -42.46 -79.38
C ARG AA 72 48.06 -41.92 -80.73
N HIS AA 73 48.90 -41.11 -81.38
CA HIS AA 73 48.58 -40.54 -82.69
C HIS AA 73 49.16 -41.43 -83.79
N ALA AA 74 48.81 -42.71 -83.73
CA ALA AA 74 49.21 -43.69 -84.73
C ALA AA 74 47.96 -44.22 -85.43
N VAL AA 75 48.13 -44.67 -86.66
CA VAL AA 75 47.01 -45.13 -87.47
C VAL AA 75 46.56 -46.49 -86.94
N MET AA 76 45.42 -46.51 -86.25
CA MET AA 76 44.80 -47.74 -85.76
C MET AA 76 43.46 -47.91 -86.47
N ASP AA 77 43.12 -49.17 -86.77
CA ASP AA 77 41.85 -49.47 -87.43
C ASP AA 77 40.77 -49.70 -86.37
N LEU AA 78 40.35 -48.60 -85.77
CA LEU AA 78 39.36 -48.64 -84.69
C LEU AA 78 37.97 -48.72 -85.29
N GLN AA 79 37.23 -49.78 -84.92
CA GLN AA 79 35.87 -49.98 -85.39
C GLN AA 79 34.84 -50.13 -84.27
N PHE AA 80 35.27 -50.41 -83.05
CA PHE AA 80 34.37 -50.67 -81.92
C PHE AA 80 34.74 -49.72 -80.79
N LEU AA 81 33.83 -48.79 -80.47
CA LEU AA 81 34.03 -47.82 -79.42
C LEU AA 81 32.91 -47.91 -78.40
N MET AA 82 33.25 -47.75 -77.13
CA MET AA 82 32.31 -47.88 -76.03
C MET AA 82 31.79 -46.52 -75.59
N GLY AA 83 30.78 -46.56 -74.73
CA GLY AA 83 30.12 -45.37 -74.23
C GLY AA 83 28.79 -45.14 -74.93
N CYS AA 84 27.88 -44.48 -74.23
CA CYS AA 84 26.57 -44.16 -74.80
C CYS AA 84 26.47 -42.67 -75.12
N CYS AA 85 25.33 -42.33 -75.74
CA CYS AA 85 25.12 -41.08 -76.48
C CYS AA 85 26.20 -40.88 -77.55
N LEU AA 86 26.64 -41.99 -78.16
CA LEU AA 86 27.46 -41.93 -79.35
C LEU AA 86 26.61 -41.53 -80.54
N TRP AA 87 27.25 -40.88 -81.53
CA TRP AA 87 26.60 -40.25 -82.69
C TRP AA 87 25.57 -39.21 -82.28
N HIS AA 88 25.80 -38.59 -81.12
CA HIS AA 88 25.08 -37.42 -80.65
C HIS AA 88 26.13 -36.51 -80.01
N GLY AA 89 25.69 -35.52 -79.23
CA GLY AA 89 26.64 -34.63 -78.61
C GLY AA 89 27.40 -35.18 -77.42
N GLY AA 90 27.03 -36.38 -76.95
CA GLY AA 90 27.60 -36.94 -75.74
C GLY AA 90 26.65 -36.81 -74.57
N VAL AA 91 27.10 -37.31 -73.42
CA VAL AA 91 26.27 -37.35 -72.23
C VAL AA 91 26.20 -35.96 -71.61
N TYR AA 92 24.99 -35.45 -71.44
CA TYR AA 92 24.80 -34.13 -70.83
C TYR AA 92 24.99 -34.25 -69.32
N PRO AA 93 25.85 -33.44 -68.71
CA PRO AA 93 26.40 -33.78 -67.39
C PRO AA 93 25.52 -33.47 -66.18
N GLN AA 94 24.22 -33.28 -66.37
CA GLN AA 94 23.35 -33.02 -65.22
C GLN AA 94 23.19 -34.28 -64.37
N LEU AA 95 22.99 -34.08 -63.07
CA LEU AA 95 22.70 -35.17 -62.17
C LEU AA 95 21.19 -35.29 -62.02
N ASN AA 96 20.67 -36.50 -62.17
CA ASN AA 96 19.25 -36.74 -62.31
C ASN AA 96 18.71 -37.49 -61.08
N SER AA 97 17.51 -37.11 -60.66
CA SER AA 97 16.82 -37.87 -59.62
C SER AA 97 16.44 -39.26 -60.11
N SER AA 98 15.99 -39.36 -61.37
CA SER AA 98 15.68 -40.64 -61.98
C SER AA 98 16.93 -41.21 -62.67
N GLY AA 99 16.77 -42.35 -63.32
CA GLY AA 99 17.85 -43.02 -64.00
C GLY AA 99 17.97 -42.73 -65.48
N LEU AA 100 17.27 -41.72 -65.99
CA LEU AA 100 17.33 -41.40 -67.41
C LEU AA 100 18.65 -40.75 -67.78
N VAL AA 101 19.14 -41.07 -68.98
CA VAL AA 101 20.36 -40.47 -69.53
C VAL AA 101 19.96 -39.70 -70.78
N VAL AA 102 20.30 -38.42 -70.80
CA VAL AA 102 19.93 -37.51 -71.89
C VAL AA 102 21.21 -37.06 -72.60
N CYS AA 103 21.15 -37.02 -73.93
CA CYS AA 103 22.27 -36.57 -74.73
C CYS AA 103 22.19 -35.05 -74.93
N ASN AA 104 23.26 -34.51 -75.53
CA ASN AA 104 23.36 -33.06 -75.69
C ASN AA 104 22.43 -32.49 -76.76
N ASP AA 105 21.87 -33.33 -77.62
CA ASP AA 105 20.94 -32.88 -78.65
C ASP AA 105 19.48 -33.15 -78.28
N GLY AA 106 19.19 -33.50 -77.03
CA GLY AA 106 17.85 -33.75 -76.58
C GLY AA 106 17.40 -35.18 -76.67
N TYR AA 107 18.15 -36.05 -77.35
CA TYR AA 107 17.79 -37.45 -77.45
C TYR AA 107 18.04 -38.15 -76.12
N VAL AA 108 17.21 -39.15 -75.84
CA VAL AA 108 17.28 -39.92 -74.59
C VAL AA 108 17.78 -41.32 -74.93
N SER AA 109 18.89 -41.72 -74.31
CA SER AA 109 19.49 -43.02 -74.57
C SER AA 109 18.80 -44.06 -73.69
N GLU AA 110 18.12 -45.01 -74.32
CA GLU AA 110 17.41 -46.05 -73.59
C GLU AA 110 18.34 -47.10 -72.99
N GLU AA 111 19.53 -47.26 -73.58
CA GLU AA 111 20.42 -48.35 -73.16
C GLU AA 111 21.06 -48.06 -71.81
N CYS AA 112 21.56 -46.84 -71.61
CA CYS AA 112 22.10 -46.45 -70.30
C CYS AA 112 21.02 -46.00 -69.31
N SER AA 113 19.78 -45.85 -69.75
CA SER AA 113 18.70 -45.49 -68.85
C SER AA 113 18.35 -46.67 -67.96
N LEU AA 114 18.13 -46.39 -66.67
CA LEU AA 114 17.75 -47.43 -65.72
C LEU AA 114 16.24 -47.64 -65.77
N GLN AA 115 15.83 -48.91 -65.79
CA GLN AA 115 14.41 -49.25 -65.85
C GLN AA 115 13.74 -49.09 -64.50
N UNK BA 1 54.31 -49.68 -107.38
CA UNK BA 1 55.76 -49.82 -107.48
C UNK BA 1 56.15 -50.57 -108.75
N UNK BA 2 55.79 -51.86 -108.79
CA UNK BA 2 55.94 -52.82 -109.89
C UNK BA 2 57.39 -53.16 -110.22
N UNK BA 3 58.38 -52.61 -109.52
CA UNK BA 3 59.78 -52.95 -109.75
C UNK BA 3 60.53 -52.65 -108.45
N UNK BA 4 60.82 -53.70 -107.67
CA UNK BA 4 61.53 -53.51 -106.42
C UNK BA 4 63.01 -53.22 -106.63
N UNK BA 5 63.59 -53.74 -107.71
CA UNK BA 5 65.00 -53.53 -108.04
C UNK BA 5 65.06 -52.84 -109.39
N UNK BA 6 65.04 -51.51 -109.38
CA UNK BA 6 65.10 -50.74 -110.62
C UNK BA 6 66.51 -50.79 -111.21
N UNK BA 7 66.58 -50.65 -112.53
CA UNK BA 7 67.83 -50.74 -113.26
C UNK BA 7 68.39 -49.35 -113.53
N UNK BA 8 69.71 -49.26 -113.53
CA UNK BA 8 70.42 -48.00 -113.76
C UNK BA 8 71.14 -48.09 -115.10
N UNK BA 9 70.67 -47.30 -116.07
CA UNK BA 9 71.22 -47.20 -117.42
C UNK BA 9 71.32 -48.54 -118.15
N PHE CA 25 45.66 -77.61 -100.05
CA PHE CA 25 44.21 -77.79 -100.13
C PHE CA 25 43.50 -76.44 -100.17
N LYS CA 26 42.43 -76.37 -100.95
CA LYS CA 26 41.70 -75.13 -101.16
C LYS CA 26 40.87 -74.77 -99.93
N LYS CA 27 40.66 -73.46 -99.74
CA LYS CA 27 39.88 -72.93 -98.63
C LYS CA 27 38.75 -72.05 -99.17
N PRO CA 28 37.62 -72.00 -98.46
CA PRO CA 28 36.56 -71.07 -98.83
C PRO CA 28 36.93 -69.64 -98.46
N PRO CA 29 36.26 -68.64 -99.03
CA PRO CA 29 36.46 -67.26 -98.57
C PRO CA 29 36.03 -67.08 -97.12
N ILE CA 30 36.78 -66.24 -96.40
CA ILE CA 30 36.52 -66.06 -94.97
C ILE CA 30 35.24 -65.25 -94.75
N ASN CA 31 35.00 -64.23 -95.56
CA ASN CA 31 33.76 -63.45 -95.49
C ASN CA 31 32.76 -63.94 -96.53
N ASN CA 32 32.43 -65.22 -96.43
CA ASN CA 32 31.51 -65.83 -97.38
C ASN CA 32 30.12 -65.89 -96.79
N PRO CA 33 29.08 -65.59 -97.57
CA PRO CA 33 27.71 -65.72 -97.06
C PRO CA 33 27.28 -67.17 -96.95
N SER CA 34 27.62 -67.81 -95.83
CA SER CA 34 27.20 -69.17 -95.54
C SER CA 34 25.95 -69.21 -94.68
N ASP CA 35 25.24 -68.08 -94.57
CA ASP CA 35 24.04 -67.96 -93.76
C ASP CA 35 22.90 -67.49 -94.65
N ASP CA 36 21.70 -68.05 -94.43
CA ASP CA 36 20.59 -67.86 -95.37
C ASP CA 36 19.98 -66.47 -95.29
N ALA CA 37 20.28 -65.70 -94.24
CA ALA CA 37 19.91 -64.30 -94.20
C ALA CA 37 20.98 -63.39 -94.79
N THR CA 38 22.25 -63.75 -94.60
CA THR CA 38 23.36 -62.99 -95.19
C THR CA 38 23.36 -63.10 -96.70
N ILE CA 39 22.94 -64.25 -97.25
CA ILE CA 39 22.83 -64.41 -98.70
C ILE CA 39 21.81 -63.43 -99.27
N LYS CA 40 20.64 -63.35 -98.61
CA LYS CA 40 19.57 -62.44 -99.06
C LYS CA 40 20.00 -60.98 -98.92
N LEU CA 41 20.69 -60.65 -97.81
CA LEU CA 41 21.20 -59.30 -97.59
C LEU CA 41 22.21 -58.90 -98.67
N ALA CA 42 23.12 -59.81 -99.02
CA ALA CA 42 24.16 -59.48 -100.00
C ALA CA 42 23.59 -59.38 -101.41
N GLU CA 43 22.62 -60.24 -101.77
CA GLU CA 43 22.05 -60.10 -103.11
C GLU CA 43 21.13 -58.88 -103.22
N ALA CA 44 20.50 -58.49 -102.10
CA ALA CA 44 19.77 -57.23 -102.09
C ALA CA 44 20.71 -56.04 -102.27
N ALA CA 45 21.90 -56.10 -101.64
CA ALA CA 45 22.91 -55.06 -101.85
C ALA CA 45 23.39 -55.00 -103.30
N VAL CA 46 23.57 -56.17 -103.92
CA VAL CA 46 23.97 -56.23 -105.32
C VAL CA 46 22.91 -55.61 -106.24
N SER CA 47 21.63 -55.93 -105.99
CA SER CA 47 20.56 -55.37 -106.80
C SER CA 47 20.42 -53.86 -106.59
N VAL CA 48 20.64 -53.38 -105.36
CA VAL CA 48 20.61 -51.95 -105.08
C VAL CA 48 21.73 -51.23 -105.83
N SER CA 49 22.94 -51.81 -105.83
CA SER CA 49 24.07 -51.21 -106.54
C SER CA 49 23.84 -51.20 -108.05
N ASP CA 50 23.24 -52.26 -108.59
CA ASP CA 50 22.91 -52.29 -110.02
C ASP CA 50 21.86 -51.23 -110.38
N SER CA 51 20.86 -51.04 -109.52
CA SER CA 51 19.86 -50.00 -109.75
C SER CA 51 20.48 -48.59 -109.66
N MET CA 52 21.44 -48.42 -108.74
CA MET CA 52 22.17 -47.15 -108.64
C MET CA 52 22.95 -46.86 -109.91
N LEU CA 53 23.60 -47.89 -110.47
CA LEU CA 53 24.35 -47.74 -111.71
C LEU CA 53 23.43 -47.39 -112.88
N GLU CA 54 22.26 -48.05 -112.95
CA GLU CA 54 21.29 -47.74 -114.01
C GLU CA 54 20.77 -46.31 -113.91
N MET CA 55 20.47 -45.84 -112.69
CA MET CA 55 20.00 -44.47 -112.51
C MET CA 55 21.09 -43.45 -112.87
N ALA CA 56 22.35 -43.77 -112.54
CA ALA CA 56 23.46 -42.89 -112.93
C ALA CA 56 23.63 -42.83 -114.45
N LYS CA 57 23.48 -43.98 -115.14
CA LYS CA 57 23.54 -43.99 -116.60
C LYS CA 57 22.42 -43.17 -117.22
N VAL CA 58 21.22 -43.23 -116.64
CA VAL CA 58 20.12 -42.41 -117.15
C VAL CA 58 20.37 -40.93 -116.90
N GLU CA 59 20.82 -40.56 -115.70
CA GLU CA 59 20.90 -39.15 -115.32
C GLU CA 59 22.09 -38.42 -115.94
N LYS CA 60 23.22 -39.09 -116.16
CA LYS CA 60 24.40 -38.36 -116.65
C LYS CA 60 24.24 -37.95 -118.12
N VAL CA 61 24.54 -36.68 -118.40
CA VAL CA 61 24.57 -36.15 -119.76
C VAL CA 61 26.01 -35.78 -120.10
N ILE CA 62 26.42 -36.09 -121.33
CA ILE CA 62 27.80 -35.84 -121.78
C ILE CA 62 27.78 -35.00 -123.05
N THR CA 63 28.97 -34.75 -123.60
CA THR CA 63 29.13 -34.12 -124.89
C THR CA 63 30.08 -34.94 -125.76
N PRO CA 64 29.86 -34.96 -127.08
CA PRO CA 64 30.82 -35.62 -127.95
C PRO CA 64 32.13 -34.86 -128.02
N PRO CA 65 33.26 -35.55 -128.26
CA PRO CA 65 34.55 -34.85 -128.31
C PRO CA 65 34.76 -34.03 -129.58
N SER CA 66 33.89 -34.14 -130.59
CA SER CA 66 34.06 -33.36 -131.80
C SER CA 66 33.70 -31.90 -131.59
N LYS CA 67 32.65 -31.64 -130.80
CA LYS CA 67 32.16 -30.27 -130.58
C LYS CA 67 32.47 -29.77 -129.17
N ASP CA 68 33.48 -30.33 -128.51
CA ASP CA 68 33.88 -29.87 -127.19
C ASP CA 68 34.57 -28.51 -127.31
N ASN CA 69 34.03 -27.50 -126.61
CA ASN CA 69 34.53 -26.14 -126.70
C ASN CA 69 35.64 -25.92 -125.67
N THR CA 70 36.78 -26.56 -125.94
CA THR CA 70 37.95 -26.44 -125.10
C THR CA 70 39.17 -26.28 -126.01
N LEU CA 71 40.06 -25.35 -125.66
CA LEU CA 71 41.23 -25.06 -126.47
C LEU CA 71 42.20 -26.25 -126.48
N THR CA 72 42.62 -26.65 -127.68
CA THR CA 72 43.56 -27.75 -127.82
C THR CA 72 44.98 -27.25 -127.62
N ILE CA 73 45.93 -28.19 -127.59
CA ILE CA 73 47.33 -27.87 -127.39
C ILE CA 73 47.89 -27.24 -128.67
N PRO CA 74 48.45 -26.03 -128.60
CA PRO CA 74 48.91 -25.35 -129.81
C PRO CA 74 50.22 -25.88 -130.39
N ASN CA 75 50.85 -26.84 -129.70
CA ASN CA 75 52.07 -27.62 -129.99
C ASN CA 75 53.17 -26.84 -130.73
N ALA CA 76 53.40 -25.60 -130.32
CA ALA CA 76 54.56 -24.86 -130.77
C ALA CA 76 55.75 -25.17 -129.88
N TYR CA 77 56.96 -24.87 -130.39
CA TYR CA 77 58.17 -25.23 -129.67
C TYR CA 77 58.37 -24.36 -128.43
N ASN CA 78 57.96 -23.10 -128.48
CA ASN CA 78 58.17 -22.18 -127.36
C ASN CA 78 57.18 -22.39 -126.22
N LEU CA 79 56.12 -23.19 -126.42
CA LEU CA 79 55.09 -23.36 -125.42
C LEU CA 79 55.19 -24.68 -124.66
N GLN CA 80 56.26 -25.44 -124.86
CA GLN CA 80 56.48 -26.68 -124.13
C GLN CA 80 57.39 -26.52 -122.92
N ALA CA 81 57.80 -25.29 -122.60
CA ALA CA 81 58.67 -25.08 -121.45
C ALA CA 81 57.87 -25.18 -120.16
N ARG CA 82 58.42 -25.90 -119.18
CA ARG CA 82 57.75 -26.07 -117.90
C ARG CA 82 57.81 -24.79 -117.07
N ALA CA 83 56.84 -24.63 -116.18
CA ALA CA 83 56.74 -23.43 -115.37
C ALA CA 83 56.24 -23.78 -113.97
N SER CA 84 56.22 -22.77 -113.11
CA SER CA 84 55.74 -22.90 -111.73
C SER CA 84 54.96 -21.64 -111.39
N VAL CA 85 53.64 -21.78 -111.26
CA VAL CA 85 52.74 -20.62 -111.18
C VAL CA 85 51.90 -20.76 -109.92
N ASP CA 86 51.89 -19.71 -109.10
CA ASP CA 86 50.97 -19.59 -107.97
C ASP CA 86 50.30 -18.24 -108.10
N TRP CA 87 49.01 -18.23 -108.43
CA TRP CA 87 48.31 -16.99 -108.72
C TRP CA 87 46.82 -17.17 -108.45
N SER CA 88 46.19 -16.13 -107.91
CA SER CA 88 44.75 -16.11 -107.70
C SER CA 88 44.29 -14.66 -107.89
N GLY CA 89 43.85 -14.33 -109.11
CA GLY CA 89 43.48 -12.97 -109.42
C GLY CA 89 42.92 -12.83 -110.83
N PRO CA 90 43.08 -11.65 -111.41
CA PRO CA 90 42.56 -11.41 -112.77
C PRO CA 90 43.28 -12.20 -113.83
N ILE CA 91 42.56 -12.45 -114.94
CA ILE CA 91 43.04 -13.32 -115.99
C ILE CA 91 44.05 -12.61 -116.91
N GLU CA 92 43.89 -11.29 -117.11
CA GLU CA 92 44.67 -10.55 -118.09
C GLU CA 92 46.15 -10.45 -117.71
N GLU CA 93 46.43 -10.22 -116.42
CA GLU CA 93 47.80 -10.07 -115.96
C GLU CA 93 48.57 -11.38 -116.10
N LEU CA 94 47.95 -12.48 -115.66
CA LEU CA 94 48.57 -13.81 -115.77
C LEU CA 94 48.76 -14.22 -117.23
N THR CA 95 47.77 -13.95 -118.08
CA THR CA 95 47.88 -14.31 -119.50
C THR CA 95 48.97 -13.49 -120.18
N ALA CA 96 49.11 -12.21 -119.82
CA ALA CA 96 50.18 -11.38 -120.36
C ALA CA 96 51.55 -11.87 -119.93
N ARG CA 97 51.70 -12.30 -118.67
CA ARG CA 97 53.01 -12.79 -118.24
C ARG CA 97 53.33 -14.15 -118.86
N ILE CA 98 52.30 -14.99 -119.09
CA ILE CA 98 52.50 -16.25 -119.79
C ILE CA 98 52.94 -16.01 -121.23
N ALA CA 99 52.33 -15.02 -121.89
CA ALA CA 99 52.73 -14.66 -123.25
C ALA CA 99 54.15 -14.10 -123.29
N LYS CA 100 54.54 -13.30 -122.29
CA LYS CA 100 55.90 -12.78 -122.23
C LYS CA 100 56.91 -13.90 -122.00
N ALA CA 101 56.58 -14.86 -121.12
CA ALA CA 101 57.47 -16.00 -120.89
C ALA CA 101 57.56 -16.91 -122.10
N ALA CA 102 56.50 -16.98 -122.90
CA ALA CA 102 56.51 -17.76 -124.14
C ALA CA 102 57.00 -16.94 -125.33
N HIS CA 103 57.39 -15.68 -125.12
CA HIS CA 103 57.96 -14.78 -126.12
C HIS CA 103 56.99 -14.50 -127.26
N PHE CA 104 55.70 -14.46 -126.95
CA PHE CA 104 54.65 -14.12 -127.90
C PHE CA 104 54.23 -12.67 -127.67
N ARG CA 105 53.42 -12.16 -128.59
CA ARG CA 105 52.72 -10.91 -128.35
C ARG CA 105 51.37 -11.20 -127.70
N PHE CA 106 50.77 -10.16 -127.13
CA PHE CA 106 49.53 -10.33 -126.39
C PHE CA 106 48.58 -9.21 -126.73
N ARG CA 107 47.33 -9.55 -127.06
CA ARG CA 107 46.33 -8.55 -127.38
C ARG CA 107 44.97 -8.94 -126.83
N VAL CA 108 44.14 -7.93 -126.57
CA VAL CA 108 42.83 -8.09 -125.95
C VAL CA 108 41.79 -7.49 -126.89
N LEU CA 109 40.72 -8.25 -127.16
CA LEU CA 109 39.57 -7.77 -127.91
C LEU CA 109 38.32 -7.94 -127.06
N GLY CA 110 37.71 -6.83 -126.68
CA GLY CA 110 36.50 -6.82 -125.89
C GLY CA 110 36.53 -5.68 -124.90
N LYS CA 111 35.66 -5.78 -123.89
CA LYS CA 111 35.55 -4.77 -122.84
C LYS CA 111 35.57 -5.46 -121.49
N SER CA 112 36.40 -4.95 -120.59
CA SER CA 112 36.47 -5.52 -119.25
C SER CA 112 35.23 -5.14 -118.45
N PRO CA 113 34.59 -6.08 -117.77
CA PRO CA 113 33.38 -5.78 -117.01
C PRO CA 113 33.73 -5.06 -115.70
N SER CA 114 32.67 -4.69 -114.97
CA SER CA 114 32.86 -4.04 -113.67
C SER CA 114 33.44 -5.02 -112.65
N VAL CA 115 32.96 -6.25 -112.65
CA VAL CA 115 33.53 -7.33 -111.83
C VAL CA 115 34.50 -8.11 -112.70
N PRO CA 116 35.78 -8.15 -112.37
CA PRO CA 116 36.76 -8.84 -113.23
C PRO CA 116 36.63 -10.35 -113.12
N VAL CA 117 37.12 -11.01 -114.16
CA VAL CA 117 37.14 -12.47 -114.20
C VAL CA 117 38.31 -12.97 -113.37
N LEU CA 118 38.02 -13.82 -112.38
CA LEU CA 118 39.01 -14.27 -111.42
C LEU CA 118 39.28 -15.76 -111.62
N ILE CA 119 40.57 -16.10 -111.76
CA ILE CA 119 41.00 -17.48 -111.91
C ILE CA 119 41.98 -17.80 -110.78
N SER CA 120 42.33 -19.09 -110.67
CA SER CA 120 43.23 -19.54 -109.62
C SER CA 120 44.07 -20.69 -110.17
N ILE CA 121 45.35 -20.44 -110.39
CA ILE CA 121 46.27 -21.43 -110.93
C ILE CA 121 47.37 -21.68 -109.91
N SER CA 122 47.52 -22.92 -109.48
CA SER CA 122 48.53 -23.30 -108.50
C SER CA 122 49.17 -24.61 -108.96
N THR CA 123 50.27 -24.49 -109.70
CA THR CA 123 51.01 -25.66 -110.17
C THR CA 123 52.50 -25.44 -109.98
N LYS CA 124 53.21 -26.56 -109.86
CA LYS CA 124 54.65 -26.59 -109.60
C LYS CA 124 55.46 -26.93 -110.83
N ASP CA 125 54.96 -27.83 -111.69
CA ASP CA 125 55.67 -28.19 -112.92
C ASP CA 125 54.62 -28.54 -113.96
N GLU CA 126 54.28 -27.58 -114.82
CA GLU CA 126 53.28 -27.77 -115.85
C GLU CA 126 53.65 -26.89 -117.04
N SER CA 127 53.38 -27.39 -118.25
CA SER CA 127 53.72 -26.68 -119.46
C SER CA 127 52.81 -25.46 -119.66
N LEU CA 128 53.32 -24.50 -120.44
CA LEU CA 128 52.60 -23.25 -120.67
C LEU CA 128 51.32 -23.45 -121.47
N ALA CA 129 51.32 -24.41 -122.42
CA ALA CA 129 50.11 -24.72 -123.18
C ALA CA 129 49.04 -25.31 -122.28
N GLU CA 130 49.43 -26.18 -121.35
CA GLU CA 130 48.46 -26.73 -120.39
C GLU CA 130 47.96 -25.67 -119.42
N ILE CA 131 48.83 -24.73 -119.03
CA ILE CA 131 48.41 -23.62 -118.19
C ILE CA 131 47.39 -22.74 -118.92
N LEU CA 132 47.63 -22.48 -120.20
CA LEU CA 132 46.69 -21.70 -121.01
C LEU CA 132 45.37 -22.44 -121.20
N ARG CA 133 45.43 -23.76 -121.37
CA ARG CA 133 44.21 -24.56 -121.48
C ARG CA 133 43.40 -24.53 -120.18
N ASP CA 134 44.08 -24.60 -119.03
CA ASP CA 134 43.38 -24.52 -117.75
C ASP CA 134 42.80 -23.14 -117.51
N ILE CA 135 43.51 -22.09 -117.96
CA ILE CA 135 43.00 -20.73 -117.88
C ILE CA 135 41.74 -20.56 -118.74
N ASP CA 136 41.75 -21.12 -119.96
CA ASP CA 136 40.60 -21.01 -120.84
C ASP CA 136 39.42 -21.81 -120.29
N TYR CA 137 39.68 -22.97 -119.69
CA TYR CA 137 38.61 -23.75 -119.06
C TYR CA 137 38.03 -23.03 -117.84
N GLN CA 138 38.88 -22.40 -117.03
CA GLN CA 138 38.41 -21.71 -115.84
C GLN CA 138 37.72 -20.39 -116.18
N ALA CA 139 38.01 -19.80 -117.34
CA ALA CA 139 37.35 -18.56 -117.72
C ALA CA 139 35.88 -18.76 -118.02
N GLY CA 140 35.52 -19.92 -118.57
CA GLY CA 140 34.13 -20.22 -118.85
C GLY CA 140 33.61 -19.55 -120.11
N LYS CA 141 32.37 -19.05 -120.05
CA LYS CA 141 31.73 -18.43 -121.19
C LYS CA 141 32.00 -16.94 -121.29
N LYS CA 142 32.70 -16.34 -120.33
CA LYS CA 142 32.91 -14.91 -120.34
C LYS CA 142 34.12 -14.50 -121.18
N ALA CA 143 35.10 -15.38 -121.34
CA ALA CA 143 36.29 -15.04 -122.09
C ALA CA 143 36.84 -16.29 -122.77
N SER CA 144 37.68 -16.07 -123.79
CA SER CA 144 38.32 -17.14 -124.52
C SER CA 144 39.73 -16.71 -124.90
N ILE CA 145 40.59 -17.70 -125.10
CA ILE CA 145 41.99 -17.48 -125.43
C ILE CA 145 42.28 -18.18 -126.75
N HIS CA 146 42.80 -17.43 -127.73
CA HIS CA 146 43.20 -17.96 -129.01
C HIS CA 146 44.70 -17.79 -129.18
N VAL CA 147 45.35 -18.79 -129.78
CA VAL CA 147 46.79 -18.78 -129.98
C VAL CA 147 47.05 -18.85 -131.47
N TYR CA 148 47.78 -17.86 -132.00
CA TYR CA 148 48.22 -17.88 -133.39
C TYR CA 148 49.72 -18.08 -133.43
N PRO CA 149 50.21 -19.19 -133.97
CA PRO CA 149 51.65 -19.47 -133.92
C PRO CA 149 52.44 -18.96 -135.11
N ASN CA 150 51.77 -18.68 -136.24
CA ASN CA 150 52.48 -18.18 -137.41
C ASN CA 150 52.93 -16.73 -137.21
N SER CA 151 52.00 -15.85 -136.86
CA SER CA 151 52.31 -14.55 -136.27
C SER CA 151 52.08 -14.73 -134.78
N GLN CA 152 53.17 -14.87 -134.02
CA GLN CA 152 53.13 -15.44 -132.68
C GLN CA 152 52.44 -14.53 -131.68
N VAL CA 153 51.14 -14.74 -131.50
CA VAL CA 153 50.32 -13.84 -130.69
C VAL CA 153 49.29 -14.65 -129.90
N VAL CA 154 48.91 -14.12 -128.74
CA VAL CA 154 47.86 -14.67 -127.89
C VAL CA 154 46.77 -13.61 -127.77
N GLU CA 155 45.55 -13.98 -128.14
CA GLU CA 155 44.41 -13.08 -128.13
C GLU CA 155 43.46 -13.48 -127.01
N LEU CA 156 43.07 -12.52 -126.19
CA LEU CA 156 42.07 -12.70 -125.15
C LEU CA 156 40.80 -12.00 -125.62
N ARG CA 157 39.76 -12.78 -125.91
CA ARG CA 157 38.52 -12.26 -126.48
C ARG CA 157 37.42 -12.35 -125.42
N TYR CA 158 36.80 -11.21 -125.14
CA TYR CA 158 35.71 -11.17 -124.17
C TYR CA 158 34.39 -11.53 -124.84
N ALA CA 159 33.37 -11.78 -124.01
CA ALA CA 159 32.04 -12.13 -124.49
C ALA CA 159 31.16 -10.90 -124.54
N LYS CA 160 30.39 -10.79 -125.63
CA LYS CA 160 29.50 -9.66 -125.82
C LYS CA 160 28.27 -9.76 -124.93
N ILE DA 208 15.52 -48.52 -144.07
CA ILE DA 208 16.08 -49.87 -143.96
C ILE DA 208 17.50 -49.80 -143.40
N ILE DA 209 17.94 -50.89 -142.77
CA ILE DA 209 19.29 -51.00 -142.24
C ILE DA 209 19.82 -52.39 -142.56
N TYR DA 210 21.14 -52.51 -142.67
CA TYR DA 210 21.80 -53.77 -142.99
C TYR DA 210 22.74 -54.18 -141.86
N TYR DA 211 22.79 -55.48 -141.60
CA TYR DA 211 23.73 -56.09 -140.66
C TYR DA 211 24.59 -57.10 -141.40
N ILE DA 212 25.82 -57.29 -140.95
CA ILE DA 212 26.69 -58.31 -141.52
C ILE DA 212 26.31 -59.66 -140.91
N GLN DA 213 26.47 -60.72 -141.70
CA GLN DA 213 26.17 -62.07 -141.24
C GLN DA 213 27.40 -62.96 -141.13
N ALA DA 214 28.31 -62.91 -142.11
CA ALA DA 214 29.57 -63.63 -142.05
C ALA DA 214 30.60 -62.88 -142.87
N VAL DA 215 31.87 -63.03 -142.50
CA VAL DA 215 32.95 -62.26 -143.11
C VAL DA 215 34.13 -63.17 -143.40
N ILE DA 216 34.73 -63.00 -144.57
CA ILE DA 216 35.97 -63.67 -144.96
C ILE DA 216 36.89 -62.58 -145.49
N PRO DA 217 38.22 -62.80 -145.49
CA PRO DA 217 39.09 -61.88 -146.21
C PRO DA 217 38.81 -61.84 -147.70
N GLY DA 218 38.25 -60.71 -148.18
CA GLY DA 218 37.93 -60.55 -149.58
C GLY DA 218 36.45 -60.36 -149.88
N ARG DA 219 35.59 -61.09 -149.17
CA ARG DA 219 34.17 -61.14 -149.47
C ARG DA 219 33.38 -61.07 -148.18
N ALA DA 220 32.12 -60.64 -148.28
CA ALA DA 220 31.27 -60.57 -147.10
C ALA DA 220 29.83 -60.90 -147.44
N TRP DA 221 29.12 -61.43 -146.45
CA TRP DA 221 27.72 -61.82 -146.55
C TRP DA 221 26.91 -60.93 -145.62
N LEU DA 222 25.87 -60.30 -146.14
CA LEU DA 222 25.07 -59.33 -145.41
C LEU DA 222 23.61 -59.75 -145.41
N ILE DA 223 22.90 -59.35 -144.36
CA ILE DA 223 21.46 -59.59 -144.23
C ILE DA 223 20.80 -58.25 -143.92
N GLY DA 224 19.57 -58.07 -144.39
CA GLY DA 224 18.83 -56.84 -144.22
C GLY DA 224 17.70 -56.96 -143.21
N SER DA 225 16.97 -55.85 -143.07
CA SER DA 225 15.82 -55.81 -142.19
C SER DA 225 14.66 -56.64 -142.74
N ASN DA 226 14.54 -56.71 -144.07
CA ASN DA 226 13.49 -57.49 -144.71
C ASN DA 226 13.84 -58.97 -144.86
N GLY DA 227 15.05 -59.38 -144.47
CA GLY DA 227 15.45 -60.76 -144.56
C GLY DA 227 16.05 -61.18 -145.88
N SER DA 228 16.51 -60.23 -146.69
CA SER DA 228 17.10 -60.52 -148.00
C SER DA 228 18.62 -60.58 -147.85
N THR DA 229 19.21 -61.66 -148.37
CA THR DA 229 20.66 -61.84 -148.31
C THR DA 229 21.35 -61.02 -149.40
N LEU DA 230 22.63 -60.77 -149.19
CA LEU DA 230 23.44 -60.03 -150.15
C LEU DA 230 24.89 -60.49 -150.02
N THR DA 231 25.60 -60.48 -151.14
CA THR DA 231 27.01 -60.81 -151.19
C THR DA 231 27.77 -59.62 -151.74
N VAL DA 232 28.80 -59.18 -151.02
CA VAL DA 232 29.55 -57.98 -151.38
C VAL DA 232 31.04 -58.30 -151.48
N ARG DA 233 31.68 -57.76 -152.50
CA ARG DA 233 33.12 -57.87 -152.69
C ARG DA 233 33.83 -56.66 -152.08
N GLU DA 234 35.11 -56.49 -152.40
CA GLU DA 234 35.85 -55.33 -151.93
C GLU DA 234 35.33 -54.05 -152.59
N GLY DA 235 35.03 -54.10 -153.88
CA GLY DA 235 34.45 -52.95 -154.56
C GLY DA 235 33.19 -53.29 -155.33
N SER DA 236 32.06 -52.74 -154.89
CA SER DA 236 30.77 -52.93 -155.55
C SER DA 236 29.86 -51.77 -155.16
N LYS DA 237 28.57 -51.92 -155.45
CA LYS DA 237 27.57 -50.92 -155.10
C LYS DA 237 26.44 -51.57 -154.33
N ILE DA 238 26.08 -50.98 -153.19
CA ILE DA 238 24.97 -51.44 -152.36
C ILE DA 238 24.03 -50.25 -152.14
N PRO DA 239 22.72 -50.46 -151.99
CA PRO DA 239 21.82 -49.31 -151.80
C PRO DA 239 21.67 -48.91 -150.34
N GLY DA 240 21.55 -47.60 -150.13
CA GLY DA 240 21.37 -47.04 -148.82
C GLY DA 240 22.65 -46.73 -148.07
N TYR DA 241 23.80 -47.15 -148.58
CA TYR DA 241 25.08 -46.89 -147.93
C TYR DA 241 26.10 -46.26 -148.88
N GLY DA 242 26.12 -46.66 -150.14
CA GLY DA 242 27.07 -46.12 -151.08
C GLY DA 242 28.02 -47.14 -151.67
N MET DA 243 29.32 -46.93 -151.48
CA MET DA 243 30.35 -47.76 -152.08
C MET DA 243 31.28 -48.30 -151.00
N VAL DA 244 31.64 -49.57 -151.12
CA VAL DA 244 32.52 -50.22 -150.16
C VAL DA 244 33.98 -49.95 -150.54
N LYS DA 245 34.76 -49.44 -149.57
CA LYS DA 245 36.18 -49.18 -149.81
C LYS DA 245 37.12 -50.03 -148.98
N LEU DA 246 36.66 -50.62 -147.89
CA LEU DA 246 37.54 -51.37 -146.99
C LEU DA 246 36.76 -52.43 -146.24
N ILE DA 247 37.26 -53.65 -146.26
CA ILE DA 247 36.67 -54.78 -145.54
C ILE DA 247 37.69 -55.28 -144.54
N ASP DA 248 37.32 -55.28 -143.26
CA ASP DA 248 38.19 -55.75 -142.20
C ASP DA 248 37.79 -57.17 -141.79
N SER DA 249 38.78 -58.04 -141.63
CA SER DA 249 38.54 -59.44 -141.26
C SER DA 249 38.82 -59.72 -139.79
N LEU DA 250 39.81 -59.05 -139.20
CA LEU DA 250 40.10 -59.25 -137.78
C LEU DA 250 39.00 -58.65 -136.91
N GLN DA 251 38.48 -57.49 -137.31
CA GLN DA 251 37.33 -56.87 -136.65
C GLN DA 251 36.17 -56.84 -137.63
N GLY DA 252 34.95 -57.03 -137.10
CA GLY DA 252 33.78 -57.07 -137.94
C GLY DA 252 33.32 -55.68 -138.36
N ARG DA 253 34.06 -55.04 -139.26
CA ARG DA 253 33.76 -53.69 -139.70
C ARG DA 253 33.93 -53.59 -141.20
N ILE DA 254 32.90 -53.04 -141.88
CA ILE DA 254 33.06 -52.61 -143.27
C ILE DA 254 32.59 -51.18 -143.39
N LEU DA 255 33.47 -50.33 -143.94
CA LEU DA 255 33.20 -48.90 -144.09
C LEU DA 255 32.56 -48.64 -145.45
N THR DA 256 31.64 -47.67 -145.49
CA THR DA 256 30.96 -47.29 -146.71
C THR DA 256 31.41 -45.90 -147.17
N SER DA 257 30.93 -45.51 -148.34
CA SER DA 257 31.31 -44.22 -148.92
C SER DA 257 30.62 -43.05 -148.24
N SER DA 258 29.46 -43.26 -147.63
CA SER DA 258 28.73 -42.16 -146.99
C SER DA 258 29.34 -41.78 -145.64
N GLY DA 259 30.20 -42.63 -145.08
CA GLY DA 259 30.85 -42.30 -143.81
C GLY DA 259 30.29 -43.07 -142.63
N GLN DA 260 29.77 -44.27 -142.88
CA GLN DA 260 29.25 -45.11 -141.82
C GLN DA 260 29.77 -46.53 -141.99
N VAL DA 261 29.81 -47.26 -140.87
CA VAL DA 261 30.38 -48.60 -140.83
C VAL DA 261 29.26 -49.58 -140.49
N ILE DA 262 29.23 -50.69 -141.22
CA ILE DA 262 28.38 -51.84 -140.89
C ILE DA 262 29.19 -52.80 -140.02
N LYS DA 263 28.58 -53.21 -138.91
CA LYS DA 263 29.17 -54.09 -137.91
C LYS DA 263 28.21 -55.25 -137.64
N PHE DA 264 28.56 -56.07 -136.64
CA PHE DA 264 27.75 -57.22 -136.27
C PHE DA 264 26.49 -56.79 -135.52
N SER DA 265 25.56 -57.72 -135.40
CA SER DA 265 24.33 -57.46 -134.66
C SER DA 265 24.58 -57.54 -133.16
N GLN DA 266 23.64 -57.01 -132.40
CA GLN DA 266 23.76 -56.98 -130.94
C GLN DA 266 22.66 -57.80 -130.27
N THR EA 28 27.34 -59.06 -65.01
CA THR EA 28 28.63 -58.70 -65.60
C THR EA 28 29.11 -59.77 -66.56
N GLY EA 29 28.74 -59.63 -67.82
CA GLY EA 29 29.16 -60.58 -68.85
C GLY EA 29 28.04 -61.56 -69.21
N SER EA 30 28.15 -62.79 -68.73
CA SER EA 30 27.23 -63.86 -69.09
C SER EA 30 26.26 -64.16 -67.95
N LEU EA 31 25.25 -64.96 -68.26
CA LEU EA 31 24.30 -65.41 -67.25
C LEU EA 31 24.97 -66.33 -66.24
N ALA EA 32 25.87 -67.20 -66.71
CA ALA EA 32 26.65 -68.03 -65.79
C ALA EA 32 27.61 -67.20 -64.97
N GLY EA 33 28.13 -66.11 -65.54
CA GLY EA 33 28.95 -65.19 -64.75
C GLY EA 33 28.15 -64.47 -63.68
N LEU EA 34 26.89 -64.16 -63.97
CA LEU EA 34 25.99 -63.64 -62.94
C LEU EA 34 25.70 -64.68 -61.87
N GLN EA 35 25.54 -65.94 -62.28
CA GLN EA 35 25.18 -67.00 -61.36
C GLN EA 35 26.42 -67.76 -60.90
N LYS EA 60 46.98 -43.89 -53.28
CA LYS EA 60 46.86 -44.32 -54.67
C LYS EA 60 46.85 -43.11 -55.62
N GLU EA 61 45.96 -42.16 -55.35
CA GLU EA 61 45.83 -40.99 -56.20
C GLU EA 61 46.94 -39.98 -56.01
N THR EA 62 47.67 -40.06 -54.89
CA THR EA 62 48.79 -39.14 -54.67
C THR EA 62 50.04 -39.55 -55.44
N ALA EA 63 50.13 -40.80 -55.89
CA ALA EA 63 51.29 -41.26 -56.64
C ALA EA 63 51.39 -40.59 -58.01
N LEU EA 64 50.24 -40.39 -58.66
CA LEU EA 64 50.19 -39.65 -59.92
C LEU EA 64 50.65 -38.21 -59.74
N SER EA 65 50.21 -37.58 -58.64
CA SER EA 65 50.56 -36.17 -58.39
C SER EA 65 52.04 -36.02 -58.04
N VAL EA 66 52.61 -36.98 -57.32
CA VAL EA 66 54.04 -36.86 -57.01
C VAL EA 66 54.92 -37.33 -58.16
N GLY EA 67 54.39 -38.10 -59.10
CA GLY EA 67 55.17 -38.49 -60.26
C GLY EA 67 55.16 -37.49 -61.40
N ALA EA 68 54.03 -36.77 -61.56
CA ALA EA 68 53.85 -35.89 -62.70
C ALA EA 68 54.80 -34.70 -62.66
N GLN EA 69 55.02 -34.11 -61.48
CA GLN EA 69 55.91 -32.96 -61.35
C GLN EA 69 57.36 -33.33 -61.66
N ALA EA 70 57.81 -34.48 -61.14
CA ALA EA 70 59.17 -34.94 -61.39
C ALA EA 70 59.39 -35.30 -62.86
N GLY EA 71 58.39 -35.95 -63.48
CA GLY EA 71 58.49 -36.24 -64.90
C GLY EA 71 58.51 -34.99 -65.77
N LEU EA 72 57.69 -34.00 -65.41
CA LEU EA 72 57.66 -32.74 -66.14
C LEU EA 72 58.99 -31.99 -66.03
N ALA EA 73 59.57 -31.94 -64.82
CA ALA EA 73 60.85 -31.25 -64.63
C ALA EA 73 61.99 -31.98 -65.33
N TRP EA 74 62.00 -33.32 -65.27
CA TRP EA 74 63.05 -34.09 -65.93
C TRP EA 74 62.99 -33.96 -67.45
N ARG EA 75 61.78 -34.04 -68.02
CA ARG EA 75 61.64 -33.87 -69.46
C ARG EA 75 61.97 -32.44 -69.90
N ALA EA 76 61.63 -31.44 -69.07
CA ALA EA 76 61.97 -30.06 -69.38
C ALA EA 76 63.48 -29.84 -69.38
N LYS EA 77 64.19 -30.44 -68.43
CA LYS EA 77 65.65 -30.33 -68.39
C LYS EA 77 66.30 -31.01 -69.60
N ILE EA 78 65.78 -32.19 -70.00
CA ILE EA 78 66.33 -32.87 -71.18
C ILE EA 78 66.05 -32.08 -72.46
N ILE EA 79 64.85 -31.48 -72.55
CA ILE EA 79 64.51 -30.67 -73.72
C ILE EA 79 65.39 -29.41 -73.79
N ASP EA 80 65.69 -28.81 -72.62
CA ASP EA 80 66.59 -27.66 -72.58
C ASP EA 80 68.01 -28.04 -73.01
N GLU EA 81 68.48 -29.22 -72.58
CA GLU EA 81 69.80 -29.69 -73.03
C GLU EA 81 69.84 -29.95 -74.53
N GLN EA 82 68.77 -30.56 -75.08
CA GLN EA 82 68.71 -30.81 -76.51
C GLN EA 82 68.59 -29.52 -77.32
N LEU EA 83 67.93 -28.50 -76.76
CA LEU EA 83 67.90 -27.19 -77.41
C LEU EA 83 69.28 -26.54 -77.39
N ASN EA 84 70.01 -26.68 -76.29
CA ASN EA 84 71.35 -26.11 -76.21
C ASN EA 84 72.36 -26.84 -77.08
N LYS EA 85 72.12 -28.11 -77.41
CA LYS EA 85 73.01 -28.82 -78.32
C LYS EA 85 72.96 -28.29 -79.74
N GLN EA 86 71.85 -27.68 -80.15
CA GLN EA 86 71.68 -27.21 -81.52
C GLN EA 86 71.49 -25.70 -81.59
N ALA EA 87 72.37 -24.94 -80.93
CA ALA EA 87 72.16 -23.51 -80.81
C ALA EA 87 72.46 -22.78 -82.11
N ARG EA 88 73.50 -23.21 -82.84
CA ARG EA 88 73.88 -22.51 -84.07
C ARG EA 88 72.94 -22.83 -85.23
N ASN EA 89 72.43 -24.06 -85.29
CA ASN EA 89 71.49 -24.43 -86.35
C ASN EA 89 70.16 -23.70 -86.20
N LEU EA 90 69.70 -23.52 -84.95
CA LEU EA 90 68.48 -22.75 -84.72
C LEU EA 90 68.68 -21.28 -85.06
N ASP EA 91 69.87 -20.75 -84.79
CA ASP EA 91 70.18 -19.36 -85.16
C ASP EA 91 70.23 -19.21 -86.67
N ALA EA 92 70.72 -20.21 -87.39
CA ALA EA 92 70.73 -20.16 -88.85
C ALA EA 92 69.33 -20.31 -89.43
N ILE EA 93 68.47 -21.10 -88.78
CA ILE EA 93 67.13 -21.35 -89.31
C ILE EA 93 66.23 -20.15 -89.05
N TYR EA 94 66.10 -19.73 -87.79
CA TYR EA 94 65.20 -18.65 -87.43
C TYR EA 94 65.97 -17.33 -87.35
N ASP EA 95 66.34 -16.84 -88.52
CA ASP EA 95 67.13 -15.62 -88.66
C ASP EA 95 66.20 -14.42 -88.71
N PHE EA 96 65.79 -13.94 -87.54
CA PHE EA 96 64.94 -12.76 -87.45
C PHE EA 96 65.69 -11.48 -87.81
N ASN EA 97 67.02 -11.48 -87.71
CA ASN EA 97 67.80 -10.28 -87.94
C ASN EA 97 67.83 -9.87 -89.40
N SER EA 98 67.77 -10.84 -90.32
CA SER EA 98 67.88 -10.55 -91.74
C SER EA 98 66.54 -10.26 -92.40
N LEU EA 99 65.46 -10.19 -91.62
CA LEU EA 99 64.15 -9.86 -92.14
C LEU EA 99 63.70 -8.45 -91.75
N VAL EA 100 64.53 -7.73 -91.00
CA VAL EA 100 64.20 -6.39 -90.52
C VAL EA 100 64.28 -5.40 -91.67
N LEU EA 101 63.36 -4.44 -91.71
CA LEU EA 101 63.28 -3.47 -92.80
C LEU EA 101 64.34 -2.37 -92.62
N GLU EA 102 64.17 -1.27 -93.37
CA GLU EA 102 65.24 -0.29 -93.55
C GLU EA 102 65.49 0.52 -92.28
N HIS EA 103 64.44 1.01 -91.63
CA HIS EA 103 64.58 1.90 -90.48
C HIS EA 103 64.44 1.15 -89.16
N ASN EA 104 64.94 -0.09 -89.10
CA ASN EA 104 64.81 -1.01 -87.96
C ASN EA 104 63.35 -1.20 -87.57
N ILE EA 105 62.57 -1.70 -88.52
CA ILE EA 105 61.15 -1.94 -88.37
C ILE EA 105 60.90 -3.42 -88.58
N LEU EA 106 60.25 -4.06 -87.61
CA LEU EA 106 59.88 -5.46 -87.75
C LEU EA 106 58.75 -5.58 -88.76
N PRO EA 107 58.83 -6.52 -89.71
CA PRO EA 107 57.76 -6.65 -90.70
C PRO EA 107 56.51 -7.24 -90.07
N PRO EA 108 55.33 -6.94 -90.62
CA PRO EA 108 54.08 -7.46 -90.05
C PRO EA 108 53.89 -8.94 -90.34
N VAL EA 109 52.97 -9.54 -89.61
CA VAL EA 109 52.64 -10.95 -89.70
C VAL EA 109 51.34 -11.10 -90.48
N LEU EA 110 51.37 -11.91 -91.54
CA LEU EA 110 50.21 -12.12 -92.40
C LEU EA 110 49.79 -13.58 -92.36
N LEU EA 111 48.48 -13.80 -92.42
CA LEU EA 111 47.89 -15.13 -92.39
C LEU EA 111 47.07 -15.37 -93.65
N GLU EA 112 47.16 -16.59 -94.17
CA GLU EA 112 46.57 -16.97 -95.45
C GLU EA 112 45.62 -18.15 -95.26
N GLY EA 113 44.47 -18.09 -95.91
CA GLY EA 113 43.54 -19.20 -95.92
C GLY EA 113 43.01 -19.44 -97.32
N ARG EA 114 42.76 -20.72 -97.62
CA ARG EA 114 42.34 -21.14 -98.95
C ARG EA 114 41.08 -21.98 -98.85
N ASN EA 115 40.20 -21.82 -99.86
CA ASN EA 115 39.04 -22.67 -100.12
C ASN EA 115 38.09 -22.74 -98.92
N THR EA 116 37.52 -21.59 -98.58
CA THR EA 116 36.77 -21.42 -97.34
C THR EA 116 35.28 -21.54 -97.61
N LEU EA 117 34.58 -22.27 -96.74
CA LEU EA 117 33.13 -22.40 -96.80
C LEU EA 117 32.56 -22.17 -95.41
N ASN EA 118 31.37 -21.55 -95.36
CA ASN EA 118 30.67 -21.35 -94.10
C ASN EA 118 29.20 -21.66 -94.30
N LEU EA 119 28.69 -22.58 -93.50
CA LEU EA 119 27.27 -22.87 -93.36
C LEU EA 119 26.74 -21.99 -92.23
N ALA EA 120 26.24 -20.81 -92.60
CA ALA EA 120 25.75 -19.86 -91.59
C ALA EA 120 24.48 -20.38 -90.92
N ASP EA 121 23.54 -20.87 -91.72
CA ASP EA 121 22.35 -21.54 -91.26
C ASP EA 121 21.85 -22.43 -92.40
N ALA EA 122 20.61 -22.90 -92.29
CA ALA EA 122 19.98 -23.53 -93.42
C ALA EA 122 19.67 -22.49 -94.50
N GLN EA 123 19.56 -22.98 -95.74
CA GLN EA 123 19.11 -22.30 -96.95
C GLN EA 123 20.12 -21.29 -97.50
N SER EA 124 21.26 -21.08 -96.86
CA SER EA 124 22.23 -20.08 -97.32
C SER EA 124 23.63 -20.44 -96.86
N ILE EA 125 24.60 -20.40 -97.79
CA ILE EA 125 26.01 -20.63 -97.50
C ILE EA 125 26.84 -19.51 -98.10
N ARG EA 126 28.06 -19.36 -97.58
CA ARG EA 126 29.00 -18.36 -98.09
C ARG EA 126 30.36 -19.00 -98.33
N ILE EA 127 30.89 -18.85 -99.54
CA ILE EA 127 32.16 -19.45 -99.90
C ILE EA 127 33.12 -18.37 -100.38
N SER EA 128 34.41 -18.68 -100.26
CA SER EA 128 35.48 -17.79 -100.69
C SER EA 128 36.64 -18.62 -101.20
N ASP EA 129 37.39 -18.04 -102.13
CA ASP EA 129 38.53 -18.74 -102.72
C ASP EA 129 39.79 -18.59 -101.88
N ARG EA 130 40.15 -17.36 -101.52
CA ARG EA 130 41.32 -17.10 -100.69
C ARG EA 130 41.02 -15.94 -99.76
N THR EA 131 41.72 -15.91 -98.62
CA THR EA 131 41.58 -14.84 -97.66
C THR EA 131 42.93 -14.50 -97.05
N TYR EA 132 43.16 -13.21 -96.84
CA TYR EA 132 44.39 -12.70 -96.26
C TYR EA 132 44.07 -11.81 -95.06
N LYS EA 133 44.81 -11.99 -93.97
CA LYS EA 133 44.59 -11.23 -92.75
C LYS EA 133 45.92 -10.72 -92.20
N VAL EA 134 45.86 -9.56 -91.55
CA VAL EA 134 47.02 -8.96 -90.89
C VAL EA 134 46.91 -9.28 -89.41
N ALA EA 135 47.69 -10.26 -88.95
CA ALA EA 135 47.62 -10.67 -87.54
C ALA EA 135 48.30 -9.67 -86.62
N LYS EA 136 49.47 -9.17 -87.00
CA LYS EA 136 50.22 -8.22 -86.20
C LYS EA 136 50.71 -7.08 -87.08
N GLN EA 137 51.00 -5.95 -86.46
CA GLN EA 137 51.34 -4.72 -87.16
C GLN EA 137 52.80 -4.35 -86.92
N ALA EA 138 53.39 -3.64 -87.89
CA ALA EA 138 54.78 -3.25 -87.82
C ALA EA 138 55.00 -2.17 -86.76
N HIS EA 139 56.22 -2.16 -86.20
CA HIS EA 139 56.58 -1.21 -85.16
C HIS EA 139 58.10 -1.05 -85.15
N PHE EA 140 58.56 0.00 -84.49
CA PHE EA 140 59.99 0.21 -84.28
C PHE EA 140 60.52 -0.79 -83.27
N ILE EA 141 61.73 -1.29 -83.52
CA ILE EA 141 62.42 -2.19 -82.61
C ILE EA 141 63.84 -1.68 -82.38
N THR EA 142 64.42 -2.09 -81.27
CA THR EA 142 65.83 -1.86 -80.98
C THR EA 142 66.68 -3.11 -81.09
N THR EA 143 66.10 -4.29 -80.83
CA THR EA 143 66.78 -5.57 -80.90
C THR EA 143 65.94 -6.55 -81.71
N PRO EA 144 66.57 -7.44 -82.47
CA PRO EA 144 65.82 -8.48 -83.17
C PRO EA 144 65.38 -9.58 -82.22
N PRO EA 145 64.28 -10.28 -82.52
CA PRO EA 145 63.88 -11.41 -81.68
C PRO EA 145 64.78 -12.61 -81.85
N THR EA 146 64.73 -13.52 -80.87
CA THR EA 146 65.52 -14.73 -80.87
C THR EA 146 64.64 -15.92 -80.54
N TRP EA 147 65.17 -17.12 -80.82
CA TRP EA 147 64.40 -18.34 -80.59
C TRP EA 147 64.29 -18.71 -79.12
N ARG EA 148 65.13 -18.14 -78.26
CA ARG EA 148 65.09 -18.46 -76.84
C ARG EA 148 63.88 -17.88 -76.13
N GLN EA 149 63.29 -16.80 -76.68
CA GLN EA 149 62.06 -16.27 -76.12
C GLN EA 149 60.84 -17.12 -76.47
N TYR EA 150 60.97 -18.03 -77.44
CA TYR EA 150 59.88 -18.89 -77.87
C TYR EA 150 60.03 -20.33 -77.36
N LEU EA 151 61.21 -20.92 -77.46
CA LEU EA 151 61.36 -22.36 -77.31
C LEU EA 151 61.89 -22.80 -75.95
N TRP EA 152 62.47 -21.90 -75.16
CA TRP EA 152 63.09 -22.30 -73.90
C TRP EA 152 62.02 -22.62 -72.86
N MET EA 153 62.15 -23.79 -72.25
CA MET EA 153 61.25 -24.23 -71.18
C MET EA 153 61.88 -23.97 -69.83
N ASP EA 154 61.01 -23.88 -68.82
CA ASP EA 154 61.42 -23.47 -67.49
C ASP EA 154 61.70 -24.67 -66.61
N TYR EA 155 62.85 -24.67 -65.94
CA TYR EA 155 63.27 -25.78 -65.09
C TYR EA 155 63.58 -25.26 -63.69
N VAL EA 156 62.79 -25.70 -62.71
CA VAL EA 156 63.08 -25.54 -61.30
C VAL EA 156 63.09 -26.92 -60.68
N LYS EA 157 64.14 -27.24 -59.94
CA LYS EA 157 64.29 -28.58 -59.37
C LYS EA 157 63.31 -28.78 -58.22
N PRO EA 158 62.39 -29.74 -58.30
CA PRO EA 158 61.43 -29.97 -57.22
C PRO EA 158 62.02 -30.83 -56.12
N GLU EA 159 62.25 -30.22 -54.96
CA GLU EA 159 62.78 -30.92 -53.79
C GLU EA 159 61.74 -31.02 -52.69
N ALA EA 160 60.47 -31.20 -53.07
CA ALA EA 160 59.35 -31.30 -52.13
C ALA EA 160 58.60 -32.59 -52.39
N PRO EA 161 59.01 -33.71 -51.77
CA PRO EA 161 58.34 -35.00 -51.97
C PRO EA 161 56.98 -35.05 -51.26
N LYS EA 173 53.41 -49.93 -50.52
CA LYS EA 173 54.23 -49.92 -51.73
C LYS EA 173 53.83 -51.06 -52.67
N GLU EA 174 52.66 -51.65 -52.42
CA GLU EA 174 52.19 -52.73 -53.27
C GLU EA 174 51.75 -52.23 -54.64
N ILE EA 175 50.98 -51.14 -54.68
CA ILE EA 175 50.50 -50.55 -55.91
C ILE EA 175 51.01 -49.13 -56.13
N TRP EA 176 52.03 -48.73 -55.35
CA TRP EA 176 52.59 -47.38 -55.47
C TRP EA 176 53.40 -47.21 -56.74
N CYS EA 177 54.12 -48.26 -57.15
CA CYS EA 177 55.08 -48.19 -58.25
C CYS EA 177 54.39 -47.95 -59.60
N ILE EA 178 53.29 -48.65 -59.86
CA ILE EA 178 52.62 -48.56 -61.16
C ILE EA 178 51.98 -47.19 -61.35
N TYR EA 179 51.39 -46.64 -60.29
CA TYR EA 179 50.77 -45.32 -60.41
C TYR EA 179 51.80 -44.21 -60.44
N THR EA 180 52.95 -44.39 -59.77
CA THR EA 180 54.05 -43.44 -59.91
C THR EA 180 54.60 -43.44 -61.34
N GLU EA 181 54.70 -44.62 -61.95
CA GLU EA 181 55.11 -44.73 -63.34
C GLU EA 181 54.10 -44.08 -64.29
N ARG EA 182 52.80 -44.25 -64.01
CA ARG EA 182 51.76 -43.63 -64.81
C ARG EA 182 51.84 -42.10 -64.75
N GLY EA 183 52.06 -41.55 -63.55
CA GLY EA 183 52.27 -40.12 -63.42
C GLY EA 183 53.52 -39.62 -64.12
N TRP EA 184 54.58 -40.44 -64.12
CA TRP EA 184 55.81 -40.12 -64.84
C TRP EA 184 55.55 -39.97 -66.34
N LYS EA 185 54.81 -40.94 -66.92
CA LYS EA 185 54.47 -40.88 -68.34
C LYS EA 185 53.56 -39.68 -68.65
N ASN EA 186 52.62 -39.38 -67.74
CA ASN EA 186 51.73 -38.23 -67.94
C ASN EA 186 52.52 -36.91 -67.94
N GLY EA 187 53.49 -36.77 -67.04
CA GLY EA 187 54.31 -35.56 -67.03
C GLY EA 187 55.18 -35.41 -68.26
N ILE EA 188 55.73 -36.53 -68.77
CA ILE EA 188 56.52 -36.49 -70.00
C ILE EA 188 55.66 -36.07 -71.19
N ASP EA 189 54.43 -36.61 -71.26
CA ASP EA 189 53.51 -36.25 -72.35
C ASP EA 189 53.10 -34.78 -72.28
N GLN EA 190 52.88 -34.26 -71.06
CA GLN EA 190 52.53 -32.85 -70.89
C GLN EA 190 53.66 -31.92 -71.34
N ALA EA 191 54.91 -32.28 -71.00
CA ALA EA 191 56.06 -31.47 -71.43
C ALA EA 191 56.22 -31.49 -72.95
N ASN EA 192 55.98 -32.65 -73.57
CA ASN EA 192 56.06 -32.75 -75.03
C ASN EA 192 54.97 -31.90 -75.71
N THR EA 193 53.77 -31.87 -75.13
CA THR EA 193 52.69 -31.04 -75.67
C THR EA 193 53.02 -29.55 -75.57
N ILE EA 194 53.61 -29.12 -74.45
CA ILE EA 194 54.00 -27.71 -74.27
C ILE EA 194 55.08 -27.33 -75.29
N LEU EA 195 56.06 -28.23 -75.51
CA LEU EA 195 57.12 -27.97 -76.49
C LEU EA 195 56.57 -27.86 -77.90
N GLU EA 196 55.62 -28.73 -78.27
CA GLU EA 196 55.07 -28.66 -79.63
C GLU EA 196 54.21 -27.41 -79.82
N GLU EA 197 53.57 -26.92 -78.76
CA GLU EA 197 52.84 -25.65 -78.86
C GLU EA 197 53.80 -24.47 -79.08
N ASN EA 198 54.94 -24.49 -78.39
CA ASN EA 198 55.95 -23.43 -78.59
C ASN EA 198 56.51 -23.46 -80.01
N ILE EA 199 56.75 -24.66 -80.55
CA ILE EA 199 57.24 -24.79 -81.92
C ILE EA 199 56.21 -24.28 -82.92
N ALA EA 200 54.92 -24.56 -82.68
CA ALA EA 200 53.86 -24.05 -83.54
C ALA EA 200 53.79 -22.53 -83.52
N ARG EA 201 53.99 -21.93 -82.33
CA ARG EA 201 53.95 -20.47 -82.21
C ARG EA 201 55.09 -19.80 -82.98
N ILE EA 202 56.32 -20.31 -82.82
CA ILE EA 202 57.44 -19.68 -83.52
C ILE EA 202 57.37 -19.91 -85.03
N LYS EA 203 56.83 -21.07 -85.45
CA LYS EA 203 56.64 -21.32 -86.88
C LYS EA 203 55.59 -20.38 -87.48
N GLU EA 204 54.51 -20.10 -86.73
CA GLU EA 204 53.50 -19.16 -87.19
C GLU EA 204 54.08 -17.76 -87.36
N ASP EA 205 54.89 -17.30 -86.39
CA ASP EA 205 55.49 -15.97 -86.48
C ASP EA 205 56.44 -15.85 -87.67
N PHE EA 206 57.31 -16.85 -87.86
CA PHE EA 206 58.28 -16.77 -88.95
C PHE EA 206 57.62 -16.88 -90.33
N GLY EA 207 56.62 -17.77 -90.47
CA GLY EA 207 55.91 -17.85 -91.74
C GLY EA 207 55.10 -16.61 -92.05
N GLY EA 208 54.52 -15.98 -91.03
CA GLY EA 208 53.84 -14.71 -91.23
C GLY EA 208 54.77 -13.59 -91.64
N MET EA 209 56.02 -13.61 -91.16
CA MET EA 209 56.98 -12.61 -91.62
C MET EA 209 57.44 -12.89 -93.06
N ILE EA 210 57.53 -14.15 -93.47
CA ILE EA 210 57.93 -14.46 -94.85
C ILE EA 210 56.83 -14.08 -95.85
N LEU EA 211 55.56 -14.30 -95.46
CA LEU EA 211 54.43 -14.02 -96.35
C LEU EA 211 54.30 -12.53 -96.68
N TYR EA 212 54.73 -11.65 -95.77
CA TYR EA 212 54.73 -10.22 -96.06
C TYR EA 212 55.70 -9.88 -97.19
N ARG EA 213 56.89 -10.47 -97.17
CA ARG EA 213 57.86 -10.25 -98.26
C ARG EA 213 57.34 -10.81 -99.57
N LYS EA 214 56.67 -11.97 -99.53
CA LYS EA 214 56.10 -12.52 -100.76
C LYS EA 214 54.99 -11.63 -101.34
N LEU EA 215 54.11 -11.12 -100.49
CA LEU EA 215 53.05 -10.23 -100.97
C LEU EA 215 53.58 -8.87 -101.39
N LEU EA 216 54.68 -8.41 -100.78
CA LEU EA 216 55.33 -7.19 -101.24
C LEU EA 216 55.98 -7.37 -102.60
N ALA EA 217 56.54 -8.56 -102.85
CA ALA EA 217 57.06 -8.87 -104.18
C ALA EA 217 55.95 -8.92 -105.21
N MET EA 218 54.79 -9.49 -104.85
CA MET EA 218 53.67 -9.57 -105.78
C MET EA 218 52.75 -8.35 -105.76
N ASN EA 219 53.12 -7.30 -105.01
CA ASN EA 219 52.46 -5.99 -105.01
C ASN EA 219 51.00 -6.07 -104.53
N MET EA 220 50.83 -6.61 -103.32
CA MET EA 220 49.53 -6.68 -102.68
C MET EA 220 49.47 -5.93 -101.35
N VAL EA 221 50.61 -5.62 -100.74
CA VAL EA 221 50.66 -4.85 -99.50
C VAL EA 221 51.41 -3.55 -99.77
N SER EA 222 51.14 -2.56 -98.93
CA SER EA 222 51.90 -1.32 -99.09
C SER EA 222 53.08 -1.29 -98.12
N PRO EA 223 54.21 -0.71 -98.51
CA PRO EA 223 55.33 -0.60 -97.57
C PRO EA 223 55.07 0.50 -96.56
N PRO EA 224 55.70 0.44 -95.40
CA PRO EA 224 55.57 1.54 -94.43
C PRO EA 224 56.33 2.77 -94.87
N TYR EA 225 55.84 3.94 -94.45
CA TYR EA 225 56.41 5.23 -94.84
C TYR EA 225 56.96 5.93 -93.61
N VAL EA 226 58.20 6.41 -93.72
CA VAL EA 226 58.93 7.01 -92.61
C VAL EA 226 59.18 8.47 -92.93
N SER EA 227 58.84 9.36 -92.00
CA SER EA 227 59.14 10.78 -92.10
C SER EA 227 60.10 11.16 -90.99
N HIS EA 228 61.16 11.87 -91.35
CA HIS EA 228 62.18 12.31 -90.40
C HIS EA 228 62.24 13.82 -90.36
N THR EA 229 62.37 14.36 -89.16
CA THR EA 229 62.45 15.79 -88.91
C THR EA 229 63.82 16.13 -88.35
N ASP EA 230 64.52 17.05 -89.00
CA ASP EA 230 65.86 17.45 -88.63
C ASP EA 230 65.80 18.74 -87.83
N LEU EA 231 66.45 18.77 -86.67
CA LEU EA 231 66.62 19.99 -85.90
C LEU EA 231 68.10 20.25 -85.73
N GLY EA 232 68.44 21.52 -85.51
CA GLY EA 232 69.82 21.89 -85.34
C GLY EA 232 70.29 21.72 -83.91
N VAL EA 233 70.96 22.74 -83.36
CA VAL EA 233 71.40 22.73 -81.98
C VAL EA 233 70.29 23.36 -81.14
N THR EA 234 69.60 22.53 -80.35
CA THR EA 234 68.46 22.97 -79.56
C THR EA 234 68.78 22.86 -78.08
N GLY EA 235 68.02 23.60 -77.28
CA GLY EA 235 68.14 23.57 -75.84
C GLY EA 235 68.37 24.96 -75.28
N ASP EA 236 68.45 25.01 -73.96
CA ASP EA 236 68.72 26.23 -73.22
C ASP EA 236 70.18 26.26 -72.79
N GLY EA 237 70.53 27.23 -71.94
CA GLY EA 237 71.90 27.39 -71.50
C GLY EA 237 72.39 26.39 -70.47
N SER EA 238 71.51 25.50 -69.99
CA SER EA 238 71.91 24.49 -69.03
C SER EA 238 72.03 23.10 -69.64
N GLU EA 239 71.49 22.89 -70.84
CA GLU EA 239 71.54 21.59 -71.50
C GLU EA 239 71.33 21.79 -72.99
N ILE EA 240 72.21 21.20 -73.80
CA ILE EA 240 72.09 21.30 -75.25
C ILE EA 240 72.18 19.91 -75.88
N HIS EA 241 71.52 19.77 -77.03
CA HIS EA 241 71.65 18.61 -77.90
C HIS EA 241 72.12 19.08 -79.27
N ILE EA 242 73.09 18.37 -79.84
CA ILE EA 242 73.79 18.88 -81.01
C ILE EA 242 72.99 18.64 -82.29
N ASP EA 243 72.60 17.39 -82.54
CA ASP EA 243 71.92 17.03 -83.79
C ASP EA 243 70.66 16.22 -83.46
N ASP EA 244 69.56 16.92 -83.22
CA ASP EA 244 68.29 16.26 -82.92
C ASP EA 244 67.63 15.75 -84.20
N ARG EA 245 67.18 14.50 -84.17
CA ARG EA 245 66.44 13.94 -85.28
C ARG EA 245 65.26 13.15 -84.73
N VAL EA 246 64.07 13.43 -85.25
CA VAL EA 246 62.84 12.77 -84.81
C VAL EA 246 62.30 11.95 -85.96
N LEU EA 247 62.18 10.64 -85.75
CA LEU EA 247 61.70 9.75 -86.80
C LEU EA 247 60.33 9.21 -86.42
N ARG EA 248 59.40 9.25 -87.37
CA ARG EA 248 58.04 8.82 -87.12
C ARG EA 248 57.51 8.13 -88.37
N ILE EA 249 56.91 6.97 -88.21
CA ILE EA 249 56.27 6.33 -89.36
C ILE EA 249 54.83 6.80 -89.43
N THR EA 250 54.42 7.18 -90.64
CA THR EA 250 53.13 7.83 -90.85
C THR EA 250 52.08 6.92 -91.49
N ALA EA 251 52.50 5.95 -92.30
CA ALA EA 251 51.58 5.03 -92.96
C ALA EA 251 51.96 3.61 -92.57
N LEU EA 252 51.03 2.89 -91.98
CA LEU EA 252 51.22 1.49 -91.66
C LEU EA 252 50.99 0.63 -92.89
N PRO EA 253 51.62 -0.55 -92.97
CA PRO EA 253 51.35 -1.45 -94.09
C PRO EA 253 49.91 -1.95 -94.08
N GLU EA 254 49.36 -2.12 -95.28
CA GLU EA 254 47.99 -2.59 -95.43
C GLU EA 254 47.82 -3.32 -96.75
N LEU EA 255 46.87 -4.26 -96.76
CA LEU EA 255 46.47 -4.95 -97.98
C LEU EA 255 45.74 -3.98 -98.91
N ASN EA 256 45.94 -4.15 -100.21
CA ASN EA 256 45.19 -3.36 -101.19
C ASN EA 256 44.04 -4.16 -101.79
N VAL EA 257 42.97 -3.45 -102.16
CA VAL EA 257 41.79 -4.10 -102.73
C VAL EA 257 41.64 -3.82 -104.23
N ASN EA 258 42.51 -2.98 -104.79
CA ASN EA 258 42.49 -2.72 -106.23
C ASN EA 258 43.33 -3.78 -106.92
N SER EA 259 42.66 -4.77 -107.52
CA SER EA 259 43.33 -5.90 -108.14
C SER EA 259 43.87 -5.59 -109.53
N ALA EA 260 43.64 -4.39 -110.05
CA ALA EA 260 44.05 -4.06 -111.41
C ALA EA 260 45.55 -3.84 -111.55
N GLU EA 261 46.28 -3.66 -110.45
CA GLU EA 261 47.73 -3.44 -110.52
C GLU EA 261 48.53 -4.52 -109.81
N TRP EA 262 47.93 -5.68 -109.54
CA TRP EA 262 48.68 -6.80 -109.00
C TRP EA 262 49.61 -7.37 -110.06
N ARG EA 263 50.76 -7.87 -109.61
CA ARG EA 263 51.82 -8.32 -110.49
C ARG EA 263 52.02 -9.83 -110.32
N ALA EA 264 51.97 -10.56 -111.43
CA ALA EA 264 52.13 -12.00 -111.41
C ALA EA 264 53.59 -12.39 -111.61
N ALA EA 265 53.89 -13.66 -111.32
CA ALA EA 265 55.25 -14.19 -111.41
C ALA EA 265 55.20 -15.57 -112.04
N VAL EA 266 55.90 -15.75 -113.16
CA VAL EA 266 56.02 -17.03 -113.84
C VAL EA 266 57.48 -17.44 -113.81
N ALA EA 267 57.76 -18.60 -113.22
CA ALA EA 267 59.12 -19.07 -113.01
C ALA EA 267 59.46 -20.10 -114.08
N LYS EA 268 60.55 -19.86 -114.81
CA LYS EA 268 61.00 -20.78 -115.83
C LYS EA 268 61.95 -21.83 -115.25
N LYS FA 24 70.41 -63.77 -92.18
CA LYS FA 24 70.07 -62.55 -91.44
C LYS FA 24 69.56 -61.46 -92.37
N PHE FA 25 68.57 -60.72 -91.91
CA PHE FA 25 67.97 -59.63 -92.69
C PHE FA 25 68.32 -58.30 -92.05
N LYS FA 26 68.84 -57.38 -92.85
CA LYS FA 26 69.28 -56.08 -92.35
C LYS FA 26 69.17 -55.05 -93.47
N LYS FA 27 68.87 -53.82 -93.06
CA LYS FA 27 68.82 -52.65 -93.93
C LYS FA 27 69.86 -51.64 -93.47
N PRO FA 28 70.54 -50.94 -94.38
CA PRO FA 28 71.84 -50.31 -94.07
C PRO FA 28 71.80 -49.20 -93.03
N PRO FA 29 70.92 -48.14 -93.12
CA PRO FA 29 71.10 -47.03 -92.17
C PRO FA 29 70.63 -47.35 -90.76
N ILE FA 30 71.57 -47.62 -89.86
CA ILE FA 30 71.28 -47.86 -88.44
C ILE FA 30 72.14 -46.87 -87.66
N ASN FA 31 71.58 -45.71 -87.36
CA ASN FA 31 72.29 -44.64 -86.69
C ASN FA 31 72.01 -44.68 -85.19
N ASN FA 32 72.44 -43.63 -84.48
CA ASN FA 32 72.14 -43.49 -83.07
C ASN FA 32 70.65 -43.21 -82.87
N PRO FA 33 70.10 -43.55 -81.69
CA PRO FA 33 68.69 -43.24 -81.44
C PRO FA 33 68.41 -41.74 -81.39
N SER FA 34 67.21 -41.37 -81.82
CA SER FA 34 66.82 -39.98 -82.01
C SER FA 34 65.91 -39.52 -80.88
N ASP FA 35 65.71 -38.21 -80.82
CA ASP FA 35 64.85 -37.58 -79.83
C ASP FA 35 63.67 -36.91 -80.53
N ASP FA 36 62.50 -36.97 -79.89
CA ASP FA 36 61.28 -36.46 -80.50
C ASP FA 36 61.28 -34.93 -80.59
N ALA FA 37 62.02 -34.26 -79.69
CA ALA FA 37 62.21 -32.82 -79.80
C ALA FA 37 62.96 -32.46 -81.08
N THR FA 38 64.02 -33.20 -81.38
CA THR FA 38 64.79 -32.98 -82.60
C THR FA 38 63.96 -33.33 -83.84
N ILE FA 39 63.10 -34.35 -83.72
CA ILE FA 39 62.19 -34.71 -84.82
C ILE FA 39 61.22 -33.57 -85.13
N LYS FA 40 60.62 -32.99 -84.07
CA LYS FA 40 59.69 -31.87 -84.25
C LYS FA 40 60.39 -30.64 -84.80
N LEU FA 41 61.62 -30.36 -84.33
CA LEU FA 41 62.37 -29.22 -84.86
C LEU FA 41 62.74 -29.42 -86.33
N ALA FA 42 63.06 -30.65 -86.72
CA ALA FA 42 63.35 -30.94 -88.13
C ALA FA 42 62.12 -30.78 -89.00
N GLU FA 43 60.96 -31.24 -88.52
CA GLU FA 43 59.72 -31.08 -89.29
C GLU FA 43 59.30 -29.61 -89.40
N ALA FA 44 59.63 -28.78 -88.40
CA ALA FA 44 59.42 -27.35 -88.56
C ALA FA 44 60.39 -26.74 -89.57
N ALA FA 45 61.66 -27.17 -89.53
CA ALA FA 45 62.70 -26.57 -90.35
C ALA FA 45 62.53 -26.90 -91.83
N VAL FA 46 61.97 -28.07 -92.16
CA VAL FA 46 61.73 -28.42 -93.56
C VAL FA 46 60.70 -27.47 -94.19
N SER FA 47 59.63 -27.18 -93.45
CA SER FA 47 58.60 -26.26 -93.93
C SER FA 47 59.13 -24.83 -94.03
N VAL FA 48 59.97 -24.43 -93.08
CA VAL FA 48 60.63 -23.12 -93.17
C VAL FA 48 61.53 -23.06 -94.41
N SER FA 49 62.25 -24.16 -94.69
CA SER FA 49 63.20 -24.19 -95.80
C SER FA 49 62.50 -24.11 -97.15
N ASP FA 50 61.42 -24.87 -97.35
CA ASP FA 50 60.80 -24.76 -98.68
C ASP FA 50 59.89 -23.53 -98.81
N SER FA 51 59.42 -22.95 -97.69
CA SER FA 51 58.80 -21.63 -97.77
C SER FA 51 59.81 -20.57 -98.24
N MET FA 52 61.02 -20.61 -97.69
CA MET FA 52 62.09 -19.72 -98.16
C MET FA 52 62.46 -19.99 -99.61
N LEU FA 53 62.43 -21.26 -100.03
CA LEU FA 53 62.71 -21.60 -101.42
C LEU FA 53 61.68 -20.97 -102.37
N GLU FA 54 60.39 -21.10 -102.04
CA GLU FA 54 59.34 -20.52 -102.87
C GLU FA 54 59.42 -19.00 -102.90
N MET FA 55 59.66 -18.36 -101.75
CA MET FA 55 59.69 -16.90 -101.71
C MET FA 55 60.92 -16.34 -102.41
N ALA FA 56 62.07 -17.02 -102.29
CA ALA FA 56 63.27 -16.60 -103.00
C ALA FA 56 63.11 -16.76 -104.51
N LYS FA 57 62.44 -17.84 -104.94
CA LYS FA 57 62.14 -18.01 -106.36
C LYS FA 57 61.24 -16.90 -106.88
N VAL FA 58 60.22 -16.52 -106.09
CA VAL FA 58 59.30 -15.45 -106.49
C VAL FA 58 60.03 -14.11 -106.61
N GLU FA 59 60.89 -13.79 -105.63
CA GLU FA 59 61.63 -12.52 -105.68
C GLU FA 59 62.66 -12.49 -106.81
N LYS FA 60 63.33 -13.62 -107.07
CA LYS FA 60 64.26 -13.69 -108.19
C LYS FA 60 63.56 -13.54 -109.53
N VAL FA 61 62.35 -14.10 -109.66
CA VAL FA 61 61.58 -13.95 -110.89
C VAL FA 61 61.11 -12.51 -111.07
N ILE FA 62 60.62 -11.88 -109.99
CA ILE FA 62 60.07 -10.53 -110.08
C ILE FA 62 61.17 -9.51 -110.38
N THR FA 63 62.27 -9.56 -109.64
CA THR FA 63 63.36 -8.62 -109.92
C THR FA 63 64.67 -9.35 -110.23
N PRO FA 64 65.24 -9.16 -111.41
CA PRO FA 64 66.53 -9.76 -111.72
C PRO FA 64 67.68 -8.84 -111.34
N PRO FA 65 68.68 -9.34 -110.62
CA PRO FA 65 69.87 -8.53 -110.35
C PRO FA 65 70.70 -8.33 -111.61
N SER FA 66 71.38 -7.19 -111.67
CA SER FA 66 72.18 -6.83 -112.83
C SER FA 66 73.64 -6.53 -112.53
N LYS FA 67 74.01 -6.33 -111.26
CA LYS FA 67 75.36 -5.98 -110.90
C LYS FA 67 75.86 -6.90 -109.79
N ASP FA 68 77.18 -7.09 -109.76
CA ASP FA 68 77.83 -7.94 -108.78
C ASP FA 68 78.92 -7.16 -108.08
N ASN FA 69 79.17 -7.49 -106.81
CA ASN FA 69 80.12 -6.75 -105.98
C ASN FA 69 81.59 -7.16 -106.22
N THR FA 70 81.86 -7.90 -107.29
CA THR FA 70 83.24 -8.19 -107.68
C THR FA 70 83.97 -6.91 -108.10
N LEU FA 71 83.23 -6.00 -108.76
CA LEU FA 71 83.81 -4.71 -109.15
C LEU FA 71 84.16 -3.85 -107.94
N THR FA 72 83.31 -3.86 -106.91
CA THR FA 72 83.60 -3.07 -105.72
C THR FA 72 84.66 -3.72 -104.83
N ILE FA 73 84.65 -5.04 -104.75
CA ILE FA 73 85.65 -5.78 -103.97
C ILE FA 73 86.42 -6.70 -104.90
N PRO FA 74 87.52 -6.25 -105.48
CA PRO FA 74 88.36 -7.15 -106.29
C PRO FA 74 89.36 -7.90 -105.41
N ASN FA 75 89.89 -8.97 -105.98
CA ASN FA 75 90.92 -9.75 -105.31
C ASN FA 75 92.32 -9.38 -105.78
N ALA FA 76 93.30 -9.74 -104.97
CA ALA FA 76 94.71 -9.45 -105.25
C ALA FA 76 95.56 -10.49 -104.54
N TYR FA 77 96.87 -10.32 -104.64
CA TYR FA 77 97.78 -11.16 -103.87
C TYR FA 77 97.67 -10.84 -102.39
N ASN FA 78 97.95 -11.85 -101.56
CA ASN FA 78 97.78 -11.95 -100.11
C ASN FA 78 96.36 -11.65 -99.62
N LEU FA 79 95.37 -11.67 -100.52
CA LEU FA 79 93.97 -11.83 -100.16
C LEU FA 79 93.51 -13.26 -100.36
N GLN FA 80 94.42 -14.16 -100.74
CA GLN FA 80 94.11 -15.56 -100.99
C GLN FA 80 94.52 -16.47 -99.83
N ALA FA 81 94.98 -15.91 -98.72
CA ALA FA 81 95.09 -16.69 -97.50
C ALA FA 81 93.69 -17.02 -97.00
N ARG FA 82 93.56 -18.16 -96.34
CA ARG FA 82 92.21 -18.67 -96.11
C ARG FA 82 91.86 -18.59 -94.63
N ALA FA 83 90.57 -18.74 -94.33
CA ALA FA 83 90.09 -18.58 -92.97
C ALA FA 83 88.86 -19.42 -92.73
N SER FA 84 88.72 -19.88 -91.49
CA SER FA 84 87.51 -20.52 -91.00
C SER FA 84 86.99 -19.69 -89.83
N VAL FA 85 85.75 -19.23 -89.93
CA VAL FA 85 85.23 -18.19 -89.04
C VAL FA 85 83.86 -18.61 -88.52
N ASP FA 86 83.61 -18.31 -87.23
CA ASP FA 86 82.31 -18.48 -86.59
C ASP FA 86 82.09 -17.26 -85.70
N TRP FA 87 81.41 -16.25 -86.25
CA TRP FA 87 81.29 -14.94 -85.60
C TRP FA 87 79.82 -14.57 -85.52
N SER FA 88 79.41 -14.05 -84.36
CA SER FA 88 78.01 -13.66 -84.11
C SER FA 88 77.95 -12.29 -83.43
N GLY FA 89 78.68 -11.32 -83.96
CA GLY FA 89 78.73 -10.01 -83.37
C GLY FA 89 78.71 -8.87 -84.37
N PRO FA 90 79.19 -7.70 -83.97
CA PRO FA 90 79.19 -6.54 -84.86
C PRO FA 90 80.22 -6.67 -85.98
N ILE FA 91 80.05 -5.83 -87.00
CA ILE FA 91 80.78 -5.96 -88.26
C ILE FA 91 82.21 -5.41 -88.16
N GLU FA 92 82.43 -4.40 -87.31
CA GLU FA 92 83.66 -3.61 -87.37
C GLU FA 92 84.87 -4.38 -86.86
N GLU FA 93 84.71 -5.11 -85.75
CA GLU FA 93 85.82 -5.88 -85.19
C GLU FA 93 86.23 -7.03 -86.10
N LEU FA 94 85.25 -7.73 -86.68
CA LEU FA 94 85.54 -8.81 -87.61
C LEU FA 94 86.21 -8.30 -88.89
N THR FA 95 85.74 -7.16 -89.41
CA THR FA 95 86.34 -6.59 -90.62
C THR FA 95 87.76 -6.10 -90.34
N ALA FA 96 88.00 -5.54 -89.14
CA ALA FA 96 89.35 -5.12 -88.75
C ALA FA 96 90.29 -6.32 -88.61
N ARG FA 97 89.79 -7.43 -88.05
CA ARG FA 97 90.63 -8.63 -87.95
C ARG FA 97 90.96 -9.21 -89.32
N ILE FA 98 89.99 -9.21 -90.25
CA ILE FA 98 90.24 -9.69 -91.61
C ILE FA 98 91.26 -8.80 -92.31
N ALA FA 99 91.15 -7.47 -92.14
CA ALA FA 99 92.11 -6.55 -92.73
C ALA FA 99 93.50 -6.70 -92.14
N LYS FA 100 93.58 -6.93 -90.82
CA LYS FA 100 94.88 -7.12 -90.17
C LYS FA 100 95.54 -8.43 -90.60
N ALA FA 101 94.74 -9.48 -90.83
CA ALA FA 101 95.29 -10.72 -91.37
C ALA FA 101 95.68 -10.57 -92.83
N ALA FA 102 94.98 -9.73 -93.59
CA ALA FA 102 95.30 -9.50 -94.99
C ALA FA 102 96.37 -8.42 -95.18
N HIS FA 103 96.88 -7.85 -94.08
CA HIS FA 103 97.97 -6.85 -94.09
C HIS FA 103 97.56 -5.58 -94.83
N PHE FA 104 96.31 -5.19 -94.67
CA PHE FA 104 95.76 -3.99 -95.29
C PHE FA 104 95.42 -2.97 -94.21
N ARG FA 105 95.44 -1.70 -94.59
CA ARG FA 105 94.97 -0.65 -93.69
C ARG FA 105 93.45 -0.71 -93.61
N PHE FA 106 92.91 -0.22 -92.50
CA PHE FA 106 91.48 -0.24 -92.25
C PHE FA 106 90.96 1.18 -92.10
N ARG FA 107 89.87 1.49 -92.80
CA ARG FA 107 89.29 2.83 -92.79
C ARG FA 107 87.79 2.73 -92.56
N VAL FA 108 87.24 3.68 -91.80
CA VAL FA 108 85.82 3.76 -91.51
C VAL FA 108 85.31 5.12 -91.98
N LEU FA 109 84.22 5.11 -92.74
CA LEU FA 109 83.56 6.32 -93.23
C LEU FA 109 82.14 6.38 -92.71
N GLY FA 110 81.72 7.56 -92.26
CA GLY FA 110 80.38 7.78 -91.78
C GLY FA 110 80.25 7.56 -90.28
N LYS FA 111 79.07 7.89 -89.77
CA LYS FA 111 78.76 7.71 -88.36
C LYS FA 111 78.21 6.31 -88.13
N SER FA 112 78.68 5.66 -87.07
CA SER FA 112 78.10 4.39 -86.67
C SER FA 112 76.71 4.61 -86.10
N PRO FA 113 75.74 3.76 -86.42
CA PRO FA 113 74.39 3.93 -85.90
C PRO FA 113 74.30 3.55 -84.43
N SER FA 114 73.24 4.06 -83.79
CA SER FA 114 73.02 3.76 -82.38
C SER FA 114 72.56 2.32 -82.18
N VAL FA 115 71.71 1.83 -83.07
CA VAL FA 115 71.37 0.41 -83.12
C VAL FA 115 72.47 -0.27 -83.94
N PRO FA 116 73.23 -1.20 -83.37
CA PRO FA 116 74.39 -1.74 -84.07
C PRO FA 116 74.01 -2.66 -85.23
N VAL FA 117 74.89 -2.73 -86.22
CA VAL FA 117 74.72 -3.61 -87.37
C VAL FA 117 75.32 -4.96 -87.01
N LEU FA 118 74.47 -5.96 -86.85
CA LEU FA 118 74.88 -7.29 -86.43
C LEU FA 118 74.93 -8.23 -87.62
N ILE FA 119 75.98 -9.06 -87.68
CA ILE FA 119 76.14 -10.06 -88.72
C ILE FA 119 76.32 -11.41 -88.07
N SER FA 120 76.30 -12.45 -88.92
CA SER FA 120 76.46 -13.83 -88.44
C SER FA 120 77.06 -14.64 -89.58
N ILE FA 121 78.34 -15.00 -89.45
CA ILE FA 121 79.06 -15.74 -90.48
C ILE FA 121 79.46 -17.09 -89.89
N SER FA 122 79.17 -18.17 -90.62
CA SER FA 122 79.60 -19.51 -90.22
C SER FA 122 79.98 -20.25 -91.49
N THR FA 123 81.25 -20.15 -91.88
CA THR FA 123 81.76 -20.77 -93.10
C THR FA 123 82.93 -21.67 -92.71
N LYS FA 124 83.60 -22.23 -93.73
CA LYS FA 124 84.74 -23.11 -93.50
C LYS FA 124 85.61 -23.12 -94.75
N ASP FA 125 86.86 -22.65 -94.59
CA ASP FA 125 87.94 -22.73 -95.57
C ASP FA 125 87.57 -22.05 -96.89
N GLU FA 126 87.41 -20.74 -96.81
CA GLU FA 126 87.24 -19.91 -98.00
C GLU FA 126 88.09 -18.66 -97.86
N SER FA 127 88.34 -18.01 -98.99
CA SER FA 127 89.30 -16.93 -99.04
C SER FA 127 88.73 -15.64 -98.44
N LEU FA 128 89.63 -14.71 -98.13
CA LEU FA 128 89.25 -13.47 -97.46
C LEU FA 128 88.42 -12.57 -98.36
N ALA FA 129 88.62 -12.64 -99.68
CA ALA FA 129 87.77 -11.90 -100.61
C ALA FA 129 86.33 -12.40 -100.57
N GLU FA 130 86.14 -13.71 -100.50
CA GLU FA 130 84.80 -14.28 -100.39
C GLU FA 130 84.19 -14.00 -99.03
N ILE FA 131 85.01 -13.97 -97.97
CA ILE FA 131 84.53 -13.58 -96.63
C ILE FA 131 84.02 -12.15 -96.64
N LEU FA 132 84.80 -11.24 -97.24
CA LEU FA 132 84.40 -9.84 -97.30
C LEU FA 132 83.17 -9.64 -98.19
N ARG FA 133 83.06 -10.42 -99.28
CA ARG FA 133 81.87 -10.32 -100.13
C ARG FA 133 80.62 -10.82 -99.41
N ASP FA 134 80.74 -11.91 -98.63
CA ASP FA 134 79.61 -12.41 -97.86
C ASP FA 134 79.20 -11.43 -96.76
N ILE FA 135 80.18 -10.81 -96.10
CA ILE FA 135 79.90 -9.80 -95.07
C ILE FA 135 79.22 -8.58 -95.70
N ASP FA 136 79.69 -8.16 -96.89
CA ASP FA 136 79.12 -7.00 -97.57
C ASP FA 136 77.68 -7.28 -98.02
N TYR FA 137 77.41 -8.52 -98.48
CA TYR FA 137 76.05 -8.88 -98.88
C TYR FA 137 75.12 -8.98 -97.68
N GLN FA 138 75.60 -9.51 -96.55
CA GLN FA 138 74.75 -9.62 -95.38
C GLN FA 138 74.53 -8.27 -94.69
N ALA FA 139 75.45 -7.31 -94.88
CA ALA FA 139 75.26 -5.97 -94.33
C ALA FA 139 74.05 -5.27 -94.96
N GLY FA 140 73.86 -5.42 -96.26
CA GLY FA 140 72.64 -4.95 -96.88
C GLY FA 140 72.67 -3.46 -97.15
N LYS FA 141 71.65 -2.76 -96.67
CA LYS FA 141 71.46 -1.34 -96.90
C LYS FA 141 72.05 -0.48 -95.78
N LYS FA 142 72.73 -1.07 -94.81
CA LYS FA 142 73.27 -0.33 -93.68
C LYS FA 142 74.75 0.01 -93.83
N ALA FA 143 75.53 -0.87 -94.45
CA ALA FA 143 76.97 -0.65 -94.56
C ALA FA 143 77.47 -1.25 -95.87
N SER FA 144 78.65 -0.80 -96.29
CA SER FA 144 79.27 -1.27 -97.51
C SER FA 144 80.77 -1.43 -97.30
N ILE FA 145 81.35 -2.35 -98.07
CA ILE FA 145 82.77 -2.69 -98.00
C ILE FA 145 83.40 -2.39 -99.35
N HIS FA 146 84.51 -1.66 -99.34
CA HIS FA 146 85.29 -1.39 -100.54
C HIS FA 146 86.74 -1.79 -100.31
N VAL FA 147 87.40 -2.25 -101.37
CA VAL FA 147 88.79 -2.70 -101.29
C VAL FA 147 89.57 -1.98 -102.38
N TYR FA 148 90.63 -1.28 -102.00
CA TYR FA 148 91.53 -0.63 -102.94
C TYR FA 148 92.88 -1.32 -102.86
N PRO FA 149 93.25 -2.12 -103.87
CA PRO FA 149 94.48 -2.91 -103.77
C PRO FA 149 95.75 -2.14 -104.11
N ASN FA 150 95.64 -1.01 -104.79
CA ASN FA 150 96.83 -0.22 -105.10
C ASN FA 150 97.38 0.47 -103.87
N SER FA 151 96.51 0.90 -102.95
CA SER FA 151 96.92 1.48 -101.69
C SER FA 151 96.76 0.52 -100.51
N GLN FA 152 96.23 -0.69 -100.76
CA GLN FA 152 96.02 -1.75 -99.78
C GLN FA 152 95.13 -1.27 -98.62
N VAL FA 153 93.92 -0.86 -98.98
CA VAL FA 153 92.98 -0.25 -98.04
C VAL FA 153 91.66 -1.03 -98.07
N VAL FA 154 91.18 -1.43 -96.90
CA VAL FA 154 89.82 -1.96 -96.74
C VAL FA 154 89.01 -0.89 -96.03
N GLU FA 155 87.93 -0.43 -96.66
CA GLU FA 155 87.14 0.68 -96.16
C GLU FA 155 85.71 0.22 -95.92
N LEU FA 156 85.20 0.48 -94.72
CA LEU FA 156 83.82 0.21 -94.35
C LEU FA 156 83.09 1.54 -94.23
N ARG FA 157 82.02 1.70 -95.00
CA ARG FA 157 81.25 2.94 -94.99
C ARG FA 157 79.84 2.66 -94.49
N TYR FA 158 79.31 3.58 -93.67
CA TYR FA 158 77.96 3.48 -93.17
C TYR FA 158 77.01 4.25 -94.08
N ALA FA 159 75.74 3.85 -94.06
CA ALA FA 159 74.76 4.45 -94.95
C ALA FA 159 74.35 5.85 -94.47
N LYS FA 160 73.97 6.69 -95.42
CA LYS FA 160 73.50 8.04 -95.14
C LYS FA 160 72.01 7.96 -94.80
N ILE FA 161 71.73 7.47 -93.60
CA ILE FA 161 70.38 7.27 -93.10
C ILE FA 161 70.33 7.86 -91.69
N TYR FA 162 69.11 7.97 -91.15
CA TYR FA 162 68.78 8.70 -89.90
C TYR FA 162 69.24 10.15 -89.96
N GLY GA 271 19.92 -10.10 -95.37
CA GLY GA 271 21.21 -9.89 -94.74
C GLY GA 271 22.30 -10.78 -95.28
N ILE GA 272 23.49 -10.22 -95.46
CA ILE GA 272 24.63 -10.98 -95.96
C ILE GA 272 25.14 -11.91 -94.86
N PRO GA 273 25.31 -13.20 -95.12
CA PRO GA 273 25.84 -14.13 -94.11
C PRO GA 273 27.30 -13.83 -93.82
N PRO GA 274 27.80 -14.19 -92.63
CA PRO GA 274 29.21 -13.98 -92.33
C PRO GA 274 30.12 -14.84 -93.19
N SER GA 275 31.33 -14.34 -93.42
CA SER GA 275 32.25 -14.98 -94.36
C SER GA 275 32.81 -16.27 -93.80
N ALA GA 276 33.45 -16.19 -92.63
CA ALA GA 276 34.07 -17.34 -91.98
C ALA GA 276 34.30 -17.01 -90.51
N ASN GA 277 35.04 -17.87 -89.82
CA ASN GA 277 35.55 -17.59 -88.50
C ASN GA 277 37.07 -17.45 -88.60
N ASP GA 278 37.61 -16.36 -88.04
CA ASP GA 278 39.03 -16.06 -88.21
C ASP GA 278 39.93 -16.85 -87.27
N LEU GA 279 39.36 -17.64 -86.35
CA LEU GA 279 40.17 -18.53 -85.53
C LEU GA 279 40.70 -19.72 -86.33
N LEU GA 280 40.10 -20.03 -87.47
CA LEU GA 280 40.52 -21.17 -88.28
C LEU GA 280 41.89 -20.96 -88.90
N LEU GA 281 42.35 -19.71 -89.07
CA LEU GA 281 43.71 -19.47 -89.52
C LEU GA 281 44.73 -19.90 -88.46
N HIS GA 282 44.46 -19.59 -87.20
CA HIS GA 282 45.33 -20.04 -86.10
C HIS GA 282 45.24 -21.54 -85.91
N VAL GA 283 44.06 -22.13 -86.12
CA VAL GA 283 43.92 -23.59 -86.06
C VAL GA 283 44.71 -24.24 -87.20
N LEU GA 284 44.70 -23.63 -88.38
CA LEU GA 284 45.48 -24.11 -89.51
C LEU GA 284 46.98 -24.05 -89.23
N GLU GA 285 47.44 -22.95 -88.63
CA GLU GA 285 48.86 -22.83 -88.32
C GLU GA 285 49.27 -23.72 -87.15
N GLY GA 286 48.34 -24.07 -86.26
CA GLY GA 286 48.63 -24.94 -85.14
C GLY GA 286 48.57 -24.27 -83.79
N VAL GA 287 48.27 -22.99 -83.74
CA VAL GA 287 48.17 -22.27 -82.46
C VAL GA 287 46.76 -22.41 -81.91
N PRO GA 288 46.60 -22.85 -80.66
CA PRO GA 288 45.24 -22.96 -80.11
C PRO GA 288 44.62 -21.60 -79.90
N PRO GA 289 43.29 -21.50 -79.97
CA PRO GA 289 42.62 -20.24 -79.67
C PRO GA 289 42.78 -19.89 -78.19
N PRO GA 290 42.83 -18.60 -77.85
CA PRO GA 290 43.02 -18.21 -76.45
C PRO GA 290 41.78 -18.48 -75.60
N GLY GA 291 42.02 -18.96 -74.39
CA GLY GA 291 40.94 -19.31 -73.49
C GLY GA 291 40.38 -20.70 -73.65
N SER GA 292 40.89 -21.47 -74.62
CA SER GA 292 40.39 -22.82 -74.88
C SER GA 292 41.11 -23.83 -73.99
N ARG GA 293 40.67 -25.09 -74.09
CA ARG GA 293 41.30 -26.20 -73.38
C ARG GA 293 41.58 -27.33 -74.35
N ARG GA 294 42.56 -28.16 -74.02
CA ARG GA 294 42.99 -29.22 -74.91
C ARG GA 294 42.10 -30.44 -74.78
N LEU GA 295 42.00 -31.19 -75.87
CA LEU GA 295 41.29 -32.46 -75.91
C LEU GA 295 42.24 -33.55 -76.38
N VAL GA 296 41.97 -34.79 -75.96
CA VAL GA 296 42.81 -35.93 -76.27
C VAL GA 296 42.19 -36.68 -77.44
N VAL GA 297 42.97 -36.88 -78.50
CA VAL GA 297 42.52 -37.56 -79.70
C VAL GA 297 43.38 -38.80 -79.90
N SER GA 298 42.74 -39.96 -80.03
CA SER GA 298 43.42 -41.23 -80.22
C SER GA 298 42.94 -41.91 -81.49
N GLY GA 299 43.83 -42.69 -82.10
CA GLY GA 299 43.51 -43.44 -83.30
C GLY GA 299 44.03 -42.85 -84.59
N GLY GA 300 44.55 -41.63 -84.56
CA GLY GA 300 45.05 -41.01 -85.78
C GLY GA 300 45.75 -39.71 -85.47
N ASP GA 301 46.26 -39.08 -86.53
CA ASP GA 301 47.02 -37.85 -86.41
C ASP GA 301 46.06 -36.67 -86.55
N ALA GA 302 45.61 -36.16 -85.40
CA ALA GA 302 44.70 -35.02 -85.36
C ALA GA 302 44.83 -34.33 -84.01
N ARG GA 303 44.55 -33.03 -83.99
CA ARG GA 303 44.51 -32.24 -82.77
C ARG GA 303 43.16 -31.55 -82.66
N ALA GA 304 42.71 -31.34 -81.43
CA ALA GA 304 41.40 -30.76 -81.20
C ALA GA 304 41.44 -29.83 -79.98
N TRP GA 305 40.63 -28.76 -80.05
CA TRP GA 305 40.49 -27.83 -78.95
C TRP GA 305 39.03 -27.46 -78.79
N LEU GA 306 38.66 -27.07 -77.56
CA LEU GA 306 37.30 -26.67 -77.23
C LEU GA 306 37.34 -25.29 -76.60
N SER GA 307 36.65 -24.32 -77.22
CA SER GA 307 36.69 -22.94 -76.77
C SER GA 307 35.34 -22.45 -76.27
N ASN GA 308 34.29 -22.55 -77.09
CA ASN GA 308 32.97 -22.02 -76.79
C ASN GA 308 31.91 -23.08 -77.05
N GLU GA 309 32.13 -24.27 -76.47
CA GLU GA 309 31.33 -25.49 -76.69
C GLU GA 309 31.30 -25.90 -78.15
N LYS GA 310 32.40 -25.65 -78.86
CA LYS GA 310 32.61 -26.09 -80.23
C LYS GA 310 34.01 -26.69 -80.33
N MET GA 311 34.17 -27.69 -81.19
CA MET GA 311 35.51 -28.23 -81.44
C MET GA 311 36.14 -27.55 -82.64
N TYR GA 312 37.42 -27.23 -82.50
CA TYR GA 312 38.29 -26.84 -83.60
C TYR GA 312 39.28 -27.97 -83.80
N VAL GA 313 39.29 -28.55 -84.99
CA VAL GA 313 40.05 -29.76 -85.29
C VAL GA 313 41.04 -29.47 -86.40
N ARG GA 314 42.31 -29.79 -86.16
CA ARG GA 314 43.37 -29.66 -87.16
C ARG GA 314 43.86 -31.05 -87.52
N THR GA 315 43.77 -31.40 -88.79
CA THR GA 315 44.16 -32.74 -89.25
C THR GA 315 44.53 -32.66 -90.73
N ASN GA 316 44.74 -33.82 -91.35
CA ASN GA 316 44.85 -33.92 -92.79
C ASN GA 316 44.05 -35.09 -93.36
N LEU GA 317 43.19 -35.70 -92.55
CA LEU GA 317 42.28 -36.75 -92.99
C LEU GA 317 40.99 -36.11 -93.53
N THR GA 318 40.05 -36.96 -93.94
CA THR GA 318 38.75 -36.51 -94.43
C THR GA 318 37.67 -36.95 -93.44
N ILE GA 319 36.91 -35.98 -92.93
CA ILE GA 319 35.86 -36.22 -91.95
C ILE GA 319 34.56 -36.52 -92.72
N LEU GA 320 33.93 -37.65 -92.40
CA LEU GA 320 32.80 -38.13 -93.17
C LEU GA 320 31.46 -37.99 -92.45
N SER GA 321 31.31 -38.59 -91.27
CA SER GA 321 29.98 -38.68 -90.65
C SER GA 321 29.45 -37.48 -89.86
N PRO GA 322 30.19 -36.89 -88.89
CA PRO GA 322 29.49 -36.03 -87.90
C PRO GA 322 29.07 -34.66 -88.43
N GLY GA 323 29.67 -34.16 -89.49
CA GLY GA 323 29.25 -32.88 -90.05
C GLY GA 323 29.90 -31.69 -89.38
N TRP GA 324 30.46 -30.80 -90.17
CA TRP GA 324 31.17 -29.63 -89.67
C TRP GA 324 30.45 -28.35 -90.07
N LEU GA 325 30.72 -27.28 -89.31
CA LEU GA 325 30.11 -25.98 -89.56
C LEU GA 325 30.97 -25.11 -90.46
N ALA GA 326 32.29 -25.08 -90.25
CA ALA GA 326 33.17 -24.28 -91.08
C ALA GA 326 34.44 -25.07 -91.36
N SER GA 327 35.11 -24.72 -92.46
CA SER GA 327 36.30 -25.46 -92.87
C SER GA 327 37.26 -24.54 -93.62
N MET GA 328 38.55 -24.79 -93.43
CA MET GA 328 39.61 -24.13 -94.16
C MET GA 328 40.69 -25.15 -94.50
N THR GA 329 41.46 -24.87 -95.56
CA THR GA 329 42.58 -25.71 -95.92
C THR GA 329 43.80 -24.83 -96.20
N SER GA 330 44.98 -25.43 -96.06
CA SER GA 330 46.23 -24.72 -96.25
C SER GA 330 46.82 -25.05 -97.62
N ALA GA 331 48.03 -24.57 -97.87
CA ALA GA 331 48.70 -24.82 -99.16
C ALA GA 331 49.24 -26.24 -99.25
N ASP GA 332 49.59 -26.85 -98.13
CA ASP GA 332 50.17 -28.19 -98.13
C ASP GA 332 49.15 -29.30 -97.87
N GLY GA 333 47.86 -28.99 -97.78
CA GLY GA 333 46.83 -29.99 -97.61
C GLY GA 333 46.31 -30.17 -96.21
N THR GA 334 46.66 -29.29 -95.27
CA THR GA 334 46.16 -29.38 -93.91
C THR GA 334 44.75 -28.81 -93.83
N HIS GA 335 43.86 -29.52 -93.15
CA HIS GA 335 42.47 -29.12 -92.98
C HIS GA 335 42.20 -28.69 -91.54
N ALA GA 336 41.41 -27.63 -91.40
CA ALA GA 336 40.92 -27.15 -90.12
C ALA GA 336 39.41 -27.07 -90.16
N TYR GA 337 38.76 -27.63 -89.14
CA TYR GA 337 37.31 -27.70 -89.07
C TYR GA 337 36.81 -27.05 -87.79
N GLU GA 338 35.67 -26.40 -87.88
CA GLU GA 338 34.90 -25.92 -86.74
C GLU GA 338 33.56 -26.62 -86.74
N MET GA 339 33.22 -27.27 -85.62
CA MET GA 339 32.00 -28.06 -85.56
C MET GA 339 31.49 -28.11 -84.13
N GLN GA 340 30.35 -28.76 -83.94
CA GLN GA 340 29.80 -29.00 -82.62
C GLN GA 340 30.51 -30.17 -81.96
N LYS GA 341 30.44 -30.22 -80.63
CA LYS GA 341 31.22 -31.21 -79.89
C LYS GA 341 30.55 -32.59 -79.94
N SER GA 342 31.41 -33.62 -80.04
CA SER GA 342 31.01 -35.02 -80.17
C SER GA 342 32.19 -35.91 -79.79
N PRO GA 343 31.96 -37.05 -79.15
CA PRO GA 343 33.08 -37.91 -78.70
C PRO GA 343 33.59 -38.90 -79.72
N VAL GA 344 33.20 -38.81 -80.99
CA VAL GA 344 33.63 -39.77 -82.00
C VAL GA 344 33.71 -39.05 -83.35
N LEU GA 345 34.73 -39.40 -84.14
CA LEU GA 345 34.88 -38.88 -85.49
C LEU GA 345 35.05 -40.04 -86.47
N LEU GA 346 34.46 -39.91 -87.64
CA LEU GA 346 34.61 -40.89 -88.71
C LEU GA 346 35.49 -40.29 -89.79
N VAL GA 347 36.59 -40.97 -90.13
CA VAL GA 347 37.57 -40.43 -91.07
C VAL GA 347 37.87 -41.46 -92.16
N SER GA 348 38.32 -40.95 -93.30
CA SER GA 348 38.83 -41.76 -94.40
C SER GA 348 40.33 -41.50 -94.52
N TRP GA 349 41.13 -42.56 -94.48
CA TRP GA 349 42.58 -42.40 -94.37
C TRP GA 349 43.27 -42.40 -95.73
N HIS GA 350 43.20 -43.52 -96.44
CA HIS GA 350 43.58 -43.63 -97.85
C HIS GA 350 42.60 -44.50 -98.61
N GLY GA 351 41.31 -44.25 -98.42
CA GLY GA 351 40.28 -45.09 -98.97
C GLY GA 351 39.70 -46.08 -97.99
N LYS GA 352 40.13 -46.06 -96.75
CA LYS GA 352 39.60 -46.92 -95.69
C LYS GA 352 39.00 -46.06 -94.60
N VAL GA 353 37.86 -46.50 -94.08
CA VAL GA 353 37.07 -45.75 -93.12
C VAL GA 353 37.36 -46.27 -91.73
N MET GA 354 37.72 -45.36 -90.81
CA MET GA 354 37.96 -45.74 -89.42
C MET GA 354 37.47 -44.62 -88.52
N GLN GA 355 37.70 -44.78 -87.22
CA GLN GA 355 37.12 -43.90 -86.20
C GLN GA 355 38.21 -43.35 -85.30
N LEU GA 356 38.04 -42.09 -84.91
CA LEU GA 356 38.91 -41.42 -83.95
C LEU GA 356 38.11 -41.13 -82.70
N LYS GA 357 38.76 -41.31 -81.55
CA LYS GA 357 38.13 -41.19 -80.24
C LYS GA 357 38.58 -39.88 -79.58
N VAL GA 358 37.61 -39.10 -79.12
CA VAL GA 358 37.87 -37.79 -78.52
C VAL GA 358 37.49 -37.85 -77.04
N GLU GA 359 38.43 -37.47 -76.18
CA GLU GA 359 38.22 -37.46 -74.74
C GLU GA 359 38.33 -36.04 -74.21
N GLY GA 360 38.03 -35.89 -72.91
CA GLY GA 360 38.15 -34.62 -72.24
C GLY GA 360 36.99 -33.66 -72.47
N LEU GA 361 35.87 -34.13 -73.01
CA LEU GA 361 34.74 -33.26 -73.26
C LEU GA 361 33.94 -33.03 -71.98
N LYS HA 40 77.09 -22.45 -56.67
CA LYS HA 40 76.31 -22.75 -57.85
C LYS HA 40 77.01 -22.24 -59.11
N LEU HA 41 77.73 -21.13 -58.96
CA LEU HA 41 78.53 -20.60 -60.06
C LEU HA 41 79.76 -21.49 -60.29
N PRO HA 42 80.25 -21.57 -61.52
CA PRO HA 42 81.49 -22.31 -61.77
C PRO HA 42 82.69 -21.62 -61.14
N CYS HA 43 83.66 -22.43 -60.73
CA CYS HA 43 84.86 -21.93 -60.06
C CYS HA 43 86.07 -21.81 -60.98
N ARG HA 44 85.99 -22.35 -62.19
CA ARG HA 44 87.09 -22.28 -63.15
C ARG HA 44 86.52 -22.50 -64.54
N VAL HA 45 87.37 -22.30 -65.55
CA VAL HA 45 87.01 -22.67 -66.91
C VAL HA 45 86.98 -24.20 -67.02
N ASP HA 46 85.94 -24.72 -67.69
CA ASP HA 46 85.69 -26.15 -67.66
C ASP HA 46 86.68 -26.93 -68.54
N GLY HA 47 87.03 -28.12 -68.06
CA GLY HA 47 87.95 -28.99 -68.79
C GLY HA 47 89.38 -28.51 -68.85
N ALA HA 48 89.81 -27.68 -67.91
CA ALA HA 48 91.16 -27.12 -67.95
C ALA HA 48 91.79 -27.20 -66.57
N CYS HA 49 93.11 -27.36 -66.55
CA CYS HA 49 93.88 -27.41 -65.31
C CYS HA 49 95.31 -27.00 -65.60
N ASP HA 50 95.89 -26.21 -64.69
CA ASP HA 50 97.24 -25.69 -64.89
C ASP HA 50 98.29 -26.79 -64.78
N ALA HA 51 98.06 -27.77 -63.91
CA ALA HA 51 98.96 -28.92 -63.82
C ALA HA 51 98.94 -29.73 -65.11
N THR HA 52 97.75 -29.88 -65.71
CA THR HA 52 97.63 -30.54 -67.01
C THR HA 52 98.32 -29.74 -68.11
N ILE HA 53 98.24 -28.41 -68.04
CA ILE HA 53 98.91 -27.54 -69.02
C ILE HA 53 100.42 -27.71 -68.94
N ILE HA 54 100.96 -27.70 -67.71
CA ILE HA 54 102.40 -27.86 -67.50
C ILE HA 54 102.85 -29.26 -67.93
N LYS HA 55 102.04 -30.27 -67.64
CA LYS HA 55 102.35 -31.65 -68.04
C LYS HA 55 102.38 -31.81 -69.56
N MET HA 56 101.42 -31.22 -70.27
CA MET HA 56 101.41 -31.32 -71.73
C MET HA 56 102.53 -30.51 -72.37
N MET HA 57 102.87 -29.34 -71.81
CA MET HA 57 104.03 -28.60 -72.33
C MET HA 57 105.33 -29.37 -72.15
N THR HA 58 105.50 -29.99 -70.98
CA THR HA 58 106.70 -30.79 -70.72
C THR HA 58 106.77 -32.01 -71.62
N ASP HA 59 105.64 -32.70 -71.82
CA ASP HA 59 105.63 -33.89 -72.69
C ASP HA 59 105.87 -33.51 -74.15
N LEU HA 60 105.30 -32.40 -74.61
CA LEU HA 60 105.53 -31.97 -76.00
C LEU HA 60 106.98 -31.52 -76.21
N ASN HA 61 107.58 -30.88 -75.21
CA ASN HA 61 108.98 -30.49 -75.32
C ASN HA 61 109.91 -31.70 -75.27
N LYS HA 62 109.54 -32.74 -74.52
CA LYS HA 62 110.35 -33.97 -74.54
C LYS HA 62 110.18 -34.74 -75.84
N LYS HA 63 108.99 -34.74 -76.44
CA LYS HA 63 108.81 -35.40 -77.72
C LYS HA 63 109.53 -34.65 -78.84
N GLY HA 64 109.54 -33.33 -78.79
CA GLY HA 64 110.30 -32.57 -79.77
C GLY HA 64 109.53 -31.45 -80.44
N ILE HA 65 108.25 -31.35 -80.12
CA ILE HA 65 107.43 -30.25 -80.62
C ILE HA 65 107.68 -29.03 -79.75
N LYS HA 66 108.07 -27.92 -80.37
CA LYS HA 66 108.53 -26.75 -79.61
C LYS HA 66 107.32 -25.94 -79.14
N VAL HA 67 107.23 -25.72 -77.84
CA VAL HA 67 106.18 -24.90 -77.24
C VAL HA 67 106.85 -23.72 -76.57
N ALA HA 68 106.45 -22.51 -76.94
CA ALA HA 68 107.03 -21.30 -76.39
C ALA HA 68 105.94 -20.33 -75.95
N SER HA 69 106.21 -19.58 -74.89
CA SER HA 69 105.26 -18.64 -74.34
C SER HA 69 106.01 -17.39 -73.87
N VAL HA 70 105.74 -16.26 -74.51
CA VAL HA 70 106.31 -14.97 -74.13
C VAL HA 70 105.15 -14.01 -73.90
N GLY HA 71 105.01 -13.54 -72.67
CA GLY HA 71 103.89 -12.67 -72.31
C GLY HA 71 102.59 -13.44 -72.27
N GLN HA 72 101.68 -13.12 -73.20
CA GLN HA 72 100.45 -13.88 -73.37
C GLN HA 72 100.37 -14.54 -74.74
N ASN HA 73 101.44 -14.48 -75.53
CA ASN HA 73 101.48 -15.13 -76.83
C ASN HA 73 102.04 -16.54 -76.70
N TYR HA 74 101.48 -17.47 -77.47
CA TYR HA 74 101.89 -18.86 -77.44
C TYR HA 74 102.18 -19.32 -78.88
N LEU HA 75 103.26 -20.10 -79.00
CA LEU HA 75 103.74 -20.60 -80.28
C LEU HA 75 104.01 -22.10 -80.19
N ILE HA 76 103.52 -22.84 -81.17
CA ILE HA 76 103.80 -24.27 -81.31
C ILE HA 76 104.46 -24.48 -82.67
N SER HA 77 105.65 -25.06 -82.65
CA SER HA 77 106.43 -25.32 -83.86
C SER HA 77 106.58 -26.82 -84.05
N ILE HA 78 106.16 -27.30 -85.22
CA ILE HA 78 106.17 -28.72 -85.55
C ILE HA 78 107.02 -28.92 -86.80
N PRO HA 79 107.96 -29.87 -86.79
CA PRO HA 79 108.66 -30.21 -88.04
C PRO HA 79 107.75 -30.88 -89.04
N ALA HA 80 108.03 -30.67 -90.32
CA ALA HA 80 107.19 -31.21 -91.38
C ALA HA 80 107.37 -32.71 -91.57
N SER HA 81 108.51 -33.27 -91.15
CA SER HA 81 108.75 -34.70 -91.32
C SER HA 81 107.92 -35.53 -90.35
N ALA HA 82 107.54 -34.95 -89.21
CA ALA HA 82 106.70 -35.65 -88.25
C ALA HA 82 105.22 -35.61 -88.59
N LEU HA 83 104.84 -34.86 -89.63
CA LEU HA 83 103.44 -34.74 -90.03
C LEU HA 83 103.17 -35.27 -91.43
N PHE HA 84 103.96 -34.85 -92.41
CA PHE HA 84 103.69 -35.13 -93.81
C PHE HA 84 104.71 -36.12 -94.38
N ALA HA 85 104.50 -36.48 -95.64
CA ALA HA 85 105.41 -37.35 -96.37
C ALA HA 85 106.50 -36.49 -97.02
N ASP HA 86 107.26 -37.07 -97.95
CA ASP HA 86 108.39 -36.37 -98.58
C ASP HA 86 107.85 -35.39 -99.61
N GLN HA 87 107.67 -34.13 -99.17
CA GLN HA 87 107.32 -32.98 -100.01
C GLN HA 87 105.99 -33.17 -100.75
N SER HA 88 105.03 -33.77 -100.07
CA SER HA 88 103.67 -33.95 -100.57
C SER HA 88 102.67 -33.55 -99.50
N PRO HA 89 101.49 -33.01 -99.90
CA PRO HA 89 100.47 -32.61 -98.91
C PRO HA 89 99.57 -33.74 -98.45
N ARG HA 90 100.16 -34.88 -98.08
CA ARG HA 90 99.44 -36.05 -97.64
C ARG HA 90 99.92 -36.41 -96.23
N LEU HA 91 98.97 -36.43 -95.29
CA LEU HA 91 99.31 -36.77 -93.91
C LEU HA 91 99.57 -38.26 -93.78
N ASN HA 92 100.53 -38.61 -92.90
CA ASN HA 92 100.68 -40.00 -92.50
C ASN HA 92 99.55 -40.39 -91.56
N TRP HA 93 99.30 -41.70 -91.48
CA TRP HA 93 98.22 -42.19 -90.62
C TRP HA 93 98.57 -42.13 -89.14
N ALA HA 94 99.85 -42.14 -88.81
CA ALA HA 94 100.29 -42.14 -87.42
C ALA HA 94 100.47 -40.73 -86.83
N SER HA 95 100.36 -39.69 -87.65
CA SER HA 95 100.48 -38.32 -87.14
C SER HA 95 99.18 -37.80 -86.54
N TYR HA 96 98.09 -38.55 -86.66
CA TYR HA 96 96.82 -38.12 -86.08
C TYR HA 96 96.83 -38.18 -84.56
N SER HA 97 97.67 -39.05 -83.98
CA SER HA 97 97.84 -39.06 -82.53
C SER HA 97 98.52 -37.79 -82.05
N LEU HA 98 99.54 -37.33 -82.78
CA LEU HA 98 100.20 -36.06 -82.46
C LEU HA 98 99.24 -34.89 -82.65
N LEU HA 99 98.41 -34.93 -83.70
CA LEU HA 99 97.42 -33.88 -83.91
C LEU HA 99 96.34 -33.89 -82.81
N ASN HA 100 95.97 -35.08 -82.31
CA ASN HA 100 95.06 -35.17 -81.18
C ASN HA 100 95.68 -34.61 -79.91
N GLU HA 101 96.98 -34.85 -79.71
CA GLU HA 101 97.68 -34.27 -78.56
C GLU HA 101 97.73 -32.74 -78.64
N ILE HA 102 97.97 -32.21 -79.85
CA ILE HA 102 97.99 -30.76 -80.06
C ILE HA 102 96.59 -30.17 -79.82
N ALA HA 103 95.54 -30.86 -80.28
CA ALA HA 103 94.17 -30.39 -80.04
C ALA HA 103 93.81 -30.43 -78.57
N ALA HA 104 94.24 -31.48 -77.86
CA ALA HA 104 93.98 -31.58 -76.43
C ALA HA 104 94.73 -30.52 -75.64
N PHE HA 105 95.92 -30.12 -76.10
CA PHE HA 105 96.59 -28.97 -75.50
C PHE HA 105 95.86 -27.67 -75.82
N LEU HA 106 95.35 -27.54 -77.05
CA LEU HA 106 94.70 -26.31 -77.47
C LEU HA 106 93.35 -26.08 -76.81
N LYS HA 107 92.68 -27.15 -76.37
CA LYS HA 107 91.40 -26.99 -75.66
C LYS HA 107 91.54 -26.39 -74.27
N GLN HA 108 92.76 -26.26 -73.73
CA GLN HA 108 92.95 -25.79 -72.36
C GLN HA 108 92.85 -24.27 -72.22
N PHE HA 109 92.83 -23.53 -73.33
CA PHE HA 109 92.86 -22.07 -73.27
C PHE HA 109 91.61 -21.48 -73.90
N ARG HA 110 91.36 -20.21 -73.59
CA ARG HA 110 90.33 -19.41 -74.24
C ARG HA 110 90.99 -18.45 -75.21
N LYS HA 111 90.47 -18.38 -76.43
CA LYS HA 111 91.13 -17.61 -77.48
C LYS HA 111 90.10 -17.19 -78.52
N ILE HA 112 90.50 -16.25 -79.37
CA ILE HA 112 89.65 -15.70 -80.40
C ILE HA 112 90.12 -16.10 -81.79
N ALA HA 113 91.41 -15.93 -82.07
CA ALA HA 113 91.96 -16.22 -83.39
C ALA HA 113 93.24 -17.04 -83.25
N ILE HA 114 93.39 -18.01 -84.16
CA ILE HA 114 94.58 -18.84 -84.26
C ILE HA 114 95.16 -18.62 -85.65
N THR HA 115 96.49 -18.65 -85.77
CA THR HA 115 97.17 -18.53 -87.05
C THR HA 115 98.00 -19.78 -87.31
N VAL HA 116 97.84 -20.36 -88.50
CA VAL HA 116 98.63 -21.50 -88.94
C VAL HA 116 99.41 -21.08 -90.17
N THR HA 117 100.73 -21.19 -90.10
CA THR HA 117 101.62 -20.75 -91.16
C THR HA 117 102.61 -21.87 -91.49
N SER HA 118 102.78 -22.13 -92.78
CA SER HA 118 103.61 -23.24 -93.22
C SER HA 118 104.83 -22.75 -93.99
N TYR HA 119 105.98 -23.41 -93.77
CA TYR HA 119 107.23 -23.10 -94.45
C TYR HA 119 107.89 -24.39 -94.93
N SER HA 120 108.57 -24.33 -96.07
CA SER HA 120 109.26 -25.47 -96.64
C SER HA 120 110.61 -25.02 -97.20
N SER HA 121 111.26 -25.89 -97.97
CA SER HA 121 112.58 -25.63 -98.53
C SER HA 121 112.52 -25.63 -100.05
N LYS HA 122 113.64 -25.24 -100.67
CA LYS HA 122 113.69 -25.02 -102.11
C LYS HA 122 113.75 -26.35 -102.85
N TYR HA 123 112.75 -26.62 -103.70
CA TYR HA 123 112.72 -27.85 -104.47
C TYR HA 123 112.80 -27.63 -105.98
N VAL HA 124 111.83 -26.91 -106.59
CA VAL HA 124 111.82 -26.78 -108.04
C VAL HA 124 111.70 -25.30 -108.43
N SER HA 125 110.62 -24.65 -108.00
CA SER HA 125 110.34 -23.26 -108.34
C SER HA 125 109.30 -22.75 -107.33
N VAL HA 126 109.18 -21.43 -107.21
CA VAL HA 126 108.55 -20.78 -106.06
C VAL HA 126 107.06 -21.12 -105.91
N LYS HA 127 106.34 -21.27 -107.03
CA LYS HA 127 104.92 -21.60 -107.01
C LYS HA 127 104.67 -22.95 -106.37
N ARG HA 128 105.63 -23.88 -106.48
CA ARG HA 128 105.45 -25.21 -105.93
C ARG HA 128 105.47 -25.20 -104.41
N GLU HA 129 106.42 -24.48 -103.80
CA GLU HA 129 106.40 -24.39 -102.34
C GLU HA 129 105.24 -23.55 -101.82
N ARG HA 130 104.84 -22.48 -102.53
CA ARG HA 130 103.69 -21.72 -102.07
C ARG HA 130 102.40 -22.55 -102.09
N ALA HA 131 102.18 -23.30 -103.17
CA ALA HA 131 100.99 -24.17 -103.24
C ALA HA 131 101.08 -25.33 -102.25
N LEU HA 132 102.28 -25.91 -102.07
CA LEU HA 132 102.46 -27.01 -101.14
C LEU HA 132 102.23 -26.59 -99.69
N THR HA 133 102.78 -25.44 -99.30
CA THR HA 133 102.59 -24.96 -97.94
C THR HA 133 101.17 -24.51 -97.68
N LEU HA 134 100.49 -23.93 -98.70
CA LEU HA 134 99.08 -23.59 -98.54
C LEU HA 134 98.22 -24.85 -98.35
N ALA HA 135 98.50 -25.91 -99.13
CA ALA HA 135 97.76 -27.16 -98.98
C ALA HA 135 98.02 -27.82 -97.63
N ARG HA 136 99.27 -27.77 -97.15
CA ARG HA 136 99.60 -28.35 -95.85
C ARG HA 136 98.90 -27.61 -94.71
N SER HA 137 98.89 -26.27 -94.77
CA SER HA 137 98.20 -25.48 -93.75
C SER HA 137 96.70 -25.71 -93.81
N ARG HA 138 96.14 -25.86 -95.02
CA ARG HA 138 94.72 -26.16 -95.18
C ARG HA 138 94.34 -27.49 -94.54
N VAL HA 139 95.17 -28.53 -94.76
CA VAL HA 139 94.86 -29.85 -94.21
C VAL HA 139 94.98 -29.86 -92.69
N VAL HA 140 96.04 -29.24 -92.16
CA VAL HA 140 96.26 -29.20 -90.71
C VAL HA 140 95.14 -28.43 -90.02
N SER HA 141 94.76 -27.27 -90.57
CA SER HA 141 93.69 -26.49 -89.96
C SER HA 141 92.33 -27.14 -90.16
N GLU HA 142 92.13 -27.91 -91.23
CA GLU HA 142 90.89 -28.64 -91.40
C GLU HA 142 90.72 -29.71 -90.32
N TYR HA 143 91.80 -30.45 -90.02
CA TYR HA 143 91.68 -31.44 -88.94
C TYR HA 143 91.55 -30.77 -87.58
N LEU HA 144 92.22 -29.63 -87.38
CA LEU HA 144 92.12 -28.93 -86.10
C LEU HA 144 90.73 -28.32 -85.89
N TRP HA 145 90.10 -27.83 -86.96
CA TRP HA 145 88.73 -27.33 -86.87
C TRP HA 145 87.72 -28.46 -86.76
N SER HA 146 88.03 -29.63 -87.35
CA SER HA 146 87.19 -30.81 -87.16
C SER HA 146 87.19 -31.25 -85.71
N GLN HA 147 88.36 -31.22 -85.06
CA GLN HA 147 88.40 -31.42 -83.63
C GLN HA 147 87.86 -30.17 -82.91
N GLY HA 148 87.52 -30.35 -81.63
CA GLY HA 148 86.73 -29.35 -80.94
C GLY HA 148 87.48 -28.24 -80.23
N VAL HA 149 88.27 -27.46 -80.96
CA VAL HA 149 88.87 -26.25 -80.39
C VAL HA 149 87.84 -25.13 -80.40
N ASP HA 150 87.77 -24.40 -79.30
CA ASP HA 150 86.74 -23.36 -79.13
C ASP HA 150 87.33 -21.99 -79.48
N SER HA 151 87.65 -21.84 -80.76
CA SER HA 151 88.14 -20.58 -81.30
C SER HA 151 87.09 -19.99 -82.25
N ARG HA 152 87.24 -18.70 -82.52
CA ARG HA 152 86.32 -18.04 -83.45
C ARG HA 152 86.86 -18.01 -84.87
N ILE HA 153 88.13 -17.63 -85.07
CA ILE HA 153 88.72 -17.53 -86.39
C ILE HA 153 90.02 -18.33 -86.41
N ILE HA 154 90.23 -19.10 -87.48
CA ILE HA 154 91.53 -19.71 -87.76
C ILE HA 154 91.97 -19.23 -89.14
N PHE HA 155 93.14 -18.60 -89.20
CA PHE HA 155 93.75 -18.13 -90.43
C PHE HA 155 94.80 -19.11 -90.89
N THR HA 156 94.89 -19.32 -92.21
CA THR HA 156 95.86 -20.23 -92.81
C THR HA 156 96.65 -19.51 -93.88
N GLN HA 157 97.98 -19.65 -93.82
CA GLN HA 157 98.86 -19.14 -94.86
C GLN HA 157 100.06 -20.05 -95.04
N GLY HA 158 100.57 -20.07 -96.26
CA GLY HA 158 101.81 -20.78 -96.56
C GLY HA 158 102.81 -19.86 -97.23
N LEU HA 159 103.95 -19.65 -96.59
CA LEU HA 159 104.91 -18.64 -97.06
C LEU HA 159 106.00 -19.23 -97.94
N GLY HA 160 105.96 -20.53 -98.23
CA GLY HA 160 106.98 -21.14 -99.06
C GLY HA 160 108.32 -21.28 -98.36
N SER HA 161 109.34 -20.61 -98.89
CA SER HA 161 110.69 -20.62 -98.32
C SER HA 161 111.22 -19.20 -98.19
N ASP HA 162 110.38 -18.28 -97.72
CA ASP HA 162 110.77 -16.88 -97.67
C ASP HA 162 111.52 -16.52 -96.39
N LYS HA 163 111.12 -17.09 -95.26
CA LYS HA 163 111.68 -16.74 -93.96
C LYS HA 163 112.26 -17.99 -93.30
N PRO HA 164 113.56 -18.25 -93.50
CA PRO HA 164 114.20 -19.36 -92.78
C PRO HA 164 114.72 -18.93 -91.42
N ILE HA 165 114.81 -19.92 -90.53
CA ILE HA 165 115.30 -19.70 -89.17
C ILE HA 165 116.70 -20.25 -88.95
N THR HA 166 117.29 -20.89 -89.97
CA THR HA 166 118.60 -21.51 -89.82
C THR HA 166 119.32 -21.42 -91.16
N SER HA 167 120.57 -20.97 -91.14
CA SER HA 167 121.36 -20.82 -92.35
C SER HA 167 121.85 -22.16 -92.91
N TYR HA 168 121.72 -23.24 -92.15
CA TYR HA 168 122.11 -24.58 -92.62
C TYR HA 168 120.94 -25.16 -93.42
N THR HA 169 121.05 -25.09 -94.74
CA THR HA 169 119.94 -25.46 -95.63
C THR HA 169 120.29 -26.63 -96.52
N LEU HA 170 120.89 -27.68 -95.95
CA LEU HA 170 121.30 -28.83 -96.75
C LEU HA 170 120.25 -29.92 -96.84
N GLY HA 171 119.33 -30.00 -95.88
CA GLY HA 171 118.32 -31.04 -95.88
C GLY HA 171 117.15 -30.72 -96.79
N GLY HA 172 116.21 -31.65 -96.83
CA GLY HA 172 114.97 -31.47 -97.56
C GLY HA 172 113.82 -31.15 -96.63
N ASP HA 173 112.97 -32.13 -96.36
CA ASP HA 173 111.99 -31.99 -95.30
C ASP HA 173 112.58 -32.24 -93.92
N ARG HA 174 113.79 -32.79 -93.85
CA ARG HA 174 114.49 -32.99 -92.60
C ARG HA 174 115.24 -31.76 -92.13
N SER HA 175 115.23 -30.69 -92.93
CA SER HA 175 115.84 -29.43 -92.54
C SER HA 175 115.04 -28.80 -91.40
N PRO HA 176 115.69 -28.13 -90.45
CA PRO HA 176 114.96 -27.51 -89.34
C PRO HA 176 114.10 -26.32 -89.75
N ASN HA 177 114.30 -25.74 -90.93
CA ASN HA 177 113.53 -24.60 -91.38
C ASN HA 177 112.36 -24.98 -92.29
N ALA HA 178 111.97 -26.26 -92.32
CA ALA HA 178 110.75 -26.71 -92.96
C ALA HA 178 109.80 -27.15 -91.86
N ARG HA 179 108.73 -26.41 -91.65
CA ARG HA 179 107.95 -26.53 -90.41
C ARG HA 179 106.55 -25.99 -90.62
N VAL HA 180 105.70 -26.24 -89.62
CA VAL HA 180 104.42 -25.57 -89.48
C VAL HA 180 104.37 -24.91 -88.11
N GLU HA 181 103.80 -23.70 -88.05
CA GLU HA 181 103.73 -22.91 -86.83
C GLU HA 181 102.28 -22.56 -86.53
N ILE HA 182 101.90 -22.75 -85.27
CA ILE HA 182 100.57 -22.44 -84.77
C ILE HA 182 100.73 -21.39 -83.67
N THR HA 183 100.25 -20.17 -83.93
CA THR HA 183 100.42 -19.06 -83.01
C THR HA 183 99.06 -18.54 -82.56
N PHE HA 184 98.98 -18.16 -81.27
CA PHE HA 184 97.77 -17.52 -80.77
C PHE HA 184 98.11 -16.67 -79.55
N ARG HA 185 97.10 -15.94 -79.08
CA ARG HA 185 97.18 -15.15 -77.86
C ARG HA 185 96.09 -15.63 -76.89
N ARG HA 186 96.48 -15.90 -75.65
CA ARG HA 186 95.52 -16.26 -74.62
C ARG HA 186 94.65 -15.06 -74.27
N ALA HA 187 93.33 -15.26 -74.23
CA ALA HA 187 92.38 -14.19 -73.99
C ALA HA 187 91.95 -14.21 -72.53
N VAL HA 188 92.24 -13.12 -71.82
CA VAL HA 188 91.92 -12.91 -70.39
C VAL HA 188 92.50 -14.01 -69.51
N CYS IA 42 102.78 -55.66 -93.60
CA CYS IA 42 101.49 -55.59 -92.92
C CYS IA 42 100.45 -54.88 -93.79
N PHE IA 43 99.61 -54.08 -93.14
CA PHE IA 43 98.54 -53.35 -93.83
C PHE IA 43 98.61 -51.88 -93.46
N HIS IA 44 98.61 -51.02 -94.47
CA HIS IA 44 98.50 -49.58 -94.27
C HIS IA 44 97.04 -49.20 -94.24
N PRO IA 45 96.54 -48.58 -93.17
CA PRO IA 45 95.11 -48.21 -93.06
C PRO IA 45 94.63 -47.23 -94.14
N PRO IA 46 95.46 -46.23 -94.61
CA PRO IA 46 94.87 -45.52 -95.78
C PRO IA 46 95.05 -46.23 -97.12
N TYR IA 47 94.16 -47.19 -97.35
CA TYR IA 47 93.95 -47.91 -98.62
C TYR IA 47 95.13 -48.78 -99.05
N ASN IA 48 96.11 -49.00 -98.16
CA ASN IA 48 97.30 -49.85 -98.39
C ASN IA 48 98.11 -49.39 -99.61
N ASN IA 49 98.13 -48.07 -99.85
CA ASN IA 49 98.81 -47.42 -100.98
C ASN IA 49 98.34 -47.97 -102.34
N PHE IA 50 97.06 -48.36 -102.41
CA PHE IA 50 96.40 -48.92 -103.60
C PHE IA 50 97.14 -50.16 -104.13
N GLN IA 51 97.62 -50.99 -103.22
CA GLN IA 51 98.32 -52.23 -103.55
C GLN IA 51 97.44 -53.43 -103.20
N PRO IA 52 97.58 -54.54 -103.94
CA PRO IA 52 96.87 -55.78 -103.56
C PRO IA 52 97.45 -56.34 -102.27
N ASP IA 53 96.59 -56.53 -101.27
CA ASP IA 53 97.04 -56.95 -99.94
C ASP IA 53 97.42 -58.42 -99.93
N ARG IA 54 98.54 -58.73 -99.28
CA ARG IA 54 99.00 -60.10 -99.10
C ARG IA 54 98.47 -60.61 -97.75
N ARG IA 55 97.17 -60.91 -97.74
CA ARG IA 55 96.44 -61.22 -96.52
C ARG IA 55 96.66 -62.66 -96.04
N ALA IA 56 96.77 -63.61 -96.98
CA ALA IA 56 96.84 -65.03 -96.61
C ALA IA 56 98.20 -65.44 -96.07
N VAL IA 57 99.28 -64.86 -96.61
CA VAL IA 57 100.62 -65.31 -96.26
C VAL IA 57 100.97 -64.90 -94.83
N LYS IA 58 100.45 -63.78 -94.35
CA LYS IA 58 100.67 -63.37 -92.96
C LYS IA 58 100.03 -64.35 -91.99
N ARG IA 59 98.80 -64.80 -92.28
CA ARG IA 59 98.12 -65.73 -91.39
C ARG IA 59 98.75 -67.11 -91.44
N VAL IA 60 99.13 -67.60 -92.63
CA VAL IA 60 99.79 -68.91 -92.70
C VAL IA 60 101.25 -68.86 -92.27
N GLY IA 61 101.82 -67.67 -92.11
CA GLY IA 61 103.13 -67.55 -91.50
C GLY IA 61 103.09 -67.41 -89.99
N VAL IA 62 102.01 -66.82 -89.47
CA VAL IA 62 101.90 -66.65 -88.02
C VAL IA 62 101.28 -67.88 -87.36
N ASP IA 63 100.52 -68.70 -88.10
CA ASP IA 63 99.97 -69.93 -87.51
C ASP IA 63 100.88 -71.11 -87.82
N THR IA 64 102.13 -71.01 -87.36
CA THR IA 64 103.09 -72.11 -87.47
C THR IA 64 103.95 -72.29 -86.23
N GLY IA 65 103.90 -71.38 -85.26
CA GLY IA 65 104.72 -71.49 -84.06
C GLY IA 65 104.34 -70.47 -83.00
N GLY IA 88 99.57 -74.75 -87.55
CA GLY IA 88 99.90 -75.69 -88.60
C GLY IA 88 99.64 -75.11 -89.99
N GLY IA 89 100.37 -75.63 -90.97
CA GLY IA 89 100.21 -75.16 -92.34
C GLY IA 89 98.85 -75.51 -92.93
N THR IA 90 98.37 -76.73 -92.63
CA THR IA 90 97.05 -77.14 -93.10
C THR IA 90 95.94 -76.34 -92.42
N VAL IA 91 96.10 -76.05 -91.13
CA VAL IA 91 95.12 -75.24 -90.40
C VAL IA 91 95.09 -73.81 -90.94
N GLY IA 92 96.28 -73.26 -91.23
CA GLY IA 92 96.35 -71.92 -91.81
C GLY IA 92 95.78 -71.87 -93.22
N LEU IA 93 95.99 -72.92 -94.01
CA LEU IA 93 95.39 -72.97 -95.34
C LEU IA 93 93.87 -73.10 -95.29
N VAL IA 94 93.36 -73.87 -94.31
CA VAL IA 94 91.92 -73.98 -94.11
C VAL IA 94 91.32 -72.64 -93.70
N ALA IA 95 91.99 -71.93 -92.78
CA ALA IA 95 91.52 -70.61 -92.37
C ALA IA 95 91.58 -69.61 -93.52
N SER IA 96 92.62 -69.67 -94.34
CA SER IA 96 92.75 -68.79 -95.50
C SER IA 96 91.66 -69.07 -96.53
N ILE IA 97 91.40 -70.34 -96.83
CA ILE IA 97 90.39 -70.68 -97.84
C ILE IA 97 88.98 -70.47 -97.28
N TYR IA 98 88.82 -70.39 -95.96
CA TYR IA 98 87.53 -69.99 -95.41
C TYR IA 98 87.33 -68.49 -95.52
N ARG IA 99 88.33 -67.70 -95.08
CA ARG IA 99 88.18 -66.26 -95.04
C ARG IA 99 88.33 -65.59 -96.39
N ASP IA 100 88.82 -66.29 -97.41
CA ASP IA 100 88.88 -65.74 -98.76
C ASP IA 100 87.66 -66.12 -99.60
N SER IA 101 86.68 -66.80 -99.02
CA SER IA 101 85.49 -67.20 -99.76
C SER IA 101 84.58 -66.00 -100.00
N LYS IA 102 83.67 -66.17 -100.97
CA LYS IA 102 82.76 -65.08 -101.32
C LYS IA 102 81.69 -64.89 -100.24
N ARG IA 103 81.22 -65.98 -99.64
CA ARG IA 103 80.18 -65.88 -98.61
C ARG IA 103 80.70 -65.21 -97.35
N LYS IA 104 81.97 -65.40 -97.01
CA LYS IA 104 82.57 -64.71 -95.87
C LYS IA 104 82.66 -63.21 -96.13
N ILE IA 105 82.99 -62.82 -97.37
CA ILE IA 105 83.03 -61.41 -97.75
C ILE IA 105 81.63 -60.79 -97.69
N ILE IA 106 80.62 -61.54 -98.15
CA ILE IA 106 79.24 -61.07 -98.11
C ILE IA 106 78.76 -60.92 -96.66
N ARG IA 107 79.12 -61.88 -95.80
CA ARG IA 107 78.74 -61.79 -94.39
C ARG IA 107 79.47 -60.67 -93.67
N ASP IA 108 80.73 -60.41 -94.02
CA ASP IA 108 81.43 -59.26 -93.46
C ASP IA 108 80.80 -57.94 -93.91
N LEU IA 109 80.43 -57.85 -95.20
CA LEU IA 109 79.77 -56.65 -95.71
C LEU IA 109 78.39 -56.47 -95.09
N GLN IA 110 77.73 -57.56 -94.69
CA GLN IA 110 76.49 -57.47 -93.94
C GLN IA 110 76.76 -57.12 -92.47
N LYS IA 111 77.96 -57.42 -91.97
CA LYS IA 111 78.32 -57.01 -90.61
C LYS IA 111 78.56 -55.51 -90.51
N GLN IA 112 79.23 -54.93 -91.51
CA GLN IA 112 79.06 -53.47 -91.67
C GLN IA 112 77.72 -53.17 -92.35
N ASP IA 113 77.45 -51.89 -92.57
CA ASP IA 113 76.11 -51.49 -93.01
C ASP IA 113 76.01 -51.38 -94.53
N ILE IA 114 76.37 -52.44 -95.26
CA ILE IA 114 76.29 -52.45 -96.71
C ILE IA 114 75.44 -53.64 -97.13
N GLN IA 115 74.43 -53.39 -97.97
CA GLN IA 115 73.47 -54.42 -98.33
C GLN IA 115 73.78 -55.01 -99.70
N TYR IA 116 73.59 -56.32 -99.84
CA TYR IA 116 73.85 -57.03 -101.08
C TYR IA 116 72.57 -57.71 -101.54
N VAL IA 117 72.20 -57.49 -102.80
CA VAL IA 117 71.00 -58.07 -103.39
C VAL IA 117 71.38 -58.76 -104.69
N GLU IA 118 71.05 -60.05 -104.80
CA GLU IA 118 71.28 -60.82 -106.02
C GLU IA 118 69.94 -61.33 -106.53
N TYR IA 119 69.65 -61.06 -107.80
CA TYR IA 119 68.38 -61.48 -108.41
C TYR IA 119 68.63 -61.75 -109.88
N GLY IA 120 68.58 -63.03 -110.26
CA GLY IA 120 68.90 -63.40 -111.63
C GLY IA 120 70.40 -63.34 -111.85
N ASP IA 121 70.82 -62.61 -112.88
CA ASP IA 121 72.23 -62.40 -113.15
C ASP IA 121 72.67 -60.95 -112.94
N THR IA 122 71.91 -60.19 -112.14
CA THR IA 122 72.24 -58.81 -111.81
C THR IA 122 72.45 -58.71 -110.30
N ARG IA 123 73.54 -58.07 -109.90
CA ARG IA 123 73.91 -57.96 -108.49
C ARG IA 123 74.07 -56.49 -108.11
N THR IA 124 73.65 -56.15 -106.90
CA THR IA 124 73.51 -54.77 -106.46
C THR IA 124 74.02 -54.61 -105.04
N LEU IA 125 74.82 -53.57 -104.83
CA LEU IA 125 75.32 -53.17 -103.52
C LEU IA 125 74.71 -51.83 -103.14
N ILE IA 126 74.25 -51.71 -101.89
CA ILE IA 126 73.64 -50.51 -101.36
C ILE IA 126 74.52 -49.99 -100.24
N ILE IA 127 74.99 -48.75 -100.36
CA ILE IA 127 75.93 -48.14 -99.42
C ILE IA 127 75.35 -46.84 -98.88
N PRO IA 128 75.33 -46.62 -97.56
CA PRO IA 128 74.75 -45.39 -97.02
C PRO IA 128 75.76 -44.24 -97.00
N THR IA 129 75.34 -43.11 -97.58
CA THR IA 129 76.20 -41.93 -97.64
C THR IA 129 76.40 -41.30 -96.27
N ASP IA 130 75.42 -41.47 -95.37
CA ASP IA 130 75.49 -40.89 -94.03
C ASP IA 130 76.60 -41.51 -93.19
N LYS IA 131 77.02 -42.73 -93.50
CA LYS IA 131 78.15 -43.35 -92.81
C LYS IA 131 79.40 -43.48 -93.66
N TYR IA 132 79.28 -43.49 -95.00
CA TYR IA 132 80.45 -43.67 -95.86
C TYR IA 132 80.86 -42.38 -96.56
N PHE IA 133 80.28 -41.24 -96.19
CA PHE IA 133 80.72 -39.96 -96.71
C PHE IA 133 80.77 -38.95 -95.57
N MET IA 134 81.56 -37.90 -95.76
CA MET IA 134 81.50 -36.76 -94.87
C MET IA 134 80.19 -36.01 -95.08
N PHE IA 135 79.81 -35.21 -94.09
CA PHE IA 135 78.48 -34.60 -94.07
C PHE IA 135 78.36 -33.51 -95.13
N SER IA 136 77.41 -33.70 -96.04
CA SER IA 136 77.02 -32.73 -97.08
C SER IA 136 78.21 -32.32 -97.96
N SER IA 137 79.04 -33.29 -98.31
CA SER IA 137 80.24 -33.05 -99.09
C SER IA 137 80.59 -34.32 -99.85
N PRO IA 138 81.27 -34.21 -100.98
CA PRO IA 138 81.74 -35.41 -101.70
C PRO IA 138 83.02 -36.04 -101.16
N ARG IA 139 83.45 -35.67 -99.96
CA ARG IA 139 84.64 -36.27 -99.37
C ARG IA 139 84.32 -37.65 -98.82
N LEU IA 140 85.26 -38.59 -98.99
CA LEU IA 140 85.09 -39.96 -98.56
C LEU IA 140 85.56 -40.10 -97.12
N ASN IA 141 84.73 -40.72 -96.28
CA ASN IA 141 85.06 -40.90 -94.86
C ASN IA 141 86.11 -42.00 -94.73
N GLU IA 142 87.31 -41.62 -94.28
CA GLU IA 142 88.45 -42.54 -94.24
C GLU IA 142 88.44 -43.46 -93.02
N ILE IA 143 87.54 -43.23 -92.06
CA ILE IA 143 87.47 -44.12 -90.91
C ILE IA 143 86.78 -45.44 -91.28
N CYS IA 144 85.94 -45.43 -92.32
CA CYS IA 144 85.17 -46.61 -92.72
C CYS IA 144 85.83 -47.36 -93.85
N TYR IA 145 87.16 -47.42 -93.87
CA TYR IA 145 87.93 -48.12 -94.90
C TYR IA 145 87.81 -49.66 -94.97
N PRO IA 146 87.52 -50.44 -93.90
CA PRO IA 146 87.29 -51.89 -94.13
C PRO IA 146 86.10 -52.20 -95.02
N GLY IA 147 85.04 -51.40 -94.96
CA GLY IA 147 83.92 -51.61 -95.85
C GLY IA 147 84.26 -51.37 -97.31
N LEU IA 148 85.04 -50.32 -97.58
CA LEU IA 148 85.48 -50.04 -98.94
C LEU IA 148 86.44 -51.11 -99.45
N ASN IA 149 87.33 -51.60 -98.59
CA ASN IA 149 88.23 -52.68 -98.97
C ASN IA 149 87.46 -53.97 -99.25
N ASN IA 150 86.40 -54.24 -98.48
CA ASN IA 150 85.57 -55.41 -98.74
C ASN IA 150 84.76 -55.25 -100.02
N VAL IA 151 84.36 -54.01 -100.36
CA VAL IA 151 83.70 -53.75 -101.64
C VAL IA 151 84.65 -54.05 -102.81
N ILE IA 152 85.91 -53.63 -102.69
CA ILE IA 152 86.91 -53.94 -103.72
C ILE IA 152 87.16 -55.44 -103.79
N ARG IA 153 87.21 -56.12 -102.64
CA ARG IA 153 87.43 -57.57 -102.60
C ARG IA 153 86.27 -58.33 -103.23
N LEU IA 154 85.03 -57.88 -103.02
CA LEU IA 154 83.88 -58.51 -103.65
C LEU IA 154 83.85 -58.23 -105.15
N LEU IA 155 84.19 -57.01 -105.56
CA LEU IA 155 84.16 -56.66 -106.98
C LEU IA 155 85.32 -57.28 -107.75
N ASN IA 156 86.35 -57.76 -107.06
CA ASN IA 156 87.45 -58.44 -107.75
C ASN IA 156 87.06 -59.81 -108.32
N PHE IA 157 85.93 -60.38 -107.88
CA PHE IA 157 85.52 -61.70 -108.34
C PHE IA 157 84.88 -61.69 -109.73
N TYR IA 158 84.58 -60.52 -110.30
CA TYR IA 158 83.91 -60.41 -111.58
C TYR IA 158 84.71 -59.50 -112.49
N PRO IA 159 85.74 -60.02 -113.16
CA PRO IA 159 86.63 -59.18 -113.98
C PRO IA 159 86.13 -58.89 -115.38
N GLN IA 160 84.88 -59.23 -115.72
CA GLN IA 160 84.37 -59.01 -117.06
C GLN IA 160 83.12 -58.15 -117.13
N SER IA 161 82.43 -57.94 -116.02
CA SER IA 161 81.16 -57.22 -116.04
C SER IA 161 81.38 -55.71 -116.05
N THR IA 162 80.34 -54.99 -116.47
CA THR IA 162 80.32 -53.54 -116.45
C THR IA 162 79.68 -53.04 -115.16
N ILE IA 163 80.12 -51.86 -114.71
CA ILE IA 163 79.75 -51.32 -113.42
C ILE IA 163 78.93 -50.06 -113.63
N TYR IA 164 77.79 -49.96 -112.96
CA TYR IA 164 77.00 -48.73 -112.91
C TYR IA 164 76.91 -48.27 -111.46
N VAL IA 165 77.20 -46.99 -111.21
CA VAL IA 165 77.08 -46.40 -109.88
C VAL IA 165 76.14 -45.21 -109.95
N ALA IA 166 75.21 -45.15 -109.00
CA ALA IA 166 74.20 -44.11 -108.96
C ALA IA 166 74.10 -43.53 -107.55
N GLY IA 167 73.80 -42.24 -107.48
CA GLY IA 167 73.69 -41.53 -106.21
C GLY IA 167 72.28 -41.03 -105.98
N PHE IA 168 71.80 -41.14 -104.73
CA PHE IA 168 70.46 -40.71 -104.37
C PHE IA 168 70.48 -39.98 -103.04
N THR IA 169 69.73 -38.88 -102.97
CA THR IA 169 69.55 -38.11 -101.73
C THR IA 169 68.06 -38.08 -101.36
N ASP IA 170 67.76 -37.36 -100.29
CA ASP IA 170 66.39 -37.19 -99.82
C ASP IA 170 65.76 -35.94 -100.45
N ASN IA 171 64.60 -35.52 -99.93
CA ASN IA 171 63.83 -34.45 -100.55
C ASN IA 171 64.20 -33.06 -100.03
N VAL IA 172 65.07 -32.95 -99.05
CA VAL IA 172 65.38 -31.66 -98.46
C VAL IA 172 66.42 -30.93 -99.33
N GLY IA 173 66.09 -29.71 -99.72
CA GLY IA 173 66.99 -28.86 -100.47
C GLY IA 173 66.40 -28.47 -101.81
N SER IA 174 67.23 -27.83 -102.62
CA SER IA 174 66.84 -27.45 -103.97
C SER IA 174 67.20 -28.55 -104.96
N ARG IA 175 66.54 -28.51 -106.12
CA ARG IA 175 66.68 -29.56 -107.13
C ARG IA 175 68.09 -29.60 -107.71
N SER IA 176 68.64 -28.43 -108.04
CA SER IA 176 70.00 -28.35 -108.55
C SER IA 176 71.03 -28.75 -107.51
N HIS IA 177 70.81 -28.39 -106.25
CA HIS IA 177 71.71 -28.78 -105.17
C HIS IA 177 71.71 -30.30 -104.97
N LYS IA 178 70.53 -30.92 -105.01
CA LYS IA 178 70.43 -32.38 -104.89
C LYS IA 178 71.12 -33.08 -106.07
N ARG IA 179 70.92 -32.56 -107.28
CA ARG IA 179 71.53 -33.14 -108.47
C ARG IA 179 73.05 -33.04 -108.44
N LYS IA 180 73.57 -31.87 -108.04
CA LYS IA 180 75.02 -31.68 -107.97
C LYS IA 180 75.65 -32.53 -106.87
N LEU IA 181 74.99 -32.64 -105.71
CA LEU IA 181 75.52 -33.46 -104.63
C LEU IA 181 75.54 -34.94 -105.00
N SER IA 182 74.47 -35.43 -105.64
CA SER IA 182 74.42 -36.81 -106.08
C SER IA 182 75.46 -37.10 -107.16
N GLN IA 183 75.63 -36.17 -108.11
CA GLN IA 183 76.63 -36.35 -109.16
C GLN IA 183 78.05 -36.34 -108.59
N ALA IA 184 78.32 -35.47 -107.62
CA ALA IA 184 79.64 -35.42 -107.00
C ALA IA 184 79.95 -36.70 -106.22
N GLN IA 185 78.97 -37.22 -105.48
CA GLN IA 185 79.18 -38.46 -104.75
C GLN IA 185 79.36 -39.65 -105.69
N ALA IA 186 78.62 -39.66 -106.81
CA ALA IA 186 78.78 -40.71 -107.81
C ALA IA 186 80.17 -40.66 -108.47
N GLU IA 187 80.66 -39.45 -108.79
CA GLU IA 187 82.00 -39.32 -109.34
C GLU IA 187 83.07 -39.76 -108.35
N THR IA 188 82.89 -39.42 -107.06
CA THR IA 188 83.85 -39.84 -106.04
C THR IA 188 83.90 -41.35 -105.89
N MET IA 189 82.73 -42.01 -105.88
CA MET IA 189 82.70 -43.47 -105.77
C MET IA 189 83.27 -44.14 -107.02
N MET IA 190 82.99 -43.58 -108.21
CA MET IA 190 83.53 -44.12 -109.44
C MET IA 190 85.05 -43.97 -109.50
N THR IA 191 85.58 -42.83 -109.04
CA THR IA 191 87.02 -42.62 -109.01
C THR IA 191 87.70 -43.56 -108.03
N PHE IA 192 87.07 -43.80 -106.87
CA PHE IA 192 87.62 -44.77 -105.92
C PHE IA 192 87.60 -46.19 -106.49
N LEU IA 193 86.58 -46.54 -107.27
CA LEU IA 193 86.58 -47.83 -107.94
C LEU IA 193 87.64 -47.90 -109.03
N TRP IA 194 87.86 -46.80 -109.75
CA TRP IA 194 88.81 -46.79 -110.87
C TRP IA 194 90.25 -46.83 -110.39
N ALA IA 195 90.54 -46.22 -109.24
CA ALA IA 195 91.92 -46.16 -108.74
C ALA IA 195 92.42 -47.49 -108.18
N ASN IA 196 91.56 -48.48 -108.00
CA ASN IA 196 91.94 -49.77 -107.43
C ASN IA 196 92.17 -50.84 -108.48
N GLY IA 197 92.14 -50.50 -109.76
CA GLY IA 197 92.47 -51.47 -110.80
C GLY IA 197 91.44 -51.62 -111.90
N ILE IA 198 90.20 -51.21 -111.64
CA ILE IA 198 89.13 -51.36 -112.63
C ILE IA 198 89.32 -50.33 -113.72
N ALA IA 199 89.24 -50.79 -114.97
CA ALA IA 199 89.46 -49.93 -116.13
C ALA IA 199 88.32 -48.92 -116.29
N ALA IA 200 88.63 -47.81 -116.97
CA ALA IA 200 87.69 -46.71 -117.07
C ALA IA 200 86.56 -46.99 -118.05
N LYS IA 201 86.73 -47.95 -118.97
CA LYS IA 201 85.69 -48.24 -119.95
C LYS IA 201 84.58 -49.13 -119.38
N ARG IA 202 84.74 -49.65 -118.17
CA ARG IA 202 83.73 -50.48 -117.53
C ARG IA 202 82.90 -49.71 -116.51
N LEU IA 203 83.10 -48.40 -116.37
CA LEU IA 203 82.48 -47.63 -115.31
C LEU IA 203 81.63 -46.50 -115.90
N LYS IA 204 80.47 -46.28 -115.29
CA LYS IA 204 79.62 -45.14 -115.60
C LYS IA 204 78.92 -44.70 -114.32
N ALA IA 205 78.81 -43.38 -114.13
CA ALA IA 205 78.25 -42.82 -112.91
C ALA IA 205 77.10 -41.89 -113.23
N GLU IA 206 76.09 -41.89 -112.36
CA GLU IA 206 74.93 -41.04 -112.55
C GLU IA 206 74.36 -40.65 -111.20
N GLY IA 207 74.01 -39.38 -111.05
CA GLY IA 207 73.39 -38.93 -109.81
C GLY IA 207 71.97 -38.46 -109.98
N TYR IA 208 71.02 -39.21 -109.42
CA TYR IA 208 69.62 -38.81 -109.44
C TYR IA 208 69.29 -38.06 -108.16
N GLY IA 209 68.19 -37.31 -108.19
CA GLY IA 209 67.82 -36.54 -107.02
C GLY IA 209 66.94 -37.35 -106.09
N ASP IA 210 65.71 -36.89 -105.89
CA ASP IA 210 64.68 -37.65 -105.18
C ASP IA 210 63.69 -38.26 -106.15
N LYS IA 211 64.21 -38.76 -107.28
CA LYS IA 211 63.36 -39.14 -108.41
C LYS IA 211 62.58 -40.41 -108.13
N ASN IA 212 63.28 -41.52 -107.89
CA ASN IA 212 62.68 -42.83 -107.64
C ASN IA 212 63.13 -43.42 -106.30
N ALA IA 213 62.50 -42.94 -105.23
CA ALA IA 213 62.85 -43.32 -103.87
C ALA IA 213 62.32 -44.71 -103.54
N ILE IA 214 62.88 -45.30 -102.49
CA ILE IA 214 62.48 -46.62 -102.02
C ILE IA 214 61.73 -46.58 -100.71
N SER IA 215 61.63 -45.42 -100.07
CA SER IA 215 60.92 -45.29 -98.80
C SER IA 215 60.09 -44.02 -98.84
N ASP IA 216 59.47 -43.69 -97.71
CA ASP IA 216 58.63 -42.51 -97.60
C ASP IA 216 59.48 -41.35 -97.10
N ASN IA 217 59.39 -40.21 -97.77
CA ASN IA 217 60.17 -39.03 -97.42
C ASN IA 217 59.50 -38.17 -96.35
N ALA IA 218 58.27 -38.49 -95.96
CA ALA IA 218 57.57 -37.76 -94.92
C ALA IA 218 57.87 -38.29 -93.53
N ILE IA 219 58.69 -39.33 -93.41
CA ILE IA 219 59.06 -39.92 -92.13
C ILE IA 219 60.58 -39.94 -92.01
N ILE IA 220 61.05 -39.91 -90.77
CA ILE IA 220 62.45 -39.67 -90.47
C ILE IA 220 63.32 -40.86 -90.89
N HIS IA 221 62.89 -42.08 -90.53
CA HIS IA 221 63.68 -43.27 -90.85
C HIS IA 221 63.65 -43.57 -92.34
N GLY IA 222 62.52 -43.32 -93.00
CA GLY IA 222 62.46 -43.48 -94.45
C GLY IA 222 63.31 -42.47 -95.20
N SER IA 223 63.33 -41.22 -94.71
CA SER IA 223 64.21 -40.21 -95.29
C SER IA 223 65.67 -40.56 -95.07
N ALA IA 224 66.00 -41.17 -93.92
CA ALA IA 224 67.35 -41.67 -93.70
C ALA IA 224 67.70 -42.80 -94.65
N GLN IA 225 66.76 -43.71 -94.92
CA GLN IA 225 67.00 -44.82 -95.84
C GLN IA 225 67.09 -44.39 -97.29
N ASN IA 226 66.48 -43.27 -97.66
CA ASN IA 226 66.46 -42.84 -99.06
C ASN IA 226 67.79 -42.29 -99.57
N ARG IA 227 68.75 -42.02 -98.70
CA ARG IA 227 70.04 -41.44 -99.10
C ARG IA 227 71.05 -42.58 -99.26
N ARG IA 228 71.48 -42.83 -100.48
CA ARG IA 228 72.24 -44.06 -100.74
C ARG IA 228 73.09 -43.94 -101.99
N ILE IA 229 73.98 -44.92 -102.15
CA ILE IA 229 74.77 -45.14 -103.36
C ILE IA 229 74.49 -46.58 -103.81
N GLU IA 230 74.13 -46.72 -105.09
CA GLU IA 230 73.76 -48.00 -105.68
C GLU IA 230 74.85 -48.43 -106.66
N ILE IA 231 75.33 -49.66 -106.53
CA ILE IA 231 76.32 -50.23 -107.43
C ILE IA 231 75.72 -51.48 -108.07
N GLN IA 232 75.52 -51.45 -109.38
CA GLN IA 232 74.95 -52.57 -110.10
C GLN IA 232 75.95 -53.14 -111.10
N TRP IA 233 75.95 -54.47 -111.22
CA TRP IA 233 76.73 -55.12 -112.26
C TRP IA 233 76.03 -56.39 -112.70
N PHE IA 234 76.40 -56.86 -113.89
CA PHE IA 234 75.81 -58.07 -114.47
C PHE IA 234 76.61 -59.31 -114.09
N GLU JA 29 130.31 -50.52 -160.01
CA GLU JA 29 130.84 -49.88 -158.81
C GLU JA 29 131.91 -48.85 -159.15
N VAL JA 30 131.50 -47.60 -159.34
CA VAL JA 30 132.41 -46.52 -159.67
C VAL JA 30 132.15 -45.34 -158.75
N LYS JA 31 133.17 -44.50 -158.60
CA LYS JA 31 133.13 -43.36 -157.70
C LYS JA 31 132.63 -42.13 -158.43
N LYS JA 32 132.78 -40.95 -157.81
CA LYS JA 32 132.33 -39.68 -158.37
C LYS JA 32 133.47 -38.68 -158.55
N GLN JA 33 134.72 -39.12 -158.42
CA GLN JA 33 135.85 -38.20 -158.43
C GLN JA 33 136.12 -37.66 -159.84
N GLY JA 34 136.52 -36.39 -159.91
CA GLY JA 34 136.88 -35.76 -161.15
C GLY JA 34 135.73 -35.15 -161.93
N THR JA 35 134.49 -35.29 -161.45
CA THR JA 35 133.31 -34.77 -162.13
C THR JA 35 132.52 -33.89 -161.18
N SER JA 36 132.15 -32.70 -161.63
CA SER JA 36 131.35 -31.77 -160.86
C SER JA 36 129.87 -31.93 -161.19
N SER JA 37 129.02 -31.33 -160.35
CA SER JA 37 127.58 -31.51 -160.47
C SER JA 37 127.03 -30.76 -161.67
N THR JA 38 126.33 -31.48 -162.54
CA THR JA 38 125.72 -30.92 -163.74
C THR JA 38 124.20 -31.12 -163.68
N ARG JA 39 123.52 -30.60 -164.70
CA ARG JA 39 122.06 -30.61 -164.77
C ARG JA 39 121.58 -31.64 -165.78
N GLN JA 40 120.59 -32.44 -165.39
CA GLN JA 40 119.98 -33.43 -166.26
C GLN JA 40 118.46 -33.33 -166.19
N PHE JA 41 117.81 -33.38 -167.35
CA PHE JA 41 116.36 -33.48 -167.43
C PHE JA 41 115.99 -34.84 -167.99
N ARG JA 42 115.10 -35.55 -167.29
CA ARG JA 42 114.67 -36.88 -167.70
C ARG JA 42 113.15 -36.99 -167.59
N GLN JA 43 112.58 -37.91 -168.36
CA GLN JA 43 111.15 -38.14 -168.40
C GLN JA 43 110.79 -39.44 -167.71
N VAL JA 44 109.67 -39.43 -166.98
CA VAL JA 44 109.25 -40.56 -166.17
C VAL JA 44 107.76 -40.78 -166.40
N SER JA 45 107.30 -42.00 -166.09
CA SER JA 45 105.90 -42.37 -166.24
C SER JA 45 105.12 -41.98 -164.98
N SER JA 46 103.90 -42.49 -164.86
CA SER JA 46 103.04 -42.14 -163.73
C SER JA 46 103.44 -42.94 -162.49
N PHE JA 47 103.26 -42.33 -161.33
CA PHE JA 47 103.62 -42.95 -160.05
C PHE JA 47 102.78 -42.34 -158.93
N ASN JA 48 102.56 -43.14 -157.88
CA ASN JA 48 101.84 -42.70 -156.69
C ASN JA 48 102.61 -42.99 -155.41
N GLN JA 49 103.62 -43.85 -155.45
CA GLN JA 49 104.46 -44.14 -154.30
C GLN JA 49 105.90 -43.86 -154.70
N ILE JA 50 106.62 -43.11 -153.85
CA ILE JA 50 108.00 -42.75 -154.12
C ILE JA 50 108.86 -43.27 -152.96
N VAL JA 51 109.86 -44.10 -153.28
CA VAL JA 51 110.79 -44.63 -152.30
C VAL JA 51 112.18 -44.10 -152.64
N VAL JA 52 112.73 -43.25 -151.76
CA VAL JA 52 114.03 -42.63 -151.99
C VAL JA 52 114.98 -43.09 -150.89
N GLN JA 53 116.15 -43.57 -151.31
CA GLN JA 53 117.22 -43.97 -150.42
C GLN JA 53 118.51 -43.25 -150.80
N GLY JA 54 119.22 -42.75 -149.79
CA GLY JA 54 120.52 -42.15 -150.02
C GLY JA 54 120.71 -40.76 -149.45
N ARG JA 55 121.97 -40.36 -149.27
CA ARG JA 55 122.32 -39.05 -148.74
C ARG JA 55 122.16 -38.03 -149.86
N LEU JA 56 120.96 -37.44 -149.94
CA LEU JA 56 120.62 -36.56 -151.05
C LEU JA 56 119.51 -35.61 -150.61
N ASN JA 57 119.12 -34.73 -151.53
CA ASN JA 57 118.08 -33.74 -151.29
C ASN JA 57 116.97 -33.90 -152.32
N VAL JA 58 115.73 -33.77 -151.86
CA VAL JA 58 114.55 -33.88 -152.71
C VAL JA 58 113.76 -32.59 -152.60
N ASN JA 59 113.37 -32.04 -153.74
CA ASN JA 59 112.45 -30.92 -153.83
C ASN JA 59 111.19 -31.38 -154.57
N LEU JA 60 110.03 -31.05 -154.00
CA LEU JA 60 108.76 -31.50 -154.55
C LEU JA 60 107.97 -30.30 -155.09
N HIS JA 61 107.23 -30.54 -156.17
CA HIS JA 61 106.31 -29.53 -156.68
C HIS JA 61 105.03 -30.21 -157.12
N THR JA 62 104.03 -29.40 -157.49
CA THR JA 62 102.72 -29.90 -157.87
C THR JA 62 102.17 -29.02 -158.99
N GLY JA 63 101.83 -29.65 -160.11
CA GLY JA 63 101.26 -28.92 -161.24
C GLY JA 63 100.35 -29.81 -162.05
N TYR JA 64 99.70 -29.21 -163.04
CA TYR JA 64 98.79 -29.92 -163.93
C TYR JA 64 99.45 -30.33 -165.24
N ASN JA 65 100.78 -30.26 -165.33
CA ASN JA 65 101.50 -30.63 -166.53
C ASN JA 65 101.86 -32.11 -166.47
N LYS JA 66 102.73 -32.54 -167.39
CA LYS JA 66 103.25 -33.90 -167.39
C LYS JA 66 104.17 -34.11 -166.19
N PRO JA 67 104.25 -35.34 -165.68
CA PRO JA 67 105.22 -35.62 -164.62
C PRO JA 67 106.65 -35.66 -165.14
N GLU JA 68 107.57 -35.08 -164.37
CA GLU JA 68 108.98 -35.12 -164.75
C GLU JA 68 109.85 -35.07 -163.50
N VAL JA 69 111.12 -35.44 -163.68
CA VAL JA 69 112.11 -35.46 -162.63
C VAL JA 69 113.41 -34.88 -163.17
N MET JA 70 114.07 -34.05 -162.35
CA MET JA 70 115.36 -33.47 -162.66
C MET JA 70 116.40 -34.00 -161.68
N LEU JA 71 117.52 -34.49 -162.20
CA LEU JA 71 118.58 -35.09 -161.39
C LEU JA 71 119.84 -34.25 -161.55
N ARG JA 72 120.15 -33.44 -160.55
CA ARG JA 72 121.38 -32.68 -160.49
C ARG JA 72 122.43 -33.50 -159.76
N GLY JA 73 123.49 -33.87 -160.47
CA GLY JA 73 124.52 -34.70 -159.87
C GLY JA 73 125.71 -34.84 -160.80
N ASP JA 74 126.69 -35.60 -160.33
CA ASP JA 74 127.91 -35.83 -161.11
C ASP JA 74 127.63 -36.77 -162.26
N PRO JA 75 128.10 -36.45 -163.48
CA PRO JA 75 127.78 -37.29 -164.66
C PRO JA 75 128.39 -38.68 -164.62
N ARG JA 76 129.44 -38.90 -163.81
CA ARG JA 76 129.96 -40.25 -163.63
C ARG JA 76 128.95 -41.13 -162.91
N ASP JA 77 128.25 -40.57 -161.92
CA ASP JA 77 127.26 -41.31 -161.15
C ASP JA 77 125.83 -41.03 -161.59
N LEU JA 78 125.63 -40.28 -162.67
CA LEU JA 78 124.28 -40.03 -163.17
C LEU JA 78 123.66 -41.27 -163.77
N VAL JA 79 124.47 -42.20 -164.28
CA VAL JA 79 123.96 -43.49 -164.72
C VAL JA 79 123.56 -44.33 -163.51
N GLN JA 80 124.37 -44.30 -162.45
CA GLN JA 80 124.08 -45.12 -161.26
C GLN JA 80 122.95 -44.54 -160.44
N VAL JA 81 122.62 -43.26 -160.60
CA VAL JA 81 121.39 -42.74 -160.04
C VAL JA 81 120.22 -43.38 -160.79
N ARG JA 82 119.46 -44.19 -160.07
CA ARG JA 82 118.47 -45.08 -160.68
C ARG JA 82 117.08 -44.49 -160.54
N THR JA 83 116.39 -44.35 -161.67
CA THR JA 83 115.01 -43.86 -161.73
C THR JA 83 114.19 -44.96 -162.39
N ILE JA 84 113.72 -45.92 -161.60
CA ILE JA 84 113.00 -47.07 -162.12
C ILE JA 84 111.56 -47.02 -161.60
N VAL JA 85 110.65 -47.53 -162.43
CA VAL JA 85 109.22 -47.54 -162.15
C VAL JA 85 108.75 -48.99 -162.20
N LYS JA 86 108.16 -49.45 -161.10
CA LYS JA 86 107.65 -50.82 -161.01
C LYS JA 86 106.34 -50.79 -160.23
N GLN JA 87 105.29 -51.36 -160.85
CA GLN JA 87 103.95 -51.53 -160.25
C GLN JA 87 103.38 -50.20 -159.76
N ASN JA 88 103.48 -49.18 -160.62
CA ASN JA 88 103.06 -47.80 -160.37
C ASN JA 88 103.80 -47.18 -159.17
N THR JA 89 105.03 -47.65 -158.92
CA THR JA 89 105.87 -47.09 -157.87
C THR JA 89 107.18 -46.60 -158.49
N LEU JA 90 107.78 -45.59 -157.85
CA LEU JA 90 109.04 -45.01 -158.27
C LEU JA 90 110.10 -45.32 -157.21
N TYR JA 91 111.26 -45.79 -157.66
CA TYR JA 91 112.33 -46.22 -156.76
C TYR JA 91 113.60 -45.44 -157.10
N VAL JA 92 113.90 -44.42 -156.33
CA VAL JA 92 115.12 -43.62 -156.49
C VAL JA 92 116.07 -44.01 -155.37
N SER JA 93 117.08 -44.81 -155.70
CA SER JA 93 118.03 -45.29 -154.71
C SER JA 93 119.39 -45.45 -155.38
N LEU JA 94 120.32 -46.06 -154.65
CA LEU JA 94 121.65 -46.30 -155.20
C LEU JA 94 121.62 -47.43 -156.22
N GLY JA 95 122.39 -47.28 -157.29
CA GLY JA 95 122.51 -48.29 -158.31
C GLY JA 95 123.96 -48.72 -158.47
N GLN JA 96 124.15 -50.02 -158.75
CA GLN JA 96 125.45 -50.68 -158.85
C GLN JA 96 126.29 -50.47 -157.59
N GLY JA 97 125.65 -50.57 -156.43
CA GLY JA 97 126.32 -50.38 -155.16
C GLY JA 97 126.58 -48.93 -154.83
N TYR JA 98 127.22 -48.72 -153.69
CA TYR JA 98 127.61 -47.39 -153.22
C TYR JA 98 129.11 -47.42 -152.91
N PRO JA 99 129.96 -47.14 -153.91
CA PRO JA 99 131.36 -46.82 -153.58
C PRO JA 99 131.47 -45.45 -152.92
N ASP JA 100 130.96 -44.42 -153.61
CA ASP JA 100 131.00 -43.03 -153.16
C ASP JA 100 130.12 -42.13 -154.02
N TYR JA 101 129.25 -41.34 -153.39
CA TYR JA 101 128.66 -40.17 -154.03
C TYR JA 101 128.32 -39.15 -152.95
N GLY JA 102 128.59 -37.88 -153.24
CA GLY JA 102 128.46 -36.85 -152.23
C GLY JA 102 127.19 -36.01 -152.27
N ALA JA 103 126.82 -35.50 -153.44
CA ALA JA 103 125.71 -34.56 -153.56
C ALA JA 103 124.81 -34.97 -154.71
N VAL JA 104 123.53 -35.18 -154.42
CA VAL JA 104 122.51 -35.49 -155.42
C VAL JA 104 121.27 -34.66 -155.09
N THR JA 105 120.74 -33.95 -156.09
CA THR JA 105 119.52 -33.17 -155.96
C THR JA 105 118.47 -33.73 -156.90
N VAL JA 106 117.30 -34.06 -156.35
CA VAL JA 106 116.21 -34.65 -157.12
C VAL JA 106 115.01 -33.70 -157.01
N ASP JA 107 114.71 -33.00 -158.10
CA ASP JA 107 113.51 -32.17 -158.17
C ASP JA 107 112.43 -32.97 -158.90
N ILE JA 108 111.20 -32.90 -158.39
CA ILE JA 108 110.14 -33.76 -158.91
C ILE JA 108 108.87 -32.94 -159.10
N LYS JA 109 108.16 -33.22 -160.19
CA LYS JA 109 106.86 -32.63 -160.48
C LYS JA 109 105.92 -33.73 -160.95
N THR JA 110 104.73 -33.78 -160.36
CA THR JA 110 103.76 -34.82 -160.67
C THR JA 110 102.37 -34.30 -160.33
N LYS JA 111 101.38 -35.21 -160.33
CA LYS JA 111 99.99 -34.87 -160.04
C LYS JA 111 99.49 -35.51 -158.76
N PHE JA 112 99.59 -36.83 -158.62
CA PHE JA 112 98.99 -37.56 -157.51
C PHE JA 112 100.07 -38.29 -156.73
N LEU JA 113 100.03 -38.17 -155.40
CA LEU JA 113 100.94 -38.87 -154.51
C LEU JA 113 100.14 -39.65 -153.48
N ASN JA 114 100.59 -40.87 -153.18
CA ASN JA 114 99.92 -41.72 -152.21
C ASN JA 114 100.84 -42.40 -151.21
N ARG JA 115 102.16 -42.41 -151.42
CA ARG JA 115 103.06 -42.97 -150.42
C ARG JA 115 104.45 -42.34 -150.56
N PHE JA 116 105.08 -42.04 -149.42
CA PHE JA 116 106.43 -41.49 -149.40
C PHE JA 116 107.27 -42.30 -148.42
N ARG JA 117 108.39 -42.83 -148.92
CA ARG JA 117 109.37 -43.54 -148.10
C ARG JA 117 110.72 -42.85 -148.30
N TYR JA 118 111.40 -42.53 -147.19
CA TYR JA 118 112.68 -41.83 -147.25
C TYR JA 118 113.67 -42.44 -146.28
N GLU JA 119 114.86 -42.75 -146.76
CA GLU JA 119 115.89 -43.37 -145.94
C GLU JA 119 117.27 -42.79 -146.26
N GLY JA 120 118.10 -42.69 -145.22
CA GLY JA 120 119.53 -42.52 -145.41
C GLY JA 120 120.13 -41.13 -145.39
N ALA JA 121 119.84 -40.35 -144.33
CA ALA JA 121 120.51 -39.08 -144.00
C ALA JA 121 120.34 -38.05 -145.13
N GLY JA 122 119.09 -37.62 -145.31
CA GLY JA 122 118.74 -36.79 -146.44
C GLY JA 122 117.85 -35.63 -146.06
N VAL JA 123 117.52 -34.83 -147.08
CA VAL JA 123 116.70 -33.63 -146.94
C VAL JA 123 115.51 -33.76 -147.88
N VAL JA 124 114.31 -33.44 -147.38
CA VAL JA 124 113.09 -33.41 -148.18
C VAL JA 124 112.40 -32.08 -147.97
N THR JA 125 112.05 -31.39 -149.06
CA THR JA 125 111.29 -30.15 -149.01
C THR JA 125 110.13 -30.22 -149.97
N GLY JA 126 108.93 -29.91 -149.49
CA GLY JA 126 107.75 -29.91 -150.34
C GLY JA 126 106.68 -28.99 -149.81
N ASN JA 127 105.87 -28.46 -150.73
CA ASN JA 127 104.81 -27.53 -150.37
C ASN JA 127 103.68 -27.58 -151.40
N ASN JA 128 102.52 -27.08 -150.98
CA ASN JA 128 101.30 -26.96 -151.81
C ASN JA 128 100.86 -28.30 -152.37
N LEU JA 129 100.83 -29.31 -151.52
CA LEU JA 129 100.45 -30.67 -151.91
C LEU JA 129 99.01 -30.91 -151.49
N ARG JA 130 98.18 -31.34 -152.43
CA ARG JA 130 96.79 -31.66 -152.18
C ARG JA 130 96.59 -33.15 -152.38
N THR JA 131 95.92 -33.79 -151.42
CA THR JA 131 95.76 -35.24 -151.42
C THR JA 131 94.55 -35.62 -150.58
N SER JA 132 94.18 -36.90 -150.68
CA SER JA 132 93.14 -37.49 -149.84
C SER JA 132 93.72 -38.31 -148.70
N TYR JA 133 94.65 -39.22 -149.00
CA TYR JA 133 95.29 -40.04 -147.99
C TYR JA 133 96.64 -40.50 -148.51
N LEU JA 134 97.69 -40.31 -147.71
CA LEU JA 134 99.02 -40.80 -148.02
C LEU JA 134 99.79 -41.02 -146.72
N ASP JA 135 100.89 -41.76 -146.82
CA ASP JA 135 101.65 -42.20 -145.66
C ASP JA 135 103.11 -41.76 -145.80
N LEU JA 136 103.62 -41.13 -144.73
CA LEU JA 136 105.03 -40.77 -144.63
C LEU JA 136 105.78 -41.83 -143.83
N TYR JA 137 106.94 -42.23 -144.33
CA TYR JA 137 107.85 -43.11 -143.59
C TYR JA 137 109.25 -42.52 -143.68
N LEU JA 138 109.64 -41.74 -142.68
CA LEU JA 138 110.96 -41.13 -142.61
C LEU JA 138 111.88 -42.00 -141.76
N ALA JA 139 113.12 -42.17 -142.22
CA ALA JA 139 114.08 -42.97 -141.46
C ALA JA 139 115.46 -42.34 -141.53
N ASN JA 140 116.15 -42.35 -140.38
CA ASN JA 140 117.58 -42.08 -140.25
C ASN JA 140 117.95 -40.69 -140.76
N GLU JA 141 117.48 -39.68 -140.01
CA GLU JA 141 117.78 -38.26 -140.19
C GLU JA 141 117.31 -37.80 -141.58
N GLY JA 142 116.00 -37.73 -141.69
CA GLY JA 142 115.38 -37.06 -142.81
C GLY JA 142 114.92 -35.67 -142.41
N THR JA 143 115.71 -34.65 -142.74
CA THR JA 143 115.35 -33.27 -142.43
C THR JA 143 114.27 -32.85 -143.42
N THR JA 144 113.04 -32.71 -142.94
CA THR JA 144 111.87 -32.74 -143.80
C THR JA 144 110.96 -31.55 -143.52
N ARG JA 145 110.52 -30.89 -144.59
CA ARG JA 145 109.56 -29.81 -144.49
C ARG JA 145 108.40 -30.09 -145.45
N LEU JA 146 107.17 -30.02 -144.93
CA LEU JA 146 105.97 -30.00 -145.74
C LEU JA 146 105.17 -28.76 -145.38
N ALA JA 147 104.83 -27.96 -146.38
CA ALA JA 147 104.12 -26.70 -146.18
C ALA JA 147 102.86 -26.66 -147.03
N GLY JA 148 102.08 -27.74 -146.99
CA GLY JA 148 100.84 -27.81 -147.72
C GLY JA 148 99.66 -28.21 -146.87
N ASN JA 149 98.57 -28.64 -147.50
CA ASN JA 149 97.35 -29.09 -146.82
C ASN JA 149 97.13 -30.61 -147.01
N ILE JA 150 97.93 -31.38 -146.29
CA ILE JA 150 98.06 -32.83 -146.52
C ILE JA 150 97.22 -33.56 -145.50
N GLY JA 151 96.22 -34.31 -145.98
CA GLY JA 151 95.41 -35.14 -145.10
C GLY JA 151 95.95 -36.55 -145.01
N LEU JA 152 96.65 -36.86 -143.92
CA LEU JA 152 97.31 -38.15 -143.75
C LEU JA 152 96.73 -38.86 -142.53
N GLN JA 153 96.52 -40.18 -142.68
CA GLN JA 153 95.96 -41.01 -141.62
C GLN JA 153 97.03 -41.77 -140.85
N LYS JA 154 98.18 -42.02 -141.46
CA LYS JA 154 99.32 -42.62 -140.78
C LYS JA 154 100.59 -41.84 -141.07
N LEU JA 155 101.53 -41.91 -140.14
CA LEU JA 155 102.84 -41.29 -140.27
C LEU JA 155 103.82 -42.06 -139.41
N GLU JA 156 105.08 -42.12 -139.86
CA GLU JA 156 106.09 -42.84 -139.11
C GLU JA 156 107.44 -42.15 -139.25
N ALA JA 157 108.10 -41.93 -138.11
CA ALA JA 157 109.49 -41.48 -138.06
C ALA JA 157 110.29 -42.52 -137.29
N VAL JA 158 111.42 -42.94 -137.86
CA VAL JA 158 112.15 -44.08 -137.30
C VAL JA 158 113.08 -43.63 -136.18
N GLY JA 159 113.95 -42.66 -136.46
CA GLY JA 159 114.88 -42.24 -135.42
C GLY JA 159 115.84 -41.12 -135.77
N ASN JA 160 116.05 -40.22 -134.80
CA ASN JA 160 117.05 -39.15 -134.84
C ASN JA 160 116.85 -38.20 -136.03
N GLY JA 161 115.60 -37.92 -136.34
CA GLY JA 161 115.27 -36.99 -137.41
C GLY JA 161 114.28 -35.94 -136.95
N VAL JA 162 114.38 -34.77 -137.56
CA VAL JA 162 113.48 -33.66 -137.28
C VAL JA 162 112.44 -33.57 -138.39
N THR JA 163 111.24 -33.13 -138.01
CA THR JA 163 110.12 -33.01 -138.93
C THR JA 163 109.30 -31.79 -138.56
N GLN JA 164 109.00 -30.94 -139.55
CA GLN JA 164 108.24 -29.72 -139.34
C GLN JA 164 107.16 -29.69 -140.42
N ILE JA 165 105.93 -30.03 -140.06
CA ILE JA 165 104.81 -30.07 -140.99
C ILE JA 165 103.84 -28.95 -140.65
N ASN JA 166 103.54 -28.11 -141.64
CA ASN JA 166 102.66 -26.96 -141.47
C ASN JA 166 101.38 -27.22 -142.28
N GLY JA 167 100.37 -27.76 -141.61
CA GLY JA 167 99.06 -27.95 -142.21
C GLY JA 167 98.69 -29.39 -142.47
N VAL JA 168 97.89 -29.96 -141.58
CA VAL JA 168 97.34 -31.31 -141.75
C VAL JA 168 95.87 -31.25 -141.36
N SER JA 169 95.00 -31.69 -142.27
CA SER JA 169 93.55 -31.71 -142.06
C SER JA 169 93.06 -33.13 -142.33
N SER JA 170 93.02 -33.95 -141.29
CA SER JA 170 92.59 -35.34 -141.40
C SER JA 170 91.56 -35.66 -140.33
N ARG JA 171 90.65 -36.58 -140.67
CA ARG JA 171 89.62 -37.02 -139.74
C ARG JA 171 90.07 -38.19 -138.87
N ASN JA 172 91.26 -38.73 -139.10
CA ASN JA 172 91.81 -39.79 -138.29
C ASN JA 172 93.32 -39.78 -138.41
N LEU JA 173 94.00 -40.11 -137.31
CA LEU JA 173 95.46 -40.19 -137.30
C LEU JA 173 95.88 -41.09 -136.15
N GLN JA 174 96.88 -41.94 -136.41
CA GLN JA 174 97.46 -42.81 -135.39
C GLN JA 174 98.97 -42.69 -135.48
N ILE JA 175 99.60 -42.26 -134.39
CA ILE JA 175 101.04 -42.00 -134.35
C ILE JA 175 101.67 -42.93 -133.32
N VAL JA 176 102.68 -43.67 -133.74
CA VAL JA 176 103.49 -44.49 -132.83
C VAL JA 176 104.97 -44.24 -133.18
N LEU JA 177 105.79 -44.09 -132.14
CA LEU JA 177 107.21 -43.81 -132.31
C LEU JA 177 108.01 -44.86 -131.56
N LYS JA 178 109.05 -45.39 -132.19
CA LYS JA 178 109.93 -46.38 -131.58
C LYS JA 178 111.34 -45.86 -131.30
N GLY JA 179 111.79 -44.86 -132.03
CA GLY JA 179 113.09 -44.24 -131.83
C GLY JA 179 112.98 -42.91 -131.13
N ASP JA 180 113.87 -41.98 -131.52
CA ASP JA 180 113.96 -40.67 -130.88
C ASP JA 180 113.84 -39.56 -131.92
N PRO JA 181 112.63 -39.26 -132.39
CA PRO JA 181 112.46 -38.18 -133.36
C PRO JA 181 112.10 -36.85 -132.70
N LYS JA 182 112.12 -35.80 -133.52
CA LYS JA 182 111.69 -34.45 -133.12
C LYS JA 182 110.69 -34.00 -134.17
N VAL JA 183 109.41 -34.33 -133.97
CA VAL JA 183 108.36 -34.08 -134.95
C VAL JA 183 107.41 -33.02 -134.40
N LEU JA 184 107.02 -32.07 -135.24
CA LEU JA 184 105.97 -31.13 -134.89
C LEU JA 184 105.06 -30.94 -136.10
N ILE JA 185 103.76 -31.10 -135.87
CA ILE JA 185 102.74 -31.09 -136.92
C ILE JA 185 101.69 -30.05 -136.54
N SER JA 186 101.32 -29.20 -137.51
CA SER JA 186 100.28 -28.20 -137.33
C SER JA 186 99.06 -28.55 -138.17
N GLY JA 187 97.91 -28.04 -137.75
CA GLY JA 187 96.69 -28.23 -138.51
C GLY JA 187 95.49 -28.64 -137.68
N PHE JA 188 94.74 -29.63 -138.16
CA PHE JA 188 93.56 -30.13 -137.47
C PHE JA 188 93.62 -31.66 -137.49
N VAL JA 189 93.76 -32.27 -136.33
CA VAL JA 189 94.00 -33.71 -136.19
C VAL JA 189 92.98 -34.30 -135.24
N ASN JA 190 92.29 -35.35 -135.67
CA ASN JA 190 91.40 -36.11 -134.80
C ASN JA 190 92.16 -37.32 -134.27
N LEU JA 191 93.03 -37.07 -133.30
CA LEU JA 191 93.89 -38.10 -132.75
C LEU JA 191 93.11 -39.00 -131.79
N ARG JA 192 93.43 -40.29 -131.80
CA ARG JA 192 92.77 -41.28 -130.97
C ARG JA 192 93.69 -41.94 -129.96
N GLN JA 193 94.82 -42.49 -130.41
CA GLN JA 193 95.73 -43.23 -129.55
C GLN JA 193 97.16 -42.74 -129.77
N LEU JA 194 97.97 -42.87 -128.72
CA LEU JA 194 99.37 -42.47 -128.80
C LEU JA 194 100.16 -43.31 -127.81
N ASP JA 195 101.22 -43.95 -128.29
CA ASP JA 195 102.11 -44.75 -127.45
C ASP JA 195 103.53 -44.30 -127.72
N MET JA 196 104.29 -44.01 -126.66
CA MET JA 196 105.70 -43.64 -126.81
C MET JA 196 106.57 -44.48 -125.90
N TYR JA 197 107.65 -45.02 -126.49
CA TYR JA 197 108.63 -45.83 -125.79
C TYR JA 197 110.05 -45.28 -125.90
N GLY JA 198 110.30 -44.30 -126.77
CA GLY JA 198 111.63 -43.76 -126.95
C GLY JA 198 111.81 -42.38 -126.37
N LYS JA 199 112.72 -41.58 -126.94
CA LYS JA 199 112.98 -40.22 -126.48
C LYS JA 199 112.35 -39.17 -127.38
N GLY JA 200 111.11 -39.40 -127.82
CA GLY JA 200 110.48 -38.50 -128.77
C GLY JA 200 109.83 -37.28 -128.11
N THR JA 201 109.87 -36.18 -128.85
CA THR JA 201 109.14 -34.95 -128.52
C THR JA 201 108.18 -34.65 -129.65
N LEU JA 202 106.91 -34.45 -129.30
CA LEU JA 202 105.87 -34.19 -130.28
C LEU JA 202 104.97 -33.06 -129.79
N SER JA 203 104.66 -32.13 -130.68
CA SER JA 203 103.76 -31.02 -130.37
C SER JA 203 102.73 -30.88 -131.49
N LEU JA 204 101.46 -30.79 -131.10
CA LEU JA 204 100.36 -30.52 -132.03
C LEU JA 204 99.69 -29.22 -131.63
N TYR JA 205 99.31 -28.42 -132.64
CA TYR JA 205 98.81 -27.07 -132.37
C TYR JA 205 97.31 -27.10 -132.04
N TRP JA 206 96.49 -27.60 -132.96
CA TRP JA 206 95.06 -27.70 -132.76
C TRP JA 206 94.60 -29.12 -133.04
N ILE JA 207 93.85 -29.70 -132.11
CA ILE JA 207 93.26 -31.02 -132.27
C ILE JA 207 91.81 -30.97 -131.82
N LYS JA 208 90.93 -31.63 -132.58
CA LYS JA 208 89.51 -31.78 -132.23
C LYS JA 208 89.22 -33.27 -132.21
N SER JA 209 89.30 -33.88 -131.03
CA SER JA 209 89.17 -35.31 -130.87
C SER JA 209 87.93 -35.63 -130.05
N ASP JA 210 87.72 -36.93 -129.81
CA ASP JA 210 86.62 -37.44 -129.02
C ASP JA 210 87.06 -38.32 -127.87
N THR JA 211 88.09 -39.15 -128.07
CA THR JA 211 88.62 -39.99 -127.00
C THR JA 211 90.10 -40.21 -127.27
N LEU JA 212 90.94 -39.71 -126.38
CA LEU JA 212 92.39 -39.83 -126.49
C LEU JA 212 92.92 -40.79 -125.43
N THR JA 213 93.78 -41.71 -125.86
CA THR JA 213 94.48 -42.63 -124.96
C THR JA 213 95.97 -42.43 -125.15
N ILE JA 214 96.65 -41.95 -124.11
CA ILE JA 214 98.06 -41.58 -124.16
C ILE JA 214 98.82 -42.49 -123.21
N ARG JA 215 99.86 -43.14 -123.73
CA ARG JA 215 100.76 -43.95 -122.91
C ARG JA 215 102.19 -43.51 -123.14
N ALA JA 216 102.89 -43.16 -122.07
CA ALA JA 216 104.29 -42.76 -122.18
C ALA JA 216 105.14 -43.62 -121.24
N LYS JA 217 106.22 -44.18 -121.79
CA LYS JA 217 107.02 -45.17 -121.09
C LYS JA 217 108.35 -44.64 -120.57
N LYS JA 218 109.27 -44.20 -121.44
CA LYS JA 218 110.66 -44.07 -121.02
C LYS JA 218 111.09 -42.62 -120.82
N ALA JA 219 111.02 -41.78 -121.86
CA ALA JA 219 111.20 -40.33 -121.69
C ALA JA 219 110.50 -39.67 -122.87
N ALA JA 220 109.27 -39.21 -122.67
CA ALA JA 220 108.47 -38.71 -123.76
C ALA JA 220 108.01 -37.28 -123.46
N LYS JA 221 108.01 -36.44 -124.49
CA LYS JA 221 107.52 -35.07 -124.37
C LYS JA 221 106.33 -34.90 -125.32
N ILE JA 222 105.18 -34.54 -124.76
CA ILE JA 222 103.95 -34.39 -125.52
C ILE JA 222 103.38 -33.01 -125.20
N GLN JA 223 103.06 -32.26 -126.26
CA GLN JA 223 102.52 -30.89 -126.10
C GLN JA 223 101.32 -30.73 -127.03
N LEU JA 224 100.12 -30.84 -126.47
CA LEU JA 224 98.89 -30.74 -127.25
C LEU JA 224 98.07 -29.54 -126.80
N ALA JA 225 97.17 -29.11 -127.68
CA ALA JA 225 96.22 -28.05 -127.40
C ALA JA 225 95.01 -28.21 -128.31
N GLY JA 226 93.83 -28.05 -127.74
CA GLY JA 226 92.60 -28.20 -128.51
C GLY JA 226 91.46 -28.66 -127.62
N ILE JA 227 90.49 -29.31 -128.23
CA ILE JA 227 89.26 -29.75 -127.56
C ILE JA 227 89.19 -31.27 -127.62
N VAL JA 228 89.11 -31.91 -126.46
CA VAL JA 228 89.00 -33.36 -126.33
C VAL JA 228 87.85 -33.66 -125.38
N ASN JA 229 86.95 -34.57 -125.79
CA ASN JA 229 85.82 -34.92 -124.94
C ASN JA 229 86.24 -35.81 -123.78
N ARG JA 230 87.14 -36.76 -124.02
CA ARG JA 230 87.55 -37.72 -123.00
C ARG JA 230 89.02 -38.04 -123.16
N LEU JA 231 89.78 -37.91 -122.06
CA LEU JA 231 91.23 -38.07 -122.08
C LEU JA 231 91.65 -39.09 -121.04
N ASP JA 232 92.51 -40.02 -121.44
CA ASP JA 232 93.13 -40.97 -120.53
C ASP JA 232 94.64 -40.89 -120.72
N VAL JA 233 95.37 -40.69 -119.62
CA VAL JA 233 96.80 -40.47 -119.65
C VAL JA 233 97.46 -41.43 -118.67
N GLU JA 234 98.46 -42.18 -119.15
CA GLU JA 234 99.28 -43.04 -118.30
C GLU JA 234 100.74 -42.69 -118.53
N LEU JA 235 101.42 -42.29 -117.45
CA LEU JA 235 102.84 -41.97 -117.50
C LEU JA 235 103.59 -42.92 -116.57
N TRP JA 236 104.63 -43.58 -117.08
CA TRP JA 236 105.28 -44.62 -116.28
C TRP JA 236 106.49 -44.12 -115.51
N ASP JA 237 107.56 -43.69 -116.20
CA ASP JA 237 108.67 -43.06 -115.48
C ASP JA 237 109.42 -42.13 -116.42
N PHE JA 238 109.88 -41.00 -115.85
CA PHE JA 238 110.63 -39.95 -116.55
C PHE JA 238 109.88 -39.39 -117.75
N ALA JA 239 108.55 -39.34 -117.67
CA ALA JA 239 107.69 -38.90 -118.76
C ALA JA 239 107.00 -37.61 -118.38
N GLN JA 240 106.96 -36.68 -119.33
CA GLN JA 240 106.36 -35.37 -119.12
C GLN JA 240 105.24 -35.16 -120.12
N PHE JA 241 104.03 -34.96 -119.61
CA PHE JA 241 102.86 -34.66 -120.44
C PHE JA 241 102.45 -33.22 -120.16
N LYS JA 242 102.62 -32.36 -121.17
CA LYS JA 242 102.24 -30.96 -121.05
C LYS JA 242 100.88 -30.73 -121.74
N GLY JA 243 99.83 -31.25 -121.12
CA GLY JA 243 98.49 -31.10 -121.66
C GLY JA 243 97.80 -29.83 -121.24
N LYS JA 244 98.59 -28.83 -120.80
CA LYS JA 244 98.08 -27.49 -120.64
C LYS JA 244 97.68 -26.93 -122.01
N TYR JA 245 96.64 -26.09 -122.00
CA TYR JA 245 95.89 -25.55 -123.14
C TYR JA 245 95.13 -26.63 -123.92
N LEU JA 246 95.08 -27.86 -123.42
CA LEU JA 246 94.26 -28.92 -123.99
C LEU JA 246 93.10 -29.13 -123.02
N ARG JA 247 91.94 -28.59 -123.38
CA ARG JA 247 90.79 -28.59 -122.48
C ARG JA 247 90.00 -29.88 -122.64
N ALA JA 248 89.91 -30.65 -121.57
CA ALA JA 248 89.25 -31.95 -121.58
C ALA JA 248 88.02 -31.90 -120.67
N GLN JA 249 86.90 -32.43 -121.18
CA GLN JA 249 85.69 -32.53 -120.35
C GLN JA 249 85.87 -33.59 -119.28
N ARG JA 250 86.37 -34.76 -119.65
CA ARG JA 250 86.62 -35.86 -118.73
C ARG JA 250 88.10 -36.18 -118.76
N SER JA 251 88.74 -36.22 -117.60
CA SER JA 251 90.16 -36.54 -117.54
C SER JA 251 90.41 -37.67 -116.56
N PHE JA 252 91.14 -38.69 -117.00
CA PHE JA 252 91.66 -39.75 -116.15
C PHE JA 252 93.18 -39.73 -116.29
N VAL JA 253 93.88 -39.49 -115.18
CA VAL JA 253 95.33 -39.33 -115.19
C VAL JA 253 95.93 -40.30 -114.18
N LYS JA 254 96.91 -41.09 -114.62
CA LYS JA 254 97.68 -41.95 -113.72
C LYS JA 254 99.17 -41.71 -113.95
N THR JA 255 99.88 -41.36 -112.89
CA THR JA 255 101.31 -41.12 -112.94
C THR JA 255 102.02 -42.06 -111.96
N HIS JA 256 103.02 -42.79 -112.47
CA HIS JA 256 103.90 -43.59 -111.65
C HIS JA 256 105.21 -42.83 -111.47
N ASP JA 257 106.26 -43.53 -111.01
CA ASP JA 257 107.42 -42.92 -110.36
C ASP JA 257 108.19 -41.93 -111.22
N LYS JA 258 108.32 -40.69 -110.69
CA LYS JA 258 109.06 -39.58 -111.28
C LYS JA 258 108.56 -39.20 -112.67
N SER JA 259 107.25 -38.98 -112.77
CA SER JA 259 106.63 -38.52 -114.00
C SER JA 259 105.77 -37.28 -113.70
N VAL JA 260 105.68 -36.38 -114.67
CA VAL JA 260 105.05 -35.08 -114.49
C VAL JA 260 103.95 -34.92 -115.54
N ALA JA 261 102.74 -34.61 -115.06
CA ALA JA 261 101.60 -34.34 -115.94
C ALA JA 261 100.99 -32.99 -115.58
N GLU JA 262 100.61 -32.23 -116.61
CA GLU JA 262 100.04 -30.90 -116.45
C GLU JA 262 98.75 -30.83 -117.25
N ILE JA 263 97.61 -30.90 -116.57
CA ILE JA 263 96.33 -31.10 -117.22
C ILE JA 263 95.45 -29.86 -117.04
N SER JA 264 94.39 -29.78 -117.85
CA SER JA 264 93.49 -28.63 -117.90
C SER JA 264 92.02 -29.08 -117.95
N ALA JA 265 91.62 -29.97 -117.04
CA ALA JA 265 90.28 -30.54 -117.04
C ALA JA 265 89.20 -29.50 -116.77
N VAL JA 266 88.00 -29.76 -117.30
CA VAL JA 266 86.92 -28.78 -117.35
C VAL JA 266 85.72 -29.21 -116.51
N ASN JA 267 85.22 -30.44 -116.72
CA ASN JA 267 84.01 -30.90 -116.04
C ASN JA 267 84.32 -31.91 -114.95
N HIS JA 268 84.99 -33.01 -115.29
CA HIS JA 268 85.29 -34.07 -114.32
C HIS JA 268 86.77 -34.44 -114.40
N GLN JA 269 87.42 -34.43 -113.24
CA GLN JA 269 88.84 -34.71 -113.12
C GLN JA 269 89.04 -35.87 -112.16
N SER JA 270 89.81 -36.88 -112.60
CA SER JA 270 90.15 -38.02 -111.78
C SER JA 270 91.65 -38.29 -111.95
N SER JA 271 92.39 -38.19 -110.85
CA SER JA 271 93.85 -38.24 -110.92
C SER JA 271 94.41 -39.15 -109.83
N LEU JA 272 95.52 -39.83 -110.17
CA LEU JA 272 96.22 -40.69 -109.24
C LEU JA 272 97.73 -40.53 -109.42
N ALA JA 273 98.41 -40.26 -108.31
CA ALA JA 273 99.86 -40.15 -108.28
C ALA JA 273 100.41 -41.23 -107.35
N THR JA 274 101.37 -42.02 -107.85
CA THR JA 274 101.77 -43.21 -107.10
C THR JA 274 102.93 -42.93 -106.14
N ASP JA 275 104.09 -42.53 -106.65
CA ASP JA 275 105.27 -42.42 -105.81
C ASP JA 275 106.26 -41.42 -106.39
N ALA JA 276 106.45 -40.30 -105.69
CA ALA JA 276 107.35 -39.19 -106.08
C ALA JA 276 107.01 -38.66 -107.46
N SER JA 277 105.72 -38.57 -107.76
CA SER JA 277 105.22 -38.05 -109.02
C SER JA 277 104.38 -36.82 -108.75
N ASP JA 278 104.21 -36.00 -109.78
CA ASP JA 278 103.53 -34.73 -109.65
C ASP JA 278 102.43 -34.60 -110.69
N ILE JA 279 101.24 -34.23 -110.25
CA ILE JA 279 100.12 -33.90 -111.12
C ILE JA 279 99.72 -32.46 -110.84
N TYR JA 280 99.74 -31.64 -111.88
CA TYR JA 280 99.36 -30.23 -111.78
C TYR JA 280 98.14 -29.99 -112.65
N TYR JA 281 97.14 -29.31 -112.11
CA TYR JA 281 96.03 -28.82 -112.91
C TYR JA 281 96.12 -27.31 -113.02
N TYR JA 282 95.40 -26.76 -114.01
CA TYR JA 282 95.39 -25.33 -114.25
C TYR JA 282 93.98 -24.78 -114.40
N ASN JA 283 92.96 -25.59 -114.14
CA ASN JA 283 91.58 -25.15 -114.19
C ASN JA 283 90.82 -25.76 -113.01
N LEU JA 284 89.77 -25.08 -112.58
CA LEU JA 284 88.91 -25.56 -111.50
C LEU JA 284 87.71 -26.27 -112.14
N SER JA 285 87.74 -27.60 -112.11
CA SER JA 285 86.67 -28.38 -112.70
C SER JA 285 85.43 -28.37 -111.81
N LYS JA 286 84.31 -28.80 -112.38
CA LYS JA 286 83.08 -28.89 -111.60
C LYS JA 286 83.12 -30.04 -110.62
N THR JA 287 83.85 -31.11 -110.94
CA THR JA 287 84.05 -32.20 -110.01
C THR JA 287 85.50 -32.66 -110.08
N ARG JA 288 86.14 -32.80 -108.92
CA ARG JA 288 87.55 -33.12 -108.82
C ARG JA 288 87.75 -34.25 -107.82
N ALA JA 289 88.56 -35.24 -108.20
CA ALA JA 289 88.90 -36.34 -107.29
C ALA JA 289 90.34 -36.76 -107.54
N ASP JA 290 91.17 -36.65 -106.51
CA ASP JA 290 92.60 -36.92 -106.61
C ASP JA 290 93.02 -37.90 -105.53
N PHE JA 291 93.96 -38.79 -105.86
CA PHE JA 291 94.49 -39.73 -104.90
C PHE JA 291 96.02 -39.81 -105.00
N MET JA 292 96.65 -40.04 -103.85
CA MET JA 292 98.09 -40.11 -103.71
C MET JA 292 98.43 -41.40 -102.98
N ALA JA 293 99.49 -42.09 -103.40
CA ALA JA 293 99.77 -43.41 -102.85
C ALA JA 293 101.00 -43.44 -101.94
N PHE JA 294 102.18 -43.09 -102.43
CA PHE JA 294 103.38 -43.16 -101.61
C PHE JA 294 104.01 -41.79 -101.37
N ASN JA 295 104.39 -41.08 -102.43
CA ASN JA 295 104.99 -39.76 -102.31
C ASN JA 295 104.52 -38.81 -103.41
N GLY JA 296 103.51 -39.21 -104.19
CA GLY JA 296 103.00 -38.34 -105.22
C GLY JA 296 102.21 -37.18 -104.66
N SER JA 297 101.96 -36.19 -105.52
CA SER JA 297 101.32 -34.97 -105.07
C SER JA 297 100.58 -34.30 -106.23
N VAL JA 298 99.39 -33.80 -105.94
CA VAL JA 298 98.58 -33.04 -106.88
C VAL JA 298 98.47 -31.62 -106.37
N LEU JA 299 98.83 -30.65 -107.22
CA LEU JA 299 98.96 -29.26 -106.79
C LEU JA 299 98.01 -28.36 -107.56
N ASP JA 300 97.72 -27.19 -106.96
CA ASP JA 300 96.71 -26.29 -107.51
C ASP JA 300 97.24 -25.52 -108.72
N MET JA 301 98.43 -24.92 -108.58
CA MET JA 301 99.21 -24.34 -109.68
C MET JA 301 98.50 -23.19 -110.40
N ARG JA 302 97.69 -22.43 -109.67
CA ARG JA 302 97.05 -21.26 -110.27
C ARG JA 302 97.79 -19.99 -109.85
N GLU JA 303 97.29 -18.84 -110.30
CA GLU JA 303 98.08 -17.62 -110.32
C GLU JA 303 98.07 -16.84 -109.01
N TRP JA 304 96.96 -16.89 -108.26
CA TRP JA 304 96.66 -16.21 -107.00
C TRP JA 304 96.46 -14.70 -107.14
N GLY JA 305 96.66 -14.13 -108.33
CA GLY JA 305 96.53 -12.71 -108.51
C GLY JA 305 95.64 -12.33 -109.68
N GLN JA 306 95.02 -13.34 -110.29
CA GLN JA 306 94.09 -13.12 -111.39
C GLN JA 306 92.83 -12.44 -110.87
N SER JA 307 92.32 -11.48 -111.64
CA SER JA 307 91.21 -10.65 -111.19
C SER JA 307 89.88 -11.39 -111.20
N ASP JA 308 89.77 -12.52 -111.90
CA ASP JA 308 88.54 -13.30 -111.96
C ASP JA 308 88.78 -14.75 -111.55
N LEU JA 309 89.52 -14.94 -110.47
CA LEU JA 309 89.76 -16.28 -109.94
C LEU JA 309 88.48 -16.82 -109.30
N LYS JA 310 88.34 -18.15 -109.33
CA LYS JA 310 87.17 -18.83 -108.82
C LYS JA 310 87.54 -19.61 -107.57
N ASP JA 311 86.63 -19.63 -106.59
CA ASP JA 311 86.85 -20.31 -105.33
C ASP JA 311 86.17 -21.69 -105.33
N PHE JA 312 86.46 -22.47 -104.30
CA PHE JA 312 85.86 -23.79 -104.16
C PHE JA 312 84.38 -23.66 -103.79
N ASP JA 313 83.59 -24.63 -104.23
CA ASP JA 313 82.18 -24.71 -103.91
C ASP JA 313 81.97 -25.77 -102.83
N ARG JA 314 80.69 -26.07 -102.54
CA ARG JA 314 80.37 -27.19 -101.68
C ARG JA 314 80.75 -28.52 -102.30
N TYR JA 315 80.63 -28.62 -103.63
CA TYR JA 315 80.88 -29.85 -104.36
C TYR JA 315 82.30 -29.97 -104.87
N ASN JA 316 83.16 -28.99 -104.59
CA ASN JA 316 84.55 -29.00 -105.06
C ASN JA 316 85.56 -29.09 -103.93
N LYS JA 317 85.14 -28.89 -102.69
CA LYS JA 317 86.08 -28.75 -101.57
C LYS JA 317 86.57 -30.13 -101.15
N GLN JA 318 87.78 -30.48 -101.60
CA GLN JA 318 88.47 -31.68 -101.18
C GLN JA 318 89.78 -31.29 -100.52
N PHE JA 319 90.09 -31.93 -99.39
CA PHE JA 319 91.27 -31.58 -98.61
C PHE JA 319 92.31 -32.68 -98.75
N PRO JA 320 93.45 -32.44 -99.41
CA PRO JA 320 94.49 -33.43 -99.67
C PRO JA 320 95.16 -33.98 -98.40
N GLY KA 40 93.12 -27.13 -55.25
CA GLY KA 40 94.39 -26.59 -55.69
C GLY KA 40 94.33 -25.96 -57.06
N CYS KA 41 94.39 -24.63 -57.11
CA CYS KA 41 94.31 -23.92 -58.37
C CYS KA 41 95.65 -23.89 -59.09
N CYS KA 42 96.67 -23.32 -58.44
CA CYS KA 42 97.99 -23.20 -59.06
C CYS KA 42 98.85 -24.43 -58.72
N SER KA 43 98.30 -25.60 -59.04
CA SER KA 43 99.01 -26.86 -58.81
C SER KA 43 100.11 -27.05 -59.83
N LYS KA 44 101.18 -27.75 -59.41
CA LYS KA 44 102.44 -27.91 -60.15
C LYS KA 44 103.08 -26.57 -60.50
N MET KA 45 102.86 -25.57 -59.64
CA MET KA 45 103.45 -24.24 -59.75
C MET KA 45 103.85 -23.81 -58.33
N GLY KA 46 104.12 -22.53 -58.17
CA GLY KA 46 104.59 -22.02 -56.89
C GLY KA 46 103.51 -21.60 -55.91
N GLY KA 47 102.24 -21.84 -56.22
CA GLY KA 47 101.16 -21.39 -55.37
C GLY KA 47 100.46 -20.16 -55.93
N ILE KA 48 99.57 -19.60 -55.11
CA ILE KA 48 98.74 -18.48 -55.51
C ILE KA 48 99.41 -17.17 -55.06
N ASN KA 49 99.60 -16.24 -55.99
CA ASN KA 49 100.14 -14.94 -55.63
C ASN KA 49 99.04 -14.00 -55.12
N TYR KA 50 98.10 -13.63 -56.01
CA TYR KA 50 97.00 -12.74 -55.64
C TYR KA 50 95.89 -12.83 -56.66
N CYS KA 51 94.72 -12.29 -56.28
CA CYS KA 51 93.57 -12.14 -57.16
C CYS KA 51 93.69 -10.83 -57.92
N ASP KA 52 93.87 -10.90 -59.23
CA ASP KA 52 93.77 -9.73 -60.10
C ASP KA 52 92.30 -9.53 -60.45
N SER KA 53 91.70 -8.48 -59.88
CA SER KA 53 90.29 -8.21 -60.07
C SER KA 53 89.99 -7.45 -61.36
N SER KA 54 91.03 -6.94 -62.04
CA SER KA 54 90.81 -6.30 -63.34
C SER KA 54 90.40 -7.33 -64.39
N ALA KA 55 90.99 -8.52 -64.34
CA ALA KA 55 90.61 -9.63 -65.20
C ALA KA 55 89.76 -10.67 -64.47
N GLY KA 56 89.63 -10.57 -63.15
CA GLY KA 56 88.90 -11.54 -62.37
C GLY KA 56 89.55 -12.91 -62.33
N ARG KA 57 90.88 -12.95 -62.25
CA ARG KA 57 91.60 -14.22 -62.30
C ARG KA 57 92.68 -14.26 -61.23
N LEU KA 58 93.03 -15.46 -60.79
CA LEU KA 58 94.14 -15.64 -59.88
C LEU KA 58 95.46 -15.61 -60.66
N VAL KA 59 96.51 -15.14 -59.99
CA VAL KA 59 97.86 -15.13 -60.54
C VAL KA 59 98.69 -16.10 -59.73
N CYS KA 60 99.41 -16.98 -60.41
CA CYS KA 60 100.27 -17.93 -59.72
C CYS KA 60 101.61 -17.29 -59.40
N ASN KA 61 102.51 -18.06 -58.78
CA ASN KA 61 103.79 -17.51 -58.37
C ASN KA 61 104.81 -17.45 -59.49
N ASN KA 62 104.53 -18.04 -60.65
CA ASN KA 62 105.23 -17.70 -61.88
C ASN KA 62 104.42 -16.62 -62.59
N GLY KA 63 104.76 -16.33 -63.84
CA GLY KA 63 104.04 -15.29 -64.55
C GLY KA 63 102.82 -15.76 -65.31
N PHE KA 64 102.34 -16.96 -64.99
CA PHE KA 64 101.22 -17.56 -65.69
C PHE KA 64 99.91 -17.20 -64.98
N TYR KA 65 98.90 -16.86 -65.79
CA TYR KA 65 97.55 -16.69 -65.26
C TYR KA 65 96.94 -18.05 -64.93
N SER KA 66 96.17 -18.09 -63.86
CA SER KA 66 95.50 -19.32 -63.45
C SER KA 66 94.18 -19.48 -64.20
N THR KA 67 93.65 -20.70 -64.14
CA THR KA 67 92.36 -21.01 -64.75
C THR KA 67 91.19 -20.80 -63.81
N CYS KA 68 91.44 -20.52 -62.54
CA CYS KA 68 90.39 -20.32 -61.55
C CYS KA 68 89.89 -18.87 -61.56
N TYR KA 69 88.62 -18.71 -61.22
CA TYR KA 69 88.01 -17.40 -61.03
C TYR KA 69 88.14 -16.99 -59.58
N CYS KA 70 88.21 -15.67 -59.35
CA CYS KA 70 88.22 -15.14 -58.00
C CYS KA 70 87.31 -13.95 -57.79
N THR KA 71 86.64 -13.46 -58.84
CA THR KA 71 85.54 -12.51 -58.70
C THR KA 71 84.34 -13.04 -59.47
N ARG KA 72 83.16 -12.48 -59.17
CA ARG KA 72 81.96 -12.91 -59.88
C ARG KA 72 81.83 -12.20 -61.23
N HIS KA 73 82.56 -11.10 -61.42
CA HIS KA 73 82.54 -10.37 -62.69
C HIS KA 73 83.69 -10.84 -63.58
N ALA KA 74 83.76 -12.15 -63.76
CA ALA KA 74 84.70 -12.78 -64.68
C ALA KA 74 83.91 -13.37 -65.83
N VAL KA 75 84.58 -13.52 -66.98
CA VAL KA 75 83.91 -14.05 -68.17
C VAL KA 75 83.69 -15.55 -67.97
N MET KA 76 82.45 -15.91 -67.68
CA MET KA 76 82.05 -17.31 -67.53
C MET KA 76 81.10 -17.66 -68.67
N ASP KA 77 81.37 -18.79 -69.33
CA ASP KA 77 80.57 -19.18 -70.50
C ASP KA 77 79.27 -19.84 -70.06
N LEU KA 78 78.35 -19.01 -69.58
CA LEU KA 78 77.09 -19.48 -69.03
C LEU KA 78 76.08 -19.67 -70.15
N GLN KA 79 75.58 -20.92 -70.28
CA GLN KA 79 74.57 -21.25 -71.27
C GLN KA 79 73.30 -21.86 -70.67
N PHE KA 80 73.33 -22.25 -69.40
CA PHE KA 80 72.22 -22.93 -68.75
C PHE KA 80 71.88 -22.19 -67.46
N LEU KA 81 70.70 -21.60 -67.40
CA LEU KA 81 70.25 -20.85 -66.24
C LEU KA 81 68.94 -21.42 -65.73
N MET KA 82 68.80 -21.48 -64.41
CA MET KA 82 67.63 -22.06 -63.76
C MET KA 82 66.64 -20.96 -63.38
N GLY KA 83 65.49 -21.39 -62.89
CA GLY KA 83 64.41 -20.49 -62.52
C GLY KA 83 63.35 -20.40 -63.61
N CYS KA 84 62.13 -20.09 -63.21
CA CYS KA 84 61.02 -19.97 -64.15
C CYS KA 84 60.62 -18.51 -64.32
N CYS KA 85 59.70 -18.30 -65.27
CA CYS KA 85 59.40 -17.00 -65.89
C CYS KA 85 60.67 -16.36 -66.47
N LEU KA 86 61.55 -17.19 -67.02
CA LEU KA 86 62.67 -16.69 -67.80
C LEU KA 86 62.18 -16.20 -69.15
N TRP KA 87 62.91 -15.22 -69.71
CA TRP KA 87 62.55 -14.47 -70.92
C TRP KA 87 61.19 -13.78 -70.78
N HIS KA 88 60.86 -13.40 -69.55
CA HIS KA 88 59.75 -12.52 -69.22
C HIS KA 88 60.27 -11.58 -68.14
N GLY KA 89 59.36 -10.89 -67.45
CA GLY KA 89 59.81 -9.98 -66.41
C GLY KA 89 60.24 -10.65 -65.12
N GLY KA 90 60.02 -11.95 -64.98
CA GLY KA 90 60.29 -12.66 -63.73
C GLY KA 90 58.99 -13.04 -63.03
N VAL KA 91 59.16 -13.67 -61.88
CA VAL KA 91 58.00 -14.15 -61.11
C VAL KA 91 57.36 -12.98 -60.39
N TYR KA 92 56.07 -12.75 -60.64
CA TYR KA 92 55.35 -11.67 -59.98
C TYR KA 92 55.05 -12.09 -58.53
N PRO KA 93 55.40 -11.28 -57.54
CA PRO KA 93 55.53 -11.79 -56.17
C PRO KA 93 54.25 -11.94 -55.36
N GLN KA 94 53.09 -11.97 -56.01
CA GLN KA 94 51.84 -12.16 -55.28
C GLN KA 94 51.76 -13.59 -54.71
N LEU KA 95 51.07 -13.71 -53.58
CA LEU KA 95 50.79 -15.02 -53.01
C LEU KA 95 49.41 -15.47 -53.46
N ASN KA 96 49.33 -16.71 -53.95
CA ASN KA 96 48.15 -17.21 -54.63
C ASN KA 96 47.49 -18.32 -53.82
N SER KA 97 46.15 -18.32 -53.82
CA SER KA 97 45.42 -19.44 -53.24
C SER KA 97 45.62 -20.71 -54.06
N SER KA 98 45.66 -20.58 -55.38
CA SER KA 98 45.92 -21.70 -56.27
C SER KA 98 47.43 -21.84 -56.49
N GLY KA 99 47.81 -22.83 -57.27
CA GLY KA 99 49.20 -23.10 -57.58
C GLY KA 99 49.74 -22.43 -58.82
N LEU KA 100 48.99 -21.50 -59.43
CA LEU KA 100 49.42 -20.86 -60.66
C LEU KA 100 50.56 -19.88 -60.39
N VAL KA 101 51.48 -19.79 -61.35
CA VAL KA 101 52.60 -18.86 -61.30
C VAL KA 101 52.47 -17.93 -62.50
N VAL KA 102 52.43 -16.63 -62.24
CA VAL KA 102 52.23 -15.61 -63.27
C VAL KA 102 53.51 -14.78 -63.39
N CYS KA 103 53.86 -14.44 -64.63
CA CYS KA 103 55.03 -13.60 -64.87
C CYS KA 103 54.63 -12.12 -64.84
N ASN KA 104 55.64 -11.25 -64.90
CA ASN KA 104 55.41 -9.81 -64.80
C ASN KA 104 54.81 -9.21 -66.07
N ASP KA 105 54.77 -9.95 -67.18
CA ASP KA 105 54.15 -9.47 -68.41
C ASP KA 105 52.79 -10.10 -68.68
N GLY KA 106 52.18 -10.71 -67.66
CA GLY KA 106 50.89 -11.34 -67.79
C GLY KA 106 50.91 -12.79 -68.24
N TYR KA 107 52.07 -13.32 -68.60
CA TYR KA 107 52.18 -14.70 -69.02
C TYR KA 107 52.03 -15.63 -67.81
N VAL KA 108 51.53 -16.84 -68.08
CA VAL KA 108 51.35 -17.86 -67.05
C VAL KA 108 52.32 -19.00 -67.37
N SER KA 109 53.18 -19.33 -66.39
CA SER KA 109 54.18 -20.37 -66.56
C SER KA 109 53.57 -21.70 -66.15
N GLU KA 110 53.38 -22.60 -67.12
CA GLU KA 110 52.79 -23.89 -66.86
C GLU KA 110 53.74 -24.85 -66.14
N GLU KA 111 55.05 -24.64 -66.26
CA GLU KA 111 56.01 -25.55 -65.65
C GLU KA 111 56.07 -25.37 -64.13
N CYS KA 112 56.09 -24.13 -63.65
CA CYS KA 112 56.04 -23.87 -62.22
C CYS KA 112 54.62 -23.95 -61.65
N SER KA 113 53.60 -24.03 -62.49
CA SER KA 113 52.22 -24.13 -62.02
C SER KA 113 51.95 -25.54 -61.49
N LEU KA 114 51.25 -25.61 -60.36
CA LEU KA 114 50.87 -26.90 -59.79
C LEU KA 114 49.58 -27.38 -60.44
N GLN KA 115 49.53 -28.67 -60.74
CA GLN KA 115 48.36 -29.27 -61.37
C GLN KA 115 47.26 -29.54 -60.35
N UNK LA 1 98.41 -12.35 -84.29
CA UNK LA 1 99.79 -12.24 -83.83
C UNK LA 1 100.78 -12.58 -84.95
N UNK LA 2 100.81 -13.86 -85.32
CA UNK LA 2 101.57 -14.47 -86.42
C UNK LA 2 103.09 -14.44 -86.22
N UNK LA 3 103.60 -13.89 -85.11
CA UNK LA 3 105.03 -13.87 -84.83
C UNK LA 3 105.20 -13.75 -83.33
N UNK LA 4 105.62 -14.84 -82.69
CA UNK LA 4 105.80 -14.81 -81.24
C UNK LA 4 107.08 -14.08 -80.84
N UNK LA 5 108.14 -14.21 -81.64
CA UNK LA 5 109.42 -13.58 -81.37
C UNK LA 5 109.73 -12.64 -82.52
N UNK LA 6 109.37 -11.36 -82.36
CA UNK LA 6 109.64 -10.37 -83.38
C UNK LA 6 111.12 -10.01 -83.41
N UNK LA 7 111.58 -9.56 -84.57
CA UNK LA 7 112.98 -9.23 -84.76
C UNK LA 7 113.23 -7.75 -84.53
N UNK LA 8 114.48 -7.42 -84.24
CA UNK LA 8 114.91 -6.05 -83.98
C UNK LA 8 116.02 -5.70 -84.97
N UNK LA 9 115.67 -4.90 -85.97
CA UNK LA 9 116.56 -4.41 -87.05
C UNK LA 9 117.28 -5.53 -87.78
N PHE MA 25 95.63 -42.29 -84.65
CA PHE MA 25 94.42 -42.73 -85.32
C PHE MA 25 93.41 -41.59 -85.45
N LYS MA 26 92.72 -41.55 -86.60
CA LYS MA 26 91.80 -40.48 -86.89
C LYS MA 26 90.52 -40.60 -86.06
N LYS MA 27 89.95 -39.46 -85.68
CA LYS MA 27 88.74 -39.40 -84.89
C LYS MA 27 87.65 -38.65 -85.65
N PRO MA 28 86.38 -39.01 -85.44
CA PRO MA 28 85.27 -38.24 -86.05
C PRO MA 28 85.11 -36.89 -85.36
N PRO MA 29 84.44 -35.93 -86.01
CA PRO MA 29 84.11 -34.67 -85.33
C PRO MA 29 83.17 -34.91 -84.14
N ILE MA 30 83.36 -34.12 -83.09
CA ILE MA 30 82.60 -34.34 -81.86
C ILE MA 30 81.17 -33.81 -82.01
N ASN MA 31 80.99 -32.72 -82.74
CA ASN MA 31 79.64 -32.21 -83.04
C ASN MA 31 79.21 -32.66 -84.44
N ASN MA 32 79.21 -33.98 -84.63
CA ASN MA 32 78.84 -34.52 -85.93
C ASN MA 32 77.41 -35.01 -85.93
N PRO MA 33 76.65 -34.75 -87.00
CA PRO MA 33 75.28 -35.28 -87.06
C PRO MA 33 75.26 -36.77 -87.32
N SER MA 34 75.41 -37.57 -86.26
CA SER MA 34 75.28 -39.01 -86.35
C SER MA 34 73.87 -39.48 -86.00
N ASP MA 35 72.87 -38.61 -86.19
CA ASP MA 35 71.49 -38.92 -85.88
C ASP MA 35 70.62 -38.52 -87.06
N ASP MA 36 69.65 -39.36 -87.38
CA ASP MA 36 68.87 -39.22 -88.62
C ASP MA 36 67.88 -38.06 -88.61
N ALA MA 37 67.64 -37.43 -87.46
CA ALA MA 37 66.90 -36.18 -87.41
C ALA MA 37 67.81 -34.96 -87.37
N THR MA 38 68.97 -35.09 -86.74
CA THR MA 38 69.95 -34.00 -86.73
C THR MA 38 70.51 -33.74 -88.12
N ILE MA 39 70.65 -34.80 -88.94
CA ILE MA 39 71.08 -34.64 -90.33
C ILE MA 39 70.09 -33.79 -91.11
N LYS MA 40 68.79 -34.08 -90.94
CA LYS MA 40 67.73 -33.33 -91.62
C LYS MA 40 67.69 -31.89 -91.14
N LEU MA 41 67.85 -31.67 -89.82
CA LEU MA 41 67.87 -30.32 -89.27
C LEU MA 41 69.04 -29.50 -89.80
N ALA MA 42 70.22 -30.12 -89.89
CA ALA MA 42 71.40 -29.41 -90.36
C ALA MA 42 71.33 -29.09 -91.85
N GLU MA 43 70.82 -30.01 -92.67
CA GLU MA 43 70.71 -29.71 -94.09
C GLU MA 43 69.60 -28.70 -94.37
N ALA MA 44 68.55 -28.70 -93.55
CA ALA MA 44 67.54 -27.63 -93.64
C ALA MA 44 68.14 -26.28 -93.28
N ALA MA 45 69.01 -26.23 -92.27
CA ALA MA 45 69.71 -24.99 -91.93
C ALA MA 45 70.62 -24.52 -93.06
N VAL MA 46 71.30 -25.47 -93.72
CA VAL MA 46 72.17 -25.14 -94.86
C VAL MA 46 71.35 -24.55 -96.01
N SER MA 47 70.19 -25.15 -96.31
CA SER MA 47 69.35 -24.64 -97.39
C SER MA 47 68.74 -23.28 -97.05
N VAL MA 48 68.40 -23.06 -95.78
CA VAL MA 48 67.90 -21.75 -95.33
C VAL MA 48 68.97 -20.68 -95.49
N SER MA 49 70.22 -21.00 -95.12
CA SER MA 49 71.31 -20.04 -95.26
C SER MA 49 71.62 -19.73 -96.72
N ASP MA 50 71.52 -20.74 -97.60
CA ASP MA 50 71.70 -20.51 -99.03
C ASP MA 50 70.59 -19.62 -99.58
N SER MA 51 69.36 -19.82 -99.10
CA SER MA 51 68.24 -18.97 -99.51
C SER MA 51 68.43 -17.53 -99.04
N MET MA 52 68.97 -17.35 -97.83
CA MET MA 52 69.29 -16.01 -97.33
C MET MA 52 70.36 -15.34 -98.18
N LEU MA 53 71.38 -16.09 -98.58
CA LEU MA 53 72.44 -15.54 -99.43
C LEU MA 53 71.91 -15.12 -100.80
N GLU MA 54 71.06 -15.96 -101.41
CA GLU MA 54 70.47 -15.61 -102.70
C GLU MA 54 69.55 -14.40 -102.60
N MET MA 55 68.77 -14.31 -101.51
CA MET MA 55 67.92 -13.15 -101.28
C MET MA 55 68.74 -11.88 -101.11
N ALA MA 56 69.87 -11.96 -100.39
CA ALA MA 56 70.73 -10.80 -100.24
C ALA MA 56 71.35 -10.37 -101.57
N LYS MA 57 71.74 -11.34 -102.40
CA LYS MA 57 72.27 -11.01 -103.73
C LYS MA 57 71.22 -10.35 -104.62
N VAL MA 58 69.96 -10.77 -104.49
CA VAL MA 58 68.90 -10.12 -105.25
C VAL MA 58 68.64 -8.70 -104.72
N GLU MA 59 68.56 -8.54 -103.40
CA GLU MA 59 68.08 -7.27 -102.84
C GLU MA 59 69.14 -6.17 -102.90
N LYS MA 60 70.43 -6.51 -102.77
CA LYS MA 60 71.45 -5.47 -102.66
C LYS MA 60 71.70 -4.77 -103.98
N VAL MA 61 71.81 -3.45 -103.93
CA VAL MA 61 72.13 -2.61 -105.09
C VAL MA 61 73.46 -1.90 -104.82
N ILE MA 62 74.34 -1.90 -105.82
CA ILE MA 62 75.67 -1.29 -105.69
C ILE MA 62 75.84 -0.21 -106.75
N THR MA 63 77.00 0.44 -106.73
CA THR MA 63 77.41 1.39 -107.76
C THR MA 63 78.77 0.99 -108.30
N PRO MA 64 79.03 1.24 -109.59
CA PRO MA 64 80.36 0.97 -110.13
C PRO MA 64 81.37 1.97 -109.60
N PRO MA 65 82.65 1.60 -109.52
CA PRO MA 65 83.66 2.54 -109.01
C PRO MA 65 84.05 3.64 -109.99
N SER MA 66 83.59 3.57 -111.24
CA SER MA 66 83.93 4.61 -112.20
C SER MA 66 83.14 5.89 -111.94
N LYS MA 67 81.87 5.76 -111.54
CA LYS MA 67 81.01 6.91 -111.32
C LYS MA 67 80.70 7.13 -109.84
N ASP MA 68 81.57 6.65 -108.95
CA ASP MA 68 81.38 6.86 -107.52
C ASP MA 68 81.69 8.31 -107.17
N ASN MA 69 80.70 9.02 -106.61
CA ASN MA 69 80.84 10.45 -106.33
C ASN MA 69 81.40 10.66 -104.93
N THR MA 70 82.70 10.38 -104.82
CA THR MA 70 83.44 10.56 -103.57
C THR MA 70 84.79 11.17 -103.92
N LEU MA 71 85.24 12.11 -103.09
CA LEU MA 71 86.52 12.78 -103.31
C LEU MA 71 87.67 11.80 -103.15
N THR MA 72 88.61 11.82 -104.11
CA THR MA 72 89.79 10.99 -104.03
C THR MA 72 90.88 11.71 -103.24
N ILE MA 73 91.98 11.00 -102.98
CA ILE MA 73 93.11 11.57 -102.26
C ILE MA 73 93.86 12.51 -103.19
N PRO MA 74 94.01 13.79 -102.84
CA PRO MA 74 94.67 14.74 -103.74
C PRO MA 74 96.20 14.72 -103.70
N ASN MA 75 96.78 13.79 -102.93
CA ASN MA 75 98.18 13.38 -102.79
C ASN MA 75 99.21 14.51 -102.90
N ALA MA 76 98.92 15.65 -102.30
CA ALA MA 76 99.91 16.72 -102.15
C ALA MA 76 100.77 16.44 -100.92
N TYR MA 77 101.95 17.08 -100.88
CA TYR MA 77 102.89 16.80 -99.81
C TYR MA 77 102.44 17.39 -98.48
N ASN MA 78 101.75 18.53 -98.51
CA ASN MA 78 101.32 19.18 -97.28
C ASN MA 78 100.11 18.51 -96.64
N LEU MA 79 99.43 17.61 -97.35
CA LEU MA 79 98.21 16.99 -96.87
C LEU MA 79 98.42 15.58 -96.31
N GLN MA 80 99.66 15.13 -96.19
CA GLN MA 80 99.95 13.81 -95.63
C GLN MA 80 100.28 13.86 -94.14
N ALA MA 81 100.21 15.04 -93.52
CA ALA MA 81 100.53 15.14 -92.10
C ALA MA 81 99.39 14.56 -91.26
N ARG MA 82 99.76 13.84 -90.20
CA ARG MA 82 98.78 13.23 -89.31
C ARG MA 82 98.21 14.27 -88.36
N ALA MA 83 96.98 14.02 -87.90
CA ALA MA 83 96.27 14.96 -87.05
C ALA MA 83 95.40 14.22 -86.05
N SER MA 84 94.94 14.97 -85.04
CA SER MA 84 94.06 14.44 -84.00
C SER MA 84 92.89 15.41 -83.87
N VAL MA 85 91.70 14.98 -84.27
CA VAL MA 85 90.54 15.86 -84.40
C VAL MA 85 89.38 15.28 -83.61
N ASP MA 86 88.81 16.10 -82.73
CA ASP MA 86 87.59 15.77 -82.01
C ASP MA 86 86.67 16.97 -82.18
N TRP MA 87 85.63 16.83 -83.00
CA TRP MA 87 84.76 17.94 -83.33
C TRP MA 87 83.37 17.41 -83.67
N SER MA 88 82.34 18.15 -83.26
CA SER MA 88 80.95 17.84 -83.63
C SER MA 88 80.21 19.17 -83.75
N GLY MA 89 80.14 19.68 -84.98
CA GLY MA 89 79.52 20.96 -85.24
C GLY MA 89 79.44 21.28 -86.71
N PRO MA 90 79.46 22.58 -87.04
CA PRO MA 90 79.37 23.00 -88.44
C PRO MA 90 80.60 22.62 -89.25
N ILE MA 91 80.37 22.48 -90.56
CA ILE MA 91 81.40 21.99 -91.48
C ILE MA 91 82.41 23.08 -91.83
N GLU MA 92 81.99 24.35 -91.83
CA GLU MA 92 82.81 25.44 -92.36
C GLU MA 92 84.01 25.73 -91.47
N GLU MA 93 83.81 25.77 -90.15
CA GLU MA 93 84.89 26.04 -89.22
C GLU MA 93 85.94 24.93 -89.24
N LEU MA 94 85.50 23.67 -89.28
CA LEU MA 94 86.42 22.54 -89.32
C LEU MA 94 87.19 22.51 -90.64
N THR MA 95 86.52 22.80 -91.76
CA THR MA 95 87.21 22.79 -93.05
C THR MA 95 88.21 23.93 -93.15
N ALA MA 96 87.85 25.10 -92.61
CA ALA MA 96 88.78 26.24 -92.59
C ALA MA 96 90.00 25.94 -91.71
N ARG MA 97 89.78 25.28 -90.56
CA ARG MA 97 90.91 24.93 -89.70
C ARG MA 97 91.80 23.86 -90.32
N ILE MA 98 91.21 22.90 -91.05
CA ILE MA 98 91.99 21.90 -91.77
C ILE MA 98 92.84 22.55 -92.86
N ALA MA 99 92.25 23.49 -93.60
CA ALA MA 99 92.99 24.21 -94.64
C ALA MA 99 94.10 25.07 -94.06
N LYS MA 100 93.85 25.71 -92.91
CA LYS MA 100 94.87 26.55 -92.28
C LYS MA 100 95.99 25.70 -91.70
N ALA MA 101 95.66 24.51 -91.18
CA ALA MA 101 96.70 23.60 -90.71
C ALA MA 101 97.50 23.01 -91.87
N ALA MA 102 96.87 22.84 -93.03
CA ALA MA 102 97.55 22.36 -94.22
C ALA MA 102 98.18 23.47 -95.05
N HIS MA 103 98.10 24.73 -94.57
CA HIS MA 103 98.71 25.91 -95.19
C HIS MA 103 98.14 26.17 -96.58
N PHE MA 104 96.83 25.96 -96.73
CA PHE MA 104 96.12 26.28 -97.95
C PHE MA 104 95.32 27.56 -97.73
N ARG MA 105 94.73 28.07 -98.81
CA ARG MA 105 93.68 29.07 -98.71
C ARG MA 105 92.34 28.36 -98.69
N PHE MA 106 91.31 29.07 -98.21
CA PHE MA 106 89.99 28.48 -98.05
C PHE MA 106 88.95 29.43 -98.61
N ARG MA 107 88.06 28.92 -99.46
CA ARG MA 107 87.00 29.75 -100.03
C ARG MA 107 85.69 29.00 -100.05
N VAL MA 108 84.59 29.76 -99.98
CA VAL MA 108 83.22 29.24 -99.93
C VAL MA 108 82.44 29.80 -101.10
N LEU MA 109 81.77 28.91 -101.84
CA LEU MA 109 80.87 29.32 -102.92
C LEU MA 109 79.50 28.73 -102.66
N GLY MA 110 78.52 29.58 -102.42
CA GLY MA 110 77.15 29.17 -102.17
C GLY MA 110 76.54 30.03 -101.09
N LYS MA 111 75.43 29.55 -100.54
CA LYS MA 111 74.70 30.25 -99.48
C LYS MA 111 74.47 29.29 -98.32
N SER MA 112 74.78 29.74 -97.12
CA SER MA 112 74.56 28.91 -95.94
C SER MA 112 73.07 28.83 -95.63
N PRO MA 113 72.53 27.64 -95.37
CA PRO MA 113 71.10 27.50 -95.09
C PRO MA 113 70.76 27.99 -93.68
N SER MA 114 69.46 27.95 -93.37
CA SER MA 114 69.00 28.32 -92.04
C SER MA 114 69.45 27.31 -90.99
N VAL MA 115 69.35 26.02 -91.32
CA VAL MA 115 69.88 24.94 -90.48
C VAL MA 115 71.25 24.55 -91.04
N PRO MA 116 72.34 24.72 -90.28
CA PRO MA 116 73.66 24.42 -90.82
C PRO MA 116 73.91 22.92 -90.93
N VAL MA 117 74.88 22.59 -91.77
CA VAL MA 117 75.27 21.20 -91.97
C VAL MA 117 76.18 20.77 -90.82
N LEU MA 118 75.81 19.69 -90.14
CA LEU MA 118 76.50 19.24 -88.94
C LEU MA 118 77.21 17.92 -89.21
N ILE MA 119 78.50 17.88 -88.91
CA ILE MA 119 79.32 16.69 -89.07
C ILE MA 119 79.93 16.32 -87.72
N SER MA 120 80.56 15.15 -87.68
CA SER MA 120 81.16 14.65 -86.44
C SER MA 120 82.40 13.85 -86.78
N ILE MA 121 83.56 14.35 -86.36
CA ILE MA 121 84.85 13.71 -86.61
C ILE MA 121 85.50 13.42 -85.26
N SER MA 122 85.96 12.18 -85.08
CA SER MA 122 86.61 11.77 -83.82
C SER MA 122 87.72 10.78 -84.17
N THR MA 123 88.95 11.28 -84.23
CA THR MA 123 90.09 10.42 -84.55
C THR MA 123 91.34 10.95 -83.85
N LYS MA 124 92.29 10.03 -83.62
CA LYS MA 124 93.51 10.30 -82.86
C LYS MA 124 94.74 10.45 -83.72
N ASP MA 125 94.83 9.74 -84.85
CA ASP MA 125 96.00 9.81 -85.72
C ASP MA 125 95.52 9.50 -87.14
N GLU MA 126 95.32 10.55 -87.95
CA GLU MA 126 94.65 10.37 -89.22
C GLU MA 126 95.13 11.47 -90.16
N SER MA 127 95.22 11.15 -91.45
CA SER MA 127 95.73 12.09 -92.44
C SER MA 127 94.70 13.17 -92.75
N LEU MA 128 95.20 14.35 -93.14
CA LEU MA 128 94.33 15.52 -93.37
C LEU MA 128 93.47 15.33 -94.61
N ALA MA 129 94.04 14.75 -95.68
CA ALA MA 129 93.26 14.49 -96.89
C ALA MA 129 92.19 13.44 -96.65
N GLU MA 130 92.50 12.44 -95.81
CA GLU MA 130 91.52 11.43 -95.45
C GLU MA 130 90.42 12.00 -94.56
N ILE MA 131 90.76 12.95 -93.68
CA ILE MA 131 89.76 13.69 -92.91
C ILE MA 131 88.86 14.50 -93.83
N LEU MA 132 89.45 15.13 -94.85
CA LEU MA 132 88.67 15.88 -95.85
C LEU MA 132 87.73 14.96 -96.64
N ARG MA 133 88.21 13.76 -96.98
CA ARG MA 133 87.37 12.76 -97.65
C ARG MA 133 86.19 12.33 -96.77
N ASP MA 134 86.46 12.12 -95.47
CA ASP MA 134 85.39 11.75 -94.55
C ASP MA 134 84.40 12.90 -94.36
N ILE MA 135 84.88 14.14 -94.36
CA ILE MA 135 84.02 15.32 -94.26
C ILE MA 135 83.13 15.43 -95.50
N ASP MA 136 83.70 15.18 -96.69
CA ASP MA 136 82.93 15.25 -97.92
C ASP MA 136 81.89 14.14 -97.98
N TYR MA 137 82.24 12.94 -97.50
CA TYR MA 137 81.26 11.85 -97.43
C TYR MA 137 80.15 12.15 -96.43
N GLN MA 138 80.49 12.73 -95.28
CA GLN MA 138 79.48 13.04 -94.27
C GLN MA 138 78.61 14.22 -94.65
N ALA MA 139 79.09 15.11 -95.53
CA ALA MA 139 78.28 16.25 -95.96
C ALA MA 139 77.10 15.82 -96.82
N GLY MA 140 77.27 14.79 -97.63
CA GLY MA 140 76.19 14.31 -98.47
C GLY MA 140 75.95 15.15 -99.70
N LYS MA 141 74.68 15.38 -100.03
CA LYS MA 141 74.31 16.13 -101.22
C LYS MA 141 74.20 17.63 -100.97
N LYS MA 142 74.40 18.08 -99.72
CA LYS MA 142 74.24 19.50 -99.42
C LYS MA 142 75.48 20.31 -99.77
N ALA MA 143 76.66 19.71 -99.68
CA ALA MA 143 77.90 20.45 -99.93
C ALA MA 143 78.95 19.51 -100.49
N SER MA 144 79.97 20.11 -101.09
CA SER MA 144 81.09 19.38 -101.66
C SER MA 144 82.38 20.14 -101.40
N ILE MA 145 83.49 19.41 -101.37
CA ILE MA 145 84.80 19.98 -101.10
C ILE MA 145 85.71 19.63 -102.27
N HIS MA 146 86.32 20.65 -102.87
CA HIS MA 146 87.28 20.49 -103.96
C HIS MA 146 88.64 21.00 -103.49
N VAL MA 147 89.70 20.32 -103.93
CA VAL MA 147 91.07 20.68 -103.55
C VAL MA 147 91.84 20.97 -104.83
N TYR MA 148 92.40 22.18 -104.92
CA TYR MA 148 93.26 22.55 -106.03
C TYR MA 148 94.70 22.65 -105.54
N PRO MA 149 95.59 21.79 -106.05
CA PRO MA 149 97.01 21.83 -105.67
C PRO MA 149 97.93 22.56 -106.64
N ASN MA 150 97.40 23.28 -107.63
CA ASN MA 150 98.24 24.16 -108.43
C ASN MA 150 98.28 25.57 -107.86
N SER MA 151 97.12 26.15 -107.58
CA SER MA 151 96.97 27.28 -106.67
C SER MA 151 96.39 26.72 -105.38
N GLN MA 152 97.14 26.86 -104.28
CA GLN MA 152 97.00 26.03 -103.08
C GLN MA 152 95.71 26.40 -102.36
N VAL MA 153 94.58 25.83 -102.80
CA VAL MA 153 93.30 26.29 -102.27
C VAL MA 153 92.34 25.12 -102.06
N VAL MA 154 91.45 25.28 -101.07
CA VAL MA 154 90.35 24.37 -100.80
C VAL MA 154 89.04 25.14 -100.94
N GLU MA 155 88.13 24.62 -101.74
CA GLU MA 155 86.85 25.23 -102.04
C GLU MA 155 85.73 24.41 -101.44
N LEU MA 156 84.81 25.07 -100.75
CA LEU MA 156 83.60 24.45 -100.23
C LEU MA 156 82.40 25.01 -100.99
N ARG MA 157 81.73 24.15 -101.75
CA ARG MA 157 80.64 24.55 -102.63
C ARG MA 157 79.32 24.00 -102.09
N TYR MA 158 78.36 24.88 -101.84
CA TYR MA 158 77.04 24.48 -101.39
C TYR MA 158 76.17 24.06 -102.57
N ALA MA 159 75.05 23.43 -102.26
CA ALA MA 159 74.11 22.97 -103.28
C ALA MA 159 72.96 23.97 -103.42
N LYS MA 160 72.62 24.29 -104.66
CA LYS MA 160 71.54 25.23 -104.94
C LYS MA 160 70.19 24.54 -104.82
N ILE NA 208 75.40 -10.67 -132.32
CA ILE NA 208 76.22 -11.87 -132.24
C ILE NA 208 77.38 -11.62 -131.26
N ILE NA 209 77.83 -12.67 -130.59
CA ILE NA 209 78.94 -12.59 -129.66
C ILE NA 209 79.82 -13.82 -129.86
N TYR NA 210 81.14 -13.61 -129.84
CA TYR NA 210 82.10 -14.69 -130.08
C TYR NA 210 82.70 -15.16 -128.77
N TYR NA 211 83.09 -16.43 -128.74
CA TYR NA 211 83.75 -17.06 -127.60
C TYR NA 211 85.09 -17.63 -128.04
N ILE NA 212 85.79 -18.23 -127.09
CA ILE NA 212 87.10 -18.84 -127.34
C ILE NA 212 87.01 -20.34 -127.00
N GLN NA 213 87.75 -21.14 -127.75
CA GLN NA 213 87.83 -22.59 -127.53
C GLN NA 213 89.17 -23.02 -126.96
N ALA NA 214 90.28 -22.63 -127.59
CA ALA NA 214 91.60 -22.94 -127.09
C ALA NA 214 92.54 -21.80 -127.43
N VAL NA 215 93.63 -21.70 -126.67
CA VAL NA 215 94.57 -20.59 -126.81
C VAL NA 215 95.99 -21.11 -126.68
N ILE NA 216 96.89 -20.53 -127.46
CA ILE NA 216 98.33 -20.82 -127.41
C ILE NA 216 99.07 -19.50 -127.50
N PRO NA 217 100.32 -19.43 -127.01
CA PRO NA 217 101.14 -18.26 -127.32
C PRO NA 217 101.36 -18.05 -128.82
N GLY NA 218 100.82 -16.95 -129.34
CA GLY NA 218 100.96 -16.60 -130.74
C GLY NA 218 99.65 -16.49 -131.51
N ARG NA 219 98.70 -17.40 -131.27
CA ARG NA 219 97.44 -17.41 -131.99
C ARG NA 219 96.36 -18.03 -131.12
N ALA NA 220 95.10 -17.82 -131.52
CA ALA NA 220 93.99 -18.35 -130.73
C ALA NA 220 92.91 -18.88 -131.65
N TRP NA 221 92.10 -19.78 -131.10
CA TRP NA 221 91.01 -20.44 -131.80
C TRP NA 221 89.69 -19.97 -131.17
N LEU NA 222 88.79 -19.44 -131.99
CA LEU NA 222 87.56 -18.83 -131.52
C LEU NA 222 86.36 -19.53 -132.13
N ILE NA 223 85.25 -19.51 -131.39
CA ILE NA 223 83.97 -20.03 -131.86
C ILE NA 223 82.94 -18.91 -131.69
N GLY NA 224 81.96 -18.87 -132.60
CA GLY NA 224 80.93 -17.86 -132.57
C GLY NA 224 79.61 -18.38 -132.03
N SER NA 225 78.63 -17.48 -132.01
CA SER NA 225 77.28 -17.85 -131.57
C SER NA 225 76.59 -18.76 -132.58
N ASN NA 226 76.90 -18.60 -133.87
CA ASN NA 226 76.32 -19.41 -134.93
C ASN NA 226 77.08 -20.72 -135.14
N GLY NA 227 78.17 -20.95 -134.42
CA GLY NA 227 78.91 -22.19 -134.55
C GLY NA 227 80.01 -22.20 -135.58
N SER NA 228 80.46 -21.03 -136.04
CA SER NA 228 81.51 -20.93 -137.04
C SER NA 228 82.86 -20.74 -136.36
N THR NA 229 83.84 -21.56 -136.74
CA THR NA 229 85.17 -21.49 -136.18
C THR NA 229 85.97 -20.34 -136.81
N LEU NA 230 87.01 -19.91 -136.09
CA LEU NA 230 87.87 -18.85 -136.58
C LEU NA 230 89.24 -18.99 -135.94
N THR NA 231 90.28 -18.60 -136.67
CA THR NA 231 91.64 -18.57 -136.17
C THR NA 231 92.15 -17.15 -136.21
N VAL NA 232 92.67 -16.65 -135.09
CA VAL NA 232 93.07 -15.26 -134.95
C VAL NA 232 94.55 -15.19 -134.57
N ARG NA 233 95.26 -14.27 -135.19
CA ARG NA 233 96.65 -13.96 -134.92
C ARG NA 233 96.75 -12.71 -134.05
N GLU NA 234 97.97 -12.22 -133.84
CA GLU NA 234 98.16 -10.97 -133.13
C GLU NA 234 97.66 -9.79 -133.96
N GLY NA 235 98.05 -9.74 -135.23
CA GLY NA 235 97.54 -8.72 -136.13
C GLY NA 235 96.59 -9.26 -137.17
N SER NA 236 95.29 -9.06 -136.97
CA SER NA 236 94.28 -9.51 -137.92
C SER NA 236 93.01 -8.69 -137.69
N LYS NA 237 92.05 -8.85 -138.59
CA LYS NA 237 90.77 -8.16 -138.53
C LYS NA 237 89.67 -9.13 -138.16
N ILE NA 238 88.78 -8.70 -137.27
CA ILE NA 238 87.65 -9.52 -136.83
C ILE NA 238 86.37 -8.67 -136.91
N PRO NA 239 85.26 -9.22 -137.40
CA PRO NA 239 84.01 -8.46 -137.40
C PRO NA 239 83.38 -8.39 -136.02
N GLY NA 240 82.85 -7.21 -135.70
CA GLY NA 240 82.14 -6.99 -134.46
C GLY NA 240 82.99 -6.58 -133.28
N TYR NA 241 84.31 -6.69 -133.38
CA TYR NA 241 85.20 -6.33 -132.29
C TYR NA 241 86.29 -5.35 -132.70
N GLY NA 242 86.83 -5.47 -133.91
CA GLY NA 242 87.82 -4.53 -134.39
C GLY NA 242 89.21 -5.11 -134.55
N MET NA 243 90.17 -4.57 -133.80
CA MET NA 243 91.57 -4.93 -133.94
C MET NA 243 92.09 -5.58 -132.66
N VAL NA 244 92.81 -6.69 -132.83
CA VAL NA 244 93.42 -7.40 -131.71
C VAL NA 244 94.77 -6.76 -131.42
N LYS NA 245 94.99 -6.37 -130.15
CA LYS NA 245 96.26 -5.79 -129.74
C LYS NA 245 97.04 -6.63 -128.76
N LEU NA 246 96.41 -7.61 -128.10
CA LEU NA 246 97.09 -8.39 -127.08
C LEU NA 246 96.41 -9.75 -126.93
N ILE NA 247 97.21 -10.80 -126.86
CA ILE NA 247 96.73 -12.16 -126.62
C ILE NA 247 97.47 -12.69 -125.40
N ASP NA 248 96.72 -13.03 -124.36
CA ASP NA 248 97.30 -13.55 -123.12
C ASP NA 248 97.15 -15.06 -123.07
N SER NA 249 98.20 -15.74 -122.64
CA SER NA 249 98.25 -17.20 -122.57
C SER NA 249 98.02 -17.74 -121.16
N LEU NA 250 98.52 -17.04 -120.14
CA LEU NA 250 98.31 -17.49 -118.77
C LEU NA 250 96.86 -17.31 -118.34
N GLN NA 251 96.25 -16.20 -118.74
CA GLN NA 251 94.84 -15.95 -118.51
C GLN NA 251 94.13 -15.92 -119.86
N GLY NA 252 92.91 -16.43 -119.90
CA GLY NA 252 92.16 -16.49 -121.15
C GLY NA 252 91.57 -15.15 -121.57
N ARG NA 253 92.42 -14.23 -121.99
CA ARG NA 253 92.01 -12.87 -122.34
C ARG NA 253 92.67 -12.46 -123.64
N ILE NA 254 91.85 -12.00 -124.59
CA ILE NA 254 92.33 -11.31 -125.79
C ILE NA 254 91.63 -9.96 -125.85
N LEU NA 255 92.41 -8.89 -125.94
CA LEU NA 255 91.86 -7.54 -125.91
C LEU NA 255 91.60 -7.04 -127.32
N THR NA 256 90.45 -6.40 -127.51
CA THR NA 256 90.03 -5.88 -128.80
C THR NA 256 90.12 -4.36 -128.79
N SER NA 257 89.99 -3.78 -130.00
CA SER NA 257 90.11 -2.33 -130.13
C SER NA 257 88.87 -1.59 -129.64
N SER NA 258 87.73 -2.26 -129.54
CA SER NA 258 86.50 -1.61 -129.10
C SER NA 258 86.37 -1.53 -127.59
N GLY NA 259 87.29 -2.12 -126.85
CA GLY NA 259 87.28 -2.01 -125.40
C GLY NA 259 86.64 -3.16 -124.64
N GLN NA 260 86.33 -4.27 -125.31
CA GLN NA 260 85.75 -5.44 -124.66
C GLN NA 260 86.71 -6.61 -124.77
N VAL NA 261 86.66 -7.49 -123.78
CA VAL NA 261 87.58 -8.63 -123.67
C VAL NA 261 86.80 -9.91 -123.92
N ILE NA 262 87.29 -10.72 -124.85
CA ILE NA 262 86.71 -12.04 -125.11
C ILE NA 262 87.31 -13.04 -124.13
N LYS NA 263 86.44 -13.85 -123.50
CA LYS NA 263 86.88 -14.78 -122.48
C LYS NA 263 86.30 -16.17 -122.71
N PHE NA 264 86.54 -17.09 -121.77
CA PHE NA 264 86.05 -18.46 -121.87
C PHE NA 264 84.56 -18.54 -121.57
N SER NA 265 84.00 -19.73 -121.77
CA SER NA 265 82.59 -19.95 -121.52
C SER NA 265 82.35 -20.21 -120.04
N GLN NA 266 81.09 -20.04 -119.63
CA GLN NA 266 80.72 -20.24 -118.23
C GLN NA 266 79.67 -21.34 -118.09
N THR OA 28 62.44 -36.07 -57.02
CA THR OA 28 63.72 -35.37 -56.97
C THR OA 28 64.77 -36.09 -57.80
N GLY OA 29 64.69 -35.94 -59.12
CA GLY OA 29 65.63 -36.58 -60.01
C GLY OA 29 65.00 -37.60 -60.93
N SER OA 30 65.33 -38.88 -60.73
CA SER OA 30 64.86 -39.95 -61.61
C SER OA 30 63.71 -40.71 -60.96
N LEU OA 31 63.12 -41.62 -61.74
CA LEU OA 31 62.05 -42.48 -61.24
C LEU OA 31 62.57 -43.44 -60.18
N ALA OA 32 63.78 -43.98 -60.39
CA ALA OA 32 64.40 -44.82 -59.37
C ALA OA 32 64.80 -44.01 -58.14
N GLY OA 33 65.15 -42.73 -58.32
CA GLY OA 33 65.39 -41.87 -57.18
C GLY OA 33 64.14 -41.58 -56.39
N LEU OA 34 62.99 -41.47 -57.08
CA LEU OA 34 61.72 -41.36 -56.39
C LEU OA 34 61.37 -42.66 -55.66
N GLN OA 35 61.68 -43.80 -56.28
CA GLN OA 35 61.35 -45.09 -55.71
C GLN OA 35 62.50 -45.64 -54.87
N LYS OA 60 72.03 -20.49 -36.79
CA LYS OA 60 72.49 -20.62 -38.16
C LYS OA 60 72.48 -19.28 -38.88
N GLU OA 61 71.34 -18.59 -38.85
CA GLU OA 61 71.20 -17.31 -39.52
C GLU OA 61 71.89 -16.17 -38.78
N THR OA 62 72.21 -16.35 -37.50
CA THR OA 62 72.90 -15.31 -36.75
C THR OA 62 74.40 -15.28 -37.04
N ALA OA 63 74.95 -16.36 -37.60
CA ALA OA 63 76.39 -16.39 -37.90
C ALA OA 63 76.74 -15.43 -39.03
N LEU OA 64 75.86 -15.32 -40.03
CA LEU OA 64 76.05 -14.36 -41.11
C LEU OA 64 76.02 -12.93 -40.58
N SER OA 65 75.09 -12.64 -39.66
CA SER OA 65 74.97 -11.31 -39.10
C SER OA 65 76.15 -10.93 -38.22
N VAL OA 66 76.67 -11.90 -37.45
CA VAL OA 66 77.83 -11.57 -36.61
C VAL OA 66 79.13 -11.59 -37.40
N GLY OA 67 79.17 -12.23 -38.56
CA GLY OA 67 80.37 -12.18 -39.38
C GLY OA 67 80.48 -10.97 -40.28
N ALA OA 68 79.32 -10.48 -40.76
CA ALA OA 68 79.30 -9.41 -41.76
C ALA OA 68 79.82 -8.09 -41.18
N GLN OA 69 79.45 -7.77 -39.94
CA GLN OA 69 79.90 -6.53 -39.31
C GLN OA 69 81.41 -6.52 -39.08
N ALA OA 70 81.96 -7.63 -38.59
CA ALA OA 70 83.40 -7.74 -38.37
C ALA OA 70 84.18 -7.70 -39.68
N GLY OA 71 83.67 -8.38 -40.72
CA GLY OA 71 84.32 -8.31 -42.01
C GLY OA 71 84.30 -6.91 -42.62
N LEU OA 72 83.17 -6.21 -42.48
CA LEU OA 72 83.05 -4.85 -42.97
C LEU OA 72 84.00 -3.90 -42.26
N ALA OA 73 84.09 -4.01 -40.92
CA ALA OA 73 84.97 -3.14 -40.14
C ALA OA 73 86.44 -3.43 -40.44
N TRP OA 74 86.81 -4.72 -40.56
CA TRP OA 74 88.19 -5.08 -40.84
C TRP OA 74 88.61 -4.62 -42.24
N ARG OA 75 87.74 -4.80 -43.24
CA ARG OA 75 88.06 -4.36 -44.58
C ARG OA 75 88.10 -2.84 -44.68
N ALA OA 76 87.26 -2.13 -43.91
CA ALA OA 76 87.32 -0.67 -43.87
C ALA OA 76 88.62 -0.18 -43.27
N LYS OA 77 89.10 -0.85 -42.20
CA LYS OA 77 90.39 -0.48 -41.61
C LYS OA 77 91.55 -0.71 -42.57
N ILE OA 78 91.55 -1.85 -43.27
CA ILE OA 78 92.61 -2.13 -44.23
C ILE OA 78 92.57 -1.15 -45.41
N ILE OA 79 91.37 -0.78 -45.87
CA ILE OA 79 91.23 0.20 -46.95
C ILE OA 79 91.71 1.57 -46.50
N ASP OA 80 91.44 1.95 -45.26
CA ASP OA 80 91.93 3.22 -44.72
C ASP OA 80 93.45 3.23 -44.62
N GLU OA 81 94.05 2.11 -44.22
CA GLU OA 81 95.52 2.02 -44.18
C GLU OA 81 96.13 2.13 -45.59
N GLN OA 82 95.51 1.47 -46.58
CA GLN OA 82 96.01 1.56 -47.94
C GLN OA 82 95.82 2.95 -48.54
N LEU OA 83 94.76 3.66 -48.14
CA LEU OA 83 94.58 5.04 -48.56
C LEU OA 83 95.62 5.96 -47.93
N ASN OA 84 95.94 5.73 -46.65
CA ASN OA 84 96.95 6.55 -45.99
C ASN OA 84 98.36 6.26 -46.49
N LYS OA 85 98.59 5.05 -47.04
CA LYS OA 85 99.90 4.73 -47.58
C LYS OA 85 100.23 5.52 -48.86
N GLN OA 86 99.22 5.98 -49.60
CA GLN OA 86 99.45 6.68 -50.87
C GLN OA 86 98.89 8.09 -50.83
N ALA OA 87 99.24 8.87 -49.80
CA ALA OA 87 98.61 10.17 -49.60
C ALA OA 87 99.12 11.21 -50.60
N ARG OA 88 100.42 11.23 -50.89
CA ARG OA 88 100.97 12.26 -51.76
C ARG OA 88 100.62 12.02 -53.22
N ASN OA 89 100.53 10.76 -53.64
CA ASN OA 89 100.14 10.44 -55.01
C ASN OA 89 98.70 10.83 -55.28
N LEU OA 90 97.81 10.64 -54.30
CA LEU OA 90 96.41 11.05 -54.45
C LEU OA 90 96.30 12.57 -54.50
N ASP OA 91 97.15 13.28 -53.73
CA ASP OA 91 97.18 14.74 -53.81
C ASP OA 91 97.71 15.22 -55.15
N ALA OA 92 98.65 14.49 -55.74
CA ALA OA 92 99.16 14.85 -57.07
C ALA OA 92 98.10 14.58 -58.14
N ILE OA 93 97.33 13.51 -57.98
CA ILE OA 93 96.35 13.14 -59.01
C ILE OA 93 95.12 14.05 -58.94
N TYR OA 94 94.48 14.12 -57.77
CA TYR OA 94 93.25 14.88 -57.63
C TYR OA 94 93.55 16.28 -57.10
N ASP OA 95 94.16 17.07 -57.97
CA ASP OA 95 94.61 18.42 -57.63
C ASP OA 95 93.45 19.38 -57.91
N PHE OA 96 92.59 19.56 -56.92
CA PHE OA 96 91.50 20.51 -57.03
C PHE OA 96 91.97 21.96 -56.97
N ASN OA 97 93.16 22.20 -56.40
CA ASN OA 97 93.64 23.57 -56.21
C ASN OA 97 94.08 24.21 -57.52
N SER OA 98 94.50 23.42 -58.49
CA SER OA 98 94.98 23.94 -59.77
C SER OA 98 93.86 24.23 -60.76
N LEU OA 99 92.61 23.94 -60.41
CA LEU OA 99 91.47 24.18 -61.29
C LEU OA 99 90.60 25.34 -60.82
N VAL OA 100 90.97 26.01 -59.73
CA VAL OA 100 90.17 27.12 -59.21
C VAL OA 100 90.36 28.35 -60.10
N LEU OA 101 89.27 29.08 -60.32
CA LEU OA 101 89.28 30.25 -61.20
C LEU OA 101 89.88 31.46 -60.48
N GLU OA 102 89.67 32.65 -61.05
CA GLU OA 102 90.43 33.83 -60.66
C GLU OA 102 90.03 34.36 -59.29
N HIS OA 103 88.72 34.46 -59.02
CA HIS OA 103 88.22 35.05 -57.79
C HIS OA 103 87.87 34.01 -56.74
N ASN OA 104 88.61 32.90 -56.71
CA ASN OA 104 88.36 31.72 -55.87
C ASN OA 104 86.94 31.18 -56.09
N ILE OA 105 86.69 30.80 -57.33
CA ILE OA 105 85.40 30.25 -57.75
C ILE OA 105 85.63 28.85 -58.26
N LEU OA 106 84.91 27.89 -57.70
CA LEU OA 106 85.00 26.51 -58.16
C LEU OA 106 84.36 26.38 -59.55
N PRO OA 107 84.99 25.70 -60.49
CA PRO OA 107 84.40 25.56 -61.83
C PRO OA 107 83.19 24.65 -61.79
N PRO OA 108 82.25 24.83 -62.72
CA PRO OA 108 81.07 23.95 -62.76
C PRO OA 108 81.40 22.57 -63.29
N VAL OA 109 80.47 21.65 -63.07
CA VAL OA 109 80.60 20.26 -63.47
C VAL OA 109 79.71 20.04 -64.69
N LEU OA 110 80.29 19.50 -65.76
CA LEU OA 110 79.58 19.26 -67.00
C LEU OA 110 79.58 17.78 -67.32
N LEU OA 111 78.48 17.31 -67.91
CA LEU OA 111 78.28 15.92 -68.26
C LEU OA 111 78.04 15.79 -69.76
N GLU OA 112 78.62 14.75 -70.35
CA GLU OA 112 78.67 14.53 -71.79
C GLU OA 112 78.03 13.20 -72.14
N GLY OA 113 77.25 13.19 -73.22
CA GLY OA 113 76.71 11.96 -73.76
C GLY OA 113 76.82 11.93 -75.27
N ARG OA 114 77.04 10.72 -75.81
CA ARG OA 114 77.22 10.53 -77.24
C ARG OA 114 76.31 9.41 -77.74
N ASN OA 115 75.81 9.59 -78.97
CA ASN OA 115 75.02 8.59 -79.71
C ASN OA 115 73.77 8.15 -78.92
N THR OA 116 72.89 9.11 -78.69
CA THR OA 116 71.75 8.92 -77.81
C THR OA 116 70.54 8.48 -78.60
N LEU OA 117 69.87 7.42 -78.14
CA LEU OA 117 68.63 6.96 -78.75
C LEU OA 117 67.57 6.78 -77.68
N ASN OA 118 66.33 7.18 -78.02
CA ASN OA 118 65.18 6.93 -77.15
C ASN OA 118 64.01 6.40 -77.97
N LEU OA 119 63.52 5.25 -77.56
CA LEU OA 119 62.25 4.68 -78.02
C LEU OA 119 61.17 5.18 -77.08
N ALA OA 120 60.50 6.27 -77.46
CA ALA OA 120 59.46 6.84 -76.60
C ALA OA 120 58.24 5.92 -76.52
N ASP OA 121 57.74 5.49 -77.67
CA ASP OA 121 56.71 4.46 -77.79
C ASP OA 121 56.81 3.90 -79.19
N ALA OA 122 55.77 3.17 -79.61
CA ALA OA 122 55.72 2.68 -80.98
C ALA OA 122 55.58 3.84 -81.97
N GLN OA 123 56.07 3.61 -83.19
CA GLN OA 123 55.95 4.45 -84.39
C GLN OA 123 56.76 5.75 -84.33
N SER OA 124 57.49 6.03 -83.24
CA SER OA 124 58.26 7.27 -83.14
C SER OA 124 59.47 7.07 -82.25
N ILE OA 125 60.63 7.52 -82.73
CA ILE OA 125 61.89 7.49 -81.98
C ILE OA 125 62.55 8.86 -82.06
N ARG OA 126 63.43 9.14 -81.08
CA ARG OA 126 64.20 10.37 -81.07
C ARG OA 126 65.67 10.06 -80.86
N ILE OA 127 66.53 10.59 -81.74
CA ILE OA 127 67.96 10.33 -81.65
C ILE OA 127 68.72 11.65 -81.63
N SER OA 128 69.93 11.59 -81.09
CA SER OA 128 70.82 12.74 -81.00
C SER OA 128 72.26 12.27 -81.11
N ASP OA 129 73.12 13.17 -81.58
CA ASP OA 129 74.53 12.87 -81.79
C ASP OA 129 75.35 13.12 -80.52
N ARG OA 130 75.16 14.26 -79.88
CA ARG OA 130 75.83 14.58 -78.64
C ARG OA 130 74.90 15.41 -77.76
N THR OA 131 75.12 15.32 -76.44
CA THR OA 131 74.36 16.10 -75.48
C THR OA 131 75.29 16.56 -74.36
N TYR OA 132 75.06 17.79 -73.90
CA TYR OA 132 75.83 18.41 -72.83
C TYR OA 132 74.88 18.90 -71.75
N LYS OA 133 75.24 18.67 -70.50
CA LYS OA 133 74.41 19.07 -69.37
C LYS OA 133 75.27 19.70 -68.29
N VAL OA 134 74.71 20.70 -67.60
CA VAL OA 134 75.36 21.30 -66.44
C VAL OA 134 74.81 20.62 -65.20
N ALA OA 135 75.65 19.86 -64.49
CA ALA OA 135 75.21 19.13 -63.32
C ALA OA 135 75.24 19.99 -62.05
N LYS OA 136 76.36 20.66 -61.80
CA LYS OA 136 76.51 21.55 -60.66
C LYS OA 136 76.99 22.91 -61.16
N GLN OA 137 76.69 23.94 -60.38
CA GLN OA 137 76.94 25.32 -60.77
C GLN OA 137 78.10 25.91 -59.97
N ALA OA 138 78.74 26.93 -60.54
CA ALA OA 138 79.87 27.59 -59.92
C ALA OA 138 79.42 28.42 -58.73
N HIS OA 139 80.31 28.54 -57.74
CA HIS OA 139 80.02 29.28 -56.52
C HIS OA 139 81.34 29.73 -55.90
N PHE OA 140 81.24 30.68 -54.97
CA PHE OA 140 82.40 31.12 -54.21
C PHE OA 140 82.83 30.05 -53.22
N ILE OA 141 84.15 29.89 -53.06
CA ILE OA 141 84.72 28.99 -52.08
C ILE OA 141 85.78 29.73 -51.28
N THR OA 142 86.05 29.21 -50.08
CA THR OA 142 87.19 29.66 -49.28
C THR OA 142 88.31 28.63 -49.22
N THR OA 143 87.99 27.35 -49.38
CA THR OA 143 88.95 26.26 -49.33
C THR OA 143 88.73 25.33 -50.53
N PRO OA 144 89.79 24.76 -51.08
CA PRO OA 144 89.63 23.76 -52.14
C PRO OA 144 89.22 22.41 -51.57
N PRO OA 145 88.52 21.59 -52.35
CA PRO OA 145 88.18 20.24 -51.87
C PRO OA 145 89.40 19.32 -51.85
N THR OA 146 89.26 18.23 -51.10
CA THR OA 146 90.31 17.23 -50.95
C THR OA 146 89.71 15.84 -51.17
N TRP OA 147 90.59 14.86 -51.39
CA TRP OA 147 90.14 13.50 -51.65
C TRP OA 147 89.64 12.78 -50.41
N ARG OA 148 89.96 13.29 -49.20
CA ARG OA 148 89.51 12.65 -47.97
C ARG OA 148 88.02 12.82 -47.75
N GLN OA 149 87.39 13.84 -48.34
CA GLN OA 149 85.94 14.00 -48.23
C GLN OA 149 85.18 13.01 -49.10
N TYR OA 150 85.87 12.37 -50.06
CA TYR OA 150 85.25 11.39 -50.96
C TYR OA 150 85.61 9.96 -50.63
N LEU OA 151 86.91 9.68 -50.41
CA LEU OA 151 87.40 8.30 -50.41
C LEU OA 151 87.52 7.67 -49.03
N TRP OA 152 87.52 8.47 -47.96
CA TRP OA 152 87.74 7.93 -46.62
C TRP OA 152 86.52 7.16 -46.15
N MET OA 153 86.75 5.95 -45.64
CA MET OA 153 85.69 5.11 -45.09
C MET OA 153 85.71 5.16 -43.57
N ASP OA 154 84.56 4.84 -42.99
CA ASP OA 154 84.33 5.01 -41.56
C ASP OA 154 84.66 3.74 -40.80
N TYR OA 155 85.45 3.87 -39.75
CA TYR OA 155 85.88 2.75 -38.92
C TYR OA 155 85.48 2.99 -37.47
N VAL OA 156 84.63 2.11 -36.95
CA VAL OA 156 84.30 2.05 -35.54
C VAL OA 156 84.50 0.61 -35.09
N LYS OA 157 85.29 0.41 -34.04
CA LYS OA 157 85.64 -0.93 -33.59
C LYS OA 157 84.43 -1.61 -32.94
N PRO OA 158 83.95 -2.74 -33.47
CA PRO OA 158 82.81 -3.41 -32.86
C PRO OA 158 83.22 -4.34 -31.72
N GLU OA 159 82.79 -4.03 -30.50
CA GLU OA 159 83.09 -4.84 -29.33
C GLU OA 159 81.82 -5.42 -28.72
N ALA OA 160 80.82 -5.72 -29.56
CA ALA OA 160 79.54 -6.24 -29.12
C ALA OA 160 79.25 -7.55 -29.86
N PRO OA 161 79.74 -8.69 -29.35
CA PRO OA 161 79.49 -9.98 -29.99
C PRO OA 161 78.05 -10.46 -29.84
N LYS OA 173 78.58 -25.58 -32.75
CA LYS OA 173 79.77 -25.20 -33.50
C LYS OA 173 80.01 -26.15 -34.67
N GLU OA 174 79.02 -27.00 -34.95
CA GLU OA 174 79.13 -27.92 -36.07
C GLU OA 174 79.02 -27.21 -37.41
N ILE OA 175 78.04 -26.31 -37.55
CA ILE OA 175 77.81 -25.56 -38.78
C ILE OA 175 78.00 -24.06 -38.57
N TRP OA 176 78.56 -23.66 -37.43
CA TRP OA 176 78.74 -22.25 -37.10
C TRP OA 176 79.85 -21.62 -37.95
N CYS OA 177 80.94 -22.35 -38.17
CA CYS OA 177 82.15 -21.79 -38.76
C CYS OA 177 81.97 -21.45 -40.23
N ILE OA 178 81.26 -22.31 -40.99
CA ILE OA 178 81.09 -22.08 -42.42
C ILE OA 178 80.21 -20.86 -42.69
N TYR OA 179 79.16 -20.69 -41.88
CA TYR OA 179 78.29 -19.53 -42.08
C TYR OA 179 78.94 -18.25 -41.56
N THR OA 180 79.77 -18.35 -40.52
CA THR OA 180 80.57 -17.20 -40.09
C THR OA 180 81.55 -16.78 -41.17
N GLU OA 181 82.16 -17.76 -41.86
CA GLU OA 181 83.05 -17.47 -42.98
C GLU OA 181 82.29 -16.84 -44.15
N ARG OA 182 81.06 -17.30 -44.40
CA ARG OA 182 80.23 -16.72 -45.47
C ARG OA 182 79.90 -15.26 -45.18
N GLY OA 183 79.53 -14.95 -43.94
CA GLY OA 183 79.32 -13.55 -43.56
C GLY OA 183 80.59 -12.73 -43.62
N TRP OA 184 81.73 -13.34 -43.29
CA TRP OA 184 83.03 -12.67 -43.39
C TRP OA 184 83.36 -12.29 -44.83
N LYS OA 185 82.99 -13.16 -45.78
CA LYS OA 185 83.17 -12.81 -47.19
C LYS OA 185 82.20 -11.71 -47.63
N ASN OA 186 80.95 -11.77 -47.14
CA ASN OA 186 79.92 -10.82 -47.54
C ASN OA 186 80.25 -9.39 -47.09
N GLY OA 187 80.79 -9.24 -45.88
CA GLY OA 187 81.16 -7.91 -45.40
C GLY OA 187 82.29 -7.28 -46.21
N ILE OA 188 83.28 -8.07 -46.61
CA ILE OA 188 84.39 -7.60 -47.44
C ILE OA 188 83.87 -7.18 -48.81
N ASP OA 189 82.94 -7.96 -49.39
CA ASP OA 189 82.34 -7.59 -50.67
C ASP OA 189 81.56 -6.28 -50.58
N GLN OA 190 80.82 -6.09 -49.47
CA GLN OA 190 80.08 -4.85 -49.27
C GLN OA 190 81.01 -3.64 -49.16
N ALA OA 191 82.12 -3.78 -48.43
CA ALA OA 191 83.08 -2.69 -48.29
C ALA OA 191 83.74 -2.35 -49.64
N ASN OA 192 84.03 -3.37 -50.44
CA ASN OA 192 84.61 -3.14 -51.76
C ASN OA 192 83.63 -2.40 -52.67
N THR OA 193 82.33 -2.74 -52.59
CA THR OA 193 81.31 -2.04 -53.36
C THR OA 193 81.20 -0.57 -52.97
N ILE OA 194 81.27 -0.30 -51.65
CA ILE OA 194 81.19 1.09 -51.15
C ILE OA 194 82.39 1.90 -51.63
N LEU OA 195 83.59 1.30 -51.59
CA LEU OA 195 84.80 1.99 -52.06
C LEU OA 195 84.74 2.25 -53.56
N GLU OA 196 84.19 1.30 -54.34
CA GLU OA 196 84.03 1.49 -55.78
C GLU OA 196 83.08 2.65 -56.09
N GLU OA 197 81.99 2.76 -55.34
CA GLU OA 197 81.05 3.87 -55.55
C GLU OA 197 81.68 5.22 -55.20
N ASN OA 198 82.50 5.26 -54.13
CA ASN OA 198 83.19 6.49 -53.77
C ASN OA 198 84.19 6.93 -54.85
N ILE OA 199 84.92 5.95 -55.41
CA ILE OA 199 85.88 6.23 -56.49
C ILE OA 199 85.16 6.76 -57.72
N ALA OA 200 84.00 6.18 -58.05
CA ALA OA 200 83.20 6.65 -59.18
C ALA OA 200 82.70 8.08 -58.96
N ARG OA 201 82.31 8.42 -57.73
CA ARG OA 201 81.84 9.77 -57.42
C ARG OA 201 82.93 10.82 -57.59
N ILE OA 202 84.12 10.56 -57.01
CA ILE OA 202 85.19 11.55 -57.12
C ILE OA 202 85.71 11.65 -58.56
N LYS OA 203 85.69 10.53 -59.30
CA LYS OA 203 86.08 10.56 -60.72
C LYS OA 203 85.11 11.38 -61.55
N GLU OA 204 83.80 11.26 -61.27
CA GLU OA 204 82.80 12.06 -61.98
C GLU OA 204 82.98 13.55 -61.71
N ASP OA 205 83.24 13.91 -60.45
CA ASP OA 205 83.44 15.33 -60.12
C ASP OA 205 84.68 15.91 -60.81
N PHE OA 206 85.80 15.18 -60.78
CA PHE OA 206 87.03 15.70 -61.38
C PHE OA 206 86.93 15.77 -62.90
N GLY OA 207 86.33 14.75 -63.54
CA GLY OA 207 86.16 14.80 -64.98
C GLY OA 207 85.20 15.89 -65.44
N GLY OA 208 84.15 16.14 -64.65
CA GLY OA 208 83.27 17.25 -64.93
C GLY OA 208 83.95 18.60 -64.80
N MET OA 209 84.91 18.72 -63.89
CA MET OA 209 85.66 19.98 -63.81
C MET OA 209 86.66 20.13 -64.96
N ILE OA 210 87.22 19.02 -65.48
CA ILE OA 210 88.12 19.11 -66.63
C ILE OA 210 87.35 19.49 -67.90
N LEU OA 211 86.13 18.93 -68.05
CA LEU OA 211 85.33 19.16 -69.26
C LEU OA 211 84.95 20.64 -69.43
N TYR OA 212 84.76 21.36 -68.32
CA TYR OA 212 84.47 22.79 -68.38
C TYR OA 212 85.64 23.57 -68.97
N ARG OA 213 86.87 23.26 -68.56
CA ARG OA 213 88.03 23.93 -69.12
C ARG OA 213 88.21 23.60 -70.60
N LYS OA 214 87.95 22.35 -70.99
CA LYS OA 214 88.08 21.98 -72.40
C LYS OA 214 87.03 22.69 -73.26
N LEU OA 215 85.78 22.76 -72.80
CA LEU OA 215 84.75 23.46 -73.57
C LEU OA 215 84.92 24.98 -73.51
N LEU OA 216 85.57 25.49 -72.47
CA LEU OA 216 85.90 26.93 -72.46
C LEU OA 216 86.99 27.25 -73.46
N ALA OA 217 87.98 26.36 -73.61
CA ALA OA 217 88.98 26.54 -74.67
C ALA OA 217 88.36 26.39 -76.05
N MET OA 218 87.34 25.53 -76.18
CA MET OA 218 86.68 25.29 -77.46
C MET OA 218 85.53 26.29 -77.70
N ASN OA 219 85.27 27.18 -76.73
CA ASN OA 219 84.33 28.31 -76.83
C ASN OA 219 82.89 27.84 -77.00
N MET OA 220 82.43 27.03 -76.05
CA MET OA 220 81.03 26.63 -75.97
C MET OA 220 80.34 27.05 -74.68
N VAL OA 221 81.09 27.50 -73.67
CA VAL OA 221 80.53 27.96 -72.41
C VAL OA 221 80.93 29.40 -72.19
N SER OA 222 80.18 30.08 -71.32
CA SER OA 222 80.56 31.44 -70.97
C SER OA 222 81.28 31.47 -69.63
N PRO OA 223 82.28 32.34 -69.45
CA PRO OA 223 82.94 32.46 -68.15
C PRO OA 223 82.07 33.22 -67.17
N PRO OA 224 82.27 33.04 -65.86
CA PRO OA 224 81.54 33.86 -64.88
C PRO OA 224 82.04 35.30 -64.85
N TYR OA 225 81.14 36.20 -64.50
CA TYR OA 225 81.42 37.63 -64.48
C TYR OA 225 81.32 38.15 -63.05
N VAL OA 226 82.33 38.91 -62.62
CA VAL OA 226 82.47 39.37 -61.26
C VAL OA 226 82.39 40.90 -61.26
N SER OA 227 81.55 41.45 -60.39
CA SER OA 227 81.45 42.89 -60.18
C SER OA 227 81.84 43.21 -58.74
N HIS OA 228 82.70 44.20 -58.57
CA HIS OA 228 83.19 44.60 -57.26
C HIS OA 228 82.84 46.05 -56.98
N THR OA 229 82.38 46.31 -55.76
CA THR OA 229 82.02 47.65 -55.30
C THR OA 229 83.02 48.07 -54.23
N ASP OA 230 83.62 49.24 -54.43
CA ASP OA 230 84.72 49.74 -53.60
C ASP OA 230 84.18 50.83 -52.69
N LEU OA 231 83.80 50.46 -51.46
CA LEU OA 231 83.41 51.48 -50.51
C LEU OA 231 84.66 52.05 -49.82
N GLY OA 232 84.53 53.25 -49.29
CA GLY OA 232 85.65 53.89 -48.63
C GLY OA 232 85.71 53.55 -47.15
N VAL OA 233 85.88 54.56 -46.31
CA VAL OA 233 85.88 54.38 -44.86
C VAL OA 233 84.43 54.52 -44.40
N THR OA 234 83.80 53.40 -44.07
CA THR OA 234 82.39 53.36 -43.70
C THR OA 234 82.24 53.03 -42.23
N GLY OA 235 81.11 53.42 -41.66
CA GLY OA 235 80.79 53.15 -40.29
C GLY OA 235 80.43 54.41 -39.52
N ASP OA 236 79.99 54.19 -38.28
CA ASP OA 236 79.64 55.25 -37.36
C ASP OA 236 80.78 55.44 -36.35
N GLY OA 237 80.53 56.26 -35.33
CA GLY OA 237 81.56 56.58 -34.35
C GLY OA 237 81.87 55.51 -33.33
N SER OA 238 81.13 54.40 -33.34
CA SER OA 238 81.40 53.29 -32.44
C SER OA 238 82.13 52.14 -33.11
N GLU OA 239 82.12 52.07 -34.43
CA GLU OA 239 82.80 50.98 -35.16
C GLU OA 239 83.06 51.45 -36.58
N ILE OA 240 84.30 51.28 -37.04
CA ILE OA 240 84.66 51.68 -38.40
C ILE OA 240 85.32 50.51 -39.12
N HIS OA 241 85.18 50.50 -40.45
CA HIS OA 241 85.88 49.61 -41.35
C HIS OA 241 86.63 50.44 -42.37
N ILE OA 242 87.88 50.08 -42.64
CA ILE OA 242 88.77 50.98 -43.39
C ILE OA 242 88.50 50.90 -44.89
N ASP OA 243 88.58 49.69 -45.45
CA ASP OA 243 88.47 49.51 -46.91
C ASP OA 243 87.48 48.40 -47.18
N ASP OA 244 86.19 48.74 -47.26
CA ASP OA 244 85.16 47.77 -47.60
C ASP OA 244 85.16 47.47 -49.09
N ARG OA 245 85.13 46.19 -49.43
CA ARG OA 245 84.98 45.76 -50.81
C ARG OA 245 83.94 44.66 -50.85
N VAL OA 246 82.94 44.83 -51.71
CA VAL OA 246 81.86 43.86 -51.85
C VAL OA 246 81.97 43.23 -53.23
N LEU OA 247 82.15 41.91 -53.26
CA LEU OA 247 82.30 41.19 -54.52
C LEU OA 247 81.07 40.33 -54.77
N ARG OA 248 80.53 40.42 -55.97
CA ARG OA 248 79.32 39.67 -56.32
C ARG OA 248 79.45 39.20 -57.76
N ILE OA 249 79.22 37.93 -58.00
CA ILE OA 249 79.22 37.43 -59.38
C ILE OA 249 77.80 37.50 -59.94
N THR OA 250 77.69 38.05 -61.14
CA THR OA 250 76.40 38.43 -61.70
C THR OA 250 75.94 37.54 -62.84
N ALA OA 251 76.87 36.93 -63.58
CA ALA OA 251 76.55 36.04 -64.67
C ALA OA 251 77.10 34.67 -64.37
N LEU OA 252 76.22 33.67 -64.28
CA LEU OA 252 76.65 32.31 -64.08
C LEU OA 252 77.13 31.72 -65.41
N PRO OA 253 78.04 30.74 -65.37
CA PRO OA 253 78.44 30.06 -66.60
C PRO OA 253 77.29 29.28 -67.22
N GLU OA 254 77.24 29.29 -68.55
CA GLU OA 254 76.17 28.61 -69.26
C GLU OA 254 76.65 28.18 -70.64
N LEU OA 255 76.00 27.15 -71.16
CA LEU OA 255 76.22 26.68 -72.52
C LEU OA 255 75.64 27.69 -73.51
N ASN OA 256 76.28 27.82 -74.67
CA ASN OA 256 75.69 28.63 -75.73
C ASN OA 256 75.09 27.76 -76.83
N VAL OA 257 74.06 28.30 -77.49
CA VAL OA 257 73.35 27.59 -78.54
C VAL OA 257 73.66 28.15 -79.92
N ASN OA 258 74.47 29.19 -80.01
CA ASN OA 258 74.89 29.76 -81.29
C ASN OA 258 76.14 29.02 -81.74
N SER OA 259 75.99 28.15 -82.74
CA SER OA 259 77.10 27.35 -83.24
C SER OA 259 77.94 28.09 -84.27
N ALA OA 260 77.60 29.33 -84.61
CA ALA OA 260 78.30 30.04 -85.67
C ALA OA 260 79.67 30.55 -85.23
N GLU OA 261 79.92 30.67 -83.93
CA GLU OA 261 81.21 31.11 -83.43
C GLU OA 261 81.92 30.07 -82.57
N TRP OA 262 81.54 28.78 -82.67
CA TRP OA 262 82.36 27.73 -82.11
C TRP OA 262 83.66 27.61 -82.89
N ARG OA 263 84.76 27.35 -82.19
CA ARG OA 263 86.09 27.43 -82.75
C ARG OA 263 86.79 26.09 -82.52
N ALA OA 264 87.21 25.45 -83.62
CA ALA OA 264 87.71 24.09 -83.61
C ALA OA 264 89.19 24.03 -83.25
N ALA OA 265 89.67 22.82 -83.00
CA ALA OA 265 91.06 22.56 -82.64
C ALA OA 265 91.59 21.41 -83.48
N VAL OA 266 92.64 21.66 -84.25
CA VAL OA 266 93.33 20.63 -85.03
C VAL OA 266 94.76 20.54 -84.51
N ALA OA 267 95.14 19.34 -84.06
CA ALA OA 267 96.44 19.12 -83.43
C ALA OA 267 97.38 18.44 -84.42
N LYS OA 268 98.53 19.05 -84.65
CA LYS OA 268 99.53 18.47 -85.54
C LYS OA 268 100.43 17.49 -84.80
N LYS PA 24 111.51 -26.11 -66.08
CA LYS PA 24 110.69 -25.13 -65.39
C LYS PA 24 110.30 -23.99 -66.32
N PHE PA 25 109.04 -23.58 -66.24
CA PHE PA 25 108.52 -22.48 -67.04
C PHE PA 25 108.25 -21.27 -66.15
N LYS PA 26 108.75 -20.12 -66.56
CA LYS PA 26 108.62 -18.90 -65.77
C LYS PA 26 108.62 -17.70 -66.70
N LYS PA 27 108.02 -16.61 -66.21
CA LYS PA 27 107.94 -15.32 -66.85
C LYS PA 27 108.47 -14.25 -65.90
N PRO PA 28 109.14 -13.21 -66.41
CA PRO PA 28 110.03 -12.38 -65.57
C PRO PA 28 109.31 -11.58 -64.47
N PRO PA 29 108.21 -10.78 -64.74
CA PRO PA 29 107.75 -9.92 -63.65
C PRO PA 29 106.94 -10.67 -62.59
N ILE PA 30 107.58 -10.92 -61.44
CA ILE PA 30 106.93 -11.54 -60.28
C ILE PA 30 107.18 -10.60 -59.11
N ASN PA 31 106.23 -9.70 -58.86
CA ASN PA 31 106.36 -8.67 -57.83
C ASN PA 31 105.64 -9.10 -56.55
N ASN PA 32 105.53 -8.17 -55.62
CA ASN PA 32 104.75 -8.39 -54.40
C ASN PA 32 103.26 -8.46 -54.75
N PRO PA 33 102.47 -9.15 -53.93
CA PRO PA 33 101.02 -9.21 -54.19
C PRO PA 33 100.34 -7.85 -54.05
N SER PA 34 99.30 -7.67 -54.86
CA SER PA 34 98.62 -6.39 -55.00
C SER PA 34 97.31 -6.37 -54.22
N ASP PA 35 96.80 -5.17 -54.02
CA ASP PA 35 95.52 -4.95 -53.36
C ASP PA 35 94.52 -4.37 -54.35
N ASP PA 36 93.27 -4.86 -54.27
CA ASP PA 36 92.26 -4.49 -55.24
C ASP PA 36 91.84 -3.02 -55.09
N ALA PA 37 92.01 -2.44 -53.90
CA ALA PA 37 91.81 -1.01 -53.73
C ALA PA 37 92.82 -0.21 -54.56
N THR PA 38 94.09 -0.63 -54.53
CA THR PA 38 95.10 0.01 -55.34
C THR PA 38 94.87 -0.22 -56.83
N ILE PA 39 94.33 -1.40 -57.19
CA ILE PA 39 93.97 -1.68 -58.58
C ILE PA 39 92.89 -0.72 -59.07
N LYS PA 40 91.84 -0.52 -58.25
CA LYS PA 40 90.75 0.39 -58.62
C LYS PA 40 91.24 1.84 -58.70
N LEU PA 41 92.11 2.24 -57.78
CA LEU PA 41 92.67 3.60 -57.81
C LEU PA 41 93.53 3.81 -59.06
N ALA PA 42 94.30 2.80 -59.46
CA ALA PA 42 95.10 2.89 -60.68
C ALA PA 42 94.22 2.98 -61.93
N GLU PA 43 93.13 2.20 -61.95
CA GLU PA 43 92.20 2.25 -63.08
C GLU PA 43 91.52 3.61 -63.20
N ALA PA 44 91.21 4.25 -62.06
CA ALA PA 44 90.70 5.61 -62.11
C ALA PA 44 91.76 6.60 -62.57
N ALA PA 45 92.99 6.44 -62.08
CA ALA PA 45 94.04 7.42 -62.32
C ALA PA 45 94.52 7.43 -63.77
N VAL PA 46 94.51 6.28 -64.45
CA VAL PA 46 94.93 6.23 -65.86
C VAL PA 46 93.96 7.04 -66.74
N SER PA 47 92.67 6.90 -66.51
CA SER PA 47 91.68 7.64 -67.29
C SER PA 47 91.68 9.13 -66.94
N VAL PA 48 91.93 9.46 -65.65
CA VAL PA 48 92.14 10.86 -65.29
C VAL PA 48 93.35 11.43 -66.00
N SER PA 49 94.42 10.64 -66.10
CA SER PA 49 95.67 11.09 -66.71
C SER PA 49 95.52 11.36 -68.21
N ASP PA 50 94.85 10.46 -68.95
CA ASP PA 50 94.76 10.76 -70.38
C ASP PA 50 93.63 11.74 -70.70
N SER PA 51 92.66 11.93 -69.80
CA SER PA 51 91.75 13.07 -69.93
C SER PA 51 92.51 14.40 -69.79
N MET PA 52 93.42 14.47 -68.81
CA MET PA 52 94.29 15.64 -68.69
C MET PA 52 95.19 15.81 -69.90
N LEU PA 53 95.68 14.70 -70.46
CA LEU PA 53 96.53 14.77 -71.65
C LEU PA 53 95.78 15.35 -72.85
N GLU PA 54 94.55 14.89 -73.08
CA GLU PA 54 93.74 15.42 -74.18
C GLU PA 54 93.40 16.90 -73.96
N MET PA 55 93.04 17.27 -72.72
CA MET PA 55 92.69 18.67 -72.44
C MET PA 55 93.90 19.59 -72.58
N ALA PA 56 95.08 19.14 -72.14
CA ALA PA 56 96.30 19.93 -72.27
C ALA PA 56 96.70 20.08 -73.73
N LYS PA 57 96.54 19.02 -74.53
CA LYS PA 57 96.83 19.10 -75.95
C LYS PA 57 95.89 20.09 -76.65
N VAL PA 58 94.60 20.06 -76.30
CA VAL PA 58 93.63 20.97 -76.89
C VAL PA 58 93.94 22.42 -76.52
N GLU PA 59 94.26 22.66 -75.24
CA GLU PA 59 94.55 24.03 -74.80
C GLU PA 59 95.84 24.57 -75.41
N LYS PA 60 96.87 23.72 -75.54
CA LYS PA 60 98.11 24.13 -76.17
C LYS PA 60 97.91 24.43 -77.66
N VAL PA 61 97.03 23.67 -78.32
CA VAL PA 61 96.73 23.93 -79.73
C VAL PA 61 95.98 25.25 -79.89
N ILE PA 62 94.98 25.51 -79.03
CA ILE PA 62 94.17 26.71 -79.16
C ILE PA 62 94.98 27.96 -78.82
N THR PA 63 95.71 27.96 -77.70
CA THR PA 63 96.44 29.14 -77.25
C THR PA 63 97.93 28.85 -77.19
N PRO PA 64 98.70 29.20 -78.23
CA PRO PA 64 100.15 28.99 -78.18
C PRO PA 64 100.83 30.07 -77.35
N PRO PA 65 101.62 29.69 -76.35
CA PRO PA 65 102.34 30.69 -75.56
C PRO PA 65 103.50 31.30 -76.34
N SER PA 66 103.87 32.52 -75.94
CA SER PA 66 104.91 33.27 -76.63
C SER PA 66 106.03 33.77 -75.73
N LYS PA 67 105.86 33.77 -74.41
CA LYS PA 67 106.86 34.30 -73.49
C LYS PA 67 107.21 33.27 -72.43
N ASP PA 68 108.44 33.37 -71.92
CA ASP PA 68 108.94 32.49 -70.89
C ASP PA 68 109.49 33.32 -69.74
N ASN PA 69 109.41 32.77 -68.53
CA ASN PA 69 109.78 33.50 -67.31
C ASN PA 69 111.29 33.49 -67.03
N THR PA 70 112.12 33.10 -68.01
CA THR PA 70 113.55 33.19 -67.84
C THR PA 70 114.01 34.66 -67.84
N LEU PA 71 113.28 35.53 -68.54
CA LEU PA 71 113.58 36.95 -68.52
C LEU PA 71 113.32 37.57 -67.16
N THR PA 72 112.25 37.15 -66.49
CA THR PA 72 111.93 37.70 -65.17
C THR PA 72 112.72 37.02 -64.05
N ILE PA 73 113.03 35.74 -64.21
CA ILE PA 73 113.82 35.01 -63.22
C ILE PA 73 115.07 34.48 -63.90
N PRO PA 74 116.17 35.25 -63.95
CA PRO PA 74 117.42 34.72 -64.50
C PRO PA 74 118.27 34.05 -63.43
N ASN PA 75 119.23 33.27 -63.89
CA ASN PA 75 120.17 32.59 -63.00
C ASN PA 75 121.49 33.35 -62.91
N ALA PA 76 122.24 33.04 -61.86
CA ALA PA 76 123.54 33.64 -61.60
C ALA PA 76 124.35 32.66 -60.75
N TYR PA 77 125.48 33.12 -60.22
CA TYR PA 77 126.23 32.30 -59.27
C TYR PA 77 125.47 32.26 -57.94
N ASN PA 78 125.75 31.20 -57.17
CA ASN PA 78 125.12 30.71 -55.94
C ASN PA 78 123.59 30.66 -55.99
N LEU PA 79 123.04 30.50 -57.19
CA LEU PA 79 121.71 29.99 -57.40
C LEU PA 79 121.75 28.56 -57.94
N GLN PA 80 122.94 27.99 -58.06
CA GLN PA 80 123.14 26.64 -58.58
C GLN PA 80 123.32 25.61 -57.48
N ALA PA 81 123.20 26.00 -56.21
CA ALA PA 81 123.08 25.02 -55.15
C ALA PA 81 121.74 24.31 -55.28
N ARG PA 82 121.67 23.06 -54.87
CA ARG PA 82 120.52 22.24 -55.25
C ARG PA 82 119.68 21.91 -54.02
N ALA PA 83 118.46 21.44 -54.29
CA ALA PA 83 117.52 21.19 -53.20
C ALA PA 83 116.54 20.09 -53.59
N SER PA 84 116.18 19.28 -52.60
CA SER PA 84 115.07 18.34 -52.70
C SER PA 84 113.99 18.82 -51.74
N VAL PA 85 112.80 19.05 -52.26
CA VAL PA 85 111.76 19.77 -51.52
C VAL PA 85 110.43 19.01 -51.65
N ASP PA 86 109.72 18.89 -50.51
CA ASP PA 86 108.38 18.33 -50.45
C ASP PA 86 107.59 19.25 -49.51
N TRP PA 87 106.88 20.22 -50.09
CA TRP PA 87 106.20 21.27 -49.34
C TRP PA 87 104.75 21.35 -49.78
N SER PA 88 103.85 21.48 -48.80
CA SER PA 88 102.41 21.50 -49.03
C SER PA 88 101.74 22.62 -48.25
N GLY PA 89 102.29 23.82 -48.32
CA GLY PA 89 101.76 24.95 -47.59
C GLY PA 89 101.79 26.25 -48.35
N PRO PA 90 101.78 27.38 -47.63
CA PRO PA 90 101.79 28.68 -48.29
C PRO PA 90 103.13 29.00 -48.94
N ILE PA 91 103.09 29.98 -49.84
CA ILE PA 91 104.21 30.26 -50.74
C ILE PA 91 105.30 31.08 -50.05
N GLU PA 92 104.94 31.91 -49.06
CA GLU PA 92 105.86 32.92 -48.55
C GLU PA 92 106.99 32.32 -47.72
N GLU PA 93 106.66 31.34 -46.86
CA GLU PA 93 107.69 30.71 -46.02
C GLU PA 93 108.68 29.91 -46.86
N LEU PA 94 108.18 29.18 -47.86
CA LEU PA 94 109.05 28.41 -48.74
C LEU PA 94 109.94 29.32 -49.57
N THR PA 95 109.39 30.43 -50.08
CA THR PA 95 110.20 31.37 -50.85
C THR PA 95 111.25 32.06 -49.99
N ALA PA 96 110.91 32.35 -48.72
CA ALA PA 96 111.88 32.92 -47.79
C ALA PA 96 112.99 31.94 -47.47
N ARG PA 97 112.66 30.65 -47.31
CA ARG PA 97 113.71 29.65 -47.07
C ARG PA 97 114.62 29.48 -48.28
N ILE PA 98 114.06 29.50 -49.49
CA ILE PA 98 114.88 29.42 -50.71
C ILE PA 98 115.79 30.63 -50.83
N ALA PA 99 115.28 31.83 -50.53
CA ALA PA 99 116.10 33.04 -50.58
C ALA PA 99 117.19 33.02 -49.52
N LYS PA 100 116.89 32.53 -48.31
CA LYS PA 100 117.89 32.45 -47.25
C LYS PA 100 118.97 31.43 -47.58
N ALA PA 101 118.60 30.33 -48.25
CA ALA PA 101 119.62 29.39 -48.70
C ALA PA 101 120.45 29.95 -49.85
N ALA PA 102 119.84 30.79 -50.70
CA ALA PA 102 120.54 31.40 -51.82
C ALA PA 102 121.29 32.67 -51.43
N HIS PA 103 121.22 33.07 -50.15
CA HIS PA 103 121.93 34.24 -49.59
C HIS PA 103 121.48 35.53 -50.26
N PHE PA 104 120.20 35.63 -50.56
CA PHE PA 104 119.60 36.81 -51.18
C PHE PA 104 118.65 37.47 -50.19
N ARG PA 105 118.46 38.78 -50.36
CA ARG PA 105 117.45 39.47 -49.59
C ARG PA 105 116.06 39.09 -50.10
N PHE PA 106 115.07 39.17 -49.22
CA PHE PA 106 113.70 38.81 -49.55
C PHE PA 106 112.81 40.03 -49.42
N ARG PA 107 111.99 40.28 -50.45
CA ARG PA 107 111.11 41.43 -50.48
C ARG PA 107 109.70 41.00 -50.85
N VAL PA 108 108.71 41.61 -50.21
CA VAL PA 108 107.30 41.31 -50.45
C VAL PA 108 106.61 42.60 -50.88
N LEU PA 109 105.89 42.55 -51.99
CA LEU PA 109 105.13 43.68 -52.51
C LEU PA 109 103.66 43.32 -52.60
N GLY PA 110 102.80 44.27 -52.21
CA GLY PA 110 101.37 44.08 -52.26
C GLY PA 110 100.81 43.52 -50.95
N LYS PA 111 99.49 43.45 -50.90
CA LYS PA 111 98.78 42.93 -49.74
C LYS PA 111 98.52 41.45 -49.92
N SER PA 112 98.76 40.68 -48.85
CA SER PA 112 98.44 39.27 -48.86
C SER PA 112 96.92 39.09 -48.83
N PRO PA 113 96.36 38.17 -49.63
CA PRO PA 113 94.92 37.97 -49.62
C PRO PA 113 94.46 37.22 -48.38
N SER PA 114 93.16 37.36 -48.10
CA SER PA 114 92.59 36.70 -46.93
C SER PA 114 92.48 35.19 -47.15
N VAL PA 115 92.13 34.77 -48.36
CA VAL PA 115 92.22 33.36 -48.74
C VAL PA 115 93.67 33.11 -49.13
N PRO PA 116 94.36 32.18 -48.47
CA PRO PA 116 95.80 32.03 -48.72
C PRO PA 116 96.10 31.37 -50.06
N VAL PA 117 97.26 31.71 -50.60
CA VAL PA 117 97.75 31.13 -51.84
C VAL PA 117 98.54 29.88 -51.49
N LEU PA 118 98.03 28.72 -51.86
CA LEU PA 118 98.62 27.44 -51.49
C LEU PA 118 99.32 26.82 -52.69
N ILE PA 119 100.49 26.23 -52.45
CA ILE PA 119 101.26 25.54 -53.47
C ILE PA 119 101.62 24.16 -52.96
N SER PA 120 101.90 23.26 -53.90
CA SER PA 120 102.30 21.89 -53.58
C SER PA 120 103.48 21.53 -54.48
N ILE PA 121 104.66 21.40 -53.87
CA ILE PA 121 105.90 21.12 -54.59
C ILE PA 121 106.46 19.80 -54.08
N SER PA 122 106.80 18.91 -55.01
CA SER PA 122 107.46 17.65 -54.67
C SER PA 122 108.48 17.33 -55.75
N THR PA 123 109.72 17.79 -55.56
CA THR PA 123 110.79 17.56 -56.52
C THR PA 123 111.94 16.79 -55.86
N LYS PA 124 113.00 16.58 -56.64
CA LYS PA 124 114.18 15.86 -56.16
C LYS PA 124 115.37 16.30 -57.00
N ASP PA 125 116.38 16.91 -56.35
CA ASP PA 125 117.66 17.31 -56.93
C ASP PA 125 117.44 18.27 -58.10
N GLU PA 126 116.98 19.46 -57.74
CA GLU PA 126 116.71 20.51 -58.72
C GLU PA 126 117.31 21.82 -58.23
N SER PA 127 117.72 22.65 -59.19
CA SER PA 127 118.35 23.92 -58.89
C SER PA 127 117.31 24.93 -58.38
N LEU PA 128 117.81 25.94 -57.67
CA LEU PA 128 116.94 26.92 -57.02
C LEU PA 128 116.21 27.80 -58.04
N ALA PA 129 116.85 28.11 -59.17
CA ALA PA 129 116.19 28.89 -60.22
C ALA PA 129 115.02 28.11 -60.82
N GLU PA 130 115.21 26.81 -61.05
CA GLU PA 130 114.13 25.97 -61.58
C GLU PA 130 113.02 25.80 -60.55
N ILE PA 131 113.37 25.68 -59.27
CA ILE PA 131 112.36 25.59 -58.21
C ILE PA 131 111.54 26.87 -58.14
N LEU PA 132 112.20 28.03 -58.23
CA LEU PA 132 111.50 29.31 -58.22
C LEU PA 132 110.62 29.49 -59.45
N ARG PA 133 111.08 28.99 -60.61
CA ARG PA 133 110.26 29.06 -61.82
C ARG PA 133 109.01 28.18 -61.72
N ASP PA 134 109.16 26.98 -61.13
CA ASP PA 134 108.00 26.11 -60.93
C ASP PA 134 107.02 26.70 -59.91
N ILE PA 135 107.55 27.35 -58.86
CA ILE PA 135 106.71 28.03 -57.88
C ILE PA 135 105.96 29.19 -58.52
N ASP PA 136 106.63 29.94 -59.40
CA ASP PA 136 105.99 31.05 -60.10
C ASP PA 136 104.91 30.58 -61.06
N TYR PA 137 105.16 29.47 -61.78
CA TYR PA 137 104.14 28.89 -62.64
C TYR PA 137 102.94 28.36 -61.86
N GLN PA 138 103.18 27.70 -60.72
CA GLN PA 138 102.06 27.18 -59.93
C GLN PA 138 101.28 28.31 -59.25
N ALA PA 139 101.94 29.40 -58.87
CA ALA PA 139 101.22 30.56 -58.34
C ALA PA 139 100.39 31.22 -59.42
N GLY PA 140 100.97 31.45 -60.60
CA GLY PA 140 100.20 31.90 -61.74
C GLY PA 140 99.73 33.33 -61.68
N LYS PA 141 98.42 33.51 -61.58
CA LYS PA 141 97.79 34.83 -61.68
C LYS PA 141 97.67 35.51 -60.33
N LYS PA 142 97.93 34.80 -59.23
CA LYS PA 142 97.80 35.36 -57.89
C LYS PA 142 99.07 36.02 -57.39
N ALA PA 143 100.24 35.49 -57.75
CA ALA PA 143 101.49 36.05 -57.27
C ALA PA 143 102.55 35.87 -58.34
N SER PA 144 103.62 36.66 -58.21
CA SER PA 144 104.73 36.62 -59.17
C SER PA 144 106.05 36.70 -58.42
N ILE PA 145 107.07 36.11 -59.04
CA ILE PA 145 108.42 36.03 -58.48
C ILE PA 145 109.37 36.72 -59.44
N HIS PA 146 110.19 37.64 -58.91
CA HIS PA 146 111.23 38.30 -59.68
C HIS PA 146 112.56 38.16 -58.96
N VAL PA 147 113.65 38.11 -59.74
CA VAL PA 147 114.99 37.95 -59.20
C VAL PA 147 115.87 39.03 -59.78
N TYR PA 148 116.51 39.83 -58.92
CA TYR PA 148 117.47 40.82 -59.33
C TYR PA 148 118.85 40.39 -58.85
N PRO PA 149 119.72 39.91 -59.74
CA PRO PA 149 121.02 39.39 -59.29
C PRO PA 149 122.07 40.45 -59.00
N ASN PA 150 121.95 41.64 -59.59
CA ASN PA 150 122.92 42.70 -59.32
C ASN PA 150 122.72 43.28 -57.93
N SER PA 151 121.49 43.24 -57.41
CA SER PA 151 121.19 43.66 -56.05
C SER PA 151 120.96 42.48 -55.11
N GLN PA 152 120.94 41.25 -55.65
CA GLN PA 152 120.74 39.99 -54.91
C GLN PA 152 119.44 40.00 -54.11
N VAL PA 153 118.34 40.22 -54.82
CA VAL PA 153 117.02 40.38 -54.22
C VAL PA 153 116.03 39.44 -54.89
N VAL PA 154 115.36 38.62 -54.09
CA VAL PA 154 114.21 37.83 -54.54
C VAL PA 154 112.96 38.56 -54.07
N GLU PA 155 112.07 38.89 -55.00
CA GLU PA 155 110.88 39.68 -54.72
C GLU PA 155 109.63 38.89 -55.07
N LEU PA 156 108.69 38.82 -54.14
CA LEU PA 156 107.39 38.19 -54.34
C LEU PA 156 106.33 39.28 -54.31
N ARG PA 157 105.55 39.38 -55.38
CA ARG PA 157 104.52 40.41 -55.47
C ARG PA 157 103.15 39.76 -55.62
N TYR PA 158 102.16 40.32 -54.93
CA TYR PA 158 100.79 39.83 -55.00
C TYR PA 158 100.02 40.58 -56.08
N ALA PA 159 98.97 39.94 -56.58
CA ALA PA 159 98.21 40.51 -57.69
C ALA PA 159 97.34 41.67 -57.23
N LYS PA 160 97.08 42.60 -58.15
CA LYS PA 160 96.20 43.74 -57.89
C LYS PA 160 94.76 43.31 -58.16
N ILE PA 161 94.24 42.50 -57.23
CA ILE PA 161 92.90 41.94 -57.30
C ILE PA 161 92.26 42.15 -55.93
N TYR PA 162 90.95 41.89 -55.85
CA TYR PA 162 90.07 42.18 -54.70
C TYR PA 162 90.10 43.67 -54.35
N GLY QA 271 52.84 16.05 -80.94
CA GLY QA 271 53.79 16.42 -79.93
C GLY QA 271 55.17 15.82 -80.15
N ILE QA 272 56.20 16.59 -79.81
CA ILE QA 272 57.58 16.12 -79.95
C ILE QA 272 57.87 15.07 -78.87
N PRO QA 273 58.42 13.92 -79.22
CA PRO QA 273 58.78 12.91 -78.21
C PRO QA 273 59.92 13.41 -77.33
N PRO QA 274 60.03 12.89 -76.10
CA PRO QA 274 61.14 13.30 -75.23
C PRO QA 274 62.49 12.87 -75.77
N SER QA 275 63.52 13.63 -75.41
CA SER QA 275 64.85 13.42 -75.96
C SER QA 275 65.49 12.16 -75.41
N ALA QA 276 65.61 12.08 -74.09
CA ALA QA 276 66.24 10.95 -73.40
C ALA QA 276 65.86 11.02 -71.93
N ASN QA 277 66.50 10.16 -71.14
CA ASN QA 277 66.47 10.26 -69.69
C ASN QA 277 67.86 10.69 -69.24
N ASP QA 278 67.93 11.72 -68.39
CA ASP QA 278 69.22 12.30 -68.03
C ASP QA 278 69.94 11.53 -66.92
N LEU QA 279 69.34 10.47 -66.39
CA LEU QA 279 70.03 9.61 -65.43
C LEU QA 279 71.12 8.77 -66.09
N LEU QA 280 71.04 8.58 -67.41
CA LEU QA 280 72.03 7.76 -68.11
C LEU QA 280 73.41 8.41 -68.16
N LEU QA 281 73.50 9.73 -67.98
CA LEU QA 281 74.81 10.36 -67.83
C LEU QA 281 75.50 9.92 -66.53
N HIS QA 282 74.73 9.87 -65.44
CA HIS QA 282 75.28 9.36 -64.18
C HIS QA 282 75.54 7.87 -64.25
N VAL QA 283 74.72 7.13 -64.99
CA VAL QA 283 74.97 5.70 -65.21
C VAL QA 283 76.26 5.49 -65.99
N LEU QA 284 76.51 6.35 -66.99
CA LEU QA 284 77.75 6.30 -67.76
C LEU QA 284 78.95 6.63 -66.89
N GLU QA 285 78.82 7.63 -66.00
CA GLU QA 285 79.90 7.95 -65.09
C GLU QA 285 80.09 6.90 -64.01
N GLY QA 286 79.07 6.08 -63.73
CA GLY QA 286 79.16 5.02 -62.75
C GLY QA 286 78.45 5.30 -61.45
N VAL QA 287 77.96 6.53 -61.26
CA VAL QA 287 77.24 6.88 -60.03
C VAL QA 287 75.81 6.36 -60.13
N PRO QA 288 75.32 5.63 -59.13
CA PRO QA 288 73.94 5.14 -59.19
C PRO QA 288 72.95 6.28 -59.06
N PRO QA 289 71.73 6.14 -59.61
CA PRO QA 289 70.71 7.16 -59.40
C PRO QA 289 70.27 7.19 -57.95
N PRO QA 290 69.86 8.36 -57.44
CA PRO QA 290 69.47 8.45 -56.03
C PRO QA 290 68.15 7.76 -55.75
N GLY QA 291 68.09 7.06 -54.62
CA GLY QA 291 66.92 6.31 -54.24
C GLY QA 291 66.84 4.90 -54.81
N SER QA 292 67.82 4.49 -55.60
CA SER QA 292 67.81 3.17 -56.22
C SER QA 292 68.43 2.14 -55.29
N ARG QA 293 68.36 0.87 -55.68
CA ARG QA 293 68.95 -0.23 -54.94
C ARG QA 293 69.78 -1.09 -55.90
N ARG QA 294 70.83 -1.69 -55.36
CA ARG QA 294 71.79 -2.42 -56.17
C ARG QA 294 71.25 -3.80 -56.55
N LEU QA 295 71.71 -4.29 -57.70
CA LEU QA 295 71.45 -5.65 -58.14
C LEU QA 295 72.77 -6.37 -58.35
N VAL QA 296 72.73 -7.69 -58.24
CA VAL QA 296 73.92 -8.53 -58.35
C VAL QA 296 73.97 -9.11 -59.75
N VAL QA 297 75.08 -8.88 -60.45
CA VAL QA 297 75.28 -9.36 -61.81
C VAL QA 297 76.42 -10.36 -61.79
N SER QA 298 76.18 -11.54 -62.36
CA SER QA 298 77.17 -12.61 -62.40
C SER QA 298 77.39 -13.06 -63.83
N GLY QA 299 78.63 -13.46 -64.13
CA GLY QA 299 78.98 -13.99 -65.43
C GLY QA 299 79.73 -13.02 -66.33
N GLY QA 300 79.83 -11.74 -65.96
CA GLY QA 300 80.50 -10.78 -66.81
C GLY QA 300 80.68 -9.47 -66.10
N ASP QA 301 81.36 -8.54 -66.78
CA ASP QA 301 81.68 -7.23 -66.23
C ASP QA 301 80.54 -6.28 -66.55
N ALA QA 302 79.60 -6.15 -65.60
CA ALA QA 302 78.46 -5.27 -65.77
C ALA QA 302 77.93 -4.89 -64.40
N ARG QA 303 77.32 -3.70 -64.33
CA ARG QA 303 76.66 -3.23 -63.11
C ARG QA 303 75.21 -2.90 -63.43
N ALA QA 304 74.34 -3.09 -62.45
CA ALA QA 304 72.92 -2.85 -62.65
C ALA QA 304 72.32 -2.19 -61.41
N TRP QA 305 71.29 -1.37 -61.64
CA TRP QA 305 70.56 -0.72 -60.56
C TRP QA 305 69.08 -0.72 -60.88
N LEU QA 306 68.25 -0.68 -59.84
CA LEU QA 306 66.80 -0.65 -59.98
C LEU QA 306 66.26 0.56 -59.23
N SER QA 307 65.59 1.46 -59.95
CA SER QA 307 65.09 2.70 -59.37
C SER QA 307 63.57 2.79 -59.37
N ASN QA 308 62.93 2.65 -60.52
CA ASN QA 308 61.50 2.85 -60.68
C ASN QA 308 60.89 1.70 -61.48
N GLU QA 309 61.19 0.47 -61.03
CA GLU QA 309 60.85 -0.79 -61.71
C GLU QA 309 61.44 -0.85 -63.11
N LYS QA 310 62.62 -0.26 -63.28
CA LYS QA 310 63.40 -0.32 -64.51
C LYS QA 310 64.85 -0.58 -64.12
N MET QA 311 65.56 -1.35 -64.94
CA MET QA 311 66.98 -1.52 -64.68
C MET QA 311 67.79 -0.47 -65.44
N TYR QA 312 68.89 -0.06 -64.84
CA TYR QA 312 69.91 0.74 -65.48
C TYR QA 312 71.20 -0.06 -65.46
N VAL QA 313 71.73 -0.36 -66.65
CA VAL QA 313 72.84 -1.29 -66.82
C VAL QA 313 74.03 -0.52 -67.40
N ARG QA 314 75.19 -0.68 -66.78
CA ARG QA 314 76.45 -0.11 -67.25
C ARG QA 314 77.40 -1.25 -67.59
N THR QA 315 77.77 -1.34 -68.86
CA THR QA 315 78.69 -2.35 -69.36
C THR QA 315 79.25 -1.89 -70.69
N ASN QA 316 80.30 -2.57 -71.15
CA ASN QA 316 80.83 -2.37 -72.49
C ASN QA 316 80.53 -3.54 -73.43
N LEU QA 317 79.65 -4.44 -73.03
CA LEU QA 317 79.19 -5.53 -73.87
C LEU QA 317 78.03 -5.04 -74.75
N THR QA 318 77.53 -5.92 -75.62
CA THR QA 318 76.44 -5.60 -76.52
C THR QA 318 75.24 -6.46 -76.15
N ILE QA 319 74.16 -5.82 -75.69
CA ILE QA 319 72.97 -6.52 -75.24
C ILE QA 319 72.16 -6.94 -76.47
N LEU QA 320 71.81 -8.22 -76.55
CA LEU QA 320 71.21 -8.79 -77.75
C LEU QA 320 69.73 -9.08 -77.60
N SER QA 321 69.32 -9.93 -76.65
CA SER QA 321 67.94 -10.42 -76.64
C SER QA 321 66.86 -9.54 -75.98
N PRO QA 322 66.98 -9.05 -74.74
CA PRO QA 322 65.78 -8.61 -74.02
C PRO QA 322 65.22 -7.26 -74.49
N GLY QA 323 66.00 -6.44 -75.16
CA GLY QA 323 65.47 -5.18 -75.66
C GLY QA 323 65.50 -4.05 -74.65
N TRP QA 324 66.04 -2.91 -75.05
CA TRP QA 324 66.17 -1.75 -74.19
C TRP QA 324 65.31 -0.59 -74.70
N LEU QA 325 65.03 0.34 -73.78
CA LEU QA 325 64.20 1.50 -74.10
C LEU QA 325 65.03 2.71 -74.51
N ALA QA 326 66.14 2.99 -73.83
CA ALA QA 326 66.97 4.13 -74.17
C ALA QA 326 68.44 3.75 -74.06
N SER QA 327 69.29 4.48 -74.77
CA SER QA 327 70.71 4.14 -74.77
C SER QA 327 71.59 5.37 -74.97
N MET QA 328 72.71 5.38 -74.26
CA MET QA 328 73.79 6.35 -74.46
C MET QA 328 75.13 5.65 -74.49
N THR QA 329 76.13 6.33 -75.05
CA THR QA 329 77.47 5.80 -75.22
C THR QA 329 78.48 6.87 -74.80
N SER QA 330 79.53 6.45 -74.10
CA SER QA 330 80.58 7.37 -73.68
C SER QA 330 81.66 7.46 -74.77
N ALA QA 331 82.73 8.20 -74.47
CA ALA QA 331 83.81 8.37 -75.43
C ALA QA 331 84.71 7.14 -75.54
N ASP QA 332 84.89 6.41 -74.45
CA ASP QA 332 85.79 5.26 -74.43
C ASP QA 332 85.11 3.94 -74.77
N GLY QA 333 83.83 3.95 -75.09
CA GLY QA 333 83.14 2.75 -75.51
C GLY QA 333 82.24 2.11 -74.48
N THR QA 334 81.92 2.80 -73.39
CA THR QA 334 81.01 2.28 -72.37
C THR QA 334 79.58 2.61 -72.77
N HIS QA 335 78.68 1.64 -72.56
CA HIS QA 335 77.28 1.77 -72.94
C HIS QA 335 76.41 1.86 -71.69
N ALA QA 336 75.38 2.70 -71.76
CA ALA QA 336 74.38 2.83 -70.71
C ALA QA 336 73.01 2.56 -71.30
N TYR QA 337 72.24 1.68 -70.66
CA TYR QA 337 70.96 1.21 -71.16
C TYR QA 337 69.87 1.49 -70.14
N GLU QA 338 68.69 1.87 -70.63
CA GLU QA 338 67.46 1.92 -69.86
C GLU QA 338 66.50 0.90 -70.45
N MET QA 339 65.99 0.01 -69.60
CA MET QA 339 65.20 -1.13 -70.05
C MET QA 339 64.28 -1.59 -68.92
N GLN QA 340 63.41 -2.54 -69.26
CA GLN QA 340 62.54 -3.15 -68.27
C GLN QA 340 63.27 -4.26 -67.52
N LYS QA 341 62.71 -4.65 -66.37
CA LYS QA 341 63.37 -5.62 -65.51
C LYS QA 341 63.25 -7.04 -66.06
N SER QA 342 64.32 -7.82 -65.88
CA SER QA 342 64.43 -9.18 -66.37
C SER QA 342 65.58 -9.85 -65.64
N PRO QA 343 65.48 -11.14 -65.30
CA PRO QA 343 66.57 -11.80 -64.57
C PRO QA 343 67.68 -12.39 -65.43
N VAL QA 344 67.64 -12.21 -66.75
CA VAL QA 344 68.64 -12.78 -67.64
C VAL QA 344 68.97 -11.75 -68.73
N LEU QA 345 70.25 -11.68 -69.11
CA LEU QA 345 70.68 -10.85 -70.22
C LEU QA 345 71.47 -11.70 -71.20
N LEU QA 346 71.24 -11.51 -72.49
CA LEU QA 346 71.99 -12.18 -73.53
C LEU QA 346 72.93 -11.17 -74.20
N VAL QA 347 74.22 -11.43 -74.13
CA VAL QA 347 75.23 -10.51 -74.63
C VAL QA 347 76.20 -11.24 -75.56
N SER QA 348 76.95 -10.46 -76.31
CA SER QA 348 78.01 -10.96 -77.18
C SER QA 348 79.34 -10.41 -76.70
N TRP QA 349 80.32 -11.29 -76.51
CA TRP QA 349 81.57 -10.87 -75.87
C TRP QA 349 82.62 -10.43 -76.89
N HIS QA 350 83.06 -11.35 -77.74
CA HIS QA 350 83.97 -11.05 -78.85
C HIS QA 350 83.55 -11.84 -80.08
N GLY QA 351 82.25 -11.83 -80.37
CA GLY QA 351 81.70 -12.69 -81.39
C GLY QA 351 81.10 -13.97 -80.87
N LYS QA 352 81.02 -14.14 -79.55
CA LYS QA 352 80.47 -15.33 -78.93
C LYS QA 352 79.31 -14.93 -78.04
N VAL QA 353 78.21 -15.67 -78.14
CA VAL QA 353 76.97 -15.34 -77.44
C VAL QA 353 76.97 -16.02 -76.08
N MET QA 354 76.63 -15.27 -75.04
CA MET QA 354 76.72 -15.75 -73.66
C MET QA 354 75.62 -15.06 -72.84
N GLN QA 355 75.46 -15.51 -71.60
CA GLN QA 355 74.39 -15.03 -70.74
C GLN QA 355 74.93 -14.47 -69.44
N LEU QA 356 74.22 -13.48 -68.91
CA LEU QA 356 74.49 -12.87 -67.62
C LEU QA 356 73.26 -13.03 -66.73
N LYS QA 357 73.49 -13.37 -65.47
CA LYS QA 357 72.43 -13.66 -64.52
C LYS QA 357 72.27 -12.50 -63.54
N VAL QA 358 71.05 -12.02 -63.38
CA VAL QA 358 70.74 -10.86 -62.55
C VAL QA 358 69.94 -11.32 -61.35
N GLU QA 359 70.39 -10.94 -60.16
CA GLU QA 359 69.74 -11.28 -58.90
C GLU QA 359 69.28 -10.01 -58.19
N GLY QA 360 68.51 -10.20 -57.12
CA GLY QA 360 68.07 -9.11 -56.29
C GLY QA 360 66.83 -8.39 -56.77
N LEU QA 361 66.14 -8.90 -57.78
CA LEU QA 361 64.94 -8.25 -58.29
C LEU QA 361 63.75 -8.49 -57.37
N LYS RA 40 94.60 6.79 -25.47
CA LYS RA 40 94.44 6.54 -26.90
C LYS RA 40 95.36 7.46 -27.70
N LEU RA 41 95.65 8.63 -27.12
CA LEU RA 41 96.59 9.55 -27.75
C LEU RA 41 98.01 9.00 -27.64
N PRO RA 42 98.88 9.33 -28.60
CA PRO RA 42 100.29 8.92 -28.49
C PRO RA 42 100.99 9.63 -27.33
N CYS RA 43 101.98 8.94 -26.76
CA CYS RA 43 102.70 9.45 -25.61
C CYS RA 43 104.06 10.06 -25.97
N ARG RA 44 104.55 9.82 -27.17
CA ARG RA 44 105.82 10.38 -27.63
C ARG RA 44 105.82 10.39 -29.15
N VAL RA 45 106.87 10.96 -29.73
CA VAL RA 45 107.09 10.84 -31.16
C VAL RA 45 107.52 9.41 -31.48
N ASP RA 46 106.95 8.84 -32.54
CA ASP RA 46 107.10 7.42 -32.80
C ASP RA 46 108.50 7.06 -33.31
N GLY RA 47 108.97 5.88 -32.92
CA GLY RA 47 110.27 5.40 -33.35
C GLY RA 47 111.45 6.13 -32.77
N ALA RA 48 111.29 6.80 -31.64
CA ALA RA 48 112.34 7.63 -31.06
C ALA RA 48 112.48 7.36 -29.58
N CYS RA 49 113.72 7.44 -29.09
CA CYS RA 49 114.01 7.28 -27.68
C CYS RA 49 115.30 8.03 -27.35
N ASP RA 50 115.30 8.72 -26.21
CA ASP RA 50 116.46 9.51 -25.80
C ASP RA 50 117.65 8.62 -25.45
N ALA RA 51 117.41 7.45 -24.86
CA ALA RA 51 118.49 6.50 -24.58
C ALA RA 51 119.14 6.01 -25.87
N THR RA 52 118.32 5.76 -26.90
CA THR RA 52 118.83 5.36 -28.22
C THR RA 52 119.61 6.51 -28.86
N ILE RA 53 119.15 7.75 -28.67
CA ILE RA 53 119.86 8.92 -29.20
C ILE RA 53 121.23 9.06 -28.57
N ILE RA 54 121.30 8.94 -27.22
CA ILE RA 54 122.56 9.04 -26.50
C ILE RA 54 123.50 7.89 -26.88
N LYS RA 55 122.94 6.70 -27.06
CA LYS RA 55 123.72 5.54 -27.48
C LYS RA 55 124.34 5.73 -28.86
N MET RA 56 123.57 6.24 -29.82
CA MET RA 56 124.13 6.43 -31.16
C MET RA 56 125.09 7.59 -31.23
N MET RA 57 124.88 8.66 -30.44
CA MET RA 57 125.87 9.73 -30.37
C MET RA 57 127.19 9.23 -29.78
N THR RA 58 127.11 8.41 -28.73
CA THR RA 58 128.33 7.84 -28.14
C THR RA 58 129.03 6.90 -29.10
N ASP RA 59 128.28 6.05 -29.82
CA ASP RA 59 128.89 5.13 -30.77
C ASP RA 59 129.50 5.84 -31.96
N LEU RA 60 128.85 6.90 -32.45
CA LEU RA 60 129.41 7.66 -33.57
C LEU RA 60 130.65 8.44 -33.15
N ASN RA 61 130.64 8.98 -31.94
CA ASN RA 61 131.82 9.70 -31.45
C ASN RA 61 132.99 8.77 -31.18
N LYS RA 62 132.72 7.54 -30.71
CA LYS RA 62 133.80 6.57 -30.58
C LYS RA 62 134.28 6.04 -31.93
N LYS RA 63 133.39 5.96 -32.92
CA LYS RA 63 133.79 5.49 -34.24
C LYS RA 63 134.64 6.54 -34.96
N GLY RA 64 134.31 7.81 -34.81
CA GLY RA 64 135.12 8.86 -35.41
C GLY RA 64 134.34 9.94 -36.11
N ILE RA 65 133.04 9.72 -36.29
CA ILE RA 65 132.17 10.73 -36.87
C ILE RA 65 131.81 11.75 -35.81
N LYS RA 66 132.04 13.03 -36.10
CA LYS RA 66 131.87 14.05 -35.07
C LYS RA 66 130.43 14.49 -34.99
N VAL RA 67 129.82 14.36 -33.81
CA VAL RA 67 128.46 14.80 -33.55
C VAL RA 67 128.52 15.91 -32.51
N ALA RA 68 127.98 17.08 -32.85
CA ALA RA 68 128.01 18.23 -31.96
C ALA RA 68 126.62 18.84 -31.86
N SER RA 69 126.31 19.36 -30.66
CA SER RA 69 125.01 19.97 -30.39
C SER RA 69 125.22 21.20 -29.53
N VAL RA 70 124.86 22.37 -30.07
CA VAL RA 70 124.90 23.63 -29.34
C VAL RA 70 123.51 24.26 -29.43
N GLY RA 71 122.86 24.42 -28.28
CA GLY RA 71 121.50 24.93 -28.26
C GLY RA 71 120.51 23.93 -28.83
N GLN RA 72 119.93 24.25 -29.99
CA GLN RA 72 119.08 23.33 -30.72
C GLN RA 72 119.63 23.00 -32.10
N ASN RA 73 120.87 23.39 -32.39
CA ASN RA 73 121.51 23.11 -33.67
C ASN RA 73 122.37 21.86 -33.54
N TYR RA 74 122.31 21.00 -34.55
CA TYR RA 74 123.05 19.75 -34.57
C TYR RA 74 123.92 19.68 -35.81
N LEU RA 75 125.15 19.20 -35.63
CA LEU RA 75 126.16 19.10 -36.68
C LEU RA 75 126.74 17.70 -36.69
N ILE RA 76 126.83 17.11 -37.88
CA ILE RA 76 127.49 15.83 -38.10
C ILE RA 76 128.60 16.06 -39.12
N SER RA 77 129.84 15.77 -38.72
CA SER RA 77 131.01 15.96 -39.56
C SER RA 77 131.63 14.61 -39.89
N ILE RA 78 131.79 14.33 -41.18
CA ILE RA 78 132.30 13.05 -41.67
C ILE RA 78 133.55 13.31 -42.51
N PRO RA 79 134.64 12.60 -42.28
CA PRO RA 79 135.79 12.69 -43.19
C PRO RA 79 135.47 12.10 -44.56
N ALA RA 80 136.08 12.67 -45.59
CA ALA RA 80 135.81 12.24 -46.95
C ALA RA 80 136.43 10.87 -47.28
N SER RA 81 137.48 10.48 -46.55
CA SER RA 81 138.12 9.20 -46.80
C SER RA 81 137.28 8.01 -46.34
N ALA RA 82 136.38 8.23 -45.37
CA ALA RA 82 135.50 7.17 -44.91
C ALA RA 82 134.29 6.96 -45.80
N LEU RA 83 134.09 7.83 -46.79
CA LEU RA 83 132.95 7.73 -47.69
C LEU RA 83 133.34 7.52 -49.14
N PHE RA 84 134.26 8.33 -49.67
CA PHE RA 84 134.58 8.34 -51.09
C PHE RA 84 135.96 7.76 -51.35
N ALA RA 85 136.30 7.64 -52.62
CA ALA RA 85 137.59 7.17 -53.06
C ALA RA 85 138.58 8.34 -53.11
N ASP RA 86 139.73 8.13 -53.72
CA ASP RA 86 140.78 9.14 -53.78
C ASP RA 86 140.38 10.21 -54.81
N GLN RA 87 139.72 11.26 -54.30
CA GLN RA 87 139.39 12.49 -55.03
C GLN RA 87 138.50 12.22 -56.25
N SER RA 88 137.58 11.27 -56.10
CA SER RA 88 136.58 10.95 -57.10
C SER RA 88 135.21 10.89 -56.44
N PRO RA 89 134.13 11.27 -57.17
CA PRO RA 89 132.78 11.25 -56.58
C PRO RA 89 132.08 9.89 -56.65
N ARG RA 90 132.80 8.84 -56.26
CA ARG RA 90 132.28 7.48 -56.26
C ARG RA 90 132.32 6.94 -54.84
N LEU RA 91 131.16 6.51 -54.34
CA LEU RA 91 131.09 5.93 -53.02
C LEU RA 91 131.68 4.52 -53.01
N ASN RA 92 132.29 4.16 -51.89
CA ASN RA 92 132.68 2.77 -51.67
C ASN RA 92 131.43 1.95 -51.32
N TRP RA 93 131.56 0.63 -51.49
CA TRP RA 93 130.42 -0.24 -51.20
C TRP RA 93 130.22 -0.43 -49.69
N ALA RA 94 131.28 -0.30 -48.90
CA ALA RA 94 131.21 -0.51 -47.46
C ALA RA 94 130.77 0.72 -46.69
N SER RA 95 130.69 1.88 -47.33
CA SER RA 95 130.27 3.10 -46.65
C SER RA 95 128.76 3.21 -46.52
N TYR RA 96 128.00 2.31 -47.15
CA TYR RA 96 126.56 2.36 -47.05
C TYR RA 96 126.06 1.93 -45.69
N SER RA 97 126.85 1.13 -44.95
CA SER RA 97 126.51 0.82 -43.56
C SER RA 97 126.63 2.05 -42.68
N LEU RA 98 127.68 2.86 -42.89
CA LEU RA 98 127.82 4.12 -42.16
C LEU RA 98 126.71 5.10 -42.53
N LEU RA 99 126.35 5.14 -43.81
CA LEU RA 99 125.24 5.99 -44.23
C LEU RA 99 123.89 5.52 -43.65
N ASN RA 100 123.72 4.21 -43.51
CA ASN RA 100 122.52 3.69 -42.84
C ASN RA 100 122.49 4.05 -41.36
N GLU RA 101 123.65 4.03 -40.70
CA GLU RA 101 123.72 4.46 -39.30
C GLU RA 101 123.41 5.95 -39.16
N ILE RA 102 123.90 6.77 -40.10
CA ILE RA 102 123.62 8.21 -40.08
C ILE RA 102 122.13 8.47 -40.32
N ALA RA 103 121.51 7.71 -41.24
CA ALA RA 103 120.08 7.84 -41.48
C ALA RA 103 119.25 7.39 -40.28
N ALA RA 104 119.69 6.31 -39.61
CA ALA RA 104 118.98 5.84 -38.41
C ALA RA 104 119.11 6.83 -37.26
N PHE RA 105 120.23 7.55 -37.18
CA PHE RA 105 120.34 8.63 -36.21
C PHE RA 105 119.45 9.81 -36.60
N LEU RA 106 119.36 10.11 -37.90
CA LEU RA 106 118.58 11.25 -38.37
C LEU RA 106 117.07 11.04 -38.25
N LYS RA 107 116.61 9.79 -38.23
CA LYS RA 107 115.17 9.54 -38.07
C LYS RA 107 114.66 9.83 -36.66
N GLN RA 108 115.53 10.09 -35.69
CA GLN RA 108 115.10 10.26 -34.30
C GLN RA 108 114.54 11.64 -34.00
N PHE RA 109 114.78 12.63 -34.86
CA PHE RA 109 114.40 14.00 -34.58
C PHE RA 109 113.30 14.45 -35.53
N ARG RA 110 112.71 15.59 -35.21
CA ARG RA 110 111.72 16.24 -36.05
C ARG RA 110 112.30 17.55 -36.56
N LYS RA 111 112.19 17.78 -37.87
CA LYS RA 111 112.98 18.81 -38.52
C LYS RA 111 112.30 19.25 -39.80
N ILE RA 112 112.75 20.39 -40.32
CA ILE RA 112 112.19 21.00 -41.52
C ILE RA 112 113.20 20.99 -42.66
N ALA RA 113 114.43 21.44 -42.39
CA ALA RA 113 115.44 21.60 -43.41
C ALA RA 113 116.76 20.99 -42.95
N ILE RA 114 117.46 20.36 -43.90
CA ILE RA 114 118.79 19.81 -43.70
C ILE RA 114 119.72 20.52 -44.65
N THR RA 115 120.95 20.82 -44.21
CA THR RA 115 121.96 21.39 -45.07
C THR RA 115 123.15 20.44 -45.16
N VAL RA 116 123.55 20.10 -46.38
CA VAL RA 116 124.69 19.24 -46.64
C VAL RA 116 125.72 20.05 -47.42
N THR RA 117 126.92 20.18 -46.86
CA THR RA 117 127.98 20.98 -47.44
C THR RA 117 129.23 20.14 -47.58
N SER RA 118 129.92 20.29 -48.71
CA SER RA 118 131.12 19.50 -48.98
C SER RA 118 132.34 20.42 -49.08
N TYR RA 119 133.48 19.94 -48.57
CA TYR RA 119 134.74 20.65 -48.63
C TYR RA 119 135.84 19.67 -49.02
N SER RA 120 136.77 20.14 -49.85
CA SER RA 120 137.88 19.30 -50.33
C SER RA 120 139.17 20.12 -50.24
N SER RA 121 140.23 19.60 -50.88
CA SER RA 121 141.54 20.23 -50.88
C SER RA 121 141.95 20.55 -52.32
N LYS RA 122 143.04 21.32 -52.44
CA LYS RA 122 143.50 21.82 -53.73
C LYS RA 122 144.21 20.72 -54.50
N TYR RA 123 143.69 20.40 -55.69
CA TYR RA 123 144.30 19.37 -56.54
C TYR RA 123 144.81 19.94 -57.86
N VAL RA 124 143.95 20.54 -58.67
CA VAL RA 124 144.34 20.99 -60.01
C VAL RA 124 143.97 22.46 -60.15
N SER RA 125 142.70 22.79 -59.94
CA SER RA 125 142.19 24.14 -60.06
C SER RA 125 140.98 24.27 -59.16
N VAL RA 126 140.29 25.41 -59.25
CA VAL RA 126 139.11 25.63 -58.43
C VAL RA 126 137.85 25.01 -59.02
N LYS RA 127 137.74 24.96 -60.35
CA LYS RA 127 136.54 24.46 -61.00
C LYS RA 127 136.34 22.97 -60.76
N ARG RA 128 137.44 22.20 -60.82
CA ARG RA 128 137.37 20.76 -60.64
C ARG RA 128 137.00 20.40 -59.21
N GLU RA 129 137.55 21.13 -58.24
CA GLU RA 129 137.23 20.83 -56.85
C GLU RA 129 135.83 21.30 -56.45
N ARG RA 130 135.34 22.41 -57.02
CA ARG RA 130 133.95 22.79 -56.77
C ARG RA 130 132.97 21.81 -57.38
N ALA RA 131 133.25 21.33 -58.61
CA ALA RA 131 132.40 20.32 -59.22
C ALA RA 131 132.45 19.00 -58.47
N LEU RA 132 133.64 18.63 -57.96
CA LEU RA 132 133.79 17.41 -57.16
C LEU RA 132 133.00 17.49 -55.87
N THR RA 133 133.06 18.63 -55.17
CA THR RA 133 132.32 18.79 -53.92
C THR RA 133 130.81 18.81 -54.16
N LEU RA 134 130.37 19.44 -55.24
CA LEU RA 134 128.95 19.43 -55.59
C LEU RA 134 128.45 18.03 -55.91
N ALA RA 135 129.25 17.26 -56.66
CA ALA RA 135 128.86 15.89 -56.97
C ALA RA 135 128.82 15.00 -55.73
N ARG RA 136 129.78 15.17 -54.81
CA ARG RA 136 129.79 14.40 -53.57
C ARG RA 136 128.58 14.72 -52.70
N SER RA 137 128.23 16.01 -52.59
CA SER RA 137 127.06 16.41 -51.83
C SER RA 137 125.77 15.89 -52.47
N ARG RA 138 125.71 15.89 -53.81
CA ARG RA 138 124.55 15.36 -54.52
C ARG RA 138 124.36 13.87 -54.26
N VAL RA 139 125.45 13.09 -54.29
CA VAL RA 139 125.34 11.65 -54.07
C VAL RA 139 124.94 11.34 -52.63
N VAL RA 140 125.55 12.03 -51.66
CA VAL RA 140 125.23 11.81 -50.24
C VAL RA 140 123.79 12.19 -49.94
N SER RA 141 123.34 13.34 -50.45
CA SER RA 141 121.96 13.76 -50.23
C SER RA 141 120.96 12.88 -50.97
N GLU RA 142 121.34 12.33 -52.14
CA GLU RA 142 120.45 11.40 -52.83
C GLU RA 142 120.24 10.13 -52.04
N TYR RA 143 121.30 9.58 -51.45
CA TYR RA 143 121.10 8.36 -50.64
C TYR RA 143 120.34 8.67 -49.35
N LEU RA 144 120.60 9.84 -48.75
CA LEU RA 144 119.88 10.22 -47.53
C LEU RA 144 118.41 10.47 -47.80
N TRP RA 145 118.07 11.05 -48.96
CA TRP RA 145 116.67 11.24 -49.33
C TRP RA 145 116.01 9.94 -49.74
N SER RA 146 116.77 9.01 -50.34
CA SER RA 146 116.24 7.68 -50.64
C SER RA 146 115.88 6.94 -49.36
N GLN RA 147 116.73 7.03 -48.33
CA GLN RA 147 116.33 6.53 -47.03
C GLN RA 147 115.28 7.44 -46.41
N GLY RA 148 114.54 6.89 -45.45
CA GLY RA 148 113.34 7.55 -44.97
C GLY RA 148 113.48 8.59 -43.88
N VAL RA 149 114.22 9.67 -44.15
CA VAL RA 149 114.25 10.80 -43.23
C VAL RA 149 113.03 11.67 -43.48
N ASP RA 150 112.39 12.12 -42.39
CA ASP RA 150 111.16 12.89 -42.49
C ASP RA 150 111.43 14.38 -42.42
N SER RA 151 112.12 14.88 -43.43
CA SER RA 151 112.42 16.30 -43.58
C SER RA 151 111.71 16.84 -44.81
N ARG RA 152 111.49 18.16 -44.81
CA ARG RA 152 110.79 18.80 -45.92
C ARG RA 152 111.75 19.25 -47.01
N ILE RA 153 112.85 19.92 -46.65
CA ILE RA 153 113.81 20.44 -47.62
C ILE RA 153 115.20 19.93 -47.25
N ILE RA 154 115.96 19.48 -48.25
CA ILE RA 154 117.38 19.20 -48.10
C ILE RA 154 118.14 20.03 -49.13
N PHE RA 155 119.04 20.88 -48.64
CA PHE RA 155 119.88 21.73 -49.48
C PHE RA 155 121.26 21.11 -49.61
N THR RA 156 121.82 21.17 -50.82
CA THR RA 156 123.13 20.61 -51.14
C THR RA 156 124.02 21.71 -51.71
N GLN RA 157 125.24 21.81 -51.17
CA GLN RA 157 126.23 22.72 -51.73
C GLN RA 157 127.64 22.17 -51.51
N GLY RA 158 128.54 22.58 -52.40
CA GLY RA 158 129.95 22.24 -52.27
C GLY RA 158 130.82 23.46 -52.41
N LEU RA 159 131.61 23.77 -51.38
CA LEU RA 159 132.36 25.02 -51.33
C LEU RA 159 133.81 24.89 -51.80
N GLY RA 160 134.23 23.70 -52.22
CA GLY RA 160 135.59 23.51 -52.67
C GLY RA 160 136.60 23.48 -51.54
N SER RA 161 137.53 24.44 -51.54
CA SER RA 161 138.56 24.55 -50.52
C SER RA 161 138.65 25.98 -50.00
N ASP RA 162 137.50 26.62 -49.80
CA ASP RA 162 137.47 28.02 -49.39
C ASP RA 162 137.50 28.20 -47.88
N LYS RA 163 136.98 27.25 -47.11
CA LYS RA 163 136.85 27.38 -45.66
C LYS RA 163 137.53 26.19 -44.99
N PRO RA 164 138.84 26.27 -44.74
CA PRO RA 164 139.52 25.21 -44.00
C PRO RA 164 139.36 25.39 -42.50
N ILE RA 165 139.42 24.26 -41.78
CA ILE RA 165 139.35 24.27 -40.33
C ILE RA 165 140.70 24.00 -39.67
N THR RA 166 141.74 23.68 -40.44
CA THR RA 166 143.04 23.33 -39.90
C THR RA 166 144.10 23.92 -40.80
N SER RA 167 145.12 24.56 -40.22
CA SER RA 167 146.21 25.14 -40.99
C SER RA 167 147.19 24.10 -41.51
N TYR RA 168 147.09 22.85 -41.06
CA TYR RA 168 147.95 21.77 -41.54
C TYR RA 168 147.33 21.19 -42.80
N THR RA 169 147.88 21.56 -43.96
CA THR RA 169 147.29 21.20 -45.25
C THR RA 169 148.22 20.36 -46.09
N LEU RA 170 148.84 19.34 -45.49
CA LEU RA 170 149.79 18.50 -46.22
C LEU RA 170 149.16 17.28 -46.87
N GLY RA 171 148.05 16.78 -46.33
CA GLY RA 171 147.42 15.60 -46.86
C GLY RA 171 146.55 15.87 -48.07
N GLY RA 172 145.98 14.80 -48.61
CA GLY RA 172 145.04 14.90 -49.71
C GLY RA 172 143.61 14.76 -49.24
N ASP RA 173 143.01 13.61 -49.46
CA ASP RA 173 141.73 13.29 -48.81
C ASP RA 173 141.91 12.83 -47.37
N ARG RA 174 143.15 12.53 -46.96
CA ARG RA 174 143.45 12.20 -45.58
C ARG RA 174 143.57 13.42 -44.69
N SER RA 175 143.55 14.61 -45.28
CA SER RA 175 143.59 15.84 -44.49
C SER RA 175 142.30 16.01 -43.70
N PRO RA 176 142.37 16.57 -42.49
CA PRO RA 176 141.14 16.76 -41.70
C PRO RA 176 140.18 17.80 -42.26
N ASN RA 177 140.63 18.67 -43.16
CA ASN RA 177 139.77 19.71 -43.72
C ASN RA 177 139.14 19.31 -45.06
N ALA RA 178 139.12 18.01 -45.39
CA ALA RA 178 138.36 17.48 -46.51
C ALA RA 178 137.24 16.64 -45.90
N ARG RA 179 136.01 17.13 -46.00
CA ARG RA 179 134.94 16.61 -45.16
C ARG RA 179 133.59 16.88 -45.80
N VAL RA 180 132.57 16.24 -45.22
CA VAL RA 180 131.16 16.55 -45.51
C VAL RA 180 130.45 16.84 -44.20
N GLU RA 181 129.63 17.89 -44.20
CA GLU RA 181 128.96 18.39 -43.01
C GLU RA 181 127.46 18.38 -43.22
N ILE RA 182 126.73 17.86 -42.23
CA ILE RA 182 125.27 17.80 -42.25
C ILE RA 182 124.80 18.59 -41.03
N THR RA 183 124.11 19.71 -41.26
CA THR RA 183 123.64 20.58 -40.20
C THR RA 183 122.12 20.67 -40.24
N PHE RA 184 121.51 20.70 -39.06
CA PHE RA 184 120.07 20.97 -38.97
C PHE RA 184 119.75 21.59 -37.61
N ARG RA 185 118.48 21.99 -37.47
CA ARG RA 185 117.94 22.48 -36.21
C ARG RA 185 116.78 21.59 -35.79
N ARG RA 186 116.80 21.13 -34.55
CA ARG RA 186 115.69 20.35 -34.01
C ARG RA 186 114.47 21.25 -33.82
N ALA RA 187 113.33 20.81 -34.34
CA ALA RA 187 112.10 21.60 -34.32
C ALA RA 187 111.22 21.14 -33.16
N VAL RA 188 110.94 22.07 -32.25
CA VAL RA 188 110.10 21.88 -31.05
C VAL RA 188 110.60 20.73 -30.17
N CYS SA 42 139.12 -11.54 -53.97
CA CYS SA 42 137.70 -11.82 -53.80
C CYS SA 42 136.88 -11.15 -54.91
N PHE SA 43 135.66 -10.71 -54.57
CA PHE SA 43 134.76 -10.08 -55.51
C PHE SA 43 134.31 -8.74 -54.95
N HIS SA 44 134.51 -7.69 -55.73
CA HIS SA 44 133.94 -6.38 -55.40
C HIS SA 44 132.50 -6.32 -55.88
N PRO SA 45 131.54 -6.06 -55.00
CA PRO SA 45 130.10 -6.02 -55.40
C PRO SA 45 129.77 -4.95 -56.43
N PRO SA 46 130.40 -3.72 -56.42
CA PRO SA 46 130.06 -2.89 -57.60
C PRO SA 46 130.86 -3.24 -58.85
N TYR SA 47 130.39 -4.27 -59.56
CA TYR SA 47 130.82 -4.72 -60.88
C TYR SA 47 132.26 -5.21 -60.94
N ASN SA 48 132.91 -5.43 -59.80
CA ASN SA 48 134.27 -5.97 -59.68
C ASN SA 48 135.31 -5.12 -60.41
N ASN SA 49 135.08 -3.80 -60.44
CA ASN SA 49 135.92 -2.80 -61.11
C ASN SA 49 136.09 -3.08 -62.60
N PHE SA 50 135.04 -3.68 -63.21
CA PHE SA 50 135.00 -4.06 -64.63
C PHE SA 50 136.17 -4.97 -65.01
N GLN SA 51 136.52 -5.90 -64.12
CA GLN SA 51 137.59 -6.86 -64.32
C GLN SA 51 137.00 -8.26 -64.51
N PRO SA 52 137.68 -9.13 -65.28
CA PRO SA 52 137.23 -10.53 -65.37
C PRO SA 52 137.47 -11.26 -64.05
N ASP SA 53 136.40 -11.80 -63.47
CA ASP SA 53 136.47 -12.43 -62.18
C ASP SA 53 137.15 -13.80 -62.27
N ARG SA 54 138.08 -14.05 -61.34
CA ARG SA 54 138.76 -15.33 -61.24
C ARG SA 54 137.96 -16.20 -60.27
N ARG SA 55 136.83 -16.70 -60.76
CA ARG SA 55 135.86 -17.39 -59.92
C ARG SA 55 136.31 -18.82 -59.56
N ALA SA 56 136.97 -19.50 -60.49
CA ALA SA 56 137.28 -20.91 -60.31
C ALA SA 56 138.44 -21.16 -59.35
N VAL SA 57 139.44 -20.26 -59.35
CA VAL SA 57 140.66 -20.51 -58.58
C VAL SA 57 140.39 -20.39 -57.09
N LYS SA 58 139.44 -19.54 -56.68
CA LYS SA 58 139.08 -19.44 -55.27
C LYS SA 58 138.43 -20.72 -54.76
N ARG SA 59 137.54 -21.32 -55.57
CA ARG SA 59 136.89 -22.56 -55.16
C ARG SA 59 137.87 -23.73 -55.15
N VAL SA 60 138.74 -23.82 -56.17
CA VAL SA 60 139.71 -24.92 -56.17
C VAL SA 60 140.87 -24.68 -55.21
N GLY SA 61 141.01 -23.47 -54.66
CA GLY SA 61 141.96 -23.24 -53.60
C GLY SA 61 141.39 -23.44 -52.22
N VAL SA 62 140.07 -23.26 -52.07
CA VAL SA 62 139.44 -23.49 -50.78
C VAL SA 62 139.03 -24.96 -50.62
N ASP SA 63 138.88 -25.71 -51.72
CA ASP SA 63 138.53 -27.12 -51.64
C ASP SA 63 139.79 -27.99 -51.65
N THR SA 64 140.69 -27.69 -50.71
CA THR SA 64 141.91 -28.48 -50.53
C THR SA 64 142.24 -28.77 -49.07
N GLY SA 65 141.55 -28.18 -48.11
CA GLY SA 65 141.84 -28.42 -46.71
C GLY SA 65 140.83 -27.76 -45.78
N GLY SA 88 139.51 -31.51 -52.06
CA GLY SA 88 140.10 -32.25 -53.16
C GLY SA 88 140.23 -31.43 -54.43
N GLY SA 89 141.37 -31.55 -55.10
CA GLY SA 89 141.58 -30.83 -56.34
C GLY SA 89 140.69 -31.30 -57.47
N THR SA 90 140.48 -32.62 -57.57
CA THR SA 90 139.59 -33.17 -58.59
C THR SA 90 138.13 -32.79 -58.30
N VAL SA 91 137.75 -32.78 -57.02
CA VAL SA 91 136.40 -32.37 -56.64
C VAL SA 91 136.18 -30.89 -56.95
N GLY SA 92 137.18 -30.05 -56.68
CA GLY SA 92 137.09 -28.64 -57.03
C GLY SA 92 137.05 -28.41 -58.52
N LEU SA 93 137.79 -29.21 -59.29
CA LEU SA 93 137.74 -29.09 -60.75
C LEU SA 93 136.39 -29.53 -61.30
N VAL SA 94 135.79 -30.57 -60.71
CA VAL SA 94 134.45 -31.01 -61.10
C VAL SA 94 133.42 -29.94 -60.79
N ALA SA 95 133.52 -29.31 -59.61
CA ALA SA 95 132.61 -28.24 -59.24
C ALA SA 95 132.78 -27.01 -60.14
N SER SA 96 134.03 -26.70 -60.51
CA SER SA 96 134.30 -25.59 -61.42
C SER SA 96 133.74 -25.87 -62.82
N ILE SA 97 133.93 -27.08 -63.34
CA ILE SA 97 133.43 -27.40 -64.67
C ILE SA 97 131.92 -27.59 -64.67
N TYR SA 98 131.30 -27.79 -63.50
CA TYR SA 98 129.84 -27.78 -63.44
C TYR SA 98 129.32 -26.34 -63.41
N ARG SA 99 129.87 -25.50 -62.53
CA ARG SA 99 129.33 -24.15 -62.35
C ARG SA 99 129.77 -23.19 -63.45
N ASP SA 100 130.73 -23.54 -64.29
CA ASP SA 100 131.10 -22.72 -65.43
C ASP SA 100 130.37 -23.13 -66.71
N SER SA 101 129.47 -24.10 -66.64
CA SER SA 101 128.76 -24.55 -67.82
C SER SA 101 127.69 -23.53 -68.23
N LYS SA 102 127.23 -23.66 -69.48
CA LYS SA 102 126.22 -22.74 -70.00
C LYS SA 102 124.85 -23.02 -69.39
N ARG SA 103 124.53 -24.29 -69.15
CA ARG SA 103 123.23 -24.65 -68.59
C ARG SA 103 123.08 -24.16 -67.15
N LYS SA 104 124.17 -24.17 -66.38
CA LYS SA 104 124.12 -23.64 -65.01
C LYS SA 104 123.90 -22.13 -65.02
N ILE SA 105 124.51 -21.43 -65.97
CA ILE SA 105 124.29 -19.98 -66.11
C ILE SA 105 122.85 -19.70 -66.53
N ILE SA 106 122.30 -20.50 -67.43
CA ILE SA 106 120.91 -20.34 -67.86
C ILE SA 106 119.95 -20.61 -66.70
N ARG SA 107 120.22 -21.65 -65.91
CA ARG SA 107 119.39 -21.95 -64.75
C ARG SA 107 119.50 -20.89 -63.66
N ASP SA 108 120.69 -20.31 -63.47
CA ASP SA 108 120.83 -19.21 -62.52
C ASP SA 108 120.08 -17.97 -63.00
N LEU SA 109 120.16 -17.66 -64.31
CA LEU SA 109 119.40 -16.54 -64.87
C LEU SA 109 117.91 -16.77 -64.80
N GLN SA 110 117.47 -18.04 -64.84
CA GLN SA 110 116.07 -18.35 -64.61
C GLN SA 110 115.72 -18.29 -63.12
N LYS SA 111 116.71 -18.45 -62.24
CA LYS SA 111 116.48 -18.29 -60.81
C LYS SA 111 116.28 -16.83 -60.43
N GLN SA 112 117.05 -15.91 -61.02
CA GLN SA 112 116.56 -14.53 -61.02
C GLN SA 112 115.50 -14.34 -62.10
N ASP SA 113 115.00 -13.12 -62.22
CA ASP SA 113 113.80 -12.90 -63.04
C ASP SA 113 114.14 -12.53 -64.49
N ILE SA 114 114.99 -13.31 -65.15
CA ILE SA 114 115.42 -13.03 -66.52
C ILE SA 114 115.10 -14.24 -67.38
N GLN SA 115 114.41 -14.01 -68.50
CA GLN SA 115 113.93 -15.12 -69.33
C GLN SA 115 114.83 -15.31 -70.56
N TYR SA 116 115.15 -16.57 -70.85
CA TYR SA 116 115.98 -16.93 -72.00
C TYR SA 116 115.16 -17.72 -73.00
N VAL SA 117 115.19 -17.30 -74.26
CA VAL SA 117 114.44 -17.93 -75.34
C VAL SA 117 115.42 -18.24 -76.47
N GLU SA 118 115.45 -19.50 -76.90
CA GLU SA 118 116.27 -19.93 -78.04
C GLU SA 118 115.38 -20.60 -79.07
N TYR SA 119 115.40 -20.08 -80.29
CA TYR SA 119 114.58 -20.60 -81.39
C TYR SA 119 115.38 -20.45 -82.67
N GLY SA 120 115.77 -21.59 -83.26
CA GLY SA 120 116.62 -21.57 -84.44
C GLY SA 120 118.05 -21.21 -84.08
N ASP SA 121 118.57 -20.16 -84.72
CA ASP SA 121 119.90 -19.65 -84.40
C ASP SA 121 119.86 -18.22 -83.85
N THR SA 122 118.71 -17.79 -83.35
CA THR SA 122 118.55 -16.47 -82.74
C THR SA 122 118.21 -16.66 -81.27
N ARG SA 123 118.92 -15.95 -80.39
CA ARG SA 123 118.77 -16.10 -78.96
C ARG SA 123 118.38 -14.77 -78.34
N THR SA 124 117.51 -14.82 -77.34
CA THR SA 124 116.85 -13.64 -76.82
C THR SA 124 116.79 -13.69 -75.30
N LEU SA 125 117.15 -12.58 -74.66
CA LEU SA 125 117.05 -12.39 -73.22
C LEU SA 125 116.02 -11.31 -72.92
N ILE SA 126 115.15 -11.58 -71.94
CA ILE SA 126 114.10 -10.67 -71.52
C ILE SA 126 114.41 -10.26 -70.09
N ILE SA 127 114.54 -8.95 -69.86
CA ILE SA 127 114.95 -8.40 -68.57
C ILE SA 127 113.91 -7.37 -68.11
N PRO SA 128 113.39 -7.46 -66.87
CA PRO SA 128 112.35 -6.52 -66.43
C PRO SA 128 112.95 -5.23 -65.87
N THR SA 129 112.47 -4.10 -66.40
CA THR SA 129 112.94 -2.80 -65.95
C THR SA 129 112.44 -2.49 -64.55
N ASP SA 130 111.32 -3.08 -64.14
CA ASP SA 130 110.75 -2.83 -62.81
C ASP SA 130 111.65 -3.34 -61.70
N LYS SA 131 112.47 -4.35 -61.96
CA LYS SA 131 113.44 -4.83 -60.98
C LYS SA 131 114.88 -4.49 -61.31
N TYR SA 132 115.21 -4.23 -62.58
CA TYR SA 132 116.59 -3.94 -62.94
C TYR SA 132 116.84 -2.47 -63.25
N PHE SA 133 115.87 -1.59 -62.98
CA PHE SA 133 116.07 -0.16 -63.07
C PHE SA 133 115.43 0.50 -61.85
N MET SA 134 115.92 1.68 -61.52
CA MET SA 134 115.23 2.52 -60.55
C MET SA 134 113.96 3.08 -61.18
N PHE SA 135 113.04 3.53 -60.33
CA PHE SA 135 111.69 3.84 -60.76
C PHE SA 135 111.65 5.09 -61.64
N SER SA 136 111.18 4.92 -62.88
CA SER SA 136 110.95 5.98 -63.86
C SER SA 136 112.22 6.81 -64.13
N SER SA 137 113.34 6.12 -64.23
CA SER SA 137 114.64 6.76 -64.42
C SER SA 137 115.53 5.83 -65.24
N PRO SA 138 116.50 6.37 -65.98
CA PRO SA 138 117.46 5.52 -66.67
C PRO SA 138 118.63 5.03 -65.80
N ARG SA 139 118.52 5.15 -64.48
CA ARG SA 139 119.58 4.70 -63.59
C ARG SA 139 119.49 3.20 -63.37
N LEU SA 140 120.64 2.54 -63.37
CA LEU SA 140 120.70 1.09 -63.21
C LEU SA 140 120.68 0.73 -61.72
N ASN SA 141 119.84 -0.22 -61.35
CA ASN SA 141 119.71 -0.63 -59.96
C ASN SA 141 120.90 -1.51 -59.59
N GLU SA 142 121.69 -1.05 -58.60
CA GLU SA 142 122.93 -1.71 -58.25
C GLU SA 142 122.75 -2.88 -57.29
N ILE SA 143 121.55 -3.07 -56.74
CA ILE SA 143 121.34 -4.19 -55.83
C ILE SA 143 121.17 -5.50 -56.61
N CYS SA 144 120.80 -5.42 -57.88
CA CYS SA 144 120.55 -6.59 -58.71
C CYS SA 144 121.74 -6.93 -59.59
N TYR SA 145 122.96 -6.71 -59.11
CA TYR SA 145 124.19 -7.00 -59.83
C TYR SA 145 124.53 -8.47 -60.16
N PRO SA 146 124.11 -9.51 -59.40
CA PRO SA 146 124.36 -10.88 -59.90
C PRO SA 146 123.68 -11.21 -61.21
N GLY SA 147 122.48 -10.66 -61.45
CA GLY SA 147 121.81 -10.89 -62.73
C GLY SA 147 122.56 -10.25 -63.88
N LEU SA 148 123.07 -9.03 -63.70
CA LEU SA 148 123.85 -8.37 -64.74
C LEU SA 148 125.17 -9.09 -64.99
N ASN SA 149 125.82 -9.58 -63.92
CA ASN SA 149 127.05 -10.34 -64.08
C ASN SA 149 126.80 -11.66 -64.79
N ASN SA 150 125.65 -12.30 -64.54
CA ASN SA 150 125.30 -13.51 -65.26
C ASN SA 150 124.96 -13.24 -66.72
N VAL SA 151 124.39 -12.06 -67.02
CA VAL SA 151 124.17 -11.67 -68.42
C VAL SA 151 125.50 -11.49 -69.15
N ILE SA 152 126.48 -10.87 -68.49
CA ILE SA 152 127.82 -10.73 -69.07
C ILE SA 152 128.48 -12.10 -69.26
N ARG SA 153 128.32 -12.99 -68.27
CA ARG SA 153 128.88 -14.34 -68.36
C ARG SA 153 128.25 -15.15 -69.49
N LEU SA 154 126.94 -15.00 -69.71
CA LEU SA 154 126.29 -15.70 -70.79
C LEU SA 154 126.67 -15.12 -72.15
N LEU SA 155 126.81 -13.79 -72.23
CA LEU SA 155 127.19 -13.15 -73.49
C LEU SA 155 128.66 -13.35 -73.83
N ASN SA 156 129.48 -13.76 -72.86
CA ASN SA 156 130.88 -14.06 -73.15
C ASN SA 156 131.07 -15.31 -74.01
N PHE SA 157 130.05 -16.16 -74.14
CA PHE SA 157 130.17 -17.40 -74.90
C PHE SA 157 130.05 -17.20 -76.41
N TYR SA 158 129.67 -16.01 -76.87
CA TYR SA 158 129.45 -15.75 -78.29
C TYR SA 158 130.25 -14.53 -78.70
N PRO SA 159 131.54 -14.70 -79.03
CA PRO SA 159 132.41 -13.55 -79.31
C PRO SA 159 132.31 -13.01 -80.72
N GLN SA 160 131.46 -13.55 -81.58
CA GLN SA 160 131.39 -13.12 -82.97
C GLN SA 160 130.03 -12.55 -83.38
N SER SA 161 128.99 -12.70 -82.56
CA SER SA 161 127.65 -12.28 -82.95
C SER SA 161 127.46 -10.78 -82.71
N THR SA 162 126.42 -10.25 -83.34
CA THR SA 162 126.01 -8.86 -83.15
C THR SA 162 124.87 -8.81 -82.14
N ILE SA 163 124.78 -7.68 -81.44
CA ILE SA 163 123.87 -7.52 -80.31
C ILE SA 163 122.86 -6.43 -80.66
N TYR SA 164 121.57 -6.71 -80.44
CA TYR SA 164 120.52 -5.71 -80.52
C TYR SA 164 119.83 -5.61 -79.17
N VAL SA 165 119.68 -4.39 -78.66
CA VAL SA 165 118.98 -4.15 -77.41
C VAL SA 165 117.82 -3.18 -77.67
N ALA SA 166 116.67 -3.50 -77.11
CA ALA SA 166 115.45 -2.73 -77.33
C ALA SA 166 114.73 -2.52 -76.02
N GLY SA 167 114.14 -1.34 -75.86
CA GLY SA 167 113.40 -0.98 -74.64
C GLY SA 167 111.92 -0.83 -74.93
N PHE SA 168 111.08 -1.31 -73.99
CA PHE SA 168 109.63 -1.25 -74.13
C PHE SA 168 109.00 -0.83 -72.82
N THR SA 169 107.96 0.00 -72.91
CA THR SA 169 107.18 0.47 -71.77
C THR SA 169 105.70 0.13 -71.98
N ASP SA 170 104.88 0.50 -70.99
CA ASP SA 170 103.44 0.31 -71.05
C ASP SA 170 102.76 1.53 -71.67
N ASN SA 171 101.43 1.61 -71.54
CA ASN SA 171 100.65 2.61 -72.24
C ASN SA 171 100.41 3.89 -71.45
N VAL SA 172 100.92 3.98 -70.22
CA VAL SA 172 100.64 5.15 -69.38
C VAL SA 172 101.65 6.24 -69.70
N GLY SA 173 101.16 7.43 -70.01
CA GLY SA 173 101.98 8.60 -70.24
C GLY SA 173 101.80 9.13 -71.65
N SER SA 174 102.67 10.08 -72.00
CA SER SA 174 102.68 10.66 -73.34
C SER SA 174 103.62 9.88 -74.24
N ARG SA 175 103.40 10.01 -75.55
CA ARG SA 175 104.14 9.24 -76.55
C ARG SA 175 105.62 9.61 -76.57
N SER SA 176 105.92 10.91 -76.51
CA SER SA 176 107.30 11.37 -76.47
C SER SA 176 107.99 10.96 -75.18
N HIS SA 177 107.27 10.99 -74.05
CA HIS SA 177 107.82 10.55 -72.78
C HIS SA 177 108.16 9.06 -72.80
N LYS SA 178 107.26 8.24 -73.37
CA LYS SA 178 107.49 6.80 -73.48
C LYS SA 178 108.68 6.51 -74.38
N ARG SA 179 108.76 7.20 -75.53
CA ARG SA 179 109.88 7.01 -76.46
C ARG SA 179 111.21 7.42 -75.84
N LYS SA 180 111.22 8.55 -75.13
CA LYS SA 180 112.46 9.03 -74.51
C LYS SA 180 112.92 8.14 -73.37
N LEU SA 181 111.98 7.64 -72.56
CA LEU SA 181 112.34 6.73 -71.47
C LEU SA 181 112.86 5.40 -72.00
N SER SA 182 112.22 4.86 -73.04
CA SER SA 182 112.69 3.61 -73.64
C SER SA 182 114.06 3.79 -74.28
N GLN SA 183 114.29 4.91 -74.97
CA GLN SA 183 115.59 5.18 -75.59
C GLN SA 183 116.68 5.34 -74.54
N ALA SA 184 116.38 6.04 -73.43
CA ALA SA 184 117.35 6.22 -72.36
C ALA SA 184 117.72 4.89 -71.70
N GLN SA 185 116.72 4.04 -71.44
CA GLN SA 185 117.01 2.74 -70.83
C GLN SA 185 117.79 1.83 -71.78
N ALA SA 186 117.47 1.88 -73.08
CA ALA SA 186 118.22 1.11 -74.07
C ALA SA 186 119.66 1.58 -74.19
N GLU SA 187 119.90 2.89 -74.18
CA GLU SA 187 121.26 3.41 -74.21
C GLU SA 187 122.03 3.05 -72.94
N THR SA 188 121.37 3.06 -71.79
CA THR SA 188 122.04 2.66 -70.54
C THR SA 188 122.44 1.19 -70.56
N MET SA 189 121.56 0.32 -71.04
CA MET SA 189 121.89 -1.10 -71.13
C MET SA 189 122.98 -1.36 -72.17
N MET SA 190 122.95 -0.63 -73.29
CA MET SA 190 123.99 -0.77 -74.32
C MET SA 190 125.34 -0.29 -73.80
N THR SA 191 125.35 0.79 -73.01
CA THR SA 191 126.59 1.29 -72.43
C THR SA 191 127.15 0.30 -71.40
N PHE SA 192 126.28 -0.31 -70.60
CA PHE SA 192 126.73 -1.32 -69.65
C PHE SA 192 127.26 -2.57 -70.36
N LEU SA 193 126.69 -2.91 -71.51
CA LEU SA 193 127.24 -4.01 -72.31
C LEU SA 193 128.59 -3.61 -72.93
N TRP SA 194 128.73 -2.35 -73.35
CA TRP SA 194 129.96 -1.90 -74.00
C TRP SA 194 131.12 -1.81 -73.01
N ALA SA 195 130.84 -1.43 -71.76
CA ALA SA 195 131.89 -1.20 -70.78
C ALA SA 195 132.50 -2.48 -70.23
N ASN SA 196 131.94 -3.64 -70.53
CA ASN SA 196 132.45 -4.90 -70.02
C ASN SA 196 133.36 -5.63 -71.02
N GLY SA 197 133.61 -5.05 -72.18
CA GLY SA 197 134.53 -5.66 -73.13
C GLY SA 197 134.02 -5.77 -74.55
N ILE SA 198 132.70 -5.67 -74.73
CA ILE SA 198 132.11 -5.81 -76.05
C ILE SA 198 132.38 -4.54 -76.86
N ALA SA 199 132.83 -4.71 -78.10
CA ALA SA 199 133.18 -3.59 -78.96
C ALA SA 199 131.93 -2.81 -79.37
N ALA SA 200 132.15 -1.53 -79.71
CA ALA SA 200 131.05 -0.63 -80.03
C ALA SA 200 130.43 -0.91 -81.39
N LYS SA 201 131.15 -1.56 -82.30
CA LYS SA 201 130.61 -1.85 -83.62
C LYS SA 201 129.68 -3.06 -83.63
N ARG SA 202 129.61 -3.81 -82.54
CA ARG SA 202 128.73 -4.97 -82.42
C ARG SA 202 127.41 -4.63 -81.74
N LEU SA 203 127.17 -3.37 -81.39
CA LEU SA 203 126.03 -2.99 -80.57
C LEU SA 203 125.15 -1.99 -81.30
N LYS SA 204 123.84 -2.10 -81.05
CA LYS SA 204 122.86 -1.14 -81.53
C LYS SA 204 121.69 -1.13 -80.56
N ALA SA 205 121.18 0.06 -80.25
CA ALA SA 205 120.13 0.23 -79.26
C ALA SA 205 118.93 0.93 -79.87
N GLU SA 206 117.74 0.53 -79.42
CA GLU SA 206 116.51 1.12 -79.94
C GLU SA 206 115.45 1.10 -78.85
N GLY SA 207 114.67 2.19 -78.76
CA GLY SA 207 113.61 2.25 -77.79
C GLY SA 207 112.23 2.44 -78.43
N TYR SA 208 111.37 1.45 -78.28
CA TYR SA 208 110.00 1.52 -78.77
C TYR SA 208 109.07 1.86 -77.62
N GLY SA 209 107.90 2.37 -77.95
CA GLY SA 209 106.96 2.75 -76.91
C GLY SA 209 106.06 1.58 -76.54
N ASP SA 210 104.76 1.76 -76.76
CA ASP SA 210 103.78 0.68 -76.61
C ASP SA 210 103.38 0.13 -77.97
N LYS SA 211 104.37 0.02 -78.88
CA LYS SA 211 104.09 -0.26 -80.28
C LYS SA 211 103.63 -1.70 -80.48
N ASN SA 212 104.48 -2.66 -80.15
CA ASN SA 212 104.19 -4.09 -80.33
C ASN SA 212 104.34 -4.85 -78.99
N ALA SA 213 103.27 -4.79 -78.19
CA ALA SA 213 103.25 -5.39 -76.87
C ALA SA 213 103.07 -6.90 -76.96
N ILE SA 214 103.33 -7.58 -75.84
CA ILE SA 214 103.20 -9.02 -75.75
C ILE SA 214 102.04 -9.46 -74.87
N SER SA 215 101.40 -8.53 -74.16
CA SER SA 215 100.28 -8.85 -73.29
C SER SA 215 99.23 -7.75 -73.45
N ASP SA 216 98.20 -7.81 -72.61
CA ASP SA 216 97.10 -6.84 -72.66
C ASP SA 216 97.38 -5.70 -71.70
N ASN SA 217 97.24 -4.47 -72.19
CA ASN SA 217 97.49 -3.28 -71.38
C ASN SA 217 96.27 -2.86 -70.56
N ALA SA 218 95.12 -3.50 -70.75
CA ALA SA 218 93.92 -3.17 -70.01
C ALA SA 218 93.83 -3.92 -68.69
N ILE SA 219 94.80 -4.79 -68.38
CA ILE SA 219 94.84 -5.54 -67.13
C ILE SA 219 96.19 -5.28 -66.47
N ILE SA 220 96.22 -5.48 -65.15
CA ILE SA 220 97.34 -5.00 -64.33
C ILE SA 220 98.59 -5.85 -64.56
N HIS SA 221 98.44 -7.17 -64.49
CA HIS SA 221 99.59 -8.07 -64.67
C HIS SA 221 100.08 -8.07 -66.11
N GLY SA 222 99.15 -7.99 -67.07
CA GLY SA 222 99.54 -7.91 -68.47
C GLY SA 222 100.25 -6.60 -68.81
N SER SA 223 99.82 -5.51 -68.17
CA SER SA 223 100.53 -4.25 -68.35
C SER SA 223 101.89 -4.26 -67.67
N ALA SA 224 102.00 -4.97 -66.54
CA ALA SA 224 103.30 -5.09 -65.87
C ALA SA 224 104.27 -5.94 -66.68
N GLN SA 225 103.78 -6.93 -67.43
CA GLN SA 225 104.65 -7.76 -68.24
C GLN SA 225 105.18 -7.07 -69.50
N ASN SA 226 104.69 -5.87 -69.83
CA ASN SA 226 105.06 -5.22 -71.08
C ASN SA 226 106.32 -4.37 -70.97
N ARG SA 227 106.65 -3.86 -69.78
CA ARG SA 227 107.82 -3.01 -69.59
C ARG SA 227 109.05 -3.91 -69.48
N ARG SA 228 109.94 -3.85 -70.48
CA ARG SA 228 110.99 -4.85 -70.57
C ARG SA 228 112.15 -4.33 -71.41
N ILE SA 229 113.26 -5.07 -71.35
CA ILE SA 229 114.42 -4.89 -72.20
C ILE SA 229 114.67 -6.21 -72.92
N GLU SA 230 114.77 -6.14 -74.25
CA GLU SA 230 114.97 -7.30 -75.11
C GLU SA 230 116.40 -7.27 -75.65
N ILE SA 231 117.12 -8.38 -75.51
CA ILE SA 231 118.47 -8.51 -76.03
C ILE SA 231 118.49 -9.69 -77.00
N GLN SA 232 118.74 -9.41 -78.28
CA GLN SA 232 118.80 -10.44 -79.30
C GLN SA 232 120.21 -10.55 -79.88
N TRP SA 233 120.64 -11.79 -80.13
CA TRP SA 233 121.87 -12.02 -80.86
C TRP SA 233 121.73 -13.27 -81.72
N PHE SA 234 122.62 -13.38 -82.70
CA PHE SA 234 122.57 -14.48 -83.66
C PHE SA 234 123.40 -15.67 -83.20
N GLU TA 29 185.08 13.90 -103.59
CA GLU TA 29 184.93 14.36 -102.22
C GLU TA 29 185.72 15.65 -101.98
N VAL TA 30 185.05 16.80 -102.14
CA VAL TA 30 185.67 18.10 -101.93
C VAL TA 30 184.81 18.93 -101.00
N LYS TA 31 185.45 19.89 -100.35
CA LYS TA 31 184.79 20.73 -99.36
C LYS TA 31 184.24 21.99 -100.03
N LYS TA 32 183.81 22.96 -99.22
CA LYS TA 32 183.25 24.21 -99.72
C LYS TA 32 184.05 25.43 -99.29
N GLN TA 33 185.23 25.23 -98.71
CA GLN TA 33 186.01 26.34 -98.17
C GLN TA 33 186.63 27.17 -99.27
N GLY TA 34 186.67 28.48 -99.06
CA GLY TA 34 187.22 29.41 -100.02
C GLY TA 34 186.25 29.91 -101.08
N THR TA 35 185.01 29.46 -101.06
CA THR TA 35 184.01 29.83 -102.06
C THR TA 35 182.80 30.42 -101.38
N SER TA 36 182.35 31.58 -101.87
CA SER TA 36 181.14 32.21 -101.39
C SER TA 36 179.94 31.80 -102.26
N SER TA 37 178.74 32.05 -101.73
CA SER TA 37 177.53 31.59 -102.40
C SER TA 37 177.24 32.43 -103.65
N THR TA 38 177.06 31.74 -104.78
CA THR TA 38 176.81 32.39 -106.06
C THR TA 38 175.51 31.88 -106.67
N ARG TA 39 174.96 32.68 -107.58
CA ARG TA 39 173.69 32.37 -108.23
C ARG TA 39 173.92 31.49 -109.46
N GLN TA 40 173.08 30.49 -109.63
CA GLN TA 40 173.12 29.61 -110.79
C GLN TA 40 171.72 29.37 -111.31
N PHE TA 41 171.56 29.39 -112.63
CA PHE TA 41 170.32 29.00 -113.29
C PHE TA 41 170.54 27.75 -114.11
N ARG TA 42 169.65 26.78 -113.94
CA ARG TA 42 169.76 25.51 -114.66
C ARG TA 42 168.38 25.08 -115.14
N GLN TA 43 168.38 24.23 -116.16
CA GLN TA 43 167.16 23.75 -116.79
C GLN TA 43 166.97 22.26 -116.47
N VAL TA 44 165.73 21.86 -116.26
CA VAL TA 44 165.39 20.50 -115.88
C VAL TA 44 164.24 20.02 -116.76
N SER TA 45 164.13 18.71 -116.92
CA SER TA 45 163.08 18.10 -117.72
C SER TA 45 161.81 17.93 -116.88
N SER TA 46 160.84 17.18 -117.40
CA SER TA 46 159.58 16.98 -116.71
C SER TA 46 159.73 16.02 -115.54
N PHE TA 47 159.03 16.31 -114.45
CA PHE TA 47 159.10 15.51 -113.24
C PHE TA 47 157.81 15.67 -112.47
N ASN TA 48 157.52 14.67 -111.61
CA ASN TA 48 156.29 14.67 -110.82
C ASN TA 48 156.53 14.29 -109.35
N GLN TA 49 157.78 14.21 -108.91
CA GLN TA 49 158.09 13.81 -107.54
C GLN TA 49 159.45 14.40 -107.18
N ILE TA 50 159.57 14.98 -106.00
CA ILE TA 50 160.80 15.64 -105.56
C ILE TA 50 161.28 14.95 -104.29
N VAL TA 51 162.56 14.55 -104.28
CA VAL TA 51 163.21 13.99 -103.10
C VAL TA 51 164.42 14.86 -102.79
N VAL TA 52 164.40 15.56 -101.66
CA VAL TA 52 165.46 16.47 -101.27
C VAL TA 52 166.11 15.97 -99.98
N GLN TA 53 167.44 15.90 -99.98
CA GLN TA 53 168.23 15.49 -98.84
C GLN TA 53 169.33 16.50 -98.59
N GLY TA 54 169.54 16.85 -97.32
CA GLY TA 54 170.64 17.72 -96.96
C GLY TA 54 170.26 18.99 -96.21
N ARG TA 55 171.22 19.58 -95.50
CA ARG TA 55 171.01 20.79 -94.71
C ARG TA 55 170.96 21.98 -95.67
N LEU TA 56 169.76 22.31 -96.12
CA LEU TA 56 169.58 23.33 -97.15
C LEU TA 56 168.16 23.88 -97.06
N ASN TA 57 167.87 24.84 -97.94
CA ASN TA 57 166.57 25.50 -97.98
C ASN TA 57 165.96 25.34 -99.35
N VAL TA 58 164.64 25.13 -99.38
CA VAL TA 58 163.88 24.91 -100.61
C VAL TA 58 162.75 25.95 -100.65
N ASN TA 59 162.64 26.63 -101.79
CA ASN TA 59 161.54 27.54 -102.05
C ASN TA 59 160.76 27.03 -103.25
N LEU TA 60 159.43 26.98 -103.13
CA LEU TA 60 158.56 26.45 -104.17
C LEU TA 60 157.76 27.58 -104.80
N HIS TA 61 157.52 27.47 -106.11
CA HIS TA 61 156.63 28.37 -106.80
C HIS TA 61 155.82 27.57 -107.82
N THR TA 62 154.80 28.23 -108.39
CA THR TA 62 153.90 27.57 -109.33
C THR TA 62 153.57 28.54 -110.46
N GLY TA 63 153.82 28.11 -111.70
CA GLY TA 63 153.51 28.91 -112.86
C GLY TA 63 153.19 28.04 -114.05
N TYR TA 64 152.79 28.68 -115.14
CA TYR TA 64 152.45 28.00 -116.38
C TYR TA 64 153.57 28.05 -117.41
N ASN TA 65 154.77 28.42 -116.99
CA ASN TA 65 155.92 28.50 -117.89
C ASN TA 65 156.65 27.16 -117.90
N LYS TA 66 157.84 27.14 -118.48
CA LYS TA 66 158.68 25.95 -118.45
C LYS TA 66 159.19 25.71 -117.03
N PRO TA 67 159.42 24.46 -116.65
CA PRO TA 67 159.99 24.19 -115.31
C PRO TA 67 161.46 24.56 -115.25
N GLU TA 68 161.87 25.11 -114.10
CA GLU TA 68 163.27 25.46 -113.90
C GLU TA 68 163.62 25.39 -112.42
N VAL TA 69 164.92 25.31 -112.16
CA VAL TA 69 165.45 25.23 -110.81
C VAL TA 69 166.68 26.14 -110.71
N MET TA 70 166.76 26.89 -109.61
CA MET TA 70 167.89 27.75 -109.30
C MET TA 70 168.61 27.20 -108.08
N LEU TA 71 169.92 27.04 -108.19
CA LEU TA 71 170.77 26.46 -107.15
C LEU TA 71 171.78 27.50 -106.70
N ARG TA 72 171.43 28.25 -105.65
CA ARG TA 72 172.34 29.20 -105.05
C ARG TA 72 173.27 28.45 -104.09
N GLY TA 73 174.55 28.42 -104.42
CA GLY TA 73 175.50 27.70 -103.60
C GLY TA 73 176.92 28.04 -103.99
N ASP TA 74 177.86 27.39 -103.32
CA ASP TA 74 179.28 27.61 -103.59
C ASP TA 74 179.66 26.99 -104.92
N PRO TA 75 180.48 27.67 -105.73
CA PRO TA 75 180.88 27.10 -107.04
C PRO TA 75 181.74 25.85 -106.94
N ARG TA 76 182.44 25.64 -105.82
CA ARG TA 76 183.18 24.40 -105.63
C ARG TA 76 182.23 23.22 -105.45
N ASP TA 77 181.10 23.45 -104.78
CA ASP TA 77 180.10 22.41 -104.53
C ASP TA 77 178.91 22.48 -105.47
N LEU TA 78 178.98 23.31 -106.52
CA LEU TA 78 177.90 23.33 -107.50
C LEU TA 78 177.84 22.03 -108.31
N VAL TA 79 179.00 21.41 -108.55
CA VAL TA 79 179.01 20.08 -109.15
C VAL TA 79 178.48 19.05 -108.15
N GLN TA 80 178.81 19.21 -106.87
CA GLN TA 80 178.40 18.25 -105.85
C GLN TA 80 176.91 18.31 -105.58
N VAL TA 81 176.28 19.46 -105.77
CA VAL TA 81 174.83 19.56 -105.71
C VAL TA 81 174.28 18.82 -106.93
N ARG TA 82 173.62 17.69 -106.68
CA ARG TA 82 173.23 16.77 -107.74
C ARG TA 82 171.78 17.04 -108.14
N THR TA 83 171.56 17.25 -109.44
CA THR TA 83 170.25 17.49 -110.01
C THR TA 83 170.03 16.41 -111.08
N ILE TA 84 169.47 15.27 -110.66
CA ILE TA 84 169.26 14.14 -111.55
C ILE TA 84 167.78 13.81 -111.58
N VAL TA 85 167.31 13.34 -112.72
CA VAL TA 85 165.92 12.97 -112.94
C VAL TA 85 165.89 11.52 -113.43
N LYS TA 86 165.22 10.66 -112.68
CA LYS TA 86 165.02 9.27 -113.07
C LYS TA 86 163.53 8.96 -113.03
N GLN TA 87 162.97 8.52 -114.16
CA GLN TA 87 161.55 8.17 -114.32
C GLN TA 87 160.63 9.31 -113.88
N ASN TA 88 161.01 10.53 -114.27
CA ASN TA 88 160.35 11.79 -113.88
C ASN TA 88 160.27 11.95 -112.35
N THR TA 89 161.34 11.59 -111.66
CA THR TA 89 161.53 11.90 -110.25
C THR TA 89 162.85 12.67 -110.11
N LEU TA 90 162.80 13.81 -109.42
CA LEU TA 90 163.96 14.66 -109.23
C LEU TA 90 164.60 14.35 -107.88
N TYR TA 91 165.93 14.16 -107.89
CA TYR TA 91 166.69 13.84 -106.68
C TYR TA 91 167.67 14.98 -106.42
N VAL TA 92 167.35 15.85 -105.48
CA VAL TA 92 168.24 16.92 -105.05
C VAL TA 92 168.87 16.45 -103.74
N SER TA 93 170.04 15.83 -103.83
CA SER TA 93 170.71 15.28 -102.66
C SER TA 93 172.21 15.51 -102.81
N LEU TA 94 172.97 14.92 -101.90
CA LEU TA 94 174.42 15.07 -101.92
C LEU TA 94 175.02 14.22 -103.04
N GLY TA 95 176.05 14.77 -103.69
CA GLY TA 95 176.78 14.05 -104.71
C GLY TA 95 178.24 13.94 -104.34
N GLN TA 96 178.84 12.78 -104.69
CA GLN TA 96 180.23 12.42 -104.35
C GLN TA 96 180.49 12.50 -102.85
N GLY TA 97 179.52 12.04 -102.06
CA GLY TA 97 179.66 12.08 -100.62
C GLY TA 97 179.39 13.46 -100.03
N TYR TA 98 179.52 13.53 -98.70
CA TYR TA 98 179.36 14.78 -97.96
C TYR TA 98 180.63 14.99 -97.13
N PRO TA 99 181.64 15.65 -97.69
CA PRO TA 99 182.71 16.17 -96.84
C PRO TA 99 182.24 17.35 -96.00
N ASP TA 100 181.71 18.38 -96.68
CA ASP TA 100 181.23 19.60 -96.06
C ASP TA 100 180.47 20.48 -97.05
N TYR TA 101 179.27 20.92 -96.67
CA TYR TA 101 178.63 22.07 -97.32
C TYR TA 101 177.70 22.73 -96.31
N GLY TA 102 177.71 24.07 -96.29
CA GLY TA 102 176.99 24.81 -95.28
C GLY TA 102 175.65 25.38 -95.67
N ALA TA 103 175.59 26.06 -96.82
CA ALA TA 103 174.39 26.79 -97.22
C ALA TA 103 174.09 26.52 -98.69
N VAL TA 104 172.90 25.99 -98.95
CA VAL TA 104 172.41 25.73 -100.30
C VAL TA 104 170.95 26.18 -100.36
N THR TA 105 170.63 26.99 -101.38
CA THR TA 105 169.26 27.44 -101.61
C THR TA 105 168.78 26.89 -102.94
N VAL TA 106 167.65 26.19 -102.93
CA VAL TA 106 167.07 25.56 -104.11
C VAL TA 106 165.70 26.18 -104.34
N ASP TA 107 165.59 27.04 -105.33
CA ASP TA 107 164.31 27.59 -105.74
C ASP TA 107 163.80 26.79 -106.94
N ILE TA 108 162.51 26.49 -106.96
CA ILE TA 108 161.96 25.60 -107.97
C ILE TA 108 160.65 26.19 -108.51
N LYS TA 109 160.47 26.08 -109.83
CA LYS TA 109 159.22 26.41 -110.49
C LYS TA 109 158.85 25.26 -111.42
N THR TA 110 157.61 24.78 -111.30
CA THR TA 110 157.14 23.64 -112.08
C THR TA 110 155.62 23.74 -112.20
N LYS TA 111 155.00 22.67 -112.67
CA LYS TA 111 153.56 22.63 -112.91
C LYS TA 111 152.84 21.62 -112.03
N PHE TA 112 153.28 20.35 -112.04
CA PHE TA 112 152.57 19.27 -111.36
C PHE TA 112 153.47 18.62 -110.33
N LEU TA 113 152.95 18.45 -109.12
CA LEU TA 113 153.64 17.77 -108.03
C LEU TA 113 152.78 16.65 -107.49
N ASN TA 114 153.40 15.51 -107.22
CA ASN TA 114 152.67 14.35 -106.70
C ASN TA 114 153.32 13.67 -105.51
N ARG TA 115 154.57 14.00 -105.16
CA ARG TA 115 155.23 13.41 -104.00
C ARG TA 115 156.35 14.32 -103.55
N PHE TA 116 156.46 14.55 -102.24
CA PHE TA 116 157.52 15.37 -101.68
C PHE TA 116 158.17 14.59 -100.54
N ARG TA 117 159.49 14.41 -100.63
CA ARG TA 117 160.29 13.78 -99.59
C ARG TA 117 161.35 14.78 -99.14
N TYR TA 118 161.47 14.98 -97.83
CA TYR TA 118 162.45 15.91 -97.29
C TYR TA 118 163.21 15.25 -96.13
N GLU TA 119 164.54 15.29 -96.19
CA GLU TA 119 165.37 14.72 -95.14
C GLU TA 119 166.59 15.61 -94.90
N GLY TA 120 167.01 15.67 -93.64
CA GLY TA 120 168.34 16.16 -93.33
C GLY TA 120 168.51 17.57 -92.80
N ALA TA 121 167.66 18.00 -91.87
CA ALA TA 121 167.78 19.26 -91.12
C ALA TA 121 167.75 20.48 -92.05
N GLY TA 122 166.59 20.66 -92.68
CA GLY TA 122 166.44 21.74 -93.63
C GLY TA 122 165.16 22.56 -93.52
N VAL TA 123 164.98 23.48 -94.46
CA VAL TA 123 163.85 24.41 -94.48
C VAL TA 123 163.12 24.24 -95.82
N VAL TA 124 161.79 24.18 -95.78
CA VAL TA 124 160.95 24.14 -96.98
C VAL TA 124 159.88 25.22 -96.84
N THR TA 125 159.74 26.06 -97.87
CA THR TA 125 158.67 27.05 -97.94
C THR TA 125 157.96 26.95 -99.28
N GLY TA 126 156.64 26.90 -99.24
CA GLY TA 126 155.86 26.85 -100.47
C GLY TA 126 154.45 27.37 -100.26
N ASN TA 127 153.88 27.91 -101.33
CA ASN TA 127 152.54 28.48 -101.28
C ASN TA 127 151.89 28.44 -102.65
N ASN TA 128 150.56 28.61 -102.65
CA ASN TA 128 149.71 28.68 -103.86
C ASN TA 128 149.88 27.45 -104.75
N LEU TA 129 149.79 26.28 -104.13
CA LEU TA 129 149.95 25.01 -104.83
C LEU TA 129 148.57 24.37 -105.01
N ARG TA 130 148.27 23.98 -106.24
CA ARG TA 130 147.02 23.31 -106.58
C ARG TA 130 147.32 21.89 -107.03
N THR TA 131 146.59 20.93 -106.48
CA THR TA 131 146.85 19.52 -106.74
C THR TA 131 145.58 18.72 -106.49
N SER TA 132 145.61 17.45 -106.90
CA SER TA 132 144.56 16.49 -106.61
C SER TA 132 144.93 15.56 -105.47
N TYR TA 133 146.14 15.00 -105.49
CA TYR TA 133 146.62 14.11 -104.44
C TYR TA 133 148.13 14.09 -104.45
N LEU TA 134 148.74 14.31 -103.29
CA LEU TA 134 150.18 14.19 -103.13
C LEU TA 134 150.50 13.85 -101.68
N ASP TA 135 151.73 13.39 -101.45
CA ASP TA 135 152.14 12.85 -100.15
C ASP TA 135 153.39 13.58 -99.66
N LEU TA 136 153.32 14.07 -98.43
CA LEU TA 136 154.46 14.66 -97.74
C LEU TA 136 155.14 13.60 -96.88
N TYR TA 137 156.47 13.56 -96.93
CA TYR TA 137 157.27 12.74 -96.01
C TYR TA 137 158.39 13.62 -95.49
N LEU TA 138 158.18 14.20 -94.32
CA LEU TA 138 159.14 15.11 -93.69
C LEU TA 138 159.93 14.32 -92.64
N ALA TA 139 161.24 14.54 -92.59
CA ALA TA 139 162.07 13.81 -91.64
C ALA TA 139 163.18 14.69 -91.10
N ASN TA 140 163.44 14.56 -89.79
CA ASN TA 140 164.67 14.99 -89.13
C ASN TA 140 164.90 16.49 -89.27
N GLU TA 141 164.04 17.26 -88.58
CA GLU TA 141 164.05 18.73 -88.52
C GLU TA 141 163.86 19.31 -89.93
N GLY TA 142 162.66 19.06 -90.45
CA GLY TA 142 162.21 19.76 -91.64
C GLY TA 142 161.29 20.90 -91.27
N THR TA 143 161.82 22.11 -91.22
CA THR TA 143 161.00 23.29 -90.88
C THR TA 143 160.23 23.67 -92.14
N THR TA 144 158.95 23.33 -92.17
CA THR TA 144 158.18 23.30 -93.40
C THR TA 144 156.96 24.20 -93.29
N ARG TA 145 156.73 25.02 -94.31
CA ARG TA 145 155.53 25.83 -94.41
C ARG TA 145 154.89 25.61 -95.77
N LEU TA 146 153.59 25.30 -95.76
CA LEU TA 146 152.76 25.27 -96.95
C LEU TA 146 151.58 26.20 -96.74
N ALA TA 147 151.38 27.12 -97.68
CA ALA TA 147 150.32 28.12 -97.58
C ALA TA 147 149.46 28.13 -98.84
N GLY TA 148 149.04 26.93 -99.27
CA GLY TA 148 148.18 26.81 -100.43
C GLY TA 148 146.92 26.02 -100.15
N ASN TA 149 146.26 25.55 -101.21
CA ASN TA 149 145.04 24.74 -101.11
C ASN TA 149 145.30 23.31 -101.59
N ILE TA 150 145.99 22.55 -100.74
CA ILE TA 150 146.56 21.25 -101.09
C ILE TA 150 145.64 20.17 -100.54
N GLY TA 151 145.07 19.37 -101.45
CA GLY TA 151 144.26 18.23 -101.06
C GLY TA 151 145.08 16.95 -101.01
N LEU TA 152 145.46 16.52 -99.81
CA LEU TA 152 146.36 15.40 -99.61
C LEU TA 152 145.66 14.31 -98.80
N GLN TA 153 145.93 13.05 -99.16
CA GLN TA 153 145.33 11.90 -98.51
C GLN TA 153 146.25 11.26 -97.47
N LYS TA 154 147.57 11.40 -97.62
CA LYS TA 154 148.51 10.89 -96.65
C LYS TA 154 149.56 11.94 -96.33
N LEU TA 155 150.11 11.85 -95.12
CA LEU TA 155 151.15 12.77 -94.67
C LEU TA 155 151.95 12.06 -93.59
N GLU TA 156 153.26 12.27 -93.58
CA GLU TA 156 154.12 11.64 -92.59
C GLU TA 156 155.16 12.63 -92.09
N ALA TA 157 155.29 12.72 -90.76
CA ALA TA 157 156.37 13.43 -90.11
C ALA TA 157 157.13 12.45 -89.23
N VAL TA 158 158.45 12.39 -89.40
CA VAL TA 158 159.23 11.33 -88.78
C VAL TA 158 159.63 11.70 -87.35
N GLY TA 159 160.28 12.85 -87.17
CA GLY TA 159 160.71 13.20 -85.83
C GLY TA 159 161.26 14.60 -85.65
N ASN TA 160 160.77 15.27 -84.59
CA ASN TA 160 161.29 16.55 -84.08
C ASN TA 160 161.24 17.67 -85.13
N GLY TA 161 160.24 17.64 -86.01
CA GLY TA 161 160.12 18.67 -87.03
C GLY TA 161 158.79 19.38 -86.97
N VAL TA 162 158.83 20.71 -86.81
CA VAL TA 162 157.59 21.49 -86.76
C VAL TA 162 156.99 21.61 -88.15
N THR TA 163 155.66 21.68 -88.20
CA THR TA 163 154.92 21.77 -89.44
C THR TA 163 153.73 22.70 -89.26
N GLN TA 164 153.60 23.65 -90.18
CA GLN TA 164 152.53 24.65 -90.15
C GLN TA 164 151.92 24.66 -91.55
N ILE TA 165 150.74 24.05 -91.69
CA ILE TA 165 150.06 23.97 -92.98
C ILE TA 165 148.79 24.78 -92.90
N ASN TA 166 148.62 25.72 -93.83
CA ASN TA 166 147.46 26.61 -93.87
C ASN TA 166 146.67 26.29 -95.15
N GLY TA 167 145.67 25.43 -95.01
CA GLY TA 167 144.76 25.15 -96.10
C GLY TA 167 144.88 23.74 -96.66
N VAL TA 168 143.99 22.84 -96.24
CA VAL TA 168 143.90 21.49 -96.77
C VAL TA 168 142.43 21.18 -96.99
N SER TA 169 142.07 20.78 -98.22
CA SER TA 169 140.70 20.43 -98.56
C SER TA 169 140.74 19.05 -99.20
N SER TA 170 140.57 18.01 -98.38
CA SER TA 170 140.63 16.63 -98.83
C SER TA 170 139.40 15.87 -98.38
N ARG TA 171 139.00 14.88 -99.18
CA ARG TA 171 137.88 14.02 -98.86
C ARG TA 171 138.27 12.84 -98.00
N ASN TA 172 139.56 12.60 -97.79
CA ASN TA 172 140.04 11.51 -96.94
C ASN TA 172 141.45 11.84 -96.48
N LEU TA 173 141.78 11.43 -95.26
CA LEU TA 173 143.10 11.63 -94.70
C LEU TA 173 143.33 10.60 -93.60
N GLN TA 174 144.54 10.03 -93.57
CA GLN TA 174 144.94 9.08 -92.54
C GLN TA 174 146.32 9.48 -92.04
N ILE TA 175 146.42 9.81 -90.75
CA ILE TA 175 147.66 10.28 -90.14
C ILE TA 175 148.06 9.29 -89.06
N VAL TA 176 149.32 8.84 -89.12
CA VAL TA 176 149.91 8.00 -88.08
C VAL TA 176 151.28 8.58 -87.73
N LEU TA 177 151.56 8.65 -86.43
CA LEU TA 177 152.78 9.28 -85.93
C LEU TA 177 153.63 8.26 -85.19
N LYS TA 178 154.93 8.27 -85.48
CA LYS TA 178 155.87 7.35 -84.87
C LYS TA 178 156.92 8.04 -84.01
N GLY TA 179 157.30 9.27 -84.31
CA GLY TA 179 158.27 9.99 -83.52
C GLY TA 179 157.64 11.09 -82.70
N ASP TA 180 158.31 12.24 -82.61
CA ASP TA 180 157.87 13.34 -81.74
C ASP TA 180 157.80 14.65 -82.53
N PRO TA 181 156.79 14.81 -83.42
CA PRO TA 181 156.70 16.07 -84.18
C PRO TA 181 155.78 17.08 -83.53
N LYS TA 182 155.72 18.29 -84.10
CA LYS TA 182 154.80 19.36 -83.69
C LYS TA 182 154.12 19.86 -84.96
N VAL TA 183 152.95 19.32 -85.27
CA VAL TA 183 152.29 19.58 -86.54
C VAL TA 183 150.97 20.31 -86.28
N LEU TA 184 150.63 21.28 -87.13
CA LEU TA 184 149.31 21.90 -87.08
C LEU TA 184 148.84 22.16 -88.50
N ILE TA 185 147.63 21.70 -88.81
CA ILE TA 185 147.07 21.73 -90.15
C ILE TA 185 145.73 22.43 -90.11
N SER TA 186 145.50 23.38 -91.02
CA SER TA 186 144.25 24.08 -91.14
C SER TA 186 143.54 23.71 -92.44
N GLY TA 187 142.23 23.86 -92.45
CA GLY TA 187 141.45 23.62 -93.66
C GLY TA 187 140.19 22.81 -93.43
N PHE TA 188 140.00 21.77 -94.25
CA PHE TA 188 138.83 20.91 -94.18
C PHE TA 188 139.27 19.48 -94.40
N VAL TA 189 139.15 18.65 -93.36
CA VAL TA 189 139.70 17.30 -93.36
C VAL TA 189 138.60 16.33 -92.96
N ASN TA 190 138.40 15.29 -93.77
CA ASN TA 190 137.49 14.19 -93.44
C ASN TA 190 138.33 13.04 -92.86
N LEU TA 191 138.69 13.20 -91.59
CA LEU TA 191 139.56 12.24 -90.92
C LEU TA 191 138.76 11.02 -90.45
N ARG TA 192 139.39 9.85 -90.47
CA ARG TA 192 138.75 8.62 -90.04
C ARG TA 192 139.46 7.97 -88.86
N GLN TA 193 140.77 7.76 -88.94
CA GLN TA 193 141.51 7.04 -87.92
C GLN TA 193 142.73 7.85 -87.49
N LEU TA 194 143.16 7.64 -86.26
CA LEU TA 194 144.32 8.34 -85.71
C LEU TA 194 144.94 7.46 -84.63
N ASP TA 195 146.22 7.12 -84.81
CA ASP TA 195 146.96 6.33 -83.84
C ASP TA 195 148.25 7.08 -83.52
N MET TA 196 148.46 7.39 -82.24
CA MET TA 196 149.67 8.09 -81.83
C MET TA 196 150.34 7.35 -80.69
N TYR TA 197 151.65 7.12 -80.83
CA TYR TA 197 152.46 6.46 -79.82
C TYR TA 197 153.66 7.27 -79.36
N GLY TA 198 153.91 8.44 -79.96
CA GLY TA 198 155.04 9.27 -79.62
C GLY TA 198 154.68 10.40 -78.68
N LYS TA 199 155.51 11.43 -78.67
CA LYS TA 199 155.28 12.63 -77.87
C LYS TA 199 154.83 13.80 -78.74
N GLY TA 200 153.94 13.53 -79.71
CA GLY TA 200 153.56 14.53 -80.68
C GLY TA 200 152.38 15.40 -80.26
N THR TA 201 152.35 16.59 -80.86
CA THR TA 201 151.25 17.53 -80.76
C THR TA 201 150.68 17.78 -82.15
N LEU TA 202 149.35 17.69 -82.26
CA LEU TA 202 148.65 17.85 -83.52
C LEU TA 202 147.37 18.64 -83.29
N SER TA 203 147.11 19.61 -84.18
CA SER TA 203 145.91 20.42 -84.06
C SER TA 203 145.31 20.67 -85.44
N LEU TA 204 144.01 20.44 -85.56
CA LEU TA 204 143.24 20.70 -86.76
C LEU TA 204 142.15 21.73 -86.44
N TYR TA 205 141.91 22.65 -87.39
CA TYR TA 205 140.97 23.74 -87.14
C TYR TA 205 139.53 23.30 -87.36
N TRP TA 206 139.20 22.90 -88.59
CA TRP TA 206 137.86 22.45 -88.93
C TRP TA 206 137.94 21.07 -89.56
N ILE TA 207 137.13 20.14 -89.07
CA ILE TA 207 137.00 18.80 -89.65
C ILE TA 207 135.53 18.46 -89.77
N LYS TA 208 135.17 17.86 -90.91
CA LYS TA 208 133.82 17.34 -91.14
C LYS TA 208 133.97 15.86 -91.45
N SER TA 209 133.62 15.01 -90.49
CA SER TA 209 133.87 13.58 -90.59
C SER TA 209 132.59 12.81 -90.30
N ASP TA 210 132.69 11.49 -90.34
CA ASP TA 210 131.58 10.58 -90.07
C ASP TA 210 131.88 9.61 -88.93
N THR TA 211 133.10 9.10 -88.85
CA THR TA 211 133.48 8.19 -87.77
C THR TA 211 134.97 8.36 -87.49
N LEU TA 212 135.30 8.80 -86.28
CA LEU TA 212 136.68 8.90 -85.83
C LEU TA 212 137.01 7.81 -84.84
N THR TA 213 138.18 7.21 -85.02
CA THR TA 213 138.75 6.26 -84.06
C THR TA 213 140.11 6.77 -83.65
N ILE TA 214 140.24 7.19 -82.38
CA ILE TA 214 141.45 7.81 -81.86
C ILE TA 214 142.05 6.89 -80.81
N ARG TA 215 143.34 6.59 -80.95
CA ARG TA 215 144.06 5.76 -79.99
C ARG TA 215 145.37 6.46 -79.62
N ALA TA 216 145.47 6.87 -78.36
CA ALA TA 216 146.66 7.56 -77.86
C ALA TA 216 147.36 6.70 -76.83
N LYS TA 217 148.68 6.53 -76.99
CA LYS TA 217 149.43 5.51 -76.27
C LYS TA 217 150.33 6.07 -75.19
N LYS TA 218 151.30 6.94 -75.52
CA LYS TA 218 152.37 7.25 -74.58
C LYS TA 218 152.28 8.67 -74.02
N ALA TA 219 152.33 9.70 -74.87
CA ALA TA 219 152.06 11.08 -74.44
C ALA TA 219 151.62 11.87 -75.67
N ALA TA 220 150.31 11.98 -75.86
CA ALA TA 220 149.80 12.57 -77.08
C ALA TA 220 149.05 13.86 -76.77
N LYS TA 221 149.14 14.83 -77.68
CA LYS TA 221 148.36 16.05 -77.58
C LYS TA 221 147.59 16.22 -78.89
N ILE TA 222 146.27 16.14 -78.81
CA ILE TA 222 145.40 16.23 -79.98
C ILE TA 222 144.39 17.35 -79.72
N GLN TA 223 144.25 18.26 -80.69
CA GLN TA 223 143.33 19.39 -80.57
C GLN TA 223 142.50 19.50 -81.84
N LEU TA 224 141.25 19.04 -81.78
CA LEU TA 224 140.34 19.04 -82.92
C LEU TA 224 139.13 19.93 -82.63
N ALA TA 225 138.49 20.36 -83.72
CA ALA TA 225 137.24 21.10 -83.64
C ALA TA 225 136.50 20.91 -84.95
N GLY TA 226 135.19 20.71 -84.86
CA GLY TA 226 134.38 20.50 -86.04
C GLY TA 226 133.19 19.61 -85.71
N ILE TA 227 132.66 18.96 -86.76
CA ILE TA 227 131.46 18.14 -86.67
C ILE TA 227 131.84 16.69 -86.95
N VAL TA 228 131.52 15.80 -86.01
CA VAL TA 228 131.77 14.37 -86.12
C VAL TA 228 130.49 13.64 -85.77
N ASN TA 229 130.08 12.70 -86.63
CA ASN TA 229 128.86 11.94 -86.37
C ASN TA 229 129.06 10.87 -85.31
N ARG TA 230 130.25 10.27 -85.22
CA ARG TA 230 130.50 9.19 -84.28
C ARG TA 230 131.97 9.20 -83.89
N LEU TA 231 132.24 9.24 -82.59
CA LEU TA 231 133.60 9.38 -82.07
C LEU TA 231 133.90 8.24 -81.10
N ASP TA 232 135.07 7.64 -81.26
CA ASP TA 232 135.58 6.64 -80.33
C ASP TA 232 136.99 7.06 -79.92
N VAL TA 233 137.22 7.15 -78.61
CA VAL TA 233 138.47 7.65 -78.05
C VAL TA 233 139.00 6.64 -77.05
N GLU TA 234 140.25 6.24 -77.22
CA GLU TA 234 140.96 5.38 -76.27
C GLU TA 234 142.24 6.07 -75.85
N LEU TA 235 142.39 6.31 -74.55
CA LEU TA 235 143.60 6.92 -74.00
C LEU TA 235 144.23 5.93 -73.02
N TRP TA 236 145.52 5.65 -73.19
CA TRP TA 236 146.12 4.61 -72.35
C TRP TA 236 146.80 5.17 -71.10
N ASP TA 237 147.87 5.95 -71.27
CA ASP TA 237 148.45 6.63 -70.12
C ASP TA 237 149.17 7.89 -70.57
N PHE TA 238 149.11 8.92 -69.72
CA PHE TA 238 149.76 10.22 -69.90
C PHE TA 238 149.35 10.91 -71.21
N ALA TA 239 148.13 10.68 -71.65
CA ALA TA 239 147.62 11.23 -72.90
C ALA TA 239 146.50 12.23 -72.61
N GLN TA 240 146.49 13.31 -73.38
CA GLN TA 240 145.51 14.38 -73.23
C GLN TA 240 144.76 14.57 -74.55
N PHE TA 241 143.44 14.46 -74.50
CA PHE TA 241 142.58 14.68 -75.66
C PHE TA 241 141.71 15.88 -75.36
N LYS TA 242 141.89 16.96 -76.12
CA LYS TA 242 141.11 18.17 -75.98
C LYS TA 242 140.03 18.22 -77.06
N GLY TA 243 139.02 17.35 -76.91
CA GLY TA 243 137.92 17.34 -77.85
C GLY TA 243 136.85 18.38 -77.60
N LYS TA 244 137.12 19.35 -76.73
CA LYS TA 244 136.28 20.54 -76.64
C LYS TA 244 136.34 21.30 -77.97
N TYR TA 245 135.20 21.90 -78.34
CA TYR TA 245 134.84 22.51 -79.62
C TYR TA 245 134.71 21.50 -80.75
N LEU TA 246 134.89 20.21 -80.48
CA LEU TA 246 134.60 19.14 -81.43
C LEU TA 246 133.29 18.50 -80.99
N ARG TA 247 132.21 18.81 -81.71
CA ARG TA 247 130.87 18.41 -81.32
C ARG TA 247 130.54 17.07 -81.94
N ALA TA 248 130.32 16.06 -81.10
CA ALA TA 248 130.05 14.70 -81.54
C ALA TA 248 128.62 14.31 -81.17
N GLN TA 249 127.92 13.70 -82.13
CA GLN TA 249 126.58 13.19 -81.85
C GLN TA 249 126.64 11.97 -80.94
N ARG TA 250 127.50 11.02 -81.26
CA ARG TA 250 127.70 9.81 -80.46
C ARG TA 250 129.15 9.80 -79.99
N SER TA 251 129.35 9.62 -78.68
CA SER TA 251 130.71 9.56 -78.15
C SER TA 251 130.89 8.32 -77.30
N PHE TA 252 131.96 7.57 -77.58
CA PHE TA 252 132.43 6.48 -76.73
C PHE TA 252 133.85 6.82 -76.29
N VAL TA 253 134.04 6.98 -74.99
CA VAL TA 253 135.33 7.43 -74.44
C VAL TA 253 135.79 6.42 -73.39
N LYS TA 254 137.03 5.94 -73.52
CA LYS TA 254 137.64 5.08 -72.51
C LYS TA 254 139.01 5.63 -72.14
N THR TA 255 139.21 5.90 -70.84
CA THR TA 255 140.48 6.39 -70.34
C THR TA 255 141.03 5.42 -69.30
N HIS TA 256 142.30 5.04 -69.48
CA HIS TA 256 143.05 4.27 -68.51
C HIS TA 256 143.97 5.22 -67.74
N ASP TA 257 144.96 4.67 -67.03
CA ASP TA 257 145.61 5.34 -65.89
C ASP TA 257 146.30 6.64 -66.23
N LYS TA 258 145.88 7.72 -65.54
CA LYS TA 258 146.47 9.07 -65.61
C LYS TA 258 146.39 9.65 -67.02
N SER TA 259 145.18 9.66 -67.59
CA SER TA 259 144.92 10.28 -68.88
C SER TA 259 143.72 11.20 -68.75
N VAL TA 260 143.73 12.27 -69.55
CA VAL TA 260 142.74 13.33 -69.46
C VAL TA 260 142.04 13.47 -70.81
N ALA TA 261 140.71 13.42 -70.79
CA ALA TA 261 139.90 13.65 -71.98
C ALA TA 261 138.83 14.69 -71.67
N GLU TA 262 138.64 15.65 -72.58
CA GLU TA 262 137.64 16.70 -72.42
C GLU TA 262 136.74 16.68 -73.66
N ILE TA 263 135.50 16.23 -73.47
CA ILE TA 263 134.60 15.93 -74.59
C ILE TA 263 133.42 16.90 -74.60
N SER TA 264 132.75 16.97 -75.74
CA SER TA 264 131.65 17.90 -75.99
C SER TA 264 130.49 17.20 -76.70
N ALA TA 265 130.06 16.05 -76.15
CA ALA TA 265 129.01 15.25 -76.78
C ALA TA 265 127.67 15.96 -76.80
N VAL TA 266 126.83 15.60 -77.78
CA VAL TA 266 125.60 16.32 -78.09
C VAL TA 266 124.37 15.45 -77.83
N ASN TA 267 124.32 14.26 -78.42
CA ASN TA 267 123.14 13.40 -78.33
C ASN TA 267 123.31 12.26 -77.34
N HIS TA 268 124.34 11.44 -77.53
CA HIS TA 268 124.58 10.27 -76.67
C HIS TA 268 126.04 10.24 -76.24
N GLN TA 269 126.25 10.12 -74.93
CA GLN TA 269 127.57 10.11 -74.33
C GLN TA 269 127.74 8.84 -73.52
N SER TA 270 128.82 8.10 -73.78
CA SER TA 270 129.16 6.89 -73.05
C SER TA 270 130.63 6.96 -72.69
N SER TA 271 130.93 6.97 -71.38
CA SER TA 271 132.29 7.19 -70.94
C SER TA 271 132.68 6.24 -69.82
N LEU TA 272 133.96 5.89 -69.79
CA LEU TA 272 134.50 5.01 -68.76
C LEU TA 272 135.88 5.50 -68.34
N ALA TA 273 136.08 5.65 -67.03
CA ALA TA 273 137.36 6.03 -66.45
C ALA TA 273 137.84 4.91 -65.54
N THR TA 274 139.07 4.45 -65.74
CA THR TA 274 139.51 3.23 -65.06
C THR TA 274 140.17 3.50 -63.71
N ASP TA 275 141.28 4.23 -63.69
CA ASP TA 275 142.04 4.37 -62.45
C ASP TA 275 142.86 5.66 -62.47
N ALA TA 276 142.48 6.61 -61.60
CA ALA TA 276 143.12 7.93 -61.48
C ALA TA 276 143.13 8.68 -62.81
N SER TA 277 142.06 8.54 -63.58
CA SER TA 277 141.89 9.22 -64.86
C SER TA 277 140.69 10.15 -64.77
N ASP TA 278 140.71 11.19 -65.61
CA ASP TA 278 139.70 12.23 -65.54
C ASP TA 278 139.05 12.42 -66.91
N ILE TA 279 137.72 12.36 -66.93
CA ILE TA 279 136.93 12.72 -68.10
C ILE TA 279 136.05 13.89 -67.70
N TYR TA 280 136.18 15.00 -68.40
CA TYR TA 280 135.34 16.17 -68.18
C TYR TA 280 134.47 16.37 -69.40
N TYR TA 281 133.18 16.62 -69.20
CA TYR TA 281 132.37 17.01 -70.34
C TYR TA 281 132.16 18.53 -70.33
N TYR TA 282 131.56 19.03 -71.40
CA TYR TA 282 131.29 20.46 -71.50
C TYR TA 282 129.92 20.77 -72.10
N ASN TA 283 129.11 19.75 -72.40
CA ASN TA 283 127.77 19.95 -72.92
C ASN TA 283 126.84 18.96 -72.24
N LEU TA 284 125.58 19.37 -72.09
CA LEU TA 284 124.57 18.51 -71.48
C LEU TA 284 123.89 17.73 -72.60
N SER TA 285 124.27 16.46 -72.75
CA SER TA 285 123.74 15.63 -73.82
C SER TA 285 122.33 15.16 -73.50
N LYS TA 286 121.64 14.67 -74.53
CA LYS TA 286 120.30 14.14 -74.33
C LYS TA 286 120.31 12.81 -73.59
N THR TA 287 121.39 12.04 -73.73
CA THR TA 287 121.55 10.81 -72.95
C THR TA 287 123.00 10.71 -72.51
N ARG TA 288 123.20 10.50 -71.21
CA ARG TA 288 124.52 10.48 -70.59
C ARG TA 288 124.67 9.18 -69.80
N ALA TA 289 125.81 8.50 -69.97
CA ALA TA 289 126.09 7.31 -69.20
C ALA TA 289 127.60 7.21 -68.96
N ASP TA 290 127.98 7.25 -67.68
CA ASP TA 290 129.38 7.28 -67.27
C ASP TA 290 129.64 6.17 -66.26
N PHE TA 291 130.85 5.62 -66.31
CA PHE TA 291 131.24 4.58 -65.36
C PHE TA 291 132.66 4.82 -64.85
N MET TA 292 132.88 4.46 -63.59
CA MET TA 292 134.11 4.66 -62.86
C MET TA 292 134.57 3.30 -62.33
N ALA TA 293 135.88 3.02 -62.39
CA ALA TA 293 136.33 1.69 -62.00
C ALA TA 293 137.14 1.68 -60.71
N PHE TA 294 138.27 2.38 -60.65
CA PHE TA 294 139.09 2.36 -59.44
C PHE TA 294 139.19 3.73 -58.79
N ASN TA 295 139.70 4.73 -59.50
CA ASN TA 295 139.84 6.09 -58.98
C ASN TA 295 139.50 7.13 -60.03
N GLY TA 296 138.97 6.73 -61.18
CA GLY TA 296 138.64 7.68 -62.23
C GLY TA 296 137.42 8.50 -61.87
N SER TA 297 137.24 9.59 -62.63
CA SER TA 297 136.19 10.54 -62.31
C SER TA 297 135.74 11.27 -63.55
N VAL TA 298 134.42 11.41 -63.70
CA VAL TA 298 133.80 12.17 -64.79
C VAL TA 298 133.12 13.39 -64.17
N LEU TA 299 133.44 14.57 -64.70
CA LEU TA 299 133.03 15.82 -64.08
C LEU TA 299 132.26 16.71 -65.05
N ASP TA 300 131.43 17.58 -64.47
CA ASP TA 300 130.54 18.45 -65.22
C ASP TA 300 131.32 19.61 -65.86
N MET TA 301 132.06 20.36 -65.04
CA MET TA 301 133.03 21.38 -65.48
C MET TA 301 132.40 22.49 -66.33
N ARG TA 302 131.18 22.87 -66.00
CA ARG TA 302 130.52 23.98 -66.69
C ARG TA 302 130.69 25.26 -65.89
N GLU TA 303 130.03 26.32 -66.33
CA GLU TA 303 130.38 27.67 -65.89
C GLU TA 303 129.73 28.07 -64.58
N TRP TA 304 128.50 27.60 -64.32
CA TRP TA 304 127.59 27.91 -63.20
C TRP TA 304 127.06 29.34 -63.24
N GLY TA 305 127.47 30.18 -64.18
CA GLY TA 305 127.04 31.55 -64.23
C GLY TA 305 126.58 31.97 -65.61
N GLN TA 306 126.46 31.01 -66.51
CA GLN TA 306 125.95 31.30 -67.85
C GLN TA 306 124.47 31.65 -67.80
N SER TA 307 124.07 32.62 -68.62
CA SER TA 307 122.70 33.12 -68.58
C SER TA 307 121.70 32.15 -69.18
N ASP TA 308 122.15 31.17 -69.96
CA ASP TA 308 121.28 30.19 -70.59
C ASP TA 308 121.70 28.76 -70.25
N LEU TA 309 122.03 28.51 -68.99
CA LEU TA 309 122.40 27.18 -68.54
C LEU TA 309 121.18 26.26 -68.50
N LYS TA 310 121.42 24.98 -68.75
CA LYS TA 310 120.37 23.98 -68.82
C LYS TA 310 120.49 23.01 -67.65
N ASP TA 311 119.36 22.68 -67.05
CA ASP TA 311 119.31 21.78 -65.91
C ASP TA 311 119.09 20.34 -66.38
N PHE TA 312 119.25 19.41 -65.45
CA PHE TA 312 119.03 18.00 -65.74
C PHE TA 312 117.54 17.72 -65.95
N ASP TA 313 117.26 16.67 -66.71
CA ASP TA 313 115.91 16.22 -67.01
C ASP TA 313 115.65 14.90 -66.31
N ARG TA 314 114.48 14.32 -66.60
CA ARG TA 314 114.18 12.97 -66.11
C ARG TA 314 115.09 11.93 -66.74
N TYR TA 315 115.53 12.16 -67.97
CA TYR TA 315 116.34 11.22 -68.72
C TYR TA 315 117.84 11.51 -68.64
N ASN TA 316 118.23 12.56 -67.92
CA ASN TA 316 119.64 12.92 -67.76
C ASN TA 316 120.14 12.79 -66.33
N LYS TA 317 119.26 12.58 -65.36
CA LYS TA 317 119.62 12.64 -63.95
C LYS TA 317 120.31 11.34 -63.55
N GLN TA 318 121.64 11.36 -63.54
CA GLN TA 318 122.44 10.25 -63.03
C GLN TA 318 123.25 10.73 -61.83
N PHE TA 319 123.39 9.87 -60.84
CA PHE TA 319 124.08 10.23 -59.60
C PHE TA 319 125.34 9.40 -59.46
N PRO TA 320 126.54 9.98 -59.70
CA PRO TA 320 127.83 9.27 -59.66
C PRO TA 320 128.18 8.73 -58.29
N GLY UA 40 109.93 4.95 -18.68
CA GLY UA 40 111.01 5.90 -18.49
C GLY UA 40 111.22 6.81 -19.68
N CYS UA 41 110.95 8.10 -19.50
CA CYS UA 41 111.07 9.05 -20.60
C CYS UA 41 112.50 9.53 -20.77
N CYS UA 42 113.09 10.12 -19.73
CA CYS UA 42 114.45 10.64 -19.80
C CYS UA 42 115.48 9.60 -19.40
N SER UA 43 115.45 8.44 -20.07
CA SER UA 43 116.38 7.37 -19.75
C SER UA 43 117.77 7.68 -20.28
N LYS UA 44 118.78 7.15 -19.57
CA LYS UA 44 120.20 7.43 -19.78
C LYS UA 44 120.52 8.93 -19.69
N MET UA 45 119.76 9.64 -18.86
CA MET UA 45 119.99 11.05 -18.56
C MET UA 45 119.80 11.22 -17.05
N GLY UA 46 119.70 12.46 -16.60
CA GLY UA 46 119.51 12.73 -15.20
C GLY UA 46 118.10 12.65 -14.68
N GLY UA 47 117.15 12.26 -15.53
CA GLY UA 47 115.75 12.22 -15.15
C GLY UA 47 115.01 13.48 -15.57
N ILE UA 48 113.71 13.48 -15.30
CA ILE UA 48 112.82 14.54 -15.78
C ILE UA 48 112.97 15.76 -14.88
N ASN UA 49 113.27 16.90 -15.49
CA ASN UA 49 113.26 18.16 -14.73
C ASN UA 49 111.84 18.72 -14.64
N TYR UA 50 111.25 19.11 -15.78
CA TYR UA 50 109.92 19.71 -15.71
C TYR UA 50 109.22 19.65 -17.07
N CYS UA 51 107.90 19.80 -17.03
CA CYS UA 51 107.05 19.93 -18.23
C CYS UA 51 107.05 21.38 -18.70
N ASP UA 52 107.57 21.61 -19.90
CA ASP UA 52 107.46 22.91 -20.57
C ASP UA 52 106.18 22.89 -21.40
N SER UA 53 105.19 23.66 -20.98
CA SER UA 53 103.89 23.71 -21.64
C SER UA 53 103.85 24.66 -22.83
N SER UA 54 104.88 25.50 -22.99
CA SER UA 54 104.94 26.37 -24.17
C SER UA 54 105.22 25.56 -25.43
N ALA UA 55 105.99 24.49 -25.30
CA ALA UA 55 106.23 23.55 -26.40
C ALA UA 55 105.52 22.22 -26.20
N GLY UA 56 104.92 21.99 -25.05
CA GLY UA 56 104.26 20.72 -24.75
C GLY UA 56 105.20 19.54 -24.66
N ARG UA 57 106.39 19.75 -24.09
CA ARG UA 57 107.40 18.71 -24.05
C ARG UA 57 108.04 18.65 -22.66
N LEU UA 58 108.56 17.48 -22.32
CA LEU UA 58 109.33 17.36 -21.09
C LEU UA 58 110.76 17.83 -21.31
N VAL UA 59 111.32 18.44 -20.27
CA VAL UA 59 112.72 18.84 -20.23
C VAL UA 59 113.39 17.99 -19.16
N CYS UA 60 114.47 17.32 -19.54
CA CYS UA 60 115.21 16.42 -18.66
C CYS UA 60 116.18 17.22 -17.78
N ASN UA 61 116.94 16.51 -16.96
CA ASN UA 61 117.86 17.17 -16.03
C ASN UA 61 119.13 17.67 -16.70
N ASN UA 62 119.41 17.26 -17.94
CA ASN UA 62 120.40 17.94 -18.76
C ASN UA 62 119.70 19.02 -19.60
N GLY UA 63 120.40 19.58 -20.58
CA GLY UA 63 119.80 20.64 -21.37
C GLY UA 63 119.08 20.14 -22.61
N PHE UA 64 118.78 18.85 -22.67
CA PHE UA 64 118.17 18.24 -23.83
C PHE UA 64 116.66 18.15 -23.66
N TYR UA 65 115.93 18.48 -24.73
CA TYR UA 65 114.50 18.24 -24.76
C TYR UA 65 114.22 16.74 -24.87
N SER UA 66 113.16 16.30 -24.22
CA SER UA 66 112.74 14.90 -24.29
C SER UA 66 111.82 14.67 -25.48
N THR UA 67 111.64 13.40 -25.82
CA THR UA 67 110.73 13.02 -26.90
C THR UA 67 109.32 12.78 -26.42
N CYS UA 68 109.08 12.77 -25.11
CA CYS UA 68 107.75 12.52 -24.59
C CYS UA 68 106.91 13.80 -24.58
N TYR UA 69 105.61 13.62 -24.72
CA TYR UA 69 104.66 14.72 -24.60
C TYR UA 69 104.17 14.83 -23.15
N CYS UA 70 103.81 16.05 -22.75
CA CYS UA 70 103.23 16.26 -21.43
C CYS UA 70 102.01 17.17 -21.43
N THR UA 71 101.61 17.71 -22.59
CA THR UA 71 100.32 18.38 -22.74
C THR UA 71 99.63 17.78 -23.96
N ARG UA 72 98.32 18.01 -24.06
CA ARG UA 72 97.59 17.53 -25.23
C ARG UA 72 97.72 18.49 -26.40
N HIS UA 73 98.16 19.73 -26.15
CA HIS UA 73 98.36 20.71 -27.21
C HIS UA 73 99.82 20.70 -27.68
N ALA UA 74 100.28 19.50 -28.04
CA ALA UA 74 101.60 19.31 -28.61
C ALA UA 74 101.46 18.90 -30.07
N VAL UA 75 102.52 19.11 -30.84
CA VAL UA 75 102.48 18.81 -32.27
C VAL UA 75 102.57 17.30 -32.45
N MET UA 76 101.42 16.66 -32.71
CA MET UA 76 101.34 15.24 -32.99
C MET UA 76 101.00 15.03 -34.45
N ASP UA 77 101.73 14.11 -35.09
CA ASP UA 77 101.50 13.80 -36.51
C ASP UA 77 100.39 12.77 -36.60
N LEU UA 78 99.15 13.24 -36.45
CA LEU UA 78 97.98 12.37 -36.46
C LEU UA 78 97.50 12.20 -37.89
N GLN UA 79 97.42 10.94 -38.34
CA GLN UA 79 96.92 10.61 -39.66
C GLN UA 79 95.75 9.65 -39.68
N PHE UA 80 95.50 8.93 -38.58
CA PHE UA 80 94.44 7.94 -38.51
C PHE UA 80 93.52 8.31 -37.35
N LEU UA 81 92.27 8.64 -37.67
CA LEU UA 81 91.28 9.02 -36.67
C LEU UA 81 90.07 8.09 -36.77
N MET UA 82 89.52 7.72 -35.61
CA MET UA 82 88.42 6.78 -35.53
C MET UA 82 87.09 7.53 -35.41
N GLY UA 83 86.00 6.79 -35.51
CA GLY UA 83 84.66 7.34 -35.47
C GLY UA 83 84.06 7.48 -36.86
N CYS UA 84 82.73 7.45 -36.91
CA CYS UA 84 82.01 7.57 -38.17
C CYS UA 84 81.31 8.91 -38.27
N CYS UA 85 80.75 9.16 -39.46
CA CYS UA 85 80.35 10.49 -39.95
C CYS UA 85 81.51 11.48 -39.88
N LEU UA 86 82.72 10.99 -40.15
CA LEU UA 86 83.87 11.87 -40.35
C LEU UA 86 83.77 12.53 -41.72
N TRP UA 87 84.36 13.73 -41.81
CA TRP UA 87 84.25 14.63 -42.97
C TRP UA 87 82.80 14.99 -43.28
N HIS UA 88 81.98 15.02 -42.24
CA HIS UA 88 80.62 15.56 -42.27
C HIS UA 88 80.46 16.33 -40.96
N GLY UA 89 79.22 16.64 -40.59
CA GLY UA 89 79.01 17.35 -39.36
C GLY UA 89 79.15 16.54 -38.09
N GLY UA 90 79.30 15.22 -38.20
CA GLY UA 90 79.30 14.34 -37.05
C GLY UA 90 78.00 13.55 -36.96
N VAL UA 91 77.91 12.74 -35.90
CA VAL UA 91 76.75 11.89 -35.70
C VAL UA 91 75.60 12.71 -35.13
N TYR UA 92 74.47 12.72 -35.82
CA TYR UA 92 73.30 13.45 -35.35
C TYR UA 92 72.64 12.66 -34.21
N PRO UA 93 72.40 13.29 -33.05
CA PRO UA 93 72.21 12.52 -31.81
C PRO UA 93 70.81 11.94 -31.59
N GLN UA 94 69.99 11.82 -32.63
CA GLN UA 94 68.67 11.21 -32.46
C GLN UA 94 68.79 9.72 -32.18
N LEU UA 95 67.82 9.20 -31.43
CA LEU UA 95 67.71 7.77 -31.18
C LEU UA 95 66.74 7.18 -32.19
N ASN UA 96 67.16 6.08 -32.83
CA ASN UA 96 66.46 5.56 -34.00
C ASN UA 96 65.85 4.19 -33.67
N SER UA 97 64.65 3.95 -34.21
CA SER UA 97 64.06 2.62 -34.12
C SER UA 97 64.86 1.60 -34.93
N SER UA 98 65.35 2.01 -36.10
CA SER UA 98 66.19 1.17 -36.92
C SER UA 98 67.66 1.38 -36.56
N GLY UA 99 68.54 0.68 -37.26
CA GLY UA 99 69.96 0.78 -37.03
C GLY UA 99 70.70 1.79 -37.90
N LEU UA 100 69.98 2.65 -38.60
CA LEU UA 100 70.61 3.62 -39.48
C LEU UA 100 71.28 4.73 -38.69
N VAL UA 101 72.43 5.20 -39.19
CA VAL UA 101 73.16 6.31 -38.59
C VAL UA 101 73.20 7.44 -39.62
N VAL UA 102 72.72 8.61 -39.22
CA VAL UA 102 72.61 9.77 -40.10
C VAL UA 102 73.55 10.85 -39.61
N CYS UA 103 74.23 11.52 -40.55
CA CYS UA 103 75.14 12.60 -40.20
C CYS UA 103 74.38 13.92 -40.10
N ASN UA 104 75.09 14.97 -39.68
CA ASN UA 104 74.45 16.27 -39.48
C ASN UA 104 74.18 17.00 -40.79
N ASP UA 105 74.71 16.55 -41.91
CA ASP UA 105 74.43 17.16 -43.20
C ASP UA 105 73.49 16.33 -44.07
N GLY UA 106 72.75 15.40 -43.47
CA GLY UA 106 71.79 14.59 -44.20
C GLY UA 106 72.35 13.32 -44.79
N TYR UA 107 73.66 13.11 -44.74
CA TYR UA 107 74.26 11.89 -45.27
C TYR UA 107 73.97 10.72 -44.34
N VAL UA 108 73.97 9.52 -44.93
CA VAL UA 108 73.72 8.28 -44.20
C VAL UA 108 75.00 7.45 -44.25
N SER UA 109 75.52 7.10 -43.08
CA SER UA 109 76.76 6.34 -42.97
C SER UA 109 76.43 4.86 -43.05
N GLU UA 110 76.86 4.20 -44.13
CA GLU UA 110 76.59 2.78 -44.32
C GLU UA 110 77.45 1.91 -43.41
N GLU UA 111 78.61 2.38 -42.99
CA GLU UA 111 79.50 1.57 -42.16
C GLU UA 111 78.97 1.41 -40.74
N CYS UA 112 78.51 2.49 -40.12
CA CYS UA 112 77.91 2.40 -38.80
C CYS UA 112 76.47 1.91 -38.82
N SER UA 113 75.84 1.81 -39.99
CA SER UA 113 74.48 1.33 -40.07
C SER UA 113 74.42 -0.17 -39.87
N LEU UA 114 73.40 -0.64 -39.16
CA LEU UA 114 73.20 -2.06 -38.93
C LEU UA 114 72.40 -2.65 -40.08
N GLN UA 115 72.86 -3.80 -40.57
CA GLN UA 115 72.20 -4.47 -41.69
C GLN UA 115 70.98 -5.26 -41.21
N UNK VA 1 120.45 26.85 -41.28
CA UNK VA 1 121.53 27.15 -40.33
C UNK VA 1 122.87 27.25 -41.05
N UNK VA 2 123.37 26.10 -41.52
CA UNK VA 2 124.58 25.88 -42.29
C UNK VA 2 125.88 26.21 -41.55
N UNK VA 3 125.82 26.61 -40.29
CA UNK VA 3 127.01 26.89 -39.50
C UNK VA 3 126.67 26.69 -38.03
N UNK VA 4 127.06 25.54 -37.47
CA UNK VA 4 126.75 25.27 -36.07
C UNK VA 4 127.63 26.06 -35.12
N UNK VA 5 128.89 26.30 -35.50
CA UNK VA 5 129.84 27.06 -34.67
C UNK VA 5 130.21 28.32 -35.45
N UNK VA 6 129.44 29.38 -35.24
CA UNK VA 6 129.71 30.65 -35.90
C UNK VA 6 130.93 31.33 -35.29
N UNK VA 7 131.70 31.99 -36.15
CA UNK VA 7 132.94 32.64 -35.73
C UNK VA 7 132.65 34.06 -35.25
N UNK VA 8 133.48 34.52 -34.31
CA UNK VA 8 133.37 35.86 -33.75
C UNK VA 8 134.60 36.66 -34.14
N UNK VA 9 134.40 37.64 -35.04
CA UNK VA 9 135.44 38.55 -35.55
C UNK VA 9 136.65 37.83 -36.14
N PHE WA 25 126.19 -2.15 -46.97
CA PHE WA 25 125.36 -2.68 -48.06
C PHE WA 25 124.19 -1.76 -48.37
N LYS WA 26 123.93 -1.57 -49.66
CA LYS WA 26 122.88 -0.65 -50.09
C LYS WA 26 121.49 -1.25 -49.84
N LYS WA 27 120.57 -0.41 -49.36
CA LYS WA 27 119.19 -0.79 -49.12
C LYS WA 27 118.26 -0.13 -50.14
N PRO WA 28 117.15 -0.77 -50.49
CA PRO WA 28 116.16 -0.13 -51.36
C PRO WA 28 115.42 0.97 -50.62
N PRO WA 29 114.79 1.90 -51.34
CA PRO WA 29 113.93 2.89 -50.68
C PRO WA 29 112.73 2.23 -50.02
N ILE WA 30 112.33 2.77 -48.87
CA ILE WA 30 111.26 2.15 -48.09
C ILE WA 30 109.89 2.40 -48.73
N ASN WA 31 109.68 3.58 -49.30
CA ASN WA 31 108.45 3.88 -50.02
C ASN WA 31 108.65 3.68 -51.52
N ASN WA 32 109.04 2.46 -51.88
CA ASN WA 32 109.30 2.17 -53.28
C ASN WA 32 108.11 1.44 -53.90
N PRO WA 33 107.75 1.78 -55.14
CA PRO WA 33 106.69 1.03 -55.82
C PRO WA 33 107.17 -0.35 -56.26
N SER WA 34 107.12 -1.30 -55.33
CA SER WA 34 107.44 -2.69 -55.63
C SER WA 34 106.21 -3.50 -55.99
N ASP WA 35 105.07 -2.84 -56.15
CA ASP WA 35 103.81 -3.50 -56.49
C ASP WA 35 103.35 -3.00 -57.85
N ASP WA 36 102.82 -3.92 -58.65
CA ASP WA 36 102.53 -3.66 -60.06
C ASP WA 36 101.26 -2.84 -60.28
N ALA WA 37 100.51 -2.53 -59.23
CA ALA WA 37 99.47 -1.51 -59.31
C ALA WA 37 99.97 -0.16 -58.81
N THR WA 38 100.85 -0.17 -57.80
CA THR WA 38 101.44 1.06 -57.29
C THR WA 38 102.34 1.73 -58.33
N ILE WA 39 103.00 0.92 -59.17
CA ILE WA 39 103.83 1.46 -60.26
C ILE WA 39 102.96 2.26 -61.24
N LYS WA 40 101.80 1.69 -61.61
CA LYS WA 40 100.89 2.35 -62.53
C LYS WA 40 100.29 3.61 -61.91
N LEU WA 41 99.95 3.54 -60.61
CA LEU WA 41 99.41 4.69 -59.89
C LEU WA 41 100.42 5.84 -59.84
N ALA WA 42 101.69 5.51 -59.57
CA ALA WA 42 102.70 6.55 -59.44
C ALA WA 42 103.06 7.17 -60.80
N GLU WA 43 103.12 6.37 -61.87
CA GLU WA 43 103.42 6.96 -63.17
C GLU WA 43 102.23 7.75 -63.71
N ALA WA 44 101.00 7.37 -63.35
CA ALA WA 44 99.83 8.19 -63.66
C ALA WA 44 99.90 9.53 -62.94
N ALA WA 45 100.35 9.52 -61.67
CA ALA WA 45 100.52 10.76 -60.93
C ALA WA 45 101.60 11.66 -61.56
N VAL WA 46 102.68 11.04 -62.05
CA VAL WA 46 103.74 11.78 -62.73
C VAL WA 46 103.22 12.44 -64.01
N SER WA 47 102.43 11.70 -64.79
CA SER WA 47 101.88 12.26 -66.03
C SER WA 47 100.86 13.36 -65.76
N VAL WA 48 100.07 13.22 -64.69
CA VAL WA 48 99.13 14.27 -64.27
C VAL WA 48 99.89 15.54 -63.88
N SER WA 49 100.99 15.39 -63.14
CA SER WA 49 101.81 16.55 -62.76
C SER WA 49 102.44 17.22 -63.97
N ASP WA 50 102.89 16.44 -64.95
CA ASP WA 50 103.44 17.01 -66.19
C ASP WA 50 102.37 17.77 -66.98
N SER WA 51 101.15 17.22 -67.06
CA SER WA 51 100.06 17.91 -67.74
C SER WA 51 99.68 19.20 -67.05
N MET WA 52 99.67 19.20 -65.72
CA MET WA 52 99.39 20.42 -64.94
C MET WA 52 100.47 21.47 -65.16
N LEU WA 53 101.74 21.04 -65.23
CA LEU WA 53 102.84 21.99 -65.47
C LEU WA 53 102.74 22.61 -66.87
N GLU WA 54 102.39 21.79 -67.88
CA GLU WA 54 102.22 22.32 -69.23
C GLU WA 54 101.02 23.28 -69.31
N MET WA 55 99.94 22.97 -68.58
CA MET WA 55 98.79 23.86 -68.52
C MET WA 55 99.14 25.19 -67.86
N ALA WA 56 99.95 25.16 -66.79
CA ALA WA 56 100.38 26.39 -66.14
C ALA WA 56 101.28 27.22 -67.04
N LYS WA 57 102.19 26.57 -67.79
CA LYS WA 57 103.03 27.27 -68.76
C LYS WA 57 102.19 27.92 -69.85
N VAL WA 58 101.13 27.24 -70.30
CA VAL WA 58 100.25 27.81 -71.32
C VAL WA 58 99.49 29.01 -70.78
N GLU WA 59 98.90 28.88 -69.58
CA GLU WA 59 98.02 29.93 -69.08
C GLU WA 59 98.75 31.15 -68.54
N LYS WA 60 99.98 31.01 -68.02
CA LYS WA 60 100.63 32.14 -67.37
C LYS WA 60 101.11 33.17 -68.40
N VAL WA 61 100.78 34.44 -68.15
CA VAL WA 61 101.25 35.56 -68.95
C VAL WA 61 102.16 36.42 -68.09
N ILE WA 62 103.26 36.90 -68.68
CA ILE WA 62 104.27 37.69 -67.99
C ILE WA 62 104.46 39.01 -68.75
N THR WA 63 105.28 39.89 -68.15
CA THR WA 63 105.72 41.12 -68.78
C THR WA 63 107.24 41.14 -68.84
N PRO WA 64 107.83 41.72 -69.90
CA PRO WA 64 109.29 41.84 -69.94
C PRO WA 64 109.77 42.88 -68.95
N PRO WA 65 111.00 42.73 -68.43
CA PRO WA 65 111.50 43.69 -67.45
C PRO WA 65 111.88 45.05 -68.03
N SER WA 66 111.94 45.18 -69.35
CA SER WA 66 112.27 46.48 -69.95
C SER WA 66 111.11 47.46 -69.84
N LYS WA 67 109.88 46.97 -69.94
CA LYS WA 67 108.69 47.81 -69.92
C LYS WA 67 107.87 47.65 -68.65
N ASP WA 68 108.51 47.20 -67.56
CA ASP WA 68 107.83 47.05 -66.28
C ASP WA 68 107.57 48.42 -65.68
N ASN WA 69 106.29 48.75 -65.50
CA ASN WA 69 105.90 50.08 -65.01
C ASN WA 69 105.89 50.08 -63.48
N THR WA 70 107.10 50.06 -62.93
CA THR WA 70 107.30 50.07 -61.48
C THR WA 70 108.48 50.99 -61.20
N LEU WA 71 108.35 51.79 -60.13
CA LEU WA 71 109.40 52.73 -59.75
C LEU WA 71 110.64 51.99 -59.29
N THR WA 72 111.80 52.42 -59.79
CA THR WA 72 113.07 51.83 -59.40
C THR WA 72 113.62 52.55 -58.17
N ILE WA 73 114.72 52.03 -57.64
CA ILE WA 73 115.37 52.63 -56.47
C ILE WA 73 116.09 53.89 -56.93
N PRO WA 74 115.78 55.06 -56.36
CA PRO WA 74 116.40 56.30 -56.83
C PRO WA 74 117.83 56.50 -56.37
N ASN WA 75 118.32 55.68 -55.44
CA ASN WA 75 119.65 55.66 -54.82
C ASN WA 75 120.19 57.03 -54.41
N ALA WA 76 119.31 57.94 -54.00
CA ALA WA 76 119.75 59.17 -53.35
C ALA WA 76 120.07 58.86 -51.89
N TYR WA 77 121.13 59.49 -51.37
CA TYR WA 77 121.75 59.07 -50.12
C TYR WA 77 120.85 59.25 -48.91
N ASN WA 78 119.90 60.17 -48.96
CA ASN WA 78 118.98 60.39 -47.85
C ASN WA 78 117.87 59.36 -47.75
N LEU WA 79 117.76 58.45 -48.73
CA LEU WA 79 116.64 57.52 -48.80
C LEU WA 79 117.00 56.10 -48.41
N GLN WA 80 118.19 55.87 -47.85
CA GLN WA 80 118.57 54.56 -47.32
C GLN WA 80 118.42 54.48 -45.81
N ALA WA 81 117.81 55.48 -45.17
CA ALA WA 81 117.57 55.41 -43.74
C ALA WA 81 116.44 54.44 -43.45
N ARG WA 82 116.67 53.55 -42.48
CA ARG WA 82 115.68 52.55 -42.14
C ARG WA 82 114.54 53.17 -41.32
N ALA WA 83 113.37 52.54 -41.40
CA ALA WA 83 112.19 53.08 -40.74
C ALA WA 83 111.24 51.94 -40.37
N SER WA 84 110.31 52.24 -39.47
CA SER WA 84 109.24 51.33 -39.08
C SER WA 84 107.92 52.05 -39.27
N VAL WA 85 107.06 51.50 -40.14
CA VAL WA 85 105.82 52.16 -40.54
C VAL WA 85 104.65 51.23 -40.29
N ASP WA 86 103.64 51.71 -39.59
CA ASP WA 86 102.36 51.02 -39.45
C ASP WA 86 101.26 52.00 -39.84
N TRP WA 87 100.62 51.77 -40.99
CA TRP WA 87 99.67 52.73 -41.53
C TRP WA 87 98.66 52.00 -42.40
N SER WA 88 97.40 52.43 -42.30
CA SER WA 88 96.33 51.92 -43.16
C SER WA 88 95.36 53.08 -43.39
N GLY WA 89 95.55 53.80 -44.49
CA GLY WA 89 94.74 54.95 -44.80
C GLY WA 89 95.12 55.59 -46.12
N PRO WA 90 94.93 56.91 -46.22
CA PRO WA 90 95.24 57.60 -47.48
C PRO WA 90 96.72 57.66 -47.78
N ILE WA 91 97.02 57.84 -49.08
CA ILE WA 91 98.38 57.81 -49.57
C ILE WA 91 99.11 59.14 -49.33
N GLU WA 92 98.36 60.25 -49.31
CA GLU WA 92 98.94 61.59 -49.31
C GLU WA 92 99.66 61.90 -48.00
N GLU WA 93 99.04 61.53 -46.88
CA GLU WA 93 99.58 61.87 -45.56
C GLU WA 93 100.86 61.07 -45.29
N LEU WA 94 100.84 59.78 -45.63
CA LEU WA 94 102.02 58.94 -45.47
C LEU WA 94 103.15 59.35 -46.41
N THR WA 95 102.83 59.72 -47.65
CA THR WA 95 103.86 60.15 -48.60
C THR WA 95 104.48 61.48 -48.15
N ALA WA 96 103.67 62.37 -47.58
CA ALA WA 96 104.18 63.62 -47.02
C ALA WA 96 105.11 63.37 -45.85
N ARG WA 97 104.77 62.43 -44.97
CA ARG WA 97 105.67 62.14 -43.84
C ARG WA 97 106.95 61.46 -44.29
N ILE WA 98 106.87 60.61 -45.32
CA ILE WA 98 108.07 59.97 -45.87
C ILE WA 98 109.00 61.03 -46.48
N ALA WA 99 108.42 62.01 -47.19
CA ALA WA 99 109.22 63.11 -47.73
C ALA WA 99 109.84 63.96 -46.63
N LYS WA 100 109.10 64.22 -45.53
CA LYS WA 100 109.65 64.98 -44.41
C LYS WA 100 110.79 64.23 -43.73
N ALA WA 101 110.64 62.91 -43.55
CA ALA WA 101 111.70 62.11 -42.94
C ALA WA 101 112.91 61.99 -43.84
N ALA WA 102 112.71 62.03 -45.16
CA ALA WA 102 113.82 62.01 -46.10
C ALA WA 102 114.34 63.39 -46.45
N HIS WA 103 113.79 64.44 -45.83
CA HIS WA 103 114.23 65.84 -45.98
C HIS WA 103 114.09 66.34 -47.41
N PHE WA 104 113.09 65.84 -48.12
CA PHE WA 104 112.76 66.29 -49.47
C PHE WA 104 111.59 67.26 -49.40
N ARG WA 105 111.21 67.79 -50.56
CA ARG WA 105 109.95 68.52 -50.68
C ARG WA 105 108.90 67.60 -51.29
N PHE WA 106 107.64 67.99 -51.14
CA PHE WA 106 106.52 67.15 -51.55
C PHE WA 106 105.52 67.99 -52.33
N ARG WA 107 105.12 67.52 -53.52
CA ARG WA 107 104.12 68.25 -54.29
C ARG WA 107 103.16 67.27 -54.95
N VAL WA 108 101.94 67.77 -55.19
CA VAL WA 108 100.84 66.98 -55.72
C VAL WA 108 100.36 67.63 -57.02
N LEU WA 109 100.23 66.82 -58.08
CA LEU WA 109 99.62 67.25 -59.33
C LEU WA 109 98.45 66.35 -59.64
N GLY WA 110 97.27 66.95 -59.83
CA GLY WA 110 96.02 66.27 -60.07
C GLY WA 110 94.98 66.74 -59.07
N LYS WA 111 93.91 65.96 -58.95
CA LYS WA 111 92.87 66.23 -57.98
C LYS WA 111 92.50 64.95 -57.25
N SER WA 112 92.09 65.11 -55.99
CA SER WA 112 91.67 63.95 -55.21
C SER WA 112 90.26 63.53 -55.61
N PRO WA 113 90.02 62.23 -55.76
CA PRO WA 113 88.67 61.75 -56.10
C PRO WA 113 87.75 61.81 -54.88
N SER WA 114 86.48 61.45 -55.11
CA SER WA 114 85.51 61.39 -54.02
C SER WA 114 85.86 60.27 -53.04
N VAL WA 115 86.24 59.10 -53.56
CA VAL WA 115 86.75 58.01 -52.75
C VAL WA 115 88.27 58.08 -52.76
N PRO WA 116 88.93 58.24 -51.60
CA PRO WA 116 90.38 58.38 -51.60
C PRO WA 116 91.09 57.06 -51.86
N VAL WA 117 92.34 57.16 -52.28
CA VAL WA 117 93.17 55.99 -52.54
C VAL WA 117 93.73 55.50 -51.22
N LEU WA 118 93.43 54.25 -50.87
CA LEU WA 118 93.77 53.68 -49.58
C LEU WA 118 94.87 52.63 -49.74
N ILE WA 119 95.93 52.77 -48.96
CA ILE WA 119 97.04 51.84 -48.95
C ILE WA 119 97.20 51.29 -47.53
N SER WA 120 98.10 50.32 -47.40
CA SER WA 120 98.35 49.68 -46.10
C SER WA 120 99.80 49.22 -46.06
N ILE WA 121 100.62 49.89 -45.25
CA ILE WA 121 102.03 49.58 -45.11
C ILE WA 121 102.29 49.19 -43.66
N SER WA 122 102.82 47.98 -43.45
CA SER WA 122 103.13 47.47 -42.11
C SER WA 122 104.49 46.79 -42.16
N THR WA 123 105.54 47.56 -41.86
CA THR WA 123 106.89 47.02 -41.86
C THR WA 123 107.64 47.51 -40.62
N LYS WA 124 108.62 46.72 -40.20
CA LYS WA 124 109.40 46.97 -39.00
C LYS WA 124 110.79 47.51 -39.28
N ASP WA 125 111.41 47.09 -40.39
CA ASP WA 125 112.74 47.59 -40.75
C ASP WA 125 112.84 47.55 -42.28
N GLU WA 126 112.66 48.71 -42.91
CA GLU WA 126 112.66 48.80 -44.36
C GLU WA 126 113.10 50.19 -44.77
N SER WA 127 113.80 50.28 -45.90
CA SER WA 127 114.30 51.55 -46.40
C SER WA 127 113.15 52.39 -46.96
N LEU WA 128 113.40 53.71 -46.99
CA LEU WA 128 112.39 54.66 -47.46
C LEU WA 128 112.11 54.51 -48.95
N ALA WA 129 113.15 54.18 -49.74
CA ALA WA 129 112.95 53.94 -51.17
C ALA WA 129 112.10 52.69 -51.41
N GLU WA 130 112.32 51.64 -50.61
CA GLU WA 130 111.50 50.44 -50.73
C GLU WA 130 110.07 50.68 -50.28
N ILE WA 131 109.88 51.54 -49.27
CA ILE WA 131 108.55 51.93 -48.83
C ILE WA 131 107.83 52.71 -49.94
N LEU WA 132 108.56 53.63 -50.60
CA LEU WA 132 107.98 54.39 -51.71
C LEU WA 132 107.65 53.48 -52.90
N ARG WA 133 108.49 52.49 -53.17
CA ARG WA 133 108.21 51.52 -54.22
C ARG WA 133 106.97 50.69 -53.91
N ASP WA 134 106.80 50.28 -52.65
CA ASP WA 134 105.62 49.52 -52.25
C ASP WA 134 104.37 50.38 -52.33
N ILE WA 135 104.48 51.67 -51.97
CA ILE WA 135 103.37 52.61 -52.08
C ILE WA 135 102.97 52.81 -53.55
N ASP WA 136 103.96 52.94 -54.43
CA ASP WA 136 103.67 53.14 -55.86
C ASP WA 136 103.04 51.88 -56.46
N TYR WA 137 103.50 50.70 -56.04
CA TYR WA 137 102.90 49.45 -56.51
C TYR WA 137 101.47 49.30 -56.01
N GLN WA 138 101.21 49.65 -54.75
CA GLN WA 138 99.87 49.53 -54.20
C GLN WA 138 98.92 50.60 -54.72
N ALA WA 139 99.44 51.73 -55.20
CA ALA WA 139 98.58 52.76 -55.78
C ALA WA 139 97.93 52.29 -57.07
N GLY WA 140 98.66 51.53 -57.89
CA GLY WA 140 98.12 51.02 -59.13
C GLY WA 140 98.10 52.04 -60.24
N LYS WA 141 97.01 52.04 -61.02
CA LYS WA 141 96.86 52.96 -62.13
C LYS WA 141 96.27 54.31 -61.73
N LYS WA 142 95.92 54.49 -60.45
CA LYS WA 142 95.27 55.73 -60.04
C LYS WA 142 96.26 56.84 -59.72
N ALA WA 143 97.45 56.49 -59.23
CA ALA WA 143 98.42 57.50 -58.84
C ALA WA 143 99.82 56.98 -59.11
N SER WA 144 100.76 57.92 -59.22
CA SER WA 144 102.16 57.59 -59.44
C SER WA 144 103.03 58.50 -58.58
N ILE WA 145 104.22 58.01 -58.24
CA ILE WA 145 105.17 58.74 -57.40
C ILE WA 145 106.45 58.89 -58.20
N HIS WA 146 106.91 60.13 -58.36
CA HIS WA 146 108.15 60.44 -59.05
C HIS WA 146 109.12 61.10 -58.08
N VAL WA 147 110.40 60.74 -58.20
CA VAL WA 147 111.43 61.25 -57.31
C VAL WA 147 112.48 61.98 -58.14
N TYR WA 148 112.70 63.26 -57.82
CA TYR WA 148 113.77 64.03 -58.44
C TYR WA 148 114.83 64.34 -57.40
N PRO WA 149 116.05 63.81 -57.54
CA PRO WA 149 117.09 64.02 -56.52
C PRO WA 149 117.96 65.25 -56.74
N ASN WA 150 118.01 65.77 -57.96
CA ASN WA 150 118.83 66.95 -58.24
C ASN WA 150 118.23 68.19 -57.57
N SER WA 151 116.94 68.41 -57.74
CA SER WA 151 116.16 69.32 -56.91
C SER WA 151 115.27 68.43 -56.06
N GLN WA 152 115.61 68.30 -54.77
CA GLN WA 152 115.16 67.18 -53.95
C GLN WA 152 113.68 67.23 -53.65
N VAL WA 153 112.88 66.57 -54.50
CA VAL WA 153 111.43 66.66 -54.43
C VAL WA 153 110.82 65.33 -54.81
N VAL WA 154 109.62 65.06 -54.27
CA VAL WA 154 108.79 63.94 -54.68
C VAL WA 154 107.45 64.50 -55.15
N GLU WA 155 106.88 63.79 -56.12
CA GLU WA 155 105.69 64.25 -56.84
C GLU WA 155 104.67 63.13 -56.85
N LEU WA 156 103.45 63.44 -56.41
CA LEU WA 156 102.33 62.51 -56.47
C LEU WA 156 101.41 62.97 -57.59
N ARG WA 157 101.33 62.17 -58.65
CA ARG WA 157 100.60 62.54 -59.85
C ARG WA 157 99.37 61.65 -59.99
N TYR WA 158 98.20 62.26 -60.11
CA TYR WA 158 96.95 61.53 -60.25
C TYR WA 158 96.72 61.13 -61.71
N ALA WA 159 95.81 60.18 -61.90
CA ALA WA 159 95.38 59.76 -63.22
C ALA WA 159 94.23 60.64 -63.69
N LYS WA 160 94.29 61.06 -64.95
CA LYS WA 160 93.26 61.92 -65.52
C LYS WA 160 91.99 61.14 -65.82
N ILE XA 208 115.37 34.63 -93.83
CA ILE XA 208 116.44 33.66 -93.61
C ILE XA 208 116.97 33.83 -92.20
N ILE XA 209 117.66 32.80 -91.68
CA ILE XA 209 118.26 32.84 -90.35
C ILE XA 209 119.55 32.03 -90.41
N TYR XA 210 120.46 32.34 -89.49
CA TYR XA 210 121.78 31.72 -89.43
C TYR XA 210 121.98 31.09 -88.06
N TYR XA 211 122.68 29.95 -88.05
CA TYR XA 211 123.08 29.28 -86.82
C TYR XA 211 124.58 29.02 -86.85
N ILE XA 212 125.17 28.89 -85.68
CA ILE XA 212 126.58 28.57 -85.55
C ILE XA 212 126.74 27.06 -85.61
N GLN XA 213 127.88 26.61 -86.13
CA GLN XA 213 128.17 25.19 -86.29
C GLN XA 213 129.33 24.73 -85.43
N ALA XA 214 130.44 25.46 -85.44
CA ALA XA 214 131.56 25.19 -84.56
C ALA XA 214 132.26 26.51 -84.28
N VAL XA 215 132.93 26.57 -83.13
CA VAL XA 215 133.52 27.82 -82.65
C VAL XA 215 134.94 27.54 -82.14
N ILE XA 216 135.85 28.46 -82.44
CA ILE XA 216 137.22 28.45 -81.91
C ILE XA 216 137.53 29.87 -81.46
N PRO XA 217 138.51 30.04 -80.55
CA PRO XA 217 139.00 31.40 -80.30
C PRO XA 217 139.63 32.04 -81.54
N GLY XA 218 138.95 33.05 -82.08
CA GLY XA 218 139.43 33.74 -83.25
C GLY XA 218 138.54 33.63 -84.49
N ARG XA 219 137.96 32.46 -84.71
CA ARG XA 219 137.23 32.17 -85.94
C ARG XA 219 135.96 31.41 -85.60
N ALA XA 220 134.99 31.45 -86.52
CA ALA XA 220 133.74 30.72 -86.31
C ALA XA 220 133.19 30.22 -87.64
N TRP XA 221 132.49 29.09 -87.55
CA TRP XA 221 131.88 28.41 -88.69
C TRP XA 221 130.37 28.45 -88.50
N LEU XA 222 129.66 28.95 -89.52
CA LEU XA 222 128.22 29.14 -89.46
C LEU XA 222 127.53 28.35 -90.57
N ILE XA 223 126.30 27.93 -90.29
CA ILE XA 223 125.47 27.22 -91.26
C ILE XA 223 124.14 27.95 -91.36
N GLY XA 224 123.55 27.95 -92.56
CA GLY XA 224 122.32 28.66 -92.83
C GLY XA 224 121.12 27.74 -92.95
N SER XA 225 119.97 28.38 -93.21
CA SER XA 225 118.73 27.63 -93.43
C SER XA 225 118.76 26.89 -94.76
N ASN XA 226 119.42 27.45 -95.76
CA ASN XA 226 119.53 26.82 -97.08
C ASN XA 226 120.66 25.81 -97.17
N GLY XA 227 121.47 25.66 -96.11
CA GLY XA 227 122.55 24.70 -96.10
C GLY XA 227 123.88 25.22 -96.59
N SER XA 228 124.06 26.53 -96.66
CA SER XA 228 125.31 27.12 -97.14
C SER XA 228 126.22 27.44 -95.97
N THR XA 229 127.46 26.97 -96.04
CA THR XA 229 128.43 27.21 -94.99
C THR XA 229 129.01 28.62 -95.10
N LEU XA 230 129.54 29.11 -93.99
CA LEU XA 230 130.18 30.41 -93.96
C LEU XA 230 131.27 30.40 -92.89
N THR XA 231 132.33 31.16 -93.13
CA THR XA 231 133.44 31.29 -92.20
C THR XA 231 133.60 32.76 -91.84
N VAL XA 232 133.62 33.07 -90.54
CA VAL XA 232 133.65 34.45 -90.08
C VAL XA 232 134.81 34.65 -89.11
N ARG XA 233 135.51 35.78 -89.25
CA ARG XA 233 136.56 36.20 -88.34
C ARG XA 233 135.97 37.08 -87.24
N GLU XA 234 136.84 37.76 -86.49
CA GLU XA 234 136.39 38.71 -85.47
C GLU XA 234 135.71 39.91 -86.11
N GLY XA 235 136.22 40.38 -87.25
CA GLY XA 235 135.56 41.44 -87.98
C GLY XA 235 135.46 41.16 -89.47
N SER XA 236 134.24 41.02 -89.98
CA SER XA 236 134.00 40.78 -91.39
C SER XA 236 132.58 41.24 -91.72
N LYS XA 237 132.11 40.88 -92.92
CA LYS XA 237 130.78 41.23 -93.38
C LYS XA 237 129.96 39.96 -93.57
N ILE XA 238 128.81 39.89 -92.92
CA ILE XA 238 127.85 38.80 -93.09
C ILE XA 238 126.51 39.41 -93.45
N PRO XA 239 125.66 38.75 -94.25
CA PRO XA 239 124.38 39.35 -94.64
C PRO XA 239 123.25 39.04 -93.68
N GLY XA 240 122.38 40.02 -93.47
CA GLY XA 240 121.22 39.88 -92.63
C GLY XA 240 121.44 40.13 -91.16
N TYR XA 241 122.68 40.36 -90.75
CA TYR XA 241 122.99 40.62 -89.34
C TYR XA 241 123.79 41.88 -89.13
N GLY XA 242 124.70 42.21 -90.04
CA GLY XA 242 125.49 43.42 -89.91
C GLY XA 242 126.95 43.17 -89.60
N MET XA 243 127.49 43.96 -88.67
CA MET XA 243 128.90 43.87 -88.31
C MET XA 243 129.09 42.98 -87.09
N VAL XA 244 130.04 42.07 -87.18
CA VAL XA 244 130.43 41.22 -86.05
C VAL XA 244 131.51 41.93 -85.25
N LYS XA 245 131.40 41.86 -83.92
CA LYS XA 245 132.35 42.54 -83.04
C LYS XA 245 132.86 41.68 -81.89
N LEU XA 246 132.23 40.55 -81.58
CA LEU XA 246 132.63 39.75 -80.44
C LEU XA 246 132.32 38.28 -80.69
N ILE XA 247 133.32 37.42 -80.52
CA ILE XA 247 133.16 35.98 -80.61
C ILE XA 247 133.55 35.38 -79.27
N ASP XA 248 132.61 34.73 -78.61
CA ASP XA 248 132.83 34.11 -77.31
C ASP XA 248 133.10 32.63 -77.51
N SER XA 249 134.17 32.13 -76.89
CA SER XA 249 134.55 30.73 -76.99
C SER XA 249 134.03 29.89 -75.82
N LEU XA 250 133.93 30.47 -74.63
CA LEU XA 250 133.44 29.73 -73.48
C LEU XA 250 131.94 29.49 -73.58
N GLN XA 251 131.19 30.47 -74.05
CA GLN XA 251 129.76 30.36 -74.27
C GLN XA 251 129.46 30.52 -75.76
N GLY XA 252 128.51 29.73 -76.25
CA GLY XA 252 128.19 29.76 -77.66
C GLY XA 252 127.32 30.93 -78.07
N ARG XA 253 127.91 32.13 -78.05
CA ARG XA 253 127.18 33.34 -78.42
C ARG XA 253 128.13 34.29 -79.15
N ILE XA 254 127.63 34.92 -80.21
CA ILE XA 254 128.37 35.90 -80.99
C ILE XA 254 127.45 37.08 -81.25
N LEU XA 255 127.89 38.27 -80.85
CA LEU XA 255 127.06 39.46 -80.97
C LEU XA 255 127.24 40.12 -82.34
N THR XA 256 126.16 40.75 -82.81
CA THR XA 256 126.14 41.44 -84.09
C THR XA 256 125.84 42.92 -83.86
N SER XA 257 125.93 43.69 -84.95
CA SER XA 257 125.69 45.12 -84.87
C SER XA 257 124.20 45.47 -84.80
N SER XA 258 123.32 44.56 -85.22
CA SER XA 258 121.88 44.84 -85.22
C SER XA 258 121.23 44.57 -83.86
N GLY XA 259 121.97 44.05 -82.89
CA GLY XA 259 121.43 43.81 -81.57
C GLY XA 259 120.91 42.41 -81.31
N GLN XA 260 121.06 41.49 -82.26
CA GLN XA 260 120.63 40.10 -82.08
C GLN XA 260 121.85 39.20 -82.03
N VAL XA 261 121.71 38.10 -81.30
CA VAL XA 261 122.81 37.21 -80.98
C VAL XA 261 122.57 35.87 -81.66
N ILE XA 262 123.56 35.39 -82.41
CA ILE XA 262 123.53 34.06 -82.99
C ILE XA 262 124.03 33.05 -81.96
N LYS XA 263 123.30 31.95 -81.81
CA LYS XA 263 123.65 30.91 -80.85
C LYS XA 263 123.59 29.54 -81.50
N PHE XA 264 123.72 28.48 -80.69
CA PHE XA 264 123.65 27.12 -81.19
C PHE XA 264 122.21 26.73 -81.51
N SER XA 265 122.06 25.64 -82.24
CA SER XA 265 120.74 25.13 -82.56
C SER XA 265 120.15 24.38 -81.38
N GLN XA 266 118.83 24.23 -81.41
CA GLN XA 266 118.12 23.55 -80.34
C GLN XA 266 117.47 22.25 -80.83
N THR YA 28 85.15 -9.22 -33.38
CA THR YA 28 86.08 -8.30 -32.73
C THR YA 28 87.51 -8.57 -33.18
N GLY YA 29 87.86 -8.08 -34.36
CA GLY YA 29 89.20 -8.27 -34.89
C GLY YA 29 89.23 -9.17 -36.12
N SER YA 30 89.79 -10.35 -35.97
CA SER YA 30 89.96 -11.29 -37.07
C SER YA 30 88.90 -12.39 -37.02
N LEU YA 31 88.88 -13.19 -38.09
CA LEU YA 31 87.96 -14.32 -38.16
C LEU YA 31 88.35 -15.40 -37.14
N ALA YA 32 89.66 -15.61 -36.95
CA ALA YA 32 90.12 -16.51 -35.90
C ALA YA 32 89.83 -15.95 -34.50
N GLY YA 33 89.87 -14.63 -34.36
CA GLY YA 33 89.46 -14.02 -33.10
C GLY YA 33 87.98 -14.19 -32.82
N LEU YA 34 87.16 -14.15 -33.87
CA LEU YA 34 85.75 -14.48 -33.72
C LEU YA 34 85.55 -15.95 -33.35
N GLN YA 35 86.32 -16.83 -33.99
CA GLN YA 35 86.22 -18.26 -33.71
C GLN YA 35 87.18 -18.65 -32.59
N LYS YA 60 83.83 3.65 -9.19
CA LYS YA 60 84.49 4.11 -10.40
C LYS YA 60 84.05 5.55 -10.73
N GLU YA 61 82.76 5.71 -11.01
CA GLU YA 61 82.22 7.04 -11.28
C GLU YA 61 82.25 7.91 -10.04
N THR YA 62 82.05 7.32 -8.86
CA THR YA 62 82.16 8.09 -7.63
C THR YA 62 83.61 8.48 -7.33
N ALA YA 63 84.59 7.66 -7.75
CA ALA YA 63 85.98 8.03 -7.59
C ALA YA 63 86.36 9.16 -8.55
N LEU YA 64 85.85 9.09 -9.79
CA LEU YA 64 86.02 10.16 -10.75
C LEU YA 64 85.37 11.45 -10.28
N SER YA 65 84.27 11.35 -9.53
CA SER YA 65 83.63 12.53 -8.97
C SER YA 65 84.42 13.12 -7.81
N VAL YA 66 84.94 12.26 -6.91
CA VAL YA 66 85.56 12.80 -5.70
C VAL YA 66 87.01 13.25 -5.93
N GLY YA 67 87.67 12.78 -6.99
CA GLY YA 67 89.03 13.24 -7.23
C GLY YA 67 89.11 14.66 -7.75
N ALA YA 68 88.08 15.10 -8.50
CA ALA YA 68 88.16 16.35 -9.24
C ALA YA 68 88.08 17.56 -8.32
N GLN YA 69 87.25 17.51 -7.28
CA GLN YA 69 87.12 18.63 -6.35
C GLN YA 69 88.41 18.85 -5.57
N ALA YA 70 89.04 17.77 -5.11
CA ALA YA 70 90.30 17.87 -4.38
C ALA YA 70 91.42 18.37 -5.28
N GLY YA 71 91.47 17.88 -6.53
CA GLY YA 71 92.47 18.38 -7.46
C GLY YA 71 92.29 19.84 -7.81
N LEU YA 72 91.03 20.27 -7.98
CA LEU YA 72 90.73 21.67 -8.28
C LEU YA 72 91.09 22.58 -7.12
N ALA YA 73 90.78 22.18 -5.88
CA ALA YA 73 91.10 23.00 -4.72
C ALA YA 73 92.61 23.08 -4.49
N TRP YA 74 93.32 21.95 -4.64
CA TRP YA 74 94.76 21.94 -4.46
C TRP YA 74 95.48 22.78 -5.51
N ARG YA 75 95.07 22.66 -6.77
CA ARG YA 75 95.68 23.46 -7.82
C ARG YA 75 95.34 24.94 -7.68
N ALA YA 76 94.13 25.27 -7.20
CA ALA YA 76 93.78 26.66 -6.93
C ALA YA 76 94.63 27.26 -5.82
N LYS YA 77 94.89 26.48 -4.76
CA LYS YA 77 95.75 26.95 -3.68
C LYS YA 77 97.19 27.18 -4.15
N ILE YA 78 97.71 26.26 -4.97
CA ILE YA 78 99.08 26.42 -5.48
C ILE YA 78 99.17 27.62 -6.44
N ILE YA 79 98.14 27.83 -7.26
CA ILE YA 79 98.12 28.98 -8.17
C ILE YA 79 98.04 30.29 -7.38
N ASP YA 80 97.25 30.32 -6.30
CA ASP YA 80 97.18 31.50 -5.45
C ASP YA 80 98.51 31.79 -4.77
N GLU YA 81 99.23 30.74 -4.33
CA GLU YA 81 100.57 30.93 -3.76
C GLU YA 81 101.55 31.47 -4.79
N GLN YA 82 101.51 30.95 -6.02
CA GLN YA 82 102.40 31.43 -7.07
C GLN YA 82 102.06 32.86 -7.50
N LEU YA 83 100.78 33.24 -7.42
CA LEU YA 83 100.40 34.63 -7.66
C LEU YA 83 100.90 35.54 -6.55
N ASN YA 84 100.86 35.08 -5.31
CA ASN YA 84 101.36 35.88 -4.19
C ASN YA 84 102.87 36.00 -4.18
N LYS YA 85 103.59 35.05 -4.79
CA LYS YA 85 105.06 35.18 -4.87
C LYS YA 85 105.49 36.33 -5.79
N GLN YA 86 104.67 36.69 -6.78
CA GLN YA 86 105.07 37.70 -7.75
C GLN YA 86 104.15 38.91 -7.72
N ALA YA 87 103.92 39.48 -6.52
CA ALA YA 87 102.94 40.55 -6.39
C ALA YA 87 103.46 41.87 -6.96
N ARG YA 88 104.74 42.19 -6.75
CA ARG YA 88 105.26 43.48 -7.20
C ARG YA 88 105.48 43.52 -8.71
N ASN YA 89 105.88 42.39 -9.30
CA ASN YA 89 106.06 42.31 -10.74
C ASN YA 89 104.74 42.46 -11.48
N LEU YA 90 103.67 41.89 -10.93
CA LEU YA 90 102.35 42.04 -11.54
C LEU YA 90 101.86 43.48 -11.44
N ASP YA 91 102.15 44.16 -10.33
CA ASP YA 91 101.85 45.58 -10.22
C ASP YA 91 102.66 46.42 -11.20
N ALA YA 92 103.91 46.04 -11.46
CA ALA YA 92 104.71 46.74 -12.45
C ALA YA 92 104.19 46.52 -13.86
N ILE YA 93 103.71 45.30 -14.16
CA ILE YA 93 103.26 44.99 -15.52
C ILE YA 93 101.89 45.59 -15.79
N TYR YA 94 100.90 45.23 -14.97
CA TYR YA 94 99.52 45.69 -15.19
C TYR YA 94 99.26 46.93 -14.34
N ASP YA 95 99.89 48.03 -14.76
CA ASP YA 95 99.85 49.29 -14.01
C ASP YA 95 98.69 50.09 -14.60
N PHE YA 96 97.50 49.87 -14.05
CA PHE YA 96 96.30 50.60 -14.50
C PHE YA 96 96.30 52.05 -14.04
N ASN YA 97 97.11 52.40 -13.03
CA ASN YA 97 97.02 53.72 -12.41
C ASN YA 97 97.56 54.83 -13.32
N SER YA 98 98.57 54.53 -14.14
CA SER YA 98 99.20 55.55 -14.98
C SER YA 98 98.57 55.66 -16.36
N LEU YA 99 97.46 54.96 -16.60
CA LEU YA 99 96.70 55.10 -17.84
C LEU YA 99 95.44 55.92 -17.65
N VAL YA 100 95.17 56.39 -16.43
CA VAL YA 100 93.97 57.16 -16.13
C VAL YA 100 94.13 58.57 -16.68
N LEU YA 101 93.04 59.11 -17.22
CA LEU YA 101 93.06 60.43 -17.87
C LEU YA 101 93.03 61.54 -16.83
N GLU YA 102 92.75 62.76 -17.28
CA GLU YA 102 93.00 63.97 -16.49
C GLU YA 102 92.02 64.11 -15.33
N HIS YA 103 90.73 63.89 -15.58
CA HIS YA 103 89.69 64.10 -14.58
C HIS YA 103 89.29 62.81 -13.88
N ASN YA 104 90.24 61.90 -13.69
CA ASN YA 104 90.05 60.55 -13.15
C ASN YA 104 89.00 59.78 -13.94
N ILE YA 105 89.29 59.62 -15.23
CA ILE YA 105 88.42 58.91 -16.17
C ILE YA 105 89.18 57.72 -16.72
N LEU YA 106 88.60 56.54 -16.59
CA LEU YA 106 89.20 55.33 -17.17
C LEU YA 106 89.09 55.40 -18.70
N PRO YA 107 90.18 55.12 -19.43
CA PRO YA 107 90.11 55.18 -20.89
C PRO YA 107 89.27 54.06 -21.45
N PRO YA 108 88.68 54.23 -22.63
CA PRO YA 108 87.87 53.16 -23.23
C PRO YA 108 88.73 52.04 -23.78
N VAL YA 109 88.06 50.92 -24.07
CA VAL YA 109 88.70 49.71 -24.58
C VAL YA 109 88.36 49.60 -26.07
N LEU YA 110 89.39 49.44 -26.89
CA LEU YA 110 89.24 49.37 -28.34
C LEU YA 110 89.76 48.03 -28.85
N LEU YA 111 89.08 47.50 -29.87
CA LEU YA 111 89.41 46.20 -30.46
C LEU YA 111 89.73 46.37 -31.94
N GLU YA 112 90.74 45.63 -32.40
CA GLU YA 112 91.28 45.76 -33.74
C GLU YA 112 91.19 44.42 -34.47
N GLY YA 113 90.82 44.47 -35.74
CA GLY YA 113 90.86 43.29 -36.59
C GLY YA 113 91.45 43.62 -37.94
N ARG YA 114 92.21 42.67 -38.49
CA ARG YA 114 92.91 42.86 -39.76
C ARG YA 114 92.56 41.73 -40.71
N ASN YA 115 92.48 42.07 -42.01
CA ASN YA 115 92.30 41.12 -43.12
C ASN YA 115 91.03 40.28 -42.96
N THR YA 116 89.89 40.97 -42.96
CA THR YA 116 88.62 40.36 -42.60
C THR YA 116 87.87 39.89 -43.84
N LEU YA 117 87.37 38.66 -43.80
CA LEU YA 117 86.57 38.13 -44.89
C LEU YA 117 85.30 37.49 -44.34
N ASN YA 118 84.20 37.65 -45.08
CA ASN YA 118 82.95 36.98 -44.76
C ASN YA 118 82.32 36.44 -46.04
N LEU YA 119 82.07 35.13 -46.06
CA LEU YA 119 81.23 34.47 -47.05
C LEU YA 119 79.81 34.46 -46.49
N ALA YA 120 79.02 35.47 -46.86
CA ALA YA 120 77.65 35.56 -46.37
C ALA YA 120 76.77 34.48 -47.00
N ASP YA 121 76.83 34.35 -48.32
CA ASP YA 121 76.11 33.33 -49.06
C ASP YA 121 76.82 33.11 -50.39
N ALA YA 122 76.35 32.12 -51.15
CA ALA YA 122 76.95 31.84 -52.45
C ALA YA 122 76.59 32.94 -53.44
N GLN YA 123 77.57 33.32 -54.26
CA GLN YA 123 77.67 34.36 -55.30
C GLN YA 123 78.06 35.75 -54.76
N SER YA 124 78.31 35.91 -53.45
CA SER YA 124 78.61 37.23 -52.90
C SER YA 124 79.45 37.12 -51.63
N ILE YA 125 80.54 37.90 -51.57
CA ILE YA 125 81.42 37.94 -50.40
C ILE YA 125 81.70 39.40 -50.03
N ARG YA 126 82.10 39.60 -48.78
CA ARG YA 126 82.44 40.95 -48.30
C ARG YA 126 83.79 40.90 -47.58
N ILE YA 127 84.71 41.77 -47.98
CA ILE YA 127 86.05 41.80 -47.39
C ILE YA 127 86.37 43.21 -46.90
N SER YA 128 87.29 43.27 -45.95
CA SER YA 128 87.76 44.53 -45.39
C SER YA 128 89.22 44.39 -44.99
N ASP YA 129 89.91 45.54 -44.96
CA ASP YA 129 91.33 45.58 -44.62
C ASP YA 129 91.55 45.66 -43.11
N ARG YA 130 90.91 46.62 -42.44
CA ARG YA 130 90.99 46.76 -41.00
C ARG YA 130 89.64 47.16 -40.45
N THR YA 131 89.39 46.80 -39.19
CA THR YA 131 88.18 47.19 -38.49
C THR YA 131 88.51 47.56 -37.05
N TYR YA 132 87.86 48.60 -36.56
CA TYR YA 132 88.04 49.09 -35.20
C TYR YA 132 86.68 49.16 -34.51
N LYS YA 133 86.64 48.70 -33.26
CA LYS YA 133 85.40 48.66 -32.50
C LYS YA 133 85.64 49.18 -31.08
N VAL YA 134 84.63 49.86 -30.53
CA VAL YA 134 84.66 50.31 -29.14
C VAL YA 134 83.94 49.26 -28.31
N ALA YA 135 84.67 48.58 -27.43
CA ALA YA 135 84.08 47.52 -26.61
C ALA YA 135 83.49 48.05 -25.31
N LYS YA 136 84.21 48.93 -24.63
CA LYS YA 136 83.73 49.55 -23.39
C LYS YA 136 83.92 51.06 -23.48
N GLN YA 137 83.13 51.79 -22.71
CA GLN YA 137 83.08 53.24 -22.77
C GLN YA 137 83.70 53.84 -21.51
N ALA YA 138 84.20 55.06 -21.67
CA ALA YA 138 84.84 55.78 -20.57
C ALA YA 138 83.83 56.22 -19.53
N HIS YA 139 84.28 56.26 -18.28
CA HIS YA 139 83.41 56.67 -17.17
C HIS YA 139 84.28 57.18 -16.04
N PHE YA 140 83.64 57.88 -15.09
CA PHE YA 140 84.32 58.34 -13.89
C PHE YA 140 84.67 57.18 -12.98
N ILE YA 141 85.84 57.26 -12.37
CA ILE YA 141 86.27 56.27 -11.37
C ILE YA 141 86.77 57.00 -10.14
N THR YA 142 86.69 56.32 -9.00
CA THR YA 142 87.33 56.78 -7.77
C THR YA 142 88.59 56.00 -7.44
N THR YA 143 88.68 54.74 -7.86
CA THR YA 143 89.82 53.86 -7.63
C THR YA 143 90.26 53.23 -8.93
N PRO YA 144 91.56 53.01 -9.10
CA PRO YA 144 92.05 52.28 -10.28
C PRO YA 144 91.87 50.79 -10.10
N PRO YA 145 91.72 50.04 -11.19
CA PRO YA 145 91.62 48.58 -11.08
C PRO YA 145 92.96 47.94 -10.72
N THR YA 146 92.88 46.72 -10.21
CA THR YA 146 94.04 45.94 -9.83
C THR YA 146 93.94 44.55 -10.45
N TRP YA 147 95.06 43.83 -10.45
CA TRP YA 147 95.12 42.51 -11.05
C TRP YA 147 94.42 41.44 -10.22
N ARG YA 148 94.18 41.69 -8.93
CA ARG YA 148 93.54 40.71 -8.07
C ARG YA 148 92.07 40.51 -8.40
N GLN YA 149 91.42 41.50 -9.01
CA GLN YA 149 90.04 41.33 -9.45
C GLN YA 149 89.92 40.46 -10.70
N TYR YA 150 91.03 40.19 -11.39
CA TYR YA 150 91.05 39.35 -12.57
C TYR YA 150 91.64 37.97 -12.32
N LEU YA 151 92.81 37.91 -11.66
CA LEU YA 151 93.62 36.70 -11.67
C LEU YA 151 93.46 35.82 -10.43
N TRP YA 152 92.90 36.34 -9.34
CA TRP YA 152 92.82 35.57 -8.11
C TRP YA 152 91.77 34.48 -8.21
N MET YA 153 92.16 33.25 -7.91
CA MET YA 153 91.26 32.11 -7.94
C MET YA 153 90.68 31.86 -6.55
N ASP YA 154 89.53 31.20 -6.54
CA ASP YA 154 88.70 31.08 -5.36
C ASP YA 154 88.96 29.74 -4.68
N TYR YA 155 89.32 29.77 -3.40
CA TYR YA 155 89.75 28.59 -2.67
C TYR YA 155 88.90 28.39 -1.43
N VAL YA 156 88.22 27.25 -1.35
CA VAL YA 156 87.52 26.80 -0.15
C VAL YA 156 87.93 25.37 0.11
N LYS YA 157 88.38 25.09 1.34
CA LYS YA 157 88.87 23.76 1.69
C LYS YA 157 87.72 22.74 1.73
N PRO YA 158 87.74 21.71 0.88
CA PRO YA 158 86.68 20.70 0.90
C PRO YA 158 86.93 19.64 1.95
N GLU YA 159 86.10 19.64 3.00
CA GLU YA 159 86.18 18.66 4.07
C GLU YA 159 84.97 17.72 4.09
N ALA YA 160 84.45 17.39 2.91
CA ALA YA 160 83.28 16.53 2.78
C ALA YA 160 83.62 15.38 1.83
N PRO YA 161 84.20 14.28 2.36
CA PRO YA 161 84.55 13.11 1.54
C PRO YA 161 83.33 12.34 1.06
N LYS YA 173 88.83 -1.41 -3.43
CA LYS YA 173 90.02 -0.59 -3.61
C LYS YA 173 90.92 -1.18 -4.69
N GLU YA 174 90.36 -2.12 -5.47
CA GLU YA 174 91.13 -2.73 -6.55
C GLU YA 174 91.31 -1.77 -7.73
N ILE YA 175 90.25 -1.07 -8.11
CA ILE YA 175 90.28 -0.11 -9.22
C ILE YA 175 89.97 1.31 -8.75
N TRP YA 176 90.02 1.56 -7.45
CA TRP YA 176 89.68 2.87 -6.90
C TRP YA 176 90.75 3.91 -7.21
N CYS YA 177 92.02 3.51 -7.12
CA CYS YA 177 93.14 4.46 -7.16
C CYS YA 177 93.32 5.07 -8.55
N ILE YA 178 93.14 4.27 -9.60
CA ILE YA 178 93.36 4.76 -10.97
C ILE YA 178 92.30 5.78 -11.35
N TYR YA 179 91.05 5.55 -10.97
CA TYR YA 179 90.00 6.51 -11.26
C TYR YA 179 90.10 7.74 -10.37
N THR YA 180 90.57 7.58 -9.13
CA THR YA 180 90.81 8.74 -8.27
C THR YA 180 91.91 9.64 -8.84
N GLU YA 181 93.00 9.04 -9.32
CA GLU YA 181 94.07 9.87 -9.89
C GLU YA 181 93.68 10.43 -11.25
N ARG YA 182 92.79 9.74 -12.00
CA ARG YA 182 92.26 10.31 -13.24
C ARG YA 182 91.41 11.55 -12.97
N GLY YA 183 90.56 11.49 -11.93
CA GLY YA 183 89.83 12.68 -11.51
C GLY YA 183 90.73 13.79 -11.00
N TRP YA 184 91.85 13.41 -10.35
CA TRP YA 184 92.84 14.38 -9.89
C TRP YA 184 93.45 15.17 -11.06
N LYS YA 185 93.85 14.45 -12.12
CA LYS YA 185 94.36 15.10 -13.32
C LYS YA 185 93.31 15.96 -14.01
N ASN YA 186 92.06 15.49 -14.02
CA ASN YA 186 90.96 16.28 -14.62
C ASN YA 186 90.74 17.60 -13.87
N GLY YA 187 90.80 17.56 -12.53
CA GLY YA 187 90.64 18.78 -11.76
C GLY YA 187 91.79 19.76 -11.95
N ILE YA 188 93.02 19.23 -12.05
CA ILE YA 188 94.18 20.09 -12.33
C ILE YA 188 94.06 20.77 -13.70
N ASP YA 189 93.61 20.01 -14.71
CA ASP YA 189 93.43 20.58 -16.05
C ASP YA 189 92.32 21.63 -16.06
N GLN YA 190 91.25 21.41 -15.31
CA GLN YA 190 90.16 22.39 -15.22
C GLN YA 190 90.63 23.70 -14.59
N ALA YA 191 91.44 23.60 -13.51
CA ALA YA 191 91.98 24.80 -12.86
C ALA YA 191 92.92 25.56 -13.79
N ASN YA 192 93.74 24.83 -14.56
CA ASN YA 192 94.64 25.48 -15.51
C ASN YA 192 93.87 26.20 -16.61
N THR YA 193 92.77 25.60 -17.09
CA THR YA 193 91.93 26.25 -18.09
C THR YA 193 91.29 27.54 -17.55
N ILE YA 194 90.82 27.50 -16.30
CA ILE YA 194 90.22 28.68 -15.67
C ILE YA 194 91.25 29.81 -15.55
N LEU YA 195 92.47 29.48 -15.13
CA LEU YA 195 93.52 30.48 -15.02
C LEU YA 195 93.90 31.08 -16.37
N GLU YA 196 93.94 30.24 -17.42
CA GLU YA 196 94.23 30.74 -18.77
C GLU YA 196 93.16 31.71 -19.26
N GLU YA 197 91.88 31.40 -18.98
CA GLU YA 197 90.79 32.30 -19.36
C GLU YA 197 90.88 33.63 -18.60
N ASN YA 198 91.26 33.60 -17.33
CA ASN YA 198 91.44 34.82 -16.55
C ASN YA 198 92.56 35.70 -17.10
N ILE YA 199 93.67 35.06 -17.51
CA ILE YA 199 94.80 35.80 -18.09
C ILE YA 199 94.40 36.46 -19.41
N ALA YA 200 93.64 35.74 -20.25
CA ALA YA 200 93.15 36.33 -21.49
C ALA YA 200 92.20 37.49 -21.23
N ARG YA 201 91.36 37.38 -20.18
CA ARG YA 201 90.40 38.42 -19.86
C ARG YA 201 91.09 39.71 -19.38
N ILE YA 202 92.16 39.60 -18.61
CA ILE YA 202 92.84 40.83 -18.22
C ILE YA 202 93.69 41.40 -19.37
N LYS YA 203 94.23 40.52 -20.23
CA LYS YA 203 95.05 40.96 -21.36
C LYS YA 203 94.23 41.77 -22.36
N GLU YA 204 92.97 41.38 -22.58
CA GLU YA 204 92.10 42.11 -23.52
C GLU YA 204 91.89 43.55 -23.08
N ASP YA 205 91.58 43.77 -21.80
CA ASP YA 205 91.33 45.12 -21.30
C ASP YA 205 92.59 45.99 -21.32
N PHE YA 206 93.74 45.41 -20.93
CA PHE YA 206 94.97 46.21 -20.93
C PHE YA 206 95.40 46.56 -22.36
N GLY YA 207 95.25 45.62 -23.29
CA GLY YA 207 95.58 45.91 -24.69
C GLY YA 207 94.65 46.94 -25.31
N GLY YA 208 93.36 46.90 -24.95
CA GLY YA 208 92.45 47.93 -25.43
C GLY YA 208 92.77 49.31 -24.89
N MET YA 209 93.19 49.39 -23.62
CA MET YA 209 93.59 50.68 -23.06
C MET YA 209 94.87 51.22 -23.68
N ILE YA 210 95.80 50.34 -24.08
CA ILE YA 210 96.98 50.83 -24.80
C ILE YA 210 96.61 51.28 -26.22
N LEU YA 211 95.72 50.53 -26.89
CA LEU YA 211 95.29 50.86 -28.25
C LEU YA 211 94.55 52.18 -28.32
N TYR YA 212 93.80 52.54 -27.27
CA TYR YA 212 93.14 53.84 -27.23
C TYR YA 212 94.15 54.99 -27.25
N ARG YA 213 95.23 54.88 -26.46
CA ARG YA 213 96.25 55.91 -26.45
C ARG YA 213 97.00 55.99 -27.78
N LYS YA 214 97.23 54.84 -28.42
CA LYS YA 214 97.92 54.86 -29.72
C LYS YA 214 97.06 55.49 -30.81
N LEU YA 215 95.76 55.19 -30.83
CA LEU YA 215 94.87 55.83 -31.81
C LEU YA 215 94.62 57.30 -31.48
N LEU YA 216 94.70 57.68 -30.20
CA LEU YA 216 94.65 59.10 -29.86
C LEU YA 216 95.90 59.83 -30.33
N ALA YA 217 97.06 59.17 -30.27
CA ALA YA 217 98.27 59.74 -30.83
C ALA YA 217 98.18 59.90 -32.35
N MET YA 218 97.59 58.93 -33.03
CA MET YA 218 97.43 59.03 -34.49
C MET YA 218 96.15 59.74 -34.91
N ASN YA 219 95.39 60.30 -33.96
CA ASN YA 219 94.26 61.22 -34.22
C ASN YA 219 93.11 60.51 -34.96
N MET YA 220 92.66 59.39 -34.38
CA MET YA 220 91.50 58.69 -34.89
C MET YA 220 90.33 58.62 -33.91
N VAL YA 221 90.54 58.93 -32.64
CA VAL YA 221 89.49 58.99 -31.65
C VAL YA 221 89.42 60.41 -31.09
N SER YA 222 88.25 60.75 -30.56
CA SER YA 222 88.14 62.05 -29.92
C SER YA 222 88.34 61.92 -28.42
N PRO YA 223 88.95 62.91 -27.77
CA PRO YA 223 89.08 62.85 -26.31
C PRO YA 223 87.75 63.20 -25.65
N PRO YA 224 87.54 62.76 -24.41
CA PRO YA 224 86.32 63.18 -23.68
C PRO YA 224 86.39 64.64 -23.28
N TYR YA 225 85.21 65.25 -23.15
CA TYR YA 225 85.09 66.67 -22.83
C TYR YA 225 84.38 66.82 -21.49
N VAL YA 226 84.95 67.66 -20.62
CA VAL YA 226 84.51 67.82 -19.24
C VAL YA 226 84.01 69.25 -19.05
N SER YA 227 82.80 69.39 -18.52
CA SER YA 227 82.24 70.69 -18.16
C SER YA 227 82.06 70.74 -16.65
N HIS YA 228 82.52 71.82 -16.03
CA HIS YA 228 82.41 72.01 -14.60
C HIS YA 228 81.62 73.26 -14.28
N THR YA 229 80.73 73.14 -13.30
CA THR YA 229 79.90 74.24 -12.83
C THR YA 229 80.31 74.59 -11.41
N ASP YA 230 80.63 75.87 -11.19
CA ASP YA 230 81.21 76.35 -9.95
C ASP YA 230 80.12 77.12 -9.18
N LEU YA 231 79.45 76.43 -8.26
CA LEU YA 231 78.51 77.13 -7.40
C LEU YA 231 79.25 77.77 -6.23
N GLY YA 232 78.58 78.72 -5.58
CA GLY YA 232 79.19 79.40 -4.45
C GLY YA 232 78.84 78.75 -3.14
N VAL YA 233 78.42 79.55 -2.15
CA VAL YA 233 77.99 79.04 -0.86
C VAL YA 233 76.49 78.81 -0.97
N THR YA 234 76.09 77.55 -1.11
CA THR YA 234 74.70 77.17 -1.30
C THR YA 234 74.16 76.49 -0.06
N GLY YA 235 72.83 76.40 0.00
CA GLY YA 235 72.13 75.76 1.09
C GLY YA 235 71.25 76.75 1.85
N ASP YA 236 70.51 76.19 2.80
CA ASP YA 236 69.63 76.95 3.66
C ASP YA 236 70.30 77.16 5.02
N GLY YA 237 69.54 77.68 5.97
CA GLY YA 237 70.07 77.95 7.30
C GLY YA 237 70.24 76.73 8.19
N SER YA 238 69.80 75.56 7.74
CA SER YA 238 70.00 74.33 8.50
C SER YA 238 71.22 73.54 8.06
N GLU YA 239 71.70 73.76 6.84
CA GLU YA 239 72.87 73.05 6.31
C GLU YA 239 73.47 73.87 5.18
N ILE YA 240 74.78 74.06 5.22
CA ILE YA 240 75.47 74.84 4.19
C ILE YA 240 76.63 74.05 3.63
N HIS YA 241 76.94 74.31 2.36
CA HIS YA 241 78.11 73.80 1.69
C HIS YA 241 78.92 74.99 1.15
N ILE YA 242 80.24 74.94 1.31
CA ILE YA 242 81.05 76.13 1.08
C ILE YA 242 81.35 76.30 -0.40
N ASP YA 243 81.94 75.29 -1.03
CA ASP YA 243 82.41 75.40 -2.42
C ASP YA 243 81.89 74.20 -3.22
N ASP YA 244 80.68 74.33 -3.75
CA ASP YA 244 80.10 73.28 -4.58
C ASP YA 244 80.67 73.31 -5.98
N ARG YA 245 81.09 72.15 -6.48
CA ARG YA 245 81.52 72.01 -7.86
C ARG YA 245 80.88 70.76 -8.45
N VAL YA 246 80.22 70.92 -9.59
CA VAL YA 246 79.55 69.81 -10.27
C VAL YA 246 80.29 69.54 -11.57
N LEU YA 247 80.80 68.33 -11.73
CA LEU YA 247 81.55 67.96 -12.92
C LEU YA 247 80.75 66.95 -13.74
N ARG YA 248 80.68 67.17 -15.05
CA ARG YA 248 79.92 66.31 -15.92
C ARG YA 248 80.65 66.20 -17.25
N ILE YA 249 80.84 65.00 -17.75
CA ILE YA 249 81.42 64.83 -19.07
C ILE YA 249 80.30 64.81 -20.11
N THR YA 250 80.49 65.58 -21.17
CA THR YA 250 79.42 65.85 -22.13
C THR YA 250 79.61 65.13 -23.46
N ALA YA 251 80.84 64.87 -23.88
CA ALA YA 251 81.13 64.17 -25.12
C ALA YA 251 81.91 62.91 -24.82
N LEU YA 252 81.34 61.77 -25.18
CA LEU YA 252 82.04 60.51 -25.03
C LEU YA 252 83.09 60.35 -26.13
N PRO YA 253 84.16 59.60 -25.89
CA PRO YA 253 85.12 59.33 -26.96
C PRO YA 253 84.51 58.49 -28.07
N GLU YA 254 84.90 58.79 -29.31
CA GLU YA 254 84.35 58.09 -30.45
C GLU YA 254 85.37 58.09 -31.60
N LEU YA 255 85.21 57.09 -32.46
CA LEU YA 255 85.99 56.98 -33.68
C LEU YA 255 85.55 58.04 -34.68
N ASN YA 256 86.51 58.56 -35.45
CA ASN YA 256 86.14 59.47 -36.54
C ASN YA 256 86.24 58.78 -37.89
N VAL YA 257 85.42 59.26 -38.83
CA VAL YA 257 85.34 58.68 -40.17
C VAL YA 257 85.93 59.59 -41.23
N ASN YA 258 86.39 60.77 -40.86
CA ASN YA 258 87.03 61.70 -41.80
C ASN YA 258 88.50 61.32 -41.89
N SER YA 259 88.86 60.56 -42.93
CA SER YA 259 90.22 60.04 -43.08
C SER YA 259 91.22 61.11 -43.51
N ALA YA 260 90.76 62.29 -43.93
CA ALA YA 260 91.69 63.35 -44.34
C ALA YA 260 92.34 64.02 -43.15
N GLU YA 261 91.80 63.84 -41.94
CA GLU YA 261 92.34 64.46 -40.74
C GLU YA 261 93.31 63.56 -39.99
N TRP YA 262 93.55 62.34 -40.47
CA TRP YA 262 94.44 61.42 -39.77
C TRP YA 262 95.89 61.80 -39.96
N ARG YA 263 96.71 61.46 -38.98
CA ARG YA 263 98.12 61.82 -38.95
C ARG YA 263 98.97 60.56 -38.91
N ALA YA 264 99.93 60.45 -39.82
CA ALA YA 264 100.81 59.30 -39.91
C ALA YA 264 102.07 59.52 -39.07
N ALA YA 265 102.72 58.41 -38.71
CA ALA YA 265 103.93 58.43 -37.91
C ALA YA 265 104.99 57.56 -38.59
N VAL YA 266 106.15 58.16 -38.84
CA VAL YA 266 107.30 57.46 -39.41
C VAL YA 266 108.42 57.52 -38.40
N ALA YA 267 108.88 56.36 -37.94
CA ALA YA 267 109.89 56.27 -36.89
C ALA YA 267 111.25 56.00 -37.50
N LYS YA 268 112.19 56.92 -37.29
CA LYS YA 268 113.55 56.74 -37.81
C LYS YA 268 114.33 55.74 -36.98
N LYS ZA 24 129.89 12.37 -21.53
CA LYS ZA 24 128.64 12.95 -21.08
C LYS ZA 24 128.26 14.16 -21.92
N PHE ZA 25 126.98 14.28 -22.26
CA PHE ZA 25 126.46 15.37 -23.06
C PHE ZA 25 125.52 16.22 -22.21
N LYS ZA 26 125.86 17.49 -22.07
CA LYS ZA 26 125.04 18.44 -21.32
C LYS ZA 26 125.08 19.79 -22.01
N LYS ZA 27 124.07 20.61 -21.71
CA LYS ZA 27 123.92 21.98 -22.16
C LYS ZA 27 123.82 22.89 -20.95
N PRO ZA 28 124.39 24.10 -21.00
CA PRO ZA 28 124.73 24.85 -19.75
C PRO ZA 28 123.54 25.25 -18.89
N PRO ZA 29 122.46 25.95 -19.41
CA PRO ZA 29 121.48 26.47 -18.43
C PRO ZA 29 120.54 25.40 -17.87
N ILE ZA 30 120.81 25.00 -16.62
CA ILE ZA 30 119.96 24.06 -15.89
C ILE ZA 30 119.55 24.77 -14.61
N ASN ZA 31 118.32 25.30 -14.59
CA ASN ZA 31 117.81 26.08 -13.48
C ASN ZA 31 116.85 25.22 -12.65
N ASN ZA 32 116.16 25.87 -11.71
CA ASN ZA 32 115.12 25.22 -10.94
C ASN ZA 32 113.91 24.92 -11.84
N PRO ZA 33 113.11 23.90 -11.51
CA PRO ZA 33 111.91 23.61 -12.31
C PRO ZA 33 110.88 24.73 -12.26
N SER ZA 34 110.17 24.89 -13.38
CA SER ZA 34 109.25 26.00 -13.58
C SER ZA 34 107.80 25.57 -13.38
N ASP ZA 35 106.94 26.56 -13.24
CA ASP ZA 35 105.51 26.36 -13.08
C ASP ZA 35 104.79 26.94 -14.29
N ASP ZA 36 103.73 26.23 -14.73
CA ASP ZA 36 103.03 26.62 -15.95
C ASP ZA 36 102.23 27.90 -15.77
N ALA ZA 37 101.84 28.22 -14.53
CA ALA ZA 37 101.22 29.51 -14.25
C ALA ZA 37 102.19 30.65 -14.52
N THR ZA 38 103.43 30.52 -14.06
CA THR ZA 38 104.46 31.52 -14.34
C THR ZA 38 104.80 31.56 -15.82
N ILE ZA 39 104.75 30.40 -16.50
CA ILE ZA 39 104.97 30.35 -17.95
C ILE ZA 39 103.91 31.16 -18.69
N LYS ZA 40 102.63 30.98 -18.32
CA LYS ZA 40 101.55 31.72 -18.95
C LYS ZA 40 101.62 33.21 -18.65
N LEU ZA 41 102.00 33.56 -17.41
CA LEU ZA 41 102.16 34.97 -17.06
C LEU ZA 41 103.29 35.63 -17.83
N ALA ZA 42 104.40 34.91 -18.05
CA ALA ZA 42 105.50 35.44 -18.85
C ALA ZA 42 105.09 35.60 -20.32
N GLU ZA 43 104.32 34.64 -20.84
CA GLU ZA 43 103.84 34.73 -22.23
C GLU ZA 43 102.91 35.92 -22.42
N ALA ZA 44 102.10 36.24 -21.41
CA ALA ZA 44 101.29 37.46 -21.49
C ALA ZA 44 102.16 38.71 -21.38
N ALA ZA 45 103.15 38.69 -20.48
CA ALA ZA 45 103.90 39.90 -20.17
C ALA ZA 45 104.83 40.32 -21.31
N VAL ZA 46 105.36 39.37 -22.09
CA VAL ZA 46 106.22 39.72 -23.22
C VAL ZA 46 105.45 40.50 -24.28
N SER ZA 47 104.23 40.05 -24.59
CA SER ZA 47 103.40 40.74 -25.56
C SER ZA 47 102.88 42.08 -25.02
N VAL ZA 48 102.62 42.17 -23.72
CA VAL ZA 48 102.31 43.46 -23.11
C VAL ZA 48 103.49 44.42 -23.27
N SER ZA 49 104.72 43.91 -23.05
CA SER ZA 49 105.92 44.74 -23.13
C SER ZA 49 106.18 45.26 -24.54
N ASP ZA 50 106.03 44.42 -25.56
CA ASP ZA 50 106.31 44.97 -26.90
C ASP ZA 50 105.15 45.79 -27.46
N SER ZA 51 103.91 45.58 -26.97
CA SER ZA 51 102.85 46.52 -27.27
C SER ZA 51 103.13 47.90 -26.68
N MET ZA 52 103.64 47.94 -25.44
CA MET ZA 52 104.06 49.20 -24.84
C MET ZA 52 105.23 49.83 -25.58
N LEU ZA 53 106.15 49.00 -26.09
CA LEU ZA 53 107.28 49.52 -26.88
C LEU ZA 53 106.79 50.20 -28.16
N GLU ZA 54 105.84 49.56 -28.87
CA GLU ZA 54 105.27 50.17 -30.07
C GLU ZA 54 104.52 51.46 -29.77
N MET ZA 55 103.73 51.46 -28.68
CA MET ZA 55 102.97 52.66 -28.31
C MET ZA 55 103.89 53.81 -27.90
N ALA ZA 56 104.96 53.51 -27.15
CA ALA ZA 56 105.91 54.54 -26.73
C ALA ZA 56 106.69 55.10 -27.92
N LYS ZA 57 107.06 54.23 -28.87
CA LYS ZA 57 107.74 54.70 -30.08
C LYS ZA 57 106.85 55.62 -30.91
N VAL ZA 58 105.57 55.25 -31.07
CA VAL ZA 58 104.63 56.06 -31.84
C VAL ZA 58 104.40 57.41 -31.17
N GLU ZA 59 104.22 57.41 -29.84
CA GLU ZA 59 103.97 58.66 -29.11
C GLU ZA 59 105.20 59.57 -29.12
N LYS ZA 60 106.40 59.00 -28.97
CA LYS ZA 60 107.63 59.79 -29.01
C LYS ZA 60 107.87 60.38 -30.40
N VAL ZA 61 107.54 59.63 -31.45
CA VAL ZA 61 107.69 60.14 -32.81
C VAL ZA 61 106.69 61.27 -33.08
N ILE ZA 62 105.44 61.10 -32.64
CA ILE ZA 62 104.42 62.13 -32.90
C ILE ZA 62 104.70 63.41 -32.11
N THR ZA 63 104.98 63.29 -30.81
CA THR ZA 63 105.20 64.46 -29.96
C THR ZA 63 106.62 64.46 -29.42
N PRO ZA 64 107.54 65.25 -29.98
CA PRO ZA 64 108.89 65.33 -29.44
C PRO ZA 64 108.96 66.29 -28.27
N PRO ZA 65 109.40 65.84 -27.11
CA PRO ZA 65 109.54 66.74 -25.96
C PRO ZA 65 110.71 67.70 -26.14
N SER ZA 66 110.61 68.86 -25.47
CA SER ZA 66 111.62 69.91 -25.60
C SER ZA 66 112.16 70.42 -24.27
N LYS ZA 67 111.57 70.05 -23.13
CA LYS ZA 67 112.00 70.55 -21.85
C LYS ZA 67 112.25 69.40 -20.88
N ASP ZA 68 113.15 69.63 -19.94
CA ASP ZA 68 113.51 68.65 -18.92
C ASP ZA 68 113.37 69.29 -17.55
N ASN ZA 69 113.01 68.46 -16.55
CA ASN ZA 69 112.75 68.95 -15.20
C ASN ZA 69 114.01 69.16 -14.37
N THR ZA 70 115.19 69.16 -14.98
CA THR ZA 70 116.42 69.50 -14.27
C THR ZA 70 116.43 70.97 -13.86
N LEU ZA 71 115.81 71.83 -14.68
CA LEU ZA 71 115.70 73.25 -14.33
C LEU ZA 71 114.80 73.46 -13.11
N THR ZA 72 113.70 72.73 -13.03
CA THR ZA 72 112.80 72.87 -11.88
C THR ZA 72 113.36 72.17 -10.64
N ILE ZA 73 114.04 71.04 -10.82
CA ILE ZA 73 114.62 70.31 -9.70
C ILE ZA 73 116.12 70.21 -9.92
N PRO ZA 74 116.91 71.16 -9.45
CA PRO ZA 74 118.36 71.05 -9.53
C PRO ZA 74 118.93 70.31 -8.32
N ASN ZA 75 120.21 69.95 -8.43
CA ASN ZA 75 120.91 69.28 -7.36
C ASN ZA 75 121.85 70.22 -6.60
N ALA ZA 76 122.28 69.77 -5.43
CA ALA ZA 76 123.17 70.53 -4.57
C ALA ZA 76 123.88 69.54 -3.65
N TYR ZA 77 124.67 70.09 -2.71
CA TYR ZA 77 125.25 69.27 -1.67
C TYR ZA 77 124.16 68.79 -0.71
N ASN ZA 78 124.42 67.62 -0.10
CA ASN ZA 78 123.55 66.80 0.75
C ASN ZA 78 122.21 66.42 0.09
N LEU ZA 79 122.09 66.56 -1.22
CA LEU ZA 79 121.11 65.85 -2.02
C LEU ZA 79 121.71 64.63 -2.70
N GLN ZA 80 122.98 64.35 -2.43
CA GLN ZA 80 123.70 63.23 -3.03
C GLN ZA 80 123.80 62.04 -2.10
N ALA ZA 81 123.14 62.06 -0.95
CA ALA ZA 81 122.94 60.85 -0.17
C ALA ZA 81 121.99 59.93 -0.93
N ARG ZA 82 122.13 58.63 -0.70
CA ARG ZA 82 121.43 57.70 -1.58
C ARG ZA 82 120.34 56.95 -0.83
N ALA ZA 83 119.46 56.32 -1.59
CA ALA ZA 83 118.32 55.64 -0.98
C ALA ZA 83 117.87 54.48 -1.86
N SER ZA 84 117.42 53.42 -1.20
CA SER ZA 84 116.72 52.31 -1.84
C SER ZA 84 115.30 52.30 -1.31
N VAL ZA 85 114.32 52.42 -2.19
CA VAL ZA 85 112.94 52.69 -1.80
C VAL ZA 85 111.99 51.75 -2.53
N ASP ZA 86 110.98 51.27 -1.80
CA ASP ZA 86 109.88 50.46 -2.33
C ASP ZA 86 108.60 50.96 -1.65
N TRP ZA 87 107.91 51.87 -2.33
CA TRP ZA 87 106.76 52.57 -1.77
C TRP ZA 87 105.57 52.47 -2.72
N SER ZA 88 104.40 52.19 -2.17
CA SER ZA 88 103.17 51.97 -2.94
C SER ZA 88 102.00 52.73 -2.32
N GLY ZA 89 102.21 54.00 -2.00
CA GLY ZA 89 101.18 54.80 -1.37
C GLY ZA 89 101.11 56.22 -1.88
N PRO ZA 90 100.56 57.13 -1.08
CA PRO ZA 90 100.43 58.53 -1.50
C PRO ZA 90 101.77 59.24 -1.55
N ILE ZA 91 101.76 60.39 -2.22
CA ILE ZA 91 102.98 61.10 -2.57
C ILE ZA 91 103.54 61.96 -1.42
N GLU ZA 92 102.66 62.46 -0.53
CA GLU ZA 92 103.05 63.50 0.41
C GLU ZA 92 103.96 62.97 1.52
N GLU ZA 93 103.63 61.79 2.06
CA GLU ZA 93 104.44 61.21 3.12
C GLU ZA 93 105.83 60.82 2.63
N LEU ZA 94 105.91 60.23 1.43
CA LEU ZA 94 107.20 59.87 0.85
C LEU ZA 94 108.05 61.10 0.54
N THR ZA 95 107.41 62.17 0.01
CA THR ZA 95 108.15 63.40 -0.25
C THR ZA 95 108.64 64.06 1.03
N ALA ZA 96 107.83 63.99 2.10
CA ALA ZA 96 108.24 64.51 3.39
C ALA ZA 96 109.41 63.73 3.97
N ARG ZA 97 109.41 62.40 3.82
CA ARG ZA 97 110.52 61.58 4.28
C ARG ZA 97 111.80 61.88 3.51
N ILE ZA 98 111.70 62.06 2.18
CA ILE ZA 98 112.87 62.41 1.37
C ILE ZA 98 113.41 63.77 1.77
N ALA ZA 99 112.53 64.75 2.00
CA ALA ZA 99 112.97 66.08 2.42
C ALA ZA 99 113.60 66.05 3.82
N LYS ZA 100 113.05 65.26 4.73
CA LYS ZA 100 113.60 65.14 6.07
C LYS ZA 100 114.98 64.48 6.06
N ALA ZA 101 115.16 63.47 5.20
CA ALA ZA 101 116.48 62.86 5.07
C ALA ZA 101 117.47 63.79 4.36
N ALA ZA 102 116.98 64.65 3.46
CA ALA ZA 102 117.84 65.60 2.77
C ALA ZA 102 118.03 66.89 3.55
N HIS ZA 103 117.45 67.00 4.76
CA HIS ZA 103 117.60 68.13 5.67
C HIS ZA 103 117.08 69.42 5.06
N PHE ZA 104 115.97 69.32 4.34
CA PHE ZA 104 115.32 70.46 3.70
C PHE ZA 104 113.95 70.68 4.33
N ARG ZA 105 113.49 71.92 4.31
CA ARG ZA 105 112.13 72.20 4.74
C ARG ZA 105 111.15 71.69 3.70
N PHE ZA 106 109.93 71.38 4.15
CA PHE ZA 106 108.90 70.84 3.28
C PHE ZA 106 107.72 71.79 3.23
N ARG ZA 107 107.25 72.10 2.02
CA ARG ZA 107 106.15 73.04 1.83
C ARG ZA 107 105.12 72.44 0.89
N VAL ZA 108 103.84 72.69 1.18
CA VAL ZA 108 102.73 72.19 0.38
C VAL ZA 108 101.91 73.38 -0.10
N LEU ZA 109 101.62 73.42 -1.40
CA LEU ZA 109 100.81 74.46 -2.01
C LEU ZA 109 99.61 73.84 -2.71
N GLY ZA 110 98.45 74.48 -2.55
CA GLY ZA 110 97.23 74.03 -3.17
C GLY ZA 110 96.43 73.09 -2.29
N LYS ZA 111 95.21 72.80 -2.75
CA LYS ZA 111 94.32 71.89 -2.05
C LYS ZA 111 94.58 70.46 -2.49
N SER ZA 112 94.62 69.55 -1.52
CA SER ZA 112 94.74 68.14 -1.84
C SER ZA 112 93.43 67.63 -2.43
N PRO ZA 113 93.47 66.80 -3.47
CA PRO ZA 113 92.24 66.28 -4.06
C PRO ZA 113 91.59 65.23 -3.18
N SER ZA 114 90.28 65.06 -3.39
CA SER ZA 114 89.54 64.06 -2.63
C SER ZA 114 89.91 62.64 -3.08
N VAL ZA 115 90.15 62.45 -4.36
CA VAL ZA 115 90.73 61.21 -4.87
C VAL ZA 115 92.25 61.33 -4.76
N PRO ZA 116 92.91 60.49 -3.98
CA PRO ZA 116 94.35 60.69 -3.70
C PRO ZA 116 95.23 60.40 -4.90
N VAL ZA 117 96.37 61.10 -4.93
CA VAL ZA 117 97.38 60.91 -5.97
C VAL ZA 117 98.29 59.78 -5.50
N LEU ZA 118 98.24 58.65 -6.20
CA LEU ZA 118 99.00 57.46 -5.82
C LEU ZA 118 100.21 57.30 -6.71
N ILE ZA 119 101.34 56.92 -6.10
CA ILE ZA 119 102.57 56.64 -6.82
C ILE ZA 119 103.08 55.27 -6.40
N SER ZA 120 103.93 54.70 -7.25
CA SER ZA 120 104.53 53.39 -7.00
C SER ZA 120 105.98 53.44 -7.44
N ILE ZA 121 106.90 53.47 -6.48
CA ILE ZA 121 108.33 53.56 -6.75
C ILE ZA 121 108.99 52.30 -6.21
N SER ZA 122 109.82 51.66 -7.04
CA SER ZA 122 110.59 50.49 -6.60
C SER ZA 122 111.96 50.60 -7.27
N THR ZA 123 112.90 51.23 -6.58
CA THR ZA 123 114.24 51.46 -7.13
C THR ZA 123 115.30 50.88 -6.20
N LYS ZA 124 116.56 51.11 -6.55
CA LYS ZA 124 117.68 50.58 -5.77
C LYS ZA 124 118.90 51.46 -6.02
N ASP ZA 125 119.35 52.16 -4.97
CA ASP ZA 125 120.62 52.88 -4.89
C ASP ZA 125 120.74 53.96 -5.98
N GLU ZA 126 119.88 54.96 -5.87
CA GLU ZA 126 119.99 56.16 -6.69
C GLU ZA 126 119.87 57.39 -5.79
N SER ZA 127 120.24 58.54 -6.34
CA SER ZA 127 120.31 59.77 -5.56
C SER ZA 127 118.92 60.34 -5.30
N LEU ZA 128 118.85 61.19 -4.27
CA LEU ZA 128 117.57 61.78 -3.85
C LEU ZA 128 117.01 62.72 -4.90
N ALA ZA 129 117.87 63.42 -5.64
CA ALA ZA 129 117.40 64.28 -6.73
C ALA ZA 129 116.78 63.45 -7.85
N GLU ZA 130 117.38 62.29 -8.16
CA GLU ZA 130 116.82 61.41 -9.17
C GLU ZA 130 115.50 60.79 -8.70
N ILE ZA 131 115.40 60.45 -7.41
CA ILE ZA 131 114.15 59.95 -6.86
C ILE ZA 131 113.05 61.01 -6.94
N LEU ZA 132 113.39 62.26 -6.60
CA LEU ZA 132 112.42 63.36 -6.68
C LEU ZA 132 112.00 63.64 -8.11
N ARG ZA 133 112.93 63.51 -9.06
CA ARG ZA 133 112.58 63.69 -10.47
C ARG ZA 133 111.67 62.57 -10.97
N ASP ZA 134 111.91 61.33 -10.54
CA ASP ZA 134 111.02 60.23 -10.92
C ASP ZA 134 109.63 60.37 -10.31
N ILE ZA 135 109.56 60.84 -9.06
CA ILE ZA 135 108.27 61.10 -8.42
C ILE ZA 135 107.52 62.22 -9.14
N ASP ZA 136 108.25 63.28 -9.53
CA ASP ZA 136 107.65 64.40 -10.26
C ASP ZA 136 107.16 63.96 -11.64
N TYR ZA 137 107.89 63.07 -12.31
CA TYR ZA 137 107.46 62.57 -13.61
C TYR ZA 137 106.24 61.66 -13.48
N GLN ZA 138 106.21 60.80 -12.46
CA GLN ZA 138 105.07 59.91 -12.27
C GLN ZA 138 103.82 60.63 -11.78
N ALA ZA 139 103.99 61.78 -11.11
CA ALA ZA 139 102.84 62.57 -10.68
C ALA ZA 139 102.06 63.11 -11.86
N GLY ZA 140 102.76 63.57 -12.90
CA GLY ZA 140 102.10 63.93 -14.14
C GLY ZA 140 101.42 65.27 -14.06
N LYS ZA 141 100.12 65.30 -14.37
CA LYS ZA 141 99.34 66.52 -14.43
C LYS ZA 141 98.61 66.83 -13.13
N LYS ZA 142 98.87 66.08 -12.06
CA LYS ZA 142 98.18 66.28 -10.79
C LYS ZA 142 99.01 67.05 -9.77
N ALA ZA 143 100.33 66.87 -9.76
CA ALA ZA 143 101.17 67.53 -8.78
C ALA ZA 143 102.54 67.81 -9.38
N SER ZA 144 103.27 68.72 -8.75
CA SER ZA 144 104.59 69.11 -9.20
C SER ZA 144 105.52 69.29 -8.01
N ILE ZA 145 106.81 69.06 -8.26
CA ILE ZA 145 107.86 69.13 -7.25
C ILE ZA 145 108.84 70.22 -7.68
N HIS ZA 146 109.16 71.13 -6.75
CA HIS ZA 146 110.17 72.15 -6.98
C HIS ZA 146 111.18 72.12 -5.84
N VAL ZA 147 112.42 72.46 -6.15
CA VAL ZA 147 113.51 72.46 -5.17
C VAL ZA 147 114.21 73.80 -5.24
N TYR ZA 148 114.30 74.48 -4.10
CA TYR ZA 148 115.03 75.74 -3.98
C TYR ZA 148 116.22 75.51 -3.06
N PRO ZA 149 117.45 75.42 -3.60
CA PRO ZA 149 118.60 75.08 -2.74
C PRO ZA 149 119.13 76.26 -1.93
N ASN ZA 150 118.80 77.49 -2.31
CA ASN ZA 150 119.27 78.64 -1.55
C ASN ZA 150 118.56 78.75 -0.20
N SER ZA 151 117.25 78.51 -0.19
CA SER ZA 151 116.48 78.47 1.05
C SER ZA 151 116.32 77.05 1.59
N GLN ZA 152 116.81 76.04 0.86
CA GLN ZA 152 116.74 74.62 1.21
C GLN ZA 152 115.30 74.16 1.44
N VAL ZA 153 114.49 74.31 0.39
CA VAL ZA 153 113.05 74.08 0.48
C VAL ZA 153 112.63 73.13 -0.64
N VAL ZA 154 111.94 72.06 -0.28
CA VAL ZA 154 111.27 71.18 -1.23
C VAL ZA 154 109.77 71.50 -1.18
N GLU ZA 155 109.20 71.85 -2.32
CA GLU ZA 155 107.82 72.29 -2.41
C GLU ZA 155 107.03 71.34 -3.30
N LEU ZA 156 105.89 70.89 -2.80
CA LEU ZA 156 104.94 70.07 -3.55
C LEU ZA 156 103.69 70.90 -3.78
N ARG ZA 157 103.31 71.08 -5.05
CA ARG ZA 157 102.15 71.88 -5.39
C ARG ZA 157 101.14 71.02 -6.14
N TYR ZA 158 99.86 71.21 -5.82
CA TYR ZA 158 98.79 70.50 -6.48
C TYR ZA 158 98.27 71.30 -7.67
N ALA ZA 159 97.66 70.60 -8.62
CA ALA ZA 159 97.18 71.24 -9.84
C ALA ZA 159 95.92 72.04 -9.59
N LYS ZA 160 95.73 73.10 -10.38
CA LYS ZA 160 94.54 73.93 -10.32
C LYS ZA 160 93.43 73.28 -11.17
N ILE ZA 161 92.89 72.20 -10.62
CA ILE ZA 161 91.87 71.39 -11.27
C ILE ZA 161 90.76 71.19 -10.24
N TYR ZA 162 89.58 70.78 -10.72
CA TYR ZA 162 88.32 70.65 -9.96
C TYR ZA 162 87.91 72.00 -9.36
N GLY AB 271 70.72 44.66 -51.80
CA GLY AB 271 71.02 44.24 -50.44
C GLY AB 271 72.50 44.05 -50.17
N ILE AB 272 73.06 44.92 -49.35
CA ILE AB 272 74.48 44.83 -49.00
C ILE AB 272 74.69 43.67 -48.05
N PRO AB 273 75.64 42.77 -48.31
CA PRO AB 273 75.92 41.66 -47.39
C PRO AB 273 76.49 42.17 -46.08
N PRO AB 274 76.34 41.42 -44.98
CA PRO AB 274 76.94 41.84 -43.71
C PRO AB 274 78.46 41.83 -43.77
N SER AB 275 79.05 42.71 -42.96
CA SER AB 275 80.50 42.89 -43.00
C SER AB 275 81.24 41.69 -42.43
N ALA AB 276 80.99 41.38 -41.16
CA ALA AB 276 81.61 40.25 -40.48
C ALA AB 276 80.79 39.93 -39.24
N ASN AB 277 81.33 39.05 -38.40
CA ASN AB 277 80.84 38.86 -37.04
C ASN AB 277 81.86 39.49 -36.09
N ASP AB 278 81.38 40.42 -35.25
CA ASP AB 278 82.26 41.14 -34.33
C ASP AB 278 82.73 40.29 -33.15
N LEU AB 279 82.18 39.10 -32.97
CA LEU AB 279 82.61 38.19 -31.91
C LEU AB 279 83.99 37.60 -32.19
N LEU AB 280 84.43 37.62 -33.46
CA LEU AB 280 85.76 37.14 -33.80
C LEU AB 280 86.87 38.04 -33.25
N LEU AB 281 86.56 39.29 -32.89
CA LEU AB 281 87.53 40.12 -32.18
C LEU AB 281 87.83 39.54 -30.79
N HIS AB 282 86.79 39.12 -30.07
CA HIS AB 282 86.97 38.46 -28.78
C HIS AB 282 87.63 37.09 -28.95
N VAL AB 283 87.31 36.40 -30.04
CA VAL AB 283 87.98 35.13 -30.34
C VAL AB 283 89.47 35.36 -30.61
N LEU AB 284 89.81 36.45 -31.31
CA LEU AB 284 91.20 36.82 -31.55
C LEU AB 284 91.93 37.16 -30.25
N GLU AB 285 91.25 37.89 -29.35
CA GLU AB 285 91.86 38.22 -28.07
C GLU AB 285 91.95 37.00 -27.14
N GLY AB 286 91.14 35.98 -27.37
CA GLY AB 286 91.17 34.78 -26.56
C GLY AB 286 90.06 34.67 -25.54
N VAL AB 287 89.17 35.65 -25.49
CA VAL AB 287 88.04 35.59 -24.57
C VAL AB 287 86.93 34.74 -25.19
N PRO AB 288 86.41 33.74 -24.49
CA PRO AB 288 85.35 32.92 -25.06
C PRO AB 288 84.07 33.71 -25.22
N PRO AB 289 83.21 33.35 -26.19
CA PRO AB 289 81.92 34.01 -26.32
C PRO AB 289 81.02 33.72 -25.13
N PRO AB 290 80.17 34.66 -24.74
CA PRO AB 290 79.27 34.42 -23.61
C PRO AB 290 78.17 33.45 -23.96
N GLY AB 291 77.89 32.53 -23.03
CA GLY AB 291 76.89 31.51 -23.23
C GLY AB 291 77.39 30.25 -23.93
N SER AB 292 78.64 30.24 -24.36
CA SER AB 292 79.21 29.09 -25.07
C SER AB 292 79.73 28.06 -24.08
N ARG AB 293 80.09 26.89 -24.62
CA ARG AB 293 80.76 25.86 -23.85
C ARG AB 293 82.03 25.43 -24.56
N ARG AB 294 83.00 24.96 -23.78
CA ARG AB 294 84.32 24.65 -24.30
C ARG AB 294 84.33 23.32 -25.06
N LEU AB 295 85.25 23.22 -26.00
CA LEU AB 295 85.54 21.98 -26.70
C LEU AB 295 86.99 21.59 -26.43
N VAL AB 296 87.27 20.29 -26.56
CA VAL AB 296 88.59 19.74 -26.31
C VAL AB 296 89.27 19.51 -27.65
N VAL AB 297 90.45 20.09 -27.84
CA VAL AB 297 91.20 20.00 -29.08
C VAL AB 297 92.53 19.30 -28.79
N SER AB 298 92.80 18.22 -29.52
CA SER AB 298 94.01 17.44 -29.34
C SER AB 298 94.80 17.39 -30.64
N GLY AB 299 96.11 17.25 -30.52
CA GLY AB 299 96.99 17.12 -31.66
C GLY AB 299 97.70 18.38 -32.08
N GLY AB 300 97.35 19.53 -31.51
CA GLY AB 300 97.99 20.77 -31.92
C GLY AB 300 97.58 21.90 -31.00
N ASP AB 301 98.14 23.07 -31.28
CA ASP AB 301 97.91 24.27 -30.48
C ASP AB 301 96.72 25.03 -31.05
N ALA AB 302 95.53 24.75 -30.52
CA ALA AB 302 94.32 25.41 -30.97
C ALA AB 302 93.28 25.37 -29.85
N ARG AB 303 92.40 26.36 -29.85
CA ARG AB 303 91.27 26.41 -28.93
C ARG AB 303 89.98 26.53 -29.72
N ALA AB 304 88.90 25.97 -29.17
CA ALA AB 304 87.62 25.97 -29.86
C ALA AB 304 86.47 26.15 -28.88
N TRP AB 305 85.44 26.86 -29.33
CA TRP AB 305 84.22 27.05 -28.55
C TRP AB 305 83.02 26.84 -29.44
N LEU AB 306 81.89 26.47 -28.82
CA LEU AB 306 80.63 26.25 -29.51
C LEU AB 306 79.55 27.10 -28.86
N SER AB 307 78.95 28.00 -29.63
CA SER AB 307 77.99 28.96 -29.10
C SER AB 307 76.58 28.74 -29.63
N ASN AB 308 76.40 28.75 -30.96
CA ASN AB 308 75.08 28.66 -31.60
C ASN AB 308 75.11 27.63 -32.71
N GLU AB 309 75.58 26.41 -32.35
CA GLU AB 309 75.87 25.32 -33.29
C GLU AB 309 76.87 25.75 -34.36
N LYS AB 310 77.82 26.60 -33.96
CA LYS AB 310 78.93 27.01 -34.81
C LYS AB 310 80.20 26.97 -34.00
N MET AB 311 81.28 26.50 -34.60
CA MET AB 311 82.57 26.45 -33.92
C MET AB 311 83.36 27.73 -34.16
N TYR AB 312 84.00 28.21 -33.11
CA TYR AB 312 84.92 29.33 -33.17
C TYR AB 312 86.29 28.82 -32.77
N VAL AB 313 87.25 28.95 -33.67
CA VAL AB 313 88.57 28.34 -33.53
C VAL AB 313 89.62 29.44 -33.48
N ARG AB 314 90.48 29.39 -32.46
CA ARG AB 314 91.61 30.29 -32.33
C ARG AB 314 92.90 29.48 -32.43
N THR AB 315 93.71 29.78 -33.44
CA THR AB 315 94.96 29.08 -33.70
C THR AB 315 95.82 29.96 -34.60
N ASN AB 316 97.07 29.52 -34.79
CA ASN AB 316 97.97 30.16 -35.74
C ASN AB 316 98.39 29.23 -36.88
N LEU AB 317 97.70 28.09 -37.03
CA LEU AB 317 97.94 27.17 -38.13
C LEU AB 317 97.09 27.58 -39.34
N THR AB 318 97.14 26.75 -40.38
CA THR AB 318 96.37 26.98 -41.61
C THR AB 318 95.40 25.82 -41.80
N ILE AB 319 94.11 26.15 -41.93
CA ILE AB 319 93.05 25.16 -42.04
C ILE AB 319 92.77 24.93 -43.52
N LEU AB 320 92.81 23.65 -43.94
CA LEU AB 320 92.75 23.30 -45.36
C LEU AB 320 91.43 22.70 -45.78
N SER AB 321 91.01 21.58 -45.19
CA SER AB 321 89.87 20.83 -45.72
C SER AB 321 88.45 21.28 -45.37
N PRO AB 322 88.06 21.51 -44.10
CA PRO AB 322 86.61 21.55 -43.80
C PRO AB 322 85.88 22.81 -44.25
N GLY AB 323 86.59 23.92 -44.46
CA GLY AB 323 85.93 25.11 -44.97
C GLY AB 323 85.33 25.97 -43.87
N TRP AB 324 85.64 27.27 -43.90
CA TRP AB 324 85.17 28.21 -42.89
C TRP AB 324 84.28 29.27 -43.52
N LEU AB 325 83.49 29.92 -42.68
CA LEU AB 325 82.54 30.94 -43.12
C LEU AB 325 83.08 32.35 -42.99
N ALA AB 326 83.70 32.70 -41.87
CA ALA AB 326 84.24 34.04 -41.67
C ALA AB 326 85.64 33.93 -41.07
N SER AB 327 86.46 34.95 -41.34
CA SER AB 327 87.84 34.90 -40.85
C SER AB 327 88.38 36.29 -40.55
N MET AB 328 89.18 36.37 -39.48
CA MET AB 328 89.96 37.55 -39.14
C MET AB 328 91.38 37.15 -38.77
N THR AB 329 92.28 38.12 -38.81
CA THR AB 329 93.70 37.92 -38.52
C THR AB 329 94.18 39.05 -37.60
N SER AB 330 94.98 38.70 -36.60
CA SER AB 330 95.52 39.69 -35.68
C SER AB 330 96.84 40.25 -36.22
N ALA AB 331 97.48 41.11 -35.42
CA ALA AB 331 98.72 41.74 -35.85
C ALA AB 331 99.91 40.80 -35.77
N ASP AB 332 99.91 39.87 -34.83
CA ASP AB 332 101.04 38.96 -34.63
C ASP AB 332 100.91 37.64 -35.40
N GLY AB 333 99.87 37.48 -36.20
CA GLY AB 333 99.72 36.29 -37.03
C GLY AB 333 98.75 35.25 -36.50
N THR AB 334 97.90 35.59 -35.54
CA THR AB 334 96.92 34.66 -35.00
C THR AB 334 95.64 34.76 -35.83
N HIS AB 335 95.09 33.61 -36.21
CA HIS AB 335 93.88 33.56 -37.02
C HIS AB 335 92.66 33.26 -36.16
N ALA AB 336 91.50 33.73 -36.61
CA ALA AB 336 90.22 33.43 -35.98
C ALA AB 336 89.22 33.05 -37.06
N TYR AB 337 88.54 31.93 -36.86
CA TYR AB 337 87.65 31.35 -37.86
C TYR AB 337 86.25 31.16 -37.27
N GLU AB 338 85.25 31.38 -38.10
CA GLU AB 338 83.86 31.00 -37.83
C GLU AB 338 83.43 30.01 -38.90
N MET AB 339 82.91 28.87 -38.47
CA MET AB 339 82.61 27.76 -39.35
C MET AB 339 81.53 26.88 -38.71
N GLN AB 340 81.17 25.81 -39.41
CA GLN AB 340 80.24 24.82 -38.89
C GLN AB 340 80.97 23.78 -38.05
N LYS AB 341 80.20 23.00 -37.30
CA LYS AB 341 80.79 22.02 -36.40
C LYS AB 341 81.29 20.80 -37.18
N SER AB 342 82.42 20.24 -36.73
CA SER AB 342 83.05 19.08 -37.34
C SER AB 342 83.99 18.47 -36.33
N PRO AB 343 84.10 17.14 -36.25
CA PRO AB 343 85.00 16.51 -35.28
C PRO AB 343 86.44 16.32 -35.75
N VAL AB 344 86.83 16.91 -36.88
CA VAL AB 344 88.17 16.75 -37.42
C VAL AB 344 88.53 18.03 -38.16
N LEU AB 345 89.79 18.46 -38.03
CA LEU AB 345 90.32 19.58 -38.78
C LEU AB 345 91.60 19.15 -39.49
N LEU AB 346 91.77 19.58 -40.73
CA LEU AB 346 92.99 19.34 -41.48
C LEU AB 346 93.81 20.62 -41.49
N VAL AB 347 95.07 20.54 -41.04
CA VAL AB 347 95.90 21.71 -40.87
C VAL AB 347 97.24 21.48 -41.55
N SER AB 348 97.88 22.61 -41.89
CA SER AB 348 99.25 22.63 -42.38
C SER AB 348 100.12 23.29 -41.34
N TRP AB 349 101.17 22.59 -40.90
CA TRP AB 349 101.98 23.08 -39.78
C TRP AB 349 103.17 23.92 -40.25
N HIS AB 350 104.09 23.29 -40.97
CA HIS AB 350 105.23 23.98 -41.56
C HIS AB 350 105.50 23.44 -42.95
N GLY AB 351 104.43 23.29 -43.73
CA GLY AB 351 104.50 22.58 -44.99
C GLY AB 351 104.14 21.11 -44.90
N LYS AB 352 103.70 20.64 -43.73
CA LYS AB 352 103.33 19.26 -43.52
C LYS AB 352 101.87 19.22 -43.07
N VAL AB 353 101.10 18.30 -43.65
CA VAL AB 353 99.67 18.22 -43.42
C VAL AB 353 99.39 17.22 -42.31
N MET AB 354 98.61 17.64 -41.31
CA MET AB 354 98.23 16.77 -40.20
C MET AB 354 96.77 17.04 -39.85
N GLN AB 355 96.29 16.35 -38.83
CA GLN AB 355 94.89 16.43 -38.41
C GLN AB 355 94.79 16.76 -36.93
N LEU AB 356 93.76 17.50 -36.58
CA LEU AB 356 93.40 17.83 -35.20
C LEU AB 356 92.04 17.22 -34.89
N LYS AB 357 91.91 16.68 -33.68
CA LYS AB 357 90.71 15.97 -33.24
C LYS AB 357 89.95 16.86 -32.25
N VAL AB 358 88.65 17.03 -32.51
CA VAL AB 358 87.79 17.90 -31.69
C VAL AB 358 86.77 17.02 -30.98
N GLU AB 359 86.72 17.17 -29.66
CA GLU AB 359 85.80 16.42 -28.81
C GLU AB 359 84.78 17.35 -28.18
N GLY AB 360 83.78 16.76 -27.53
CA GLY AB 360 82.78 17.51 -26.79
C GLY AB 360 81.64 18.06 -27.61
N LEU AB 361 81.54 17.68 -28.89
CA LEU AB 361 80.46 18.16 -29.74
C LEU AB 361 79.14 17.48 -29.41
N LYS BB 40 92.27 31.06 13.75
CA LYS BB 40 92.57 31.18 12.33
C LYS BB 40 93.42 32.42 12.07
N LEU BB 41 93.19 33.46 12.86
CA LEU BB 41 94.00 34.66 12.77
C LEU BB 41 95.39 34.40 13.35
N PRO BB 42 96.42 35.09 12.85
CA PRO BB 42 97.75 34.97 13.45
C PRO BB 42 97.79 35.55 14.85
N CYS BB 43 98.64 34.96 15.70
CA CYS BB 43 98.77 35.36 17.08
C CYS BB 43 99.98 36.26 17.34
N ARG BB 44 100.88 36.38 16.37
CA ARG BB 44 102.07 37.20 16.51
C ARG BB 44 102.59 37.55 15.12
N VAL BB 45 103.56 38.46 15.07
CA VAL BB 45 104.29 38.70 13.84
C VAL BB 45 105.16 37.49 13.51
N ASP BB 46 105.15 37.09 12.25
CA ASP BB 46 105.77 35.83 11.86
C ASP BB 46 107.30 35.89 11.87
N GLY BB 47 107.91 34.78 12.27
CA GLY BB 47 109.36 34.68 12.30
C GLY BB 47 110.04 35.50 13.36
N ALA BB 48 109.33 35.86 14.43
CA ALA BB 48 109.89 36.72 15.47
C ALA BB 48 109.57 36.16 16.85
N CYS BB 49 110.48 36.39 17.79
CA CYS BB 49 110.31 35.97 19.17
C CYS BB 49 111.13 36.87 20.08
N ASP BB 50 110.56 37.20 21.24
CA ASP BB 50 111.24 38.09 22.19
C ASP BB 50 112.46 37.42 22.80
N ALA BB 51 112.39 36.10 23.03
CA ALA BB 51 113.55 35.36 23.51
C ALA BB 51 114.67 35.36 22.47
N THR BB 52 114.32 35.24 21.19
CA THR BB 52 115.30 35.33 20.11
C THR BB 52 115.90 36.73 20.03
N ILE BB 53 115.09 37.77 20.27
CA ILE BB 53 115.58 39.15 20.27
C ILE BB 53 116.59 39.37 21.39
N ILE BB 54 116.26 38.89 22.60
CA ILE BB 54 117.17 39.03 23.75
C ILE BB 54 118.45 38.22 23.52
N LYS BB 55 118.34 37.02 22.97
CA LYS BB 55 119.50 36.19 22.69
C LYS BB 55 120.41 36.82 21.65
N MET BB 56 119.83 37.39 20.57
CA MET BB 56 120.64 38.04 19.55
C MET BB 56 121.31 39.31 20.08
N MET BB 57 120.59 40.08 20.92
CA MET BB 57 121.18 41.27 21.52
C MET BB 57 122.35 40.92 22.44
N THR BB 58 122.18 39.87 23.26
CA THR BB 58 123.24 39.44 24.17
C THR BB 58 124.44 38.90 23.41
N ASP BB 59 124.21 38.10 22.35
CA ASP BB 59 125.31 37.55 21.56
C ASP BB 59 126.06 38.63 20.81
N LEU BB 60 125.36 39.63 20.26
CA LEU BB 60 126.03 40.72 19.57
C LEU BB 60 126.82 41.60 20.54
N ASN BB 61 126.28 41.83 21.75
CA ASN BB 61 127.00 42.62 22.74
C ASN BB 61 128.22 41.88 23.27
N LYS BB 62 128.16 40.55 23.39
CA LYS BB 62 129.35 39.80 23.77
C LYS BB 62 130.36 39.71 22.63
N LYS BB 63 129.90 39.68 21.39
CA LYS BB 63 130.82 39.65 20.25
C LYS BB 63 131.56 40.98 20.10
N GLY BB 64 130.88 42.10 20.32
CA GLY BB 64 131.55 43.38 20.26
C GLY BB 64 130.83 44.43 19.44
N ILE BB 65 129.72 44.04 18.82
CA ILE BB 65 128.88 44.95 18.08
C ILE BB 65 127.91 45.60 19.06
N LYS BB 66 127.87 46.93 19.06
CA LYS BB 66 127.11 47.62 20.10
C LYS BB 66 125.65 47.74 19.67
N VAL BB 67 124.73 47.24 20.49
CA VAL BB 67 123.30 47.32 20.24
C VAL BB 67 122.69 48.13 21.38
N ALA BB 68 122.01 49.23 21.03
CA ALA BB 68 121.43 50.11 22.03
C ALA BB 68 119.98 50.41 21.67
N SER BB 69 119.16 50.57 22.71
CA SER BB 69 117.74 50.85 22.55
C SER BB 69 117.30 51.87 23.59
N VAL BB 70 116.85 53.03 23.14
CA VAL BB 70 116.32 54.08 24.00
C VAL BB 70 114.93 54.44 23.47
N GLY BB 71 113.90 54.20 24.27
CA GLY BB 71 112.54 54.44 23.85
C GLY BB 71 112.09 53.43 22.82
N GLN BB 72 111.86 53.88 21.58
CA GLN BB 72 111.58 52.98 20.47
C GLN BB 72 112.62 53.08 19.37
N ASN BB 73 113.72 53.78 19.62
CA ASN BB 73 114.81 53.90 18.66
C ASN BB 73 115.86 52.83 18.92
N TYR BB 74 116.42 52.27 17.86
CA TYR BB 74 117.43 51.22 17.95
C TYR BB 74 118.65 51.60 17.14
N LEU BB 75 119.82 51.34 17.72
CA LEU BB 75 121.11 51.69 17.13
C LEU BB 75 122.03 50.47 17.14
N ILE BB 76 122.67 50.21 16.01
CA ILE BB 76 123.70 49.18 15.89
C ILE BB 76 124.98 49.87 15.43
N SER BB 77 126.03 49.77 16.24
CA SER BB 77 127.31 50.39 15.96
C SER BB 77 128.34 49.29 15.71
N ILE BB 78 129.04 49.39 14.58
CA ILE BB 78 129.94 48.35 14.10
C ILE BB 78 131.29 49.00 13.85
N PRO BB 79 132.38 48.46 14.38
CA PRO BB 79 133.71 48.95 14.01
C PRO BB 79 134.04 48.60 12.56
N ALA BB 80 134.79 49.49 11.91
CA ALA BB 80 135.10 49.32 10.49
C ALA BB 80 136.14 48.23 10.25
N SER BB 81 136.95 47.90 11.24
CA SER BB 81 137.97 46.86 11.07
C SER BB 81 137.37 45.46 11.02
N ALA BB 82 136.18 45.27 11.59
CA ALA BB 82 135.51 43.98 11.53
C ALA BB 82 134.79 43.75 10.21
N LEU BB 83 134.69 44.76 9.35
CA LEU BB 83 133.98 44.64 8.09
C LEU BB 83 134.90 44.85 6.88
N PHE BB 84 135.68 45.92 6.87
CA PHE BB 84 136.43 46.32 5.69
C PHE BB 84 137.93 46.09 5.91
N ALA BB 85 138.70 46.34 4.85
CA ALA BB 85 140.15 46.25 4.90
C ALA BB 85 140.72 47.58 5.39
N ASP BB 86 142.03 47.76 5.24
CA ASP BB 86 142.71 48.96 5.72
C ASP BB 86 142.40 50.12 4.79
N GLN BB 87 141.34 50.87 5.14
CA GLN BB 87 140.93 52.12 4.50
C GLN BB 87 140.63 51.95 3.02
N SER BB 88 139.97 50.84 2.68
CA SER BB 88 139.51 50.54 1.33
C SER BB 88 138.07 50.06 1.39
N PRO BB 89 137.25 50.35 0.36
CA PRO BB 89 135.83 49.94 0.35
C PRO BB 89 135.63 48.51 -0.17
N ARG BB 90 136.42 47.57 0.34
CA ARG BB 90 136.33 46.17 -0.05
C ARG BB 90 136.04 45.33 1.19
N LEU BB 91 134.93 44.59 1.15
CA LEU BB 91 134.57 43.72 2.26
C LEU BB 91 135.47 42.49 2.30
N ASN BB 92 135.78 42.04 3.51
CA ASN BB 92 136.42 40.75 3.68
C ASN BB 92 135.40 39.64 3.44
N TRP BB 93 135.92 38.45 3.11
CA TRP BB 93 135.03 37.31 2.84
C TRP BB 93 134.42 36.75 4.12
N ALA BB 94 135.06 36.96 5.27
CA ALA BB 94 134.59 36.41 6.53
C ALA BB 94 133.60 37.32 7.26
N SER BB 95 133.39 38.55 6.78
CA SER BB 95 132.44 39.46 7.42
C SER BB 95 131.01 39.22 6.98
N TYR BB 96 130.79 38.33 5.99
CA TYR BB 96 129.44 38.05 5.53
C TYR BB 96 128.66 37.25 6.56
N SER BB 97 129.33 36.48 7.41
CA SER BB 97 128.64 35.80 8.51
C SER BB 97 128.11 36.79 9.53
N LEU BB 98 128.91 37.82 9.85
CA LEU BB 98 128.46 38.89 10.74
C LEU BB 98 127.31 39.67 10.11
N LEU BB 99 127.40 39.93 8.80
CA LEU BB 99 126.32 40.62 8.11
C LEU BB 99 125.04 39.78 8.07
N ASN BB 100 125.18 38.46 7.94
CA ASN BB 100 124.02 37.57 8.03
C ASN BB 100 123.40 37.57 9.42
N GLU BB 101 124.24 37.62 10.46
CA GLU BB 101 123.73 37.72 11.83
C GLU BB 101 122.98 39.03 12.05
N ILE BB 102 123.51 40.14 11.50
CA ILE BB 102 122.86 41.44 11.63
C ILE BB 102 121.54 41.47 10.85
N ALA BB 103 121.51 40.83 9.67
CA ALA BB 103 120.26 40.73 8.92
C ALA BB 103 119.22 39.86 9.63
N ALA BB 104 119.66 38.77 10.26
CA ALA BB 104 118.75 37.92 11.02
C ALA BB 104 118.22 38.64 12.26
N PHE BB 105 119.01 39.52 12.86
CA PHE BB 105 118.50 40.37 13.93
C PHE BB 105 117.51 41.40 13.40
N LEU BB 106 117.79 41.96 12.21
CA LEU BB 106 116.95 43.00 11.64
C LEU BB 106 115.61 42.48 11.14
N LYS BB 107 115.52 41.19 10.81
CA LYS BB 107 114.24 40.63 10.40
C LYS BB 107 113.24 40.46 11.54
N GLN BB 108 113.66 40.67 12.79
CA GLN BB 108 112.79 40.44 13.94
C GLN BB 108 111.84 41.59 14.21
N PHE BB 109 112.00 42.73 13.55
CA PHE BB 109 111.20 43.91 13.83
C PHE BB 109 110.40 44.35 12.60
N ARG BB 110 109.46 45.26 12.84
CA ARG BB 110 108.69 45.92 11.80
C ARG BB 110 109.11 47.37 11.75
N LYS BB 111 109.43 47.87 10.55
CA LYS BB 111 110.01 49.20 10.41
C LYS BB 111 109.68 49.74 9.03
N ILE BB 112 109.90 51.06 8.88
CA ILE BB 112 109.62 51.77 7.64
C ILE BB 112 110.90 52.23 6.97
N ALA BB 113 111.77 52.91 7.71
CA ALA BB 113 113.00 53.48 7.17
C ALA BB 113 114.18 53.11 8.06
N ILE BB 114 115.29 52.73 7.42
CA ILE BB 114 116.55 52.46 8.10
C ILE BB 114 117.56 53.48 7.59
N THR BB 115 118.51 53.85 8.46
CA THR BB 115 119.56 54.79 8.09
C THR BB 115 120.92 54.15 8.34
N VAL BB 116 121.79 54.19 7.34
CA VAL BB 116 123.15 53.69 7.43
C VAL BB 116 124.09 54.87 7.22
N THR BB 117 124.93 55.15 8.23
CA THR BB 117 125.81 56.30 8.22
C THR BB 117 127.22 55.84 8.52
N SER BB 118 128.18 56.31 7.72
CA SER BB 118 129.56 55.86 7.82
C SER BB 118 130.47 56.98 8.32
N TYR BB 119 131.44 56.62 9.17
CA TYR BB 119 132.43 57.54 9.70
C TYR BB 119 133.82 56.93 9.59
N SER BB 120 134.81 57.75 9.25
CA SER BB 120 136.18 57.29 9.09
C SER BB 120 137.12 58.27 9.80
N SER BB 121 138.41 58.15 9.53
CA SER BB 121 139.45 58.96 10.16
C SER BB 121 140.17 59.81 9.12
N LYS BB 122 141.16 60.57 9.60
CA LYS BB 122 141.89 61.50 8.75
C LYS BB 122 143.06 60.79 8.08
N TYR BB 123 143.01 60.67 6.75
CA TYR BB 123 144.09 60.03 6.01
C TYR BB 123 144.81 60.97 5.05
N VAL BB 124 144.10 61.56 4.08
CA VAL BB 124 144.76 62.39 3.07
C VAL BB 124 144.05 63.74 2.97
N SER BB 125 142.75 63.70 2.69
CA SER BB 125 141.94 64.91 2.52
C SER BB 125 140.48 64.53 2.76
N VAL BB 126 139.63 65.54 2.86
CA VAL BB 126 138.23 65.32 3.21
C VAL BB 126 137.44 64.64 2.09
N LYS BB 127 137.82 64.89 0.83
CA LYS BB 127 137.10 64.32 -0.31
C LYS BB 127 137.26 62.81 -0.37
N ARG BB 128 138.47 62.31 -0.11
CA ARG BB 128 138.74 60.88 -0.16
C ARG BB 128 138.02 60.16 0.97
N GLU BB 129 137.98 60.78 2.15
CA GLU BB 129 137.24 60.23 3.29
C GLU BB 129 135.74 60.19 3.03
N ARG BB 130 135.19 61.25 2.43
CA ARG BB 130 133.75 61.29 2.15
C ARG BB 130 133.38 60.26 1.09
N ALA BB 131 134.19 60.12 0.04
CA ALA BB 131 133.93 59.12 -0.99
C ALA BB 131 134.08 57.70 -0.46
N LEU BB 132 135.08 57.47 0.40
CA LEU BB 132 135.29 56.16 1.02
C LEU BB 132 134.11 55.78 1.92
N THR BB 133 133.63 56.73 2.72
CA THR BB 133 132.51 56.44 3.62
C THR BB 133 131.22 56.22 2.85
N LEU BB 134 131.00 56.97 1.77
CA LEU BB 134 129.82 56.75 0.93
C LEU BB 134 129.87 55.39 0.25
N ALA BB 135 131.05 54.97 -0.23
CA ALA BB 135 131.19 53.66 -0.84
C ALA BB 135 130.97 52.53 0.16
N ARG BB 136 131.49 52.70 1.39
CA ARG BB 136 131.29 51.69 2.45
C ARG BB 136 129.82 51.55 2.82
N SER BB 137 129.11 52.68 2.98
CA SER BB 137 127.69 52.63 3.29
C SER BB 137 126.89 52.04 2.14
N ARG BB 138 127.29 52.33 0.90
CA ARG BB 138 126.63 51.77 -0.28
C ARG BB 138 126.76 50.26 -0.33
N VAL BB 139 127.95 49.73 -0.05
CA VAL BB 139 128.18 48.28 -0.10
C VAL BB 139 127.42 47.57 1.02
N VAL BB 140 127.45 48.15 2.24
CA VAL BB 140 126.77 47.54 3.38
C VAL BB 140 125.26 47.52 3.17
N SER BB 141 124.70 48.63 2.69
CA SER BB 141 123.27 48.69 2.45
C SER BB 141 122.86 47.85 1.24
N GLU BB 142 123.75 47.69 0.26
CA GLU BB 142 123.45 46.81 -0.87
C GLU BB 142 123.33 45.36 -0.43
N TYR BB 143 124.24 44.90 0.44
CA TYR BB 143 124.13 43.53 0.93
C TYR BB 143 122.91 43.36 1.85
N LEU BB 144 122.61 44.40 2.65
CA LEU BB 144 121.45 44.33 3.53
C LEU BB 144 120.14 44.30 2.74
N TRP BB 145 120.05 45.08 1.67
CA TRP BB 145 118.86 45.06 0.81
C TRP BB 145 118.79 43.80 -0.03
N SER BB 146 119.95 43.21 -0.38
CA SER BB 146 119.96 41.91 -1.04
C SER BB 146 119.39 40.84 -0.12
N GLN BB 147 119.74 40.88 1.16
CA GLN BB 147 119.07 40.02 2.13
C GLN BB 147 117.66 40.54 2.41
N GLY BB 148 116.87 39.71 3.09
CA GLY BB 148 115.45 39.96 3.17
C GLY BB 148 114.94 40.79 4.33
N VAL BB 149 115.44 42.01 4.49
CA VAL BB 149 114.86 42.91 5.49
C VAL BB 149 113.60 43.53 4.92
N ASP BB 150 112.55 43.59 5.73
CA ASP BB 150 111.25 44.08 5.28
C ASP BB 150 111.08 45.54 5.68
N SER BB 151 111.82 46.39 4.97
CA SER BB 151 111.77 47.83 5.16
C SER BB 151 111.37 48.51 3.86
N ARG BB 152 110.81 49.71 3.99
CA ARG BB 152 110.37 50.47 2.82
C ARG BB 152 111.49 51.31 2.23
N ILE BB 153 112.21 52.06 3.07
CA ILE BB 153 113.28 52.94 2.62
C ILE BB 153 114.54 52.63 3.41
N ILE BB 154 115.68 52.59 2.71
CA ILE BB 154 117.00 52.57 3.35
C ILE BB 154 117.77 53.77 2.83
N PHE BB 155 118.19 54.65 3.75
CA PHE BB 155 118.97 55.83 3.44
C PHE BB 155 120.43 55.57 3.76
N THR BB 156 121.34 56.05 2.89
CA THR BB 156 122.77 55.86 3.04
C THR BB 156 123.46 57.21 2.98
N GLN BB 157 124.36 57.45 3.95
CA GLN BB 157 125.21 58.63 3.93
C GLN BB 157 126.56 58.32 4.58
N GLY BB 158 127.58 59.05 4.13
CA GLY BB 158 128.89 58.94 4.73
C GLY BB 158 129.43 60.32 5.08
N LEU BB 159 129.72 60.54 6.36
CA LEU BB 159 130.06 61.87 6.84
C LEU BB 159 131.55 62.11 6.99
N GLY BB 160 132.39 61.16 6.61
CA GLY BB 160 133.83 61.33 6.70
C GLY BB 160 134.36 61.25 8.11
N SER BB 161 134.97 62.33 8.58
CA SER BB 161 135.53 62.42 9.93
C SER BB 161 135.05 63.68 10.63
N ASP BB 162 133.77 64.02 10.46
CA ASP BB 162 133.23 65.25 11.02
C ASP BB 162 132.69 65.09 12.42
N LYS BB 163 132.21 63.90 12.79
CA LYS BB 163 131.55 63.68 14.08
C LYS BB 163 132.27 62.55 14.81
N PRO BB 164 133.30 62.85 15.59
CA PRO BB 164 133.95 61.81 16.40
C PRO BB 164 133.30 61.66 17.76
N ILE BB 165 133.37 60.43 18.29
CA ILE BB 165 132.83 60.11 19.60
C ILE BB 165 133.90 59.96 20.66
N THR BB 166 135.18 60.02 20.29
CA THR BB 166 136.27 59.82 21.23
C THR BB 166 137.40 60.77 20.85
N SER BB 167 137.97 61.47 21.84
CA SER BB 167 139.07 62.39 21.62
C SER BB 167 140.41 61.69 21.37
N TYR BB 168 140.48 60.37 21.59
CA TYR BB 168 141.69 59.60 21.36
C TYR BB 168 141.71 59.20 19.89
N THR BB 169 142.48 59.92 19.07
CA THR BB 169 142.47 59.75 17.63
C THR BB 169 143.83 59.33 17.09
N LEU BB 170 144.48 58.36 17.76
CA LEU BB 170 145.80 57.93 17.34
C LEU BB 170 145.78 56.78 16.34
N GLY BB 171 144.73 55.95 16.35
CA GLY BB 171 144.67 54.82 15.45
C GLY BB 171 144.22 55.20 14.05
N GLY BB 172 144.17 54.19 13.18
CA GLY BB 172 143.68 54.36 11.84
C GLY BB 172 142.27 53.85 11.70
N ASP BB 173 142.09 52.67 11.11
CA ASP BB 173 140.80 51.97 11.16
C ASP BB 173 140.58 51.26 12.48
N ARG BB 174 141.62 51.13 13.31
CA ARG BB 174 141.51 50.53 14.63
C ARG BB 174 141.02 51.54 15.67
N SER BB 175 140.90 52.81 15.29
CA SER BB 175 140.36 53.82 16.19
C SER BB 175 138.87 53.55 16.46
N PRO BB 176 138.40 53.82 17.69
CA PRO BB 176 136.97 53.60 17.98
C PRO BB 176 136.03 54.52 17.24
N ASN BB 177 136.49 55.66 16.73
CA ASN BB 177 135.64 56.59 16.02
C ASN BB 177 135.66 56.40 14.50
N ALA BB 178 135.99 55.20 14.03
CA ALA BB 178 135.86 54.81 12.63
C ALA BB 178 134.89 53.63 12.60
N ARG BB 179 133.68 53.87 12.09
CA ARG BB 179 132.58 52.97 12.37
C ARG BB 179 131.50 53.10 11.30
N VAL BB 180 130.55 52.16 11.33
CA VAL BB 180 129.32 52.27 10.58
C VAL BB 180 128.14 52.09 11.55
N GLU BB 181 127.11 52.92 11.37
CA GLU BB 181 125.97 52.97 12.27
C GLU BB 181 124.69 52.70 11.51
N ILE BB 182 123.86 51.83 12.07
CA ILE BB 182 122.56 51.45 11.51
C ILE BB 182 121.50 51.83 12.53
N THR BB 183 120.66 52.81 12.19
CA THR BB 183 119.66 53.33 13.10
C THR BB 183 118.27 53.14 12.52
N PHE BB 184 117.31 52.80 13.37
CA PHE BB 184 115.92 52.74 12.95
C PHE BB 184 115.00 52.96 14.14
N ARG BB 185 113.69 53.01 13.85
CA ARG BB 185 112.65 53.11 14.86
C ARG BB 185 111.68 51.94 14.68
N ARG BB 186 111.38 51.25 15.78
CA ARG BB 186 110.39 50.20 15.74
C ARG BB 186 108.99 50.78 15.54
N ALA BB 187 108.25 50.22 14.59
CA ALA BB 187 106.93 50.72 14.23
C ALA BB 187 105.86 49.84 14.88
N VAL BB 188 105.05 50.45 15.76
CA VAL BB 188 103.97 49.81 16.51
C VAL BB 188 104.44 48.60 17.31
N CYS CB 42 146.90 28.87 2.03
CA CYS CB 42 145.63 28.30 1.62
C CYS CB 42 145.07 29.03 0.40
N PHE CB 43 143.74 29.14 0.33
CA PHE CB 43 143.07 29.78 -0.79
C PHE CB 43 142.09 30.82 -0.27
N HIS CB 44 142.19 32.04 -0.80
CA HIS CB 44 141.23 33.08 -0.52
C HIS CB 44 140.08 32.96 -1.51
N PRO CB 45 138.83 32.81 -1.06
CA PRO CB 45 137.68 32.66 -1.97
C PRO CB 45 137.44 33.86 -2.88
N PRO CB 46 137.66 35.15 -2.45
CA PRO CB 46 137.55 36.15 -3.54
C PRO CB 46 138.80 36.28 -4.40
N TYR CB 47 138.91 35.35 -5.36
CA TYR CB 47 139.86 35.34 -6.48
C TYR CB 47 141.32 35.16 -6.05
N ASN CB 48 141.57 34.84 -4.77
CA ASN CB 48 142.90 34.57 -4.20
C ASN CB 48 143.85 35.75 -4.38
N ASN CB 49 143.30 36.97 -4.31
CA ASN CB 49 144.01 38.24 -4.48
C ASN CB 49 144.74 38.34 -5.82
N PHE CB 50 144.17 37.70 -6.85
CA PHE CB 50 144.71 37.65 -8.22
C PHE CB 50 146.14 37.12 -8.25
N GLN CB 51 146.41 36.09 -7.45
CA GLN CB 51 147.70 35.42 -7.36
C GLN CB 51 147.62 34.02 -7.94
N PRO CB 52 148.72 33.49 -8.48
CA PRO CB 52 148.72 32.09 -8.91
C PRO CB 52 148.65 31.15 -7.71
N ASP CB 53 147.65 30.28 -7.72
CA ASP CB 53 147.38 29.41 -6.57
C ASP CB 53 148.40 28.28 -6.51
N ARG CB 54 148.98 28.08 -5.32
CA ARG CB 54 149.90 26.97 -5.09
C ARG CB 54 149.09 25.77 -4.62
N ARG CB 55 148.50 25.08 -5.60
CA ARG CB 55 147.53 24.02 -5.34
C ARG CB 55 148.18 22.67 -5.08
N ALA CB 56 149.28 22.37 -5.77
CA ALA CB 56 149.89 21.05 -5.68
C ALA CB 56 150.68 20.83 -4.39
N VAL CB 57 151.33 21.90 -3.88
CA VAL CB 57 152.21 21.74 -2.73
C VAL CB 57 151.43 21.46 -1.46
N LYS CB 58 150.20 21.99 -1.35
CA LYS CB 58 149.35 21.70 -0.19
C LYS CB 58 148.95 20.24 -0.16
N ARG CB 59 148.59 19.66 -1.32
CA ARG CB 59 148.20 18.27 -1.36
C ARG CB 59 149.38 17.34 -1.14
N VAL CB 60 150.54 17.65 -1.74
CA VAL CB 60 151.71 16.79 -1.49
C VAL CB 60 152.34 17.03 -0.13
N GLY CB 61 151.96 18.10 0.57
CA GLY CB 61 152.38 18.27 1.95
C GLY CB 61 151.44 17.64 2.95
N VAL CB 62 150.17 17.53 2.60
CA VAL CB 62 149.22 16.87 3.50
C VAL CB 62 149.20 15.36 3.28
N ASP CB 63 149.63 14.88 2.11
CA ASP CB 63 149.68 13.44 1.87
C ASP CB 63 151.04 12.85 2.24
N THR CB 64 151.48 13.10 3.47
CA THR CB 64 152.71 12.50 3.97
C THR CB 64 152.61 11.98 5.39
N GLY CB 65 151.53 12.24 6.11
CA GLY CB 65 151.39 11.77 7.48
C GLY CB 65 149.96 11.83 7.99
N GLY CB 88 151.86 9.53 1.20
CA GLY CB 88 153.03 9.23 0.38
C GLY CB 88 153.34 10.31 -0.63
N GLY CB 89 154.63 10.56 -0.84
CA GLY CB 89 155.04 11.56 -1.81
C GLY CB 89 154.72 11.17 -3.24
N THR CB 90 154.92 9.89 -3.57
CA THR CB 90 154.59 9.40 -4.91
C THR CB 90 153.08 9.42 -5.15
N VAL CB 91 152.30 9.07 -4.13
CA VAL CB 91 150.84 9.12 -4.24
C VAL CB 91 150.36 10.57 -4.39
N GLY CB 92 150.98 11.49 -3.66
CA GLY CB 92 150.64 12.90 -3.82
C GLY CB 92 151.03 13.45 -5.19
N LEU CB 93 152.17 13.01 -5.72
CA LEU CB 93 152.58 13.42 -7.06
C LEU CB 93 151.65 12.86 -8.13
N VAL CB 94 151.17 11.61 -7.95
CA VAL CB 94 150.22 11.02 -8.87
C VAL CB 94 148.88 11.77 -8.83
N ALA CB 95 148.42 12.12 -7.62
CA ALA CB 95 147.20 12.90 -7.49
C ALA CB 95 147.35 14.30 -8.09
N SER CB 96 148.52 14.92 -7.92
CA SER CB 96 148.77 16.23 -8.50
C SER CB 96 148.80 16.19 -10.02
N ILE CB 97 149.47 15.19 -10.60
CA ILE CB 97 149.55 15.11 -12.05
C ILE CB 97 148.22 14.64 -12.66
N TYR CB 98 147.36 14.01 -11.87
CA TYR CB 98 146.01 13.72 -12.35
C TYR CB 98 145.16 14.99 -12.32
N ARG CB 99 145.13 15.69 -11.19
CA ARG CB 99 144.23 16.84 -11.04
C ARG CB 99 144.72 18.09 -11.74
N ASP CB 100 145.97 18.14 -12.20
CA ASP CB 100 146.45 19.26 -12.99
C ASP CB 100 146.32 19.03 -14.48
N SER CB 101 145.73 17.91 -14.90
CA SER CB 101 145.58 17.61 -16.32
C SER CB 101 144.49 18.46 -16.95
N LYS CB 102 144.50 18.53 -18.28
CA LYS CB 102 143.51 19.30 -19.00
C LYS CB 102 142.14 18.63 -18.97
N ARG CB 103 142.12 17.30 -19.05
CA ARG CB 103 140.85 16.57 -19.09
C ARG CB 103 140.12 16.63 -17.76
N LYS CB 104 140.86 16.68 -16.65
CA LYS CB 104 140.23 16.86 -15.35
C LYS CB 104 139.62 18.25 -15.21
N ILE CB 105 140.27 19.27 -15.78
CA ILE CB 105 139.71 20.62 -15.81
C ILE CB 105 138.45 20.66 -16.67
N ILE CB 106 138.46 19.94 -17.80
CA ILE CB 106 137.28 19.87 -18.67
C ILE CB 106 136.12 19.15 -17.96
N ARG CB 107 136.41 18.08 -17.23
CA ARG CB 107 135.37 17.41 -16.45
C ARG CB 107 134.86 18.26 -15.29
N ASP CB 108 135.74 19.07 -14.67
CA ASP CB 108 135.29 19.97 -13.63
C ASP CB 108 134.37 21.05 -14.19
N LEU CB 109 134.74 21.63 -15.33
CA LEU CB 109 133.86 22.57 -16.03
C LEU CB 109 132.58 21.91 -16.54
N GLN CB 110 132.59 20.59 -16.73
CA GLN CB 110 131.37 19.86 -17.00
C GLN CB 110 130.52 19.70 -15.73
N LYS CB 111 131.17 19.59 -14.57
CA LYS CB 111 130.42 19.54 -13.30
C LYS CB 111 129.74 20.86 -12.99
N GLN CB 112 130.41 21.99 -13.23
CA GLN CB 112 129.64 23.22 -13.30
C GLN CB 112 128.98 23.35 -14.68
N ASP CB 113 128.25 24.45 -14.89
CA ASP CB 113 127.42 24.60 -16.08
C ASP CB 113 128.14 25.34 -17.19
N ILE CB 114 129.34 24.90 -17.59
CA ILE CB 114 130.11 25.57 -18.64
C ILE CB 114 130.42 24.55 -19.72
N GLN CB 115 130.11 24.89 -20.97
CA GLN CB 115 130.28 23.94 -22.07
C GLN CB 115 131.55 24.23 -22.85
N TYR CB 116 132.25 23.17 -23.25
CA TYR CB 116 133.48 23.26 -24.02
C TYR CB 116 133.30 22.56 -25.35
N VAL CB 117 133.60 23.26 -26.44
CA VAL CB 117 133.47 22.73 -27.80
C VAL CB 117 134.81 22.88 -28.50
N GLU CB 118 135.32 21.79 -29.04
CA GLU CB 118 136.56 21.78 -29.81
C GLU CB 118 136.28 21.21 -31.19
N TYR CB 119 136.66 21.95 -32.24
CA TYR CB 119 136.42 21.54 -33.62
C TYR CB 119 137.51 22.15 -34.48
N GLY CB 120 138.42 21.31 -34.98
CA GLY CB 120 139.58 21.82 -35.69
C GLY CB 120 140.59 22.35 -34.70
N ASP CB 121 141.07 23.57 -34.95
CA ASP CB 121 141.96 24.26 -34.02
C ASP CB 121 141.30 25.49 -33.40
N THR CB 122 139.98 25.51 -33.31
CA THR CB 122 139.23 26.59 -32.67
C THR CB 122 138.45 26.02 -31.51
N ARG CB 123 138.58 26.65 -30.34
CA ARG CB 123 137.96 26.16 -29.11
C ARG CB 123 137.04 27.23 -28.54
N THR CB 124 135.89 26.80 -28.02
CA THR CB 124 134.83 27.69 -27.59
C THR CB 124 134.33 27.27 -26.22
N LEU CB 125 134.16 28.25 -25.32
CA LEU CB 125 133.57 28.05 -24.01
C LEU CB 125 132.25 28.83 -23.95
N ILE CB 126 131.19 28.15 -23.51
CA ILE CB 126 129.86 28.73 -23.38
C ILE CB 126 129.52 28.82 -21.90
N ILE CB 127 129.23 30.02 -21.43
CA ILE CB 127 128.99 30.32 -20.02
C ILE CB 127 127.64 31.02 -19.87
N PRO CB 128 126.75 30.55 -18.99
CA PRO CB 128 125.42 31.17 -18.88
C PRO CB 128 125.44 32.39 -17.97
N THR CB 129 124.90 33.50 -18.48
CA THR CB 129 124.82 34.73 -17.69
C THR CB 129 123.82 34.62 -16.55
N ASP CB 130 122.80 33.75 -16.71
CA ASP CB 130 121.77 33.56 -15.70
C ASP CB 130 122.33 32.96 -14.40
N LYS CB 131 123.44 32.23 -14.47
CA LYS CB 131 124.08 31.69 -13.29
C LYS CB 131 125.44 32.31 -12.98
N TYR CB 132 126.09 32.95 -13.94
CA TYR CB 132 127.40 33.56 -13.69
C TYR CB 132 127.36 35.08 -13.66
N PHE CB 133 126.17 35.68 -13.65
CA PHE CB 133 126.02 37.12 -13.50
C PHE CB 133 124.86 37.40 -12.55
N MET CB 134 124.89 38.58 -11.94
CA MET CB 134 123.73 39.06 -11.22
C MET CB 134 122.63 39.43 -12.20
N PHE CB 135 121.40 39.53 -11.69
CA PHE CB 135 120.23 39.65 -12.55
C PHE CB 135 120.16 41.03 -13.19
N SER CB 136 120.20 41.04 -14.54
CA SER CB 136 120.03 42.23 -15.38
C SER CB 136 121.04 43.33 -15.05
N SER CB 137 122.27 42.92 -14.74
CA SER CB 137 123.33 43.86 -14.36
C SER CB 137 124.64 43.32 -14.88
N PRO CB 138 125.64 44.18 -15.13
CA PRO CB 138 126.97 43.69 -15.50
C PRO CB 138 127.84 43.27 -14.33
N ARG CB 139 127.29 43.07 -13.14
CA ARG CB 139 128.06 42.63 -11.99
C ARG CB 139 128.29 41.12 -12.06
N LEU CB 140 129.48 40.71 -11.64
CA LEU CB 140 129.86 39.30 -11.67
C LEU CB 140 129.46 38.62 -10.38
N ASN CB 141 128.83 37.45 -10.49
CA ASN CB 141 128.36 36.70 -9.33
C ASN CB 141 129.55 36.04 -8.64
N GLU CB 142 129.83 36.45 -7.40
CA GLU CB 142 131.02 36.01 -6.69
C GLU CB 142 130.84 34.66 -6.00
N ILE CB 143 129.63 34.11 -5.98
CA ILE CB 143 129.43 32.79 -5.38
C ILE CB 143 129.91 31.70 -6.33
N CYS CB 144 129.97 31.98 -7.63
CA CYS CB 144 130.36 30.99 -8.64
C CYS CB 144 131.82 31.13 -9.05
N TYR CB 145 132.69 31.48 -8.10
CA TYR CB 145 134.13 31.62 -8.34
C TYR CB 145 134.94 30.37 -8.71
N PRO CB 146 134.59 29.12 -8.30
CA PRO CB 146 135.36 27.98 -8.84
C PRO CB 146 135.25 27.81 -10.35
N GLY CB 147 134.10 28.13 -10.94
CA GLY CB 147 133.98 28.07 -12.39
C GLY CB 147 134.88 29.07 -13.09
N LEU CB 148 134.94 30.30 -12.58
CA LEU CB 148 135.81 31.32 -13.15
C LEU CB 148 137.29 30.96 -12.98
N ASN CB 149 137.65 30.41 -11.81
CA ASN CB 149 139.02 29.95 -11.60
C ASN CB 149 139.38 28.79 -12.53
N ASN CB 150 138.42 27.91 -12.82
CA ASN CB 150 138.66 26.83 -13.77
C ASN CB 150 138.78 27.36 -15.20
N VAL CB 151 138.05 28.42 -15.54
CA VAL CB 151 138.22 29.07 -16.85
C VAL CB 151 139.63 29.66 -16.99
N ILE CB 152 140.12 30.31 -15.92
CA ILE CB 152 141.48 30.83 -15.93
C ILE CB 152 142.51 29.70 -16.03
N ARG CB 153 142.26 28.59 -15.32
CA ARG CB 153 143.17 27.44 -15.36
C ARG CB 153 143.20 26.79 -16.73
N LEU CB 154 142.05 26.72 -17.41
CA LEU CB 154 142.01 26.16 -18.76
C LEU CB 154 142.67 27.10 -19.77
N LEU CB 155 142.45 28.41 -19.62
CA LEU CB 155 143.05 29.38 -20.54
C LEU CB 155 144.54 29.57 -20.31
N ASN CB 156 145.07 29.11 -19.17
CA ASN CB 156 146.50 29.16 -18.93
C ASN CB 156 147.30 28.22 -19.84
N PHE CB 157 146.66 27.21 -20.42
CA PHE CB 157 147.34 26.22 -21.25
C PHE CB 157 147.70 26.74 -22.65
N TYR CB 158 147.15 27.87 -23.07
CA TYR CB 158 147.37 28.39 -24.42
C TYR CB 158 147.89 29.82 -24.31
N PRO CB 159 149.21 30.00 -24.15
CA PRO CB 159 149.77 31.34 -23.92
C PRO CB 159 150.05 32.15 -25.18
N GLN CB 160 149.69 31.65 -26.37
CA GLN CB 160 149.99 32.36 -27.61
C GLN CB 160 148.76 32.72 -28.43
N SER CB 161 147.59 32.19 -28.12
CA SER CB 161 146.41 32.43 -28.93
C SER CB 161 145.74 33.76 -28.56
N THR CB 162 144.88 34.23 -29.47
CA THR CB 162 144.08 35.41 -29.25
C THR CB 162 142.71 35.01 -28.71
N ILE CB 163 142.08 35.92 -27.97
CA ILE CB 163 140.85 35.66 -27.26
C ILE CB 163 139.76 36.57 -27.81
N TYR CB 164 138.61 35.99 -28.14
CA TYR CB 164 137.42 36.76 -28.48
C TYR CB 164 136.32 36.40 -27.50
N VAL CB 165 135.68 37.42 -26.92
CA VAL CB 165 134.56 37.22 -26.01
C VAL CB 165 133.34 37.95 -26.56
N ALA CB 166 132.20 37.27 -26.57
CA ALA CB 166 130.97 37.80 -27.14
C ALA CB 166 129.82 37.57 -26.17
N GLY CB 167 128.89 38.52 -26.14
CA GLY CB 167 127.73 38.44 -25.26
C GLY CB 167 126.45 38.36 -26.05
N PHE CB 168 125.51 37.53 -25.60
CA PHE CB 168 124.24 37.33 -26.27
C PHE CB 168 123.11 37.31 -25.24
N THR CB 169 121.98 37.93 -25.60
CA THR CB 169 120.78 37.97 -24.78
C THR CB 169 119.60 37.39 -25.57
N ASP CB 170 118.44 37.38 -24.92
CA ASP CB 170 117.20 36.91 -25.52
C ASP CB 170 116.46 38.08 -26.20
N ASN CB 171 115.20 37.86 -26.58
CA ASN CB 171 114.46 38.80 -27.40
C ASN CB 171 113.60 39.78 -26.59
N VAL CB 172 113.66 39.73 -25.26
CA VAL CB 172 112.81 40.58 -24.42
C VAL CB 172 113.53 41.90 -24.16
N GLY CB 173 112.85 43.00 -24.48
CA GLY CB 173 113.35 44.33 -24.22
C GLY CB 173 113.51 45.13 -25.50
N SER CB 174 114.19 46.26 -25.37
CA SER CB 174 114.48 47.12 -26.50
C SER CB 174 115.85 46.77 -27.09
N ARG CB 175 116.05 47.19 -28.35
CA ARG CB 175 117.26 46.83 -29.10
C ARG CB 175 118.50 47.47 -28.50
N SER CB 176 118.41 48.76 -28.16
CA SER CB 176 119.54 49.46 -27.53
C SER CB 176 119.82 48.91 -26.14
N HIS CB 177 118.78 48.53 -25.40
CA HIS CB 177 118.96 47.92 -24.08
C HIS CB 177 119.67 46.58 -24.18
N LYS CB 178 119.28 45.74 -25.15
CA LYS CB 178 119.93 44.45 -25.35
C LYS CB 178 121.39 44.62 -25.76
N ARG CB 179 121.66 45.56 -26.67
CA ARG CB 179 123.02 45.81 -27.12
C ARG CB 179 123.90 46.34 -25.99
N LYS CB 180 123.37 47.25 -25.17
CA LYS CB 180 124.15 47.81 -24.07
C LYS CB 180 124.41 46.78 -22.98
N LEU CB 181 123.42 45.93 -22.68
CA LEU CB 181 123.61 44.88 -21.67
C LEU CB 181 124.63 43.85 -22.12
N SER CB 182 124.56 43.43 -23.40
CA SER CB 182 125.53 42.48 -23.93
C SER CB 182 126.93 43.07 -23.98
N GLN CB 183 127.06 44.35 -24.36
CA GLN CB 183 128.36 45.00 -24.39
C GLN CB 183 128.95 45.14 -22.99
N ALA CB 184 128.11 45.49 -22.00
CA ALA CB 184 128.59 45.62 -20.63
C ALA CB 184 129.05 44.29 -20.05
N GLN CB 185 128.30 43.21 -20.32
CA GLN CB 185 128.71 41.89 -19.85
C GLN CB 185 129.99 41.41 -20.54
N ALA CB 186 130.13 41.72 -21.82
CA ALA CB 186 131.35 41.36 -22.56
C ALA CB 186 132.57 42.11 -22.03
N GLU CB 187 132.41 43.41 -21.74
CA GLU CB 187 133.51 44.18 -21.16
C GLU CB 187 133.87 43.69 -19.76
N THR CB 188 132.87 43.30 -18.96
CA THR CB 188 133.15 42.77 -17.63
C THR CB 188 133.92 41.45 -17.69
N MET CB 189 133.52 40.55 -18.60
CA MET CB 189 134.23 39.28 -18.75
C MET CB 189 135.64 39.48 -19.31
N MET CB 190 135.80 40.42 -20.24
CA MET CB 190 137.12 40.70 -20.81
C MET CB 190 138.03 41.33 -19.78
N THR CB 191 137.49 42.19 -18.90
CA THR CB 191 138.28 42.78 -17.83
C THR CB 191 138.71 41.73 -16.82
N PHE CB 192 137.81 40.79 -16.48
CA PHE CB 192 138.19 39.71 -15.58
C PHE CB 192 139.22 38.78 -16.20
N LEU CB 193 139.18 38.59 -17.52
CA LEU CB 193 140.23 37.84 -18.19
C LEU CB 193 141.56 38.60 -18.19
N TRP CB 194 141.51 39.91 -18.38
CA TRP CB 194 142.72 40.72 -18.45
C TRP CB 194 143.41 40.84 -17.10
N ALA CB 195 142.63 40.88 -16.01
CA ALA CB 195 143.20 41.12 -14.68
C ALA CB 195 143.93 39.90 -14.12
N ASN CB 196 143.83 38.74 -14.74
CA ASN CB 196 144.48 37.53 -14.25
C ASN CB 196 145.83 37.26 -14.92
N GLY CB 197 146.29 38.14 -15.79
CA GLY CB 197 147.61 37.98 -16.39
C GLY CB 197 147.65 38.05 -17.91
N ILE CB 198 146.49 37.91 -18.55
CA ILE CB 198 146.43 37.94 -20.01
C ILE CB 198 146.62 39.37 -20.49
N ALA CB 199 147.48 39.55 -21.48
CA ALA CB 199 147.80 40.87 -21.99
C ALA CB 199 146.62 41.48 -22.75
N ALA CB 200 146.59 42.81 -22.79
CA ALA CB 200 145.44 43.52 -23.36
C ALA CB 200 145.39 43.46 -24.88
N LYS CB 201 146.51 43.16 -25.54
CA LYS CB 201 146.52 43.11 -27.00
C LYS CB 201 146.02 41.78 -27.55
N ARG CB 202 145.75 40.81 -26.68
CA ARG CB 202 145.23 39.51 -27.09
C ARG CB 202 143.72 39.39 -26.89
N LEU CB 203 143.05 40.48 -26.49
CA LEU CB 203 141.65 40.44 -26.10
C LEU CB 203 140.82 41.39 -26.95
N LYS CB 204 139.59 40.99 -27.23
CA LYS CB 204 138.60 41.84 -27.89
C LYS CB 204 137.22 41.38 -27.46
N ALA CB 205 136.35 42.33 -27.14
CA ALA CB 205 135.02 42.04 -26.64
C ALA CB 205 133.96 42.60 -27.58
N GLU CB 206 132.84 41.89 -27.67
CA GLU CB 206 131.74 42.31 -28.53
C GLU CB 206 130.42 41.84 -27.94
N GLY CB 207 129.42 42.70 -27.99
CA GLY CB 207 128.10 42.34 -27.52
C GLY CB 207 127.04 42.37 -28.60
N TYR CB 208 126.54 41.20 -29.00
CA TYR CB 208 125.47 41.11 -29.97
C TYR CB 208 124.14 41.00 -29.24
N GLY CB 209 123.06 41.36 -29.93
CA GLY CB 209 121.76 41.32 -29.31
C GLY CB 209 121.13 39.95 -29.43
N ASP CB 210 119.95 39.89 -30.04
CA ASP CB 210 119.31 38.63 -30.39
C ASP CB 210 119.54 38.31 -31.86
N LYS CB 211 120.75 38.61 -32.35
CA LYS CB 211 121.03 38.58 -33.79
C LYS CB 211 121.08 37.15 -34.31
N ASN CB 212 122.01 36.35 -33.80
CA ASN CB 212 122.22 34.97 -34.24
C ASN CB 212 122.09 33.98 -33.08
N ALA CB 213 120.84 33.67 -32.75
CA ALA CB 213 120.52 32.79 -31.64
C ALA CB 213 120.76 31.33 -32.02
N ILE CB 214 120.81 30.48 -31.00
CA ILE CB 214 121.04 29.05 -31.19
C ILE CB 214 119.82 28.21 -30.88
N SER CB 215 118.75 28.80 -30.34
CA SER CB 215 117.54 28.07 -30.03
C SER CB 215 116.35 28.93 -30.45
N ASP CB 216 115.16 28.52 -30.04
CA ASP CB 216 113.92 29.22 -30.38
C ASP CB 216 113.54 30.16 -29.24
N ASN CB 217 113.28 31.42 -29.58
CA ASN CB 217 112.92 32.42 -28.58
C ASN CB 217 111.44 32.42 -28.24
N ALA CB 218 110.63 31.61 -28.90
CA ALA CB 218 109.21 31.52 -28.62
C ALA CB 218 108.86 30.48 -27.56
N ILE CB 219 109.87 29.77 -27.04
CA ILE CB 219 109.68 28.78 -26.00
C ILE CB 219 110.59 29.11 -24.83
N ILE CB 220 110.22 28.60 -23.66
CA ILE CB 220 110.82 29.05 -22.40
C ILE CB 220 112.26 28.54 -22.28
N HIS CB 221 112.46 27.24 -22.47
CA HIS CB 221 113.80 26.66 -22.32
C HIS CB 221 114.73 27.11 -23.46
N GLY CB 222 114.19 27.22 -24.66
CA GLY CB 222 114.99 27.72 -25.78
C GLY CB 222 115.38 29.18 -25.62
N SER CB 223 114.48 29.99 -25.04
CA SER CB 223 114.83 31.38 -24.74
C SER CB 223 115.84 31.47 -23.60
N ALA CB 224 115.77 30.54 -22.65
CA ALA CB 224 116.76 30.50 -21.57
C ALA CB 224 118.14 30.10 -22.07
N GLN CB 225 118.20 29.24 -23.09
CA GLN CB 225 119.48 28.80 -23.64
C GLN CB 225 120.20 29.88 -24.45
N ASN CB 226 119.54 31.00 -24.77
CA ASN CB 226 120.11 31.99 -25.68
C ASN CB 226 120.94 33.06 -24.98
N ARG CB 227 120.80 33.22 -23.67
CA ARG CB 227 121.53 34.25 -22.92
C ARG CB 227 122.86 33.65 -22.48
N ARG CB 228 123.96 34.11 -23.08
CA ARG CB 228 125.22 33.42 -22.89
C ARG CB 228 126.40 34.35 -23.15
N ILE CB 229 127.57 33.88 -22.73
CA ILE CB 229 128.86 34.47 -23.04
C ILE CB 229 129.69 33.40 -23.74
N GLU CB 230 130.23 33.73 -24.91
CA GLU CB 230 131.02 32.81 -25.72
C GLU CB 230 132.46 33.29 -25.79
N ILE CB 231 133.39 32.39 -25.47
CA ILE CB 231 134.83 32.69 -25.49
C ILE CB 231 135.47 31.78 -26.53
N GLN CB 232 136.05 32.38 -27.57
CA GLN CB 232 136.70 31.63 -28.63
C GLN CB 232 138.19 31.93 -28.67
N TRP CB 233 138.98 30.89 -28.88
CA TRP CB 233 140.41 31.06 -29.10
C TRP CB 233 140.90 30.04 -30.12
N PHE CB 234 142.05 30.35 -30.72
CA PHE CB 234 142.62 29.53 -31.78
C PHE CB 234 143.60 28.51 -31.20
N GLU DB 29 198.21 73.47 -22.45
CA GLU DB 29 197.47 73.55 -21.20
C GLU DB 29 197.75 74.87 -20.48
N VAL DB 30 196.91 75.88 -20.70
CA VAL DB 30 197.06 77.18 -20.09
C VAL DB 30 195.75 77.60 -19.45
N LYS DB 31 195.86 78.49 -18.47
CA LYS DB 31 194.70 78.96 -17.70
C LYS DB 31 194.09 80.18 -18.37
N LYS DB 32 193.19 80.86 -17.66
CA LYS DB 32 192.51 82.05 -18.16
C LYS DB 32 192.79 83.29 -17.31
N GLN DB 33 193.73 83.20 -16.35
CA GLN DB 33 193.96 84.31 -15.44
C GLN DB 33 194.69 85.46 -16.13
N GLY DB 34 194.34 86.69 -15.74
CA GLY DB 34 194.92 87.88 -16.31
C GLY DB 34 194.24 88.39 -17.56
N THR DB 35 193.20 87.72 -18.04
CA THR DB 35 192.52 88.09 -19.27
C THR DB 35 191.02 88.23 -19.01
N SER DB 36 190.45 89.35 -19.44
CA SER DB 36 189.02 89.59 -19.33
C SER DB 36 188.30 89.15 -20.61
N SER DB 37 186.98 89.08 -20.54
CA SER DB 37 186.17 88.59 -21.65
C SER DB 37 186.14 89.61 -22.77
N THR DB 38 186.56 89.22 -23.97
CA THR DB 38 186.60 90.07 -25.14
C THR DB 38 185.74 89.49 -26.26
N ARG DB 39 185.44 90.32 -27.24
CA ARG DB 39 184.58 89.94 -28.36
C ARG DB 39 185.43 89.43 -29.52
N GLN DB 40 185.00 88.34 -30.15
CA GLN DB 40 185.65 87.79 -31.33
C GLN DB 40 184.60 87.36 -32.34
N PHE DB 41 184.84 87.68 -33.60
CA PHE DB 41 184.02 87.19 -34.71
C PHE DB 41 184.86 86.24 -35.56
N ARG DB 42 184.32 85.06 -35.83
CA ARG DB 42 185.03 84.05 -36.59
C ARG DB 42 184.09 83.46 -37.64
N GLN DB 43 184.70 82.94 -38.71
CA GLN DB 43 183.96 82.37 -39.83
C GLN DB 43 184.11 80.85 -39.83
N VAL DB 44 183.00 80.16 -40.11
CA VAL DB 44 182.95 78.71 -40.07
C VAL DB 44 182.25 78.22 -41.35
N SER DB 45 182.50 76.98 -41.70
CA SER DB 45 181.93 76.37 -42.90
C SER DB 45 180.53 75.83 -42.59
N SER DB 46 179.97 75.07 -43.52
CA SER DB 46 178.62 74.53 -43.37
C SER DB 46 178.62 73.36 -42.40
N PHE DB 47 177.65 73.36 -41.48
CA PHE DB 47 177.52 72.31 -40.48
C PHE DB 47 176.04 71.98 -40.30
N ASN DB 48 175.76 70.73 -39.92
CA ASN DB 48 174.40 70.27 -39.71
C ASN DB 48 174.21 69.57 -38.36
N GLN DB 49 175.23 69.55 -37.52
CA GLN DB 49 175.14 68.91 -36.21
C GLN DB 49 176.12 69.61 -35.29
N ILE DB 50 175.68 69.98 -34.09
CA ILE DB 50 176.48 70.75 -33.15
C ILE DB 50 176.65 69.94 -31.87
N VAL DB 51 177.89 69.74 -31.46
CA VAL DB 51 178.23 69.07 -30.20
C VAL DB 51 179.01 70.06 -29.35
N VAL DB 52 178.45 70.45 -28.21
CA VAL DB 52 179.05 71.45 -27.34
C VAL DB 52 179.35 70.83 -25.98
N GLN DB 53 180.58 71.01 -25.51
CA GLN DB 53 181.03 70.49 -24.22
C GLN DB 53 181.65 71.62 -23.41
N GLY DB 54 181.49 71.53 -22.09
CA GLY DB 54 182.09 72.49 -21.17
C GLY DB 54 181.05 73.34 -20.46
N ARG DB 55 181.56 74.23 -19.61
CA ARG DB 55 180.73 75.18 -18.86
C ARG DB 55 180.70 76.49 -19.62
N LEU DB 56 179.58 76.76 -20.30
CA LEU DB 56 179.48 77.89 -21.20
C LEU DB 56 178.01 78.20 -21.45
N ASN DB 57 177.78 79.30 -22.17
CA ASN DB 57 176.44 79.74 -22.53
C ASN DB 57 176.34 79.90 -24.04
N VAL DB 58 175.38 79.20 -24.64
CA VAL DB 58 175.21 79.15 -26.09
C VAL DB 58 173.89 79.84 -26.43
N ASN DB 59 173.93 80.71 -27.44
CA ASN DB 59 172.76 81.38 -27.98
C ASN DB 59 172.62 81.03 -29.45
N LEU DB 60 171.41 80.71 -29.87
CA LEU DB 60 171.14 80.27 -31.24
C LEU DB 60 170.27 81.29 -31.96
N HIS DB 61 170.55 81.48 -33.25
CA HIS DB 61 169.71 82.33 -34.09
C HIS DB 61 169.53 81.66 -35.45
N THR DB 62 168.61 82.20 -36.24
CA THR DB 62 168.27 81.64 -37.55
C THR DB 62 168.09 82.77 -38.55
N GLY DB 63 168.81 82.68 -39.66
CA GLY DB 63 168.69 83.67 -40.72
C GLY DB 63 169.02 83.05 -42.06
N TYR DB 64 168.78 83.84 -43.11
CA TYR DB 64 169.03 83.41 -44.48
C TYR DB 64 170.38 83.88 -45.01
N ASN DB 65 171.27 84.32 -44.12
CA ASN DB 65 172.59 84.79 -44.51
C ASN DB 65 173.59 83.65 -44.46
N LYS DB 66 174.88 83.99 -44.51
CA LYS DB 66 175.95 83.02 -44.30
C LYS DB 66 175.93 82.56 -42.85
N PRO DB 67 176.44 81.36 -42.56
CA PRO DB 67 176.62 80.96 -41.17
C PRO DB 67 177.82 81.64 -40.53
N GLU DB 68 177.71 81.94 -39.24
CA GLU DB 68 178.86 82.43 -38.48
C GLU DB 68 178.71 82.06 -37.02
N VAL DB 69 179.82 82.18 -36.30
CA VAL DB 69 179.88 81.92 -34.87
C VAL DB 69 180.68 83.04 -34.19
N MET DB 70 180.15 83.54 -33.08
CA MET DB 70 180.79 84.57 -32.27
C MET DB 70 181.22 83.93 -30.94
N LEU DB 71 182.50 84.09 -30.59
CA LEU DB 71 183.11 83.46 -29.43
C LEU DB 71 183.58 84.55 -28.48
N ARG DB 72 182.75 84.90 -27.50
CA ARG DB 72 183.11 85.83 -26.45
C ARG DB 72 183.85 85.08 -25.34
N GLY DB 73 185.12 85.40 -25.14
CA GLY DB 73 185.91 84.73 -24.13
C GLY DB 73 187.22 85.44 -23.91
N ASP DB 74 188.03 84.86 -23.01
CA ASP DB 74 189.32 85.44 -22.69
C ASP DB 74 190.31 85.19 -23.83
N PRO DB 75 191.10 86.20 -24.21
CA PRO DB 75 192.04 86.03 -25.34
C PRO DB 75 193.14 85.00 -25.09
N ARG DB 76 193.43 84.67 -23.83
CA ARG DB 76 194.34 83.56 -23.55
C ARG DB 76 193.71 82.23 -23.93
N ASP DB 77 192.39 82.11 -23.78
CA ASP DB 77 191.68 80.87 -24.04
C ASP DB 77 190.88 80.88 -25.34
N LEU DB 78 191.03 81.92 -26.17
CA LEU DB 78 190.38 81.88 -27.49
C LEU DB 78 191.02 80.86 -28.40
N VAL DB 79 192.31 80.56 -28.21
CA VAL DB 79 192.95 79.45 -28.91
C VAL DB 79 192.40 78.13 -28.39
N GLN DB 80 192.18 78.04 -27.07
CA GLN DB 80 191.70 76.80 -26.47
C GLN DB 80 190.24 76.52 -26.83
N VAL DB 81 189.46 77.56 -27.09
CA VAL DB 81 188.11 77.39 -27.62
C VAL DB 81 188.25 76.86 -29.06
N ARG DB 82 187.81 75.63 -29.28
CA ARG DB 82 188.07 74.91 -30.53
C ARG DB 82 186.83 74.95 -31.41
N THR DB 83 186.99 75.42 -32.64
CA THR DB 83 185.94 75.43 -33.65
C THR DB 83 186.45 74.66 -34.85
N ILE DB 84 186.26 73.34 -34.83
CA ILE DB 84 186.73 72.46 -35.89
C ILE DB 84 185.51 71.83 -36.56
N VAL DB 85 185.68 71.45 -37.82
CA VAL DB 85 184.61 70.86 -38.62
C VAL DB 85 185.12 69.53 -39.17
N LYS DB 86 184.39 68.45 -38.88
CA LYS DB 86 184.73 67.12 -39.37
C LYS DB 86 183.45 66.43 -39.83
N GLN DB 87 183.25 66.39 -41.15
CA GLN DB 87 182.13 65.70 -41.82
C GLN DB 87 180.77 66.23 -41.34
N ASN DB 88 180.55 67.51 -41.68
CA ASN DB 88 179.29 68.23 -41.47
C ASN DB 88 178.93 68.36 -39.98
N THR DB 89 179.94 68.38 -39.12
CA THR DB 89 179.76 68.53 -37.68
C THR DB 89 180.50 69.76 -37.18
N LEU DB 90 180.11 70.22 -35.99
CA LEU DB 90 180.72 71.37 -35.35
C LEU DB 90 180.97 71.03 -33.88
N TYR DB 91 182.23 70.90 -33.50
CA TYR DB 91 182.63 70.44 -32.17
C TYR DB 91 183.10 71.65 -31.37
N VAL DB 92 182.18 72.26 -30.63
CA VAL DB 92 182.52 73.36 -29.73
C VAL DB 92 182.80 72.73 -28.38
N SER DB 93 184.05 72.30 -28.19
CA SER DB 93 184.46 71.62 -26.97
C SER DB 93 185.78 72.22 -26.48
N LEU DB 94 186.29 71.65 -25.40
CA LEU DB 94 187.55 72.11 -24.83
C LEU DB 94 188.73 71.66 -25.70
N GLY DB 95 189.71 72.54 -25.84
CA GLY DB 95 190.92 72.23 -26.59
C GLY DB 95 192.14 72.33 -25.70
N GLN DB 96 193.10 71.44 -25.96
CA GLN DB 96 194.34 71.30 -25.17
C GLN DB 96 194.06 71.07 -23.69
N GLY DB 97 193.05 70.26 -23.40
CA GLY DB 97 192.66 69.97 -22.04
C GLY DB 97 191.88 71.10 -21.40
N TYR DB 98 191.55 70.90 -20.12
CA TYR DB 98 190.85 71.90 -19.33
C TYR DB 98 191.68 72.15 -18.06
N PRO DB 99 192.62 73.11 -18.13
CA PRO DB 99 193.19 73.61 -16.87
C PRO DB 99 192.19 74.47 -16.10
N ASP DB 100 191.67 75.50 -16.78
CA ASP DB 100 190.72 76.45 -16.21
C ASP DB 100 190.12 77.36 -17.28
N TYR DB 101 188.78 77.47 -17.32
CA TYR DB 101 188.12 78.58 -17.97
C TYR DB 101 186.78 78.81 -17.28
N GLY DB 102 186.43 80.07 -17.08
CA GLY DB 102 185.25 80.42 -16.30
C GLY DB 102 184.01 80.79 -17.10
N ALA DB 103 184.15 81.66 -18.10
CA ALA DB 103 183.00 82.19 -18.82
C ALA DB 103 183.28 82.16 -20.31
N VAL DB 104 182.45 81.44 -21.06
CA VAL DB 104 182.53 81.38 -22.51
C VAL DB 104 181.12 81.60 -23.06
N THR DB 105 180.97 82.53 -24.00
CA THR DB 105 179.69 82.78 -24.66
C THR DB 105 179.84 82.47 -26.14
N VAL DB 106 178.98 81.60 -26.65
CA VAL DB 106 179.01 81.20 -28.06
C VAL DB 106 177.66 81.54 -28.68
N ASP DB 107 177.65 82.56 -29.54
CA ASP DB 107 176.47 82.87 -30.33
C ASP DB 107 176.64 82.26 -31.71
N ILE DB 108 175.54 81.73 -32.27
CA ILE DB 108 175.64 80.97 -33.51
C ILE DB 108 174.50 81.38 -34.45
N LYS DB 109 174.81 81.44 -35.75
CA LYS DB 109 173.82 81.71 -36.79
C LYS DB 109 174.09 80.75 -37.94
N THR DB 110 173.03 80.08 -38.40
CA THR DB 110 173.13 79.06 -39.44
C THR DB 110 171.77 78.91 -40.11
N LYS DB 111 171.65 77.90 -40.98
CA LYS DB 111 170.41 77.64 -41.72
C LYS DB 111 169.78 76.30 -41.35
N PHE DB 112 170.53 75.21 -41.43
CA PHE DB 112 170.00 73.87 -41.20
C PHE DB 112 170.61 73.25 -39.96
N LEU DB 113 169.77 72.66 -39.10
CA LEU DB 113 170.21 71.95 -37.91
C LEU DB 113 169.56 70.57 -37.89
N ASN DB 114 170.35 69.56 -37.53
CA ASN DB 114 169.85 68.18 -37.51
C ASN DB 114 170.22 67.39 -36.26
N ARG DB 115 171.12 67.88 -35.42
CA ARG DB 115 171.48 67.19 -34.17
C ARG DB 115 172.12 68.18 -33.22
N PHE DB 116 171.73 68.11 -31.95
CA PHE DB 116 172.30 68.97 -30.91
C PHE DB 116 172.67 68.12 -29.70
N ARG DB 117 173.94 68.21 -29.30
CA ARG DB 117 174.45 67.53 -28.11
C ARG DB 117 175.03 68.58 -27.17
N TYR DB 118 174.67 68.51 -25.89
CA TYR DB 118 175.16 69.46 -24.90
C TYR DB 118 175.61 68.73 -23.65
N GLU DB 119 176.82 69.06 -23.18
CA GLU DB 119 177.36 68.50 -21.95
C GLU DB 119 178.12 69.56 -21.18
N GLY DB 120 178.14 69.42 -19.85
CA GLY DB 120 179.10 70.11 -19.02
C GLY DB 120 178.64 71.28 -18.17
N ALA DB 121 177.42 71.20 -17.61
CA ALA DB 121 176.85 72.19 -16.68
C ALA DB 121 176.79 73.59 -17.32
N GLY DB 122 175.92 73.69 -18.33
CA GLY DB 122 175.88 74.92 -19.10
C GLY DB 122 174.50 75.46 -19.43
N VAL DB 123 174.43 76.53 -20.23
CA VAL DB 123 173.19 77.21 -20.56
C VAL DB 123 173.03 77.23 -22.08
N VAL DB 124 171.83 76.90 -22.56
CA VAL DB 124 171.49 76.95 -23.99
C VAL DB 124 170.19 77.71 -24.16
N THR DB 125 170.18 78.70 -25.05
CA THR DB 125 168.98 79.46 -25.38
C THR DB 125 168.82 79.53 -26.89
N GLY DB 126 167.62 79.25 -27.38
CA GLY DB 126 167.35 79.31 -28.80
C GLY DB 126 165.87 79.49 -29.07
N ASN DB 127 165.56 80.15 -30.19
CA ASN DB 127 164.18 80.42 -30.56
C ASN DB 127 164.08 80.58 -32.07
N ASN DB 128 162.82 80.50 -32.56
CA ASN DB 128 162.45 80.73 -33.96
C ASN DB 128 163.20 79.78 -34.91
N LEU DB 129 163.22 78.51 -34.56
CA LEU DB 129 163.93 77.49 -35.31
C LEU DB 129 162.92 76.64 -36.07
N ARG DB 130 163.15 76.47 -37.37
CA ARG DB 130 162.32 75.63 -38.23
C ARG DB 130 163.13 74.45 -38.73
N THR DB 131 162.56 73.25 -38.63
CA THR DB 131 163.27 72.03 -38.99
C THR DB 131 162.26 70.95 -39.35
N SER DB 132 162.77 69.87 -39.92
CA SER DB 132 161.99 68.67 -40.19
C SER DB 132 162.16 67.62 -39.08
N TYR DB 133 163.41 67.31 -38.74
CA TYR DB 133 163.71 66.38 -37.66
C TYR DB 133 165.10 66.68 -37.12
N LEU DB 134 165.21 66.78 -35.79
CA LEU DB 134 166.50 66.89 -35.13
C LEU DB 134 166.39 66.29 -33.74
N ASP DB 135 167.55 65.95 -33.18
CA ASP DB 135 167.62 65.18 -31.94
C ASP DB 135 168.36 65.98 -30.87
N LEU DB 136 167.73 66.11 -29.70
CA LEU DB 136 168.32 66.77 -28.54
C LEU DB 136 168.95 65.72 -27.64
N TYR DB 137 170.17 65.99 -27.17
CA TYR DB 137 170.81 65.16 -26.15
C TYR DB 137 171.44 66.09 -25.11
N LEU DB 138 170.71 66.30 -24.01
CA LEU DB 138 171.18 67.15 -22.92
C LEU DB 138 171.75 66.28 -21.81
N ALA DB 139 172.91 66.68 -21.27
CA ALA DB 139 173.51 65.94 -20.17
C ALA DB 139 174.06 66.88 -19.12
N ASN DB 140 173.81 66.55 -17.86
CA ASN DB 140 174.46 67.13 -16.68
C ASN DB 140 174.22 68.64 -16.58
N GLU DB 141 172.96 68.98 -16.32
CA GLU DB 141 172.48 70.35 -16.05
C GLU DB 141 172.72 71.24 -17.27
N GLY DB 142 171.96 70.95 -18.31
CA GLY DB 142 171.82 71.86 -19.42
C GLY DB 142 170.59 72.73 -19.24
N THR DB 143 170.80 73.94 -18.74
CA THR DB 143 169.72 74.91 -18.53
C THR DB 143 169.27 75.42 -19.88
N THR DB 144 168.16 74.90 -20.38
CA THR DB 144 167.83 74.98 -21.81
C THR DB 144 166.48 75.63 -22.01
N ARG DB 145 166.44 76.59 -22.94
CA ARG DB 145 165.19 77.12 -23.48
C ARG DB 145 165.18 76.99 -25.00
N LEU DB 146 164.11 76.40 -25.53
CA LEU DB 146 163.80 76.41 -26.95
C LEU DB 146 162.41 77.00 -27.12
N ALA DB 147 162.30 78.04 -27.95
CA ALA DB 147 161.05 78.78 -28.13
C ALA DB 147 160.70 78.88 -29.61
N GLY DB 148 160.77 77.76 -30.32
CA GLY DB 148 160.41 77.72 -31.72
C GLY DB 148 159.40 76.64 -32.04
N ASN DB 149 159.26 76.31 -33.32
CA ASN DB 149 158.36 75.25 -33.78
C ASN DB 149 159.14 74.04 -34.32
N ILE DB 150 159.71 73.29 -33.38
CA ILE DB 150 160.68 72.24 -33.68
C ILE DB 150 159.95 70.90 -33.68
N GLY DB 151 159.96 70.23 -34.83
CA GLY DB 151 159.40 68.89 -34.94
C GLY DB 151 160.45 67.83 -34.71
N LEU DB 152 160.48 67.26 -33.51
CA LEU DB 152 161.51 66.31 -33.12
C LEU DB 152 160.89 64.95 -32.82
N GLN DB 153 161.59 63.89 -33.24
CA GLN DB 153 161.12 62.52 -33.07
C GLN DB 153 161.79 61.82 -31.88
N LYS DB 154 163.00 62.23 -31.53
CA LYS DB 154 163.68 61.72 -30.34
C LYS DB 154 164.22 62.89 -29.51
N LEU DB 155 164.33 62.65 -28.21
CA LEU DB 155 164.88 63.62 -27.27
C LEU DB 155 165.40 62.86 -26.06
N GLU DB 156 166.53 63.32 -25.51
CA GLU DB 156 167.13 62.68 -24.36
C GLU DB 156 167.64 63.71 -23.36
N ALA DB 157 167.29 63.52 -22.09
CA ALA DB 157 167.85 64.27 -20.98
C ALA DB 157 168.46 63.27 -20.00
N VAL DB 158 169.72 63.49 -19.62
CA VAL DB 158 170.43 62.50 -18.84
C VAL DB 158 170.09 62.61 -17.35
N GLY DB 159 170.31 63.77 -16.75
CA GLY DB 159 170.05 63.89 -15.33
C GLY DB 159 170.36 65.24 -14.71
N ASN DB 160 169.55 65.62 -13.71
CA ASN DB 160 169.72 66.82 -12.89
C ASN DB 160 169.72 68.10 -13.73
N GLY DB 161 168.82 68.15 -14.72
CA GLY DB 161 168.69 69.32 -15.56
C GLY DB 161 167.24 69.67 -15.79
N VAL DB 162 167.01 70.97 -15.98
CA VAL DB 162 165.68 71.49 -16.31
C VAL DB 162 165.62 71.79 -17.79
N THR DB 163 164.42 71.64 -18.36
CA THR DB 163 164.20 71.88 -19.79
C THR DB 163 162.79 72.42 -19.99
N GLN DB 164 162.69 73.54 -20.71
CA GLN DB 164 161.43 74.21 -20.98
C GLN DB 164 161.35 74.40 -22.49
N ILE DB 165 160.51 73.62 -23.17
CA ILE DB 165 160.36 73.70 -24.61
C ILE DB 165 158.96 74.19 -24.92
N ASN DB 166 158.86 75.26 -25.72
CA ASN DB 166 157.59 75.89 -26.07
C ASN DB 166 157.37 75.71 -27.57
N GLY DB 167 156.66 74.65 -27.92
CA GLY DB 167 156.26 74.42 -29.31
C GLY DB 167 156.94 73.24 -29.97
N VAL DB 168 156.24 72.12 -30.04
CA VAL DB 168 156.73 70.91 -30.73
C VAL DB 168 155.57 70.36 -31.56
N SER DB 169 155.80 70.17 -32.85
CA SER DB 169 154.79 69.64 -33.77
C SER DB 169 155.41 68.47 -34.53
N SER DB 170 155.20 67.26 -34.02
CA SER DB 170 155.75 66.06 -34.61
C SER DB 170 154.67 64.98 -34.70
N ARG DB 171 154.79 64.14 -35.72
CA ARG DB 171 153.87 63.03 -35.92
C ARG DB 171 154.28 61.77 -35.15
N ASN DB 172 155.47 61.77 -34.54
CA ASN DB 172 155.93 60.64 -33.74
C ASN DB 172 156.98 61.15 -32.76
N LEU DB 173 156.95 60.60 -31.54
CA LEU DB 173 157.91 60.96 -30.51
C LEU DB 173 158.02 59.82 -29.53
N GLN DB 174 159.25 59.43 -29.19
CA GLN DB 174 159.52 58.39 -28.20
C GLN DB 174 160.48 58.96 -27.17
N ILE DB 175 160.06 58.97 -25.90
CA ILE DB 175 160.83 59.55 -24.82
C ILE DB 175 161.10 58.46 -23.78
N VAL DB 176 162.37 58.33 -23.39
CA VAL DB 176 162.77 57.43 -22.31
C VAL DB 176 163.72 58.19 -21.38
N LEU DB 177 163.55 58.01 -20.08
CA LEU DB 177 164.27 58.75 -19.06
C LEU DB 177 165.04 57.78 -18.16
N LYS DB 178 166.19 58.23 -17.67
CA LYS DB 178 167.04 57.40 -16.82
C LYS DB 178 167.58 58.10 -15.59
N GLY DB 179 167.43 59.42 -15.45
CA GLY DB 179 167.98 60.11 -14.31
C GLY DB 179 166.98 60.92 -13.51
N ASP DB 180 167.32 62.18 -13.22
CA ASP DB 180 166.46 63.09 -12.47
C ASP DB 180 166.22 64.39 -13.25
N PRO DB 181 165.48 64.36 -14.35
CA PRO DB 181 165.22 65.61 -15.09
C PRO DB 181 163.91 66.28 -14.70
N LYS DB 182 163.83 67.57 -15.02
CA LYS DB 182 162.62 68.38 -14.84
C LYS DB 182 162.33 68.99 -16.22
N VAL DB 183 161.57 68.26 -17.04
CA VAL DB 183 161.38 68.60 -18.44
C VAL DB 183 159.90 68.88 -18.70
N LEU DB 184 159.62 69.91 -19.50
CA LEU DB 184 158.24 70.20 -19.88
C LEU DB 184 158.21 70.63 -21.34
N ILE DB 185 157.29 70.03 -22.10
CA ILE DB 185 157.21 70.20 -23.56
C ILE DB 185 155.84 70.76 -23.91
N SER DB 186 155.80 71.72 -24.82
CA SER DB 186 154.57 72.29 -25.34
C SER DB 186 154.42 71.98 -26.82
N GLY DB 187 153.17 71.98 -27.28
CA GLY DB 187 152.90 71.82 -28.69
C GLY DB 187 151.88 70.74 -29.02
N PHE DB 188 152.20 69.91 -30.01
CA PHE DB 188 151.32 68.83 -30.47
C PHE DB 188 152.17 67.59 -30.69
N VAL DB 189 151.94 66.55 -29.91
CA VAL DB 189 152.79 65.36 -29.90
C VAL DB 189 151.92 64.12 -30.08
N ASN DB 190 152.27 63.26 -31.03
CA ASN DB 190 151.64 61.95 -31.18
C ASN DB 190 152.52 60.92 -30.49
N LEU DB 191 152.44 60.90 -29.16
CA LEU DB 191 153.25 59.99 -28.36
C LEU DB 191 152.71 58.56 -28.44
N ARG DB 192 153.61 57.59 -28.30
CA ARG DB 192 153.24 56.19 -28.32
C ARG DB 192 153.64 55.43 -27.06
N GLN DB 193 154.89 55.56 -26.62
CA GLN DB 193 155.38 54.78 -25.50
C GLN DB 193 156.16 55.68 -24.55
N LEU DB 194 156.18 55.29 -23.29
CA LEU DB 194 156.88 56.06 -22.25
C LEU DB 194 157.30 55.07 -21.16
N ASP DB 195 158.60 55.03 -20.88
CA ASP DB 195 159.14 54.20 -19.82
C ASP DB 195 160.00 55.07 -18.92
N MET DB 196 159.69 55.10 -17.63
CA MET DB 196 160.45 55.93 -16.70
C MET DB 196 160.85 55.11 -15.49
N TYR DB 197 162.15 55.16 -15.14
CA TYR DB 197 162.71 54.40 -14.04
C TYR DB 197 163.46 55.24 -13.02
N GLY DB 198 163.45 56.56 -13.15
CA GLY DB 198 164.25 57.43 -12.31
C GLY DB 198 163.43 58.28 -11.37
N LYS DB 199 163.85 59.53 -11.21
CA LYS DB 199 163.17 60.50 -10.34
C LYS DB 199 162.80 61.76 -11.11
N GLY DB 200 162.13 61.59 -12.27
CA GLY DB 200 161.88 62.69 -13.16
C GLY DB 200 160.46 63.24 -13.12
N THR DB 201 160.36 64.50 -13.52
CA THR DB 201 159.08 65.18 -13.72
C THR DB 201 158.96 65.57 -15.20
N LEU DB 202 157.83 65.21 -15.81
CA LEU DB 202 157.60 65.40 -17.23
C LEU DB 202 156.15 65.83 -17.44
N SER DB 203 155.94 66.86 -18.25
CA SER DB 203 154.60 67.33 -18.55
C SER DB 203 154.50 67.77 -20.00
N LEU DB 204 153.51 67.23 -20.70
CA LEU DB 204 153.18 67.63 -22.06
C LEU DB 204 151.83 68.33 -22.05
N TYR DB 205 151.71 69.40 -22.83
CA TYR DB 205 150.51 70.24 -22.75
C TYR DB 205 149.36 69.66 -23.57
N TRP DB 206 149.57 69.48 -24.87
CA TRP DB 206 148.55 68.93 -25.76
C TRP DB 206 149.12 67.74 -26.52
N ILE DB 207 148.39 66.63 -26.51
CA ILE DB 207 148.75 65.45 -27.27
C ILE DB 207 147.52 64.91 -27.98
N LYS DB 208 147.71 64.44 -29.22
CA LYS DB 208 146.67 63.81 -30.01
C LYS DB 208 147.25 62.49 -30.51
N SER DB 209 147.04 61.43 -29.75
CA SER DB 209 147.66 60.13 -29.99
C SER DB 209 146.60 59.08 -30.30
N ASP DB 210 147.05 57.84 -30.46
CA ASP DB 210 146.19 56.71 -30.74
C ASP DB 210 146.33 55.57 -29.75
N THR DB 211 147.56 55.31 -29.27
CA THR DB 211 147.78 54.27 -28.28
C THR DB 211 148.99 54.66 -27.44
N LEU DB 212 148.77 54.84 -26.14
CA LEU DB 212 149.84 55.12 -25.19
C LEU DB 212 150.11 53.90 -24.32
N THR DB 213 151.39 53.58 -24.16
CA THR DB 213 151.85 52.56 -23.20
C THR DB 213 152.80 53.24 -22.23
N ILE DB 214 152.37 53.38 -20.97
CA ILE DB 214 153.11 54.11 -19.95
C ILE DB 214 153.54 53.12 -18.87
N ARG DB 215 154.84 53.11 -18.55
CA ARG DB 215 155.39 52.30 -17.48
C ARG DB 215 156.19 53.19 -16.56
N ALA DB 216 155.87 53.14 -15.26
CA ALA DB 216 156.56 53.95 -14.25
C ALA DB 216 157.08 53.04 -13.14
N LYS DB 217 158.36 53.23 -12.80
CA LYS DB 217 159.07 52.28 -11.94
C LYS DB 217 159.37 52.83 -10.55
N LYS DB 218 160.17 53.91 -10.45
CA LYS DB 218 160.75 54.26 -9.17
C LYS DB 218 160.14 55.51 -8.54
N ALA DB 219 160.24 56.67 -9.21
CA ALA DB 219 159.53 57.86 -8.74
C ALA DB 219 159.26 58.73 -9.96
N ALA DB 220 158.07 58.58 -10.55
CA ALA DB 220 157.77 59.24 -11.81
C ALA DB 220 156.64 60.23 -11.61
N LYS DB 221 156.79 61.42 -12.22
CA LYS DB 221 155.71 62.39 -12.28
C LYS DB 221 155.42 62.68 -13.74
N ILE DB 222 154.21 62.34 -14.17
CA ILE DB 222 153.78 62.51 -15.56
C ILE DB 222 152.51 63.35 -15.56
N GLN DB 223 152.48 64.39 -16.39
CA GLN DB 223 151.30 65.26 -16.50
C GLN DB 223 150.98 65.47 -17.98
N LEU DB 224 149.93 64.81 -18.45
CA LEU DB 224 149.48 64.89 -19.82
C LEU DB 224 148.07 65.45 -19.91
N ALA DB 225 147.73 65.95 -21.10
CA ALA DB 225 146.40 66.45 -21.40
C ALA DB 225 146.19 66.39 -22.91
N GLY DB 226 145.02 65.92 -23.32
CA GLY DB 226 144.71 65.82 -24.73
C GLY DB 226 143.73 64.68 -24.99
N ILE DB 227 143.78 64.17 -26.22
CA ILE DB 227 142.84 63.15 -26.69
C ILE DB 227 143.62 61.89 -27.01
N VAL DB 228 143.22 60.77 -26.41
CA VAL DB 228 143.89 59.48 -26.58
C VAL DB 228 142.82 58.43 -26.86
N ASN DB 229 143.04 57.64 -27.91
CA ASN DB 229 142.09 56.58 -28.25
C ASN DB 229 142.22 55.37 -27.32
N ARG DB 230 143.44 55.03 -26.90
CA ARG DB 230 143.65 53.83 -26.10
C ARG DB 230 144.85 54.06 -25.18
N LEU DB 231 144.68 53.79 -23.89
CA LEU DB 231 145.69 54.09 -22.89
C LEU DB 231 145.94 52.85 -22.03
N ASP DB 232 147.22 52.57 -21.78
CA ASP DB 232 147.64 51.52 -20.86
C ASP DB 232 148.64 52.11 -19.88
N VAL DB 233 148.38 51.94 -18.59
CA VAL DB 233 149.17 52.54 -17.52
C VAL DB 233 149.60 51.44 -16.56
N GLU DB 234 150.90 51.39 -16.27
CA GLU DB 234 151.48 50.40 -15.36
C GLU DB 234 152.35 51.13 -14.35
N LEU DB 235 151.89 51.21 -13.09
CA LEU DB 235 152.61 51.89 -12.03
C LEU DB 235 153.10 50.86 -11.03
N TRP DB 236 154.40 50.88 -10.71
CA TRP DB 236 154.95 49.85 -9.84
C TRP DB 236 155.03 50.26 -8.38
N ASP DB 237 155.84 51.27 -8.05
CA ASP DB 237 155.87 51.77 -6.67
C ASP DB 237 156.39 53.20 -6.64
N PHE DB 238 155.76 54.00 -5.75
CA PHE DB 238 156.05 55.42 -5.53
C PHE DB 238 155.95 56.23 -6.82
N ALA DB 239 154.98 55.89 -7.67
CA ALA DB 239 154.76 56.56 -8.94
C ALA DB 239 153.40 57.25 -8.93
N GLN DB 240 153.37 58.47 -9.45
CA GLN DB 240 152.15 59.27 -9.52
C GLN DB 240 151.86 59.60 -10.97
N PHE DB 241 150.71 59.18 -11.46
CA PHE DB 241 150.25 59.47 -12.82
C PHE DB 241 149.02 60.37 -12.71
N LYS DB 242 149.15 61.61 -13.18
CA LYS DB 242 148.06 62.57 -13.19
C LYS DB 242 147.50 62.64 -14.61
N GLY DB 243 146.72 61.63 -14.98
CA GLY DB 243 146.11 61.61 -16.29
C GLY DB 243 144.76 62.30 -16.31
N LYS DB 244 144.48 63.13 -15.30
CA LYS DB 244 143.36 64.05 -15.36
C LYS DB 244 143.59 65.07 -16.47
N TYR DB 245 142.49 65.52 -17.07
CA TYR DB 245 142.40 66.33 -18.29
C TYR DB 245 142.94 65.61 -19.53
N LEU DB 246 143.16 64.31 -19.44
CA LEU DB 246 143.56 63.48 -20.58
C LEU DB 246 142.43 62.49 -20.82
N ARG DB 247 141.58 62.80 -21.79
CA ARG DB 247 140.37 62.01 -22.02
C ARG DB 247 140.70 60.80 -22.88
N ALA DB 248 140.54 59.61 -22.32
CA ALA DB 248 140.85 58.36 -23.00
C ALA DB 248 139.56 57.59 -23.25
N GLN DB 249 139.40 57.09 -24.48
CA GLN DB 249 138.24 56.27 -24.80
C GLN DB 249 138.32 54.90 -24.11
N ARG DB 250 139.48 54.25 -24.22
CA ARG DB 250 139.72 52.97 -23.57
C ARG DB 250 140.87 53.15 -22.58
N SER DB 251 140.66 52.73 -21.34
CA SER DB 251 141.71 52.83 -20.33
C SER DB 251 141.92 51.47 -19.67
N PHE DB 252 143.18 51.03 -19.64
CA PHE DB 252 143.62 49.89 -18.84
C PHE DB 252 144.66 50.39 -17.86
N VAL DB 253 144.36 50.29 -16.56
CA VAL DB 253 145.21 50.85 -15.52
C VAL DB 253 145.52 49.77 -14.50
N LYS DB 254 146.81 49.56 -14.21
CA LYS DB 254 147.23 48.66 -13.15
C LYS DB 254 148.21 49.36 -12.22
N THR DB 255 147.90 49.36 -10.93
CA THR DB 255 148.74 49.96 -9.91
C THR DB 255 149.15 48.91 -8.89
N HIS DB 256 150.45 48.84 -8.62
CA HIS DB 256 151.01 48.02 -7.57
C HIS DB 256 151.33 48.93 -6.37
N ASP DB 257 152.13 48.43 -5.43
CA ASP DB 257 152.19 48.95 -4.06
C ASP DB 257 152.62 50.41 -3.94
N LYS DB 258 151.76 51.20 -3.27
CA LYS DB 258 151.98 52.62 -2.95
C LYS DB 258 152.20 53.48 -4.20
N SER DB 259 151.25 53.42 -5.12
CA SER DB 259 151.26 54.25 -6.31
C SER DB 259 149.89 54.89 -6.50
N VAL DB 260 149.88 56.07 -7.13
CA VAL DB 260 148.67 56.88 -7.26
C VAL DB 260 148.43 57.15 -8.75
N ALA DB 261 147.23 56.82 -9.22
CA ALA DB 261 146.82 57.12 -10.59
C ALA DB 261 145.50 57.87 -10.57
N GLU DB 262 145.38 58.87 -11.44
CA GLU DB 262 144.19 59.72 -11.52
C GLU DB 262 143.76 59.81 -12.98
N ILE DB 263 142.72 59.06 -13.35
CA ILE DB 263 142.36 58.85 -14.75
C ILE DB 263 141.02 59.53 -15.06
N SER DB 264 140.77 59.71 -16.35
CA SER DB 264 139.60 60.42 -16.85
C SER DB 264 138.98 59.70 -18.04
N ALA DB 265 138.72 58.39 -17.88
CA ALA DB 265 138.21 57.56 -18.98
C ALA DB 265 136.79 57.97 -19.39
N VAL DB 266 136.47 57.70 -20.65
CA VAL DB 266 135.26 58.22 -21.29
C VAL DB 266 134.29 57.10 -21.66
N ASN DB 267 134.77 56.07 -22.36
CA ASN DB 267 133.91 55.01 -22.87
C ASN DB 267 134.05 53.72 -22.08
N HIS DB 268 135.26 53.18 -21.97
CA HIS DB 268 135.49 51.92 -21.25
C HIS DB 268 136.67 52.08 -20.31
N GLN DB 269 136.45 51.72 -19.04
CA GLN DB 269 137.44 51.84 -17.99
C GLN DB 269 137.66 50.48 -17.35
N SER DB 270 138.93 50.07 -17.28
CA SER DB 270 139.31 48.80 -16.66
C SER DB 270 140.51 49.07 -15.76
N SER DB 271 140.34 48.86 -14.45
CA SER DB 271 141.35 49.24 -13.49
C SER DB 271 141.57 48.14 -12.45
N LEU DB 272 142.81 48.05 -11.98
CA LEU DB 272 143.19 47.09 -10.94
C LEU DB 272 144.16 47.74 -9.98
N ALA DB 273 143.85 47.65 -8.69
CA ALA DB 273 144.72 48.12 -7.62
C ALA DB 273 145.14 46.94 -6.76
N THR DB 274 146.45 46.79 -6.53
CA THR DB 274 146.95 45.56 -5.92
C THR DB 274 147.00 45.63 -4.40
N ASP DB 275 147.80 46.55 -3.86
CA ASP DB 275 148.04 46.56 -2.41
C ASP DB 275 148.46 47.95 -1.93
N ALA DB 276 147.59 48.58 -1.13
CA ALA DB 276 147.78 49.93 -0.58
C ALA DB 276 148.02 50.96 -1.67
N SER DB 277 147.31 50.82 -2.78
CA SER DB 277 147.41 51.73 -3.91
C SER DB 277 146.04 52.36 -4.17
N ASP DB 278 146.05 53.53 -4.79
CA ASP DB 278 144.84 54.31 -5.01
C ASP DB 278 144.68 54.63 -6.48
N ILE DB 279 143.51 54.31 -7.03
CA ILE DB 279 143.11 54.74 -8.35
C ILE DB 279 141.88 55.61 -8.19
N TYR DB 280 141.96 56.85 -8.64
CA TYR DB 280 140.85 57.79 -8.59
C TYR DB 280 140.39 58.05 -10.01
N TYR DB 281 139.08 58.03 -10.24
CA TYR DB 281 138.62 58.52 -11.55
C TYR DB 281 138.00 59.90 -11.40
N TYR DB 282 137.69 60.51 -12.54
CA TYR DB 282 137.08 61.84 -12.54
C TYR DB 282 135.94 61.98 -13.54
N ASN DB 283 135.66 60.95 -14.33
CA ASN DB 283 134.57 60.97 -15.29
C ASN DB 283 133.78 59.67 -15.15
N LEU DB 284 132.48 59.76 -15.45
CA LEU DB 284 131.61 58.59 -15.41
C LEU DB 284 131.58 57.97 -16.81
N SER DB 285 132.27 56.85 -16.97
CA SER DB 285 132.36 56.19 -18.26
C SER DB 285 131.08 55.41 -18.56
N LYS DB 286 130.92 55.04 -19.83
CA LYS DB 286 129.78 54.22 -20.22
C LYS DB 286 129.91 52.79 -19.70
N THR DB 287 131.13 52.29 -19.56
CA THR DB 287 131.34 50.98 -18.95
C THR DB 287 132.54 51.07 -18.00
N ARG DB 288 132.33 50.61 -16.77
CA ARG DB 288 133.32 50.69 -15.70
C ARG DB 288 133.55 49.31 -15.11
N ALA DB 289 134.82 48.96 -14.90
CA ALA DB 289 135.15 47.70 -14.24
C ALA DB 289 136.44 47.87 -13.46
N ASP DB 290 136.35 47.71 -12.14
CA ASP DB 290 137.46 47.93 -11.23
C ASP DB 290 137.64 46.71 -10.33
N PHE DB 291 138.89 46.42 -10.00
CA PHE DB 291 139.20 45.31 -9.10
C PHE DB 291 140.24 45.74 -8.08
N MET DB 292 140.09 45.21 -6.86
CA MET DB 292 140.99 45.46 -5.74
C MET DB 292 141.53 44.12 -5.26
N ALA DB 293 142.81 44.07 -4.87
CA ALA DB 293 143.42 42.78 -4.53
C ALA DB 293 143.73 42.64 -3.04
N PHE DB 294 144.56 43.50 -2.46
CA PHE DB 294 144.90 43.37 -1.04
C PHE DB 294 144.43 44.55 -0.21
N ASN DB 295 144.89 45.75 -0.54
CA ASN DB 295 144.50 46.96 0.19
C ASN DB 295 144.30 48.15 -0.74
N GLY DB 296 144.26 47.92 -2.05
CA GLY DB 296 144.03 49.02 -2.98
C GLY DB 296 142.59 49.49 -2.94
N SER DB 297 142.36 50.62 -3.63
CA SER DB 297 141.04 51.23 -3.61
C SER DB 297 140.86 52.09 -4.85
N VAL DB 298 139.67 52.03 -5.44
CA VAL DB 298 139.27 52.87 -6.56
C VAL DB 298 138.15 53.79 -6.09
N LEU DB 299 138.31 55.09 -6.32
CA LEU DB 299 137.43 56.08 -5.74
C LEU DB 299 136.82 56.99 -6.80
N ASP DB 300 135.65 57.54 -6.46
CA ASP DB 300 134.84 58.33 -7.39
C ASP DB 300 135.41 59.74 -7.56
N MET DB 301 135.63 60.44 -6.45
CA MET DB 301 136.38 61.71 -6.39
C MET DB 301 135.78 62.81 -7.27
N ARG DB 302 134.45 62.89 -7.33
CA ARG DB 302 133.79 63.96 -8.06
C ARG DB 302 133.33 65.04 -7.09
N GLU DB 303 132.64 66.04 -7.63
CA GLU DB 303 132.47 67.30 -6.92
C GLU DB 303 131.32 67.30 -5.92
N TRP DB 304 130.29 66.47 -6.16
CA TRP DB 304 129.05 66.30 -5.38
C TRP DB 304 128.12 67.51 -5.42
N GLY DB 305 128.51 68.61 -6.09
CA GLY DB 305 127.69 69.81 -6.11
C GLY DB 305 127.67 70.46 -7.47
N GLN DB 306 128.16 69.76 -8.48
CA GLN DB 306 128.08 70.24 -9.85
C GLN DB 306 126.64 70.27 -10.33
N SER DB 307 126.30 71.29 -11.11
CA SER DB 307 124.92 71.48 -11.55
C SER DB 307 124.48 70.47 -12.60
N ASP DB 308 125.42 69.80 -13.25
CA ASP DB 308 125.11 68.82 -14.29
C ASP DB 308 125.77 67.47 -13.98
N LEU DB 309 125.68 67.03 -12.73
CA LEU DB 309 126.22 65.73 -12.34
C LEU DB 309 125.36 64.62 -12.89
N LYS DB 310 126.00 63.51 -13.25
CA LYS DB 310 125.34 62.36 -13.85
C LYS DB 310 125.32 61.19 -12.87
N ASP DB 311 124.16 60.55 -12.76
CA ASP DB 311 123.99 59.42 -11.86
C ASP DB 311 124.34 58.11 -12.57
N PHE DB 312 124.44 57.04 -11.78
CA PHE DB 312 124.69 55.73 -12.34
C PHE DB 312 123.48 55.22 -13.11
N ASP DB 313 123.73 54.33 -14.06
CA ASP DB 313 122.72 53.71 -14.88
C ASP DB 313 122.57 52.23 -14.50
N ARG DB 314 121.76 51.51 -15.27
CA ARG DB 314 121.70 50.06 -15.14
C ARG DB 314 123.03 49.42 -15.54
N TYR DB 315 123.75 50.04 -16.48
CA TYR DB 315 124.95 49.47 -17.06
C TYR DB 315 126.23 49.97 -16.41
N ASN DB 316 126.12 50.94 -15.48
CA ASN DB 316 127.26 51.52 -14.80
C ASN DB 316 127.33 51.14 -13.32
N LYS DB 317 126.29 50.56 -12.76
CA LYS DB 317 126.18 50.36 -11.32
C LYS DB 317 127.01 49.15 -10.90
N GLN DB 318 128.20 49.41 -10.36
CA GLN DB 318 129.04 48.40 -9.74
C GLN DB 318 129.26 48.77 -8.28
N PHE DB 319 129.18 47.77 -7.41
CA PHE DB 319 129.30 48.00 -5.97
C PHE DB 319 130.65 47.48 -5.49
N PRO DB 320 131.59 48.34 -5.09
CA PRO DB 320 132.93 47.96 -4.65
C PRO DB 320 132.94 47.12 -3.37
N GLY EB 40 104.29 31.06 25.31
CA GLY EB 40 105.05 32.08 26.02
C GLY EB 40 105.38 33.29 25.17
N CYS EB 41 104.68 34.39 25.43
CA CYS EB 41 104.89 35.61 24.65
C CYS EB 41 106.10 36.39 25.15
N CYS EB 42 106.08 36.79 26.43
CA CYS EB 42 107.21 37.54 27.01
C CYS EB 42 108.25 36.60 27.61
N SER EB 43 108.72 35.65 26.81
CA SER EB 43 109.72 34.69 27.28
C SER EB 43 111.09 35.35 27.36
N LYS EB 44 111.89 34.89 28.34
CA LYS EB 44 113.17 35.47 28.75
C LYS EB 44 113.04 36.95 29.12
N MET EB 45 111.88 37.33 29.64
CA MET EB 45 111.63 38.65 30.20
C MET EB 45 110.85 38.46 31.50
N GLY EB 46 110.30 39.54 32.03
CA GLY EB 46 109.60 39.45 33.29
C GLY EB 46 108.16 38.99 33.24
N GLY EB 47 107.61 38.72 32.05
CA GLY EB 47 106.24 38.31 31.92
C GLY EB 47 105.34 39.46 31.47
N ILE EB 48 104.08 39.10 31.20
CA ILE EB 48 103.14 40.02 30.57
C ILE EB 48 102.63 41.03 31.61
N ASN EB 49 102.76 42.31 31.29
CA ASN EB 49 102.18 43.35 32.15
C ASN EB 49 100.70 43.57 31.84
N TYR EB 50 100.40 44.04 30.64
CA TYR EB 50 99.01 44.31 30.23
C TYR EB 50 98.94 44.41 28.71
N CYS EB 51 97.71 44.34 28.19
CA CYS EB 51 97.42 44.53 26.78
C CYS EB 51 97.14 45.99 26.51
N ASP EB 52 98.00 46.63 25.70
CA ASP EB 52 97.75 47.98 25.20
C ASP EB 52 96.89 47.85 23.95
N SER EB 53 95.62 48.27 24.07
CA SER EB 53 94.66 48.19 22.98
C SER EB 53 94.76 49.36 22.02
N SER EB 54 95.46 50.43 22.38
CA SER EB 54 95.67 51.53 21.45
C SER EB 54 96.65 51.15 20.35
N ALA EB 55 97.56 50.21 20.63
CA ALA EB 55 98.44 49.66 19.63
C ALA EB 55 98.14 48.20 19.32
N GLY EB 56 97.32 47.54 20.13
CA GLY EB 56 96.99 46.14 19.92
C GLY EB 56 98.09 45.18 20.25
N ARG EB 57 98.92 45.49 21.24
CA ARG EB 57 100.08 44.68 21.56
C ARG EB 57 100.20 44.46 23.06
N LEU EB 58 100.83 43.37 23.44
CA LEU EB 58 101.13 43.11 24.84
C LEU EB 58 102.38 43.88 25.26
N VAL EB 59 102.42 44.22 26.55
CA VAL EB 59 103.58 44.88 27.14
C VAL EB 59 104.18 43.92 28.16
N CYS EB 60 105.49 43.71 28.08
CA CYS EB 60 106.16 42.83 29.02
C CYS EB 60 106.45 43.59 30.31
N ASN EB 61 107.07 42.91 31.27
CA ASN EB 61 107.38 43.55 32.55
C ASN EB 61 108.60 44.44 32.49
N ASN EB 62 109.37 44.39 31.41
CA ASN EB 62 110.32 45.45 31.10
C ASN EB 62 109.62 46.48 30.21
N GLY EB 63 110.38 47.40 29.61
CA GLY EB 63 109.77 48.42 28.80
C GLY EB 63 109.68 48.07 27.33
N PHE EB 64 109.80 46.79 27.01
CA PHE EB 64 109.82 46.33 25.63
C PHE EB 64 108.42 45.88 25.21
N TYR EB 65 108.00 46.29 24.01
CA TYR EB 65 106.77 45.78 23.45
C TYR EB 65 106.93 44.32 23.03
N SER EB 66 105.86 43.55 23.19
CA SER EB 66 105.87 42.15 22.81
C SER EB 66 105.51 41.99 21.33
N THR EB 67 105.88 40.84 20.78
CA THR EB 67 105.56 40.52 19.40
C THR EB 67 104.17 39.91 19.24
N CYS EB 68 103.50 39.57 20.33
CA CYS EB 68 102.18 38.97 20.26
C CYS EB 68 101.09 40.04 20.12
N TYR EB 69 100.01 39.66 19.45
CA TYR EB 69 98.83 40.50 19.36
C TYR EB 69 97.88 40.17 20.51
N CYS EB 70 97.07 41.15 20.89
CA CYS EB 70 96.06 40.94 21.91
C CYS EB 70 94.69 41.54 21.56
N THR EB 71 94.57 42.21 20.41
CA THR EB 71 93.27 42.61 19.88
C THR EB 71 93.21 42.20 18.41
N ARG EB 72 91.99 42.20 17.86
CA ARG EB 72 91.84 41.87 16.44
C ARG EB 72 92.11 43.08 15.55
N HIS EB 73 92.10 44.29 16.14
CA HIS EB 73 92.39 45.52 15.39
C HIS EB 73 93.87 45.87 15.52
N ALA EB 74 94.71 44.90 15.18
CA ALA EB 74 96.16 45.09 15.15
C ALA EB 74 96.63 44.95 13.72
N VAL EB 75 97.76 45.59 13.42
CA VAL EB 75 98.31 45.60 12.06
C VAL EB 75 98.88 44.22 11.75
N MET EB 76 98.18 43.45 10.93
CA MET EB 76 98.65 42.16 10.45
C MET EB 76 98.88 42.24 8.94
N ASP EB 77 99.92 41.56 8.47
CA ASP EB 77 100.24 41.55 7.05
C ASP EB 77 99.53 40.37 6.37
N LEU EB 78 98.21 40.54 6.22
CA LEU EB 78 97.38 39.50 5.63
C LEU EB 78 97.43 39.57 4.11
N GLN EB 79 97.91 38.49 3.48
CA GLN EB 79 97.99 38.40 2.03
C GLN EB 79 97.21 37.23 1.46
N PHE EB 80 96.77 36.28 2.28
CA PHE EB 80 96.06 35.08 1.81
C PHE EB 80 94.76 34.97 2.58
N LEU EB 81 93.64 35.13 1.89
CA LEU EB 81 92.32 35.07 2.49
C LEU EB 81 91.50 33.96 1.84
N MET EB 82 90.75 33.24 2.65
CA MET EB 82 89.96 32.10 2.17
C MET EB 82 88.53 32.54 1.88
N GLY EB 83 87.73 31.61 1.39
CA GLY EB 83 86.37 31.88 0.96
C GLY EB 83 86.29 32.21 -0.51
N CYS EB 84 85.12 31.95 -1.11
CA CYS EB 84 84.93 32.20 -2.52
C CYS EB 84 83.88 33.31 -2.73
N CYS EB 85 83.69 33.66 -4.01
CA CYS EB 85 83.13 34.94 -4.45
C CYS EB 85 83.88 36.12 -3.84
N LEU EB 86 85.20 35.98 -3.72
CA LEU EB 86 86.06 37.09 -3.36
C LEU EB 86 86.22 38.03 -4.55
N TRP EB 87 86.47 39.30 -4.26
CA TRP EB 87 86.50 40.41 -5.22
C TRP EB 87 85.18 40.53 -5.99
N HIS EB 88 84.09 40.18 -5.31
CA HIS EB 88 82.73 40.43 -5.75
C HIS EB 88 81.97 40.85 -4.50
N GLY EB 89 80.64 40.84 -4.57
CA GLY EB 89 79.87 41.20 -3.40
C GLY EB 89 79.79 40.15 -2.31
N GLY EB 90 80.29 38.95 -2.57
CA GLY EB 90 80.17 37.82 -1.66
C GLY EB 90 79.19 36.79 -2.20
N VAL EB 91 78.97 35.75 -1.41
CA VAL EB 91 78.10 34.66 -1.81
C VAL EB 91 76.64 35.08 -1.61
N TYR EB 92 75.86 35.02 -2.68
CA TYR EB 92 74.44 35.39 -2.60
C TYR EB 92 73.68 34.26 -1.91
N PRO EB 93 72.90 34.56 -0.85
CA PRO EB 93 72.53 33.51 0.11
C PRO EB 93 71.35 32.62 -0.28
N GLN EB 94 70.98 32.57 -1.55
CA GLN EB 94 69.88 31.69 -1.96
C GLN EB 94 70.31 30.22 -1.88
N LEU EB 95 69.34 29.36 -1.59
CA LEU EB 95 69.57 27.93 -1.62
C LEU EB 95 69.17 27.39 -2.99
N ASN EB 96 70.07 26.60 -3.59
CA ASN EB 96 69.97 26.21 -4.98
C ASN EB 96 69.67 24.72 -5.10
N SER EB 97 68.83 24.37 -6.07
CA SER EB 97 68.61 22.96 -6.40
C SER EB 97 69.87 22.34 -7.00
N SER EB 98 70.57 23.10 -7.83
CA SER EB 98 71.83 22.65 -8.40
C SER EB 98 72.99 23.04 -7.49
N GLY EB 99 74.20 22.71 -7.90
CA GLY EB 99 75.40 23.00 -7.15
C GLY EB 99 76.09 24.30 -7.49
N LEU EB 100 75.45 25.16 -8.29
CA LEU EB 100 76.08 26.42 -8.70
C LEU EB 100 76.12 27.40 -7.55
N VAL EB 101 77.18 28.21 -7.52
CA VAL EB 101 77.36 29.28 -6.54
C VAL EB 101 77.40 30.59 -7.31
N VAL EB 102 76.48 31.50 -6.95
CA VAL EB 102 76.36 32.79 -7.62
C VAL EB 102 76.77 33.89 -6.65
N CYS EB 103 77.47 34.89 -7.16
CA CYS EB 103 77.91 36.01 -6.36
C CYS EB 103 76.89 37.16 -6.44
N ASN EB 104 77.08 38.17 -5.60
CA ASN EB 104 76.13 39.28 -5.50
C ASN EB 104 76.16 40.22 -6.69
N ASP EB 105 77.17 40.13 -7.56
CA ASP EB 105 77.24 40.96 -8.75
C ASP EB 105 76.82 40.22 -10.02
N GLY EB 106 76.19 39.06 -9.88
CA GLY EB 106 75.76 38.27 -11.01
C GLY EB 106 76.78 37.29 -11.52
N TYR EB 107 78.00 37.31 -11.00
CA TYR EB 107 79.03 36.37 -11.43
C TYR EB 107 78.75 34.98 -10.88
N VAL EB 108 79.25 33.97 -11.58
CA VAL EB 108 79.13 32.57 -11.19
C VAL EB 108 80.52 32.05 -10.88
N SER EB 109 80.70 31.55 -9.65
CA SER EB 109 81.98 31.04 -9.20
C SER EB 109 82.10 29.58 -9.61
N GLU EB 110 83.05 29.29 -10.52
CA GLU EB 110 83.21 27.93 -11.02
C GLU EB 110 83.89 27.03 -9.99
N GLU EB 111 84.70 27.63 -9.11
CA GLU EB 111 85.49 26.84 -8.17
C GLU EB 111 84.64 26.21 -7.07
N CYS EB 112 83.71 26.98 -6.49
CA CYS EB 112 82.78 26.42 -5.52
C CYS EB 112 81.56 25.77 -6.16
N SER EB 113 81.42 25.83 -7.48
CA SER EB 113 80.34 25.14 -8.16
C SER EB 113 80.62 23.64 -8.21
N LEU EB 114 79.58 22.85 -7.95
CA LEU EB 114 79.70 21.40 -8.02
C LEU EB 114 79.52 20.93 -9.46
N GLN EB 115 80.43 20.07 -9.90
CA GLN EB 115 80.39 19.56 -11.27
C GLN EB 115 79.33 18.47 -11.43
N UNK FB 1 115.38 58.95 11.94
CA UNK FB 1 115.95 59.23 13.25
C UNK FB 1 117.38 59.76 13.12
N UNK FB 2 118.29 58.88 12.68
CA UNK FB 2 119.71 59.11 12.38
C UNK FB 2 120.56 59.45 13.58
N UNK FB 3 120.00 59.51 14.79
CA UNK FB 3 120.77 59.77 16.01
C UNK FB 3 119.98 59.21 17.19
N UNK FB 4 120.43 58.08 17.73
CA UNK FB 4 119.74 57.47 18.85
C UNK FB 4 119.97 58.21 20.15
N UNK FB 5 121.15 58.81 20.33
CA UNK FB 5 121.51 59.55 21.54
C UNK FB 5 121.78 60.99 21.15
N UNK FB 6 120.76 61.84 21.22
CA UNK FB 6 120.92 63.24 20.91
C UNK FB 6 121.68 63.96 22.02
N UNK FB 7 122.32 65.07 21.66
CA UNK FB 7 123.16 65.82 22.57
C UNK FB 7 122.44 67.07 23.07
N UNK FB 8 122.70 67.42 24.34
CA UNK FB 8 122.11 68.58 24.97
C UNK FB 8 123.19 69.65 25.12
N UNK FB 9 123.07 70.71 24.32
CA UNK FB 9 123.98 71.87 24.30
C UNK FB 9 125.45 71.49 24.11
N PHE GB 25 130.22 33.60 4.99
CA PHE GB 25 130.04 33.19 3.60
C PHE GB 25 128.86 33.91 2.96
N LYS GB 26 129.02 34.28 1.69
CA LYS GB 26 128.00 35.06 1.00
C LYS GB 26 126.80 34.18 0.63
N LYS GB 27 125.61 34.78 0.70
CA LYS GB 27 124.37 34.11 0.36
C LYS GB 27 123.71 34.77 -0.84
N PRO GB 28 122.97 34.01 -1.65
CA PRO GB 28 122.20 34.61 -2.74
C PRO GB 28 120.99 35.36 -2.21
N PRO GB 29 120.43 36.28 -3.00
CA PRO GB 29 119.16 36.91 -2.60
C PRO GB 29 118.03 35.90 -2.51
N ILE GB 30 117.15 36.09 -1.53
CA ILE GB 30 116.07 35.13 -1.30
C ILE GB 30 114.99 35.26 -2.35
N ASN GB 31 114.71 36.48 -2.81
CA ASN GB 31 113.76 36.70 -3.90
C ASN GB 31 114.49 36.85 -5.22
N ASN GB 32 115.27 35.84 -5.56
CA ASN GB 32 116.05 35.90 -6.79
C ASN GB 32 115.39 35.10 -7.89
N PRO GB 33 115.38 35.61 -9.13
CA PRO GB 33 114.84 34.82 -10.24
C PRO GB 33 115.76 33.69 -10.64
N SER GB 34 115.66 32.56 -9.94
CA SER GB 34 116.42 31.36 -10.27
C SER GB 34 115.64 30.41 -11.16
N ASP GB 35 114.55 30.88 -11.76
CA ASP GB 35 113.70 30.09 -12.62
C ASP GB 35 113.58 30.77 -13.98
N ASP GB 36 113.59 29.97 -15.04
CA ASP GB 36 113.70 30.50 -16.39
C ASP GB 36 112.42 31.18 -16.89
N ALA GB 37 111.29 30.98 -16.21
CA ALA GB 37 110.09 31.77 -16.49
C ALA GB 37 110.04 33.04 -15.65
N THR GB 38 110.52 32.98 -14.41
CA THR GB 38 110.57 34.16 -13.55
C THR GB 38 111.55 35.20 -14.06
N ILE GB 39 112.64 34.74 -14.69
CA ILE GB 39 113.61 35.67 -15.31
C ILE GB 39 112.94 36.47 -16.43
N LYS GB 40 112.19 35.78 -17.29
CA LYS GB 40 111.49 36.43 -18.40
C LYS GB 40 110.40 37.36 -17.90
N LEU GB 41 109.65 36.95 -16.87
CA LEU GB 41 108.63 37.79 -16.27
C LEU GB 41 109.22 39.07 -15.67
N ALA GB 42 110.35 38.94 -14.98
CA ALA GB 42 110.97 40.09 -14.33
C ALA GB 42 111.57 41.07 -15.34
N GLU GB 43 112.20 40.56 -16.41
CA GLU GB 43 112.74 41.49 -17.40
C GLU GB 43 111.64 42.12 -18.25
N ALA GB 44 110.51 41.42 -18.44
CA ALA GB 44 109.35 42.04 -19.06
C ALA GB 44 108.79 43.16 -18.20
N ALA GB 45 108.76 42.95 -16.87
CA ALA GB 45 108.31 44.01 -15.96
C ALA GB 45 109.26 45.21 -15.99
N VAL GB 46 110.56 44.95 -16.08
CA VAL GB 46 111.56 46.02 -16.18
C VAL GB 46 111.36 46.84 -17.45
N SER GB 47 111.14 46.16 -18.59
CA SER GB 47 110.91 46.85 -19.85
C SER GB 47 109.60 47.65 -19.84
N VAL GB 48 108.56 47.10 -19.20
CA VAL GB 48 107.29 47.82 -19.08
C VAL GB 48 107.46 49.09 -18.24
N SER GB 49 108.20 49.00 -17.13
CA SER GB 49 108.45 50.16 -16.29
C SER GB 49 109.28 51.22 -17.02
N ASP GB 50 110.27 50.79 -17.81
CA ASP GB 50 111.07 51.72 -18.60
C ASP GB 50 110.22 52.43 -19.67
N SER GB 51 109.33 51.68 -20.32
CA SER GB 51 108.44 52.26 -21.33
C SER GB 51 107.46 53.25 -20.70
N MET GB 52 106.93 52.93 -19.52
CA MET GB 52 106.06 53.87 -18.80
C MET GB 52 106.80 55.14 -18.39
N LEU GB 53 108.06 55.00 -17.97
CA LEU GB 53 108.87 56.17 -17.63
C LEU GB 53 109.13 57.05 -18.84
N GLU GB 54 109.40 56.44 -20.00
CA GLU GB 54 109.58 57.20 -21.24
C GLU GB 54 108.30 57.91 -21.65
N MET GB 55 107.15 57.24 -21.54
CA MET GB 55 105.88 57.85 -21.90
C MET GB 55 105.54 59.02 -20.98
N ALA GB 56 105.79 58.87 -19.68
CA ALA GB 56 105.55 59.97 -18.74
C ALA GB 56 106.49 61.14 -18.98
N LYS GB 57 107.75 60.85 -19.33
CA LYS GB 57 108.72 61.89 -19.65
C LYS GB 57 108.33 62.67 -20.90
N VAL GB 58 107.79 61.99 -21.90
CA VAL GB 58 107.28 62.69 -23.09
C VAL GB 58 106.04 63.51 -22.74
N GLU GB 59 105.13 62.94 -21.95
CA GLU GB 59 103.82 63.55 -21.73
C GLU GB 59 103.88 64.77 -20.81
N LYS GB 60 104.78 64.78 -19.82
CA LYS GB 60 104.80 65.86 -18.84
C LYS GB 60 105.35 67.15 -19.46
N VAL GB 61 104.65 68.26 -19.24
CA VAL GB 61 105.08 69.59 -19.63
C VAL GB 61 105.39 70.39 -18.37
N ILE GB 62 106.41 71.26 -18.45
CA ILE GB 62 106.86 72.07 -17.33
C ILE GB 62 106.93 73.53 -17.77
N THR GB 63 107.31 74.40 -16.84
CA THR GB 63 107.63 75.78 -17.11
C THR GB 63 109.01 76.10 -16.53
N PRO GB 64 109.76 77.00 -17.18
CA PRO GB 64 111.03 77.42 -16.61
C PRO GB 64 110.82 78.27 -15.37
N PRO GB 65 111.76 78.28 -14.42
CA PRO GB 65 111.58 79.08 -13.20
C PRO GB 65 111.77 80.58 -13.41
N SER GB 66 112.26 81.01 -14.58
CA SER GB 66 112.43 82.44 -14.81
C SER GB 66 111.09 83.14 -15.03
N LYS GB 67 110.16 82.49 -15.74
CA LYS GB 67 108.87 83.08 -16.06
C LYS GB 67 107.73 82.46 -15.25
N ASP GB 68 108.03 81.87 -14.10
CA ASP GB 68 107.00 81.30 -13.25
C ASP GB 68 106.19 82.42 -12.58
N ASN GB 69 104.89 82.41 -12.79
CA ASN GB 69 104.01 83.48 -12.30
C ASN GB 69 103.49 83.11 -10.92
N THR GB 70 104.40 83.22 -9.94
CA THR GB 70 104.09 82.95 -8.55
C THR GB 70 104.82 84.00 -7.70
N LEU GB 71 104.11 84.54 -6.71
CA LEU GB 71 104.67 85.59 -5.86
C LEU GB 71 105.79 85.04 -5.00
N THR GB 72 106.91 85.75 -4.99
CA THR GB 72 108.08 85.34 -4.22
C THR GB 72 107.96 85.85 -2.78
N ILE GB 73 108.92 85.46 -1.94
CA ILE GB 73 108.94 85.88 -0.54
C ILE GB 73 109.39 87.34 -0.49
N PRO GB 74 108.58 88.24 0.09
CA PRO GB 74 108.94 89.67 0.09
C PRO GB 74 109.92 90.07 1.18
N ASN GB 75 110.39 89.10 1.97
CA ASN GB 75 111.43 89.10 3.01
C ASN GB 75 111.54 90.38 3.83
N ALA GB 76 110.40 90.95 4.22
CA ALA GB 76 110.38 92.03 5.19
C ALA GB 76 110.46 91.46 6.60
N TYR GB 77 110.82 92.32 7.55
CA TYR GB 77 111.03 91.84 8.92
C TYR GB 77 109.71 91.51 9.61
N ASN GB 78 108.65 92.26 9.30
CA ASN GB 78 107.35 92.04 9.94
C ASN GB 78 106.59 90.85 9.37
N LEU GB 79 107.02 90.30 8.25
CA LEU GB 79 106.31 89.22 7.59
C LEU GB 79 106.87 87.84 7.90
N GLN GB 80 107.87 87.73 8.78
CA GLN GB 80 108.43 86.45 9.18
C GLN GB 80 107.81 85.90 10.46
N ALA GB 81 106.80 86.56 11.00
CA ALA GB 81 106.15 86.06 12.22
C ALA GB 81 105.28 84.85 11.91
N ARG GB 82 105.29 83.90 12.84
CA ARG GB 82 104.51 82.67 12.67
C ARG GB 82 103.03 82.93 12.91
N ALA GB 83 102.19 82.04 12.39
CA ALA GB 83 100.75 82.20 12.49
C ALA GB 83 100.08 80.83 12.50
N SER GB 84 98.81 80.84 12.92
CA SER GB 84 97.98 79.63 12.96
C SER GB 84 96.61 80.00 12.41
N VAL GB 85 96.32 79.55 11.18
CA VAL GB 85 95.16 80.02 10.43
C VAL GB 85 94.31 78.82 10.06
N ASP GB 86 93.01 78.91 10.32
CA ASP GB 86 92.02 77.95 9.86
C ASP GB 86 90.88 78.76 9.26
N TRP GB 87 90.76 78.74 7.93
CA TRP GB 87 89.79 79.59 7.24
C TRP GB 87 89.38 78.91 5.94
N SER GB 88 88.11 79.04 5.60
CA SER GB 88 87.59 78.55 4.31
C SER GB 88 86.48 79.51 3.89
N GLY GB 89 86.82 80.50 3.06
CA GLY GB 89 85.87 81.49 2.64
C GLY GB 89 86.44 82.47 1.64
N PRO GB 90 85.94 83.71 1.65
CA PRO GB 90 86.43 84.72 0.70
C PRO GB 90 87.86 85.14 0.99
N ILE GB 91 88.52 85.62 -0.07
CA ILE GB 91 89.94 85.94 -0.03
C ILE GB 91 90.20 87.30 0.61
N GLU GB 92 89.26 88.25 0.48
CA GLU GB 92 89.48 89.63 0.88
C GLU GB 92 89.58 89.78 2.40
N GLU GB 93 88.70 89.09 3.14
CA GLU GB 93 88.71 89.15 4.59
C GLU GB 93 89.99 88.56 5.17
N LEU GB 94 90.42 87.41 4.64
CA LEU GB 94 91.65 86.78 5.13
C LEU GB 94 92.88 87.62 4.78
N THR GB 95 92.91 88.22 3.58
CA THR GB 95 94.05 89.05 3.20
C THR GB 95 94.10 90.33 4.04
N ALA GB 96 92.93 90.91 4.35
CA ALA GB 96 92.89 92.07 5.23
C ALA GB 96 93.34 91.73 6.64
N ARG GB 97 92.96 90.55 7.15
CA ARG GB 97 93.40 90.15 8.49
C ARG GB 97 94.90 89.86 8.53
N ILE GB 98 95.44 89.30 7.44
CA ILE GB 98 96.89 89.08 7.35
C ILE GB 98 97.63 90.41 7.33
N ALA GB 99 97.09 91.40 6.59
CA ALA GB 99 97.70 92.73 6.55
C ALA GB 99 97.64 93.42 7.92
N LYS GB 100 96.51 93.29 8.63
CA LYS GB 100 96.41 93.86 9.97
C LYS GB 100 97.32 93.18 10.97
N ALA GB 101 97.53 91.86 10.82
CA ALA GB 101 98.47 91.15 11.69
C ALA GB 101 99.91 91.53 11.37
N ALA GB 102 100.20 91.84 10.11
CA ALA GB 102 101.54 92.23 9.69
C ALA GB 102 101.78 93.73 9.77
N HIS GB 103 100.78 94.49 10.25
CA HIS GB 103 100.87 95.94 10.48
C HIS GB 103 101.11 96.72 9.18
N PHE GB 104 100.59 96.21 8.08
CA PHE GB 104 100.63 96.88 6.79
C PHE GB 104 99.29 97.56 6.53
N ARG GB 105 99.21 98.29 5.43
CA ARG GB 105 97.93 98.77 4.93
C ARG GB 105 97.41 97.79 3.88
N PHE GB 106 96.13 97.89 3.57
CA PHE GB 106 95.50 96.95 2.64
C PHE GB 106 94.62 97.71 1.68
N ARG GB 107 94.75 97.43 0.39
CA ARG GB 107 93.93 98.09 -0.62
C ARG GB 107 93.53 97.11 -1.71
N VAL GB 108 92.38 97.38 -2.33
CA VAL GB 108 91.79 96.53 -3.36
C VAL GB 108 91.63 97.35 -4.63
N LEU GB 109 92.09 96.80 -5.74
CA LEU GB 109 91.89 97.40 -7.06
C LEU GB 109 91.21 96.38 -7.97
N GLY GB 110 90.02 96.73 -8.46
CA GLY GB 110 89.25 95.88 -9.33
C GLY GB 110 87.80 95.88 -8.92
N LYS GB 111 87.06 94.90 -9.43
CA LYS GB 111 85.64 94.75 -9.15
C LYS GB 111 85.38 93.33 -8.66
N SER GB 112 84.66 93.21 -7.55
CA SER GB 112 84.32 91.90 -7.02
C SER GB 112 83.26 91.24 -7.90
N PRO GB 113 83.41 89.98 -8.24
CA PRO GB 113 82.43 89.30 -9.10
C PRO GB 113 81.16 88.94 -8.31
N SER GB 114 80.19 88.38 -9.04
CA SER GB 114 78.96 87.92 -8.40
C SER GB 114 79.22 86.72 -7.50
N VAL GB 115 80.03 85.77 -7.97
CA VAL GB 115 80.49 84.65 -7.16
C VAL GB 115 81.86 85.00 -6.61
N PRO GB 116 82.05 85.03 -5.30
CA PRO GB 116 83.35 85.42 -4.75
C PRO GB 116 84.40 84.33 -4.92
N VAL GB 117 85.66 84.75 -4.87
CA VAL GB 117 86.78 83.81 -4.94
C VAL GB 117 86.96 83.16 -3.58
N LEU GB 118 86.94 81.82 -3.56
CA LEU GB 118 86.96 81.06 -2.33
C LEU GB 118 88.29 80.33 -2.19
N ILE GB 119 88.95 80.52 -1.04
CA ILE GB 119 90.21 79.86 -0.73
C ILE GB 119 90.04 79.07 0.56
N SER GB 120 91.03 78.22 0.85
CA SER GB 120 90.98 77.38 2.03
C SER GB 120 92.40 77.22 2.59
N ILE GB 121 92.64 77.79 3.75
CA ILE GB 121 93.95 77.74 4.41
C ILE GB 121 93.79 77.04 5.75
N SER GB 122 94.61 76.03 6.00
CA SER GB 122 94.59 75.30 7.27
C SER GB 122 96.04 74.98 7.64
N THR GB 123 96.65 75.86 8.44
CA THR GB 123 98.01 75.65 8.90
C THR GB 123 98.11 76.00 10.37
N LYS GB 124 99.08 75.37 11.04
CA LYS GB 124 99.29 75.52 12.47
C LYS GB 124 100.50 76.38 12.83
N ASP GB 125 101.55 76.35 12.02
CA ASP GB 125 102.74 77.17 12.28
C ASP GB 125 103.37 77.48 10.92
N GLU GB 126 103.09 78.67 10.39
CA GLU GB 126 103.56 79.05 9.07
C GLU GB 126 103.74 80.56 9.04
N SER GB 127 104.72 81.01 8.26
CA SER GB 127 105.00 82.43 8.13
C SER GB 127 103.92 83.13 7.30
N LEU GB 128 103.78 84.44 7.56
CA LEU GB 128 102.76 85.24 6.88
C LEU GB 128 103.07 85.40 5.39
N ALA GB 129 104.35 85.47 5.02
CA ALA GB 129 104.72 85.51 3.62
C ALA GB 129 104.38 84.21 2.90
N GLU GB 130 104.58 83.08 3.56
CA GLU GB 130 104.22 81.79 2.98
C GLU GB 130 102.70 81.64 2.87
N ILE GB 131 101.96 82.18 3.85
CA ILE GB 131 100.50 82.18 3.79
C ILE GB 131 100.02 83.04 2.62
N LEU GB 132 100.64 84.20 2.42
CA LEU GB 132 100.29 85.07 1.29
C LEU GB 132 100.63 84.42 -0.04
N ARG GB 133 101.75 83.69 -0.11
CA ARG GB 133 102.12 82.97 -1.32
C ARG GB 133 101.12 81.86 -1.63
N ASP GB 134 100.66 81.14 -0.60
CA ASP GB 134 99.66 80.09 -0.80
C ASP GB 134 98.32 80.69 -1.22
N ILE GB 135 97.96 81.85 -0.67
CA ILE GB 135 96.73 82.56 -1.06
C ILE GB 135 96.81 82.99 -2.52
N ASP GB 136 97.97 83.52 -2.95
CA ASP GB 136 98.12 83.94 -4.34
C ASP GB 136 98.15 82.75 -5.30
N TYR GB 137 98.69 81.61 -4.87
CA TYR GB 137 98.64 80.41 -5.70
C TYR GB 137 97.21 79.89 -5.82
N GLN GB 138 96.47 79.88 -4.71
CA GLN GB 138 95.10 79.37 -4.73
C GLN GB 138 94.11 80.31 -5.40
N ALA GB 139 94.45 81.60 -5.52
CA ALA GB 139 93.57 82.53 -6.21
C ALA GB 139 93.53 82.26 -7.71
N GLY GB 140 94.65 81.84 -8.28
CA GLY GB 140 94.70 81.52 -9.70
C GLY GB 140 94.80 82.75 -10.58
N LYS GB 141 94.08 82.73 -11.70
CA LYS GB 141 94.09 83.82 -12.66
C LYS GB 141 93.08 84.92 -12.34
N LYS GB 142 92.23 84.73 -11.32
CA LYS GB 142 91.18 85.70 -11.03
C LYS GB 142 91.67 86.85 -10.16
N ALA GB 143 92.70 86.63 -9.35
CA ALA GB 143 93.19 87.67 -8.46
C ALA GB 143 94.69 87.53 -8.28
N SER GB 144 95.30 88.63 -7.85
CA SER GB 144 96.74 88.67 -7.58
C SER GB 144 96.99 89.50 -6.34
N ILE GB 145 98.08 89.20 -5.65
CA ILE GB 145 98.47 89.90 -4.42
C ILE GB 145 99.86 90.47 -4.63
N HIS GB 146 100.00 91.78 -4.44
CA HIS GB 146 101.28 92.48 -4.54
C HIS GB 146 101.62 93.06 -3.18
N VAL GB 147 102.92 93.04 -2.84
CA VAL GB 147 103.40 93.53 -1.55
C VAL GB 147 104.41 94.63 -1.83
N TYR GB 148 104.16 95.82 -1.28
CA TYR GB 148 105.11 96.92 -1.35
C TYR GB 148 105.66 97.18 0.05
N PRO GB 149 106.97 96.95 0.28
CA PRO GB 149 107.52 97.11 1.63
C PRO GB 149 108.03 98.51 1.95
N ASN GB 150 108.37 99.29 0.92
CA ASN GB 150 108.87 100.65 1.17
C ASN GB 150 107.76 101.56 1.69
N SER GB 151 106.61 101.54 1.04
CA SER GB 151 105.37 102.06 1.59
C SER GB 151 104.52 100.84 1.91
N GLN GB 152 104.42 100.50 3.19
CA GLN GB 152 104.03 99.15 3.62
C GLN GB 152 102.57 98.85 3.34
N VAL GB 153 102.30 98.25 2.19
CA VAL GB 153 100.93 98.04 1.74
C VAL GB 153 100.83 96.71 1.00
N VAL GB 154 99.65 96.09 1.08
CA VAL GB 154 99.30 94.89 0.35
C VAL GB 154 98.13 95.19 -0.55
N GLU GB 155 98.31 94.92 -1.84
CA GLU GB 155 97.33 95.23 -2.87
C GLU GB 155 96.73 93.94 -3.39
N LEU GB 156 95.40 93.88 -3.41
CA LEU GB 156 94.66 92.78 -4.02
C LEU GB 156 94.06 93.28 -5.33
N ARG GB 157 94.53 92.73 -6.44
CA ARG GB 157 94.15 93.18 -7.77
C ARG GB 157 93.31 92.10 -8.44
N TYR GB 158 92.11 92.48 -8.86
CA TYR GB 158 91.22 91.55 -9.54
C TYR GB 158 91.52 91.52 -11.03
N ALA GB 159 91.02 90.46 -11.68
CA ALA GB 159 91.22 90.28 -13.11
C ALA GB 159 90.12 90.97 -13.90
N LYS GB 160 90.50 91.58 -15.02
CA LYS GB 160 89.56 92.29 -15.88
C LYS GB 160 88.75 91.32 -16.73
N ILE HB 208 126.77 77.12 -37.18
CA ILE HB 208 127.92 76.37 -36.71
C ILE HB 208 127.95 76.41 -35.17
N ILE HB 209 128.40 75.32 -34.56
CA ILE HB 209 128.48 75.22 -33.10
C ILE HB 209 129.87 74.70 -32.75
N TYR HB 210 130.32 75.01 -31.55
CA TYR HB 210 131.64 74.64 -31.07
C TYR HB 210 131.53 73.73 -29.85
N TYR HB 211 132.45 72.77 -29.75
CA TYR HB 211 132.60 71.90 -28.59
C TYR HB 211 134.04 71.95 -28.11
N ILE HB 212 134.26 71.42 -26.90
CA ILE HB 212 135.58 71.42 -26.26
C ILE HB 212 136.13 70.00 -26.25
N GLN HB 213 137.42 69.87 -26.51
CA GLN HB 213 138.10 68.58 -26.51
C GLN HB 213 138.86 68.32 -25.21
N ALA HB 214 139.67 69.27 -24.77
CA ALA HB 214 140.40 69.14 -23.52
C ALA HB 214 140.58 70.52 -22.91
N VAL HB 215 140.78 70.56 -21.59
CA VAL HB 215 140.84 71.81 -20.86
C VAL HB 215 141.96 71.73 -19.82
N ILE HB 216 142.66 72.84 -19.63
CA ILE HB 216 143.67 73.00 -18.59
C ILE HB 216 143.44 74.37 -17.96
N PRO HB 217 143.89 74.60 -16.72
CA PRO HB 217 143.87 75.96 -16.18
C PRO HB 217 144.63 76.98 -17.01
N GLY HB 218 143.91 77.90 -17.65
CA GLY HB 218 144.52 78.96 -18.43
C GLY HB 218 144.08 79.03 -19.88
N ARG HB 219 143.88 77.88 -20.53
CA ARG HB 219 143.62 77.82 -21.95
C ARG HB 219 142.83 76.55 -22.26
N ALA HB 220 142.31 76.47 -23.49
CA ALA HB 220 141.50 75.33 -23.87
C ALA HB 220 141.61 75.04 -25.36
N TRP HB 221 141.29 73.81 -25.72
CA TRP HB 221 141.30 73.31 -27.09
C TRP HB 221 139.87 73.02 -27.51
N LEU HB 222 139.46 73.55 -28.66
CA LEU HB 222 138.08 73.47 -29.12
C LEU HB 222 138.02 72.86 -30.51
N ILE HB 223 136.92 72.16 -30.78
CA ILE HB 223 136.64 71.55 -32.07
C ILE HB 223 135.24 72.02 -32.51
N GLY HB 224 135.04 72.11 -33.83
CA GLY HB 224 133.80 72.58 -34.39
C GLY HB 224 133.04 71.51 -35.16
N SER HB 225 131.92 71.95 -35.75
CA SER HB 225 131.10 71.07 -36.56
C SER HB 225 131.79 70.72 -37.88
N ASN HB 226 132.59 71.63 -38.41
CA ASN HB 226 133.34 71.38 -39.64
C ASN HB 226 134.66 70.66 -39.40
N GLY HB 227 135.02 70.39 -38.15
CA GLY HB 227 136.25 69.69 -37.85
C GLY HB 227 137.48 70.55 -37.76
N SER HB 228 137.33 71.86 -37.56
CA SER HB 228 138.46 72.78 -37.46
C SER HB 228 138.83 72.99 -36.00
N THR HB 229 140.11 72.82 -35.69
CA THR HB 229 140.59 72.99 -34.33
C THR HB 229 140.81 74.46 -34.01
N LEU HB 230 140.81 74.77 -32.71
CA LEU HB 230 141.02 76.13 -32.25
C LEU HB 230 141.63 76.08 -30.85
N THR HB 231 142.45 77.09 -30.54
CA THR HB 231 143.05 77.24 -29.22
C THR HB 231 142.61 78.58 -28.65
N VAL HB 232 142.04 78.55 -27.44
CA VAL HB 232 141.47 79.74 -26.82
C VAL HB 232 142.18 80.01 -25.50
N ARG HB 233 142.46 81.28 -25.24
CA ARG HB 233 143.11 81.72 -24.00
C ARG HB 233 141.99 82.33 -23.13
N GLU HB 234 142.32 82.79 -21.92
CA GLU HB 234 141.34 83.41 -21.04
C GLU HB 234 140.79 84.70 -21.64
N GLY HB 235 141.62 85.45 -22.37
CA GLY HB 235 141.12 86.58 -23.13
C GLY HB 235 141.49 86.52 -24.60
N SER HB 236 140.49 86.33 -25.45
CA SER HB 236 140.67 86.25 -26.90
C SER HB 236 139.31 86.44 -27.57
N LYS HB 237 139.31 86.42 -28.89
CA LYS HB 237 138.10 86.54 -29.69
C LYS HB 237 137.88 85.26 -30.49
N ILE HB 238 136.68 84.72 -30.41
CA ILE HB 238 136.28 83.55 -31.19
C ILE HB 238 135.04 83.90 -32.00
N PRO HB 239 134.81 83.30 -33.16
CA PRO HB 239 133.61 83.62 -33.94
C PRO HB 239 132.39 82.86 -33.47
N GLY HB 240 131.25 83.55 -33.48
CA GLY HB 240 129.97 82.96 -33.16
C GLY HB 240 129.58 83.00 -31.70
N TYR HB 241 130.49 83.38 -30.81
CA TYR HB 241 130.20 83.44 -29.38
C TYR HB 241 130.54 84.79 -28.78
N GLY HB 242 131.64 85.41 -29.20
CA GLY HB 242 131.99 86.72 -28.69
C GLY HB 242 133.27 86.75 -27.88
N MET HB 243 133.18 87.25 -26.65
CA MET HB 243 134.33 87.45 -25.79
C MET HB 243 134.35 86.40 -24.69
N VAL HB 244 135.49 85.77 -24.49
CA VAL HB 244 135.69 84.79 -23.42
C VAL HB 244 136.19 85.51 -22.18
N LYS HB 245 135.68 85.11 -21.00
CA LYS HB 245 136.05 85.75 -19.75
C LYS HB 245 136.33 84.78 -18.62
N LEU HB 246 135.96 83.51 -18.73
CA LEU HB 246 136.15 82.56 -17.64
C LEU HB 246 136.34 81.16 -18.18
N ILE HB 247 137.37 80.47 -17.71
CA ILE HB 247 137.64 79.08 -18.06
C ILE HB 247 137.69 78.29 -16.76
N ASP HB 248 136.80 77.32 -16.63
CA ASP HB 248 136.72 76.49 -15.42
C ASP HB 248 137.42 75.17 -15.68
N SER HB 249 138.25 74.74 -14.71
CA SER HB 249 139.02 73.51 -14.84
C SER HB 249 138.38 72.34 -14.12
N LEU HB 250 137.76 72.57 -12.96
CA LEU HB 250 137.12 71.48 -12.23
C LEU HB 250 135.86 71.00 -12.94
N GLN HB 251 135.14 71.92 -13.57
CA GLN HB 251 133.94 71.60 -14.34
C GLN HB 251 134.16 72.02 -15.79
N GLY HB 252 133.69 71.19 -16.72
CA GLY HB 252 133.88 71.47 -18.13
C GLY HB 252 132.94 72.53 -18.67
N ARG HB 253 133.15 73.78 -18.28
CA ARG HB 253 132.32 74.89 -18.72
C ARG HB 253 133.19 76.13 -18.92
N ILE HB 254 132.92 76.87 -19.99
CA ILE HB 254 133.60 78.13 -20.28
C ILE HB 254 132.53 79.15 -20.65
N LEU HB 255 132.53 80.28 -19.93
CA LEU HB 255 131.51 81.30 -20.12
C LEU HB 255 131.93 82.29 -21.19
N THR HB 256 130.99 82.70 -22.03
CA THR HB 256 131.21 83.65 -23.11
C THR HB 256 130.41 84.92 -22.85
N SER HB 257 130.56 85.90 -23.75
CA SER HB 257 129.89 87.17 -23.61
C SER HB 257 128.45 87.14 -24.10
N SER HB 258 128.05 86.11 -24.84
CA SER HB 258 126.71 86.03 -25.39
C SER HB 258 125.70 85.42 -24.41
N GLY HB 259 126.14 84.99 -23.24
CA GLY HB 259 125.26 84.36 -22.28
C GLY HB 259 125.10 82.87 -22.43
N GLN HB 260 125.74 82.27 -23.43
CA GLN HB 260 125.69 80.83 -23.64
C GLN HB 260 127.03 80.20 -23.27
N VAL HB 261 126.97 78.99 -22.74
CA VAL HB 261 128.14 78.30 -22.20
C VAL HB 261 128.48 77.14 -23.14
N ILE HB 262 129.78 76.93 -23.35
CA ILE HB 262 130.26 75.79 -24.11
C ILE HB 262 130.65 74.67 -23.14
N LYS HB 263 130.17 73.46 -23.43
CA LYS HB 263 130.44 72.31 -22.57
C LYS HB 263 130.97 71.13 -23.39
N PHE HB 264 131.17 70.00 -22.74
CA PHE HB 264 131.66 68.81 -23.42
C PHE HB 264 130.57 68.19 -24.29
N SER HB 265 130.98 67.31 -25.19
CA SER HB 265 130.05 66.63 -26.06
C SER HB 265 129.32 65.53 -25.32
N GLN HB 266 128.18 65.11 -25.88
CA GLN HB 266 127.36 64.07 -25.27
C GLN HB 266 127.31 62.82 -26.14
N THR IB 28 90.61 15.69 0.71
CA THR IB 28 91.00 16.65 1.73
C THR IB 28 92.52 16.76 1.81
N GLY IB 29 93.09 17.65 1.01
CA GLY IB 29 94.53 17.87 1.00
C GLY IB 29 95.20 17.23 -0.22
N SER IB 30 95.91 16.14 0.00
CA SER IB 30 96.70 15.49 -1.02
C SER IB 30 96.00 14.25 -1.56
N LEU IB 31 96.53 13.73 -2.68
CA LEU IB 31 96.02 12.49 -3.25
C LEU IB 31 96.32 11.30 -2.34
N ALA IB 32 97.50 11.31 -1.69
CA ALA IB 32 97.79 10.29 -0.69
C ALA IB 32 96.91 10.44 0.54
N GLY IB 33 96.54 11.67 0.89
CA GLY IB 33 95.58 11.87 1.96
C GLY IB 33 94.19 11.34 1.61
N LEU IB 34 93.80 11.47 0.34
CA LEU IB 34 92.57 10.84 -0.12
C LEU IB 34 92.68 9.32 -0.09
N GLN IB 35 93.82 8.78 -0.48
CA GLN IB 35 94.03 7.34 -0.49
C GLN IB 35 94.61 6.86 0.83
N LYS IB 60 77.93 22.32 24.11
CA LYS IB 60 78.74 23.13 23.21
C LYS IB 60 78.06 24.46 22.93
N GLU IB 61 76.93 24.40 22.21
CA GLU IB 61 76.16 25.60 21.91
C GLU IB 61 75.54 26.18 23.18
N THR IB 62 75.12 25.31 24.11
CA THR IB 62 74.59 25.81 25.38
C THR IB 62 75.69 26.42 26.25
N ALA IB 63 76.93 25.93 26.14
CA ALA IB 63 78.03 26.55 26.86
C ALA IB 63 78.38 27.91 26.27
N LEU IB 64 78.36 28.00 24.93
CA LEU IB 64 78.53 29.28 24.23
C LEU IB 64 77.43 30.26 24.59
N SER IB 65 76.22 29.76 24.85
CA SER IB 65 75.14 30.63 25.29
C SER IB 65 75.36 31.10 26.72
N VAL IB 66 75.70 30.19 27.65
CA VAL IB 66 75.71 30.56 29.06
C VAL IB 66 76.95 31.33 29.49
N GLY IB 67 78.05 31.26 28.72
CA GLY IB 67 79.23 32.04 29.09
C GLY IB 67 79.05 33.53 28.87
N ALA IB 68 78.22 33.91 27.89
CA ALA IB 68 78.21 35.28 27.38
C ALA IB 68 77.55 36.25 28.36
N GLN IB 69 76.44 35.84 29.00
CA GLN IB 69 75.75 36.73 29.93
C GLN IB 69 76.58 36.97 31.18
N ALA IB 70 77.26 35.93 31.68
CA ALA IB 70 78.13 36.07 32.84
C ALA IB 70 79.32 36.96 32.53
N GLY IB 71 79.93 36.78 31.34
CA GLY IB 71 81.03 37.66 30.94
C GLY IB 71 80.59 39.10 30.76
N LEU IB 72 79.40 39.30 30.18
CA LEU IB 72 78.86 40.65 29.97
C LEU IB 72 78.58 41.35 31.30
N ALA IB 73 77.97 40.63 32.26
CA ALA IB 73 77.66 41.23 33.55
C ALA IB 73 78.91 41.53 34.36
N TRP IB 74 79.90 40.61 34.32
CA TRP IB 74 81.15 40.84 35.05
C TRP IB 74 81.92 42.02 34.47
N ARG IB 75 82.02 42.10 33.14
CA ARG IB 75 82.70 43.23 32.51
C ARG IB 75 81.96 44.54 32.73
N ALA IB 76 80.62 44.51 32.76
CA ALA IB 76 79.85 45.71 33.06
C ALA IB 76 80.08 46.19 34.49
N LYS IB 77 80.18 45.27 35.44
CA LYS IB 77 80.47 45.65 36.83
C LYS IB 77 81.87 46.26 36.96
N ILE IB 78 82.86 45.67 36.28
CA ILE IB 78 84.23 46.21 36.35
C ILE IB 78 84.31 47.58 35.67
N ILE IB 79 83.59 47.75 34.54
CA ILE IB 79 83.54 49.04 33.86
C ILE IB 79 82.87 50.10 34.72
N ASP IB 80 81.80 49.73 35.44
CA ASP IB 80 81.13 50.66 36.34
C ASP IB 80 82.03 51.07 37.50
N GLU IB 81 82.80 50.12 38.05
CA GLU IB 81 83.76 50.45 39.10
C GLU IB 81 84.87 51.37 38.60
N GLN IB 82 85.37 51.12 37.40
CA GLN IB 82 86.40 51.99 36.83
C GLN IB 82 85.85 53.38 36.50
N LEU IB 83 84.58 53.47 36.13
CA LEU IB 83 83.94 54.78 35.95
C LEU IB 83 83.80 55.51 37.28
N ASN IB 84 83.45 54.79 38.35
CA ASN IB 84 83.31 55.42 39.66
C ASN IB 84 84.66 55.82 40.27
N LYS IB 85 85.76 55.18 39.87
CA LYS IB 85 87.07 55.61 40.36
C LYS IB 85 87.47 57.00 39.83
N GLN IB 86 86.99 57.38 38.64
CA GLN IB 86 87.40 58.64 38.03
C GLN IB 86 86.24 59.61 37.89
N ALA IB 87 85.47 59.80 38.97
CA ALA IB 87 84.25 60.60 38.88
C ALA IB 87 84.54 62.09 38.72
N ARG IB 88 85.51 62.62 39.48
CA ARG IB 88 85.78 64.06 39.45
C ARG IB 88 86.47 64.49 38.16
N ASN IB 89 87.33 63.63 37.61
CA ASN IB 89 87.99 63.95 36.35
C ASN IB 89 87.00 63.99 35.19
N LEU IB 90 85.99 63.11 35.22
CA LEU IB 90 84.96 63.13 34.19
C LEU IB 90 84.11 64.39 34.27
N ASP IB 91 83.82 64.86 35.49
CA ASP IB 91 83.11 66.13 35.64
C ASP IB 91 83.98 67.31 35.22
N ALA IB 92 85.29 67.21 35.39
CA ALA IB 92 86.18 68.27 34.92
C ALA IB 92 86.27 68.29 33.40
N ILE IB 93 86.24 67.12 32.77
CA ILE IB 93 86.38 67.05 31.32
C ILE IB 93 85.07 67.41 30.62
N TYR IB 94 83.98 66.72 30.95
CA TYR IB 94 82.68 66.94 30.30
C TYR IB 94 81.85 67.91 31.14
N ASP IB 95 82.27 69.17 31.11
CA ASP IB 95 81.64 70.22 31.90
C ASP IB 95 80.55 70.85 31.04
N PHE IB 96 79.35 70.27 31.09
CA PHE IB 96 78.21 70.80 30.36
C PHE IB 96 77.68 72.09 30.97
N ASN IB 97 77.99 72.37 32.24
CA ASN IB 97 77.39 73.50 32.94
C ASN IB 97 77.91 74.84 32.45
N SER IB 98 79.18 74.90 32.02
CA SER IB 98 79.78 76.17 31.62
C SER IB 98 79.52 76.52 30.16
N LEU IB 99 78.87 75.64 29.40
CA LEU IB 99 78.52 75.93 28.02
C LEU IB 99 77.08 76.41 27.87
N VAL IB 100 76.34 76.52 28.98
CA VAL IB 100 74.94 76.94 28.94
C VAL IB 100 74.89 78.45 28.68
N LEU IB 101 73.95 78.87 27.83
CA LEU IB 101 73.81 80.25 27.41
C LEU IB 101 73.12 81.08 28.50
N GLU IB 102 72.67 82.28 28.13
CA GLU IB 102 72.29 83.30 29.11
C GLU IB 102 70.98 82.95 29.83
N HIS IB 103 69.95 82.54 29.08
CA HIS IB 103 68.63 82.30 29.64
C HIS IB 103 68.39 80.83 29.95
N ASN IB 104 69.44 80.10 30.35
CA ASN IB 104 69.44 78.65 30.58
C ASN IB 104 68.96 77.90 29.35
N ILE IB 105 69.68 78.11 28.25
CA ILE IB 105 69.40 77.48 26.97
C ILE IB 105 70.60 76.63 26.59
N LEU IB 106 70.36 75.35 26.31
CA LEU IB 106 71.43 74.46 25.86
C LEU IB 106 71.86 74.84 24.45
N PRO IB 107 73.16 74.93 24.16
CA PRO IB 107 73.59 75.29 22.81
C PRO IB 107 73.32 74.17 21.83
N PRO IB 108 73.13 74.50 20.55
CA PRO IB 108 72.88 73.46 19.55
C PRO IB 108 74.15 72.70 19.19
N VAL IB 109 73.95 71.60 18.45
CA VAL IB 109 75.02 70.70 18.07
C VAL IB 109 75.26 70.84 16.57
N LEU IB 110 76.51 71.09 16.19
CA LEU IB 110 76.89 71.29 14.79
C LEU IB 110 77.87 70.21 14.35
N LEU IB 111 77.71 69.76 13.11
CA LEU IB 111 78.56 68.74 12.51
C LEU IB 111 79.27 69.32 11.30
N GLU IB 112 80.54 68.95 11.14
CA GLU IB 112 81.41 69.51 10.11
C GLU IB 112 82.03 68.39 9.30
N GLY IB 113 82.01 68.54 7.97
CA GLY IB 113 82.69 67.62 7.09
C GLY IB 113 83.57 68.36 6.11
N ARG IB 114 84.69 67.73 5.75
CA ARG IB 114 85.68 68.32 4.87
C ARG IB 114 85.99 67.39 3.71
N ASN IB 115 86.26 68.00 2.54
CA ASN IB 115 86.73 67.32 1.33
C ASN IB 115 85.76 66.23 0.87
N THR IB 116 84.54 66.66 0.53
CA THR IB 116 83.44 65.74 0.29
C THR IB 116 83.33 65.42 -1.19
N LEU IB 117 83.21 64.13 -1.52
CA LEU IB 117 83.03 63.70 -2.90
C LEU IB 117 81.86 62.73 -2.97
N ASN IB 118 81.06 62.85 -4.03
CA ASN IB 118 80.01 61.89 -4.32
C ASN IB 118 79.99 61.55 -5.80
N LEU IB 119 80.09 60.24 -6.08
CA LEU IB 119 79.85 59.68 -7.41
C LEU IB 119 78.39 59.25 -7.44
N ALA IB 120 77.54 60.14 -7.97
CA ALA IB 120 76.10 59.84 -8.03
C ALA IB 120 75.82 58.74 -9.04
N ASP IB 121 76.37 58.86 -10.24
CA ASP IB 121 76.30 57.85 -11.29
C ASP IB 121 77.46 58.09 -12.23
N ALA IB 122 77.51 57.34 -13.33
CA ALA IB 122 78.51 57.57 -14.35
C ALA IB 122 78.27 58.92 -15.03
N GLN IB 123 79.37 59.51 -15.52
CA GLN IB 123 79.48 60.74 -16.29
C GLN IB 123 79.27 62.01 -15.47
N SER IB 124 78.99 61.92 -14.17
CA SER IB 124 78.72 63.10 -13.36
C SER IB 124 79.12 62.86 -11.91
N ILE IB 125 79.82 63.82 -11.31
CA ILE IB 125 80.21 63.79 -9.91
C ILE IB 125 79.93 65.15 -9.27
N ARG IB 126 79.81 65.14 -7.94
CA ARG IB 126 79.61 66.36 -7.18
C ARG IB 126 80.59 66.42 -6.02
N ILE IB 127 81.34 67.52 -5.91
CA ILE IB 127 82.34 67.67 -4.86
C ILE IB 127 82.10 68.98 -4.10
N SER IB 128 82.61 69.01 -2.87
CA SER IB 128 82.51 70.17 -2.01
C SER IB 128 83.73 70.25 -1.11
N ASP IB 129 84.03 71.47 -0.66
CA ASP IB 129 85.20 71.71 0.19
C ASP IB 129 84.87 71.51 1.67
N ARG IB 130 83.80 72.13 2.15
CA ARG IB 130 83.37 71.98 3.53
C ARG IB 130 81.84 71.98 3.59
N THR IB 131 81.31 71.29 4.59
CA THR IB 131 79.87 71.25 4.82
C THR IB 131 79.59 71.34 6.31
N TYR IB 132 78.54 72.09 6.66
CA TYR IB 132 78.13 72.30 8.03
C TYR IB 132 76.65 71.93 8.16
N LYS IB 133 76.31 71.21 9.22
CA LYS IB 133 74.94 70.77 9.45
C LYS IB 133 74.56 71.00 10.91
N VAL IB 134 73.29 71.34 11.14
CA VAL IB 134 72.74 71.46 12.48
C VAL IB 134 72.10 70.12 12.83
N ALA IB 135 72.69 69.39 13.77
CA ALA IB 135 72.18 68.08 14.13
C ALA IB 135 71.04 68.18 15.13
N LYS IB 136 71.22 68.99 16.17
CA LYS IB 136 70.21 69.19 17.20
C LYS IB 136 70.02 70.69 17.43
N GLN IB 137 68.86 71.06 17.95
CA GLN IB 137 68.45 72.45 18.06
C GLN IB 137 68.38 72.87 19.53
N ALA IB 138 68.57 74.16 19.76
CA ALA IB 138 68.56 74.72 21.11
C ALA IB 138 67.16 74.70 21.72
N HIS IB 139 67.11 74.56 23.04
CA HIS IB 139 65.85 74.52 23.77
C HIS IB 139 66.10 74.94 25.21
N PHE IB 140 65.01 75.24 25.91
CA PHE IB 140 65.10 75.56 27.33
C PHE IB 140 65.41 74.30 28.15
N ILE IB 141 66.20 74.48 29.20
CA ILE IB 141 66.52 73.40 30.13
C ILE IB 141 66.36 73.92 31.55
N THR IB 142 66.15 72.98 32.48
CA THR IB 142 66.20 73.28 33.90
C THR IB 142 67.43 72.73 34.58
N THR IB 143 67.99 71.63 34.08
CA THR IB 143 69.19 71.01 34.61
C THR IB 143 70.19 70.77 33.49
N PRO IB 144 71.48 70.90 33.77
CA PRO IB 144 72.49 70.54 32.76
C PRO IB 144 72.66 69.03 32.68
N PRO IB 145 73.08 68.52 31.53
CA PRO IB 145 73.34 67.08 31.42
C PRO IB 145 74.61 66.68 32.15
N THR IB 146 74.74 65.37 32.39
CA THR IB 146 75.89 64.79 33.07
C THR IB 146 76.37 63.57 32.29
N TRP IB 147 77.57 63.10 32.63
CA TRP IB 147 78.17 61.96 31.93
C TRP IB 147 77.55 60.62 32.32
N ARG IB 148 76.79 60.57 33.43
CA ARG IB 148 76.19 59.32 33.86
C ARG IB 148 75.04 58.90 32.95
N GLN IB 149 74.39 59.85 32.28
CA GLN IB 149 73.35 59.50 31.32
C GLN IB 149 73.91 58.92 30.03
N TYR IB 150 75.21 59.08 29.78
CA TYR IB 150 75.85 58.58 28.57
C TYR IB 150 76.68 57.32 28.83
N LEU IB 151 77.51 57.32 29.87
CA LEU IB 151 78.57 56.33 30.00
C LEU IB 151 78.25 55.18 30.95
N TRP IB 152 77.23 55.32 31.80
CA TRP IB 152 76.94 54.29 32.79
C TRP IB 152 76.35 53.05 32.14
N MET IB 153 76.86 51.88 32.53
CA MET IB 153 76.41 50.61 31.99
C MET IB 153 75.49 49.90 32.98
N ASP IB 154 74.65 49.04 32.44
CA ASP IB 154 73.59 48.40 33.21
C ASP IB 154 74.05 47.04 33.73
N TYR IB 155 73.85 46.79 35.02
CA TYR IB 155 74.27 45.55 35.64
C TYR IB 155 73.12 44.98 36.47
N VAL IB 156 72.68 43.78 36.10
CA VAL IB 156 71.81 42.96 36.92
C VAL IB 156 72.49 41.61 37.08
N LYS IB 157 72.60 41.14 38.32
CA LYS IB 157 73.31 39.90 38.61
C LYS IB 157 72.52 38.70 38.11
N PRO IB 158 73.05 37.91 37.17
CA PRO IB 158 72.30 36.75 36.66
C PRO IB 158 72.50 35.52 37.56
N GLU IB 159 71.42 35.08 38.19
CA GLU IB 159 71.43 33.92 39.06
C GLU IB 159 70.61 32.76 38.48
N ALA IB 160 70.58 32.64 37.16
CA ALA IB 160 69.81 31.62 36.47
C ALA IB 160 70.73 30.83 35.55
N PRO IB 161 71.39 29.77 36.07
CA PRO IB 161 72.30 28.95 35.26
C PRO IB 161 71.56 28.07 34.26
N LYS IB 173 81.69 17.23 30.65
CA LYS IB 173 82.62 18.29 31.00
C LYS IB 173 83.94 18.13 30.24
N GLU IB 174 83.92 17.29 29.21
CA GLU IB 174 85.12 17.08 28.40
C GLU IB 174 85.43 18.29 27.53
N ILE IB 175 84.40 18.85 26.88
CA ILE IB 175 84.55 20.00 26.00
C ILE IB 175 83.74 21.20 26.50
N TRP IB 176 83.28 21.16 27.75
CA TRP IB 176 82.45 22.23 28.29
C TRP IB 176 83.28 23.49 28.56
N CYS IB 177 84.50 23.31 29.06
CA CYS IB 177 85.30 24.42 29.59
C CYS IB 177 85.77 25.35 28.48
N ILE IB 178 86.18 24.82 27.34
CA ILE IB 178 86.72 25.64 26.26
C ILE IB 178 85.62 26.50 25.64
N TYR IB 179 84.41 25.94 25.49
CA TYR IB 179 83.32 26.72 24.93
C TYR IB 179 82.77 27.74 25.93
N THR IB 180 82.81 27.40 27.24
CA THR IB 180 82.46 28.40 28.26
C THR IB 180 83.45 29.56 28.26
N GLU IB 181 84.74 29.26 28.09
CA GLU IB 181 85.77 30.29 27.99
C GLU IB 181 85.58 31.16 26.74
N ARG IB 182 85.21 30.54 25.62
CA ARG IB 182 84.93 31.28 24.39
C ARG IB 182 83.74 32.23 24.56
N GLY IB 183 82.67 31.75 25.20
CA GLY IB 183 81.53 32.62 25.47
C GLY IB 183 81.86 33.75 26.43
N TRP IB 184 82.74 33.47 27.41
CA TRP IB 184 83.21 34.49 28.34
C TRP IB 184 83.94 35.62 27.61
N LYS IB 185 84.85 35.24 26.69
CA LYS IB 185 85.57 36.25 25.89
C LYS IB 185 84.62 37.01 24.97
N ASN IB 186 83.62 36.33 24.40
CA ASN IB 186 82.64 37.01 23.54
C ASN IB 186 81.83 38.04 24.32
N GLY IB 187 81.42 37.71 25.55
CA GLY IB 187 80.69 38.67 26.37
C GLY IB 187 81.53 39.87 26.77
N ILE IB 188 82.82 39.64 27.08
CA ILE IB 188 83.72 40.75 27.40
C ILE IB 188 83.89 41.68 26.19
N ASP IB 189 84.05 41.10 25.00
CA ASP IB 189 84.19 41.90 23.77
C ASP IB 189 82.92 42.70 23.48
N GLN IB 190 81.74 42.10 23.71
CA GLN IB 190 80.48 42.81 23.50
C GLN IB 190 80.34 44.01 24.45
N ALA IB 191 80.71 43.82 25.72
CA ALA IB 191 80.65 44.92 26.68
C ALA IB 191 81.62 46.05 26.30
N ASN IB 192 82.81 45.69 25.82
CA ASN IB 192 83.78 46.70 25.38
C ASN IB 192 83.25 47.49 24.17
N THR IB 193 82.58 46.80 23.24
CA THR IB 193 82.00 47.48 22.08
C THR IB 193 80.90 48.46 22.49
N ILE IB 194 80.05 48.07 23.46
CA ILE IB 194 78.98 48.94 23.95
C ILE IB 194 79.56 50.19 24.61
N LEU IB 195 80.61 50.01 25.42
CA LEU IB 195 81.25 51.15 26.08
C LEU IB 195 81.90 52.09 25.06
N GLU IB 196 82.50 51.54 24.00
CA GLU IB 196 83.10 52.35 22.94
C GLU IB 196 82.05 53.19 22.22
N GLU IB 197 80.87 52.60 21.94
CA GLU IB 197 79.79 53.35 21.31
C GLU IB 197 79.27 54.47 22.20
N ASN IB 198 79.16 54.22 23.51
CA ASN IB 198 78.73 55.28 24.44
C ASN IB 198 79.72 56.43 24.50
N ILE IB 199 81.03 56.12 24.50
CA ILE IB 199 82.07 57.15 24.49
C ILE IB 199 82.01 57.98 23.21
N ALA IB 200 81.76 57.32 22.07
CA ALA IB 200 81.63 58.03 20.79
C ALA IB 200 80.43 58.98 20.80
N ARG IB 201 79.30 58.55 21.41
CA ARG IB 201 78.10 59.39 21.46
C ARG IB 201 78.32 60.65 22.29
N ILE IB 202 78.89 60.49 23.50
CA ILE IB 202 79.09 61.67 24.35
C ILE IB 202 80.16 62.60 23.75
N LYS IB 203 81.16 62.02 23.07
CA LYS IB 203 82.17 62.83 22.39
C LYS IB 203 81.57 63.65 21.24
N GLU IB 204 80.65 63.04 20.48
CA GLU IB 204 79.97 63.77 19.40
C GLU IB 204 79.15 64.94 19.93
N ASP IB 205 78.41 64.72 21.02
CA ASP IB 205 77.60 65.81 21.59
C ASP IB 205 78.46 66.96 22.12
N PHE IB 206 79.53 66.65 22.86
CA PHE IB 206 80.38 67.70 23.41
C PHE IB 206 81.14 68.45 22.31
N GLY IB 207 81.59 67.72 21.27
CA GLY IB 207 82.28 68.38 20.17
C GLY IB 207 81.38 69.29 19.36
N GLY IB 208 80.11 68.89 19.18
CA GLY IB 208 79.16 69.77 18.52
C GLY IB 208 78.87 71.03 19.33
N MET IB 209 78.78 70.90 20.65
CA MET IB 209 78.57 72.09 21.48
C MET IB 209 79.78 73.02 21.50
N ILE IB 210 81.00 72.48 21.37
CA ILE IB 210 82.17 73.35 21.24
C ILE IB 210 82.20 74.03 19.86
N LEU IB 211 81.85 73.28 18.81
CA LEU IB 211 81.86 73.83 17.44
C LEU IB 211 80.85 74.95 17.26
N TYR IB 212 79.72 74.89 17.99
CA TYR IB 212 78.76 76.00 17.94
C TYR IB 212 79.38 77.30 18.46
N ARG IB 213 80.11 77.24 19.58
CA ARG IB 213 80.74 78.44 20.12
C ARG IB 213 81.85 78.95 19.21
N LYS IB 214 82.59 78.03 18.56
CA LYS IB 214 83.63 78.46 17.62
C LYS IB 214 83.02 79.16 16.40
N LEU IB 215 81.92 78.63 15.86
CA LEU IB 215 81.28 79.29 14.72
C LEU IB 215 80.59 80.59 15.12
N LEU IB 216 80.12 80.69 16.38
CA LEU IB 216 79.58 81.96 16.85
C LEU IB 216 80.68 83.00 17.00
N ALA IB 217 81.88 82.58 17.42
CA ALA IB 217 83.03 83.49 17.45
C ALA IB 217 83.43 83.91 16.04
N MET IB 218 83.35 83.01 15.07
CA MET IB 218 83.71 83.33 13.70
C MET IB 218 82.56 83.91 12.88
N ASN IB 219 81.40 84.13 13.50
CA ASN IB 219 80.25 84.86 12.93
C ASN IB 219 79.67 84.14 11.71
N MET IB 220 79.32 82.88 11.91
CA MET IB 220 78.61 82.09 10.90
C MET IB 220 77.23 81.63 11.34
N VAL IB 221 76.92 81.71 12.63
CA VAL IB 221 75.61 81.33 13.16
C VAL IB 221 75.00 82.54 13.87
N SER IB 222 73.69 82.50 14.01
CA SER IB 222 73.02 83.57 14.75
C SER IB 222 72.71 83.11 16.18
N PRO IB 223 72.78 84.01 17.16
CA PRO IB 223 72.42 83.64 18.53
C PRO IB 223 70.91 83.54 18.67
N PRO IB 224 70.41 82.80 19.66
CA PRO IB 224 68.96 82.79 19.91
C PRO IB 224 68.48 84.12 20.49
N TYR IB 225 67.22 84.43 20.22
CA TYR IB 225 66.61 85.68 20.64
C TYR IB 225 65.47 85.40 21.62
N VAL IB 226 65.47 86.10 22.74
CA VAL IB 226 64.54 85.87 23.85
C VAL IB 226 63.67 87.10 24.02
N SER IB 227 62.35 86.89 24.09
CA SER IB 227 61.40 87.95 24.38
C SER IB 227 60.69 87.61 25.68
N HIS IB 228 60.59 88.60 26.58
CA HIS IB 228 59.98 88.42 27.88
C HIS IB 228 58.80 89.38 28.02
N THR IB 229 57.71 88.86 28.57
CA THR IB 229 56.50 89.62 28.82
C THR IB 229 56.29 89.72 30.33
N ASP IB 230 56.14 90.95 30.82
CA ASP IB 230 56.06 91.25 32.24
C ASP IB 230 54.61 91.56 32.59
N LEU IB 231 53.95 90.63 33.28
CA LEU IB 231 52.62 90.91 33.79
C LEU IB 231 52.71 91.35 35.25
N GLY IB 232 51.68 92.07 35.69
CA GLY IB 232 51.66 92.56 37.05
C GLY IB 232 51.07 91.56 38.02
N VAL IB 233 50.10 92.00 38.82
CA VAL IB 233 49.40 91.11 39.74
C VAL IB 233 48.17 90.58 39.00
N THR IB 234 48.18 89.30 38.66
CA THR IB 234 47.14 88.68 37.88
C THR IB 234 46.37 87.68 38.72
N GLY IB 235 45.16 87.35 38.26
CA GLY IB 235 44.32 86.38 38.90
C GLY IB 235 43.01 86.99 39.40
N ASP IB 236 42.16 86.11 39.91
CA ASP IB 236 40.88 86.48 40.49
C ASP IB 236 40.99 86.51 42.01
N GLY IB 237 39.86 86.63 42.68
CA GLY IB 237 39.84 86.69 44.13
C GLY IB 237 40.08 85.36 44.84
N SER IB 238 40.12 84.25 44.10
CA SER IB 238 40.38 82.95 44.68
C SER IB 238 41.85 82.52 44.58
N GLU IB 239 42.62 83.13 43.68
CA GLU IB 239 44.02 82.76 43.50
C GLU IB 239 44.73 83.92 42.81
N ILE IB 240 45.85 84.36 43.38
CA ILE IB 240 46.60 85.48 42.81
C ILE IB 240 48.06 85.08 42.62
N HIS IB 241 48.69 85.72 41.63
CA HIS IB 241 50.12 85.62 41.39
C HIS IB 241 50.71 87.03 41.40
N ILE IB 242 51.80 87.22 42.13
CA ILE IB 242 52.28 88.57 42.41
C ILE IB 242 53.04 89.15 41.23
N ASP IB 243 54.10 88.48 40.78
CA ASP IB 243 54.93 88.95 39.68
C ASP IB 243 55.07 87.82 38.67
N ASP IB 244 54.46 87.99 37.50
CA ASP IB 244 54.47 86.97 36.46
C ASP IB 244 55.37 87.41 35.31
N ARG IB 245 56.22 86.48 34.84
CA ARG IB 245 57.04 86.71 33.68
C ARG IB 245 56.90 85.53 32.73
N VAL IB 246 56.65 85.80 31.46
CA VAL IB 246 56.54 84.78 30.43
C VAL IB 246 57.72 84.95 29.48
N LEU IB 247 58.56 83.93 29.40
CA LEU IB 247 59.75 84.00 28.54
C LEU IB 247 59.57 83.07 27.36
N ARG IB 248 59.89 83.58 26.16
CA ARG IB 248 59.71 82.80 24.95
C ARG IB 248 60.84 83.15 24.00
N ILE IB 249 61.52 82.15 23.47
CA ILE IB 249 62.54 82.40 22.45
C ILE IB 249 61.88 82.34 21.08
N THR IB 250 62.19 83.34 20.25
CA THR IB 250 61.48 83.54 18.99
C THR IB 250 62.30 83.22 17.76
N ALA IB 251 63.62 83.31 17.85
CA ALA IB 251 64.51 83.00 16.72
C ALA IB 251 65.47 81.92 17.16
N LEU IB 252 65.42 80.77 16.48
CA LEU IB 252 66.34 79.68 16.73
C LEU IB 252 67.70 80.03 16.14
N PRO IB 253 68.77 79.41 16.64
CA PRO IB 253 70.09 79.58 15.99
C PRO IB 253 70.08 79.03 14.57
N GLU IB 254 70.82 79.71 13.69
CA GLU IB 254 70.70 79.47 12.27
C GLU IB 254 72.02 79.79 11.58
N LEU IB 255 72.44 78.91 10.68
CA LEU IB 255 73.58 79.15 9.80
C LEU IB 255 73.27 80.30 8.84
N ASN IB 256 74.28 81.09 8.50
CA ASN IB 256 74.12 82.12 7.50
C ASN IB 256 74.83 81.76 6.19
N VAL IB 257 74.26 82.21 5.08
CA VAL IB 257 74.81 81.98 3.76
C VAL IB 257 75.45 83.21 3.17
N ASN IB 258 75.45 84.33 3.89
CA ASN IB 258 76.08 85.57 3.41
C ASN IB 258 77.54 85.53 3.80
N SER IB 259 78.41 85.14 2.85
CA SER IB 259 79.83 84.96 3.12
C SER IB 259 80.58 86.27 3.31
N ALA IB 260 79.99 87.41 2.92
CA ALA IB 260 80.65 88.69 3.06
C ALA IB 260 80.68 89.21 4.49
N GLU IB 261 79.84 88.66 5.37
CA GLU IB 261 79.78 89.09 6.77
C GLU IB 261 80.63 88.23 7.69
N TRP IB 262 81.30 87.21 7.18
CA TRP IB 262 82.13 86.35 8.01
C TRP IB 262 83.42 87.05 8.40
N ARG IB 263 83.97 86.66 9.54
CA ARG IB 263 85.14 87.29 10.13
C ARG IB 263 86.23 86.25 10.35
N ALA IB 264 87.44 86.54 9.88
CA ALA IB 264 88.57 85.63 10.00
C ALA IB 264 89.35 85.90 11.28
N ALA IB 265 90.18 84.93 11.65
CA ALA IB 265 90.99 85.00 12.86
C ALA IB 265 92.40 84.53 12.57
N VAL IB 266 93.38 85.39 12.80
CA VAL IB 266 94.79 85.07 12.61
C VAL IB 266 95.47 85.12 13.98
N ALA IB 267 96.07 84.01 14.39
CA ALA IB 267 96.65 83.87 15.71
C ALA IB 267 98.15 84.08 15.65
N LYS IB 268 98.66 85.01 16.45
CA LYS IB 268 100.09 85.27 16.51
C LYS IB 268 100.77 84.41 17.56
N LYS JB 24 121.16 42.59 31.41
CA LYS JB 24 119.71 42.77 31.45
C LYS JB 24 119.30 44.03 30.70
N PHE JB 25 118.22 43.93 29.92
CA PHE JB 25 117.72 45.04 29.13
C PHE JB 25 116.36 45.46 29.67
N LYS JB 26 116.22 46.75 29.97
CA LYS JB 26 115.01 47.27 30.61
C LYS JB 26 114.91 48.76 30.34
N LYS JB 27 113.68 49.23 30.13
CA LYS JB 27 113.37 50.63 29.88
C LYS JB 27 112.59 51.19 31.06
N PRO JB 28 112.84 52.45 31.45
CA PRO JB 28 112.51 52.92 32.82
C PRO JB 28 111.01 52.96 33.16
N PRO JB 29 110.06 53.41 32.25
CA PRO JB 29 108.65 53.42 32.70
C PRO JB 29 108.04 52.04 32.82
N ILE JB 30 107.92 51.54 34.06
CA ILE JB 30 107.21 50.32 34.36
C ILE JB 30 106.21 50.66 35.47
N ASN JB 31 104.97 50.94 35.10
CA ASN JB 31 103.94 51.32 36.05
C ASN JB 31 103.00 50.14 36.32
N ASN JB 32 101.92 50.42 37.03
CA ASN JB 32 100.89 49.41 37.24
C ASN JB 32 100.16 49.11 35.93
N PRO JB 33 99.59 47.90 35.79
CA PRO JB 33 98.84 47.60 34.57
C PRO JB 33 97.59 48.45 34.41
N SER JB 34 97.25 48.73 33.16
CA SER JB 34 96.18 49.65 32.82
C SER JB 34 94.93 48.92 32.38
N ASP JB 35 93.84 49.66 32.28
CA ASP JB 35 92.54 49.14 31.85
C ASP JB 35 92.14 49.80 30.54
N ASP JB 36 91.52 49.00 29.66
CA ASP JB 36 91.17 49.48 28.32
C ASP JB 36 90.07 50.54 28.37
N ALA JB 37 89.21 50.50 29.39
CA ALA JB 37 88.23 51.56 29.58
C ALA JB 37 88.90 52.90 29.86
N THR JB 38 89.92 52.90 30.71
CA THR JB 38 90.67 54.11 30.99
C THR JB 38 91.47 54.56 29.78
N ILE JB 39 91.95 53.60 28.97
CA ILE JB 39 92.65 53.93 27.72
C ILE JB 39 91.72 54.66 26.75
N LYS JB 40 90.49 54.14 26.59
CA LYS JB 40 89.52 54.77 25.71
C LYS JB 40 89.08 56.14 26.22
N LEU JB 41 88.91 56.28 27.54
CA LEU JB 41 88.57 57.58 28.12
C LEU JB 41 89.68 58.60 27.91
N ALA JB 42 90.95 58.17 28.04
CA ALA JB 42 92.07 59.07 27.80
C ALA JB 42 92.15 59.49 26.33
N GLU JB 43 91.91 58.55 25.41
CA GLU JB 43 91.92 58.86 23.99
C GLU JB 43 90.81 59.83 23.60
N ALA JB 44 89.66 59.74 24.26
CA ALA JB 44 88.62 60.75 24.04
C ALA JB 44 89.01 62.10 24.64
N ALA JB 45 89.60 62.09 25.84
CA ALA JB 45 89.86 63.33 26.58
C ALA JB 45 90.96 64.17 25.94
N VAL JB 46 91.96 63.53 25.31
CA VAL JB 46 93.02 64.30 24.65
C VAL JB 46 92.48 65.11 23.48
N SER JB 47 91.59 64.51 22.68
CA SER JB 47 90.99 65.22 21.56
C SER JB 47 89.99 66.28 22.02
N VAL JB 48 89.28 66.02 23.13
CA VAL JB 48 88.45 67.07 23.73
C VAL JB 48 89.32 68.25 24.18
N SER JB 49 90.47 67.96 24.79
CA SER JB 49 91.36 68.99 25.31
C SER JB 49 91.95 69.87 24.20
N ASP JB 50 92.42 69.26 23.11
CA ASP JB 50 93.00 70.16 22.09
C ASP JB 50 91.93 70.81 21.21
N SER JB 51 90.71 70.25 21.15
CA SER JB 51 89.61 71.00 20.56
C SER JB 51 89.29 72.26 21.37
N MET JB 52 89.27 72.14 22.70
CA MET JB 52 89.13 73.31 23.56
C MET JB 52 90.30 74.28 23.40
N LEU JB 53 91.50 73.75 23.17
CA LEU JB 53 92.68 74.60 22.95
C LEU JB 53 92.53 75.47 21.69
N GLU JB 54 92.12 74.85 20.57
CA GLU JB 54 91.91 75.62 19.34
C GLU JB 54 90.77 76.62 19.49
N MET JB 55 89.66 76.20 20.13
CA MET JB 55 88.52 77.11 20.30
C MET JB 55 88.87 78.30 21.20
N ALA JB 56 89.62 78.06 22.28
CA ALA JB 56 90.03 79.14 23.17
C ALA JB 56 91.02 80.08 22.47
N LYS JB 57 91.92 79.53 21.64
CA LYS JB 57 92.86 80.37 20.91
C LYS JB 57 92.15 81.29 19.92
N VAL JB 58 91.20 80.73 19.14
CA VAL JB 58 90.44 81.53 18.18
C VAL JB 58 89.60 82.59 18.88
N GLU JB 59 88.97 82.22 20.01
CA GLU JB 59 88.11 83.16 20.71
C GLU JB 59 88.91 84.27 21.38
N LYS JB 60 90.08 83.95 21.92
CA LYS JB 60 90.97 84.96 22.48
C LYS JB 60 91.49 85.91 21.41
N VAL JB 61 91.77 85.38 20.21
CA VAL JB 61 92.20 86.22 19.10
C VAL JB 61 91.08 87.18 18.67
N ILE JB 62 89.85 86.66 18.60
CA ILE JB 62 88.72 87.48 18.14
C ILE JB 62 88.37 88.57 19.16
N THR JB 63 88.23 88.20 20.43
CA THR JB 63 87.82 89.15 21.46
C THR JB 63 88.90 89.29 22.53
N PRO JB 64 89.71 90.35 22.48
CA PRO JB 64 90.71 90.55 23.53
C PRO JB 64 90.10 91.24 24.74
N PRO JB 65 90.26 90.67 25.93
CA PRO JB 65 89.74 91.34 27.14
C PRO JB 65 90.57 92.54 27.51
N SER JB 66 89.93 93.47 28.24
CA SER JB 66 90.56 94.72 28.63
C SER JB 66 90.52 95.01 30.12
N LYS JB 67 89.70 94.32 30.89
CA LYS JB 67 89.55 94.61 32.32
C LYS JB 67 89.73 93.33 33.13
N ASP JB 68 90.15 93.51 34.38
CA ASP JB 68 90.38 92.41 35.31
C ASP JB 68 89.60 92.67 36.58
N ASN JB 69 89.18 91.59 37.25
CA ASN JB 69 88.37 91.68 38.45
C ASN JB 69 89.18 91.93 39.72
N THR JB 70 90.45 92.30 39.60
CA THR JB 70 91.25 92.69 40.76
C THR JB 70 90.73 94.00 41.36
N LEU JB 71 90.22 94.89 40.49
CA LEU JB 71 89.63 96.14 40.97
C LEU JB 71 88.35 95.90 41.77
N THR JB 72 87.51 94.97 41.32
CA THR JB 72 86.28 94.68 42.03
C THR JB 72 86.52 93.84 43.28
N ILE JB 73 87.49 92.93 43.22
CA ILE JB 73 87.83 92.09 44.36
C ILE JB 73 89.29 92.34 44.72
N PRO JB 74 89.59 93.33 45.56
CA PRO JB 74 90.96 93.55 46.00
C PRO JB 74 91.33 92.69 47.19
N ASN JB 75 92.63 92.56 47.40
CA ASN JB 75 93.14 91.82 48.55
C ASN JB 75 93.37 92.73 49.76
N ALA JB 76 93.46 92.11 50.93
CA ALA JB 76 93.67 92.81 52.19
C ALA JB 76 94.29 91.84 53.18
N TYR JB 77 94.54 92.31 54.39
CA TYR JB 77 94.97 91.43 55.46
C TYR JB 77 93.82 90.50 55.86
N ASN JB 78 94.19 89.34 56.39
CA ASN JB 78 93.38 88.16 56.72
C ASN JB 78 92.49 87.67 55.57
N LEU JB 79 92.79 88.05 54.33
CA LEU JB 79 92.40 87.31 53.14
C LEU JB 79 93.54 86.45 52.62
N GLN JB 80 94.67 86.43 53.33
CA GLN JB 80 95.84 85.64 52.95
C GLN JB 80 95.92 84.32 53.70
N ALA JB 81 94.94 84.00 54.53
CA ALA JB 81 94.80 82.64 55.02
C ALA JB 81 94.38 81.75 53.87
N ARG JB 82 94.81 80.49 53.91
CA ARG JB 82 94.71 79.68 52.71
C ARG JB 82 93.66 78.58 52.87
N ALA JB 83 93.27 77.99 51.75
CA ALA JB 83 92.20 77.00 51.77
C ALA JB 83 92.39 76.01 50.63
N SER JB 84 91.98 74.77 50.87
CA SER JB 84 91.87 73.75 49.85
C SER JB 84 90.44 73.24 49.85
N VAL JB 85 89.78 73.29 48.69
CA VAL JB 85 88.34 73.13 48.61
C VAL JB 85 87.99 72.22 47.44
N ASP JB 86 86.96 71.38 47.64
CA ASP JB 86 86.38 70.51 46.62
C ASP JB 86 84.86 70.61 46.79
N TRP JB 87 84.24 71.52 46.04
CA TRP JB 87 82.83 71.85 46.20
C TRP JB 87 82.11 71.67 44.88
N SER JB 88 80.92 71.07 44.93
CA SER JB 88 80.12 70.78 43.74
C SER JB 88 78.66 71.15 43.97
N GLY JB 89 78.41 72.35 44.49
CA GLY JB 89 77.06 72.77 44.79
C GLY JB 89 76.79 74.23 44.48
N PRO JB 90 75.78 74.80 45.13
CA PRO JB 90 75.43 76.21 44.90
C PRO JB 90 76.47 77.18 45.46
N ILE JB 91 76.39 78.42 44.99
CA ILE JB 91 77.44 79.40 45.22
C ILE JB 91 77.31 80.06 46.60
N GLU JB 92 76.09 80.14 47.15
CA GLU JB 92 75.84 81.01 48.31
C GLU JB 92 76.43 80.43 49.58
N GLU JB 93 76.28 79.12 49.79
CA GLU JB 93 76.82 78.49 51.00
C GLU JB 93 78.34 78.50 51.01
N LEU JB 94 78.96 78.23 49.87
CA LEU JB 94 80.41 78.26 49.77
C LEU JB 94 80.96 79.66 49.98
N THR JB 95 80.29 80.68 49.41
CA THR JB 95 80.72 82.06 49.60
C THR JB 95 80.54 82.50 51.05
N ALA JB 96 79.47 82.04 51.71
CA ALA JB 96 79.27 82.34 53.12
C ALA JB 96 80.33 81.68 54.00
N ARG JB 97 80.74 80.44 53.67
CA ARG JB 97 81.81 79.78 54.41
C ARG JB 97 83.15 80.50 54.24
N ILE JB 98 83.44 80.95 53.01
CA ILE JB 98 84.68 81.69 52.76
C ILE JB 98 84.66 83.02 53.52
N ALA JB 99 83.53 83.72 53.53
CA ALA JB 99 83.42 84.97 54.27
C ALA JB 99 83.54 84.76 55.78
N LYS JB 100 82.96 83.68 56.30
CA LYS JB 100 83.04 83.39 57.73
C LYS JB 100 84.46 83.02 58.14
N ALA JB 101 85.19 82.32 57.26
CA ALA JB 101 86.59 82.04 57.54
C ALA JB 101 87.46 83.29 57.41
N ALA JB 102 87.08 84.22 56.54
CA ALA JB 102 87.79 85.47 56.36
C ALA JB 102 87.37 86.55 57.34
N HIS JB 103 86.42 86.23 58.24
CA HIS JB 103 85.94 87.12 59.31
C HIS JB 103 85.31 88.40 58.75
N PHE JB 104 84.61 88.25 57.64
CA PHE JB 104 83.91 89.35 56.99
C PHE JB 104 82.41 89.15 57.12
N ARG JB 105 81.65 90.19 56.78
CA ARG JB 105 80.20 90.16 56.83
C ARG JB 105 79.66 89.85 55.44
N PHE JB 106 78.75 88.88 55.35
CA PHE JB 106 78.23 88.42 54.07
C PHE JB 106 76.92 89.13 53.76
N ARG JB 107 76.81 89.65 52.54
CA ARG JB 107 75.63 90.39 52.10
C ARG JB 107 75.16 89.87 50.75
N VAL JB 108 73.85 89.80 50.55
CA VAL JB 108 73.24 89.33 49.31
C VAL JB 108 72.34 90.43 48.77
N LEU JB 109 72.46 90.73 47.48
CA LEU JB 109 71.57 91.64 46.78
C LEU JB 109 70.97 90.99 45.55
N GLY JB 110 69.70 91.27 45.30
CA GLY JB 110 68.97 90.69 44.20
C GLY JB 110 68.22 89.43 44.60
N LYS JB 111 67.34 88.99 43.69
CA LYS JB 111 66.56 87.78 43.90
C LYS JB 111 67.34 86.57 43.38
N SER JB 112 67.32 85.50 44.16
CA SER JB 112 67.92 84.25 43.70
C SER JB 112 67.05 83.65 42.60
N PRO JB 113 67.65 83.12 41.53
CA PRO JB 113 66.86 82.54 40.45
C PRO JB 113 66.26 81.20 40.85
N SER JB 114 65.22 80.80 40.12
CA SER JB 114 64.55 79.53 40.40
C SER JB 114 65.43 78.36 39.97
N VAL JB 115 66.10 78.48 38.83
CA VAL JB 115 67.14 77.53 38.45
C VAL JB 115 68.41 77.95 39.18
N PRO JB 116 68.96 77.10 40.04
CA PRO JB 116 70.11 77.53 40.87
C PRO JB 116 71.39 77.71 40.06
N VAL JB 117 72.24 78.59 40.57
CA VAL JB 117 73.54 78.85 39.97
C VAL JB 117 74.53 77.85 40.58
N LEU JB 118 75.04 76.94 39.75
CA LEU JB 118 75.91 75.86 40.21
C LEU JB 118 77.36 76.16 39.83
N ILE JB 119 78.27 75.88 40.76
CA ILE JB 119 79.70 76.04 40.55
C ILE JB 119 80.40 74.74 40.92
N SER JB 120 81.63 74.60 40.45
CA SER JB 120 82.45 73.43 40.72
C SER JB 120 83.90 73.88 40.85
N ILE JB 121 84.43 73.86 42.07
CA ILE JB 121 85.79 74.29 42.35
C ILE JB 121 86.56 73.09 42.90
N SER JB 122 87.72 72.80 42.30
CA SER JB 122 88.62 71.75 42.80
C SER JB 122 90.04 72.31 42.71
N THR JB 123 90.47 72.97 43.78
CA THR JB 123 91.80 73.57 43.84
C THR JB 123 92.59 73.02 45.02
N LYS JB 124 93.78 73.55 45.24
CA LYS JB 124 94.63 73.10 46.34
C LYS JB 124 95.58 74.21 46.74
N ASP JB 125 95.44 74.70 47.97
CA ASP JB 125 96.38 75.60 48.66
C ASP JB 125 96.57 76.92 47.89
N GLU JB 126 95.48 77.68 47.81
CA GLU JB 126 95.55 79.03 47.30
C GLU JB 126 94.69 79.94 48.18
N SER JB 127 94.95 81.24 48.07
CA SER JB 127 94.40 82.23 48.99
C SER JB 127 92.91 82.47 48.72
N LEU JB 128 92.25 83.05 49.73
CA LEU JB 128 90.81 83.28 49.67
C LEU JB 128 90.44 84.31 48.61
N ALA JB 129 91.32 85.28 48.34
CA ALA JB 129 91.08 86.23 47.26
C ALA JB 129 91.08 85.54 45.90
N GLU JB 130 92.00 84.59 45.70
CA GLU JB 130 92.02 83.83 44.46
C GLU JB 130 90.83 82.88 44.36
N ILE JB 131 90.38 82.31 45.49
CA ILE JB 131 89.18 81.50 45.53
C ILE JB 131 87.96 82.32 45.10
N LEU JB 132 87.83 83.53 45.66
CA LEU JB 132 86.70 84.40 45.33
C LEU JB 132 86.75 84.86 43.88
N ARG JB 133 87.96 85.14 43.36
CA ARG JB 133 88.10 85.53 41.96
C ARG JB 133 87.75 84.39 41.01
N ASP JB 134 88.15 83.15 41.35
CA ASP JB 134 87.80 82.01 40.52
C ASP JB 134 86.30 81.73 40.54
N ILE JB 135 85.66 81.86 41.71
CA ILE JB 135 84.21 81.71 41.81
C ILE JB 135 83.50 82.80 41.02
N ASP JB 136 84.00 84.03 41.09
CA ASP JB 136 83.39 85.14 40.36
C ASP JB 136 83.54 84.97 38.85
N TYR JB 137 84.67 84.43 38.40
CA TYR JB 137 84.85 84.16 36.98
C TYR JB 137 83.97 83.01 36.50
N GLN JB 138 83.82 81.96 37.31
CA GLN JB 138 82.98 80.84 36.90
C GLN JB 138 81.50 81.18 36.96
N ALA JB 139 81.10 82.13 37.80
CA ALA JB 139 79.69 82.54 37.88
C ALA JB 139 79.21 83.17 36.58
N GLY JB 140 80.06 83.98 35.95
CA GLY JB 140 79.74 84.46 34.61
C GLY JB 140 78.77 85.60 34.63
N LYS JB 141 77.66 85.44 33.92
CA LYS JB 141 76.66 86.48 33.73
C LYS JB 141 75.50 86.36 34.70
N LYS JB 142 75.58 85.48 35.69
CA LYS JB 142 74.49 85.25 36.62
C LYS JB 142 74.69 85.91 37.98
N ALA JB 143 75.92 85.96 38.48
CA ALA JB 143 76.18 86.52 39.79
C ALA JB 143 77.54 87.20 39.79
N SER JB 144 77.74 88.08 40.77
CA SER JB 144 78.98 88.83 40.90
C SER JB 144 79.38 88.93 42.37
N ILE JB 145 80.69 89.01 42.58
CA ILE JB 145 81.31 89.08 43.90
C ILE JB 145 82.00 90.43 44.03
N HIS JB 146 81.73 91.13 45.13
CA HIS JB 146 82.42 92.37 45.46
C HIS JB 146 82.97 92.27 46.87
N VAL JB 147 84.11 92.92 47.10
CA VAL JB 147 84.77 92.92 48.41
C VAL JB 147 85.04 94.36 48.80
N TYR JB 148 84.55 94.76 49.97
CA TYR JB 148 84.84 96.07 50.52
C TYR JB 148 85.67 95.89 51.78
N PRO JB 149 86.98 96.17 51.74
CA PRO JB 149 87.83 95.90 52.91
C PRO JB 149 87.73 96.94 54.01
N ASN JB 150 87.29 98.16 53.70
CA ASN JB 150 87.14 99.18 54.74
C ASN JB 150 85.98 98.88 55.67
N SER JB 151 84.92 98.26 55.14
CA SER JB 151 83.79 97.82 55.96
C SER JB 151 83.80 96.32 56.22
N GLN JB 152 84.75 95.60 55.62
CA GLN JB 152 84.94 94.14 55.75
C GLN JB 152 83.68 93.38 55.34
N VAL JB 153 83.27 93.59 54.09
CA VAL JB 153 82.01 93.06 53.56
C VAL JB 153 82.30 92.27 52.28
N VAL JB 154 81.84 91.03 52.24
CA VAL JB 154 81.79 90.23 51.01
C VAL JB 154 80.34 90.23 50.52
N GLU JB 155 80.14 90.67 49.29
CA GLU JB 155 78.82 90.89 48.74
C GLU JB 155 78.62 90.04 47.49
N LEU JB 156 77.52 89.29 47.47
CA LEU JB 156 77.06 88.54 46.30
C LEU JB 156 75.84 89.24 45.73
N ARG JB 157 75.90 89.61 44.46
CA ARG JB 157 74.77 90.23 43.78
C ARG JB 157 74.33 89.36 42.61
N TYR JB 158 73.02 89.21 42.44
CA TYR JB 158 72.47 88.46 41.33
C TYR JB 158 72.17 89.38 40.15
N ALA JB 159 72.13 88.79 38.96
CA ALA JB 159 71.94 89.56 37.74
C ALA JB 159 70.51 90.04 37.59
N LYS JB 160 70.35 91.16 36.91
CA LYS JB 160 69.02 91.72 36.61
C LYS JB 160 68.48 91.09 35.33
N ILE JB 161 68.13 89.81 35.45
CA ILE JB 161 67.60 89.01 34.35
C ILE JB 161 66.32 88.36 34.87
N TYR JB 162 65.57 87.73 33.94
CA TYR JB 162 64.21 87.20 34.14
C TYR JB 162 63.26 88.29 34.60
N GLY KB 271 69.34 67.51 -14.42
CA GLY KB 271 69.17 67.74 -13.00
C GLY KB 271 70.47 67.77 -12.23
N ILE KB 272 70.49 68.52 -11.15
CA ILE KB 272 71.69 68.62 -10.30
C ILE KB 272 71.85 67.32 -9.52
N PRO KB 273 73.04 66.71 -9.53
CA PRO KB 273 73.27 65.49 -8.73
C PRO KB 273 73.22 65.80 -7.24
N PRO KB 274 72.92 64.81 -6.40
CA PRO KB 274 72.90 65.05 -4.95
C PRO KB 274 74.30 65.33 -4.41
N SER KB 275 74.34 66.10 -3.31
CA SER KB 275 75.60 66.57 -2.76
C SER KB 275 76.38 65.44 -2.12
N ALA KB 276 75.80 64.80 -1.11
CA ALA KB 276 76.43 63.69 -0.40
C ALA KB 276 75.34 62.92 0.34
N ASN KB 277 75.77 62.00 1.20
CA ASN KB 277 74.89 61.37 2.17
C ASN KB 277 75.29 61.90 3.55
N ASP KB 278 74.29 62.32 4.33
CA ASP KB 278 74.55 62.98 5.60
C ASP KB 278 74.82 62.00 6.74
N LEU KB 279 74.76 60.70 6.49
CA LEU KB 279 75.14 59.72 7.52
C LEU KB 279 76.64 59.68 7.74
N LEU KB 280 77.43 60.16 6.76
CA LEU KB 280 78.89 60.10 6.88
C LEU KB 280 79.43 61.07 7.93
N LEU KB 281 78.67 62.10 8.31
CA LEU KB 281 79.07 62.93 9.45
C LEU KB 281 79.03 62.14 10.75
N HIS KB 282 77.97 61.35 10.96
CA HIS KB 282 77.91 60.47 12.12
C HIS KB 282 78.93 59.36 12.04
N VAL KB 283 79.23 58.87 10.83
CA VAL KB 283 80.29 57.87 10.65
C VAL KB 283 81.65 58.46 11.01
N LEU KB 284 81.89 59.72 10.64
CA LEU KB 284 83.12 60.42 11.01
C LEU KB 284 83.21 60.61 12.52
N GLU KB 285 82.09 60.96 13.16
CA GLU KB 285 82.08 61.11 14.61
C GLU KB 285 82.18 59.78 15.33
N GLY KB 286 81.87 58.67 14.68
CA GLY KB 286 81.94 57.35 15.27
C GLY KB 286 80.61 56.77 15.71
N VAL KB 287 79.53 57.52 15.57
CA VAL KB 287 78.20 57.03 15.94
C VAL KB 287 77.64 56.22 14.77
N PRO KB 288 77.19 54.98 15.00
CA PRO KB 288 76.63 54.20 13.91
C PRO KB 288 75.31 54.77 13.44
N PRO KB 289 74.93 54.57 12.17
CA PRO KB 289 73.62 55.01 11.71
C PRO KB 289 72.51 54.20 12.38
N PRO KB 290 71.35 54.80 12.60
CA PRO KB 290 70.27 54.07 13.30
C PRO KB 290 69.66 52.99 12.42
N GLY KB 291 69.37 51.85 13.04
CA GLY KB 291 68.83 50.70 12.35
C GLY KB 291 69.86 49.78 11.72
N SER KB 292 71.14 50.11 11.81
CA SER KB 292 72.19 49.32 11.20
C SER KB 292 72.66 48.22 12.16
N ARG KB 293 73.42 47.28 11.61
CA ARG KB 293 74.03 46.21 12.39
C ARG KB 293 75.55 46.27 12.24
N ARG KB 294 76.24 45.71 13.23
CA ARG KB 294 77.69 45.77 13.27
C ARG KB 294 78.31 44.66 12.42
N LEU KB 295 79.50 44.94 11.88
CA LEU KB 295 80.31 43.97 11.18
C LEU KB 295 81.66 43.85 11.87
N VAL KB 296 82.25 42.66 11.79
CA VAL KB 296 83.53 42.38 12.43
C VAL KB 296 84.64 42.60 11.41
N VAL KB 297 85.60 43.45 11.77
CA VAL KB 297 86.72 43.80 10.90
C VAL KB 297 88.00 43.33 11.59
N SER KB 298 88.79 42.53 10.88
CA SER KB 298 90.04 41.99 11.41
C SER KB 298 91.19 42.36 10.49
N GLY KB 299 92.38 42.51 11.09
CA GLY KB 299 93.58 42.80 10.35
C GLY KB 299 94.05 44.23 10.41
N GLY KB 300 93.24 45.14 10.95
CA GLY KB 300 93.63 46.54 11.00
C GLY KB 300 92.65 47.34 11.82
N ASP KB 301 92.92 48.64 11.91
CA ASP KB 301 92.12 49.56 12.71
C ASP KB 301 91.04 50.17 11.83
N ALA KB 302 89.87 49.54 11.82
CA ALA KB 302 88.75 50.01 11.02
C ALA KB 302 87.46 49.51 11.64
N ARG KB 303 86.38 50.27 11.44
CA ARG KB 303 85.04 49.88 11.87
C ARG KB 303 84.11 49.91 10.67
N ALA KB 304 83.11 49.02 10.68
CA ALA KB 304 82.18 48.92 9.57
C ALA KB 304 80.77 48.70 10.06
N TRP KB 305 79.81 49.21 9.30
CA TRP KB 305 78.39 49.03 9.58
C TRP KB 305 77.64 48.77 8.28
N LEU KB 306 76.49 48.10 8.40
CA LEU KB 306 75.63 47.80 7.27
C LEU KB 306 74.21 48.25 7.59
N SER KB 307 73.67 49.17 6.78
CA SER KB 307 72.38 49.77 7.08
C SER KB 307 71.31 49.42 6.06
N ASN KB 308 71.54 49.69 4.78
CA ASN KB 308 70.54 49.52 3.73
C ASN KB 308 71.15 48.80 2.53
N GLU KB 309 71.78 47.65 2.82
CA GLU KB 309 72.63 46.88 1.88
C GLU KB 309 73.76 47.72 1.33
N LYS KB 310 74.27 48.64 2.15
CA LYS KB 310 75.45 49.43 1.85
C LYS KB 310 76.38 49.39 3.05
N MET KB 311 77.67 49.50 2.80
CA MET KB 311 78.68 49.32 3.83
C MET KB 311 79.36 50.66 4.12
N TYR KB 312 79.38 51.03 5.39
CA TYR KB 312 79.99 52.28 5.85
C TYR KB 312 81.23 51.94 6.66
N VAL KB 313 82.37 52.49 6.26
CA VAL KB 313 83.67 52.16 6.83
C VAL KB 313 84.27 53.43 7.42
N ARG KB 314 84.69 53.36 8.69
CA ARG KB 314 85.42 54.43 9.35
C ARG KB 314 86.82 53.93 9.67
N THR KB 315 87.82 54.62 9.13
CA THR KB 315 89.23 54.27 9.31
C THR KB 315 90.07 55.47 8.93
N ASN KB 316 91.37 55.36 9.16
CA ASN KB 316 92.34 56.34 8.69
C ASN KB 316 93.33 55.76 7.68
N LEU KB 317 93.09 54.56 7.18
CA LEU KB 317 93.89 53.95 6.13
C LEU KB 317 93.38 54.40 4.75
N THR KB 318 94.13 54.01 3.72
CA THR KB 318 93.78 54.34 2.35
C THR KB 318 93.26 53.09 1.65
N ILE KB 319 92.03 53.16 1.15
CA ILE KB 319 91.37 52.05 0.49
C ILE KB 319 91.69 52.10 -1.00
N LEU KB 320 92.20 50.99 -1.55
CA LEU KB 320 92.73 50.97 -2.90
C LEU KB 320 91.82 50.23 -3.90
N SER KB 321 91.53 48.95 -3.66
CA SER KB 321 90.87 48.15 -4.70
C SER KB 321 89.35 48.25 -4.88
N PRO KB 322 88.50 48.09 -3.85
CA PRO KB 322 87.09 47.76 -4.14
C PRO KB 322 86.26 48.93 -4.64
N GLY KB 323 86.69 50.18 -4.46
CA GLY KB 323 85.94 51.31 -4.97
C GLY KB 323 84.79 51.73 -4.09
N TRP KB 324 84.65 53.04 -3.87
CA TRP KB 324 83.64 53.57 -2.98
C TRP KB 324 82.74 54.55 -3.73
N LEU KB 325 81.55 54.79 -3.16
CA LEU KB 325 80.56 55.66 -3.77
C LEU KB 325 80.64 57.09 -3.27
N ALA KB 326 80.86 57.30 -1.97
CA ALA KB 326 80.95 58.64 -1.42
C ALA KB 326 82.04 58.69 -0.36
N SER KB 327 82.58 59.88 -0.12
CA SER KB 327 83.66 60.01 0.85
C SER KB 327 83.65 61.37 1.51
N MET KB 328 83.99 61.37 2.81
CA MET KB 328 84.26 62.57 3.59
C MET KB 328 85.52 62.39 4.41
N THR KB 329 86.07 63.51 4.87
CA THR KB 329 87.31 63.53 5.64
C THR KB 329 87.13 64.48 6.82
N SER KB 330 87.63 64.10 7.99
CA SER KB 330 87.55 64.94 9.17
C SER KB 330 88.78 65.86 9.24
N ALA KB 331 88.86 66.63 10.32
CA ALA KB 331 89.96 67.59 10.49
C ALA KB 331 91.26 66.91 10.88
N ASP KB 332 91.20 65.79 11.61
CA ASP KB 332 92.39 65.12 12.11
C ASP KB 332 92.91 64.02 11.20
N GLY KB 333 92.28 63.79 10.05
CA GLY KB 333 92.75 62.80 9.10
C GLY KB 333 91.97 61.51 9.05
N THR KB 334 90.77 61.46 9.63
CA THR KB 334 89.94 60.27 9.59
C THR KB 334 89.05 60.31 8.35
N HIS KB 335 88.93 59.17 7.69
CA HIS KB 335 88.14 59.06 6.46
C HIS KB 335 86.84 58.31 6.73
N ALA KB 336 85.80 58.70 6.01
CA ALA KB 336 84.52 58.00 6.05
C ALA KB 336 84.09 57.68 4.62
N TYR KB 337 83.75 56.43 4.37
CA TYR KB 337 83.42 55.94 3.04
C TYR KB 337 82.02 55.36 3.02
N GLU KB 338 81.32 55.57 1.91
CA GLU KB 338 80.09 54.87 1.58
C GLU KB 338 80.35 54.06 0.32
N MET KB 339 80.08 52.74 0.39
CA MET KB 339 80.46 51.82 -0.66
C MET KB 339 79.55 50.60 -0.61
N GLN KB 340 79.71 49.74 -1.61
CA GLN KB 340 78.97 48.48 -1.65
C GLN KB 340 79.58 47.47 -0.68
N LYS KB 341 78.81 46.43 -0.38
CA LYS KB 341 79.27 45.40 0.54
C LYS KB 341 80.32 44.50 -0.12
N SER KB 342 81.33 44.11 0.67
CA SER KB 342 82.43 43.29 0.19
C SER KB 342 83.09 42.63 1.37
N PRO KB 343 83.47 41.36 1.29
CA PRO KB 343 84.12 40.68 2.42
C PRO KB 343 85.61 40.93 2.54
N VAL KB 344 86.21 41.70 1.65
CA VAL KB 344 87.64 41.97 1.67
C VAL KB 344 87.87 43.43 1.30
N LEU KB 345 88.81 44.08 1.99
CA LEU KB 345 89.25 45.43 1.66
C LEU KB 345 90.75 45.42 1.43
N LEU KB 346 91.21 46.19 0.45
CA LEU KB 346 92.63 46.31 0.17
C LEU KB 346 93.06 47.70 0.62
N VAL KB 347 94.07 47.77 1.49
CA VAL KB 347 94.46 49.04 2.10
C VAL KB 347 95.96 49.24 1.96
N SER KB 348 96.37 50.49 2.06
CA SER KB 348 97.77 50.89 2.13
C SER KB 348 98.02 51.47 3.51
N TRP KB 349 98.98 50.90 4.24
CA TRP KB 349 99.20 51.28 5.63
C TRP KB 349 100.22 52.41 5.77
N HIS KB 350 101.46 52.15 5.38
CA HIS KB 350 102.51 53.16 5.41
C HIS KB 350 103.40 53.01 4.18
N GLY KB 351 102.79 52.83 3.01
CA GLY KB 351 103.50 52.43 1.82
C GLY KB 351 103.51 50.95 1.57
N LYS KB 352 102.89 50.16 2.44
CA LYS KB 352 102.78 48.71 2.28
C LYS KB 352 101.32 48.35 2.07
N VAL KB 353 101.08 47.47 1.10
CA VAL KB 353 99.72 47.08 0.71
C VAL KB 353 99.35 45.80 1.44
N MET KB 354 98.20 45.81 2.11
CA MET KB 354 97.73 44.67 2.88
C MET KB 354 96.22 44.56 2.75
N GLN KB 355 95.64 43.54 3.38
CA GLN KB 355 94.22 43.25 3.26
C GLN KB 355 93.55 43.21 4.62
N LEU KB 356 92.28 43.62 4.64
CA LEU KB 356 91.43 43.54 5.82
C LEU KB 356 90.25 42.64 5.53
N LYS KB 357 89.86 41.82 6.50
CA LYS KB 357 88.81 40.83 6.35
C LYS KB 357 87.55 41.31 7.07
N VAL KB 358 86.43 41.30 6.36
CA VAL KB 358 85.15 41.78 6.88
C VAL KB 358 84.22 40.57 7.02
N GLU KB 359 83.70 40.37 8.23
CA GLU KB 359 82.78 39.29 8.53
C GLU KB 359 81.41 39.84 8.88
N GLY KB 360 80.44 38.92 9.02
CA GLY KB 360 79.10 39.27 9.44
C GLY KB 360 78.19 39.77 8.34
N LEU KB 361 78.60 39.67 7.08
CA LEU KB 361 77.76 40.12 5.97
C LEU KB 361 76.62 39.14 5.70
N LYS LB 40 70.30 44.97 51.99
CA LYS LB 40 71.00 45.46 50.80
C LYS LB 40 71.56 46.86 51.05
N LEU LB 41 70.83 47.65 51.83
CA LEU LB 41 71.29 48.97 52.21
C LEU LB 41 72.43 48.85 53.24
N PRO LB 42 73.35 49.81 53.26
CA PRO LB 42 74.38 49.81 54.31
C PRO LB 42 73.79 50.06 55.69
N CYS LB 43 74.46 49.50 56.69
CA CYS LB 43 74.00 49.60 58.08
C CYS LB 43 74.75 50.64 58.89
N ARG LB 44 75.86 51.16 58.38
CA ARG LB 44 76.64 52.17 59.08
C ARG LB 44 77.47 52.93 58.05
N VAL LB 45 78.18 53.96 58.53
CA VAL LB 45 79.17 54.63 57.69
C VAL LB 45 80.36 53.70 57.50
N ASP LB 46 80.91 53.69 56.29
CA ASP LB 46 81.92 52.70 55.94
C ASP LB 46 83.28 53.00 56.56
N GLY LB 47 83.96 51.93 57.01
CA GLY LB 47 85.28 52.06 57.59
C GLY LB 47 85.35 52.73 58.94
N ALA LB 48 84.24 52.73 59.69
CA ALA LB 48 84.20 53.42 60.96
C ALA LB 48 83.58 52.54 62.04
N CYS LB 49 84.04 52.73 63.28
CA CYS LB 49 83.53 51.98 64.42
C CYS LB 49 83.73 52.80 65.68
N ASP LB 50 82.74 52.74 66.57
CA ASP LB 50 82.79 53.51 67.82
C ASP LB 50 83.86 53.00 68.76
N ALA LB 51 84.06 51.67 68.79
CA ALA LB 51 85.13 51.08 69.59
C ALA LB 51 86.49 51.52 69.10
N THR LB 52 86.67 51.60 67.78
CA THR LB 52 87.92 52.08 67.20
C THR LB 52 88.13 53.56 67.51
N ILE LB 53 87.04 54.34 67.51
CA ILE LB 53 87.12 55.77 67.85
C ILE LB 53 87.57 55.95 69.29
N ILE LB 54 86.97 55.19 70.22
CA ILE LB 54 87.33 55.28 71.64
C ILE LB 54 88.77 54.81 71.86
N LYS LB 55 89.18 53.75 71.15
CA LYS LB 55 90.53 53.22 71.26
C LYS LB 55 91.56 54.23 70.78
N MET LB 56 91.30 54.91 69.66
CA MET LB 56 92.27 55.88 69.18
C MET LB 56 92.29 57.16 70.01
N MET LB 57 91.15 57.59 70.55
CA MET LB 57 91.16 58.73 71.47
C MET LB 57 91.96 58.41 72.74
N THR LB 58 91.78 57.20 73.29
CA THR LB 58 92.54 56.79 74.46
C THR LB 58 94.03 56.68 74.15
N ASP LB 59 94.38 56.12 72.99
CA ASP LB 59 95.79 55.98 72.60
C ASP LB 59 96.45 57.34 72.38
N LEU LB 60 95.75 58.27 71.73
CA LEU LB 60 96.31 59.59 71.50
C LEU LB 60 96.45 60.37 72.81
N ASN LB 61 95.50 60.20 73.74
CA ASN LB 61 95.61 60.87 75.02
C ASN LB 61 96.73 60.27 75.87
N LYS LB 62 97.00 58.97 75.75
CA LYS LB 62 98.14 58.39 76.45
C LYS LB 62 99.47 58.80 75.81
N LYS LB 63 99.51 58.95 74.48
CA LYS LB 63 100.74 59.42 73.83
C LYS LB 63 101.05 60.87 74.17
N GLY LB 64 100.02 61.72 74.22
CA GLY LB 64 100.24 63.10 74.61
C GLY LB 64 99.53 64.11 73.73
N ILE LB 65 98.97 63.65 72.62
CA ILE LB 65 98.19 64.51 71.74
C ILE LB 65 96.80 64.70 72.37
N LYS LB 66 96.40 65.95 72.54
CA LYS LB 66 95.18 66.25 73.28
C LYS LB 66 93.98 66.15 72.35
N VAL LB 67 93.03 65.29 72.70
CA VAL LB 67 91.78 65.14 71.95
C VAL LB 67 90.64 65.54 72.86
N ALA LB 68 89.85 66.53 72.44
CA ALA LB 68 88.76 67.05 73.24
C ALA LB 68 87.49 67.12 72.40
N SER LB 69 86.36 66.90 73.06
CA SER LB 69 85.05 66.93 72.41
C SER LB 69 84.05 67.58 73.35
N VAL LB 70 83.45 68.69 72.90
CA VAL LB 70 82.39 69.36 73.63
C VAL LB 70 81.23 69.54 72.67
N GLY LB 71 80.10 68.91 73.00
CA GLY LB 71 78.95 68.92 72.11
C GLY LB 71 79.20 68.11 70.86
N GLN LB 72 79.31 68.79 69.71
CA GLN LB 72 79.67 68.15 68.45
C GLN LB 72 80.96 68.72 67.87
N ASN LB 73 81.68 69.53 68.63
CA ASN LB 73 82.94 70.12 68.17
C ASN LB 73 84.10 69.29 68.69
N TYR LB 74 85.06 69.00 67.82
CA TYR LB 74 86.23 68.19 68.15
C TYR LB 74 87.50 68.98 67.91
N LEU LB 75 88.43 68.86 68.85
CA LEU LB 75 89.70 69.58 68.85
C LEU LB 75 90.84 68.60 69.05
N ILE LB 76 91.88 68.72 68.22
CA ILE LB 76 93.11 67.97 68.36
C ILE LB 76 94.25 68.97 68.51
N SER LB 77 94.97 68.88 69.62
CA SER LB 77 96.08 69.78 69.93
C SER LB 77 97.38 68.98 69.93
N ILE LB 78 98.34 69.43 69.12
CA ILE LB 78 99.63 68.76 68.95
C ILE LB 78 100.73 69.74 69.35
N PRO LB 79 101.70 69.32 70.17
CA PRO LB 79 102.87 70.15 70.40
C PRO LB 79 103.75 70.23 69.15
N ALA LB 80 104.40 71.39 68.99
CA ALA LB 80 105.22 71.62 67.80
C ALA LB 80 106.53 70.84 67.83
N SER LB 81 107.00 70.45 69.01
CA SER LB 81 108.26 69.72 69.11
C SER LB 81 108.11 68.28 68.62
N ALA LB 82 106.91 67.73 68.67
CA ALA LB 82 106.67 66.37 68.19
C ALA LB 82 106.48 66.31 66.68
N LEU LB 83 106.42 67.45 66.00
CA LEU LB 83 106.23 67.49 64.56
C LEU LB 83 107.40 68.13 63.83
N PHE LB 84 107.83 69.31 64.24
CA PHE LB 84 108.80 70.10 63.51
C PHE LB 84 110.14 70.13 64.24
N ALA LB 85 111.12 70.77 63.61
CA ALA LB 85 112.44 70.96 64.18
C ALA LB 85 112.44 72.24 65.03
N ASP LB 86 113.62 72.71 65.40
CA ASP LB 86 113.76 73.87 66.28
C ASP LB 86 113.50 75.11 65.44
N GLN LB 87 112.23 75.55 65.45
CA GLN LB 87 111.79 76.84 64.88
C GLN LB 87 112.04 76.95 63.38
N SER LB 88 111.88 75.84 62.68
CA SER LB 88 111.98 75.77 61.23
C SER LB 88 110.79 75.02 60.68
N PRO LB 89 110.32 75.37 59.44
CA PRO LB 89 109.17 74.68 58.84
C PRO LB 89 109.54 73.39 58.10
N ARG LB 90 110.32 72.54 58.75
CA ARG LB 90 110.77 71.28 58.18
C ARG LB 90 110.31 70.14 59.09
N LEU LB 91 109.53 69.23 58.54
CA LEU LB 91 109.06 68.08 59.31
C LEU LB 91 110.18 67.08 59.53
N ASN LB 92 110.14 66.42 60.69
CA ASN LB 92 110.99 65.27 60.91
C ASN LB 92 110.46 64.07 60.14
N TRP LB 93 111.33 63.08 59.93
CA TRP LB 93 110.93 61.89 59.18
C TRP LB 93 110.06 60.96 60.02
N ALA LB 94 110.21 60.98 61.35
CA ALA LB 94 109.49 60.09 62.23
C ALA LB 94 108.10 60.60 62.62
N SER LB 95 107.77 61.85 62.30
CA SER LB 95 106.46 62.39 62.63
C SER LB 95 105.39 62.00 61.64
N TYR LB 96 105.77 61.36 60.52
CA TYR LB 96 104.78 60.92 59.54
C TYR LB 96 103.93 59.78 60.06
N SER LB 97 104.46 58.98 60.99
CA SER LB 97 103.64 57.95 61.63
C SER LB 97 102.56 58.57 62.50
N LEU LB 98 102.90 59.63 63.25
CA LEU LB 98 101.91 60.36 64.04
C LEU LB 98 100.88 61.03 63.15
N LEU LB 99 101.32 61.59 62.01
CA LEU LB 99 100.38 62.18 61.05
C LEU LB 99 99.47 61.12 60.43
N ASN LB 100 99.99 59.91 60.20
CA ASN LB 100 99.17 58.81 59.71
C ASN LB 100 98.13 58.38 60.74
N GLU LB 101 98.52 58.38 62.03
CA GLU LB 101 97.56 58.07 63.09
C GLU LB 101 96.48 59.14 63.19
N ILE LB 102 96.86 60.41 63.03
CA ILE LB 102 95.89 61.51 63.04
C ILE LB 102 94.93 61.40 61.85
N ALA LB 103 95.44 61.04 60.67
CA ALA LB 103 94.58 60.87 59.51
C ALA LB 103 93.65 59.66 59.66
N ALA LB 104 94.15 58.57 60.26
CA ALA LB 104 93.31 57.40 60.51
C ALA LB 104 92.23 57.68 61.54
N PHE LB 105 92.51 58.55 62.52
CA PHE LB 105 91.46 59.00 63.42
C PHE LB 105 90.45 59.91 62.71
N LEU LB 106 90.94 60.79 61.83
CA LEU LB 106 90.07 61.74 61.14
C LEU LB 106 89.17 61.08 60.09
N LYS LB 107 89.56 59.90 59.59
CA LYS LB 107 88.74 59.21 58.60
C LYS LB 107 87.49 58.57 59.18
N GLN LB 108 87.32 58.57 60.51
CA GLN LB 108 86.18 57.91 61.15
C GLN LB 108 84.93 58.78 61.22
N PHE LB 109 85.04 60.06 60.88
CA PHE LB 109 83.92 60.98 60.99
C PHE LB 109 83.53 61.51 59.61
N ARG LB 110 82.37 62.14 59.55
CA ARG LB 110 81.87 62.81 58.36
C ARG LB 110 81.79 64.29 58.66
N LYS LB 111 82.37 65.11 57.77
CA LYS LB 111 82.56 66.52 58.07
C LYS LB 111 82.61 67.32 56.78
N ILE LB 112 82.48 68.63 56.91
CA ILE LB 112 82.45 69.56 55.78
C ILE LB 112 83.71 70.41 55.74
N ALA LB 113 84.08 71.01 56.86
CA ALA LB 113 85.23 71.91 56.92
C ALA LB 113 86.11 71.57 58.12
N ILE LB 114 87.42 71.62 57.91
CA ILE LB 114 88.42 71.46 58.95
C ILE LB 114 89.23 72.74 59.03
N THR LB 115 89.65 73.13 60.23
CA THR LB 115 90.48 74.30 60.43
C THR LB 115 91.79 73.90 61.08
N VAL LB 116 92.91 74.31 60.48
CA VAL LB 116 94.24 74.07 61.00
C VAL LB 116 94.85 75.43 61.34
N THR LB 117 95.26 75.59 62.59
CA THR LB 117 95.78 76.86 63.09
C THR LB 117 97.11 76.59 63.78
N SER LB 118 98.09 77.45 63.54
CA SER LB 118 99.41 77.28 64.14
C SER LB 118 99.75 78.44 65.06
N TYR LB 119 100.36 78.12 66.21
CA TYR LB 119 100.79 79.11 67.19
C TYR LB 119 102.25 78.83 67.56
N SER LB 120 103.02 79.90 67.76
CA SER LB 120 104.43 79.78 68.12
C SER LB 120 104.81 80.75 69.23
N SER LB 121 106.11 80.93 69.45
CA SER LB 121 106.64 81.80 70.49
C SER LB 121 107.53 82.88 69.87
N LYS LB 122 107.85 83.88 70.67
CA LYS LB 122 108.58 85.07 70.20
C LYS LB 122 110.06 84.72 70.02
N TYR LB 123 110.55 84.88 68.78
CA TYR LB 123 111.96 84.62 68.49
C TYR LB 123 112.70 85.87 68.03
N VAL LB 124 112.26 86.51 66.96
CA VAL LB 124 112.98 87.66 66.40
C VAL LB 124 112.02 88.82 66.25
N SER LB 125 110.91 88.60 65.55
CA SER LB 125 109.92 89.63 65.31
C SER LB 125 108.56 88.95 65.10
N VAL LB 126 107.57 89.74 64.70
CA VAL LB 126 106.25 89.19 64.48
C VAL LB 126 106.10 88.62 63.06
N LYS LB 127 106.77 89.23 62.07
CA LYS LB 127 106.66 88.80 60.69
C LYS LB 127 107.26 87.40 60.49
N ARG LB 128 108.41 87.14 61.14
CA ARG LB 128 109.09 85.86 60.99
C ARG LB 128 108.27 84.73 61.60
N GLU LB 129 107.68 84.97 62.78
CA GLU LB 129 106.88 83.94 63.42
C GLU LB 129 105.54 83.75 62.74
N ARG LB 130 104.96 84.80 62.15
CA ARG LB 130 103.74 84.63 61.36
C ARG LB 130 104.00 83.81 60.11
N ALA LB 131 105.12 84.07 59.41
CA ALA LB 131 105.49 83.30 58.24
C ALA LB 131 105.80 81.85 58.61
N LEU LB 132 106.46 81.64 59.75
CA LEU LB 132 106.77 80.29 60.22
C LEU LB 132 105.50 79.50 60.53
N THR LB 133 104.53 80.13 61.21
CA THR LB 133 103.29 79.45 61.55
C THR LB 133 102.46 79.16 60.31
N LEU LB 134 102.43 80.09 59.35
CA LEU LB 134 101.71 79.85 58.09
C LEU LB 134 102.33 78.70 57.30
N ALA LB 135 103.67 78.63 57.26
CA ALA LB 135 104.34 77.54 56.57
C ALA LB 135 104.10 76.20 57.26
N ARG LB 136 104.11 76.17 58.59
CA ARG LB 136 103.83 74.94 59.34
C ARG LB 136 102.42 74.44 59.09
N SER LB 137 101.43 75.35 59.12
CA SER LB 137 100.05 74.96 58.86
C SER LB 137 99.86 74.51 57.42
N ARG LB 138 100.57 75.14 56.47
CA ARG LB 138 100.52 74.74 55.07
C ARG LB 138 101.05 73.32 54.87
N VAL LB 139 102.18 73.00 55.51
CA VAL LB 139 102.77 71.66 55.35
C VAL LB 139 101.90 70.59 55.99
N VAL LB 140 101.37 70.87 57.20
CA VAL LB 140 100.52 69.90 57.90
C VAL LB 140 99.23 69.65 57.12
N SER LB 141 98.60 70.71 56.62
CA SER LB 141 97.38 70.54 55.85
C SER LB 141 97.64 69.91 54.49
N GLU LB 142 98.82 70.15 53.90
CA GLU LB 142 99.17 69.51 52.64
C GLU LB 142 99.29 68.00 52.80
N TYR LB 143 99.94 67.54 53.88
CA TYR LB 143 100.04 66.10 54.08
C TYR LB 143 98.68 65.50 54.47
N LEU LB 144 97.88 66.24 55.23
CA LEU LB 144 96.55 65.75 55.60
C LEU LB 144 95.63 65.64 54.38
N TRP LB 145 95.70 66.60 53.46
CA TRP LB 145 94.92 66.54 52.23
C TRP LB 145 95.47 65.50 51.27
N SER LB 146 96.78 65.26 51.29
CA SER LB 146 97.37 64.16 50.51
C SER LB 146 96.85 62.82 50.98
N GLN LB 147 96.74 62.63 52.30
CA GLN LB 147 96.05 61.46 52.80
C GLN LB 147 94.54 61.61 52.60
N GLY LB 148 93.83 60.49 52.70
CA GLY LB 148 92.44 60.45 52.26
C GLY LB 148 91.38 60.83 53.28
N VAL LB 149 91.39 62.06 53.76
CA VAL LB 149 90.31 62.56 54.60
C VAL LB 149 89.19 63.06 53.69
N ASP LB 150 87.95 62.70 54.04
CA ASP LB 150 86.79 63.03 53.20
C ASP LB 150 86.12 64.30 53.71
N SER LB 151 86.83 65.42 53.52
CA SER LB 151 86.32 66.73 53.88
C SER LB 151 86.24 67.59 52.62
N ARG LB 152 85.38 68.60 52.67
CA ARG LB 152 85.19 69.48 51.52
C ARG LB 152 86.17 70.66 51.54
N ILE LB 153 86.32 71.33 52.68
CA ILE LB 153 87.19 72.49 52.80
C ILE LB 153 88.17 72.27 53.95
N ILE LB 154 89.43 72.62 53.73
CA ILE LB 154 90.42 72.73 54.79
C ILE LB 154 90.96 74.16 54.78
N PHE LB 155 90.79 74.87 55.89
CA PHE LB 155 91.29 76.22 56.08
C PHE LB 155 92.58 76.17 56.88
N THR LB 156 93.56 77.00 56.49
CA THR LB 156 94.87 77.06 57.14
C THR LB 156 95.16 78.49 57.55
N GLN LB 157 95.57 78.66 58.81
CA GLN LB 157 96.03 79.96 59.29
C GLN LB 157 97.12 79.79 60.33
N GLY LB 158 98.00 80.79 60.40
CA GLY LB 158 99.01 80.85 61.42
C GLY LB 158 98.99 82.17 62.15
N LEU LB 159 98.74 82.15 63.46
CA LEU LB 159 98.52 83.37 64.22
C LEU LB 159 99.76 83.85 64.96
N GLY LB 160 100.90 83.17 64.81
CA GLY LB 160 102.12 83.61 65.46
C GLY LB 160 102.12 83.34 66.96
N SER LB 161 102.19 84.40 67.76
CA SER LB 161 102.18 84.29 69.21
C SER LB 161 101.11 85.20 69.82
N ASP LB 162 99.99 85.38 69.13
CA ASP LB 162 98.97 86.32 69.57
C ASP LB 162 98.14 85.79 70.73
N LYS LB 163 97.81 84.49 70.74
CA LYS LB 163 96.93 83.91 71.74
C LYS LB 163 97.64 82.77 72.44
N PRO LB 164 98.31 83.05 73.56
CA PRO LB 164 98.89 81.98 74.36
C PRO LB 164 97.86 81.36 75.30
N ILE LB 165 98.15 80.12 75.70
CA ILE LB 165 97.29 79.39 76.63
C ILE LB 165 97.90 79.25 78.02
N THR LB 166 99.17 79.65 78.20
CA THR LB 166 99.85 79.48 79.47
C THR LB 166 100.72 80.71 79.70
N SER LB 167 100.69 81.25 80.93
CA SER LB 167 101.52 82.39 81.28
C SER LB 167 102.99 82.05 81.46
N TYR LB 168 103.33 80.76 81.52
CA TYR LB 168 104.72 80.31 81.65
C TYR LB 168 105.32 80.26 80.25
N THR LB 169 106.10 81.28 79.88
CA THR LB 169 106.61 81.43 78.53
C THR LB 169 108.14 81.40 78.50
N LEU LB 170 108.75 80.47 79.21
CA LEU LB 170 110.21 80.41 79.28
C LEU LB 170 110.83 79.53 78.20
N GLY LB 171 110.11 78.52 77.72
CA GLY LB 171 110.66 77.62 76.72
C GLY LB 171 110.61 78.20 75.31
N GLY LB 172 111.16 77.43 74.38
CA GLY LB 172 111.13 77.79 72.97
C GLY LB 172 110.02 77.07 72.24
N ASP LB 173 110.37 76.05 71.44
CA ASP LB 173 109.37 75.15 70.90
C ASP LB 173 108.91 74.11 71.91
N ARG LB 174 109.61 73.97 73.04
CA ARG LB 174 109.20 73.08 74.12
C ARG LB 174 108.19 73.73 75.05
N SER LB 175 107.86 75.00 74.83
CA SER LB 175 106.81 75.65 75.59
C SER LB 175 105.45 75.04 75.23
N PRO LB 176 104.53 74.93 76.19
CA PRO LB 176 103.21 74.35 75.88
C PRO LB 176 102.34 75.21 74.98
N ASN LB 177 102.64 76.50 74.84
CA ASN LB 177 101.84 77.39 74.02
C ASN LB 177 102.38 77.57 72.59
N ALA LB 178 103.18 76.61 72.11
CA ALA LB 178 103.60 76.53 70.71
C ALA LB 178 103.05 75.22 70.17
N ARG LB 179 102.04 75.31 69.30
CA ARG LB 179 101.20 74.16 69.03
C ARG LB 179 100.54 74.27 67.67
N VAL LB 180 99.99 73.14 67.22
CA VAL LB 180 99.12 73.06 66.05
C VAL LB 180 97.77 72.55 66.50
N GLU LB 181 96.71 73.27 66.13
CA GLU LB 181 95.35 72.92 66.52
C GLU LB 181 94.53 72.57 65.28
N ILE LB 182 93.82 71.45 65.34
CA ILE LB 182 92.95 70.98 64.27
C ILE LB 182 91.55 70.89 64.85
N THR LB 183 90.64 71.73 64.34
CA THR LB 183 89.28 71.81 64.86
C THR LB 183 88.28 71.47 63.76
N PHE LB 184 87.22 70.75 64.14
CA PHE LB 184 86.12 70.49 63.20
C PHE LB 184 84.83 70.24 63.97
N ARG LB 185 83.74 70.13 63.23
CA ARG LB 185 82.44 69.77 63.77
C ARG LB 185 81.94 68.52 63.06
N ARG LB 186 81.53 67.52 63.85
CA ARG LB 186 80.92 66.32 63.28
C ARG LB 186 79.56 66.64 62.67
N ALA LB 187 79.35 66.18 61.45
CA ALA LB 187 78.13 66.48 60.70
C ALA LB 187 77.18 65.29 60.78
N VAL LB 188 75.99 65.53 61.33
CA VAL LB 188 74.92 64.55 61.51
C VAL LB 188 75.37 63.32 62.29
N CYS MB 42 124.11 56.46 61.81
CA CYS MB 42 123.31 55.71 60.86
C CYS MB 42 123.01 56.54 59.61
N PHE MB 43 121.81 56.40 59.07
CA PHE MB 43 121.39 57.12 57.87
C PHE MB 43 120.07 57.82 58.12
N HIS MB 44 120.02 59.11 57.81
CA HIS MB 44 118.77 59.87 57.84
C HIS MB 44 118.09 59.75 56.49
N PRO MB 45 116.85 59.26 56.42
CA PRO MB 45 116.15 59.11 55.13
C PRO MB 45 115.92 60.41 54.39
N PRO MB 46 115.65 61.58 55.06
CA PRO MB 46 115.64 62.77 54.17
C PRO MB 46 117.03 63.32 53.86
N TYR MB 47 117.67 62.69 52.86
CA TYR MB 47 118.91 63.09 52.20
C TYR MB 47 120.14 63.10 53.10
N ASN MB 48 120.03 62.54 54.31
CA ASN MB 48 121.13 62.41 55.29
C ASN MB 48 121.75 63.77 55.64
N ASN MB 49 120.91 64.81 55.67
CA ASN MB 49 121.28 66.20 55.97
C ASN MB 49 122.36 66.74 55.04
N PHE MB 50 122.36 66.24 53.78
CA PHE MB 50 123.32 66.60 52.74
C PHE MB 50 124.77 66.38 53.18
N GLN MB 51 125.00 65.26 53.87
CA GLN MB 51 126.32 64.87 54.36
C GLN MB 51 126.80 63.62 53.63
N PRO MB 52 128.11 63.45 53.47
CA PRO MB 52 128.63 62.19 52.89
C PRO MB 52 128.41 61.04 53.85
N ASP MB 53 127.74 60.00 53.37
CA ASP MB 53 127.35 58.88 54.22
C ASP MB 53 128.54 57.98 54.49
N ARG MB 54 128.75 57.65 55.76
CA ARG MB 54 129.81 56.73 56.17
C ARG MB 54 129.25 55.32 56.12
N ARG MB 55 129.19 54.77 54.90
CA ARG MB 55 128.53 53.50 54.62
C ARG MB 55 129.41 52.29 54.92
N ALA MB 56 130.72 52.40 54.67
CA ALA MB 56 131.61 51.25 54.78
C ALA MB 56 131.93 50.89 56.23
N VAL MB 57 132.07 51.91 57.09
CA VAL MB 57 132.53 51.68 58.46
C VAL MB 57 131.47 50.97 59.29
N LYS MB 58 130.18 51.22 59.00
CA LYS MB 58 129.10 50.52 59.70
C LYS MB 58 129.09 49.04 59.37
N ARG MB 59 129.30 48.71 58.09
CA ARG MB 59 129.32 47.30 57.69
C ARG MB 59 130.55 46.58 58.21
N VAL MB 60 131.72 47.22 58.15
CA VAL MB 60 132.92 46.57 58.70
C VAL MB 60 132.97 46.60 60.21
N GLY MB 61 132.11 47.38 60.87
CA GLY MB 61 131.98 47.32 62.32
C GLY MB 61 130.96 46.30 62.77
N VAL MB 62 129.93 46.05 61.96
CA VAL MB 62 128.94 45.04 62.32
C VAL MB 62 129.40 43.64 61.89
N ASP MB 63 130.31 43.53 60.93
CA ASP MB 63 130.83 42.23 60.52
C ASP MB 63 132.08 41.86 61.30
N THR MB 64 132.01 41.91 62.63
CA THR MB 64 133.11 41.50 63.49
C THR MB 64 132.70 40.67 64.68
N GLY MB 65 131.41 40.53 64.97
CA GLY MB 65 130.96 39.75 66.10
C GLY MB 65 129.47 39.45 66.08
N GLY MB 88 134.16 39.08 60.42
CA GLY MB 88 135.50 39.14 59.88
C GLY MB 88 135.82 40.49 59.25
N GLY MB 89 136.97 41.06 59.61
CA GLY MB 89 137.37 42.33 59.05
C GLY MB 89 137.71 42.25 57.57
N THR MB 90 138.39 41.16 57.17
CA THR MB 90 138.70 40.96 55.75
C THR MB 90 137.44 40.72 54.93
N VAL MB 91 136.49 39.97 55.50
CA VAL MB 91 135.21 39.72 54.82
C VAL MB 91 134.42 41.01 54.68
N GLY MB 92 134.42 41.85 55.72
CA GLY MB 92 133.76 43.13 55.64
C GLY MB 92 134.42 44.08 54.65
N LEU MB 93 135.75 44.03 54.56
CA LEU MB 93 136.47 44.85 53.57
C LEU MB 93 136.18 44.37 52.16
N VAL MB 94 136.08 43.06 51.95
CA VAL MB 94 135.73 42.51 50.64
C VAL MB 94 134.31 42.92 50.25
N ALA MB 95 133.37 42.84 51.20
CA ALA MB 95 132.00 43.25 50.94
C ALA MB 95 131.89 44.75 50.65
N SER MB 96 132.67 45.56 51.38
CA SER MB 96 132.70 47.01 51.13
C SER MB 96 133.27 47.34 49.77
N ILE MB 97 134.38 46.69 49.38
CA ILE MB 97 134.99 46.98 48.09
C ILE MB 97 134.19 46.37 46.94
N TYR MB 98 133.29 45.42 47.24
CA TYR MB 98 132.37 44.95 46.20
C TYR MB 98 131.18 45.91 46.05
N ARG MB 99 130.58 46.32 47.16
CA ARG MB 99 129.39 47.16 47.09
C ARG MB 99 129.69 48.63 46.82
N ASP MB 100 130.95 49.05 46.90
CA ASP MB 100 131.32 50.42 46.54
C ASP MB 100 131.79 50.54 45.10
N SER MB 101 131.74 49.45 44.33
CA SER MB 101 132.20 49.46 42.96
C SER MB 101 131.21 50.19 42.06
N LYS MB 102 131.69 50.54 40.86
CA LYS MB 102 130.85 51.27 39.91
C LYS MB 102 129.77 50.35 39.32
N ARG MB 103 130.11 49.09 39.05
CA ARG MB 103 129.16 48.16 38.46
C ARG MB 103 128.03 47.82 39.43
N LYS MB 104 128.34 47.76 40.73
CA LYS MB 104 127.29 47.53 41.72
C LYS MB 104 126.33 48.70 41.81
N ILE MB 105 126.85 49.93 41.69
CA ILE MB 105 126.00 51.12 41.66
C ILE MB 105 125.13 51.13 40.40
N ILE MB 106 125.71 50.74 39.26
CA ILE MB 106 124.96 50.67 38.01
C ILE MB 106 123.86 49.61 38.09
N ARG MB 107 124.16 48.45 38.68
CA ARG MB 107 123.15 47.41 38.83
C ARG MB 107 122.07 47.79 39.84
N ASP MB 108 122.43 48.54 40.89
CA ASP MB 108 121.41 49.04 41.82
C ASP MB 108 120.49 50.06 41.12
N LEU MB 109 121.06 50.98 40.35
CA LEU MB 109 120.26 51.91 39.55
C LEU MB 109 119.45 51.19 38.48
N GLN MB 110 119.89 50.01 38.07
CA GLN MB 110 119.11 49.15 37.19
C GLN MB 110 117.96 48.48 37.95
N LYS MB 111 118.14 48.21 39.24
CA LYS MB 111 117.05 47.69 40.07
C LYS MB 111 115.96 48.73 40.28
N GLN MB 112 116.34 49.99 40.54
CA GLN MB 112 115.34 51.03 40.35
C GLN MB 112 115.16 51.34 38.86
N ASP MB 113 114.25 52.26 38.56
CA ASP MB 113 113.86 52.51 37.18
C ASP MB 113 114.67 53.64 36.55
N ILE MB 114 116.00 53.57 36.60
CA ILE MB 114 116.87 54.59 36.05
C ILE MB 114 117.82 53.93 35.05
N GLN MB 115 117.88 54.46 33.83
CA GLN MB 115 118.65 53.81 32.77
C GLN MB 115 119.99 54.50 32.57
N TYR MB 116 121.02 53.70 32.28
CA TYR MB 116 122.38 54.17 32.07
C TYR MB 116 122.84 53.78 30.67
N VAL MB 117 123.30 54.76 29.91
CA VAL MB 117 123.78 54.56 28.53
C VAL MB 117 125.18 55.14 28.42
N GLU MB 118 126.14 54.32 27.99
CA GLU MB 118 127.51 54.76 27.77
C GLU MB 118 127.87 54.46 26.32
N TYR MB 119 128.31 55.49 25.60
CA TYR MB 119 128.65 55.34 24.18
C TYR MB 119 129.79 56.31 23.86
N GLY MB 120 131.00 55.79 23.79
CA GLY MB 120 132.16 56.64 23.52
C GLY MB 120 132.61 57.34 24.78
N ASP MB 121 132.73 58.66 24.71
CA ASP MB 121 133.16 59.47 25.84
C ASP MB 121 132.00 60.24 26.47
N THR MB 122 130.76 59.81 26.23
CA THR MB 122 129.57 60.48 26.75
C THR MB 122 128.73 59.48 27.53
N ARG MB 123 128.31 59.87 28.73
CA ARG MB 123 127.48 59.04 29.58
C ARG MB 123 126.15 59.75 29.83
N THR MB 124 125.07 58.96 29.87
CA THR MB 124 123.72 59.50 29.94
C THR MB 124 122.89 58.69 30.93
N LEU MB 125 122.16 59.40 31.78
CA LEU MB 125 121.21 58.82 32.72
C LEU MB 125 119.79 59.27 32.36
N ILE MB 126 118.86 58.32 32.38
CA ILE MB 126 117.46 58.57 32.04
C ILE MB 126 116.63 58.29 33.28
N ILE MB 127 115.87 59.29 33.72
CA ILE MB 127 115.09 59.23 34.96
C ILE MB 127 113.63 59.54 34.64
N PRO MB 128 112.67 58.74 35.11
CA PRO MB 128 111.26 59.02 34.80
C PRO MB 128 110.60 59.97 35.81
N THR MB 129 109.95 61.01 35.28
CA THR MB 129 109.28 61.98 36.14
C THR MB 129 108.04 61.40 36.80
N ASP MB 130 107.42 60.39 36.18
CA ASP MB 130 106.22 59.76 36.71
C ASP MB 130 106.49 59.04 38.03
N LYS MB 131 107.72 58.56 38.24
CA LYS MB 131 108.11 57.94 39.49
C LYS MB 131 108.98 58.81 40.38
N TYR MB 132 109.73 59.76 39.83
CA TYR MB 132 110.64 60.56 40.63
C TYR MB 132 110.18 61.99 40.82
N PHE MB 133 108.95 62.32 40.44
CA PHE MB 133 108.36 63.62 40.72
C PHE MB 133 106.93 63.44 41.19
N MET MB 134 106.43 64.43 41.93
CA MET MB 134 105.02 64.48 42.22
C MET MB 134 104.24 64.84 40.96
N PHE MB 135 102.93 64.55 40.98
CA PHE MB 135 102.12 64.62 39.78
C PHE MB 135 101.89 66.07 39.35
N SER MB 136 102.38 66.40 38.15
CA SER MB 136 102.16 67.70 37.48
C SER MB 136 102.66 68.87 38.32
N SER MB 137 103.83 68.70 38.94
CA SER MB 137 104.39 69.70 39.82
C SER MB 137 105.90 69.55 39.82
N PRO MB 138 106.66 70.62 40.10
CA PRO MB 138 108.12 70.50 40.20
C PRO MB 138 108.61 70.00 41.56
N ARG MB 139 107.75 69.44 42.39
CA ARG MB 139 108.18 68.90 43.68
C ARG MB 139 108.82 67.53 43.49
N LEU MB 140 109.83 67.25 44.31
CA LEU MB 140 110.59 66.02 44.23
C LEU MB 140 109.99 64.98 45.17
N ASN MB 141 109.74 63.78 44.64
CA ASN MB 141 109.15 62.70 45.43
C ASN MB 141 110.18 62.15 46.40
N GLU MB 142 109.94 62.33 47.69
CA GLU MB 142 110.90 61.96 48.72
C GLU MB 142 110.90 60.48 49.06
N ILE MB 143 109.92 59.72 48.57
CA ILE MB 143 109.89 58.28 48.83
C ILE MB 143 110.96 57.57 48.02
N CYS MB 144 111.35 58.13 46.87
CA CYS MB 144 112.33 57.51 45.97
C CYS MB 144 113.73 58.02 46.22
N TYR MB 145 114.07 58.29 47.48
CA TYR MB 145 115.41 58.78 47.81
C TYR MB 145 116.59 57.82 47.59
N PRO MB 146 116.48 56.46 47.66
CA PRO MB 146 117.66 55.65 47.30
C PRO MB 146 118.11 55.81 45.86
N GLY MB 147 117.18 56.02 44.92
CA GLY MB 147 117.57 56.26 43.55
C GLY MB 147 118.35 57.56 43.37
N LEU MB 148 117.90 58.62 44.04
CA LEU MB 148 118.60 59.90 43.99
C LEU MB 148 119.97 59.81 44.65
N ASN MB 149 120.07 59.08 45.76
CA ASN MB 149 121.36 58.88 46.43
C ASN MB 149 122.31 58.07 45.55
N ASN MB 150 121.78 57.09 44.81
CA ASN MB 150 122.61 56.33 43.89
C ASN MB 150 123.05 57.16 42.68
N VAL MB 151 122.22 58.10 42.23
CA VAL MB 151 122.64 59.04 41.18
C VAL MB 151 123.78 59.93 41.67
N ILE MB 152 123.69 60.41 42.92
CA ILE MB 152 124.78 61.20 43.51
C ILE MB 152 126.04 60.35 43.64
N ARG MB 153 125.88 59.09 44.06
CA ARG MB 153 127.03 58.17 44.22
C ARG MB 153 127.70 57.87 42.89
N LEU MB 154 126.91 57.71 41.82
CA LEU MB 154 127.49 57.48 40.50
C LEU MB 154 128.16 58.75 39.95
N LEU MB 155 127.55 59.91 40.19
CA LEU MB 155 128.13 61.16 39.69
C LEU MB 155 129.36 61.60 40.47
N ASN MB 156 129.57 61.03 41.67
CA ASN MB 156 130.78 61.35 42.43
C ASN MB 156 132.05 60.79 41.80
N PHE MB 157 131.94 59.84 40.88
CA PHE MB 157 133.12 59.22 40.27
C PHE MB 157 133.78 60.07 39.19
N TYR MB 158 133.15 61.17 38.76
CA TYR MB 158 133.68 62.01 37.68
C TYR MB 158 133.74 63.45 38.17
N PRO MB 159 134.82 63.83 38.86
CA PRO MB 159 134.89 65.16 39.46
C PRO MB 159 135.32 66.28 38.53
N GLN MB 160 135.54 66.01 37.24
CA GLN MB 160 136.01 67.03 36.31
C GLN MB 160 135.07 67.31 35.16
N SER MB 161 134.07 66.47 34.91
CA SER MB 161 133.19 66.64 33.77
C SER MB 161 132.14 67.70 34.04
N THR MB 162 131.52 68.19 32.96
CA THR MB 162 130.42 69.12 33.03
C THR MB 162 129.10 68.36 32.85
N ILE MB 163 128.04 68.89 33.47
CA ILE MB 163 126.75 68.21 33.56
C ILE MB 163 125.73 69.02 32.78
N TYR MB 164 124.95 68.33 31.94
CA TYR MB 164 123.78 68.91 31.29
C TYR MB 164 122.54 68.13 31.71
N VAL MB 165 121.51 68.84 32.14
CA VAL MB 165 120.25 68.21 32.51
C VAL MB 165 119.13 68.82 31.65
N ALA MB 166 118.28 67.94 31.13
CA ALA MB 166 117.20 68.32 30.23
C ALA MB 166 115.90 67.66 30.66
N GLY MB 167 114.80 68.39 30.47
CA GLY MB 167 113.47 67.91 30.83
C GLY MB 167 112.60 67.72 29.60
N PHE MB 168 111.79 66.66 29.60
CA PHE MB 168 110.92 66.33 28.48
C PHE MB 168 109.56 65.85 28.99
N THR MB 169 108.50 66.33 28.36
CA THR MB 169 107.13 65.88 28.62
C THR MB 169 106.51 65.30 27.35
N ASP MB 170 105.24 64.89 27.47
CA ASP MB 170 104.49 64.36 26.35
C ASP MB 170 103.73 65.48 25.62
N ASN MB 171 102.80 65.11 24.75
CA ASN MB 171 102.15 66.06 23.86
C ASN MB 171 100.84 66.63 24.40
N VAL MB 172 100.43 66.27 25.60
CA VAL MB 172 99.15 66.71 26.15
C VAL MB 172 99.37 68.04 26.86
N GLY MB 173 98.61 69.06 26.46
CA GLY MB 173 98.63 70.36 27.07
C GLY MB 173 98.97 71.45 26.06
N SER MB 174 99.26 72.63 26.59
CA SER MB 174 99.66 73.78 25.79
C SER MB 174 101.18 73.86 25.73
N ARG MB 175 101.67 74.58 24.72
CA ARG MB 175 103.10 74.66 24.44
C ARG MB 175 103.85 75.38 25.56
N SER MB 176 103.31 76.50 26.03
CA SER MB 176 103.93 77.24 27.13
C SER MB 176 103.87 76.45 28.43
N HIS MB 177 102.78 75.71 28.64
CA HIS MB 177 102.66 74.86 29.83
C HIS MB 177 103.70 73.74 29.82
N LYS MB 178 103.90 73.10 28.67
CA LYS MB 178 104.91 72.05 28.55
C LYS MB 178 106.31 72.58 28.75
N ARG MB 179 106.60 73.76 28.16
CA ARG MB 179 107.92 74.38 28.32
C ARG MB 179 108.18 74.78 29.76
N LYS MB 180 107.17 75.36 30.44
CA LYS MB 180 107.34 75.78 31.82
C LYS MB 180 107.50 74.59 32.76
N LEU MB 181 106.75 73.51 32.53
CA LEU MB 181 106.87 72.33 33.38
C LEU MB 181 108.23 71.66 33.21
N SER MB 182 108.71 71.55 31.96
CA SER MB 182 110.03 70.99 31.70
C SER MB 182 111.14 71.84 32.31
N GLN MB 183 111.02 73.17 32.19
CA GLN MB 183 112.00 74.06 32.78
C GLN MB 183 112.03 73.98 34.30
N ALA MB 184 110.84 73.90 34.93
CA ALA MB 184 110.77 73.80 36.39
C ALA MB 184 111.37 72.48 36.90
N GLN MB 185 111.07 71.37 36.21
CA GLN MB 185 111.65 70.09 36.60
C GLN MB 185 113.16 70.06 36.40
N ALA MB 186 113.65 70.68 35.31
CA ALA MB 186 115.09 70.76 35.08
C ALA MB 186 115.80 71.59 36.14
N GLU MB 187 115.21 72.73 36.53
CA GLU MB 187 115.80 73.54 37.60
C GLU MB 187 115.78 72.81 38.94
N THR MB 188 114.71 72.05 39.23
CA THR MB 188 114.65 71.30 40.48
C THR MB 188 115.73 70.21 40.53
N MET MB 189 115.92 69.49 39.41
CA MET MB 189 116.96 68.45 39.37
C MET MB 189 118.35 69.07 39.43
N MET MB 190 118.56 70.22 38.78
CA MET MB 190 119.83 70.91 38.85
C MET MB 190 120.15 71.41 40.26
N THR MB 191 119.12 71.92 40.96
CA THR MB 191 119.31 72.37 42.34
C THR MB 191 119.64 71.21 43.27
N PHE MB 192 118.98 70.06 43.07
CA PHE MB 192 119.31 68.88 43.87
C PHE MB 192 120.71 68.37 43.58
N LEU MB 193 121.18 68.48 42.33
CA LEU MB 193 122.56 68.14 42.02
C LEU MB 193 123.54 69.12 42.65
N TRP MB 194 123.18 70.42 42.66
CA TRP MB 194 124.08 71.46 43.15
C TRP MB 194 124.21 71.40 44.67
N ALA MB 195 123.14 71.03 45.36
CA ALA MB 195 123.16 71.05 46.83
C ALA MB 195 123.96 69.90 47.44
N ASN MB 196 124.39 68.92 46.64
CA ASN MB 196 125.12 67.78 47.15
C ASN MB 196 126.64 67.90 46.96
N GLY MB 197 127.11 69.06 46.52
CA GLY MB 197 128.55 69.27 46.43
C GLY MB 197 129.06 69.73 45.08
N ILE MB 198 128.27 69.53 44.02
CA ILE MB 198 128.70 69.90 42.68
C ILE MB 198 128.61 71.42 42.52
N ALA MB 199 129.68 72.02 42.00
CA ALA MB 199 129.76 73.46 41.85
C ALA MB 199 128.79 73.96 40.77
N ALA MB 200 128.40 75.23 40.89
CA ALA MB 200 127.39 75.79 40.00
C ALA MB 200 127.91 76.07 38.60
N LYS MB 201 129.22 76.17 38.42
CA LYS MB 201 129.79 76.42 37.10
C LYS MB 201 129.87 75.18 36.23
N ARG MB 202 129.59 74.00 36.79
CA ARG MB 202 129.60 72.75 36.06
C ARG MB 202 128.21 72.31 35.59
N LEU MB 203 127.19 73.12 35.82
CA LEU MB 203 125.81 72.69 35.60
C LEU MB 203 125.10 73.64 34.63
N LYS MB 204 124.17 73.07 33.86
CA LYS MB 204 123.29 73.83 32.99
C LYS MB 204 122.02 73.02 32.78
N ALA MB 205 120.87 73.69 32.87
CA ALA MB 205 119.58 73.02 32.77
C ALA MB 205 118.78 73.58 31.60
N GLU MB 206 118.02 72.70 30.95
CA GLU MB 206 117.20 73.10 29.82
C GLU MB 206 115.96 72.23 29.76
N GLY MB 207 114.82 72.85 29.47
CA GLY MB 207 113.58 72.12 29.36
C GLY MB 207 112.94 72.21 27.99
N TYR MB 208 112.88 71.08 27.28
CA TYR MB 208 112.22 71.01 25.99
C TYR MB 208 110.82 70.43 26.17
N GLY MB 209 109.96 70.69 25.19
CA GLY MB 209 108.59 70.22 25.30
C GLY MB 209 108.45 68.84 24.72
N ASP MB 210 107.63 68.71 23.67
CA ASP MB 210 107.52 67.48 22.89
C ASP MB 210 108.32 67.58 21.60
N LYS MB 211 109.51 68.19 21.69
CA LYS MB 211 110.27 68.57 20.50
C LYS MB 211 110.85 67.35 19.80
N ASN MB 212 111.72 66.62 20.50
CA ASN MB 212 112.40 65.44 19.93
C ASN MB 212 112.18 64.21 20.83
N ALA MB 213 111.02 63.58 20.63
CA ALA MB 213 110.63 62.43 21.42
C ALA MB 213 111.36 61.18 20.96
N ILE MB 214 111.39 60.18 21.84
CA ILE MB 214 112.03 58.89 21.57
C ILE MB 214 111.02 57.80 21.28
N SER MB 215 109.73 58.08 21.40
CA SER MB 215 108.68 57.10 21.14
C SER MB 215 107.50 57.81 20.48
N ASP MB 216 106.46 57.05 20.18
CA ASP MB 216 105.29 57.57 19.49
C ASP MB 216 104.27 58.03 20.54
N ASN MB 217 103.78 59.25 20.37
CA ASN MB 217 102.83 59.85 21.32
C ASN MB 217 101.38 59.45 21.05
N ALA MB 218 101.11 58.69 20.00
CA ALA MB 218 99.77 58.25 19.69
C ALA MB 218 99.37 56.97 20.41
N ILE MB 219 100.28 56.37 21.17
CA ILE MB 219 100.02 55.16 21.92
C ILE MB 219 100.37 55.40 23.38
N ILE MB 220 99.77 54.59 24.26
CA ILE MB 220 99.77 54.89 25.69
C ILE MB 220 101.15 54.66 26.30
N HIS MB 221 101.76 53.49 26.04
CA HIS MB 221 103.07 53.19 26.62
C HIS MB 221 104.18 54.02 25.99
N GLY MB 222 104.08 54.29 24.68
CA GLY MB 222 105.04 55.15 24.03
C GLY MB 222 104.95 56.59 24.50
N SER MB 223 103.73 57.07 24.78
CA SER MB 223 103.58 58.40 25.35
C SER MB 223 104.07 58.45 26.79
N ALA MB 224 103.92 57.34 27.54
CA ALA MB 224 104.45 57.28 28.90
C ALA MB 224 105.97 57.28 28.92
N GLN MB 225 106.61 56.68 27.89
CA GLN MB 225 108.07 56.65 27.84
C GLN MB 225 108.71 57.99 27.50
N ASN MB 226 107.93 58.99 27.09
CA ASN MB 226 108.51 60.25 26.63
C ASN MB 226 108.76 61.25 27.75
N ARG MB 227 108.07 61.13 28.88
CA ARG MB 227 108.24 62.06 29.99
C ARG MB 227 109.47 61.65 30.80
N ARG MB 228 110.54 62.45 30.72
CA ARG MB 228 111.82 61.99 31.24
C ARG MB 228 112.72 63.16 31.59
N ILE MB 229 113.77 62.84 32.34
CA ILE MB 229 114.86 63.76 32.67
C ILE MB 229 116.15 63.11 32.20
N GLU MB 230 116.92 63.85 31.39
CA GLU MB 230 118.15 63.38 30.79
C GLU MB 230 119.33 64.06 31.48
N ILE MB 231 120.31 63.28 31.93
CA ILE MB 231 121.53 63.80 32.53
C ILE MB 231 122.71 63.30 31.70
N GLN MB 232 123.39 64.22 31.04
CA GLN MB 232 124.54 63.89 30.20
C GLN MB 232 125.82 64.49 30.78
N TRP MB 233 126.90 63.72 30.71
CA TRP MB 233 128.21 64.24 31.08
C TRP MB 233 129.27 63.56 30.23
N PHE MB 234 130.46 64.16 30.24
CA PHE MB 234 131.56 63.69 29.39
C PHE MB 234 132.45 62.70 30.15
N GLU NB 29 166.70 114.70 65.15
CA GLU NB 29 165.57 114.37 66.02
C GLU NB 29 165.22 115.55 66.93
N VAL NB 30 164.25 116.37 66.50
CA VAL NB 30 163.83 117.53 67.26
C VAL NB 30 162.31 117.49 67.43
N LYS NB 31 161.84 118.15 68.49
CA LYS NB 31 160.42 118.15 68.82
C LYS NB 31 159.74 119.35 68.16
N LYS NB 32 158.50 119.63 68.57
CA LYS NB 32 157.73 120.74 68.01
C LYS NB 32 157.38 121.79 69.05
N GLN NB 33 157.95 121.69 70.26
CA GLN NB 33 157.57 122.60 71.34
C GLN NB 33 158.16 123.99 71.11
N GLY NB 34 157.41 125.01 71.53
CA GLY NB 34 157.81 126.39 71.38
C GLY NB 34 157.49 127.02 70.03
N THR NB 35 156.85 126.28 69.13
CA THR NB 35 156.56 126.77 67.79
C THR NB 35 155.08 126.58 67.49
N SER NB 36 154.44 127.64 66.99
CA SER NB 36 153.05 127.59 66.56
C SER NB 36 152.96 127.34 65.06
N SER NB 37 151.76 126.99 64.61
CA SER NB 37 151.55 126.59 63.22
C SER NB 37 151.61 127.81 62.30
N THR NB 38 152.51 127.76 61.32
CA THR NB 38 152.72 128.84 60.37
C THR NB 38 152.48 128.34 58.95
N ARG NB 39 152.42 129.30 58.01
CA ARG NB 39 152.14 129.02 56.62
C ARG NB 39 153.44 128.95 55.84
N GLN NB 40 153.54 127.99 54.92
CA GLN NB 40 154.71 127.86 54.06
C GLN NB 40 154.25 127.72 52.61
N PHE NB 41 154.96 128.38 51.71
CA PHE NB 41 154.77 128.20 50.28
C PHE NB 41 155.99 127.49 49.70
N ARG NB 42 155.77 126.36 49.04
CA ARG NB 42 156.85 125.59 48.45
C ARG NB 42 156.42 125.10 47.07
N GLN NB 43 157.41 124.79 46.24
CA GLN NB 43 157.19 124.27 44.89
C GLN NB 43 157.74 122.86 44.79
N VAL NB 44 157.05 122.02 44.01
CA VAL NB 44 157.41 120.62 43.84
C VAL NB 44 157.36 120.31 42.35
N SER NB 45 158.05 119.25 41.95
CA SER NB 45 158.10 118.83 40.56
C SER NB 45 156.87 117.98 40.24
N SER NB 46 156.88 117.35 39.07
CA SER NB 46 155.76 116.53 38.64
C SER NB 46 155.74 115.20 39.39
N PHE NB 47 154.54 114.73 39.71
CA PHE NB 47 154.36 113.48 40.43
C PHE NB 47 153.04 112.85 40.01
N ASN NB 48 152.97 111.52 40.10
CA ASN NB 48 151.77 110.79 39.74
C ASN NB 48 151.36 109.78 40.80
N GLN NB 49 152.01 109.79 41.97
CA GLN NB 49 151.72 108.86 43.04
C GLN NB 49 152.10 109.53 44.35
N ILE NB 50 151.22 109.50 45.34
CA ILE NB 50 151.46 110.16 46.62
C ILE NB 50 151.42 109.11 47.73
N VAL NB 51 152.46 109.10 48.55
CA VAL NB 51 152.52 108.25 49.74
C VAL NB 51 152.67 109.15 50.96
N VAL NB 52 151.64 109.18 51.81
CA VAL NB 52 151.59 110.06 52.97
C VAL NB 52 151.55 109.21 54.24
N GLN NB 53 152.44 109.54 55.18
CA GLN NB 53 152.50 108.87 56.47
C GLN NB 53 152.52 109.91 57.58
N GLY NB 54 151.76 109.65 58.64
CA GLY NB 54 151.79 110.50 59.81
C GLY NB 54 150.45 111.06 60.23
N ARG NB 55 150.34 111.46 61.50
CA ARG NB 55 149.11 112.03 62.06
C ARG NB 55 148.97 113.45 61.56
N LEU NB 56 148.25 113.61 60.44
CA LEU NB 56 148.16 114.89 59.76
C LEU NB 56 146.90 114.92 58.91
N ASN NB 57 146.69 116.04 58.22
CA ASN NB 57 145.53 116.24 57.37
C ASN NB 57 145.99 116.57 55.95
N VAL NB 58 145.27 116.04 54.97
CA VAL NB 58 145.56 116.23 53.55
C VAL NB 58 144.32 116.83 52.89
N ASN NB 59 144.52 117.91 52.14
CA ASN NB 59 143.49 118.49 51.28
C ASN NB 59 143.97 118.40 49.84
N LEU NB 60 143.09 117.94 48.94
CA LEU NB 60 143.43 117.76 47.55
C LEU NB 60 142.61 118.71 46.68
N HIS NB 61 143.25 119.28 45.65
CA HIS NB 61 142.54 120.09 44.67
C HIS NB 61 142.99 119.70 43.28
N THR NB 62 142.31 120.22 42.28
CA THR NB 62 142.60 119.89 40.89
C THR NB 62 142.47 121.14 40.02
N GLY NB 63 143.52 121.46 39.28
CA GLY NB 63 143.51 122.60 38.40
C GLY NB 63 144.45 122.39 37.22
N TYR NB 64 144.40 123.33 36.28
CA TYR NB 64 145.24 123.28 35.09
C TYR NB 64 146.50 124.13 35.22
N ASN NB 65 146.86 124.50 36.44
CA ASN NB 65 148.03 125.34 36.68
C ASN NB 65 149.26 124.46 36.93
N LYS NB 66 150.31 125.06 37.47
CA LYS NB 66 151.48 124.32 37.92
C LYS NB 66 151.11 123.48 39.14
N PRO NB 67 151.85 122.40 39.40
CA PRO NB 67 151.66 121.69 40.67
C PRO NB 67 152.34 122.41 41.83
N GLU NB 68 151.70 122.38 43.00
CA GLU NB 68 152.35 122.87 44.21
C GLU NB 68 151.79 122.15 45.43
N VAL NB 69 152.51 122.29 46.54
CA VAL NB 69 152.12 121.73 47.83
C VAL NB 69 152.33 122.80 48.91
N MET NB 70 151.34 122.95 49.79
CA MET NB 70 151.39 123.86 50.92
C MET NB 70 151.50 123.05 52.20
N LEU NB 71 152.49 123.38 53.03
CA LEU NB 71 152.80 122.65 54.25
C LEU NB 71 152.62 123.58 55.45
N ARG NB 72 151.44 123.56 56.05
CA ARG NB 72 151.16 124.30 57.27
C ARG NB 72 151.63 123.50 58.47
N GLY NB 73 152.64 124.00 59.18
CA GLY NB 73 153.17 123.29 60.32
C GLY NB 73 154.08 124.19 61.14
N ASP NB 74 154.65 123.60 62.18
CA ASP NB 74 155.55 124.33 63.06
C ASP NB 74 156.88 124.57 62.36
N PRO NB 75 157.48 125.77 62.50
CA PRO NB 75 158.76 126.04 61.83
C PRO NB 75 159.93 125.21 62.34
N ARG NB 76 159.85 124.67 63.56
CA ARG NB 76 160.88 123.75 64.02
C ARG NB 76 160.83 122.43 63.26
N ASP NB 77 159.62 121.98 62.92
CA ASP NB 77 159.42 120.73 62.21
C ASP NB 77 159.16 120.93 60.71
N LEU NB 78 159.33 122.14 60.20
CA LEU NB 78 159.17 122.37 58.77
C LEU NB 78 160.27 121.69 57.96
N VAL NB 79 161.48 121.62 58.52
CA VAL NB 79 162.54 120.84 57.90
C VAL NB 79 162.24 119.35 58.02
N GLN NB 80 161.67 118.93 59.15
CA GLN NB 80 161.38 117.52 59.39
C GLN NB 80 160.26 117.00 58.49
N VAL NB 81 159.32 117.87 58.12
CA VAL NB 81 158.32 117.50 57.13
C VAL NB 81 159.02 117.38 55.78
N ARG NB 82 159.02 116.17 55.23
CA ARG NB 82 159.85 115.83 54.07
C ARG NB 82 158.98 115.75 52.82
N THR NB 83 159.40 116.48 51.78
CA THR NB 83 158.73 116.48 50.49
C THR NB 83 159.78 116.03 49.46
N ILE NB 84 159.88 114.73 49.24
CA ILE NB 84 160.91 114.18 48.37
C ILE NB 84 160.23 113.46 47.20
N VAL NB 85 160.93 113.46 46.07
CA VAL NB 85 160.43 112.89 44.82
C VAL NB 85 161.45 111.87 44.33
N LYS NB 86 160.98 110.64 44.08
CA LYS NB 86 161.86 109.58 43.56
C LYS NB 86 161.11 108.86 42.44
N GLN NB 87 161.51 109.14 41.20
CA GLN NB 87 160.99 108.52 39.97
C GLN NB 87 159.48 108.73 39.82
N ASN NB 88 159.12 110.01 39.66
CA ASN NB 88 157.76 110.47 39.35
C ASN NB 88 156.78 110.07 40.48
N THR NB 89 157.26 110.11 41.72
CA THR NB 89 156.45 109.87 42.92
C THR NB 89 156.58 111.03 43.88
N LEU NB 90 155.86 110.94 44.99
CA LEU NB 90 155.93 111.90 46.08
C LEU NB 90 155.84 111.16 47.41
N TYR NB 91 156.77 111.47 48.32
CA TYR NB 91 156.85 110.80 49.62
C TYR NB 91 156.76 111.86 50.72
N VAL NB 92 155.56 112.04 51.28
CA VAL NB 92 155.33 112.96 52.38
C VAL NB 92 155.21 112.12 53.65
N SER NB 93 156.27 112.10 54.43
CA SER NB 93 156.29 111.30 55.67
C SER NB 93 157.19 112.00 56.68
N LEU NB 94 157.51 111.29 57.75
CA LEU NB 94 158.38 111.83 58.79
C LEU NB 94 159.83 111.85 58.33
N GLY NB 95 160.55 112.88 58.76
CA GLY NB 95 161.97 113.00 58.47
C GLY NB 95 162.76 113.12 59.75
N GLN NB 96 163.95 112.51 59.76
CA GLN NB 96 164.85 112.42 60.92
C GLN NB 96 164.14 111.84 62.14
N GLY NB 97 163.34 110.81 61.92
CA GLY NB 97 162.61 110.16 63.00
C GLY NB 97 161.38 110.94 63.42
N TYR NB 98 160.69 110.39 64.42
CA TYR NB 98 159.51 111.03 65.00
C TYR NB 98 159.73 111.15 66.50
N PRO NB 99 160.32 112.26 66.95
CA PRO NB 99 160.25 112.57 68.38
C PRO NB 99 158.85 113.01 68.79
N ASP NB 100 158.33 114.05 68.11
CA ASP NB 100 157.01 114.62 68.38
C ASP NB 100 156.60 115.61 67.29
N TYR NB 101 155.39 115.45 66.75
CA TYR NB 101 154.71 116.53 66.04
C TYR NB 101 153.21 116.33 66.18
N GLY NB 102 152.49 117.44 66.38
CA GLY NB 102 151.08 117.37 66.67
C GLY NB 102 150.13 117.62 65.52
N ALA NB 103 150.35 118.69 64.75
CA ALA NB 103 149.40 119.10 63.72
C ALA NB 103 150.17 119.51 62.47
N VAL NB 104 149.86 118.85 61.36
CA VAL NB 104 150.43 119.16 60.04
C VAL NB 104 149.30 119.17 59.03
N THR NB 105 149.22 120.24 58.23
CA THR NB 105 148.24 120.35 57.15
C THR NB 105 148.98 120.37 55.81
N VAL NB 106 148.60 119.48 54.91
CA VAL NB 106 149.21 119.35 53.60
C VAL NB 106 148.13 119.59 52.56
N ASP NB 107 148.14 120.75 51.93
CA ASP NB 107 147.25 121.03 50.82
C ASP NB 107 148.04 120.79 49.53
N ILE NB 108 147.37 120.26 48.51
CA ILE NB 108 148.08 119.83 47.31
C ILE NB 108 147.27 120.19 46.07
N LYS NB 109 147.97 120.59 45.01
CA LYS NB 109 147.37 120.90 43.72
C LYS NB 109 148.25 120.30 42.63
N THR NB 110 147.64 119.55 41.72
CA THR NB 110 148.37 118.85 40.66
C THR NB 110 147.40 118.61 39.50
N LYS NB 111 147.84 117.79 38.54
CA LYS NB 111 147.06 117.46 37.35
C LYS NB 111 146.64 116.00 37.31
N PHE NB 112 147.59 115.07 37.41
CA PHE NB 112 147.32 113.65 37.24
C PHE NB 112 147.72 112.88 38.49
N LEU NB 113 146.86 111.97 38.91
CA LEU NB 113 147.12 111.09 40.05
C LEU NB 113 146.88 109.65 39.64
N ASN NB 114 147.74 108.74 40.10
CA ASN NB 114 147.62 107.33 39.76
C ASN NB 114 147.75 106.37 40.94
N ARG NB 115 148.15 106.84 42.12
CA ARG NB 115 148.25 105.98 43.29
C ARG NB 115 148.21 106.84 44.56
N PHE NB 116 147.44 106.41 45.55
CA PHE NB 116 147.34 107.10 46.83
C PHE NB 116 147.57 106.09 47.96
N ARG NB 117 148.54 106.38 48.82
CA ARG NB 117 148.82 105.58 50.00
C ARG NB 117 148.73 106.48 51.22
N TYR NB 118 147.99 106.03 52.24
CA TYR NB 118 147.81 106.83 53.44
C TYR NB 118 147.98 105.94 54.67
N GLU NB 119 148.84 106.37 55.60
CA GLU NB 119 149.08 105.63 56.83
C GLU NB 119 149.21 106.57 58.02
N GLY NB 120 148.74 106.11 59.18
CA GLY NB 120 149.11 106.71 60.44
C GLY NB 120 148.18 107.74 61.08
N ALA NB 121 146.88 107.41 61.21
CA ALA NB 121 145.89 108.15 61.99
C ALA NB 121 145.72 109.59 61.48
N GLY NB 122 145.19 109.68 60.27
CA GLY NB 122 145.05 110.99 59.65
C GLY NB 122 143.75 111.26 58.93
N VAL NB 123 143.65 112.43 58.31
CA VAL NB 123 142.45 112.88 57.61
C VAL NB 123 142.82 113.15 56.15
N VAL NB 124 141.97 112.71 55.22
CA VAL NB 124 142.13 112.99 53.80
C VAL NB 124 140.81 113.55 53.27
N THR NB 125 140.86 114.68 52.56
CA THR NB 125 139.69 115.26 51.93
C THR NB 125 140.03 115.66 50.50
N GLY NB 126 139.20 115.23 49.54
CA GLY NB 126 139.42 115.56 48.15
C GLY NB 126 138.14 115.48 47.35
N ASN NB 127 138.08 116.30 46.29
CA ASN NB 127 136.89 116.36 45.44
C ASN NB 127 137.27 116.83 44.04
N ASN NB 128 136.34 116.58 43.10
CA ASN NB 128 136.44 116.99 41.70
C ASN NB 128 137.71 116.47 41.01
N LEU NB 129 137.97 115.18 41.21
CA LEU NB 129 139.15 114.53 40.65
C LEU NB 129 138.71 113.68 39.48
N ARG NB 130 139.37 113.85 38.33
CA ARG NB 130 139.11 113.08 37.13
C ARG NB 130 140.32 112.21 36.83
N THR NB 131 140.08 110.93 36.55
CA THR NB 131 141.17 109.98 36.35
C THR NB 131 140.67 108.81 35.49
N SER NB 132 141.61 107.99 35.05
CA SER NB 132 141.32 106.75 34.35
C SER NB 132 141.41 105.54 35.26
N TYR NB 133 142.49 105.42 36.02
CA TYR NB 133 142.66 104.32 36.98
C TYR NB 133 143.65 104.75 38.05
N LEU NB 134 143.27 104.57 39.31
CA LEU NB 134 144.17 104.80 40.43
C LEU NB 134 143.76 103.90 41.60
N ASP NB 135 144.70 103.69 42.52
CA ASP NB 135 144.54 102.72 43.60
C ASP NB 135 144.66 103.42 44.94
N LEU NB 136 143.68 103.17 45.82
CA LEU NB 136 143.70 103.67 47.19
C LEU NB 136 144.23 102.58 48.11
N TYR NB 137 145.11 102.96 49.04
CA TYR NB 137 145.55 102.08 50.12
C TYR NB 137 145.49 102.86 51.42
N LEU NB 138 144.44 102.63 52.20
CA LEU NB 138 144.21 103.32 53.47
C LEU NB 138 144.59 102.41 54.62
N ALA NB 139 145.28 102.95 55.62
CA ALA NB 139 145.64 102.15 56.78
C ALA NB 139 145.51 102.98 58.05
N ASN NB 140 144.95 102.36 59.10
CA ASN NB 140 145.03 102.80 60.49
C ASN NB 140 144.39 104.18 60.69
N GLU NB 141 143.07 104.21 60.60
CA GLU NB 141 142.22 105.39 60.85
C GLU NB 141 142.58 106.53 59.89
N GLY NB 142 142.28 106.26 58.62
CA GLY NB 142 142.27 107.32 57.63
C GLY NB 142 140.86 107.82 57.40
N THR NB 143 140.50 108.93 58.04
CA THR NB 143 139.18 109.53 57.85
C THR NB 143 139.17 110.19 56.48
N THR NB 144 138.53 109.54 55.51
CA THR NB 144 138.75 109.82 54.10
C THR NB 144 137.45 110.25 53.44
N ARG NB 145 137.50 111.35 52.71
CA ARG NB 145 136.37 111.86 51.93
C ARG NB 145 136.81 112.06 50.49
N LEU NB 146 136.11 111.43 49.56
CA LEU NB 146 136.25 111.70 48.13
C LEU NB 146 134.89 112.07 47.58
N ALA NB 147 134.81 113.23 46.92
CA ALA NB 147 133.56 113.72 46.35
C ALA NB 147 133.75 114.07 44.88
N GLY NB 148 134.36 113.16 44.13
CA GLY NB 148 134.55 113.35 42.71
C GLY NB 148 134.06 112.17 41.88
N ASN NB 149 134.50 112.09 40.63
CA ASN NB 149 134.13 111.02 39.71
C ASN NB 149 135.35 110.14 39.37
N ILE NB 150 135.75 109.32 40.32
CA ILE NB 150 137.00 108.58 40.28
C ILE NB 150 136.71 107.15 39.82
N GLY NB 151 137.27 106.77 38.68
CA GLY NB 151 137.16 105.42 38.19
C GLY NB 151 138.33 104.56 38.64
N LEU NB 152 138.11 103.75 39.68
CA LEU NB 152 139.17 102.96 40.29
C LEU NB 152 138.85 101.48 40.15
N GLN NB 153 139.89 100.68 39.91
CA GLN NB 153 139.76 99.24 39.75
C GLN NB 153 140.15 98.46 41.00
N LYS NB 154 141.00 99.04 41.86
CA LYS NB 154 141.36 98.41 43.12
C LYS NB 154 141.29 99.42 44.24
N LEU NB 155 140.99 98.91 45.44
CA LEU NB 155 140.92 99.73 46.64
C LEU NB 155 141.18 98.82 47.84
N GLU NB 156 141.99 99.30 48.78
CA GLU NB 156 142.31 98.52 49.97
C GLU NB 156 142.18 99.40 51.21
N ALA NB 157 141.50 98.87 52.23
CA ALA NB 157 141.45 99.46 53.55
C ALA NB 157 141.92 98.41 54.55
N VAL NB 158 142.86 98.78 55.41
CA VAL NB 158 143.50 97.80 56.26
C VAL NB 158 142.64 97.47 57.48
N GLY NB 159 142.34 98.48 58.30
CA GLY NB 159 141.57 98.22 59.50
C GLY NB 159 141.26 99.44 60.34
N ASN NB 160 140.08 99.42 60.98
CA ASN NB 160 139.61 100.45 61.91
C ASN NB 160 139.55 101.83 61.27
N GLY NB 161 139.06 101.89 60.03
CA GLY NB 161 138.93 103.14 59.32
C GLY NB 161 137.59 103.25 58.63
N VAL NB 162 137.11 104.49 58.53
CA VAL NB 162 135.87 104.80 57.83
C VAL NB 162 136.21 105.40 56.47
N THR NB 163 135.32 105.18 55.50
CA THR NB 163 135.53 105.66 54.14
C THR NB 163 134.18 106.01 53.52
N GLN NB 164 134.08 107.22 52.99
CA GLN NB 164 132.85 107.74 52.40
C GLN NB 164 133.23 108.26 51.01
N ILE NB 165 132.85 107.53 49.95
CA ILE NB 165 133.17 107.90 48.58
C ILE NB 165 131.87 108.17 47.84
N ASN NB 166 131.76 109.35 47.24
CA ASN NB 166 130.57 109.78 46.51
C ASN NB 166 130.95 109.91 45.03
N GLY NB 167 130.73 108.84 44.27
CA GLY NB 167 130.93 108.87 42.84
C GLY NB 167 132.08 108.02 42.35
N VAL NB 168 131.78 106.81 41.85
CA VAL NB 168 132.76 105.93 41.23
C VAL NB 168 132.12 105.36 39.97
N SER NB 169 132.79 105.50 38.83
CA SER NB 169 132.33 104.98 37.55
C SER NB 169 133.45 104.14 36.94
N SER NB 170 133.43 102.84 37.21
CA SER NB 170 134.46 101.92 36.73
C SER NB 170 133.81 100.71 36.10
N ARG NB 171 134.51 100.14 35.11
CA ARG NB 171 134.06 98.93 34.44
C ARG NB 171 134.53 97.65 35.12
N ASN NB 172 135.38 97.76 36.14
CA ASN NB 172 135.84 96.60 36.89
C ASN NB 172 136.29 97.07 38.27
N LEU NB 173 136.01 96.25 39.28
CA LEU NB 173 136.42 96.55 40.65
C LEU NB 173 136.50 95.24 41.43
N GLN NB 174 137.60 95.07 42.16
CA GLN NB 174 137.80 93.90 43.02
C GLN NB 174 138.14 94.40 44.41
N ILE NB 175 137.34 94.01 45.40
CA ILE NB 175 137.48 94.47 46.78
C ILE NB 175 137.72 93.26 47.68
N VAL NB 176 138.80 93.31 48.45
CA VAL NB 176 139.07 92.32 49.49
C VAL NB 176 139.48 93.07 50.76
N LEU NB 177 138.88 92.68 51.89
CA LEU NB 177 139.09 93.33 53.17
C LEU NB 177 139.54 92.30 54.20
N LYS NB 178 140.48 92.70 55.05
CA LYS NB 178 141.06 91.79 56.04
C LYS NB 178 140.92 92.26 57.47
N GLY NB 179 140.43 93.47 57.72
CA GLY NB 179 140.34 93.97 59.08
C GLY NB 179 138.95 94.41 59.48
N ASP NB 180 138.82 95.65 59.97
CA ASP NB 180 137.55 96.24 60.39
C ASP NB 180 137.30 97.57 59.68
N PRO NB 181 137.00 97.56 58.36
CA PRO NB 181 136.67 98.84 57.71
C PRO NB 181 135.17 99.14 57.70
N LYS NB 182 134.83 100.42 57.54
CA LYS NB 182 133.45 100.89 57.44
C LYS NB 182 133.38 101.76 56.19
N VAL NB 183 133.03 101.16 55.06
CA VAL NB 183 133.17 101.80 53.75
C VAL NB 183 131.83 101.86 53.03
N LEU NB 184 131.52 103.05 52.51
CA LEU NB 184 130.34 103.23 51.68
C LEU NB 184 130.76 103.97 50.42
N ILE NB 185 130.43 103.39 49.26
CA ILE NB 185 130.82 103.91 47.96
C ILE NB 185 129.57 104.10 47.13
N SER NB 186 129.44 105.25 46.47
CA SER NB 186 128.34 105.54 45.58
C SER NB 186 128.84 105.61 44.13
N GLY NB 187 127.92 105.38 43.19
CA GLY NB 187 128.26 105.49 41.78
C GLY NB 187 127.76 104.32 40.94
N PHE NB 188 128.62 103.84 40.04
CA PHE NB 188 128.29 102.73 39.16
C PHE NB 188 129.50 101.80 39.12
N VAL NB 189 129.33 100.58 39.62
CA VAL NB 189 130.42 99.64 39.80
C VAL NB 189 130.04 98.32 39.15
N ASN NB 190 130.92 97.80 38.29
CA ASN NB 190 130.77 96.46 37.72
C ASN NB 190 131.62 95.51 38.55
N LEU NB 191 131.09 95.13 39.71
CA LEU NB 191 131.80 94.25 40.63
C LEU NB 191 131.83 92.82 40.11
N ARG NB 192 132.87 92.09 40.49
CA ARG NB 192 133.07 90.72 40.02
C ARG NB 192 133.20 89.70 41.14
N GLN NB 193 133.90 90.05 42.23
CA GLN NB 193 134.12 89.11 43.32
C GLN NB 193 134.23 89.89 44.63
N LEU NB 194 133.94 89.21 45.73
CA LEU NB 194 134.03 89.83 47.05
C LEU NB 194 134.31 88.75 48.08
N ASP NB 195 135.37 88.94 48.87
CA ASP NB 195 135.74 88.04 49.95
C ASP NB 195 135.92 88.86 51.22
N MET NB 196 135.29 88.41 52.31
CA MET NB 196 135.43 89.08 53.59
C MET NB 196 135.71 88.05 54.67
N TYR NB 197 136.80 88.27 55.42
CA TYR NB 197 137.20 87.40 56.51
C TYR NB 197 137.32 88.13 57.84
N GLY NB 198 136.89 89.38 57.91
CA GLY NB 198 137.04 90.15 59.13
C GLY NB 198 135.73 90.67 59.70
N LYS NB 199 135.73 91.91 60.18
CA LYS NB 199 134.56 92.53 60.80
C LYS NB 199 134.13 93.77 60.03
N GLY NB 200 134.09 93.67 58.70
CA GLY NB 200 133.88 94.83 57.86
C GLY NB 200 132.44 95.08 57.46
N THR NB 201 132.14 96.37 57.25
CA THR NB 201 130.85 96.81 56.71
C THR NB 201 131.10 97.56 55.41
N LEU NB 202 130.37 97.18 54.36
CA LEU NB 202 130.49 97.79 53.05
C LEU NB 202 129.12 97.99 52.45
N SER NB 203 128.88 99.17 51.89
CA SER NB 203 127.63 99.42 51.18
C SER NB 203 127.87 100.15 49.87
N LEU NB 204 127.28 99.62 48.80
CA LEU NB 204 127.29 100.21 47.48
C LEU NB 204 125.87 100.60 47.08
N TYR NB 205 125.74 101.75 46.40
CA TYR NB 205 124.41 102.25 46.05
C TYR NB 205 123.87 101.59 44.80
N TRP NB 206 124.56 101.76 43.67
CA TRP NB 206 124.13 101.19 42.40
C TRP NB 206 125.27 100.37 41.81
N ILE NB 207 124.97 99.13 41.40
CA ILE NB 207 125.93 98.28 40.72
C ILE NB 207 125.24 97.63 39.52
N LYS NB 208 125.97 97.54 38.40
CA LYS NB 208 125.51 96.85 37.20
C LYS NB 208 126.58 95.82 36.85
N SER NB 209 126.36 94.57 37.23
CA SER NB 209 127.33 93.51 37.07
C SER NB 209 126.77 92.38 36.21
N ASP NB 210 127.57 91.35 36.03
CA ASP NB 210 127.20 90.17 35.25
C ASP NB 210 127.28 88.88 36.04
N THR NB 211 128.30 88.73 36.89
CA THR NB 211 128.43 87.54 37.74
C THR NB 211 129.13 87.94 39.02
N LEU NB 212 128.46 87.77 40.15
CA LEU NB 212 129.00 88.11 41.46
C LEU NB 212 129.21 86.85 42.28
N THR NB 213 130.35 86.78 42.95
CA THR NB 213 130.67 85.69 43.88
C THR NB 213 131.03 86.33 45.22
N ILE NB 214 130.21 86.07 46.24
CA ILE NB 214 130.33 86.69 47.54
C ILE NB 214 130.67 85.60 48.55
N ARG NB 215 131.74 85.81 49.32
CA ARG NB 215 132.12 84.91 50.40
C ARG NB 215 132.27 85.71 51.69
N ALA NB 216 131.56 85.28 52.74
CA ALA NB 216 131.64 85.96 54.03
C ALA NB 216 131.98 84.94 55.12
N LYS NB 217 132.99 85.27 55.93
CA LYS NB 217 133.53 84.33 56.88
C LYS NB 217 133.29 84.72 58.34
N LYS NB 218 133.81 85.85 58.82
CA LYS NB 218 133.85 86.08 60.26
C LYS NB 218 132.64 86.86 60.77
N ALA NB 219 132.50 88.14 60.39
CA ALA NB 219 131.27 88.88 60.63
C ALA NB 219 131.23 90.00 59.60
N ALA NB 220 130.51 89.78 58.51
CA ALA NB 220 130.52 90.71 57.39
C ALA NB 220 129.15 91.34 57.21
N LYS NB 221 129.14 92.64 56.91
CA LYS NB 221 127.91 93.36 56.58
C LYS NB 221 128.07 93.91 55.17
N ILE NB 222 127.23 93.44 54.25
CA ILE NB 222 127.28 93.84 52.85
C ILE NB 222 125.90 94.37 52.48
N GLN NB 223 125.86 95.55 51.86
CA GLN NB 223 124.60 96.16 51.45
C GLN NB 223 124.71 96.64 50.01
N LEU NB 224 124.11 95.88 49.09
CA LEU NB 224 124.16 96.18 47.66
C LEU NB 224 122.77 96.43 47.11
N ALA NB 225 122.71 97.12 45.98
CA ALA NB 225 121.48 97.34 45.25
C ALA NB 225 121.84 97.60 43.79
N GLY NB 226 121.06 97.03 42.88
CA GLY NB 226 121.31 97.19 41.46
C GLY NB 226 120.86 95.97 40.69
N ILE NB 227 121.50 95.76 39.54
CA ILE NB 227 121.15 94.70 38.60
C ILE NB 227 122.32 93.72 38.54
N VAL NB 228 122.03 92.44 38.78
CA VAL NB 228 123.02 91.36 38.70
C VAL NB 228 122.41 90.23 37.89
N ASN NB 229 123.14 89.75 36.87
CA ASN NB 229 122.64 88.65 36.05
C ASN NB 229 122.75 87.31 36.76
N ARG NB 230 123.80 87.11 37.55
CA ARG NB 230 124.04 85.83 38.21
C ARG NB 230 124.76 86.06 39.52
N LEU NB 231 124.21 85.52 40.61
CA LEU NB 231 124.73 85.78 41.95
C LEU NB 231 124.98 84.47 42.66
N ASP NB 232 126.15 84.35 43.29
CA ASP NB 232 126.48 83.21 44.15
C ASP NB 232 126.92 83.77 45.50
N VAL NB 233 126.30 83.28 46.57
CA VAL NB 233 126.52 83.79 47.93
C VAL NB 233 126.86 82.62 48.84
N GLU NB 234 127.96 82.74 49.58
CA GLU NB 234 128.34 81.77 50.60
C GLU NB 234 128.56 82.50 51.91
N LEU NB 235 127.79 82.12 52.93
CA LEU NB 235 127.93 82.69 54.27
C LEU NB 235 128.31 81.58 55.23
N TRP NB 236 129.35 81.79 56.05
CA TRP NB 236 129.84 80.70 56.88
C TRP NB 236 129.33 80.76 58.32
N ASP NB 237 129.67 81.79 59.08
CA ASP NB 237 129.08 81.95 60.41
C ASP NB 237 129.12 83.41 60.84
N PHE NB 238 128.04 83.82 61.51
CA PHE NB 238 127.80 85.19 62.00
C PHE NB 238 127.89 86.23 60.89
N ALA NB 239 127.42 85.86 59.70
CA ALA NB 239 127.48 86.73 58.53
C ALA NB 239 126.07 87.13 58.12
N GLN NB 240 125.90 88.39 57.77
CA GLN NB 240 124.62 88.95 57.35
C GLN NB 240 124.77 89.52 55.94
N PHE NB 241 123.98 89.01 55.01
CA PHE NB 241 123.95 89.50 53.64
C PHE NB 241 122.59 90.15 53.41
N LYS NB 242 122.59 91.46 53.23
CA LYS NB 242 121.37 92.22 52.92
C LYS NB 242 121.31 92.52 51.43
N GLY NB 243 121.07 91.48 50.64
CA GLY NB 243 120.98 91.63 49.20
C GLY NB 243 119.59 92.02 48.73
N LYS NB 244 118.76 92.52 49.64
CA LYS NB 244 117.51 93.16 49.26
C LYS NB 244 117.83 94.44 48.48
N TYR NB 245 116.92 94.78 47.55
CA TYR NB 245 117.03 95.80 46.50
C TYR NB 245 118.08 95.48 45.45
N LEU NB 246 118.72 94.31 45.52
CA LEU NB 246 119.64 93.83 44.50
C LEU NB 246 118.92 92.72 43.75
N ARG NB 247 118.34 93.07 42.60
CA ARG NB 247 117.53 92.13 41.85
C ARG NB 247 118.41 91.23 41.00
N ALA NB 248 118.38 89.93 41.28
CA ALA NB 248 119.22 88.95 40.60
C ALA NB 248 118.35 88.03 39.76
N GLN NB 249 118.77 87.81 38.51
CA GLN NB 249 118.07 86.87 37.64
C GLN NB 249 118.28 85.44 38.10
N ARG NB 250 119.52 85.06 38.38
CA ARG NB 250 119.87 83.73 38.87
C ARG NB 250 120.51 83.88 40.24
N SER NB 251 120.01 83.14 41.23
CA SER NB 251 120.55 83.23 42.58
C SER NB 251 120.90 81.83 43.09
N PHE NB 252 122.12 81.69 43.60
CA PHE NB 252 122.56 80.53 44.35
C PHE NB 252 123.01 81.00 45.72
N VAL NB 253 122.36 80.51 46.77
CA VAL NB 253 122.63 80.95 48.14
C VAL NB 253 122.92 79.74 49.01
N LYS NB 254 124.03 79.78 49.74
CA LYS NB 254 124.35 78.75 50.72
C LYS NB 254 124.70 79.42 52.04
N THR NB 255 123.97 79.06 53.09
CA THR NB 255 124.22 79.58 54.44
C THR NB 255 124.54 78.44 55.38
N HIS NB 256 125.64 78.58 56.11
CA HIS NB 256 126.04 77.67 57.18
C HIS NB 256 125.67 78.31 58.52
N ASP NB 257 126.22 77.78 59.61
CA ASP NB 257 125.67 77.94 60.96
C ASP NB 257 125.59 79.40 61.44
N LYS NB 258 124.37 79.81 61.80
CA LYS NB 258 124.04 81.13 62.37
C LYS NB 258 124.42 82.26 61.42
N SER NB 259 123.86 82.22 60.20
CA SER NB 259 124.05 83.27 59.22
C SER NB 259 122.71 83.64 58.61
N VAL NB 260 122.58 84.91 58.22
CA VAL NB 260 121.31 85.47 57.75
C VAL NB 260 121.53 86.03 56.35
N ALA NB 261 120.69 85.60 55.41
CA ALA NB 261 120.70 86.10 54.03
C ALA NB 261 119.32 86.61 53.66
N GLU NB 262 119.29 87.73 52.93
CA GLU NB 262 118.04 88.37 52.50
C GLU NB 262 118.16 88.68 51.01
N ILE NB 263 117.47 87.91 50.19
CA ILE NB 263 117.65 87.93 48.73
C ILE NB 263 116.37 88.39 48.04
N SER NB 264 116.52 88.80 46.78
CA SER NB 264 115.43 89.34 45.97
C SER NB 264 115.48 88.76 44.55
N ALA NB 265 115.57 87.43 44.44
CA ALA NB 265 115.72 86.77 43.15
C ALA NB 265 114.47 86.93 42.28
N VAL NB 266 114.68 86.89 40.96
CA VAL NB 266 113.67 87.28 39.98
C VAL NB 266 113.22 86.11 39.13
N ASN NB 267 114.17 85.41 38.49
CA ASN NB 267 113.83 84.33 37.56
C ASN NB 267 114.02 82.95 38.17
N HIS NB 268 115.22 82.65 38.66
CA HIS NB 268 115.53 81.34 39.24
C HIS NB 268 116.24 81.52 40.57
N GLN NB 269 115.72 80.85 41.59
CA GLN NB 269 116.24 80.93 42.94
C GLN NB 269 116.59 79.54 43.44
N SER NB 270 117.80 79.38 43.97
CA SER NB 270 118.26 78.10 44.52
C SER NB 270 118.96 78.38 45.83
N SER NB 271 118.40 77.87 46.93
CA SER NB 271 118.89 78.22 48.26
C SER NB 271 119.08 76.98 49.12
N LEU NB 272 120.05 77.04 50.01
CA LEU NB 272 120.33 75.97 50.95
C LEU NB 272 120.72 76.57 52.30
N ALA NB 273 120.03 76.10 53.35
CA ALA NB 273 120.32 76.49 54.74
C ALA NB 273 120.74 75.25 55.51
N THR NB 274 121.88 75.34 56.22
CA THR NB 274 122.45 74.13 56.80
C THR NB 274 121.96 73.89 58.23
N ASP NB 275 122.25 74.80 59.16
CA ASP NB 275 121.95 74.55 60.57
C ASP NB 275 121.80 75.86 61.31
N ALA NB 276 120.56 76.14 61.78
CA ALA NB 276 120.20 77.35 62.51
C ALA NB 276 120.54 78.63 61.74
N SER NB 277 120.36 78.60 60.42
CA SER NB 277 120.60 79.74 59.56
C SER NB 277 119.28 80.17 58.93
N ASP NB 278 119.25 81.40 58.43
CA ASP NB 278 118.01 81.98 57.93
C ASP NB 278 118.22 82.54 56.54
N ILE NB 279 117.33 82.16 55.62
CA ILE NB 279 117.25 82.74 54.29
C ILE NB 279 115.85 83.31 54.12
N TYR NB 280 115.78 84.60 53.82
CA TYR NB 280 114.52 85.29 53.56
C TYR NB 280 114.56 85.86 52.16
N TYR NB 281 113.57 85.52 51.34
CA TYR NB 281 113.43 86.13 50.03
C TYR NB 281 112.39 87.25 50.11
N TYR NB 282 112.43 88.14 49.13
CA TYR NB 282 111.49 89.25 49.09
C TYR NB 282 110.78 89.39 47.76
N ASN NB 283 111.00 88.48 46.82
CA ASN NB 283 110.30 88.47 45.54
C ASN NB 283 109.88 87.04 45.23
N LEU NB 284 108.75 86.92 44.52
CA LEU NB 284 108.25 85.62 44.08
C LEU NB 284 108.84 85.32 42.71
N SER NB 285 109.86 84.46 42.69
CA SER NB 285 110.54 84.15 41.45
C SER NB 285 109.70 83.19 40.59
N LYS NB 286 110.08 83.11 39.32
CA LYS NB 286 109.37 82.20 38.41
C LYS NB 286 109.70 80.74 38.71
N THR NB 287 110.92 80.47 39.19
CA THR NB 287 111.27 79.12 39.64
C THR NB 287 112.00 79.23 40.97
N ARG NB 288 111.56 78.46 41.95
CA ARG NB 288 112.08 78.52 43.31
C ARG NB 288 112.43 77.10 43.78
N ALA NB 289 113.61 76.95 44.37
CA ALA NB 289 113.99 75.65 44.94
C ALA NB 289 114.84 75.90 46.19
N ASP NB 290 114.37 75.38 47.32
CA ASP NB 290 114.99 75.63 48.62
C ASP NB 290 115.22 74.30 49.33
N PHE NB 291 116.31 74.24 50.09
CA PHE NB 291 116.60 73.05 50.88
C PHE NB 291 117.09 73.42 52.27
N MET NB 292 116.72 72.60 53.24
CA MET NB 292 117.05 72.77 54.66
C MET NB 292 117.74 71.50 55.14
N ALA NB 293 118.77 71.63 55.97
CA ALA NB 293 119.55 70.46 56.37
C ALA NB 293 119.36 70.07 57.82
N PHE NB 294 119.66 70.94 58.78
CA PHE NB 294 119.52 70.58 60.20
C PHE NB 294 118.47 71.43 60.91
N ASN NB 295 118.67 72.74 60.96
CA ASN NB 295 117.76 73.65 61.64
C ASN NB 295 117.58 74.97 60.89
N GLY NB 296 118.13 75.09 59.68
CA GLY NB 296 117.96 76.28 58.91
C GLY NB 296 116.55 76.42 58.38
N SER NB 297 116.22 77.63 57.94
CA SER NB 297 114.87 77.93 57.50
C SER NB 297 114.90 78.94 56.37
N VAL NB 298 114.03 78.73 55.38
CA VAL NB 298 113.80 79.67 54.29
C VAL NB 298 112.35 80.14 54.41
N LEU NB 299 112.16 81.45 54.49
CA LEU NB 299 110.85 82.00 54.83
C LEU NB 299 110.39 83.03 53.80
N ASP NB 300 109.07 83.21 53.75
CA ASP NB 300 108.45 84.05 52.72
C ASP NB 300 108.72 85.53 52.97
N MET NB 301 108.36 86.03 54.15
CA MET NB 301 108.70 87.38 54.65
C MET NB 301 108.20 88.50 53.75
N ARG NB 302 107.00 88.36 53.21
CA ARG NB 302 106.40 89.41 52.41
C ARG NB 302 105.36 90.18 53.24
N GLU NB 303 104.67 91.11 52.57
CA GLU NB 303 103.94 92.14 53.30
C GLU NB 303 102.56 91.69 53.79
N TRP NB 304 101.91 90.78 53.05
CA TRP NB 304 100.58 90.21 53.28
C TRP NB 304 99.43 91.21 53.08
N GLY NB 305 99.72 92.48 52.79
CA GLY NB 305 98.69 93.48 52.65
C GLY NB 305 98.92 94.39 51.47
N GLN NB 306 99.87 94.03 50.62
CA GLN NB 306 100.14 94.79 49.40
C GLN NB 306 98.99 94.63 48.42
N SER NB 307 98.66 95.71 47.71
CA SER NB 307 97.50 95.73 46.84
C SER NB 307 97.68 94.89 45.58
N ASP NB 308 98.92 94.59 45.19
CA ASP NB 308 99.21 93.80 44.00
C ASP NB 308 100.09 92.61 44.35
N LEU NB 309 99.74 91.90 45.41
CA LEU NB 309 100.46 90.70 45.79
C LEU NB 309 100.16 89.57 44.81
N LYS NB 310 101.16 88.72 44.58
CA LYS NB 310 101.08 87.64 43.62
C LYS NB 310 101.04 86.29 44.35
N ASP NB 311 100.22 85.38 43.84
CA ASP NB 311 100.03 84.07 44.44
C ASP NB 311 100.94 83.04 43.75
N PHE NB 312 101.05 81.87 44.39
CA PHE NB 312 101.81 80.77 43.81
C PHE NB 312 101.11 80.22 42.58
N ASP NB 313 101.91 79.78 41.61
CA ASP NB 313 101.43 79.16 40.40
C ASP NB 313 101.53 77.64 40.53
N ARG NB 314 101.28 76.95 39.41
CA ARG NB 314 101.56 75.51 39.36
C ARG NB 314 103.05 75.24 39.44
N TYR NB 315 103.87 76.17 38.98
CA TYR NB 315 105.31 75.96 38.84
C TYR NB 315 106.10 76.54 40.01
N ASN NB 316 105.44 77.27 40.91
CA ASN NB 316 106.09 77.88 42.07
C ASN NB 316 105.73 77.19 43.39
N LYS NB 317 104.75 76.29 43.40
CA LYS NB 317 104.19 75.75 44.63
C LYS NB 317 105.12 74.69 45.20
N GLN NB 318 105.99 75.10 46.10
CA GLN NB 318 106.84 74.20 46.88
C GLN NB 318 106.38 74.22 48.32
N PHE NB 319 106.26 73.04 48.92
CA PHE NB 319 105.80 72.93 50.30
C PHE NB 319 106.99 72.59 51.21
N PRO NB 320 107.44 73.52 52.07
CA PRO NB 320 108.61 73.34 52.95
C PRO NB 320 108.46 72.22 53.96
N GLY OB 40 77.22 44.84 67.01
CA GLY OB 40 77.41 45.77 68.11
C GLY OB 40 77.73 47.18 67.65
N CYS OB 41 76.75 48.07 67.76
CA CYS OB 41 76.94 49.45 67.32
C CYS OB 41 77.66 50.28 68.38
N CYS OB 42 77.10 50.35 69.59
CA CYS OB 42 77.69 51.16 70.66
C CYS OB 42 78.64 50.32 71.51
N SER OB 43 79.60 49.70 70.83
CA SER OB 43 80.59 48.87 71.50
C SER OB 43 81.62 49.74 72.20
N LYS OB 44 82.15 49.23 73.33
CA LYS OB 44 83.00 49.95 74.27
C LYS OB 44 82.35 51.24 74.76
N MET OB 45 81.03 51.23 74.88
CA MET OB 45 80.24 52.32 75.44
C MET OB 45 79.15 51.68 76.30
N GLY OB 46 78.14 52.46 76.67
CA GLY OB 46 77.10 51.95 77.53
C GLY OB 46 75.95 51.26 76.83
N GLY OB 47 76.00 51.08 75.52
CA GLY OB 47 74.92 50.45 74.79
C GLY OB 47 73.96 51.46 74.17
N ILE OB 48 73.00 50.94 73.44
CA ILE OB 48 72.10 51.76 72.63
C ILE OB 48 71.04 52.39 73.52
N ASN OB 49 70.93 53.73 73.45
CA ASN OB 49 69.85 54.40 74.17
C ASN OB 49 68.55 54.40 73.36
N TYR OB 50 68.56 55.07 72.20
CA TYR OB 50 67.37 55.15 71.36
C TYR OB 50 67.76 55.60 69.95
N CYS OB 51 66.82 55.38 69.02
CA CYS OB 51 66.94 55.84 67.63
C CYS OB 51 66.42 57.27 67.52
N ASP OB 52 67.31 58.21 67.22
CA ASP OB 52 66.91 59.56 66.85
C ASP OB 52 66.58 59.57 65.36
N SER OB 53 65.29 59.67 65.04
CA SER OB 53 64.82 59.65 63.66
C SER OB 53 64.93 61.01 62.99
N SER OB 54 65.19 62.08 63.75
CA SER OB 54 65.41 63.38 63.13
C SER OB 54 66.73 63.42 62.38
N ALA OB 55 67.75 62.70 62.89
CA ALA OB 55 69.01 62.54 62.21
C ALA OB 55 69.19 61.15 61.60
N GLY OB 56 68.33 60.21 61.94
CA GLY OB 56 68.45 58.85 61.43
C GLY OB 56 69.60 58.07 62.03
N ARG OB 57 69.93 58.33 63.29
CA ARG OB 57 71.11 57.72 63.92
C ARG OB 57 70.75 57.19 65.29
N LEU OB 58 71.51 56.19 65.74
CA LEU OB 58 71.36 55.70 67.10
C LEU OB 58 72.15 56.58 68.07
N VAL OB 59 71.67 56.64 69.30
CA VAL OB 59 72.34 57.36 70.38
C VAL OB 59 72.80 56.32 71.39
N CYS OB 60 74.07 56.41 71.81
CA CYS OB 60 74.58 55.50 72.81
C CYS OB 60 74.20 55.98 74.20
N ASN OB 61 74.60 55.22 75.23
CA ASN OB 61 74.27 55.60 76.60
C ASN OB 61 75.16 56.71 77.15
N ASN OB 62 76.25 57.05 76.45
CA ASN OB 62 76.94 58.30 76.68
C ASN OB 62 76.34 59.37 75.75
N GLY OB 63 76.98 60.52 75.65
CA GLY OB 63 76.44 61.58 74.82
C GLY OB 63 76.93 61.56 73.38
N PHE OB 64 77.51 60.45 72.95
CA PHE OB 64 78.08 60.32 71.62
C PHE OB 64 77.06 59.74 70.65
N TYR OB 65 77.01 60.28 69.45
CA TYR OB 65 76.23 59.69 68.38
C TYR OB 65 76.91 58.42 67.88
N SER OB 66 76.10 57.43 67.51
CA SER OB 66 76.62 56.18 66.97
C SER OB 66 76.88 56.30 65.48
N THR OB 67 77.63 55.35 64.94
CA THR OB 67 77.91 55.29 63.52
C THR OB 67 76.88 54.50 62.73
N CYS OB 68 75.97 53.80 63.42
CA CYS OB 68 74.97 52.99 62.74
C CYS OB 68 73.75 53.83 62.35
N TYR OB 69 73.12 53.42 61.26
CA TYR OB 69 71.84 53.98 60.84
C TYR OB 69 70.71 53.23 61.51
N CYS OB 70 69.57 53.91 61.69
CA CYS OB 70 68.36 53.26 62.19
C CYS OB 70 67.10 53.68 61.44
N THR OB 71 67.18 54.58 60.46
CA THR OB 71 66.11 54.83 59.52
C THR OB 71 66.66 54.75 58.11
N ARG OB 72 65.77 54.62 57.13
CA ARG OB 72 66.21 54.58 55.74
C ARG OB 72 66.44 55.99 55.19
N HIS OB 73 65.90 57.00 55.87
CA HIS OB 73 66.07 58.39 55.45
C HIS OB 73 67.26 59.01 56.18
N ALA OB 74 68.40 58.33 56.07
CA ALA OB 74 69.66 58.81 56.62
C ALA OB 74 70.61 59.10 55.47
N VAL OB 75 71.56 60.00 55.72
CA VAL OB 75 72.50 60.42 54.69
C VAL OB 75 73.49 59.29 54.43
N MET OB 76 73.33 58.61 53.31
CA MET OB 76 74.24 57.56 52.86
C MET OB 76 74.92 58.00 51.57
N ASP OB 77 76.22 57.72 51.47
CA ASP OB 77 76.99 58.09 50.28
C ASP OB 77 76.88 56.98 49.24
N LEU OB 78 75.69 56.88 48.64
CA LEU OB 78 75.40 55.85 47.66
C LEU OB 78 75.95 56.25 46.31
N GLN OB 79 76.83 55.41 45.74
CA GLN OB 79 77.42 55.65 44.43
C GLN OB 79 77.19 54.53 43.44
N PHE OB 80 76.81 53.34 43.90
CA PHE OB 80 76.64 52.17 43.03
C PHE OB 80 75.23 51.63 43.23
N LEU OB 81 74.42 51.71 42.19
CA LEU OB 81 73.04 51.24 42.22
C LEU OB 81 72.82 50.17 41.15
N MET OB 82 72.03 49.15 41.49
CA MET OB 82 71.79 48.03 40.61
C MET OB 82 70.49 48.24 39.81
N GLY OB 83 70.20 47.29 38.92
CA GLY OB 83 69.06 47.39 38.03
C GLY OB 83 69.42 48.02 36.71
N CYS OB 84 68.63 47.70 35.69
CA CYS OB 84 68.84 48.25 34.36
C CYS OB 84 67.71 49.20 33.97
N CYS OB 85 67.88 49.82 32.80
CA CYS OB 85 67.16 51.03 32.38
C CYS OB 85 67.31 52.16 33.40
N LEU OB 86 68.49 52.24 34.02
CA LEU OB 86 68.83 53.39 34.83
C LEU OB 86 69.16 54.58 33.93
N TRP OB 87 68.93 55.78 34.47
CA TRP OB 87 68.98 57.06 33.74
C TRP OB 87 68.03 57.09 32.56
N HIS OB 88 66.93 56.36 32.68
CA HIS OB 88 65.77 56.43 31.79
C HIS OB 88 64.54 56.35 32.69
N GLY OB 89 63.39 56.07 32.10
CA GLY OB 89 62.19 55.98 32.91
C GLY OB 89 62.04 54.71 33.74
N GLY OB 90 62.92 53.73 33.54
CA GLY OB 90 62.81 52.43 34.17
C GLY OB 90 62.36 51.38 33.17
N VAL OB 91 62.20 50.16 33.68
CA VAL OB 91 61.82 49.03 32.83
C VAL OB 91 60.33 49.12 32.52
N TYR OB 92 59.99 49.14 31.24
CA TYR OB 92 58.59 49.18 30.82
C TYR OB 92 57.95 47.83 31.06
N PRO OB 93 56.81 47.77 31.77
CA PRO OB 93 56.39 46.50 32.40
C PRO OB 93 55.67 45.51 31.48
N GLN OB 94 55.75 45.68 30.16
CA GLN OB 94 55.14 44.72 29.27
C GLN OB 94 55.95 43.43 29.24
N LEU OB 95 55.29 42.34 28.86
CA LEU OB 95 55.93 41.04 28.71
C LEU OB 95 56.20 40.78 27.23
N ASN OB 96 57.39 40.27 26.93
CA ASN OB 96 57.86 40.15 25.56
C ASN OB 96 57.99 38.69 25.17
N SER OB 97 57.65 38.39 23.90
CA SER OB 97 57.91 37.07 23.36
C SER OB 97 59.41 36.82 23.23
N SER OB 98 60.17 37.84 22.84
CA SER OB 98 61.61 37.77 22.78
C SER OB 98 62.21 38.17 24.13
N GLY OB 99 63.54 38.24 24.18
CA GLY OB 99 64.26 38.61 25.38
C GLY OB 99 64.64 40.06 25.50
N LEU OB 100 64.11 40.94 24.65
CA LEU OB 100 64.48 42.35 24.66
C LEU OB 100 63.88 43.05 25.87
N VAL OB 101 64.63 44.02 26.39
CA VAL OB 101 64.20 44.88 27.50
C VAL OB 101 64.14 46.31 26.99
N VAL OB 102 62.97 46.93 27.10
CA VAL OB 102 62.74 48.28 26.59
C VAL OB 102 62.47 49.20 27.77
N CYS OB 103 63.06 50.39 27.75
CA CYS OB 103 62.85 51.38 28.79
C CYS OB 103 61.62 52.23 28.46
N ASN OB 104 61.21 53.05 29.44
CA ASN OB 104 60.00 53.85 29.31
C ASN OB 104 60.13 55.01 28.33
N ASP OB 105 61.35 55.36 27.91
CA ASP OB 105 61.55 56.42 26.92
C ASP OB 105 61.86 55.89 25.52
N GLY OB 106 61.60 54.61 25.27
CA GLY OB 106 61.83 54.01 23.98
C GLY OB 106 63.21 53.42 23.77
N TYR OB 107 64.12 53.61 24.72
CA TYR OB 107 65.46 53.04 24.60
C TYR OB 107 65.42 51.54 24.84
N VAL OB 108 66.38 50.84 24.24
CA VAL OB 108 66.52 49.39 24.36
C VAL OB 108 67.81 49.11 25.11
N SER OB 109 67.72 48.41 26.23
CA SER OB 109 68.88 48.09 27.06
C SER OB 109 69.50 46.79 26.56
N GLU OB 110 70.71 46.89 26.01
CA GLU OB 110 71.39 45.71 25.47
C GLU OB 110 71.93 44.80 26.56
N GLU OB 111 72.16 45.32 27.76
CA GLU OB 111 72.75 44.50 28.82
C GLU OB 111 71.75 43.51 29.39
N CYS OB 112 70.52 43.94 29.65
CA CYS OB 112 69.48 43.03 30.12
C CYS OB 112 68.78 42.27 28.99
N SER OB 113 69.06 42.60 27.74
CA SER OB 113 68.46 41.88 26.63
C SER OB 113 69.14 40.54 26.44
N LEU OB 114 68.33 39.49 26.27
CA LEU OB 114 68.84 38.16 26.02
C LEU OB 114 69.29 38.04 24.57
N GLN OB 115 70.41 37.35 24.36
CA GLN OB 115 70.96 37.19 23.02
C GLN OB 115 70.31 36.02 22.29
N UNK PB 1 84.42 76.54 62.80
CA UNK PB 1 84.39 76.60 64.25
C UNK PB 1 85.55 77.43 64.79
N UNK PB 2 86.76 76.88 64.65
CA UNK PB 2 88.08 77.46 64.97
C UNK PB 2 88.32 77.68 66.46
N UNK PB 3 87.36 77.37 67.33
CA UNK PB 3 87.55 77.51 68.77
C UNK PB 3 86.60 76.54 69.46
N UNK PB 4 87.12 75.42 69.94
CA UNK PB 4 86.28 74.44 70.62
C UNK PB 4 85.91 74.88 72.02
N UNK PB 5 86.78 75.66 72.68
CA UNK PB 5 86.54 76.15 74.03
C UNK PB 5 86.54 77.67 73.99
N UNK PB 6 85.36 78.26 73.78
CA UNK PB 6 85.24 79.70 73.74
C UNK PB 6 85.36 80.29 75.14
N UNK PB 7 85.77 81.55 75.21
CA UNK PB 7 86.03 82.24 76.47
C UNK PB 7 84.87 83.15 76.81
N UNK PB 8 84.50 83.18 78.09
CA UNK PB 8 83.42 84.01 78.60
C UNK PB 8 84.03 85.20 79.32
N UNK PB 9 83.97 86.38 78.68
CA UNK PB 9 84.48 87.66 79.19
C UNK PB 9 85.95 87.61 79.61
N PHE QB 25 107.05 57.10 58.66
CA PHE QB 25 107.38 56.95 57.25
C PHE QB 25 106.29 57.55 56.36
N LYS QB 26 106.71 58.26 55.32
CA LYS QB 26 105.79 58.94 54.41
C LYS QB 26 105.07 57.94 53.53
N LYS QB 27 103.76 58.16 53.35
CA LYS QB 27 102.91 57.33 52.50
C LYS QB 27 102.57 58.07 51.21
N PRO QB 28 102.39 57.33 50.11
CA PRO QB 28 101.93 57.97 48.86
C PRO QB 28 100.46 58.35 48.96
N PRO QB 29 99.99 59.27 48.12
CA PRO QB 29 98.55 59.55 48.06
C PRO QB 29 97.76 58.33 47.58
N ILE QB 30 96.58 58.13 48.17
CA ILE QB 30 95.79 56.95 47.84
C ILE QB 30 95.14 57.08 46.47
N ASN QB 31 94.70 58.29 46.10
CA ASN QB 31 94.17 58.55 44.77
C ASN QB 31 95.23 59.14 43.87
N ASN QB 32 96.34 58.42 43.75
CA ASN QB 32 97.44 58.90 42.93
C ASN QB 32 97.42 58.25 41.55
N PRO QB 33 97.68 59.02 40.49
CA PRO QB 33 97.77 58.40 39.16
C PRO QB 33 99.05 57.61 38.98
N SER QB 34 99.06 56.36 39.46
CA SER QB 34 100.15 55.44 39.22
C SER QB 34 99.92 54.57 37.98
N ASP QB 35 99.09 55.03 37.07
CA ASP QB 35 98.75 54.30 35.85
C ASP QB 35 98.94 55.21 34.66
N ASP QB 36 99.53 54.67 33.59
CA ASP QB 36 99.93 55.46 32.44
C ASP QB 36 98.78 55.95 31.57
N ALA QB 37 97.56 55.45 31.79
CA ALA QB 37 96.38 56.04 31.18
C ALA QB 37 95.71 57.06 32.09
N THR QB 38 95.73 56.81 33.39
CA THR QB 38 95.16 57.75 34.36
C THR QB 38 95.95 59.05 34.42
N ILE QB 39 97.27 58.99 34.21
CA ILE QB 39 98.10 60.19 34.14
C ILE QB 39 97.66 61.08 32.98
N LYS QB 40 97.47 60.46 31.81
CA LYS QB 40 97.05 61.20 30.61
C LYS QB 40 95.65 61.76 30.76
N LEU QB 41 94.74 60.98 31.37
CA LEU QB 41 93.38 61.44 31.63
C LEU QB 41 93.37 62.64 32.57
N ALA QB 42 94.18 62.60 33.63
CA ALA QB 42 94.18 63.67 34.62
C ALA QB 42 94.83 64.95 34.06
N GLU QB 43 95.90 64.82 33.28
CA GLU QB 43 96.48 66.03 32.70
C GLU QB 43 95.62 66.61 31.60
N ALA QB 44 94.86 65.77 30.89
CA ALA QB 44 93.85 66.27 29.96
C ALA QB 44 92.75 67.04 30.70
N ALA QB 45 92.34 66.55 31.86
CA ALA QB 45 91.36 67.27 32.68
C ALA QB 45 91.91 68.62 33.16
N VAL QB 46 93.20 68.65 33.54
CA VAL QB 46 93.84 69.90 33.96
C VAL QB 46 93.87 70.92 32.81
N SER QB 47 94.22 70.46 31.60
CA SER QB 47 94.26 71.35 30.44
C SER QB 47 92.86 71.85 30.06
N VAL QB 48 91.85 71.00 30.20
CA VAL QB 48 90.46 71.41 29.96
C VAL QB 48 90.02 72.47 30.96
N SER QB 49 90.39 72.30 32.23
CA SER QB 49 90.05 73.28 33.27
C SER QB 49 90.75 74.62 33.02
N ASP QB 50 92.00 74.59 32.57
CA ASP QB 50 92.71 75.81 32.21
C ASP QB 50 92.06 76.52 31.04
N SER QB 51 91.62 75.75 30.03
CA SER QB 51 90.94 76.33 28.88
C SER QB 51 89.60 76.97 29.27
N MET QB 52 88.85 76.32 30.17
CA MET QB 52 87.59 76.90 30.64
C MET QB 52 87.82 78.16 31.48
N LEU QB 53 88.92 78.19 32.26
CA LEU QB 53 89.24 79.40 33.01
C LEU QB 53 89.58 80.57 32.09
N GLU QB 54 90.36 80.30 31.03
CA GLU QB 54 90.66 81.33 30.04
C GLU QB 54 89.41 81.78 29.30
N MET QB 55 88.52 80.84 28.96
CA MET QB 55 87.26 81.19 28.29
C MET QB 55 86.38 82.06 29.18
N ALA QB 56 86.30 81.75 30.48
CA ALA QB 56 85.53 82.57 31.40
C ALA QB 56 86.14 83.96 31.56
N LYS QB 57 87.47 84.05 31.55
CA LYS QB 57 88.12 85.36 31.58
C LYS QB 57 87.81 86.17 30.32
N VAL QB 58 87.66 85.50 29.17
CA VAL QB 58 87.23 86.19 27.96
C VAL QB 58 85.78 86.66 28.09
N GLU QB 59 84.89 85.79 28.60
CA GLU QB 59 83.47 86.13 28.70
C GLU QB 59 83.17 87.27 29.67
N LYS QB 60 83.77 87.28 30.87
CA LYS QB 60 83.24 88.14 31.92
C LYS QB 60 83.61 89.60 31.71
N VAL QB 61 82.59 90.46 31.74
CA VAL QB 61 82.75 91.91 31.66
C VAL QB 61 82.36 92.49 33.02
N ILE QB 62 83.15 93.47 33.47
CA ILE QB 62 82.97 94.10 34.77
C ILE QB 62 82.81 95.60 34.59
N THR QB 63 82.55 96.29 35.69
CA THR QB 63 82.59 97.74 35.76
C THR QB 63 83.57 98.16 36.85
N PRO QB 64 84.27 99.28 36.64
CA PRO QB 64 85.13 99.79 37.71
C PRO QB 64 84.30 100.33 38.87
N PRO QB 65 84.83 100.31 40.10
CA PRO QB 65 84.04 100.79 41.24
C PRO QB 65 83.90 102.30 41.30
N SER QB 66 84.57 103.06 40.44
CA SER QB 66 84.42 104.51 40.43
C SER QB 66 83.06 104.92 39.87
N LYS QB 67 82.60 104.24 38.83
CA LYS QB 67 81.33 104.58 38.17
C LYS QB 67 80.27 103.52 38.41
N ASP QB 68 80.25 102.94 39.60
CA ASP QB 68 79.23 101.96 39.95
C ASP QB 68 77.94 102.68 40.33
N ASN QB 69 76.87 102.45 39.55
CA ASN QB 69 75.61 103.14 39.76
C ASN QB 69 74.77 102.38 40.79
N THR QB 70 75.24 102.46 42.04
CA THR QB 70 74.57 101.83 43.18
C THR QB 70 74.68 102.77 44.36
N LEU QB 71 73.59 102.89 45.11
CA LEU QB 71 73.54 103.80 46.26
C LEU QB 71 74.49 103.33 47.36
N THR QB 72 75.29 104.25 47.87
CA THR QB 72 76.17 103.97 48.99
C THR QB 72 75.41 104.09 50.31
N ILE QB 73 76.07 103.71 51.39
CA ILE QB 73 75.48 103.77 52.73
C ILE QB 73 75.44 105.23 53.18
N PRO QB 74 74.27 105.77 53.52
CA PRO QB 74 74.18 107.20 53.86
C PRO QB 74 74.67 107.56 55.25
N ASN QB 75 75.09 106.56 56.03
CA ASN QB 75 75.72 106.56 57.37
C ASN QB 75 75.22 107.65 58.32
N ALA QB 76 73.91 107.88 58.33
CA ALA QB 76 73.29 108.70 59.37
C ALA QB 76 73.04 107.84 60.59
N TYR QB 77 72.75 108.50 61.73
CA TYR QB 77 72.61 107.77 62.98
C TYR QB 77 71.29 107.01 63.04
N ASN QB 78 70.23 107.58 62.47
CA ASN QB 78 68.90 106.97 62.54
C ASN QB 78 68.72 105.83 61.56
N LEU QB 79 69.64 105.64 60.61
CA LEU QB 79 69.50 104.61 59.59
C LEU QB 79 70.29 103.35 59.90
N GLN QB 80 70.92 103.27 61.07
CA GLN QB 80 71.64 102.07 61.48
C GLN QB 80 70.79 101.13 62.33
N ALA QB 81 69.51 101.42 62.52
CA ALA QB 81 68.64 100.57 63.31
C ALA QB 81 68.29 99.30 62.53
N ARG QB 82 68.23 98.18 63.24
CA ARG QB 82 67.93 96.90 62.62
C ARG QB 82 66.44 96.71 62.46
N ALA QB 83 66.07 95.87 61.49
CA ALA QB 83 64.66 95.64 61.19
C ALA QB 83 64.49 94.24 60.62
N SER QB 84 63.22 93.83 60.50
CA SER QB 84 62.83 92.55 59.90
C SER QB 84 61.68 92.82 58.95
N VAL QB 85 61.91 92.56 57.66
CA VAL QB 85 60.99 92.95 56.61
C VAL QB 85 60.62 91.70 55.80
N ASP QB 86 59.32 91.48 55.60
CA ASP QB 86 58.82 90.47 54.68
C ASP QB 86 57.81 91.17 53.79
N TRP QB 87 58.14 91.34 52.51
CA TRP QB 87 57.32 92.13 51.61
C TRP QB 87 57.55 91.69 50.18
N SER QB 88 56.47 91.64 49.40
CA SER QB 88 56.55 91.39 47.96
C SER QB 88 55.42 92.18 47.30
N GLY QB 89 55.75 93.38 46.83
CA GLY QB 89 54.77 94.27 46.24
C GLY QB 89 55.37 95.55 45.70
N PRO QB 90 54.58 96.62 45.67
CA PRO QB 90 55.07 97.89 45.14
C PRO QB 90 56.15 98.53 46.00
N ILE QB 91 56.95 99.38 45.35
CA ILE QB 91 58.12 99.97 45.99
C ILE QB 91 57.75 101.17 46.86
N GLU QB 92 56.68 101.90 46.51
CA GLU QB 92 56.35 103.16 47.18
C GLU QB 92 55.91 102.94 48.61
N GLU QB 93 55.06 101.92 48.84
CA GLU QB 93 54.54 101.65 50.18
C GLU QB 93 55.65 101.22 51.12
N LEU QB 94 56.53 100.33 50.66
CA LEU QB 94 57.65 99.87 51.48
C LEU QB 94 58.63 100.99 51.76
N THR QB 95 58.92 101.83 50.76
CA THR QB 95 59.86 102.93 50.97
C THR QB 95 59.29 103.98 51.92
N ALA QB 96 57.97 104.22 51.85
CA ALA QB 96 57.31 105.13 52.78
C ALA QB 96 57.34 104.59 54.20
N ARG QB 97 57.13 103.27 54.38
CA ARG QB 97 57.20 102.71 55.73
C ARG QB 97 58.62 102.71 56.28
N ILE QB 98 59.62 102.50 55.41
CA ILE QB 98 61.01 102.58 55.84
C ILE QB 98 61.37 104.01 56.25
N ALA QB 99 60.89 105.00 55.51
CA ALA QB 99 61.12 106.40 55.87
C ALA QB 99 60.42 106.77 57.18
N LYS QB 100 59.21 106.25 57.40
CA LYS QB 100 58.51 106.51 58.66
C LYS QB 100 59.23 105.86 59.84
N ALA QB 101 59.73 104.63 59.65
CA ALA QB 101 60.47 103.96 60.72
C ALA QB 101 61.82 104.63 60.98
N ALA QB 102 62.41 105.25 59.97
CA ALA QB 102 63.66 106.00 60.13
C ALA QB 102 63.43 107.45 60.49
N HIS QB 103 62.16 107.87 60.65
CA HIS QB 103 61.76 109.22 61.06
C HIS QB 103 62.22 110.28 60.05
N PHE QB 104 62.14 109.93 58.77
CA PHE QB 104 62.43 110.85 57.68
C PHE QB 104 61.14 111.33 57.05
N ARG QB 105 61.25 112.30 56.15
CA ARG QB 105 60.17 112.63 55.24
C ARG QB 105 60.34 111.83 53.96
N PHE QB 106 59.26 111.69 53.22
CA PHE QB 106 59.26 110.88 52.00
C PHE QB 106 58.60 111.67 50.87
N ARG QB 107 59.27 111.73 49.72
CA ARG QB 107 58.71 112.45 48.58
C ARG QB 107 58.99 111.68 47.29
N VAL QB 108 58.10 111.86 46.31
CA VAL QB 108 58.14 111.17 45.03
C VAL QB 108 58.22 112.21 43.93
N LEU QB 109 59.17 112.03 43.00
CA LEU QB 109 59.27 112.86 41.81
C LEU QB 109 59.22 111.96 40.59
N GLY QB 110 58.19 112.12 39.78
CA GLY QB 110 58.00 111.35 38.57
C GLY QB 110 56.54 110.97 38.41
N LYS QB 111 56.30 110.01 37.52
CA LYS QB 111 54.96 109.52 37.24
C LYS QB 111 54.95 108.00 37.36
N SER QB 112 53.98 107.48 38.10
CA SER QB 112 53.87 106.03 38.25
C SER QB 112 53.37 105.41 36.95
N PRO QB 113 53.97 104.31 36.49
CA PRO QB 113 53.54 103.68 35.25
C PRO QB 113 52.25 102.90 35.44
N SER QB 114 51.75 102.34 34.33
CA SER QB 114 50.55 101.51 34.38
C SER QB 114 50.82 100.20 35.12
N VAL QB 115 51.96 99.58 34.86
CA VAL QB 115 52.41 98.41 35.60
C VAL QB 115 53.35 98.88 36.70
N PRO QB 116 53.06 98.64 37.97
CA PRO QB 116 53.92 99.15 39.04
C PRO QB 116 55.22 98.35 39.15
N VAL QB 117 56.21 99.00 39.75
CA VAL QB 117 57.51 98.36 39.98
C VAL QB 117 57.39 97.48 41.21
N LEU QB 118 57.65 96.18 41.03
CA LEU QB 118 57.47 95.19 42.09
C LEU QB 118 58.81 94.71 42.59
N ILE QB 119 59.01 94.76 43.92
CA ILE QB 119 60.23 94.29 44.56
C ILE QB 119 59.84 93.21 45.56
N SER QB 120 60.87 92.57 46.13
CA SER QB 120 60.64 91.49 47.09
C SER QB 120 61.80 91.50 48.09
N ILE QB 121 61.51 91.86 49.33
CA ILE QB 121 62.51 91.94 50.40
C ILE QB 121 62.09 90.99 51.50
N SER QB 122 62.97 90.05 51.85
CA SER QB 122 62.71 89.07 52.91
C SER QB 122 63.97 88.93 53.75
N THR QB 123 64.06 89.72 54.82
CA THR QB 123 65.19 89.66 55.73
C THR QB 123 64.70 89.69 57.17
N LYS QB 124 65.52 89.13 58.05
CA LYS QB 124 65.21 88.99 59.47
C LYS QB 124 65.99 89.94 60.36
N ASP QB 125 67.23 90.27 59.98
CA ASP QB 125 68.05 91.19 60.77
C ASP QB 125 68.95 91.94 59.80
N GLU QB 126 68.53 93.13 59.39
CA GLU QB 126 69.27 93.93 58.42
C GLU QB 126 68.98 95.40 58.68
N SER QB 127 69.98 96.24 58.46
CA SER QB 127 69.85 97.66 58.69
C SER QB 127 69.01 98.33 57.62
N LEU QB 128 68.46 99.51 57.97
CA LEU QB 128 67.57 100.23 57.07
C LEU QB 128 68.32 100.77 55.85
N ALA QB 129 69.57 101.18 56.01
CA ALA QB 129 70.37 101.64 54.88
C ALA QB 129 70.65 100.50 53.91
N GLU QB 130 70.92 99.30 54.43
CA GLU QB 130 71.13 98.14 53.56
C GLU QB 130 69.84 97.72 52.87
N ILE QB 131 68.70 97.86 53.57
CA ILE QB 131 67.40 97.60 52.96
C ILE QB 131 67.13 98.59 51.82
N LEU QB 132 67.45 99.87 52.03
CA LEU QB 132 67.29 100.87 50.99
C LEU QB 132 68.21 100.61 49.80
N ARG QB 133 69.45 100.17 50.07
CA ARG QB 133 70.38 99.82 49.00
C ARG QB 133 69.88 98.63 48.19
N ASP QB 134 69.33 97.62 48.86
CA ASP QB 134 68.77 96.47 48.14
C ASP QB 134 67.52 96.85 47.35
N ILE QB 135 66.71 97.77 47.87
CA ILE QB 135 65.54 98.28 47.16
C ILE QB 135 65.98 99.02 45.90
N ASP QB 136 67.02 99.86 46.00
CA ASP QB 136 67.49 100.62 44.85
C ASP QB 136 68.10 99.69 43.81
N TYR QB 137 68.83 98.65 44.25
CA TYR QB 137 69.38 97.67 43.32
C TYR QB 137 68.29 96.87 42.62
N GLN QB 138 67.24 96.48 43.36
CA GLN QB 138 66.16 95.71 42.77
C GLN QB 138 65.26 96.55 41.88
N ALA QB 139 65.23 97.87 42.08
CA ALA QB 139 64.42 98.73 41.23
C ALA QB 139 64.97 98.83 39.81
N GLY QB 140 66.29 98.76 39.66
CA GLY QB 140 66.90 98.80 38.34
C GLY QB 140 66.95 100.19 37.74
N LYS QB 141 66.67 100.29 36.45
CA LYS QB 141 66.73 101.55 35.73
C LYS QB 141 65.41 102.32 35.77
N LYS QB 142 64.38 101.77 36.40
CA LYS QB 142 63.07 102.42 36.39
C LYS QB 142 62.92 103.45 37.51
N ALA QB 143 63.62 103.25 38.62
CA ALA QB 143 63.50 104.16 39.76
C ALA QB 143 64.82 104.26 40.48
N SER QB 144 64.96 105.34 41.26
CA SER QB 144 66.14 105.58 42.07
C SER QB 144 65.72 106.16 43.41
N ILE QB 145 66.53 105.93 44.43
CA ILE QB 145 66.28 106.41 45.78
C ILE QB 145 67.47 107.27 46.21
N HIS QB 146 67.20 108.51 46.60
CA HIS QB 146 68.20 109.43 47.11
C HIS QB 146 67.88 109.75 48.56
N VAL QB 147 68.93 109.84 49.38
CA VAL QB 147 68.79 110.12 50.80
C VAL QB 147 69.52 111.42 51.10
N TYR QB 148 68.78 112.40 51.64
CA TYR QB 148 69.39 113.65 52.07
C TYR QB 148 69.38 113.72 53.59
N PRO QB 149 70.57 113.75 54.21
CA PRO QB 149 70.68 113.83 55.68
C PRO QB 149 70.92 115.22 56.24
N ASN QB 150 70.83 116.28 55.44
CA ASN QB 150 70.83 117.63 55.99
C ASN QB 150 69.42 118.14 56.27
N SER QB 151 68.52 118.00 55.30
CA SER QB 151 67.08 118.04 55.52
C SER QB 151 66.59 116.60 55.40
N GLN QB 152 66.03 116.07 56.50
CA GLN QB 152 65.93 114.63 56.75
C GLN QB 152 64.88 114.03 55.80
N VAL QB 153 65.30 113.71 54.57
CA VAL QB 153 64.31 113.33 53.56
C VAL QB 153 64.83 112.19 52.68
N VAL QB 154 63.89 111.41 52.17
CA VAL QB 154 64.14 110.34 51.20
C VAL QB 154 63.29 110.62 49.95
N GLU QB 155 63.95 110.66 48.80
CA GLU QB 155 63.33 110.97 47.53
C GLU QB 155 63.31 109.73 46.64
N LEU QB 156 62.16 109.45 46.05
CA LEU QB 156 62.03 108.38 45.06
C LEU QB 156 61.78 109.01 43.69
N ARG QB 157 62.72 108.81 42.78
CA ARG QB 157 62.71 109.44 41.47
C ARG QB 157 62.43 108.39 40.41
N TYR QB 158 61.40 108.63 39.59
CA TYR QB 158 61.06 107.72 38.51
C TYR QB 158 61.86 108.07 37.25
N ALA QB 159 61.88 107.12 36.32
CA ALA QB 159 62.59 107.30 35.06
C ALA QB 159 61.65 107.83 33.98
N LYS QB 160 62.13 108.79 33.21
CA LYS QB 160 61.34 109.40 32.14
C LYS QB 160 61.24 108.47 30.94
N ILE RB 208 106.64 107.25 25.45
CA ILE RB 208 107.62 106.53 26.25
C ILE RB 208 107.02 106.16 27.61
N ILE RB 209 107.53 105.09 28.19
CA ILE RB 209 107.09 104.61 29.50
C ILE RB 209 108.33 104.19 30.27
N TYR RB 210 108.26 104.26 31.60
CA TYR RB 210 109.41 104.01 32.47
C TYR RB 210 109.13 102.87 33.43
N TYR RB 211 110.20 102.22 33.88
CA TYR RB 211 110.12 101.16 34.87
C TYR RB 211 111.28 101.31 35.85
N ILE RB 212 111.12 100.72 37.03
CA ILE RB 212 112.16 100.74 38.06
C ILE RB 212 113.12 99.59 37.80
N GLN RB 213 114.41 99.90 37.68
CA GLN RB 213 115.43 98.87 37.67
C GLN RB 213 115.83 98.48 39.09
N ALA RB 214 116.11 99.46 39.94
CA ALA RB 214 116.37 99.22 41.34
C ALA RB 214 115.89 100.44 42.12
N VAL RB 215 115.60 100.22 43.41
CA VAL RB 215 115.06 101.27 44.26
C VAL RB 215 115.73 101.19 45.63
N ILE RB 216 115.99 102.36 46.21
CA ILE RB 216 116.57 102.49 47.55
C ILE RB 216 115.73 103.52 48.29
N PRO RB 217 115.72 103.50 49.63
CA PRO RB 217 115.13 104.64 50.35
C PRO RB 217 115.84 105.95 50.08
N GLY RB 218 115.17 106.84 49.37
CA GLY RB 218 115.75 108.13 49.03
C GLY RB 218 115.95 108.38 47.54
N ARG RB 219 116.35 107.36 46.80
CA ARG RB 219 116.73 107.51 45.40
C ARG RB 219 116.13 106.38 44.57
N ALA RB 220 115.94 106.66 43.28
CA ALA RB 220 115.36 105.69 42.36
C ALA RB 220 116.14 105.66 41.06
N TRP RB 221 116.28 104.46 40.50
CA TRP RB 221 116.90 104.25 39.20
C TRP RB 221 115.83 103.79 38.22
N LEU RB 222 115.71 104.51 37.10
CA LEU RB 222 114.68 104.24 36.12
C LEU RB 222 115.28 103.94 34.75
N ILE RB 223 114.59 103.11 33.99
CA ILE RB 223 114.94 102.80 32.61
C ILE RB 223 113.73 103.13 31.74
N GLY RB 224 113.99 103.59 30.52
CA GLY RB 224 112.96 103.99 29.60
C GLY RB 224 112.75 102.99 28.48
N SER RB 225 111.85 103.37 27.56
CA SER RB 225 111.57 102.55 26.39
C SER RB 225 112.75 102.54 25.41
N ASN RB 226 113.48 103.65 25.32
CA ASN RB 226 114.63 103.76 24.45
C ASN RB 226 115.93 103.24 25.08
N GLY RB 227 115.88 102.77 26.33
CA GLY RB 227 117.05 102.25 26.98
C GLY RB 227 117.94 103.29 27.65
N SER RB 228 117.39 104.45 28.00
CA SER RB 228 118.14 105.51 28.65
C SER RB 228 117.92 105.46 30.15
N THR RB 229 119.01 105.48 30.91
CA THR RB 229 118.93 105.44 32.36
C THR RB 229 118.55 106.81 32.93
N LEU RB 230 118.04 106.81 34.15
CA LEU RB 230 117.65 108.03 34.83
C LEU RB 230 117.76 107.85 36.32
N THR RB 231 118.12 108.92 37.02
CA THR RB 231 118.22 108.95 38.47
C THR RB 231 117.22 109.96 39.02
N VAL RB 232 116.38 109.53 39.96
CA VAL RB 232 115.25 110.32 40.43
C VAL RB 232 115.37 110.46 41.94
N ARG RB 233 115.35 111.70 42.43
CA ARG RB 233 115.36 112.00 43.85
C ARG RB 233 113.93 112.23 44.34
N GLU RB 234 113.79 112.70 45.58
CA GLU RB 234 112.48 113.03 46.11
C GLU RB 234 111.89 114.25 45.39
N GLY RB 235 112.70 115.26 45.14
CA GLY RB 235 112.29 116.39 44.33
C GLY RB 235 112.99 116.41 42.98
N SER RB 236 112.28 116.03 41.92
CA SER RB 236 112.86 115.99 40.59
C SER RB 236 111.75 116.10 39.56
N LYS RB 237 112.15 116.43 38.33
CA LYS RB 237 111.22 116.57 37.20
C LYS RB 237 111.62 115.58 36.12
N ILE RB 238 110.65 114.81 35.64
CA ILE RB 238 110.85 113.86 34.55
C ILE RB 238 109.84 114.16 33.45
N PRO RB 239 110.17 113.92 32.17
CA PRO RB 239 109.21 114.22 31.10
C PRO RB 239 108.14 113.15 30.97
N GLY RB 240 106.93 113.60 30.63
CA GLY RB 240 105.82 112.72 30.37
C GLY RB 240 105.05 112.28 31.60
N TYR RB 241 105.50 112.63 32.80
CA TYR RB 241 104.81 112.22 34.02
C TYR RB 241 104.52 113.38 34.96
N GLY RB 242 105.42 114.36 35.03
CA GLY RB 242 105.22 115.49 35.93
C GLY RB 242 106.26 115.56 37.03
N MET RB 243 105.82 115.66 38.27
CA MET RB 243 106.71 115.79 39.42
C MET RB 243 106.44 114.65 40.40
N VAL RB 244 107.52 114.03 40.88
CA VAL RB 244 107.42 112.96 41.87
C VAL RB 244 107.19 113.57 43.26
N LYS RB 245 106.32 112.94 44.05
CA LYS RB 245 106.07 113.36 45.42
C LYS RB 245 106.35 112.28 46.46
N LEU RB 246 106.52 111.03 46.05
CA LEU RB 246 106.69 109.94 47.02
C LEU RB 246 107.48 108.82 46.36
N ILE RB 247 108.41 108.24 47.10
CA ILE RB 247 109.17 107.07 46.67
C ILE RB 247 109.01 106.00 47.75
N ASP RB 248 108.44 104.87 47.38
CA ASP RB 248 108.18 103.78 48.31
C ASP RB 248 109.26 102.70 48.14
N SER RB 249 109.81 102.25 49.26
CA SER RB 249 110.88 101.26 49.26
C SER RB 249 110.39 99.84 49.53
N LEU RB 250 109.39 99.67 50.39
CA LEU RB 250 108.85 98.34 50.66
C LEU RB 250 108.07 97.81 49.46
N GLN RB 251 107.33 98.68 48.79
CA GLN RB 251 106.60 98.33 47.58
C GLN RB 251 107.18 99.11 46.40
N GLY RB 252 107.33 98.44 45.27
CA GLY RB 252 107.93 99.06 44.11
C GLY RB 252 106.97 99.95 43.34
N ARG RB 253 106.65 101.11 43.90
CA ARG RB 253 105.72 102.04 43.28
C ARG RB 253 106.23 103.46 43.45
N ILE RB 254 106.10 104.26 42.39
CA ILE RB 254 106.48 105.67 42.41
C ILE RB 254 105.29 106.47 41.88
N LEU RB 255 104.79 107.41 42.69
CA LEU RB 255 103.64 108.22 42.32
C LEU RB 255 104.11 109.54 41.74
N THR RB 256 103.41 110.01 40.70
CA THR RB 256 103.73 111.28 40.07
C THR RB 256 102.59 112.27 40.26
N SER RB 257 102.82 113.50 39.77
CA SER RB 257 101.84 114.58 39.93
C SER RB 257 100.63 114.44 39.02
N SER RB 258 100.72 113.61 37.98
CA SER RB 258 99.61 113.39 37.06
C SER RB 258 98.70 112.24 37.50
N GLY RB 259 98.90 111.72 38.71
CA GLY RB 259 98.11 110.60 39.17
C GLY RB 259 98.53 109.26 38.62
N GLN RB 260 99.74 109.15 38.09
CA GLN RB 260 100.23 107.92 37.50
C GLN RB 260 101.30 107.29 38.39
N VAL RB 261 101.28 105.96 38.45
CA VAL RB 261 102.18 105.18 39.29
C VAL RB 261 103.07 104.33 38.39
N ILE RB 262 104.38 104.51 38.54
CA ILE RB 262 105.36 103.69 37.84
C ILE RB 262 105.74 102.52 38.74
N LYS RB 263 105.63 101.31 38.21
CA LYS RB 263 105.87 100.08 38.94
C LYS RB 263 106.97 99.28 38.26
N PHE RB 264 107.20 98.07 38.77
CA PHE RB 264 108.21 97.19 38.21
C PHE RB 264 107.75 96.59 36.89
N SER RB 265 108.69 96.01 36.15
CA SER RB 265 108.36 95.35 34.90
C SER RB 265 107.71 94.00 35.16
N GLN RB 266 106.96 93.54 34.17
CA GLN RB 266 106.26 92.26 34.27
C GLN RB 266 106.76 91.26 33.25
N THR SB 28 77.34 32.90 37.21
CA THR SB 28 77.09 33.63 38.44
C THR SB 28 78.40 34.01 39.12
N GLY SB 29 78.91 35.19 38.79
CA GLY SB 29 80.15 35.66 39.39
C GLY SB 29 81.36 35.51 38.48
N SER SB 30 82.19 34.52 38.76
CA SER SB 30 83.43 34.32 38.03
C SER SB 30 83.35 33.10 37.11
N LEU SB 31 84.35 32.97 36.25
CA LEU SB 31 84.44 31.82 35.36
C LEU SB 31 84.71 30.54 36.16
N ALA SB 32 85.53 30.64 37.21
CA ALA SB 32 85.73 29.50 38.11
C ALA SB 32 84.47 29.18 38.90
N GLY SB 33 83.67 30.20 39.23
CA GLY SB 33 82.38 29.95 39.84
C GLY SB 33 81.40 29.26 38.91
N LEU SB 34 81.47 29.58 37.61
CA LEU SB 34 80.69 28.85 36.63
C LEU SB 34 81.18 27.41 36.49
N GLN SB 35 82.50 27.22 36.53
CA GLN SB 35 83.08 25.88 36.42
C GLN SB 35 83.28 25.26 37.79
N LYS SB 60 55.81 30.61 54.16
CA LYS SB 60 56.81 31.67 54.06
C LYS SB 60 56.16 33.01 53.82
N GLU SB 61 55.31 33.10 52.79
CA GLU SB 61 54.66 34.35 52.44
C GLU SB 61 53.53 34.72 53.40
N THR SB 62 52.99 33.75 54.14
CA THR SB 62 51.94 34.05 55.11
C THR SB 62 52.49 34.63 56.41
N ALA SB 63 53.79 34.47 56.67
CA ALA SB 63 54.38 35.00 57.90
C ALA SB 63 54.41 36.52 57.89
N LEU SB 64 54.71 37.11 56.73
CA LEU SB 64 54.66 38.57 56.58
C LEU SB 64 53.25 39.10 56.80
N SER SB 65 52.25 38.39 56.27
CA SER SB 65 50.87 38.83 56.39
C SER SB 65 50.36 38.70 57.82
N VAL SB 66 50.77 37.66 58.55
CA VAL SB 66 50.33 37.54 59.93
C VAL SB 66 51.16 38.41 60.88
N GLY SB 67 52.34 38.86 60.45
CA GLY SB 67 53.11 39.77 61.27
C GLY SB 67 52.73 41.23 61.14
N ALA SB 68 52.41 41.65 59.90
CA ALA SB 68 52.15 43.06 59.63
C ALA SB 68 50.87 43.54 60.29
N GLN SB 69 49.82 42.72 60.27
CA GLN SB 69 48.53 43.15 60.79
C GLN SB 69 48.54 43.23 62.31
N ALA SB 70 49.43 42.47 62.96
CA ALA SB 70 49.58 42.57 64.41
C ALA SB 70 50.50 43.72 64.80
N GLY SB 71 51.58 43.92 64.03
CA GLY SB 71 52.49 45.02 64.34
C GLY SB 71 51.86 46.39 64.12
N LEU SB 72 50.99 46.50 63.12
CA LEU SB 72 50.26 47.75 62.87
C LEU SB 72 49.37 48.11 64.04
N ALA SB 73 48.62 47.13 64.57
CA ALA SB 73 47.73 47.39 65.70
C ALA SB 73 48.50 47.68 66.98
N TRP SB 74 49.62 46.97 67.20
CA TRP SB 74 50.43 47.22 68.38
C TRP SB 74 51.05 48.62 68.36
N ARG SB 75 51.61 49.02 67.22
CA ARG SB 75 52.16 50.37 67.10
C ARG SB 75 51.09 51.44 67.17
N ALA SB 76 49.88 51.16 66.66
CA ALA SB 76 48.77 52.10 66.78
C ALA SB 76 48.35 52.29 68.23
N LYS SB 77 48.31 51.20 69.01
CA LYS SB 77 47.97 51.32 70.43
C LYS SB 77 49.03 52.10 71.21
N ILE SB 78 50.32 51.87 70.91
CA ILE SB 78 51.38 52.62 71.57
C ILE SB 78 51.33 54.10 71.19
N ILE SB 79 51.03 54.39 69.92
CA ILE SB 79 50.90 55.78 69.46
C ILE SB 79 49.72 56.47 70.13
N ASP SB 80 48.59 55.76 70.30
CA ASP SB 80 47.45 56.32 71.00
C ASP SB 80 47.75 56.60 72.47
N GLU SB 81 48.51 55.70 73.12
CA GLU SB 81 48.94 55.95 74.50
C GLU SB 81 49.86 57.17 74.60
N GLN SB 82 50.79 57.31 73.66
CA GLN SB 82 51.68 58.48 73.67
C GLN SB 82 50.94 59.76 73.38
N LEU SB 83 49.89 59.70 72.54
CA LEU SB 83 49.03 60.86 72.32
C LEU SB 83 48.25 61.22 73.57
N ASN SB 84 47.76 60.22 74.31
CA ASN SB 84 47.01 60.50 75.53
C ASN SB 84 47.89 61.00 76.67
N LYS SB 85 49.19 60.67 76.67
CA LYS SB 85 50.08 61.19 77.70
C LYS SB 85 50.28 62.71 77.58
N GLN SB 86 50.25 63.25 76.37
CA GLN SB 86 50.54 64.66 76.13
C GLN SB 86 49.29 65.42 75.66
N ALA SB 87 48.17 65.20 76.34
CA ALA SB 87 46.89 65.74 75.87
C ALA SB 87 46.79 67.24 76.13
N ARG SB 88 47.25 67.72 77.29
CA ARG SB 88 47.05 69.12 77.66
C ARG SB 88 47.97 70.06 76.88
N ASN SB 89 49.13 69.56 76.43
CA ASN SB 89 50.01 70.39 75.61
C ASN SB 89 49.47 70.55 74.20
N LEU SB 90 48.78 69.51 73.68
CA LEU SB 90 48.27 69.57 72.31
C LEU SB 90 47.11 70.57 72.20
N ASP SB 91 46.30 70.70 73.24
CA ASP SB 91 45.25 71.71 73.24
C ASP SB 91 45.83 73.13 73.30
N ALA SB 92 46.97 73.30 73.95
CA ALA SB 92 47.63 74.60 73.96
C ALA SB 92 48.28 74.90 72.62
N ILE SB 93 48.81 73.88 71.94
CA ILE SB 93 49.49 74.10 70.66
C ILE SB 93 48.47 74.34 69.56
N TYR SB 94 47.54 73.41 69.37
CA TYR SB 94 46.55 73.52 68.29
C TYR SB 94 45.25 74.10 68.86
N ASP SB 95 45.30 75.40 69.16
CA ASP SB 95 44.18 76.10 69.77
C ASP SB 95 43.30 76.63 68.63
N PHE SB 96 42.36 75.81 68.18
CA PHE SB 96 41.42 76.22 67.16
C PHE SB 96 40.34 77.17 67.69
N ASN SB 97 40.14 77.20 69.01
CA ASN SB 97 39.04 77.96 69.59
C ASN SB 97 39.28 79.46 69.55
N SER SB 98 40.53 79.90 69.66
CA SER SB 98 40.81 81.32 69.73
C SER SB 98 41.11 81.96 68.37
N LEU SB 99 41.00 81.19 67.28
CA LEU SB 99 41.11 81.74 65.93
C LEU SB 99 39.76 81.96 65.27
N VAL SB 100 38.67 81.67 65.98
CA VAL SB 100 37.33 81.82 65.42
C VAL SB 100 36.96 83.29 65.36
N LEU SB 101 36.28 83.69 64.29
CA LEU SB 101 35.93 85.09 64.05
C LEU SB 101 34.73 85.49 64.90
N GLU SB 102 34.12 86.64 64.55
CA GLU SB 102 33.17 87.31 65.44
C GLU SB 102 31.86 86.56 65.58
N HIS SB 103 31.28 86.12 64.46
CA HIS SB 103 29.95 85.50 64.46
C HIS SB 103 30.01 83.99 64.45
N ASN SB 104 31.01 83.41 65.13
CA ASN SB 104 31.33 81.97 65.14
C ASN SB 104 31.51 81.45 63.71
N ILE SB 105 32.48 82.03 63.02
CA ILE SB 105 32.83 81.67 61.66
C ILE SB 105 34.27 81.18 61.65
N LEU SB 106 34.48 79.98 61.14
CA LEU SB 106 35.84 79.46 60.99
C LEU SB 106 36.58 80.22 59.91
N PRO SB 107 37.83 80.65 60.17
CA PRO SB 107 38.58 81.38 59.15
C PRO SB 107 38.96 80.48 58.00
N PRO SB 108 39.13 81.02 56.80
CA PRO SB 108 39.50 80.20 55.64
C PRO SB 108 40.97 79.78 55.70
N VAL SB 109 41.30 78.80 54.87
CA VAL SB 109 42.64 78.22 54.78
C VAL SB 109 43.29 78.74 53.50
N LEU SB 110 44.48 79.33 53.65
CA LEU SB 110 45.20 79.93 52.53
C LEU SB 110 46.56 79.25 52.37
N LEU SB 111 47.00 79.12 51.12
CA LEU SB 111 48.25 78.46 50.78
C LEU SB 111 49.16 79.42 50.03
N GLU SB 112 50.46 79.33 50.30
CA GLU SB 112 51.47 80.25 49.80
C GLU SB 112 52.57 79.49 49.07
N GLY SB 113 52.99 80.01 47.92
CA GLY SB 113 54.12 79.47 47.20
C GLY SB 113 55.07 80.56 46.76
N ARG SB 114 56.35 80.23 46.72
CA ARG SB 114 57.41 81.18 46.40
C ARG SB 114 58.31 80.61 45.32
N ASN SB 115 58.78 81.50 44.43
CA ASN SB 115 59.79 81.22 43.40
C ASN SB 115 59.36 80.07 42.47
N THR SB 116 58.24 80.29 41.79
CA THR SB 116 57.60 79.24 41.02
C THR SB 116 58.10 79.27 39.57
N LEU SB 117 58.46 78.09 39.06
CA LEU SB 117 58.84 77.97 37.65
C LEU SB 117 58.08 76.82 37.02
N ASN SB 118 57.65 77.02 35.78
CA ASN SB 118 57.03 75.96 34.99
C ASN SB 118 57.63 75.96 33.59
N LEU SB 119 58.09 74.79 33.17
CA LEU SB 119 58.51 74.53 31.80
C LEU SB 119 57.34 73.84 31.12
N ALA SB 120 56.52 74.63 30.42
CA ALA SB 120 55.34 74.08 29.76
C ALA SB 120 55.74 73.20 28.58
N ASP SB 121 56.65 73.69 27.75
CA ASP SB 121 57.23 72.94 26.64
C ASP SB 121 58.58 73.56 26.30
N ALA SB 122 59.14 73.14 25.17
CA ALA SB 122 60.31 73.82 24.64
C ALA SB 122 59.94 75.21 24.14
N GLN SB 123 60.94 76.09 24.12
CA GLN SB 123 60.95 77.47 23.60
C GLN SB 123 60.15 78.45 24.44
N SER SB 124 59.49 78.02 25.53
CA SER SB 124 58.66 78.92 26.33
C SER SB 124 58.58 78.42 27.77
N ILE SB 125 58.81 79.33 28.73
CA ILE SB 125 58.69 79.04 30.15
C ILE SB 125 57.85 80.14 30.81
N ARG SB 126 57.31 79.82 31.98
CA ARG SB 126 56.54 80.77 32.77
C ARG SB 126 57.02 80.76 34.21
N ILE SB 127 57.38 81.94 34.74
CA ILE SB 127 57.86 82.03 36.12
C ILE SB 127 57.01 83.05 36.89
N SER SB 128 57.00 82.87 38.20
CA SER SB 128 56.28 83.76 39.09
C SER SB 128 57.06 83.92 40.39
N ASP SB 129 56.89 85.07 41.02
CA ASP SB 129 57.58 85.37 42.27
C ASP SB 129 56.87 84.76 43.48
N ARG SB 130 55.59 85.08 43.66
CA ARG SB 130 54.80 84.53 44.75
C ARG SB 130 53.41 84.20 44.24
N THR SB 131 52.77 83.22 44.88
CA THR SB 131 51.40 82.86 44.57
C THR SB 131 50.63 82.56 45.85
N TYR SB 132 49.35 82.92 45.84
CA TYR SB 132 48.44 82.72 46.96
C TYR SB 132 47.18 82.04 46.46
N LYS SB 133 46.70 81.05 47.21
CA LYS SB 133 45.52 80.29 46.83
C LYS SB 133 44.61 80.12 48.04
N VAL SB 134 43.30 80.15 47.79
CA VAL SB 134 42.30 79.87 48.83
C VAL SB 134 41.93 78.40 48.72
N ALA SB 135 42.35 77.59 49.71
CA ALA SB 135 42.10 76.16 49.66
C ALA SB 135 40.72 75.80 50.18
N LYS SB 136 40.32 76.38 51.30
CA LYS SB 136 39.00 76.13 51.89
C LYS SB 136 38.36 77.46 52.25
N GLN SB 137 37.03 77.46 52.31
CA GLN SB 137 36.24 78.68 52.46
C GLN SB 137 35.62 78.75 53.85
N ALA SB 138 35.36 79.97 54.30
CA ALA SB 138 34.77 80.21 55.61
C ALA SB 138 33.31 79.77 55.64
N HIS SB 139 32.86 79.34 56.81
CA HIS SB 139 31.49 78.88 57.01
C HIS SB 139 31.12 79.00 58.47
N PHE SB 140 29.81 78.93 58.75
CA PHE SB 140 29.33 78.93 60.12
C PHE SB 140 29.65 77.62 60.81
N ILE SB 141 30.01 77.70 62.09
CA ILE SB 141 30.28 76.53 62.91
C ILE SB 141 29.51 76.66 64.22
N THR SB 142 29.26 75.51 64.85
CA THR SB 142 28.72 75.47 66.19
C THR SB 142 29.75 75.05 67.24
N THR SB 143 30.72 74.22 66.85
CA THR SB 143 31.79 73.75 67.72
C THR SB 143 33.13 73.96 67.04
N PRO SB 144 34.18 74.28 67.79
CA PRO SB 144 35.52 74.36 67.21
C PRO SB 144 36.11 72.98 67.00
N PRO SB 145 37.00 72.82 66.01
CA PRO SB 145 37.64 71.51 65.82
C PRO SB 145 38.68 71.22 66.90
N THR SB 146 39.05 69.95 66.98
CA THR SB 146 40.02 69.47 67.95
C THR SB 146 41.04 68.57 67.26
N TRP SB 147 42.14 68.29 67.98
CA TRP SB 147 43.22 67.49 67.43
C TRP SB 147 42.88 66.01 67.36
N ARG SB 148 41.83 65.56 68.07
CA ARG SB 148 41.50 64.14 68.08
C ARG SB 148 40.88 63.69 66.76
N GLN SB 149 40.27 64.62 66.02
CA GLN SB 149 39.74 64.30 64.71
C GLN SB 149 40.83 64.17 63.65
N TYR SB 150 42.05 64.61 63.94
CA TYR SB 150 43.18 64.54 63.02
C TYR SB 150 44.20 63.47 63.39
N LEU SB 151 44.55 63.35 64.68
CA LEU SB 151 45.73 62.60 65.07
C LEU SB 151 45.43 61.22 65.66
N TRP SB 152 44.21 60.99 66.12
CA TRP SB 152 43.88 59.72 66.78
C TRP SB 152 43.82 58.59 65.77
N MET SB 153 44.55 57.51 66.04
CA MET SB 153 44.58 56.35 65.16
C MET SB 153 43.64 55.26 65.68
N ASP SB 154 43.30 54.33 64.79
CA ASP SB 154 42.28 53.35 65.03
C ASP SB 154 42.89 52.06 65.55
N TYR SB 155 42.32 51.52 66.63
CA TYR SB 155 42.82 50.31 67.28
C TYR SB 155 41.69 49.32 67.48
N VAL SB 156 41.80 48.16 66.84
CA VAL SB 156 40.92 47.02 67.08
C VAL SB 156 41.80 45.82 67.36
N LYS SB 157 41.53 45.13 68.47
CA LYS SB 157 42.35 43.99 68.88
C LYS SB 157 42.13 42.80 67.96
N PRO SB 158 43.17 42.29 67.29
CA PRO SB 158 42.98 41.11 66.42
C PRO SB 158 43.12 39.80 67.19
N GLU SB 159 42.06 38.99 67.19
CA GLU SB 159 42.07 37.69 67.82
C GLU SB 159 41.87 36.58 66.78
N ALA SB 160 42.36 36.79 65.57
CA ALA SB 160 42.21 35.83 64.47
C ALA SB 160 43.59 35.53 63.88
N PRO SB 161 44.30 34.55 64.44
CA PRO SB 161 45.63 34.18 63.94
C PRO SB 161 45.57 33.46 62.60
N LYS SB 173 59.02 25.80 61.41
CA LYS SB 173 59.39 26.97 62.20
C LYS SB 173 60.87 27.29 62.01
N GLU SB 174 61.47 26.74 60.94
CA GLU SB 174 62.87 27.00 60.65
C GLU SB 174 63.08 28.41 60.12
N ILE SB 175 62.22 28.86 59.19
CA ILE SB 175 62.30 30.18 58.59
C ILE SB 175 61.08 31.02 58.91
N TRP SB 176 60.25 30.58 59.85
CA TRP SB 176 59.02 31.30 60.19
C TRP SB 176 59.31 32.58 60.97
N CYS SB 177 60.27 32.51 61.89
CA CYS SB 177 60.49 33.59 62.86
C CYS SB 177 61.06 34.85 62.20
N ILE SB 178 62.01 34.68 61.27
CA ILE SB 178 62.63 35.83 60.62
C ILE SB 178 61.65 36.58 59.73
N TYR SB 179 60.77 35.85 59.04
CA TYR SB 179 59.77 36.51 58.20
C TYR SB 179 58.65 37.12 59.03
N THR SB 180 58.32 36.53 60.18
CA THR SB 180 57.38 37.17 61.10
C THR SB 180 57.96 38.46 61.66
N GLU SB 181 59.25 38.46 61.97
CA GLU SB 181 59.95 39.68 62.43
C GLU SB 181 59.97 40.76 61.34
N ARG SB 182 60.21 40.34 60.08
CA ARG SB 182 60.21 41.28 58.96
C ARG SB 182 58.82 41.90 58.75
N GLY SB 183 57.77 41.09 58.86
CA GLY SB 183 56.42 41.64 58.78
C GLY SB 183 56.08 42.57 59.93
N TRP SB 184 56.58 42.26 61.13
CA TRP SB 184 56.39 43.11 62.30
C TRP SB 184 57.02 44.50 62.08
N LYS SB 185 58.25 44.52 61.54
CA LYS SB 185 58.90 45.78 61.23
C LYS SB 185 58.16 46.55 60.14
N ASN SB 186 57.63 45.83 59.13
CA ASN SB 186 56.86 46.49 58.07
C ASN SB 186 55.59 47.13 58.60
N GLY SB 187 54.90 46.45 59.52
CA GLY SB 187 53.70 47.02 60.11
C GLY SB 187 53.98 48.25 60.98
N ILE SB 188 55.09 48.21 61.73
CA ILE SB 188 55.49 49.37 62.52
C ILE SB 188 55.81 50.57 61.62
N ASP SB 189 56.50 50.32 60.50
CA ASP SB 189 56.82 51.39 59.56
C ASP SB 189 55.56 51.97 58.91
N GLN SB 190 54.58 51.11 58.60
CA GLN SB 190 53.32 51.57 58.02
C GLN SB 190 52.54 52.46 58.99
N ALA SB 191 52.50 52.07 60.27
CA ALA SB 191 51.83 52.90 61.27
C ALA SB 191 52.52 54.24 61.45
N ASN SB 192 53.86 54.25 61.42
CA ASN SB 192 54.60 55.51 61.52
C ASN SB 192 54.33 56.43 60.34
N THR SB 193 54.23 55.85 59.13
CA THR SB 193 53.91 56.65 57.94
C THR SB 193 52.51 57.25 58.02
N ILE SB 194 51.53 56.48 58.53
CA ILE SB 194 50.17 56.99 58.69
C ILE SB 194 50.12 58.15 59.69
N LEU SB 195 50.86 58.01 60.80
CA LEU SB 195 50.92 59.07 61.80
C LEU SB 195 51.57 60.34 61.25
N GLU SB 196 52.64 60.17 60.44
CA GLU SB 196 53.31 61.32 59.83
C GLU SB 196 52.38 62.07 58.86
N GLU SB 197 51.60 61.32 58.08
CA GLU SB 197 50.64 61.95 57.17
C GLU SB 197 49.55 62.70 57.93
N ASN SB 198 49.09 62.15 59.06
CA ASN SB 198 48.10 62.85 59.89
C ASN SB 198 48.65 64.15 60.47
N ILE SB 199 49.92 64.13 60.92
CA ILE SB 199 50.55 65.34 61.46
C ILE SB 199 50.68 66.41 60.39
N ALA SB 200 51.07 66.02 59.16
CA ALA SB 200 51.14 66.98 58.06
C ALA SB 200 49.76 67.56 57.72
N ARG SB 201 48.73 66.71 57.78
CA ARG SB 201 47.38 67.15 57.45
C ARG SB 201 46.83 68.17 58.44
N ILE SB 202 47.09 67.98 59.74
CA ILE SB 202 46.63 69.00 60.69
C ILE SB 202 47.49 70.27 60.62
N LYS SB 203 48.80 70.12 60.35
CA LYS SB 203 49.70 71.25 60.28
C LYS SB 203 49.36 72.20 59.13
N GLU SB 204 48.91 71.63 57.99
CA GLU SB 204 48.53 72.45 56.84
C GLU SB 204 47.35 73.36 57.16
N ASP SB 205 46.32 72.82 57.83
CA ASP SB 205 45.14 73.61 58.15
C ASP SB 205 45.44 74.70 59.19
N PHE SB 206 46.25 74.36 60.21
CA PHE SB 206 46.57 75.37 61.21
C PHE SB 206 47.45 76.48 60.64
N GLY SB 207 48.40 76.13 59.76
CA GLY SB 207 49.21 77.14 59.11
C GLY SB 207 48.42 78.03 58.16
N GLY SB 208 47.44 77.45 57.47
CA GLY SB 208 46.56 78.27 56.63
C GLY SB 208 45.70 79.24 57.43
N MET SB 209 45.21 78.78 58.58
CA MET SB 209 44.42 79.68 59.42
C MET SB 209 45.27 80.80 60.04
N ILE SB 210 46.56 80.55 60.29
CA ILE SB 210 47.45 81.63 60.72
C ILE SB 210 47.73 82.60 59.56
N LEU SB 211 47.93 82.05 58.35
CA LEU SB 211 48.25 82.87 57.18
C LEU SB 211 47.09 83.78 56.78
N TYR SB 212 45.85 83.35 57.02
CA TYR SB 212 44.70 84.22 56.76
C TYR SB 212 44.74 85.47 57.64
N ARG SB 213 45.03 85.31 58.93
CA ARG SB 213 45.15 86.46 59.83
C ARG SB 213 46.32 87.35 59.46
N LYS SB 214 47.44 86.75 59.01
CA LYS SB 214 48.59 87.56 58.60
C LYS SB 214 48.28 88.41 57.36
N LEU SB 215 47.61 87.81 56.36
CA LEU SB 215 47.25 88.59 55.17
C LEU SB 215 46.12 89.57 55.45
N LEU SB 216 45.25 89.29 56.42
CA LEU SB 216 44.25 90.27 56.83
C LEU SB 216 44.90 91.46 57.54
N ALA SB 217 45.96 91.20 58.31
CA ALA SB 217 46.73 92.29 58.91
C ALA SB 217 47.43 93.13 57.84
N MET SB 218 47.96 92.48 56.80
CA MET SB 218 48.61 93.24 55.72
C MET SB 218 47.65 93.70 54.64
N ASN SB 219 46.33 93.51 54.82
CA ASN SB 219 45.28 94.08 53.96
C ASN SB 219 45.35 93.54 52.53
N MET SB 220 45.35 92.22 52.39
CA MET SB 220 45.30 91.57 51.10
C MET SB 220 44.06 90.71 50.89
N VAL SB 221 43.33 90.37 51.95
CA VAL SB 221 42.09 89.62 51.86
C VAL SB 221 40.97 90.46 52.45
N SER SB 222 39.74 90.16 52.03
CA SER SB 222 38.60 90.88 52.57
C SER SB 222 37.97 90.10 53.71
N PRO SB 223 37.45 90.78 54.74
CA PRO SB 223 36.75 90.07 55.81
C PRO SB 223 35.37 89.64 55.37
N PRO SB 224 34.79 88.62 56.00
CA PRO SB 224 33.40 88.25 55.68
C PRO SB 224 32.41 89.29 56.22
N TYR SB 225 31.27 89.36 55.55
CA TYR SB 225 30.23 90.33 55.88
C TYR SB 225 28.96 89.61 56.30
N VAL SB 226 28.40 90.03 57.44
CA VAL SB 226 27.27 89.36 58.08
C VAL SB 226 26.09 90.32 58.10
N SER SB 227 24.94 89.85 57.63
CA SER SB 227 23.69 90.60 57.69
C SER SB 227 22.68 89.82 58.52
N HIS SB 228 22.04 90.51 59.46
CA HIS SB 228 21.06 89.89 60.33
C HIS SB 228 19.73 90.63 60.23
N THR SB 229 18.64 89.86 60.14
CA THR SB 229 17.30 90.39 60.13
C THR SB 229 16.59 89.99 61.42
N ASP SB 230 16.02 90.99 62.10
CA ASP SB 230 15.38 90.80 63.40
C ASP SB 230 13.86 90.86 63.20
N LEU SB 231 13.21 89.70 63.31
CA LEU SB 231 11.76 89.67 63.31
C LEU SB 231 11.23 89.79 64.73
N GLY SB 232 9.97 90.17 64.85
CA GLY SB 232 9.37 90.33 66.16
C GLY SB 232 8.79 89.04 66.69
N VAL SB 233 7.54 89.08 67.13
CA VAL SB 233 6.83 87.88 67.57
C VAL SB 233 6.13 87.30 66.35
N THR SB 234 6.60 86.15 65.89
CA THR SB 234 6.10 85.54 64.66
C THR SB 234 5.44 84.20 64.96
N GLY SB 235 4.44 83.86 64.16
CA GLY SB 235 3.77 82.58 64.29
C GLY SB 235 2.26 82.68 64.23
N ASP SB 236 1.59 81.54 64.26
CA ASP SB 236 0.14 81.46 64.28
C ASP SB 236 -0.32 81.15 65.71
N GLY SB 237 -1.62 80.87 65.87
CA GLY SB 237 -2.18 80.63 67.18
C GLY SB 237 -1.80 79.30 67.81
N SER SB 238 -1.21 78.38 67.05
CA SER SB 238 -0.82 77.08 67.59
C SER SB 238 0.65 77.01 68.00
N GLU SB 239 1.49 77.91 67.51
CA GLU SB 239 2.91 77.90 67.84
C GLU SB 239 3.47 79.30 67.63
N ILE SB 240 4.16 79.83 68.64
CA ILE SB 240 4.73 81.18 68.56
C ILE SB 240 6.20 81.14 68.89
N HIS SB 241 6.94 82.10 68.31
CA HIS SB 241 8.34 82.36 68.63
C HIS SB 241 8.46 83.81 69.06
N ILE SB 242 9.19 84.05 70.16
CA ILE SB 242 9.18 85.37 70.78
C ILE SB 242 10.09 86.33 70.04
N ASP SB 243 11.38 86.00 69.95
CA ASP SB 243 12.38 86.86 69.31
C ASP SB 243 13.14 86.01 68.29
N ASP SB 244 12.88 86.27 67.00
CA ASP SB 244 13.54 85.55 65.93
C ASP SB 244 14.60 86.42 65.26
N ARG SB 245 15.77 85.84 65.00
CA ARG SB 245 16.83 86.52 64.27
C ARG SB 245 17.40 85.56 63.24
N VAL SB 246 17.49 86.03 62.00
CA VAL SB 246 18.05 85.25 60.89
C VAL SB 246 19.37 85.89 60.50
N LEU SB 247 20.45 85.12 60.56
CA LEU SB 247 21.77 85.63 60.23
C LEU SB 247 22.28 84.94 58.97
N ARG SB 248 22.87 85.72 58.07
CA ARG SB 248 23.34 85.21 56.80
C ARG SB 248 24.58 85.98 56.41
N ILE SB 249 25.63 85.29 55.97
CA ILE SB 249 26.81 85.98 55.48
C ILE SB 249 26.67 86.16 53.97
N THR SB 250 26.98 87.37 53.50
CA THR SB 250 26.72 87.75 52.12
C THR SB 250 27.98 87.87 51.27
N ALA SB 251 29.12 88.20 51.88
CA ALA SB 251 30.38 88.33 51.16
C ALA SB 251 31.37 87.33 51.74
N LEU SB 252 31.84 86.42 50.91
CA LEU SB 252 32.90 85.50 51.31
C LEU SB 252 34.25 86.19 51.25
N PRO SB 253 35.22 85.75 52.07
CA PRO SB 253 36.57 86.32 51.97
C PRO SB 253 37.24 85.99 50.64
N GLU SB 254 38.01 86.95 50.14
CA GLU SB 254 38.69 86.79 48.86
C GLU SB 254 39.93 87.68 48.84
N LEU SB 255 40.92 87.25 48.06
CA LEU SB 255 42.11 88.07 47.82
C LEU SB 255 41.76 89.26 46.93
N ASN SB 256 42.49 90.35 47.12
CA ASN SB 256 42.35 91.50 46.24
C ASN SB 256 43.53 91.63 45.29
N VAL SB 257 43.25 92.16 44.10
CA VAL SB 257 44.25 92.34 43.06
C VAL SB 257 44.69 93.79 42.92
N ASN SB 258 44.12 94.70 43.70
CA ASN SB 258 44.51 96.11 43.67
C ASN SB 258 45.65 96.29 44.67
N SER SB 259 46.88 96.32 44.18
CA SER SB 259 48.06 96.40 45.02
C SER SB 259 48.34 97.80 45.52
N ALA SB 260 47.57 98.81 45.10
CA ALA SB 260 47.82 100.19 45.47
C ALA SB 260 47.46 100.50 46.92
N GLU SB 261 46.70 99.63 47.59
CA GLU SB 261 46.33 99.87 48.99
C GLU SB 261 46.83 98.78 49.93
N TRP SB 262 47.79 97.97 49.49
CA TRP SB 262 48.44 97.03 50.40
C TRP SB 262 49.31 97.79 51.40
N ARG SB 263 49.38 97.26 52.62
CA ARG SB 263 50.07 97.92 53.73
C ARG SB 263 51.26 97.08 54.14
N ALA SB 264 52.43 97.72 54.24
CA ALA SB 264 53.66 97.07 54.63
C ALA SB 264 53.89 97.20 56.13
N ALA SB 265 54.73 96.31 56.66
CA ALA SB 265 55.03 96.28 58.10
C ALA SB 265 56.53 96.18 58.29
N VAL SB 266 57.10 97.16 58.98
CA VAL SB 266 58.53 97.17 59.32
C VAL SB 266 58.63 97.07 60.84
N ALA SB 267 59.28 96.01 61.31
CA ALA SB 267 59.37 95.73 62.73
C ALA SB 267 60.71 96.21 63.27
N LYS SB 268 60.68 97.07 64.29
CA LYS SB 268 61.90 97.57 64.91
C LYS SB 268 62.37 96.64 66.02
N LYS TB 24 87.46 57.58 80.63
CA LYS TB 24 86.06 57.53 80.25
C LYS TB 24 85.64 58.84 79.58
N PHE TB 25 84.91 58.73 78.47
CA PHE TB 25 84.43 59.88 77.72
C PHE TB 25 82.91 59.94 77.79
N LYS TB 26 82.37 61.11 78.13
CA LYS TB 26 80.93 61.27 78.28
C LYS TB 26 80.57 62.73 78.06
N LYS TB 27 79.31 62.95 77.72
CA LYS TB 27 78.72 64.26 77.50
C LYS TB 27 77.48 64.40 78.37
N PRO TB 28 77.21 65.60 78.91
CA PRO TB 28 76.33 65.73 80.10
C PRO TB 28 74.88 65.33 79.88
N PRO TB 29 74.16 65.74 78.76
CA PRO TB 29 72.74 65.33 78.70
C PRO TB 29 72.53 63.87 78.35
N ILE TB 30 72.18 63.05 79.33
CA ILE TB 30 71.79 61.65 79.11
C ILE TB 30 70.43 61.49 79.78
N ASN TB 31 69.36 61.69 79.01
CA ASN TB 31 68.01 61.65 79.52
C ASN TB 31 67.38 60.27 79.27
N ASN TB 32 66.08 60.18 79.51
CA ASN TB 32 65.33 58.96 79.21
C ASN TB 32 65.23 58.78 77.69
N PRO TB 33 65.05 57.53 77.23
CA PRO TB 33 64.85 57.32 75.78
C PRO TB 33 63.56 57.94 75.27
N SER TB 34 63.60 58.38 74.02
CA SER TB 34 62.52 59.15 73.41
C SER TB 34 61.74 58.29 72.42
N ASP TB 35 60.59 58.82 72.02
CA ASP TB 35 59.70 58.18 71.06
C ASP TB 35 59.61 59.03 69.80
N ASP TB 36 59.56 58.34 68.65
CA ASP TB 36 59.56 59.05 67.37
C ASP TB 36 58.26 59.80 67.12
N ALA TB 37 57.16 59.35 67.73
CA ALA TB 37 55.91 60.11 67.68
C ALA TB 37 56.05 61.46 68.37
N THR TB 38 56.66 61.47 69.55
CA THR TB 38 56.92 62.72 70.26
C THR TB 38 57.92 63.59 69.51
N ILE TB 39 58.88 62.95 68.83
CA ILE TB 39 59.85 63.69 68.00
C ILE TB 39 59.15 64.42 66.86
N LYS TB 40 58.24 63.71 66.16
CA LYS TB 40 57.50 64.32 65.06
C LYS TB 40 56.56 65.42 65.54
N LEU TB 41 55.93 65.21 66.70
CA LEU TB 41 55.06 66.24 67.29
C LEU TB 41 55.85 67.49 67.66
N ALA TB 42 57.06 67.31 68.20
CA ALA TB 42 57.91 68.47 68.52
C ALA TB 42 58.36 69.21 67.26
N GLU TB 43 58.68 68.45 66.19
CA GLU TB 43 59.07 69.07 64.92
C GLU TB 43 57.92 69.88 64.32
N ALA TB 44 56.68 69.40 64.47
CA ALA TB 44 55.54 70.20 64.02
C ALA TB 44 55.33 71.43 64.91
N ALA TB 45 55.49 71.26 66.22
CA ALA TB 45 55.17 72.34 67.17
C ALA TB 45 56.16 73.50 67.09
N VAL TB 46 57.42 73.23 66.76
CA VAL TB 46 58.40 74.30 66.61
C VAL TB 46 58.04 75.24 65.45
N SER TB 47 57.63 74.66 64.32
CA SER TB 47 57.23 75.46 63.17
C SER TB 47 55.92 76.19 63.42
N VAL TB 48 54.98 75.56 64.15
CA VAL TB 48 53.76 76.25 64.55
C VAL TB 48 54.09 77.43 65.45
N SER TB 49 55.04 77.25 66.38
CA SER TB 49 55.41 78.31 67.32
C SER TB 49 56.07 79.49 66.64
N ASP TB 50 57.01 79.25 65.71
CA ASP TB 50 57.64 80.44 65.13
C ASP TB 50 56.79 81.08 64.02
N SER TB 51 55.88 80.32 63.39
CA SER TB 51 54.87 80.96 62.52
C SER TB 51 53.95 81.88 63.33
N MET TB 52 53.52 81.41 64.51
CA MET TB 52 52.75 82.25 65.43
C MET TB 52 53.53 83.47 65.88
N LEU TB 53 54.83 83.31 66.15
CA LEU TB 53 55.67 84.43 66.56
C LEU TB 53 55.77 85.49 65.47
N GLU TB 54 55.96 85.05 64.21
CA GLU TB 54 56.02 85.99 63.09
C GLU TB 54 54.70 86.73 62.90
N MET TB 55 53.57 86.01 62.96
CA MET TB 55 52.28 86.66 62.73
C MET TB 55 51.95 87.63 63.86
N ALA TB 56 52.28 87.27 65.12
CA ALA TB 56 52.05 88.15 66.25
C ALA TB 56 52.91 89.40 66.17
N LYS TB 57 54.17 89.25 65.70
CA LYS TB 57 55.03 90.42 65.50
C LYS TB 57 54.46 91.36 64.44
N VAL TB 58 53.99 90.81 63.31
CA VAL TB 58 53.41 91.63 62.26
C VAL TB 58 52.15 92.35 62.74
N GLU TB 59 51.29 91.66 63.47
CA GLU TB 59 50.05 92.27 63.96
C GLU TB 59 50.32 93.34 65.02
N LYS TB 60 51.32 93.11 65.89
CA LYS TB 60 51.70 94.11 66.89
C LYS TB 60 52.29 95.35 66.24
N VAL TB 61 53.06 95.17 65.17
CA VAL TB 61 53.60 96.33 64.44
C VAL TB 61 52.48 97.10 63.73
N ILE TB 62 51.53 96.39 63.11
CA ILE TB 62 50.47 97.05 62.35
C ILE TB 62 49.51 97.80 63.28
N THR TB 63 49.03 97.14 64.33
CA THR TB 63 48.07 97.76 65.24
C THR TB 63 48.65 97.88 66.64
N PRO TB 64 49.13 99.05 67.04
CA PRO TB 64 49.64 99.21 68.41
C PRO TB 64 48.52 99.48 69.38
N PRO TB 65 48.38 98.67 70.43
CA PRO TB 65 47.34 98.92 71.44
C PRO TB 65 47.69 100.11 72.31
N SER TB 66 46.65 100.73 72.88
CA SER TB 66 46.82 101.93 73.69
C SER TB 66 46.21 101.83 75.08
N LYS TB 67 45.29 100.90 75.33
CA LYS TB 67 44.61 100.81 76.62
C LYS TB 67 44.84 99.44 77.25
N ASP TB 68 44.81 99.41 78.58
CA ASP TB 68 45.00 98.20 79.36
C ASP TB 68 43.82 98.02 80.29
N ASN TB 69 43.47 96.76 80.57
CA ASN TB 69 42.28 96.43 81.35
C ASN TB 69 42.49 96.55 82.85
N THR TB 70 43.59 97.16 83.31
CA THR TB 70 43.77 97.43 84.73
C THR TB 70 42.78 98.47 85.22
N LEU TB 71 42.36 99.40 84.34
CA LEU TB 71 41.35 100.38 84.70
C LEU TB 71 39.99 99.73 84.93
N THR TB 72 39.62 98.76 84.09
CA THR TB 72 38.34 98.08 84.25
C THR TB 72 38.39 97.06 85.37
N ILE TB 73 39.53 96.40 85.57
CA ILE TB 73 39.69 95.41 86.63
C ILE TB 73 40.83 95.87 87.55
N PRO TB 74 40.54 96.65 88.58
CA PRO TB 74 41.57 97.01 89.55
C PRO TB 74 41.69 95.95 90.64
N ASN TB 75 42.80 96.02 91.38
CA ASN TB 75 43.02 95.13 92.50
C ASN TB 75 42.66 95.78 93.83
N ALA TB 76 42.50 94.94 94.85
CA ALA TB 76 42.13 95.38 96.19
C ALA TB 76 42.61 94.34 97.18
N TYR TB 77 42.34 94.60 98.46
CA TYR TB 77 42.58 93.59 99.49
C TYR TB 77 41.61 92.43 99.31
N ASN TB 78 42.08 91.24 99.71
CA ASN TB 78 41.50 89.90 99.54
C ASN TB 78 41.22 89.53 98.08
N LEU TB 79 41.76 90.26 97.12
CA LEU TB 79 41.98 89.80 95.77
C LEU TB 79 43.40 89.30 95.56
N GLN TB 80 44.21 89.30 96.62
CA GLN TB 80 45.60 88.88 96.56
C GLN TB 80 45.82 87.47 97.10
N ALA TB 81 44.74 86.76 97.46
CA ALA TB 81 44.85 85.33 97.66
C ALA TB 81 45.13 84.65 96.33
N ARG TB 82 45.85 83.53 96.38
CA ARG TB 82 46.40 83.01 95.12
C ARG TB 82 45.70 81.72 94.73
N ALA TB 83 45.91 81.32 93.48
CA ALA TB 83 45.22 80.14 92.95
C ALA TB 83 46.05 79.50 91.85
N SER TB 84 45.91 78.18 91.74
CA SER TB 84 46.42 77.41 90.62
C SER TB 84 45.23 76.69 89.98
N VAL TB 85 45.05 76.88 88.68
CA VAL TB 85 43.82 76.49 88.00
C VAL TB 85 44.16 75.72 86.72
N ASP TB 86 43.34 74.70 86.43
CA ASP TB 86 43.41 73.96 85.16
C ASP TB 86 41.97 73.70 84.74
N TRP TB 87 41.42 74.60 83.93
CA TRP TB 87 40.00 74.61 83.60
C TRP TB 87 39.83 74.63 82.09
N SER TB 88 38.92 73.80 81.59
CA SER TB 88 38.66 73.65 80.15
C SER TB 88 37.16 73.65 79.86
N GLY TB 89 36.44 74.60 80.45
CA GLY TB 89 35.01 74.68 80.28
C GLY TB 89 34.48 76.09 80.06
N PRO TB 90 33.20 76.29 80.33
CA PRO TB 90 32.60 77.63 80.16
C PRO TB 90 33.10 78.62 81.21
N ILE TB 91 32.84 79.90 80.91
CA ILE TB 91 33.44 81.00 81.66
C ILE TB 91 32.69 81.29 82.96
N GLU TB 92 31.38 81.00 83.01
CA GLU TB 92 30.53 81.52 84.08
C GLU TB 92 30.79 80.79 85.40
N GLU TB 93 30.93 79.46 85.36
CA GLU TB 93 31.17 78.69 86.58
C GLU TB 93 32.54 79.00 87.18
N LEU TB 94 33.56 79.13 86.34
CA LEU TB 94 34.90 79.47 86.81
C LEU TB 94 34.94 80.88 87.40
N THR TB 95 34.27 81.84 86.75
CA THR TB 95 34.23 83.20 87.27
C THR TB 95 33.46 83.27 88.59
N ALA TB 96 32.38 82.48 88.71
CA ALA TB 96 31.64 82.42 89.96
C ALA TB 96 32.46 81.81 91.09
N ARG TB 97 33.25 80.78 90.79
CA ARG TB 97 34.13 80.19 91.80
C ARG TB 97 35.22 81.15 92.24
N ILE TB 98 35.80 81.91 91.30
CA ILE TB 98 36.80 82.92 91.64
C ILE TB 98 36.19 84.02 92.51
N ALA TB 99 34.98 84.46 92.18
CA ALA TB 99 34.30 85.49 92.98
C ALA TB 99 33.95 84.97 94.37
N LYS TB 100 33.52 83.71 94.47
CA LYS TB 100 33.19 83.13 95.77
C LYS TB 100 34.43 82.95 96.65
N ALA TB 101 35.57 82.62 96.03
CA ALA TB 101 36.81 82.57 96.80
C ALA TB 101 37.30 83.96 97.18
N ALA TB 102 37.02 84.97 96.36
CA ALA TB 102 37.41 86.33 96.65
C ALA TB 102 36.40 87.07 97.52
N HIS TB 103 35.32 86.39 97.93
CA HIS TB 103 34.26 86.90 98.83
C HIS TB 103 33.56 88.10 98.23
N PHE TB 104 33.35 88.06 96.91
CA PHE TB 104 32.68 89.13 96.18
C PHE TB 104 31.34 88.60 95.64
N ARG TB 105 30.38 89.50 95.51
CA ARG TB 105 29.12 89.14 94.87
C ARG TB 105 29.33 88.97 93.37
N PHE TB 106 28.49 88.15 92.76
CA PHE TB 106 28.60 87.83 91.34
C PHE TB 106 27.37 88.34 90.61
N ARG TB 107 27.59 89.05 89.50
CA ARG TB 107 26.50 89.64 88.73
C ARG TB 107 26.68 89.29 87.26
N VAL TB 108 25.57 89.01 86.58
CA VAL TB 108 25.55 88.66 85.16
C VAL TB 108 24.67 89.66 84.42
N LEU TB 109 25.19 90.21 83.33
CA LEU TB 109 24.46 91.15 82.49
C LEU TB 109 24.41 90.64 81.06
N GLY TB 110 23.24 90.75 80.43
CA GLY TB 110 23.06 90.35 79.06
C GLY TB 110 22.58 88.90 78.92
N LYS TB 111 22.20 88.56 77.70
CA LYS TB 111 21.74 87.21 77.39
C LYS TB 111 22.94 86.31 77.09
N SER TB 112 22.92 85.11 77.65
CA SER TB 112 23.92 84.11 77.32
C SER TB 112 23.71 83.61 75.89
N PRO TB 113 24.76 83.46 75.11
CA PRO TB 113 24.61 82.99 73.73
C PRO TB 113 24.29 81.50 73.69
N SER TB 114 23.70 81.08 72.56
CA SER TB 114 23.35 79.67 72.38
C SER TB 114 24.61 78.83 72.16
N VAL TB 115 25.58 79.35 71.42
CA VAL TB 115 26.91 78.74 71.35
C VAL TB 115 27.69 79.24 72.56
N PRO TB 116 28.13 78.36 73.45
CA PRO TB 116 28.75 78.83 74.70
C PRO TB 116 30.15 79.41 74.48
N VAL TB 117 30.53 80.30 75.39
CA VAL TB 117 31.85 80.92 75.38
C VAL TB 117 32.80 80.00 76.14
N LEU TB 118 33.71 79.36 75.43
CA LEU TB 118 34.61 78.38 76.01
C LEU TB 118 35.98 79.01 76.24
N ILE TB 119 36.55 78.77 77.42
CA ILE TB 119 37.88 79.25 77.76
C ILE TB 119 38.74 78.06 78.14
N SER TB 120 40.05 78.30 78.26
CA SER TB 120 40.99 77.26 78.64
C SER TB 120 42.16 77.94 79.33
N ILE TB 121 42.22 77.81 80.66
CA ILE TB 121 43.24 78.44 81.49
C ILE TB 121 44.06 77.34 82.16
N SER TB 122 45.38 77.43 82.04
CA SER TB 122 46.29 76.49 82.71
C SER TB 122 47.47 77.31 83.22
N THR TB 123 47.36 77.80 84.46
CA THR TB 123 48.40 78.62 85.07
C THR TB 123 48.82 77.98 86.39
N LYS TB 124 49.69 78.67 87.12
CA LYS TB 124 50.18 78.17 88.41
C LYS TB 124 50.61 79.33 89.27
N ASP TB 125 49.91 79.50 90.40
CA ASP TB 125 50.29 80.39 91.51
C ASP TB 125 50.39 81.85 91.08
N GLU TB 126 49.25 82.41 90.68
CA GLU TB 126 49.12 83.83 90.46
C GLU TB 126 47.84 84.35 91.10
N SER TB 127 47.75 85.67 91.25
CA SER TB 127 46.68 86.30 91.99
C SER TB 127 45.37 86.26 91.22
N LEU TB 128 44.27 86.45 91.96
CA LEU TB 128 42.93 86.37 91.37
C LEU TB 128 42.67 87.51 90.39
N ALA TB 129 43.29 88.68 90.61
CA ALA TB 129 43.18 89.76 89.64
C ALA TB 129 43.85 89.39 88.32
N GLU TB 130 45.00 88.71 88.39
CA GLU TB 130 45.66 88.24 87.17
C GLU TB 130 44.86 87.14 86.49
N ILE TB 131 44.21 86.27 87.28
CA ILE TB 131 43.33 85.24 86.72
C ILE TB 131 42.16 85.88 85.98
N LEU TB 132 41.53 86.89 86.60
CA LEU TB 132 40.40 87.57 85.98
C LEU TB 132 40.81 88.34 84.73
N ARG TB 133 42.01 88.94 84.74
CA ARG TB 133 42.50 89.65 83.57
C ARG TB 133 42.81 88.69 82.42
N ASP TB 134 43.38 87.53 82.71
CA ASP TB 134 43.64 86.53 81.68
C ASP TB 134 42.34 85.96 81.12
N ILE TB 135 41.35 85.73 81.99
CA ILE TB 135 40.03 85.25 81.54
C ILE TB 135 39.35 86.30 80.67
N ASP TB 136 39.45 87.58 81.04
CA ASP TB 136 38.84 88.65 80.26
C ASP TB 136 39.50 88.81 78.90
N TYR TB 137 40.84 88.70 78.86
CA TYR TB 137 41.55 88.74 77.58
C TYR TB 137 41.23 87.54 76.70
N GLN TB 138 41.09 86.35 77.29
CA GLN TB 138 40.76 85.17 76.50
C GLN TB 138 39.34 85.22 75.98
N ALA TB 139 38.40 85.77 76.77
CA ALA TB 139 37.03 85.96 76.29
C ALA TB 139 36.97 87.00 75.19
N GLY TB 140 37.61 88.15 75.40
CA GLY TB 140 37.78 89.13 74.34
C GLY TB 140 36.52 89.86 73.92
N LYS TB 141 36.03 89.54 72.73
CA LYS TB 141 34.94 90.27 72.09
C LYS TB 141 33.56 89.76 72.52
N LYS TB 142 33.50 88.56 73.10
CA LYS TB 142 32.21 87.96 73.45
C LYS TB 142 31.73 88.32 74.85
N ALA TB 143 32.64 88.52 75.80
CA ALA TB 143 32.24 88.80 77.17
C ALA TB 143 33.29 89.71 77.81
N SER TB 144 32.88 90.37 78.90
CA SER TB 144 33.74 91.30 79.60
C SER TB 144 33.60 91.12 81.11
N ILE TB 145 34.70 91.38 81.81
CA ILE TB 145 34.80 91.29 83.26
C ILE TB 145 34.99 92.69 83.81
N HIS TB 146 34.16 93.06 84.79
CA HIS TB 146 34.33 94.31 85.52
C HIS TB 146 34.36 94.02 87.01
N VAL TB 147 35.14 94.81 87.75
CA VAL TB 147 35.31 94.62 89.18
C VAL TB 147 35.06 95.97 89.86
N TYR TB 148 34.12 95.98 90.80
CA TYR TB 148 33.84 97.17 91.60
C TYR TB 148 34.22 96.87 93.05
N PRO TB 149 35.33 97.41 93.56
CA PRO TB 149 35.77 97.04 94.90
C PRO TB 149 35.02 97.74 96.02
N ASN TB 150 34.37 98.88 95.75
CA ASN TB 150 33.60 99.55 96.78
C ASN TB 150 32.33 98.78 97.10
N SER TB 151 31.69 98.20 96.08
CA SER TB 151 30.53 97.35 96.29
C SER TB 151 30.89 95.87 96.40
N GLN TB 152 32.17 95.53 96.16
CA GLN TB 152 32.68 94.15 96.16
C GLN TB 152 31.90 93.26 95.19
N VAL TB 153 31.90 93.66 93.92
CA VAL TB 153 31.06 93.05 92.90
C VAL TB 153 31.93 92.68 91.71
N VAL TB 154 31.84 91.42 91.28
CA VAL TB 154 32.44 90.95 90.04
C VAL TB 154 31.30 90.75 89.04
N GLU TB 155 31.41 91.41 87.88
CA GLU TB 155 30.34 91.44 86.90
C GLU TB 155 30.82 90.86 85.58
N LEU TB 156 30.09 89.89 85.06
CA LEU TB 156 30.27 89.33 83.73
C LEU TB 156 29.18 89.88 82.83
N ARG TB 157 29.56 90.55 81.76
CA ARG TB 157 28.59 91.07 80.80
C ARG TB 157 28.83 90.46 79.43
N TYR TB 158 27.75 90.07 78.76
CA TYR TB 158 27.83 89.48 77.44
C TYR TB 158 27.72 90.57 76.37
N ALA TB 159 28.27 90.28 75.19
CA ALA TB 159 28.31 91.26 74.12
C ALA TB 159 26.93 91.45 73.50
N LYS TB 160 26.69 92.65 72.97
CA LYS TB 160 25.45 92.96 72.26
C LYS TB 160 25.59 92.52 70.81
N ILE TB 161 25.59 91.21 70.62
CA ILE TB 161 25.75 90.57 69.32
C ILE TB 161 24.54 89.64 69.15
N TYR TB 162 24.38 89.12 67.93
CA TYR TB 162 23.23 88.32 67.47
C TYR TB 162 21.92 89.09 67.64
N GLY UB 271 49.21 81.60 22.52
CA GLY UB 271 48.55 81.43 23.80
C GLY UB 271 49.49 81.51 24.99
N ILE UB 272 48.97 81.99 26.10
CA ILE UB 272 49.77 82.09 27.33
C ILE UB 272 49.99 80.70 27.91
N PRO UB 273 51.22 80.33 28.25
CA PRO UB 273 51.47 79.03 28.90
C PRO UB 273 50.89 78.99 30.30
N PRO UB 274 50.57 77.80 30.81
CA PRO UB 274 50.03 77.71 32.17
C PRO UB 274 51.05 78.13 33.22
N SER UB 275 50.53 78.65 34.34
CA SER UB 275 51.39 79.24 35.36
C SER UB 275 52.16 78.17 36.13
N ALA UB 276 51.45 77.19 36.67
CA ALA UB 276 52.04 76.15 37.51
C ALA UB 276 51.04 75.00 37.64
N ASN UB 277 51.36 74.06 38.50
CA ASN UB 277 50.42 73.04 38.94
C ASN UB 277 50.16 73.30 40.42
N ASP UB 278 48.89 73.32 40.81
CA ASP UB 278 48.52 73.71 42.16
C ASP UB 278 48.61 72.55 43.16
N LEU UB 279 48.99 71.36 42.71
CA LEU UB 279 49.24 70.25 43.65
C LEU UB 279 50.54 70.47 44.42
N LEU UB 280 51.45 71.28 43.88
CA LEU UB 280 52.75 71.48 44.52
C LEU UB 280 52.65 72.27 45.82
N LEU UB 281 51.56 73.02 46.03
CA LEU UB 281 51.34 73.64 47.34
C LEU UB 281 51.08 72.59 48.41
N HIS UB 282 50.26 71.58 48.10
CA HIS UB 282 50.06 70.47 49.03
C HIS UB 282 51.30 69.62 49.17
N VAL UB 283 52.10 69.49 48.10
CA VAL UB 283 53.38 68.81 48.18
C VAL UB 283 54.34 69.55 49.11
N LEU UB 284 54.34 70.88 49.03
CA LEU UB 284 55.13 71.71 49.94
C LEU UB 284 54.68 71.56 51.39
N GLU UB 285 53.37 71.51 51.60
CA GLU UB 285 52.84 71.31 52.96
C GLU UB 285 53.05 69.90 53.47
N GLY UB 286 53.26 68.92 52.59
CA GLY UB 286 53.48 67.55 52.97
C GLY UB 286 52.29 66.64 52.76
N VAL UB 287 51.14 67.20 52.37
CA VAL UB 287 49.95 66.39 52.12
C VAL UB 287 50.05 65.76 50.73
N PRO UB 288 49.90 64.44 50.61
CA PRO UB 288 49.94 63.82 49.28
C PRO UB 288 48.73 64.22 48.45
N PRO UB 289 48.86 64.24 47.13
CA PRO UB 289 47.70 64.51 46.28
C PRO UB 289 46.69 63.37 46.37
N PRO UB 290 45.40 63.66 46.20
CA PRO UB 290 44.39 62.62 46.32
C PRO UB 290 44.43 61.64 45.14
N GLY UB 291 44.24 60.36 45.46
CA GLY UB 291 44.31 59.32 44.46
C GLY UB 291 45.70 58.83 44.13
N SER UB 292 46.73 59.34 44.79
CA SER UB 292 48.10 58.98 44.50
C SER UB 292 48.52 57.76 45.33
N ARG UB 293 49.73 57.27 45.08
CA ARG UB 293 50.30 56.16 45.82
C ARG UB 293 51.72 56.50 46.23
N ARG UB 294 52.16 55.88 47.33
CA ARG UB 294 53.45 56.22 47.91
C ARG UB 294 54.59 55.48 47.24
N LEU UB 295 55.76 56.12 47.21
CA LEU UB 295 56.99 55.51 46.76
C LEU UB 295 57.99 55.49 47.90
N VAL UB 296 58.85 54.47 47.90
CA VAL UB 296 59.86 54.31 48.95
C VAL UB 296 61.15 54.97 48.48
N VAL UB 297 61.68 55.85 49.31
CA VAL UB 297 62.89 56.62 48.99
C VAL UB 297 63.94 56.29 50.04
N SER UB 298 65.12 55.86 49.58
CA SER UB 298 66.20 55.48 50.47
C SER UB 298 67.46 56.27 50.12
N GLY UB 299 68.28 56.53 51.12
CA GLY UB 299 69.55 57.22 50.95
C GLY UB 299 69.54 58.68 51.38
N GLY UB 300 68.39 59.25 51.69
CA GLY UB 300 68.34 60.64 52.08
C GLY UB 300 66.96 61.01 52.57
N ASP UB 301 66.82 62.27 52.97
CA ASP UB 301 65.57 62.80 53.53
C ASP UB 301 64.74 63.36 52.39
N ALA UB 302 63.84 62.54 51.87
CA ALA UB 302 62.96 62.94 50.77
C ALA UB 302 61.72 62.06 50.78
N ARG UB 303 60.61 62.63 50.31
CA ARG UB 303 59.37 61.89 50.14
C ARG UB 303 58.91 62.01 48.69
N ALA UB 304 58.25 60.97 48.20
CA ALA UB 304 57.82 60.93 46.81
C ALA UB 304 56.44 60.30 46.69
N TRP UB 305 55.68 60.76 45.70
CA TRP UB 305 54.36 60.21 45.40
C TRP UB 305 54.19 60.12 43.89
N LEU UB 306 53.32 59.21 43.47
CA LEU UB 306 53.00 59.01 42.05
C LEU UB 306 51.49 59.13 41.87
N SER UB 307 51.07 60.07 41.02
CA SER UB 307 49.64 60.33 40.81
C SER UB 307 49.19 59.99 39.39
N ASN UB 308 49.83 60.56 38.38
CA ASN UB 308 49.42 60.41 36.98
C ASN UB 308 50.64 60.10 36.11
N GLU UB 309 51.40 59.08 36.53
CA GLU UB 309 52.69 58.68 35.95
C GLU UB 309 53.70 59.83 35.98
N LYS UB 310 53.63 60.63 37.05
CA LYS UB 310 54.59 61.67 37.34
C LYS UB 310 54.93 61.59 38.82
N MET UB 311 56.19 61.85 39.16
CA MET UB 311 56.55 61.89 40.58
C MET UB 311 56.38 63.29 41.12
N TYR UB 312 56.02 63.36 42.40
CA TYR UB 312 56.03 64.60 43.18
C TYR UB 312 56.96 64.37 44.35
N VAL UB 313 58.00 65.19 44.46
CA VAL UB 313 59.09 65.00 45.40
C VAL UB 313 59.14 66.18 46.36
N ARG UB 314 59.17 65.87 47.65
CA ARG UB 314 59.34 66.87 48.70
C ARG UB 314 60.67 66.60 49.41
N THR UB 315 61.58 67.56 49.31
CA THR UB 315 62.90 67.47 49.93
C THR UB 315 63.47 68.88 50.04
N ASN UB 316 64.55 69.00 50.80
CA ASN UB 316 65.33 70.23 50.87
C ASN UB 316 66.70 70.11 50.22
N LEU UB 317 66.94 69.07 49.43
CA LEU UB 317 68.16 68.89 48.68
C LEU UB 317 68.02 69.53 47.29
N THR UB 318 69.14 69.58 46.57
CA THR UB 318 69.18 70.13 45.22
C THR UB 318 69.31 68.98 44.23
N ILE UB 319 68.34 68.86 43.33
CA ILE UB 319 68.29 67.78 42.36
C ILE UB 319 69.08 68.19 41.13
N LEU UB 320 70.03 67.35 40.71
CA LEU UB 320 71.01 67.73 39.70
C LEU UB 320 70.76 67.09 38.34
N SER UB 321 70.76 65.77 38.24
CA SER UB 321 70.75 65.12 36.92
C SER UB 321 69.41 64.96 36.20
N PRO UB 322 68.34 64.39 36.79
CA PRO UB 322 67.24 63.87 35.93
C PRO UB 322 66.36 64.95 35.32
N GLY UB 323 66.31 66.15 35.87
CA GLY UB 323 65.51 67.21 35.29
C GLY UB 323 64.05 67.18 35.69
N TRP UB 324 63.52 68.32 36.08
CA TRP UB 324 62.15 68.45 36.54
C TRP UB 324 61.34 69.33 35.61
N LEU UB 325 60.01 69.21 35.70
CA LEU UB 325 59.11 69.98 34.87
C LEU UB 325 58.63 71.26 35.56
N ALA UB 326 58.31 71.19 36.85
CA ALA UB 326 57.83 72.37 37.57
C ALA UB 326 58.45 72.39 38.96
N SER UB 327 58.54 73.60 39.54
CA SER UB 327 59.15 73.73 40.85
C SER UB 327 58.55 74.87 41.65
N MET UB 328 58.43 74.64 42.96
CA MET UB 328 58.05 75.66 43.93
C MET UB 328 58.97 75.58 45.14
N THR UB 329 59.03 76.68 45.89
CA THR UB 329 59.86 76.79 47.09
C THR UB 329 59.02 77.36 48.22
N SER UB 330 59.25 76.87 49.44
CA SER UB 330 58.55 77.37 50.62
C SER UB 330 59.37 78.47 51.28
N ALA UB 331 58.87 78.98 52.41
CA ALA UB 331 59.55 80.07 53.11
C ALA UB 331 60.78 79.59 53.88
N ASP UB 332 60.75 78.38 54.40
CA ASP UB 332 61.84 77.86 55.22
C ASP UB 332 62.91 77.13 54.43
N GLY UB 333 62.78 77.02 53.12
CA GLY UB 333 63.79 76.40 52.29
C GLY UB 333 63.48 75.00 51.80
N THR UB 334 62.21 74.61 51.74
CA THR UB 334 61.80 73.31 51.24
C THR UB 334 61.40 73.44 49.78
N HIS UB 335 61.82 72.46 48.97
CA HIS UB 335 61.56 72.47 47.54
C HIS UB 335 60.52 71.43 47.18
N ALA UB 336 59.66 71.77 46.22
CA ALA UB 336 58.68 70.84 45.66
C ALA UB 336 58.89 70.76 44.15
N TYR UB 337 59.00 69.53 43.65
CA TYR UB 337 59.32 69.27 42.25
C TYR UB 337 58.24 68.45 41.59
N GLU UB 338 58.01 68.71 40.31
CA GLU UB 338 57.19 67.88 39.45
C GLU UB 338 58.03 67.46 38.25
N MET UB 339 58.08 66.16 38.00
CA MET UB 339 58.95 65.58 36.97
C MET UB 339 58.34 64.28 36.47
N GLN UB 340 59.06 63.63 35.56
CA GLN UB 340 58.71 62.30 35.07
C GLN UB 340 59.34 61.24 35.96
N LYS UB 341 58.82 60.02 35.85
CA LYS UB 341 59.24 58.93 36.74
C LYS UB 341 60.62 58.41 36.36
N SER UB 342 61.41 58.06 37.38
CA SER UB 342 62.77 57.56 37.23
C SER UB 342 63.16 56.87 38.53
N PRO UB 343 63.90 55.77 38.48
CA PRO UB 343 64.25 55.04 39.71
C PRO UB 343 65.51 55.54 40.43
N VAL UB 344 66.06 56.69 40.05
CA VAL UB 344 67.29 57.19 40.66
C VAL UB 344 67.28 58.71 40.59
N LEU UB 345 67.73 59.35 41.67
CA LEU UB 345 67.89 60.80 41.70
C LEU UB 345 69.34 61.13 42.06
N LEU UB 346 69.88 62.17 41.42
CA LEU UB 346 71.22 62.66 41.75
C LEU UB 346 71.07 63.97 42.51
N VAL UB 347 71.64 64.02 43.71
CA VAL UB 347 71.47 65.17 44.60
C VAL UB 347 72.82 65.67 45.06
N SER UB 348 72.84 66.93 45.49
CA SER UB 348 73.98 67.54 46.14
C SER UB 348 73.58 67.85 47.58
N TRP UB 349 74.36 67.35 48.54
CA TRP UB 349 73.97 67.46 49.95
C TRP UB 349 74.56 68.70 50.61
N HIS UB 350 75.88 68.78 50.70
CA HIS UB 350 76.57 69.94 51.24
C HIS UB 350 77.81 70.24 50.42
N GLY UB 351 77.68 70.19 49.10
CA GLY UB 351 78.82 70.22 48.21
C GLY UB 351 79.31 68.86 47.78
N LYS UB 352 78.61 67.79 48.17
CA LYS UB 352 78.95 66.43 47.79
C LYS UB 352 77.80 65.83 46.99
N VAL UB 353 78.14 65.17 45.89
CA VAL UB 353 77.15 64.60 44.97
C VAL UB 353 76.92 63.14 45.35
N MET UB 354 75.67 62.74 45.47
CA MET UB 354 75.31 61.37 45.80
C MET UB 354 73.99 61.02 45.12
N GLN UB 355 73.49 59.82 45.41
CA GLN UB 355 72.33 59.27 44.73
C GLN UB 355 71.26 58.85 45.74
N LEU UB 356 70.01 58.98 45.32
CA LEU UB 356 68.85 58.54 46.08
C LEU UB 356 68.10 57.49 45.26
N LYS UB 357 67.68 56.43 45.95
CA LYS UB 357 67.03 55.28 45.32
C LYS UB 357 65.52 55.37 45.52
N VAL UB 358 64.77 55.20 44.43
CA VAL UB 358 63.32 55.27 44.44
C VAL UB 358 62.77 53.91 44.06
N GLU UB 359 61.91 53.35 44.91
CA GLU UB 359 61.28 52.06 44.68
C GLU UB 359 59.77 52.23 44.53
N GLY UB 360 59.11 51.13 44.19
CA GLY UB 360 57.66 51.11 44.09
C GLY UB 360 57.09 51.64 42.80
N LEU UB 361 57.91 51.91 41.80
CA LEU UB 361 57.42 52.42 40.53
C LEU UB 361 56.73 51.33 39.71
N LYS VB 40 33.97 45.17 80.38
CA LYS VB 40 34.89 46.04 79.65
C LYS VB 40 34.90 47.44 80.28
N LEU VB 41 33.75 47.85 80.79
CA LEU VB 41 33.65 49.12 81.49
C LEU VB 41 34.37 49.02 82.84
N PRO VB 42 34.91 50.14 83.34
CA PRO VB 42 35.50 50.14 84.69
C PRO VB 42 34.43 49.95 85.76
N CYS VB 43 34.83 49.31 86.86
CA CYS VB 43 33.93 49.00 87.95
C CYS VB 43 34.08 49.93 89.15
N ARG VB 44 35.13 50.76 89.17
CA ARG VB 44 35.37 51.67 90.28
C ARG VB 44 36.26 52.79 89.78
N VAL VB 45 36.41 53.84 90.61
CA VAL VB 45 37.38 54.87 90.34
C VAL VB 45 38.78 54.31 90.55
N ASP VB 46 39.70 54.62 89.63
CA ASP VB 46 40.99 53.95 89.59
C ASP VB 46 41.92 54.42 90.71
N GLY VB 47 42.68 53.46 91.26
CA GLY VB 47 43.63 53.76 92.30
C GLY VB 47 43.03 54.11 93.64
N ALA VB 48 41.80 53.70 93.90
CA ALA VB 48 41.11 54.04 95.14
C ALA VB 48 40.44 52.82 95.75
N CYS VB 49 40.48 52.73 97.07
CA CYS VB 49 39.83 51.65 97.80
C CYS VB 49 39.33 52.17 99.13
N ASP VB 50 38.13 51.72 99.52
CA ASP VB 50 37.50 52.20 100.75
C ASP VB 50 38.26 51.76 101.99
N ALA VB 51 38.73 50.51 101.99
CA ALA VB 51 39.51 49.99 103.11
C ALA VB 51 40.84 50.73 103.23
N THR VB 52 41.45 51.08 102.10
CA THR VB 52 42.69 51.84 102.12
C THR VB 52 42.46 53.27 102.59
N ILE VB 53 41.30 53.85 102.25
CA ILE VB 53 40.92 55.17 102.76
C ILE VB 53 40.77 55.15 104.28
N ILE VB 54 40.08 54.12 104.80
CA ILE VB 54 39.91 53.98 106.25
C ILE VB 54 41.25 53.76 106.93
N LYS VB 55 42.14 52.99 106.30
CA LYS VB 55 43.48 52.75 106.84
C LYS VB 55 44.31 54.02 106.93
N MET VB 56 44.27 54.86 105.88
CA MET VB 56 45.02 56.11 105.95
C MET VB 56 44.41 57.11 106.93
N MET VB 57 43.07 57.15 107.06
CA MET VB 57 42.46 58.03 108.06
C MET VB 57 42.85 57.61 109.48
N THR VB 58 42.83 56.29 109.75
CA THR VB 58 43.22 55.78 111.06
C THR VB 58 44.70 56.03 111.34
N ASP VB 59 45.55 55.83 110.33
CA ASP VB 59 46.99 56.06 110.50
C ASP VB 59 47.32 57.53 110.73
N LEU VB 60 46.65 58.43 110.01
CA LEU VB 60 46.89 59.86 110.20
C LEU VB 60 46.36 60.34 111.55
N ASN VB 61 45.21 59.80 111.99
CA ASN VB 61 44.68 60.19 113.29
C ASN VB 61 45.53 59.65 114.43
N LYS VB 62 46.13 58.47 114.27
CA LYS VB 62 47.07 57.99 115.28
C LYS VB 62 48.40 58.75 115.23
N LYS VB 63 48.81 59.21 114.04
CA LYS VB 63 50.05 59.97 113.92
C LYS VB 63 49.92 61.35 114.55
N GLY VB 64 48.78 62.01 114.37
CA GLY VB 64 48.57 63.30 115.00
C GLY VB 64 47.98 64.36 114.09
N ILE VB 65 47.84 64.02 112.82
CA ILE VB 65 47.22 64.91 111.84
C ILE VB 65 45.72 64.71 111.91
N LYS VB 66 44.97 65.80 112.09
CA LYS VB 66 43.54 65.68 112.33
C LYS VB 66 42.80 65.56 111.00
N VAL VB 67 42.01 64.50 110.85
CA VAL VB 67 41.19 64.27 109.67
C VAL VB 67 39.74 64.22 110.12
N ALA VB 68 38.91 65.10 109.55
CA ALA VB 68 37.51 65.19 109.93
C ALA VB 68 36.64 65.18 108.68
N SER VB 69 35.45 64.58 108.82
CA SER VB 69 34.49 64.46 107.72
C SER VB 69 33.10 64.67 108.27
N VAL VB 70 32.44 65.76 107.84
CA VAL VB 70 31.06 66.05 108.19
C VAL VB 70 30.28 66.20 106.89
N GLY VB 71 29.33 65.30 106.66
CA GLY VB 71 28.59 65.29 105.42
C GLY VB 71 29.44 64.83 104.25
N GLN VB 72 29.69 65.73 103.30
CA GLN VB 72 30.62 65.46 102.21
C GLN VB 72 31.83 66.37 102.24
N ASN VB 73 32.03 67.11 103.33
CA ASN VB 73 33.16 68.02 103.47
C ASN VB 73 34.27 67.35 104.27
N TYR VB 74 35.50 67.48 103.78
CA TYR VB 74 36.67 66.87 104.42
C TYR VB 74 37.66 67.96 104.80
N LEU VB 75 38.22 67.82 106.02
CA LEU VB 75 39.15 68.76 106.60
C LEU VB 75 40.38 68.01 107.11
N ILE VB 76 41.56 68.53 106.78
CA ILE VB 76 42.84 68.04 107.28
C ILE VB 76 43.54 69.19 107.99
N SER VB 77 43.85 68.99 109.27
CA SER VB 77 44.51 69.99 110.10
C SER VB 77 45.88 69.48 110.48
N ILE VB 78 46.91 70.28 110.17
CA ILE VB 78 48.31 69.91 110.37
C ILE VB 78 48.92 70.98 111.26
N PRO VB 79 49.61 70.62 112.34
CA PRO VB 79 50.37 71.62 113.10
C PRO VB 79 51.57 72.13 112.31
N ALA VB 80 51.91 73.40 112.57
CA ALA VB 80 53.00 74.05 111.84
C ALA VB 80 54.37 73.54 112.27
N SER VB 81 54.49 72.99 113.49
CA SER VB 81 55.78 72.51 113.96
C SER VB 81 56.20 71.22 113.26
N ALA VB 82 55.24 70.44 112.77
CA ALA VB 82 55.55 69.23 112.04
C ALA VB 82 55.93 69.48 110.58
N LEU VB 83 55.80 70.71 110.11
CA LEU VB 83 56.10 71.04 108.72
C LEU VB 83 57.23 72.04 108.58
N PHE VB 84 57.18 73.16 109.30
CA PHE VB 84 58.10 74.27 109.10
C PHE VB 84 59.05 74.41 110.28
N ALA VB 85 59.99 75.34 110.15
CA ALA VB 85 60.94 75.66 111.19
C ALA VB 85 60.32 76.69 112.14
N ASP VB 86 61.16 77.30 112.98
CA ASP VB 86 60.68 78.25 113.99
C ASP VB 86 60.37 79.57 113.30
N GLN VB 87 59.09 79.71 112.90
CA GLN VB 87 58.50 80.95 112.38
C GLN VB 87 59.22 81.46 111.12
N SER VB 88 59.61 80.53 110.26
CA SER VB 88 60.20 80.82 108.96
C SER VB 88 59.51 79.96 107.91
N PRO VB 89 59.38 80.47 106.65
CA PRO VB 89 58.72 79.71 105.59
C PRO VB 89 59.64 78.72 104.86
N ARG VB 90 60.38 77.93 105.64
CA ARG VB 90 61.29 76.94 105.10
C ARG VB 90 60.87 75.56 105.59
N LEU VB 91 60.61 74.64 104.67
CA LEU VB 91 60.25 73.29 105.04
C LEU VB 91 61.46 72.52 105.53
N ASN VB 92 61.23 71.65 106.52
CA ASN VB 92 62.26 70.69 106.89
C ASN VB 92 62.33 69.59 105.84
N TRP VB 93 63.47 68.89 105.82
CA TRP VB 93 63.66 67.84 104.83
C TRP VB 93 62.86 66.58 105.16
N ALA VB 94 62.51 66.37 106.44
CA ALA VB 94 61.79 65.18 106.86
C ALA VB 94 60.27 65.31 106.76
N SER VB 95 59.76 66.51 106.47
CA SER VB 95 58.32 66.70 106.33
C SER VB 95 57.79 66.29 104.95
N TYR VB 96 58.69 65.98 104.02
CA TYR VB 96 58.25 65.59 102.68
C TYR VB 96 57.61 64.21 102.68
N SER VB 97 57.98 63.34 103.63
CA SER VB 97 57.30 62.05 103.77
C SER VB 97 55.86 62.23 104.23
N LEU VB 98 55.64 63.15 105.18
CA LEU VB 98 54.27 63.48 105.62
C LEU VB 98 53.48 64.12 104.49
N LEU VB 99 54.12 64.97 103.69
CA LEU VB 99 53.44 65.58 102.55
C LEU VB 99 53.12 64.54 101.49
N ASN VB 100 53.98 63.54 101.31
CA ASN VB 100 53.68 62.43 100.40
C ASN VB 100 52.51 61.59 100.90
N GLU VB 101 52.43 61.37 102.20
CA GLU VB 101 51.28 60.65 102.77
C GLU VB 101 49.98 61.44 102.60
N ILE VB 102 50.05 62.77 102.77
CA ILE VB 102 48.87 63.62 102.57
C ILE VB 102 48.44 63.62 101.10
N ALA VB 103 49.41 63.65 100.18
CA ALA VB 103 49.09 63.57 98.75
C ALA VB 103 48.51 62.21 98.38
N ALA VB 104 49.02 61.13 98.96
CA ALA VB 104 48.48 59.80 98.70
C ALA VB 104 47.08 59.65 99.27
N PHE VB 105 46.77 60.34 100.37
CA PHE VB 105 45.39 60.38 100.84
C PHE VB 105 44.51 61.21 99.91
N LEU VB 106 45.04 62.31 99.38
CA LEU VB 106 44.25 63.20 98.54
C LEU VB 106 43.95 62.60 97.17
N LYS VB 107 44.79 61.68 96.69
CA LYS VB 107 44.53 61.02 95.41
C LYS VB 107 43.37 60.04 95.44
N GLN VB 108 42.83 59.72 96.61
CA GLN VB 108 41.77 58.72 96.73
C GLN VB 108 40.39 59.24 96.36
N PHE VB 109 40.21 60.55 96.23
CA PHE VB 109 38.90 61.15 96.04
C PHE VB 109 38.82 61.86 94.70
N ARG VB 110 37.59 62.13 94.28
CA ARG VB 110 37.30 62.97 93.12
C ARG VB 110 36.80 64.32 93.61
N LYS VB 111 37.38 65.39 93.07
CA LYS VB 111 37.19 66.72 93.65
C LYS VB 111 37.43 67.77 92.56
N ILE VB 112 37.00 68.99 92.86
CA ILE VB 112 37.11 70.12 91.95
C ILE VB 112 38.03 71.20 92.52
N ALA VB 113 37.83 71.57 93.77
CA ALA VB 113 38.56 72.67 94.38
C ALA VB 113 39.10 72.25 95.75
N ILE VB 114 40.30 72.73 96.05
CA ILE VB 114 40.96 72.54 97.33
C ILE VB 114 41.25 73.92 97.89
N THR VB 115 41.03 74.11 99.20
CA THR VB 115 41.39 75.35 99.87
C THR VB 115 42.48 75.06 100.90
N VAL VB 116 43.57 75.81 100.83
CA VAL VB 116 44.68 75.73 101.77
C VAL VB 116 44.76 77.05 102.51
N THR VB 117 44.63 77.00 103.83
CA THR VB 117 44.60 78.18 104.66
C THR VB 117 45.65 78.04 105.77
N SER VB 118 46.36 79.13 106.05
CA SER VB 118 47.41 79.10 107.05
C SER VB 118 47.09 80.06 108.19
N TYR VB 119 47.40 79.63 109.42
CA TYR VB 119 47.22 80.44 110.62
C TYR VB 119 48.49 80.35 111.47
N SER VB 120 48.86 81.47 112.08
CA SER VB 120 50.06 81.53 112.92
C SER VB 120 49.73 82.31 114.18
N SER VB 121 50.77 82.69 114.93
CA SER VB 121 50.65 83.42 116.18
C SER VB 121 51.34 84.78 116.07
N LYS VB 122 51.13 85.62 117.08
CA LYS VB 122 51.63 86.98 117.07
C LYS VB 122 53.11 86.99 117.43
N TYR VB 123 53.94 87.51 116.52
CA TYR VB 123 55.38 87.61 116.77
C TYR VB 123 55.87 89.06 116.82
N VAL VB 124 55.67 89.84 115.77
CA VAL VB 124 56.21 91.20 115.71
C VAL VB 124 55.08 92.17 115.37
N SER VB 125 54.39 91.91 114.26
CA SER VB 125 53.31 92.77 113.80
C SER VB 125 52.33 91.92 113.00
N VAL VB 126 51.36 92.57 112.36
CA VAL VB 126 50.37 91.82 111.59
C VAL VB 126 50.86 91.54 110.18
N LYS VB 127 51.65 92.44 109.58
CA LYS VB 127 52.12 92.26 108.21
C LYS VB 127 53.08 91.07 108.12
N ARG VB 128 53.93 90.91 109.14
CA ARG VB 128 54.91 89.84 109.16
C ARG VB 128 54.23 88.48 109.25
N GLU VB 129 53.19 88.36 110.07
CA GLU VB 129 52.51 87.08 110.21
C GLU VB 129 51.59 86.78 109.02
N ARG VB 130 50.96 87.79 108.40
CA ARG VB 130 50.19 87.53 107.18
C ARG VB 130 51.08 87.11 106.03
N ALA VB 131 52.24 87.76 105.87
CA ALA VB 131 53.17 87.37 104.81
C ALA VB 131 53.77 85.99 105.08
N LEU VB 132 54.04 85.67 106.35
CA LEU VB 132 54.54 84.35 106.71
C LEU VB 132 53.51 83.25 106.40
N THR VB 133 52.24 83.50 106.73
CA THR VB 133 51.21 82.50 106.47
C THR VB 133 50.95 82.34 104.97
N LEU VB 134 51.00 83.44 104.22
CA LEU VB 134 50.84 83.36 102.76
C LEU VB 134 51.99 82.57 102.13
N ALA VB 135 53.23 82.80 102.59
CA ALA VB 135 54.37 82.06 102.07
C ALA VB 135 54.30 80.57 102.41
N ARG VB 136 53.87 80.25 103.63
CA ARG VB 136 53.71 78.85 104.03
C ARG VB 136 52.65 78.13 103.20
N SER VB 137 51.51 78.81 102.97
CA SER VB 137 50.45 78.22 102.15
C SER VB 137 50.89 78.07 100.70
N ARG VB 138 51.68 79.02 100.18
CA ARG VB 138 52.21 78.94 98.83
C ARG VB 138 53.15 77.75 98.66
N VAL VB 139 54.03 77.52 99.64
CA VAL VB 139 54.98 76.40 99.55
C VAL VB 139 54.25 75.06 99.65
N VAL VB 140 53.29 74.94 100.57
CA VAL VB 140 52.54 73.70 100.75
C VAL VB 140 51.71 73.39 99.49
N SER VB 141 51.05 74.41 98.94
CA SER VB 141 50.27 74.22 97.73
C SER VB 141 51.14 73.95 96.51
N GLU VB 142 52.34 74.52 96.46
CA GLU VB 142 53.26 74.22 95.36
C GLU VB 142 53.69 72.77 95.37
N TYR VB 143 54.02 72.22 96.55
CA TYR VB 143 54.41 70.82 96.60
C TYR VB 143 53.22 69.89 96.32
N LEU VB 144 52.02 70.27 96.81
CA LEU VB 144 50.83 69.46 96.54
C LEU VB 144 50.46 69.47 95.07
N TRP VB 145 50.62 70.62 94.39
CA TRP VB 145 50.36 70.68 92.96
C TRP VB 145 51.44 69.98 92.14
N SER VB 146 52.68 69.98 92.64
CA SER VB 146 53.75 69.22 92.00
C SER VB 146 53.47 67.73 92.07
N GLN VB 147 52.97 67.25 93.20
CA GLN VB 147 52.48 65.89 93.26
C GLN VB 147 51.15 65.77 92.52
N GLY VB 148 50.75 64.54 92.23
CA GLY VB 148 49.68 64.30 91.28
C GLY VB 148 48.26 64.26 91.83
N VAL VB 149 47.81 65.33 92.47
CA VAL VB 149 46.41 65.42 92.87
C VAL VB 149 45.58 65.86 91.67
N ASP VB 150 44.45 65.18 91.47
CA ASP VB 150 43.61 65.43 90.29
C ASP VB 150 42.47 66.39 90.65
N SER VB 151 42.86 67.62 90.95
CA SER VB 151 41.92 68.69 91.24
C SER VB 151 42.03 69.76 90.16
N ARG VB 152 40.98 70.57 90.04
CA ARG VB 152 40.95 71.63 89.04
C ARG VB 152 41.52 72.93 89.57
N ILE VB 153 41.10 73.36 90.77
CA ILE VB 153 41.52 74.63 91.35
C ILE VB 153 42.05 74.38 92.75
N ILE VB 154 43.18 74.99 93.08
CA ILE VB 154 43.68 75.06 94.45
C ILE VB 154 43.83 76.53 94.84
N PHE VB 155 43.14 76.93 95.89
CA PHE VB 155 43.20 78.28 96.44
C PHE VB 155 44.13 78.29 97.64
N THR VB 156 44.92 79.37 97.77
CA THR VB 156 45.86 79.55 98.87
C THR VB 156 45.57 80.86 99.56
N GLN VB 157 45.48 80.83 100.89
CA GLN VB 157 45.35 82.05 101.68
C GLN VB 157 46.00 81.87 103.05
N GLY VB 158 46.46 82.99 103.60
CA GLY VB 158 47.00 83.01 104.95
C GLY VB 158 46.38 84.11 105.78
N LEU VB 159 45.72 83.74 106.88
CA LEU VB 159 44.93 84.69 107.65
C LEU VB 159 45.68 85.25 108.87
N GLY VB 160 46.92 84.86 109.09
CA GLY VB 160 47.67 85.37 110.23
C GLY VB 160 47.24 84.78 111.54
N SER VB 161 46.76 85.62 112.46
CA SER VB 161 46.28 85.18 113.77
C SER VB 161 44.89 85.72 114.06
N ASP VB 162 44.07 85.88 113.02
CA ASP VB 162 42.75 86.47 113.21
C ASP VB 162 41.75 85.49 113.81
N LYS VB 163 41.87 84.20 113.51
CA LYS VB 163 40.89 83.19 113.94
C LYS VB 163 41.60 82.10 114.73
N PRO VB 164 41.71 82.24 116.04
CA PRO VB 164 42.25 81.16 116.86
C PRO VB 164 41.17 80.18 117.31
N ILE VB 165 41.60 78.94 117.54
CA ILE VB 165 40.70 77.89 117.99
C ILE VB 165 40.86 77.56 119.47
N THR VB 166 41.85 78.14 120.15
CA THR VB 166 42.11 77.85 121.55
C THR VB 166 42.47 79.15 122.26
N SER VB 167 41.93 79.34 123.46
CA SER VB 167 42.23 80.52 124.26
C SER VB 167 43.59 80.44 124.94
N TYR VB 168 44.25 79.28 124.90
CA TYR VB 168 45.58 79.11 125.49
C TYR VB 168 46.61 79.49 124.43
N THR VB 169 47.17 80.70 124.56
CA THR VB 169 48.05 81.27 123.54
C THR VB 169 49.45 81.55 124.08
N LEU VB 170 50.02 80.61 124.82
CA LEU VB 170 51.32 80.83 125.44
C LEU VB 170 52.49 80.36 124.58
N GLY VB 171 52.27 79.41 123.69
CA GLY VB 171 53.34 78.89 122.87
C GLY VB 171 53.66 79.75 121.66
N GLY VB 172 54.61 79.28 120.86
CA GLY VB 172 54.97 79.93 119.62
C GLY VB 172 54.42 79.20 118.42
N ASP VB 173 55.27 78.45 117.73
CA ASP VB 173 54.78 77.52 116.72
C ASP VB 173 54.29 76.21 117.32
N ARG VB 174 54.58 75.97 118.59
CA ARG VB 174 54.08 74.79 119.30
C ARG VB 174 52.69 75.00 119.86
N SER VB 175 52.13 76.20 119.72
CA SER VB 175 50.77 76.47 120.13
C SER VB 175 49.79 75.72 119.23
N PRO VB 176 48.67 75.24 119.77
CA PRO VB 176 47.71 74.49 118.95
C PRO VB 176 47.00 75.32 117.89
N ASN VB 177 46.96 76.64 118.02
CA ASN VB 177 46.28 77.49 117.05
C ASN VB 177 47.23 78.06 116.00
N ALA VB 178 48.38 77.42 115.78
CA ALA VB 178 49.27 77.72 114.66
C ALA VB 178 49.31 76.48 113.79
N ARG VB 179 48.72 76.56 112.60
CA ARG VB 179 48.38 75.36 111.85
C ARG VB 179 48.19 75.69 110.38
N VAL VB 180 48.07 74.64 109.58
CA VAL VB 180 47.62 74.73 108.19
C VAL VB 180 46.43 73.80 108.01
N GLU VB 181 45.45 74.26 107.24
CA GLU VB 181 44.18 73.56 107.05
C GLU VB 181 43.94 73.34 105.56
N ILE VB 182 43.59 72.11 105.19
CA ILE VB 182 43.27 71.74 103.82
C ILE VB 182 41.82 71.26 103.83
N THR VB 183 40.95 71.98 103.12
CA THR VB 183 39.53 71.67 103.09
C THR VB 183 39.08 71.43 101.66
N PHE VB 184 38.19 70.44 101.49
CA PHE VB 184 37.56 70.21 100.19
C PHE VB 184 36.22 69.54 100.39
N ARG VB 185 35.48 69.40 99.28
CA ARG VB 185 34.23 68.67 99.24
C ARG VB 185 34.35 67.54 98.23
N ARG VB 186 34.00 66.33 98.65
CA ARG VB 186 33.98 65.18 97.74
C ARG VB 186 32.88 65.36 96.70
N ALA VB 187 33.20 65.09 95.44
CA ALA VB 187 32.30 65.30 94.32
C ALA VB 187 31.73 63.97 93.85
N VAL VB 188 30.41 63.84 93.92
CA VAL VB 188 29.64 62.66 93.52
C VAL VB 188 30.11 61.39 94.24
N CYS WB 42 76.16 64.70 111.49
CA CYS WB 42 75.94 64.04 110.21
C CYS WB 42 75.86 65.06 109.07
N PHE WB 43 74.98 64.80 108.10
CA PHE WB 43 74.81 65.66 106.95
C PHE WB 43 73.34 66.01 106.78
N HIS WB 44 73.06 67.31 106.65
CA HIS WB 44 71.71 67.76 106.30
C HIS WB 44 71.59 67.84 104.79
N PRO WB 45 70.63 67.13 104.19
CA PRO WB 45 70.49 67.12 102.71
C PRO WB 45 70.19 68.49 102.10
N PRO WB 46 69.40 69.41 102.76
CA PRO WB 46 69.41 70.74 102.10
C PRO WB 46 70.62 71.61 102.42
N TYR WB 47 71.71 71.33 101.68
CA TYR WB 47 72.95 72.10 101.61
C TYR WB 47 73.73 72.17 102.93
N ASN WB 48 73.36 71.34 103.91
CA ASN WB 48 74.04 71.22 105.22
C ASN WB 48 74.11 72.56 105.97
N ASN WB 49 73.06 73.38 105.81
CA ASN WB 49 72.91 74.71 106.41
C ASN WB 49 74.06 75.65 106.03
N PHE WB 50 74.60 75.46 104.82
CA PHE WB 50 75.73 76.23 104.26
C PHE WB 50 76.95 76.21 105.18
N GLN WB 51 77.22 75.05 105.77
CA GLN WB 51 78.36 74.85 106.65
C GLN WB 51 79.40 73.96 105.98
N PRO WB 52 80.68 74.14 106.29
CA PRO WB 52 81.70 73.20 105.78
C PRO WB 52 81.55 71.85 106.45
N ASP WB 53 81.32 70.81 105.65
CA ASP WB 53 81.05 69.48 106.16
C ASP WB 53 82.30 68.84 106.72
N ARG WB 54 82.14 68.13 107.85
CA ARG WB 54 83.23 67.41 108.49
C ARG WB 54 83.14 65.94 108.06
N ARG WB 55 83.54 65.71 106.81
CA ARG WB 55 83.39 64.42 106.16
C ARG WB 55 84.41 63.37 106.63
N ALA WB 56 85.64 63.80 106.93
CA ALA WB 56 86.71 62.85 107.24
C ALA WB 56 86.60 62.27 108.63
N VAL WB 57 86.16 63.06 109.61
CA VAL WB 57 86.15 62.61 111.00
C VAL WB 57 85.10 61.53 111.22
N LYS WB 58 83.97 61.58 110.49
CA LYS WB 58 82.97 60.53 110.59
C LYS WB 58 83.49 59.20 110.06
N ARG WB 59 84.22 59.23 108.95
CA ARG WB 59 84.78 58.00 108.39
C ARG WB 59 85.87 57.42 109.28
N VAL WB 60 86.77 58.28 109.80
CA VAL WB 60 87.82 57.76 110.67
C VAL WB 60 87.32 57.45 112.07
N GLY WB 61 86.10 57.88 112.42
CA GLY WB 61 85.50 57.45 113.66
C GLY WB 61 84.68 56.18 113.53
N VAL WB 62 84.14 55.93 112.33
CA VAL WB 62 83.37 54.70 112.14
C VAL WB 62 84.26 53.54 111.72
N ASP WB 63 85.43 53.80 111.13
CA ASP WB 63 86.34 52.71 110.77
C ASP WB 63 87.38 52.48 111.88
N THR WB 64 86.88 52.19 113.08
CA THR WB 64 87.74 51.85 114.21
C THR WB 64 87.20 50.71 115.06
N GLY WB 65 85.96 50.26 114.86
CA GLY WB 65 85.37 49.21 115.66
C GLY WB 65 84.04 48.72 115.13
N GLY WB 88 90.56 50.48 111.36
CA GLY WB 88 91.83 50.99 111.82
C GLY WB 88 92.01 52.48 111.52
N GLY WB 89 92.81 53.15 112.34
CA GLY WB 89 93.07 54.56 112.13
C GLY WB 89 93.84 54.85 110.85
N THR WB 90 94.84 54.02 110.56
CA THR WB 90 95.60 54.18 109.33
C THR WB 90 94.76 53.87 108.10
N VAL WB 91 93.90 52.85 108.19
CA VAL WB 91 93.00 52.51 107.09
C VAL WB 91 91.99 53.63 106.85
N GLY WB 92 91.45 54.21 107.92
CA GLY WB 92 90.56 55.34 107.79
C GLY WB 92 91.23 56.58 107.24
N LEU WB 93 92.49 56.80 107.62
CA LEU WB 93 93.26 57.93 107.06
C LEU WB 93 93.55 57.73 105.58
N VAL WB 94 93.84 56.49 105.17
CA VAL WB 94 94.07 56.19 103.76
C VAL WB 94 92.79 56.40 102.96
N ALA WB 95 91.65 55.95 103.50
CA ALA WB 95 90.36 56.15 102.84
C ALA WB 95 90.00 57.64 102.76
N SER WB 96 90.30 58.40 103.82
CA SER WB 96 90.03 59.84 103.81
C SER WB 96 90.91 60.57 102.80
N ILE WB 97 92.20 60.22 102.72
CA ILE WB 97 93.09 60.90 101.79
C ILE WB 97 92.85 60.43 100.36
N TYR WB 98 92.19 59.28 100.17
CA TYR WB 98 91.76 58.91 98.82
C TYR WB 98 90.51 59.69 98.42
N ARG WB 99 89.50 59.72 99.29
CA ARG WB 99 88.23 60.36 98.94
C ARG WB 99 88.28 61.87 98.98
N ASP WB 100 89.30 62.47 99.59
CA ASP WB 100 89.45 63.92 99.57
C ASP WB 100 90.32 64.42 98.42
N SER WB 101 90.78 63.51 97.55
CA SER WB 101 91.64 63.90 96.44
C SER WB 101 90.84 64.61 95.35
N LYS WB 102 91.56 65.32 94.48
CA LYS WB 102 90.91 66.04 93.39
C LYS WB 102 90.39 65.09 92.31
N ARG WB 103 91.15 64.03 92.03
CA ARG WB 103 90.75 63.08 91.00
C ARG WB 103 89.50 62.29 91.39
N LYS WB 104 89.33 62.01 92.69
CA LYS WB 104 88.12 61.36 93.15
C LYS WB 104 86.90 62.26 92.99
N ILE WB 105 87.08 63.57 93.23
CA ILE WB 105 86.00 64.54 93.02
C ILE WB 105 85.66 64.64 91.54
N ILE WB 106 86.68 64.64 90.67
CA ILE WB 106 86.45 64.68 89.23
C ILE WB 106 85.73 63.43 88.74
N ARG WB 107 86.11 62.26 89.26
CA ARG WB 107 85.44 61.02 88.89
C ARG WB 107 84.02 60.95 89.45
N ASP WB 108 83.79 61.53 90.63
CA ASP WB 108 82.42 61.60 91.15
C ASP WB 108 81.56 62.51 90.29
N LEU WB 109 82.10 63.66 89.87
CA LEU WB 109 81.38 64.54 88.95
C LEU WB 109 81.20 63.91 87.58
N GLN WB 110 82.05 62.94 87.23
CA GLN WB 110 81.82 62.11 86.06
C GLN WB 110 80.67 61.12 86.29
N LYS WB 111 80.52 60.63 87.53
CA LYS WB 111 79.39 59.74 87.84
C LYS WB 111 78.06 60.49 87.78
N GLN WB 112 78.00 61.71 88.30
CA GLN WB 112 76.86 62.54 87.89
C GLN WB 112 77.09 63.14 86.50
N ASP WB 113 76.13 63.91 86.02
CA ASP WB 113 76.11 64.29 84.62
C ASP WB 113 76.75 65.66 84.39
N ILE WB 114 77.97 65.86 84.89
CA ILE WB 114 78.66 67.15 84.82
C ILE WB 114 80.02 66.92 84.17
N GLN WB 115 80.36 67.75 83.17
CA GLN WB 115 81.59 67.56 82.41
C GLN WB 115 82.68 68.52 82.86
N TYR WB 116 83.91 68.03 82.87
CA TYR WB 116 85.09 68.79 83.28
C TYR WB 116 86.08 68.86 82.12
N VAL WB 117 86.53 70.07 81.79
CA VAL WB 117 87.48 70.29 80.69
C VAL WB 117 88.64 71.13 81.23
N GLU WB 118 89.86 70.64 81.04
CA GLU WB 118 91.06 71.38 81.40
C GLU WB 118 91.96 71.49 80.18
N TYR WB 119 92.33 72.72 79.82
CA TYR WB 119 93.15 72.97 78.64
C TYR WB 119 94.01 74.20 78.92
N GLY WB 120 95.31 73.99 79.10
CA GLY WB 120 96.18 75.07 79.48
C GLY WB 120 96.06 75.36 80.96
N ASP WB 121 95.80 76.63 81.29
CA ASP WB 121 95.55 77.03 82.67
C ASP WB 121 94.12 77.53 82.88
N THR WB 122 93.19 77.13 82.02
CA THR WB 122 91.78 77.49 82.14
C THR WB 122 90.97 76.22 82.33
N ARG WB 123 90.09 76.23 83.33
CA ARG WB 123 89.29 75.06 83.67
C ARG WB 123 87.81 75.40 83.53
N THR WB 124 87.03 74.43 83.04
CA THR WB 124 85.65 74.67 82.64
C THR WB 124 84.78 73.51 83.11
N LEU WB 125 83.63 73.85 83.70
CA LEU WB 125 82.63 72.90 84.13
C LEU WB 125 81.36 73.12 83.31
N ILE WB 126 80.77 72.03 82.83
CA ILE WB 126 79.56 72.07 82.02
C ILE WB 126 78.46 71.35 82.79
N ILE WB 127 77.35 72.04 83.05
CA ILE WB 127 76.27 71.56 83.89
C ILE WB 127 74.97 71.63 83.09
N PRO WB 128 74.17 70.57 83.03
CA PRO WB 128 72.93 70.61 82.25
C PRO WB 128 71.77 71.17 83.04
N THR WB 129 71.08 72.16 82.46
CA THR WB 129 69.94 72.77 83.11
C THR WB 129 68.74 71.83 83.19
N ASP WB 130 68.64 70.88 82.25
CA ASP WB 130 67.53 69.94 82.22
C ASP WB 130 67.51 69.00 83.41
N LYS WB 131 68.65 68.78 84.06
CA LYS WB 131 68.71 68.00 85.29
C LYS WB 131 69.03 68.80 86.53
N TYR WB 132 69.67 69.96 86.40
CA TYR WB 132 70.04 70.75 87.57
C TYR WB 132 69.18 71.99 87.76
N PHE WB 133 68.10 72.12 87.01
CA PHE WB 133 67.14 73.20 87.22
C PHE WB 133 65.73 72.64 87.09
N MET WB 134 64.77 73.35 87.67
CA MET WB 134 63.38 73.05 87.42
C MET WB 134 63.01 73.48 86.00
N PHE WB 135 61.92 72.92 85.50
CA PHE WB 135 61.56 73.09 84.09
C PHE WB 135 61.08 74.51 83.82
N SER WB 136 61.81 75.21 82.93
CA SER WB 136 61.49 76.55 82.44
C SER WB 136 61.34 77.57 83.57
N SER WB 137 62.27 77.53 84.52
CA SER WB 137 62.21 78.41 85.68
C SER WB 137 63.62 78.57 86.22
N PRO WB 138 63.92 79.67 86.91
CA PRO WB 138 65.23 79.82 87.56
C PRO WB 138 65.37 79.12 88.90
N ARG WB 139 64.47 78.21 89.25
CA ARG WB 139 64.55 77.49 90.52
C ARG WB 139 65.56 76.36 90.42
N LEU WB 140 66.29 76.13 91.51
CA LEU WB 140 67.31 75.11 91.56
C LEU WB 140 66.71 73.79 92.04
N ASN WB 141 66.98 72.71 91.32
CA ASN WB 141 66.45 71.40 91.66
C ASN WB 141 67.17 70.84 92.88
N GLU WB 142 66.44 70.64 93.97
CA GLU WB 142 67.02 70.26 95.24
C GLU WB 142 67.30 68.78 95.37
N ILE WB 143 66.84 67.95 94.43
CA ILE WB 143 67.11 66.52 94.50
C ILE WB 143 68.52 66.21 94.02
N CYS WB 144 69.12 67.10 93.23
CA CYS WB 144 70.44 66.90 92.65
C CYS WB 144 71.54 67.60 93.44
N TYR WB 145 71.40 67.66 94.76
CA TYR WB 145 72.37 68.31 95.64
C TYR WB 145 73.77 67.68 95.77
N PRO WB 146 74.01 66.36 95.60
CA PRO WB 146 75.42 65.90 95.61
C PRO WB 146 76.28 66.46 94.49
N GLY WB 147 75.69 66.71 93.30
CA GLY WB 147 76.46 67.33 92.24
C GLY WB 147 76.86 68.76 92.57
N LEU WB 148 75.95 69.53 93.16
CA LEU WB 148 76.27 70.89 93.57
C LEU WB 148 77.30 70.91 94.70
N ASN WB 149 77.19 69.97 95.64
CA ASN WB 149 78.19 69.88 96.72
C ASN WB 149 79.56 69.49 96.18
N ASN WB 150 79.60 68.60 95.17
CA ASN WB 150 80.88 68.27 94.53
C ASN WB 150 81.44 69.42 93.72
N VAL WB 151 80.57 70.26 93.14
CA VAL WB 151 81.02 71.46 92.45
C VAL WB 151 81.67 72.44 93.44
N ILE WB 152 81.05 72.62 94.61
CA ILE WB 152 81.64 73.45 95.66
C ILE WB 152 82.96 72.87 96.16
N ARG WB 153 83.01 71.54 96.31
CA ARG WB 153 84.24 70.87 96.76
C ARG WB 153 85.37 71.02 95.74
N LEU WB 154 85.05 70.95 94.45
CA LEU WB 154 86.08 71.15 93.42
C LEU WB 154 86.51 72.60 93.35
N LEU WB 155 85.57 73.54 93.52
CA LEU WB 155 85.91 74.96 93.46
C LEU WB 155 86.66 75.43 94.70
N ASN WB 156 86.61 74.66 95.79
CA ASN WB 156 87.35 75.03 97.00
C ASN WB 156 88.87 74.89 96.83
N PHE WB 157 89.34 74.17 95.80
CA PHE WB 157 90.76 73.95 95.60
C PHE WB 157 91.49 75.14 94.99
N TYR WB 158 90.77 76.15 94.50
CA TYR WB 158 91.37 77.31 93.83
C TYR WB 158 90.87 78.58 94.50
N PRO WB 159 91.51 79.00 95.59
CA PRO WB 159 90.99 80.16 96.35
C PRO WB 159 91.41 81.51 95.82
N GLN WB 160 92.12 81.58 94.68
CA GLN WB 160 92.61 82.85 94.17
C GLN WB 160 92.06 83.22 92.79
N SER WB 161 91.45 82.28 92.08
CA SER WB 161 91.01 82.54 90.71
C SER WB 161 89.68 83.29 90.69
N THR WB 162 89.37 83.88 89.54
CA THR WB 162 88.10 84.53 89.29
C THR WB 162 87.17 83.57 88.56
N ILE WB 163 85.86 83.77 88.76
CA ILE WB 163 84.84 82.84 88.30
C ILE WB 163 83.97 83.54 87.28
N TYR WB 164 83.76 82.91 86.13
CA TYR WB 164 82.79 83.36 85.14
C TYR WB 164 81.73 82.27 84.97
N VAL WB 165 80.46 82.65 85.05
CA VAL WB 165 79.35 81.73 84.86
C VAL WB 165 78.46 82.26 83.75
N ALA WB 166 78.09 81.38 82.82
CA ALA WB 166 77.32 81.75 81.64
C ALA WB 166 76.20 80.75 81.41
N GLY WB 167 75.05 81.26 80.97
CA GLY WB 167 73.88 80.43 80.70
C GLY WB 167 73.57 80.38 79.21
N PHE WB 168 73.16 79.20 78.73
CA PHE WB 168 72.84 79.00 77.33
C PHE WB 168 71.58 78.16 77.20
N THR WB 169 70.73 78.52 76.24
CA THR WB 169 69.49 77.80 75.92
C THR WB 169 69.50 77.39 74.45
N ASP WB 170 68.43 76.72 74.04
CA ASP WB 170 68.25 76.29 72.65
C ASP WB 170 67.52 77.36 71.84
N ASN WB 171 67.07 77.01 70.65
CA ASN WB 171 66.52 77.98 69.71
C ASN WB 171 65.00 78.15 69.82
N VAL WB 172 64.33 77.40 70.70
CA VAL WB 172 62.88 77.46 70.79
C VAL WB 172 62.48 78.63 71.69
N GLY WB 173 61.63 79.51 71.17
CA GLY WB 173 61.07 80.62 71.91
C GLY WB 173 61.40 81.94 71.26
N SER WB 174 61.18 83.01 72.03
CA SER WB 174 61.49 84.36 71.60
C SER WB 174 62.86 84.78 72.14
N ARG WB 175 63.43 85.81 71.50
CA ARG WB 175 64.79 86.23 71.80
C ARG WB 175 64.90 86.82 73.21
N SER WB 176 63.95 87.68 73.58
CA SER WB 176 63.96 88.27 74.92
C SER WB 176 63.67 87.22 75.98
N HIS WB 177 62.81 86.24 75.68
CA HIS WB 177 62.53 85.15 76.61
C HIS WB 177 63.76 84.30 76.85
N LYS WB 178 64.50 83.97 75.78
CA LYS WB 178 65.73 83.19 75.91
C LYS WB 178 66.79 83.95 76.71
N ARG WB 179 66.95 85.24 76.42
CA ARG WB 179 67.92 86.07 77.14
C ARG WB 179 67.58 86.19 78.63
N LYS WB 180 66.30 86.41 78.94
CA LYS WB 180 65.88 86.55 80.33
C LYS WB 180 66.00 85.24 81.10
N LEU WB 181 65.65 84.11 80.46
CA LEU WB 181 65.78 82.82 81.14
C LEU WB 181 67.24 82.46 81.40
N SER WB 182 68.12 82.72 80.41
CA SER WB 182 69.54 82.46 80.60
C SER WB 182 70.14 83.36 81.68
N GLN WB 183 69.75 84.64 81.69
CA GLN WB 183 70.24 85.56 82.70
C GLN WB 183 69.77 85.17 84.10
N ALA WB 184 68.51 84.74 84.22
CA ALA WB 184 67.98 84.32 85.52
C ALA WB 184 68.67 83.07 86.04
N GLN WB 185 68.93 82.09 85.16
CA GLN WB 185 69.62 80.88 85.59
C GLN WB 185 71.08 81.16 85.95
N ALA WB 186 71.74 82.07 85.21
CA ALA WB 186 73.10 82.46 85.54
C ALA WB 186 73.18 83.19 86.87
N GLU WB 187 72.22 84.09 87.13
CA GLU WB 187 72.17 84.77 88.44
C GLU WB 187 71.91 83.79 89.58
N THR WB 188 71.05 82.80 89.37
CA THR WB 188 70.78 81.80 90.40
C THR WB 188 72.02 80.97 90.71
N MET WB 189 72.74 80.54 89.67
CA MET WB 189 73.96 79.76 89.89
C MET WB 189 75.06 80.60 90.54
N MET WB 190 75.17 81.88 90.15
CA MET WB 190 76.15 82.77 90.77
C MET WB 190 75.82 83.04 92.23
N THR WB 191 74.52 83.16 92.55
CA THR WB 191 74.12 83.35 93.94
C THR WB 191 74.40 82.11 94.78
N PHE WB 192 74.16 80.92 94.22
CA PHE WB 192 74.50 79.69 94.94
C PHE WB 192 76.00 79.55 95.13
N LEU WB 193 76.81 80.02 94.18
CA LEU WB 193 78.26 80.04 94.37
C LEU WB 193 78.66 81.06 95.45
N TRP WB 194 77.99 82.20 95.49
CA TRP WB 194 78.33 83.27 96.43
C TRP WB 194 77.98 82.88 97.86
N ALA WB 195 76.87 82.15 98.04
CA ALA WB 195 76.37 81.84 99.38
C ALA WB 195 77.18 80.78 100.10
N ASN WB 196 78.11 80.11 99.42
CA ASN WB 196 78.91 79.05 100.04
C ASN WB 196 80.28 79.53 100.47
N GLY WB 197 80.56 80.83 100.41
CA GLY WB 197 81.82 81.34 100.92
C GLY WB 197 82.64 82.15 99.93
N ILE WB 198 82.34 82.01 98.64
CA ILE WB 198 83.08 82.72 97.61
C ILE WB 198 82.68 84.19 97.63
N ALA WB 199 83.67 85.08 97.61
CA ALA WB 199 83.43 86.52 97.69
C ALA WB 199 82.77 87.04 96.42
N ALA WB 200 82.05 88.15 96.58
CA ALA WB 200 81.26 88.70 95.49
C ALA WB 200 82.11 89.37 94.41
N LYS WB 201 83.33 89.78 94.73
CA LYS WB 201 84.18 90.45 93.75
C LYS WB 201 84.86 89.47 92.79
N ARG WB 202 84.77 88.17 93.05
CA ARG WB 202 85.36 87.15 92.20
C ARG WB 202 84.35 86.54 91.23
N LEU WB 203 83.12 87.04 91.19
CA LEU WB 203 82.04 86.43 90.44
C LEU WB 203 81.48 87.39 89.41
N LYS WB 204 81.06 86.83 88.27
CA LYS WB 204 80.39 87.59 87.22
C LYS WB 204 79.54 86.61 86.41
N ALA WB 205 78.28 86.96 86.18
CA ALA WB 205 77.32 86.09 85.53
C ALA WB 205 76.80 86.73 84.25
N GLU WB 206 76.58 85.90 83.24
CA GLU WB 206 76.08 86.39 81.96
C GLU WB 206 75.23 85.31 81.30
N GLY WB 207 74.11 85.72 80.71
CA GLY WB 207 73.25 84.80 80.01
C GLY WB 207 73.14 85.07 78.53
N TYR WB 208 73.69 84.18 77.71
CA TYR WB 208 73.56 84.27 76.27
C TYR WB 208 72.37 83.43 75.81
N GLY WB 209 71.86 83.73 74.63
CA GLY WB 209 70.72 82.99 74.14
C GLY WB 209 71.14 81.76 73.36
N ASP WB 210 70.80 81.72 72.08
CA ASP WB 210 71.28 80.68 71.16
C ASP WB 210 72.39 81.23 70.28
N LYS WB 211 73.27 82.05 70.88
CA LYS WB 211 74.24 82.83 70.11
C LYS WB 211 75.34 81.94 69.54
N ASN WB 212 76.09 81.27 70.41
CA ASN WB 212 77.21 80.40 70.00
C ASN WB 212 77.00 79.00 70.58
N ALA WB 213 76.25 78.19 69.85
CA ALA WB 213 75.93 76.84 70.27
C ALA WB 213 77.10 75.89 70.00
N ILE WB 214 77.01 74.69 70.58
CA ILE WB 214 78.02 73.66 70.40
C ILE WB 214 77.53 72.47 69.61
N SER WB 215 76.24 72.41 69.27
CA SER WB 215 75.68 71.32 68.50
C SER WB 215 74.66 71.90 67.51
N ASP WB 216 73.94 71.02 66.84
CA ASP WB 216 72.96 71.42 65.84
C ASP WB 216 71.58 71.48 66.48
N ASN WB 217 70.88 72.60 66.25
CA ASN WB 217 69.54 72.80 66.80
C ASN WB 217 68.44 72.17 65.96
N ALA WB 218 68.76 71.61 64.80
CA ALA WB 218 67.78 70.97 63.94
C ALA WB 218 67.56 69.51 64.27
N ILE WB 219 68.28 68.97 65.26
CA ILE WB 219 68.14 67.59 65.69
C ILE WB 219 67.88 67.57 67.20
N ILE WB 220 67.27 66.48 67.65
CA ILE WB 220 66.72 66.42 69.01
C ILE WB 220 67.84 66.37 70.05
N HIS WB 221 68.79 65.44 69.86
CA HIS WB 221 69.86 65.27 70.84
C HIS WB 221 70.84 66.46 70.81
N GLY WB 222 71.12 66.98 69.61
CA GLY WB 222 71.96 68.15 69.50
C GLY WB 222 71.33 69.40 70.10
N SER WB 223 70.01 69.55 69.94
CA SER WB 223 69.32 70.66 70.59
C SER WB 223 69.24 70.47 72.09
N ALA WB 224 69.19 69.22 72.56
CA ALA WB 224 69.21 68.95 74.00
C ALA WB 224 70.58 69.27 74.60
N GLN WB 225 71.66 69.06 73.84
CA GLN WB 225 72.99 69.32 74.36
C GLN WB 225 73.33 70.80 74.49
N ASN WB 226 72.51 71.69 73.93
CA ASN WB 226 72.85 73.12 73.90
C ASN WB 226 72.44 73.87 75.16
N ARG WB 227 71.45 73.38 75.90
CA ARG WB 227 70.97 74.06 77.10
C ARG WB 227 71.91 73.72 78.26
N ARG WB 228 72.70 74.69 78.72
CA ARG WB 228 73.79 74.37 79.63
C ARG WB 228 74.20 75.60 80.44
N ILE WB 229 75.00 75.33 81.47
CA ILE WB 229 75.65 76.34 82.30
C ILE WB 229 77.15 76.08 82.23
N GLU WB 230 77.91 77.12 81.90
CA GLU WB 230 79.36 77.06 81.75
C GLU WB 230 80.01 77.81 82.91
N ILE WB 231 80.95 77.16 83.59
CA ILE WB 231 81.71 77.78 84.68
C ILE WB 231 83.19 77.73 84.31
N GLN WB 232 83.79 78.89 84.11
CA GLN WB 232 85.21 78.98 83.77
C GLN WB 232 85.99 79.67 84.88
N TRP WB 233 87.20 79.17 85.14
CA TRP WB 233 88.11 79.85 86.04
C TRP WB 233 89.54 79.62 85.56
N PHE WB 234 90.44 80.47 86.05
CA PHE WB 234 91.84 80.44 85.63
C PHE WB 234 92.67 79.55 86.56
N GLU XB 29 97.89 128.03 138.68
CA GLU XB 29 96.67 127.29 139.01
C GLU XB 29 95.74 128.12 139.89
N VAL XB 30 94.78 128.81 139.26
CA VAL XB 30 93.83 129.66 139.97
C VAL XB 30 92.42 129.29 139.54
N LYS XB 31 91.46 129.59 140.42
CA LYS XB 31 90.07 129.26 140.19
C LYS XB 31 89.37 130.42 139.49
N LYS XB 32 88.04 130.37 139.43
CA LYS XB 32 87.24 131.40 138.79
C LYS XB 32 86.25 132.07 139.74
N GLN XB 33 86.36 131.82 141.03
CA GLN XB 33 85.39 132.32 142.00
C GLN XB 33 85.55 133.81 142.22
N GLY XB 34 84.43 134.50 142.42
CA GLY XB 34 84.42 135.93 142.65
C GLY XB 34 84.39 136.79 141.41
N THR XB 35 84.45 136.20 140.22
CA THR XB 35 84.51 136.94 138.97
C THR XB 35 83.38 136.48 138.06
N SER XB 36 82.65 137.44 137.48
CA SER XB 36 81.59 137.16 136.53
C SER XB 36 82.11 137.28 135.10
N SER XB 37 81.33 136.77 134.15
CA SER XB 37 81.78 136.67 132.77
C SER XB 37 81.77 138.06 132.12
N THR XB 38 82.91 138.42 131.52
CA THR XB 38 83.09 139.72 130.88
C THR XB 38 83.52 139.54 129.43
N ARG XB 39 83.24 140.56 128.62
CA ARG XB 39 83.58 140.54 127.21
C ARG XB 39 85.04 140.90 127.00
N GLN XB 40 85.69 140.18 126.08
CA GLN XB 40 87.08 140.48 125.71
C GLN XB 40 87.21 140.38 124.19
N PHE XB 41 87.96 141.33 123.61
CA PHE XB 41 88.31 141.29 122.20
C PHE XB 41 89.83 141.12 122.09
N ARG XB 42 90.25 140.18 121.25
CA ARG XB 42 91.67 139.91 121.06
C ARG XB 42 91.93 139.67 119.57
N GLN XB 43 93.18 139.89 119.18
CA GLN XB 43 93.61 139.73 117.79
C GLN XB 43 94.54 138.53 117.68
N VAL XB 44 94.37 137.78 116.60
CA VAL XB 44 95.13 136.55 116.35
C VAL XB 44 95.58 136.57 114.90
N SER XB 45 96.63 135.80 114.61
CA SER XB 45 97.19 135.72 113.26
C SER XB 45 96.39 134.70 112.44
N SER XB 46 96.90 134.36 111.26
CA SER XB 46 96.24 133.43 110.37
C SER XB 46 96.36 132.00 110.89
N PHE XB 47 95.30 131.22 110.68
CA PHE XB 47 95.27 129.83 111.12
C PHE XB 47 94.37 129.04 110.19
N ASN XB 48 94.63 127.73 110.11
CA ASN XB 48 93.82 126.83 109.30
C ASN XB 48 93.29 125.63 110.08
N GLN XB 49 93.87 125.29 111.23
CA GLN XB 49 93.44 124.17 112.04
C GLN XB 49 93.16 124.68 113.45
N ILE XB 50 92.01 124.32 114.01
CA ILE XB 50 91.63 124.73 115.36
C ILE XB 50 91.46 123.49 116.22
N VAL XB 51 92.13 123.47 117.38
CA VAL XB 51 92.00 122.40 118.36
C VAL XB 51 91.46 123.04 119.64
N VAL XB 52 90.25 122.68 120.04
CA VAL XB 52 89.58 123.28 121.19
C VAL XB 52 89.32 122.19 122.22
N GLN XB 53 89.75 122.45 123.46
CA GLN XB 53 89.55 121.54 124.59
C GLN XB 53 88.91 122.28 125.74
N GLY XB 54 87.94 121.63 126.39
CA GLY XB 54 87.34 122.19 127.59
C GLY XB 54 85.84 122.37 127.54
N ARG XB 55 85.21 122.44 128.71
CA ARG XB 55 83.77 122.64 128.81
C ARG XB 55 83.40 124.08 128.48
N LEU XB 56 83.07 124.33 127.21
CA LEU XB 56 82.87 125.69 126.74
C LEU XB 56 82.02 125.66 125.47
N ASN XB 57 81.73 126.85 124.94
CA ASN XB 57 80.90 126.99 123.74
C ASN XB 57 81.68 127.75 122.68
N VAL XB 58 81.56 127.30 121.43
CA VAL XB 58 82.23 127.90 120.28
C VAL XB 58 81.17 128.35 119.29
N ASN XB 59 81.30 129.58 118.81
CA ASN XB 59 80.50 130.11 117.71
C ASN XB 59 81.43 130.46 116.56
N LEU XB 60 81.06 130.03 115.35
CA LEU XB 60 81.89 130.25 114.17
C LEU XB 60 81.19 131.22 113.22
N HIS XB 61 81.98 132.09 112.59
CA HIS XB 61 81.46 132.96 111.55
C HIS XB 61 82.47 133.04 110.42
N THR XB 62 82.02 133.56 109.28
CA THR XB 62 82.86 133.64 108.09
C THR XB 62 82.69 135.01 107.44
N GLY XB 63 83.81 135.70 107.24
CA GLY XB 63 83.79 137.00 106.61
C GLY XB 63 85.08 137.25 105.85
N TYR XB 64 85.09 138.33 105.08
CA TYR XB 64 86.25 138.72 104.28
C TYR XB 64 87.12 139.75 104.98
N ASN XB 65 86.91 139.96 106.28
CA ASN XB 65 87.70 140.91 107.04
C ASN XB 65 88.91 140.21 107.65
N LYS XB 66 89.58 140.89 108.57
CA LYS XB 66 90.69 140.28 109.29
C LYS XB 66 90.17 139.21 110.25
N PRO XB 67 90.97 138.17 110.52
CA PRO XB 67 90.55 137.17 111.52
C PRO XB 67 90.63 137.73 112.92
N GLU XB 68 89.66 137.31 113.75
CA GLU XB 68 89.65 137.71 115.15
C GLU XB 68 88.93 136.65 115.99
N VAL XB 69 89.15 136.76 117.30
CA VAL XB 69 88.53 135.86 118.28
C VAL XB 69 88.08 136.68 119.48
N MET XB 70 86.90 136.35 120.00
CA MET XB 70 86.33 136.96 121.19
C MET XB 70 86.20 135.89 122.27
N LEU XB 71 86.70 136.20 123.47
CA LEU XB 71 86.74 135.26 124.59
C LEU XB 71 85.93 135.84 125.74
N ARG XB 72 84.64 135.49 125.79
CA ARG XB 72 83.79 135.87 126.90
C ARG XB 72 84.03 134.91 128.06
N GLY XB 73 84.55 135.43 129.16
CA GLY XB 73 84.86 134.59 130.31
C GLY XB 73 85.20 135.42 131.52
N ASP XB 74 85.53 134.72 132.60
CA ASP XB 74 85.89 135.38 133.85
C ASP XB 74 87.26 136.03 133.72
N PRO XB 75 87.44 137.26 134.22
CA PRO XB 75 88.75 137.93 134.10
C PRO XB 75 89.85 137.29 134.91
N ARG XB 76 89.52 136.51 135.95
CA ARG XB 76 90.54 135.75 136.66
C ARG XB 76 91.11 134.65 135.79
N ASP XB 77 90.27 134.02 134.98
CA ASP XB 77 90.67 132.93 134.09
C ASP XB 77 90.87 133.38 132.65
N LEU XB 78 90.86 134.69 132.37
CA LEU XB 78 91.12 135.16 131.02
C LEU XB 78 92.57 134.94 130.62
N VAL XB 79 93.49 135.01 131.58
CA VAL XB 79 94.87 134.64 131.32
C VAL XB 79 94.98 133.13 131.13
N GLN XB 80 94.21 132.36 131.91
CA GLN XB 80 94.26 130.89 131.83
C GLN XB 80 93.68 130.38 130.52
N VAL XB 81 92.74 131.10 129.93
CA VAL XB 81 92.26 130.77 128.60
C VAL XB 81 93.38 131.06 127.61
N ARG XB 82 93.87 130.01 126.96
CA ARG XB 82 95.08 130.09 126.15
C ARG XB 82 94.72 130.15 124.68
N THR XB 83 95.21 131.19 123.99
CA THR XB 83 95.06 131.34 122.55
C THR XB 83 96.46 131.38 121.96
N ILE XB 84 97.02 130.20 121.67
CA ILE XB 84 98.38 130.09 121.17
C ILE XB 84 98.33 129.57 119.74
N VAL XB 85 99.35 129.96 118.97
CA VAL XB 85 99.45 129.66 117.55
C VAL XB 85 100.79 128.98 117.30
N LYS XB 86 100.75 127.78 116.72
CA LYS XB 86 101.97 127.03 116.40
C LYS XB 86 101.78 126.39 115.03
N GLN XB 87 102.70 126.69 114.11
CA GLN XB 87 102.79 126.09 112.77
C GLN XB 87 101.48 126.22 111.99
N ASN XB 88 100.97 127.45 111.96
CA ASN XB 88 99.71 127.84 111.31
C ASN XB 88 98.52 127.08 111.92
N THR XB 89 98.59 126.72 113.19
CA THR XB 89 97.46 126.12 113.90
C THR XB 89 97.02 127.04 115.03
N LEU XB 90 95.95 126.64 115.71
CA LEU XB 90 95.39 127.39 116.82
C LEU XB 90 95.00 126.40 117.92
N TYR XB 91 95.45 126.67 119.15
CA TYR XB 91 95.17 125.80 120.29
C TYR XB 91 94.38 126.60 121.32
N VAL XB 92 93.07 126.35 121.39
CA VAL XB 92 92.21 126.97 122.39
C VAL XB 92 91.93 125.88 123.43
N SER XB 93 92.73 125.86 124.49
CA SER XB 93 92.62 124.84 125.51
C SER XB 93 92.91 125.48 126.88
N LEU XB 94 92.98 124.63 127.90
CA LEU XB 94 93.26 125.09 129.25
C LEU XB 94 94.72 125.46 129.40
N GLY XB 95 94.97 126.51 130.17
CA GLY XB 95 96.33 126.93 130.47
C GLY XB 95 96.56 126.96 131.97
N GLN XB 96 97.80 126.61 132.35
CA GLN XB 96 98.23 126.48 133.76
C GLN XB 96 97.33 125.51 134.54
N GLY XB 97 96.96 124.41 133.89
CA GLY XB 97 96.13 123.42 134.54
C GLY XB 97 94.66 123.81 134.56
N TYR XB 98 93.86 122.92 135.16
CA TYR XB 98 92.43 123.14 135.32
C TYR XB 98 92.11 122.96 136.80
N PRO XB 99 92.19 124.03 137.61
CA PRO XB 99 91.55 123.99 138.92
C PRO XB 99 90.03 124.03 138.81
N ASP XB 100 89.51 125.06 138.14
CA ASP XB 100 88.08 125.29 137.95
C ASP XB 100 87.81 126.40 136.94
N TYR XB 101 86.96 126.13 135.95
CA TYR XB 101 86.31 127.18 135.18
C TYR XB 101 84.97 126.66 134.68
N GLY XB 102 83.94 127.50 134.75
CA GLY XB 102 82.59 127.05 134.46
C GLY XB 102 82.05 127.39 133.08
N ALA XB 103 82.19 128.65 132.66
CA ALA XB 103 81.55 129.13 131.43
C ALA XB 103 82.55 129.93 130.62
N VAL XB 104 82.79 129.49 129.38
CA VAL XB 104 83.67 130.19 128.44
C VAL XB 104 82.97 130.19 127.07
N THR XB 105 82.89 131.36 126.45
CA THR XB 105 82.32 131.51 125.11
C THR XB 105 83.41 132.01 124.18
N VAL XB 106 83.63 131.28 123.08
CA VAL XB 106 84.67 131.60 122.11
C VAL XB 106 83.98 131.85 120.77
N ASP XB 107 83.92 133.12 120.36
CA ASP XB 107 83.43 133.47 119.04
C ASP XB 107 84.62 133.67 118.11
N ILE XB 108 84.52 133.15 116.89
CA ILE XB 108 85.67 133.14 116.00
C ILE XB 108 85.25 133.61 114.61
N LYS XB 109 86.13 134.37 113.96
CA LYS XB 109 85.95 134.82 112.58
C LYS XB 109 87.27 134.69 111.84
N THR XB 110 87.22 134.06 110.67
CA THR XB 110 88.42 133.80 109.87
C THR XB 110 88.00 133.60 108.42
N LYS XB 111 88.95 133.18 107.58
CA LYS XB 111 88.69 132.97 106.15
C LYS XB 111 88.83 131.51 105.76
N PHE XB 112 89.92 130.85 106.11
CA PHE XB 112 90.20 129.48 105.69
C PHE XB 112 90.22 128.54 106.89
N LEU XB 113 89.51 127.42 106.77
CA LEU XB 113 89.51 126.37 107.79
C LEU XB 113 89.83 125.04 107.13
N ASN XB 114 90.66 124.24 107.81
CA ASN XB 114 91.10 122.96 107.25
C ASN XB 114 91.07 121.79 108.23
N ARG XB 115 90.91 122.04 109.54
CA ARG XB 115 90.82 120.95 110.50
C ARG XB 115 90.16 121.46 111.77
N PHE XB 116 89.24 120.67 112.32
CA PHE XB 116 88.56 121.01 113.57
C PHE XB 116 88.66 119.83 114.53
N ARG XB 117 89.19 120.08 115.72
CA ARG XB 117 89.26 119.10 116.79
C ARG XB 117 88.54 119.67 118.00
N TYR XB 118 87.64 118.87 118.59
CA TYR XB 118 86.87 119.32 119.74
C TYR XB 118 86.84 118.24 120.81
N GLU XB 119 87.18 118.62 122.05
CA GLU XB 119 87.19 117.68 123.16
C GLU XB 119 86.67 118.35 124.43
N GLY XB 120 85.97 117.55 125.25
CA GLY XB 120 85.72 117.92 126.63
C GLY XB 120 84.40 118.57 126.99
N ALA XB 121 83.28 117.96 126.57
CA ALA XB 121 81.91 118.29 127.00
C ALA XB 121 81.55 119.74 126.67
N GLY XB 122 81.47 120.01 125.37
CA GLY XB 122 81.18 121.36 124.93
C GLY XB 122 80.18 121.51 123.81
N VAL XB 123 79.97 122.75 123.36
CA VAL XB 123 79.00 123.09 122.33
C VAL XB 123 79.74 123.78 121.19
N VAL XB 124 79.40 123.40 119.95
CA VAL XB 124 79.95 124.04 118.75
C VAL XB 124 78.78 124.40 117.82
N THR XB 125 78.74 125.66 117.38
CA THR XB 125 77.73 126.12 116.43
C THR XB 125 78.41 126.87 115.30
N GLY XB 126 78.10 126.49 114.06
CA GLY XB 126 78.66 127.17 112.90
C GLY XB 126 77.78 127.01 111.69
N ASN XB 127 77.86 127.99 110.78
CA ASN XB 127 77.06 127.97 109.57
C ASN XB 127 77.75 128.80 108.49
N ASN XB 128 77.30 128.59 107.24
CA ASN XB 128 77.72 129.33 106.05
C ASN XB 128 79.23 129.23 105.82
N LEU XB 129 79.75 128.01 105.91
CA LEU XB 129 81.17 127.73 105.76
C LEU XB 129 81.41 127.08 104.40
N ARG XB 130 82.34 127.63 103.63
CA ARG XB 130 82.71 127.11 102.33
C ARG XB 130 84.16 126.63 102.38
N THR XB 131 84.39 125.43 101.85
CA THR XB 131 85.71 124.80 101.94
C THR XB 131 85.86 123.79 100.81
N SER XB 132 87.10 123.31 100.65
CA SER XB 132 87.41 122.23 99.74
C SER XB 132 87.51 120.88 100.46
N TYR XB 133 88.27 120.82 101.55
CA TYR XB 133 88.39 119.62 102.35
C TYR XB 133 88.80 119.99 103.76
N LEU XB 134 88.09 119.45 104.75
CA LEU XB 134 88.45 119.60 106.15
C LEU XB 134 87.92 118.42 106.94
N ASP XB 135 88.48 118.21 108.12
CA ASP XB 135 88.24 117.01 108.93
C ASP XB 135 87.70 117.41 110.29
N LEU XB 136 86.60 116.80 110.70
CA LEU XB 136 86.02 116.96 112.03
C LEU XB 136 86.47 115.82 112.93
N TYR XB 137 86.87 116.15 114.15
CA TYR XB 137 87.16 115.14 115.17
C TYR XB 137 86.46 115.58 116.46
N LEU XB 138 85.28 115.01 116.71
CA LEU XB 138 84.50 115.31 117.90
C LEU XB 138 84.71 114.23 118.95
N ALA XB 139 84.88 114.64 120.20
CA ALA XB 139 85.07 113.68 121.28
C ALA XB 139 84.38 114.16 122.54
N ASN XB 140 83.75 113.21 123.26
CA ASN XB 140 83.30 113.35 124.65
C ASN XB 140 82.28 114.49 124.81
N GLU XB 141 81.09 114.25 124.24
CA GLU XB 141 79.92 115.13 124.31
C GLU XB 141 80.22 116.50 123.68
N GLY XB 142 80.43 116.44 122.36
CA GLY XB 142 80.45 117.65 121.57
C GLY XB 142 79.12 117.88 120.89
N THR XB 143 78.28 118.74 121.45
CA THR XB 143 76.98 119.01 120.85
C THR XB 143 77.19 120.03 119.75
N THR XB 144 76.99 119.62 118.51
CA THR XB 144 77.56 120.32 117.35
C THR XB 144 76.49 120.57 116.30
N ARG XB 145 76.49 121.78 115.74
CA ARG XB 145 75.65 122.12 114.60
C ARG XB 145 76.52 122.76 113.52
N LEU XB 146 76.42 122.23 112.31
CA LEU XB 146 76.96 122.86 111.11
C LEU XB 146 75.82 123.06 110.12
N ALA XB 147 75.65 124.29 109.65
CA ALA XB 147 74.56 124.64 108.75
C ALA XB 147 75.10 125.36 107.52
N GLY XB 148 76.15 124.81 106.91
CA GLY XB 148 76.71 125.37 105.71
C GLY XB 148 76.85 124.35 104.59
N ASN XB 149 77.66 124.68 103.58
CA ASN XB 149 77.95 123.77 102.48
C ASN XB 149 79.41 123.34 102.60
N ILE XB 150 79.65 122.27 103.36
CA ILE XB 150 80.98 121.82 103.72
C ILE XB 150 81.27 120.53 102.97
N GLY XB 151 82.31 120.54 102.14
CA GLY XB 151 82.76 119.34 101.46
C GLY XB 151 83.87 118.64 102.23
N LEU XB 152 83.53 117.60 102.97
CA LEU XB 152 84.46 116.91 103.85
C LEU XB 152 84.62 115.45 103.41
N GLN XB 153 85.86 114.97 103.46
CA GLN XB 153 86.17 113.60 103.06
C GLN XB 153 86.30 112.66 104.25
N LYS XB 154 86.63 113.17 105.43
CA LYS XB 154 86.71 112.36 106.63
C LYS XB 154 85.98 113.06 107.78
N LEU XB 155 85.46 112.24 108.70
CA LEU XB 155 84.78 112.73 109.89
C LEU XB 155 84.89 111.67 110.97
N GLU XB 156 85.06 112.10 112.22
CA GLU XB 156 85.20 111.17 113.33
C GLU XB 156 84.42 111.68 114.53
N ALA XB 157 83.62 110.80 115.12
CA ALA XB 157 82.96 111.04 116.40
C ALA XB 157 83.35 109.92 117.33
N VAL XB 158 83.83 110.26 118.53
CA VAL XB 158 84.44 109.28 119.41
C VAL XB 158 83.38 108.55 120.23
N GLY XB 159 82.60 109.28 121.01
CA GLY XB 159 81.65 108.62 121.88
C GLY XB 159 80.66 109.52 122.60
N ASN XB 160 79.39 109.07 122.63
CA ASN XB 160 78.30 109.70 123.39
C ASN XB 160 78.06 111.14 122.97
N GLY XB 161 78.12 111.40 121.68
CA GLY XB 161 77.90 112.75 121.14
C GLY XB 161 76.86 112.74 120.04
N VAL XB 162 76.11 113.85 119.96
CA VAL XB 162 75.13 114.05 118.90
C VAL XB 162 75.71 115.00 117.87
N THR XB 163 75.31 114.82 116.60
CA THR XB 163 75.81 115.64 115.51
C THR XB 163 74.70 115.84 114.49
N GLN XB 164 74.46 117.10 114.12
CA GLN XB 164 73.40 117.49 113.19
C GLN XB 164 74.05 118.37 112.13
N ILE XB 165 74.28 117.80 110.94
CA ILE XB 165 74.94 118.52 109.85
C ILE XB 165 73.94 118.70 108.72
N ASN XB 166 73.75 119.95 108.28
CA ASN XB 166 72.82 120.28 107.21
C ASN XB 166 73.61 120.82 106.03
N GLY XB 167 73.92 119.95 105.08
CA GLY XB 167 74.58 120.35 103.85
C GLY XB 167 76.01 119.85 103.72
N VAL XB 168 76.19 118.77 102.98
CA VAL XB 168 77.52 118.22 102.67
C VAL XB 168 77.53 117.84 101.20
N SER XB 169 78.51 118.35 100.45
CA SER XB 169 78.66 118.05 99.02
C SER XB 169 80.10 117.64 98.79
N SER XB 170 80.38 116.34 98.86
CA SER XB 170 81.72 115.81 98.70
C SER XB 170 81.72 114.68 97.69
N ARG XB 171 82.84 114.53 96.99
CA ARG XB 171 83.00 113.46 96.02
C ARG XB 171 83.46 112.14 96.65
N ASN XB 172 83.86 112.16 97.92
CA ASN XB 172 84.27 110.96 98.63
C ASN XB 172 84.10 111.18 100.12
N LEU XB 173 83.73 110.11 100.83
CA LEU XB 173 83.55 110.17 102.27
C LEU XB 173 83.74 108.77 102.84
N GLN XB 174 84.51 108.66 103.91
CA GLN XB 174 84.70 107.40 104.63
C GLN XB 174 84.41 107.64 106.10
N ILE XB 175 83.47 106.88 106.65
CA ILE XB 175 83.01 107.04 108.03
C ILE XB 175 83.23 105.73 108.77
N VAL XB 176 83.93 105.80 109.89
CA VAL XB 176 84.07 104.68 110.82
C VAL XB 176 83.81 105.19 112.24
N LEU XB 177 83.03 104.42 112.99
CA LEU XB 177 82.62 104.80 114.34
C LEU XB 177 83.02 103.72 115.32
N LYS XB 178 83.47 104.14 116.51
CA LYS XB 178 83.93 103.21 117.54
C LYS XB 178 83.19 103.31 118.86
N GLY XB 179 82.30 104.30 119.03
CA GLY XB 179 81.61 104.46 120.29
C GLY XB 179 80.10 104.45 120.16
N ASP XB 180 79.44 105.44 120.78
CA ASP XB 180 77.98 105.59 120.73
C ASP XB 180 77.59 106.97 120.20
N PRO XB 181 77.78 107.25 118.90
CA PRO XB 181 77.35 108.55 118.38
C PRO XB 181 75.93 108.53 117.83
N LYS XB 182 75.37 109.73 117.72
CA LYS XB 182 74.03 109.97 117.19
C LYS XB 182 74.17 111.03 116.10
N VAL XB 183 74.39 110.62 114.87
CA VAL XB 183 74.80 111.53 113.80
C VAL XB 183 73.80 111.50 112.64
N LEU XB 184 73.40 112.69 112.19
CA LEU XB 184 72.58 112.82 111.01
C LEU XB 184 73.19 113.89 110.11
N ILE XB 185 73.43 113.52 108.85
CA ILE XB 185 74.08 114.39 107.88
C ILE XB 185 73.18 114.50 106.65
N SER XB 186 72.95 115.73 106.19
CA SER XB 186 72.17 115.98 105.00
C SER XB 186 73.09 116.49 103.88
N GLY XB 187 72.65 116.28 102.64
CA GLY XB 187 73.40 116.78 101.50
C GLY XB 187 73.57 115.79 100.36
N PHE XB 188 74.79 115.67 99.85
CA PHE XB 188 75.10 114.76 98.75
C PHE XB 188 76.44 114.10 99.06
N VAL XB 189 76.43 112.78 99.27
CA VAL XB 189 77.58 112.04 99.74
C VAL XB 189 77.83 110.87 98.80
N ASN XB 190 79.07 110.76 98.30
CA ASN XB 190 79.49 109.60 97.51
C ASN XB 190 80.23 108.66 98.45
N LEU XB 191 79.46 107.91 99.23
CA LEU XB 191 80.02 107.01 100.23
C LEU XB 191 80.61 105.77 99.57
N ARG XB 192 81.64 105.21 100.20
CA ARG XB 192 82.35 104.05 99.67
C ARG XB 192 82.36 102.86 100.62
N GLN XB 193 82.57 103.07 101.91
CA GLN XB 193 82.64 101.98 102.86
C GLN XB 193 82.11 102.45 104.21
N LEU XB 194 81.66 101.49 105.02
CA LEU XB 194 81.12 101.81 106.33
C LEU XB 194 81.26 100.60 107.23
N ASP XB 195 82.01 100.74 108.32
CA ASP XB 195 82.16 99.71 109.34
C ASP XB 195 81.71 100.27 110.68
N MET XB 196 80.84 99.55 111.38
CA MET XB 196 80.38 99.96 112.70
C MET XB 196 80.49 98.79 113.67
N TYR XB 197 81.09 99.04 114.84
CA TYR XB 197 81.26 98.04 115.88
C TYR XB 197 80.72 98.47 117.24
N GLY XB 198 80.03 99.60 117.33
CA GLY XB 198 79.62 100.14 118.62
C GLY XB 198 78.11 100.18 118.78
N LYS XB 199 77.61 101.30 119.34
CA LYS XB 199 76.18 101.47 119.54
C LYS XB 199 75.70 102.76 118.89
N GLY XB 200 76.03 102.93 117.61
CA GLY XB 200 75.79 104.21 116.96
C GLY XB 200 74.56 104.22 116.08
N THR XB 201 74.03 105.43 115.89
CA THR XB 201 72.96 105.70 114.93
C THR XB 201 73.45 106.74 113.94
N LEU XB 202 73.27 106.46 112.66
CA LEU XB 202 73.70 107.35 111.58
C LEU XB 202 72.61 107.41 110.52
N SER XB 203 72.29 108.62 110.07
CA SER XB 203 71.33 108.77 108.99
C SER XB 203 71.78 109.80 107.97
N LEU XB 204 71.78 109.40 106.71
CA LEU XB 204 72.08 110.26 105.57
C LEU XB 204 70.84 110.44 104.72
N TYR XB 205 70.63 111.66 104.20
CA TYR XB 205 69.42 111.95 103.44
C TYR XB 205 69.53 111.49 102.00
N TRP XB 206 70.49 112.03 101.25
CA TRP XB 206 70.68 111.68 99.85
C TRP XB 206 72.12 111.24 99.63
N ILE XB 207 72.30 110.11 98.97
CA ILE XB 207 73.62 109.62 98.59
C ILE XB 207 73.58 109.17 97.14
N LYS XB 208 74.66 109.43 96.40
CA LYS XB 208 74.82 109.02 95.01
C LYS XB 208 76.17 108.33 94.91
N SER XB 209 76.18 107.01 95.12
CA SER XB 209 77.39 106.24 95.20
C SER XB 209 77.46 105.25 94.03
N ASP XB 210 78.52 104.44 94.04
CA ASP XB 210 78.74 103.42 93.02
C ASP XB 210 78.93 102.02 93.59
N THR XB 211 79.60 101.91 94.74
CA THR XB 211 79.78 100.62 95.39
C THR XB 211 79.87 100.85 96.89
N LEU XB 212 78.94 100.28 97.64
CA LEU XB 212 78.91 100.41 99.09
C LEU XB 212 79.15 99.07 99.75
N THR XB 213 79.98 99.08 100.80
CA THR XB 213 80.24 97.90 101.62
C THR XB 213 79.92 98.28 103.07
N ILE XB 214 78.91 97.64 103.63
CA ILE XB 214 78.41 97.94 104.96
C ILE XB 214 78.68 96.75 105.86
N ARG XB 215 79.33 96.98 106.99
CA ARG XB 215 79.57 95.96 107.99
C ARG XB 215 79.05 96.45 109.33
N ALA XB 216 78.18 95.66 109.97
CA ALA XB 216 77.63 96.01 111.27
C ALA XB 216 77.88 94.87 112.25
N LYS XB 217 78.47 95.22 113.40
CA LYS XB 217 78.99 94.22 114.33
C LYS XB 217 78.16 94.11 115.60
N LYS XB 218 78.00 95.18 116.38
CA LYS XB 218 77.44 95.03 117.72
C LYS XB 218 76.04 95.58 117.84
N ALA XB 219 75.83 96.88 117.61
CA ALA XB 219 74.48 97.44 117.56
C ALA XB 219 74.53 98.69 116.67
N ALA XB 220 74.20 98.52 115.40
CA ALA XB 220 74.29 99.63 114.47
C ALA XB 220 72.90 99.98 113.95
N LYS XB 221 72.62 101.28 113.85
CA LYS XB 221 71.42 101.76 113.19
C LYS XB 221 71.85 102.67 112.06
N ILE XB 222 71.56 102.26 110.83
CA ILE XB 222 71.95 102.99 109.63
C ILE XB 222 70.70 103.30 108.84
N GLN XB 223 70.53 104.56 108.44
CA GLN XB 223 69.37 104.98 107.66
C GLN XB 223 69.85 105.76 106.43
N LEU XB 224 69.82 105.12 105.28
CA LEU XB 224 70.27 105.72 104.03
C LEU XB 224 69.12 105.80 103.02
N ALA XB 225 69.27 106.72 102.07
CA ALA XB 225 68.35 106.85 100.95
C ALA XB 225 69.08 107.49 99.79
N GLY XB 226 68.85 106.98 98.60
CA GLY XB 226 69.50 107.51 97.41
C GLY XB 226 69.68 106.44 96.37
N ILE XB 227 70.72 106.60 95.55
CA ILE XB 227 70.99 105.73 94.40
C ILE XB 227 72.35 105.07 94.63
N VAL XB 228 72.37 103.74 94.55
CA VAL XB 228 73.58 102.95 94.73
C VAL XB 228 73.62 101.90 93.62
N ASN XB 229 74.74 101.83 92.89
CA ASN XB 229 74.85 100.87 91.80
C ASN XB 229 75.06 99.45 92.32
N ARG XB 230 75.87 99.28 93.36
CA ARG XB 230 76.17 97.96 93.90
C ARG XB 230 76.30 98.06 95.41
N LEU XB 231 75.57 97.18 96.12
CA LEU XB 231 75.49 97.24 97.57
C LEU XB 231 75.83 95.87 98.16
N ASP XB 232 76.70 95.85 99.17
CA ASP XB 232 77.02 94.66 99.93
C ASP XB 232 76.80 94.96 101.40
N VAL XB 233 76.00 94.14 102.07
CA VAL XB 233 75.60 94.36 103.46
C VAL XB 233 75.91 93.10 104.26
N GLU XB 234 76.62 93.26 105.37
CA GLU XB 234 76.89 92.17 106.31
C GLU XB 234 76.45 92.62 107.69
N LEU XB 235 75.52 91.88 108.29
CA LEU XB 235 75.04 92.15 109.64
C LEU XB 235 75.36 90.94 110.51
N TRP XB 236 75.97 91.18 111.69
CA TRP XB 236 76.43 90.05 112.49
C TRP XB 236 75.46 89.67 113.61
N ASP XB 237 75.24 90.56 114.58
CA ASP XB 237 74.23 90.28 115.60
C ASP XB 237 73.75 91.59 116.22
N PHE XB 238 72.44 91.63 116.48
CA PHE XB 238 71.72 92.79 117.02
C PHE XB 238 71.93 94.04 116.17
N ALA XB 239 71.94 93.87 114.85
CA ALA XB 239 72.15 94.97 113.92
C ALA XB 239 70.91 95.15 113.05
N GLN XB 240 70.56 96.42 112.82
CA GLN XB 240 69.40 96.78 112.03
C GLN XB 240 69.85 97.69 110.88
N PHE XB 241 69.58 97.25 109.66
CA PHE XB 241 69.88 98.04 108.46
C PHE XB 241 68.55 98.40 107.80
N LYS XB 242 68.23 99.70 107.79
CA LYS XB 242 67.02 100.19 107.14
C LYS XB 242 67.42 100.83 105.80
N GLY XB 243 67.68 99.98 104.81
CA GLY XB 243 68.03 100.46 103.49
C GLY XB 243 66.82 100.67 102.61
N LYS XB 244 65.64 100.76 103.22
CA LYS XB 244 64.46 101.23 102.51
C LYS XB 244 64.66 102.68 102.09
N TYR XB 245 64.09 103.02 100.92
CA TYR XB 245 64.27 104.25 100.14
C TYR XB 245 65.68 104.40 99.57
N LEU XB 246 66.53 103.39 99.71
CA LEU XB 246 67.85 103.33 99.07
C LEU XB 246 67.74 102.28 97.97
N ARG XB 247 67.62 102.73 96.73
CA ARG XB 247 67.36 101.85 95.60
C ARG XB 247 68.69 101.35 95.04
N ALA XB 248 68.91 100.04 95.10
CA ALA XB 248 70.14 99.42 94.64
C ALA XB 248 69.87 98.57 93.42
N GLN XB 249 70.73 98.70 92.40
CA GLN XB 249 70.62 97.85 91.22
C GLN XB 249 71.05 96.43 91.54
N ARG XB 250 72.18 96.27 92.20
CA ARG XB 250 72.69 94.97 92.63
C ARG XB 250 72.78 94.96 94.15
N SER XB 251 72.18 93.95 94.78
CA SER XB 251 72.24 93.85 96.22
C SER XB 251 72.72 92.47 96.64
N PHE XB 252 73.71 92.43 97.52
CA PHE XB 252 74.15 91.22 98.21
C PHE XB 252 73.98 91.47 99.71
N VAL XB 253 73.17 90.64 100.36
CA VAL XB 253 72.83 90.84 101.78
C VAL XB 253 73.09 89.54 102.52
N LYS XB 254 73.84 89.61 103.61
CA LYS XB 254 74.06 88.47 104.49
C LYS XB 254 73.77 88.88 105.93
N THR XB 255 72.87 88.14 106.57
CA THR XB 255 72.49 88.39 107.97
C THR XB 255 72.77 87.15 108.80
N HIS XB 256 73.47 87.34 109.91
CA HIS XB 256 73.71 86.31 110.92
C HIS XB 256 72.75 86.58 112.09
N ASP XB 257 73.01 85.93 113.23
CA ASP XB 257 72.00 85.67 114.27
C ASP XB 257 71.39 86.94 114.87
N LYS XB 258 70.05 87.02 114.77
CA LYS XB 258 69.23 88.09 115.33
C LYS XB 258 69.60 89.47 114.77
N SER XB 259 69.55 89.58 113.45
CA SER XB 259 69.76 90.84 112.75
C SER XB 259 68.66 91.05 111.72
N VAL XB 260 68.33 92.32 111.48
CA VAL XB 260 67.20 92.71 110.64
C VAL XB 260 67.72 93.62 109.53
N ALA XB 261 67.42 93.25 108.28
CA ALA XB 261 67.77 94.05 107.12
C ALA XB 261 66.50 94.31 106.31
N GLU XB 262 66.35 95.54 105.81
CA GLU XB 262 65.20 95.96 105.01
C GLU XB 262 65.71 96.60 103.73
N ILE XB 263 65.57 95.91 102.61
CA ILE XB 263 66.21 96.29 101.35
C ILE XB 263 65.17 96.67 100.30
N SER XB 264 65.63 97.36 99.27
CA SER XB 264 64.79 97.87 98.19
C SER XB 264 65.46 97.66 96.83
N ALA XB 265 65.91 96.43 96.56
CA ALA XB 265 66.65 96.12 95.34
C ALA XB 265 65.77 96.25 94.10
N VAL XB 266 66.42 96.55 92.98
CA VAL XB 266 65.74 96.94 91.74
C VAL XB 266 65.93 95.91 90.63
N ASN XB 267 67.17 95.54 90.35
CA ASN XB 267 67.47 94.65 89.23
C ASN XB 267 67.81 93.23 89.69
N HIS XB 268 68.83 93.08 90.55
CA HIS XB 268 69.26 91.78 91.02
C HIS XB 268 69.41 91.80 92.54
N GLN XB 269 68.75 90.82 93.18
CA GLN XB 269 68.75 90.70 94.63
C GLN XB 269 69.27 89.32 95.02
N SER XB 270 70.25 89.30 95.92
CA SER XB 270 70.82 88.07 96.44
C SER XB 270 70.91 88.18 97.94
N SER XB 271 70.21 87.31 98.66
CA SER XB 271 70.10 87.43 100.11
C SER XB 271 70.32 86.09 100.79
N LEU XB 272 70.90 86.14 101.99
CA LEU XB 272 71.13 84.96 102.80
C LEU XB 272 70.86 85.29 104.26
N ALA XB 273 70.00 84.49 104.89
CA ALA XB 273 69.68 84.62 106.30
C ALA XB 273 70.11 83.35 107.01
N THR XB 274 70.90 83.49 108.09
CA THR XB 274 71.55 82.33 108.68
C THR XB 274 70.70 81.67 109.77
N ASP XB 275 70.43 82.38 110.86
CA ASP XB 275 69.76 81.76 112.00
C ASP XB 275 69.01 82.79 112.82
N ALA XB 276 67.68 82.69 112.80
CA ALA XB 276 66.75 83.60 113.49
C ALA XB 276 66.99 85.06 113.12
N SER XB 277 67.26 85.29 111.84
CA SER XB 277 67.48 86.62 111.29
C SER XB 277 66.39 86.93 110.28
N ASP XB 278 66.18 88.22 110.02
CA ASP XB 278 65.10 88.66 109.16
C ASP XB 278 65.65 89.54 108.04
N ILE XB 279 65.37 89.15 106.80
CA ILE XB 279 65.59 89.99 105.63
C ILE XB 279 64.22 90.28 105.03
N TYR XB 280 63.92 91.56 104.85
CA TYR XB 280 62.68 92.00 104.24
C TYR XB 280 63.03 92.76 102.98
N TYR XB 281 62.27 92.52 101.91
CA TYR XB 281 62.42 93.40 100.75
C TYR XB 281 61.18 94.29 100.62
N TYR XB 282 61.32 95.32 99.81
CA TYR XB 282 60.20 96.23 99.57
C TYR XB 282 59.96 96.53 98.09
N ASN XB 283 60.75 95.96 97.19
CA ASN XB 283 60.55 96.13 95.76
C ASN XB 283 60.68 94.78 95.07
N LEU XB 284 59.90 94.60 94.01
CA LEU XB 284 59.96 93.37 93.23
C LEU XB 284 61.04 93.53 92.17
N SER XB 285 62.18 92.87 92.39
CA SER XB 285 63.29 92.98 91.47
C SER XB 285 63.06 92.12 90.23
N LYS XB 286 63.85 92.39 89.19
CA LYS XB 286 63.78 91.57 87.98
C LYS XB 286 64.36 90.18 88.21
N THR XB 287 65.30 90.04 89.13
CA THR XB 287 65.83 88.74 89.49
C THR XB 287 66.02 88.69 91.00
N ARG XB 288 65.45 87.67 91.63
CA ARG XB 288 65.47 87.51 93.08
C ARG XB 288 66.01 86.12 93.42
N ALA XB 289 66.95 86.07 94.36
CA ALA XB 289 67.48 84.80 94.85
C ALA XB 289 67.76 84.90 96.34
N ASP XB 290 67.10 84.06 97.13
CA ASP XB 290 67.17 84.11 98.58
C ASP XB 290 67.52 82.72 99.12
N PHE XB 291 68.23 82.71 100.24
CA PHE XB 291 68.60 81.45 100.89
C PHE XB 291 68.46 81.58 102.40
N MET XB 292 68.11 80.46 103.02
CA MET XB 292 67.82 80.35 104.45
C MET XB 292 68.65 79.20 105.00
N ALA XB 293 69.24 79.38 106.17
CA ALA XB 293 70.13 78.34 106.70
C ALA XB 293 69.57 77.60 107.91
N PHE XB 294 69.28 78.28 109.01
CA PHE XB 294 68.75 77.59 110.19
C PHE XB 294 67.34 78.05 110.55
N ASN XB 295 67.15 79.34 110.83
CA ASN XB 295 65.84 79.87 111.20
C ASN XB 295 65.60 81.25 110.61
N GLY XB 296 66.46 81.72 109.71
CA GLY XB 296 66.26 83.02 109.11
C GLY XB 296 65.15 83.00 108.08
N SER XB 297 64.68 84.20 107.74
CA SER XB 297 63.53 84.30 106.85
C SER XB 297 63.58 85.59 106.04
N VAL XB 298 63.16 85.50 104.78
CA VAL XB 298 63.08 86.62 103.86
C VAL XB 298 61.61 86.83 103.49
N LEU XB 299 61.13 88.06 103.67
CA LEU XB 299 59.70 88.34 103.58
C LEU XB 299 59.43 89.46 102.58
N ASP XB 300 58.16 89.52 102.15
CA ASP XB 300 57.74 90.32 101.00
C ASP XB 300 57.41 91.76 101.39
N MET XB 301 56.63 91.93 102.46
CA MET XB 301 56.42 93.24 103.14
C MET XB 301 55.83 94.31 102.22
N ARG XB 302 54.97 93.91 101.29
CA ARG XB 302 54.30 94.88 100.45
C ARG XB 302 52.88 95.11 100.96
N GLU XB 303 52.16 96.02 100.31
CA GLU XB 303 50.97 96.60 100.92
C GLU XB 303 49.73 95.74 100.76
N TRP XB 304 49.64 94.95 99.69
CA TRP XB 304 48.54 94.09 99.24
C TRP XB 304 47.33 94.90 98.76
N GLY XB 305 47.35 96.23 98.83
CA GLY XB 305 46.22 97.04 98.43
C GLY XB 305 46.63 98.22 97.55
N GLN XB 306 47.90 98.24 97.15
CA GLN XB 306 48.37 99.27 96.24
C GLN XB 306 47.76 99.08 94.86
N SER XB 307 47.37 100.19 94.23
CA SER XB 307 46.62 100.14 92.98
C SER XB 307 47.48 99.69 91.81
N ASP XB 308 48.80 99.82 91.89
CA ASP XB 308 49.71 99.41 90.83
C ASP XB 308 50.68 98.35 91.30
N LEU XB 309 50.17 97.37 92.04
CA LEU XB 309 50.99 96.25 92.49
C LEU XB 309 51.35 95.34 91.32
N LYS XB 310 52.54 94.74 91.41
CA LYS XB 310 53.07 93.90 90.34
C LYS XB 310 53.15 92.46 90.81
N ASP XB 311 52.69 91.54 89.97
CA ASP XB 311 52.69 90.12 90.28
C ASP XB 311 54.02 89.49 89.90
N PHE XB 312 54.23 88.26 90.37
CA PHE XB 312 55.40 87.49 89.98
C PHE XB 312 55.33 87.10 88.51
N ASP XB 313 56.49 86.96 87.90
CA ASP XB 313 56.63 86.62 86.49
C ASP XB 313 57.21 85.20 86.43
N ARG XB 314 57.45 84.70 85.22
CA ARG XB 314 58.12 83.42 85.04
C ARG XB 314 59.55 83.44 85.59
N TYR XB 315 60.20 84.61 85.53
CA TYR XB 315 61.59 84.75 85.92
C TYR XB 315 61.76 85.21 87.36
N ASN XB 316 60.67 85.52 88.05
CA ASN XB 316 60.70 85.98 89.43
C ASN XB 316 60.15 84.97 90.42
N LYS XB 317 59.47 83.92 89.95
CA LYS XB 317 58.71 83.03 90.82
C LYS XB 317 59.66 82.04 91.49
N GLN XB 318 59.96 82.29 92.76
CA GLN XB 318 60.70 81.38 93.61
C GLN XB 318 59.86 81.04 94.83
N PHE XB 319 59.85 79.77 95.21
CA PHE XB 319 59.03 79.31 96.31
C PHE XB 319 59.91 79.01 97.52
N PRO XB 320 59.84 79.80 98.61
CA PRO XB 320 60.67 79.64 99.80
C PRO XB 320 60.44 78.32 100.55
N GLY YB 40 35.26 43.13 96.87
CA GLY YB 40 34.77 43.83 98.05
C GLY YB 40 34.81 45.34 97.91
N CYS YB 41 33.65 45.95 97.78
CA CYS YB 41 33.57 47.41 97.63
C CYS YB 41 33.62 48.11 98.97
N CYS YB 42 32.70 47.78 99.87
CA CYS YB 42 32.66 48.41 101.20
C CYS YB 42 33.47 47.59 102.20
N SER YB 43 34.72 47.35 101.86
CA SER YB 43 35.62 46.60 102.73
C SER YB 43 36.07 47.46 103.91
N LYS YB 44 36.24 46.81 105.06
CA LYS YB 44 36.49 47.45 106.36
C LYS YB 44 35.41 48.45 106.73
N MET YB 45 34.17 48.18 106.29
CA MET YB 45 32.97 48.91 106.69
C MET YB 45 31.89 47.87 106.97
N GLY YB 46 30.65 48.33 107.10
CA GLY YB 46 29.58 47.42 107.42
C GLY YB 46 28.94 46.69 106.26
N GLY YB 47 29.43 46.88 105.04
CA GLY YB 47 28.87 46.24 103.88
C GLY YB 47 27.95 47.17 103.09
N ILE YB 48 27.48 46.65 101.96
CA ILE YB 48 26.74 47.45 100.99
C ILE YB 48 25.31 47.64 101.47
N ASN YB 49 24.86 48.90 101.54
CA ASN YB 49 23.47 49.17 101.86
C ASN YB 49 22.59 49.08 100.61
N TYR YB 50 22.81 49.97 99.64
CA TYR YB 50 22.00 49.98 98.41
C TYR YB 50 22.72 50.78 97.33
N CYS YB 51 22.25 50.60 96.10
CA CYS YB 51 22.68 51.36 94.94
C CYS YB 51 21.88 52.65 94.83
N ASP YB 52 22.55 53.79 95.00
CA ASP YB 52 21.94 55.08 94.72
C ASP YB 52 22.16 55.38 93.24
N SER YB 53 21.07 55.30 92.46
CA SER YB 53 21.11 55.51 91.02
C SER YB 53 21.07 56.98 90.64
N SER YB 54 20.75 57.88 91.57
CA SER YB 54 20.82 59.31 91.29
C SER YB 54 22.27 59.76 91.14
N ALA YB 55 23.17 59.18 91.93
CA ALA YB 55 24.60 59.42 91.79
C ALA YB 55 25.32 58.29 91.07
N GLY YB 56 24.70 57.13 90.94
CA GLY YB 56 25.34 56.00 90.30
C GLY YB 56 26.37 55.30 91.16
N ARG YB 57 26.20 55.34 92.48
CA ARG YB 57 27.21 54.82 93.40
C ARG YB 57 26.57 53.94 94.46
N LEU YB 58 27.36 53.02 95.00
CA LEU YB 58 26.92 52.22 96.12
C LEU YB 58 27.06 53.00 97.41
N VAL YB 59 26.22 52.67 98.39
CA VAL YB 59 26.26 53.26 99.72
C VAL YB 59 26.61 52.16 100.70
N CYS YB 60 27.59 52.41 101.55
CA CYS YB 60 27.98 51.42 102.56
C CYS YB 60 27.02 51.47 103.74
N ASN YB 61 27.25 50.60 104.73
CA ASN YB 61 26.39 50.58 105.90
C ASN YB 61 26.71 51.69 106.89
N ASN YB 62 27.81 52.39 106.71
CA ASN YB 62 28.02 53.69 107.35
C ASN YB 62 27.51 54.79 106.42
N GLY YB 63 27.85 56.04 106.72
CA GLY YB 63 27.35 57.13 105.89
C GLY YB 63 28.30 57.54 104.78
N PHE YB 64 29.22 56.67 104.42
CA PHE YB 64 30.25 56.97 103.43
C PHE YB 64 29.84 56.43 102.06
N TYR YB 65 30.03 57.23 101.03
CA TYR YB 65 29.83 56.78 99.67
C TYR YB 65 30.94 55.82 99.26
N SER YB 66 30.57 54.77 98.54
CA SER YB 66 31.55 53.80 98.07
C SER YB 66 32.23 54.28 96.79
N THR YB 67 33.38 53.69 96.50
CA THR YB 67 34.12 54.01 95.28
C THR YB 67 33.67 53.20 94.08
N CYS YB 68 32.87 52.16 94.27
CA CYS YB 68 32.40 51.34 93.17
C CYS YB 68 31.22 51.99 92.46
N TYR YB 69 31.09 51.67 91.18
CA TYR YB 69 29.94 52.07 90.39
C TYR YB 69 28.87 50.98 90.45
N CYS YB 70 27.61 51.40 90.29
CA CYS YB 70 26.51 50.45 90.24
C CYS YB 70 25.49 50.75 89.14
N THR YB 71 25.69 51.81 88.35
CA THR YB 71 24.94 52.04 87.12
C THR YB 71 25.93 52.38 86.01
N ARG YB 72 25.46 52.29 84.76
CA ARG YB 72 26.33 52.66 83.64
C ARG YB 72 26.33 54.17 83.41
N HIS YB 73 25.35 54.88 83.99
CA HIS YB 73 25.27 56.34 83.86
C HIS YB 73 25.93 57.00 85.07
N ALA YB 74 27.19 56.61 85.29
CA ALA YB 74 28.01 57.19 86.34
C ALA YB 74 29.18 57.92 85.70
N VAL YB 75 29.69 58.92 86.41
CA VAL YB 75 30.79 59.73 85.89
C VAL YB 75 32.07 58.91 85.90
N MET YB 76 32.51 58.49 84.72
CA MET YB 76 33.76 57.76 84.53
C MET YB 76 34.71 58.62 83.71
N ASP YB 77 36.00 58.55 84.03
CA ASP YB 77 37.01 59.31 83.30
C ASP YB 77 37.53 58.48 82.12
N LEU YB 78 36.66 58.33 81.12
CA LEU YB 78 36.99 57.55 79.94
C LEU YB 78 37.85 58.37 79.00
N GLN YB 79 39.05 57.86 78.70
CA GLN YB 79 39.97 58.52 77.79
C GLN YB 79 40.42 57.64 76.63
N PHE YB 80 40.27 56.32 76.73
CA PHE YB 80 40.73 55.38 75.71
C PHE YB 80 39.54 54.56 75.26
N LEU YB 81 39.17 54.69 73.98
CA LEU YB 81 38.04 53.98 73.40
C LEU YB 81 38.49 53.17 72.19
N MET YB 82 37.99 51.96 72.07
CA MET YB 82 38.38 51.05 71.01
C MET YB 82 37.42 51.17 69.83
N GLY YB 83 37.71 50.44 68.76
CA GLY YB 83 36.93 50.47 67.53
C GLY YB 83 37.51 51.43 66.51
N CYS YB 84 37.23 51.15 65.24
CA CYS YB 84 37.70 52.00 64.15
C CYS YB 84 36.54 52.77 63.53
N CYS YB 85 36.91 53.68 62.62
CA CYS YB 85 36.07 54.80 62.15
C CYS YB 85 35.59 55.66 63.32
N LEU YB 86 36.44 55.81 64.33
CA LEU YB 86 36.20 56.79 65.36
C LEU YB 86 36.47 58.19 64.83
N TRP YB 87 35.76 59.18 65.40
CA TRP YB 87 35.73 60.57 64.95
C TRP YB 87 35.27 60.69 63.49
N HIS YB 88 34.42 59.76 63.08
CA HIS YB 88 33.71 59.79 61.81
C HIS YB 88 32.31 59.30 62.11
N GLY YB 89 31.55 58.94 61.07
CA GLY YB 89 30.21 58.46 61.31
C GLY YB 89 30.09 57.06 61.84
N GLY YB 90 31.19 56.30 61.89
CA GLY YB 90 31.18 54.91 62.27
C GLY YB 90 31.35 54.02 61.04
N VAL YB 91 31.37 52.72 61.30
CA VAL YB 91 31.61 51.74 60.25
C VAL YB 91 30.34 51.57 59.42
N TYR YB 92 30.45 51.78 58.11
CA TYR YB 92 29.31 51.64 57.22
C TYR YB 92 29.02 50.16 57.00
N PRO YB 93 27.78 49.70 57.21
CA PRO YB 93 27.55 48.26 57.44
C PRO YB 93 27.48 47.39 56.20
N GLN YB 94 27.95 47.88 55.05
CA GLN YB 94 27.98 47.05 53.85
C GLN YB 94 29.06 45.98 53.96
N LEU YB 95 28.88 44.89 53.21
CA LEU YB 95 29.86 43.81 53.15
C LEU YB 95 30.67 43.94 51.86
N ASN YB 96 31.98 43.81 51.98
CA ASN YB 96 32.90 44.10 50.88
C ASN YB 96 33.54 42.83 50.37
N SER YB 97 33.77 42.78 49.06
CA SER YB 97 34.53 41.69 48.48
C SER YB 97 36.00 41.77 48.89
N SER YB 98 36.53 42.99 48.99
CA SER YB 98 37.88 43.21 49.48
C SER YB 98 37.86 43.43 50.99
N GLY YB 99 39.02 43.74 51.55
CA GLY YB 99 39.16 43.97 52.97
C GLY YB 99 39.07 45.42 53.41
N LEU YB 100 38.66 46.32 52.54
CA LEU YB 100 38.61 47.74 52.88
C LEU YB 100 37.46 48.02 53.83
N VAL YB 101 37.68 48.97 54.75
CA VAL YB 101 36.68 49.43 55.69
C VAL YB 101 36.42 50.90 55.42
N VAL YB 102 35.17 51.24 55.15
CA VAL YB 102 34.77 52.60 54.78
C VAL YB 102 33.87 53.16 55.88
N CYS YB 103 34.11 54.40 56.26
CA CYS YB 103 33.30 55.06 57.27
C CYS YB 103 32.06 55.69 56.63
N ASN YB 104 31.17 56.20 57.48
CA ASN YB 104 29.89 56.74 57.01
C ASN YB 104 30.02 58.08 56.29
N ASP YB 105 31.15 58.76 56.43
CA ASP YB 105 31.38 60.03 55.75
C ASP YB 105 32.29 59.89 54.52
N GLY YB 106 32.50 58.68 54.03
CA GLY YB 106 33.30 58.45 52.85
C GLY YB 106 34.77 58.20 53.10
N TYR YB 107 35.24 58.37 54.34
CA TYR YB 107 36.64 58.12 54.66
C TYR YB 107 36.91 56.62 54.69
N VAL YB 108 38.15 56.25 54.35
CA VAL YB 108 38.60 54.87 54.34
C VAL YB 108 39.60 54.68 55.48
N SER YB 109 39.29 53.75 56.38
CA SER YB 109 40.15 53.49 57.54
C SER YB 109 41.23 52.49 57.13
N GLU YB 110 42.48 52.94 57.11
CA GLU YB 110 43.59 52.09 56.70
C GLU YB 110 43.96 51.06 57.76
N GLU YB 111 43.66 51.33 59.03
CA GLU YB 111 44.06 50.43 60.10
C GLU YB 111 43.23 49.15 60.11
N CYS YB 112 41.91 49.28 59.96
CA CYS YB 112 41.06 48.09 59.86
C CYS YB 112 41.03 47.50 58.45
N SER YB 113 41.62 48.17 57.46
CA SER YB 113 41.68 47.63 56.12
C SER YB 113 42.74 46.53 56.04
N LEU YB 114 42.37 45.40 55.44
CA LEU YB 114 43.31 44.29 55.27
C LEU YB 114 44.25 44.60 54.11
N GLN YB 115 45.52 44.24 54.28
CA GLN YB 115 46.53 44.49 53.25
C GLN YB 115 46.41 43.47 52.12
N UNK ZB 1 34.51 75.71 100.06
CA UNK ZB 1 33.98 75.43 101.40
C UNK ZB 1 34.61 76.34 102.44
N UNK ZB 2 35.92 76.12 102.68
CA UNK ZB 2 36.84 76.87 103.54
C UNK ZB 2 36.52 76.75 105.04
N UNK ZB 3 35.46 76.06 105.43
CA UNK ZB 3 35.13 75.87 106.85
C UNK ZB 3 34.29 74.60 106.96
N UNK ZB 4 34.90 73.53 107.47
CA UNK ZB 4 34.16 72.29 107.63
C UNK ZB 4 33.21 72.32 108.83
N UNK ZB 5 33.59 73.02 109.89
CA UNK ZB 5 32.77 73.15 111.09
C UNK ZB 5 32.39 74.63 111.24
N UNK ZB 6 31.25 74.99 110.68
CA UNK ZB 6 30.77 76.37 110.78
C UNK ZB 6 30.26 76.66 112.19
N UNK ZB 7 30.27 77.94 112.55
CA UNK ZB 7 29.92 78.38 113.89
C UNK ZB 7 28.51 78.96 113.90
N UNK ZB 8 27.75 78.62 114.93
CA UNK ZB 8 26.38 79.08 115.09
C UNK ZB 8 26.36 80.16 116.17
N UNK ZB 9 26.12 81.40 115.73
CA UNK ZB 9 26.03 82.61 116.58
C UNK ZB 9 27.26 82.83 117.46
N PHE AC 25 61.50 62.32 102.27
CA PHE AC 25 62.36 62.61 101.13
C PHE AC 25 61.54 63.21 99.98
N LYS AC 26 62.13 64.18 99.29
CA LYS AC 26 61.45 64.88 98.21
C LYS AC 26 61.30 63.99 96.98
N LYS AC 27 60.27 64.28 96.19
CA LYS AC 27 59.94 63.49 95.01
C LYS AC 27 59.84 64.40 93.79
N PRO AC 28 60.21 63.91 92.61
CA PRO AC 28 60.01 64.69 91.38
C PRO AC 28 58.54 64.70 90.99
N PRO AC 29 58.11 65.66 90.17
CA PRO AC 29 56.75 65.62 89.62
C PRO AC 29 56.55 64.42 88.71
N ILE AC 30 55.34 63.86 88.75
CA ILE AC 30 55.08 62.63 88.00
C ILE AC 30 54.92 62.93 86.51
N ASN AC 31 54.35 64.08 86.16
CA ASN AC 31 54.25 64.49 84.76
C ASN AC 31 55.37 65.47 84.43
N ASN AC 32 56.61 65.02 84.63
CA ASN AC 32 57.73 65.90 84.38
C ASN AC 32 58.37 65.60 83.03
N PRO AC 33 58.76 66.63 82.27
CA PRO AC 33 59.45 66.38 81.00
C PRO AC 33 60.89 65.92 81.22
N SER AC 34 61.07 64.62 81.45
CA SER AC 34 62.38 64.01 81.56
C SER AC 34 62.85 63.43 80.23
N ASP AC 35 62.29 63.90 79.11
CA ASP AC 35 62.60 63.42 77.78
C ASP AC 35 62.96 64.61 76.90
N ASP AC 36 63.98 64.43 76.06
CA ASP AC 36 64.54 65.54 75.28
C ASP AC 36 63.64 65.98 74.13
N ALA AC 37 62.61 65.22 73.79
CA ALA AC 37 61.58 65.67 72.86
C ALA AC 37 60.37 66.27 73.56
N THR AC 38 60.02 65.73 74.73
CA THR AC 38 58.92 66.28 75.52
C THR AC 38 59.26 67.65 76.07
N ILE AC 39 60.54 67.91 76.36
CA ILE AC 39 60.98 69.24 76.78
C ILE AC 39 60.74 70.25 75.67
N LYS AC 40 61.12 69.90 74.44
CA LYS AC 40 60.93 70.78 73.28
C LYS AC 40 59.45 71.00 72.99
N LEU AC 41 58.65 69.94 73.09
CA LEU AC 41 57.20 70.04 72.90
C LEU AC 41 56.56 70.97 73.92
N ALA AC 42 56.96 70.85 75.19
CA ALA AC 42 56.37 71.66 76.25
C ALA AC 42 56.78 73.13 76.16
N GLU AC 43 58.05 73.40 75.81
CA GLU AC 43 58.45 74.81 75.68
C GLU AC 43 57.86 75.44 74.42
N ALA AC 44 57.62 74.64 73.37
CA ALA AC 44 56.89 75.13 72.21
C ALA AC 44 55.46 75.48 72.58
N ALA AC 45 54.82 74.65 73.41
CA ALA AC 45 53.47 74.94 73.89
C ALA AC 45 53.43 76.22 74.73
N VAL AC 46 54.44 76.42 75.58
CA VAL AC 46 54.54 77.63 76.39
C VAL AC 46 54.69 78.87 75.52
N SER AC 47 55.55 78.79 74.49
CA SER AC 47 55.74 79.93 73.58
C SER AC 47 54.49 80.22 72.77
N VAL AC 48 53.77 79.18 72.35
CA VAL AC 48 52.50 79.36 71.62
C VAL AC 48 51.48 80.05 72.52
N SER AC 49 51.35 79.62 73.78
CA SER AC 49 50.37 80.23 74.68
C SER AC 49 50.72 81.69 74.99
N ASP AC 50 52.00 81.99 75.16
CA ASP AC 50 52.44 83.37 75.40
C ASP AC 50 52.12 84.24 74.19
N SER AC 51 52.35 83.72 72.97
CA SER AC 51 52.07 84.50 71.77
C SER AC 51 50.56 84.69 71.55
N MET AC 52 49.75 83.68 71.90
CA MET AC 52 48.30 83.84 71.83
C MET AC 52 47.80 84.89 72.82
N LEU AC 53 48.39 84.92 74.03
CA LEU AC 53 48.03 85.94 75.00
C LEU AC 53 48.40 87.34 74.52
N GLU AC 54 49.58 87.48 73.88
CA GLU AC 54 49.98 88.77 73.33
C GLU AC 54 49.06 89.21 72.19
N MET AC 55 48.65 88.27 71.34
CA MET AC 55 47.71 88.57 70.26
C MET AC 55 46.35 89.00 70.81
N ALA AC 56 45.90 88.38 71.89
CA ALA AC 56 44.66 88.81 72.55
C ALA AC 56 44.79 90.21 73.15
N LYS AC 57 45.96 90.52 73.75
CA LYS AC 57 46.21 91.87 74.27
C LYS AC 57 46.19 92.91 73.17
N VAL AC 58 46.73 92.58 72.00
CA VAL AC 58 46.68 93.50 70.86
C VAL AC 58 45.25 93.68 70.38
N GLU AC 59 44.50 92.58 70.23
CA GLU AC 59 43.20 92.66 69.59
C GLU AC 59 42.10 93.26 70.47
N LYS AC 60 42.14 93.07 71.78
CA LYS AC 60 41.02 93.51 72.61
C LYS AC 60 40.98 95.03 72.75
N VAL AC 61 39.80 95.60 72.52
CA VAL AC 61 39.53 97.02 72.75
C VAL AC 61 38.55 97.14 73.91
N ILE AC 62 38.82 98.11 74.81
CA ILE AC 62 37.99 98.31 76.00
C ILE AC 62 37.52 99.76 76.04
N THR AC 63 36.78 100.10 77.10
CA THR AC 63 36.36 101.47 77.37
C THR AC 63 36.74 101.84 78.80
N PRO AC 64 37.10 103.11 79.03
CA PRO AC 64 37.36 103.54 80.41
C PRO AC 64 36.07 103.61 81.21
N PRO AC 65 36.14 103.44 82.53
CA PRO AC 65 34.92 103.49 83.35
C PRO AC 65 34.35 104.89 83.53
N SER AC 66 35.07 105.94 83.14
CA SER AC 66 34.55 107.30 83.30
C SER AC 66 33.43 107.58 82.29
N LYS AC 67 33.57 107.07 81.06
CA LYS AC 67 32.60 107.32 80.01
C LYS AC 67 31.75 106.09 79.69
N ASP AC 68 31.62 105.17 80.64
CA ASP AC 68 30.80 103.98 80.43
C ASP AC 68 29.32 104.36 80.47
N ASN AC 69 28.63 104.13 79.35
CA ASN AC 69 27.23 104.53 79.20
C ASN AC 69 26.32 103.42 79.71
N THR AC 70 26.33 103.25 81.03
CA THR AC 70 25.51 102.26 81.71
C THR AC 70 24.92 102.91 82.96
N LEU AC 71 23.65 102.63 83.23
CA LEU AC 71 22.97 103.21 84.38
C LEU AC 71 23.58 102.71 85.68
N THR AC 72 23.82 103.63 86.61
CA THR AC 72 24.35 103.28 87.92
C THR AC 72 23.21 102.95 88.88
N ILE AC 73 23.57 102.46 90.06
CA ILE AC 73 22.61 102.13 91.09
C ILE AC 73 22.09 103.44 91.71
N PRO AC 74 20.78 103.69 91.70
CA PRO AC 74 20.26 104.96 92.22
C PRO AC 74 20.15 105.02 93.72
N ASN AC 75 20.46 103.91 94.41
CA ASN AC 75 20.54 103.74 95.86
C ASN AC 75 19.39 104.33 96.69
N ALA AC 76 18.18 104.31 96.15
CA ALA AC 76 17.00 104.69 96.90
C ALA AC 76 16.61 103.54 97.83
N TYR AC 77 15.84 103.89 98.88
CA TYR AC 77 15.46 102.87 99.86
C TYR AC 77 14.36 101.96 99.31
N ASN AC 78 13.49 102.49 98.45
CA ASN AC 78 12.40 101.69 97.89
C ASN AC 78 12.86 100.77 96.76
N LEU AC 79 14.07 100.95 96.24
CA LEU AC 79 14.58 100.16 95.14
C LEU AC 79 15.52 99.04 95.59
N GLN AC 80 15.65 98.82 96.90
CA GLN AC 80 16.51 97.77 97.43
C GLN AC 80 15.75 96.49 97.74
N ALA AC 81 14.46 96.43 97.43
CA ALA AC 81 13.68 95.23 97.72
C ALA AC 81 13.96 94.13 96.70
N ARG AC 82 14.05 92.91 97.19
CA ARG AC 82 14.31 91.75 96.34
C ARG AC 82 13.07 91.39 95.52
N ALA AC 83 13.29 90.71 94.40
CA ALA AC 83 12.21 90.37 93.50
C ALA AC 83 12.52 89.07 92.76
N SER AC 84 11.47 88.48 92.19
CA SER AC 84 11.56 87.27 91.39
C SER AC 84 10.80 87.50 90.09
N VAL AC 85 11.53 87.62 88.99
CA VAL AC 85 10.98 88.07 87.72
C VAL AC 85 11.28 87.03 86.65
N ASP AC 86 10.26 86.57 85.95
CA ASP AC 86 10.41 85.71 84.77
C ASP AC 86 9.59 86.36 83.65
N TRP AC 87 10.28 86.91 82.64
CA TRP AC 87 9.61 87.67 81.61
C TRP AC 87 10.45 87.64 80.34
N SER AC 88 9.78 87.57 79.19
CA SER AC 88 10.44 87.65 77.90
C SER AC 88 9.46 88.32 76.94
N GLY AC 89 9.58 89.64 76.79
CA GLY AC 89 8.66 90.39 75.97
C GLY AC 89 9.03 91.87 75.87
N PRO AC 90 8.02 92.74 75.72
CA PRO AC 90 8.28 94.17 75.59
C PRO AC 90 8.82 94.79 76.87
N ILE AC 91 9.53 95.90 76.69
CA ILE AC 91 10.26 96.53 77.79
C ILE AC 91 9.35 97.42 78.65
N GLU AC 92 8.34 98.05 78.05
CA GLU AC 92 7.59 99.09 78.74
C GLU AC 92 6.65 98.51 79.79
N GLU AC 93 6.09 97.33 79.55
CA GLU AC 93 5.20 96.70 80.52
C GLU AC 93 5.98 96.24 81.75
N LEU AC 94 7.15 95.62 81.53
CA LEU AC 94 7.99 95.20 82.64
C LEU AC 94 8.51 96.40 83.44
N THR AC 95 8.87 97.49 82.75
CA THR AC 95 9.35 98.68 83.45
C THR AC 95 8.23 99.34 84.25
N ALA AC 96 7.00 99.32 83.71
CA ALA AC 96 5.85 99.85 84.45
C ALA AC 96 5.54 99.01 85.68
N ARG AC 97 5.64 97.68 85.58
CA ARG AC 97 5.39 96.83 86.74
C ARG AC 97 6.49 97.00 87.79
N ILE AC 98 7.74 97.19 87.36
CA ILE AC 98 8.84 97.45 88.29
C ILE AC 98 8.65 98.77 89.00
N ALA AC 99 8.19 99.81 88.28
CA ALA AC 99 7.91 101.11 88.88
C ALA AC 99 6.74 101.03 89.86
N LYS AC 100 5.71 100.25 89.54
CA LYS AC 100 4.60 100.07 90.46
C LYS AC 100 5.02 99.33 91.72
N ALA AC 101 5.88 98.30 91.57
CA ALA AC 101 6.39 97.58 92.74
C ALA AC 101 7.32 98.45 93.58
N ALA AC 102 8.03 99.38 92.96
CA ALA AC 102 8.89 100.31 93.67
C ALA AC 102 8.19 101.58 94.10
N HIS AC 103 6.88 101.68 93.84
CA HIS AC 103 6.01 102.80 94.25
C HIS AC 103 6.45 104.14 93.64
N PHE AC 104 7.00 104.08 92.44
CA PHE AC 104 7.37 105.26 91.67
C PHE AC 104 6.32 105.53 90.61
N ARG AC 105 6.35 106.73 90.05
CA ARG AC 105 5.57 107.01 88.85
C ARG AC 105 6.36 106.57 87.63
N PHE AC 106 5.66 106.43 86.50
CA PHE AC 106 6.29 105.94 85.28
C PHE AC 106 5.83 106.80 84.10
N ARG AC 107 6.78 107.21 83.27
CA ARG AC 107 6.45 107.99 82.09
C ARG AC 107 7.37 107.64 80.94
N VAL AC 108 6.85 107.82 79.72
CA VAL AC 108 7.52 107.45 78.48
C VAL AC 108 7.67 108.70 77.62
N LEU AC 109 8.87 108.94 77.12
CA LEU AC 109 9.14 110.01 76.17
C LEU AC 109 9.76 109.41 74.91
N GLY AC 110 9.05 109.52 73.79
CA GLY AC 110 9.50 109.02 72.52
C GLY AC 110 8.35 108.41 71.75
N LYS AC 111 8.69 107.60 70.75
CA LYS AC 111 7.70 106.93 69.92
C LYS AC 111 8.06 105.46 69.82
N SER AC 112 7.07 104.60 70.05
CA SER AC 112 7.29 103.16 69.94
C SER AC 112 7.42 102.77 68.48
N PRO AC 113 8.43 101.98 68.11
CA PRO AC 113 8.62 101.57 66.71
C PRO AC 113 7.60 100.50 66.31
N SER AC 114 7.66 100.13 65.02
CA SER AC 114 6.81 99.06 64.52
C SER AC 114 7.19 97.72 65.13
N VAL AC 115 8.48 97.45 65.26
CA VAL AC 115 8.98 96.27 65.95
C VAL AC 115 9.38 96.69 67.36
N PRO AC 116 8.75 96.15 68.39
CA PRO AC 116 9.06 96.60 69.76
C PRO AC 116 10.39 96.05 70.26
N VAL AC 117 10.91 96.71 71.30
CA VAL AC 117 12.15 96.30 71.91
C VAL AC 117 11.87 95.13 72.85
N LEU AC 118 12.54 94.00 72.61
CA LEU AC 118 12.28 92.77 73.34
C LEU AC 118 13.43 92.46 74.28
N ILE AC 119 13.11 92.27 75.56
CA ILE AC 119 14.10 91.93 76.57
C ILE AC 119 13.69 90.61 77.23
N SER AC 120 14.61 90.07 78.03
CA SER AC 120 14.37 88.78 78.68
C SER AC 120 15.07 88.79 80.03
N ILE AC 121 14.29 88.79 81.10
CA ILE AC 121 14.80 88.80 82.46
C ILE AC 121 14.28 87.56 83.17
N SER AC 122 15.18 86.71 83.66
CA SER AC 122 14.82 85.48 84.36
C SER AC 122 15.69 85.34 85.60
N THR AC 123 15.23 85.90 86.71
CA THR AC 123 15.96 85.84 87.96
C THR AC 123 15.03 85.49 89.12
N LYS AC 124 15.62 84.88 90.16
CA LYS AC 124 14.91 84.44 91.35
C LYS AC 124 15.03 85.42 92.51
N ASP AC 125 16.19 86.03 92.71
CA ASP AC 125 16.37 86.95 93.84
C ASP AC 125 17.42 88.00 93.47
N GLU AC 126 16.96 89.14 92.95
CA GLU AC 126 17.80 90.31 92.72
C GLU AC 126 17.02 91.57 93.06
N SER AC 127 17.76 92.65 93.32
CA SER AC 127 17.17 93.94 93.64
C SER AC 127 16.56 94.60 92.40
N LEU AC 128 15.62 95.52 92.66
CA LEU AC 128 14.93 96.22 91.58
C LEU AC 128 15.86 97.15 90.82
N ALA AC 129 16.84 97.74 91.50
CA ALA AC 129 17.83 98.59 90.84
C ALA AC 129 18.71 97.78 89.89
N GLU AC 130 19.11 96.57 90.30
CA GLU AC 130 19.88 95.70 89.43
C GLU AC 130 19.04 95.19 88.26
N ILE AC 131 17.74 94.96 88.49
CA ILE AC 131 16.83 94.58 87.40
C ILE AC 131 16.72 95.72 86.39
N LEU AC 132 16.59 96.95 86.87
CA LEU AC 132 16.53 98.12 85.99
C LEU AC 132 17.83 98.32 85.22
N ARG AC 133 18.97 98.07 85.88
CA ARG AC 133 20.27 98.16 85.21
C ARG AC 133 20.40 97.11 84.11
N ASP AC 134 19.94 95.89 84.38
CA ASP AC 134 19.97 94.82 83.38
C ASP AC 134 19.05 95.15 82.20
N ILE AC 135 17.88 95.73 82.50
CA ILE AC 135 16.94 96.16 81.45
C ILE AC 135 17.56 97.25 80.58
N ASP AC 136 18.25 98.21 81.20
CA ASP AC 136 18.87 99.31 80.45
C ASP AC 136 20.04 98.79 79.61
N TYR AC 137 20.81 97.82 80.12
CA TYR AC 137 21.88 97.22 79.34
C TYR AC 137 21.32 96.41 78.17
N GLN AC 138 20.24 95.67 78.39
CA GLN AC 138 19.66 94.86 77.33
C GLN AC 138 18.92 95.68 76.29
N ALA AC 139 18.46 96.88 76.64
CA ALA AC 139 17.78 97.74 75.67
C ALA AC 139 18.74 98.24 74.59
N GLY AC 140 20.00 98.48 74.94
CA GLY AC 140 20.97 98.92 73.96
C GLY AC 140 20.90 100.40 73.64
N LYS AC 141 21.05 100.73 72.37
CA LYS AC 141 21.03 102.11 71.90
C LYS AC 141 19.65 102.59 71.50
N LYS AC 142 18.62 101.76 71.65
CA LYS AC 142 17.28 102.13 71.23
C LYS AC 142 16.46 102.77 72.35
N ALA AC 143 16.77 102.48 73.61
CA ALA AC 143 16.01 103.02 74.73
C ALA AC 143 16.93 103.23 75.91
N SER AC 144 16.48 104.10 76.82
CA SER AC 144 17.22 104.40 78.04
C SER AC 144 16.22 104.57 79.18
N ILE AC 145 16.69 104.28 80.39
CA ILE AC 145 15.87 104.39 81.60
C ILE AC 145 16.56 105.35 82.56
N HIS AC 146 15.84 106.39 82.96
CA HIS AC 146 16.33 107.37 83.92
C HIS AC 146 15.49 107.30 85.19
N VAL AC 147 16.14 107.45 86.34
CA VAL AC 147 15.48 107.36 87.64
C VAL AC 147 15.66 108.71 88.34
N TYR AC 148 14.55 109.35 88.69
CA TYR AC 148 14.59 110.57 89.50
C TYR AC 148 14.03 110.27 90.87
N PRO AC 149 14.84 110.34 91.93
CA PRO AC 149 14.36 109.97 93.27
C PRO AC 149 13.77 111.13 94.08
N ASN AC 150 14.11 112.37 93.71
CA ASN AC 150 13.56 113.52 94.44
C ASN AC 150 12.08 113.69 94.17
N SER AC 151 11.69 113.65 92.89
CA SER AC 151 10.31 113.45 92.47
C SER AC 151 10.26 112.05 91.87
N GLN AC 152 9.71 111.11 92.63
CA GLN AC 152 9.96 109.68 92.44
C GLN AC 152 9.35 109.16 91.15
N VAL AC 153 10.15 109.16 90.07
CA VAL AC 153 9.64 108.84 88.74
C VAL AC 153 10.70 108.06 87.96
N VAL AC 154 10.22 107.21 87.05
CA VAL AC 154 11.06 106.44 86.14
C VAL AC 154 10.68 106.83 84.72
N GLU AC 155 11.65 107.30 83.95
CA GLU AC 155 11.46 107.76 82.59
C GLU AC 155 12.04 106.75 81.61
N LEU AC 156 11.25 106.37 80.62
CA LEU AC 156 11.71 105.52 79.52
C LEU AC 156 11.80 106.39 78.28
N ARG AC 157 13.03 106.62 77.81
CA ARG AC 157 13.29 107.52 76.69
C ARG AC 157 13.68 106.71 75.47
N TYR AC 158 12.98 106.93 74.36
CA TYR AC 158 13.27 106.24 73.12
C TYR AC 158 14.31 107.00 72.31
N ALA AC 159 14.92 106.31 71.36
CA ALA AC 159 15.95 106.90 70.51
C ALA AC 159 15.34 107.49 69.25
N LYS AC 160 15.85 108.66 68.85
CA LYS AC 160 15.34 109.35 67.67
C LYS AC 160 15.84 108.68 66.39
N ILE BC 208 59.05 118.21 77.86
CA ILE BC 208 59.91 117.63 78.88
C ILE BC 208 59.03 116.87 79.89
N ILE BC 209 59.54 115.75 80.41
CA ILE BC 209 58.83 114.94 81.38
C ILE BC 209 59.77 114.71 82.56
N TYR BC 210 59.18 114.44 83.72
CA TYR BC 210 59.93 114.27 84.96
C TYR BC 210 59.68 112.89 85.54
N TYR BC 211 60.70 112.34 86.20
CA TYR BC 211 60.62 111.09 86.94
C TYR BC 211 61.12 111.31 88.35
N ILE BC 212 60.72 110.42 89.26
CA ILE BC 212 61.21 110.45 90.63
C ILE BC 212 62.39 109.50 90.73
N GLN BC 213 63.37 109.85 91.57
CA GLN BC 213 64.62 109.11 91.68
C GLN BC 213 64.83 108.53 93.07
N ALA BC 214 64.51 109.30 94.11
CA ALA BC 214 64.48 108.80 95.48
C ALA BC 214 63.44 109.60 96.25
N VAL BC 215 62.88 108.97 97.27
CA VAL BC 215 61.76 109.56 98.03
C VAL BC 215 61.99 109.36 99.51
N ILE BC 216 61.78 110.42 100.29
CA ILE BC 216 61.83 110.39 101.74
C ILE BC 216 60.53 111.00 102.24
N PRO BC 217 60.09 110.69 103.46
CA PRO BC 217 58.97 111.44 104.04
C PRO BC 217 59.29 112.92 104.22
N GLY BC 218 58.63 113.76 103.42
CA GLY BC 218 58.84 115.19 103.48
C GLY BC 218 59.46 115.81 102.25
N ARG BC 219 60.45 115.13 101.66
CA ARG BC 219 61.24 115.68 100.57
C ARG BC 219 61.33 114.68 99.43
N ALA BC 220 61.53 115.19 98.22
CA ALA BC 220 61.59 114.35 97.03
C ALA BC 220 62.79 114.72 96.17
N TRP BC 221 63.35 113.72 95.51
CA TRP BC 221 64.43 113.91 94.54
C TRP BC 221 63.91 113.49 93.17
N LEU BC 222 64.00 114.40 92.19
CA LEU BC 222 63.48 114.15 90.86
C LEU BC 222 64.59 114.24 89.84
N ILE BC 223 64.45 113.45 88.77
CA ILE BC 223 65.35 113.48 87.62
C ILE BC 223 64.50 113.65 86.37
N GLY BC 224 65.03 114.39 85.39
CA GLY BC 224 64.31 114.69 84.18
C GLY BC 224 64.88 113.99 82.95
N SER BC 225 64.29 114.34 81.79
CA SER BC 225 64.75 113.80 80.53
C SER BC 225 66.10 114.37 80.13
N ASN BC 226 66.39 115.61 80.52
CA ASN BC 226 67.67 116.24 80.22
C ASN BC 226 68.76 115.87 81.21
N GLY BC 227 68.46 115.10 82.25
CA GLY BC 227 69.45 114.71 83.23
C GLY BC 227 69.69 115.72 84.33
N SER BC 228 68.76 116.64 84.56
CA SER BC 228 68.91 117.66 85.59
C SER BC 228 68.20 117.22 86.86
N THR BC 229 68.90 117.29 87.98
CA THR BC 229 68.33 116.90 89.27
C THR BC 229 67.43 118.02 89.82
N LEU BC 230 66.55 117.63 90.74
CA LEU BC 230 65.65 118.59 91.38
C LEU BC 230 65.33 118.11 92.79
N THR BC 231 65.25 119.07 93.71
CA THR BC 231 64.87 118.80 95.10
C THR BC 231 63.53 119.47 95.36
N VAL BC 232 62.58 118.70 95.89
CA VAL BC 232 61.19 119.12 95.96
C VAL BC 232 60.72 119.05 97.42
N ARG BC 233 60.24 120.19 97.93
CA ARG BC 233 59.58 120.33 99.21
C ARG BC 233 58.08 120.09 99.03
N GLU BC 234 57.38 119.85 100.15
CA GLU BC 234 55.93 119.68 100.11
C GLU BC 234 55.24 120.95 99.60
N GLY BC 235 55.72 122.11 100.04
CA GLY BC 235 55.31 123.35 99.41
C GLY BC 235 56.36 123.84 98.44
N SER BC 236 56.15 123.57 97.14
CA SER BC 236 57.13 123.91 96.13
C SER BC 236 56.43 123.99 94.77
N LYS BC 237 57.14 124.56 93.79
CA LYS BC 237 56.63 124.70 92.44
C LYS BC 237 57.64 124.10 91.47
N ILE BC 238 57.14 123.31 90.52
CA ILE BC 238 57.96 122.69 89.49
C ILE BC 238 57.40 123.08 88.13
N PRO BC 239 58.22 123.17 87.08
CA PRO BC 239 57.69 123.50 85.76
C PRO BC 239 57.15 122.29 85.04
N GLY BC 240 56.08 122.50 84.26
CA GLY BC 240 55.46 121.45 83.49
C GLY BC 240 54.35 120.71 84.18
N TYR BC 241 54.22 120.85 85.49
CA TYR BC 241 53.16 120.18 86.26
C TYR BC 241 52.37 121.14 87.13
N GLY BC 242 53.00 122.20 87.63
CA GLY BC 242 52.31 123.13 88.50
C GLY BC 242 52.84 123.14 89.92
N MET BC 243 51.98 122.77 90.88
CA MET BC 243 52.32 122.78 92.28
C MET BC 243 51.97 121.43 92.91
N VAL BC 244 52.87 120.90 93.73
CA VAL BC 244 52.62 119.64 94.42
C VAL BC 244 51.81 119.90 95.68
N LYS BC 245 51.06 118.88 96.11
CA LYS BC 245 50.28 118.98 97.33
C LYS BC 245 50.40 117.76 98.24
N LEU BC 246 50.93 116.64 97.76
CA LEU BC 246 51.00 115.43 98.55
C LEU BC 246 52.19 114.59 98.12
N ILE BC 247 53.00 114.16 99.08
CA ILE BC 247 54.13 113.28 98.84
C ILE BC 247 53.89 112.01 99.64
N ASP BC 248 53.78 110.89 98.93
CA ASP BC 248 53.54 109.59 99.56
C ASP BC 248 54.85 108.82 99.68
N SER BC 249 55.12 108.32 100.88
CA SER BC 249 56.34 107.57 101.13
C SER BC 249 56.16 106.07 101.03
N LEU BC 250 54.98 105.55 101.39
CA LEU BC 250 54.75 104.11 101.29
C LEU BC 250 54.61 103.68 99.84
N GLN BC 251 53.92 104.47 99.02
CA GLN BC 251 53.76 104.23 97.60
C GLN BC 251 54.48 105.33 96.83
N GLY BC 252 55.19 104.94 95.77
CA GLY BC 252 55.98 105.89 95.01
C GLY BC 252 55.16 106.73 94.06
N ARG BC 253 54.39 107.68 94.59
CA ARG BC 253 53.56 108.54 93.79
C ARG BC 253 53.48 109.92 94.43
N ILE BC 254 53.49 110.97 93.60
CA ILE BC 254 53.30 112.34 94.06
C ILE BC 254 52.32 113.02 93.13
N LEU BC 255 51.25 113.59 93.69
CA LEU BC 255 50.23 114.28 92.91
C LEU BC 255 50.59 115.75 92.73
N THR BC 256 50.12 116.32 91.61
CA THR BC 256 50.35 117.71 91.28
C THR BC 256 49.02 118.46 91.19
N SER BC 257 49.10 119.76 90.95
CA SER BC 257 47.91 120.60 90.88
C SER BC 257 47.13 120.43 89.58
N SER BC 258 47.76 119.93 88.53
CA SER BC 258 47.12 119.79 87.23
C SER BC 258 46.46 118.43 87.05
N GLY BC 259 46.22 117.70 88.13
CA GLY BC 259 45.62 116.38 88.05
C GLY BC 259 46.57 115.27 87.66
N GLN BC 260 47.86 115.55 87.53
CA GLN BC 260 48.84 114.56 87.14
C GLN BC 260 49.49 113.92 88.37
N VAL BC 261 50.08 112.75 88.15
CA VAL BC 261 50.79 112.02 89.19
C VAL BC 261 52.14 111.59 88.61
N ILE BC 262 53.20 111.77 89.39
CA ILE BC 262 54.55 111.35 89.01
C ILE BC 262 54.90 110.10 89.83
N LYS BC 263 55.42 109.09 89.15
CA LYS BC 263 55.75 107.80 89.75
C LYS BC 263 57.17 107.38 89.39
N PHE BC 264 57.54 106.15 89.74
CA PHE BC 264 58.87 105.65 89.43
C PHE BC 264 59.00 105.29 87.96
N SER BC 265 60.23 105.00 87.55
CA SER BC 265 60.50 104.62 86.18
C SER BC 265 60.06 103.17 85.93
N GLN BC 266 59.82 102.86 84.66
CA GLN BC 266 59.37 101.53 84.28
C GLN BC 266 60.20 100.97 83.13
N THR CC 28 48.54 38.38 68.03
CA THR CC 28 47.69 38.75 69.15
C THR CC 28 48.53 39.24 70.32
N GLY CC 29 48.84 40.53 70.32
CA GLY CC 29 49.64 41.12 71.39
C GLY CC 29 51.05 41.46 70.93
N SER CC 30 52.02 40.67 71.40
CA SER CC 30 53.43 40.91 71.12
C SER CC 30 53.97 39.91 70.10
N LEU CC 31 55.22 40.16 69.68
CA LEU CC 31 55.89 39.24 68.77
C LEU CC 31 56.20 37.91 69.45
N ALA CC 32 56.55 37.94 70.74
CA ALA CC 32 56.73 36.72 71.50
C ALA CC 32 55.40 35.99 71.70
N GLY CC 33 54.30 36.73 71.84
CA GLY CC 33 52.99 36.09 71.89
C GLY CC 33 52.61 35.45 70.58
N LEU CC 34 53.01 36.07 69.46
CA LEU CC 34 52.82 35.44 68.15
C LEU CC 34 53.68 34.18 68.00
N GLN CC 35 54.91 34.24 68.51
CA GLN CC 35 55.81 33.09 68.43
C GLN CC 35 55.69 32.22 69.68
N LYS CC 60 23.94 28.79 75.73
CA LYS CC 60 24.50 30.13 75.87
C LYS CC 60 23.49 31.18 75.41
N GLU CC 61 23.21 31.17 74.11
CA GLU CC 61 22.22 32.11 73.56
C GLU CC 61 20.82 31.78 74.06
N THR CC 62 20.51 30.49 74.26
CA THR CC 62 19.22 30.12 74.81
C THR CC 62 19.09 30.51 76.28
N ALA CC 63 20.19 30.49 77.04
CA ALA CC 63 20.15 30.95 78.43
C ALA CC 63 19.98 32.46 78.50
N LEU CC 64 20.68 33.18 77.59
CA LEU CC 64 20.50 34.63 77.47
C LEU CC 64 19.08 34.98 77.06
N SER CC 65 18.43 34.13 76.27
CA SER CC 65 17.04 34.36 75.91
C SER CC 65 16.11 34.10 77.11
N VAL CC 66 16.29 32.98 77.82
CA VAL CC 66 15.31 32.61 78.83
C VAL CC 66 15.46 33.38 80.14
N GLY CC 67 16.61 33.99 80.40
CA GLY CC 67 16.73 34.78 81.63
C GLY CC 67 15.94 36.08 81.59
N ALA CC 68 15.75 36.64 80.39
CA ALA CC 68 15.27 38.01 80.25
C ALA CC 68 13.79 38.14 80.59
N GLN CC 69 12.96 37.18 80.16
CA GLN CC 69 11.53 37.26 80.44
C GLN CC 69 11.24 37.08 81.93
N ALA CC 70 11.97 36.19 82.59
CA ALA CC 70 11.82 36.00 84.02
C ALA CC 70 12.26 37.24 84.79
N GLY CC 71 13.39 37.84 84.40
CA GLY CC 71 13.82 39.08 85.04
C GLY CC 71 12.85 40.22 84.82
N LEU CC 72 12.31 40.34 83.61
CA LEU CC 72 11.33 41.37 83.28
C LEU CC 72 10.06 41.21 84.09
N ALA CC 73 9.55 39.98 84.20
CA ALA CC 73 8.31 39.75 84.95
C ALA CC 73 8.50 39.98 86.45
N TRP CC 74 9.65 39.53 86.99
CA TRP CC 74 9.92 39.73 88.42
C TRP CC 74 10.08 41.21 88.76
N ARG CC 75 10.81 41.96 87.91
CA ARG CC 75 10.98 43.39 88.14
C ARG CC 75 9.65 44.14 87.96
N ALA CC 76 8.81 43.70 87.02
CA ALA CC 76 7.50 44.32 86.84
C ALA CC 76 6.60 44.09 88.05
N LYS CC 77 6.63 42.88 88.62
CA LYS CC 77 5.85 42.61 89.84
C LYS CC 77 6.34 43.45 91.01
N ILE CC 78 7.67 43.59 91.16
CA ILE CC 78 8.21 44.36 92.27
C ILE CC 78 7.89 45.86 92.11
N ILE CC 79 7.96 46.35 90.86
CA ILE CC 79 7.62 47.75 90.57
C ILE CC 79 6.14 48.01 90.82
N ASP CC 80 5.27 47.06 90.47
CA ASP CC 80 3.83 47.20 90.73
C ASP CC 80 3.53 47.22 92.23
N GLU CC 81 4.24 46.38 93.00
CA GLU CC 81 4.07 46.40 94.46
C GLU CC 81 4.54 47.73 95.06
N GLN CC 82 5.66 48.26 94.58
CA GLN CC 82 6.15 49.56 95.06
C GLN CC 82 5.22 50.70 94.66
N LEU CC 83 4.57 50.59 93.49
CA LEU CC 83 3.57 51.57 93.10
C LEU CC 83 2.33 51.49 93.98
N ASN CC 84 1.92 50.27 94.35
CA ASN CC 84 0.75 50.11 95.20
C ASN CC 84 1.01 50.53 96.64
N LYS CC 85 2.27 50.50 97.09
CA LYS CC 85 2.57 50.98 98.45
C LYS CC 85 2.37 52.49 98.59
N GLN CC 86 2.54 53.26 97.51
CA GLN CC 86 2.47 54.71 97.59
C GLN CC 86 1.30 55.27 96.79
N ALA CC 87 0.10 54.71 96.99
CA ALA CC 87 -1.04 55.08 96.16
C ALA CC 87 -1.58 56.46 96.52
N ARG CC 88 -1.63 56.79 97.81
CA ARG CC 88 -2.23 58.07 98.21
C ARG CC 88 -1.30 59.25 97.92
N ASN CC 89 0.01 59.04 98.03
CA ASN CC 89 0.97 60.10 97.73
C ASN CC 89 0.96 60.43 96.23
N LEU CC 90 0.84 59.42 95.38
CA LEU CC 90 0.75 59.65 93.94
C LEU CC 90 -0.54 60.37 93.57
N ASP CC 91 -1.64 60.04 94.26
CA ASP CC 91 -2.89 60.77 94.07
C ASP CC 91 -2.80 62.22 94.53
N ALA CC 92 -2.03 62.47 95.60
CA ALA CC 92 -1.83 63.85 96.04
C ALA CC 92 -0.93 64.62 95.08
N ILE CC 93 0.05 63.96 94.49
CA ILE CC 93 0.99 64.64 93.60
C ILE CC 93 0.34 64.93 92.24
N TYR CC 94 -0.15 63.88 91.58
CA TYR CC 94 -0.72 64.03 90.23
C TYR CC 94 -2.23 64.21 90.33
N ASP CC 95 -2.62 65.38 90.82
CA ASP CC 95 -4.03 65.71 91.04
C ASP CC 95 -4.57 66.31 89.75
N PHE CC 96 -5.05 65.44 88.86
CA PHE CC 96 -5.68 65.90 87.62
C PHE CC 96 -7.05 66.53 87.85
N ASN CC 97 -7.70 66.21 88.97
CA ASN CC 97 -9.05 66.69 89.21
C ASN CC 97 -9.08 68.19 89.54
N SER CC 98 -8.00 68.72 90.09
CA SER CC 98 -7.96 70.13 90.48
C SER CC 98 -7.60 71.06 89.32
N LEU CC 99 -7.28 70.53 88.15
CA LEU CC 99 -6.93 71.34 86.99
C LEU CC 99 -8.04 71.41 85.95
N VAL CC 100 -9.17 70.77 86.20
CA VAL CC 100 -10.27 70.72 85.26
C VAL CC 100 -10.99 72.06 85.25
N LEU CC 101 -11.34 72.54 84.06
CA LEU CC 101 -11.96 73.86 83.89
C LEU CC 101 -13.45 73.81 84.25
N GLU CC 102 -14.18 74.86 83.86
CA GLU CC 102 -15.52 75.10 84.40
C GLU CC 102 -16.56 74.10 83.90
N HIS CC 103 -16.57 73.83 82.60
CA HIS CC 103 -17.59 72.97 82.00
C HIS CC 103 -17.11 71.55 81.79
N ASN CC 104 -16.29 71.05 82.71
CA ASN CC 104 -15.62 69.74 82.65
C ASN CC 104 -14.81 69.60 81.35
N ILE CC 105 -13.87 70.52 81.17
CA ILE CC 105 -13.00 70.56 80.02
C ILE CC 105 -11.57 70.39 80.49
N LEU CC 106 -10.87 69.40 79.93
CA LEU CC 106 -9.47 69.19 80.26
C LEU CC 106 -8.63 70.31 79.66
N PRO CC 107 -7.69 70.90 80.41
CA PRO CC 107 -6.89 71.99 79.86
C PRO CC 107 -5.90 71.48 78.82
N PRO CC 108 -5.50 72.32 77.87
CA PRO CC 108 -4.54 71.87 76.85
C PRO CC 108 -3.13 71.76 77.40
N VAL CC 109 -2.27 71.15 76.58
CA VAL CC 109 -0.88 70.87 76.93
C VAL CC 109 0.02 71.81 76.13
N LEU CC 110 0.88 72.55 76.83
CA LEU CC 110 1.79 73.49 76.19
C LEU CC 110 3.24 73.08 76.45
N LEU CC 111 4.09 73.35 75.47
CA LEU CC 111 5.51 73.04 75.53
C LEU CC 111 6.33 74.31 75.33
N GLU CC 112 7.42 74.41 76.09
CA GLU CC 112 8.26 75.60 76.13
C GLU CC 112 9.68 75.25 75.72
N GLY CC 113 10.28 76.10 74.91
CA GLY CC 113 11.70 75.97 74.58
C GLY CC 113 12.40 77.31 74.69
N ARG CC 114 13.65 77.26 75.16
CA ARG CC 114 14.44 78.46 75.40
C ARG CC 114 15.78 78.36 74.69
N ASN CC 115 16.24 79.49 74.14
CA ASN CC 115 17.57 79.66 73.54
C ASN CC 115 17.80 78.68 72.39
N THR CC 116 16.99 78.81 71.35
CA THR CC 116 16.95 77.84 70.27
C THR CC 116 17.86 78.29 69.14
N LEU CC 117 18.67 77.35 68.62
CA LEU CC 117 19.52 77.63 67.47
C LEU CC 117 19.37 76.52 66.44
N ASN CC 118 19.34 76.92 65.16
CA ASN CC 118 19.33 75.97 64.06
C ASN CC 118 20.36 76.38 63.01
N LEU CC 119 21.23 75.44 62.68
CA LEU CC 119 22.16 75.52 61.56
C LEU CC 119 21.49 74.85 60.37
N ALA CC 120 20.80 75.63 59.54
CA ALA CC 120 20.07 75.08 58.41
C ALA CC 120 21.02 74.55 57.35
N ASP CC 121 22.02 75.34 56.98
CA ASP CC 121 23.09 74.96 56.08
C ASP CC 121 24.27 75.89 56.35
N ALA CC 122 25.22 75.90 55.44
CA ALA CC 122 26.29 76.88 55.52
C ALA CC 122 25.74 78.28 55.21
N GLN CC 123 26.51 79.29 55.63
CA GLN CC 123 26.27 80.72 55.40
C GLN CC 123 24.97 81.30 55.99
N SER CC 124 24.18 80.51 56.72
CA SER CC 124 22.90 80.98 57.25
C SER CC 124 22.52 80.20 58.49
N ILE CC 125 22.11 80.92 59.54
CA ILE CC 125 21.61 80.34 60.78
C ILE CC 125 20.34 81.05 61.21
N ARG CC 126 19.54 80.36 62.01
CA ARG CC 126 18.31 80.94 62.57
C ARG CC 126 18.28 80.73 64.07
N ILE CC 127 18.11 81.81 64.83
CA ILE CC 127 18.08 81.73 66.29
C ILE CC 127 16.77 82.31 66.80
N SER CC 128 16.36 81.83 67.97
CA SER CC 128 15.16 82.28 68.63
C SER CC 128 15.39 82.33 70.13
N ASP CC 129 14.71 83.27 70.79
CA ASP CC 129 14.85 83.41 72.23
C ASP CC 129 13.98 82.41 72.98
N ARG CC 130 12.67 82.41 72.69
CA ARG CC 130 11.75 81.48 73.30
C ARG CC 130 10.74 81.00 72.26
N THR CC 131 10.21 79.79 72.48
CA THR CC 131 9.19 79.24 71.62
C THR CC 131 8.14 78.52 72.47
N TYR CC 132 6.88 78.63 72.04
CA TYR CC 132 5.75 78.00 72.71
C TYR CC 132 4.95 77.22 71.69
N LYS CC 133 4.56 75.99 72.06
CA LYS CC 133 3.83 75.11 71.16
C LYS CC 133 2.64 74.49 71.90
N VAL CC 134 1.56 74.26 71.17
CA VAL CC 134 0.39 73.54 71.68
C VAL CC 134 0.50 72.10 71.23
N ALA CC 135 0.66 71.17 72.17
CA ALA CC 135 0.82 69.76 71.85
C ALA CC 135 -0.51 69.04 71.75
N LYS CC 136 -1.40 69.25 72.72
CA LYS CC 136 -2.73 68.65 72.73
C LYS CC 136 -3.76 69.75 72.95
N GLN CC 137 -4.98 69.49 72.48
CA GLN CC 137 -6.06 70.47 72.49
C GLN CC 137 -7.11 70.08 73.52
N ALA CC 138 -7.83 71.09 74.00
CA ALA CC 138 -8.87 70.90 75.01
C ALA CC 138 -10.08 70.18 74.42
N HIS CC 139 -10.75 69.40 75.27
CA HIS CC 139 -11.92 68.65 74.86
C HIS CC 139 -12.78 68.37 76.08
N PHE CC 140 -14.03 67.98 75.82
CA PHE CC 140 -14.93 67.57 76.89
C PHE CC 140 -14.51 66.23 77.46
N ILE CC 141 -14.62 66.10 78.79
CA ILE CC 141 -14.35 64.85 79.48
C ILE CC 141 -15.50 64.55 80.42
N THR CC 142 -15.68 63.26 80.71
CA THR CC 142 -16.60 62.81 81.75
C THR CC 142 -15.90 62.38 83.03
N THR CC 143 -14.66 61.89 82.92
CA THR CC 143 -13.87 61.44 84.06
C THR CC 143 -12.48 62.06 84.00
N PRO CC 144 -11.88 62.39 85.14
CA PRO CC 144 -10.50 62.87 85.13
C PRO CC 144 -9.52 61.72 84.98
N PRO CC 145 -8.34 61.97 84.41
CA PRO CC 145 -7.33 60.91 84.31
C PRO CC 145 -6.70 60.58 85.65
N THR CC 146 -6.05 59.43 85.69
CA THR CC 146 -5.38 58.93 86.88
C THR CC 146 -3.98 58.45 86.52
N TRP CC 147 -3.15 58.25 87.55
CA TRP CC 147 -1.77 57.84 87.33
C TRP CC 147 -1.64 56.38 86.93
N ARG CC 148 -2.68 55.56 87.13
CA ARG CC 148 -2.61 54.14 86.80
C ARG CC 148 -2.62 53.90 85.30
N GLN CC 149 -3.19 54.81 84.51
CA GLN CC 149 -3.13 54.69 83.07
C GLN CC 149 -1.76 55.02 82.49
N TYR CC 150 -0.88 55.64 83.28
CA TYR CC 150 0.47 55.98 82.86
C TYR CC 150 1.54 55.07 83.44
N LEU CC 151 1.46 54.76 84.74
CA LEU CC 151 2.61 54.18 85.45
C LEU CC 151 2.52 52.68 85.66
N TRP CC 152 1.33 52.09 85.54
CA TRP CC 152 1.18 50.66 85.85
C TRP CC 152 1.80 49.81 84.75
N MET CC 153 2.65 48.88 85.17
CA MET CC 153 3.30 47.94 84.25
C MET CC 153 2.56 46.61 84.23
N ASP CC 154 2.77 45.86 83.15
CA ASP CC 154 1.97 44.69 82.84
C ASP CC 154 2.66 43.42 83.36
N TYR CC 155 1.90 42.59 84.07
CA TYR CC 155 2.42 41.36 84.65
C TYR CC 155 1.58 40.17 84.17
N VAL CC 156 2.23 39.23 83.49
CA VAL CC 156 1.70 37.89 83.25
C VAL CC 156 2.77 36.90 83.67
N LYS CC 157 2.39 35.92 84.50
CA LYS CC 157 3.35 34.95 85.02
C LYS CC 157 3.84 34.02 83.91
N PRO CC 158 5.14 33.99 83.59
CA PRO CC 158 5.63 33.09 82.55
C PRO CC 158 5.89 31.70 83.09
N GLU CC 159 5.06 30.74 82.66
CA GLU CC 159 5.19 29.35 83.06
C GLU CC 159 5.61 28.45 81.91
N ALA CC 160 6.42 28.98 80.99
CA ALA CC 160 6.89 28.26 79.81
C ALA CC 160 8.41 28.29 79.77
N PRO CC 161 9.08 27.34 80.43
CA PRO CC 161 10.55 27.29 80.44
C PRO CC 161 11.14 26.86 79.09
N LYS CC 173 25.69 22.59 82.24
CA LYS CC 173 25.50 23.57 83.29
C LYS CC 173 26.84 24.21 83.68
N GLU CC 174 27.85 24.03 82.82
CA GLU CC 174 29.16 24.62 83.09
C GLU CC 174 29.14 26.13 82.88
N ILE CC 175 28.53 26.59 81.78
CA ILE CC 175 28.45 28.01 81.44
C ILE CC 175 27.00 28.49 81.39
N TRP CC 176 26.06 27.69 81.89
CA TRP CC 176 24.64 28.05 81.83
C TRP CC 176 24.31 29.18 82.80
N CYS CC 177 24.89 29.13 84.00
CA CYS CC 177 24.49 30.01 85.10
C CYS CC 177 24.88 31.46 84.84
N ILE CC 178 26.07 31.69 84.28
CA ILE CC 178 26.55 33.06 84.07
C ILE CC 178 25.73 33.76 82.98
N TYR CC 179 25.36 33.04 81.92
CA TYR CC 179 24.55 33.65 80.88
C TYR CC 179 23.10 33.82 81.32
N THR CC 180 22.60 32.92 82.17
CA THR CC 180 21.27 33.13 82.76
C THR CC 180 21.25 34.38 83.65
N GLU CC 181 22.34 34.59 84.41
CA GLU CC 181 22.47 35.79 85.24
C GLU CC 181 22.55 37.05 84.38
N ARG CC 182 23.27 36.97 83.25
CA ARG CC 182 23.38 38.11 82.33
C ARG CC 182 22.02 38.47 81.75
N GLY CC 183 21.23 37.46 81.34
CA GLY CC 183 19.88 37.72 80.87
C GLY CC 183 18.96 38.28 81.94
N TRP CC 184 19.15 37.83 83.20
CA TRP CC 184 18.39 38.36 84.33
C TRP CC 184 18.64 39.86 84.51
N LYS CC 185 19.92 40.27 84.47
CA LYS CC 185 20.27 41.68 84.58
C LYS CC 185 19.75 42.49 83.40
N ASN CC 186 19.78 41.91 82.19
CA ASN CC 186 19.25 42.58 81.02
C ASN CC 186 17.75 42.83 81.12
N GLY CC 187 17.00 41.84 81.64
CA GLY CC 187 15.57 42.02 81.83
C GLY CC 187 15.24 43.08 82.88
N ILE CC 188 16.01 43.11 83.97
CA ILE CC 188 15.82 44.13 85.01
C ILE CC 188 16.08 45.53 84.44
N ASP CC 189 17.14 45.68 83.65
CA ASP CC 189 17.47 46.97 83.03
C ASP CC 189 16.39 47.41 82.04
N GLN CC 190 15.84 46.46 81.27
CA GLN CC 190 14.77 46.79 80.33
C GLN CC 190 13.51 47.27 81.05
N ALA CC 191 13.15 46.61 82.16
CA ALA CC 191 11.98 47.04 82.93
C ALA CC 191 12.18 48.42 83.55
N ASN CC 192 13.40 48.71 84.02
CA ASN CC 192 13.70 50.04 84.57
C ASN CC 192 13.61 51.12 83.51
N THR CC 193 14.06 50.82 82.28
CA THR CC 193 13.96 51.78 81.18
C THR CC 193 12.50 52.06 80.81
N ILE CC 194 11.66 51.02 80.79
CA ILE CC 194 10.24 51.19 80.50
C ILE CC 194 9.56 52.06 81.57
N LEU CC 195 9.90 51.82 82.85
CA LEU CC 195 9.35 52.61 83.93
C LEU CC 195 9.75 54.07 83.86
N GLU CC 196 11.02 54.35 83.51
CA GLU CC 196 11.46 55.74 83.42
C GLU CC 196 10.83 56.45 82.22
N GLU CC 197 10.53 55.71 81.14
CA GLU CC 197 9.82 56.32 80.02
C GLU CC 197 8.37 56.67 80.38
N ASN CC 198 7.72 55.81 81.17
CA ASN CC 198 6.36 56.10 81.64
C ASN CC 198 6.35 57.32 82.56
N ILE CC 199 7.36 57.44 83.43
CA ILE CC 199 7.47 58.59 84.33
C ILE CC 199 7.67 59.89 83.55
N ALA CC 200 8.50 59.83 82.49
CA ALA CC 200 8.69 61.01 81.64
C ALA CC 200 7.41 61.41 80.92
N ARG CC 201 6.61 60.42 80.48
CA ARG CC 201 5.36 60.71 79.79
C ARG CC 201 4.34 61.40 80.71
N ILE CC 202 4.16 60.87 81.92
CA ILE CC 202 3.20 61.49 82.85
C ILE CC 202 3.70 62.86 83.32
N LYS CC 203 5.03 63.03 83.41
CA LYS CC 203 5.60 64.33 83.76
C LYS CC 203 5.31 65.38 82.71
N GLU CC 204 5.46 65.03 81.42
CA GLU CC 204 5.12 65.98 80.35
C GLU CC 204 3.63 66.32 80.35
N ASP CC 205 2.77 65.31 80.54
CA ASP CC 205 1.33 65.54 80.50
C ASP CC 205 0.85 66.41 81.67
N PHE CC 206 1.48 66.31 82.84
CA PHE CC 206 1.11 67.22 83.92
C PHE CC 206 1.71 68.62 83.74
N GLY CC 207 2.96 68.70 83.29
CA GLY CC 207 3.63 69.98 83.17
C GLY CC 207 3.05 70.87 82.08
N GLY CC 208 2.47 70.27 81.03
CA GLY CC 208 1.81 71.06 80.01
C GLY CC 208 0.59 71.81 80.54
N MET CC 209 -0.20 71.15 81.38
CA MET CC 209 -1.36 71.80 81.99
C MET CC 209 -0.94 72.85 83.01
N ILE CC 210 0.16 72.60 83.74
CA ILE CC 210 0.70 73.61 84.65
C ILE CC 210 1.14 74.86 83.87
N LEU CC 211 1.81 74.66 82.72
CA LEU CC 211 2.25 75.77 81.89
C LEU CC 211 1.06 76.52 81.27
N TYR CC 212 -0.02 75.81 80.93
CA TYR CC 212 -1.22 76.48 80.43
C TYR CC 212 -1.85 77.35 81.50
N ARG CC 213 -1.94 76.87 82.75
CA ARG CC 213 -2.47 77.69 83.83
C ARG CC 213 -1.56 78.87 84.16
N LYS CC 214 -0.25 78.74 83.93
CA LYS CC 214 0.64 79.87 84.11
C LYS CC 214 0.44 80.92 83.02
N LEU CC 215 0.36 80.48 81.76
CA LEU CC 215 0.25 81.42 80.65
C LEU CC 215 -1.13 82.07 80.56
N LEU CC 216 -2.18 81.41 81.08
CA LEU CC 216 -3.48 82.07 81.14
C LEU CC 216 -3.46 83.24 82.13
N ALA CC 217 -2.76 83.07 83.26
CA ALA CC 217 -2.59 84.18 84.19
C ALA CC 217 -1.69 85.26 83.61
N MET CC 218 -0.69 84.88 82.82
CA MET CC 218 0.16 85.87 82.16
C MET CC 218 -0.45 86.40 80.86
N ASN CC 219 -1.67 86.00 80.51
CA ASN CC 219 -2.48 86.57 79.43
C ASN CC 219 -1.84 86.35 78.05
N MET CC 220 -1.44 85.10 77.81
CA MET CC 220 -0.90 84.71 76.52
C MET CC 220 -1.72 83.66 75.78
N VAL CC 221 -2.62 82.95 76.47
CA VAL CC 221 -3.50 81.97 75.85
C VAL CC 221 -4.95 82.41 76.11
N SER CC 222 -5.78 82.32 75.07
CA SER CC 222 -7.20 82.65 75.23
C SER CC 222 -7.94 81.49 75.89
N PRO CC 223 -8.93 81.77 76.73
CA PRO CC 223 -9.73 80.69 77.34
C PRO CC 223 -10.71 80.12 76.33
N PRO CC 224 -11.18 78.88 76.53
CA PRO CC 224 -12.22 78.35 75.65
C PRO CC 224 -13.57 78.99 75.91
N TYR CC 225 -14.41 79.01 74.88
CA TYR CC 225 -15.72 79.64 74.94
C TYR CC 225 -16.81 78.60 74.74
N VAL CC 226 -17.81 78.62 75.62
CA VAL CC 226 -18.86 77.62 75.67
C VAL CC 226 -20.18 78.30 75.35
N SER CC 227 -20.96 77.70 74.44
CA SER CC 227 -22.31 78.15 74.13
C SER CC 227 -23.29 77.04 74.47
N HIS CC 228 -24.35 77.39 75.18
CA HIS CC 228 -25.38 76.44 75.59
C HIS CC 228 -26.71 76.83 74.96
N THR CC 229 -27.44 75.82 74.46
CA THR CC 229 -28.74 76.01 73.86
C THR CC 229 -29.78 75.30 74.72
N ASP CC 230 -30.81 76.04 75.13
CA ASP CC 230 -31.85 75.56 76.03
C ASP CC 230 -33.09 75.23 75.22
N LEU CC 231 -33.54 73.98 75.29
CA LEU CC 231 -34.81 73.59 74.70
C LEU CC 231 -35.79 73.21 75.82
N GLY CC 232 -37.07 73.33 75.51
CA GLY CC 232 -38.09 73.02 76.49
C GLY CC 232 -38.43 71.55 76.53
N VAL CC 233 -39.72 71.23 76.50
CA VAL CC 233 -40.18 69.84 76.43
C VAL CC 233 -40.25 69.47 74.96
N THR CC 234 -39.33 68.61 74.52
CA THR CC 234 -39.23 68.21 73.14
C THR CC 234 -39.56 66.74 72.98
N GLY CC 235 -39.96 66.37 71.76
CA GLY CC 235 -40.27 65.00 71.43
C GLY CC 235 -41.67 64.87 70.87
N ASP CC 236 -42.00 63.65 70.48
CA ASP CC 236 -43.30 63.29 69.95
C ASP CC 236 -44.12 62.59 71.04
N GLY CC 237 -45.27 62.05 70.67
CA GLY CC 237 -46.15 61.42 71.64
C GLY CC 237 -45.71 60.06 72.14
N SER CC 238 -44.66 59.48 71.55
CA SER CC 238 -44.14 58.19 72.00
C SER CC 238 -42.93 58.29 72.91
N GLU CC 239 -42.23 59.42 72.91
CA GLU CC 239 -41.07 59.62 73.76
C GLU CC 239 -40.86 61.10 73.97
N ILE CC 240 -40.70 61.52 75.22
CA ILE CC 240 -40.54 62.93 75.54
C ILE CC 240 -39.30 63.11 76.42
N HIS CC 241 -38.71 64.30 76.32
CA HIS CC 241 -37.62 64.75 77.17
C HIS CC 241 -38.03 66.07 77.82
N ILE CC 242 -37.81 66.17 79.14
CA ILE CC 242 -38.38 67.28 79.90
C ILE CC 242 -37.58 68.56 79.69
N ASP CC 243 -36.29 68.53 80.01
CA ASP CC 243 -35.42 69.71 79.91
C ASP CC 243 -34.17 69.30 79.14
N ASP CC 244 -34.04 69.82 77.91
CA ASP CC 244 -32.90 69.54 77.05
C ASP CC 244 -31.93 70.70 77.03
N ARG CC 245 -30.64 70.39 77.16
CA ARG CC 245 -29.59 71.39 77.00
C ARG CC 245 -28.49 70.83 76.12
N VAL CC 246 -28.09 71.59 75.11
CA VAL CC 246 -27.03 71.19 74.20
C VAL CC 246 -25.86 72.14 74.42
N LEU CC 247 -24.72 71.60 74.83
CA LEU CC 247 -23.54 72.41 75.12
C LEU CC 247 -22.48 72.17 74.06
N ARG CC 248 -21.92 73.25 73.52
CA ARG CC 248 -20.92 73.15 72.46
C ARG CC 248 -19.89 74.22 72.70
N ILE CC 249 -18.61 73.86 72.64
CA ILE CC 249 -17.57 74.87 72.75
C ILE CC 249 -17.17 75.32 71.36
N THR CC 250 -17.11 76.63 71.15
CA THR CC 250 -16.97 77.21 69.82
C THR CC 250 -15.60 77.78 69.53
N ALA CC 251 -14.88 78.22 70.55
CA ALA CC 251 -13.53 78.78 70.39
C ALA CC 251 -12.56 77.90 71.17
N LEU CC 252 -11.58 77.36 70.46
CA LEU CC 252 -10.53 76.58 71.11
C LEU CC 252 -9.47 77.53 71.68
N PRO CC 253 -8.77 77.12 72.74
CA PRO CC 253 -7.67 77.94 73.25
C PRO CC 253 -6.53 78.06 72.25
N GLU CC 254 -5.93 79.25 72.20
CA GLU CC 254 -4.83 79.51 71.29
C GLU CC 254 -3.98 80.64 71.84
N LEU CC 255 -2.73 80.68 71.37
CA LEU CC 255 -1.82 81.77 71.70
C LEU CC 255 -2.10 82.98 70.81
N ASN CC 256 -1.89 84.17 71.37
CA ASN CC 256 -2.04 85.40 70.63
C ASN CC 256 -0.67 86.02 70.38
N VAL CC 257 -0.48 86.52 69.14
CA VAL CC 257 0.80 87.09 68.75
C VAL CC 257 0.86 88.59 69.00
N ASN CC 258 -0.22 89.21 69.45
CA ASN CC 258 -0.24 90.63 69.77
C ASN CC 258 0.36 90.81 71.16
N SER CC 259 1.63 91.22 71.20
CA SER CC 259 2.39 91.26 72.45
C SER CC 259 2.11 92.49 73.30
N ALA CC 260 1.28 93.43 72.82
CA ALA CC 260 1.03 94.65 73.57
C ALA CC 260 0.07 94.43 74.74
N GLU CC 261 -0.68 93.33 74.75
CA GLU CC 261 -1.64 93.06 75.81
C GLU CC 261 -1.12 92.08 76.86
N TRP CC 262 0.14 91.69 76.79
CA TRP CC 262 0.69 90.77 77.77
C TRP CC 262 0.92 91.48 79.10
N ARG CC 263 0.79 90.73 80.19
CA ARG CC 263 0.87 91.26 81.54
C ARG CC 263 2.04 90.60 82.28
N ALA CC 264 2.90 91.43 82.87
CA ALA CC 264 4.08 90.96 83.58
C ALA CC 264 3.77 90.74 85.05
N ALA CC 265 4.62 89.94 85.70
CA ALA CC 265 4.45 89.59 87.10
C ALA CC 265 5.76 89.86 87.85
N VAL CC 266 5.69 90.72 88.86
CA VAL CC 266 6.82 91.01 89.74
C VAL CC 266 6.44 90.59 91.14
N ALA CC 267 7.21 89.68 91.73
CA ALA CC 267 6.90 89.10 93.03
C ALA CC 267 7.77 89.73 94.10
N LYS CC 268 7.14 90.28 95.13
CA LYS CC 268 7.86 90.88 96.25
C LYS CC 268 8.21 89.83 97.29
N LYS DC 24 36.35 54.23 115.06
CA LYS DC 24 35.31 53.99 114.07
C LYS DC 24 34.82 55.30 113.46
N PHE DC 25 34.58 55.29 112.15
CA PHE DC 25 34.09 56.45 111.43
C PHE DC 25 32.69 56.18 110.92
N LYS DC 26 31.78 57.12 111.18
CA LYS DC 26 30.38 56.96 110.78
C LYS DC 26 29.74 58.32 110.62
N LYS DC 27 28.65 58.35 109.87
CA LYS DC 27 27.83 59.52 109.64
C LYS DC 27 26.39 59.18 109.98
N PRO DC 28 25.63 60.12 110.54
CA PRO DC 28 24.42 59.77 111.34
C PRO DC 28 23.29 59.10 110.54
N PRO DC 29 22.78 59.66 109.38
CA PRO DC 29 21.57 59.03 108.83
C PRO DC 29 21.84 57.72 108.08
N ILE DC 30 21.50 56.61 108.72
CA ILE DC 30 21.61 55.28 108.13
C ILE DC 30 20.21 54.66 108.17
N ASN DC 31 19.46 54.85 107.09
CA ASN DC 31 18.07 54.44 107.03
C ASN DC 31 17.96 53.06 106.37
N ASN DC 32 16.74 52.65 106.06
CA ASN DC 32 16.49 51.42 105.34
C ASN DC 32 16.96 51.57 103.89
N PRO DC 33 17.29 50.44 103.22
CA PRO DC 33 17.67 50.51 101.81
C PRO DC 33 16.52 50.99 100.92
N SER DC 34 16.88 51.68 99.85
CA SER DC 34 15.93 52.36 98.98
C SER DC 34 15.78 51.62 97.65
N ASP DC 35 14.71 51.97 96.94
CA ASP DC 35 14.40 51.38 95.65
C ASP DC 35 14.49 52.44 94.56
N ASP DC 36 14.99 52.03 93.38
CA ASP DC 36 15.24 52.97 92.29
C ASP DC 36 13.94 53.51 91.70
N ALA DC 37 12.85 52.75 91.78
CA ALA DC 37 11.54 53.24 91.36
C ALA DC 37 11.09 54.40 92.24
N THR DC 38 11.26 54.27 93.56
CA THR DC 38 10.93 55.35 94.48
C THR DC 38 11.87 56.54 94.29
N ILE DC 39 13.13 56.28 93.94
CA ILE DC 39 14.08 57.35 93.65
C ILE DC 39 13.63 58.16 92.43
N LYS DC 40 13.24 57.47 91.36
CA LYS DC 40 12.76 58.16 90.15
C LYS DC 40 11.46 58.91 90.39
N LEU DC 41 10.56 58.33 91.19
CA LEU DC 41 9.33 59.03 91.54
C LEU DC 41 9.59 60.29 92.35
N ALA DC 42 10.57 60.22 93.27
CA ALA DC 42 10.93 61.41 94.05
C ALA DC 42 11.54 62.50 93.17
N GLU DC 43 12.40 62.11 92.22
CA GLU DC 43 12.99 63.09 91.29
C GLU DC 43 11.94 63.73 90.39
N ALA DC 44 10.90 63.00 90.01
CA ALA DC 44 9.80 63.63 89.29
C ALA DC 44 8.98 64.56 90.19
N ALA DC 45 8.72 64.13 91.43
CA ALA DC 45 7.81 64.86 92.31
C ALA DC 45 8.40 66.18 92.79
N VAL DC 46 9.72 66.26 92.97
CA VAL DC 46 10.34 67.52 93.41
C VAL DC 46 10.17 68.61 92.34
N SER DC 47 10.37 68.24 91.07
CA SER DC 47 10.22 69.20 89.98
C SER DC 47 8.75 69.58 89.76
N VAL DC 48 7.84 68.61 89.95
CA VAL DC 48 6.41 68.94 89.93
C VAL DC 48 6.07 69.94 91.04
N SER DC 49 6.63 69.73 92.24
CA SER DC 49 6.33 70.57 93.39
C SER DC 49 6.83 72.00 93.20
N ASP DC 50 8.05 72.18 92.71
CA ASP DC 50 8.48 73.59 92.58
C ASP DC 50 7.95 74.25 91.31
N SER DC 51 7.52 73.48 90.29
CA SER DC 51 6.73 74.07 89.22
C SER DC 51 5.40 74.60 89.73
N MET DC 52 4.73 73.83 90.59
CA MET DC 52 3.48 74.30 91.20
C MET DC 52 3.74 75.51 92.10
N LEU DC 53 4.88 75.53 92.80
CA LEU DC 53 5.23 76.69 93.62
C LEU DC 53 5.42 77.95 92.79
N GLU DC 54 6.11 77.82 91.65
CA GLU DC 54 6.32 78.97 90.76
C GLU DC 54 5.00 79.51 90.19
N MET DC 55 4.13 78.60 89.71
CA MET DC 55 2.88 79.08 89.13
C MET DC 55 1.92 79.62 90.19
N ALA DC 56 1.96 79.06 91.41
CA ALA DC 56 1.16 79.61 92.50
C ALA DC 56 1.64 81.01 92.89
N LYS DC 57 2.95 81.22 92.90
CA LYS DC 57 3.50 82.56 93.21
C LYS DC 57 3.08 83.58 92.16
N VAL DC 58 3.20 83.22 90.88
CA VAL DC 58 2.81 84.13 89.79
C VAL DC 58 1.31 84.41 89.82
N GLU DC 59 0.50 83.38 90.08
CA GLU DC 59 -0.96 83.53 90.13
C GLU DC 59 -1.40 84.40 91.30
N LYS DC 60 -0.76 84.24 92.46
CA LYS DC 60 -1.04 85.08 93.62
C LYS DC 60 -0.63 86.52 93.37
N VAL DC 61 0.48 86.72 92.66
CA VAL DC 61 0.92 88.09 92.33
C VAL DC 61 -0.05 88.78 91.39
N ILE DC 62 -0.52 88.07 90.35
CA ILE DC 62 -1.44 88.68 89.39
C ILE DC 62 -2.80 88.97 90.03
N THR DC 63 -3.39 87.97 90.71
CA THR DC 63 -4.73 88.14 91.27
C THR DC 63 -4.71 88.06 92.78
N PRO DC 64 -4.74 89.18 93.50
CA PRO DC 64 -4.79 89.12 94.96
C PRO DC 64 -6.22 88.87 95.46
N PRO DC 65 -6.41 87.87 96.30
CA PRO DC 65 -7.75 87.65 96.88
C PRO DC 65 -8.08 88.70 97.92
N SER DC 66 -9.38 88.93 98.10
CA SER DC 66 -9.87 89.95 99.03
C SER DC 66 -10.85 89.44 100.07
N LYS DC 67 -11.56 88.35 99.82
CA LYS DC 67 -12.58 87.85 100.73
C LYS DC 67 -12.22 86.45 101.21
N ASP DC 68 -12.62 86.15 102.45
CA ASP DC 68 -12.37 84.86 103.08
C ASP DC 68 -13.69 84.23 103.47
N ASN DC 69 -13.74 82.90 103.44
CA ASN DC 69 -14.97 82.15 103.70
C ASN DC 69 -15.27 81.96 105.20
N THR DC 70 -14.62 82.72 106.09
CA THR DC 70 -14.99 82.70 107.51
C THR DC 70 -16.36 83.30 107.71
N LEU DC 71 -16.69 84.34 106.93
CA LEU DC 71 -18.03 84.93 106.99
C LEU DC 71 -19.10 83.97 106.48
N THR DC 72 -18.77 83.21 105.44
CA THR DC 72 -19.72 82.24 104.89
C THR DC 72 -19.89 81.05 105.83
N ILE DC 73 -18.79 80.52 106.35
CA ILE DC 73 -18.83 79.37 107.27
C ILE DC 73 -18.26 79.79 108.61
N PRO DC 74 -19.08 80.29 109.54
CA PRO DC 74 -18.58 80.61 110.88
C PRO DC 74 -18.61 79.38 111.79
N ASN DC 75 -17.86 79.49 112.87
CA ASN DC 75 -17.83 78.43 113.87
C ASN DC 75 -18.80 78.72 115.03
N ALA DC 76 -19.07 77.68 115.80
CA ALA DC 76 -19.98 77.75 116.93
C ALA DC 76 -19.62 76.63 117.91
N TYR DC 77 -20.42 76.50 118.95
CA TYR DC 77 -20.27 75.38 119.86
C TYR DC 77 -20.70 74.08 119.16
N ASN DC 78 -20.10 72.97 119.60
CA ASN DC 78 -20.15 71.60 119.05
C ASN DC 78 -19.78 71.51 117.57
N LEU DC 79 -19.14 72.54 117.02
CA LEU DC 79 -18.34 72.42 115.80
C LEU DC 79 -16.86 72.30 116.12
N GLN DC 80 -16.50 72.25 117.40
CA GLN DC 80 -15.13 72.14 117.84
C GLN DC 80 -14.73 70.72 118.22
N ALA DC 81 -15.61 69.75 118.02
CA ALA DC 81 -15.20 68.35 118.06
C ALA DC 81 -14.33 68.06 116.85
N ARG DC 82 -13.40 67.12 117.00
CA ARG DC 82 -12.35 67.02 115.98
C ARG DC 82 -12.52 65.73 115.18
N ALA DC 83 -11.82 65.68 114.05
CA ALA DC 83 -11.95 64.55 113.14
C ALA DC 83 -10.66 64.34 112.38
N SER DC 84 -10.39 63.08 112.05
CA SER DC 84 -9.33 62.70 111.13
C SER DC 84 -9.96 61.91 110.00
N VAL DC 85 -9.72 62.33 108.76
CA VAL DC 85 -10.50 61.89 107.62
C VAL DC 85 -9.57 61.57 106.44
N ASP DC 86 -9.86 60.46 105.76
CA ASP DC 86 -9.22 60.06 104.51
C ASP DC 86 -10.33 59.60 103.56
N TRP DC 87 -10.82 60.53 102.74
CA TRP DC 87 -11.99 60.32 101.89
C TRP DC 87 -11.64 60.66 100.45
N SER DC 88 -12.06 59.80 99.53
CA SER DC 88 -11.75 59.95 98.11
C SER DC 88 -12.99 59.71 97.25
N GLY DC 89 -14.10 60.35 97.62
CA GLY DC 89 -15.35 60.16 96.92
C GLY DC 89 -16.15 61.43 96.74
N PRO DC 90 -17.46 61.28 96.54
CA PRO DC 90 -18.33 62.46 96.33
C PRO DC 90 -18.51 63.27 97.60
N ILE DC 91 -19.00 64.50 97.40
CA ILE DC 91 -19.00 65.51 98.45
C ILE DC 91 -20.20 65.36 99.41
N GLU DC 92 -21.34 64.85 98.92
CA GLU DC 92 -22.58 64.95 99.67
C GLU DC 92 -22.62 63.99 100.86
N GLU DC 93 -22.12 62.77 100.68
CA GLU DC 93 -22.10 61.81 101.78
C GLU DC 93 -21.16 62.24 102.90
N LEU DC 94 -19.98 62.75 102.52
CA LEU DC 94 -19.03 63.24 103.52
C LEU DC 94 -19.58 64.45 104.27
N THR DC 95 -20.24 65.38 103.55
CA THR DC 95 -20.83 66.54 104.21
C THR DC 95 -21.98 66.15 105.13
N ALA DC 96 -22.78 65.15 104.73
CA ALA DC 96 -23.84 64.65 105.58
C ALA DC 96 -23.31 63.98 106.84
N ARG DC 97 -22.20 63.24 106.71
CA ARG DC 97 -21.60 62.61 107.89
C ARG DC 97 -21.02 63.64 108.85
N ILE DC 98 -20.39 64.70 108.31
CA ILE DC 98 -19.86 65.78 109.15
C ILE DC 98 -21.01 66.52 109.86
N ALA DC 99 -22.11 66.77 109.15
CA ALA DC 99 -23.26 67.43 109.77
C ALA DC 99 -23.92 66.56 110.83
N LYS DC 100 -24.00 65.25 110.58
CA LYS DC 100 -24.60 64.34 111.57
C LYS DC 100 -23.72 64.22 112.81
N ALA DC 101 -22.40 64.24 112.64
CA ALA DC 101 -21.52 64.24 113.81
C ALA DC 101 -21.55 65.59 114.54
N ALA DC 102 -21.81 66.67 113.82
CA ALA DC 102 -21.90 67.99 114.43
C ALA DC 102 -23.31 68.31 114.93
N HIS DC 103 -24.24 67.36 114.80
CA HIS DC 103 -25.62 67.46 115.31
C HIS DC 103 -26.39 68.61 114.66
N PHE DC 104 -26.14 68.82 113.37
CA PHE DC 104 -26.79 69.85 112.60
C PHE DC 104 -27.68 69.21 111.54
N ARG DC 105 -28.74 69.92 111.16
CA ARG DC 105 -29.56 69.48 110.04
C ARG DC 105 -28.80 69.68 108.74
N PHE DC 106 -29.12 68.87 107.74
CA PHE DC 106 -28.46 68.91 106.44
C PHE DC 106 -29.47 69.30 105.37
N ARG DC 107 -29.11 70.28 104.54
CA ARG DC 107 -29.98 70.78 103.50
C ARG DC 107 -29.23 70.84 102.18
N VAL DC 108 -29.91 70.51 101.09
CA VAL DC 108 -29.34 70.53 99.74
C VAL DC 108 -30.18 71.44 98.87
N LEU DC 109 -29.53 72.37 98.19
CA LEU DC 109 -30.17 73.26 97.23
C LEU DC 109 -29.52 73.10 95.86
N GLY DC 110 -30.36 73.15 94.82
CA GLY DC 110 -29.90 72.90 93.46
C GLY DC 110 -30.00 71.45 93.10
N LYS DC 111 -29.65 71.16 91.84
CA LYS DC 111 -29.68 69.82 91.31
C LYS DC 111 -28.25 69.31 91.11
N SER DC 112 -28.02 68.07 91.51
CA SER DC 112 -26.71 67.45 91.32
C SER DC 112 -26.45 67.21 89.84
N PRO DC 113 -25.25 67.52 89.35
CA PRO DC 113 -24.94 67.32 87.94
C PRO DC 113 -24.71 65.85 87.61
N SER DC 114 -24.77 65.55 86.32
CA SER DC 114 -24.58 64.18 85.86
C SER DC 114 -23.13 63.72 86.03
N VAL DC 115 -22.18 64.62 85.87
CA VAL DC 115 -20.78 64.36 86.20
C VAL DC 115 -20.60 64.72 87.68
N PRO DC 116 -20.27 63.77 88.55
CA PRO DC 116 -20.25 64.04 89.98
C PRO DC 116 -19.10 64.94 90.40
N VAL DC 117 -19.32 65.69 91.48
CA VAL DC 117 -18.31 66.54 92.06
C VAL DC 117 -17.47 65.69 93.01
N LEU DC 118 -16.22 65.45 92.65
CA LEU DC 118 -15.33 64.59 93.41
C LEU DC 118 -14.35 65.40 94.23
N ILE DC 119 -14.13 64.97 95.47
CA ILE DC 119 -13.17 65.62 96.37
C ILE DC 119 -12.24 64.56 96.92
N SER DC 120 -11.09 65.02 97.42
CA SER DC 120 -10.08 64.14 98.02
C SER DC 120 -9.52 64.84 99.24
N ILE DC 121 -9.86 64.33 100.43
CA ILE DC 121 -9.48 64.94 101.70
C ILE DC 121 -8.63 63.93 102.47
N SER DC 122 -7.48 64.37 102.95
CA SER DC 122 -6.61 63.52 103.79
C SER DC 122 -5.99 64.42 104.87
N THR DC 123 -6.66 64.51 106.02
CA THR DC 123 -6.19 65.35 107.12
C THR DC 123 -5.97 64.51 108.38
N LYS DC 124 -5.62 65.18 109.46
CA LYS DC 124 -5.38 64.53 110.74
C LYS DC 124 -5.57 65.55 111.85
N ASP DC 125 -6.60 65.34 112.68
CA ASP DC 125 -6.87 66.07 113.92
C ASP DC 125 -7.04 67.58 113.67
N GLU DC 126 -8.12 67.89 112.96
CA GLU DC 126 -8.51 69.29 112.80
C GLU DC 126 -10.03 69.38 112.89
N SER DC 127 -10.51 70.58 113.21
CA SER DC 127 -11.90 70.78 113.59
C SER DC 127 -12.82 70.72 112.37
N LEU DC 128 -14.11 70.52 112.66
CA LEU DC 128 -15.11 70.34 111.61
C LEU DC 128 -15.34 71.60 110.80
N ALA DC 129 -15.14 72.77 111.41
CA ALA DC 129 -15.22 74.03 110.66
C ALA DC 129 -14.12 74.12 109.62
N GLU DC 130 -12.89 73.70 109.98
CA GLU DC 130 -11.80 73.68 109.02
C GLU DC 130 -12.00 72.59 107.96
N ILE DC 131 -12.60 71.46 108.34
CA ILE DC 131 -12.94 70.42 107.37
C ILE DC 131 -13.94 70.96 106.34
N LEU DC 132 -14.98 71.64 106.81
CA LEU DC 132 -15.98 72.21 105.90
C LEU DC 132 -15.40 73.31 105.04
N ARG DC 133 -14.49 74.12 105.59
CA ARG DC 133 -13.84 75.16 104.81
C ARG DC 133 -12.93 74.58 103.73
N ASP DC 134 -12.20 73.51 104.04
CA ASP DC 134 -11.35 72.87 103.04
C ASP DC 134 -12.18 72.19 101.95
N ILE DC 135 -13.31 71.57 102.33
CA ILE DC 135 -14.22 70.99 101.34
C ILE DC 135 -14.80 72.06 100.44
N ASP DC 136 -15.21 73.20 101.02
CA ASP DC 136 -15.76 74.31 100.25
C ASP DC 136 -14.73 74.92 99.32
N TYR DC 137 -13.46 75.01 99.77
CA TYR DC 137 -12.42 75.54 98.91
C TYR DC 137 -12.07 74.58 97.77
N GLN DC 138 -12.04 73.28 98.03
CA GLN DC 138 -11.73 72.32 96.98
C GLN DC 138 -12.90 72.14 96.00
N ALA DC 139 -14.13 72.40 96.43
CA ALA DC 139 -15.29 72.30 95.54
C ALA DC 139 -15.21 73.33 94.42
N GLY DC 140 -14.78 74.55 94.72
CA GLY DC 140 -14.49 75.53 93.69
C GLY DC 140 -15.74 76.18 93.15
N LYS DC 141 -15.93 76.08 91.83
CA LYS DC 141 -17.02 76.75 91.13
C LYS DC 141 -18.26 75.86 90.97
N LYS DC 142 -18.25 74.65 91.54
CA LYS DC 142 -19.34 73.71 91.35
C LYS DC 142 -20.32 73.67 92.52
N ALA DC 143 -19.84 73.84 93.75
CA ALA DC 143 -20.69 73.73 94.91
C ALA DC 143 -20.21 74.69 95.99
N SER DC 144 -21.10 74.99 96.93
CA SER DC 144 -20.80 75.90 98.03
C SER DC 144 -21.41 75.36 99.32
N ILE DC 145 -20.75 75.69 100.43
CA ILE DC 145 -21.14 75.24 101.76
C ILE DC 145 -21.46 76.47 102.60
N HIS DC 146 -22.63 76.46 103.25
CA HIS DC 146 -23.04 77.52 104.16
C HIS DC 146 -23.42 76.90 105.50
N VAL DC 147 -23.19 77.63 106.58
CA VAL DC 147 -23.51 77.17 107.92
C VAL DC 147 -24.31 78.26 108.62
N TYR DC 148 -25.49 77.89 109.11
CA TYR DC 148 -26.34 78.78 109.90
C TYR DC 148 -26.38 78.24 111.33
N PRO DC 149 -25.69 78.88 112.28
CA PRO DC 149 -25.63 78.31 113.64
C PRO DC 149 -26.87 78.59 114.48
N ASN DC 150 -27.64 79.62 114.16
CA ASN DC 150 -28.86 79.90 114.92
C ASN DC 150 -29.93 78.86 114.65
N SER DC 151 -30.04 78.39 113.40
CA SER DC 151 -30.95 77.32 113.05
C SER DC 151 -30.28 75.95 113.03
N GLN DC 152 -28.96 75.91 113.22
CA GLN DC 152 -28.13 74.69 113.24
C GLN DC 152 -28.29 73.88 111.94
N VAL DC 153 -27.98 74.55 110.83
CA VAL DC 153 -28.20 73.99 109.50
C VAL DC 153 -26.91 74.09 108.68
N VAL DC 154 -26.46 72.97 108.13
CA VAL DC 154 -25.40 72.94 107.13
C VAL DC 154 -26.06 72.77 105.77
N GLU DC 155 -25.78 73.68 104.85
CA GLU DC 155 -26.43 73.74 103.55
C GLU DC 155 -25.39 73.59 102.45
N LEU DC 156 -25.65 72.69 101.52
CA LEU DC 156 -24.83 72.48 100.34
C LEU DC 156 -25.63 72.91 99.12
N ARG DC 157 -25.10 73.86 98.35
CA ARG DC 157 -25.80 74.36 97.17
C ARG DC 157 -24.95 74.13 95.92
N TYR DC 158 -25.63 73.70 94.86
CA TYR DC 158 -24.97 73.45 93.59
C TYR DC 158 -25.02 74.70 92.71
N ALA DC 159 -24.07 74.78 91.78
CA ALA DC 159 -23.95 75.95 90.93
C ALA DC 159 -25.03 75.96 89.84
N LYS DC 160 -25.41 77.18 89.43
CA LYS DC 160 -26.38 77.36 88.36
C LYS DC 160 -25.66 77.35 87.01
N ILE DC 161 -25.21 76.15 86.64
CA ILE DC 161 -24.50 75.91 85.40
C ILE DC 161 -25.12 74.68 84.75
N TYR DC 162 -24.79 74.47 83.46
CA TYR DC 162 -25.49 73.58 82.53
C TYR DC 162 -26.99 73.91 82.49
N GLY EC 271 14.81 82.79 50.50
CA GLY EC 271 14.00 81.94 51.35
C GLY EC 271 14.43 81.95 52.80
N ILE EC 272 13.45 82.07 53.70
CA ILE EC 272 13.72 82.06 55.13
C ILE EC 272 14.09 80.64 55.57
N PRO EC 273 15.19 80.45 56.30
CA PRO EC 273 15.54 79.12 56.81
C PRO EC 273 14.55 78.64 57.85
N PRO EC 274 14.42 77.33 58.04
CA PRO EC 274 13.51 76.82 59.08
C PRO EC 274 13.96 77.19 60.48
N SER EC 275 12.98 77.34 61.36
CA SER EC 275 13.24 77.86 62.70
C SER EC 275 13.96 76.85 63.57
N ALA EC 276 13.40 75.65 63.70
CA ALA EC 276 13.96 74.60 64.53
C ALA EC 276 13.34 73.27 64.11
N ASN EC 277 13.59 72.24 64.91
CA ASN EC 277 12.88 70.98 64.84
C ASN EC 277 12.05 70.83 66.11
N ASP EC 278 10.77 70.52 65.94
CA ASP EC 278 9.85 70.50 67.08
C ASP EC 278 9.93 69.21 67.88
N LEU EC 279 10.74 68.24 67.47
CA LEU EC 279 10.97 67.05 68.27
C LEU EC 279 11.85 67.34 69.49
N LEU EC 280 12.60 68.44 69.46
CA LEU EC 280 13.49 68.78 70.56
C LEU EC 280 12.74 69.17 71.83
N LEU EC 281 11.48 69.60 71.71
CA LEU EC 281 10.67 69.83 72.91
C LEU EC 281 10.36 68.52 73.63
N HIS EC 282 10.02 67.48 72.88
CA HIS EC 282 9.82 66.16 73.48
C HIS EC 282 11.12 65.57 73.99
N VAL EC 283 12.24 65.84 73.31
CA VAL EC 283 13.55 65.42 73.79
C VAL EC 283 13.89 66.11 75.11
N LEU EC 284 13.55 67.41 75.22
CA LEU EC 284 13.73 68.15 76.46
C LEU EC 284 12.87 67.60 77.58
N GLU EC 285 11.63 67.22 77.27
CA GLU EC 285 10.76 66.62 78.27
C GLU EC 285 11.17 65.19 78.63
N GLY EC 286 11.94 64.53 77.77
CA GLY EC 286 12.44 63.19 78.04
C GLY EC 286 11.68 62.09 77.33
N VAL EC 287 10.64 62.42 76.59
CA VAL EC 287 9.88 61.41 75.84
C VAL EC 287 10.55 61.19 74.49
N PRO EC 288 10.83 59.95 74.08
CA PRO EC 288 11.47 59.73 72.78
C PRO EC 288 10.53 60.08 71.64
N PRO EC 289 11.07 60.46 70.48
CA PRO EC 289 10.22 60.68 69.31
C PRO EC 289 9.59 59.38 68.83
N PRO EC 290 8.41 59.43 68.25
CA PRO EC 290 7.74 58.19 67.81
C PRO EC 290 8.43 57.58 66.59
N GLY EC 291 8.51 56.26 66.58
CA GLY EC 291 9.17 55.53 65.53
C GLY EC 291 10.66 55.37 65.69
N SER EC 292 11.26 55.94 66.74
CA SER EC 292 12.68 55.88 66.96
C SER EC 292 13.07 54.61 67.71
N ARG EC 293 14.37 54.41 67.90
CA ARG EC 293 14.89 53.28 68.63
C ARG EC 293 15.97 53.75 69.59
N ARG EC 294 16.18 52.98 70.65
CA ARG EC 294 17.04 53.41 71.75
C ARG EC 294 18.50 53.10 71.47
N LEU EC 295 19.38 53.94 72.02
CA LEU EC 295 20.81 53.71 72.01
C LEU EC 295 21.30 53.65 73.45
N VAL EC 296 22.42 52.96 73.66
CA VAL EC 296 23.00 52.77 74.98
C VAL EC 296 24.16 53.74 75.15
N VAL EC 297 24.11 54.54 76.21
CA VAL EC 297 25.12 55.56 76.49
C VAL EC 297 25.80 55.20 77.80
N SER EC 298 27.14 55.12 77.77
CA SER EC 298 27.94 54.76 78.92
C SER EC 298 28.96 55.85 79.21
N GLY EC 299 29.30 56.01 80.48
CA GLY EC 299 30.30 56.96 80.91
C GLY EC 299 29.78 58.25 81.50
N GLY EC 300 28.48 58.51 81.39
CA GLY EC 300 27.93 59.75 81.91
C GLY EC 300 26.42 59.71 81.91
N ASP EC 301 25.83 60.80 82.40
CA ASP EC 301 24.37 60.90 82.55
C ASP EC 301 23.84 61.55 81.26
N ALA EC 302 23.44 60.70 80.32
CA ALA EC 302 22.92 61.16 79.05
C ALA EC 302 22.02 60.08 78.46
N ARG EC 303 21.02 60.51 77.69
CA ARG EC 303 20.15 59.61 76.94
C ARG EC 303 20.20 59.96 75.47
N ALA EC 304 20.03 58.95 74.62
CA ALA EC 304 20.12 59.16 73.18
C ALA EC 304 19.11 58.29 72.46
N TRP EC 305 18.60 58.81 71.34
CA TRP EC 305 17.69 58.07 70.48
C TRP EC 305 18.05 58.30 69.02
N LEU EC 306 17.68 57.34 68.17
CA LEU EC 306 17.94 57.40 66.74
C LEU EC 306 16.63 57.23 66.00
N SER EC 307 16.26 58.23 65.19
CA SER EC 307 14.97 58.22 64.51
C SER EC 307 15.09 58.13 63.00
N ASN EC 308 15.81 59.04 62.35
CA ASN EC 308 15.89 59.13 60.89
C ASN EC 308 17.34 59.31 60.46
N GLU EC 309 18.20 58.40 60.96
CA GLU EC 309 19.66 58.50 60.89
C GLU EC 309 20.16 59.80 61.51
N LYS EC 310 19.50 60.23 62.58
CA LYS EC 310 19.88 61.39 63.37
C LYS EC 310 19.83 61.00 64.84
N MET EC 311 20.80 61.47 65.60
CA MET EC 311 20.83 61.23 67.03
C MET EC 311 20.23 62.41 67.78
N TYR EC 312 19.38 62.11 68.76
CA TYR EC 312 18.80 63.11 69.65
C TYR EC 312 19.30 62.79 71.05
N VAL EC 313 19.98 63.76 71.67
CA VAL EC 313 20.68 63.56 72.93
C VAL EC 313 20.08 64.48 73.97
N ARG EC 314 19.72 63.91 75.12
CA ARG EC 314 19.25 64.65 76.28
C ARG EC 314 20.29 64.51 77.39
N THR EC 315 20.91 65.63 77.76
CA THR EC 315 21.93 65.66 78.80
C THR EC 315 22.04 67.10 79.31
N ASN EC 316 22.76 67.25 80.42
CA ASN EC 316 23.10 68.57 80.95
C ASN EC 316 24.60 68.87 80.88
N LEU EC 317 25.36 68.07 80.14
CA LEU EC 317 26.76 68.34 79.89
C LEU EC 317 26.90 69.25 78.66
N THR EC 318 28.14 69.60 78.33
CA THR EC 318 28.44 70.45 77.18
C THR EC 318 29.19 69.63 76.15
N ILE EC 319 28.58 69.47 74.97
CA ILE EC 319 29.18 68.68 73.90
C ILE EC 319 30.22 69.52 73.17
N LEU EC 320 31.44 68.99 73.05
CA LEU EC 320 32.57 69.77 72.55
C LEU EC 320 32.98 69.42 71.13
N SER EC 321 33.36 68.16 70.87
CA SER EC 321 33.97 67.84 69.57
C SER EC 321 33.06 67.59 68.36
N PRO EC 322 32.04 66.70 68.41
CA PRO EC 322 31.50 66.19 67.14
C PRO EC 322 30.62 67.17 66.38
N GLY EC 323 30.10 68.22 67.01
CA GLY EC 323 29.29 69.19 66.30
C GLY EC 323 27.85 68.78 66.16
N TRP EC 324 26.94 69.72 66.41
CA TRP EC 324 25.51 69.46 66.37
C TRP EC 324 24.82 70.39 65.38
N LEU EC 325 23.64 69.96 64.92
CA LEU EC 325 22.88 70.72 63.92
C LEU EC 325 21.90 71.70 64.57
N ALA EC 326 21.14 71.26 65.58
CA ALA EC 326 20.17 72.14 66.22
C ALA EC 326 20.25 71.95 67.73
N SER EC 327 19.84 72.99 68.46
CA SER EC 327 19.92 72.93 69.93
C SER EC 327 18.79 73.71 70.58
N MET EC 328 18.31 73.16 71.71
CA MET EC 328 17.34 73.79 72.59
C MET EC 328 17.80 73.65 74.03
N THR EC 329 17.27 74.51 74.89
CA THR EC 329 17.62 74.54 76.30
C THR EC 329 16.34 74.70 77.12
N SER EC 330 16.22 73.95 78.21
CA SER EC 330 15.06 74.06 79.09
C SER EC 330 15.32 75.12 80.16
N ALA EC 331 14.36 75.25 81.08
CA ALA EC 331 14.45 76.27 82.12
C ALA EC 331 15.44 75.88 83.22
N ASP EC 332 15.60 74.59 83.49
CA ASP EC 332 16.45 74.12 84.58
C ASP EC 332 17.88 73.78 84.15
N GLY EC 333 18.24 74.05 82.89
CA GLY EC 333 19.59 73.83 82.43
C GLY EC 333 19.82 72.54 81.68
N THR EC 334 18.78 71.87 81.21
CA THR EC 334 18.94 70.65 80.42
C THR EC 334 19.00 71.03 78.94
N HIS EC 335 19.97 70.44 78.23
CA HIS EC 335 20.20 70.74 76.83
C HIS EC 335 19.69 69.60 75.95
N ALA EC 336 19.14 69.95 74.79
CA ALA EC 336 18.71 68.97 73.81
C ALA EC 336 19.39 69.29 72.48
N TYR EC 337 19.98 68.27 71.87
CA TYR EC 337 20.76 68.42 70.65
C TYR EC 337 20.20 67.54 69.55
N GLU EC 338 20.27 68.04 68.31
CA GLU EC 338 20.04 67.25 67.12
C GLU EC 338 21.31 67.29 66.28
N MET EC 339 21.82 66.12 65.92
CA MET EC 339 23.14 65.99 65.30
C MET EC 339 23.18 64.73 64.45
N GLN EC 340 24.34 64.47 63.87
CA GLN EC 340 24.58 63.27 63.07
C GLN EC 340 25.02 62.12 63.99
N LYS EC 341 25.00 60.91 63.43
CA LYS EC 341 25.34 59.72 64.20
C LYS EC 341 26.85 59.56 64.34
N SER EC 342 27.28 59.18 65.54
CA SER EC 342 28.69 58.98 65.86
C SER EC 342 28.77 58.13 67.11
N PRO EC 343 29.75 57.23 67.22
CA PRO EC 343 29.84 56.35 68.40
C PRO EC 343 30.61 56.92 69.59
N VAL EC 344 31.01 58.19 69.54
CA VAL EC 344 31.77 58.80 70.63
C VAL EC 344 31.33 60.25 70.77
N LEU EC 345 31.24 60.73 72.01
CA LEU EC 345 30.96 62.13 72.30
C LEU EC 345 32.04 62.66 73.22
N LEU EC 346 32.42 63.92 73.04
CA LEU EC 346 33.39 64.58 73.90
C LEU EC 346 32.66 65.64 74.72
N VAL EC 347 32.78 65.53 76.05
CA VAL EC 347 32.02 66.39 76.95
C VAL EC 347 32.96 67.02 77.97
N SER EC 348 32.48 68.12 78.57
CA SER EC 348 33.14 68.76 79.70
C SER EC 348 32.22 68.67 80.91
N TRP EC 349 32.75 68.16 82.02
CA TRP EC 349 31.90 67.87 83.18
C TRP EC 349 31.84 69.04 84.15
N HIS EC 350 32.98 69.38 84.75
CA HIS EC 350 33.10 70.56 85.61
C HIS EC 350 34.43 71.26 85.34
N GLY EC 351 34.76 71.44 84.07
CA GLY EC 351 36.07 71.93 83.68
C GLY EC 351 37.04 70.85 83.29
N LYS EC 352 36.59 69.59 83.22
CA LYS EC 352 37.42 68.46 82.84
C LYS EC 352 36.79 67.77 81.64
N VAL EC 353 37.62 67.46 80.66
CA VAL EC 353 37.17 66.89 79.39
C VAL EC 353 37.23 65.37 79.46
N MET EC 354 36.15 64.71 79.05
CA MET EC 354 36.08 63.26 79.02
C MET EC 354 35.22 62.82 77.84
N GLN EC 355 34.99 61.52 77.73
CA GLN EC 355 34.32 60.93 76.58
C GLN EC 355 33.14 60.07 77.02
N LEU EC 356 32.14 60.01 76.15
CA LEU EC 356 30.95 59.20 76.33
C LEU EC 356 30.85 58.21 75.17
N LYS EC 357 30.50 56.97 75.50
CA LYS EC 357 30.43 55.88 74.54
C LYS EC 357 28.98 55.65 74.13
N VAL EC 358 28.73 55.64 72.82
CA VAL EC 358 27.40 55.43 72.26
C VAL EC 358 27.42 54.11 71.49
N GLU EC 359 26.51 53.20 71.86
CA GLU EC 359 26.38 51.91 71.22
C GLU EC 359 24.99 51.75 70.63
N GLY EC 360 24.79 50.64 69.92
CA GLY EC 360 23.51 50.35 69.31
C GLY EC 360 23.26 51.02 67.97
N LEU EC 361 24.27 51.65 67.38
CA LEU EC 361 24.10 52.31 66.10
C LEU EC 361 24.05 51.30 64.96
N LYS FC 40 -8.54 31.81 92.62
CA LYS FC 40 -7.67 32.97 92.45
C LYS FC 40 -8.22 34.17 93.22
N LEU FC 41 -9.55 34.24 93.32
CA LEU FC 41 -10.18 35.28 94.12
C LEU FC 41 -9.98 35.00 95.60
N PRO FC 42 -9.94 36.04 96.44
CA PRO FC 42 -9.86 35.82 97.88
C PRO FC 42 -11.14 35.19 98.42
N CYS FC 43 -10.97 34.38 99.47
CA CYS FC 43 -12.10 33.66 100.08
C CYS FC 43 -12.62 34.34 101.34
N ARG FC 44 -11.92 35.34 101.86
CA ARG FC 44 -12.34 36.05 103.05
C ARG FC 44 -11.66 37.41 103.07
N VAL FC 45 -12.06 38.24 104.03
CA VAL FC 45 -11.32 39.47 104.29
C VAL FC 45 -9.99 39.13 104.94
N ASP FC 46 -8.94 39.80 104.50
CA ASP FC 46 -7.58 39.41 104.90
C ASP FC 46 -7.26 39.79 106.34
N GLY FC 47 -6.51 38.92 106.99
CA GLY FC 47 -6.07 39.16 108.36
C GLY FC 47 -7.16 39.09 109.41
N ALA FC 48 -8.26 38.39 109.13
CA ALA FC 48 -9.38 38.32 110.06
C ALA FC 48 -9.86 36.89 110.19
N CYS FC 49 -10.33 36.55 111.39
CA CYS FC 49 -10.88 35.22 111.66
C CYS FC 49 -11.90 35.33 112.79
N ASP FC 50 -12.97 34.53 112.67
CA ASP FC 50 -14.05 34.58 113.65
C ASP FC 50 -13.61 34.02 115.01
N ALA FC 51 -12.79 32.96 114.99
CA ALA FC 51 -12.23 32.43 116.23
C ALA FC 51 -11.31 33.44 116.90
N THR FC 52 -10.54 34.18 116.10
CA THR FC 52 -9.71 35.26 116.63
C THR FC 52 -10.56 36.37 117.24
N ILE FC 53 -11.69 36.71 116.60
CA ILE FC 53 -12.59 37.74 117.12
C ILE FC 53 -13.18 37.32 118.46
N ILE FC 54 -13.63 36.06 118.55
CA ILE FC 54 -14.20 35.54 119.79
C ILE FC 54 -13.14 35.48 120.90
N LYS FC 55 -11.91 35.09 120.54
CA LYS FC 55 -10.82 35.03 121.50
C LYS FC 55 -10.46 36.41 122.05
N MET FC 56 -10.40 37.42 121.17
CA MET FC 56 -10.08 38.78 121.64
C MET FC 56 -11.20 39.38 122.48
N MET FC 57 -12.46 39.12 122.12
CA MET FC 57 -13.58 39.58 122.95
C MET FC 57 -13.56 38.92 124.33
N THR FC 58 -13.30 37.61 124.38
CA THR FC 58 -13.24 36.90 125.65
C THR FC 58 -12.07 37.38 126.51
N ASP FC 59 -10.90 37.59 125.89
CA ASP FC 59 -9.73 38.06 126.64
C ASP FC 59 -9.93 39.48 127.16
N LEU FC 60 -10.53 40.36 126.36
CA LEU FC 60 -10.78 41.72 126.81
C LEU FC 60 -11.83 41.76 127.92
N ASN FC 61 -12.86 40.90 127.83
CA ASN FC 61 -13.86 40.86 128.88
C ASN FC 61 -13.33 40.26 130.17
N LYS FC 62 -12.39 39.30 130.08
CA LYS FC 62 -11.76 38.80 131.29
C LYS FC 62 -10.77 39.81 131.88
N LYS FC 63 -10.11 40.59 131.03
CA LYS FC 63 -9.17 41.60 131.54
C LYS FC 63 -9.92 42.74 132.23
N GLY FC 64 -11.04 43.17 131.66
CA GLY FC 64 -11.84 44.20 132.30
C GLY FC 64 -12.29 45.31 131.37
N ILE FC 65 -11.89 45.25 130.11
CA ILE FC 65 -12.32 46.19 129.09
C ILE FC 65 -13.63 45.68 128.52
N LYS FC 66 -14.67 46.51 128.57
CA LYS FC 66 -16.01 46.03 128.23
C LYS FC 66 -16.21 46.05 126.72
N VAL FC 67 -16.58 44.91 126.15
CA VAL FC 67 -16.88 44.80 124.73
C VAL FC 67 -18.34 44.38 124.61
N ALA FC 68 -19.13 45.17 123.89
CA ALA FC 68 -20.56 44.92 123.73
C ALA FC 68 -20.94 45.00 122.26
N SER FC 69 -21.89 44.15 121.85
CA SER FC 69 -22.36 44.11 120.47
C SER FC 69 -23.87 43.91 120.47
N VAL FC 70 -24.59 44.90 119.94
CA VAL FC 70 -26.04 44.82 119.76
C VAL FC 70 -26.35 45.09 118.30
N GLY FC 71 -26.88 44.10 117.60
CA GLY FC 71 -27.12 44.22 116.18
C GLY FC 71 -25.83 44.22 115.39
N GLN FC 72 -25.54 45.32 114.70
CA GLN FC 72 -24.28 45.51 114.02
C GLN FC 72 -23.44 46.62 114.64
N ASN FC 73 -23.84 47.13 115.80
CA ASN FC 73 -23.09 48.17 116.50
C ASN FC 73 -22.18 47.53 117.54
N TYR FC 74 -20.98 48.09 117.67
CA TYR FC 74 -19.97 47.60 118.60
C TYR FC 74 -19.49 48.73 119.49
N LEU FC 75 -19.33 48.43 120.77
CA LEU FC 75 -18.92 49.38 121.80
C LEU FC 75 -17.77 48.80 122.61
N ILE FC 76 -16.72 49.60 122.79
CA ILE FC 76 -15.60 49.26 123.66
C ILE FC 76 -15.51 50.34 124.72
N SER FC 77 -15.58 49.93 125.99
CA SER FC 77 -15.53 50.82 127.13
C SER FC 77 -14.27 50.55 127.94
N ILE FC 78 -13.47 51.59 128.16
CA ILE FC 78 -12.19 51.49 128.85
C ILE FC 78 -12.25 52.41 130.06
N PRO FC 79 -11.89 51.95 131.25
CA PRO FC 79 -11.74 52.87 132.39
C PRO FC 79 -10.55 53.80 132.19
N ALA FC 80 -10.68 55.02 132.71
CA ALA FC 80 -9.63 56.03 132.56
C ALA FC 80 -8.41 55.73 133.40
N SER FC 81 -8.55 54.97 134.50
CA SER FC 81 -7.43 54.67 135.36
C SER FC 81 -6.47 53.68 134.72
N ALA FC 82 -6.96 52.84 133.80
CA ALA FC 82 -6.12 51.89 133.09
C ALA FC 82 -5.38 52.51 131.93
N LEU FC 83 -5.65 53.77 131.59
CA LEU FC 83 -5.00 54.43 130.47
C LEU FC 83 -4.19 55.65 130.89
N PHE FC 84 -4.77 56.55 131.68
CA PHE FC 84 -4.14 57.82 132.00
C PHE FC 84 -3.71 57.86 133.45
N ALA FC 85 -3.08 58.98 133.83
CA ALA FC 85 -2.64 59.22 135.19
C ALA FC 85 -3.80 59.84 135.99
N ASP FC 86 -3.51 60.39 137.16
CA ASP FC 86 -4.54 60.94 138.03
C ASP FC 86 -4.96 62.29 137.46
N GLN FC 87 -6.00 62.26 136.61
CA GLN FC 87 -6.70 63.44 136.09
C GLN FC 87 -5.79 64.38 135.29
N SER FC 88 -4.88 63.77 134.51
CA SER FC 88 -4.00 64.48 133.60
C SER FC 88 -4.03 63.79 132.25
N PRO FC 89 -3.87 64.55 131.13
CA PRO FC 89 -3.89 63.96 129.79
C PRO FC 89 -2.55 63.37 129.34
N ARG FC 90 -1.93 62.58 130.22
CA ARG FC 90 -0.64 61.95 129.95
C ARG FC 90 -0.80 60.45 130.07
N LEU FC 91 -0.50 59.73 128.99
CA LEU FC 91 -0.59 58.28 128.99
C LEU FC 91 0.54 57.66 129.80
N ASN FC 92 0.22 56.57 130.49
CA ASN FC 92 1.26 55.74 131.08
C ASN FC 92 2.00 54.96 129.99
N TRP FC 93 3.22 54.54 130.31
CA TRP FC 93 4.02 53.81 129.33
C TRP FC 93 3.52 52.38 129.16
N ALA FC 94 2.88 51.81 130.18
CA ALA FC 94 2.42 50.43 130.12
C ALA FC 94 1.06 50.27 129.48
N SER FC 95 0.34 51.36 129.21
CA SER FC 95 -0.97 51.28 128.58
C SER FC 95 -0.88 51.11 127.06
N TYR FC 96 0.33 51.21 126.49
CA TYR FC 96 0.47 51.05 125.05
C TYR FC 96 0.26 49.61 124.63
N SER FC 97 0.51 48.64 125.52
CA SER FC 97 0.19 47.24 125.21
C SER FC 97 -1.32 47.03 125.11
N LEU FC 98 -2.08 47.65 126.03
CA LEU FC 98 -3.54 47.60 125.95
C LEU FC 98 -4.06 48.31 124.70
N LEU FC 99 -3.44 49.43 124.34
CA LEU FC 99 -3.82 50.13 123.12
C LEU FC 99 -3.50 49.30 121.87
N ASN FC 100 -2.38 48.55 121.90
CA ASN FC 100 -2.05 47.64 120.81
C ASN FC 100 -3.05 46.49 120.71
N GLU FC 101 -3.50 45.97 121.85
CA GLU FC 101 -4.52 44.92 121.84
C GLU FC 101 -5.86 45.43 121.31
N ILE FC 102 -6.23 46.66 121.68
CA ILE FC 102 -7.46 47.28 121.18
C ILE FC 102 -7.37 47.51 119.67
N ALA FC 103 -6.21 47.98 119.20
CA ALA FC 103 -6.01 48.19 117.76
C ALA FC 103 -6.03 46.86 117.00
N ALA FC 104 -5.43 45.82 117.55
CA ALA FC 104 -5.43 44.51 116.90
C ALA FC 104 -6.82 43.89 116.87
N PHE FC 105 -7.65 44.19 117.87
CA PHE FC 105 -9.06 43.81 117.78
C PHE FC 105 -9.78 44.63 116.71
N LEU FC 106 -9.43 45.92 116.58
CA LEU FC 106 -10.10 46.80 115.63
C LEU FC 106 -9.76 46.49 114.18
N LYS FC 107 -8.59 45.89 113.91
CA LYS FC 107 -8.27 45.50 112.53
C LYS FC 107 -9.10 44.34 112.00
N GLN FC 108 -9.86 43.65 112.86
CA GLN FC 108 -10.60 42.46 112.43
C GLN FC 108 -11.85 42.80 111.62
N PHE FC 109 -12.32 44.04 111.66
CA PHE FC 109 -13.58 44.41 111.02
C PHE FC 109 -13.34 45.38 109.88
N ARG FC 110 -14.39 45.62 109.11
CA ARG FC 110 -14.40 46.60 108.04
C ARG FC 110 -15.43 47.68 108.40
N LYS FC 111 -15.02 48.93 108.26
CA LYS FC 111 -15.79 50.03 108.85
C LYS FC 111 -15.48 51.33 108.13
N ILE FC 112 -16.34 52.31 108.36
CA ILE FC 112 -16.22 53.63 107.73
C ILE FC 112 -15.87 54.71 108.74
N ALA FC 113 -16.59 54.75 109.87
CA ALA FC 113 -16.40 55.78 110.87
C ALA FC 113 -16.27 55.18 112.25
N ILE FC 114 -15.43 55.81 113.07
CA ILE FC 114 -15.22 55.45 114.47
C ILE FC 114 -15.52 56.68 115.30
N THR FC 115 -16.19 56.51 116.44
CA THR FC 115 -16.44 57.62 117.37
C THR FC 115 -15.73 57.34 118.67
N VAL FC 116 -14.92 58.29 119.13
CA VAL FC 116 -14.21 58.21 120.41
C VAL FC 116 -14.73 59.34 121.29
N THR FC 117 -15.29 58.97 122.43
CA THR FC 117 -15.89 59.93 123.35
C THR FC 117 -15.30 59.74 124.74
N SER FC 118 -14.99 60.83 125.42
CA SER FC 118 -14.41 60.77 126.75
C SER FC 118 -15.36 61.36 127.79
N TYR FC 119 -15.39 60.75 128.98
CA TYR FC 119 -16.18 61.22 130.10
C TYR FC 119 -15.33 61.20 131.36
N SER FC 120 -15.50 62.22 132.20
CA SER FC 120 -14.75 62.33 133.45
C SER FC 120 -15.65 62.66 134.64
N SER FC 121 -15.04 63.01 135.77
CA SER FC 121 -15.75 63.33 137.00
C SER FC 121 -15.56 64.80 137.36
N LYS FC 122 -16.10 65.19 138.52
CA LYS FC 122 -16.09 66.58 138.95
C LYS FC 122 -14.84 66.86 139.76
N TYR FC 123 -13.96 67.72 139.24
CA TYR FC 123 -12.73 68.08 139.96
C TYR FC 123 -12.67 69.56 140.33
N VAL FC 124 -12.69 70.46 139.35
CA VAL FC 124 -12.53 71.89 139.64
C VAL FC 124 -13.64 72.68 138.96
N SER FC 125 -13.74 72.56 137.64
CA SER FC 125 -14.70 73.34 136.87
C SER FC 125 -14.96 72.63 135.55
N VAL FC 126 -16.12 72.95 134.96
CA VAL FC 126 -16.61 72.24 133.78
C VAL FC 126 -15.75 72.53 132.55
N LYS FC 127 -15.15 73.72 132.47
CA LYS FC 127 -14.22 74.03 131.39
C LYS FC 127 -12.98 73.13 131.46
N ARG FC 128 -12.45 72.94 132.68
CA ARG FC 128 -11.30 72.07 132.88
C ARG FC 128 -11.67 70.61 132.60
N GLU FC 129 -12.91 70.22 132.95
CA GLU FC 129 -13.43 68.89 132.63
C GLU FC 129 -13.47 68.65 131.13
N ARG FC 130 -14.06 69.58 130.37
CA ARG FC 130 -14.19 69.40 128.93
C ARG FC 130 -12.83 69.45 128.23
N ALA FC 131 -11.94 70.32 128.69
CA ALA FC 131 -10.59 70.38 128.12
C ALA FC 131 -9.82 69.09 128.37
N LEU FC 132 -9.93 68.54 129.59
CA LEU FC 132 -9.27 67.28 129.92
C LEU FC 132 -9.80 66.12 129.09
N THR FC 133 -11.13 66.04 128.92
CA THR FC 133 -11.71 64.94 128.16
C THR FC 133 -11.38 65.06 126.67
N LEU FC 134 -11.38 66.28 126.13
CA LEU FC 134 -11.01 66.48 124.74
C LEU FC 134 -9.54 66.13 124.49
N ALA FC 135 -8.65 66.50 125.42
CA ALA FC 135 -7.24 66.15 125.27
C ALA FC 135 -7.02 64.64 125.34
N ARG FC 136 -7.73 63.96 126.26
CA ARG FC 136 -7.63 62.50 126.37
C ARG FC 136 -8.10 61.80 125.11
N SER FC 137 -9.25 62.26 124.55
CA SER FC 137 -9.77 61.68 123.33
C SER FC 137 -8.84 61.94 122.14
N ARG FC 138 -8.24 63.13 122.09
CA ARG FC 138 -7.29 63.45 121.03
C ARG FC 138 -6.05 62.55 121.08
N VAL FC 139 -5.51 62.30 122.28
CA VAL FC 139 -4.33 61.46 122.40
C VAL FC 139 -4.64 60.00 122.04
N VAL FC 140 -5.79 59.49 122.52
CA VAL FC 140 -6.18 58.10 122.24
C VAL FC 140 -6.43 57.90 120.74
N SER FC 141 -7.14 58.85 120.12
CA SER FC 141 -7.41 58.75 118.69
C SER FC 141 -6.17 58.96 117.85
N GLU FC 142 -5.21 59.78 118.32
CA GLU FC 142 -3.96 59.94 117.60
C GLU FC 142 -3.16 58.65 117.58
N TYR FC 143 -3.08 57.94 118.72
CA TYR FC 143 -2.34 56.68 118.70
C TYR FC 143 -3.08 55.61 117.91
N LEU FC 144 -4.42 55.62 117.96
CA LEU FC 144 -5.20 54.66 117.18
C LEU FC 144 -5.06 54.90 115.68
N TRP FC 145 -5.03 56.17 115.26
CA TRP FC 145 -4.82 56.47 113.84
C TRP FC 145 -3.37 56.24 113.42
N SER FC 146 -2.42 56.39 114.35
CA SER FC 146 -1.03 56.02 114.07
C SER FC 146 -0.90 54.53 113.80
N GLN FC 147 -1.59 53.71 114.59
CA GLN FC 147 -1.68 52.30 114.27
C GLN FC 147 -2.61 52.10 113.06
N GLY FC 148 -2.50 50.92 112.45
CA GLY FC 148 -3.10 50.71 111.14
C GLY FC 148 -4.54 50.26 111.08
N VAL FC 149 -5.45 51.02 111.68
CA VAL FC 149 -6.87 50.73 111.52
C VAL FC 149 -7.34 51.28 110.18
N ASP FC 150 -8.11 50.47 109.44
CA ASP FC 150 -8.53 50.82 108.09
C ASP FC 150 -9.92 51.44 108.11
N SER FC 151 -10.00 52.60 108.76
CA SER FC 151 -11.22 53.39 108.80
C SER FC 151 -11.05 54.65 107.98
N ARG FC 152 -12.17 55.24 107.58
CA ARG FC 152 -12.13 56.46 106.78
C ARG FC 152 -12.17 57.71 107.67
N ILE FC 153 -13.04 57.73 108.67
CA ILE FC 153 -13.21 58.89 109.53
C ILE FC 153 -13.13 58.44 110.99
N ILE FC 154 -12.38 59.18 111.81
CA ILE FC 154 -12.42 59.03 113.26
C ILE FC 154 -12.84 60.38 113.85
N PHE FC 155 -13.94 60.39 114.60
CA PHE FC 155 -14.43 61.56 115.31
C PHE FC 155 -14.00 61.49 116.77
N THR FC 156 -13.62 62.63 117.34
CA THR FC 156 -13.18 62.75 118.72
C THR FC 156 -14.02 63.80 119.43
N GLN FC 157 -14.53 63.44 120.60
CA GLN FC 157 -15.24 64.39 121.44
C GLN FC 157 -15.05 64.04 122.91
N GLY FC 158 -15.12 65.08 123.74
CA GLY FC 158 -15.09 64.90 125.18
C GLY FC 158 -16.23 65.64 125.86
N LEU FC 159 -17.09 64.91 126.55
CA LEU FC 159 -18.33 65.49 127.10
C LEU FC 159 -18.19 65.93 128.55
N GLY FC 160 -17.03 65.78 129.16
CA GLY FC 160 -16.85 66.17 130.55
C GLY FC 160 -17.52 65.22 131.53
N SER FC 161 -18.49 65.73 132.28
CA SER FC 161 -19.24 64.93 133.25
C SER FC 161 -20.73 65.12 133.06
N ASP FC 162 -21.18 65.20 131.80
CA ASP FC 162 -22.58 65.48 131.53
C ASP FC 162 -23.45 64.25 131.66
N LYS FC 163 -22.97 63.09 131.22
CA LYS FC 163 -23.76 61.86 131.16
C LYS FC 163 -23.10 60.77 131.99
N PRO FC 164 -23.43 60.65 133.27
CA PRO FC 164 -22.92 59.53 134.07
C PRO FC 164 -23.78 58.29 133.96
N ILE FC 165 -23.11 57.14 134.05
CA ILE FC 165 -23.79 55.85 133.97
C ILE FC 165 -24.06 55.24 135.34
N THR FC 166 -23.55 55.85 136.41
CA THR FC 166 -23.68 55.29 137.76
C THR FC 166 -23.94 56.43 138.73
N SER FC 167 -24.92 56.26 139.61
CA SER FC 167 -25.25 57.26 140.61
C SER FC 167 -24.24 57.31 141.77
N TYR FC 168 -23.35 56.32 141.86
CA TYR FC 168 -22.31 56.29 142.90
C TYR FC 168 -21.13 57.12 142.40
N THR FC 169 -21.02 58.36 142.88
CA THR FC 169 -20.02 59.29 142.39
C THR FC 169 -19.05 59.72 143.49
N LEU FC 170 -18.58 58.75 144.28
CA LEU FC 170 -17.66 59.07 145.37
C LEU FC 170 -16.19 59.05 144.95
N GLY FC 171 -15.84 58.26 143.95
CA GLY FC 171 -14.45 58.16 143.51
C GLY FC 171 -14.04 59.33 142.63
N GLY FC 172 -12.76 59.32 142.27
CA GLY FC 172 -12.22 60.33 141.37
C GLY FC 172 -12.03 59.79 139.98
N ASP FC 173 -10.79 59.45 139.62
CA ASP FC 173 -10.54 58.72 138.38
C ASP FC 173 -10.79 57.22 138.53
N ARG FC 174 -10.96 56.74 139.76
CA ARG FC 174 -11.33 55.35 140.01
C ARG FC 174 -12.83 55.12 139.91
N SER FC 175 -13.61 56.17 139.68
CA SER FC 175 -15.06 56.03 139.55
C SER FC 175 -15.39 55.29 138.25
N PRO FC 176 -16.45 54.46 138.26
CA PRO FC 176 -16.81 53.73 137.03
C PRO FC 176 -17.37 54.62 135.92
N ASN FC 177 -17.80 55.84 136.24
CA ASN FC 177 -18.35 56.75 135.23
C ASN FC 177 -17.32 57.72 134.65
N ALA FC 178 -16.03 57.43 134.81
CA ALA FC 178 -14.97 58.13 134.11
C ALA FC 178 -14.34 57.13 133.14
N ARG FC 179 -14.51 57.37 131.84
CA ARG FC 179 -14.29 56.31 130.87
C ARG FC 179 -14.01 56.89 129.50
N VAL FC 180 -13.49 56.02 128.62
CA VAL FC 180 -13.35 56.29 127.20
C VAL FC 180 -14.18 55.25 126.44
N GLU FC 181 -15.02 55.73 125.53
CA GLU FC 181 -15.90 54.86 124.75
C GLU FC 181 -15.55 54.96 123.27
N ILE FC 182 -15.40 53.80 122.63
CA ILE FC 182 -15.11 53.69 121.21
C ILE FC 182 -16.27 52.93 120.58
N THR FC 183 -17.03 53.61 119.72
CA THR FC 183 -18.21 53.02 119.10
C THR FC 183 -18.06 53.00 117.58
N PHE FC 184 -18.54 51.93 116.96
CA PHE FC 184 -18.60 51.87 115.51
C PHE FC 184 -19.70 50.90 115.08
N ARG FC 185 -19.91 50.86 113.76
CA ARG FC 185 -20.84 49.92 113.13
C ARG FC 185 -20.08 49.09 112.11
N ARG FC 186 -20.25 47.77 112.17
CA ARG FC 186 -19.66 46.88 111.19
C ARG FC 186 -20.36 47.07 109.83
N ALA FC 187 -19.56 47.25 108.78
CA ALA FC 187 -20.06 47.52 107.45
C ALA FC 187 -20.04 46.23 106.63
N VAL FC 188 -21.23 45.80 106.17
CA VAL FC 188 -21.44 44.61 105.36
C VAL FC 188 -20.90 43.34 106.02
N CYS GC 42 13.91 51.79 139.80
CA CYS GC 42 14.36 51.43 138.46
C CYS GC 42 14.37 52.65 137.55
N PHE GC 43 14.01 52.44 136.27
CA PHE GC 43 14.00 53.50 135.28
C PHE GC 43 12.65 53.57 134.61
N HIS GC 44 12.06 54.76 134.58
CA HIS GC 44 10.84 55.00 133.82
C HIS GC 44 11.20 55.37 132.39
N PRO GC 45 10.71 54.64 131.38
CA PRO GC 45 11.05 54.94 129.97
C PRO GC 45 10.62 56.32 129.50
N PRO GC 46 9.45 56.90 129.94
CA PRO GC 46 9.30 58.31 129.50
C PRO GC 46 10.06 59.32 130.36
N TYR GC 47 11.36 59.44 130.05
CA TYR GC 47 12.30 60.44 130.55
C TYR GC 47 12.56 60.36 132.05
N ASN GC 48 12.12 59.28 132.72
CA ASN GC 48 12.31 59.03 134.16
C ASN GC 48 11.78 60.16 135.03
N ASN GC 49 10.67 60.77 134.60
CA ASN GC 49 9.98 61.89 135.27
C ASN GC 49 10.91 63.09 135.50
N PHE GC 50 11.88 63.28 134.58
CA PHE GC 50 12.87 64.36 134.62
C PHE GC 50 13.65 64.37 135.94
N GLN GC 51 14.00 63.19 136.42
CA GLN GC 51 14.78 62.99 137.63
C GLN GC 51 16.18 62.49 137.31
N PRO GC 52 17.18 62.81 138.14
CA PRO GC 52 18.52 62.22 137.94
C PRO GC 52 18.49 60.73 138.23
N ASP GC 53 18.88 59.93 137.24
CA ASP GC 53 18.80 58.48 137.34
C ASP GC 53 19.91 57.96 138.25
N ARG GC 54 19.54 57.09 139.19
CA ARG GC 54 20.50 56.45 140.09
C ARG GC 54 20.94 55.14 139.44
N ARG GC 55 21.90 55.25 138.53
CA ARG GC 55 22.33 54.14 137.68
C ARG GC 55 23.37 53.26 138.37
N ALA GC 56 24.27 53.84 139.14
CA ALA GC 56 25.39 53.10 139.71
C ALA GC 56 24.98 52.21 140.88
N VAL GC 57 24.02 52.67 141.71
CA VAL GC 57 23.65 51.93 142.91
C VAL GC 57 22.92 50.64 142.56
N LYS GC 58 22.15 50.64 141.46
CA LYS GC 58 21.49 49.41 141.02
C LYS GC 58 22.50 48.36 140.57
N ARG GC 59 23.55 48.79 139.85
CA ARG GC 59 24.57 47.86 139.41
C ARG GC 59 25.40 47.32 140.57
N VAL GC 60 25.79 48.20 141.51
CA VAL GC 60 26.55 47.70 142.67
C VAL GC 60 25.68 46.99 143.68
N GLY GC 61 24.35 47.08 143.57
CA GLY GC 61 23.47 46.28 144.40
C GLY GC 61 23.14 44.93 143.79
N VAL GC 62 23.16 44.85 142.45
CA VAL GC 62 22.90 43.56 141.81
C VAL GC 62 24.20 42.75 141.67
N ASP GC 63 25.36 43.39 141.70
CA ASP GC 63 26.62 42.66 141.61
C ASP GC 63 27.18 42.31 142.99
N THR GC 64 26.35 41.67 143.81
CA THR GC 64 26.80 41.19 145.12
C THR GC 64 26.32 39.80 145.46
N GLY GC 65 25.42 39.20 144.69
CA GLY GC 65 24.92 37.87 144.99
C GLY GC 65 24.07 37.29 143.88
N GLY GC 88 30.66 41.07 143.17
CA GLY GC 88 31.53 41.73 144.12
C GLY GC 88 31.38 43.24 144.11
N GLY GC 89 31.63 43.86 145.27
CA GLY GC 89 31.53 45.31 145.36
C GLY GC 89 32.61 46.03 144.57
N THR GC 90 33.83 45.49 144.59
CA THR GC 90 34.92 46.07 143.81
C THR GC 90 34.69 45.92 142.31
N VAL GC 91 34.15 44.78 141.90
CA VAL GC 91 33.83 44.56 140.49
C VAL GC 91 32.69 45.48 140.05
N GLY GC 92 31.71 45.67 140.93
CA GLY GC 92 30.63 46.61 140.62
C GLY GC 92 31.11 48.04 140.54
N LEU GC 93 32.05 48.42 141.41
CA LEU GC 93 32.63 49.76 141.34
C LEU GC 93 33.46 49.96 140.07
N VAL GC 94 34.18 48.91 139.65
CA VAL GC 94 34.95 48.97 138.40
C VAL GC 94 34.02 49.11 137.20
N ALA GC 95 32.92 48.34 137.20
CA ALA GC 95 31.93 48.45 136.12
C ALA GC 95 31.25 49.82 136.12
N SER GC 96 30.95 50.36 137.30
CA SER GC 96 30.35 51.69 137.39
C SER GC 96 31.29 52.78 136.90
N ILE GC 97 32.57 52.72 137.28
CA ILE GC 97 33.52 53.74 136.85
C ILE GC 97 33.90 53.55 135.39
N TYR GC 98 33.67 52.37 134.81
CA TYR GC 98 33.82 52.21 133.36
C TYR GC 98 32.63 52.81 132.63
N ARG GC 99 31.41 52.45 133.02
CA ARG GC 99 30.22 52.90 132.31
C ARG GC 99 29.85 54.36 132.58
N ASP GC 100 30.43 54.98 133.59
CA ASP GC 100 30.20 56.40 133.83
C ASP GC 100 31.24 57.29 133.16
N SER GC 101 32.18 56.72 132.43
CA SER GC 101 33.22 57.50 131.76
C SER GC 101 32.66 58.24 130.56
N LYS GC 102 33.41 59.25 130.12
CA LYS GC 102 32.98 60.06 128.98
C LYS GC 102 33.12 59.29 127.67
N ARG GC 103 34.17 58.49 127.54
CA ARG GC 103 34.40 57.72 126.31
C ARG GC 103 33.35 56.64 126.11
N LYS GC 104 32.84 56.06 127.19
CA LYS GC 104 31.76 55.09 127.07
C LYS GC 104 30.47 55.74 126.59
N ILE GC 105 30.20 56.97 127.05
CA ILE GC 105 29.04 57.72 126.58
C ILE GC 105 29.20 58.09 125.11
N ILE GC 106 30.42 58.47 124.70
CA ILE GC 106 30.69 58.80 123.30
C ILE GC 106 30.53 57.58 122.41
N ARG GC 107 31.01 56.41 122.85
CA ARG GC 107 30.84 55.20 122.05
C ARG GC 107 29.40 54.70 122.07
N ASP GC 108 28.64 54.97 123.14
CA ASP GC 108 27.22 54.65 123.13
C ASP GC 108 26.47 55.52 122.14
N LEU GC 109 26.76 56.82 122.13
CA LEU GC 109 26.20 57.72 121.11
C LEU GC 109 26.68 57.38 119.71
N GLN GC 110 27.83 56.71 119.59
CA GLN GC 110 28.24 56.14 118.31
C GLN GC 110 27.40 54.91 117.95
N LYS GC 111 26.97 54.13 118.95
CA LYS GC 111 26.08 53.00 118.68
C LYS GC 111 24.70 53.46 118.22
N GLN GC 112 24.15 54.52 118.83
CA GLN GC 112 23.05 55.18 118.13
C GLN GC 112 23.58 56.11 117.04
N ASP GC 113 22.68 56.79 116.35
CA ASP GC 113 23.05 57.54 115.15
C ASP GC 113 23.33 59.01 115.44
N ILE GC 114 24.19 59.31 116.41
CA ILE GC 114 24.49 60.68 116.79
C ILE GC 114 26.00 60.88 116.68
N GLN GC 115 26.42 61.93 115.97
CA GLN GC 115 27.85 62.15 115.72
C GLN GC 115 28.40 63.23 116.64
N TYR GC 116 29.64 63.04 117.10
CA TYR GC 116 30.31 63.99 117.98
C TYR GC 116 31.61 64.44 117.32
N VAL GC 117 31.84 65.75 117.27
CA VAL GC 117 33.04 66.34 116.68
C VAL GC 117 33.66 67.27 117.70
N GLU GC 118 34.95 67.06 117.98
CA GLU GC 118 35.72 67.93 118.87
C GLU GC 118 36.90 68.50 118.10
N TYR GC 119 37.02 69.83 118.09
CA TYR GC 119 38.08 70.51 117.37
C TYR GC 119 38.44 71.77 118.13
N GLY GC 120 39.61 71.78 118.75
CA GLY GC 120 39.98 72.91 119.59
C GLY GC 120 39.28 72.80 120.93
N ASP GC 121 38.60 73.88 121.33
CA ASP GC 121 37.78 73.88 122.53
C ASP GC 121 36.29 74.03 122.23
N THR GC 122 35.85 73.62 121.04
CA THR GC 122 34.46 73.65 120.65
C THR GC 122 34.00 72.23 120.35
N ARG GC 123 32.87 71.84 120.92
CA ARG GC 123 32.32 70.50 120.76
C ARG GC 123 30.95 70.60 120.08
N THR GC 124 30.67 69.64 119.20
CA THR GC 124 29.49 69.70 118.34
C THR GC 124 28.85 68.31 118.27
N LEU GC 125 27.53 68.27 118.45
CA LEU GC 125 26.73 67.06 118.31
C LEU GC 125 25.80 67.21 117.12
N ILE GC 126 25.74 66.18 116.29
CA ILE GC 126 24.89 66.14 115.10
C ILE GC 126 23.85 65.06 115.31
N ILE GC 127 22.58 65.44 115.23
CA ILE GC 127 21.44 64.56 115.51
C ILE GC 127 20.50 64.54 114.31
N PRO GC 128 20.09 63.36 113.81
CA PRO GC 128 19.20 63.34 112.64
C PRO GC 128 17.72 63.45 112.99
N THR GC 129 17.03 64.37 112.32
CA THR GC 129 15.61 64.57 112.57
C THR GC 129 14.76 63.43 112.03
N ASP GC 130 15.28 62.71 111.03
CA ASP GC 130 14.54 61.60 110.42
C ASP GC 130 14.34 60.44 111.39
N LYS GC 131 15.23 60.29 112.37
CA LYS GC 131 15.07 59.28 113.40
C LYS GC 131 14.73 59.84 114.77
N TYR GC 132 15.04 61.10 115.05
CA TYR GC 132 14.75 61.66 116.37
C TYR GC 132 13.57 62.62 116.37
N PHE GC 133 12.83 62.69 115.27
CA PHE GC 133 11.58 63.46 115.23
C PHE GC 133 10.53 62.66 114.48
N MET GC 134 9.27 62.99 114.76
CA MET GC 134 8.19 62.47 113.93
C MET GC 134 8.20 63.18 112.57
N PHE GC 135 7.53 62.56 111.60
CA PHE GC 135 7.62 63.00 110.22
C PHE GC 135 6.92 64.35 110.02
N SER GC 136 7.71 65.35 109.59
CA SER GC 136 7.24 66.69 109.21
C SER GC 136 6.48 67.39 110.33
N SER GC 137 6.92 67.17 111.57
CA SER GC 137 6.28 67.74 112.73
C SER GC 137 7.35 68.08 113.76
N PRO GC 138 7.09 69.04 114.64
CA PRO GC 138 8.03 69.32 115.74
C PRO GC 138 7.89 68.39 116.94
N ARG GC 139 7.17 67.28 116.82
CA ARG GC 139 7.02 66.35 117.93
C ARG GC 139 8.27 65.49 118.07
N LEU GC 140 8.66 65.22 119.31
CA LEU GC 140 9.85 64.44 119.62
C LEU GC 140 9.50 62.96 119.65
N ASN GC 141 10.30 62.15 118.95
CA ASN GC 141 10.04 60.71 118.89
C ASN GC 141 10.45 60.06 120.21
N GLU GC 142 9.47 59.46 120.90
CA GLU GC 142 9.71 58.92 122.23
C GLU GC 142 10.30 57.52 122.23
N ILE GC 143 10.38 56.86 121.06
CA ILE GC 143 10.97 55.53 121.02
C ILE GC 143 12.50 55.63 121.08
N CYS GC 144 13.07 56.77 120.70
CA CYS GC 144 14.52 56.95 120.66
C CYS GC 144 15.04 57.69 121.90
N TYR GC 145 14.43 57.43 123.06
CA TYR GC 145 14.85 58.05 124.32
C TYR GC 145 16.23 57.70 124.90
N PRO GC 146 16.85 56.51 124.66
CA PRO GC 146 18.25 56.36 125.14
C PRO GC 146 19.24 57.33 124.52
N GLY GC 147 19.06 57.72 123.25
CA GLY GC 147 19.93 58.70 122.65
C GLY GC 147 19.80 60.07 123.29
N LEU GC 148 18.57 60.49 123.61
CA LEU GC 148 18.35 61.75 124.29
C LEU GC 148 18.90 61.73 125.71
N ASN GC 149 18.73 60.60 126.41
CA ASN GC 149 19.29 60.46 127.76
C ASN GC 149 20.82 60.49 127.74
N ASN GC 150 21.43 59.89 126.72
CA ASN GC 150 22.88 59.96 126.58
C ASN GC 150 23.35 61.36 126.20
N VAL GC 151 22.52 62.12 125.46
CA VAL GC 151 22.84 63.52 125.17
C VAL GC 151 22.84 64.35 126.46
N ILE GC 152 21.84 64.12 127.33
CA ILE GC 152 21.82 64.80 128.63
C ILE GC 152 23.00 64.38 129.49
N ARG GC 153 23.35 63.09 129.46
CA ARG GC 153 24.49 62.58 130.24
C ARG GC 153 25.81 63.18 129.76
N LEU GC 154 25.97 63.36 128.45
CA LEU GC 154 27.19 63.99 127.93
C LEU GC 154 27.22 65.48 128.24
N LEU GC 155 26.06 66.15 128.15
CA LEU GC 155 26.03 67.59 128.44
C LEU GC 155 26.14 67.90 129.93
N ASN GC 156 25.94 66.91 130.80
CA ASN GC 156 26.11 67.11 132.23
C ASN GC 156 27.56 67.33 132.64
N PHE GC 157 28.52 66.97 131.79
CA PHE GC 157 29.94 67.10 132.12
C PHE GC 157 30.48 68.53 131.98
N TYR GC 158 29.70 69.44 131.40
CA TYR GC 158 30.15 70.81 131.14
C TYR GC 158 29.14 71.78 131.74
N PRO GC 159 29.24 72.07 133.04
CA PRO GC 159 28.22 72.90 133.71
C PRO GC 159 28.43 74.40 133.62
N GLN GC 160 29.36 74.88 132.81
CA GLN GC 160 29.63 76.31 132.71
C GLN GC 160 29.54 76.86 131.30
N SER GC 161 29.48 76.02 130.27
CA SER GC 161 29.49 76.48 128.90
C SER GC 161 28.10 76.92 128.45
N THR GC 162 28.06 77.66 127.34
CA THR GC 162 26.83 78.08 126.70
C THR GC 162 26.48 77.15 125.56
N ILE GC 163 25.19 77.02 125.29
CA ILE GC 163 24.66 76.03 124.36
C ILE GC 163 24.04 76.76 123.18
N TYR GC 164 24.38 76.34 121.96
CA TYR GC 164 23.70 76.80 120.76
C TYR GC 164 23.10 75.59 120.05
N VAL GC 165 21.82 75.69 119.68
CA VAL GC 165 21.13 74.64 118.94
C VAL GC 165 20.56 75.22 117.66
N ALA GC 166 20.78 74.52 116.55
CA ALA GC 166 20.38 74.97 115.24
C ALA GC 166 19.70 73.84 114.48
N GLY GC 167 18.72 74.21 113.66
CA GLY GC 167 17.96 73.25 112.86
C GLY GC 167 18.20 73.46 111.38
N PHE GC 168 18.28 72.36 110.62
CA PHE GC 168 18.53 72.40 109.19
C PHE GC 168 17.65 71.38 108.47
N THR GC 169 17.09 71.78 107.34
CA THR GC 169 16.29 70.91 106.47
C THR GC 169 16.90 70.87 105.07
N ASP GC 170 16.26 70.13 104.17
CA ASP GC 170 16.70 70.01 102.79
C ASP GC 170 16.01 71.07 101.93
N ASN GC 171 16.10 70.92 100.61
CA ASN GC 171 15.66 71.95 99.66
C ASN GC 171 14.20 71.80 99.23
N VAL GC 172 13.48 70.80 99.72
CA VAL GC 172 12.12 70.53 99.27
C VAL GC 172 11.15 71.37 100.09
N GLY GC 173 10.33 72.17 99.42
CA GLY GC 173 9.30 72.97 100.06
C GLY GC 173 9.48 74.44 99.78
N SER GC 174 8.70 75.24 100.49
CA SER GC 174 8.79 76.69 100.41
C SER GC 174 9.74 77.21 101.48
N ARG GC 175 10.25 78.43 101.26
CA ARG GC 175 11.26 79.02 102.13
C ARG GC 175 10.72 79.28 103.53
N SER GC 176 9.51 79.84 103.62
CA SER GC 176 8.89 80.09 104.92
C SER GC 176 8.55 78.80 105.64
N HIS GC 177 8.14 77.77 104.88
CA HIS GC 177 7.86 76.46 105.47
C HIS GC 177 9.12 75.83 106.05
N LYS GC 178 10.24 75.91 105.32
CA LYS GC 178 11.51 75.37 105.79
C LYS GC 178 12.00 76.12 107.03
N ARG GC 179 11.89 77.45 107.02
CA ARG GC 179 12.31 78.26 108.17
C ARG GC 179 11.45 77.97 109.40
N LYS GC 180 10.13 77.84 109.21
CA LYS GC 180 9.24 77.57 110.33
C LYS GC 180 9.45 76.17 110.91
N LEU GC 181 9.67 75.17 110.04
CA LEU GC 181 9.90 73.81 110.53
C LEU GC 181 11.23 73.71 111.28
N SER GC 182 12.28 74.35 110.76
CA SER GC 182 13.57 74.36 111.44
C SER GC 182 13.51 75.09 112.77
N GLN GC 183 12.81 76.22 112.81
CA GLN GC 183 12.66 76.97 114.05
C GLN GC 183 11.87 76.19 115.09
N ALA GC 184 10.80 75.51 114.67
CA ALA GC 184 10.00 74.70 115.60
C ALA GC 184 10.80 73.54 116.16
N GLN GC 185 11.59 72.86 115.32
CA GLN GC 185 12.42 71.76 115.81
C GLN GC 185 13.52 72.25 116.74
N ALA GC 186 14.10 73.43 116.44
CA ALA GC 186 15.12 74.01 117.32
C ALA GC 186 14.54 74.40 118.68
N GLU GC 187 13.33 74.99 118.69
CA GLU GC 187 12.67 75.31 119.96
C GLU GC 187 12.32 74.06 120.76
N THR GC 188 11.89 72.99 120.07
CA THR GC 188 11.57 71.75 120.77
C THR GC 188 12.81 71.12 121.41
N MET GC 189 13.93 71.11 120.69
CA MET GC 189 15.17 70.57 121.25
C MET GC 189 15.71 71.45 122.37
N MET GC 190 15.59 72.77 122.24
CA MET GC 190 16.03 73.67 123.30
C MET GC 190 15.16 73.54 124.55
N THR GC 191 13.86 73.33 124.38
CA THR GC 191 12.97 73.12 125.53
C THR GC 191 13.27 71.79 126.21
N PHE GC 192 13.57 70.74 125.43
CA PHE GC 192 13.97 69.46 126.03
C PHE GC 192 15.30 69.57 126.77
N LEU GC 193 16.22 70.39 126.28
CA LEU GC 193 17.45 70.64 127.03
C LEU GC 193 17.18 71.45 128.30
N TRP GC 194 16.24 72.40 128.23
CA TRP GC 194 15.96 73.27 129.37
C TRP GC 194 15.26 72.51 130.49
N ALA GC 195 14.39 71.56 130.14
CA ALA GC 195 13.58 70.86 131.13
C ALA GC 195 14.36 69.85 131.95
N ASN GC 196 15.61 69.54 131.57
CA ASN GC 196 16.41 68.56 132.29
C ASN GC 196 17.38 69.18 133.29
N GLY GC 197 17.37 70.50 133.46
CA GLY GC 197 18.20 71.13 134.47
C GLY GC 197 19.03 72.30 133.99
N ILE GC 198 19.23 72.40 132.68
CA ILE GC 198 20.06 73.47 132.12
C ILE GC 198 19.29 74.78 132.19
N ALA GC 199 19.95 75.82 132.69
CA ALA GC 199 19.32 77.12 132.88
C ALA GC 199 18.99 77.79 131.56
N ALA GC 200 17.99 78.68 131.59
CA ALA GC 200 17.48 79.31 130.38
C ALA GC 200 18.42 80.35 129.79
N LYS GC 201 19.33 80.91 130.61
CA LYS GC 201 20.25 81.92 130.10
C LYS GC 201 21.45 81.33 129.38
N ARG GC 202 21.60 80.01 129.38
CA ARG GC 202 22.68 79.34 128.69
C ARG GC 202 22.26 78.76 127.34
N LEU GC 203 21.05 79.06 126.88
CA LEU GC 203 20.47 78.41 125.71
C LEU GC 203 20.04 79.45 124.68
N LYS GC 204 20.21 79.10 123.41
CA LYS GC 204 19.73 79.91 122.29
C LYS GC 204 19.50 78.99 121.11
N ALA GC 205 18.36 79.16 120.44
CA ALA GC 205 17.96 78.28 119.35
C ALA GC 205 17.77 79.08 118.07
N GLU GC 206 18.11 78.45 116.95
CA GLU GC 206 17.99 79.10 115.65
C GLU GC 206 17.72 78.04 114.58
N GLY GC 207 16.82 78.36 113.66
CA GLY GC 207 16.52 77.45 112.58
C GLY GC 207 16.81 78.01 111.20
N TYR GC 208 17.79 77.43 110.51
CA TYR GC 208 18.12 77.81 109.15
C TYR GC 208 17.43 76.86 108.18
N GLY GC 209 17.28 77.31 106.94
CA GLY GC 209 16.62 76.47 105.95
C GLY GC 209 17.62 75.59 105.24
N ASP GC 210 17.75 75.76 103.93
CA ASP GC 210 18.78 75.10 103.14
C ASP GC 210 19.93 76.05 102.85
N LYS GC 211 20.29 76.87 103.84
CA LYS GC 211 21.21 77.99 103.64
C LYS GC 211 22.64 77.49 103.41
N ASN GC 212 23.22 76.81 104.40
CA ASN GC 212 24.59 76.30 104.33
C ASN GC 212 24.62 74.79 104.60
N ALA GC 213 24.37 74.02 103.54
CA ALA GC 213 24.31 72.58 103.63
C ALA GC 213 25.70 71.97 103.68
N ILE GC 214 25.76 70.68 104.02
CA ILE GC 214 27.01 69.95 104.10
C ILE GC 214 27.15 68.89 103.02
N SER GC 215 26.11 68.64 102.24
CA SER GC 215 26.16 67.65 101.17
C SER GC 215 25.41 68.21 99.97
N ASP GC 216 25.25 67.38 98.94
CA ASP GC 216 24.58 67.77 97.72
C ASP GC 216 23.08 67.46 97.81
N ASN GC 217 22.25 68.44 97.48
CA ASN GC 217 20.81 68.26 97.52
C ASN GC 217 20.24 67.66 96.25
N ALA GC 218 21.08 67.43 95.23
CA ALA GC 218 20.64 66.82 93.99
C ALA GC 218 20.71 65.30 94.01
N ILE GC 219 21.15 64.71 95.12
CA ILE GC 219 21.24 63.26 95.26
C ILE GC 219 20.50 62.86 96.53
N ILE GC 220 20.09 61.59 96.57
CA ILE GC 220 19.14 61.13 97.58
C ILE GC 220 19.82 61.04 98.95
N HIS GC 221 20.98 60.38 99.02
CA HIS GC 221 21.67 60.22 100.29
C HIS GC 221 22.26 61.53 100.78
N GLY GC 222 22.77 62.36 99.87
CA GLY GC 222 23.27 63.66 100.25
C GLY GC 222 22.18 64.59 100.75
N SER GC 223 20.99 64.52 100.14
CA SER GC 223 19.87 65.30 100.64
C SER GC 223 19.35 64.75 101.97
N ALA GC 224 19.47 63.44 102.19
CA ALA GC 224 19.10 62.86 103.48
C ALA GC 224 20.05 63.29 104.59
N GLN GC 225 21.33 63.47 104.26
CA GLN GC 225 22.31 63.88 105.27
C GLN GC 225 22.16 65.34 105.71
N ASN GC 226 21.35 66.14 105.02
CA ASN GC 226 21.28 67.57 105.30
C ASN GC 226 20.24 67.95 106.35
N ARG GC 227 19.33 67.05 106.70
CA ARG GC 227 18.27 67.34 107.66
C ARG GC 227 18.79 66.96 109.05
N ARG GC 228 19.09 67.97 109.88
CA ARG GC 228 19.85 67.69 111.09
C ARG GC 228 19.61 68.76 112.14
N ILE GC 229 20.04 68.44 113.37
CA ILE GC 229 20.09 69.36 114.50
C ILE GC 229 21.54 69.43 114.96
N GLU GC 230 22.06 70.65 115.08
CA GLU GC 230 23.44 70.92 115.48
C GLU GC 230 23.45 71.50 116.89
N ILE GC 231 24.24 70.90 117.79
CA ILE GC 231 24.39 71.39 119.15
C ILE GC 231 25.86 71.72 119.36
N GLN GC 232 26.17 73.00 119.56
CA GLN GC 232 27.54 73.44 119.79
C GLN GC 232 27.68 73.99 121.20
N TRP GC 233 28.83 73.71 121.81
CA TRP GC 233 29.18 74.35 123.08
C TRP GC 233 30.70 74.50 123.17
N PHE GC 234 31.13 75.36 124.09
CA PHE GC 234 32.54 75.68 124.25
C PHE GC 234 33.20 74.74 125.26
N GLU HC 29 7.33 110.45 181.69
CA GLU HC 29 6.31 109.46 181.38
C GLU HC 29 4.95 109.90 181.93
N VAL HC 30 4.12 110.49 181.07
CA VAL HC 30 2.79 110.95 181.45
C VAL HC 30 1.77 110.40 180.46
N LYS HC 31 0.54 110.29 180.94
CA LYS HC 31 -0.55 109.73 180.14
C LYS HC 31 -1.28 110.84 179.39
N LYS HC 32 -2.42 110.51 178.79
CA LYS HC 32 -3.22 111.46 178.03
C LYS HC 32 -4.61 111.68 178.63
N GLN HC 33 -4.86 111.15 179.82
CA GLN HC 33 -6.19 111.23 180.42
C GLN HC 33 -6.49 112.65 180.89
N GLY HC 34 -7.75 113.06 180.73
CA GLY HC 34 -8.17 114.39 181.11
C GLY HC 34 -7.95 115.46 180.08
N THR HC 35 -7.36 115.13 178.94
CA THR HC 35 -7.07 116.10 177.89
C THR HC 35 -7.65 115.62 176.57
N SER HC 36 -8.35 116.50 175.88
CA SER HC 36 -8.92 116.21 174.57
C SER HC 36 -8.00 116.71 173.46
N SER HC 37 -8.33 116.33 172.23
CA SER HC 37 -7.49 116.64 171.08
C SER HC 37 -7.62 118.12 170.73
N THR HC 38 -6.50 118.83 170.71
CA THR HC 38 -6.45 120.26 170.42
C THR HC 38 -5.53 120.53 169.23
N ARG HC 39 -5.74 121.68 168.59
CA ARG HC 39 -4.99 122.08 167.41
C ARG HC 39 -3.70 122.77 167.80
N GLN HC 40 -2.62 122.42 167.10
CA GLN HC 40 -1.33 123.09 167.28
C GLN HC 40 -0.68 123.32 165.92
N PHE HC 41 -0.14 124.52 165.73
CA PHE HC 41 0.67 124.84 164.57
C PHE HC 41 2.12 125.04 165.01
N ARG HC 42 3.05 124.36 164.34
CA ARG HC 42 4.45 124.43 164.67
C ARG HC 42 5.27 124.57 163.40
N GLN HC 43 6.48 125.11 163.54
CA GLN HC 43 7.38 125.36 162.43
C GLN HC 43 8.56 124.40 162.51
N VAL HC 44 9.01 123.93 161.34
CA VAL HC 44 10.09 122.96 161.25
C VAL HC 44 11.05 123.44 160.16
N SER HC 45 12.31 123.00 160.27
CA SER HC 45 13.34 123.36 159.32
C SER HC 45 13.26 122.46 158.09
N SER HC 46 14.29 122.52 157.23
CA SER HC 46 14.31 121.74 156.00
C SER HC 46 14.58 120.27 156.30
N PHE HC 47 13.82 119.40 155.65
CA PHE HC 47 13.94 117.96 155.83
C PHE HC 47 13.66 117.27 154.50
N ASN HC 48 14.29 116.10 154.31
CA ASN HC 48 14.14 115.34 153.07
C ASN HC 48 13.81 113.87 153.33
N GLN HC 49 13.50 113.49 154.57
CA GLN HC 49 13.20 112.11 154.91
C GLN HC 49 12.33 112.13 156.15
N ILE HC 50 11.24 111.36 156.15
CA ILE HC 50 10.30 111.33 157.26
C ILE HC 50 10.28 109.93 157.85
N VAL HC 51 10.44 109.83 159.17
CA VAL HC 51 10.33 108.57 159.90
C VAL HC 51 9.27 108.75 160.97
N VAL HC 52 8.14 108.06 160.82
CA VAL HC 52 7.00 108.20 161.73
C VAL HC 52 6.75 106.87 162.43
N GLN HC 53 6.62 106.93 163.75
CA GLN HC 53 6.33 105.77 164.57
C GLN HC 53 5.16 106.08 165.49
N GLY HC 54 4.22 105.13 165.61
CA GLY HC 54 3.12 105.26 166.54
C GLY HC 54 1.74 105.10 165.94
N ARG HC 55 0.76 104.78 166.79
CA ARG HC 55 -0.63 104.60 166.38
C ARG HC 55 -1.24 105.97 166.15
N LEU HC 56 -1.14 106.46 164.91
CA LEU HC 56 -1.53 107.82 164.59
C LEU HC 56 -1.86 107.91 163.10
N ASN HC 57 -2.29 109.10 162.68
CA ASN HC 57 -2.66 109.35 161.30
C ASN HC 57 -1.82 110.49 160.74
N VAL HC 58 -1.38 110.32 159.49
CA VAL HC 58 -0.54 111.28 158.79
C VAL HC 58 -1.27 111.72 157.52
N ASN HC 59 -1.31 113.03 157.30
CA ASN HC 59 -1.81 113.61 156.05
C ASN HC 59 -0.68 114.40 155.41
N LEU HC 60 -0.48 114.18 154.11
CA LEU HC 60 0.61 114.81 153.37
C LEU HC 60 0.05 115.79 152.34
N HIS HC 61 0.75 116.91 152.18
CA HIS HC 61 0.42 117.85 151.11
C HIS HC 61 1.70 118.36 150.48
N THR HC 62 1.56 119.09 149.38
CA THR HC 62 2.70 119.60 148.63
C THR HC 62 2.40 121.01 148.14
N GLY HC 63 3.29 121.95 148.47
CA GLY HC 63 3.14 123.32 148.04
C GLY HC 63 4.49 123.97 147.85
N TYR HC 64 4.45 125.19 147.31
CA TYR HC 64 5.66 125.97 147.05
C TYR HC 64 5.94 126.98 148.16
N ASN HC 65 5.31 126.84 149.31
CA ASN HC 65 5.49 127.75 150.43
C ASN HC 65 6.58 127.22 151.35
N LYS HC 66 6.66 127.78 152.55
CA LYS HC 66 7.55 127.25 153.58
C LYS HC 66 7.02 125.90 154.06
N PRO HC 67 7.88 125.02 154.57
CA PRO HC 67 7.39 123.79 155.19
C PRO HC 67 6.78 124.05 156.56
N GLU HC 68 5.75 123.27 156.90
CA GLU HC 68 5.21 123.29 158.25
C GLU HC 68 4.61 121.94 158.60
N VAL HC 69 4.37 121.74 159.89
CA VAL HC 69 3.75 120.54 160.41
C VAL HC 69 2.72 120.95 161.46
N MET HC 70 1.54 120.33 161.41
CA MET HC 70 0.47 120.54 162.37
C MET HC 70 0.26 119.26 163.16
N LEU HC 71 0.26 119.38 164.49
CA LEU HC 71 0.16 118.25 165.41
C LEU HC 71 -1.12 118.39 166.22
N ARG HC 72 -2.19 117.76 165.76
CA ARG HC 72 -3.45 117.70 166.50
C ARG HC 72 -3.36 116.59 167.53
N GLY HC 73 -3.36 116.96 168.81
CA GLY HC 73 -3.26 115.98 169.88
C GLY HC 73 -3.62 116.61 171.21
N ASP HC 74 -3.57 115.78 172.25
CA ASP HC 74 -3.88 116.25 173.59
C ASP HC 74 -2.74 117.11 174.13
N PRO HC 75 -3.05 118.21 174.82
CA PRO HC 75 -1.98 119.12 175.29
C PRO HC 75 -1.05 118.52 176.34
N ARG HC 76 -1.46 117.48 177.05
CA ARG HC 76 -0.53 116.77 177.92
C ARG HC 76 0.51 116.00 177.11
N ASP HC 77 0.13 115.47 175.96
CA ASP HC 77 1.02 114.68 175.12
C ASP HC 77 1.57 115.46 173.93
N LEU HC 78 1.33 116.76 173.85
CA LEU HC 78 1.96 117.55 172.79
C LEU HC 78 3.46 117.68 173.02
N VAL HC 79 3.90 117.66 174.27
CA VAL HC 79 5.33 117.57 174.57
C VAL HC 79 5.87 116.19 174.20
N GLN HC 80 5.06 115.14 174.44
CA GLN HC 80 5.49 113.78 174.15
C GLN HC 80 5.58 113.51 172.66
N VAL HC 81 4.74 114.17 171.85
CA VAL HC 81 4.87 114.12 170.40
C VAL HC 81 6.16 114.86 170.03
N ARG HC 82 7.14 114.13 169.53
CA ARG HC 82 8.49 114.66 169.32
C ARG HC 82 8.68 114.99 167.84
N THR HC 83 9.07 116.24 167.56
CA THR HC 83 9.37 116.71 166.22
C THR HC 83 10.82 117.15 166.22
N ILE HC 84 11.73 116.22 165.93
CA ILE HC 84 13.16 116.50 165.97
C ILE HC 84 13.74 116.28 164.58
N VAL HC 85 14.82 117.02 164.30
CA VAL HC 85 15.48 117.03 163.00
C VAL HC 85 16.95 116.75 163.23
N LYS HC 86 17.48 115.72 162.55
CA LYS HC 86 18.89 115.37 162.64
C LYS HC 86 19.40 115.06 161.24
N GLN HC 87 20.19 116.00 160.67
CA GLN HC 87 20.87 115.88 159.39
C GLN HC 87 19.87 115.63 158.25
N ASN HC 88 19.04 116.66 158.02
CA ASN HC 88 18.10 116.76 156.90
C ASN HC 88 17.02 115.68 156.95
N THR HC 89 16.72 115.17 158.16
CA THR HC 89 15.67 114.19 158.38
C THR HC 89 14.65 114.74 159.37
N LEU HC 90 13.58 113.98 159.56
CA LEU HC 90 12.52 114.31 160.50
C LEU HC 90 12.08 113.05 161.22
N TYR HC 91 12.08 113.08 162.55
CA TYR HC 91 11.72 111.93 163.37
C TYR HC 91 10.46 112.28 164.16
N VAL HC 92 9.31 111.77 163.72
CA VAL HC 92 8.05 111.95 164.42
C VAL HC 92 7.72 110.62 165.09
N SER HC 93 8.03 110.51 166.38
CA SER HC 93 7.82 109.27 167.11
C SER HC 93 7.47 109.61 168.55
N LEU HC 94 7.46 108.59 169.40
CA LEU HC 94 7.15 108.77 170.81
C LEU HC 94 8.31 109.41 171.55
N GLY HC 95 7.98 110.27 172.50
CA GLY HC 95 8.97 110.92 173.34
C GLY HC 95 8.70 110.61 174.80
N GLN HC 96 9.79 110.44 175.56
CA GLN HC 96 9.77 110.05 176.98
C GLN HC 96 8.97 108.76 177.22
N GLY HC 97 9.15 107.80 176.32
CA GLY HC 97 8.46 106.53 176.42
C GLY HC 97 7.02 106.62 175.95
N TYR HC 98 6.33 105.48 176.07
CA TYR HC 98 4.92 105.37 175.71
C TYR HC 98 4.17 104.83 176.93
N PRO HC 99 3.70 105.71 177.81
CA PRO HC 99 2.70 105.29 178.79
C PRO HC 99 1.35 105.03 178.14
N ASP HC 100 0.83 106.05 177.44
CA ASP HC 100 -0.47 106.01 176.77
C ASP HC 100 -0.68 107.22 175.87
N TYR HC 101 -1.08 106.99 174.61
CA TYR HC 101 -1.70 108.02 173.80
C TYR HC 101 -2.64 107.35 172.80
N GLY HC 102 -3.80 107.98 172.59
CA GLY HC 102 -4.83 107.36 171.77
C GLY HC 102 -4.94 107.87 170.34
N ALA HC 103 -4.95 109.19 170.15
CA ALA HC 103 -5.21 109.77 168.83
C ALA HC 103 -4.26 110.91 168.58
N VAL HC 104 -3.50 110.84 167.49
CA VAL HC 104 -2.58 111.88 167.07
C VAL HC 104 -2.75 112.08 165.57
N THR HC 105 -2.93 113.32 165.14
CA THR HC 105 -3.03 113.66 163.72
C THR HC 105 -1.86 114.56 163.34
N VAL HC 106 -1.10 114.15 162.32
CA VAL HC 106 0.07 114.88 161.87
C VAL HC 106 -0.17 115.28 160.42
N ASP HC 107 -0.44 116.56 160.19
CA ASP HC 107 -0.53 117.09 158.83
C ASP HC 107 0.80 117.74 158.48
N ILE HC 108 1.25 117.54 157.25
CA ILE HC 108 2.58 117.98 156.86
C ILE HC 108 2.54 118.63 155.49
N LYS HC 109 3.31 119.72 155.34
CA LYS HC 109 3.47 120.41 154.07
C LYS HC 109 4.94 120.72 153.88
N THR HC 110 5.49 120.37 152.71
CA THR HC 110 6.90 120.53 152.41
C THR HC 110 7.08 120.60 150.91
N LYS HC 111 8.33 120.51 150.45
CA LYS HC 111 8.68 120.59 149.04
C LYS HC 111 9.23 119.29 148.48
N PHE HC 112 10.29 118.75 149.08
CA PHE HC 112 11.00 117.60 148.55
C PHE HC 112 10.98 116.45 149.55
N LEU HC 113 10.66 115.25 149.07
CA LEU HC 113 10.67 114.04 149.87
C LEU HC 113 11.55 113.00 149.20
N ASN HC 114 12.32 112.27 150.01
CA ASN HC 114 13.22 111.25 149.48
C ASN HC 114 13.18 109.92 150.22
N ARG HC 115 12.54 109.84 151.38
CA ARG HC 115 12.42 108.58 152.11
C ARG HC 115 11.23 108.65 153.05
N PHE HC 116 10.40 107.61 153.06
CA PHE HC 116 9.26 107.52 153.95
C PHE HC 116 9.36 106.23 154.76
N ARG HC 117 9.27 106.37 156.09
CA ARG HC 117 9.31 105.25 157.01
C ARG HC 117 8.08 105.33 157.90
N TYR HC 118 7.32 104.24 157.99
CA TYR HC 118 6.13 104.22 158.82
C TYR HC 118 6.07 102.95 159.64
N GLU HC 119 5.86 103.10 160.95
CA GLU HC 119 5.77 101.96 161.85
C GLU HC 119 4.68 102.18 162.90
N GLY HC 120 4.02 101.09 163.29
CA GLY HC 120 3.23 101.09 164.50
C GLY HC 120 1.72 101.30 164.40
N ALA HC 121 1.05 100.55 163.50
CA ALA HC 121 -0.41 100.44 163.41
C ALA HC 121 -1.07 101.81 163.17
N GLY HC 122 -0.81 102.34 161.98
CA GLY HC 122 -1.28 103.68 161.69
C GLY HC 122 -1.86 103.91 160.31
N VAL HC 123 -2.21 105.17 160.02
CA VAL HC 123 -2.86 105.57 158.77
C VAL HC 123 -1.99 106.64 158.12
N VAL HC 124 -1.75 106.52 156.81
CA VAL HC 124 -1.04 107.53 156.03
C VAL HC 124 -1.85 107.82 154.77
N THR HC 125 -2.12 109.11 154.50
CA THR HC 125 -2.79 109.53 153.28
C THR HC 125 -1.99 110.64 152.62
N GLY HC 126 -1.78 110.52 151.30
CA GLY HC 126 -1.06 111.54 150.57
C GLY HC 126 -1.40 111.50 149.10
N ASN HC 127 -1.29 112.66 148.44
CA ASN HC 127 -1.60 112.77 147.03
C ASN HC 127 -0.84 113.94 146.42
N ASN HC 128 -0.78 113.93 145.08
CA ASN HC 128 -0.19 114.99 144.26
C ASN HC 128 1.28 115.23 144.60
N LEU HC 129 2.03 114.14 144.75
CA LEU HC 129 3.44 114.20 145.10
C LEU HC 129 4.27 113.97 143.85
N ARG HC 130 5.21 114.87 143.60
CA ARG HC 130 6.12 114.78 142.45
C ARG HC 130 7.53 114.57 142.97
N THR HC 131 8.23 113.59 142.40
CA THR HC 131 9.54 113.20 142.90
C THR HC 131 10.32 112.52 141.78
N SER HC 132 11.61 112.30 142.06
CA SER HC 132 12.50 111.55 141.17
C SER HC 132 12.75 110.13 141.66
N TYR HC 133 13.08 109.97 142.94
CA TYR HC 133 13.42 108.67 143.50
C TYR HC 133 13.25 108.72 145.01
N LEU HC 134 12.38 107.86 145.55
CA LEU HC 134 12.19 107.76 146.98
C LEU HC 134 11.76 106.34 147.35
N ASP HC 135 11.98 105.97 148.61
CA ASP HC 135 11.74 104.63 149.10
C ASP HC 135 10.64 104.65 150.16
N LEU HC 136 9.65 103.77 150.00
CA LEU HC 136 8.63 103.51 151.02
C LEU HC 136 9.07 102.33 151.88
N TYR HC 137 8.92 102.47 153.19
CA TYR HC 137 9.13 101.35 154.11
C TYR HC 137 7.96 101.36 155.11
N LEU HC 138 6.97 100.51 154.84
CA LEU HC 138 5.76 100.42 155.65
C LEU HC 138 5.86 99.19 156.54
N ALA HC 139 5.48 99.33 157.81
CA ALA HC 139 5.58 98.21 158.74
C ALA HC 139 4.38 98.18 159.67
N ASN HC 140 3.89 96.96 159.92
CA ASN HC 140 2.94 96.63 161.00
C ASN HC 140 1.63 97.41 160.88
N GLU HC 141 0.89 97.12 159.81
CA GLU HC 141 -0.44 97.67 159.49
C GLU HC 141 -0.36 99.20 159.35
N GLY HC 142 0.33 99.59 158.29
CA GLY HC 142 0.26 100.97 157.85
C GLY HC 142 -0.72 101.10 156.71
N THR HC 143 -1.94 101.54 157.01
CA THR HC 143 -2.98 101.70 155.99
C THR HC 143 -2.65 102.96 155.21
N THR HC 144 -2.12 102.79 154.00
CA THR HC 144 -1.43 103.85 153.29
C THR HC 144 -2.07 104.08 151.93
N ARG HC 145 -2.31 105.35 151.59
CA ARG HC 145 -2.79 105.73 150.27
C ARG HC 145 -1.87 106.78 149.68
N LEU HC 146 -1.44 106.54 148.44
CA LEU HC 146 -0.73 107.53 147.65
C LEU HC 146 -1.49 107.71 146.34
N ALA HC 147 -1.87 108.94 146.04
CA ALA HC 147 -2.67 109.26 144.86
C ALA HC 147 -2.00 110.33 144.01
N GLY HC 148 -0.71 110.15 143.76
CA GLY HC 148 0.02 111.07 142.92
C GLY HC 148 0.83 110.38 141.83
N ASN HC 149 1.82 111.08 141.28
CA ASN HC 149 2.72 110.51 140.27
C ASN HC 149 4.11 110.37 140.88
N ILE HC 150 4.33 109.24 141.55
CA ILE HC 150 5.53 108.99 142.34
C ILE HC 150 6.40 108.01 141.57
N GLY HC 151 7.61 108.44 141.23
CA GLY HC 151 8.59 107.54 140.62
C GLY HC 151 9.50 106.91 141.65
N LEU HC 152 9.22 105.67 142.04
CA LEU HC 152 9.95 105.00 143.10
C LEU HC 152 10.62 103.75 142.55
N GLN HC 153 11.85 103.50 143.01
CA GLN HC 153 12.64 102.36 142.57
C GLN HC 153 12.63 101.22 143.58
N LYS HC 154 12.40 101.51 144.86
CA LYS HC 154 12.31 100.49 145.88
C LYS HC 154 11.09 100.72 146.75
N LEU HC 155 10.52 99.63 147.26
CA LEU HC 155 9.36 99.68 148.14
C LEU HC 155 9.41 98.45 149.04
N GLU HC 156 9.00 98.63 150.30
CA GLU HC 156 9.01 97.53 151.25
C GLU HC 156 7.75 97.59 152.11
N ALA HC 157 7.05 96.47 152.22
CA ALA HC 157 5.96 96.27 153.15
C ALA HC 157 6.30 95.10 154.05
N VAL HC 158 6.23 95.32 155.37
CA VAL HC 158 6.73 94.32 156.31
C VAL HC 158 5.69 93.24 156.57
N GLY HC 159 4.48 93.62 156.96
CA GLY HC 159 3.47 92.62 157.24
C GLY HC 159 2.13 93.13 157.74
N ASN HC 160 1.06 92.44 157.31
CA ASN HC 160 -0.32 92.65 157.75
C ASN HC 160 -0.80 94.08 157.49
N GLY HC 161 -0.41 94.62 156.35
CA GLY HC 161 -0.83 95.96 155.97
C GLY HC 161 -1.34 96.00 154.55
N VAL HC 162 -2.29 96.90 154.31
CA VAL HC 162 -2.83 97.12 152.97
C VAL HC 162 -2.23 98.39 152.39
N THR HC 163 -2.07 98.40 151.07
CA THR HC 163 -1.48 99.52 150.35
C THR HC 163 -2.19 99.68 149.02
N GLN HC 164 -2.60 100.91 148.71
CA GLN HC 164 -3.31 101.23 147.47
C GLN HC 164 -2.62 102.45 146.88
N ILE HC 165 -1.81 102.23 145.85
CA ILE HC 165 -1.05 103.29 145.20
C ILE HC 165 -1.60 103.50 143.80
N ASN HC 166 -1.97 104.74 143.48
CA ASN HC 166 -2.56 105.08 142.18
C ASN HC 166 -1.59 106.01 141.45
N GLY HC 167 -0.75 105.43 140.61
CA GLY HC 167 0.14 106.21 139.76
C GLY HC 167 1.60 106.09 140.12
N VAL HC 168 2.33 105.24 139.40
CA VAL HC 168 3.77 105.10 139.54
C VAL HC 168 4.38 105.03 138.16
N SER HC 169 5.35 105.91 137.88
CA SER HC 169 6.04 105.97 136.59
C SER HC 169 7.54 105.93 136.87
N SER HC 170 8.11 104.72 136.87
CA SER HC 170 9.53 104.52 137.14
C SER HC 170 10.14 103.63 136.08
N ARG HC 171 11.42 103.84 135.81
CA ARG HC 171 12.16 103.04 134.86
C ARG HC 171 12.76 101.77 135.47
N ASN HC 172 12.67 101.61 136.78
CA ASN HC 172 13.16 100.41 137.45
C ASN HC 172 12.43 100.25 138.77
N LEU HC 173 12.15 99.00 139.14
CA LEU HC 173 11.49 98.70 140.41
C LEU HC 173 11.84 97.28 140.81
N GLN HC 174 12.17 97.09 142.09
CA GLN HC 174 12.46 95.78 142.65
C GLN HC 174 11.63 95.61 143.92
N ILE HC 175 10.80 94.58 143.97
CA ILE HC 175 9.90 94.33 145.08
C ILE HC 175 10.21 92.96 145.66
N VAL HC 176 10.47 92.91 146.97
CA VAL HC 176 10.62 91.66 147.71
C VAL HC 176 9.81 91.79 149.00
N LEU HC 177 9.01 90.77 149.30
CA LEU HC 177 8.12 90.77 150.44
C LEU HC 177 8.40 89.55 151.31
N LYS HC 178 8.28 89.73 152.63
CA LYS HC 178 8.57 88.66 153.58
C LYS HC 178 7.40 88.32 154.50
N GLY HC 179 6.45 89.22 154.70
CA GLY HC 179 5.33 88.96 155.58
C GLY HC 179 4.04 88.71 154.84
N ASP HC 180 2.94 89.34 155.29
CA ASP HC 180 1.62 89.15 154.70
C ASP HC 180 1.01 90.49 154.28
N PRO HC 181 1.49 91.09 153.20
CA PRO HC 181 0.91 92.37 152.77
C PRO HC 181 -0.19 92.20 151.73
N LYS HC 182 -0.96 93.27 151.54
CA LYS HC 182 -1.97 93.36 150.50
C LYS HC 182 -1.73 94.68 149.76
N VAL HC 183 -0.86 94.65 148.77
CA VAL HC 183 -0.42 95.84 148.06
C VAL HC 183 -0.94 95.80 146.62
N LEU HC 184 -1.46 96.93 146.15
CA LEU HC 184 -1.83 97.07 144.75
C LEU HC 184 -1.35 98.42 144.25
N ILE HC 185 -0.61 98.41 143.14
CA ILE HC 185 0.06 99.59 142.59
C ILE HC 185 -0.39 99.75 141.14
N SER HC 186 -0.77 100.96 140.76
CA SER HC 186 -1.14 101.29 139.40
C SER HC 186 -0.10 102.23 138.79
N GLY HC 187 -0.04 102.22 137.46
CA GLY HC 187 0.85 103.12 136.76
C GLY HC 187 1.63 102.48 135.62
N PHE HC 188 2.94 102.74 135.58
CA PHE HC 188 3.82 102.20 134.54
C PHE HC 188 5.11 101.78 135.21
N VAL HC 189 5.37 100.48 135.26
CA VAL HC 189 6.47 99.91 136.03
C VAL HC 189 7.31 99.04 135.11
N ASN HC 190 8.62 99.29 135.07
CA ASN HC 190 9.57 98.43 134.37
C ASN HC 190 10.18 97.48 135.40
N LEU HC 191 9.45 96.43 135.73
CA LEU HC 191 9.89 95.46 136.73
C LEU HC 191 10.98 94.56 136.17
N ARG HC 192 11.82 94.06 137.07
CA ARG HC 192 12.94 93.21 136.69
C ARG HC 192 12.95 91.86 137.39
N GLN HC 193 12.61 91.82 138.68
CA GLN HC 193 12.65 90.57 139.44
C GLN HC 193 11.58 90.61 140.52
N LEU HC 194 11.17 89.43 140.96
CA LEU HC 194 10.18 89.33 142.04
C LEU HC 194 10.37 87.99 142.74
N ASP HC 195 10.48 88.03 144.07
CA ASP HC 195 10.59 86.83 144.89
C ASP HC 195 9.61 86.95 146.05
N MET HC 196 8.82 85.90 146.26
CA MET HC 196 7.83 85.90 147.32
C MET HC 196 7.96 84.63 148.15
N TYR HC 197 8.04 84.79 149.48
CA TYR HC 197 8.08 83.69 150.42
C TYR HC 197 6.98 83.75 151.46
N GLY HC 198 6.17 84.80 151.48
CA GLY HC 198 5.11 84.96 152.45
C GLY HC 198 3.74 84.65 151.87
N LYS HC 199 2.72 85.22 152.50
CA LYS HC 199 1.33 85.05 152.06
C LYS HC 199 0.78 86.31 151.39
N GLY HC 200 1.59 86.96 150.55
CA GLY HC 200 1.21 88.23 149.97
C GLY HC 200 0.42 88.11 148.67
N THR HC 201 -0.40 89.15 148.45
CA THR HC 201 -1.13 89.34 147.21
C THR HC 201 -0.72 90.67 146.60
N LEU HC 202 -0.34 90.65 145.33
CA LEU HC 202 0.11 91.84 144.63
C LEU HC 202 -0.51 91.91 143.25
N SER HC 203 -0.96 93.09 142.85
CA SER HC 203 -1.55 93.31 141.53
C SER HC 203 -0.99 94.58 140.93
N LEU HC 204 -0.59 94.51 139.67
CA LEU HC 204 -0.13 95.65 138.90
C LEU HC 204 -0.97 95.81 137.65
N TYR HC 205 -1.29 97.06 137.31
CA TYR HC 205 -2.20 97.31 136.18
C TYR HC 205 -1.47 97.23 134.84
N TRP HC 206 -0.48 98.09 134.63
CA TRP HC 206 0.28 98.12 133.39
C TRP HC 206 1.77 98.04 133.71
N ILE HC 207 2.47 97.13 133.04
CA ILE HC 207 3.92 97.02 133.14
C ILE HC 207 4.50 96.88 131.74
N LYS HC 208 5.64 97.53 131.52
CA LYS HC 208 6.36 97.46 130.24
C LYS HC 208 7.81 97.10 130.58
N SER HC 209 8.10 95.81 130.62
CA SER HC 209 9.40 95.30 131.05
C SER HC 209 10.12 94.66 129.87
N ASP HC 210 11.29 94.11 130.16
CA ASP HC 210 12.13 93.43 129.18
C ASP HC 210 12.46 92.00 129.57
N THR HC 211 12.70 91.74 130.85
CA THR HC 211 12.98 90.38 131.33
C THR HC 211 12.49 90.28 132.76
N LEU HC 212 11.51 89.42 133.00
CA LEU HC 212 10.96 89.21 134.33
C LEU HC 212 11.32 87.82 134.84
N THR HC 213 11.72 87.77 136.11
CA THR HC 213 12.01 86.51 136.80
C THR HC 213 11.15 86.48 138.06
N ILE HC 214 10.21 85.55 138.11
CA ILE HC 214 9.24 85.46 139.20
C ILE HC 214 9.49 84.16 139.95
N ARG HC 215 9.64 84.25 141.28
CA ARG HC 215 9.81 83.10 142.14
C ARG HC 215 8.75 83.16 143.24
N ALA HC 216 8.00 82.07 143.39
CA ALA HC 216 6.97 81.99 144.42
C ALA HC 216 7.18 80.73 145.24
N LYS HC 217 7.20 80.89 146.57
CA LYS HC 217 7.72 79.86 147.47
C LYS HC 217 6.66 79.22 148.35
N LYS HC 218 5.83 79.99 149.06
CA LYS HC 218 4.96 79.39 150.07
C LYS HC 218 3.47 79.49 149.73
N ALA HC 219 2.93 80.72 149.60
CA ALA HC 219 1.56 80.91 149.11
C ALA HC 219 1.48 82.35 148.59
N ALA HC 220 1.61 82.52 147.28
CA ALA HC 220 1.69 83.86 146.71
C ALA HC 220 0.58 84.07 145.70
N LYS HC 221 0.08 85.30 145.63
CA LYS HC 221 -0.89 85.69 144.62
C LYS HC 221 -0.31 86.86 143.85
N ILE HC 222 -0.11 86.67 142.54
CA ILE HC 222 0.49 87.68 141.66
C ILE HC 222 -0.48 87.91 140.51
N GLN HC 223 -0.80 89.17 140.22
CA GLN HC 223 -1.73 89.51 139.14
C GLN HC 223 -1.14 90.67 138.35
N LEU HC 224 -0.55 90.36 137.20
CA LEU HC 224 0.09 91.36 136.35
C LEU HC 224 -0.63 91.44 135.00
N ALA HC 225 -0.41 92.56 134.32
CA ALA HC 225 -0.92 92.77 132.97
C ALA HC 225 -0.03 93.79 132.28
N GLY HC 226 0.28 93.56 131.01
CA GLY HC 226 1.12 94.46 130.27
C GLY HC 226 1.91 93.70 129.21
N ILE HC 227 3.07 94.26 128.88
CA ILE HC 227 3.93 93.73 127.83
C ILE HC 227 5.27 93.32 128.45
N VAL HC 228 5.67 92.08 128.19
CA VAL HC 228 6.93 91.52 128.69
C VAL HC 228 7.62 90.81 127.54
N ASN HC 229 8.90 91.15 127.30
CA ASN HC 229 9.64 90.52 126.21
C ASN HC 229 10.08 89.11 126.54
N ARG HC 230 10.42 88.83 127.80
CA ARG HC 230 10.90 87.52 128.19
C ARG HC 230 10.49 87.26 129.64
N LEU HC 231 9.84 86.13 129.89
CA LEU HC 231 9.27 85.82 131.19
C LEU HC 231 9.75 84.46 131.67
N ASP HC 232 10.17 84.40 132.93
CA ASP HC 232 10.52 83.16 133.60
C ASP HC 232 9.72 83.08 134.90
N VAL HC 233 9.03 81.96 135.10
CA VAL HC 233 8.11 81.79 136.23
C VAL HC 233 8.48 80.49 136.93
N GLU HC 234 8.69 80.57 138.25
CA GLU HC 234 9.02 79.42 139.07
C GLU HC 234 8.02 79.38 140.22
N LEU HC 235 7.23 78.32 140.30
CA LEU HC 235 6.25 78.15 141.38
C LEU HC 235 6.55 76.87 142.12
N TRP HC 236 6.67 76.96 143.45
CA TRP HC 236 7.09 75.78 144.22
C TRP HC 236 5.90 74.99 144.79
N ASP HC 237 5.14 75.58 145.70
CA ASP HC 237 3.92 74.91 146.15
C ASP HC 237 2.93 75.93 146.67
N PHE HC 238 1.64 75.63 146.46
CA PHE HC 238 0.49 76.43 146.90
C PHE HC 238 0.53 77.87 146.39
N ALA HC 239 1.11 78.07 145.20
CA ALA HC 239 1.29 79.39 144.63
C ALA HC 239 0.45 79.52 143.37
N GLN HC 240 -0.19 80.68 143.23
CA GLN HC 240 -1.04 80.98 142.08
C GLN HC 240 -0.49 82.18 141.34
N PHE HC 241 -0.20 82.00 140.06
CA PHE HC 241 0.29 83.07 139.19
C PHE HC 241 -0.77 83.34 138.14
N LYS HC 242 -1.39 84.51 138.20
CA LYS HC 242 -2.40 84.91 137.22
C LYS HC 242 -1.78 85.85 136.19
N GLY HC 243 -0.95 85.27 135.32
CA GLY HC 243 -0.30 86.06 134.29
C GLY HC 243 -1.14 86.19 133.03
N LYS HC 244 -2.43 85.90 133.13
CA LYS HC 244 -3.38 86.27 132.09
C LYS HC 244 -3.45 87.78 131.98
N TYR HC 245 -3.67 88.27 130.75
CA TYR HC 245 -3.58 89.65 130.28
C TYR HC 245 -2.17 90.21 130.32
N LEU HC 246 -1.16 89.38 130.60
CA LEU HC 246 0.24 89.74 130.51
C LEU HC 246 0.82 88.97 129.32
N ARG HC 247 0.95 89.66 128.19
CA ARG HC 247 1.34 89.02 126.94
C ARG HC 247 2.86 88.95 126.86
N ALA HC 248 3.39 87.74 126.80
CA ALA HC 248 4.82 87.50 126.77
C ALA HC 248 5.24 86.89 125.43
N GLN HC 249 6.37 87.36 124.90
CA GLN HC 249 6.90 86.80 123.67
C GLN HC 249 7.56 85.45 123.91
N ARG HC 250 8.50 85.40 124.84
CA ARG HC 250 9.14 84.16 125.28
C ARG HC 250 8.67 83.85 126.69
N SER HC 251 8.18 82.64 126.90
CA SER HC 251 7.71 82.23 128.22
C SER HC 251 8.37 80.92 128.63
N PHE HC 252 8.94 80.91 129.83
CA PHE HC 252 9.44 79.70 130.47
C PHE HC 252 8.71 79.56 131.81
N VAL HC 253 8.00 78.45 132.00
CA VAL HC 253 7.17 78.25 133.18
C VAL HC 253 7.50 76.89 133.79
N LYS HC 254 7.82 76.87 135.08
CA LYS HC 254 8.00 75.63 135.81
C LYS HC 254 7.14 75.63 137.06
N THR HC 255 6.30 74.61 137.21
CA THR HC 255 5.44 74.46 138.38
C THR HC 255 5.72 73.12 139.06
N HIS HC 256 5.95 73.18 140.36
CA HIS HC 256 6.03 72.01 141.21
C HIS HC 256 4.70 71.84 141.96
N ASP HC 257 4.71 71.02 143.02
CA ASP HC 257 3.51 70.37 143.54
C ASP HC 257 2.42 71.32 144.02
N LYS HC 258 1.22 71.15 143.44
CA LYS HC 258 -0.01 71.87 143.82
C LYS HC 258 0.13 73.39 143.65
N SER HC 259 0.62 73.81 142.48
CA SER HC 259 0.70 75.21 142.12
C SER HC 259 0.01 75.44 140.78
N VAL HC 260 -0.55 76.63 140.62
CA VAL HC 260 -1.38 76.97 139.47
C VAL HC 260 -0.78 78.18 138.77
N ALA HC 261 -0.58 78.08 137.45
CA ALA HC 261 -0.11 79.18 136.63
C ALA HC 261 -1.04 79.35 135.44
N GLU HC 262 -1.33 80.60 135.09
CA GLU HC 262 -2.20 80.92 133.95
C GLU HC 262 -1.48 81.95 133.09
N ILE HC 263 -0.99 81.53 131.92
CA ILE HC 263 -0.09 82.32 131.10
C ILE HC 263 -0.77 82.70 129.78
N SER HC 264 -0.16 83.68 129.11
CA SER HC 264 -0.69 84.24 127.85
C SER HC 264 0.42 84.44 126.83
N ALA HC 265 1.23 83.41 126.60
CA ALA HC 265 2.38 83.50 125.70
C ALA HC 265 1.96 83.73 124.25
N VAL HC 266 2.84 84.41 123.50
CA VAL HC 266 2.52 84.92 122.18
C VAL HC 266 3.34 84.23 121.08
N ASN HC 267 4.66 84.19 121.24
CA ASN HC 267 5.53 83.64 120.22
C ASN HC 267 6.08 82.25 120.56
N HIS HC 268 6.74 82.10 121.71
CA HIS HC 268 7.33 80.84 122.11
C HIS HC 268 6.95 80.53 123.54
N GLN HC 269 6.43 79.33 123.76
CA GLN HC 269 5.95 78.88 125.06
C GLN HC 269 6.67 77.59 125.43
N SER HC 270 7.24 77.56 126.64
CA SER HC 270 7.91 76.38 127.16
C SER HC 270 7.46 76.18 128.60
N SER HC 271 6.81 75.05 128.87
CA SER HC 271 6.20 74.82 130.17
C SER HC 271 6.52 73.43 130.69
N LEU HC 272 6.61 73.34 132.02
CA LEU HC 272 6.85 72.07 132.70
C LEU HC 272 6.01 72.01 133.97
N ALA HC 273 5.26 70.92 134.12
CA ALA HC 273 4.46 70.65 135.31
C ALA HC 273 4.96 69.36 135.94
N THR HC 274 5.27 69.42 137.24
CA THR HC 274 5.96 68.29 137.86
C THR HC 274 5.01 67.25 138.44
N ASP HC 275 4.20 67.62 139.43
CA ASP HC 275 3.38 66.63 140.13
C ASP HC 275 2.13 67.28 140.72
N ALA HC 276 0.97 66.91 140.18
CA ALA HC 276 -0.35 67.43 140.59
C ALA HC 276 -0.42 68.95 140.51
N SER HC 277 0.20 69.51 139.47
CA SER HC 277 0.18 70.94 139.22
C SER HC 277 -0.52 71.20 137.90
N ASP HC 278 -1.01 72.44 137.74
CA ASP HC 278 -1.81 72.80 136.58
C ASP HC 278 -1.21 74.03 135.91
N ILE HC 279 -1.03 73.94 134.60
CA ILE HC 279 -0.63 75.07 133.76
C ILE HC 279 -1.73 75.27 132.72
N TYR HC 280 -2.24 76.49 132.63
CA TYR HC 280 -3.24 76.85 131.64
C TYR HC 280 -2.71 77.98 130.79
N TYR HC 281 -2.89 77.89 129.48
CA TYR HC 281 -2.63 79.01 128.59
C TYR HC 281 -3.95 79.61 128.12
N TYR HC 282 -3.87 80.79 127.52
CA TYR HC 282 -5.05 81.45 126.99
C TYR HC 282 -4.82 82.03 125.60
N ASN HC 283 -3.63 81.90 125.05
CA ASN HC 283 -3.33 82.33 123.69
C ASN HC 283 -2.61 81.20 122.97
N LEU HC 284 -2.87 81.08 121.67
CA LEU HC 284 -2.22 80.07 120.85
C LEU HC 284 -0.92 80.66 120.30
N SER HC 285 0.21 80.22 120.86
CA SER HC 285 1.49 80.74 120.45
C SER HC 285 1.92 80.16 119.10
N LYS HC 286 2.93 80.77 118.50
CA LYS HC 286 3.45 80.26 117.24
C LYS HC 286 4.27 78.99 117.46
N THR HC 287 4.88 78.84 118.63
CA THR HC 287 5.59 77.60 118.97
C THR HC 287 5.28 77.25 120.41
N ARG HC 288 4.87 76.00 120.65
CA ARG HC 288 4.43 75.53 121.95
C ARG HC 288 5.18 74.25 122.29
N ALA HC 289 5.68 74.15 123.53
CA ALA HC 289 6.32 72.94 124.00
C ALA HC 289 6.03 72.77 125.49
N ASP HC 290 5.38 71.67 125.84
CA ASP HC 290 4.90 71.41 127.19
C ASP HC 290 5.37 70.04 127.65
N PHE HC 291 5.69 69.91 128.94
CA PHE HC 291 6.09 68.64 129.51
C PHE HC 291 5.42 68.43 130.86
N MET HC 292 5.12 67.17 131.15
CA MET HC 292 4.48 66.74 132.40
C MET HC 292 5.30 65.61 132.99
N ALA HC 293 5.46 65.59 134.31
CA ALA HC 293 6.37 64.64 134.93
C ALA HC 293 5.67 63.54 135.71
N PHE HC 294 4.88 63.87 136.75
CA PHE HC 294 4.22 62.84 137.55
C PHE HC 294 2.72 62.89 137.43
N ASN HC 295 2.09 64.01 137.81
CA ASN HC 295 0.65 64.16 137.71
C ASN HC 295 0.26 65.57 137.24
N GLY HC 296 1.22 66.38 136.81
CA GLY HC 296 0.91 67.70 136.32
C GLY HC 296 0.23 67.66 134.97
N SER HC 297 -0.36 68.80 134.60
CA SER HC 297 -1.18 68.85 133.39
C SER HC 297 -1.19 70.27 132.84
N VAL HC 298 -1.06 70.37 131.51
CA VAL HC 298 -1.19 71.63 130.79
C VAL HC 298 -2.44 71.55 129.93
N LEU HC 299 -3.34 72.52 130.11
CA LEU HC 299 -4.64 72.47 129.47
C LEU HC 299 -4.84 73.65 128.54
N ASP HC 300 -5.76 73.50 127.59
CA ASP HC 300 -6.00 74.52 126.57
C ASP HC 300 -6.75 75.71 127.17
N MET HC 301 -7.93 75.45 127.75
CA MET HC 301 -8.72 76.43 128.52
C MET HC 301 -9.13 77.65 127.69
N ARG HC 302 -9.60 77.42 126.47
CA ARG HC 302 -10.15 78.50 125.67
C ARG HC 302 -11.68 78.36 125.59
N GLU HC 303 -12.30 79.27 124.83
CA GLU HC 303 -13.73 79.49 124.95
C GLU HC 303 -14.56 78.44 124.21
N TRP HC 304 -14.09 78.01 123.02
CA TRP HC 304 -14.72 77.12 122.03
C TRP HC 304 -15.89 77.77 121.30
N GLY HC 305 -16.31 78.98 121.67
CA GLY HC 305 -17.44 79.62 121.04
C GLY HC 305 -17.11 80.97 120.45
N GLN HC 306 -15.84 81.34 120.48
CA GLN HC 306 -15.39 82.59 119.89
C GLN HC 306 -15.48 82.51 118.37
N SER HC 307 -15.92 83.61 117.75
CA SER HC 307 -16.19 83.60 116.32
C SER HC 307 -14.93 83.62 115.47
N ASP HC 308 -13.79 83.99 116.04
CA ASP HC 308 -12.51 84.03 115.33
C ASP HC 308 -11.46 83.20 116.06
N LEU HC 309 -11.85 81.99 116.45
CA LEU HC 309 -10.91 81.07 117.08
C LEU HC 309 -9.92 80.54 116.04
N LYS HC 310 -8.70 80.26 116.49
CA LYS HC 310 -7.61 79.82 115.62
C LYS HC 310 -7.30 78.35 115.90
N ASP HC 311 -7.16 77.58 114.84
CA ASP HC 311 -6.87 76.15 114.93
C ASP HC 311 -5.36 75.92 114.93
N PHE HC 312 -4.98 74.68 115.24
CA PHE HC 312 -3.57 74.30 115.22
C PHE HC 312 -3.05 74.24 113.78
N ASP HC 313 -1.74 74.42 113.64
CA ASP HC 313 -1.05 74.36 112.37
C ASP HC 313 -0.20 73.10 112.30
N ARG HC 314 0.60 72.99 111.24
CA ARG HC 314 1.62 71.94 111.17
C ARG HC 314 2.69 72.14 112.25
N TYR HC 315 2.94 73.38 112.65
CA TYR HC 315 4.03 73.71 113.56
C TYR HC 315 3.57 73.84 115.00
N ASN HC 316 2.27 73.66 115.27
CA ASN HC 316 1.72 73.81 116.60
C ASN HC 316 1.12 72.52 117.16
N LYS HC 317 0.92 71.51 116.33
CA LYS HC 317 0.16 70.32 116.72
C LYS HC 317 1.04 69.42 117.59
N GLN HC 318 0.83 69.52 118.91
CA GLN HC 318 1.48 68.63 119.88
C GLN HC 318 0.39 67.84 120.62
N PHE HC 319 0.65 66.55 120.81
CA PHE HC 319 -0.31 65.67 121.44
C PHE HC 319 0.16 65.28 122.84
N PRO HC 320 -0.48 65.78 123.91
CA PRO HC 320 -0.10 65.51 125.30
C PRO HC 320 -0.21 64.03 125.69
N GLY IC 40 -12.28 26.37 107.85
CA GLY IC 40 -13.24 26.65 108.91
C GLY IC 40 -13.60 28.12 109.01
N CYS IC 41 -14.78 28.47 108.50
CA CYS IC 41 -15.22 29.86 108.52
C CYS IC 41 -15.83 30.23 109.87
N CYS IC 42 -16.87 29.53 110.28
CA CYS IC 42 -17.55 29.83 111.54
C CYS IC 42 -16.93 29.01 112.69
N SER IC 43 -15.62 29.14 112.82
CA SER IC 43 -14.90 28.42 113.87
C SER IC 43 -15.12 29.09 115.22
N LYS IC 44 -15.13 28.25 116.27
CA LYS IC 44 -15.51 28.62 117.65
C LYS IC 44 -16.91 29.23 117.72
N MET IC 45 -17.79 28.80 116.81
CA MET IC 45 -19.19 29.18 116.80
C MET IC 45 -19.99 27.91 116.49
N GLY IC 46 -21.27 28.08 116.18
CA GLY IC 46 -22.12 26.93 115.94
C GLY IC 46 -22.11 26.37 114.53
N GLY IC 47 -21.27 26.90 113.63
CA GLY IC 47 -21.23 26.45 112.26
C GLY IC 47 -22.04 27.33 111.33
N ILE IC 48 -21.98 26.98 110.05
CA ILE IC 48 -22.55 27.82 108.99
C ILE IC 48 -24.06 27.62 108.93
N ASN IC 49 -24.81 28.72 109.00
CA ASN IC 49 -26.25 28.64 108.82
C ASN IC 49 -26.62 28.66 107.33
N TYR IC 50 -26.34 29.77 106.64
CA TYR IC 50 -26.68 29.91 105.23
C TYR IC 50 -25.87 31.05 104.61
N CYS IC 51 -25.85 31.06 103.28
CA CYS IC 51 -25.25 32.12 102.49
C CYS IC 51 -26.26 33.23 102.24
N ASP IC 52 -26.05 34.39 102.85
CA ASP IC 52 -26.84 35.58 102.56
C ASP IC 52 -26.24 36.21 101.29
N SER IC 53 -26.96 36.10 100.18
CA SER IC 53 -26.50 36.61 98.89
C SER IC 53 -26.78 38.10 98.71
N SER IC 54 -27.61 38.69 99.56
CA SER IC 54 -27.82 40.13 99.51
C SER IC 54 -26.57 40.90 99.94
N ALA IC 55 -25.79 40.32 100.85
CA ALA IC 55 -24.50 40.87 101.24
C ALA IC 55 -23.32 40.06 100.75
N GLY IC 56 -23.56 38.87 100.20
CA GLY IC 56 -22.47 38.00 99.77
C GLY IC 56 -21.66 37.42 100.88
N ARG IC 57 -22.28 37.13 102.03
CA ARG IC 57 -21.56 36.67 103.21
C ARG IC 57 -22.26 35.47 103.83
N LEU IC 58 -21.48 34.64 104.54
CA LEU IC 58 -22.04 33.54 105.28
C LEU IC 58 -22.56 34.03 106.64
N VAL IC 59 -23.59 33.35 107.14
CA VAL IC 59 -24.13 33.60 108.47
C VAL IC 59 -23.84 32.39 109.32
N CYS IC 60 -23.31 32.62 110.52
CA CYS IC 60 -23.03 31.52 111.43
C CYS IC 60 -24.30 31.12 112.18
N ASN IC 61 -24.18 30.13 113.05
CA ASN IC 61 -25.35 29.64 113.79
C ASN IC 61 -25.72 30.54 114.97
N ASN IC 62 -24.86 31.48 115.33
CA ASN IC 62 -25.25 32.60 116.18
C ASN IC 62 -25.70 33.76 115.28
N GLY IC 63 -25.85 34.94 115.84
CA GLY IC 63 -26.31 36.06 115.05
C GLY IC 63 -25.19 36.88 114.42
N PHE IC 64 -23.99 36.33 114.38
CA PHE IC 64 -22.82 37.04 113.88
C PHE IC 64 -22.61 36.75 112.40
N TYR IC 65 -22.27 37.79 111.64
CA TYR IC 65 -21.84 37.61 110.26
C TYR IC 65 -20.45 37.00 110.22
N SER IC 66 -20.21 36.15 109.22
CA SER IC 66 -18.91 35.53 109.06
C SER IC 66 -18.00 36.43 108.22
N THR IC 67 -16.70 36.11 108.25
CA THR IC 67 -15.71 36.85 107.48
C THR IC 67 -15.47 36.25 106.09
N CYS IC 68 -16.01 35.05 105.82
CA CYS IC 68 -15.83 34.40 104.54
C CYS IC 68 -16.81 34.93 103.50
N TYR IC 69 -16.40 34.85 102.24
CA TYR IC 69 -17.27 35.19 101.13
C TYR IC 69 -17.95 33.93 100.61
N CYS IC 70 -19.16 34.09 100.09
CA CYS IC 70 -19.86 33.01 99.41
C CYS IC 70 -20.53 33.46 98.11
N THR IC 71 -20.24 34.66 97.63
CA THR IC 71 -20.75 35.17 96.36
C THR IC 71 -19.64 36.01 95.73
N ARG IC 72 -19.50 35.92 94.40
CA ARG IC 72 -18.47 36.68 93.71
C ARG IC 72 -18.81 38.17 93.67
N HIS IC 73 -20.07 38.53 93.87
CA HIS IC 73 -20.50 39.93 93.93
C HIS IC 73 -20.50 40.42 95.38
N ALA IC 74 -19.35 40.23 96.03
CA ALA IC 74 -19.11 40.71 97.38
C ALA IC 74 -18.02 41.76 97.35
N VAL IC 75 -18.04 42.65 98.33
CA VAL IC 75 -17.09 43.76 98.39
C VAL IC 75 -15.71 43.22 98.77
N MET IC 76 -14.81 43.17 97.79
CA MET IC 76 -13.43 42.78 98.00
C MET IC 76 -12.53 43.96 97.66
N ASP IC 77 -11.50 44.17 98.50
CA ASP IC 77 -10.57 45.28 98.31
C ASP IC 77 -9.46 44.82 97.36
N LEU IC 78 -9.81 44.75 96.08
CA LEU IC 78 -8.86 44.31 95.06
C LEU IC 78 -7.99 45.48 94.62
N GLN IC 79 -6.67 45.32 94.75
CA GLN IC 79 -5.72 46.34 94.33
C GLN IC 79 -4.68 45.84 93.34
N PHE IC 80 -4.55 44.52 93.16
CA PHE IC 80 -3.53 43.93 92.30
C PHE IC 80 -4.22 42.99 91.32
N LEU IC 81 -4.18 43.33 90.04
CA LEU IC 81 -4.82 42.54 88.98
C LEU IC 81 -3.78 42.14 87.95
N MET IC 82 -3.89 40.90 87.46
CA MET IC 82 -2.93 40.35 86.51
C MET IC 82 -3.44 40.53 85.08
N GLY IC 83 -2.64 40.07 84.13
CA GLY IC 83 -2.95 40.23 82.71
C GLY IC 83 -2.32 41.49 82.14
N CYS IC 84 -2.13 41.48 80.83
CA CYS IC 84 -1.57 42.64 80.15
C CYS IC 84 -2.60 43.29 79.23
N CYS IC 85 -2.18 44.43 78.66
CA CYS IC 85 -3.05 45.44 78.04
C CYS IC 85 -4.14 45.91 79.01
N LEU IC 86 -3.79 46.00 80.29
CA LEU IC 86 -4.66 46.65 81.26
C LEU IC 86 -4.56 48.16 81.10
N TRP IC 87 -5.65 48.84 81.48
CA TRP IC 87 -5.89 50.28 81.24
C TRP IC 87 -5.83 50.62 79.75
N HIS IC 88 -6.19 49.65 78.92
CA HIS IC 88 -6.44 49.83 77.50
C HIS IC 88 -7.67 48.98 77.17
N GLY IC 89 -7.91 48.73 75.89
CA GLY IC 89 -9.07 47.93 75.54
C GLY IC 89 -8.93 46.44 75.78
N GLY IC 90 -7.75 45.96 76.13
CA GLY IC 90 -7.49 44.54 76.26
C GLY IC 90 -6.69 44.01 75.08
N VAL IC 91 -6.40 42.72 75.15
CA VAL IC 91 -5.57 42.08 74.14
C VAL IC 91 -6.39 41.86 72.87
N TYR IC 92 -5.90 42.38 71.75
CA TYR IC 92 -6.59 42.22 70.47
C TYR IC 92 -6.34 40.81 69.95
N PRO IC 93 -7.38 40.05 69.60
CA PRO IC 93 -7.25 38.59 69.53
C PRO IC 93 -6.63 38.03 68.25
N GLN IC 94 -5.93 38.84 67.46
CA GLN IC 94 -5.29 38.32 66.25
C GLN IC 94 -4.12 37.39 66.62
N LEU IC 95 -3.88 36.41 65.75
CA LEU IC 95 -2.73 35.53 65.88
C LEU IC 95 -1.59 36.11 65.03
N ASN IC 96 -0.41 36.21 65.63
CA ASN IC 96 0.70 36.95 65.05
C ASN IC 96 1.83 35.99 64.69
N SER IC 97 2.49 36.27 63.56
CA SER IC 97 3.70 35.54 63.22
C SER IC 97 4.84 35.90 64.17
N SER IC 98 4.94 37.15 64.56
CA SER IC 98 5.92 37.58 65.55
C SER IC 98 5.34 37.47 66.95
N GLY IC 99 6.13 37.85 67.95
CA GLY IC 99 5.72 37.78 69.33
C GLY IC 99 5.12 39.05 69.89
N LEU IC 100 4.80 40.03 69.05
CA LEU IC 100 4.26 41.29 69.53
C LEU IC 100 2.82 41.13 70.00
N VAL IC 101 2.48 41.87 71.06
CA VAL IC 101 1.13 41.90 71.62
C VAL IC 101 0.60 43.32 71.47
N VAL IC 102 -0.54 43.46 70.80
CA VAL IC 102 -1.14 44.76 70.51
C VAL IC 102 -2.45 44.87 71.27
N CYS IC 103 -2.69 46.04 71.87
CA CYS IC 103 -3.93 46.30 72.57
C CYS IC 103 -5.01 46.76 71.59
N ASN IC 104 -6.24 46.89 72.11
CA ASN IC 104 -7.38 47.25 71.25
C ASN IC 104 -7.37 48.72 70.84
N ASP IC 105 -6.57 49.57 71.48
CA ASP IC 105 -6.49 50.98 71.13
C ASP IC 105 -5.24 51.30 70.31
N GLY IC 106 -4.56 50.30 69.77
CA GLY IC 106 -3.39 50.49 68.96
C GLY IC 106 -2.08 50.50 69.71
N TYR IC 107 -2.11 50.47 71.04
CA TYR IC 107 -0.89 50.43 71.83
C TYR IC 107 -0.24 49.05 71.74
N VAL IC 108 1.07 49.02 71.96
CA VAL IC 108 1.85 47.78 71.93
C VAL IC 108 2.40 47.55 73.33
N SER IC 109 2.07 46.39 73.92
CA SER IC 109 2.52 46.04 75.26
C SER IC 109 3.90 45.41 75.15
N GLU IC 110 4.91 46.11 75.68
CA GLU IC 110 6.28 45.61 75.60
C GLU IC 110 6.54 44.47 76.59
N GLU IC 111 5.75 44.36 77.66
CA GLU IC 111 5.99 43.34 78.66
C GLU IC 111 5.57 41.95 78.18
N CYS IC 112 4.41 41.85 77.52
CA CYS IC 112 4.00 40.57 76.94
C CYS IC 112 4.59 40.32 75.57
N SER IC 113 5.28 41.28 74.99
CA SER IC 113 5.91 41.09 73.68
C SER IC 113 7.16 40.23 73.83
N LEU IC 114 7.28 39.22 72.96
CA LEU IC 114 8.46 38.37 72.95
C LEU IC 114 9.62 39.13 72.35
N GLN IC 115 10.81 38.93 72.90
CA GLN IC 115 12.00 39.63 72.46
C GLN IC 115 12.59 38.99 71.21
N UNK JC 1 -22.77 56.57 115.00
CA UNK JC 1 -23.65 55.94 115.97
C UNK JC 1 -23.64 56.70 117.29
N UNK JC 2 -22.48 56.66 117.97
CA UNK JC 2 -22.12 57.35 119.21
C UNK JC 2 -22.90 56.87 120.44
N UNK JC 3 -23.80 55.90 120.30
CA UNK JC 3 -24.53 55.35 121.44
C UNK JC 3 -24.98 53.94 121.06
N UNK JC 4 -24.34 52.94 121.64
CA UNK JC 4 -24.71 51.56 121.32
C UNK JC 4 -25.98 51.13 122.03
N UNK JC 5 -26.24 51.63 123.23
CA UNK JC 5 -27.43 51.32 124.01
C UNK JC 5 -28.20 52.62 124.23
N UNK JC 6 -29.14 52.91 123.34
CA UNK JC 6 -29.95 54.11 123.46
C UNK JC 6 -30.96 53.95 124.58
N UNK JC 7 -31.38 55.09 125.14
CA UNK JC 7 -32.29 55.13 126.27
C UNK JC 7 -33.72 55.36 125.79
N UNK JC 8 -34.67 54.71 126.46
CA UNK JC 8 -36.09 54.84 126.14
C UNK JC 8 -36.77 55.63 127.25
N UNK JC 9 -37.17 56.86 126.93
CA UNK JC 9 -37.87 57.79 127.83
C UNK JC 9 -37.14 58.05 129.15
N PHE KC 25 4.42 48.80 125.47
CA PHE KC 25 5.49 49.50 124.76
C PHE KC 25 4.99 50.14 123.47
N LYS KC 26 5.49 51.35 123.20
CA LYS KC 26 5.04 52.11 122.04
C LYS KC 26 5.60 51.51 120.74
N LYS KC 27 4.81 51.62 119.67
CA LYS KC 27 5.17 51.12 118.36
C LYS KC 27 5.22 52.24 117.34
N PRO KC 28 6.10 52.15 116.34
CA PRO KC 28 6.10 53.13 115.26
C PRO KC 28 4.91 52.92 114.33
N PRO KC 29 4.54 53.94 113.55
CA PRO KC 29 3.50 53.74 112.52
C PRO KC 29 3.97 52.74 111.46
N ILE KC 30 3.02 51.93 110.98
CA ILE KC 30 3.36 50.87 110.03
C ILE KC 30 3.63 51.45 108.64
N ASN KC 31 2.91 52.51 108.26
CA ASN KC 31 3.15 53.20 107.00
C ASN KC 31 4.00 54.44 107.24
N ASN KC 32 5.18 54.23 107.83
CA ASN KC 32 6.03 55.36 108.14
C ASN KC 32 7.13 55.51 107.10
N PRO KC 33 7.45 56.75 106.71
CA PRO KC 33 8.57 56.96 105.78
C PRO KC 33 9.91 56.76 106.46
N SER KC 34 10.35 55.50 106.54
CA SER KC 34 11.66 55.17 107.06
C SER KC 34 12.71 55.06 105.96
N ASP KC 35 12.36 55.45 104.73
CA ASP KC 35 13.25 55.38 103.58
C ASP KC 35 13.54 56.79 103.10
N ASP KC 36 14.79 57.02 102.70
CA ASP KC 36 15.25 58.36 102.36
C ASP KC 36 14.75 58.87 101.02
N ALA KC 37 14.13 58.02 100.19
CA ALA KC 37 13.41 58.49 99.01
C ALA KC 37 11.93 58.67 99.29
N THR KC 38 11.35 57.82 100.14
CA THR KC 38 9.95 57.95 100.53
C THR KC 38 9.71 59.22 101.33
N ILE KC 39 10.70 59.65 102.13
CA ILE KC 39 10.60 60.91 102.87
C ILE KC 39 10.48 62.09 101.91
N LYS KC 40 11.34 62.11 100.88
CA LYS KC 40 11.33 63.17 99.88
C LYS KC 40 10.04 63.16 99.07
N LEU KC 41 9.56 61.96 98.71
CA LEU KC 41 8.30 61.82 97.99
C LEU KC 41 7.12 62.36 98.81
N ALA KC 42 7.09 62.05 100.11
CA ALA KC 42 5.99 62.48 100.95
C ALA KC 42 6.00 63.98 101.21
N GLU KC 43 7.19 64.58 101.40
CA GLU KC 43 7.20 66.03 101.59
C GLU KC 43 6.93 66.77 100.30
N ALA KC 44 7.28 66.18 99.14
CA ALA KC 44 6.87 66.75 97.86
C ALA KC 44 5.35 66.71 97.70
N ALA KC 45 4.72 65.62 98.13
CA ALA KC 45 3.26 65.53 98.12
C ALA KC 45 2.62 66.58 99.04
N VAL KC 46 3.24 66.81 100.20
CA VAL KC 46 2.76 67.83 101.14
C VAL KC 46 2.84 69.23 100.53
N SER KC 47 3.96 69.52 99.85
CA SER KC 47 4.12 70.81 99.18
C SER KC 47 3.12 71.00 98.04
N VAL KC 48 2.86 69.93 97.28
CA VAL KC 48 1.87 70.00 96.20
C VAL KC 48 0.47 70.25 96.76
N SER KC 49 0.13 69.61 97.88
CA SER KC 49 -1.16 69.85 98.53
C SER KC 49 -1.29 71.28 99.04
N ASP KC 50 -0.21 71.84 99.59
CA ASP KC 50 -0.23 73.23 100.05
C ASP KC 50 -0.40 74.20 98.87
N SER KC 51 0.27 73.92 97.74
CA SER KC 51 0.10 74.74 96.55
C SER KC 51 -1.32 74.66 95.99
N MET KC 52 -1.92 73.46 96.03
CA MET KC 52 -3.32 73.30 95.63
C MET KC 52 -4.26 74.10 96.52
N LEU KC 53 -4.02 74.08 97.83
CA LEU KC 53 -4.86 74.85 98.76
C LEU KC 53 -4.74 76.35 98.51
N GLU KC 54 -3.52 76.84 98.27
CA GLU KC 54 -3.33 78.26 97.96
C GLU KC 54 -3.99 78.66 96.65
N MET KC 55 -3.88 77.80 95.62
CA MET KC 55 -4.51 78.10 94.33
C MET KC 55 -6.02 78.11 94.43
N ALA KC 56 -6.60 77.19 95.20
CA ALA KC 56 -8.04 77.17 95.41
C ALA KC 56 -8.51 78.39 96.20
N LYS KC 57 -7.72 78.82 97.20
CA LYS KC 57 -8.03 80.04 97.94
C LYS KC 57 -7.98 81.28 97.07
N VAL KC 58 -7.05 81.33 96.11
CA VAL KC 58 -7.02 82.46 95.17
C VAL KC 58 -8.23 82.44 94.24
N GLU KC 59 -8.52 81.27 93.64
CA GLU KC 59 -9.57 81.22 92.62
C GLU KC 59 -10.99 81.28 93.17
N LYS KC 60 -11.23 80.83 94.40
CA LYS KC 60 -12.61 80.82 94.89
C LYS KC 60 -13.09 82.23 95.23
N VAL KC 61 -14.25 82.60 94.69
CA VAL KC 61 -14.91 83.86 94.99
C VAL KC 61 -16.22 83.54 95.69
N ILE KC 62 -16.60 84.40 96.65
CA ILE KC 62 -17.80 84.21 97.46
C ILE KC 62 -18.60 85.52 97.46
N THR KC 63 -19.69 85.51 98.22
CA THR KC 63 -20.50 86.67 98.51
C THR KC 63 -20.71 86.78 100.01
N PRO KC 64 -20.81 88.00 100.55
CA PRO KC 64 -21.13 88.15 101.96
C PRO KC 64 -22.58 87.76 102.22
N PRO KC 65 -22.90 87.29 103.44
CA PRO KC 65 -24.29 86.90 103.74
C PRO KC 65 -25.25 88.07 103.90
N SER KC 66 -24.76 89.31 103.94
CA SER KC 66 -25.65 90.46 104.07
C SER KC 66 -26.39 90.73 102.77
N LYS KC 67 -25.74 90.55 101.63
CA LYS KC 67 -26.32 90.84 100.32
C LYS KC 67 -26.61 89.59 99.51
N ASP KC 68 -26.78 88.44 100.16
CA ASP KC 68 -27.14 87.21 99.46
C ASP KC 68 -28.57 87.29 98.97
N ASN KC 69 -28.78 87.08 97.68
CA ASN KC 69 -30.10 87.22 97.06
C ASN KC 69 -30.80 85.86 97.02
N THR KC 70 -31.22 85.44 98.20
CA THR KC 70 -31.95 84.18 98.39
C THR KC 70 -33.06 84.42 99.39
N LEU KC 71 -34.24 83.86 99.12
CA LEU KC 71 -35.39 84.03 100.00
C LEU KC 71 -35.15 83.35 101.33
N THR KC 72 -35.44 84.07 102.42
CA THR KC 72 -35.28 83.54 103.76
C THR KC 72 -36.54 82.75 104.16
N ILE KC 73 -36.50 82.16 105.34
CA ILE KC 73 -37.65 81.40 105.82
C ILE KC 73 -38.73 82.38 106.31
N PRO KC 74 -39.94 82.33 105.78
CA PRO KC 74 -40.97 83.32 106.16
C PRO KC 74 -41.63 83.04 107.51
N ASN KC 75 -41.25 81.96 108.19
CA ASN KC 75 -41.59 81.48 109.54
C ASN KC 75 -43.01 81.75 109.99
N ALA KC 76 -43.98 81.55 109.10
CA ALA KC 76 -45.38 81.54 109.47
C ALA KC 76 -45.76 80.15 109.98
N TYR KC 77 -46.89 80.08 110.67
CA TYR KC 77 -47.30 78.82 111.28
C TYR KC 77 -47.78 77.81 110.25
N ASN KC 78 -48.43 78.28 109.18
CA ASN KC 78 -48.97 77.37 108.18
C ASN KC 78 -47.93 76.84 107.21
N LEU KC 79 -46.71 77.38 107.22
CA LEU KC 79 -45.67 77.00 106.27
C LEU KC 79 -44.67 76.00 106.85
N GLN KC 80 -44.90 75.52 108.06
CA GLN KC 80 -44.03 74.51 108.66
C GLN KC 80 -44.55 73.09 108.48
N ALA KC 81 -45.62 72.91 107.73
CA ALA KC 81 -46.16 71.57 107.50
C ALA KC 81 -45.25 70.79 106.55
N ARG KC 82 -45.06 69.52 106.85
CA ARG KC 82 -44.22 68.65 106.04
C ARG KC 82 -44.97 68.20 104.79
N ALA KC 83 -44.21 67.87 103.75
CA ALA KC 83 -44.79 67.46 102.48
C ALA KC 83 -43.82 66.55 101.74
N SER KC 84 -44.36 65.81 100.76
CA SER KC 84 -43.57 64.97 99.88
C SER KC 84 -43.92 65.34 98.45
N VAL KC 85 -42.93 65.85 97.70
CA VAL KC 85 -43.16 66.41 96.38
C VAL KC 85 -42.23 65.72 95.39
N ASP KC 86 -42.79 65.23 94.28
CA ASP KC 86 -42.02 64.73 93.15
C ASP KC 86 -42.57 65.43 91.91
N TRP KC 87 -41.80 66.36 91.36
CA TRP KC 87 -42.26 67.20 90.27
C TRP KC 87 -41.09 67.58 89.38
N SER KC 88 -41.35 67.61 88.06
CA SER KC 88 -40.36 68.11 87.10
C SER KC 88 -41.15 68.76 85.96
N GLY KC 89 -41.33 70.08 86.06
CA GLY KC 89 -42.09 70.81 85.08
C GLY KC 89 -42.07 72.31 85.31
N PRO KC 90 -43.15 72.99 84.90
CA PRO KC 90 -43.22 74.45 85.07
C PRO KC 90 -43.35 74.86 86.53
N ILE KC 91 -42.95 76.10 86.79
CA ILE KC 91 -42.86 76.61 88.15
C ILE KC 91 -44.22 77.06 88.69
N GLU KC 92 -45.11 77.52 87.79
CA GLU KC 92 -46.35 78.17 88.22
C GLU KC 92 -47.33 77.18 88.85
N GLU KC 93 -47.48 75.99 88.25
CA GLU KC 93 -48.38 74.97 88.77
C GLU KC 93 -47.93 74.48 90.14
N LEU KC 94 -46.63 74.22 90.30
CA LEU KC 94 -46.10 73.77 91.58
C LEU KC 94 -46.21 74.85 92.65
N THR KC 95 -45.97 76.12 92.29
CA THR KC 95 -46.06 77.19 93.27
C THR KC 95 -47.51 77.43 93.68
N ALA KC 96 -48.45 77.33 92.73
CA ALA KC 96 -49.86 77.44 93.05
C ALA KC 96 -50.33 76.29 93.94
N ARG KC 97 -49.84 75.08 93.68
CA ARG KC 97 -50.21 73.94 94.53
C ARG KC 97 -49.63 74.07 95.94
N ILE KC 98 -48.40 74.60 96.05
CA ILE KC 98 -47.80 74.83 97.36
C ILE KC 98 -48.58 75.89 98.13
N ALA KC 99 -48.99 76.97 97.45
CA ALA KC 99 -49.80 78.01 98.09
C ALA KC 99 -51.17 77.50 98.50
N LYS KC 100 -51.79 76.64 97.68
CA LYS KC 100 -53.09 76.06 98.02
C LYS KC 100 -52.95 75.13 99.23
N ALA KC 101 -51.88 74.33 99.28
CA ALA KC 101 -51.64 73.46 100.42
C ALA KC 101 -51.31 74.24 101.68
N ALA KC 102 -50.70 75.41 101.54
CA ALA KC 102 -50.40 76.28 102.66
C ALA KC 102 -51.53 77.24 102.98
N HIS KC 103 -52.65 77.15 102.24
CA HIS KC 103 -53.88 77.94 102.45
C HIS KC 103 -53.61 79.43 102.27
N PHE KC 104 -52.77 79.77 101.31
CA PHE KC 104 -52.50 81.14 100.92
C PHE KC 104 -53.26 81.46 99.64
N ARG KC 105 -53.19 82.72 99.23
CA ARG KC 105 -53.56 83.12 97.88
C ARG KC 105 -52.31 83.15 97.02
N PHE KC 106 -52.50 83.09 95.71
CA PHE KC 106 -51.38 83.02 94.78
C PHE KC 106 -51.60 84.02 93.64
N ARG KC 107 -50.61 84.86 93.38
CA ARG KC 107 -50.73 85.82 92.29
C ARG KC 107 -49.42 85.90 91.50
N VAL KC 108 -49.55 86.26 90.23
CA VAL KC 108 -48.44 86.32 89.28
C VAL KC 108 -48.34 87.74 88.73
N LEU KC 109 -47.13 88.30 88.76
CA LEU KC 109 -46.85 89.59 88.13
C LEU KC 109 -45.71 89.40 87.13
N GLY KC 110 -46.00 89.66 85.86
CA GLY KC 110 -45.04 89.56 84.80
C GLY KC 110 -45.67 88.90 83.58
N LYS KC 111 -44.82 88.46 82.66
CA LYS KC 111 -45.26 87.81 81.44
C LYS KC 111 -44.52 86.49 81.28
N SER KC 112 -45.25 85.42 81.01
CA SER KC 112 -44.63 84.12 80.79
C SER KC 112 -43.90 84.10 79.45
N PRO KC 113 -42.68 83.59 79.40
CA PRO KC 113 -41.93 83.56 78.14
C PRO KC 113 -42.42 82.45 77.23
N SER KC 114 -41.83 82.38 76.03
CA SER KC 114 -42.15 81.32 75.09
C SER KC 114 -41.67 79.97 75.59
N VAL KC 115 -40.47 79.93 76.14
CA VAL KC 115 -39.94 78.73 76.80
C VAL KC 115 -40.17 78.89 78.30
N PRO KC 116 -40.96 78.03 78.93
CA PRO KC 116 -41.26 78.20 80.35
C PRO KC 116 -40.07 77.83 81.23
N VAL KC 117 -40.11 78.35 82.46
CA VAL KC 117 -39.07 78.05 83.45
C VAL KC 117 -39.35 76.67 84.03
N LEU KC 118 -38.36 75.79 83.94
CA LEU KC 118 -38.50 74.39 84.33
C LEU KC 118 -37.68 74.11 85.57
N ILE KC 119 -38.32 73.58 86.60
CA ILE KC 119 -37.67 73.21 87.86
C ILE KC 119 -37.93 71.73 88.12
N SER KC 120 -37.24 71.19 89.11
CA SER KC 120 -37.37 69.78 89.46
C SER KC 120 -37.15 69.61 90.95
N ILE KC 121 -38.18 69.18 91.67
CA ILE KC 121 -38.14 68.99 93.12
C ILE KC 121 -38.45 67.53 93.41
N SER KC 122 -37.59 66.89 94.21
CA SER KC 122 -37.78 65.49 94.58
C SER KC 122 -37.42 65.33 96.05
N THR KC 123 -38.44 65.27 96.91
CA THR KC 123 -38.22 65.09 98.33
C THR KC 123 -39.41 64.36 98.93
N LYS KC 124 -39.17 63.70 100.08
CA LYS KC 124 -40.19 62.96 100.78
C LYS KC 124 -40.57 63.55 102.13
N ASP KC 125 -39.71 64.39 102.71
CA ASP KC 125 -40.01 65.01 104.01
C ASP KC 125 -39.28 66.35 104.05
N GLU KC 126 -40.01 67.42 103.74
CA GLU KC 126 -39.43 68.75 103.68
C GLU KC 126 -40.53 69.78 103.90
N SER KC 127 -40.22 70.84 104.63
CA SER KC 127 -41.18 71.88 104.93
C SER KC 127 -41.48 72.72 103.67
N LEU KC 128 -42.66 73.35 103.68
CA LEU KC 128 -43.12 74.14 102.54
C LEU KC 128 -42.26 75.38 102.34
N ALA KC 129 -41.77 75.98 103.43
CA ALA KC 129 -40.87 77.13 103.31
C ALA KC 129 -39.54 76.74 102.66
N GLU KC 130 -39.01 75.57 103.00
CA GLU KC 130 -37.78 75.10 102.38
C GLU KC 130 -38.01 74.71 100.93
N ILE KC 131 -39.19 74.17 100.61
CA ILE KC 131 -39.54 73.88 99.22
C ILE KC 131 -39.62 75.17 98.41
N LEU KC 132 -40.24 76.21 98.97
CA LEU KC 132 -40.31 77.51 98.30
C LEU KC 132 -38.92 78.14 98.13
N ARG KC 133 -38.06 77.98 99.13
CA ARG KC 133 -36.68 78.48 99.03
C ARG KC 133 -35.91 77.76 97.94
N ASP KC 134 -36.08 76.44 97.82
CA ASP KC 134 -35.42 75.69 96.75
C ASP KC 134 -35.97 76.06 95.38
N ILE KC 135 -37.28 76.33 95.30
CA ILE KC 135 -37.89 76.79 94.05
C ILE KC 135 -37.32 78.15 93.64
N ASP KC 136 -37.19 79.07 94.60
CA ASP KC 136 -36.63 80.38 94.32
C ASP KC 136 -35.15 80.32 93.95
N TYR KC 137 -34.41 79.37 94.54
CA TYR KC 137 -33.01 79.19 94.15
C TYR KC 137 -32.91 78.60 92.74
N GLN KC 138 -33.75 77.62 92.42
CA GLN KC 138 -33.68 76.98 91.11
C GLN KC 138 -34.24 77.86 90.00
N ALA KC 139 -35.08 78.85 90.33
CA ALA KC 139 -35.60 79.75 89.31
C ALA KC 139 -34.52 80.67 88.75
N GLY KC 140 -33.57 81.08 89.58
CA GLY KC 140 -32.48 81.91 89.10
C GLY KC 140 -32.92 83.36 88.94
N LYS KC 141 -32.37 84.01 87.92
CA LYS KC 141 -32.65 85.42 87.67
C LYS KC 141 -33.93 85.64 86.88
N LYS KC 142 -34.56 84.59 86.37
CA LYS KC 142 -35.74 84.75 85.53
C LYS KC 142 -37.00 85.01 86.34
N ALA KC 143 -37.07 84.50 87.56
CA ALA KC 143 -38.27 84.67 88.38
C ALA KC 143 -37.88 84.73 89.85
N SER KC 144 -38.80 85.26 90.66
CA SER KC 144 -38.61 85.37 92.09
C SER KC 144 -39.95 85.12 92.80
N ILE KC 145 -39.87 84.71 94.05
CA ILE KC 145 -41.03 84.37 94.85
C ILE KC 145 -40.98 85.22 96.13
N HIS KC 146 -42.06 85.96 96.39
CA HIS KC 146 -42.22 86.74 97.60
C HIS KC 146 -43.38 86.19 98.41
N VAL KC 147 -43.24 86.22 99.73
CA VAL KC 147 -44.26 85.71 100.63
C VAL KC 147 -44.67 86.84 101.56
N TYR KC 148 -45.96 87.17 101.57
CA TYR KC 148 -46.50 88.16 102.50
C TYR KC 148 -47.36 87.44 103.53
N PRO KC 149 -46.97 87.50 104.81
CA PRO KC 149 -47.75 86.86 105.89
C PRO KC 149 -48.66 87.80 106.67
N ASN KC 150 -48.85 89.06 106.23
CA ASN KC 150 -49.86 89.90 106.85
C ASN KC 150 -51.21 89.79 106.14
N SER KC 151 -51.20 89.91 104.81
CA SER KC 151 -52.27 89.43 103.95
C SER KC 151 -51.72 88.16 103.28
N GLN KC 152 -52.40 87.04 103.48
CA GLN KC 152 -51.82 85.70 103.31
C GLN KC 152 -51.64 85.39 101.83
N VAL KC 153 -50.52 85.86 101.25
CA VAL KC 153 -50.40 85.75 99.79
C VAL KC 153 -48.96 85.38 99.41
N VAL KC 154 -48.84 84.66 98.30
CA VAL KC 154 -47.56 84.33 97.66
C VAL KC 154 -47.58 84.92 96.26
N GLU KC 155 -46.54 85.70 95.94
CA GLU KC 155 -46.42 86.39 94.66
C GLU KC 155 -45.26 85.80 93.87
N LEU KC 156 -45.50 85.52 92.60
CA LEU KC 156 -44.47 85.08 91.67
C LEU KC 156 -44.21 86.20 90.66
N ARG KC 157 -43.01 86.76 90.68
CA ARG KC 157 -42.66 87.90 89.87
C ARG KC 157 -41.65 87.48 88.80
N TYR KC 158 -41.99 87.75 87.54
CA TYR KC 158 -41.08 87.45 86.44
C TYR KC 158 -40.09 88.60 86.23
N ALA KC 159 -39.05 88.33 85.45
CA ALA KC 159 -38.03 89.32 85.16
C ALA KC 159 -38.32 90.01 83.84
N LYS KC 160 -38.05 91.32 83.79
CA LYS KC 160 -38.29 92.10 82.59
C LYS KC 160 -37.23 91.82 81.52
N ILE LC 208 -5.00 106.46 109.68
CA ILE LC 208 -4.41 105.88 110.88
C ILE LC 208 -5.32 104.74 111.37
N ILE LC 209 -4.74 103.81 112.13
CA ILE LC 209 -5.48 102.67 112.66
C ILE LC 209 -4.87 102.31 114.01
N TYR LC 210 -5.70 101.83 114.92
CA TYR LC 210 -5.31 101.50 116.28
C TYR LC 210 -5.41 100.00 116.53
N TYR LC 211 -4.48 99.48 117.33
CA TYR LC 211 -4.52 98.11 117.81
C TYR LC 211 -4.36 98.12 119.33
N ILE LC 212 -4.98 97.14 119.98
CA ILE LC 212 -4.93 97.06 121.43
C ILE LC 212 -3.63 96.37 121.85
N GLN LC 213 -3.04 96.85 122.94
CA GLN LC 213 -1.78 96.34 123.44
C GLN LC 213 -1.98 95.41 124.64
N ALA LC 214 -2.74 95.84 125.63
CA ALA LC 214 -3.12 95.00 126.76
C ALA LC 214 -4.51 95.42 127.22
N VAL LC 215 -5.21 94.50 127.88
CA VAL LC 215 -6.60 94.70 128.24
C VAL LC 215 -6.81 94.25 129.69
N ILE LC 216 -7.67 94.96 130.40
CA ILE LC 216 -8.12 94.59 131.75
C ILE LC 216 -9.63 94.82 131.79
N PRO LC 217 -10.34 94.15 132.72
CA PRO LC 217 -11.74 94.54 132.95
C PRO LC 217 -11.87 95.98 133.43
N GLY LC 218 -12.42 96.83 132.57
CA GLY LC 218 -12.61 98.23 132.91
C GLY LC 218 -11.82 99.21 132.06
N ARG LC 219 -10.59 98.87 131.70
CA ARG LC 219 -9.67 99.79 131.05
C ARG LC 219 -8.91 99.06 129.97
N ALA LC 220 -8.33 99.82 129.03
CA ALA LC 220 -7.53 99.19 127.98
C ALA LC 220 -6.40 100.11 127.55
N TRP LC 221 -5.35 99.49 127.01
CA TRP LC 221 -4.16 100.17 126.53
C TRP LC 221 -4.07 99.98 125.03
N LEU LC 222 -3.93 101.08 124.30
CA LEU LC 222 -3.94 101.09 122.84
C LEU LC 222 -2.63 101.63 122.30
N ILE LC 223 -2.23 101.11 121.13
CA ILE LC 223 -1.07 101.58 120.40
C ILE LC 223 -1.51 101.89 118.97
N GLY LC 224 -0.89 102.89 118.36
CA GLY LC 224 -1.25 103.34 117.04
C GLY LC 224 -0.21 103.00 115.98
N SER LC 225 -0.50 103.46 114.76
CA SER LC 225 0.42 103.26 113.64
C SER LC 225 1.67 104.13 113.80
N ASN LC 226 1.53 105.30 114.42
CA ASN LC 226 2.66 106.19 114.65
C ASN LC 226 3.46 105.85 115.91
N GLY LC 227 3.01 104.86 116.68
CA GLY LC 227 3.72 104.46 117.88
C GLY LC 227 3.36 105.24 119.13
N SER LC 228 2.22 105.91 119.16
CA SER LC 228 1.79 106.69 120.31
C SER LC 228 0.85 105.87 121.18
N THR LC 229 1.16 105.79 122.47
CA THR LC 229 0.33 105.03 123.40
C THR LC 229 -0.92 105.82 123.77
N LEU LC 230 -1.94 105.10 124.22
CA LEU LC 230 -3.19 105.70 124.64
C LEU LC 230 -3.83 104.81 125.70
N THR LC 231 -4.55 105.44 126.62
CA THR LC 231 -5.30 104.72 127.66
C THR LC 231 -6.77 105.05 127.47
N VAL LC 232 -7.60 104.02 127.36
CA VAL LC 232 -9.03 104.20 127.09
C VAL LC 232 -9.84 103.54 128.20
N ARG LC 233 -10.90 104.24 128.62
CA ARG LC 233 -11.81 103.83 129.66
C ARG LC 233 -13.08 103.32 128.97
N GLU LC 234 -14.03 102.78 129.75
CA GLU LC 234 -15.31 102.31 129.22
C GLU LC 234 -16.09 103.43 128.55
N GLY LC 235 -16.14 104.61 129.18
CA GLY LC 235 -16.69 105.77 128.53
C GLY LC 235 -15.68 106.89 128.34
N SER LC 236 -15.25 107.11 127.11
CA SER LC 236 -14.29 108.16 126.78
C SER LC 236 -14.37 108.45 125.29
N LYS LC 237 -13.77 109.57 124.90
CA LYS LC 237 -13.74 109.99 123.50
C LYS LC 237 -12.41 109.61 122.87
N ILE LC 238 -12.48 109.12 121.63
CA ILE LC 238 -11.29 108.72 120.87
C ILE LC 238 -11.36 109.35 119.48
N PRO LC 239 -10.25 109.88 118.96
CA PRO LC 239 -10.28 110.41 117.59
C PRO LC 239 -10.16 109.31 116.55
N GLY LC 240 -10.92 109.46 115.47
CA GLY LC 240 -10.90 108.54 114.35
C GLY LC 240 -11.80 107.33 114.49
N TYR LC 241 -12.40 107.12 115.65
CA TYR LC 241 -13.29 105.98 115.87
C TYR LC 241 -14.64 106.38 116.45
N GLY LC 242 -14.67 107.38 117.33
CA GLY LC 242 -15.93 107.84 117.89
C GLY LC 242 -16.06 107.62 119.39
N MET LC 243 -17.06 106.83 119.79
CA MET LC 243 -17.37 106.60 121.19
C MET LC 243 -17.25 105.11 121.50
N VAL LC 244 -16.61 104.78 122.61
CA VAL LC 244 -16.45 103.40 123.06
C VAL LC 244 -17.67 103.03 123.91
N LYS LC 245 -18.35 101.95 123.53
CA LYS LC 245 -19.52 101.50 124.27
C LYS LC 245 -19.34 100.18 124.99
N LEU LC 246 -18.31 99.39 124.65
CA LEU LC 246 -18.13 98.09 125.25
C LEU LC 246 -16.65 97.73 125.22
N ILE LC 247 -16.18 97.15 126.31
CA ILE LC 247 -14.82 96.62 126.41
C ILE LC 247 -14.93 95.16 126.87
N ASP LC 248 -14.44 94.24 126.05
CA ASP LC 248 -14.50 92.82 126.37
C ASP LC 248 -13.15 92.37 126.90
N SER LC 249 -13.17 91.62 128.01
CA SER LC 249 -11.96 91.11 128.64
C SER LC 249 -11.67 89.66 128.28
N LEU LC 250 -12.70 88.83 128.11
CA LEU LC 250 -12.48 87.43 127.74
C LEU LC 250 -12.00 87.32 126.30
N GLN LC 251 -12.56 88.13 125.41
CA GLN LC 251 -12.12 88.21 124.02
C GLN LC 251 -11.51 89.58 123.76
N GLY LC 252 -10.46 89.61 122.95
CA GLY LC 252 -9.76 90.85 122.68
C GLY LC 252 -10.48 91.76 121.71
N ARG LC 253 -11.59 92.36 122.16
CA ARG LC 253 -12.44 93.18 121.32
C ARG LC 253 -12.82 94.45 122.07
N ILE LC 254 -12.70 95.61 121.42
CA ILE LC 254 -13.38 96.82 121.88
C ILE LC 254 -14.16 97.40 120.71
N LEU LC 255 -15.38 97.84 120.98
CA LEU LC 255 -16.31 98.28 119.94
C LEU LC 255 -16.40 99.80 119.92
N THR LC 256 -16.54 100.38 118.73
CA THR LC 256 -16.63 101.81 118.57
C THR LC 256 -18.03 102.22 118.11
N SER LC 257 -18.30 103.52 118.17
CA SER LC 257 -19.59 104.05 117.76
C SER LC 257 -19.76 104.10 116.25
N SER LC 258 -18.66 104.07 115.49
CA SER LC 258 -18.74 104.06 114.04
C SER LC 258 -19.15 102.72 113.45
N GLY LC 259 -19.20 101.67 114.27
CA GLY LC 259 -19.61 100.37 113.82
C GLY LC 259 -18.49 99.39 113.54
N GLN LC 260 -17.33 99.56 114.17
CA GLN LC 260 -16.19 98.69 113.94
C GLN LC 260 -15.50 98.33 115.25
N VAL LC 261 -14.76 97.24 115.20
CA VAL LC 261 -14.14 96.63 116.37
C VAL LC 261 -12.63 96.70 116.23
N ILE LC 262 -11.95 97.00 117.34
CA ILE LC 262 -10.50 96.98 117.44
C ILE LC 262 -10.09 95.71 118.18
N LYS LC 263 -9.19 94.95 117.57
CA LYS LC 263 -8.72 93.66 118.04
C LYS LC 263 -7.21 93.74 118.29
N PHE LC 264 -6.61 92.59 118.59
CA PHE LC 264 -5.16 92.50 118.72
C PHE LC 264 -4.49 92.52 117.35
N SER LC 265 -3.17 92.66 117.37
CA SER LC 265 -2.40 92.66 116.14
C SER LC 265 -2.21 91.23 115.63
N GLN LC 266 -1.84 91.12 114.36
CA GLN LC 266 -1.64 89.83 113.73
C GLN LC 266 -0.18 89.63 113.32
N THR MC 28 10.56 30.88 85.89
CA THR MC 28 9.36 30.86 86.72
C THR MC 28 9.69 31.19 88.17
N GLY MC 29 9.50 32.44 88.55
CA GLY MC 29 9.76 32.88 89.91
C GLY MC 29 11.08 33.65 90.00
N SER MC 30 12.07 33.06 90.65
CA SER MC 30 13.34 33.70 90.92
C SER MC 30 14.45 33.06 90.08
N LEU MC 31 15.65 33.62 90.21
CA LEU MC 31 16.82 33.06 89.52
C LEU MC 31 17.21 31.71 90.11
N ALA MC 32 17.08 31.55 91.42
CA ALA MC 32 17.30 30.25 92.04
C ALA MC 32 16.23 29.24 91.62
N GLY MC 33 14.99 29.70 91.43
CA GLY MC 33 13.96 28.82 90.90
C GLY MC 33 14.23 28.41 89.46
N LEU MC 34 14.82 29.31 88.66
CA LEU MC 34 15.26 28.94 87.32
C LEU MC 34 16.41 27.95 87.37
N GLN MC 35 17.34 28.14 88.29
CA GLN MC 35 18.49 27.24 88.42
C GLN MC 35 18.20 26.10 89.39
N LYS MC 60 -10.95 14.73 81.39
CA LYS MC 60 -10.84 15.88 82.28
C LYS MC 60 -11.87 16.94 81.94
N GLU MC 61 -11.92 17.33 80.66
CA GLU MC 61 -12.84 18.38 80.21
C GLU MC 61 -14.28 17.88 80.09
N THR MC 62 -14.51 16.57 80.07
CA THR MC 62 -15.87 16.05 79.98
C THR MC 62 -16.59 16.04 81.32
N ALA MC 63 -15.85 16.15 82.43
CA ALA MC 63 -16.47 16.15 83.75
C ALA MC 63 -17.29 17.41 83.98
N LEU MC 64 -16.80 18.56 83.53
CA LEU MC 64 -17.55 19.80 83.59
C LEU MC 64 -18.84 19.73 82.79
N SER MC 65 -18.76 19.14 81.59
CA SER MC 65 -19.91 19.01 80.71
C SER MC 65 -20.97 18.07 81.29
N VAL MC 66 -20.53 16.96 81.90
CA VAL MC 66 -21.52 16.04 82.47
C VAL MC 66 -22.04 16.54 83.82
N GLY MC 67 -21.32 17.42 84.51
CA GLY MC 67 -21.83 17.97 85.75
C GLY MC 67 -22.77 19.16 85.58
N ALA MC 68 -22.57 19.93 84.50
CA ALA MC 68 -23.34 21.15 84.30
C ALA MC 68 -24.83 20.86 84.04
N GLN MC 69 -25.12 19.85 83.22
CA GLN MC 69 -26.51 19.55 82.89
C GLN MC 69 -27.24 18.95 84.08
N ALA MC 70 -26.54 18.25 84.95
CA ALA MC 70 -27.17 17.73 86.16
C ALA MC 70 -27.44 18.84 87.17
N GLY MC 71 -26.45 19.72 87.36
CA GLY MC 71 -26.62 20.81 88.32
C GLY MC 71 -27.69 21.81 87.90
N LEU MC 72 -27.77 22.10 86.58
CA LEU MC 72 -28.79 23.01 86.07
C LEU MC 72 -30.19 22.46 86.30
N ALA MC 73 -30.40 21.17 86.02
CA ALA MC 73 -31.72 20.57 86.20
C ALA MC 73 -32.09 20.45 87.67
N TRP MC 74 -31.12 20.09 88.53
CA TRP MC 74 -31.39 19.99 89.97
C TRP MC 74 -31.75 21.34 90.57
N ARG MC 75 -31.00 22.40 90.21
CA ARG MC 75 -31.31 23.73 90.71
C ARG MC 75 -32.64 24.25 90.15
N ALA MC 76 -32.96 23.91 88.89
CA ALA MC 76 -34.24 24.30 88.32
C ALA MC 76 -35.40 23.62 89.04
N LYS MC 77 -35.27 22.34 89.40
CA LYS MC 77 -36.31 21.65 90.15
C LYS MC 77 -36.50 22.24 91.54
N ILE MC 78 -35.39 22.58 92.22
CA ILE MC 78 -35.49 23.18 93.55
C ILE MC 78 -36.13 24.57 93.48
N ILE MC 79 -35.77 25.36 92.46
CA ILE MC 79 -36.36 26.68 92.27
C ILE MC 79 -37.85 26.58 91.94
N ASP MC 80 -38.25 25.56 91.16
CA ASP MC 80 -39.67 25.35 90.86
C ASP MC 80 -40.45 24.96 92.11
N GLU MC 81 -39.86 24.13 92.97
CA GLU MC 81 -40.51 23.78 94.24
C GLU MC 81 -40.65 24.99 95.15
N GLN MC 82 -39.62 25.84 95.22
CA GLN MC 82 -39.70 27.05 96.03
C GLN MC 82 -40.71 28.05 95.47
N LEU MC 83 -40.86 28.09 94.15
CA LEU MC 83 -41.90 28.93 93.55
C LEU MC 83 -43.29 28.39 93.86
N ASN MC 84 -43.46 27.07 93.85
CA ASN MC 84 -44.75 26.47 94.17
C ASN MC 84 -45.10 26.60 95.65
N LYS MC 85 -44.11 26.75 96.54
CA LYS MC 85 -44.40 26.94 97.95
C LYS MC 85 -45.07 28.28 98.23
N GLN MC 86 -44.70 29.32 97.48
CA GLN MC 86 -45.15 30.69 97.74
C GLN MC 86 -46.11 31.19 96.67
N ALA MC 87 -47.10 30.36 96.30
CA ALA MC 87 -47.94 30.66 95.15
C ALA MC 87 -48.91 31.80 95.43
N ARG MC 88 -49.57 31.78 96.60
CA ARG MC 88 -50.60 32.79 96.89
C ARG MC 88 -50.01 34.16 97.14
N ASN MC 89 -48.82 34.24 97.75
CA ASN MC 89 -48.15 35.51 97.94
C ASN MC 89 -47.73 36.14 96.62
N LEU MC 90 -47.32 35.33 95.65
CA LEU MC 90 -46.96 35.85 94.33
C LEU MC 90 -48.18 36.39 93.60
N ASP MC 91 -49.33 35.74 93.74
CA ASP MC 91 -50.57 36.28 93.18
C ASP MC 91 -51.01 37.55 93.89
N ALA MC 92 -50.73 37.65 95.19
CA ALA MC 92 -51.03 38.90 95.91
C ALA MC 92 -50.12 40.04 95.45
N ILE MC 93 -48.84 39.73 95.18
CA ILE MC 93 -47.89 40.77 94.80
C ILE MC 93 -48.10 41.21 93.35
N TYR MC 94 -48.02 40.27 92.41
CA TYR MC 94 -48.12 40.60 90.99
C TYR MC 94 -49.57 40.43 90.53
N ASP MC 95 -50.40 41.38 90.94
CA ASP MC 95 -51.83 41.36 90.66
C ASP MC 95 -52.08 42.11 89.36
N PHE MC 96 -51.97 41.38 88.23
CA PHE MC 96 -52.24 41.96 86.93
C PHE MC 96 -53.72 42.19 86.68
N ASN MC 97 -54.60 41.50 87.42
CA ASN MC 97 -56.04 41.55 87.15
C ASN MC 97 -56.65 42.89 87.53
N SER MC 98 -56.16 43.53 88.59
CA SER MC 98 -56.75 44.77 89.07
C SER MC 98 -56.15 46.01 88.43
N LEU MC 99 -55.27 45.86 87.45
CA LEU MC 99 -54.72 46.97 86.69
C LEU MC 99 -55.34 47.11 85.31
N VAL MC 100 -56.28 46.23 84.97
CA VAL MC 100 -56.90 46.22 83.64
C VAL MC 100 -57.90 47.36 83.57
N LEU MC 101 -57.96 48.02 82.39
CA LEU MC 101 -58.83 49.18 82.20
C LEU MC 101 -60.27 48.75 81.96
N GLU MC 102 -61.09 49.68 81.46
CA GLU MC 102 -62.55 49.53 81.47
C GLU MC 102 -63.03 48.45 80.50
N HIS MC 103 -62.54 48.48 79.26
CA HIS MC 103 -63.03 47.59 78.20
C HIS MC 103 -62.12 46.38 78.01
N ASN MC 104 -61.55 45.88 79.10
CA ASN MC 104 -60.56 44.78 79.12
C ASN MC 104 -59.37 45.10 78.22
N ILE MC 105 -58.70 46.19 78.56
CA ILE MC 105 -57.53 46.68 77.84
C ILE MC 105 -56.34 46.66 78.78
N LEU MC 106 -55.26 45.99 78.39
CA LEU MC 106 -54.05 46.00 79.19
C LEU MC 106 -53.40 47.38 79.09
N PRO MC 107 -52.98 47.97 80.22
CA PRO MC 107 -52.35 49.29 80.17
C PRO MC 107 -50.98 49.22 79.54
N PRO MC 108 -50.51 50.30 78.92
CA PRO MC 108 -49.18 50.29 78.30
C PRO MC 108 -48.07 50.35 79.34
N VAL MC 109 -46.85 50.06 78.87
CA VAL MC 109 -45.66 50.01 79.70
C VAL MC 109 -44.84 51.26 79.42
N LEU MC 110 -44.51 52.01 80.47
CA LEU MC 110 -43.75 53.25 80.35
C LEU MC 110 -42.43 53.12 81.08
N LEU MC 111 -41.38 53.70 80.49
CA LEU MC 111 -40.03 53.68 81.05
C LEU MC 111 -39.58 55.11 81.33
N GLU MC 112 -38.88 55.28 82.45
CA GLU MC 112 -38.45 56.59 82.94
C GLU MC 112 -36.94 56.60 83.15
N GLY MC 113 -36.30 57.68 82.71
CA GLY MC 113 -34.90 57.91 83.01
C GLY MC 113 -34.70 59.31 83.54
N ARG MC 114 -33.70 59.44 84.43
CA ARG MC 114 -33.40 60.70 85.08
C ARG MC 114 -31.93 61.05 84.92
N ASN MC 115 -31.67 62.35 84.72
CA ASN MC 115 -30.34 62.95 84.69
C ASN MC 115 -29.46 62.32 83.61
N THR MC 116 -29.88 62.48 82.36
CA THR MC 116 -29.29 61.76 81.25
C THR MC 116 -28.19 62.60 80.62
N LEU MC 117 -27.05 61.97 80.34
CA LEU MC 117 -25.96 62.67 79.66
C LEU MC 117 -25.45 61.82 78.51
N ASN MC 118 -25.12 62.48 77.40
CA ASN MC 118 -24.44 61.84 76.28
C ASN MC 118 -23.27 62.68 75.81
N LEU MC 119 -22.10 62.04 75.76
CA LEU MC 119 -20.91 62.56 75.07
C LEU MC 119 -20.94 62.00 73.65
N ALA MC 120 -21.51 62.76 72.72
CA ALA MC 120 -21.59 62.31 71.33
C ALA MC 120 -20.22 62.30 70.68
N ASP MC 121 -19.51 63.42 70.77
CA ASP MC 121 -18.15 63.58 70.25
C ASP MC 121 -17.49 64.73 71.02
N ALA MC 122 -16.24 65.04 70.66
CA ALA MC 122 -15.55 66.13 71.31
C ALA MC 122 -16.13 67.47 70.86
N GLN MC 123 -16.11 68.43 71.79
CA GLN MC 123 -16.60 69.82 71.74
C GLN MC 123 -18.12 69.94 71.84
N SER MC 124 -18.86 68.85 72.00
CA SER MC 124 -20.32 68.91 72.04
C SER MC 124 -20.90 67.80 72.90
N ILE MC 125 -21.77 68.16 73.86
CA ILE MC 125 -22.45 67.22 74.72
C ILE MC 125 -23.94 67.55 74.75
N ARG MC 126 -24.75 66.54 75.08
CA ARG MC 126 -26.19 66.74 75.20
C ARG MC 126 -26.67 66.18 76.53
N ILE MC 127 -27.39 67.01 77.30
CA ILE MC 127 -27.91 66.58 78.59
C ILE MC 127 -29.41 66.81 78.64
N SER MC 128 -30.07 66.03 79.50
CA SER MC 128 -31.50 66.21 79.73
C SER MC 128 -31.83 65.85 81.16
N ASP MC 129 -32.91 66.44 81.67
CA ASP MC 129 -33.33 66.24 83.05
C ASP MC 129 -34.05 64.91 83.24
N ARG MC 130 -35.16 64.70 82.53
CA ARG MC 130 -35.88 63.44 82.58
C ARG MC 130 -36.30 63.05 81.18
N THR MC 131 -36.52 61.75 80.98
CA THR MC 131 -37.02 61.22 79.72
C THR MC 131 -38.05 60.13 79.99
N TYR MC 132 -39.09 60.11 79.16
CA TYR MC 132 -40.17 59.13 79.25
C TYR MC 132 -40.34 58.46 77.90
N LYS MC 133 -40.51 57.14 77.91
CA LYS MC 133 -40.63 56.36 76.69
C LYS MC 133 -41.76 55.35 76.83
N VAL MC 134 -42.47 55.10 75.72
CA VAL MC 134 -43.50 54.07 75.67
C VAL MC 134 -42.84 52.80 75.12
N ALA MC 135 -42.76 51.76 75.95
CA ALA MC 135 -42.11 50.52 75.54
C ALA MC 135 -43.09 49.57 74.85
N LYS MC 136 -44.26 49.37 75.43
CA LYS MC 136 -45.30 48.53 74.85
C LYS MC 136 -46.59 49.32 74.78
N GLN MC 137 -47.48 48.91 73.88
CA GLN MC 137 -48.70 49.64 73.58
C GLN MC 137 -49.91 48.86 74.06
N ALA MC 138 -50.98 49.58 74.39
CA ALA MC 138 -52.21 48.99 74.89
C ALA MC 138 -52.92 48.20 73.80
N HIS MC 139 -53.60 47.14 74.21
CA HIS MC 139 -54.32 46.27 73.28
C HIS MC 139 -55.43 45.55 74.02
N PHE MC 140 -56.36 44.99 73.26
CA PHE MC 140 -57.43 44.18 73.84
C PHE MC 140 -56.88 42.86 74.35
N ILE MC 141 -57.41 42.40 75.48
CA ILE MC 141 -57.06 41.10 76.04
C ILE MC 141 -58.33 40.37 76.42
N THR MC 142 -58.23 39.05 76.48
CA THR MC 142 -59.29 38.20 77.00
C THR MC 142 -58.94 37.62 78.38
N THR MC 143 -57.66 37.45 78.68
CA THR MC 143 -57.17 36.92 79.94
C THR MC 143 -56.08 37.83 80.50
N PRO MC 144 -56.00 37.96 81.81
CA PRO MC 144 -54.89 38.71 82.41
C PRO MC 144 -53.64 37.85 82.50
N PRO MC 145 -52.46 38.45 82.45
CA PRO MC 145 -51.23 37.67 82.60
C PRO MC 145 -51.02 37.20 84.04
N THR MC 146 -50.18 36.17 84.17
CA THR MC 146 -49.86 35.56 85.46
C THR MC 146 -48.36 35.47 85.60
N TRP MC 147 -47.90 35.21 86.83
CA TRP MC 147 -46.48 35.13 87.11
C TRP MC 147 -45.83 33.86 86.58
N ARG MC 148 -46.62 32.83 86.27
CA ARG MC 148 -46.06 31.57 85.78
C ARG MC 148 -45.52 31.70 84.36
N GLN MC 149 -46.01 32.66 83.58
CA GLN MC 149 -45.46 32.89 82.24
C GLN MC 149 -44.11 33.57 82.28
N TYR MC 150 -43.72 34.15 83.41
CA TYR MC 150 -42.43 34.82 83.58
C TYR MC 150 -41.44 34.03 84.40
N LEU MC 151 -41.85 33.45 85.52
CA LEU MC 151 -40.92 32.97 86.53
C LEU MC 151 -40.67 31.46 86.49
N TRP MC 152 -41.53 30.69 85.84
CA TRP MC 152 -41.40 29.24 85.85
C TRP MC 152 -40.22 28.80 84.98
N MET MC 153 -39.34 28.00 85.57
CA MET MC 153 -38.19 27.45 84.86
C MET MC 153 -38.50 26.04 84.37
N ASP MC 154 -37.75 25.63 83.34
CA ASP MC 154 -38.04 24.43 82.59
C ASP MC 154 -37.24 23.26 83.12
N TYR MC 155 -37.92 22.14 83.39
CA TYR MC 155 -37.29 20.96 83.97
C TYR MC 155 -37.57 19.73 83.11
N VAL MC 156 -36.52 19.11 82.60
CA VAL MC 156 -36.58 17.79 81.96
C VAL MC 156 -35.50 16.94 82.60
N LYS MC 157 -35.87 15.75 83.08
CA LYS MC 157 -34.95 14.88 83.78
C LYS MC 157 -33.90 14.31 82.82
N PRO MC 158 -32.61 14.58 83.03
CA PRO MC 158 -31.59 14.04 82.14
C PRO MC 158 -31.15 12.63 82.55
N GLU MC 159 -31.44 11.65 81.68
CA GLU MC 159 -31.07 10.26 81.94
C GLU MC 159 -30.08 9.75 80.89
N ALA MC 160 -29.19 10.63 80.43
CA ALA MC 160 -28.19 10.30 79.41
C ALA MC 160 -26.81 10.65 79.94
N PRO MC 161 -26.15 9.74 80.67
CA PRO MC 161 -24.81 9.99 81.21
C PRO MC 161 -23.73 9.97 80.12
N LYS MC 173 -10.56 8.13 87.73
CA LYS MC 173 -11.37 8.75 88.78
C LYS MC 173 -10.51 9.54 89.75
N GLU MC 174 -9.24 9.76 89.37
CA GLU MC 174 -8.34 10.53 90.23
C GLU MC 174 -8.68 12.01 90.21
N ILE MC 175 -8.94 12.57 89.02
CA ILE MC 175 -9.28 13.98 88.86
C ILE MC 175 -10.69 14.17 88.30
N TRP MC 176 -11.48 13.09 88.23
CA TRP MC 176 -12.85 13.19 87.75
C TRP MC 176 -13.76 13.89 88.76
N CYS MC 177 -13.62 13.53 90.04
CA CYS MC 177 -14.50 14.04 91.09
C CYS MC 177 -14.25 15.51 91.37
N ILE MC 178 -13.00 15.97 91.25
CA ILE MC 178 -12.68 17.35 91.56
C ILE MC 178 -13.20 18.31 90.49
N TYR MC 179 -13.45 17.83 89.27
CA TYR MC 179 -13.99 18.66 88.20
C TYR MC 179 -15.50 18.50 88.03
N THR MC 180 -16.05 17.35 88.42
CA THR MC 180 -17.50 17.15 88.34
C THR MC 180 -18.24 18.13 89.27
N GLU MC 181 -17.69 18.36 90.47
CA GLU MC 181 -18.30 19.32 91.38
C GLU MC 181 -18.15 20.76 90.89
N ARG MC 182 -17.10 21.07 90.13
CA ARG MC 182 -16.96 22.39 89.54
C ARG MC 182 -18.00 22.62 88.46
N GLY MC 183 -18.27 21.58 87.64
CA GLY MC 183 -19.37 21.66 86.68
C GLY MC 183 -20.72 21.79 87.35
N TRP MC 184 -20.89 21.12 88.50
CA TRP MC 184 -22.11 21.23 89.31
C TRP MC 184 -22.33 22.68 89.77
N LYS MC 185 -21.27 23.32 90.29
CA LYS MC 185 -21.36 24.70 90.74
C LYS MC 185 -21.64 25.65 89.58
N ASN MC 186 -21.03 25.39 88.41
CA ASN MC 186 -21.29 26.21 87.23
C ASN MC 186 -22.76 26.13 86.78
N GLY MC 187 -23.33 24.92 86.82
CA GLY MC 187 -24.74 24.76 86.47
C GLY MC 187 -25.68 25.46 87.44
N ILE MC 188 -25.36 25.39 88.75
CA ILE MC 188 -26.15 26.09 89.76
C ILE MC 188 -26.10 27.61 89.55
N ASP MC 189 -24.91 28.14 89.26
CA ASP MC 189 -24.77 29.57 89.02
C ASP MC 189 -25.51 30.02 87.77
N GLN MC 190 -25.51 29.19 86.71
CA GLN MC 190 -26.23 29.53 85.49
C GLN MC 190 -27.75 29.55 85.72
N ALA MC 191 -28.26 28.59 86.50
CA ALA MC 191 -29.69 28.59 86.83
C ALA MC 191 -30.08 29.81 87.66
N ASN MC 192 -29.21 30.21 88.59
CA ASN MC 192 -29.47 31.42 89.38
C ASN MC 192 -29.48 32.68 88.51
N THR MC 193 -28.59 32.75 87.52
CA THR MC 193 -28.57 33.88 86.59
C THR MC 193 -29.85 33.94 85.75
N ILE MC 194 -30.34 32.78 85.30
CA ILE MC 194 -31.58 32.72 84.52
C ILE MC 194 -32.77 33.19 85.35
N LEU MC 195 -32.84 32.75 86.61
CA LEU MC 195 -33.91 33.19 87.50
C LEU MC 195 -33.85 34.70 87.77
N GLU MC 196 -32.63 35.24 87.92
CA GLU MC 196 -32.45 36.67 88.11
C GLU MC 196 -32.96 37.48 86.91
N GLU MC 197 -32.68 37.01 85.70
CA GLU MC 197 -33.15 37.70 84.50
C GLU MC 197 -34.67 37.65 84.37
N ASN MC 198 -35.29 36.51 84.74
CA ASN MC 198 -36.75 36.40 84.72
C ASN MC 198 -37.40 37.36 85.71
N ILE MC 199 -36.82 37.46 86.91
CA ILE MC 199 -37.34 38.38 87.93
C ILE MC 199 -37.22 39.82 87.47
N ALA MC 200 -36.10 40.17 86.81
CA ALA MC 200 -35.92 41.52 86.28
C ALA MC 200 -36.95 41.85 85.20
N ARG MC 201 -37.26 40.87 84.34
CA ARG MC 201 -38.24 41.10 83.27
C ARG MC 201 -39.65 41.35 83.82
N ILE MC 202 -40.09 40.51 84.76
CA ILE MC 202 -41.45 40.70 85.31
C ILE MC 202 -41.52 41.97 86.16
N LYS MC 203 -40.42 42.34 86.82
CA LYS MC 203 -40.37 43.59 87.58
C LYS MC 203 -40.48 44.80 86.66
N GLU MC 204 -39.80 44.76 85.51
CA GLU MC 204 -39.89 45.86 84.54
C GLU MC 204 -41.31 46.03 84.00
N ASP MC 205 -41.97 44.90 83.66
CA ASP MC 205 -43.33 44.98 83.13
C ASP MC 205 -44.32 45.54 84.17
N PHE MC 206 -44.23 45.06 85.41
CA PHE MC 206 -45.15 45.55 86.43
C PHE MC 206 -44.89 47.00 86.80
N GLY MC 207 -43.61 47.40 86.83
CA GLY MC 207 -43.28 48.80 87.11
C GLY MC 207 -43.74 49.75 86.02
N GLY MC 208 -43.68 49.30 84.76
CA GLY MC 208 -44.22 50.11 83.68
C GLY MC 208 -45.72 50.28 83.76
N MET MC 209 -46.43 49.20 84.14
CA MET MC 209 -47.88 49.30 84.30
C MET MC 209 -48.26 50.19 85.50
N ILE MC 210 -47.43 50.24 86.53
CA ILE MC 210 -47.66 51.19 87.63
C ILE MC 210 -47.40 52.63 87.17
N LEU MC 211 -46.33 52.85 86.41
CA LEU MC 211 -45.95 54.19 85.98
C LEU MC 211 -46.97 54.79 85.02
N TYR MC 212 -47.66 53.95 84.23
CA TYR MC 212 -48.75 54.46 83.39
C TYR MC 212 -49.87 55.07 84.22
N ARG MC 213 -50.29 54.40 85.29
CA ARG MC 213 -51.32 54.95 86.17
C ARG MC 213 -50.84 56.20 86.90
N LYS MC 214 -49.56 56.24 87.29
CA LYS MC 214 -49.02 57.44 87.93
C LYS MC 214 -49.04 58.65 86.99
N LEU MC 215 -48.62 58.47 85.74
CA LEU MC 215 -48.63 59.60 84.81
C LEU MC 215 -50.03 59.94 84.33
N LEU MC 216 -50.96 58.96 84.35
CA LEU MC 216 -52.36 59.27 84.06
C LEU MC 216 -52.97 60.11 85.18
N ALA MC 217 -52.59 59.83 86.44
CA ALA MC 217 -53.03 60.67 87.55
C ALA MC 217 -52.41 62.06 87.47
N MET MC 218 -51.15 62.15 87.02
CA MET MC 218 -50.49 63.44 86.89
C MET MC 218 -50.77 64.15 85.58
N ASN MC 219 -51.60 63.57 84.71
CA ASN MC 219 -52.12 64.18 83.48
C ASN MC 219 -51.00 64.49 82.48
N MET MC 220 -50.22 63.46 82.17
CA MET MC 220 -49.20 63.54 81.14
C MET MC 220 -49.41 62.58 79.98
N VAL MC 221 -50.28 61.58 80.13
CA VAL MC 221 -50.61 60.66 79.05
C VAL MC 221 -52.10 60.75 78.78
N SER MC 222 -52.49 60.31 77.58
CA SER MC 222 -53.91 60.32 77.25
C SER MC 222 -54.52 58.94 77.42
N PRO MC 223 -55.77 58.83 77.87
CA PRO MC 223 -56.40 57.51 77.98
C PRO MC 223 -56.86 57.02 76.62
N PRO MC 224 -57.01 55.71 76.44
CA PRO MC 224 -57.55 55.19 75.17
C PRO MC 224 -59.05 55.41 75.06
N TYR MC 225 -59.50 55.67 73.84
CA TYR MC 225 -60.91 55.93 73.57
C TYR MC 225 -61.51 54.80 72.74
N VAL MC 226 -62.72 54.40 73.11
CA VAL MC 226 -63.39 53.22 72.57
C VAL MC 226 -64.65 53.67 71.85
N SER MC 227 -64.84 53.20 70.62
CA SER MC 227 -66.06 53.43 69.86
C SER MC 227 -66.73 52.09 69.60
N HIS MC 228 -68.01 52.00 69.91
CA HIS MC 228 -68.79 50.78 69.70
C HIS MC 228 -69.96 51.07 68.77
N THR MC 229 -70.16 50.19 67.80
CA THR MC 229 -71.27 50.27 66.87
C THR MC 229 -72.25 49.14 67.18
N ASP MC 230 -73.53 49.49 67.29
CA ASP MC 230 -74.59 48.59 67.72
C ASP MC 230 -75.43 48.21 66.50
N LEU MC 231 -75.27 46.98 66.02
CA LEU MC 231 -76.14 46.49 64.97
C LEU MC 231 -77.32 45.75 65.60
N GLY MC 232 -78.37 45.58 64.80
CA GLY MC 232 -79.56 44.91 65.29
C GLY MC 232 -79.53 43.41 65.03
N VAL MC 233 -80.59 42.88 64.44
CA VAL MC 233 -80.65 41.48 64.07
C VAL MC 233 -80.12 41.38 62.63
N THR MC 234 -78.93 40.82 62.48
CA THR MC 234 -78.25 40.73 61.19
C THR MC 234 -78.20 39.29 60.72
N GLY MC 235 -77.92 39.12 59.44
CA GLY MC 235 -77.79 37.82 58.83
C GLY MC 235 -78.86 37.56 57.79
N ASP MC 236 -78.69 36.43 57.12
CA ASP MC 236 -79.63 35.95 56.12
C ASP MC 236 -80.52 34.87 56.71
N GLY MC 237 -81.30 34.20 55.87
CA GLY MC 237 -82.24 33.19 56.33
C GLY MC 237 -81.62 31.88 56.75
N SER MC 238 -80.33 31.67 56.51
CA SER MC 238 -79.64 30.46 56.93
C SER MC 238 -78.90 30.60 58.25
N GLU MC 239 -78.59 31.83 58.67
CA GLU MC 239 -77.87 32.05 59.92
C GLU MC 239 -78.17 33.46 60.39
N ILE MC 240 -78.57 33.60 61.66
CA ILE MC 240 -78.89 34.91 62.22
C ILE MC 240 -78.11 35.14 63.50
N HIS MC 241 -77.85 36.42 63.78
CA HIS MC 241 -77.27 36.88 65.03
C HIS MC 241 -78.21 37.91 65.64
N ILE MC 242 -78.49 37.77 66.93
CA ILE MC 242 -79.57 38.55 67.55
C ILE MC 242 -79.11 39.98 67.85
N ASP MC 243 -78.05 40.11 68.65
CA ASP MC 243 -77.54 41.43 69.05
C ASP MC 243 -76.04 41.45 68.78
N ASP MC 244 -75.65 42.22 67.76
CA ASP MC 244 -74.24 42.36 67.38
C ASP MC 244 -73.70 43.70 67.83
N ARG MC 245 -72.51 43.68 68.43
CA ARG MC 245 -71.82 44.90 68.82
C ARG MC 245 -70.37 44.79 68.38
N VAL MC 246 -69.87 45.83 67.71
CA VAL MC 246 -68.49 45.87 67.24
C VAL MC 246 -67.76 46.95 68.03
N LEU MC 247 -66.72 46.56 68.75
CA LEU MC 247 -65.96 47.49 69.57
C LEU MC 247 -64.59 47.70 68.96
N ARG MC 248 -64.15 48.96 68.92
CA ARG MC 248 -62.87 49.29 68.32
C ARG MC 248 -62.28 50.47 69.08
N ILE MC 249 -61.03 50.37 69.48
CA ILE MC 249 -60.38 51.52 70.10
C ILE MC 249 -59.75 52.37 69.00
N THR MC 250 -59.96 53.68 69.10
CA THR MC 250 -59.67 54.57 67.98
C THR MC 250 -58.37 55.35 68.16
N ALA MC 251 -58.01 55.70 69.40
CA ALA MC 251 -56.79 56.45 69.67
C ALA MC 251 -55.99 55.72 70.73
N LEU MC 252 -54.74 55.41 70.40
CA LEU MC 252 -53.86 54.77 71.35
C LEU MC 252 -53.38 55.78 72.38
N PRO MC 253 -53.00 55.33 73.59
CA PRO MC 253 -52.42 56.25 74.57
C PRO MC 253 -51.08 56.82 74.11
N GLU MC 254 -50.83 58.08 74.49
CA GLU MC 254 -49.58 58.74 74.12
C GLU MC 254 -49.28 59.84 75.13
N LEU MC 255 -48.00 60.18 75.22
CA LEU MC 255 -47.55 61.29 76.05
C LEU MC 255 -47.91 62.62 75.38
N ASN MC 256 -48.16 63.63 76.21
CA ASN MC 256 -48.39 64.98 75.72
C ASN MC 256 -47.16 65.86 75.90
N VAL MC 257 -46.99 66.84 75.00
CA VAL MC 257 -45.87 67.77 75.07
C VAL MC 257 -46.29 69.15 75.54
N ASN MC 258 -47.57 69.34 75.86
CA ASN MC 258 -48.07 70.62 76.35
C ASN MC 258 -47.89 70.65 77.86
N SER MC 259 -46.80 71.27 78.33
CA SER MC 259 -46.47 71.28 79.74
C SER MC 259 -47.37 72.18 80.57
N ALA MC 260 -48.15 73.06 79.95
CA ALA MC 260 -49.04 73.95 80.68
C ALA MC 260 -50.29 73.22 81.20
N GLU MC 261 -50.59 72.04 80.68
CA GLU MC 261 -51.76 71.28 81.09
C GLU MC 261 -51.47 70.28 82.18
N TRP MC 262 -50.22 70.16 82.62
CA TRP MC 262 -49.86 69.19 83.64
C TRP MC 262 -50.32 69.66 85.02
N ARG MC 263 -50.54 68.70 85.91
CA ARG MC 263 -51.07 68.95 87.25
C ARG MC 263 -50.13 68.37 88.29
N ALA MC 264 -49.78 69.18 89.29
CA ALA MC 264 -48.88 68.77 90.34
C ALA MC 264 -49.66 68.19 91.53
N ALA MC 265 -48.93 67.52 92.42
CA ALA MC 265 -49.52 66.88 93.60
C ALA MC 265 -48.61 67.11 94.79
N VAL MC 266 -49.15 67.73 95.84
CA VAL MC 266 -48.43 67.98 97.09
C VAL MC 266 -49.11 67.16 98.18
N ALA MC 267 -48.35 66.25 98.79
CA ALA MC 267 -48.89 65.32 99.78
C ALA MC 267 -48.56 65.83 101.18
N LYS MC 268 -49.53 66.46 101.83
CA LYS MC 268 -49.34 66.94 103.19
C LYS MC 268 -49.42 65.78 104.19
N LYS NC 24 -20.57 33.09 126.37
CA LYS NC 24 -21.08 32.84 125.03
C LYS NC 24 -21.70 34.10 124.44
N PHE NC 25 -21.41 34.36 123.17
CA PHE NC 25 -21.91 35.55 122.47
C PHE NC 25 -22.91 35.12 121.40
N LYS NC 26 -24.13 35.60 121.51
CA LYS NC 26 -25.20 35.29 120.56
C LYS NC 26 -26.07 36.52 120.37
N LYS NC 27 -26.77 36.56 119.25
CA LYS NC 27 -27.75 37.58 118.91
C LYS NC 27 -29.08 36.90 118.62
N PRO NC 28 -30.21 37.52 119.00
CA PRO NC 28 -31.47 36.76 119.20
C PRO NC 28 -32.05 36.11 117.95
N PRO NC 29 -32.28 36.84 116.79
CA PRO NC 29 -33.04 36.14 115.72
C PRO NC 29 -32.21 35.13 114.93
N ILE NC 30 -32.44 33.85 115.23
CA ILE NC 30 -31.76 32.75 114.54
C ILE NC 30 -32.86 31.85 114.01
N ASN NC 31 -33.26 32.06 112.76
CA ASN NC 31 -34.37 31.36 112.14
C ASN NC 31 -33.86 30.17 111.33
N ASN NC 32 -34.75 29.58 110.55
CA ASN NC 32 -34.37 28.54 109.61
C ASN NC 32 -33.52 29.13 108.48
N PRO NC 33 -32.64 28.32 107.87
CA PRO NC 33 -31.84 28.83 106.75
C PRO NC 33 -32.68 29.19 105.54
N SER NC 34 -32.23 30.22 104.82
CA SER NC 34 -32.99 30.81 103.73
C SER NC 34 -32.49 30.32 102.38
N ASP NC 35 -33.23 30.70 101.33
CA ASP NC 35 -32.90 30.36 99.96
C ASP NC 35 -32.76 31.64 99.15
N ASP NC 36 -31.79 31.63 98.22
CA ASP NC 36 -31.46 32.84 97.46
C ASP NC 36 -32.56 33.20 96.48
N ALA NC 37 -33.35 32.21 96.04
CA ALA NC 37 -34.53 32.50 95.22
C ALA NC 37 -35.55 33.32 95.99
N THR NC 38 -35.82 32.94 97.25
CA THR NC 38 -36.72 33.69 98.10
C THR NC 38 -36.14 35.06 98.44
N ILE NC 39 -34.82 35.15 98.57
CA ILE NC 39 -34.15 36.43 98.81
C ILE NC 39 -34.37 37.39 97.64
N LYS NC 40 -34.18 36.88 96.40
CA LYS NC 40 -34.38 37.71 95.21
C LYS NC 40 -35.85 38.11 95.04
N LEU NC 41 -36.78 37.19 95.35
CA LEU NC 41 -38.20 37.52 95.28
C LEU NC 41 -38.59 38.58 96.30
N ALA NC 42 -38.02 38.52 97.51
CA ALA NC 42 -38.27 39.56 98.52
C ALA NC 42 -37.69 40.90 98.09
N GLU NC 43 -36.51 40.90 97.48
CA GLU NC 43 -35.90 42.15 97.00
C GLU NC 43 -36.73 42.78 95.89
N ALA NC 44 -37.34 41.96 95.02
CA ALA NC 44 -38.26 42.50 94.02
C ALA NC 44 -39.54 43.03 94.67
N ALA NC 45 -40.06 42.29 95.65
CA ALA NC 45 -41.37 42.62 96.23
C ALA NC 45 -41.34 43.89 97.06
N VAL NC 46 -40.21 44.20 97.70
CA VAL NC 46 -40.11 45.44 98.47
C VAL NC 46 -40.21 46.67 97.56
N SER NC 47 -39.53 46.62 96.40
CA SER NC 47 -39.59 47.72 95.44
C SER NC 47 -40.97 47.84 94.80
N VAL NC 48 -41.62 46.70 94.53
CA VAL NC 48 -43.00 46.71 94.05
C VAL NC 48 -43.92 47.35 95.10
N SER NC 49 -43.69 47.02 96.37
CA SER NC 49 -44.55 47.51 97.45
C SER NC 49 -44.44 49.02 97.64
N ASP NC 50 -43.21 49.56 97.66
CA ASP NC 50 -43.15 51.00 97.88
C ASP NC 50 -43.44 51.80 96.61
N SER NC 51 -43.29 51.20 95.41
CA SER NC 51 -43.83 51.84 94.21
C SER NC 51 -45.36 51.95 94.27
N MET NC 52 -46.04 50.88 94.70
CA MET NC 52 -47.49 50.94 94.90
C MET NC 52 -47.87 51.95 95.97
N LEU NC 53 -47.06 52.06 97.03
CA LEU NC 53 -47.34 53.03 98.09
C LEU NC 53 -47.25 54.47 97.58
N GLU NC 54 -46.21 54.76 96.78
CA GLU NC 54 -46.07 56.12 96.22
C GLU NC 54 -47.19 56.46 95.24
N MET NC 55 -47.57 55.51 94.36
CA MET NC 55 -48.63 55.84 93.41
C MET NC 55 -49.99 55.94 94.10
N ALA NC 56 -50.22 55.15 95.16
CA ALA NC 56 -51.45 55.27 95.94
C ALA NC 56 -51.53 56.60 96.67
N LYS NC 57 -50.40 57.08 97.20
CA LYS NC 57 -50.36 58.40 97.82
C LYS NC 57 -50.64 59.51 96.82
N VAL NC 58 -50.05 59.40 95.61
CA VAL NC 58 -50.27 60.41 94.57
C VAL NC 58 -51.73 60.43 94.13
N GLU NC 59 -52.32 59.25 93.92
CA GLU NC 59 -53.73 59.16 93.50
C GLU NC 59 -54.67 59.65 94.59
N LYS NC 60 -54.38 59.36 95.86
CA LYS NC 60 -55.20 59.83 96.96
C LYS NC 60 -55.14 61.35 97.09
N VAL NC 61 -53.97 61.94 96.85
CA VAL NC 61 -53.87 63.39 96.86
C VAL NC 61 -54.62 64.02 95.68
N ILE NC 62 -54.50 63.43 94.48
CA ILE NC 62 -55.11 64.02 93.29
C ILE NC 62 -56.63 63.93 93.34
N THR NC 63 -57.17 62.75 93.64
CA THR NC 63 -58.62 62.56 93.68
C THR NC 63 -59.09 62.15 95.06
N PRO NC 64 -59.61 63.08 95.86
CA PRO NC 64 -60.18 62.72 97.17
C PRO NC 64 -61.54 62.07 97.01
N PRO NC 65 -61.72 60.85 97.52
CA PRO NC 65 -63.06 60.24 97.50
C PRO NC 65 -63.99 60.92 98.47
N SER NC 66 -65.30 60.84 98.17
CA SER NC 66 -66.31 61.51 98.97
C SER NC 66 -67.39 60.58 99.50
N LYS NC 67 -67.63 59.44 98.86
CA LYS NC 67 -68.71 58.54 99.25
C LYS NC 67 -68.14 57.18 99.64
N ASP NC 68 -68.88 56.48 100.51
CA ASP NC 68 -68.52 55.16 100.98
C ASP NC 68 -69.69 54.21 100.75
N ASN NC 69 -69.38 52.93 100.56
CA ASN NC 69 -70.40 51.94 100.21
C ASN NC 69 -71.16 51.40 101.41
N THR NC 70 -71.10 52.07 102.56
CA THR NC 70 -71.88 51.66 103.73
C THR NC 70 -73.37 51.90 103.49
N LEU NC 71 -73.72 52.96 102.76
CA LEU NC 71 -75.12 53.23 102.44
C LEU NC 71 -75.69 52.19 101.48
N THR NC 72 -74.90 51.76 100.50
CA THR NC 72 -75.37 50.74 99.56
C THR NC 72 -75.37 49.35 100.19
N ILE NC 73 -74.41 49.04 101.05
CA ILE NC 73 -74.36 47.75 101.73
C ILE NC 73 -74.41 48.00 103.23
N PRO NC 74 -75.60 48.06 103.84
CA PRO NC 74 -75.70 48.20 105.29
C PRO NC 74 -75.64 46.84 105.97
N ASN NC 75 -75.46 46.88 107.28
CA ASN NC 75 -75.44 45.67 108.09
C ASN NC 75 -76.78 45.45 108.82
N ALA NC 76 -76.96 44.22 109.29
CA ALA NC 76 -78.17 43.82 109.99
C ALA NC 76 -77.85 42.61 110.85
N TYR NC 77 -78.86 42.11 111.55
CA TYR NC 77 -78.72 40.85 112.28
C TYR NC 77 -78.59 39.70 111.29
N ASN NC 78 -77.88 38.65 111.73
CA ASN NC 78 -77.41 37.46 111.00
C ASN NC 78 -76.59 37.79 109.75
N LEU NC 79 -76.10 39.02 109.63
CA LEU NC 79 -74.95 39.34 108.79
C LEU NC 79 -73.67 39.42 109.61
N GLN NC 80 -73.76 39.14 110.91
CA GLN NC 80 -72.62 39.20 111.82
C GLN NC 80 -72.02 37.85 112.11
N ALA NC 81 -72.47 36.79 111.45
CA ALA NC 81 -71.74 35.53 111.45
C ALA NC 81 -70.45 35.73 110.65
N ARG NC 82 -69.42 34.97 111.00
CA ARG NC 82 -68.10 35.30 110.47
C ARG NC 82 -67.63 34.23 109.49
N ALA NC 83 -66.62 34.58 108.71
CA ALA NC 83 -66.11 33.68 107.69
C ALA NC 83 -64.63 33.91 107.47
N SER NC 84 -63.93 32.84 107.09
CA SER NC 84 -62.56 32.91 106.61
C SER NC 84 -62.53 32.25 105.25
N VAL NC 85 -62.05 32.98 104.24
CA VAL NC 85 -62.24 32.60 102.85
C VAL NC 85 -60.94 32.78 102.07
N ASP NC 86 -60.67 31.83 101.17
CA ASP NC 86 -59.57 31.86 100.21
C ASP NC 86 -60.15 31.45 98.86
N TRP NC 87 -60.61 32.44 98.09
CA TRP NC 87 -61.32 32.21 96.84
C TRP NC 87 -60.60 32.91 95.71
N SER NC 88 -60.43 32.22 94.58
CA SER NC 88 -59.72 32.75 93.42
C SER NC 88 -60.49 32.47 92.13
N GLY NC 89 -61.78 32.76 92.13
CA GLY NC 89 -62.62 32.48 90.99
C GLY NC 89 -63.61 33.58 90.68
N PRO NC 90 -64.69 33.24 89.96
CA PRO NC 90 -65.71 34.23 89.61
C PRO NC 90 -66.53 34.69 90.81
N ILE NC 91 -67.20 35.82 90.62
CA ILE NC 91 -67.83 36.54 91.73
C ILE NC 91 -69.17 35.92 92.12
N GLU NC 92 -69.89 35.32 91.17
CA GLU NC 92 -71.30 34.97 91.38
C GLU NC 92 -71.47 33.80 92.32
N GLU NC 93 -70.63 32.77 92.20
CA GLU NC 93 -70.74 31.60 93.07
C GLU NC 93 -70.37 31.94 94.51
N LEU NC 94 -69.32 32.75 94.70
CA LEU NC 94 -68.92 33.17 96.04
C LEU NC 94 -69.99 34.06 96.68
N THR NC 95 -70.58 34.96 95.89
CA THR NC 95 -71.65 35.82 96.42
C THR NC 95 -72.89 35.01 96.77
N ALA NC 96 -73.20 33.98 95.97
CA ALA NC 96 -74.32 33.09 96.27
C ALA NC 96 -74.08 32.28 97.55
N ARG NC 97 -72.84 31.82 97.75
CA ARG NC 97 -72.52 31.09 98.98
C ARG NC 97 -72.60 32.00 100.21
N ILE NC 98 -72.13 33.25 100.09
CA ILE NC 98 -72.23 34.20 101.20
C ILE NC 98 -73.68 34.51 101.52
N ALA NC 99 -74.52 34.68 100.49
CA ALA NC 99 -75.94 34.95 100.70
C ALA NC 99 -76.66 33.74 101.32
N LYS NC 100 -76.30 32.53 100.89
CA LYS NC 100 -76.91 31.33 101.45
C LYS NC 100 -76.51 31.12 102.90
N ALA NC 101 -75.26 31.46 103.26
CA ALA NC 101 -74.86 31.38 104.65
C ALA NC 101 -75.48 32.50 105.48
N ALA NC 102 -75.78 33.65 104.86
CA ALA NC 102 -76.41 34.76 105.55
C ALA NC 102 -77.94 34.66 105.53
N HIS NC 103 -78.49 33.60 104.94
CA HIS NC 103 -79.93 33.30 104.92
C HIS NC 103 -80.73 34.37 104.18
N PHE NC 104 -80.13 34.90 103.11
CA PHE NC 104 -80.75 35.93 102.29
C PHE NC 104 -81.02 35.37 100.90
N ARG NC 105 -82.03 35.92 100.23
CA ARG NC 105 -82.27 35.58 98.83
C ARG NC 105 -81.21 36.21 97.95
N PHE NC 106 -80.95 35.60 96.80
CA PHE NC 106 -79.93 36.06 95.88
C PHE NC 106 -80.57 36.46 94.56
N ARG NC 107 -80.18 37.63 94.04
CA ARG NC 107 -80.76 38.17 92.81
C ARG NC 107 -79.63 38.67 91.92
N VAL NC 108 -79.80 38.47 90.61
CA VAL NC 108 -78.83 38.90 89.61
C VAL NC 108 -79.53 39.81 88.60
N LEU NC 109 -78.99 41.00 88.38
CA LEU NC 109 -79.49 41.94 87.39
C LEU NC 109 -78.44 42.17 86.31
N GLY NC 110 -78.89 42.22 85.07
CA GLY NC 110 -78.01 42.47 83.95
C GLY NC 110 -77.52 41.18 83.31
N LYS NC 111 -76.78 41.36 82.22
CA LYS NC 111 -76.18 40.25 81.48
C LYS NC 111 -74.75 40.05 81.94
N SER NC 112 -74.36 38.80 82.17
CA SER NC 112 -72.97 38.50 82.48
C SER NC 112 -72.12 38.70 81.24
N PRO NC 113 -70.93 39.29 81.37
CA PRO NC 113 -70.08 39.52 80.20
C PRO NC 113 -69.44 38.24 79.70
N SER NC 114 -68.95 38.30 78.47
CA SER NC 114 -68.30 37.14 77.87
C SER NC 114 -66.94 36.88 78.50
N VAL NC 115 -66.21 37.95 78.83
CA VAL NC 115 -65.00 37.85 79.63
C VAL NC 115 -65.40 37.90 81.10
N PRO NC 116 -65.17 36.84 81.88
CA PRO NC 116 -65.72 36.80 83.25
C PRO NC 116 -65.03 37.77 84.19
N VAL NC 117 -65.78 38.21 85.20
CA VAL NC 117 -65.27 39.08 86.24
C VAL NC 117 -64.62 38.21 87.30
N LEU NC 118 -63.31 38.35 87.46
CA LEU NC 118 -62.53 37.52 88.36
C LEU NC 118 -62.16 38.30 89.61
N ILE NC 119 -62.32 37.67 90.78
CA ILE NC 119 -61.94 38.26 92.05
C ILE NC 119 -61.02 37.30 92.78
N SER NC 120 -60.25 37.84 93.72
CA SER NC 120 -59.33 37.05 94.53
C SER NC 120 -59.38 37.58 95.96
N ILE NC 121 -59.98 36.80 96.86
CA ILE NC 121 -60.16 37.19 98.25
C ILE NC 121 -59.40 36.19 99.11
N SER NC 122 -58.58 36.70 100.04
CA SER NC 122 -57.84 35.85 100.98
C SER NC 122 -57.88 36.55 102.34
N THR NC 123 -58.89 36.25 103.15
CA THR NC 123 -59.09 36.93 104.43
C THR NC 123 -59.14 35.90 105.56
N LYS NC 124 -59.36 36.40 106.77
CA LYS NC 124 -59.40 35.56 107.96
C LYS NC 124 -60.23 36.26 109.04
N ASP NC 125 -61.38 35.67 109.37
CA ASP NC 125 -62.22 36.04 110.52
C ASP NC 125 -62.69 37.50 110.43
N GLU NC 126 -63.52 37.76 109.43
CA GLU NC 126 -64.20 39.04 109.34
C GLU NC 126 -65.64 38.80 108.91
N SER NC 127 -66.50 39.78 109.20
CA SER NC 127 -67.93 39.63 109.06
C SER NC 127 -68.34 39.64 107.59
N LEU NC 128 -69.54 39.09 107.34
CA LEU NC 128 -70.04 38.94 105.98
C LEU NC 128 -70.32 40.27 105.30
N ALA NC 129 -70.70 41.29 106.07
CA ALA NC 129 -70.85 42.63 105.51
C ALA NC 129 -69.52 43.18 105.01
N GLU NC 130 -68.45 42.95 105.77
CA GLU NC 130 -67.12 43.36 105.34
C GLU NC 130 -66.63 42.55 104.14
N ILE NC 131 -66.96 41.26 104.10
CA ILE NC 131 -66.65 40.42 102.93
C ILE NC 131 -67.35 40.97 101.68
N LEU NC 132 -68.63 41.29 101.81
CA LEU NC 132 -69.40 41.81 100.68
C LEU NC 132 -68.90 43.19 100.24
N ARG NC 133 -68.48 44.02 101.20
CA ARG NC 133 -67.92 45.32 100.86
C ARG NC 133 -66.58 45.19 100.14
N ASP NC 134 -65.74 44.24 100.57
CA ASP NC 134 -64.47 44.01 99.89
C ASP NC 134 -64.67 43.46 98.48
N ILE NC 135 -65.64 42.56 98.32
CA ILE NC 135 -65.97 42.03 96.99
C ILE NC 135 -66.51 43.14 96.09
N ASP NC 136 -67.36 44.02 96.64
CA ASP NC 136 -67.93 45.12 95.86
C ASP NC 136 -66.86 46.13 95.47
N TYR NC 137 -65.87 46.35 96.35
CA TYR NC 137 -64.77 47.26 96.01
C TYR NC 137 -63.85 46.64 94.95
N GLN NC 138 -63.57 45.35 95.05
CA GLN NC 138 -62.71 44.72 94.06
C GLN NC 138 -63.42 44.47 92.72
N ALA NC 139 -64.75 44.49 92.70
CA ALA NC 139 -65.48 44.40 91.44
C ALA NC 139 -65.24 45.62 90.56
N GLY NC 140 -65.19 46.80 91.16
CA GLY NC 140 -64.80 47.99 90.42
C GLY NC 140 -65.93 48.52 89.56
N LYS NC 141 -65.63 48.74 88.28
CA LYS NC 141 -66.58 49.31 87.34
C LYS NC 141 -67.39 48.25 86.59
N LYS NC 142 -67.22 46.97 86.93
CA LYS NC 142 -67.89 45.90 86.22
C LYS NC 142 -69.15 45.39 86.90
N ALA NC 143 -69.19 45.39 88.23
CA ALA NC 143 -70.32 44.83 88.95
C ALA NC 143 -70.51 45.60 90.25
N SER NC 144 -71.72 45.47 90.82
CA SER NC 144 -72.06 46.14 92.06
C SER NC 144 -72.90 45.22 92.93
N ILE NC 145 -72.77 45.41 94.24
CA ILE NC 145 -73.46 44.62 95.26
C ILE NC 145 -74.38 45.54 96.03
N HIS NC 146 -75.64 45.14 96.20
CA HIS NC 146 -76.60 45.88 97.01
C HIS NC 146 -77.26 44.92 97.99
N VAL NC 147 -77.55 45.41 99.19
CA VAL NC 147 -78.17 44.60 100.24
C VAL NC 147 -79.42 45.33 100.71
N TYR NC 148 -80.56 44.64 100.66
CA TYR NC 148 -81.82 45.16 101.17
C TYR NC 148 -82.23 44.33 102.38
N PRO NC 149 -82.08 44.84 103.61
CA PRO NC 149 -82.37 44.02 104.79
C PRO NC 149 -83.85 43.85 105.08
N ASN NC 150 -84.71 44.70 104.53
CA ASN NC 150 -86.14 44.58 104.81
C ASN NC 150 -86.74 43.36 104.11
N SER NC 151 -86.34 43.12 102.87
CA SER NC 151 -86.76 41.94 102.14
C SER NC 151 -85.73 40.81 102.18
N GLN NC 152 -84.58 41.06 102.84
CA GLN NC 152 -83.48 40.10 103.00
C GLN NC 152 -82.95 39.62 101.64
N VAL NC 153 -82.48 40.58 100.84
CA VAL NC 153 -82.10 40.34 99.45
C VAL NC 153 -80.68 40.84 99.24
N VAL NC 154 -79.82 39.98 98.70
CA VAL NC 154 -78.51 40.36 98.19
C VAL NC 154 -78.59 40.34 96.68
N GLU NC 155 -78.30 41.48 96.05
CA GLU NC 155 -78.45 41.65 94.61
C GLU NC 155 -77.12 42.03 94.00
N LEU NC 156 -76.73 41.29 92.96
CA LEU NC 156 -75.53 41.57 92.18
C LEU NC 156 -75.97 42.08 90.82
N ARG NC 157 -75.51 43.27 90.45
CA ARG NC 157 -75.88 43.87 89.17
C ARG NC 157 -74.62 44.06 88.32
N TYR NC 158 -74.75 43.79 87.03
CA TYR NC 158 -73.67 43.99 86.09
C TYR NC 158 -73.75 45.38 85.46
N ALA NC 159 -72.61 45.87 84.97
CA ALA NC 159 -72.53 47.20 84.42
C ALA NC 159 -73.19 47.26 83.04
N LYS NC 160 -73.74 48.43 82.72
CA LYS NC 160 -74.34 48.68 81.40
C LYS NC 160 -73.24 49.09 80.42
N ILE NC 161 -72.46 48.09 80.02
CA ILE NC 161 -71.34 48.26 79.11
C ILE NC 161 -71.44 47.14 78.08
N TYR NC 162 -70.60 47.22 77.04
CA TYR NC 162 -70.62 46.39 75.83
C TYR NC 162 -71.98 46.49 75.13
N GLY OC 271 -25.66 70.55 63.16
CA GLY OC 271 -26.37 69.32 63.47
C GLY OC 271 -26.56 69.09 64.95
N ILE OC 272 -27.79 68.79 65.35
CA ILE OC 272 -28.10 68.54 66.76
C ILE OC 272 -27.55 67.15 67.14
N PRO OC 273 -26.78 67.04 68.22
CA PRO OC 273 -26.27 65.73 68.66
C PRO OC 273 -27.41 64.86 69.18
N PRO OC 274 -27.24 63.53 69.15
CA PRO OC 274 -28.29 62.65 69.70
C PRO OC 274 -28.44 62.81 71.20
N SER OC 275 -29.65 62.53 71.68
CA SER OC 275 -30.00 62.80 73.07
C SER OC 275 -29.33 61.79 74.00
N ALA OC 276 -29.58 60.51 73.78
CA ALA OC 276 -29.04 59.42 74.59
C ALA OC 276 -29.22 58.12 73.81
N ASN OC 277 -28.94 57.00 74.46
CA ASN OC 277 -29.25 55.68 73.93
C ASN OC 277 -30.39 55.09 74.74
N ASP OC 278 -31.40 54.57 74.05
CA ASP OC 278 -32.60 54.07 74.73
C ASP OC 278 -32.44 52.66 75.28
N LEU OC 279 -31.31 52.01 75.06
CA LEU OC 279 -31.04 50.72 75.70
C LEU OC 279 -30.74 50.88 77.18
N LEU OC 280 -30.32 52.07 77.60
CA LEU OC 280 -29.97 52.30 79.00
C LEU OC 280 -31.18 52.29 79.92
N LEU OC 281 -32.39 52.50 79.39
CA LEU OC 281 -33.59 52.30 80.20
C LEU OC 281 -33.77 50.83 80.58
N HIS OC 282 -33.55 49.92 79.61
CA HIS OC 282 -33.61 48.49 79.91
C HIS OC 282 -32.44 48.06 80.79
N VAL OC 283 -31.27 48.68 80.62
CA VAL OC 283 -30.14 48.43 81.50
C VAL OC 283 -30.46 48.88 82.93
N LEU OC 284 -31.13 50.02 83.07
CA LEU OC 284 -31.55 50.51 84.37
C LEU OC 284 -32.56 49.59 85.02
N GLU OC 285 -33.50 49.06 84.23
CA GLU OC 285 -34.46 48.11 84.76
C GLU OC 285 -33.84 46.74 85.04
N GLY OC 286 -32.68 46.45 84.43
CA GLY OC 286 -32.00 45.19 84.66
C GLY OC 286 -32.17 44.16 83.56
N VAL OC 287 -32.94 44.47 82.53
CA VAL OC 287 -33.13 43.54 81.40
C VAL OC 287 -31.97 43.75 80.42
N PRO OC 288 -31.28 42.68 80.02
CA PRO OC 288 -30.19 42.83 79.06
C PRO OC 288 -30.71 43.22 77.69
N PRO OC 289 -29.91 43.94 76.89
CA PRO OC 289 -30.34 44.24 75.53
C PRO OC 289 -30.39 42.99 74.68
N PRO OC 290 -31.28 42.94 73.68
CA PRO OC 290 -31.39 41.72 72.86
C PRO OC 290 -30.19 41.54 71.94
N GLY OC 291 -29.76 40.29 71.79
CA GLY OC 291 -28.61 39.96 70.99
C GLY OC 291 -27.27 40.09 71.70
N SER OC 292 -27.28 40.50 72.97
CA SER OC 292 -26.04 40.70 73.71
C SER OC 292 -25.60 39.39 74.37
N ARG OC 293 -24.44 39.45 75.03
CA ARG OC 293 -23.91 38.31 75.77
C ARG OC 293 -23.41 38.78 77.13
N ARG OC 294 -23.38 37.85 78.08
CA ARG OC 294 -23.09 38.19 79.46
C ARG OC 294 -21.58 38.23 79.72
N LEU OC 295 -21.20 39.09 80.64
CA LEU OC 295 -19.83 39.18 81.14
C LEU OC 295 -19.81 38.91 82.63
N VAL OC 296 -18.72 38.33 83.10
CA VAL OC 296 -18.57 37.98 84.51
C VAL OC 296 -17.85 39.11 85.22
N VAL OC 297 -18.47 39.62 86.28
CA VAL OC 297 -17.93 40.74 87.06
C VAL OC 297 -17.66 40.24 88.47
N SER OC 298 -16.43 40.44 88.94
CA SER OC 298 -16.01 40.00 90.27
C SER OC 298 -15.48 41.19 91.07
N GLY OC 299 -15.61 41.10 92.39
CA GLY OC 299 -15.09 42.10 93.30
C GLY OC 299 -16.11 43.09 93.80
N GLY OC 300 -17.32 43.09 93.26
CA GLY OC 300 -18.33 44.04 93.69
C GLY OC 300 -19.67 43.74 93.06
N ASP OC 301 -20.66 44.56 93.43
CA ASP OC 301 -22.04 44.36 92.99
C ASP OC 301 -22.25 45.16 91.71
N ALA OC 302 -22.08 44.48 90.57
CA ALA OC 302 -22.26 45.10 89.27
C ALA OC 302 -22.59 44.03 88.25
N ARG OC 303 -23.33 44.41 87.21
CA ARG OC 303 -23.64 43.54 86.09
C ARG OC 303 -23.19 44.21 84.80
N ALA OC 304 -22.78 43.39 83.83
CA ALA OC 304 -22.27 43.92 82.57
C ALA OC 304 -22.72 43.06 81.40
N TRP OC 305 -22.97 43.71 80.27
CA TRP OC 305 -23.32 43.02 79.03
C TRP OC 305 -22.54 43.64 77.87
N LEU OC 306 -22.36 42.85 76.81
CA LEU OC 306 -21.65 43.29 75.62
C LEU OC 306 -22.54 43.05 74.41
N SER OC 307 -22.84 44.12 73.67
CA SER OC 307 -23.77 44.03 72.54
C SER OC 307 -23.10 44.32 71.21
N ASN OC 308 -22.46 45.47 71.05
CA ASN OC 308 -21.89 45.92 69.78
C ASN OC 308 -20.47 46.43 70.00
N GLU OC 309 -19.66 45.60 70.67
CA GLU OC 309 -18.31 45.94 71.16
C GLU OC 309 -18.35 47.14 72.10
N LYS OC 310 -19.43 47.24 72.88
CA LYS OC 310 -19.57 48.24 73.94
C LYS OC 310 -20.11 47.54 75.17
N MET OC 311 -19.61 47.96 76.33
CA MET OC 311 -20.10 47.41 77.59
C MET OC 311 -21.23 48.26 78.14
N TYR OC 312 -22.25 47.59 78.67
CA TYR OC 312 -23.35 48.23 79.38
C TYR OC 312 -23.30 47.72 80.81
N VAL OC 313 -23.14 48.64 81.76
CA VAL OC 313 -22.86 48.32 83.16
C VAL OC 313 -24.01 48.84 84.01
N ARG OC 314 -24.55 47.98 84.87
CA ARG OC 314 -25.55 48.34 85.85
C ARG OC 314 -24.98 48.15 87.24
N THR OC 315 -24.88 49.24 88.00
CA THR OC 315 -24.35 49.24 89.35
C THR OC 315 -24.82 50.51 90.05
N ASN OC 316 -24.58 50.55 91.37
CA ASN OC 316 -24.81 51.76 92.15
C ASN OC 316 -23.52 52.34 92.71
N LEU OC 317 -22.37 51.88 92.24
CA LEU OC 317 -21.08 52.43 92.62
C LEU OC 317 -20.74 53.62 91.73
N THR OC 318 -19.60 54.26 92.00
CA THR OC 318 -19.13 55.40 91.22
C THR OC 318 -17.89 54.97 90.44
N ILE OC 319 -17.96 55.12 89.11
CA ILE OC 319 -16.88 54.73 88.21
C ILE OC 319 -15.95 55.93 88.02
N LEU OC 320 -14.66 55.73 88.28
CA LEU OC 320 -13.71 56.83 88.32
C LEU OC 320 -12.76 56.86 87.11
N SER OC 321 -11.98 55.81 86.88
CA SER OC 321 -10.90 55.89 85.90
C SER OC 321 -11.23 55.67 84.41
N PRO OC 322 -11.92 54.60 83.98
CA PRO OC 322 -11.83 54.22 82.55
C PRO OC 322 -12.58 55.13 81.59
N GLY OC 323 -13.55 55.90 82.06
CA GLY OC 323 -14.25 56.83 81.18
C GLY OC 323 -15.43 56.22 80.46
N TRP OC 324 -16.58 56.87 80.57
CA TRP OC 324 -17.82 56.42 79.97
C TRP OC 324 -18.33 57.41 78.94
N LEU OC 325 -19.21 56.91 78.06
CA LEU OC 325 -19.77 57.70 76.96
C LEU OC 325 -21.15 58.24 77.27
N ALA OC 326 -22.06 57.42 77.81
CA ALA OC 326 -23.41 57.87 78.12
C ALA OC 326 -23.83 57.38 79.49
N SER OC 327 -24.74 58.12 80.12
CA SER OC 327 -25.15 57.75 81.48
C SER OC 327 -26.61 58.08 81.74
N MET OC 328 -27.26 57.18 82.49
CA MET OC 328 -28.61 57.34 83.00
C MET OC 328 -28.63 57.03 84.48
N THR OC 329 -29.62 57.58 85.18
CA THR OC 329 -29.77 57.41 86.62
C THR OC 329 -31.24 57.14 86.92
N SER OC 330 -31.52 56.17 87.79
CA SER OC 330 -32.88 55.85 88.16
C SER OC 330 -33.31 56.68 89.38
N ALA OC 331 -34.51 56.40 89.88
CA ALA OC 331 -35.05 57.14 91.01
C ALA OC 331 -34.44 56.71 92.34
N ASP OC 332 -34.08 55.43 92.48
CA ASP OC 332 -33.57 54.91 93.73
C ASP OC 332 -32.05 54.97 93.85
N GLY OC 333 -31.36 55.49 92.85
CA GLY OC 333 -29.93 55.66 92.90
C GLY OC 333 -29.09 54.68 92.10
N THR OC 334 -29.70 53.93 91.17
CA THR OC 334 -28.96 53.01 90.33
C THR OC 334 -28.48 53.73 89.08
N HIS OC 335 -27.24 53.48 88.69
CA HIS OC 335 -26.63 54.11 87.54
C HIS OC 335 -26.50 53.11 86.39
N ALA OC 336 -26.64 53.62 85.16
CA ALA OC 336 -26.44 52.84 83.95
C ALA OC 336 -25.45 53.57 83.06
N TYR OC 337 -24.42 52.86 82.61
CA TYR OC 337 -23.33 53.43 81.84
C TYR OC 337 -23.22 52.77 80.47
N GLU OC 338 -22.85 53.57 79.48
CA GLU OC 338 -22.44 53.09 78.17
C GLU OC 338 -21.02 53.55 77.91
N MET OC 339 -20.15 52.60 77.58
CA MET OC 339 -18.72 52.87 77.44
C MET OC 339 -18.10 51.82 76.54
N GLN OC 340 -16.80 51.97 76.30
CA GLN OC 340 -16.02 51.00 75.53
C GLN OC 340 -15.58 49.84 76.43
N LYS OC 341 -15.14 48.76 75.79
CA LYS OC 341 -14.76 47.57 76.54
C LYS OC 341 -13.41 47.76 77.22
N SER OC 342 -13.28 47.15 78.40
CA SER OC 342 -12.08 47.20 79.22
C SER OC 342 -12.17 46.07 80.24
N PRO OC 343 -11.06 45.40 80.55
CA PRO OC 343 -11.11 44.29 81.52
C PRO OC 343 -10.96 44.71 82.98
N VAL OC 344 -10.99 46.01 83.28
CA VAL OC 344 -10.83 46.49 84.65
C VAL OC 344 -11.62 47.77 84.80
N LEU OC 345 -12.28 47.92 85.96
CA LEU OC 345 -12.97 49.15 86.31
C LEU OC 345 -12.46 49.65 87.65
N LEU OC 346 -12.36 50.96 87.80
CA LEU OC 346 -11.99 51.58 89.07
C LEU OC 346 -13.22 52.24 89.67
N VAL OC 347 -13.54 51.90 90.92
CA VAL OC 347 -14.77 52.34 91.55
C VAL OC 347 -14.45 52.94 92.92
N SER OC 348 -15.37 53.79 93.38
CA SER OC 348 -15.35 54.32 94.74
C SER OC 348 -16.55 53.74 95.48
N TRP OC 349 -16.29 53.09 96.61
CA TRP OC 349 -17.36 52.35 97.29
C TRP OC 349 -18.06 53.20 98.35
N HIS OC 350 -17.32 53.62 99.38
CA HIS OC 350 -17.86 54.48 100.42
C HIS OC 350 -16.80 55.50 100.82
N GLY OC 351 -16.16 56.09 99.81
CA GLY OC 351 -14.99 56.92 100.03
C GLY OC 351 -13.68 56.18 99.89
N LYS OC 352 -13.70 54.93 99.46
CA LYS OC 352 -12.51 54.12 99.29
C LYS OC 352 -12.46 53.60 97.86
N VAL OC 353 -11.27 53.66 97.26
CA VAL OC 353 -11.07 53.34 95.85
C VAL OC 353 -10.64 51.88 95.73
N MET OC 354 -11.33 51.13 94.87
CA MET OC 354 -11.01 49.73 94.63
C MET OC 354 -11.24 49.42 93.15
N GLN OC 355 -11.04 48.15 92.79
CA GLN OC 355 -11.10 47.72 91.39
C GLN OC 355 -12.07 46.57 91.22
N LEU OC 356 -12.67 46.50 90.04
CA LEU OC 356 -13.58 45.44 89.63
C LEU OC 356 -13.01 44.75 88.40
N LYS OC 357 -13.08 43.42 88.38
CA LYS OC 357 -12.52 42.62 87.31
C LYS OC 357 -13.63 42.14 86.39
N VAL OC 358 -13.42 42.29 85.08
CA VAL OC 358 -14.40 41.94 84.07
C VAL OC 358 -13.82 40.83 83.20
N GLU OC 359 -14.52 39.70 83.13
CA GLU OC 359 -14.13 38.55 82.32
C GLU OC 359 -15.08 38.38 81.14
N GLY OC 360 -14.71 37.46 80.26
CA GLY OC 360 -15.57 37.10 79.14
C GLY OC 360 -15.50 38.01 77.94
N LEU OC 361 -14.53 38.93 77.88
CA LEU OC 361 -14.41 39.83 76.75
C LEU OC 361 -13.78 39.12 75.55
N LYS PC 40 -47.37 7.74 85.80
CA LYS PC 40 -46.86 9.08 86.10
C LYS PC 40 -47.95 9.93 86.75
N LEU PC 41 -49.19 9.69 86.36
CA LEU PC 41 -50.32 10.37 86.97
C LEU PC 41 -50.56 9.82 88.39
N PRO PC 42 -51.07 10.65 89.29
CA PRO PC 42 -51.43 10.15 90.62
C PRO PC 42 -52.61 9.18 90.56
N CYS PC 43 -52.61 8.22 91.48
CA CYS PC 43 -53.63 7.18 91.53
C CYS PC 43 -54.69 7.43 92.59
N ARG PC 44 -54.49 8.41 93.47
CA ARG PC 44 -55.45 8.72 94.51
C ARG PC 44 -55.20 10.15 94.98
N VAL PC 45 -56.13 10.67 95.78
CA VAL PC 45 -55.89 11.93 96.46
C VAL PC 45 -54.82 11.73 97.53
N ASP PC 46 -53.89 12.68 97.62
CA ASP PC 46 -52.69 12.49 98.42
C ASP PC 46 -52.98 12.58 99.92
N GLY PC 47 -52.28 11.74 100.68
CA GLY PC 47 -52.42 11.73 102.13
C GLY PC 47 -53.73 11.20 102.65
N ALA PC 48 -54.44 10.39 101.88
CA ALA PC 48 -55.75 9.90 102.27
C ALA PC 48 -55.84 8.40 102.00
N CYS PC 49 -56.58 7.72 102.87
CA CYS PC 49 -56.80 6.29 102.73
C CYS PC 49 -58.13 5.92 103.38
N ASP PC 50 -58.86 5.00 102.75
CA ASP PC 50 -60.18 4.60 103.26
C ASP PC 50 -60.07 3.85 104.58
N ALA PC 51 -59.04 3.00 104.71
CA ALA PC 51 -58.80 2.29 105.96
C ALA PC 51 -58.48 3.26 107.10
N THR PC 52 -57.69 4.30 106.79
CA THR PC 52 -57.40 5.34 107.76
C THR PC 52 -58.64 6.12 108.15
N ILE PC 53 -59.52 6.39 107.18
CA ILE PC 53 -60.79 7.07 107.45
C ILE PC 53 -61.66 6.26 108.39
N ILE PC 54 -61.80 4.95 108.12
CA ILE PC 54 -62.60 4.07 108.96
C ILE PC 54 -62.00 3.95 110.36
N LYS PC 55 -60.66 3.88 110.43
CA LYS PC 55 -59.98 3.80 111.73
C LYS PC 55 -60.20 5.06 112.55
N MET PC 56 -60.11 6.24 111.93
CA MET PC 56 -60.33 7.48 112.68
C MET PC 56 -61.80 7.66 113.09
N MET PC 57 -62.75 7.25 112.24
CA MET PC 57 -64.15 7.30 112.65
C MET PC 57 -64.43 6.37 113.82
N THR PC 58 -63.87 5.16 113.79
CA THR PC 58 -64.06 4.21 114.89
C THR PC 58 -63.42 4.71 116.18
N ASP PC 59 -62.20 5.28 116.09
CA ASP PC 59 -61.53 5.80 117.27
C ASP PC 59 -62.25 7.01 117.86
N LEU PC 60 -62.75 7.90 117.01
CA LEU PC 60 -63.50 9.06 117.50
C LEU PC 60 -64.83 8.64 118.14
N ASN PC 61 -65.49 7.63 117.57
CA ASN PC 61 -66.73 7.14 118.15
C ASN PC 61 -66.48 6.42 119.48
N LYS PC 62 -65.35 5.74 119.62
CA LYS PC 62 -65.02 5.12 120.91
C LYS PC 62 -64.61 6.15 121.95
N LYS PC 63 -63.93 7.23 121.54
CA LYS PC 63 -63.60 8.29 122.50
C LYS PC 63 -64.85 9.04 122.95
N GLY PC 64 -65.78 9.30 122.04
CA GLY PC 64 -67.02 9.93 122.43
C GLY PC 64 -67.46 11.07 121.54
N ILE PC 65 -66.58 11.48 120.63
CA ILE PC 65 -66.92 12.51 119.65
C ILE PC 65 -67.79 11.88 118.58
N LYS PC 66 -68.96 12.47 118.32
CA LYS PC 66 -69.92 11.81 117.44
C LYS PC 66 -69.62 12.15 116.00
N VAL PC 67 -69.43 11.12 115.17
CA VAL PC 67 -69.19 11.28 113.74
C VAL PC 67 -70.35 10.61 113.01
N ALA PC 68 -71.04 11.38 112.15
CA ALA PC 68 -72.19 10.87 111.42
C ALA PC 68 -72.05 11.23 109.95
N SER PC 69 -72.57 10.33 109.10
CA SER PC 69 -72.49 10.50 107.65
C SER PC 69 -73.78 9.99 107.03
N VAL PC 70 -74.55 10.90 106.43
CA VAL PC 70 -75.78 10.56 105.71
C VAL PC 70 -75.65 11.11 104.30
N GLY PC 71 -75.63 10.21 103.31
CA GLY PC 71 -75.41 10.61 101.94
C GLY PC 71 -73.97 11.04 101.70
N GLN PC 72 -73.78 12.31 101.36
CA GLN PC 72 -72.44 12.88 101.25
C GLN PC 72 -72.21 13.99 102.28
N ASN PC 73 -73.11 14.15 103.25
CA ASN PC 73 -72.95 15.13 104.31
C ASN PC 73 -72.29 14.47 105.52
N TYR PC 74 -71.41 15.22 106.18
CA TYR PC 74 -70.68 14.73 107.33
C TYR PC 74 -70.85 15.71 108.50
N LEU PC 75 -71.04 15.14 109.69
CA LEU PC 75 -71.27 15.90 110.91
C LEU PC 75 -70.35 15.39 112.01
N ILE PC 76 -69.66 16.32 112.68
CA ILE PC 76 -68.86 16.02 113.86
C ILE PC 76 -69.42 16.83 115.02
N SER PC 77 -69.84 16.14 116.07
CA SER PC 77 -70.43 16.75 117.25
C SER PC 77 -69.50 16.55 118.44
N ILE PC 78 -69.13 17.64 119.09
CA ILE PC 78 -68.18 17.64 120.20
C ILE PC 78 -68.88 18.27 121.40
N PRO PC 79 -68.84 17.64 122.57
CA PRO PC 79 -69.33 18.33 123.78
C PRO PC 79 -68.42 19.48 124.17
N ALA PC 80 -69.02 20.51 124.77
CA ALA PC 80 -68.25 21.68 125.17
C ALA PC 80 -67.36 21.42 126.38
N SER PC 81 -67.67 20.39 127.18
CA SER PC 81 -66.87 20.09 128.35
C SER PC 81 -65.51 19.51 127.98
N ALA PC 82 -65.41 18.84 126.83
CA ALA PC 82 -64.15 18.28 126.38
C ALA PC 82 -63.24 19.31 125.72
N LEU PC 83 -63.73 20.53 125.49
CA LEU PC 83 -62.95 21.56 124.82
C LEU PC 83 -62.69 22.78 125.71
N PHE PC 84 -63.73 23.33 126.33
CA PHE PC 84 -63.63 24.61 127.02
C PHE PC 84 -63.76 24.41 128.53
N ALA PC 85 -63.60 25.52 129.25
CA ALA PC 85 -63.74 25.55 130.69
C ALA PC 85 -65.21 25.78 131.05
N ASP PC 86 -65.50 26.09 132.31
CA ASP PC 86 -66.87 26.27 132.78
C ASP PC 86 -67.40 27.61 132.29
N GLN PC 87 -68.07 27.56 131.13
CA GLN PC 87 -68.83 28.67 130.54
C GLN PC 87 -67.96 29.89 130.26
N SER PC 88 -66.73 29.64 129.82
CA SER PC 88 -65.80 30.68 129.41
C SER PC 88 -65.19 30.31 128.06
N PRO PC 89 -64.85 31.32 127.22
CA PRO PC 89 -64.24 31.04 125.90
C PRO PC 89 -62.73 30.84 125.94
N ARG PC 90 -62.26 30.02 126.89
CA ARG PC 90 -60.85 29.72 127.05
C ARG PC 90 -60.65 28.22 126.90
N LEU PC 91 -59.82 27.83 125.93
CA LEU PC 91 -59.53 26.43 125.71
C LEU PC 91 -58.62 25.88 126.80
N ASN PC 92 -58.83 24.62 127.16
CA ASN PC 92 -57.87 23.91 127.98
C ASN PC 92 -56.64 23.54 127.15
N TRP PC 93 -55.53 23.30 127.85
CA TRP PC 93 -54.29 22.97 127.15
C TRP PC 93 -54.31 21.55 126.61
N ALA PC 94 -55.09 20.66 127.21
CA ALA PC 94 -55.12 19.26 126.80
C ALA PC 94 -56.08 18.99 125.65
N SER PC 95 -56.92 19.96 125.27
CA SER PC 95 -57.86 19.77 124.18
C SER PC 95 -57.23 19.98 122.82
N TYR PC 96 -55.97 20.44 122.76
CA TYR PC 96 -55.31 20.64 121.49
C TYR PC 96 -54.96 19.32 120.82
N SER PC 97 -54.78 18.25 121.60
CA SER PC 97 -54.60 16.92 121.01
C SER PC 97 -55.88 16.45 120.32
N LEU PC 98 -57.04 16.69 120.93
CA LEU PC 98 -58.32 16.36 120.31
C LEU PC 98 -58.54 17.21 119.05
N LEU PC 99 -58.16 18.49 119.10
CA LEU PC 99 -58.27 19.35 117.93
C LEU PC 99 -57.33 18.90 116.81
N ASN PC 100 -56.14 18.39 117.17
CA ASN PC 100 -55.23 17.82 116.18
C ASN PC 100 -55.79 16.56 115.56
N GLU PC 101 -56.45 15.72 116.35
CA GLU PC 101 -57.11 14.53 115.81
C GLU PC 101 -58.26 14.89 114.87
N ILE PC 102 -59.04 15.93 115.22
CA ILE PC 102 -60.12 16.39 114.37
C ILE PC 102 -59.58 16.96 113.06
N ALA PC 103 -58.47 17.71 113.13
CA ALA PC 103 -57.84 18.24 111.93
C ALA PC 103 -57.26 17.13 111.05
N ALA PC 104 -56.67 16.10 111.68
CA ALA PC 104 -56.15 14.97 110.92
C ALA PC 104 -57.25 14.17 110.26
N PHE PC 105 -58.43 14.09 110.87
CA PHE PC 105 -59.58 13.49 110.21
C PHE PC 105 -60.08 14.38 109.07
N LEU PC 106 -60.06 15.70 109.27
CA LEU PC 106 -60.57 16.62 108.27
C LEU PC 106 -59.68 16.73 107.04
N LYS PC 107 -58.38 16.43 107.17
CA LYS PC 107 -57.50 16.44 106.00
C LYS PC 107 -57.73 15.28 105.05
N GLN PC 108 -58.55 14.29 105.42
CA GLN PC 108 -58.76 13.11 104.59
C GLN PC 108 -59.74 13.34 103.45
N PHE PC 109 -60.47 14.45 103.44
CA PHE PC 109 -61.50 14.69 102.44
C PHE PC 109 -61.19 15.94 101.64
N ARG PC 110 -61.86 16.05 100.49
CA ARG PC 110 -61.80 17.24 99.65
C ARG PC 110 -63.14 17.95 99.72
N LYS PC 111 -63.11 19.26 99.98
CA LYS PC 111 -64.33 19.99 100.29
C LYS PC 111 -64.13 21.47 99.96
N ILE PC 112 -65.24 22.20 99.97
CA ILE PC 112 -65.26 23.62 99.62
C ILE PC 112 -65.55 24.48 100.83
N ALA PC 113 -66.59 24.15 101.60
CA ALA PC 113 -67.03 24.95 102.73
C ALA PC 113 -67.23 24.08 103.96
N ILE PC 114 -66.86 24.62 105.11
CA ILE PC 114 -67.04 24.00 106.41
C ILE PC 114 -67.87 24.97 107.26
N THR PC 115 -68.84 24.43 108.02
CA THR PC 115 -69.65 25.24 108.91
C THR PC 115 -69.41 24.80 110.35
N VAL PC 116 -69.13 25.77 111.22
CA VAL PC 116 -68.94 25.55 112.64
C VAL PC 116 -70.03 26.32 113.38
N THR PC 117 -70.80 25.62 114.20
CA THR PC 117 -71.93 26.21 114.91
C THR PC 117 -71.84 25.83 116.39
N SER PC 118 -72.07 26.80 117.27
CA SER PC 118 -71.94 26.58 118.71
C SER PC 118 -73.30 26.72 119.39
N TYR PC 119 -73.55 25.85 120.37
CA TYR PC 119 -74.76 25.88 121.19
C TYR PC 119 -74.39 25.75 122.65
N SER PC 120 -75.10 26.47 123.51
CA SER PC 120 -74.83 26.48 124.95
C SER PC 120 -76.17 26.38 125.69
N SER PC 121 -76.13 26.63 127.00
CA SER PC 121 -77.29 26.58 127.86
C SER PC 121 -77.54 27.95 128.50
N LYS PC 122 -78.69 28.08 129.15
CA LYS PC 122 -79.11 29.35 129.72
C LYS PC 122 -78.38 29.62 131.03
N TYR PC 123 -77.64 30.73 131.09
CA TYR PC 123 -76.93 31.11 132.30
C TYR PC 123 -77.43 32.41 132.90
N VAL PC 124 -77.39 33.52 132.15
CA VAL PC 124 -77.76 34.82 132.67
C VAL PC 124 -78.82 35.45 131.76
N SER PC 125 -78.48 35.58 130.48
CA SER PC 125 -79.38 36.19 129.50
C SER PC 125 -79.08 35.58 128.14
N VAL PC 126 -79.63 36.19 127.09
CA VAL PC 126 -79.41 35.69 125.74
C VAL PC 126 -78.18 36.31 125.08
N LYS PC 127 -77.87 37.58 125.40
CA LYS PC 127 -76.73 38.25 124.79
C LYS PC 127 -75.41 37.64 125.24
N ARG PC 128 -75.31 37.28 126.53
CA ARG PC 128 -74.10 36.68 127.07
C ARG PC 128 -73.84 35.31 126.47
N GLU PC 129 -74.87 34.48 126.34
CA GLU PC 129 -74.68 33.15 125.77
C GLU PC 129 -74.45 33.22 124.26
N ARG PC 130 -75.05 34.19 123.57
CA ARG PC 130 -74.79 34.36 122.14
C ARG PC 130 -73.34 34.79 121.88
N ALA PC 131 -72.85 35.74 122.68
CA ALA PC 131 -71.46 36.18 122.56
C ALA PC 131 -70.49 35.07 122.94
N LEU PC 132 -70.84 34.28 123.97
CA LEU PC 132 -70.01 33.14 124.37
C LEU PC 132 -69.91 32.09 123.28
N THR PC 133 -71.05 31.76 122.64
CA THR PC 133 -71.03 30.77 121.56
C THR PC 133 -70.29 31.29 120.33
N LEU PC 134 -70.43 32.58 120.01
CA LEU PC 134 -69.69 33.16 118.89
C LEU PC 134 -68.18 33.14 119.16
N ALA PC 135 -67.77 33.46 120.39
CA ALA PC 135 -66.35 33.43 120.74
C ALA PC 135 -65.79 32.02 120.70
N ARG PC 136 -66.56 31.04 121.18
CA ARG PC 136 -66.13 29.63 121.14
C ARG PC 136 -65.95 29.14 119.70
N SER PC 137 -66.92 29.45 118.83
CA SER PC 137 -66.82 29.07 117.43
C SER PC 137 -65.66 29.77 116.73
N ARG PC 138 -65.41 31.04 117.10
CA ARG PC 138 -64.29 31.78 116.53
C ARG PC 138 -62.96 31.16 116.91
N VAL PC 139 -62.79 30.75 118.17
CA VAL PC 139 -61.53 30.16 118.62
C VAL PC 139 -61.30 28.79 117.97
N VAL PC 140 -62.36 27.97 117.91
CA VAL PC 140 -62.26 26.64 117.30
C VAL PC 140 -61.92 26.74 115.82
N SER PC 141 -62.61 27.64 115.10
CA SER PC 141 -62.35 27.82 113.68
C SER PC 141 -60.99 28.46 113.43
N GLU PC 142 -60.51 29.31 114.34
CA GLU PC 142 -59.17 29.88 114.19
C GLU PC 142 -58.11 28.81 114.30
N TYR PC 143 -58.22 27.90 115.27
CA TYR PC 143 -57.21 26.84 115.36
C TYR PC 143 -57.33 25.86 114.19
N LEU PC 144 -58.55 25.59 113.73
CA LEU PC 144 -58.73 24.70 112.58
C LEU PC 144 -58.17 25.31 111.30
N TRP PC 145 -58.34 26.62 111.11
CA TRP PC 145 -57.76 27.29 109.96
C TRP PC 145 -56.24 27.43 110.08
N SER PC 146 -55.74 27.54 111.32
CA SER PC 146 -54.29 27.54 111.54
C SER PC 146 -53.68 26.20 111.15
N GLN PC 147 -54.36 25.11 111.48
CA GLN PC 147 -53.95 23.81 110.95
C GLN PC 147 -54.31 23.73 109.47
N GLY PC 148 -53.70 22.76 108.78
CA GLY PC 148 -53.75 22.74 107.34
C GLY PC 148 -54.90 22.00 106.70
N VAL PC 149 -56.14 22.43 106.94
CA VAL PC 149 -57.27 21.88 106.22
C VAL PC 149 -57.41 22.59 104.89
N ASP PC 150 -57.63 21.81 103.83
CA ASP PC 150 -57.68 22.35 102.48
C ASP PC 150 -59.13 22.65 102.08
N SER PC 151 -59.67 23.69 102.70
CA SER PC 151 -61.01 24.15 102.43
C SER PC 151 -60.95 25.60 101.96
N ARG PC 152 -61.96 26.01 101.19
CA ARG PC 152 -62.01 27.37 100.67
C ARG PC 152 -62.67 28.33 101.65
N ILE PC 153 -63.83 27.97 102.21
CA ILE PC 153 -64.57 28.83 103.11
C ILE PC 153 -64.83 28.09 104.41
N ILE PC 154 -64.65 28.78 105.54
CA ILE PC 154 -65.09 28.30 106.84
C ILE PC 154 -66.02 29.36 107.45
N PHE PC 155 -67.25 28.96 107.74
CA PHE PC 155 -68.25 29.83 108.36
C PHE PC 155 -68.35 29.53 109.85
N THR PC 156 -68.50 30.58 110.65
CA THR PC 156 -68.61 30.47 112.10
C THR PC 156 -69.90 31.14 112.55
N GLN PC 157 -70.67 30.43 113.37
CA GLN PC 157 -71.85 31.02 114.00
C GLN PC 157 -72.07 30.40 115.38
N GLY PC 158 -72.68 31.20 116.26
CA GLY PC 158 -73.08 30.72 117.57
C GLY PC 158 -74.53 31.06 117.85
N LEU PC 159 -75.36 30.04 118.04
CA LEU PC 159 -76.80 30.24 118.13
C LEU PC 159 -77.32 30.33 119.56
N GLY PC 160 -76.43 30.30 120.55
CA GLY PC 160 -76.86 30.41 121.93
C GLY PC 160 -77.50 29.15 122.46
N SER PC 161 -78.78 29.25 122.87
CA SER PC 161 -79.54 28.13 123.41
C SER PC 161 -80.88 28.03 122.69
N ASP PC 162 -80.89 28.21 121.38
CA ASP PC 162 -82.13 28.25 120.62
C ASP PC 162 -82.62 26.88 120.17
N LYS PC 163 -81.70 25.96 119.85
CA LYS PC 163 -82.09 24.64 119.31
C LYS PC 163 -81.49 23.57 120.20
N PRO PC 164 -82.23 23.11 121.21
CA PRO PC 164 -81.77 21.97 122.01
C PRO PC 164 -82.13 20.65 121.37
N ILE PC 165 -81.26 19.66 121.57
CA ILE PC 165 -81.49 18.32 121.06
C ILE PC 165 -82.01 17.36 122.14
N THR PC 166 -82.08 17.79 123.38
CA THR PC 166 -82.51 16.94 124.49
C THR PC 166 -83.32 17.77 125.46
N SER PC 167 -84.47 17.25 125.88
CA SER PC 167 -85.35 17.97 126.80
C SER PC 167 -84.84 17.94 128.24
N TYR PC 168 -83.82 17.14 128.54
CA TYR PC 168 -83.23 17.08 129.88
C TYR PC 168 -82.20 18.20 129.99
N THR PC 169 -82.58 19.31 130.63
CA THR PC 169 -81.76 20.51 130.66
C THR PC 169 -81.35 20.88 132.08
N LEU PC 170 -80.91 19.90 132.87
CA LEU PC 170 -80.54 20.16 134.25
C LEU PC 170 -79.07 20.53 134.44
N GLY PC 171 -78.19 20.10 133.54
CA GLY PC 171 -76.78 20.38 133.68
C GLY PC 171 -76.40 21.76 133.17
N GLY PC 172 -75.10 22.05 133.26
CA GLY PC 172 -74.55 23.29 132.76
C GLY PC 172 -73.82 23.08 131.45
N ASP PC 173 -72.48 23.05 131.50
CA ASP PC 173 -71.70 22.59 130.36
C ASP PC 173 -71.63 21.07 130.28
N ARG PC 174 -72.08 20.37 131.31
CA ARG PC 174 -72.16 18.92 131.29
C ARG PC 174 -73.42 18.42 130.58
N SER PC 175 -74.32 19.32 130.21
CA SER PC 175 -75.54 18.94 129.51
C SER PC 175 -75.20 18.47 128.10
N PRO PC 176 -75.94 17.48 127.56
CA PRO PC 176 -75.66 17.01 126.20
C PRO PC 176 -76.01 18.00 125.11
N ASN PC 177 -76.84 19.01 125.39
CA ASN PC 177 -77.24 19.99 124.39
C ASN PC 177 -76.37 21.25 124.38
N ALA PC 178 -75.21 21.21 125.04
CA ALA PC 178 -74.20 22.26 124.94
C ALA PC 178 -73.03 21.66 124.18
N ARG PC 179 -72.80 22.14 122.97
CA ARG PC 179 -71.94 21.42 122.04
C ARG PC 179 -71.42 22.37 120.96
N VAL PC 180 -70.46 21.85 120.19
CA VAL PC 180 -70.02 22.48 118.94
C VAL PC 180 -70.16 21.46 117.82
N GLU PC 181 -70.67 21.92 116.68
CA GLU PC 181 -70.94 21.08 115.53
C GLU PC 181 -70.16 21.56 114.32
N ILE PC 182 -69.50 20.63 113.63
CA ILE PC 182 -68.75 20.90 112.42
C ILE PC 182 -69.40 20.09 111.31
N THR PC 183 -70.01 20.78 110.34
CA THR PC 183 -70.72 20.13 109.24
C THR PC 183 -70.05 20.48 107.92
N PHE PC 184 -69.97 19.50 107.02
CA PHE PC 184 -69.50 19.77 105.66
C PHE PC 184 -70.10 18.76 104.70
N ARG PC 185 -69.85 19.01 103.41
CA ARG PC 185 -70.31 18.14 102.33
C ARG PC 185 -69.10 17.70 101.52
N ARG PC 186 -68.98 16.39 101.29
CA ARG PC 186 -67.87 15.86 100.52
C ARG PC 186 -68.05 16.20 99.04
N ALA PC 187 -66.99 16.70 98.42
CA ALA PC 187 -67.03 17.13 97.02
C ALA PC 187 -66.40 16.07 96.13
N VAL PC 188 -67.19 15.52 95.22
CA VAL PC 188 -66.81 14.48 94.24
C VAL PC 188 -66.20 13.25 94.91
N CYS QC 42 -48.32 20.63 140.14
CA CYS QC 42 -47.38 20.68 139.03
C CYS QC 42 -47.38 22.06 138.37
N PHE QC 43 -47.22 22.08 137.05
CA PHE QC 43 -47.18 23.32 136.28
C PHE QC 43 -48.21 23.28 135.17
N HIS QC 44 -49.07 24.30 135.12
CA HIS QC 44 -49.98 24.47 134.00
C HIS QC 44 -49.27 25.21 132.88
N PRO QC 45 -49.18 24.65 131.68
CA PRO QC 45 -48.46 25.31 130.56
C PRO QC 45 -49.04 26.66 130.14
N PRO QC 46 -50.40 26.89 130.18
CA PRO QC 46 -50.75 28.31 129.92
C PRO QC 46 -50.60 29.23 131.14
N TYR QC 47 -49.36 29.66 131.37
CA TYR QC 47 -48.94 30.69 132.33
C TYR QC 47 -49.21 30.33 133.78
N ASN QC 48 -49.52 29.06 134.07
CA ASN QC 48 -49.75 28.54 135.43
C ASN QC 48 -50.86 29.29 136.18
N ASN QC 49 -51.88 29.73 135.43
CA ASN QC 49 -53.03 30.49 135.94
C ASN QC 49 -52.61 31.78 136.64
N PHE QC 50 -51.49 32.38 136.19
CA PHE QC 50 -50.90 33.60 136.75
C PHE QC 50 -50.62 33.48 138.25
N GLN QC 51 -50.13 32.32 138.66
CA GLN QC 51 -49.78 32.03 140.04
C GLN QC 51 -48.27 31.91 140.19
N PRO QC 52 -47.72 32.25 141.36
CA PRO QC 52 -46.28 32.01 141.59
C PRO QC 52 -46.00 30.53 141.70
N ASP QC 53 -45.10 30.04 140.84
CA ASP QC 53 -44.82 28.61 140.77
C ASP QC 53 -43.96 28.17 141.96
N ARG QC 54 -44.29 26.99 142.49
CA ARG QC 54 -43.53 26.39 143.59
C ARG QC 54 -42.57 25.37 143.00
N ARG QC 55 -41.48 25.88 142.41
CA ARG QC 55 -40.56 25.04 141.67
C ARG QC 55 -39.63 24.26 142.59
N ALA QC 56 -39.25 24.83 143.73
CA ALA QC 56 -38.24 24.22 144.58
C ALA QC 56 -38.77 23.03 145.38
N VAL QC 57 -40.02 23.09 145.83
CA VAL QC 57 -40.56 22.04 146.69
C VAL QC 57 -40.76 20.74 145.90
N LYS QC 58 -41.07 20.84 144.60
CA LYS QC 58 -41.18 19.64 143.78
C LYS QC 58 -39.84 18.94 143.62
N ARG QC 59 -38.77 19.71 143.42
CA ARG QC 59 -37.43 19.12 143.29
C ARG QC 59 -36.96 18.51 144.61
N VAL QC 60 -37.17 19.21 145.73
CA VAL QC 60 -36.75 18.64 147.01
C VAL QC 60 -37.70 17.56 147.50
N GLY QC 61 -38.86 17.40 146.88
CA GLY QC 61 -39.72 16.28 147.18
C GLY QC 61 -39.45 15.06 146.33
N VAL QC 62 -38.96 15.27 145.10
CA VAL QC 62 -38.61 14.12 144.26
C VAL QC 62 -37.20 13.63 144.56
N ASP QC 63 -36.32 14.48 145.09
CA ASP QC 63 -34.97 14.05 145.43
C ASP QC 63 -34.89 13.60 146.89
N THR QC 64 -35.74 12.62 147.23
CA THR QC 64 -35.70 12.00 148.54
C THR QC 64 -35.81 10.48 148.52
N GLY QC 65 -36.10 9.87 147.37
CA GLY QC 65 -36.22 8.43 147.29
C GLY QC 65 -36.56 7.94 145.89
N GLY QC 88 -31.33 13.12 148.14
CA GLY QC 88 -31.20 13.64 149.48
C GLY QC 88 -31.73 15.06 149.62
N GLY QC 89 -32.07 15.43 150.86
CA GLY QC 89 -32.58 16.78 151.12
C GLY QC 89 -31.53 17.85 150.90
N THR QC 90 -30.29 17.58 151.32
CA THR QC 90 -29.21 18.54 151.10
C THR QC 90 -28.87 18.68 149.62
N VAL QC 91 -28.90 17.57 148.87
CA VAL QC 91 -28.65 17.62 147.43
C VAL QC 91 -29.79 18.36 146.72
N GLY QC 92 -31.02 18.16 147.17
CA GLY QC 92 -32.14 18.91 146.61
C GLY QC 92 -32.07 20.39 146.92
N LEU QC 93 -31.61 20.74 148.13
CA LEU QC 93 -31.43 22.15 148.48
C LEU QC 93 -30.30 22.78 147.67
N VAL QC 94 -29.23 22.03 147.41
CA VAL QC 94 -28.13 22.53 146.57
C VAL QC 94 -28.61 22.74 145.14
N ALA QC 95 -29.39 21.80 144.60
CA ALA QC 95 -29.95 21.95 143.26
C ALA QC 95 -30.93 23.12 143.18
N SER QC 96 -31.74 23.31 144.22
CA SER QC 96 -32.66 24.46 144.26
C SER QC 96 -31.92 25.78 144.31
N ILE QC 97 -30.87 25.87 145.15
CA ILE QC 97 -30.12 27.12 145.26
C ILE QC 97 -29.24 27.36 144.04
N TYR QC 98 -28.97 26.32 143.24
CA TYR QC 98 -28.29 26.54 141.97
C TYR QC 98 -29.27 27.03 140.91
N ARG QC 99 -30.41 26.35 140.77
CA ARG QC 99 -31.35 26.68 139.70
C ARG QC 99 -32.19 27.92 139.98
N ASP QC 100 -32.19 28.41 141.23
CA ASP QC 100 -32.89 29.66 141.53
C ASP QC 100 -31.97 30.88 141.46
N SER QC 101 -30.72 30.70 141.07
CA SER QC 101 -29.78 31.80 141.00
C SER QC 101 -30.08 32.69 139.79
N LYS QC 102 -29.52 33.91 139.83
CA LYS QC 102 -29.72 34.86 138.74
C LYS QC 102 -28.95 34.43 137.50
N ARG QC 103 -27.73 33.90 137.67
CA ARG QC 103 -26.91 33.50 136.54
C ARG QC 103 -27.50 32.31 135.79
N LYS QC 104 -28.16 31.39 136.50
CA LYS QC 104 -28.83 30.27 135.83
C LYS QC 104 -30.01 30.76 135.00
N ILE QC 105 -30.74 31.76 135.49
CA ILE QC 105 -31.83 32.35 134.72
C ILE QC 105 -31.30 33.08 133.49
N ILE QC 106 -30.18 33.79 133.65
CA ILE QC 106 -29.55 34.48 132.52
C ILE QC 106 -29.06 33.50 131.46
N ARG QC 107 -28.44 32.39 131.89
CA ARG QC 107 -28.00 31.38 130.94
C ARG QC 107 -29.16 30.61 130.31
N ASP QC 108 -30.28 30.45 131.03
CA ASP QC 108 -31.46 29.84 130.43
C ASP QC 108 -32.05 30.75 129.34
N LEU QC 109 -32.15 32.05 129.65
CA LEU QC 109 -32.56 33.03 128.64
C LEU QC 109 -31.56 33.14 127.50
N GLN QC 110 -30.30 32.77 127.75
CA GLN QC 110 -29.30 32.65 126.69
C GLN QC 110 -29.56 31.40 125.84
N LYS QC 111 -30.08 30.33 126.45
CA LYS QC 111 -30.44 29.14 125.67
C LYS QC 111 -31.66 29.40 124.78
N GLN QC 112 -32.66 30.11 125.27
CA GLN QC 112 -33.60 30.67 124.30
C GLN QC 112 -33.01 31.93 123.64
N ASP QC 113 -33.78 32.54 122.75
CA ASP QC 113 -33.27 33.62 121.91
C ASP QC 113 -33.56 34.98 122.52
N ILE QC 114 -33.18 35.23 123.77
CA ILE QC 114 -33.42 36.50 124.44
C ILE QC 114 -32.07 37.03 124.94
N GLN QC 115 -31.75 38.28 124.60
CA GLN QC 115 -30.43 38.83 124.90
C GLN QC 115 -30.49 39.74 126.13
N TYR QC 116 -29.50 39.62 127.00
CA TYR QC 116 -29.41 40.41 128.22
C TYR QC 116 -28.16 41.28 128.16
N VAL QC 117 -28.34 42.58 128.41
CA VAL QC 117 -27.25 43.55 128.37
C VAL QC 117 -27.25 44.33 129.69
N GLU QC 118 -26.10 44.35 130.36
CA GLU QC 118 -25.91 45.13 131.58
C GLU QC 118 -24.78 46.12 131.38
N TYR QC 119 -25.04 47.39 131.68
CA TYR QC 119 -24.03 48.44 131.51
C TYR QC 119 -24.33 49.54 132.51
N GLY QC 120 -23.56 49.58 133.59
CA GLY QC 120 -23.81 50.57 134.63
C GLY QC 120 -24.97 50.16 135.50
N ASP QC 121 -25.90 51.08 135.71
CA ASP QC 121 -27.11 50.81 136.49
C ASP QC 121 -28.34 50.71 135.60
N THR QC 122 -28.16 50.20 134.37
CA THR QC 122 -29.25 50.01 133.43
C THR QC 122 -29.17 48.60 132.87
N ARG QC 123 -30.30 47.90 132.84
CA ARG QC 123 -30.37 46.54 132.34
C ARG QC 123 -31.40 46.48 131.21
N THR QC 124 -31.08 45.67 130.19
CA THR QC 124 -31.82 45.67 128.94
C THR QC 124 -32.04 44.25 128.45
N LEU QC 125 -33.29 43.92 128.14
CA LEU QC 125 -33.66 42.64 127.55
C LEU QC 125 -34.13 42.86 126.12
N ILE QC 126 -33.63 42.04 125.20
CA ILE QC 126 -33.96 42.11 123.78
C ILE QC 126 -34.69 40.83 123.41
N ILE QC 127 -35.91 40.98 122.89
CA ILE QC 127 -36.80 39.85 122.59
C ILE QC 127 -37.24 39.92 121.13
N PRO QC 128 -37.13 38.84 120.36
CA PRO QC 128 -37.49 38.90 118.93
C PRO QC 128 -38.98 38.66 118.71
N THR QC 129 -39.61 39.57 117.96
CA THR QC 129 -41.03 39.45 117.66
C THR QC 129 -41.31 38.30 116.70
N ASP QC 130 -40.34 37.95 115.85
CA ASP QC 130 -40.51 36.87 114.89
C ASP QC 130 -40.66 35.50 115.54
N LYS QC 131 -40.18 35.34 116.78
CA LYS QC 131 -40.37 34.09 117.51
C LYS QC 131 -41.27 34.22 118.72
N TYR QC 132 -41.46 35.41 119.27
CA TYR QC 132 -42.31 35.56 120.45
C TYR QC 132 -43.64 36.25 120.14
N PHE QC 133 -43.94 36.49 118.87
CA PHE QC 133 -45.24 36.96 118.44
C PHE QC 133 -45.67 36.18 117.21
N MET QC 134 -46.97 36.14 116.97
CA MET QC 134 -47.46 35.57 115.73
C MET QC 134 -47.32 36.59 114.61
N PHE QC 135 -47.46 36.11 113.37
CA PHE QC 135 -47.09 36.90 112.20
C PHE QC 135 -48.07 38.05 111.97
N SER QC 136 -47.53 39.28 112.00
CA SER QC 136 -48.25 40.53 111.69
C SER QC 136 -49.49 40.72 112.58
N SER QC 137 -49.36 40.36 113.85
CA SER QC 137 -50.47 40.42 114.79
C SER QC 137 -49.93 40.79 116.15
N PRO QC 138 -50.73 41.44 117.01
CA PRO QC 138 -50.34 41.66 118.40
C PRO QC 138 -50.58 40.49 119.33
N ARG QC 139 -50.85 39.30 118.78
CA ARG QC 139 -51.10 38.12 119.61
C ARG QC 139 -49.79 37.52 120.09
N LEU QC 140 -49.79 37.02 121.32
CA LEU QC 140 -48.59 36.44 121.93
C LEU QC 140 -48.53 34.95 121.61
N ASN QC 141 -47.36 34.49 121.18
CA ASN QC 141 -47.18 33.09 120.82
C ASN QC 141 -47.11 32.24 122.08
N GLU QC 142 -48.08 31.36 122.27
CA GLU QC 142 -48.20 30.57 123.49
C GLU QC 142 -47.29 29.35 123.52
N ILE QC 143 -46.65 29.01 122.40
CA ILE QC 143 -45.71 27.89 122.38
C ILE QC 143 -44.42 28.26 123.11
N CYS QC 144 -44.05 29.54 123.09
CA CYS QC 144 -42.78 30.01 123.65
C CYS QC 144 -42.92 30.54 125.07
N TYR QC 145 -43.80 29.95 125.87
CA TYR QC 145 -44.02 30.33 127.26
C TYR QC 145 -42.86 30.14 128.26
N PRO QC 146 -41.91 29.20 128.12
CA PRO QC 146 -40.77 29.21 129.08
C PRO QC 146 -39.91 30.46 129.03
N GLY QC 147 -39.74 31.06 127.84
CA GLY QC 147 -39.00 32.31 127.77
C GLY QC 147 -39.70 33.46 128.47
N LEU QC 148 -41.02 33.54 128.34
CA LEU QC 148 -41.79 34.56 129.05
C LEU QC 148 -41.77 34.33 130.56
N ASN QC 149 -41.86 33.06 130.99
CA ASN QC 149 -41.79 32.76 132.42
C ASN QC 149 -40.40 33.08 132.98
N ASN QC 150 -39.34 32.84 132.20
CA ASN QC 150 -38.00 33.22 132.63
C ASN QC 150 -37.82 34.73 132.66
N VAL QC 151 -38.49 35.46 131.76
CA VAL QC 151 -38.47 36.92 131.80
C VAL QC 151 -39.13 37.43 133.09
N ILE QC 152 -40.26 36.84 133.46
CA ILE QC 152 -40.92 37.20 134.73
C ILE QC 152 -40.04 36.85 135.92
N ARG QC 153 -39.37 35.68 135.87
CA ARG QC 153 -38.48 35.26 136.95
C ARG QC 153 -37.28 36.19 137.09
N LEU QC 154 -36.73 36.67 135.98
CA LEU QC 154 -35.61 37.61 136.04
C LEU QC 154 -36.08 38.98 136.53
N LEU QC 155 -37.26 39.42 136.09
CA LEU QC 155 -37.76 40.73 136.51
C LEU QC 155 -38.25 40.74 137.96
N ASN QC 156 -38.47 39.56 138.56
CA ASN QC 156 -38.88 39.49 139.96
C ASN QC 156 -37.76 39.88 140.92
N PHE QC 157 -36.50 39.93 140.46
CA PHE QC 157 -35.37 40.24 141.34
C PHE QC 157 -35.22 41.72 141.63
N TYR QC 158 -35.97 42.60 140.96
CA TYR QC 158 -35.85 44.04 141.11
C TYR QC 158 -37.23 44.62 141.38
N PRO QC 159 -37.68 44.60 142.63
CA PRO QC 159 -39.05 45.02 142.95
C PRO QC 159 -39.23 46.53 143.15
N GLN QC 160 -38.23 47.36 142.85
CA GLN QC 160 -38.34 48.79 143.05
C GLN QC 160 -38.12 49.62 141.78
N SER QC 161 -37.57 49.05 140.73
CA SER QC 161 -37.23 49.81 139.54
C SER QC 161 -38.47 50.04 138.67
N THR QC 162 -38.33 50.99 137.74
CA THR QC 162 -39.35 51.28 136.76
C THR QC 162 -38.99 50.62 135.43
N ILE QC 163 -40.02 50.23 134.67
CA ILE QC 163 -39.87 49.43 133.46
C ILE QC 163 -40.27 50.27 132.26
N TYR QC 164 -39.45 50.23 131.21
CA TYR QC 164 -39.80 50.80 129.91
C TYR QC 164 -39.77 49.70 128.87
N VAL QC 165 -40.83 49.61 128.06
CA VAL QC 165 -40.90 48.64 126.97
C VAL QC 165 -41.12 49.39 125.67
N ALA QC 166 -40.37 49.01 124.64
CA ALA QC 166 -40.40 49.66 123.34
C ALA QC 166 -40.46 48.61 122.24
N GLY QC 167 -41.22 48.93 121.19
CA GLY QC 167 -41.39 48.04 120.04
C GLY QC 167 -40.75 48.62 118.80
N PHE QC 168 -40.11 47.76 118.00
CA PHE QC 168 -39.43 48.18 116.77
C PHE QC 168 -39.72 47.19 115.66
N THR QC 169 -39.94 47.71 114.45
CA THR QC 169 -40.14 46.92 113.24
C THR QC 169 -39.09 47.29 112.20
N ASP QC 170 -39.18 46.64 111.04
CA ASP QC 170 -38.29 46.93 109.91
C ASP QC 170 -38.91 48.01 109.00
N ASN QC 171 -38.34 48.20 107.83
CA ASN QC 171 -38.71 49.29 106.93
C ASN QC 171 -39.84 48.94 105.98
N VAL QC 172 -40.31 47.71 105.95
CA VAL QC 172 -41.34 47.30 104.99
C VAL QC 172 -42.70 47.72 105.52
N GLY QC 173 -43.45 48.45 104.69
CA GLY QC 173 -44.80 48.87 105.00
C GLY QC 173 -44.93 50.37 104.99
N SER QC 174 -46.08 50.83 105.49
CA SER QC 174 -46.36 52.25 105.63
C SER QC 174 -46.02 52.71 107.05
N ARG QC 175 -45.87 54.02 107.20
CA ARG QC 175 -45.41 54.61 108.45
C ARG QC 175 -46.42 54.43 109.57
N SER QC 176 -47.70 54.69 109.28
CA SER QC 176 -48.75 54.51 110.27
C SER QC 176 -48.94 53.05 110.63
N HIS QC 177 -48.77 52.16 109.64
CA HIS QC 177 -48.87 50.72 109.90
C HIS QC 177 -47.74 50.24 110.81
N LYS QC 178 -46.52 50.72 110.57
CA LYS QC 178 -45.37 50.35 111.42
C LYS QC 178 -45.56 50.88 112.84
N ARG QC 179 -46.02 52.13 112.97
CA ARG QC 179 -46.24 52.74 114.27
C ARG QC 179 -47.33 52.01 115.05
N LYS QC 180 -48.43 51.65 114.37
CA LYS QC 180 -49.52 50.96 115.04
C LYS QC 180 -49.15 49.54 115.43
N LEU QC 181 -48.38 48.84 114.59
CA LEU QC 181 -47.95 47.49 114.93
C LEU QC 181 -46.99 47.49 116.12
N SER QC 182 -46.04 48.43 116.13
CA SER QC 182 -45.12 48.54 117.26
C SER QC 182 -45.84 48.92 118.54
N GLN QC 183 -46.81 49.84 118.45
CA GLN QC 183 -47.58 50.24 119.63
C GLN QC 183 -48.43 49.09 120.16
N ALA QC 184 -49.05 48.30 119.28
CA ALA QC 184 -49.85 47.17 119.71
C ALA QC 184 -49.01 46.09 120.38
N GLN QC 185 -47.82 45.80 119.82
CA GLN QC 185 -46.94 44.82 120.44
C GLN QC 185 -46.40 45.31 121.78
N ALA QC 186 -46.11 46.62 121.89
CA ALA QC 186 -45.64 47.18 123.16
C ALA QC 186 -46.73 47.11 124.23
N GLU QC 187 -47.98 47.43 123.87
CA GLU QC 187 -49.09 47.31 124.83
C GLU QC 187 -49.34 45.86 125.24
N THR QC 188 -49.20 44.92 124.30
CA THR QC 188 -49.37 43.51 124.64
C THR QC 188 -48.30 43.03 125.62
N MET QC 189 -47.04 43.42 125.40
CA MET QC 189 -45.97 43.02 126.30
C MET QC 189 -46.10 43.70 127.66
N MET QC 190 -46.53 44.97 127.68
CA MET QC 190 -46.75 45.66 128.95
C MET QC 190 -47.91 45.05 129.73
N THR QC 191 -48.98 44.64 129.04
CA THR QC 191 -50.10 43.98 129.69
C THR QC 191 -49.69 42.63 130.28
N PHE QC 192 -48.86 41.87 129.54
CA PHE QC 192 -48.36 40.61 130.08
C PHE QC 192 -47.44 40.82 131.28
N LEU QC 193 -46.67 41.91 131.29
CA LEU QC 193 -45.88 42.23 132.48
C LEU QC 193 -46.78 42.65 133.65
N TRP QC 194 -47.85 43.40 133.36
CA TRP QC 194 -48.72 43.92 134.42
C TRP QC 194 -49.54 42.81 135.06
N ALA QC 195 -49.96 41.81 134.27
CA ALA QC 195 -50.84 40.77 134.78
C ALA QC 195 -50.12 39.76 135.69
N ASN QC 196 -48.80 39.82 135.78
CA ASN QC 196 -48.04 38.88 136.60
C ASN QC 196 -47.68 39.44 137.97
N GLY QC 197 -48.14 40.65 138.31
CA GLY QC 197 -47.90 41.18 139.64
C GLY QC 197 -47.31 42.58 139.68
N ILE QC 198 -46.70 43.02 138.57
CA ILE QC 198 -46.07 44.33 138.52
C ILE QC 198 -47.15 45.40 138.46
N ALA QC 199 -47.02 46.42 139.30
CA ALA QC 199 -47.99 47.50 139.40
C ALA QC 199 -47.99 48.35 138.13
N ALA QC 200 -49.15 48.98 137.87
CA ALA QC 200 -49.34 49.73 136.64
C ALA QC 200 -48.58 51.06 136.64
N LYS QC 201 -48.24 51.60 137.80
CA LYS QC 201 -47.51 52.85 137.88
C LYS QC 201 -46.02 52.71 137.58
N ARG QC 202 -45.51 51.48 137.48
CA ARG QC 202 -44.12 51.22 137.18
C ARG QC 202 -43.87 50.93 135.71
N LEU QC 203 -44.88 51.04 134.85
CA LEU QC 203 -44.79 50.60 133.47
C LEU QC 203 -45.13 51.72 132.51
N LYS QC 204 -44.47 51.70 131.36
CA LYS QC 204 -44.75 52.61 130.26
C LYS QC 204 -44.33 51.94 128.96
N ALA QC 205 -45.15 52.06 127.93
CA ALA QC 205 -44.91 51.40 126.65
C ALA QC 205 -44.84 52.41 125.52
N GLU QC 206 -43.96 52.15 124.56
CA GLU QC 206 -43.80 53.01 123.40
C GLU QC 206 -43.48 52.17 122.18
N GLY QC 207 -44.03 52.58 121.02
CA GLY QC 207 -43.75 51.88 119.80
C GLY QC 207 -43.15 52.76 118.72
N TYR QC 208 -41.89 52.53 118.38
CA TYR QC 208 -41.21 53.26 117.33
C TYR QC 208 -41.23 52.44 116.05
N GLY QC 209 -41.08 53.11 114.91
CA GLY QC 209 -41.12 52.41 113.65
C GLY QC 209 -39.75 51.91 113.26
N ASP QC 210 -39.23 52.40 112.13
CA ASP QC 210 -37.86 52.16 111.72
C ASP QC 210 -36.98 53.36 112.03
N LYS QC 211 -37.21 53.98 113.18
CA LYS QC 211 -36.62 55.27 113.51
C LYS QC 211 -35.13 55.14 113.79
N ASN QC 212 -34.76 54.38 114.82
CA ASN QC 212 -33.36 54.17 115.20
C ASN QC 212 -33.01 52.68 115.25
N ALA QC 213 -32.67 52.15 114.09
CA ALA QC 213 -32.36 50.73 113.92
C ALA QC 213 -30.96 50.42 114.46
N ILE QC 214 -30.68 49.12 114.59
CA ILE QC 214 -29.38 48.65 115.05
C ILE QC 214 -28.62 47.91 113.97
N SER QC 215 -29.22 47.68 112.80
CA SER QC 215 -28.56 46.96 111.71
C SER QC 215 -29.03 47.57 110.39
N ASP QC 216 -28.47 47.07 109.30
CA ASP QC 216 -28.81 47.56 107.97
C ASP QC 216 -30.09 46.93 107.47
N ASN QC 217 -31.00 47.76 106.97
CA ASN QC 217 -32.28 47.29 106.44
C ASN QC 217 -32.20 46.87 104.98
N ALA QC 218 -31.06 47.06 104.33
CA ALA QC 218 -30.88 46.67 102.94
C ALA QC 218 -30.43 45.23 102.77
N ILE QC 219 -30.25 44.50 103.87
CA ILE QC 219 -29.84 43.10 103.83
C ILE QC 219 -30.81 42.29 104.67
N ILE QC 220 -30.86 40.98 104.39
CA ILE QC 220 -31.91 40.12 104.92
C ILE QC 220 -31.73 39.89 106.41
N HIS QC 221 -30.52 39.49 106.83
CA HIS QC 221 -30.28 39.18 108.24
C HIS QC 221 -30.28 40.45 109.09
N GLY QC 222 -29.74 41.54 108.55
CA GLY QC 222 -29.77 42.81 109.27
C GLY QC 222 -31.18 43.36 109.42
N SER QC 223 -32.01 43.18 108.39
CA SER QC 223 -33.42 43.58 108.51
C SER QC 223 -34.17 42.69 109.47
N ALA QC 224 -33.81 41.40 109.54
CA ALA QC 224 -34.43 40.50 110.51
C ALA QC 224 -34.04 40.84 111.94
N GLN QC 225 -32.83 41.37 112.14
CA GLN QC 225 -32.39 41.73 113.49
C GLN QC 225 -33.05 42.99 114.03
N ASN QC 226 -33.79 43.74 113.21
CA ASN QC 226 -34.34 45.02 113.63
C ASN QC 226 -35.73 44.92 114.27
N ARG QC 227 -36.46 43.84 114.05
CA ARG QC 227 -37.80 43.68 114.60
C ARG QC 227 -37.68 43.11 116.00
N ARG QC 228 -37.95 43.94 117.02
CA ARG QC 228 -37.57 43.54 118.37
C ARG QC 228 -38.42 44.27 119.41
N ILE QC 229 -38.36 43.76 120.63
CA ILE QC 229 -38.93 44.38 121.82
C ILE QC 229 -37.79 44.64 122.80
N GLU QC 230 -37.70 45.87 123.27
CA GLU QC 230 -36.67 46.30 124.21
C GLU QC 230 -37.29 46.54 125.58
N ILE QC 231 -36.72 45.94 126.61
CA ILE QC 231 -37.18 46.13 127.99
C ILE QC 231 -36.00 46.70 128.78
N GLN QC 232 -36.13 47.93 129.24
CA GLN QC 232 -35.10 48.58 130.04
C GLN QC 232 -35.60 48.83 131.45
N TRP QC 233 -34.71 48.64 132.42
CA TRP QC 233 -35.00 49.05 133.79
C TRP QC 233 -33.72 49.48 134.50
N PHE QC 234 -33.90 50.23 135.58
CA PHE QC 234 -32.77 50.77 136.33
C PHE QC 234 -32.36 49.83 137.45
N GLU RC 29 -83.98 65.87 183.93
CA GLU RC 29 -84.51 64.77 183.15
C GLU RC 29 -86.04 64.76 183.18
N VAL RC 30 -86.67 65.34 182.15
CA VAL RC 30 -88.11 65.41 182.04
C VAL RC 30 -88.55 64.91 180.68
N LYS RC 31 -89.79 64.46 180.61
CA LYS RC 31 -90.36 63.91 179.39
C LYS RC 31 -91.06 65.01 178.60
N LYS RC 32 -91.83 64.63 177.57
CA LYS RC 32 -92.56 65.57 176.74
C LYS RC 32 -94.07 65.39 176.82
N GLN RC 33 -94.55 64.56 177.75
CA GLN RC 33 -95.98 64.25 177.81
C GLN RC 33 -96.78 65.44 178.33
N GLY RC 34 -97.99 65.60 177.79
CA GLY RC 34 -98.86 66.69 178.16
C GLY RC 34 -98.64 67.99 177.42
N THR RC 35 -97.67 68.05 176.52
CA THR RC 35 -97.32 69.27 175.80
C THR RC 35 -97.36 69.01 174.30
N SER RC 36 -98.07 69.86 173.57
CA SER RC 36 -98.13 69.79 172.12
C SER RC 36 -97.05 70.69 171.51
N SER RC 37 -96.83 70.53 170.21
CA SER RC 37 -95.77 71.24 169.52
C SER RC 37 -96.14 72.72 169.33
N THR RC 38 -95.30 73.62 169.84
CA THR RC 38 -95.52 75.04 169.75
C THR RC 38 -94.36 75.69 169.00
N ARG RC 39 -94.51 76.99 168.72
CA ARG RC 39 -93.56 77.75 167.91
C ARG RC 39 -92.71 78.63 168.82
N GLN RC 40 -91.39 78.63 168.57
CA GLN RC 40 -90.46 79.47 169.31
C GLN RC 40 -89.50 80.13 168.32
N PHE RC 41 -89.25 81.42 168.51
CA PHE RC 41 -88.21 82.15 167.80
C PHE RC 41 -87.11 82.53 168.78
N ARG RC 42 -85.87 82.26 168.40
CA ARG RC 42 -84.73 82.53 169.27
C ARG RC 42 -83.60 83.11 168.44
N GLN RC 43 -82.70 83.83 169.10
CA GLN RC 43 -81.57 84.49 168.48
C GLN RC 43 -80.27 83.80 168.87
N VAL RC 44 -79.35 83.70 167.91
CA VAL RC 44 -78.08 83.01 168.10
C VAL RC 44 -76.97 83.90 167.53
N SER RC 45 -75.76 83.67 168.00
CA SER RC 45 -74.59 84.43 167.58
C SER RC 45 -74.02 83.84 166.29
N SER RC 46 -72.82 84.28 165.90
CA SER RC 46 -72.20 83.82 164.68
C SER RC 46 -71.63 82.42 164.85
N PHE RC 47 -71.87 81.57 163.84
CA PHE RC 47 -71.40 80.19 163.87
C PHE RC 47 -71.01 79.77 162.46
N ASN RC 48 -70.07 78.83 162.38
CA ASN RC 48 -69.58 78.34 161.10
C ASN RC 48 -69.57 76.81 161.00
N GLN RC 49 -70.07 76.11 162.01
CA GLN RC 49 -70.10 74.64 161.99
C GLN RC 49 -71.32 74.21 162.80
N ILE RC 50 -72.09 73.26 162.28
CA ILE RC 50 -73.34 72.84 162.90
C ILE RC 50 -73.26 71.36 163.21
N VAL RC 51 -73.47 70.99 164.48
CA VAL RC 51 -73.47 69.60 164.93
C VAL RC 51 -74.83 69.32 165.55
N VAL RC 52 -75.60 68.43 164.93
CA VAL RC 52 -76.96 68.12 165.38
C VAL RC 52 -77.04 66.64 165.75
N GLN RC 53 -77.58 66.37 166.94
CA GLN RC 53 -77.77 65.02 167.43
C GLN RC 53 -79.22 64.84 167.88
N GLY RC 54 -79.76 63.65 167.63
CA GLY RC 54 -81.09 63.28 168.09
C GLY RC 54 -82.02 62.99 166.93
N ARG RC 55 -83.27 62.69 167.29
CA ARG RC 55 -84.34 62.40 166.34
C ARG RC 55 -85.13 63.68 166.10
N LEU RC 56 -84.88 64.32 164.97
CA LEU RC 56 -85.45 65.64 164.68
C LEU RC 56 -85.37 65.91 163.18
N ASN RC 57 -86.01 67.01 162.78
CA ASN RC 57 -86.03 67.45 161.39
C ASN RC 57 -85.45 68.85 161.30
N VAL RC 58 -84.43 69.01 160.46
CA VAL RC 58 -83.70 70.26 160.31
C VAL RC 58 -83.92 70.80 158.91
N ASN RC 59 -84.27 72.08 158.81
CA ASN RC 59 -84.40 72.79 157.55
C ASN RC 59 -83.41 73.94 157.51
N LEU RC 60 -82.73 74.09 156.38
CA LEU RC 60 -81.68 75.07 156.21
C LEU RC 60 -82.10 76.12 155.19
N HIS RC 61 -81.72 77.37 155.42
CA HIS RC 61 -81.95 78.44 154.45
C HIS RC 61 -80.70 79.30 154.37
N THR RC 62 -80.71 80.25 153.43
CA THR RC 62 -79.55 81.10 153.20
C THR RC 62 -80.04 82.50 152.85
N GLY RC 63 -79.58 83.50 153.60
CA GLY RC 63 -79.95 84.88 153.33
C GLY RC 63 -78.84 85.82 153.75
N TYR RC 64 -79.02 87.09 153.41
CA TYR RC 64 -78.05 88.12 153.74
C TYR RC 64 -78.41 88.90 155.01
N ASN RC 65 -79.34 88.38 155.79
CA ASN RC 65 -79.77 89.03 157.03
C ASN RC 65 -78.94 88.51 158.20
N LYS RC 66 -79.41 88.80 159.42
CA LYS RC 66 -78.82 88.22 160.61
C LYS RC 66 -79.10 86.72 160.66
N PRO RC 67 -78.25 85.94 161.33
CA PRO RC 67 -78.60 84.53 161.55
C PRO RC 67 -79.66 84.36 162.63
N GLU RC 68 -80.51 83.35 162.46
CA GLU RC 68 -81.45 82.98 163.52
C GLU RC 68 -81.79 81.50 163.42
N VAL RC 69 -82.42 81.00 164.48
CA VAL RC 69 -82.87 79.62 164.56
C VAL RC 69 -84.29 79.60 165.16
N MET RC 70 -85.17 78.82 164.54
CA MET RC 70 -86.52 78.57 165.03
C MET RC 70 -86.60 77.14 165.54
N LEU RC 71 -87.08 76.99 166.77
CA LEU RC 71 -87.15 75.71 167.46
C LEU RC 71 -88.62 75.36 167.73
N ARG RC 72 -89.23 74.59 166.83
CA ARG RC 72 -90.58 74.10 167.01
C ARG RC 72 -90.55 72.82 167.84
N GLY RC 73 -91.13 72.86 169.04
CA GLY RC 73 -91.12 71.71 169.92
C GLY RC 73 -92.06 71.91 171.08
N ASP RC 74 -92.11 70.89 171.93
CA ASP RC 74 -92.97 70.94 173.11
C ASP RC 74 -92.39 71.89 174.15
N PRO RC 75 -93.23 72.72 174.79
CA PRO RC 75 -92.71 73.70 175.77
C PRO RC 75 -92.09 73.09 177.01
N ARG RC 76 -92.40 71.83 177.33
CA ARG RC 76 -91.67 71.14 178.40
C ARG RC 76 -90.24 70.86 178.00
N ASP RC 77 -90.00 70.60 176.71
CA ASP RC 77 -88.68 70.23 176.21
C ASP RC 77 -87.99 71.36 175.43
N LEU RC 78 -88.57 72.57 175.41
CA LEU RC 78 -87.87 73.69 174.79
C LEU RC 78 -86.64 74.11 175.60
N VAL RC 79 -86.68 73.90 176.92
CA VAL RC 79 -85.49 74.08 177.73
C VAL RC 79 -84.46 72.98 177.43
N GLN RC 80 -84.94 71.75 177.23
CA GLN RC 80 -84.07 70.61 176.98
C GLN RC 80 -83.41 70.68 175.60
N VAL RC 81 -84.07 71.33 174.64
CA VAL RC 81 -83.46 71.60 173.35
C VAL RC 81 -82.35 72.62 173.56
N ARG RC 82 -81.10 72.20 173.35
CA ARG RC 82 -79.93 73.00 173.68
C ARG RC 82 -79.37 73.66 172.43
N THR RC 83 -79.21 74.97 172.48
CA THR RC 83 -78.63 75.76 171.41
C THR RC 83 -77.42 76.48 172.00
N ILE RC 84 -76.27 75.83 171.99
CA ILE RC 84 -75.07 76.36 172.63
C ILE RC 84 -74.01 76.60 171.55
N VAL RC 85 -73.18 77.61 171.80
CA VAL RC 85 -72.13 78.04 170.88
C VAL RC 85 -70.80 77.97 171.62
N LYS RC 86 -69.84 77.24 171.05
CA LYS RC 86 -68.51 77.12 171.63
C LYS RC 86 -67.49 77.23 170.51
N GLN RC 87 -66.83 78.40 170.43
CA GLN RC 87 -65.74 78.70 169.49
C GLN RC 87 -66.18 78.54 168.04
N ASN RC 88 -67.12 79.41 167.64
CA ASN RC 88 -67.62 79.55 166.26
C ASN RC 88 -68.34 78.28 165.78
N THR RC 89 -68.91 77.52 166.72
CA THR RC 89 -69.66 76.32 166.41
C THR RC 89 -71.08 76.43 166.97
N LEU RC 90 -71.91 75.46 166.63
CA LEU RC 90 -73.28 75.35 167.11
C LEU RC 90 -73.57 73.90 167.44
N TYR RC 91 -74.05 73.63 168.65
CA TYR RC 91 -74.36 72.28 169.10
C TYR RC 91 -75.85 72.18 169.38
N VAL RC 92 -76.60 71.57 168.47
CA VAL RC 92 -78.02 71.31 168.65
C VAL RC 92 -78.16 69.83 168.98
N SER RC 93 -78.26 69.51 170.27
CA SER RC 93 -78.31 68.13 170.71
C SER RC 93 -79.23 68.05 171.92
N LEU RC 94 -79.26 66.88 172.54
CA LEU RC 94 -80.09 66.66 173.72
C LEU RC 94 -79.47 67.35 174.94
N GLY RC 95 -80.35 67.90 175.79
CA GLY RC 95 -79.92 68.53 177.02
C GLY RC 95 -80.57 67.85 178.21
N GLN RC 96 -79.79 67.75 179.30
CA GLN RC 96 -80.17 67.07 180.55
C GLN RC 96 -80.61 65.63 180.29
N GLY RC 97 -79.87 64.95 179.42
CA GLY RC 97 -80.19 63.57 179.08
C GLY RC 97 -81.35 63.46 178.09
N TYR RC 98 -81.70 62.21 177.79
CA TYR RC 98 -82.83 61.90 176.92
C TYR RC 98 -83.74 60.94 177.67
N PRO RC 99 -84.70 61.48 178.44
CA PRO RC 99 -85.81 60.61 178.89
C PRO RC 99 -86.75 60.27 177.74
N ASP RC 100 -87.26 61.31 177.07
CA ASP RC 100 -88.21 61.18 175.97
C ASP RC 100 -88.42 62.51 175.25
N TYR RC 101 -88.30 62.52 173.93
CA TYR RC 101 -88.87 63.58 173.10
C TYR RC 101 -89.20 63.00 171.73
N GLY RC 102 -90.35 63.40 171.19
CA GLY RC 102 -90.83 62.80 169.96
C GLY RC 102 -90.59 63.58 168.68
N ALA RC 103 -90.90 64.87 168.68
CA ALA RC 103 -90.84 65.68 167.47
C ALA RC 103 -90.17 67.00 167.77
N VAL RC 104 -89.08 67.29 167.07
CA VAL RC 104 -88.36 68.56 167.15
C VAL RC 104 -88.10 69.03 165.73
N THR RC 105 -88.46 70.29 165.44
CA THR RC 105 -88.19 70.90 164.14
C THR RC 105 -87.27 72.09 164.35
N VAL RC 106 -86.15 72.10 163.64
CA VAL RC 106 -85.16 73.17 163.74
C VAL RC 106 -85.00 73.80 162.37
N ASP RC 107 -85.48 75.03 162.23
CA ASP RC 107 -85.24 75.81 161.02
C ASP RC 107 -84.10 76.78 161.29
N ILE RC 108 -83.21 76.95 160.32
CA ILE RC 108 -82.00 77.72 160.56
C ILE RC 108 -81.72 78.63 159.37
N LYS RC 109 -81.26 79.86 159.65
CA LYS RC 109 -80.86 80.82 158.64
C LYS RC 109 -79.53 81.42 159.05
N THR RC 110 -78.58 81.45 158.12
CA THR RC 110 -77.22 81.92 158.38
C THR RC 110 -76.60 82.38 157.07
N LYS RC 111 -75.29 82.66 157.10
CA LYS RC 111 -74.57 83.14 155.94
C LYS RC 111 -73.47 82.17 155.49
N PHE RC 112 -72.58 81.77 156.38
CA PHE RC 112 -71.41 80.97 156.02
C PHE RC 112 -71.39 79.68 156.82
N LEU RC 113 -71.14 78.57 156.12
CA LEU RC 113 -71.08 77.25 156.74
C LEU RC 113 -69.79 76.55 156.32
N ASN RC 114 -69.24 75.75 157.25
CA ASN RC 114 -68.00 75.05 157.00
C ASN RC 114 -67.99 73.58 157.43
N ARG RC 115 -68.96 73.14 158.23
CA ARG RC 115 -69.01 71.75 158.66
C ARG RC 115 -70.42 71.39 159.08
N PHE RC 116 -70.88 70.20 158.68
CA PHE RC 116 -72.18 69.68 159.07
C PHE RC 116 -72.00 68.28 159.64
N ARG RC 117 -72.47 68.07 160.86
CA ARG RC 117 -72.48 66.76 161.51
C ARG RC 117 -73.91 66.42 161.90
N TYR RC 118 -74.36 65.22 161.56
CA TYR RC 118 -75.73 64.82 161.85
C TYR RC 118 -75.77 63.39 162.36
N GLU RC 119 -76.44 63.18 163.51
CA GLU RC 119 -76.57 61.85 164.09
C GLU RC 119 -77.95 61.66 164.69
N GLY RC 120 -78.45 60.42 164.61
CA GLY RC 120 -79.56 60.00 165.45
C GLY RC 120 -80.94 59.83 164.84
N ALA RC 121 -81.03 59.26 163.63
CA ALA RC 121 -82.29 58.93 162.93
C ALA RC 121 -83.14 60.18 162.71
N GLY RC 122 -82.62 61.05 161.85
CA GLY RC 122 -83.29 62.31 161.60
C GLY RC 122 -83.41 62.71 160.14
N VAL RC 123 -83.93 63.91 159.90
CA VAL RC 123 -84.18 64.43 158.56
C VAL RC 123 -83.43 65.74 158.40
N VAL RC 124 -82.73 65.91 157.27
CA VAL RC 124 -82.04 67.15 156.93
C VAL RC 124 -82.49 67.59 155.54
N THR RC 125 -82.95 68.82 155.42
CA THR RC 125 -83.35 69.38 154.14
C THR RC 125 -82.72 70.77 153.96
N GLY RC 126 -82.11 71.00 152.81
CA GLY RC 126 -81.47 72.28 152.54
C GLY RC 126 -81.29 72.50 151.06
N ASN RC 127 -81.26 73.77 150.67
CA ASN RC 127 -81.09 74.13 149.26
C ASN RC 127 -80.51 75.54 149.16
N ASN RC 128 -79.99 75.83 147.96
CA ASN RC 128 -79.47 77.16 147.58
C ASN RC 128 -78.33 77.62 148.49
N LEU RC 129 -77.40 76.73 148.76
CA LEU RC 129 -76.27 77.01 149.63
C LEU RC 129 -75.03 77.22 148.77
N ARG RC 130 -74.33 78.33 149.01
CA ARG RC 130 -73.11 78.66 148.29
C ARG RC 130 -71.95 78.65 149.26
N THR RC 131 -70.86 77.98 148.88
CA THR RC 131 -69.73 77.78 149.77
C THR RC 131 -68.47 77.53 148.95
N SER RC 132 -67.34 77.54 149.63
CA SER RC 132 -66.05 77.18 149.05
C SER RC 132 -65.65 75.75 149.38
N TYR RC 133 -65.70 75.37 150.66
CA TYR RC 133 -65.37 74.02 151.09
C TYR RC 133 -66.06 73.75 152.42
N LEU RC 134 -66.75 72.62 152.51
CA LEU RC 134 -67.35 72.17 153.76
C LEU RC 134 -67.48 70.66 153.72
N ASP RC 135 -67.66 70.07 154.91
CA ASP RC 135 -67.62 68.62 155.10
C ASP RC 135 -68.93 68.13 155.69
N LEU RC 136 -69.50 67.10 155.06
CA LEU RC 136 -70.70 66.43 155.56
C LEU RC 136 -70.30 65.16 156.32
N TYR RC 137 -70.94 64.96 157.47
CA TYR RC 137 -70.78 63.70 158.22
C TYR RC 137 -72.17 63.25 158.66
N LEU RC 138 -72.77 62.34 157.90
CA LEU RC 138 -74.09 61.80 158.19
C LEU RC 138 -73.95 60.45 158.88
N ALA RC 139 -74.77 60.22 159.90
CA ALA RC 139 -74.74 58.93 160.59
C ALA RC 139 -76.13 58.47 160.96
N ASN RC 140 -76.39 57.18 160.74
CA ASN RC 140 -77.50 56.42 161.32
C ASN RC 140 -78.86 57.01 160.92
N GLU RC 141 -79.19 56.79 159.64
CA GLU RC 141 -80.47 57.19 159.01
C GLU RC 141 -80.65 58.71 159.10
N GLY RC 142 -79.78 59.40 158.37
CA GLY RC 142 -80.00 60.79 158.07
C GLY RC 142 -80.65 60.95 156.71
N THR RC 143 -81.97 61.09 156.68
CA THR RC 143 -82.70 61.28 155.43
C THR RC 143 -82.37 62.68 154.93
N THR RC 144 -81.55 62.77 153.89
CA THR RC 144 -80.79 63.97 153.61
C THR RC 144 -81.10 64.47 152.20
N ARG RC 145 -81.39 65.77 152.09
CA ARG RC 145 -81.64 66.42 150.82
C ARG RC 145 -80.86 67.72 150.75
N LEU RC 146 -79.99 67.84 149.75
CA LEU RC 146 -79.34 69.10 149.41
C LEU RC 146 -79.62 69.41 147.96
N ALA RC 147 -80.14 70.60 147.70
CA ALA RC 147 -80.48 71.05 146.35
C ALA RC 147 -79.78 72.36 146.03
N GLY RC 148 -78.49 72.43 146.35
CA GLY RC 148 -77.70 73.62 146.07
C GLY RC 148 -76.47 73.34 145.25
N ASN RC 149 -75.56 74.32 145.19
CA ASN RC 149 -74.30 74.20 144.45
C ASN RC 149 -73.09 74.20 145.41
N ILE RC 150 -72.91 73.07 146.09
CA ILE RC 150 -71.96 72.95 147.19
C ILE RC 150 -70.69 72.31 146.64
N GLY RC 151 -69.57 73.03 146.77
CA GLY RC 151 -68.27 72.47 146.43
C GLY RC 151 -67.62 71.85 147.65
N LEU RC 152 -67.68 70.53 147.76
CA LEU RC 152 -67.19 69.80 148.93
C LEU RC 152 -66.05 68.87 148.53
N GLN RC 153 -65.03 68.82 149.37
CA GLN RC 153 -63.84 68.01 149.13
C GLN RC 153 -63.88 66.69 149.89
N LYS RC 154 -64.57 66.64 151.03
CA LYS RC 154 -64.77 65.41 151.77
C LYS RC 154 -66.25 65.23 152.10
N LEU RC 155 -66.66 63.96 152.22
CA LEU RC 155 -68.01 63.60 152.60
C LEU RC 155 -67.96 62.24 153.26
N GLU RC 156 -68.79 62.04 154.28
CA GLU RC 156 -68.82 60.77 155.00
C GLU RC 156 -70.25 60.39 155.33
N ALA RC 157 -70.60 59.15 155.01
CA ALA RC 157 -71.85 58.52 155.45
C ALA RC 157 -71.50 57.26 156.24
N VAL RC 158 -72.05 57.15 157.44
CA VAL RC 158 -71.63 56.07 158.34
C VAL RC 158 -72.34 54.77 157.99
N GLY RC 159 -73.66 54.78 157.92
CA GLY RC 159 -74.38 53.56 157.59
C GLY RC 159 -75.89 53.67 157.64
N ASN RC 160 -76.55 52.98 156.69
CA ASN RC 160 -78.01 52.85 156.61
C ASN RC 160 -78.70 54.21 156.50
N GLY RC 161 -78.16 55.09 155.67
CA GLY RC 161 -78.77 56.38 155.41
C GLY RC 161 -78.75 56.78 153.96
N VAL RC 162 -79.92 57.09 153.40
CA VAL RC 162 -80.02 57.50 152.00
C VAL RC 162 -79.57 58.95 151.87
N THR RC 163 -79.00 59.28 150.71
CA THR RC 163 -78.52 60.63 150.43
C THR RC 163 -78.73 60.96 148.95
N GLN RC 164 -79.35 62.11 148.70
CA GLN RC 164 -79.72 62.55 147.36
C GLN RC 164 -79.23 63.99 147.23
N ILE RC 165 -78.08 64.18 146.59
CA ILE RC 165 -77.47 65.50 146.44
C ILE RC 165 -77.56 65.91 144.97
N ASN RC 166 -78.13 67.08 144.73
CA ASN RC 166 -78.33 67.61 143.39
C ASN RC 166 -77.44 68.84 143.22
N GLY RC 167 -76.23 68.63 142.69
CA GLY RC 167 -75.34 69.71 142.37
C GLY RC 167 -74.10 69.81 143.25
N VAL RC 168 -72.97 69.31 142.74
CA VAL RC 168 -71.69 69.43 143.41
C VAL RC 168 -70.66 69.85 142.36
N SER RC 169 -69.95 70.95 142.62
CA SER RC 169 -68.92 71.46 141.72
C SER RC 169 -67.65 71.67 142.53
N SER RC 170 -66.79 70.65 142.55
CA SER RC 170 -65.57 70.69 143.33
C SER RC 170 -64.39 70.24 142.47
N ARG RC 171 -63.22 70.79 142.78
CA ARG RC 171 -61.99 70.43 142.08
C ARG RC 171 -61.33 69.17 142.64
N ASN RC 172 -61.80 68.67 143.78
CA ASN RC 172 -61.26 67.45 144.35
C ASN RC 172 -62.32 66.83 145.26
N LEU RC 173 -62.31 65.50 145.34
CA LEU RC 173 -63.24 64.77 146.19
C LEU RC 173 -62.63 63.41 146.52
N GLN RC 174 -62.73 63.02 147.78
CA GLN RC 174 -62.29 61.70 148.24
C GLN RC 174 -63.42 61.09 149.07
N ILE RC 175 -63.91 59.93 148.65
CA ILE RC 175 -65.04 59.28 149.28
C ILE RC 175 -64.60 57.89 149.75
N VAL RC 176 -64.79 57.62 151.03
CA VAL RC 176 -64.61 56.28 151.59
C VAL RC 176 -65.82 55.97 152.47
N LEU RC 177 -66.37 54.77 152.30
CA LEU RC 177 -67.57 54.34 153.00
C LEU RC 177 -67.33 53.01 153.70
N LYS RC 178 -67.96 52.83 154.86
CA LYS RC 178 -67.76 51.63 155.66
C LYS RC 178 -69.03 50.92 156.07
N GLY RC 179 -70.21 51.49 155.85
CA GLY RC 179 -71.45 50.85 156.24
C GLY RC 179 -72.32 50.45 155.07
N ASP RC 180 -73.62 50.77 155.13
CA ASP RC 180 -74.58 50.46 154.08
C ASP RC 180 -75.30 51.73 153.60
N PRO RC 181 -74.62 52.66 152.92
CA PRO RC 181 -75.33 53.84 152.42
C PRO RC 181 -75.84 53.69 151.00
N LYS RC 182 -76.81 54.54 150.67
CA LYS RC 182 -77.40 54.63 149.33
C LYS RC 182 -77.33 56.09 148.91
N VAL RC 183 -76.32 56.45 148.13
CA VAL RC 183 -76.00 57.84 147.87
C VAL RC 183 -75.90 58.11 146.36
N LEU RC 184 -76.56 59.19 145.91
CA LEU RC 184 -76.50 59.62 144.53
C LEU RC 184 -76.22 61.11 144.48
N ILE RC 185 -75.24 61.50 143.67
CA ILE RC 185 -74.74 62.87 143.60
C ILE RC 185 -74.76 63.34 142.15
N SER RC 186 -75.29 64.53 141.92
CA SER RC 186 -75.25 65.22 140.65
C SER RC 186 -74.20 66.32 140.69
N GLY RC 187 -73.78 66.76 139.51
CA GLY RC 187 -72.86 67.88 139.40
C GLY RC 187 -71.60 67.61 138.60
N PHE RC 188 -70.47 68.11 139.08
CA PHE RC 188 -69.18 67.92 138.42
C PHE RC 188 -68.15 67.61 139.49
N VAL RC 189 -67.57 66.40 139.42
CA VAL RC 189 -66.70 65.89 140.46
C VAL RC 189 -65.38 65.46 139.84
N ASN RC 190 -64.27 65.95 140.39
CA ASN RC 190 -62.94 65.50 140.00
C ASN RC 190 -62.48 64.48 141.05
N LEU RC 191 -63.03 63.28 140.96
CA LEU RC 191 -62.72 62.21 141.90
C LEU RC 191 -61.32 61.65 141.62
N ARG RC 192 -60.66 61.18 142.67
CA ARG RC 192 -59.32 60.63 142.55
C ARG RC 192 -59.24 59.17 142.99
N GLN RC 193 -59.77 58.84 144.16
CA GLN RC 193 -59.67 57.50 144.72
C GLN RC 193 -61.02 57.07 145.28
N LEU RC 194 -61.23 55.76 145.34
CA LEU RC 194 -62.46 55.21 145.89
C LEU RC 194 -62.17 53.83 146.45
N ASP RC 195 -62.43 53.64 147.74
CA ASP RC 195 -62.33 52.34 148.41
C ASP RC 195 -63.68 52.01 149.02
N MET RC 196 -64.15 50.78 148.81
CA MET RC 196 -65.44 50.35 149.31
C MET RC 196 -65.32 49.00 149.98
N TYR RC 197 -65.77 48.93 151.24
CA TYR RC 197 -65.74 47.71 152.03
C TYR RC 197 -67.11 47.28 152.54
N GLY RC 198 -68.09 48.17 152.57
CA GLY RC 198 -69.42 47.87 153.07
C GLY RC 198 -70.36 47.42 151.98
N LYS RC 199 -71.66 47.61 152.22
CA LYS RC 199 -72.71 47.26 151.26
C LYS RC 199 -73.25 48.49 150.56
N GLY RC 200 -72.38 49.42 150.18
CA GLY RC 200 -72.82 50.70 149.69
C GLY RC 200 -73.20 50.71 148.22
N THR RC 201 -74.14 51.58 147.88
CA THR RC 201 -74.46 51.92 146.51
C THR RC 201 -74.19 53.40 146.29
N LEU RC 202 -73.37 53.71 145.30
CA LEU RC 202 -72.98 55.06 144.94
C LEU RC 202 -73.25 55.29 143.46
N SER RC 203 -73.84 56.44 143.15
CA SER RC 203 -73.90 56.86 141.76
C SER RC 203 -73.57 58.34 141.64
N LEU RC 204 -72.73 58.65 140.66
CA LEU RC 204 -72.38 60.02 140.31
C LEU RC 204 -72.81 60.28 138.88
N TYR RC 205 -73.47 61.42 138.64
CA TYR RC 205 -74.00 61.67 137.31
C TYR RC 205 -72.90 62.06 136.32
N TRP RC 206 -72.21 63.17 136.56
CA TRP RC 206 -71.13 63.62 135.68
C TRP RC 206 -69.86 63.80 136.47
N ILE RC 207 -68.76 63.23 135.97
CA ILE RC 207 -67.43 63.41 136.55
C ILE RC 207 -66.45 63.75 135.44
N LYS RC 208 -65.36 64.41 135.83
CA LYS RC 208 -64.28 64.74 134.90
C LYS RC 208 -62.98 64.68 135.68
N SER RC 209 -62.28 63.56 135.55
CA SER RC 209 -61.10 63.28 136.36
C SER RC 209 -59.88 63.06 135.47
N ASP RC 210 -58.76 62.68 136.09
CA ASP RC 210 -57.52 62.37 135.41
C ASP RC 210 -56.99 60.98 135.73
N THR RC 211 -57.17 60.52 136.97
CA THR RC 211 -56.76 59.17 137.34
C THR RC 211 -57.68 58.68 138.46
N LEU RC 212 -58.38 57.58 138.21
CA LEU RC 212 -59.21 56.94 139.21
C LEU RC 212 -58.59 55.61 139.64
N THR RC 213 -58.63 55.35 140.94
CA THR RC 213 -58.26 54.06 141.52
C THR RC 213 -59.44 53.58 142.34
N ILE RC 214 -60.09 52.51 141.89
CA ILE RC 214 -61.30 51.98 142.50
C ILE RC 214 -60.98 50.61 143.07
N ARG RC 215 -61.31 50.42 144.35
CA ARG RC 215 -61.16 49.13 145.02
C ARG RC 215 -62.49 48.74 145.65
N ALA RC 216 -62.98 47.55 145.34
CA ALA RC 216 -64.23 47.06 145.90
C ALA RC 216 -63.99 45.72 146.56
N LYS RC 217 -64.43 45.58 147.82
CA LYS RC 217 -64.01 44.49 148.68
C LYS RC 217 -65.09 43.45 148.97
N LYS RC 218 -66.27 43.85 149.45
CA LYS RC 218 -67.23 42.86 149.95
C LYS RC 218 -68.49 42.74 149.10
N ALA RC 219 -69.27 43.83 148.96
CA ALA RC 219 -70.42 43.87 148.05
C ALA RC 219 -70.71 45.33 147.77
N ALA RC 220 -70.28 45.82 146.62
CA ALA RC 220 -70.37 47.25 146.33
C ALA RC 220 -71.08 47.48 145.01
N LYS RC 221 -71.76 48.62 144.91
CA LYS RC 221 -72.40 49.04 143.66
C LYS RC 221 -71.93 50.45 143.33
N ILE RC 222 -71.31 50.61 142.16
CA ILE RC 222 -70.75 51.87 141.71
C ILE RC 222 -71.30 52.18 140.33
N GLN RC 223 -71.83 53.39 140.15
CA GLN RC 223 -72.39 53.83 138.87
C GLN RC 223 -71.84 55.22 138.54
N LEU RC 224 -70.90 55.28 137.59
CA LEU RC 224 -70.26 56.52 137.18
C LEU RC 224 -70.53 56.79 135.72
N ALA RC 225 -70.38 58.05 135.33
CA ALA RC 225 -70.47 58.48 133.95
C ALA RC 225 -69.69 59.78 133.78
N GLY RC 226 -68.92 59.87 132.71
CA GLY RC 226 -68.12 61.04 132.45
C GLY RC 226 -66.89 60.69 131.64
N ILE RC 227 -65.86 61.53 131.77
CA ILE RC 227 -64.62 61.43 131.01
C ILE RC 227 -63.48 61.21 131.99
N VAL RC 228 -62.71 60.13 131.78
CA VAL RC 228 -61.61 59.74 132.65
C VAL RC 228 -60.39 59.47 131.78
N ASN RC 229 -59.25 60.07 132.15
CA ASN RC 229 -58.03 59.86 131.38
C ASN RC 229 -57.40 58.49 131.68
N ARG RC 230 -57.47 58.04 132.92
CA ARG RC 230 -56.83 56.78 133.30
C ARG RC 230 -57.62 56.14 134.44
N LEU RC 231 -57.95 54.87 134.29
CA LEU RC 231 -58.81 54.15 135.23
C LEU RC 231 -58.14 52.86 135.67
N ASP RC 232 -58.13 52.60 136.97
CA ASP RC 232 -57.69 51.33 137.53
C ASP RC 232 -58.79 50.80 138.43
N VAL RC 233 -59.19 49.55 138.20
CA VAL RC 233 -60.34 48.94 138.89
C VAL RC 233 -59.90 47.59 139.44
N GLU RC 234 -60.13 47.38 140.74
CA GLU RC 234 -59.89 46.09 141.38
C GLU RC 234 -61.17 45.65 142.08
N LEU RC 235 -61.69 44.47 141.70
CA LEU RC 235 -62.88 43.91 142.33
C LEU RC 235 -62.52 42.58 142.96
N TRP RC 236 -62.92 42.39 144.23
CA TRP RC 236 -62.47 41.19 144.94
C TRP RC 236 -63.52 40.08 144.97
N ASP RC 237 -64.69 40.30 145.57
CA ASP RC 237 -65.78 39.35 145.41
C ASP RC 237 -67.11 40.05 145.60
N PHE RC 238 -68.12 39.54 144.86
CA PHE RC 238 -69.53 39.98 144.94
C PHE RC 238 -69.70 41.47 144.66
N ALA RC 239 -68.82 42.03 143.85
CA ALA RC 239 -68.80 43.46 143.56
C ALA RC 239 -69.16 43.70 142.10
N GLN RC 240 -69.99 44.72 141.87
CA GLN RC 240 -70.45 45.07 140.54
C GLN RC 240 -70.03 46.50 140.23
N PHE RC 241 -69.25 46.66 139.16
CA PHE RC 241 -68.82 47.97 138.68
C PHE RC 241 -69.51 48.21 137.34
N LYS RC 242 -70.42 49.19 137.32
CA LYS RC 242 -71.10 49.57 136.08
C LYS RC 242 -70.45 50.83 135.51
N GLY RC 243 -69.26 50.63 134.94
CA GLY RC 243 -68.54 51.74 134.34
C GLY RC 243 -68.92 51.98 132.90
N LYS RC 244 -70.07 51.47 132.48
CA LYS RC 244 -70.67 51.87 131.22
C LYS RC 244 -71.07 53.34 131.30
N TYR RC 245 -70.99 54.02 130.15
CA TYR RC 245 -71.10 55.47 129.95
C TYR RC 245 -69.97 56.25 130.64
N LEU RC 246 -68.93 55.58 131.10
CA LEU RC 246 -67.73 56.20 131.65
C LEU RC 246 -66.60 55.89 130.68
N ARG RC 247 -66.32 56.82 129.78
CA ARG RC 247 -65.38 56.59 128.69
C ARG RC 247 -63.97 56.86 129.19
N ALA RC 248 -63.15 55.83 129.23
CA ALA RC 248 -61.78 55.90 129.72
C ALA RC 248 -60.80 55.73 128.57
N GLN RC 249 -59.77 56.58 128.53
CA GLN RC 249 -58.72 56.44 127.54
C GLN RC 249 -57.86 55.20 127.83
N ARG RC 250 -57.44 55.05 129.07
CA ARG RC 250 -56.65 53.91 129.51
C ARG RC 250 -57.42 53.18 130.60
N SER RC 251 -57.58 51.87 130.45
CA SER RC 251 -58.29 51.09 131.46
C SER RC 251 -57.45 49.89 131.88
N PHE RC 252 -57.30 49.72 133.20
CA PHE RC 252 -56.75 48.52 133.80
C PHE RC 252 -57.81 47.94 134.73
N VAL RC 253 -58.22 46.69 134.47
CA VAL RC 253 -59.30 46.05 135.21
C VAL RC 253 -58.82 44.69 135.69
N LYS RC 254 -58.96 44.42 137.00
CA LYS RC 254 -58.68 43.12 137.56
C LYS RC 254 -59.88 42.65 138.37
N THR RC 255 -60.41 41.47 138.02
CA THR RC 255 -61.56 40.90 138.71
C THR RC 255 -61.19 39.54 139.30
N HIS RC 256 -61.47 39.37 140.60
CA HIS RC 256 -61.35 38.11 141.29
C HIS RC 256 -62.74 37.47 141.42
N ASP RC 257 -62.86 36.49 142.32
CA ASP RC 257 -63.96 35.51 142.29
C ASP RC 257 -65.36 36.10 142.44
N LYS RC 258 -66.19 35.82 141.43
CA LYS RC 258 -67.62 36.18 141.36
C LYS RC 258 -67.84 37.69 141.47
N SER RC 259 -67.18 38.44 140.58
CA SER RC 259 -67.36 39.89 140.49
C SER RC 259 -67.59 40.26 139.03
N VAL RC 260 -68.34 41.34 138.82
CA VAL RC 260 -68.79 41.75 137.50
C VAL RC 260 -68.36 43.18 137.25
N ALA RC 261 -67.67 43.42 136.13
CA ALA RC 261 -67.28 44.75 135.70
C ALA RC 261 -67.70 44.97 134.26
N GLU RC 262 -68.28 46.14 133.98
CA GLU RC 262 -68.73 46.52 132.64
C GLU RC 262 -68.08 47.84 132.27
N ILE RC 263 -67.10 47.79 131.36
CA ILE RC 263 -66.24 48.93 131.07
C ILE RC 263 -66.46 49.40 129.63
N SER RC 264 -65.99 50.63 129.37
CA SER RC 264 -66.20 51.32 128.09
C SER RC 264 -64.92 51.99 127.61
N ALA RC 265 -63.81 51.24 127.58
CA ALA RC 265 -62.51 51.79 127.21
C ALA RC 265 -62.47 52.25 125.76
N VAL RC 266 -61.63 53.24 125.49
CA VAL RC 266 -61.61 53.96 124.22
C VAL RC 266 -60.32 53.71 123.44
N ASN RC 267 -59.16 53.91 124.10
CA ASN RC 267 -57.87 53.80 123.42
C ASN RC 267 -57.13 52.51 123.77
N HIS RC 268 -56.88 52.27 125.05
CA HIS RC 268 -56.14 51.09 125.50
C HIS RC 268 -56.89 50.39 126.62
N GLN RC 269 -57.12 49.10 126.44
CA GLN RC 269 -57.86 48.27 127.39
C GLN RC 269 -56.98 47.12 127.84
N SER RC 270 -56.86 46.95 129.15
CA SER RC 270 -56.10 45.87 129.75
C SER RC 270 -56.94 45.23 130.84
N SER RC 271 -57.28 43.96 130.68
CA SER RC 271 -58.21 43.31 131.59
C SER RC 271 -57.72 41.92 131.98
N LEU RC 272 -58.03 41.54 133.22
CA LEU RC 272 -57.70 40.22 133.74
C LEU RC 272 -58.86 39.71 134.58
N ALA RC 273 -59.31 38.49 134.27
CA ALA RC 273 -60.34 37.80 135.02
C ALA RC 273 -59.74 36.52 135.60
N THR RC 274 -59.86 36.33 136.91
CA THR RC 274 -59.13 35.25 137.55
C THR RC 274 -59.93 33.95 137.59
N ASP RC 275 -61.08 33.95 138.26
CA ASP RC 275 -61.83 32.71 138.49
C ASP RC 275 -63.32 32.97 138.74
N ALA RC 276 -64.15 32.42 137.84
CA ALA RC 276 -65.62 32.57 137.86
C ALA RC 276 -66.05 34.03 137.85
N SER RC 277 -65.30 34.86 137.12
CA SER RC 277 -65.55 36.29 137.05
C SER RC 277 -65.83 36.69 135.61
N ASP RC 278 -66.54 37.79 135.46
CA ASP RC 278 -66.97 38.26 134.14
C ASP RC 278 -66.59 39.72 133.96
N ILE RC 279 -65.91 40.00 132.86
CA ILE RC 279 -65.64 41.36 132.40
C ILE RC 279 -66.32 41.51 131.05
N TYR RC 280 -67.18 42.51 130.92
CA TYR RC 280 -67.87 42.80 129.67
C TYR RC 280 -67.40 44.17 129.18
N TYR RC 281 -67.05 44.28 127.91
CA TYR RC 281 -66.80 45.61 127.39
C TYR RC 281 -68.00 46.09 126.57
N TYR RC 282 -67.95 47.36 126.17
CA TYR RC 282 -69.02 47.92 125.36
C TYR RC 282 -68.51 48.84 124.25
N ASN RC 283 -67.20 48.98 124.10
CA ASN RC 283 -66.63 49.80 123.03
C ASN RC 283 -65.44 49.04 122.45
N LEU RC 284 -65.21 49.25 121.15
CA LEU RC 284 -64.07 48.63 120.48
C LEU RC 284 -62.89 49.59 120.57
N SER RC 285 -61.95 49.29 121.44
CA SER RC 285 -60.80 50.15 121.66
C SER RC 285 -59.78 49.98 120.53
N LYS RC 286 -58.85 50.94 120.44
CA LYS RC 286 -57.79 50.85 119.45
C LYS RC 286 -56.78 49.77 119.81
N THR RC 287 -56.64 49.44 121.09
CA THR RC 287 -55.80 48.34 121.51
C THR RC 287 -56.46 47.62 122.67
N ARG RC 288 -56.61 46.30 122.55
CA ARG RC 288 -57.31 45.48 123.52
C ARG RC 288 -56.41 44.32 123.93
N ALA RC 289 -56.31 44.08 125.25
CA ALA RC 289 -55.56 42.94 125.75
C ALA RC 289 -56.25 42.39 126.98
N ASP RC 290 -56.68 41.14 126.90
CA ASP RC 290 -57.44 40.48 127.95
C ASP RC 290 -56.80 39.15 128.32
N PHE RC 291 -56.90 38.79 129.59
CA PHE RC 291 -56.41 37.50 130.06
C PHE RC 291 -57.42 36.86 131.00
N MET RC 292 -57.44 35.53 130.99
CA MET RC 292 -58.29 34.71 131.84
C MET RC 292 -57.39 33.70 132.55
N ALA RC 293 -57.72 33.38 133.81
CA ALA RC 293 -56.85 32.51 134.59
C ALA RC 293 -57.46 31.13 134.88
N PHE RC 294 -58.60 31.06 135.54
CA PHE RC 294 -59.21 29.76 135.86
C PHE RC 294 -60.55 29.57 135.16
N ASN RC 295 -61.53 30.44 135.42
CA ASN RC 295 -62.85 30.33 134.83
C ASN RC 295 -63.41 31.68 134.44
N GLY RC 296 -62.61 32.75 134.49
CA GLY RC 296 -63.07 34.06 134.12
C GLY RC 296 -63.28 34.18 132.62
N SER RC 297 -63.99 35.25 132.24
CA SER RC 297 -64.36 35.43 130.86
C SER RC 297 -64.55 36.91 130.55
N VAL RC 298 -64.08 37.32 129.37
CA VAL RC 298 -64.24 38.68 128.88
C VAL RC 298 -65.09 38.61 127.62
N LEU RC 299 -66.18 39.39 127.59
CA LEU RC 299 -67.19 39.26 126.55
C LEU RC 299 -67.40 40.59 125.82
N ASP RC 300 -67.87 40.46 124.58
CA ASP RC 300 -68.04 41.59 123.68
C ASP RC 300 -69.28 42.40 124.01
N MET RC 301 -70.45 41.73 124.09
CA MET RC 301 -71.72 42.27 124.59
C MET RC 301 -72.19 43.51 123.81
N ARG RC 302 -71.93 43.56 122.51
CA ARG RC 302 -72.44 44.65 121.69
C ARG RC 302 -73.77 44.23 121.07
N GLU RC 303 -74.30 45.04 120.16
CA GLU RC 303 -75.69 44.92 119.74
C GLU RC 303 -75.92 43.94 118.59
N TRP RC 304 -74.97 43.86 117.65
CA TRP RC 304 -74.96 43.11 116.40
C TRP RC 304 -75.96 43.65 115.35
N GLY RC 305 -76.74 44.68 115.68
CA GLY RC 305 -77.71 45.22 114.75
C GLY RC 305 -77.61 46.71 114.61
N GLN RC 306 -76.57 47.30 115.21
CA GLN RC 306 -76.34 48.73 115.07
C GLN RC 306 -75.91 49.07 113.65
N SER RC 307 -76.40 50.21 113.15
CA SER RC 307 -76.19 50.58 111.76
C SER RC 307 -74.75 50.99 111.46
N ASP RC 308 -73.98 51.36 112.48
CA ASP RC 308 -72.60 51.78 112.31
C ASP RC 308 -71.68 50.97 113.22
N LEU RC 309 -71.87 49.65 113.23
CA LEU RC 309 -71.00 48.77 113.98
C LEU RC 309 -69.63 48.68 113.33
N LYS RC 310 -68.60 48.55 114.15
CA LYS RC 310 -67.22 48.53 113.69
C LYS RC 310 -66.64 47.13 113.84
N ASP RC 311 -65.92 46.68 112.82
CA ASP RC 311 -65.31 45.37 112.80
C ASP RC 311 -63.90 45.42 113.38
N PHE RC 312 -63.34 44.23 113.63
CA PHE RC 312 -61.97 44.13 114.09
C PHE RC 312 -61.00 44.53 112.99
N ASP RC 313 -59.82 44.98 113.39
CA ASP RC 313 -58.75 45.37 112.50
C ASP RC 313 -57.64 44.33 112.55
N ARG RC 314 -56.53 44.62 111.88
CA ARG RC 314 -55.31 43.85 112.08
C ARG RC 314 -54.77 44.03 113.49
N TYR RC 315 -55.05 45.17 114.11
CA TYR RC 315 -54.43 45.57 115.37
C TYR RC 315 -55.31 45.26 116.57
N ASN RC 316 -56.57 44.89 116.34
CA ASN RC 316 -57.53 44.59 117.40
C ASN RC 316 -57.87 43.12 117.51
N LYS RC 317 -57.48 42.31 116.54
CA LYS RC 317 -57.96 40.92 116.44
C LYS RC 317 -57.20 40.05 117.43
N GLN RC 318 -57.85 39.73 118.54
CA GLN RC 318 -57.35 38.79 119.53
C GLN RC 318 -58.36 37.66 119.69
N PHE RC 319 -57.85 36.43 119.76
CA PHE RC 319 -58.72 35.25 119.85
C PHE RC 319 -58.65 34.67 121.26
N PRO RC 320 -59.73 34.74 122.05
CA PRO RC 320 -59.77 34.23 123.43
C PRO RC 320 -59.58 32.72 123.53
N GLY SC 40 -54.45 -1.79 97.56
CA GLY SC 40 -55.76 -1.90 98.18
C GLY SC 40 -56.47 -0.56 98.31
N CYS SC 41 -57.46 -0.35 97.44
CA CYS SC 41 -58.19 0.92 97.46
C CYS SC 41 -59.29 0.91 98.52
N CYS SC 42 -60.21 -0.05 98.43
CA CYS SC 42 -61.32 -0.14 99.39
C CYS SC 42 -60.94 -1.05 100.56
N SER SC 43 -59.82 -0.72 101.20
CA SER SC 43 -59.32 -1.51 102.32
C SER SC 43 -60.15 -1.24 103.57
N LYS SC 44 -60.31 -2.29 104.39
CA LYS SC 44 -61.22 -2.34 105.55
C LYS SC 44 -62.66 -2.00 105.16
N MET SC 45 -63.05 -2.37 103.95
CA MET SC 45 -64.42 -2.27 103.46
C MET SC 45 -64.72 -3.56 102.71
N GLY SC 46 -65.83 -3.58 101.98
CA GLY SC 46 -66.21 -4.79 101.29
C GLY SC 46 -65.57 -5.03 99.95
N GLY SC 47 -64.68 -4.15 99.49
CA GLY SC 47 -64.03 -4.29 98.20
C GLY SC 47 -64.67 -3.39 97.16
N ILE SC 48 -64.07 -3.43 95.96
CA ILE SC 48 -64.44 -2.51 94.89
C ILE SC 48 -65.72 -2.99 94.21
N ASN SC 49 -66.72 -2.11 94.13
CA ASN SC 49 -67.93 -2.43 93.39
C ASN SC 49 -67.76 -2.16 91.89
N TYR SC 50 -67.57 -0.88 91.52
CA TYR SC 50 -67.41 -0.50 90.12
C TYR SC 50 -66.81 0.90 90.03
N CYS SC 51 -66.34 1.22 88.82
CA CYS SC 51 -65.84 2.56 88.48
C CYS SC 51 -67.01 3.43 88.02
N ASP SC 52 -67.29 4.48 88.80
CA ASP SC 52 -68.21 5.52 88.36
C ASP SC 52 -67.42 6.51 87.53
N SER SC 53 -67.66 6.52 86.21
CA SER SC 53 -66.94 7.37 85.29
C SER SC 53 -67.50 8.79 85.21
N SER SC 54 -68.70 9.02 85.74
CA SER SC 54 -69.24 10.37 85.78
C SER SC 54 -68.48 11.24 86.78
N ALA SC 55 -68.03 10.63 87.89
CA ALA SC 55 -67.18 11.31 88.85
C ALA SC 55 -65.71 10.88 88.74
N GLY SC 56 -65.43 9.84 87.98
CA GLY SC 56 -64.08 9.31 87.86
C GLY SC 56 -63.53 8.69 89.12
N ARG SC 57 -64.38 8.00 89.88
CA ARG SC 57 -63.98 7.44 91.17
C ARG SC 57 -64.48 6.01 91.30
N LEU SC 58 -63.77 5.22 92.09
CA LEU SC 58 -64.24 3.89 92.43
C LEU SC 58 -65.29 3.96 93.52
N VAL SC 59 -66.18 2.96 93.52
CA VAL SC 59 -67.21 2.83 94.54
C VAL SC 59 -66.94 1.52 95.29
N CYS SC 60 -66.92 1.59 96.62
CA CYS SC 60 -66.69 0.39 97.40
C CYS SC 60 -67.99 -0.40 97.55
N ASN SC 61 -67.92 -1.53 98.24
CA ASN SC 61 -69.09 -2.38 98.41
C ASN SC 61 -70.05 -1.86 99.48
N ASN SC 62 -69.64 -0.88 100.27
CA ASN SC 62 -70.57 -0.08 101.06
C ASN SC 62 -70.97 1.15 100.23
N GLY SC 63 -71.62 2.12 100.86
CA GLY SC 63 -72.08 3.28 100.12
C GLY SC 63 -71.09 4.43 100.10
N PHE SC 64 -69.83 4.16 100.43
CA PHE SC 64 -68.81 5.18 100.50
C PHE SC 64 -68.03 5.26 99.19
N TYR SC 65 -67.76 6.49 98.75
CA TYR SC 65 -66.87 6.70 97.62
C TYR SC 65 -65.43 6.41 98.02
N SER SC 66 -64.66 5.85 97.09
CA SER SC 66 -63.26 5.55 97.34
C SER SC 66 -62.40 6.77 97.03
N THR SC 67 -61.17 6.76 97.56
CA THR SC 67 -60.22 7.83 97.31
C THR SC 67 -59.39 7.60 96.06
N CYS SC 68 -59.50 6.44 95.42
CA CYS SC 68 -58.74 6.11 94.23
C CYS SC 68 -59.43 6.64 92.98
N TYR SC 69 -58.62 6.99 91.99
CA TYR SC 69 -59.11 7.38 90.68
C TYR SC 69 -59.23 6.15 89.78
N CYS SC 70 -60.16 6.21 88.82
CA CYS SC 70 -60.26 5.16 87.82
C CYS SC 70 -60.43 5.67 86.40
N THR SC 71 -60.53 6.98 86.18
CA THR SC 71 -60.45 7.57 84.86
C THR SC 71 -59.42 8.69 84.90
N ARG SC 72 -58.96 9.12 83.71
CA ARG SC 72 -58.01 10.22 83.66
C ARG SC 72 -58.71 11.57 83.75
N HIS SC 73 -60.03 11.60 83.52
CA HIS SC 73 -60.80 12.83 83.62
C HIS SC 73 -61.41 12.96 85.02
N ALA SC 74 -60.54 12.88 86.02
CA ALA SC 74 -60.90 13.07 87.41
C ALA SC 74 -60.19 14.31 87.93
N VAL SC 75 -60.80 14.94 88.93
CA VAL SC 75 -60.26 16.20 89.46
C VAL SC 75 -59.01 15.91 90.28
N MET SC 76 -57.85 16.20 89.71
CA MET SC 76 -56.57 16.09 90.40
C MET SC 76 -56.00 17.48 90.62
N ASP SC 77 -55.32 17.65 91.75
CA ASP SC 77 -54.70 18.94 92.09
C ASP SC 77 -53.27 18.97 91.55
N LEU SC 78 -53.17 19.03 90.22
CA LEU SC 78 -51.89 19.02 89.54
C LEU SC 78 -51.25 20.40 89.60
N GLN SC 79 -50.09 20.50 90.25
CA GLN SC 79 -49.36 21.75 90.36
C GLN SC 79 -47.96 21.70 89.79
N PHE SC 80 -47.42 20.51 89.52
CA PHE SC 80 -46.05 20.35 89.04
C PHE SC 80 -46.09 19.50 87.78
N LEU SC 81 -45.72 20.10 86.65
CA LEU SC 81 -45.71 19.44 85.35
C LEU SC 81 -44.32 19.53 84.74
N MET SC 82 -43.90 18.45 84.09
CA MET SC 82 -42.58 18.36 83.49
C MET SC 82 -42.62 18.77 82.02
N GLY SC 83 -41.46 18.73 81.38
CA GLY SC 83 -41.32 19.16 79.99
C GLY SC 83 -40.89 20.60 79.89
N CYS SC 84 -40.24 20.92 78.76
CA CYS SC 84 -39.79 22.29 78.52
C CYS SC 84 -40.55 22.91 77.36
N CYS SC 85 -40.28 24.20 77.15
CA CYS SC 85 -41.12 25.14 76.40
C CYS SC 85 -42.55 25.15 76.94
N LEU SC 86 -42.69 25.04 78.25
CA LEU SC 86 -43.97 25.28 78.91
C LEU SC 86 -44.25 26.77 78.94
N TRP SC 87 -45.55 27.11 78.99
CA TRP SC 87 -46.07 28.48 78.86
C TRP SC 87 -45.65 29.14 77.55
N HIS SC 88 -45.46 28.32 76.53
CA HIS SC 88 -45.28 28.74 75.14
C HIS SC 88 -46.08 27.75 74.31
N GLY SC 89 -45.82 27.72 72.99
CA GLY SC 89 -46.54 26.78 72.15
C GLY SC 89 -46.06 25.34 72.23
N GLY SC 90 -44.97 25.09 72.92
CA GLY SC 90 -44.36 23.77 72.98
C GLY SC 90 -43.10 23.70 72.14
N VAL SC 91 -42.49 22.52 72.12
CA VAL SC 91 -41.22 22.31 71.42
C VAL SC 91 -41.50 22.22 69.92
N TYR SC 92 -40.84 23.08 69.15
CA TYR SC 92 -41.00 23.07 67.70
C TYR SC 92 -40.21 21.90 67.12
N PRO SC 93 -40.84 21.04 66.31
CA PRO SC 93 -40.30 19.69 66.09
C PRO SC 93 -39.16 19.57 65.07
N GLN SC 94 -38.49 20.66 64.73
CA GLN SC 94 -37.36 20.57 63.80
C GLN SC 94 -36.18 19.85 64.45
N LEU SC 95 -35.42 19.16 63.61
CA LEU SC 95 -34.17 18.53 64.04
C LEU SC 95 -33.02 19.49 63.79
N ASN SC 96 -32.18 19.69 64.80
CA ASN SC 96 -31.18 20.74 64.79
C ASN SC 96 -29.78 20.14 64.76
N SER SC 97 -28.89 20.78 63.99
CA SER SC 97 -27.48 20.41 64.02
C SER SC 97 -26.86 20.74 65.38
N SER SC 98 -27.24 21.87 65.95
CA SER SC 98 -26.78 22.25 67.29
C SER SC 98 -27.75 21.70 68.34
N GLY SC 99 -27.48 22.02 69.60
CA GLY SC 99 -28.29 21.57 70.71
C GLY SC 99 -29.35 22.54 71.18
N LEU SC 100 -29.64 23.59 70.41
CA LEU SC 100 -30.62 24.58 70.84
C LEU SC 100 -32.04 24.02 70.72
N VAL SC 101 -32.89 24.43 71.66
CA VAL SC 101 -34.30 24.07 71.68
C VAL SC 101 -35.10 25.35 71.52
N VAL SC 102 -35.96 25.39 70.51
CA VAL SC 102 -36.76 26.57 70.19
C VAL SC 102 -38.24 26.24 70.40
N CYS SC 103 -38.97 27.20 70.95
CA CYS SC 103 -40.40 27.02 71.17
C CYS SC 103 -41.18 27.52 69.95
N ASN SC 104 -42.49 27.25 69.96
CA ASN SC 104 -43.34 27.57 68.81
C ASN SC 104 -43.60 29.05 68.62
N ASP SC 105 -43.34 29.89 69.63
CA ASP SC 105 -43.50 31.33 69.49
C ASP SC 105 -42.17 32.07 69.30
N GLY SC 106 -41.11 31.35 68.92
CA GLY SC 106 -39.82 31.95 68.67
C GLY SC 106 -38.90 32.05 69.87
N TYR SC 107 -39.38 31.70 71.05
CA TYR SC 107 -38.54 31.72 72.24
C TYR SC 107 -37.54 30.56 72.22
N VAL SC 108 -36.42 30.77 72.88
CA VAL SC 108 -35.36 29.76 72.98
C VAL SC 108 -35.25 29.34 74.44
N SER SC 109 -35.43 28.05 74.70
CA SER SC 109 -35.38 27.52 76.06
C SER SC 109 -33.93 27.19 76.40
N GLU SC 110 -33.37 27.93 77.36
CA GLU SC 110 -31.98 27.73 77.75
C GLU SC 110 -31.79 26.50 78.63
N GLU SC 111 -32.85 26.01 79.26
CA GLU SC 111 -32.73 24.85 80.16
C GLU SC 111 -32.52 23.56 79.37
N CYS SC 112 -33.30 23.35 78.30
CA CYS SC 112 -33.12 22.18 77.47
C CYS SC 112 -32.06 22.36 76.39
N SER SC 113 -31.50 23.57 76.24
CA SER SC 113 -30.45 23.79 75.26
C SER SC 113 -29.13 23.20 75.73
N LEU SC 114 -28.39 22.62 74.79
CA LEU SC 114 -27.07 22.06 75.10
C LEU SC 114 -26.03 23.17 75.08
N GLN SC 115 -25.12 23.13 76.05
CA GLN SC 115 -24.07 24.13 76.18
C GLN SC 115 -23.05 24.04 75.05
N UNK TC 1 -74.49 23.44 104.06
CA UNK TC 1 -75.35 22.40 104.61
C UNK TC 1 -75.98 22.85 105.92
N UNK TC 2 -75.17 22.92 106.98
CA UNK TC 2 -75.45 23.39 108.33
C UNK TC 2 -76.43 22.51 109.11
N UNK TC 3 -76.94 21.42 108.53
CA UNK TC 3 -77.83 20.50 109.22
C UNK TC 3 -77.73 19.15 108.54
N UNK TC 4 -77.06 18.20 109.18
CA UNK TC 4 -76.92 16.87 108.59
C UNK TC 4 -78.20 16.06 108.69
N UNK TC 5 -78.96 16.22 109.77
CA UNK TC 5 -80.22 15.52 109.98
C UNK TC 5 -81.33 16.57 110.06
N UNK TC 6 -81.90 16.89 108.90
CA UNK TC 6 -82.98 17.88 108.86
C UNK TC 6 -84.27 17.29 109.41
N UNK TC 7 -85.03 18.13 110.09
CA UNK TC 7 -86.27 17.68 110.70
C UNK TC 7 -87.41 17.68 109.69
N UNK TC 8 -88.40 16.84 109.94
CA UNK TC 8 -89.57 16.71 109.08
C UNK TC 8 -90.81 17.02 109.92
N UNK TC 9 -91.34 18.24 109.73
CA UNK TC 9 -92.53 18.77 110.42
C UNK TC 9 -92.45 18.69 111.94
N PHE UC 25 -51.37 19.12 122.95
CA PHE UC 25 -50.35 20.16 122.87
C PHE UC 25 -50.47 20.96 121.57
N LYS UC 26 -50.22 22.27 121.67
CA LYS UC 26 -50.40 23.17 120.56
C LYS UC 26 -49.29 23.00 119.52
N LYS UC 27 -49.65 23.20 118.25
CA LYS UC 27 -48.73 23.11 117.14
C LYS UC 27 -48.67 24.44 116.39
N PRO UC 28 -47.52 24.77 115.79
CA PRO UC 28 -47.44 25.97 114.94
C PRO UC 28 -48.15 25.74 113.62
N PRO UC 29 -48.50 26.81 112.90
CA PRO UC 29 -49.04 26.64 111.54
C PRO UC 29 -48.02 26.01 110.61
N ILE UC 30 -48.49 25.17 109.69
CA ILE UC 30 -47.59 24.44 108.81
C ILE UC 30 -47.03 25.37 107.72
N ASN UC 31 -47.83 26.29 107.22
CA ASN UC 31 -47.36 27.29 106.26
C ASN UC 31 -47.03 28.60 106.96
N ASN UC 32 -46.11 28.50 107.93
CA ASN UC 32 -45.76 29.68 108.71
C ASN UC 32 -44.44 30.26 108.21
N PRO UC 33 -44.35 31.59 108.13
CA PRO UC 33 -43.08 32.22 107.74
C PRO UC 33 -42.03 32.14 108.85
N SER UC 34 -41.33 31.01 108.94
CA SER UC 34 -40.24 30.84 109.88
C SER UC 34 -38.89 31.16 109.27
N ASP UC 35 -38.87 31.89 108.16
CA ASP UC 35 -37.66 32.22 107.42
C ASP UC 35 -37.60 33.74 107.24
N ASP UC 36 -36.39 34.30 107.33
CA ASP UC 36 -36.24 35.75 107.36
C ASP UC 36 -36.43 36.41 106.01
N ALA UC 37 -36.47 35.64 104.92
CA ALA UC 37 -36.86 36.16 103.62
C ALA UC 37 -38.35 35.97 103.35
N THR UC 38 -38.92 34.86 103.82
CA THR UC 38 -40.35 34.61 103.67
C THR UC 38 -41.18 35.60 104.48
N ILE UC 39 -40.66 36.03 105.64
CA ILE UC 39 -41.33 37.05 106.45
C ILE UC 39 -41.43 38.36 105.68
N LYS UC 40 -40.32 38.77 105.06
CA LYS UC 40 -40.28 40.01 104.28
C LYS UC 40 -41.17 39.92 103.04
N LEU UC 41 -41.15 38.76 102.37
CA LEU UC 41 -42.02 38.54 101.21
C LEU UC 41 -43.50 38.63 101.58
N ALA UC 42 -43.88 38.02 102.72
CA ALA UC 42 -45.27 38.00 103.13
C ALA UC 42 -45.75 39.38 103.57
N GLU UC 43 -44.91 40.14 104.29
CA GLU UC 43 -45.36 41.48 104.69
C GLU UC 43 -45.37 42.44 103.50
N ALA UC 44 -44.50 42.23 102.50
CA ALA UC 44 -44.60 42.99 101.26
C ALA UC 44 -45.89 42.68 100.52
N ALA UC 45 -46.31 41.40 100.52
CA ALA UC 45 -47.59 41.03 99.91
C ALA UC 45 -48.77 41.67 100.65
N VAL UC 46 -48.70 41.72 101.98
CA VAL UC 46 -49.74 42.36 102.78
C VAL UC 46 -49.84 43.86 102.46
N SER UC 47 -48.69 44.54 102.35
CA SER UC 47 -48.70 45.96 102.04
C SER UC 47 -49.18 46.24 100.62
N VAL UC 48 -48.84 45.35 99.67
CA VAL UC 48 -49.34 45.48 98.30
C VAL UC 48 -50.86 45.33 98.25
N SER UC 49 -51.40 44.35 99.00
CA SER UC 49 -52.85 44.14 99.03
C SER UC 49 -53.56 45.33 99.69
N ASP UC 50 -52.97 45.90 100.74
CA ASP UC 50 -53.55 47.07 101.39
C ASP UC 50 -53.55 48.28 100.45
N SER UC 51 -52.45 48.48 99.71
CA SER UC 51 -52.39 49.59 98.75
C SER UC 51 -53.38 49.40 97.61
N MET UC 52 -53.59 48.15 97.17
CA MET UC 52 -54.56 47.88 96.12
C MET UC 52 -55.98 48.13 96.60
N LEU UC 53 -56.27 47.79 97.86
CA LEU UC 53 -57.57 48.09 98.45
C LEU UC 53 -57.80 49.60 98.56
N GLU UC 54 -56.76 50.35 98.92
CA GLU UC 54 -56.86 51.81 98.95
C GLU UC 54 -57.13 52.39 97.57
N MET UC 55 -56.45 51.86 96.55
CA MET UC 55 -56.68 52.31 95.17
C MET UC 55 -58.12 52.02 94.73
N ALA UC 56 -58.64 50.84 95.07
CA ALA UC 56 -60.03 50.51 94.74
C ALA UC 56 -61.02 51.42 95.44
N LYS UC 57 -60.77 51.74 96.73
CA LYS UC 57 -61.66 52.64 97.46
C LYS UC 57 -61.62 54.05 96.90
N VAL UC 58 -60.46 54.50 96.42
CA VAL UC 58 -60.40 55.81 95.77
C VAL UC 58 -61.14 55.80 94.43
N GLU UC 59 -60.90 54.77 93.61
CA GLU UC 59 -61.41 54.80 92.24
C GLU UC 59 -62.91 54.51 92.13
N LYS UC 60 -63.49 53.73 93.06
CA LYS UC 60 -64.89 53.34 92.89
C LYS UC 60 -65.83 54.49 93.20
N VAL UC 61 -66.81 54.71 92.31
CA VAL UC 61 -67.86 55.69 92.49
C VAL UC 61 -69.19 54.96 92.66
N ILE UC 62 -70.02 55.45 93.59
CA ILE UC 62 -71.30 54.86 93.93
C ILE UC 62 -72.40 55.91 93.77
N THR UC 63 -73.64 55.47 93.95
CA THR UC 63 -74.80 56.35 94.04
C THR UC 63 -75.54 56.08 95.34
N PRO UC 64 -76.14 57.12 95.93
CA PRO UC 64 -76.96 56.89 97.12
C PRO UC 64 -78.24 56.16 96.77
N PRO UC 65 -78.81 55.39 97.71
CA PRO UC 65 -80.05 54.66 97.40
C PRO UC 65 -81.29 55.54 97.34
N SER UC 66 -81.21 56.80 97.74
CA SER UC 66 -82.37 57.68 97.69
C SER UC 66 -82.70 58.08 96.25
N LYS UC 67 -81.68 58.31 95.42
CA LYS UC 67 -81.87 58.77 94.06
C LYS UC 67 -81.52 57.70 93.03
N ASP UC 68 -81.58 56.42 93.42
CA ASP UC 68 -81.33 55.32 92.49
C ASP UC 68 -82.49 55.19 91.53
N ASN UC 69 -82.21 55.37 90.22
CA ASN UC 69 -83.25 55.37 89.20
C ASN UC 69 -83.51 53.94 88.72
N THR UC 70 -84.13 53.17 89.60
CA THR UC 70 -84.49 51.78 89.33
C THR UC 70 -85.89 51.56 89.87
N LEU UC 71 -86.71 50.83 89.10
CA LEU UC 71 -88.09 50.57 89.50
C LEU UC 71 -88.14 49.66 90.73
N THR UC 72 -88.95 50.06 91.71
CA THR UC 72 -89.14 49.26 92.91
C THR UC 72 -90.22 48.21 92.67
N ILE UC 73 -90.40 47.34 93.66
CA ILE UC 73 -91.41 46.29 93.58
C ILE UC 73 -92.78 46.91 93.80
N PRO UC 74 -93.72 46.77 92.86
CA PRO UC 74 -95.04 47.40 93.01
C PRO UC 74 -95.97 46.72 94.00
N ASN UC 75 -95.57 45.56 94.53
CA ASN UC 75 -96.23 44.71 95.53
C ASN UC 75 -97.74 44.55 95.39
N ALA UC 76 -98.23 44.49 94.15
CA ALA UC 76 -99.61 44.11 93.89
C ALA UC 76 -99.77 42.60 94.03
N TYR UC 77 -100.99 42.16 94.28
CA TYR UC 77 -101.24 40.74 94.52
C TYR UC 77 -101.08 39.92 93.25
N ASN UC 78 -101.44 40.47 92.09
CA ASN UC 78 -101.36 39.73 90.83
C ASN UC 78 -99.95 39.63 90.28
N LEU UC 79 -98.99 40.38 90.83
CA LEU UC 79 -97.63 40.43 90.30
C LEU UC 79 -96.66 39.57 91.09
N GLN UC 80 -97.13 38.75 92.03
CA GLN UC 80 -96.28 37.85 92.79
C GLN UC 80 -96.29 36.42 92.25
N ALA UC 81 -96.94 36.20 91.11
CA ALA UC 81 -96.98 34.86 90.53
C ALA UC 81 -95.63 34.49 89.91
N ARG UC 82 -95.23 33.24 90.11
CA ARG UC 82 -93.98 32.77 89.55
C ARG UC 82 -94.10 32.54 88.06
N ALA UC 83 -92.96 32.59 87.37
CA ALA UC 83 -92.94 32.45 85.91
C ALA UC 83 -91.63 31.81 85.47
N SER UC 84 -91.65 31.30 84.24
CA SER UC 84 -90.48 30.71 83.60
C SER UC 84 -90.38 31.31 82.20
N VAL UC 85 -89.36 32.17 82.00
CA VAL UC 85 -89.27 32.99 80.80
C VAL UC 85 -87.91 32.78 80.15
N ASP UC 86 -87.92 32.42 78.86
CA ASP UC 86 -86.71 32.37 78.05
C ASP UC 86 -86.96 33.20 76.80
N TRP UC 87 -86.27 34.34 76.68
CA TRP UC 87 -86.53 35.27 75.61
C TRP UC 87 -85.28 36.09 75.32
N SER UC 88 -85.04 36.38 74.04
CA SER UC 88 -83.95 37.27 73.64
C SER UC 88 -84.45 38.01 72.39
N GLY UC 89 -84.99 39.21 72.58
CA GLY UC 89 -85.54 39.97 71.50
C GLY UC 89 -86.03 41.34 71.93
N PRO UC 90 -87.04 41.88 71.22
CA PRO UC 90 -87.55 43.21 71.54
C PRO UC 90 -88.28 43.26 72.89
N ILE UC 91 -88.29 44.46 73.46
CA ILE UC 91 -88.84 44.67 74.81
C ILE UC 91 -90.37 44.70 74.80
N GLU UC 92 -90.98 45.15 73.71
CA GLU UC 92 -92.41 45.44 73.69
C GLU UC 92 -93.25 44.17 73.74
N GLU UC 93 -92.85 43.14 72.97
CA GLU UC 93 -93.59 41.88 72.95
C GLU UC 93 -93.53 41.17 74.30
N LEU UC 94 -92.34 41.14 74.92
CA LEU UC 94 -92.20 40.50 76.22
C LEU UC 94 -92.96 41.27 77.31
N THR UC 95 -92.94 42.60 77.25
CA THR UC 95 -93.66 43.39 78.24
C THR UC 95 -95.17 43.23 78.09
N ALA UC 96 -95.65 43.14 76.84
CA ALA UC 96 -97.07 42.89 76.59
C ALA UC 96 -97.50 41.50 77.08
N ARG UC 97 -96.65 40.49 76.88
CA ARG UC 97 -96.97 39.15 77.35
C ARG UC 97 -96.97 39.08 78.89
N ILE UC 98 -96.03 39.79 79.53
CA ILE UC 98 -96.00 39.87 80.99
C ILE UC 98 -97.24 40.57 81.53
N ALA UC 99 -97.67 41.65 80.87
CA ALA UC 99 -98.88 42.36 81.27
C ALA UC 99 -100.13 41.50 81.10
N LYS UC 100 -100.21 40.73 80.01
CA LYS UC 100 -101.36 39.85 79.81
C LYS UC 100 -101.37 38.71 80.83
N ALA UC 101 -100.19 38.15 81.16
CA ALA UC 101 -100.13 37.11 82.17
C ALA UC 101 -100.43 37.64 83.56
N ALA UC 102 -100.14 38.91 83.81
CA ALA UC 102 -100.48 39.56 85.07
C ALA UC 102 -101.86 40.21 85.06
N HIS UC 103 -102.61 40.06 83.95
CA HIS UC 103 -103.98 40.53 83.79
C HIS UC 103 -104.09 42.04 83.92
N PHE UC 104 -103.06 42.74 83.46
CA PHE UC 104 -103.04 44.20 83.41
C PHE UC 104 -103.29 44.65 81.97
N ARG UC 105 -103.53 45.95 81.81
CA ARG UC 105 -103.53 46.53 80.48
C ARG UC 105 -102.12 47.02 80.15
N PHE UC 106 -101.88 47.29 78.88
CA PHE UC 106 -100.54 47.65 78.40
C PHE UC 106 -100.63 48.81 77.44
N ARG UC 107 -99.85 49.85 77.67
CA ARG UC 107 -99.81 50.99 76.77
C ARG UC 107 -98.38 51.45 76.53
N VAL UC 108 -98.16 52.06 75.36
CA VAL UC 108 -96.86 52.55 74.93
C VAL UC 108 -96.98 54.04 74.67
N LEU UC 109 -96.05 54.81 75.23
CA LEU UC 109 -95.96 56.25 74.97
C LEU UC 109 -94.56 56.56 74.45
N GLY UC 110 -94.47 56.98 73.20
CA GLY UC 110 -93.22 57.33 72.58
C GLY UC 110 -93.20 56.87 71.14
N LYS UC 111 -92.00 56.83 70.57
CA LYS UC 111 -91.79 56.41 69.18
C LYS UC 111 -90.71 55.33 69.16
N SER UC 112 -91.00 54.24 68.48
CA SER UC 112 -90.02 53.16 68.36
C SER UC 112 -88.90 53.58 67.42
N PRO UC 113 -87.64 53.35 67.76
CA PRO UC 113 -86.53 53.75 66.90
C PRO UC 113 -86.37 52.79 65.73
N SER UC 114 -85.42 53.12 64.86
CA SER UC 114 -85.10 52.25 63.72
C SER UC 114 -84.47 50.95 64.19
N VAL UC 115 -83.52 51.03 65.11
CA VAL UC 115 -82.94 49.84 65.75
C VAL UC 115 -83.72 49.58 67.03
N PRO UC 116 -84.35 48.43 67.19
CA PRO UC 116 -85.16 48.18 68.39
C PRO UC 116 -84.29 47.91 69.61
N VAL UC 117 -84.90 48.09 70.78
CA VAL UC 117 -84.23 47.82 72.04
C VAL UC 117 -84.31 46.33 72.32
N LEU UC 118 -83.16 45.69 72.50
CA LEU UC 118 -83.06 44.24 72.63
C LEU UC 118 -82.66 43.86 74.04
N ILE UC 119 -83.44 42.98 74.66
CA ILE UC 119 -83.18 42.48 76.01
C ILE UC 119 -83.07 40.96 75.95
N SER UC 120 -82.66 40.37 77.07
CA SER UC 120 -82.50 38.92 77.16
C SER UC 120 -82.80 38.49 78.59
N ILE UC 121 -83.89 37.74 78.76
CA ILE UC 121 -84.31 37.26 80.08
C ILE UC 121 -84.36 35.74 80.03
N SER UC 122 -83.65 35.09 80.96
CA SER UC 122 -83.61 33.63 81.02
C SER UC 122 -83.72 33.22 82.49
N THR UC 123 -84.90 32.74 82.89
CA THR UC 123 -85.13 32.31 84.25
C THR UC 123 -86.16 31.19 84.28
N LYS UC 124 -86.07 30.35 85.31
CA LYS UC 124 -86.97 29.22 85.50
C LYS UC 124 -88.02 29.47 86.57
N ASP UC 125 -87.72 30.30 87.58
CA ASP UC 125 -88.67 30.56 88.66
C ASP UC 125 -88.36 31.96 89.20
N GLU UC 126 -89.14 32.95 88.77
CA GLU UC 126 -88.93 34.33 89.18
C GLU UC 126 -90.25 35.05 89.08
N SER UC 127 -90.50 35.98 90.01
CA SER UC 127 -91.75 36.72 90.05
C SER UC 127 -91.85 37.72 88.89
N LEU UC 128 -93.09 38.08 88.56
CA LEU UC 128 -93.34 38.96 87.42
C LEU UC 128 -92.85 40.38 87.68
N ALA UC 129 -92.96 40.86 88.92
CA ALA UC 129 -92.44 42.17 89.27
C ALA UC 129 -90.91 42.19 89.20
N GLU UC 130 -90.27 41.10 89.61
CA GLU UC 130 -88.82 40.99 89.52
C GLU UC 130 -88.36 40.94 88.07
N ILE UC 131 -89.13 40.24 87.22
CA ILE UC 131 -88.86 40.21 85.78
C ILE UC 131 -88.99 41.61 85.18
N LEU UC 132 -90.03 42.35 85.58
CA LEU UC 132 -90.23 43.71 85.10
C LEU UC 132 -89.11 44.64 85.55
N ARG UC 133 -88.63 44.46 86.79
CA ARG UC 133 -87.49 45.24 87.28
C ARG UC 133 -86.23 44.94 86.49
N ASP UC 134 -86.00 43.66 86.17
CA ASP UC 134 -84.83 43.29 85.37
C ASP UC 134 -84.93 43.83 83.94
N ILE UC 135 -86.14 43.83 83.36
CA ILE UC 135 -86.35 44.40 82.04
C ILE UC 135 -86.11 45.91 82.03
N ASP UC 136 -86.59 46.60 83.08
CA ASP UC 136 -86.41 48.05 83.16
C ASP UC 136 -84.93 48.39 83.35
N TYR UC 137 -84.20 47.58 84.15
CA TYR UC 137 -82.76 47.78 84.30
C TYR UC 137 -82.01 47.52 83.00
N GLN UC 138 -82.40 46.47 82.26
CA GLN UC 138 -81.72 46.15 81.02
C GLN UC 138 -82.05 47.12 79.89
N ALA UC 139 -83.19 47.81 79.97
CA ALA UC 139 -83.55 48.79 78.95
C ALA UC 139 -82.63 50.01 78.97
N GLY UC 140 -82.19 50.42 80.16
CA GLY UC 140 -81.28 51.54 80.26
C GLY UC 140 -81.97 52.89 80.20
N LYS UC 141 -81.33 53.84 79.52
CA LYS UC 141 -81.84 55.20 79.41
C LYS UC 141 -82.78 55.39 78.22
N LYS UC 142 -82.98 54.35 77.40
CA LYS UC 142 -83.81 54.50 76.21
C LYS UC 142 -85.29 54.28 76.50
N ALA UC 143 -85.62 53.50 77.52
CA ALA UC 143 -87.00 53.19 77.83
C ALA UC 143 -87.18 53.07 79.34
N SER UC 144 -88.42 53.26 79.77
CA SER UC 144 -88.79 53.15 81.18
C SER UC 144 -90.12 52.42 81.28
N ILE UC 145 -90.34 51.79 82.43
CA ILE UC 145 -91.54 51.01 82.69
C ILE UC 145 -92.20 51.54 83.96
N HIS UC 146 -93.47 51.90 83.87
CA HIS UC 146 -94.25 52.37 85.01
C HIS UC 146 -95.43 51.43 85.22
N VAL UC 147 -95.74 51.17 86.49
CA VAL UC 147 -96.83 50.26 86.86
C VAL UC 147 -97.84 51.06 87.67
N TYR UC 148 -99.08 51.13 87.20
CA TYR UC 148 -100.16 51.74 87.94
C TYR UC 148 -101.11 50.66 88.43
N PRO UC 149 -101.21 50.43 89.75
CA PRO UC 149 -102.06 49.34 90.25
C PRO UC 149 -103.50 49.72 90.56
N ASN UC 150 -103.77 51.03 90.75
CA ASN UC 150 -105.14 51.45 91.02
C ASN UC 150 -106.03 51.30 89.80
N SER UC 151 -105.54 51.74 88.64
CA SER UC 151 -106.09 51.35 87.34
C SER UC 151 -105.02 50.50 86.69
N GLN UC 152 -105.25 49.18 86.65
CA GLN UC 152 -104.18 48.20 86.49
C GLN UC 152 -103.58 48.22 85.10
N VAL UC 153 -102.50 48.98 84.94
CA VAL UC 153 -101.90 49.20 83.62
C VAL UC 153 -100.39 49.27 83.75
N VAL UC 154 -99.71 48.87 82.68
CA VAL UC 154 -98.26 48.95 82.55
C VAL UC 154 -97.95 49.87 81.37
N GLU UC 155 -97.17 50.91 81.62
CA GLU UC 155 -96.79 51.90 80.63
C GLU UC 155 -95.33 51.71 80.25
N LEU UC 156 -95.07 51.61 78.95
CA LEU UC 156 -93.71 51.60 78.41
C LEU UC 156 -93.47 52.95 77.75
N ARG UC 157 -92.55 53.73 78.32
CA ARG UC 157 -92.31 55.10 77.89
C ARG UC 157 -90.93 55.18 77.24
N TYR UC 158 -90.89 55.64 75.99
CA TYR UC 158 -89.63 55.79 75.29
C TYR UC 158 -88.98 57.14 75.62
N ALA UC 159 -87.70 57.24 75.31
CA ALA UC 159 -86.93 58.46 75.57
C ALA UC 159 -86.85 59.31 74.30
N LYS UC 160 -87.12 60.60 74.44
CA LYS UC 160 -87.07 61.52 73.31
C LYS UC 160 -85.63 61.83 72.91
N ILE VC 208 -69.61 76.20 113.06
CA ILE VC 208 -69.31 75.48 114.29
C ILE VC 208 -70.06 74.14 114.30
N ILE VC 209 -69.41 73.09 114.80
CA ILE VC 209 -70.02 71.78 114.89
C ILE VC 209 -69.95 71.32 116.35
N TYR VC 210 -70.84 70.42 116.71
CA TYR VC 210 -70.95 69.92 118.08
C TYR VC 210 -70.70 68.42 118.11
N TYR VC 211 -70.16 67.96 119.23
CA TYR VC 211 -69.92 66.54 119.48
C TYR VC 211 -70.54 66.16 120.83
N ILE VC 212 -70.36 64.91 121.22
CA ILE VC 212 -70.87 64.40 122.48
C ILE VC 212 -69.72 63.75 123.25
N GLN VC 213 -69.71 63.95 124.58
CA GLN VC 213 -68.68 63.41 125.46
C GLN VC 213 -69.17 62.21 126.26
N ALA VC 214 -70.31 62.33 126.91
CA ALA VC 214 -70.90 61.23 127.67
C ALA VC 214 -72.42 61.35 127.60
N VAL VC 215 -73.10 60.24 127.82
CA VAL VC 215 -74.54 60.17 127.67
C VAL VC 215 -75.12 59.33 128.81
N ILE VC 216 -76.30 59.72 129.29
CA ILE VC 216 -77.06 58.98 130.28
C ILE VC 216 -78.49 58.91 129.77
N PRO VC 217 -79.29 57.92 130.21
CA PRO VC 217 -80.73 58.00 129.91
C PRO VC 217 -81.40 59.22 130.51
N GLY VC 218 -81.81 60.16 129.64
CA GLY VC 218 -82.46 61.37 130.07
C GLY VC 218 -81.73 62.66 129.75
N ARG VC 219 -80.40 62.65 129.87
CA ARG VC 219 -79.60 63.87 129.76
C ARG VC 219 -78.31 63.54 129.01
N ALA VC 220 -77.67 64.57 128.46
CA ALA VC 220 -76.40 64.32 127.78
C ALA VC 220 -75.48 65.52 127.91
N TRP VC 221 -74.18 65.25 127.73
CA TRP VC 221 -73.12 66.24 127.83
C TRP VC 221 -72.49 66.40 126.45
N LEU VC 222 -72.44 67.64 125.96
CA LEU VC 222 -71.95 67.93 124.62
C LEU VC 222 -70.75 68.86 124.69
N ILE VC 223 -69.87 68.74 123.70
CA ILE VC 223 -68.72 69.62 123.53
C ILE VC 223 -68.75 70.15 122.10
N GLY VC 224 -68.25 71.37 121.92
CA GLY VC 224 -68.26 72.03 120.62
C GLY VC 224 -66.86 72.18 120.03
N SER VC 225 -66.82 72.87 118.90
CA SER VC 225 -65.55 73.14 118.23
C SER VC 225 -64.70 74.14 119.01
N ASN VC 226 -65.33 75.08 119.71
CA ASN VC 226 -64.62 76.09 120.48
C ASN VC 226 -64.23 75.61 121.87
N GLY VC 227 -64.59 74.38 122.23
CA GLY VC 227 -64.25 73.85 123.54
C GLY VC 227 -65.21 74.22 124.65
N SER VC 228 -66.41 74.68 124.33
CA SER VC 228 -67.39 75.06 125.34
C SER VC 228 -68.31 73.88 125.63
N THR VC 229 -68.45 73.55 126.92
CA THR VC 229 -69.31 72.46 127.34
C THR VC 229 -70.77 72.88 127.31
N LEU VC 230 -71.66 71.88 127.22
CA LEU VC 230 -73.09 72.13 127.21
C LEU VC 230 -73.78 70.91 127.81
N THR VC 231 -74.90 71.16 128.49
CA THR VC 231 -75.74 70.10 129.03
C THR VC 231 -77.09 70.16 128.33
N VAL VC 232 -77.50 69.04 127.74
CA VAL VC 232 -78.69 69.01 126.91
C VAL VC 232 -79.69 68.03 127.49
N ARG VC 233 -80.96 68.44 127.50
CA ARG VC 233 -82.12 67.69 127.96
C ARG VC 233 -82.92 67.31 126.73
N GLU VC 234 -83.82 66.33 126.89
CA GLU VC 234 -84.73 65.93 125.80
C GLU VC 234 -85.58 67.10 125.34
N GLY VC 235 -86.14 67.87 126.27
CA GLY VC 235 -86.79 69.11 125.91
C GLY VC 235 -85.93 70.32 126.23
N SER VC 236 -85.25 70.86 125.22
CA SER VC 236 -84.33 71.98 125.40
C SER VC 236 -84.10 72.65 124.06
N LYS VC 237 -83.27 73.68 124.06
CA LYS VC 237 -82.89 74.41 122.85
C LYS VC 237 -81.36 74.44 122.74
N ILE VC 238 -80.85 74.07 121.58
CA ILE VC 238 -79.42 74.16 121.29
C ILE VC 238 -79.23 74.94 120.00
N PRO VC 239 -78.13 75.70 119.83
CA PRO VC 239 -77.95 76.48 118.61
C PRO VC 239 -77.36 75.68 117.46
N GLY VC 240 -77.81 75.98 116.23
CA GLY VC 240 -77.25 75.38 115.05
C GLY VC 240 -77.81 74.02 114.68
N TYR VC 241 -78.67 73.45 115.49
CA TYR VC 241 -79.25 72.14 115.20
C TYR VC 241 -80.77 72.13 115.30
N GLY VC 242 -81.36 72.91 116.20
CA GLY VC 242 -82.80 72.94 116.35
C GLY VC 242 -83.28 72.35 117.66
N MET VC 243 -84.25 71.44 117.57
CA MET VC 243 -84.89 70.84 118.73
C MET VC 243 -84.57 69.35 118.80
N VAL VC 244 -84.21 68.88 120.00
CA VAL VC 244 -83.93 67.48 120.23
C VAL VC 244 -85.26 66.74 120.40
N LYS VC 245 -85.45 65.67 119.62
CA LYS VC 245 -86.65 64.85 119.75
C LYS VC 245 -86.38 63.47 120.33
N LEU VC 246 -85.14 63.01 120.33
CA LEU VC 246 -84.83 61.66 120.81
C LEU VC 246 -83.39 61.60 121.29
N ILE VC 247 -83.18 60.98 122.44
CA ILE VC 247 -81.84 60.72 122.98
C ILE VC 247 -81.73 59.22 123.21
N ASP VC 248 -80.76 58.60 122.54
CA ASP VC 248 -80.55 57.15 122.63
C ASP VC 248 -79.36 56.87 123.55
N SER VC 249 -79.55 55.93 124.47
CA SER VC 249 -78.51 55.56 125.42
C SER VC 249 -77.73 54.32 125.02
N LEU VC 250 -78.37 53.36 124.35
CA LEU VC 250 -77.67 52.16 123.91
C LEU VC 250 -76.73 52.46 122.76
N GLN VC 251 -77.16 53.32 121.84
CA GLN VC 251 -76.34 53.77 120.73
C GLN VC 251 -76.07 55.27 120.87
N GLY VC 252 -74.84 55.67 120.57
CA GLY VC 252 -74.45 57.06 120.72
C GLY VC 252 -74.98 57.97 119.63
N ARG VC 253 -76.30 58.22 119.64
CA ARG VC 253 -76.92 59.05 118.63
C ARG VC 253 -78.05 59.85 119.28
N ILE VC 254 -78.13 61.13 118.92
CA ILE VC 254 -79.21 62.01 119.37
C ILE VC 254 -79.73 62.75 118.14
N LEU VC 255 -81.02 62.63 117.89
CA LEU VC 255 -81.61 63.24 116.69
C LEU VC 255 -82.01 64.69 116.97
N THR VC 256 -81.90 65.51 115.93
CA THR VC 256 -82.25 66.91 115.98
C THR VC 256 -83.40 67.20 115.03
N SER VC 257 -83.98 68.39 115.16
CA SER VC 257 -85.14 68.75 114.34
C SER VC 257 -84.78 69.08 112.90
N SER VC 258 -83.52 69.42 112.62
CA SER VC 258 -83.11 69.77 111.27
C SER VC 258 -82.80 68.55 110.41
N GLY VC 259 -82.79 67.36 110.98
CA GLY VC 259 -82.56 66.14 110.23
C GLY VC 259 -81.15 65.59 110.30
N GLN VC 260 -80.28 66.16 111.12
CA GLN VC 260 -78.92 65.66 111.27
C GLN VC 260 -78.73 65.10 112.67
N VAL VC 261 -77.85 64.11 112.77
CA VAL VC 261 -77.67 63.32 113.99
C VAL VC 261 -76.27 63.58 114.54
N ILE VC 262 -76.20 63.97 115.81
CA ILE VC 262 -74.93 64.13 116.50
C ILE VC 262 -74.49 62.77 117.06
N LYS VC 263 -73.22 62.44 116.86
CA LYS VC 263 -72.66 61.15 117.28
C LYS VC 263 -71.33 61.38 117.99
N PHE VC 264 -70.67 60.29 118.33
CA PHE VC 264 -69.39 60.33 119.03
C PHE VC 264 -68.26 60.75 118.08
N SER VC 265 -67.12 61.09 118.68
CA SER VC 265 -65.96 61.48 117.89
C SER VC 265 -65.30 60.25 117.27
N GLN VC 266 -64.54 60.49 116.20
CA GLN VC 266 -63.86 59.42 115.50
C GLN VC 266 -62.34 59.60 115.57
N THR WC 28 -27.55 12.28 86.78
CA THR WC 28 -28.91 11.82 87.05
C THR WC 28 -29.21 11.89 88.54
N GLY WC 29 -29.88 12.96 88.95
CA GLY WC 29 -30.24 13.14 90.36
C GLY WC 29 -29.27 14.07 91.09
N SER WC 30 -28.50 13.50 92.01
CA SER WC 30 -27.61 14.27 92.86
C SER WC 30 -26.15 14.10 92.44
N LEU WC 31 -25.28 14.85 93.13
CA LEU WC 31 -23.85 14.75 92.88
C LEU WC 31 -23.30 13.40 93.33
N ALA WC 32 -23.81 12.88 94.44
CA ALA WC 32 -23.44 11.53 94.88
C ALA WC 32 -24.00 10.48 93.93
N GLY WC 33 -25.16 10.73 93.35
CA GLY WC 33 -25.69 9.83 92.33
C GLY WC 33 -24.86 9.82 91.07
N LEU WC 34 -24.29 10.98 90.70
CA LEU WC 34 -23.34 11.03 89.60
C LEU WC 34 -22.04 10.29 89.96
N GLN WC 35 -21.57 10.47 91.19
CA GLN WC 35 -20.34 9.82 91.62
C GLN WC 35 -20.65 8.47 92.29
N LYS WC 60 -41.58 -6.70 71.77
CA LYS WC 60 -42.06 -5.81 72.82
C LYS WC 60 -43.17 -4.90 72.31
N GLU WC 61 -42.92 -4.25 71.17
CA GLU WC 61 -43.89 -3.32 70.61
C GLU WC 61 -45.06 -4.01 69.93
N THR WC 62 -44.92 -5.29 69.56
CA THR WC 62 -46.04 -6.02 68.96
C THR WC 62 -47.07 -6.46 69.99
N ALA WC 63 -46.68 -6.54 71.27
CA ALA WC 63 -47.61 -6.92 72.32
C ALA WC 63 -48.68 -5.86 72.53
N LEU WC 64 -48.29 -4.58 72.46
CA LEU WC 64 -49.25 -3.48 72.54
C LEU WC 64 -50.24 -3.52 71.38
N SER WC 65 -49.74 -3.83 70.17
CA SER WC 65 -50.60 -3.87 68.99
C SER WC 65 -51.60 -5.02 69.07
N VAL WC 66 -51.15 -6.21 69.47
CA VAL WC 66 -52.09 -7.33 69.55
C VAL WC 66 -53.06 -7.16 70.72
N GLY WC 67 -52.61 -6.54 71.81
CA GLY WC 67 -53.52 -6.25 72.91
C GLY WC 67 -54.58 -5.24 72.55
N ALA WC 68 -54.21 -4.20 71.80
CA ALA WC 68 -55.19 -3.23 71.33
C ALA WC 68 -56.16 -3.85 70.34
N GLN WC 69 -55.65 -4.71 69.44
CA GLN WC 69 -56.50 -5.35 68.44
C GLN WC 69 -57.50 -6.29 69.07
N ALA WC 70 -57.10 -7.01 70.12
CA ALA WC 70 -58.05 -7.88 70.81
C ALA WC 70 -59.03 -7.09 71.69
N GLY WC 71 -58.52 -6.08 72.42
CA GLY WC 71 -59.35 -5.34 73.35
C GLY WC 71 -60.41 -4.49 72.67
N LEU WC 72 -60.10 -3.94 71.49
CA LEU WC 72 -61.08 -3.14 70.75
C LEU WC 72 -62.28 -3.99 70.35
N ALA WC 73 -62.02 -5.20 69.83
CA ALA WC 73 -63.10 -6.09 69.41
C ALA WC 73 -63.89 -6.62 70.60
N TRP WC 74 -63.20 -6.94 71.71
CA TRP WC 74 -63.89 -7.44 72.90
C TRP WC 74 -64.80 -6.38 73.52
N ARG WC 75 -64.30 -5.15 73.64
CA ARG WC 75 -65.11 -4.06 74.17
C ARG WC 75 -66.25 -3.70 73.23
N ALA WC 76 -66.02 -3.80 71.91
CA ALA WC 76 -67.09 -3.54 70.94
C ALA WC 76 -68.21 -4.57 71.05
N LYS WC 77 -67.86 -5.84 71.22
CA LYS WC 77 -68.86 -6.89 71.42
C LYS WC 77 -69.64 -6.68 72.70
N ILE WC 78 -68.95 -6.29 73.79
CA ILE WC 78 -69.62 -6.07 75.06
C ILE WC 78 -70.57 -4.85 74.97
N ILE WC 79 -70.14 -3.79 74.30
CA ILE WC 79 -70.97 -2.60 74.10
C ILE WC 79 -72.18 -2.93 73.23
N ASP WC 80 -72.00 -3.80 72.22
CA ASP WC 80 -73.13 -4.22 71.39
C ASP WC 80 -74.15 -5.03 72.19
N GLU WC 81 -73.68 -5.90 73.09
CA GLU WC 81 -74.59 -6.63 73.96
C GLU WC 81 -75.33 -5.71 74.92
N GLN WC 82 -74.64 -4.71 75.48
CA GLN WC 82 -75.29 -3.73 76.35
C GLN WC 82 -76.31 -2.88 75.60
N LEU WC 83 -76.04 -2.55 74.34
CA LEU WC 83 -77.01 -1.84 73.52
C LEU WC 83 -78.22 -2.71 73.20
N ASN WC 84 -78.00 -4.01 72.98
CA ASN WC 84 -79.11 -4.90 72.67
C ASN WC 84 -79.99 -5.17 73.87
N LYS WC 85 -79.43 -5.15 75.09
CA LYS WC 85 -80.26 -5.37 76.27
C LYS WC 85 -81.23 -4.22 76.54
N GLN WC 86 -80.83 -2.98 76.23
CA GLN WC 86 -81.65 -1.80 76.49
C GLN WC 86 -82.29 -1.27 75.21
N ALA WC 87 -82.80 -2.19 74.38
CA ALA WC 87 -83.28 -1.81 73.05
C ALA WC 87 -84.59 -1.03 73.10
N ARG WC 88 -85.54 -1.49 73.92
CA ARG WC 88 -86.88 -0.88 73.91
C ARG WC 88 -86.92 0.50 74.55
N ASN WC 89 -85.96 0.82 75.42
CA ASN WC 89 -85.89 2.18 75.96
C ASN WC 89 -85.33 3.17 74.95
N LEU WC 90 -84.44 2.69 74.07
CA LEU WC 90 -83.79 3.58 73.10
C LEU WC 90 -84.77 4.06 72.04
N ASP WC 91 -85.72 3.21 71.62
CA ASP WC 91 -86.75 3.67 70.70
C ASP WC 91 -87.70 4.67 71.35
N ALA WC 92 -87.96 4.52 72.65
CA ALA WC 92 -88.79 5.50 73.35
C ALA WC 92 -88.06 6.83 73.53
N ILE WC 93 -86.74 6.78 73.73
CA ILE WC 93 -85.99 8.01 73.94
C ILE WC 93 -85.76 8.74 72.62
N TYR WC 94 -85.18 8.06 71.63
CA TYR WC 94 -84.88 8.68 70.34
C TYR WC 94 -86.00 8.35 69.35
N ASP WC 95 -87.16 8.95 69.61
CA ASP WC 95 -88.36 8.70 68.81
C ASP WC 95 -88.33 9.67 67.63
N PHE WC 96 -87.67 9.26 66.54
CA PHE WC 96 -87.64 10.06 65.33
C PHE WC 96 -88.97 10.05 64.59
N ASN WC 97 -89.83 9.06 64.85
CA ASN WC 97 -91.09 8.94 64.12
C ASN WC 97 -92.10 10.01 64.53
N SER WC 98 -92.02 10.51 65.76
CA SER WC 98 -92.99 11.49 66.24
C SER WC 98 -92.65 12.91 65.84
N LEU WC 99 -91.50 13.14 65.21
CA LEU WC 99 -91.08 14.48 64.80
C LEU WC 99 -91.25 14.73 63.31
N VAL WC 100 -91.73 13.74 62.55
CA VAL WC 100 -91.88 13.89 61.11
C VAL WC 100 -93.05 14.80 60.81
N LEU WC 101 -92.90 15.66 59.80
CA LEU WC 101 -93.92 16.66 59.45
C LEU WC 101 -95.04 16.00 58.62
N GLU WC 102 -95.85 16.85 57.99
CA GLU WC 102 -97.13 16.40 57.43
C GLU WC 102 -96.95 15.54 56.19
N HIS WC 103 -96.08 15.96 55.26
CA HIS WC 103 -95.92 15.27 53.98
C HIS WC 103 -94.72 14.33 53.98
N ASN WC 104 -94.44 13.69 55.13
CA ASN WC 104 -93.28 12.83 55.37
C ASN WC 104 -91.97 13.57 55.06
N ILE WC 105 -91.77 14.68 55.75
CA ILE WC 105 -90.59 15.51 55.60
C ILE WC 105 -89.85 15.54 56.94
N LEU WC 106 -88.57 15.20 56.90
CA LEU WC 106 -87.75 15.27 58.10
C LEU WC 106 -87.50 16.73 58.46
N PRO WC 107 -87.67 17.12 59.73
CA PRO WC 107 -87.46 18.52 60.10
C PRO WC 107 -85.99 18.89 60.05
N PRO WC 108 -85.66 20.16 59.82
CA PRO WC 108 -84.25 20.57 59.74
C PRO WC 108 -83.60 20.61 61.12
N VAL WC 109 -82.27 20.67 61.09
CA VAL WC 109 -81.45 20.68 62.29
C VAL WC 109 -80.95 22.09 62.53
N LEU WC 110 -81.19 22.61 63.74
CA LEU WC 110 -80.80 23.97 64.10
C LEU WC 110 -79.78 23.94 65.24
N LEU WC 111 -78.83 24.87 65.20
CA LEU WC 111 -77.78 24.98 66.20
C LEU WC 111 -77.82 26.35 66.83
N GLU WC 112 -77.60 26.39 68.15
CA GLU WC 112 -77.76 27.59 68.96
C GLU WC 112 -76.46 27.91 69.70
N GLY WC 113 -76.11 29.19 69.73
CA GLY WC 113 -74.97 29.64 70.51
C GLY WC 113 -75.31 30.90 71.29
N ARG WC 114 -74.71 31.01 72.47
CA ARG WC 114 -74.98 32.11 73.39
C ARG WC 114 -73.68 32.76 73.84
N ASN WC 115 -73.73 34.10 73.98
CA ASN WC 115 -72.67 34.92 74.58
C ASN WC 115 -71.34 34.77 73.86
N THR WC 116 -71.33 35.20 72.59
CA THR WC 116 -70.21 34.93 71.70
C THR WC 116 -69.29 36.15 71.63
N LEU WC 117 -67.98 35.89 71.72
CA LEU WC 117 -66.95 36.92 71.59
C LEU WC 117 -65.92 36.45 70.56
N ASN WC 118 -65.40 37.39 69.79
CA ASN WC 118 -64.31 37.10 68.86
C ASN WC 118 -63.30 38.24 68.90
N LEU WC 119 -62.06 37.90 69.25
CA LEU WC 119 -60.91 38.77 69.11
C LEU WC 119 -60.30 38.48 67.74
N ALA WC 120 -60.70 39.25 66.74
CA ALA WC 120 -60.15 39.05 65.39
C ALA WC 120 -58.68 39.45 65.34
N ASP WC 121 -58.37 40.63 65.87
CA ASP WC 121 -57.00 41.12 66.02
C ASP WC 121 -56.98 42.12 67.17
N ALA WC 122 -55.84 42.79 67.35
CA ALA WC 122 -55.74 43.85 68.33
C ALA WC 122 -56.51 45.07 67.86
N GLN WC 123 -56.96 45.88 68.84
CA GLN WC 123 -57.69 47.14 68.74
C GLN WC 123 -59.16 46.97 68.33
N SER WC 124 -59.63 45.75 68.05
CA SER WC 124 -61.00 45.55 67.58
C SER WC 124 -61.51 44.16 67.96
N ILE WC 125 -62.73 44.11 68.53
CA ILE WC 125 -63.40 42.88 68.88
C ILE WC 125 -64.85 42.93 68.39
N ARG WC 126 -65.45 41.74 68.26
CA ARG WC 126 -66.84 41.62 67.85
C ARG WC 126 -67.58 40.69 68.79
N ILE WC 127 -68.72 41.13 69.33
CA ILE WC 127 -69.49 40.32 70.27
C ILE WC 127 -70.92 40.19 69.77
N SER WC 128 -71.57 39.10 70.22
CA SER WC 128 -72.95 38.82 69.87
C SER WC 128 -73.64 38.17 71.07
N ASP WC 129 -74.93 38.43 71.19
CA ASP WC 129 -75.71 37.88 72.29
C ASP WC 129 -76.16 36.44 72.03
N ARG WC 130 -76.74 36.19 70.86
CA ARG WC 130 -77.17 34.85 70.49
C ARG WC 130 -76.99 34.66 68.99
N THR WC 131 -76.79 33.41 68.59
CA THR WC 131 -76.67 33.06 67.18
C THR WC 131 -77.41 31.76 66.90
N TYR WC 132 -78.01 31.70 65.72
CA TYR WC 132 -78.76 30.54 65.25
C TYR WC 132 -78.28 30.17 63.86
N LYS WC 133 -78.11 28.86 63.61
CA LYS WC 133 -77.61 28.38 62.34
C LYS WC 133 -78.41 27.16 61.90
N VAL WC 134 -78.64 27.03 60.60
CA VAL WC 134 -79.24 25.83 60.02
C VAL WC 134 -78.12 24.90 59.59
N ALA WC 135 -78.07 23.70 60.16
CA ALA WC 135 -77.01 22.76 59.86
C ALA WC 135 -77.39 21.83 58.72
N LYS WC 136 -78.57 21.23 58.78
CA LYS WC 136 -79.08 20.36 57.72
C LYS WC 136 -80.47 20.81 57.32
N GLN WC 137 -80.81 20.57 56.06
CA GLN WC 137 -82.04 21.07 55.47
C GLN WC 137 -83.08 19.95 55.37
N ALA WC 138 -84.35 20.36 55.33
CA ALA WC 138 -85.46 19.42 55.24
C ALA WC 138 -85.52 18.76 53.87
N HIS WC 139 -85.99 17.52 53.83
CA HIS WC 139 -86.08 16.76 52.60
C HIS WC 139 -87.16 15.68 52.77
N PHE WC 140 -87.57 15.11 51.63
CA PHE WC 140 -88.51 13.99 51.65
C PHE WC 140 -87.83 12.72 52.14
N ILE WC 141 -88.57 11.95 52.93
CA ILE WC 141 -88.11 10.66 53.42
C ILE WC 141 -89.19 9.62 53.15
N THR WC 142 -88.77 8.35 53.12
CA THR WC 142 -89.69 7.23 53.08
C THR WC 142 -89.72 6.43 54.38
N THR WC 143 -88.62 6.44 55.13
CA THR WC 143 -88.49 5.74 56.40
C THR WC 143 -87.91 6.68 57.44
N PRO WC 144 -88.34 6.58 58.70
CA PRO WC 144 -87.72 7.38 59.77
C PRO WC 144 -86.37 6.81 60.17
N PRO WC 145 -85.46 7.65 60.67
CA PRO WC 145 -84.17 7.14 61.16
C PRO WC 145 -84.33 6.37 62.46
N THR WC 146 -83.33 5.54 62.74
CA THR WC 146 -83.28 4.71 63.93
C THR WC 146 -81.94 4.91 64.63
N TRP WC 147 -81.88 4.48 65.90
CA TRP WC 147 -80.67 4.64 66.69
C TRP WC 147 -79.56 3.67 66.30
N ARG WC 148 -79.90 2.59 65.59
CA ARG WC 148 -78.90 1.61 65.17
C ARG WC 148 -77.96 2.14 64.11
N GLN WC 149 -78.38 3.13 63.33
CA GLN WC 149 -77.49 3.76 62.35
C GLN WC 149 -76.47 4.68 63.00
N TYR WC 150 -76.66 5.06 64.26
CA TYR WC 150 -75.75 5.93 64.98
C TYR WC 150 -74.91 5.19 66.00
N LEU WC 151 -75.51 4.29 66.78
CA LEU WC 151 -74.87 3.78 67.99
C LEU WC 151 -74.26 2.39 67.84
N TRP WC 152 -74.62 1.63 66.82
CA TRP WC 152 -74.14 0.26 66.69
C TRP WC 152 -72.67 0.25 66.28
N MET WC 153 -71.86 -0.53 67.00
CA MET WC 153 -70.44 -0.67 66.72
C MET WC 153 -70.17 -1.96 65.95
N ASP WC 154 -69.05 -1.96 65.25
CA ASP WC 154 -68.71 -3.03 64.33
C ASP WC 154 -67.84 -4.08 65.01
N TYR WC 155 -68.23 -5.35 64.87
CA TYR WC 155 -67.51 -6.45 65.48
C TYR WC 155 -67.15 -7.48 64.43
N VAL WC 156 -65.85 -7.69 64.23
CA VAL WC 156 -65.33 -8.81 63.45
C VAL WC 156 -64.33 -9.55 64.32
N LYS WC 157 -64.52 -10.86 64.46
CA LYS WC 157 -63.69 -11.66 65.36
C LYS WC 157 -62.28 -11.81 64.79
N PRO WC 158 -61.24 -11.35 65.49
CA PRO WC 158 -59.88 -11.50 64.97
C PRO WC 158 -59.26 -12.84 65.31
N GLU WC 159 -58.94 -13.63 64.29
CA GLU WC 159 -58.32 -14.94 64.47
C GLU WC 159 -56.93 -14.99 63.84
N ALA WC 160 -56.21 -13.87 63.85
CA ALA WC 160 -54.88 -13.75 63.26
C ALA WC 160 -53.92 -13.22 64.31
N PRO WC 161 -53.35 -14.10 65.15
CA PRO WC 161 -52.41 -13.67 66.19
C PRO WC 161 -51.05 -13.26 65.63
N LYS WC 173 -41.20 -14.19 77.44
CA LYS WC 173 -42.45 -13.94 78.14
C LYS WC 173 -42.20 -13.26 79.48
N GLU WC 174 -41.00 -12.70 79.64
CA GLU WC 174 -40.66 -12.02 80.88
C GLU WC 174 -41.38 -10.67 80.99
N ILE WC 175 -41.40 -9.90 79.91
CA ILE WC 175 -42.03 -8.58 79.88
C ILE WC 175 -43.19 -8.54 78.88
N TRP WC 176 -43.66 -9.70 78.44
CA TRP WC 176 -44.73 -9.77 77.45
C TRP WC 176 -46.08 -9.39 78.05
N CYS WC 177 -46.34 -9.84 79.28
CA CYS WC 177 -47.68 -9.77 79.86
C CYS WC 177 -48.08 -8.34 80.21
N ILE WC 178 -47.14 -7.55 80.73
CA ILE WC 178 -47.45 -6.18 81.15
C ILE WC 178 -47.76 -5.29 79.94
N TYR WC 179 -47.01 -5.47 78.85
CA TYR WC 179 -47.28 -4.68 77.66
C TYR WC 179 -48.54 -5.16 76.93
N THR WC 180 -48.84 -6.47 76.99
CA THR WC 180 -50.12 -6.95 76.47
C THR WC 180 -51.30 -6.38 77.26
N GLU WC 181 -51.16 -6.28 78.58
CA GLU WC 181 -52.19 -5.67 79.42
C GLU WC 181 -52.35 -4.19 79.13
N ARG WC 182 -51.24 -3.48 78.91
CA ARG WC 182 -51.31 -2.06 78.57
C ARG WC 182 -51.99 -1.84 77.22
N GLY WC 183 -51.70 -2.70 76.24
CA GLY WC 183 -52.41 -2.63 74.96
C GLY WC 183 -53.88 -2.94 75.09
N TRP WC 184 -54.23 -3.89 75.98
CA TRP WC 184 -55.63 -4.21 76.26
C TRP WC 184 -56.38 -3.00 76.81
N LYS WC 185 -55.76 -2.29 77.76
CA LYS WC 185 -56.36 -1.07 78.32
C LYS WC 185 -56.50 0.02 77.27
N ASN WC 186 -55.51 0.16 76.39
CA ASN WC 186 -55.57 1.15 75.32
C ASN WC 186 -56.72 0.86 74.34
N GLY WC 187 -56.92 -0.42 74.00
CA GLY WC 187 -58.02 -0.79 73.12
C GLY WC 187 -59.39 -0.53 73.73
N ILE WC 188 -59.53 -0.82 75.03
CA ILE WC 188 -60.79 -0.54 75.72
C ILE WC 188 -61.07 0.97 75.75
N ASP WC 189 -60.03 1.77 76.00
CA ASP WC 189 -60.19 3.23 76.01
C ASP WC 189 -60.58 3.78 74.64
N GLN WC 190 -59.99 3.22 73.57
CA GLN WC 190 -60.32 3.66 72.22
C GLN WC 190 -61.76 3.33 71.85
N ALA WC 191 -62.23 2.13 72.24
CA ALA WC 191 -63.62 1.77 71.99
C ALA WC 191 -64.59 2.67 72.76
N ASN WC 192 -64.24 3.03 74.00
CA ASN WC 192 -65.07 3.94 74.78
C ASN WC 192 -65.13 5.33 74.16
N THR WC 193 -64.01 5.80 73.60
CA THR WC 193 -63.98 7.09 72.92
C THR WC 193 -64.86 7.09 71.66
N ILE WC 194 -64.82 5.99 70.90
CA ILE WC 194 -65.65 5.86 69.70
C ILE WC 194 -67.14 5.88 70.06
N LEU WC 195 -67.51 5.16 71.13
CA LEU WC 195 -68.91 5.16 71.59
C LEU WC 195 -69.35 6.54 72.07
N GLU WC 196 -68.47 7.26 72.75
CA GLU WC 196 -68.77 8.62 73.20
C GLU WC 196 -69.03 9.56 72.03
N GLU WC 197 -68.22 9.45 70.97
CA GLU WC 197 -68.43 10.28 69.79
C GLU WC 197 -69.75 9.97 69.09
N ASN WC 198 -70.11 8.67 69.03
CA ASN WC 198 -71.40 8.28 68.45
C ASN WC 198 -72.58 8.83 69.23
N ILE WC 199 -72.49 8.80 70.57
CA ILE WC 199 -73.55 9.33 71.43
C ILE WC 199 -73.69 10.85 71.24
N ALA WC 200 -72.55 11.56 71.12
CA ALA WC 200 -72.58 13.00 70.87
C ALA WC 200 -73.22 13.32 69.53
N ARG WC 201 -72.94 12.53 68.50
CA ARG WC 201 -73.52 12.76 67.18
C ARG WC 201 -75.04 12.57 67.18
N ILE WC 202 -75.53 11.48 67.78
CA ILE WC 202 -76.97 11.26 67.79
C ILE WC 202 -77.69 12.28 68.69
N LYS WC 203 -77.02 12.74 69.76
CA LYS WC 203 -77.61 13.76 70.61
C LYS WC 203 -77.74 15.11 69.89
N GLU WC 204 -76.73 15.47 69.10
CA GLU WC 204 -76.83 16.69 68.29
C GLU WC 204 -77.95 16.59 67.25
N ASP WC 205 -78.04 15.43 66.57
CA ASP WC 205 -79.07 15.27 65.55
C ASP WC 205 -80.49 15.23 66.11
N PHE WC 206 -80.68 14.82 67.37
CA PHE WC 206 -82.01 14.91 67.96
C PHE WC 206 -82.31 16.30 68.52
N GLY WC 207 -81.31 16.94 69.12
CA GLY WC 207 -81.50 18.27 69.69
C GLY WC 207 -81.80 19.34 68.67
N GLY WC 208 -81.21 19.23 67.47
CA GLY WC 208 -81.55 20.17 66.41
C GLY WC 208 -83.00 20.09 65.98
N MET WC 209 -83.54 18.86 65.90
CA MET WC 209 -84.94 18.68 65.53
C MET WC 209 -85.88 19.14 66.63
N ILE WC 210 -85.47 19.05 67.89
CA ILE WC 210 -86.29 19.62 68.96
C ILE WC 210 -86.26 21.16 68.90
N LEU WC 211 -85.08 21.73 68.62
CA LEU WC 211 -84.93 23.17 68.54
C LEU WC 211 -85.73 23.76 67.38
N TYR WC 212 -85.87 23.02 66.27
CA TYR WC 212 -86.70 23.49 65.16
C TYR WC 212 -88.16 23.64 65.57
N ARG WC 213 -88.71 22.66 66.30
CA ARG WC 213 -90.08 22.74 66.75
C ARG WC 213 -90.28 23.88 67.76
N LYS WC 214 -89.30 24.09 68.64
CA LYS WC 214 -89.43 25.19 69.60
C LYS WC 214 -89.38 26.56 68.90
N LEU WC 215 -88.50 26.72 67.92
CA LEU WC 215 -88.46 27.99 67.18
C LEU WC 215 -89.67 28.16 66.27
N LEU WC 216 -90.25 27.07 65.78
CA LEU WC 216 -91.49 27.16 65.02
C LEU WC 216 -92.65 27.60 65.91
N ALA WC 217 -92.68 27.11 67.16
CA ALA WC 217 -93.70 27.58 68.10
C ALA WC 217 -93.47 29.04 68.48
N MET WC 218 -92.21 29.47 68.57
CA MET WC 218 -91.87 30.84 68.91
C MET WC 218 -91.82 31.78 67.70
N ASN WC 219 -92.14 31.27 66.50
CA ASN WC 219 -92.33 32.06 65.27
C ASN WC 219 -91.04 32.76 64.83
N MET WC 220 -89.97 31.97 64.69
CA MET WC 220 -88.72 32.48 64.13
C MET WC 220 -88.29 31.76 62.86
N VAL WC 221 -88.87 30.61 62.52
CA VAL WC 221 -88.57 29.90 61.29
C VAL WC 221 -89.86 29.74 60.50
N SER WC 222 -89.69 29.59 59.18
CA SER WC 222 -90.87 29.40 58.35
C SER WC 222 -91.10 27.92 58.09
N PRO WC 223 -92.35 27.47 58.02
CA PRO WC 223 -92.62 26.06 57.69
C PRO WC 223 -92.41 25.81 56.20
N PRO WC 224 -92.15 24.57 55.81
CA PRO WC 224 -92.05 24.27 54.38
C PRO WC 224 -93.42 24.17 53.72
N TYR WC 225 -93.47 24.58 52.45
CA TYR WC 225 -94.70 24.62 51.68
C TYR WC 225 -94.64 23.61 50.55
N VAL WC 226 -95.76 22.90 50.35
CA VAL WC 226 -95.85 21.77 49.44
C VAL WC 226 -96.87 22.10 48.36
N SER WC 227 -96.49 21.92 47.10
CA SER WC 227 -97.38 22.07 45.96
C SER WC 227 -97.58 20.69 45.33
N HIS WC 228 -98.84 20.34 45.09
CA HIS WC 228 -99.20 19.06 44.50
C HIS WC 228 -99.95 19.26 43.20
N THR WC 229 -99.61 18.45 42.20
CA THR WC 229 -100.25 18.48 40.89
C THR WC 229 -100.98 17.16 40.67
N ASP WC 230 -102.27 17.27 40.35
CA ASP WC 230 -103.16 16.11 40.21
C ASP WC 230 -103.34 15.84 38.72
N LEU WC 231 -102.92 14.65 38.28
CA LEU WC 231 -103.13 14.21 36.91
C LEU WC 231 -104.05 12.99 36.90
N GLY WC 232 -104.93 12.95 35.91
CA GLY WC 232 -105.89 11.85 35.81
C GLY WC 232 -105.30 10.63 35.16
N VAL WC 233 -106.02 10.05 34.20
CA VAL WC 233 -105.56 8.86 33.50
C VAL WC 233 -104.59 9.29 32.41
N THR WC 234 -103.30 9.03 32.62
CA THR WC 234 -102.26 9.44 31.69
C THR WC 234 -101.54 8.21 31.15
N GLY WC 235 -101.01 8.36 29.94
CA GLY WC 235 -100.23 7.33 29.28
C GLY WC 235 -100.71 7.06 27.88
N ASP WC 236 -100.03 6.13 27.23
CA ASP WC 236 -100.35 5.71 25.88
C ASP WC 236 -101.10 4.38 25.93
N GLY WC 237 -101.31 3.77 24.76
CA GLY WC 237 -102.09 2.55 24.66
C GLY WC 237 -101.39 1.29 25.14
N SER WC 238 -100.10 1.36 25.45
CA SER WC 238 -99.37 0.20 25.94
C SER WC 238 -99.14 0.22 27.44
N GLU WC 239 -99.29 1.38 28.08
CA GLU WC 239 -99.10 1.50 29.53
C GLU WC 239 -99.89 2.70 30.03
N ILE WC 240 -100.69 2.51 31.07
CA ILE WC 240 -101.48 3.59 31.63
C ILE WC 240 -101.25 3.68 33.14
N HIS WC 241 -101.43 4.88 33.67
CA HIS WC 241 -101.47 5.15 35.10
C HIS WC 241 -102.80 5.81 35.42
N ILE WC 242 -103.46 5.34 36.48
CA ILE WC 242 -104.86 5.71 36.71
C ILE WC 242 -104.96 7.09 37.33
N ASP WC 243 -104.27 7.30 38.47
CA ASP WC 243 -104.33 8.57 39.20
C ASP WC 243 -102.91 8.93 39.60
N ASP WC 244 -102.36 9.98 38.96
CA ASP WC 244 -101.00 10.41 39.24
C ASP WC 244 -101.01 11.66 40.11
N ARG WC 245 -100.09 11.72 41.07
CA ARG WC 245 -99.89 12.91 41.87
C ARG WC 245 -98.41 13.22 41.93
N VAL WC 246 -98.05 14.46 41.62
CA VAL WC 246 -96.66 14.92 41.68
C VAL WC 246 -96.57 15.91 42.82
N LEU WC 247 -95.75 15.61 43.82
CA LEU WC 247 -95.60 16.47 44.98
C LEU WC 247 -94.22 17.08 44.98
N ARG WC 248 -94.16 18.38 45.25
CA ARG WC 248 -92.89 19.11 45.22
C ARG WC 248 -92.93 20.18 46.30
N ILE WC 249 -91.89 20.23 47.13
CA ILE WC 249 -91.81 21.30 48.10
C ILE WC 249 -91.13 22.50 47.45
N THR WC 250 -91.73 23.68 47.63
CA THR WC 250 -91.33 24.86 46.87
C THR WC 250 -90.43 25.80 47.64
N ALA WC 251 -90.64 25.95 48.95
CA ALA WC 251 -89.82 26.83 49.77
C ALA WC 251 -89.28 26.03 50.95
N LEU WC 252 -87.96 26.05 51.10
CA LEU WC 252 -87.33 25.37 52.23
C LEU WC 252 -87.52 26.22 53.50
N PRO WC 253 -87.48 25.60 54.67
CA PRO WC 253 -87.52 26.38 55.92
C PRO WC 253 -86.31 27.28 56.08
N GLU WC 254 -86.55 28.45 56.68
CA GLU WC 254 -85.49 29.42 56.90
C GLU WC 254 -85.83 30.28 58.10
N LEU WC 255 -84.79 30.84 58.72
CA LEU WC 255 -84.95 31.80 59.79
C LEU WC 255 -85.41 33.15 59.23
N ASN WC 256 -86.19 33.87 60.04
CA ASN WC 256 -86.57 35.23 59.68
C ASN WC 256 -85.74 36.26 60.45
N VAL WC 257 -85.54 37.42 59.84
CA VAL WC 257 -84.73 38.49 60.42
C VAL WC 257 -85.56 39.67 60.88
N ASN WC 258 -86.87 39.64 60.65
CA ASN WC 258 -87.78 40.69 61.10
C ASN WC 258 -88.25 40.35 62.50
N SER WC 259 -87.68 41.03 63.50
CA SER WC 259 -87.96 40.72 64.90
C SER WC 259 -89.32 41.22 65.38
N ALA WC 260 -90.03 42.00 64.57
CA ALA WC 260 -91.31 42.56 65.00
C ALA WC 260 -92.43 41.53 65.02
N GLU WC 261 -92.28 40.40 64.33
CA GLU WC 261 -93.31 39.39 64.29
C GLU WC 261 -93.05 38.20 65.21
N TRP WC 262 -92.00 38.26 66.03
CA TRP WC 262 -91.73 37.19 66.97
C TRP WC 262 -92.73 37.19 68.11
N ARG WC 263 -92.97 36.01 68.66
CA ARG WC 263 -93.98 35.81 69.71
C ARG WC 263 -93.30 35.25 70.95
N ALA WC 264 -93.54 35.89 72.09
CA ALA WC 264 -92.94 35.47 73.35
C ALA WC 264 -93.83 34.46 74.08
N ALA WC 265 -93.24 33.77 75.05
CA ALA WC 265 -93.92 32.73 75.81
C ALA WC 265 -93.64 32.94 77.30
N VAL WC 266 -94.69 33.15 78.08
CA VAL WC 266 -94.59 33.27 79.52
C VAL WC 266 -95.38 32.13 80.15
N ALA WC 267 -94.70 31.30 80.94
CA ALA WC 267 -95.30 30.11 81.55
C ALA WC 267 -95.57 30.37 83.02
N LYS WC 268 -96.84 30.35 83.41
CA LYS WC 268 -97.21 30.52 84.80
C LYS WC 268 -97.34 29.17 85.49
N LYS XC 24 -69.87 -0.99 112.27
CA LYS XC 24 -69.84 -1.00 110.81
C LYS XC 24 -70.55 0.21 110.24
N PHE XC 25 -69.96 0.80 109.20
CA PHE XC 25 -70.53 1.97 108.54
C PHE XC 25 -70.95 1.61 107.12
N LYS XC 26 -72.23 1.79 106.82
CA LYS XC 26 -72.77 1.50 105.50
C LYS XC 26 -73.82 2.55 105.16
N LYS XC 27 -74.10 2.65 103.87
CA LYS XC 27 -75.13 3.52 103.31
C LYS XC 27 -76.05 2.67 102.45
N PRO XC 28 -77.35 2.97 102.42
CA PRO XC 28 -78.37 1.98 101.98
C PRO XC 28 -78.26 1.55 100.52
N PRO XC 29 -78.18 2.47 99.49
CA PRO XC 29 -78.26 1.93 98.11
C PRO XC 29 -76.99 1.25 97.65
N ILE XC 30 -77.00 -0.08 97.65
CA ILE XC 30 -75.89 -0.89 97.15
C ILE XC 30 -76.49 -1.85 96.12
N ASN XC 31 -76.42 -1.47 94.85
CA ASN XC 31 -77.04 -2.23 93.77
C ASN XC 31 -76.00 -3.06 93.04
N ASN XC 32 -76.41 -3.65 91.92
CA ASN XC 32 -75.48 -4.35 91.04
C ASN XC 32 -74.51 -3.36 90.40
N PRO XC 33 -73.30 -3.80 90.05
CA PRO XC 33 -72.34 -2.88 89.40
C PRO XC 33 -72.82 -2.41 88.03
N SER XC 34 -72.45 -1.18 87.70
CA SER XC 34 -72.93 -0.51 86.50
C SER XC 34 -71.87 -0.51 85.42
N ASP XC 35 -72.31 -0.24 84.19
CA ASP XC 35 -71.44 -0.21 83.03
C ASP XC 35 -71.40 1.21 82.47
N ASP XC 36 -70.22 1.60 81.98
CA ASP XC 36 -69.99 3.00 81.59
C ASP XC 36 -70.75 3.37 80.33
N ALA XC 37 -71.06 2.39 79.47
CA ALA XC 37 -71.92 2.66 78.32
C ALA XC 37 -73.32 3.06 78.76
N THR XC 38 -73.87 2.34 79.73
CA THR XC 38 -75.19 2.69 80.29
C THR XC 38 -75.13 4.01 81.02
N ILE XC 39 -74.00 4.32 81.67
CA ILE XC 39 -73.81 5.62 82.33
C ILE XC 39 -73.88 6.75 81.32
N LYS XC 40 -73.15 6.61 80.20
CA LYS XC 40 -73.15 7.64 79.15
C LYS XC 40 -74.52 7.78 78.48
N LEU XC 41 -75.22 6.66 78.27
CA LEU XC 41 -76.56 6.72 77.69
C LEU XC 41 -77.54 7.42 78.63
N ALA XC 42 -77.42 7.18 79.94
CA ALA XC 42 -78.27 7.87 80.91
C ALA XC 42 -77.98 9.37 80.96
N GLU XC 43 -76.69 9.73 80.90
CA GLU XC 43 -76.31 11.15 80.89
C GLU XC 43 -76.81 11.87 79.64
N ALA XC 44 -76.86 11.17 78.50
CA ALA XC 44 -77.48 11.78 77.32
C ALA XC 44 -78.99 11.88 77.47
N ALA XC 45 -79.63 10.84 78.01
CA ALA XC 45 -81.08 10.76 78.04
C ALA XC 45 -81.71 11.76 79.00
N VAL XC 46 -81.01 12.10 80.09
CA VAL XC 46 -81.54 13.10 81.04
C VAL XC 46 -81.67 14.47 80.38
N SER XC 47 -80.65 14.87 79.62
CA SER XC 47 -80.69 16.16 78.93
C SER XC 47 -81.67 16.15 77.76
N VAL XC 48 -81.79 15.00 77.07
CA VAL XC 48 -82.85 14.86 76.06
C VAL XC 48 -84.23 15.02 76.69
N SER XC 49 -84.42 14.44 77.88
CA SER XC 49 -85.71 14.50 78.58
C SER XC 49 -86.07 15.92 79.02
N ASP XC 50 -85.11 16.66 79.59
CA ASP XC 50 -85.53 17.99 80.04
C ASP XC 50 -85.58 19.01 78.91
N SER XC 51 -84.83 18.80 77.82
CA SER XC 51 -85.06 19.62 76.62
C SER XC 51 -86.44 19.37 76.03
N MET XC 52 -86.86 18.10 76.00
CA MET XC 52 -88.20 17.76 75.54
C MET XC 52 -89.28 18.37 76.45
N LEU XC 53 -89.03 18.37 77.77
CA LEU XC 53 -89.96 18.97 78.72
C LEU XC 53 -90.09 20.48 78.50
N GLU XC 54 -88.96 21.16 78.26
CA GLU XC 54 -88.99 22.60 77.99
C GLU XC 54 -89.75 22.92 76.70
N MET XC 55 -89.52 22.14 75.64
CA MET XC 55 -90.20 22.38 74.38
C MET XC 55 -91.70 22.11 74.50
N ALA XC 56 -92.08 21.06 75.24
CA ALA XC 56 -93.50 20.77 75.46
C ALA XC 56 -94.18 21.86 76.27
N LYS XC 57 -93.48 22.40 77.28
CA LYS XC 57 -94.03 23.50 78.07
C LYS XC 57 -94.25 24.75 77.22
N VAL XC 58 -93.27 25.07 76.36
CA VAL XC 58 -93.39 26.24 75.49
C VAL XC 58 -94.55 26.06 74.49
N GLU XC 59 -94.67 24.87 73.90
CA GLU XC 59 -95.75 24.61 72.95
C GLU XC 59 -97.12 24.65 73.63
N LYS XC 60 -97.23 24.11 74.84
CA LYS XC 60 -98.49 24.16 75.58
C LYS XC 60 -98.87 25.60 75.95
N VAL XC 61 -97.88 26.43 76.28
CA VAL XC 61 -98.15 27.83 76.59
C VAL XC 61 -98.62 28.59 75.36
N ILE XC 62 -97.96 28.37 74.21
CA ILE XC 62 -98.34 29.09 72.99
C ILE XC 62 -99.72 28.64 72.49
N THR XC 63 -99.95 27.34 72.38
CA THR XC 63 -101.21 26.82 71.83
C THR XC 63 -101.98 26.02 72.86
N PRO XC 64 -102.96 26.61 73.54
CA PRO XC 64 -103.79 25.84 74.47
C PRO XC 64 -104.79 24.98 73.72
N PRO XC 65 -104.83 23.67 73.98
CA PRO XC 65 -105.85 22.82 73.35
C PRO XC 65 -107.22 23.09 73.95
N SER XC 66 -108.26 22.83 73.15
CA SER XC 66 -109.63 23.10 73.54
C SER XC 66 -110.57 21.91 73.46
N LYS XC 67 -110.20 20.85 72.75
CA LYS XC 67 -111.08 19.71 72.56
C LYS XC 67 -110.36 18.41 72.94
N ASP XC 68 -111.15 17.45 73.40
CA ASP XC 68 -110.65 16.13 73.78
C ASP XC 68 -111.41 15.07 73.01
N ASN XC 69 -110.72 13.95 72.72
CA ASN XC 69 -111.27 12.89 71.88
C ASN XC 69 -112.20 11.93 72.63
N THR XC 70 -112.68 12.30 73.82
CA THR XC 70 -113.68 11.51 74.52
C THR XC 70 -115.01 11.52 73.76
N LEU XC 71 -115.33 12.65 73.11
CA LEU XC 71 -116.54 12.75 72.29
C LEU XC 71 -116.47 11.84 71.07
N THR XC 72 -115.30 11.78 70.42
CA THR XC 72 -115.16 10.92 69.24
C THR XC 72 -115.04 9.45 69.62
N ILE XC 73 -114.36 9.16 70.72
CA ILE XC 73 -114.19 7.78 71.20
C ILE XC 73 -114.80 7.69 72.60
N PRO XC 74 -116.09 7.40 72.72
CA PRO XC 74 -116.69 7.19 74.03
C PRO XC 74 -116.51 5.76 74.52
N ASN XC 75 -116.70 5.58 75.82
CA ASN XC 75 -116.65 4.25 76.41
C ASN XC 75 -118.04 3.61 76.50
N ALA XC 76 -118.04 2.29 76.63
CA ALA XC 76 -119.28 1.52 76.70
C ALA XC 76 -118.99 0.23 77.45
N TYR XC 77 -120.02 -0.59 77.61
CA TYR XC 77 -119.83 -1.93 78.17
C TYR XC 77 -119.06 -2.79 77.19
N ASN XC 78 -118.32 -3.77 77.74
CA ASN XC 78 -117.34 -4.67 77.11
C ASN XC 78 -116.23 -3.94 76.34
N LEU XC 79 -116.05 -2.64 76.57
CA LEU XC 79 -114.82 -1.93 76.27
C LEU XC 79 -113.95 -1.78 77.50
N GLN XC 80 -114.36 -2.35 78.63
CA GLN XC 80 -113.64 -2.25 79.89
C GLN XC 80 -112.83 -3.50 80.21
N ALA XC 81 -112.73 -4.45 79.28
CA ALA XC 81 -111.74 -5.50 79.40
C ALA XC 81 -110.35 -4.89 79.20
N ARG XC 82 -109.34 -5.51 79.81
CA ARG XC 82 -108.06 -4.81 79.88
C ARG XC 82 -107.02 -5.54 79.05
N ALA XC 83 -105.92 -4.84 78.77
CA ALA XC 83 -104.89 -5.39 77.90
C ALA XC 83 -103.53 -4.81 78.24
N SER XC 84 -102.50 -5.62 78.01
CA SER XC 84 -101.11 -5.18 78.06
C SER XC 84 -100.51 -5.46 76.69
N VAL XC 85 -99.98 -4.43 76.05
CA VAL XC 85 -99.57 -4.50 74.65
C VAL XC 85 -98.17 -3.91 74.49
N ASP XC 86 -97.38 -4.54 73.61
CA ASP XC 86 -96.05 -4.06 73.20
C ASP XC 86 -95.97 -4.26 71.70
N TRP XC 87 -96.34 -3.23 70.94
CA TRP XC 87 -96.49 -3.33 69.50
C TRP XC 87 -95.63 -2.27 68.81
N SER XC 88 -94.94 -2.67 67.74
CA SER XC 88 -94.03 -1.80 67.02
C SER XC 88 -94.24 -1.93 65.51
N GLY XC 89 -95.49 -1.88 65.07
CA GLY XC 89 -95.81 -2.03 63.67
C GLY XC 89 -96.90 -1.09 63.18
N PRO XC 90 -97.57 -1.47 62.10
CA PRO XC 90 -98.64 -0.62 61.55
C PRO XC 90 -99.88 -0.61 62.43
N ILE XC 91 -100.77 0.33 62.11
CA ILE XC 91 -101.90 0.65 62.98
C ILE XC 91 -103.09 -0.29 62.74
N GLU XC 92 -103.24 -0.81 61.51
CA GLU XC 92 -104.47 -1.48 61.12
C GLU XC 92 -104.63 -2.85 61.78
N GLU XC 93 -103.54 -3.62 61.86
CA GLU XC 93 -103.61 -4.94 62.48
C GLU XC 93 -103.87 -4.85 63.97
N LEU XC 94 -103.22 -3.91 64.65
CA LEU XC 94 -103.44 -3.71 66.08
C LEU XC 94 -104.85 -3.23 66.37
N THR XC 95 -105.37 -2.31 65.54
CA THR XC 95 -106.74 -1.83 65.72
C THR XC 95 -107.76 -2.95 65.47
N ALA XC 96 -107.49 -3.81 64.48
CA ALA XC 96 -108.36 -4.94 64.21
C ALA XC 96 -108.34 -5.95 65.35
N ARG XC 97 -107.17 -6.19 65.96
CA ARG XC 97 -107.10 -7.10 67.10
C ARG XC 97 -107.83 -6.54 68.32
N ILE XC 98 -107.71 -5.22 68.56
CA ILE XC 98 -108.44 -4.59 69.66
C ILE XC 98 -109.95 -4.66 69.43
N ALA XC 99 -110.40 -4.42 68.19
CA ALA XC 99 -111.83 -4.52 67.87
C ALA XC 99 -112.34 -5.96 68.01
N LYS XC 100 -111.54 -6.95 67.59
CA LYS XC 100 -111.93 -8.34 67.70
C LYS XC 100 -112.00 -8.79 69.16
N ALA XC 101 -111.09 -8.29 70.00
CA ALA XC 101 -111.19 -8.58 71.43
C ALA XC 101 -112.34 -7.85 72.09
N ALA XC 102 -112.72 -6.68 71.57
CA ALA XC 102 -113.83 -5.92 72.09
C ALA XC 102 -115.17 -6.33 71.48
N HIS XC 103 -115.16 -7.33 70.58
CA HIS XC 103 -116.36 -7.89 69.95
C HIS XC 103 -117.12 -6.85 69.13
N PHE XC 104 -116.38 -5.99 68.45
CA PHE XC 104 -116.93 -4.93 67.61
C PHE XC 104 -116.57 -5.19 66.16
N ARG XC 105 -117.43 -4.73 65.25
CA ARG XC 105 -117.09 -4.77 63.84
C ARG XC 105 -116.01 -3.74 63.53
N PHE XC 106 -115.23 -3.99 62.49
CA PHE XC 106 -114.11 -3.14 62.12
C PHE XC 106 -114.33 -2.59 60.72
N ARG XC 107 -114.16 -1.28 60.56
CA ARG XC 107 -114.39 -0.60 59.30
C ARG XC 107 -113.21 0.30 58.97
N VAL XC 108 -112.84 0.36 57.69
CA VAL XC 108 -111.75 1.18 57.21
C VAL XC 108 -112.29 2.13 56.14
N LEU XC 109 -111.99 3.42 56.29
CA LEU XC 109 -112.39 4.45 55.34
C LEU XC 109 -111.16 5.15 54.78
N GLY XC 110 -111.15 5.37 53.47
CA GLY XC 110 -110.07 6.03 52.80
C GLY XC 110 -109.02 5.06 52.27
N LYS XC 111 -108.11 5.60 51.49
CA LYS XC 111 -107.01 4.82 50.92
C LYS XC 111 -105.81 4.83 51.86
N SER XC 112 -105.22 3.66 52.05
CA SER XC 112 -103.99 3.58 52.83
C SER XC 112 -102.83 4.21 52.06
N PRO XC 113 -101.98 4.99 52.71
CA PRO XC 113 -100.86 5.61 52.01
C PRO XC 113 -99.77 4.60 51.67
N SER XC 114 -98.93 4.98 50.71
CA SER XC 114 -97.84 4.11 50.29
C SER XC 114 -96.74 4.06 51.35
N VAL XC 115 -96.47 5.18 52.01
CA VAL XC 115 -95.61 5.19 53.18
C VAL XC 115 -96.48 4.83 54.38
N PRO XC 116 -96.19 3.73 55.09
CA PRO XC 116 -97.13 3.26 56.11
C PRO XC 116 -97.14 4.11 57.35
N VAL XC 117 -98.28 4.09 58.05
CA VAL XC 117 -98.45 4.80 59.31
C VAL XC 117 -97.98 3.87 60.43
N LEU XC 118 -96.85 4.19 61.04
CA LEU XC 118 -96.24 3.34 62.04
C LEU XC 118 -96.50 3.90 63.43
N ILE XC 119 -96.89 3.01 64.36
CA ILE XC 119 -97.13 3.38 65.74
C ILE XC 119 -96.27 2.49 66.63
N SER XC 120 -96.07 2.95 67.87
CA SER XC 120 -95.28 2.21 68.86
C SER XC 120 -95.95 2.40 70.22
N ILE XC 121 -96.59 1.34 70.72
CA ILE XC 121 -97.32 1.38 71.98
C ILE XC 121 -96.63 0.43 72.95
N SER XC 122 -96.34 0.93 74.16
CA SER XC 122 -95.76 0.11 75.22
C SER XC 122 -96.39 0.55 76.54
N THR XC 123 -97.44 -0.17 76.96
CA THR XC 123 -98.16 0.16 78.18
C THR XC 123 -98.39 -1.13 78.96
N LYS XC 124 -99.12 -1.01 80.07
CA LYS XC 124 -99.39 -2.16 80.94
C LYS XC 124 -100.69 -1.94 81.69
N ASP XC 125 -101.66 -2.82 81.43
CA ASP XC 125 -102.92 -2.95 82.18
C ASP XC 125 -103.74 -1.66 82.16
N GLU XC 126 -104.18 -1.30 80.95
CA GLU XC 126 -105.12 -0.20 80.78
C GLU XC 126 -106.26 -0.66 79.88
N SER XC 127 -107.35 0.11 79.90
CA SER XC 127 -108.56 -0.27 79.21
C SER XC 127 -108.44 -0.05 77.69
N LEU XC 128 -109.33 -0.71 76.96
CA LEU XC 128 -109.31 -0.65 75.49
C LEU XC 128 -109.65 0.73 74.97
N ALA XC 129 -110.53 1.46 75.66
CA ALA XC 129 -110.83 2.84 75.28
C ALA XC 129 -109.60 3.74 75.42
N GLU XC 130 -108.84 3.55 76.51
CA GLU XC 130 -107.60 4.30 76.69
C GLU XC 130 -106.55 3.93 75.66
N ILE XC 131 -106.48 2.64 75.30
CA ILE XC 131 -105.55 2.19 74.26
C ILE XC 131 -105.92 2.82 72.92
N LEU XC 132 -107.21 2.84 72.58
CA LEU XC 132 -107.66 3.43 71.33
C LEU XC 132 -107.43 4.94 71.29
N ARG XC 133 -107.60 5.61 72.44
CA ARG XC 133 -107.33 7.05 72.50
C ARG XC 133 -105.84 7.35 72.35
N ASP XC 134 -104.97 6.52 72.95
CA ASP XC 134 -103.53 6.70 72.79
C ASP XC 134 -103.10 6.43 71.34
N ILE XC 135 -103.70 5.42 70.70
CA ILE XC 135 -103.42 5.13 69.30
C ILE XC 135 -103.87 6.29 68.41
N ASP XC 136 -105.04 6.87 68.71
CA ASP XC 136 -105.53 8.01 67.94
C ASP XC 136 -104.64 9.24 68.11
N TYR XC 137 -104.17 9.51 69.33
CA TYR XC 137 -103.23 10.62 69.54
C TYR XC 137 -101.90 10.39 68.86
N GLN XC 138 -101.38 9.15 68.88
CA GLN XC 138 -100.10 8.89 68.22
C GLN XC 138 -100.22 8.92 66.70
N ALA XC 139 -101.37 8.50 66.16
CA ALA XC 139 -101.60 8.64 64.72
C ALA XC 139 -101.71 10.12 64.32
N GLY XC 140 -102.54 10.88 65.04
CA GLY XC 140 -102.53 12.33 64.87
C GLY XC 140 -103.17 12.77 63.59
N LYS XC 141 -102.36 13.30 62.67
CA LYS XC 141 -102.84 13.95 61.46
C LYS XC 141 -103.04 12.97 60.31
N LYS XC 142 -102.50 11.77 60.40
CA LYS XC 142 -102.56 10.80 59.30
C LYS XC 142 -103.79 9.91 59.35
N ALA XC 143 -104.28 9.59 60.55
CA ALA XC 143 -105.42 8.69 60.67
C ALA XC 143 -106.23 9.08 61.89
N SER XC 144 -107.48 8.63 61.91
CA SER XC 144 -108.39 8.92 63.01
C SER XC 144 -109.18 7.67 63.37
N ILE XC 145 -109.55 7.58 64.64
CA ILE XC 145 -110.28 6.45 65.20
C ILE XC 145 -111.63 6.96 65.71
N HIS XC 146 -112.71 6.31 65.29
CA HIS XC 146 -114.05 6.62 65.79
C HIS XC 146 -114.69 5.35 66.31
N VAL XC 147 -115.53 5.50 67.33
CA VAL XC 147 -116.23 4.37 67.95
C VAL XC 147 -117.71 4.70 68.00
N TYR XC 148 -118.52 3.82 67.42
CA TYR XC 148 -119.98 3.94 67.47
C TYR XC 148 -120.52 2.78 68.31
N PRO XC 149 -120.95 3.03 69.56
CA PRO XC 149 -121.37 1.92 70.42
C PRO XC 149 -122.76 1.40 70.14
N ASN XC 150 -123.62 2.18 69.48
CA ASN XC 150 -124.96 1.69 69.14
C ASN XC 150 -124.88 0.64 68.04
N SER XC 151 -124.00 0.85 67.05
CA SER XC 151 -123.77 -0.14 66.00
C SER XC 151 -122.64 -1.10 66.34
N GLN XC 152 -121.90 -0.85 67.44
CA GLN XC 152 -120.73 -1.61 67.87
C GLN XC 152 -119.68 -1.68 66.76
N VAL XC 153 -119.24 -0.50 66.32
CA VAL XC 153 -118.37 -0.37 65.16
C VAL XC 153 -117.16 0.48 65.53
N VAL XC 154 -115.96 -0.05 65.27
CA VAL XC 154 -114.71 0.71 65.37
C VAL XC 154 -114.28 1.05 63.95
N GLU XC 155 -114.12 2.34 63.68
CA GLU XC 155 -113.83 2.84 62.34
C GLU XC 155 -112.47 3.54 62.34
N LEU XC 156 -111.63 3.17 61.39
CA LEU XC 156 -110.34 3.81 61.16
C LEU XC 156 -110.41 4.53 59.82
N ARG XC 157 -110.21 5.85 59.83
CA ARG XC 157 -110.27 6.64 58.61
C ARG XC 157 -108.92 7.28 58.34
N TYR XC 158 -108.52 7.28 57.08
CA TYR XC 158 -107.25 7.88 56.67
C TYR XC 158 -107.45 9.33 56.27
N ALA XC 159 -106.35 10.09 56.30
CA ALA XC 159 -106.41 11.51 56.00
C ALA XC 159 -106.59 11.75 54.51
N LYS XC 160 -107.29 12.85 54.19
CA LYS XC 160 -107.48 13.28 52.80
C LYS XC 160 -106.25 14.10 52.38
N ILE XC 161 -105.15 13.37 52.15
CA ILE XC 161 -103.87 13.94 51.81
C ILE XC 161 -103.39 13.19 50.58
N TYR XC 162 -102.41 13.77 49.88
CA TYR XC 162 -101.86 13.30 48.60
C TYR XC 162 -102.93 13.22 47.52
N GLY YC 271 -64.11 48.01 57.24
CA GLY YC 271 -63.63 46.68 57.55
C GLY YC 271 -64.28 46.07 58.78
N ILE YC 272 -65.44 45.45 58.57
CA ILE YC 272 -66.15 44.81 59.68
C ILE YC 272 -65.43 43.51 60.06
N PRO YC 273 -65.10 43.31 61.34
CA PRO YC 273 -64.44 42.06 61.75
C PRO YC 273 -65.39 40.88 61.63
N PRO YC 274 -64.86 39.66 61.49
CA PRO YC 274 -65.72 38.47 61.44
C PRO YC 274 -66.44 38.24 62.77
N SER YC 275 -67.64 37.65 62.66
CA SER YC 275 -68.50 37.51 63.83
C SER YC 275 -67.98 36.44 64.78
N ALA YC 276 -67.78 35.22 64.29
CA ALA YC 276 -67.33 34.10 65.09
C ALA YC 276 -66.79 33.03 64.15
N ASN YC 277 -66.53 31.84 64.71
CA ASN YC 277 -66.27 30.64 63.95
C ASN YC 277 -67.42 29.68 64.23
N ASP YC 278 -68.08 29.22 63.17
CA ASP YC 278 -69.24 28.34 63.33
C ASP YC 278 -68.89 26.91 63.71
N LEU YC 279 -67.61 26.56 63.71
CA LEU YC 279 -67.14 25.26 64.19
C LEU YC 279 -67.35 25.10 65.70
N LEU YC 280 -67.40 26.20 66.44
CA LEU YC 280 -67.60 26.13 67.88
C LEU YC 280 -69.00 25.69 68.27
N LEU YC 281 -69.97 25.78 67.35
CA LEU YC 281 -71.28 25.17 67.62
C LEU YC 281 -71.19 23.66 67.68
N HIS YC 282 -70.45 23.05 66.75
CA HIS YC 282 -70.21 21.61 66.81
C HIS YC 282 -69.33 21.23 67.99
N VAL YC 283 -68.38 22.10 68.35
CA VAL YC 283 -67.57 21.87 69.56
C VAL YC 283 -68.43 21.91 70.82
N LEU YC 284 -69.40 22.84 70.87
CA LEU YC 284 -70.36 22.90 71.97
C LEU YC 284 -71.23 21.66 72.03
N GLU YC 285 -71.68 21.17 70.87
CA GLU YC 285 -72.49 19.96 70.85
C GLU YC 285 -71.66 18.71 71.13
N GLY YC 286 -70.34 18.78 71.00
CA GLY YC 286 -69.46 17.67 71.29
C GLY YC 286 -68.99 16.90 70.09
N VAL YC 287 -69.47 17.23 68.90
CA VAL YC 287 -69.00 16.58 67.67
C VAL YC 287 -67.66 17.17 67.28
N PRO YC 288 -66.63 16.35 67.04
CA PRO YC 288 -65.34 16.89 66.62
C PRO YC 288 -65.43 17.47 65.22
N PRO YC 289 -64.59 18.47 64.90
CA PRO YC 289 -64.58 19.00 63.54
C PRO YC 289 -64.04 17.97 62.56
N PRO YC 290 -64.48 18.00 61.30
CA PRO YC 290 -63.98 17.03 60.32
C PRO YC 290 -62.54 17.32 59.93
N GLY YC 291 -61.76 16.24 59.80
CA GLY YC 291 -60.36 16.35 59.48
C GLY YC 291 -59.45 16.59 60.66
N SER YC 292 -59.98 16.73 61.86
CA SER YC 292 -59.18 17.00 63.05
C SER YC 292 -58.67 15.70 63.65
N ARG YC 293 -57.77 15.83 64.63
CA ARG YC 293 -57.25 14.69 65.37
C ARG YC 293 -57.42 14.94 66.87
N ARG YC 294 -57.46 13.85 67.63
CA ARG YC 294 -57.77 13.92 69.05
C ARG YC 294 -56.52 14.23 69.87
N LEU YC 295 -56.74 14.92 70.99
CA LEU YC 295 -55.71 15.16 71.99
C LEU YC 295 -56.13 14.56 73.31
N VAL YC 296 -55.16 14.17 74.12
CA VAL YC 296 -55.39 13.54 75.41
C VAL YC 296 -55.27 14.60 76.50
N VAL YC 297 -56.31 14.71 77.33
CA VAL YC 297 -56.37 15.70 78.40
C VAL YC 297 -56.46 14.98 79.73
N SER YC 298 -55.56 15.32 80.65
CA SER YC 298 -55.50 14.69 81.96
C SER YC 298 -55.62 15.74 83.05
N GLY YC 299 -56.21 15.33 84.18
CA GLY YC 299 -56.35 16.18 85.34
C GLY YC 299 -57.72 16.78 85.56
N GLY YC 300 -58.62 16.64 84.59
CA GLY YC 300 -59.94 17.24 84.72
C GLY YC 300 -60.84 16.81 83.59
N ASP YC 301 -62.08 17.32 83.63
CA ASP YC 301 -63.12 16.94 82.68
C ASP YC 301 -63.09 17.97 81.55
N ALA YC 302 -62.37 17.65 80.49
CA ALA YC 302 -62.28 18.51 79.32
C ALA YC 302 -61.91 17.66 78.11
N ARG YC 303 -62.33 18.12 76.93
CA ARG YC 303 -61.99 17.47 75.67
C ARG YC 303 -61.32 18.48 74.74
N ALA YC 304 -60.38 18.01 73.93
CA ALA YC 304 -59.62 18.88 73.04
C ALA YC 304 -59.44 18.23 71.69
N TRP YC 305 -59.42 19.06 70.64
CA TRP YC 305 -59.15 18.63 69.29
C TRP YC 305 -58.22 19.62 68.61
N LEU YC 306 -57.51 19.16 67.58
CA LEU YC 306 -56.59 19.98 66.81
C LEU YC 306 -56.92 19.81 65.33
N SER YC 307 -57.26 20.91 64.65
CA SER YC 307 -57.67 20.86 63.26
C SER YC 307 -56.72 21.58 62.32
N ASN YC 308 -56.43 22.85 62.55
CA ASN YC 308 -55.65 23.68 61.66
C ASN YC 308 -54.55 24.42 62.43
N GLU YC 309 -53.79 23.65 63.23
CA GLU YC 309 -52.83 24.14 64.22
C GLU YC 309 -53.49 25.09 65.21
N LYS YC 310 -54.74 24.79 65.58
CA LYS YC 310 -55.48 25.50 66.61
C LYS YC 310 -56.16 24.46 67.50
N MET YC 311 -56.27 24.78 68.78
CA MET YC 311 -56.88 23.89 69.76
C MET YC 311 -58.33 24.30 69.98
N TYR YC 312 -59.22 23.31 69.96
CA TYR YC 312 -60.64 23.48 70.25
C TYR YC 312 -60.94 22.70 71.53
N VAL YC 313 -61.39 23.40 72.56
CA VAL YC 313 -61.55 22.84 73.90
C VAL YC 313 -63.02 22.94 74.29
N ARG YC 314 -63.58 21.82 74.75
CA ARG YC 314 -64.92 21.78 75.32
C ARG YC 314 -64.82 21.39 76.78
N THR YC 315 -65.36 22.22 77.67
CA THR YC 315 -65.24 21.99 79.11
C THR YC 315 -66.37 22.75 79.81
N ASN YC 316 -66.31 22.78 81.15
CA ASN YC 316 -67.15 23.67 81.93
C ASN YC 316 -66.37 24.38 83.02
N LEU YC 317 -65.05 24.26 83.02
CA LEU YC 317 -64.18 25.00 83.92
C LEU YC 317 -63.89 26.38 83.34
N THR YC 318 -63.15 27.19 84.10
CA THR YC 318 -62.77 28.54 83.69
C THR YC 318 -61.28 28.57 83.39
N ILE YC 319 -60.93 28.95 82.16
CA ILE YC 319 -59.55 29.00 81.71
C ILE YC 319 -58.97 30.37 82.05
N LEU YC 320 -57.83 30.39 82.74
CA LEU YC 320 -57.28 31.63 83.28
C LEU YC 320 -56.04 32.11 82.53
N SER YC 321 -54.98 31.30 82.46
CA SER YC 321 -53.69 31.82 81.98
C SER YC 321 -53.45 31.90 80.46
N PRO YC 322 -53.66 30.84 79.65
CA PRO YC 322 -53.03 30.84 78.31
C PRO YC 322 -53.68 31.76 77.29
N GLY YC 323 -54.93 32.17 77.49
CA GLY YC 323 -55.55 33.09 76.56
C GLY YC 323 -56.19 32.41 75.37
N TRP YC 324 -57.45 32.73 75.11
CA TRP YC 324 -58.22 32.10 74.04
C TRP YC 324 -58.57 33.12 72.97
N LEU YC 325 -58.81 32.62 71.76
CA LEU YC 325 -59.15 33.48 70.63
C LEU YC 325 -60.66 33.69 70.49
N ALA YC 326 -61.47 32.64 70.66
CA ALA YC 326 -62.91 32.82 70.65
C ALA YC 326 -63.56 31.80 71.57
N SER YC 327 -64.80 32.09 71.97
CA SER YC 327 -65.52 31.22 72.87
C SER YC 327 -67.03 31.34 72.65
N MET YC 328 -67.74 30.27 73.01
CA MET YC 328 -69.19 30.25 73.07
C MET YC 328 -69.63 29.50 74.31
N THR YC 329 -70.87 29.78 74.72
CA THR YC 329 -71.47 29.18 75.91
C THR YC 329 -72.81 28.56 75.53
N SER YC 330 -73.08 27.37 76.07
CA SER YC 330 -74.34 26.68 75.83
C SER YC 330 -75.38 27.15 76.85
N ALA YC 331 -76.56 26.54 76.81
CA ALA YC 331 -77.63 26.93 77.73
C ALA YC 331 -77.40 26.38 79.14
N ASP YC 332 -76.72 25.25 79.26
CA ASP YC 332 -76.50 24.61 80.56
C ASP YC 332 -75.17 24.97 81.21
N GLY YC 333 -74.39 25.87 80.62
CA GLY YC 333 -73.13 26.29 81.19
C GLY YC 333 -71.89 25.65 80.61
N THR YC 334 -71.99 24.97 79.47
CA THR YC 334 -70.83 24.36 78.84
C THR YC 334 -70.10 25.42 78.01
N HIS YC 335 -68.78 25.49 78.17
CA HIS YC 335 -67.95 26.46 77.46
C HIS YC 335 -67.17 25.75 76.36
N ALA YC 336 -67.07 26.43 75.20
CA ALA YC 336 -66.26 25.98 74.09
C ALA YC 336 -65.31 27.11 73.71
N TYR YC 337 -64.03 26.78 73.56
CA TYR YC 337 -62.99 27.74 73.23
C TYR YC 337 -62.25 27.29 71.99
N GLU YC 338 -61.76 28.26 71.21
CA GLU YC 338 -60.75 27.97 70.21
C GLU YC 338 -59.60 28.94 70.43
N MET YC 339 -58.38 28.41 70.34
CA MET YC 339 -57.19 29.10 70.80
C MET YC 339 -55.97 28.50 70.11
N GLN YC 340 -54.80 29.01 70.47
CA GLN YC 340 -53.54 28.45 69.98
C GLN YC 340 -53.15 27.22 70.79
N LYS YC 341 -52.26 26.41 70.22
CA LYS YC 341 -51.87 25.16 70.86
C LYS YC 341 -50.90 25.42 72.01
N SER YC 342 -51.07 24.65 73.09
CA SER YC 342 -50.25 24.74 74.29
C SER YC 342 -50.38 23.44 75.05
N PRO YC 343 -49.30 22.94 75.66
CA PRO YC 343 -49.36 21.66 76.39
C PRO YC 343 -49.82 21.76 77.83
N VAL YC 344 -50.28 22.93 78.29
CA VAL YC 344 -50.72 23.10 79.67
C VAL YC 344 -51.83 24.14 79.70
N LEU YC 345 -52.88 23.87 80.48
CA LEU YC 345 -53.96 24.82 80.69
C LEU YC 345 -54.08 25.10 82.19
N LEU YC 346 -54.33 26.37 82.54
CA LEU YC 346 -54.57 26.76 83.92
C LEU YC 346 -56.06 27.02 84.08
N VAL YC 347 -56.70 26.32 85.02
CA VAL YC 347 -58.14 26.39 85.19
C VAL YC 347 -58.47 26.67 86.66
N SER YC 348 -59.67 27.18 86.86
CA SER YC 348 -60.26 27.37 88.18
C SER YC 348 -61.45 26.43 88.30
N TRP YC 349 -61.45 25.60 89.34
CA TRP YC 349 -62.45 24.55 89.46
C TRP YC 349 -63.66 24.99 90.29
N HIS YC 350 -63.44 25.29 91.58
CA HIS YC 350 -64.48 25.80 92.45
C HIS YC 350 -63.91 26.88 93.36
N GLY YC 351 -63.13 27.78 92.79
CA GLY YC 351 -62.35 28.72 93.57
C GLY YC 351 -60.92 28.29 93.80
N LYS YC 352 -60.51 27.14 93.27
CA LYS YC 352 -59.15 26.64 93.41
C LYS YC 352 -58.51 26.54 92.03
N VAL YC 353 -57.25 26.95 91.94
CA VAL YC 353 -56.52 27.02 90.68
C VAL YC 353 -55.69 25.76 90.53
N MET YC 354 -55.82 25.09 89.38
CA MET YC 354 -55.05 23.89 89.09
C MET YC 354 -54.71 23.86 87.60
N GLN YC 355 -54.07 22.77 87.18
CA GLN YC 355 -53.53 22.66 85.83
C GLN YC 355 -54.03 21.40 85.16
N LEU YC 356 -54.18 21.49 83.83
CA LEU YC 356 -54.55 20.38 82.98
C LEU YC 356 -53.43 20.14 81.98
N LYS YC 357 -53.10 18.86 81.75
CA LYS YC 357 -51.99 18.47 80.89
C LYS YC 357 -52.54 17.96 79.56
N VAL YC 358 -52.04 18.52 78.47
CA VAL YC 358 -52.49 18.20 77.11
C VAL YC 358 -51.37 17.48 76.38
N GLU YC 359 -51.67 16.28 75.89
CA GLU YC 359 -50.71 15.47 75.14
C GLU YC 359 -51.16 15.34 73.69
N GLY YC 360 -50.30 14.73 72.89
CA GLY YC 360 -50.61 14.46 71.50
C GLY YC 360 -50.41 15.61 70.54
N LEU YC 361 -49.78 16.69 70.98
CA LEU YC 361 -49.55 17.84 70.12
C LEU YC 361 -48.42 17.57 69.13
N LYS ZC 40 -73.63 -21.35 61.51
CA LYS ZC 40 -73.65 -20.07 62.20
C LYS ZC 40 -75.08 -19.63 62.49
N LEU ZC 41 -76.00 -20.01 61.59
CA LEU ZC 41 -77.41 -19.73 61.80
C LEU ZC 41 -77.97 -20.63 62.90
N PRO ZC 42 -78.97 -20.15 63.65
CA PRO ZC 42 -79.61 -21.02 64.64
C PRO ZC 42 -80.38 -22.15 63.99
N CYS ZC 43 -80.45 -23.28 64.71
CA CYS ZC 43 -81.12 -24.47 64.21
C CYS ZC 43 -82.50 -24.68 64.80
N ARG ZC 44 -82.89 -23.90 65.82
CA ARG ZC 44 -84.19 -24.02 66.45
C ARG ZC 44 -84.49 -22.71 67.16
N VAL ZC 45 -85.73 -22.59 67.63
CA VAL ZC 45 -86.09 -21.51 68.52
C VAL ZC 45 -85.42 -21.72 69.88
N ASP ZC 46 -84.84 -20.67 70.43
CA ASP ZC 46 -83.98 -20.81 71.60
C ASP ZC 46 -84.79 -21.07 72.87
N GLY ZC 47 -84.19 -21.88 73.76
CA GLY ZC 47 -84.82 -22.23 75.02
C GLY ZC 47 -86.03 -23.13 74.91
N ALA ZC 48 -86.17 -23.88 73.82
CA ALA ZC 48 -87.33 -24.72 73.60
C ALA ZC 48 -86.92 -26.10 73.14
N CYS ZC 49 -87.70 -27.10 73.55
CA CYS ZC 49 -87.47 -28.49 73.16
C CYS ZC 49 -88.79 -29.24 73.20
N ASP ZC 50 -88.99 -30.14 72.23
CA ASP ZC 50 -90.23 -30.88 72.13
C ASP ZC 50 -90.39 -31.87 73.29
N ALA ZC 51 -89.29 -32.50 73.70
CA ALA ZC 51 -89.33 -33.39 74.86
C ALA ZC 51 -89.67 -32.64 76.14
N THR ZC 52 -89.15 -31.42 76.27
CA THR ZC 52 -89.47 -30.58 77.42
C THR ZC 52 -90.94 -30.15 77.40
N ILE ZC 53 -91.47 -29.88 76.20
CA ILE ZC 53 -92.89 -29.53 76.06
C ILE ZC 53 -93.78 -30.70 76.48
N ILE ZC 54 -93.44 -31.90 76.01
CA ILE ZC 54 -94.21 -33.11 76.36
C ILE ZC 54 -94.11 -33.39 77.85
N LYS ZC 55 -92.92 -33.19 78.44
CA LYS ZC 55 -92.73 -33.39 79.87
C LYS ZC 55 -93.56 -32.41 80.71
N MET ZC 56 -93.59 -31.13 80.31
CA MET ZC 56 -94.41 -30.15 81.05
C MET ZC 56 -95.90 -30.45 80.90
N MET ZC 57 -96.36 -30.84 79.71
CA MET ZC 57 -97.77 -31.19 79.53
C MET ZC 57 -98.16 -32.41 80.36
N THR ZC 58 -97.29 -33.43 80.39
CA THR ZC 58 -97.56 -34.64 81.17
C THR ZC 58 -97.56 -34.35 82.67
N ASP ZC 59 -96.62 -33.51 83.14
CA ASP ZC 59 -96.56 -33.18 84.57
C ASP ZC 59 -97.76 -32.35 85.00
N LEU ZC 60 -98.17 -31.37 84.16
CA LEU ZC 60 -99.33 -30.55 84.50
C LEU ZC 60 -100.62 -31.37 84.48
N ASN ZC 61 -100.76 -32.28 83.50
CA ASN ZC 61 -101.95 -33.11 83.44
C ASN ZC 61 -101.99 -34.14 84.56
N LYS ZC 62 -100.82 -34.62 85.02
CA LYS ZC 62 -100.80 -35.51 86.18
C LYS ZC 62 -101.12 -34.78 87.47
N LYS ZC 63 -100.65 -33.53 87.61
CA LYS ZC 63 -100.90 -32.83 88.87
C LYS ZC 63 -102.35 -32.36 88.95
N GLY ZC 64 -102.90 -31.84 87.84
CA GLY ZC 64 -104.31 -31.47 87.86
C GLY ZC 64 -104.69 -30.24 87.06
N ILE ZC 65 -103.71 -29.55 86.49
CA ILE ZC 65 -103.99 -28.43 85.60
C ILE ZC 65 -104.28 -28.98 84.21
N LYS ZC 66 -105.40 -28.57 83.63
CA LYS ZC 66 -105.82 -29.16 82.36
C LYS ZC 66 -105.12 -28.45 81.20
N VAL ZC 67 -104.42 -29.21 80.37
CA VAL ZC 67 -103.77 -28.68 79.18
C VAL ZC 67 -104.37 -29.38 77.97
N ALA ZC 68 -104.92 -28.60 77.05
CA ALA ZC 68 -105.58 -29.14 75.87
C ALA ZC 68 -105.06 -28.46 74.61
N SER ZC 69 -104.98 -29.22 73.52
CA SER ZC 69 -104.50 -28.72 72.25
C SER ZC 69 -105.33 -29.30 71.12
N VAL ZC 70 -106.03 -28.45 70.38
CA VAL ZC 70 -106.80 -28.84 69.21
C VAL ZC 70 -106.34 -27.98 68.05
N GLY ZC 71 -105.77 -28.61 67.03
CA GLY ZC 71 -105.22 -27.88 65.90
C GLY ZC 71 -103.97 -27.12 66.28
N GLN ZC 72 -104.04 -25.78 66.24
CA GLN ZC 72 -102.96 -24.94 66.72
C GLN ZC 72 -103.36 -24.11 67.93
N ASN ZC 73 -104.56 -24.33 68.47
CA ASN ZC 73 -105.03 -23.62 69.65
C ASN ZC 73 -104.67 -24.40 70.91
N TYR ZC 74 -104.25 -23.67 71.94
CA TYR ZC 74 -103.86 -24.27 73.21
C TYR ZC 74 -104.64 -23.61 74.34
N LEU ZC 75 -105.08 -24.45 75.29
CA LEU ZC 75 -105.90 -24.04 76.41
C LEU ZC 75 -105.32 -24.59 77.71
N ILE ZC 76 -105.19 -23.72 78.71
CA ILE ZC 76 -104.79 -24.10 80.06
C ILE ZC 76 -105.92 -23.73 80.99
N SER ZC 77 -106.46 -24.71 81.71
CA SER ZC 77 -107.58 -24.53 82.61
C SER ZC 77 -107.09 -24.80 84.03
N ILE ZC 78 -107.36 -23.85 84.93
CA ILE ZC 78 -106.81 -23.86 86.28
C ILE ZC 78 -107.98 -23.70 87.24
N PRO ZC 79 -108.13 -24.55 88.25
CA PRO ZC 79 -109.13 -24.30 89.29
C PRO ZC 79 -108.76 -23.11 90.15
N ALA ZC 80 -109.77 -22.39 90.62
CA ALA ZC 80 -109.55 -21.18 91.41
C ALA ZC 80 -109.06 -21.47 92.82
N SER ZC 81 -109.32 -22.68 93.34
CA SER ZC 81 -108.90 -23.02 94.70
C SER ZC 81 -107.40 -23.23 94.78
N ALA ZC 82 -106.76 -23.59 93.67
CA ALA ZC 82 -105.32 -23.78 93.64
C ALA ZC 82 -104.55 -22.48 93.50
N LEU ZC 83 -105.25 -21.36 93.28
CA LEU ZC 83 -104.60 -20.06 93.13
C LEU ZC 83 -105.00 -19.08 94.21
N PHE ZC 84 -106.30 -18.89 94.45
CA PHE ZC 84 -106.78 -17.81 95.29
C PHE ZC 84 -107.35 -18.36 96.60
N ALA ZC 85 -107.71 -17.45 97.49
CA ALA ZC 85 -108.33 -17.79 98.76
C ALA ZC 85 -109.83 -17.98 98.54
N ASP ZC 86 -110.60 -18.03 99.64
CA ASP ZC 86 -112.04 -18.25 99.54
C ASP ZC 86 -112.75 -17.00 99.04
N GLN ZC 87 -112.94 -16.93 97.72
CA GLN ZC 87 -113.73 -15.89 97.03
C GLN ZC 87 -113.20 -14.48 97.29
N SER ZC 88 -111.87 -14.35 97.31
CA SER ZC 88 -111.18 -13.08 97.43
C SER ZC 88 -110.07 -13.02 96.39
N PRO ZC 89 -109.75 -11.80 95.87
CA PRO ZC 89 -108.68 -11.66 94.86
C PRO ZC 89 -107.27 -11.54 95.45
N ARG ZC 90 -106.95 -12.43 96.39
CA ARG ZC 90 -105.66 -12.46 97.05
C ARG ZC 90 -105.00 -13.81 96.76
N LEU ZC 91 -103.82 -13.77 96.14
CA LEU ZC 91 -103.10 -14.99 95.84
C LEU ZC 91 -102.48 -15.58 97.11
N ASN ZC 92 -102.42 -16.91 97.15
CA ASN ZC 92 -101.64 -17.59 98.17
C ASN ZC 92 -100.15 -17.47 97.85
N TRP ZC 93 -99.33 -17.62 98.88
CA TRP ZC 93 -97.89 -17.51 98.69
C TRP ZC 93 -97.31 -18.75 98.01
N ALA ZC 94 -97.97 -19.89 98.15
CA ALA ZC 94 -97.48 -21.14 97.58
C ALA ZC 94 -97.88 -21.35 96.13
N SER ZC 95 -98.78 -20.53 95.59
CA SER ZC 95 -99.20 -20.67 94.21
C SER ZC 95 -98.23 -20.03 93.22
N TYR ZC 96 -97.22 -19.33 93.71
CA TYR ZC 96 -96.24 -18.70 92.82
C TYR ZC 96 -95.35 -19.75 92.15
N SER ZC 97 -95.17 -20.92 92.79
CA SER ZC 97 -94.47 -22.02 92.13
C SER ZC 97 -95.27 -22.56 90.95
N LEU ZC 98 -96.59 -22.66 91.11
CA LEU ZC 98 -97.45 -23.05 90.01
C LEU ZC 98 -97.44 -22.02 88.88
N LEU ZC 99 -97.45 -20.74 89.25
CA LEU ZC 99 -97.38 -19.67 88.24
C LEU ZC 99 -96.04 -19.66 87.53
N ASN ZC 100 -94.96 -19.98 88.24
CA ASN ZC 100 -93.65 -20.12 87.62
C ASN ZC 100 -93.60 -21.30 86.66
N GLU ZC 101 -94.24 -22.42 87.02
CA GLU ZC 101 -94.32 -23.57 86.12
C GLU ZC 101 -95.13 -23.26 84.86
N ILE ZC 102 -96.23 -22.52 85.01
CA ILE ZC 102 -97.04 -22.12 83.87
C ILE ZC 102 -96.28 -21.16 82.97
N ALA ZC 103 -95.51 -20.24 83.57
CA ALA ZC 103 -94.67 -19.33 82.78
C ALA ZC 103 -93.57 -20.09 82.05
N ALA ZC 104 -92.97 -21.09 82.70
CA ALA ZC 104 -91.93 -21.90 82.05
C ALA ZC 104 -92.50 -22.74 80.92
N PHE ZC 105 -93.76 -23.18 81.04
CA PHE ZC 105 -94.41 -23.84 79.90
C PHE ZC 105 -94.72 -22.84 78.79
N LEU ZC 106 -95.12 -21.62 79.15
CA LEU ZC 106 -95.51 -20.62 78.16
C LEU ZC 106 -94.33 -20.05 77.39
N LYS ZC 107 -93.12 -20.11 77.97
CA LYS ZC 107 -91.93 -19.63 77.24
C LYS ZC 107 -91.50 -20.57 76.11
N GLN ZC 108 -92.08 -21.76 75.99
CA GLN ZC 108 -91.66 -22.73 75.00
C GLN ZC 108 -92.22 -22.47 73.61
N PHE ZC 109 -93.18 -21.56 73.47
CA PHE ZC 109 -93.85 -21.32 72.20
C PHE ZC 109 -93.61 -19.90 71.71
N ARG ZC 110 -93.96 -19.68 70.45
CA ARG ZC 110 -93.96 -18.36 69.83
C ARG ZC 110 -95.40 -17.96 69.57
N LYS ZC 111 -95.76 -16.74 69.97
CA LYS ZC 111 -97.17 -16.35 70.00
C LYS ZC 111 -97.27 -14.84 69.91
N ILE ZC 112 -98.48 -14.37 69.63
CA ILE ZC 112 -98.77 -12.95 69.46
C ILE ZC 112 -99.70 -12.44 70.56
N ALA ZC 113 -100.81 -13.14 70.79
CA ALA ZC 113 -101.80 -12.70 71.76
C ALA ZC 113 -102.19 -13.84 72.68
N ILE ZC 114 -102.34 -13.52 73.97
CA ILE ZC 114 -102.82 -14.45 74.98
C ILE ZC 114 -104.14 -13.89 75.52
N THR ZC 115 -105.07 -14.78 75.87
CA THR ZC 115 -106.32 -14.38 76.49
C THR ZC 115 -106.45 -15.05 77.85
N VAL ZC 116 -106.73 -14.25 78.88
CA VAL ZC 116 -106.97 -14.73 80.24
C VAL ZC 116 -108.40 -14.40 80.59
N THR ZC 117 -109.19 -15.42 80.93
CA THR ZC 117 -110.60 -15.27 81.23
C THR ZC 117 -110.90 -15.91 82.56
N SER ZC 118 -111.71 -15.25 83.39
CA SER ZC 118 -112.01 -15.73 84.72
C SER ZC 118 -113.50 -16.03 84.87
N TYR ZC 119 -113.82 -17.14 85.54
CA TYR ZC 119 -115.19 -17.54 85.83
C TYR ZC 119 -115.30 -17.91 87.30
N SER ZC 120 -116.44 -17.59 87.91
CA SER ZC 120 -116.66 -17.86 89.33
C SER ZC 120 -118.09 -18.37 89.51
N SER ZC 121 -118.55 -18.40 90.76
CA SER ZC 121 -119.87 -18.88 91.13
C SER ZC 121 -120.67 -17.78 91.80
N LYS ZC 122 -121.96 -18.04 91.99
CA LYS ZC 122 -122.90 -17.06 92.53
C LYS ZC 122 -122.74 -16.95 94.03
N TYR ZC 123 -122.37 -15.75 94.51
CA TYR ZC 123 -122.22 -15.52 95.94
C TYR ZC 123 -123.22 -14.50 96.49
N VAL ZC 124 -123.23 -13.27 95.95
CA VAL ZC 124 -124.10 -12.22 96.49
C VAL ZC 124 -124.92 -11.63 95.35
N SER ZC 125 -124.24 -11.14 94.32
CA SER ZC 125 -124.89 -10.53 93.17
C SER ZC 125 -124.00 -10.75 91.95
N VAL ZC 126 -124.31 -10.05 90.86
CA VAL ZC 126 -123.51 -10.19 89.65
C VAL ZC 126 -122.36 -9.19 89.60
N LYS ZC 127 -122.52 -8.01 90.21
CA LYS ZC 127 -121.47 -6.98 90.17
C LYS ZC 127 -120.26 -7.41 90.98
N ARG ZC 128 -120.48 -8.02 92.15
CA ARG ZC 128 -119.38 -8.43 93.01
C ARG ZC 128 -118.58 -9.57 92.40
N GLU ZC 129 -119.27 -10.54 91.79
CA GLU ZC 129 -118.56 -11.65 91.16
C GLU ZC 129 -117.87 -11.21 89.87
N ARG ZC 130 -118.44 -10.25 89.14
CA ARG ZC 130 -117.78 -9.74 87.94
C ARG ZC 130 -116.52 -8.96 88.28
N ALA ZC 131 -116.58 -8.12 89.32
CA ALA ZC 131 -115.40 -7.40 89.79
C ALA ZC 131 -114.35 -8.34 90.35
N LEU ZC 132 -114.79 -9.41 91.04
CA LEU ZC 132 -113.87 -10.41 91.56
C LEU ZC 132 -113.14 -11.15 90.44
N THR ZC 133 -113.87 -11.53 89.38
CA THR ZC 133 -113.24 -12.23 88.27
C THR ZC 133 -112.29 -11.30 87.50
N LEU ZC 134 -112.67 -10.03 87.33
CA LEU ZC 134 -111.78 -9.08 86.68
C LEU ZC 134 -110.49 -8.86 87.48
N ALA ZC 135 -110.61 -8.75 88.81
CA ALA ZC 135 -109.44 -8.57 89.66
C ALA ZC 135 -108.53 -9.80 89.64
N ARG ZC 136 -109.13 -11.00 89.64
CA ARG ZC 136 -108.34 -12.23 89.56
C ARG ZC 136 -107.57 -12.34 88.25
N SER ZC 137 -108.24 -12.01 87.13
CA SER ZC 137 -107.57 -12.02 85.83
C SER ZC 137 -106.47 -10.97 85.75
N ARG ZC 138 -106.71 -9.80 86.35
CA ARG ZC 138 -105.70 -8.75 86.39
C ARG ZC 138 -104.45 -9.18 87.15
N VAL ZC 139 -104.64 -9.82 88.31
CA VAL ZC 139 -103.50 -10.24 89.13
C VAL ZC 139 -102.71 -11.36 88.43
N VAL ZC 140 -103.43 -12.34 87.85
CA VAL ZC 140 -102.78 -13.45 87.17
C VAL ZC 140 -101.99 -12.97 85.96
N SER ZC 141 -102.58 -12.09 85.15
CA SER ZC 141 -101.85 -11.59 83.99
C SER ZC 141 -100.75 -10.61 84.37
N GLU ZC 142 -100.89 -9.92 85.51
CA GLU ZC 142 -99.80 -9.08 85.99
C GLU ZC 142 -98.58 -9.90 86.36
N TYR ZC 143 -98.77 -11.01 87.05
CA TYR ZC 143 -97.61 -11.85 87.37
C TYR ZC 143 -97.05 -12.53 86.12
N LEU ZC 144 -97.93 -12.91 85.18
CA LEU ZC 144 -97.46 -13.54 83.94
C LEU ZC 144 -96.68 -12.56 83.07
N TRP ZC 145 -97.11 -11.29 83.03
CA TRP ZC 145 -96.38 -10.28 82.27
C TRP ZC 145 -95.10 -9.86 82.99
N SER ZC 146 -95.10 -9.92 84.33
CA SER ZC 146 -93.88 -9.70 85.09
C SER ZC 146 -92.84 -10.76 84.78
N GLN ZC 147 -93.27 -12.02 84.68
CA GLN ZC 147 -92.37 -13.06 84.18
C GLN ZC 147 -92.19 -12.91 82.67
N GLY ZC 148 -91.18 -13.59 82.15
CA GLY ZC 148 -90.72 -13.31 80.80
C GLY ZC 148 -91.36 -14.07 79.66
N VAL ZC 149 -92.67 -13.98 79.53
CA VAL ZC 149 -93.34 -14.54 78.35
C VAL ZC 149 -93.18 -13.56 77.19
N ASP ZC 150 -92.87 -14.09 76.01
CA ASP ZC 150 -92.57 -13.25 74.84
C ASP ZC 150 -93.80 -13.13 73.94
N SER ZC 151 -94.84 -12.51 74.47
CA SER ZC 151 -96.05 -12.22 73.74
C SER ZC 151 -96.15 -10.74 73.46
N ARG ZC 152 -97.01 -10.38 72.50
CA ARG ZC 152 -97.21 -8.98 72.16
C ARG ZC 152 -98.40 -8.38 72.92
N ILE ZC 153 -99.54 -9.08 72.93
CA ILE ZC 153 -100.73 -8.60 73.63
C ILE ZC 153 -101.21 -9.68 74.59
N ILE ZC 154 -101.60 -9.25 75.79
CA ILE ZC 154 -102.33 -10.09 76.73
C ILE ZC 154 -103.65 -9.40 77.07
N PHE ZC 155 -104.75 -10.08 76.79
CA PHE ZC 155 -106.09 -9.58 77.08
C PHE ZC 155 -106.62 -10.24 78.35
N THR ZC 156 -107.38 -9.47 79.14
CA THR ZC 156 -107.95 -9.96 80.40
C THR ZC 156 -109.43 -9.64 80.42
N GLN ZC 157 -110.23 -10.64 80.78
CA GLN ZC 157 -111.66 -10.44 81.01
C GLN ZC 157 -112.15 -11.38 82.10
N GLY ZC 158 -113.17 -10.93 82.82
CA GLY ZC 158 -113.83 -11.75 83.81
C GLY ZC 158 -115.33 -11.82 83.58
N LEU ZC 159 -115.85 -13.00 83.27
CA LEU ZC 159 -117.24 -13.15 82.85
C LEU ZC 159 -118.19 -13.48 84.01
N GLY ZC 160 -117.68 -13.61 85.23
CA GLY ZC 160 -118.54 -13.91 86.35
C GLY ZC 160 -118.99 -15.35 86.41
N SER ZC 161 -120.29 -15.58 86.29
CA SER ZC 161 -120.87 -16.92 86.31
C SER ZC 161 -121.82 -17.10 85.14
N ASP ZC 162 -121.48 -16.56 83.97
CA ASP ZC 162 -122.37 -16.62 82.83
C ASP ZC 162 -122.22 -17.91 82.02
N LYS ZC 163 -121.04 -18.52 82.04
CA LYS ZC 163 -120.75 -19.69 81.20
C LYS ZC 163 -120.26 -20.83 82.09
N PRO ZC 164 -121.16 -21.66 82.63
CA PRO ZC 164 -120.73 -22.83 83.39
C PRO ZC 164 -120.52 -24.04 82.49
N ILE ZC 165 -119.54 -24.86 82.89
CA ILE ZC 165 -119.21 -26.08 82.15
C ILE ZC 165 -119.81 -27.34 82.78
N THR ZC 166 -120.40 -27.23 83.97
CA THR ZC 166 -120.93 -28.38 84.68
C THR ZC 166 -122.24 -27.97 85.35
N SER ZC 167 -123.27 -28.80 85.21
CA SER ZC 167 -124.57 -28.53 85.82
C SER ZC 167 -124.59 -28.78 87.31
N TYR ZC 168 -123.56 -29.39 87.88
CA TYR ZC 168 -123.46 -29.64 89.31
C TYR ZC 168 -122.87 -28.39 89.96
N THR ZC 169 -123.73 -27.56 90.55
CA THR ZC 169 -123.32 -26.26 91.07
C THR ZC 169 -123.54 -26.17 92.58
N LEU ZC 170 -123.17 -27.21 93.31
CA LEU ZC 170 -123.35 -27.20 94.76
C LEU ZC 170 -122.18 -26.61 95.51
N GLY ZC 171 -120.96 -26.69 94.96
CA GLY ZC 171 -119.81 -26.15 95.64
C GLY ZC 171 -119.69 -24.64 95.50
N GLY ZC 172 -118.70 -24.09 96.19
CA GLY ZC 172 -118.42 -22.66 96.11
C GLY ZC 172 -117.21 -22.38 95.25
N ASP ZC 173 -116.07 -22.10 95.88
CA ASP ZC 173 -114.81 -22.02 95.15
C ASP ZC 173 -114.22 -23.38 94.85
N ARG ZC 174 -114.74 -24.44 95.47
CA ARG ZC 174 -114.35 -25.82 95.17
C ARG ZC 174 -115.10 -26.38 93.97
N SER ZC 175 -116.05 -25.63 93.42
CA SER ZC 175 -116.80 -26.08 92.27
C SER ZC 175 -115.90 -26.16 91.03
N PRO ZC 176 -116.13 -27.15 90.16
CA PRO ZC 176 -115.29 -27.26 88.95
C PRO ZC 176 -115.54 -26.17 87.92
N ASN ZC 177 -116.64 -25.42 88.03
CA ASN ZC 177 -116.93 -24.35 87.08
C ASN ZC 177 -116.47 -22.97 87.56
N ALA ZC 178 -115.66 -22.91 88.61
CA ALA ZC 178 -114.98 -21.69 89.03
C ALA ZC 178 -113.51 -21.88 88.68
N ARG ZC 179 -113.01 -21.08 87.73
CA ARG ZC 179 -111.74 -21.40 87.09
C ARG ZC 179 -111.15 -20.15 86.44
N VAL ZC 180 -109.89 -20.27 86.03
CA VAL ZC 180 -109.27 -19.31 85.14
C VAL ZC 180 -108.73 -20.06 83.92
N GLU ZC 181 -108.90 -19.46 82.75
CA GLU ZC 181 -108.54 -20.07 81.48
C GLU ZC 181 -107.55 -19.19 80.73
N ILE ZC 182 -106.50 -19.80 80.21
CA ILE ZC 182 -105.46 -19.13 79.44
C ILE ZC 182 -105.45 -19.77 78.06
N THR ZC 183 -105.83 -19.00 77.04
CA THR ZC 183 -105.95 -19.51 75.67
C THR ZC 183 -105.01 -18.75 74.74
N PHE ZC 184 -104.39 -19.48 73.81
CA PHE ZC 184 -103.59 -18.83 72.77
C PHE ZC 184 -103.53 -19.72 71.54
N ARG ZC 185 -102.92 -19.19 70.49
CA ARG ZC 185 -102.65 -19.92 69.25
C ARG ZC 185 -101.15 -19.88 68.98
N ARG ZC 186 -100.57 -21.05 68.72
CA ARG ZC 186 -99.17 -21.13 68.34
C ARG ZC 186 -98.96 -20.51 66.96
N ALA ZC 187 -97.94 -19.66 66.84
CA ALA ZC 187 -97.67 -18.92 65.62
C ALA ZC 187 -96.54 -19.60 64.86
N VAL ZC 188 -96.85 -20.06 63.64
CA VAL ZC 188 -95.93 -20.75 62.72
C VAL ZC 188 -95.29 -21.98 63.36
N CYS AD 42 -96.32 -21.53 112.59
CA CYS AD 42 -95.10 -21.06 111.93
C CYS AD 42 -95.23 -19.60 111.51
N PHE AD 43 -94.67 -19.26 110.35
CA PHE AD 43 -94.68 -17.90 109.84
C PHE AD 43 -95.22 -17.90 108.41
N HIS AD 44 -96.23 -17.08 108.16
CA HIS AD 44 -96.72 -16.83 106.81
C HIS AD 44 -95.88 -15.73 106.18
N PRO AD 45 -95.24 -15.97 105.04
CA PRO AD 45 -94.39 -14.95 104.39
C PRO AD 45 -95.12 -13.67 103.98
N PRO AD 46 -96.41 -13.72 103.50
CA PRO AD 46 -97.00 -12.36 103.31
C PRO AD 46 -97.57 -11.74 104.59
N TYR AD 47 -96.66 -11.14 105.36
CA TYR AD 47 -96.91 -10.29 106.53
C TYR AD 47 -97.54 -11.02 107.71
N ASN AD 48 -97.59 -12.37 107.67
CA ASN AD 48 -98.11 -13.23 108.74
C ASN AD 48 -99.55 -12.89 109.13
N ASN AD 49 -100.34 -12.51 108.11
CA ASN AD 49 -101.77 -12.14 108.23
C ASN AD 49 -101.99 -10.99 109.22
N PHE AD 50 -100.99 -10.09 109.32
CA PHE AD 50 -100.98 -8.94 110.22
C PHE AD 50 -101.22 -9.34 111.68
N GLN AD 51 -100.59 -10.44 112.09
CA GLN AD 51 -100.66 -10.97 113.44
C GLN AD 51 -99.31 -10.82 114.14
N PRO AD 52 -99.30 -10.66 115.46
CA PRO AD 52 -98.01 -10.66 116.19
C PRO AD 52 -97.38 -12.05 116.17
N ASP AD 53 -96.14 -12.11 115.70
CA ASP AD 53 -95.46 -13.39 115.53
C ASP AD 53 -95.02 -13.97 116.86
N ARG AD 54 -95.30 -15.25 117.07
CA ARG AD 54 -94.85 -15.97 118.26
C ARG AD 54 -93.48 -16.60 117.98
N ARG AD 55 -92.48 -15.71 117.95
CA ARG AD 55 -91.15 -16.09 117.49
C ARG AD 55 -90.38 -16.88 118.55
N ALA AD 56 -90.53 -16.52 119.82
CA ALA AD 56 -89.70 -17.11 120.87
C ALA AD 56 -90.11 -18.53 121.24
N VAL AD 57 -91.41 -18.84 121.19
CA VAL AD 57 -91.89 -20.14 121.64
C VAL AD 57 -91.46 -21.24 120.68
N LYS AD 58 -91.34 -20.93 119.38
CA LYS AD 58 -90.84 -21.91 118.42
C LYS AD 58 -89.38 -22.26 118.69
N ARG AD 59 -88.56 -21.26 119.01
CA ARG AD 59 -87.15 -21.50 119.30
C ARG AD 59 -86.97 -22.27 120.60
N VAL AD 60 -87.71 -21.90 121.65
CA VAL AD 60 -87.60 -22.64 122.91
C VAL AD 60 -88.32 -23.99 122.87
N GLY AD 61 -89.13 -24.23 121.84
CA GLY AD 61 -89.69 -25.56 121.65
C GLY AD 61 -88.81 -26.46 120.80
N VAL AD 62 -88.04 -25.89 119.89
CA VAL AD 62 -87.14 -26.73 119.08
C VAL AD 62 -85.81 -26.97 119.82
N ASP AD 63 -85.43 -26.09 120.75
CA ASP AD 63 -84.20 -26.28 121.51
C ASP AD 63 -84.47 -27.03 122.81
N THR AD 64 -85.06 -28.23 122.66
CA THR AD 64 -85.28 -29.12 123.79
C THR AD 64 -84.93 -30.57 123.50
N GLY AD 65 -84.63 -30.94 122.27
CA GLY AD 65 -84.30 -32.32 121.94
C GLY AD 65 -84.09 -32.54 120.46
N GLY AD 88 -81.52 -27.01 125.33
CA GLY AD 88 -82.10 -26.88 126.66
C GLY AD 88 -83.00 -25.68 126.80
N GLY AD 89 -83.79 -25.65 127.88
CA GLY AD 89 -84.69 -24.53 128.13
C GLY AD 89 -83.94 -23.25 128.45
N THR AD 90 -82.87 -23.34 129.23
CA THR AD 90 -82.06 -22.17 129.55
C THR AD 90 -81.32 -21.65 128.32
N VAL AD 91 -80.84 -22.57 127.47
CA VAL AD 91 -80.18 -22.18 126.22
C VAL AD 91 -81.16 -21.51 125.27
N GLY AD 92 -82.39 -22.03 125.20
CA GLY AD 92 -83.41 -21.41 124.37
C GLY AD 92 -83.84 -20.05 124.91
N LEU AD 93 -83.89 -19.90 126.23
CA LEU AD 93 -84.21 -18.60 126.83
C LEU AD 93 -83.11 -17.58 126.57
N VAL AD 94 -81.84 -18.02 126.63
CA VAL AD 94 -80.72 -17.13 126.33
C VAL AD 94 -80.74 -16.72 124.86
N ALA AD 95 -81.03 -17.66 123.96
CA ALA AD 95 -81.15 -17.34 122.53
C ALA AD 95 -82.31 -16.39 122.26
N SER AD 96 -83.44 -16.60 122.94
CA SER AD 96 -84.59 -15.71 122.78
C SER AD 96 -84.30 -14.31 123.30
N ILE AD 97 -83.63 -14.19 124.45
CA ILE AD 97 -83.33 -12.88 125.00
C ILE AD 97 -82.19 -12.20 124.24
N TYR AD 98 -81.42 -12.97 123.45
CA TYR AD 98 -80.46 -12.33 122.56
C TYR AD 98 -81.15 -11.83 121.28
N ARG AD 99 -81.96 -12.69 120.66
CA ARG AD 99 -82.58 -12.33 119.39
C ARG AD 99 -83.74 -11.34 119.52
N ASP AD 100 -84.26 -11.14 120.73
CA ASP AD 100 -85.31 -10.14 120.95
C ASP AD 100 -84.75 -8.80 121.39
N SER AD 101 -83.42 -8.65 121.46
CA SER AD 101 -82.82 -7.40 121.90
C SER AD 101 -82.92 -6.34 120.80
N LYS AD 102 -82.76 -5.08 121.22
CA LYS AD 102 -82.83 -3.96 120.27
C LYS AD 102 -81.60 -3.92 119.38
N ARG AD 103 -80.42 -4.21 119.93
CA ARG AD 103 -79.19 -4.14 119.16
C ARG AD 103 -79.12 -5.21 118.08
N LYS AD 104 -79.69 -6.39 118.35
CA LYS AD 104 -79.73 -7.44 117.32
C LYS AD 104 -80.66 -7.06 116.18
N ILE AD 105 -81.77 -6.37 116.50
CA ILE AD 105 -82.68 -5.87 115.47
C ILE AD 105 -81.99 -4.78 114.64
N ILE AD 106 -81.23 -3.90 115.30
CA ILE AD 106 -80.49 -2.87 114.59
C ILE AD 106 -79.41 -3.48 113.69
N ARG AD 107 -78.72 -4.52 114.17
CA ARG AD 107 -77.72 -5.19 113.35
C ARG AD 107 -78.34 -5.98 112.21
N ASP AD 108 -79.54 -6.53 112.41
CA ASP AD 108 -80.25 -7.18 111.31
C ASP AD 108 -80.66 -6.16 110.24
N LEU AD 109 -81.16 -5.00 110.67
CA LEU AD 109 -81.47 -3.92 109.73
C LEU AD 109 -80.21 -3.38 109.06
N GLN AD 110 -79.05 -3.54 109.70
CA GLN AD 110 -77.77 -3.26 109.05
C GLN AD 110 -77.42 -4.33 108.02
N LYS AD 111 -77.83 -5.59 108.26
CA LYS AD 111 -77.63 -6.64 107.26
C LYS AD 111 -78.48 -6.42 106.01
N GLN AD 112 -79.73 -6.01 106.18
CA GLN AD 112 -80.40 -5.43 105.01
C GLN AD 112 -79.96 -3.98 104.81
N ASP AD 113 -80.51 -3.34 103.79
CA ASP AD 113 -80.03 -2.01 103.40
C ASP AD 113 -80.86 -0.88 104.03
N ILE AD 114 -81.02 -0.89 105.35
CA ILE AD 114 -81.79 0.14 106.05
C ILE AD 114 -80.88 0.79 107.08
N GLN AD 115 -80.79 2.12 107.05
CA GLN AD 115 -79.86 2.85 107.90
C GLN AD 115 -80.59 3.43 109.11
N TYR AD 116 -79.97 3.33 110.28
CA TYR AD 116 -80.54 3.85 111.52
C TYR AD 116 -79.61 4.92 112.08
N VAL AD 117 -80.18 6.07 112.44
CA VAL AD 117 -79.44 7.22 112.96
C VAL AD 117 -80.07 7.64 114.28
N GLU AD 118 -79.25 7.73 115.32
CA GLU AD 118 -79.67 8.22 116.63
C GLU AD 118 -78.86 9.47 116.98
N TYR AD 119 -79.56 10.54 117.34
CA TYR AD 119 -78.89 11.80 117.69
C TYR AD 119 -79.80 12.55 118.67
N GLY AD 120 -79.43 12.52 119.95
CA GLY AD 120 -80.22 13.21 120.95
C GLY AD 120 -81.47 12.42 121.29
N ASP AD 121 -82.63 13.07 121.13
CA ASP AD 121 -83.92 12.46 121.40
C ASP AD 121 -84.71 12.17 120.12
N THR AD 122 -84.03 12.06 118.99
CA THR AD 122 -84.67 11.81 117.71
C THR AD 122 -84.02 10.60 117.06
N ARG AD 123 -84.85 9.70 116.52
CA ARG AD 123 -84.39 8.51 115.83
C ARG AD 123 -84.91 8.51 114.40
N THR AD 124 -84.06 8.06 113.47
CA THR AD 124 -84.34 8.19 112.05
C THR AD 124 -83.99 6.90 111.32
N LEU AD 125 -84.89 6.42 110.48
CA LEU AD 125 -84.69 5.27 109.62
C LEU AD 125 -84.70 5.70 108.17
N ILE AD 126 -83.74 5.20 107.39
CA ILE AD 126 -83.58 5.52 105.99
C ILE AD 126 -83.76 4.22 105.20
N ILE AD 127 -84.73 4.23 104.28
CA ILE AD 127 -85.14 3.04 103.54
C ILE AD 127 -85.05 3.36 102.05
N PRO AD 128 -84.41 2.52 101.22
CA PRO AD 128 -84.33 2.83 99.79
C PRO AD 128 -85.52 2.33 98.98
N THR AD 129 -86.11 3.23 98.18
CA THR AD 129 -87.25 2.88 97.35
C THR AD 129 -86.84 1.96 96.20
N ASP AD 130 -85.57 2.02 95.78
CA ASP AD 130 -85.08 1.19 94.68
C ASP AD 130 -85.10 -0.29 95.00
N LYS AD 131 -85.05 -0.67 96.28
CA LYS AD 131 -85.19 -2.06 96.67
C LYS AD 131 -86.48 -2.37 97.43
N TYR AD 132 -87.09 -1.39 98.09
CA TYR AD 132 -88.29 -1.64 98.87
C TYR AD 132 -89.56 -1.19 98.16
N PHE AD 133 -89.47 -0.78 96.90
CA PHE AD 133 -90.65 -0.47 96.10
C PHE AD 133 -90.47 -1.05 94.71
N MET AD 134 -91.59 -1.27 94.03
CA MET AD 134 -91.54 -1.60 92.62
C MET AD 134 -91.18 -0.36 91.81
N PHE AD 135 -90.76 -0.58 90.57
CA PHE AD 135 -90.20 0.50 89.76
C PHE AD 135 -91.28 1.47 89.30
N SER AD 136 -91.13 2.74 89.70
CA SER AD 136 -92.00 3.85 89.30
C SER AD 136 -93.46 3.61 89.64
N SER AD 137 -93.71 2.99 90.79
CA SER AD 137 -95.04 2.67 91.23
C SER AD 137 -95.10 2.80 92.74
N PRO AD 138 -96.27 3.09 93.31
CA PRO AD 138 -96.41 3.06 94.78
C PRO AD 138 -96.63 1.68 95.38
N ARG AD 139 -96.39 0.61 94.63
CA ARG AD 139 -96.57 -0.74 95.14
C ARG AD 139 -95.37 -1.16 95.98
N LEU AD 140 -95.65 -1.87 97.07
CA LEU AD 140 -94.62 -2.32 98.00
C LEU AD 140 -94.05 -3.65 97.52
N ASN AD 141 -92.72 -3.75 97.49
CA ASN AD 141 -92.07 -4.98 97.03
C ASN AD 141 -92.19 -6.05 98.11
N GLU AD 142 -92.89 -7.14 97.77
CA GLU AD 142 -93.21 -8.18 98.75
C GLU AD 142 -92.07 -9.17 98.97
N ILE AD 143 -91.02 -9.12 98.15
CA ILE AD 143 -89.89 -10.03 98.35
C ILE AD 143 -89.03 -9.56 99.53
N CYS AD 144 -89.10 -8.27 99.86
CA CYS AD 144 -88.28 -7.68 100.93
C CYS AD 144 -89.05 -7.58 102.24
N TYR AD 145 -89.89 -8.56 102.53
CA TYR AD 145 -90.66 -8.56 103.77
C TYR AD 145 -89.88 -8.70 105.09
N PRO AD 146 -88.70 -9.37 105.19
CA PRO AD 146 -88.00 -9.34 106.49
C PRO AD 146 -87.55 -7.95 106.92
N GLY AD 147 -87.18 -7.07 106.00
CA GLY AD 147 -86.83 -5.71 106.37
C GLY AD 147 -88.00 -4.93 106.92
N LEU AD 148 -89.18 -5.09 106.31
CA LEU AD 148 -90.38 -4.44 106.81
C LEU AD 148 -90.81 -4.99 108.16
N ASN AD 149 -90.67 -6.31 108.36
CA ASN AD 149 -91.00 -6.92 109.64
C ASN AD 149 -90.03 -6.46 110.73
N ASN AD 150 -88.74 -6.28 110.38
CA ASN AD 150 -87.79 -5.76 111.34
C ASN AD 150 -88.03 -4.29 111.64
N VAL AD 151 -88.54 -3.52 110.66
CA VAL AD 151 -88.94 -2.14 110.91
C VAL AD 151 -90.09 -2.07 111.90
N ILE AD 152 -91.09 -2.96 111.73
CA ILE AD 152 -92.20 -3.03 112.70
C ILE AD 152 -91.71 -3.46 114.07
N ARG AD 153 -90.77 -4.42 114.12
CA ARG AD 153 -90.21 -4.89 115.38
C ARG AD 153 -89.43 -3.79 116.10
N LEU AD 154 -88.69 -2.96 115.35
CA LEU AD 154 -87.97 -1.86 115.96
C LEU AD 154 -88.93 -0.76 116.43
N LEU AD 155 -89.97 -0.47 115.65
CA LEU AD 155 -90.92 0.56 116.03
C LEU AD 155 -91.85 0.13 117.15
N ASN AD 156 -91.91 -1.17 117.45
CA ASN AD 156 -92.73 -1.64 118.57
C ASN AD 156 -92.15 -1.25 119.93
N PHE AD 157 -90.87 -0.87 119.99
CA PHE AD 157 -90.22 -0.53 121.25
C PHE AD 157 -90.58 0.86 121.77
N TYR AD 158 -91.24 1.68 120.97
CA TYR AD 158 -91.58 3.06 121.35
C TYR AD 158 -93.07 3.28 121.15
N PRO AD 159 -93.89 2.89 122.13
CA PRO AD 159 -95.35 2.98 121.96
C PRO AD 159 -95.97 4.33 122.31
N GLN AD 160 -95.17 5.39 122.46
CA GLN AD 160 -95.71 6.69 122.84
C GLN AD 160 -95.33 7.83 121.91
N SER AD 161 -94.36 7.63 121.01
CA SER AD 161 -93.86 8.70 120.17
C SER AD 161 -94.72 8.86 118.92
N THR AD 162 -94.62 10.04 118.31
CA THR AD 162 -95.27 10.33 117.05
C THR AD 162 -94.35 9.96 115.90
N ILE AD 163 -94.93 9.63 114.75
CA ILE AD 163 -94.21 9.11 113.60
C ILE AD 163 -94.36 10.10 112.45
N TYR AD 164 -93.25 10.44 111.80
CA TYR AD 164 -93.25 11.21 110.57
C TYR AD 164 -92.59 10.38 109.47
N VAL AD 165 -93.26 10.28 108.33
CA VAL AD 165 -92.71 9.57 107.17
C VAL AD 165 -92.68 10.53 105.98
N ALA AD 166 -91.55 10.56 105.29
CA ALA AD 166 -91.33 11.47 104.19
C ALA AD 166 -90.73 10.72 103.00
N GLY AD 167 -91.12 11.14 101.80
CA GLY AD 167 -90.67 10.52 100.56
C GLY AD 167 -89.81 11.48 99.75
N PHE AD 168 -88.74 10.95 99.15
CA PHE AD 168 -87.82 11.76 98.35
C PHE AD 168 -87.42 11.00 97.08
N THR AD 169 -87.36 11.73 95.96
CA THR AD 169 -86.91 11.20 94.67
C THR AD 169 -85.71 12.01 94.18
N ASP AD 170 -85.23 11.64 92.99
CA ASP AD 170 -84.12 12.32 92.34
C ASP AD 170 -84.63 13.45 91.43
N ASN AD 171 -83.76 13.99 90.58
CA ASN AD 171 -84.07 15.18 89.80
C ASN AD 171 -84.65 14.87 88.42
N VAL AD 172 -84.84 13.61 88.07
CA VAL AD 172 -85.31 13.24 86.73
C VAL AD 172 -86.83 13.26 86.71
N GLY AD 173 -87.41 14.02 85.80
CA GLY AD 173 -88.84 14.07 85.60
C GLY AD 173 -89.39 15.46 85.81
N SER AD 174 -90.71 15.56 85.81
CA SER AD 174 -91.41 16.81 86.06
C SER AD 174 -91.67 16.99 87.55
N ARG AD 175 -91.92 18.25 87.94
CA ARG AD 175 -92.08 18.60 89.35
C ARG AD 175 -93.34 17.97 89.95
N SER AD 176 -94.46 18.04 89.21
CA SER AD 176 -95.70 17.44 89.67
C SER AD 176 -95.60 15.93 89.73
N HIS AD 177 -94.89 15.33 88.77
CA HIS AD 177 -94.67 13.88 88.78
C HIS AD 177 -93.84 13.44 89.98
N LYS AD 178 -92.79 14.19 90.30
CA LYS AD 178 -91.95 13.87 91.45
C LYS AD 178 -92.72 14.02 92.76
N ARG AD 179 -93.51 15.11 92.88
CA ARG AD 179 -94.31 15.33 94.07
C ARG AD 179 -95.37 14.26 94.26
N LYS AD 180 -96.04 13.86 93.17
CA LYS AD 180 -97.08 12.84 93.26
C LYS AD 180 -96.50 11.47 93.58
N LEU AD 181 -95.34 11.13 93.00
CA LEU AD 181 -94.71 9.85 93.31
C LEU AD 181 -94.24 9.77 94.75
N SER AD 182 -93.65 10.86 95.26
CA SER AD 182 -93.22 10.91 96.65
C SER AD 182 -94.40 10.85 97.60
N GLN AD 183 -95.49 11.56 97.29
CA GLN AD 183 -96.69 11.52 98.12
C GLN AD 183 -97.33 10.13 98.14
N ALA AD 184 -97.37 9.46 96.98
CA ALA AD 184 -97.95 8.12 96.90
C ALA AD 184 -97.13 7.10 97.69
N GLN AD 185 -95.80 7.18 97.58
CA GLN AD 185 -94.95 6.26 98.33
C GLN AD 185 -95.03 6.53 99.84
N ALA AD 186 -95.14 7.80 100.23
CA ALA AD 186 -95.27 8.14 101.64
C ALA AD 186 -96.60 7.65 102.21
N GLU AD 187 -97.70 7.79 101.45
CA GLU AD 187 -98.99 7.26 101.89
C GLU AD 187 -98.97 5.74 101.97
N THR AD 188 -98.30 5.07 101.04
CA THR AD 188 -98.21 3.61 101.09
C THR AD 188 -97.43 3.13 102.32
N MET AD 189 -96.32 3.79 102.64
CA MET AD 189 -95.55 3.43 103.83
C MET AD 189 -96.32 3.75 105.11
N MET AD 190 -97.05 4.87 105.13
CA MET AD 190 -97.86 5.22 106.30
C MET AD 190 -99.01 4.24 106.50
N THR AD 191 -99.63 3.79 105.40
CA THR AD 191 -100.70 2.80 105.51
C THR AD 191 -100.17 1.45 105.99
N PHE AD 192 -98.98 1.04 105.52
CA PHE AD 192 -98.37 -0.19 106.02
C PHE AD 192 -97.99 -0.08 107.49
N LEU AD 193 -97.57 1.11 107.94
CA LEU AD 193 -97.33 1.31 109.37
C LEU AD 193 -98.63 1.27 110.17
N TRP AD 194 -99.71 1.84 109.62
CA TRP AD 194 -100.97 1.92 110.33
C TRP AD 194 -101.64 0.55 110.46
N ALA AD 195 -101.48 -0.30 109.45
CA ALA AD 195 -102.15 -1.59 109.43
C ALA AD 195 -101.55 -2.61 110.39
N ASN AD 196 -100.40 -2.33 110.99
CA ASN AD 196 -99.75 -3.26 111.90
C ASN AD 196 -100.02 -2.95 113.37
N GLY AD 197 -100.87 -1.98 113.68
CA GLY AD 197 -101.23 -1.72 115.05
C GLY AD 197 -101.09 -0.28 115.50
N ILE AD 198 -100.30 0.51 114.78
CA ILE AD 198 -100.07 1.90 115.15
C ILE AD 198 -101.31 2.72 114.84
N ALA AD 199 -101.74 3.53 115.80
CA ALA AD 199 -102.94 4.34 115.66
C ALA AD 199 -102.74 5.45 114.63
N ALA AD 200 -103.85 5.85 114.00
CA ALA AD 200 -103.79 6.82 112.90
C ALA AD 200 -103.50 8.24 113.37
N LYS AD 201 -103.72 8.54 114.65
CA LYS AD 201 -103.45 9.88 115.16
C LYS AD 201 -101.98 10.10 115.47
N ARG AD 202 -101.15 9.07 115.40
CA ARG AD 202 -99.72 9.19 115.64
C ARG AD 202 -98.90 9.27 114.35
N LEU AD 203 -99.55 9.37 113.20
CA LEU AD 203 -98.87 9.29 111.92
C LEU AD 203 -99.14 10.52 111.08
N LYS AD 204 -98.14 10.89 110.27
CA LYS AD 204 -98.27 11.93 109.27
C LYS AD 204 -97.29 11.64 108.15
N ALA AD 205 -97.74 11.81 106.91
CA ALA AD 205 -96.95 11.48 105.73
C ALA AD 205 -96.79 12.70 104.84
N GLU AD 206 -95.61 12.85 104.26
CA GLU AD 206 -95.33 13.99 103.40
C GLU AD 206 -94.34 13.57 102.32
N GLY AD 207 -94.59 14.02 101.09
CA GLY AD 207 -93.69 13.72 100.00
C GLY AD 207 -93.05 14.95 99.37
N TYR AD 208 -91.74 15.08 99.53
CA TYR AD 208 -90.98 16.16 98.92
C TYR AD 208 -90.36 15.67 97.61
N GLY AD 209 -90.03 16.60 96.74
CA GLY AD 209 -89.47 16.21 95.46
C GLY AD 209 -87.96 16.09 95.54
N ASP AD 210 -87.25 16.91 94.78
CA ASP AD 210 -85.79 17.03 94.89
C ASP AD 210 -85.41 18.27 95.66
N LYS AD 211 -86.17 18.57 96.73
CA LYS AD 211 -86.07 19.84 97.43
C LYS AD 211 -84.78 19.94 98.23
N ASN AD 212 -84.59 19.04 99.19
CA ASN AD 212 -83.41 19.02 100.06
C ASN AD 212 -82.68 17.66 100.04
N ALA AD 213 -81.87 17.49 99.00
CA ALA AD 213 -81.13 16.26 98.77
C ALA AD 213 -79.94 16.15 99.73
N ILE AD 214 -79.39 14.94 99.81
CA ILE AD 214 -78.25 14.65 100.67
C ILE AD 214 -76.99 14.33 99.89
N SER AD 215 -77.07 14.26 98.56
CA SER AD 215 -75.92 13.96 97.72
C SER AD 215 -76.01 14.84 96.47
N ASP AD 216 -75.19 14.52 95.48
CA ASP AD 216 -75.13 15.26 94.23
C ASP AD 216 -75.94 14.53 93.16
N ASN AD 217 -76.82 15.27 92.48
CA ASN AD 217 -77.66 14.68 91.46
C ASN AD 217 -77.00 14.62 90.09
N ALA AD 218 -75.79 15.16 89.95
CA ALA AD 218 -75.06 15.13 88.70
C ALA AD 218 -74.22 13.88 88.52
N ILE AD 219 -74.20 12.99 89.51
CA ILE AD 219 -73.43 11.76 89.45
C ILE AD 219 -74.36 10.59 89.74
N ILE AD 220 -73.96 9.41 89.28
CA ILE AD 220 -74.84 8.24 89.26
C ILE AD 220 -75.13 7.73 90.67
N HIS AD 221 -74.06 7.52 91.45
CA HIS AD 221 -74.24 6.97 92.80
C HIS AD 221 -74.87 7.98 93.75
N GLY AD 222 -74.49 9.25 93.61
CA GLY AD 222 -75.10 10.29 94.42
C GLY AD 222 -76.57 10.51 94.09
N SER AD 223 -76.94 10.39 92.82
CA SER AD 223 -78.34 10.46 92.45
C SER AD 223 -79.11 9.23 92.90
N ALA AD 224 -78.43 8.08 92.96
CA ALA AD 224 -79.06 6.86 93.47
C ALA AD 224 -79.32 6.94 94.97
N GLN AD 225 -78.45 7.64 95.71
CA GLN AD 225 -78.62 7.78 97.16
C GLN AD 225 -79.71 8.76 97.55
N ASN AD 226 -80.35 9.45 96.61
CA ASN AD 226 -81.33 10.47 96.95
C ASN AD 226 -82.77 9.98 96.98
N ARG AD 227 -83.05 8.82 96.38
CA ARG AD 227 -84.40 8.27 96.34
C ARG AD 227 -84.61 7.44 97.59
N ARG AD 228 -85.43 7.92 98.53
CA ARG AD 228 -85.46 7.31 99.85
C ARG AD 228 -86.78 7.61 100.55
N ILE AD 229 -86.99 6.88 101.65
CA ILE AD 229 -88.07 7.09 102.60
C ILE AD 229 -87.44 7.33 103.96
N GLU AD 230 -87.83 8.42 104.61
CA GLU AD 230 -87.33 8.82 105.91
C GLU AD 230 -88.43 8.60 106.95
N ILE AD 231 -88.08 7.92 108.04
CA ILE AD 231 -89.01 7.70 109.16
C ILE AD 231 -88.37 8.30 110.40
N GLN AD 232 -88.97 9.35 110.95
CA GLN AD 232 -88.47 10.02 112.14
C GLN AD 232 -89.45 9.85 113.30
N TRP AD 233 -88.90 9.62 114.48
CA TRP AD 233 -89.72 9.63 115.69
C TRP AD 233 -88.91 10.16 116.86
N PHE AD 234 -89.62 10.55 117.92
CA PHE AD 234 -89.00 11.19 119.07
C PHE AD 234 -88.56 10.15 120.09
N GLU BD 29 -155.22 4.63 145.07
CA GLU BD 29 -155.21 3.62 144.03
C GLU BD 29 -156.62 3.33 143.51
N VAL BD 30 -156.98 4.00 142.41
CA VAL BD 30 -158.30 3.84 141.81
C VAL BD 30 -158.14 3.57 140.32
N LYS BD 31 -159.14 2.91 139.75
CA LYS BD 31 -159.13 2.53 138.35
C LYS BD 31 -159.76 3.62 137.49
N LYS BD 32 -160.04 3.31 136.23
CA LYS BD 32 -160.64 4.26 135.30
C LYS BD 32 -161.96 3.75 134.73
N GLN BD 33 -162.50 2.66 135.27
CA GLN BD 33 -163.70 2.05 134.70
C GLN BD 33 -164.93 2.90 135.00
N GLY BD 34 -165.84 2.96 134.03
CA GLY BD 34 -167.07 3.72 134.16
C GLY BD 34 -166.97 5.19 133.78
N THR BD 35 -165.77 5.66 133.43
CA THR BD 35 -165.56 7.06 133.08
C THR BD 35 -164.94 7.15 131.69
N SER BD 36 -165.53 7.98 130.83
CA SER BD 36 -165.01 8.21 129.49
C SER BD 36 -164.08 9.41 129.48
N SER BD 37 -163.40 9.61 128.35
CA SER BD 37 -162.42 10.67 128.22
C SER BD 37 -163.12 12.02 128.08
N THR BD 38 -162.82 12.93 129.00
CA THR BD 38 -163.40 14.27 129.02
C THR BD 38 -162.30 15.31 128.87
N ARG BD 39 -162.71 16.57 128.69
CA ARG BD 39 -161.80 17.67 128.44
C ARG BD 39 -161.57 18.46 129.72
N GLN BD 40 -160.30 18.79 129.99
CA GLN BD 40 -159.92 19.59 131.15
C GLN BD 40 -158.89 20.63 130.73
N PHE BD 41 -159.07 21.85 131.21
CA PHE BD 41 -158.09 22.92 131.05
C PHE BD 41 -157.52 23.27 132.42
N ARG BD 42 -156.19 23.28 132.51
CA ARG BD 42 -155.50 23.58 133.75
C ARG BD 42 -154.37 24.57 133.49
N GLN BD 43 -153.98 25.29 134.54
CA GLN BD 43 -152.93 26.29 134.46
C GLN BD 43 -151.70 25.82 135.20
N VAL BD 44 -150.53 26.13 134.65
CA VAL BD 44 -149.25 25.68 135.20
C VAL BD 44 -148.32 26.90 135.25
N SER BD 45 -147.36 26.84 136.17
CA SER BD 45 -146.38 27.90 136.34
C SER BD 45 -145.24 27.74 135.33
N SER BD 46 -144.16 28.48 135.53
CA SER BD 46 -143.04 28.46 134.59
C SER BD 46 -142.24 27.18 134.74
N PHE BD 47 -141.91 26.56 133.61
CA PHE BD 47 -141.17 25.31 133.58
C PHE BD 47 -140.26 25.30 132.35
N ASN BD 48 -139.12 24.60 132.47
CA ASN BD 48 -138.15 24.51 131.40
C ASN BD 48 -137.67 23.10 131.13
N GLN BD 49 -138.29 22.10 131.75
CA GLN BD 49 -137.90 20.70 131.57
C GLN BD 49 -139.15 19.85 131.77
N ILE BD 50 -139.38 18.89 130.88
CA ILE BD 50 -140.60 18.09 130.90
C ILE BD 50 -140.22 16.62 131.02
N VAL BD 51 -140.79 15.95 132.02
CA VAL BD 51 -140.57 14.52 132.24
C VAL BD 51 -141.94 13.84 132.22
N VAL BD 52 -142.19 13.00 131.22
CA VAL BD 52 -143.47 12.31 131.08
C VAL BD 52 -143.25 10.80 131.20
N GLN BD 53 -144.07 10.17 132.03
CA GLN BD 53 -144.10 8.73 132.18
C GLN BD 53 -145.53 8.22 131.98
N GLY BD 54 -145.66 7.13 131.23
CA GLY BD 54 -146.96 6.48 131.08
C GLY BD 54 -147.42 6.26 129.66
N ARG BD 55 -148.34 5.32 129.48
CA ARG BD 55 -148.90 4.98 128.16
C ARG BD 55 -149.90 6.05 127.78
N LEU BD 56 -149.42 7.08 127.09
CA LEU BD 56 -150.25 8.25 126.79
C LEU BD 56 -149.66 8.95 125.57
N ASN BD 57 -150.33 10.03 125.16
CA ASN BD 57 -149.93 10.81 123.99
C ASN BD 57 -149.70 12.26 124.40
N VAL BD 58 -148.64 12.86 123.85
CA VAL BD 58 -148.27 14.24 124.13
C VAL BD 58 -148.25 15.01 122.82
N ASN BD 59 -148.88 16.18 122.81
CA ASN BD 59 -148.82 17.12 121.70
C ASN BD 59 -148.19 18.41 122.20
N LEU BD 60 -147.23 18.94 121.44
CA LEU BD 60 -146.49 20.13 121.82
C LEU BD 60 -146.83 21.27 120.87
N HIS BD 61 -146.92 22.49 121.42
CA HIS BD 61 -147.06 23.69 120.60
C HIS BD 61 -146.14 24.77 121.14
N THR BD 62 -146.03 25.85 120.38
CA THR BD 62 -145.14 26.96 120.75
C THR BD 62 -145.83 28.27 120.42
N GLY BD 63 -145.98 29.13 121.43
CA GLY BD 63 -146.59 30.43 121.24
C GLY BD 63 -146.01 31.44 122.20
N TYR BD 64 -146.41 32.70 122.01
CA TYR BD 64 -145.96 33.80 122.85
C TYR BD 64 -146.95 34.14 123.95
N ASN BD 65 -147.93 33.28 124.20
CA ASN BD 65 -148.92 33.51 125.23
C ASN BD 65 -148.45 32.90 126.55
N LYS BD 66 -149.36 32.81 127.53
CA LYS BD 66 -149.05 32.17 128.79
C LYS BD 66 -148.89 30.67 128.60
N PRO BD 67 -148.08 30.01 129.43
CA PRO BD 67 -147.99 28.54 129.36
C PRO BD 67 -149.23 27.88 129.93
N GLU BD 68 -149.67 26.81 129.27
CA GLU BD 68 -150.81 26.04 129.75
C GLU BD 68 -150.70 24.60 129.30
N VAL BD 69 -151.50 23.74 129.96
CA VAL BD 69 -151.54 22.32 129.67
C VAL BD 69 -153.00 21.87 129.69
N MET BD 70 -153.37 21.02 128.73
CA MET BD 70 -154.69 20.42 128.63
C MET BD 70 -154.56 18.91 128.82
N LEU BD 71 -155.36 18.37 129.75
CA LEU BD 71 -155.30 16.97 130.14
C LEU BD 71 -156.63 16.31 129.77
N ARG BD 72 -156.68 15.70 128.60
CA ARG BD 72 -157.86 14.94 128.18
C ARG BD 72 -157.76 13.53 128.76
N GLY BD 73 -158.68 13.20 129.67
CA GLY BD 73 -158.68 11.89 130.30
C GLY BD 73 -159.97 11.66 131.05
N ASP BD 74 -160.06 10.48 131.66
CA ASP BD 74 -161.23 10.13 132.44
C ASP BD 74 -161.26 10.92 133.75
N PRO BD 75 -162.42 11.43 134.17
CA PRO BD 75 -162.48 12.25 135.39
C PRO BD 75 -162.17 11.51 136.68
N ARG BD 76 -162.28 10.17 136.69
CA ARG BD 76 -161.87 9.41 137.86
C ARG BD 76 -160.36 9.43 138.02
N ASP BD 77 -159.62 9.40 136.91
CA ASP BD 77 -158.16 9.43 136.93
C ASP BD 77 -157.60 10.80 136.62
N LEU BD 78 -158.44 11.84 136.54
CA LEU BD 78 -157.92 13.19 136.32
C LEU BD 78 -157.17 13.71 137.54
N VAL BD 79 -157.58 13.29 138.73
CA VAL BD 79 -156.81 13.59 139.94
C VAL BD 79 -155.50 12.80 139.93
N GLN BD 80 -155.55 11.54 139.45
CA GLN BD 80 -154.37 10.69 139.45
C GLN BD 80 -153.33 11.15 138.42
N VAL BD 81 -153.77 11.81 137.35
CA VAL BD 81 -152.84 12.45 136.42
C VAL BD 81 -152.21 13.63 137.15
N ARG BD 82 -150.90 13.54 137.39
CA ARG BD 82 -150.19 14.47 138.25
C ARG BD 82 -149.45 15.50 137.42
N THR BD 83 -149.69 16.78 137.71
CA THR BD 83 -149.03 17.91 137.07
C THR BD 83 -148.33 18.69 138.18
N ILE BD 84 -147.11 18.29 138.51
CA ILE BD 84 -146.37 18.89 139.62
C ILE BD 84 -145.12 19.58 139.07
N VAL BD 85 -144.71 20.63 139.76
CA VAL BD 85 -143.58 21.48 139.38
C VAL BD 85 -142.62 21.54 140.54
N LYS BD 86 -141.35 21.19 140.30
CA LYS BD 86 -140.31 21.25 141.33
C LYS BD 86 -139.05 21.82 140.69
N GLN BD 87 -138.74 23.08 141.01
CA GLN BD 87 -137.53 23.78 140.60
C GLN BD 87 -137.39 23.85 139.07
N ASN BD 88 -138.33 24.59 138.47
CA ASN BD 88 -138.35 24.92 137.03
C ASN BD 88 -138.50 23.67 136.16
N THR BD 89 -139.14 22.64 136.70
CA THR BD 89 -139.41 21.39 135.98
C THR BD 89 -140.90 21.10 135.98
N LEU BD 90 -141.27 20.07 135.23
CA LEU BD 90 -142.64 19.60 135.12
C LEU BD 90 -142.64 18.08 135.07
N TYR BD 91 -143.35 17.44 135.99
CA TYR BD 91 -143.40 15.98 136.11
C TYR BD 91 -144.82 15.52 135.80
N VAL BD 92 -145.05 15.02 134.59
CA VAL BD 92 -146.32 14.43 134.19
C VAL BD 92 -146.14 12.93 134.22
N SER BD 93 -146.61 12.30 135.29
CA SER BD 93 -146.45 10.85 135.45
C SER BD 93 -147.65 10.31 136.22
N LEU BD 94 -147.56 9.06 136.62
CA LEU BD 94 -148.64 8.42 137.37
C LEU BD 94 -148.66 8.92 138.81
N GLY BD 95 -149.86 9.09 139.35
CA GLY BD 95 -150.04 9.48 140.73
C GLY BD 95 -150.85 8.45 141.47
N GLN BD 96 -150.50 8.25 142.76
CA GLN BD 96 -151.10 7.23 143.64
C GLN BD 96 -151.03 5.83 143.04
N GLY BD 97 -149.89 5.51 142.42
CA GLY BD 97 -149.71 4.22 141.80
C GLY BD 97 -150.39 4.11 140.45
N TYR BD 98 -150.28 2.93 139.85
CA TYR BD 98 -150.91 2.61 138.57
C TYR BD 98 -151.75 1.35 138.77
N PRO BD 99 -153.01 1.49 139.17
CA PRO BD 99 -153.95 0.36 139.04
C PRO BD 99 -154.29 0.11 137.58
N ASP BD 100 -154.81 1.15 136.91
CA ASP BD 100 -155.24 1.09 135.50
C ASP BD 100 -155.55 2.48 134.95
N TYR BD 101 -154.98 2.82 133.80
CA TYR BD 101 -155.49 3.89 132.96
C TYR BD 101 -155.13 3.59 131.51
N GLY BD 102 -156.09 3.84 130.62
CA GLY BD 102 -155.93 3.44 129.23
C GLY BD 102 -155.50 4.53 128.26
N ALA BD 103 -156.16 5.68 128.28
CA ALA BD 103 -155.94 6.73 127.30
C ALA BD 103 -155.84 8.08 127.99
N VAL BD 104 -154.72 8.77 127.77
CA VAL BD 104 -154.48 10.11 128.30
C VAL BD 104 -153.85 10.94 127.19
N THR BD 105 -154.41 12.14 126.95
CA THR BD 105 -153.87 13.07 125.98
C THR BD 105 -153.41 14.33 126.71
N VAL BD 106 -152.15 14.72 126.49
CA VAL BD 106 -151.56 15.88 127.15
C VAL BD 106 -151.14 16.86 126.06
N ASP BD 107 -151.89 17.95 125.90
CA ASP BD 107 -151.50 19.02 125.00
C ASP BD 107 -150.81 20.10 125.81
N ILE BD 108 -149.74 20.66 125.28
CA ILE BD 108 -148.93 21.59 126.07
C ILE BD 108 -148.55 22.79 125.20
N LYS BD 109 -148.55 23.97 125.82
CA LYS BD 109 -148.12 25.21 125.18
C LYS BD 109 -147.22 25.95 126.16
N THR BD 110 -146.06 26.39 125.69
CA THR BD 110 -145.05 27.05 126.52
C THR BD 110 -144.16 27.90 125.64
N LYS BD 111 -143.07 28.42 126.22
CA LYS BD 111 -142.13 29.28 125.51
C LYS BD 111 -140.77 28.65 125.33
N PHE BD 112 -140.12 28.22 126.43
CA PHE BD 112 -138.75 27.73 126.38
C PHE BD 112 -138.68 26.30 126.89
N LEU BD 113 -137.94 25.46 126.19
CA LEU BD 113 -137.73 24.06 126.56
C LEU BD 113 -136.24 23.77 126.61
N ASN BD 114 -135.82 22.97 127.61
CA ASN BD 114 -134.42 22.63 127.78
C ASN BD 114 -134.14 21.16 128.02
N ARG BD 115 -135.15 20.34 128.33
CA ARG BD 115 -134.94 18.92 128.54
C ARG BD 115 -136.26 18.18 128.35
N PHE BD 116 -136.21 17.05 127.63
CA PHE BD 116 -137.37 16.20 127.42
C PHE BD 116 -137.02 14.77 127.82
N ARG BD 117 -137.80 14.21 128.74
CA ARG BD 117 -137.68 12.82 129.16
C ARG BD 117 -139.01 12.13 128.91
N TYR BD 118 -138.97 10.97 128.25
CA TYR BD 118 -140.20 10.25 127.91
C TYR BD 118 -140.02 8.76 128.20
N GLU BD 119 -140.97 8.19 128.94
CA GLU BD 119 -140.91 6.77 129.28
C GLU BD 119 -142.30 6.14 129.24
N GLY BD 120 -142.34 4.87 128.86
CA GLY BD 120 -143.51 4.03 129.11
C GLY BD 120 -144.53 3.86 128.00
N ALA BD 121 -144.07 3.48 126.79
CA ALA BD 121 -144.92 3.06 125.66
C ALA BD 121 -145.91 4.15 125.25
N GLY BD 122 -145.34 5.25 124.74
CA GLY BD 122 -146.16 6.41 124.44
C GLY BD 122 -145.92 7.08 123.11
N VAL BD 123 -146.64 8.18 122.87
CA VAL BD 123 -146.59 8.91 121.60
C VAL BD 123 -146.23 10.37 121.91
N VAL BD 124 -145.29 10.92 121.14
CA VAL BD 124 -144.89 12.33 121.25
C VAL BD 124 -144.96 12.97 119.86
N THR BD 125 -145.66 14.09 119.75
CA THR BD 125 -145.73 14.86 118.51
C THR BD 125 -145.45 16.32 118.80
N GLY BD 126 -144.53 16.92 118.06
CA GLY BD 126 -144.21 18.33 118.23
C GLY BD 126 -143.61 18.93 116.98
N ASN BD 127 -143.84 20.22 116.80
CA ASN BD 127 -143.34 20.93 115.63
C ASN BD 127 -143.16 22.41 115.93
N ASN BD 128 -142.37 23.08 115.08
CA ASN BD 128 -142.09 24.52 115.13
C ASN BD 128 -141.50 24.95 116.48
N LEU BD 129 -140.43 24.28 116.88
CA LEU BD 129 -139.78 24.54 118.14
C LEU BD 129 -138.43 25.19 117.87
N ARG BD 130 -138.15 26.29 118.56
CA ARG BD 130 -136.89 27.00 118.46
C ARG BD 130 -136.18 26.96 119.80
N THR BD 131 -134.89 26.62 119.79
CA THR BD 131 -134.12 26.47 121.01
C THR BD 131 -132.64 26.67 120.71
N SER BD 132 -131.86 26.77 121.78
CA SER BD 132 -130.40 26.80 121.70
C SER BD 132 -129.80 25.43 121.96
N TYR BD 133 -130.20 24.76 123.04
CA TYR BD 133 -129.74 23.41 123.33
C TYR BD 133 -130.77 22.73 124.23
N LEU BD 134 -131.15 21.50 123.87
CA LEU BD 134 -131.99 20.68 124.73
C LEU BD 134 -131.68 19.21 124.44
N ASP BD 135 -132.04 18.36 125.40
CA ASP BD 135 -131.67 16.95 125.39
C ASP BD 135 -132.91 16.08 125.36
N LEU BD 136 -132.96 15.14 124.40
CA LEU BD 136 -134.02 14.14 124.32
C LEU BD 136 -133.57 12.87 125.02
N TYR BD 137 -134.45 12.27 125.81
CA TYR BD 137 -134.23 10.95 126.38
C TYR BD 137 -135.51 10.14 126.19
N LEU BD 138 -135.53 9.33 125.14
CA LEU BD 138 -136.65 8.46 124.83
C LEU BD 138 -136.39 7.06 125.37
N ALA BD 139 -137.39 6.46 126.00
CA ALA BD 139 -137.25 5.11 126.52
C ALA BD 139 -138.53 4.32 126.32
N ASN BD 140 -138.37 3.05 125.93
CA ASN BD 140 -139.42 2.03 125.93
C ASN BD 140 -140.58 2.42 125.01
N GLU BD 141 -140.27 2.47 123.71
CA GLU BD 141 -141.22 2.70 122.61
C GLU BD 141 -141.90 4.07 122.78
N GLY BD 142 -141.10 5.09 122.53
CA GLY BD 142 -141.63 6.43 122.34
C GLY BD 142 -141.77 6.75 120.87
N THR BD 143 -142.99 6.60 120.35
CA THR BD 143 -143.28 6.89 118.95
C THR BD 143 -143.29 8.41 118.78
N THR BD 144 -142.24 8.96 118.18
CA THR BD 144 -141.92 10.36 118.34
C THR BD 144 -141.73 11.05 116.99
N ARG BD 145 -142.39 12.19 116.80
CA ARG BD 145 -142.15 13.08 115.69
C ARG BD 145 -141.82 14.48 116.22
N LEU BD 146 -140.69 15.02 115.75
CA LEU BD 146 -140.36 16.44 115.87
C LEU BD 146 -140.17 17.00 114.47
N ALA BD 147 -140.87 18.09 114.17
CA ALA BD 147 -140.83 18.71 112.85
C ALA BD 147 -140.49 20.19 112.96
N GLY BD 148 -139.43 20.50 113.73
CA GLY BD 148 -138.98 21.87 113.87
C GLY BD 148 -137.51 22.06 113.55
N ASN BD 149 -136.95 23.18 113.97
CA ASN BD 149 -135.53 23.49 113.77
C ASN BD 149 -134.76 23.50 115.09
N ILE BD 150 -134.52 22.30 115.62
CA ILE BD 150 -134.03 22.09 116.97
C ILE BD 150 -132.53 21.84 116.92
N GLY BD 151 -131.77 22.71 117.57
CA GLY BD 151 -130.33 22.51 117.70
C GLY BD 151 -129.98 21.81 118.99
N LEU BD 152 -129.68 20.52 118.91
CA LEU BD 152 -129.45 19.68 120.08
C LEU BD 152 -128.05 19.10 120.03
N GLN BD 153 -127.39 19.06 121.19
CA GLN BD 153 -126.04 18.52 121.32
C GLN BD 153 -126.02 17.08 121.79
N LYS BD 154 -127.05 16.64 122.53
CA LYS BD 154 -127.13 15.26 122.97
C LYS BD 154 -128.52 14.70 122.70
N LEU BD 155 -128.59 13.39 122.48
CA LEU BD 155 -129.85 12.70 122.27
C LEU BD 155 -129.64 11.25 122.67
N GLU BD 156 -130.66 10.67 123.32
CA GLU BD 156 -130.57 9.28 123.76
C GLU BD 156 -131.88 8.56 123.45
N ALA BD 157 -131.78 7.39 122.85
CA ALA BD 157 -132.89 6.46 122.67
C ALA BD 157 -132.51 5.14 123.29
N VAL BD 158 -133.38 4.61 124.15
CA VAL BD 158 -133.01 3.44 124.95
C VAL BD 158 -133.21 2.15 124.17
N GLY BD 159 -134.44 1.92 123.67
CA GLY BD 159 -134.69 0.68 122.96
C GLY BD 159 -136.10 0.52 122.42
N ASN BD 160 -136.19 -0.05 121.21
CA ASN BD 160 -137.45 -0.45 120.56
C ASN BD 160 -138.40 0.73 120.36
N GLY BD 161 -137.84 1.90 120.05
CA GLY BD 161 -138.65 3.07 119.78
C GLY BD 161 -138.21 3.80 118.53
N VAL BD 162 -139.12 3.91 117.55
CA VAL BD 162 -138.79 4.60 116.30
C VAL BD 162 -138.75 6.10 116.54
N THR BD 163 -137.88 6.78 115.80
CA THR BD 163 -137.73 8.23 115.91
C THR BD 163 -137.52 8.83 114.53
N GLN BD 164 -138.30 9.87 114.24
CA GLN BD 164 -138.33 10.52 112.93
C GLN BD 164 -138.20 12.02 113.15
N ILE BD 165 -136.98 12.56 113.02
CA ILE BD 165 -136.73 13.97 113.30
C ILE BD 165 -136.42 14.67 111.99
N ASN BD 166 -137.16 15.74 111.70
CA ASN BD 166 -137.02 16.52 110.48
C ASN BD 166 -136.54 17.93 110.85
N GLY BD 167 -135.23 18.13 110.77
CA GLY BD 167 -134.65 19.45 110.98
C GLY BD 167 -133.84 19.58 112.25
N VAL BD 168 -132.51 19.48 112.13
CA VAL BD 168 -131.59 19.68 113.23
C VAL BD 168 -130.43 20.52 112.72
N SER BD 169 -130.15 21.64 113.40
CA SER BD 169 -129.05 22.54 113.04
C SER BD 169 -128.22 22.77 114.30
N SER BD 170 -127.20 21.93 114.49
CA SER BD 170 -126.33 22.02 115.65
C SER BD 170 -124.87 22.00 115.22
N ARG BD 171 -124.03 22.67 116.02
CA ARG BD 171 -122.61 22.72 115.77
C ARG BD 171 -121.85 21.57 116.42
N ASN BD 172 -122.51 20.76 117.23
CA ASN BD 172 -121.90 19.59 117.85
C ASN BD 172 -123.00 18.61 118.22
N LEU BD 173 -122.69 17.31 118.09
CA LEU BD 173 -123.65 16.27 118.43
C LEU BD 173 -122.88 14.98 118.71
N GLN BD 174 -123.23 14.32 119.82
CA GLN BD 174 -122.64 13.04 120.20
C GLN BD 174 -123.76 12.06 120.49
N ILE BD 175 -123.83 10.97 119.72
CA ILE BD 175 -124.88 9.98 119.82
C ILE BD 175 -124.26 8.65 120.20
N VAL BD 176 -124.84 7.99 121.21
CA VAL BD 176 -124.44 6.65 121.60
C VAL BD 176 -125.70 5.80 121.75
N LEU BD 177 -125.63 4.54 121.30
CA LEU BD 177 -126.76 3.63 121.28
C LEU BD 177 -126.43 2.38 122.08
N LYS BD 178 -127.43 1.86 122.79
CA LYS BD 178 -127.24 0.66 123.60
C LYS BD 178 -128.32 -0.39 123.43
N GLY BD 179 -129.43 -0.09 122.76
CA GLY BD 179 -130.50 -1.07 122.60
C GLY BD 179 -130.81 -1.39 121.16
N ASP BD 180 -132.11 -1.35 120.81
CA ASP BD 180 -132.57 -1.64 119.45
C ASP BD 180 -133.45 -0.51 118.91
N PRO BD 181 -132.88 0.67 118.63
CA PRO BD 181 -133.71 1.74 118.06
C PRO BD 181 -133.65 1.84 116.54
N LYS BD 182 -134.64 2.53 115.99
CA LYS BD 182 -134.74 2.85 114.56
C LYS BD 182 -134.91 4.36 114.48
N VAL BD 183 -133.80 5.08 114.29
CA VAL BD 183 -133.79 6.54 114.35
C VAL BD 183 -133.33 7.10 113.00
N LEU BD 184 -133.99 8.17 112.56
CA LEU BD 184 -133.56 8.89 111.36
C LEU BD 184 -133.70 10.38 111.61
N ILE BD 185 -132.62 11.12 111.34
CA ILE BD 185 -132.54 12.54 111.64
C ILE BD 185 -132.17 13.29 110.36
N SER BD 186 -132.88 14.38 110.09
CA SER BD 186 -132.60 15.25 108.96
C SER BD 186 -132.10 16.60 109.45
N GLY BD 187 -131.33 17.27 108.61
CA GLY BD 187 -130.84 18.60 108.92
C GLY BD 187 -129.37 18.81 108.65
N PHE BD 188 -128.67 19.50 109.56
CA PHE BD 188 -127.25 19.78 109.43
C PHE BD 188 -126.59 19.45 110.77
N VAL BD 189 -125.72 18.45 110.78
CA VAL BD 189 -125.14 17.92 112.01
C VAL BD 189 -123.63 17.90 111.86
N ASN BD 190 -122.92 18.49 112.83
CA ASN BD 190 -121.47 18.41 112.90
C ASN BD 190 -121.12 17.30 113.89
N LEU BD 191 -121.21 16.06 113.40
CA LEU BD 191 -120.96 14.89 114.23
C LEU BD 191 -119.48 14.71 114.50
N ARG BD 192 -119.16 14.15 115.66
CA ARG BD 192 -117.77 13.98 116.08
C ARG BD 192 -117.40 12.53 116.37
N GLN BD 193 -118.27 11.77 117.03
CA GLN BD 193 -117.97 10.39 117.38
C GLN BD 193 -119.26 9.58 117.35
N LEU BD 194 -119.10 8.27 117.18
CA LEU BD 194 -120.25 7.37 117.15
C LEU BD 194 -119.81 5.99 117.59
N ASP BD 195 -120.44 5.48 118.65
CA ASP BD 195 -120.19 4.14 119.16
C ASP BD 195 -121.52 3.42 119.24
N MET BD 196 -121.63 2.27 118.58
CA MET BD 196 -122.90 1.54 118.54
C MET BD 196 -122.63 0.06 118.79
N TYR BD 197 -123.13 -0.44 119.92
CA TYR BD 197 -122.89 -1.80 120.36
C TYR BD 197 -124.15 -2.67 120.39
N GLY BD 198 -125.26 -2.18 119.85
CA GLY BD 198 -126.53 -2.88 119.94
C GLY BD 198 -127.04 -3.37 118.60
N LYS BD 199 -128.35 -3.24 118.39
CA LYS BD 199 -128.95 -3.63 117.12
C LYS BD 199 -129.75 -2.47 116.54
N GLY BD 200 -129.11 -1.31 116.41
CA GLY BD 200 -129.81 -0.11 115.97
C GLY BD 200 -129.56 0.24 114.51
N THR BD 201 -130.52 1.00 113.97
CA THR BD 201 -130.44 1.59 112.64
C THR BD 201 -130.48 3.10 112.74
N LEU BD 202 -129.53 3.77 112.08
CA LEU BD 202 -129.41 5.21 112.12
C LEU BD 202 -129.12 5.74 110.73
N SER BD 203 -129.81 6.84 110.37
CA SER BD 203 -129.58 7.50 109.09
C SER BD 203 -129.61 9.01 109.28
N LEU BD 204 -128.65 9.68 108.65
CA LEU BD 204 -128.54 11.14 108.63
C LEU BD 204 -128.51 11.62 107.18
N TYR BD 205 -129.19 12.73 106.91
CA TYR BD 205 -129.31 13.22 105.54
C TYR BD 205 -128.08 14.01 105.12
N TRP BD 206 -127.79 15.11 105.82
CA TRP BD 206 -126.65 15.96 105.51
C TRP BD 206 -125.83 16.18 106.77
N ILE BD 207 -124.51 15.96 106.68
CA ILE BD 207 -123.58 16.25 107.76
C ILE BD 207 -122.37 16.98 107.20
N LYS BD 208 -121.91 17.99 107.94
CA LYS BD 208 -120.69 18.73 107.60
C LYS BD 208 -119.79 18.68 108.83
N SER BD 209 -118.84 17.75 108.85
CA SER BD 209 -118.01 17.49 110.00
C SER BD 209 -116.54 17.71 109.63
N ASP BD 210 -115.66 17.41 110.58
CA ASP BD 210 -114.21 17.54 110.42
C ASP BD 210 -113.46 16.25 110.72
N THR BD 211 -113.90 15.49 111.72
CA THR BD 211 -113.27 14.22 112.05
C THR BD 211 -114.32 13.31 112.65
N LEU BD 212 -114.58 12.18 112.00
CA LEU BD 212 -115.54 11.20 112.47
C LEU BD 212 -114.84 9.91 112.88
N THR BD 213 -115.28 9.34 113.99
CA THR BD 213 -114.78 8.05 114.47
C THR BD 213 -115.99 7.16 114.72
N ILE BD 214 -116.10 6.09 113.93
CA ILE BD 214 -117.24 5.19 113.97
C ILE BD 214 -116.76 3.85 114.51
N ARG BD 215 -117.42 3.34 115.55
CA ARG BD 215 -117.11 2.03 116.12
C ARG BD 215 -118.39 1.22 116.22
N ALA BD 216 -118.52 0.20 115.37
CA ALA BD 216 -119.71 -0.63 115.33
C ALA BD 216 -119.37 -2.05 115.78
N LYS BD 217 -120.15 -2.55 116.75
CA LYS BD 217 -119.78 -3.76 117.47
C LYS BD 217 -120.67 -4.97 117.15
N LYS BD 218 -121.97 -4.92 117.41
CA LYS BD 218 -122.75 -6.16 117.46
C LYS BD 218 -123.62 -6.40 116.23
N ALA BD 219 -124.59 -5.51 115.95
CA ALA BD 219 -125.29 -5.57 114.67
C ALA BD 219 -125.77 -4.16 114.35
N ALA BD 220 -124.95 -3.40 113.64
CA ALA BD 220 -125.20 -1.99 113.49
C ALA BD 220 -125.59 -1.68 112.05
N LYS BD 221 -126.45 -0.68 111.87
CA LYS BD 221 -126.77 -0.17 110.54
C LYS BD 221 -126.57 1.34 110.54
N ILE BD 222 -125.57 1.82 109.80
CA ILE BD 222 -125.25 3.24 109.75
C ILE BD 222 -125.40 3.71 108.31
N GLN BD 223 -126.12 4.82 108.12
CA GLN BD 223 -126.30 5.40 106.78
C GLN BD 223 -126.14 6.92 106.88
N LEU BD 224 -125.00 7.42 106.40
CA LEU BD 224 -124.70 8.84 106.43
C LEU BD 224 -124.46 9.37 105.03
N ALA BD 225 -124.58 10.69 104.88
CA ALA BD 225 -124.28 11.37 103.63
C ALA BD 225 -123.91 12.81 103.94
N GLY BD 226 -122.90 13.32 103.26
CA GLY BD 226 -122.45 14.68 103.48
C GLY BD 226 -120.97 14.82 103.18
N ILE BD 227 -120.35 15.80 103.83
CA ILE BD 227 -118.95 16.16 103.60
C ILE BD 227 -118.20 15.96 104.91
N VAL BD 228 -117.13 15.15 104.85
CA VAL BD 228 -116.32 14.81 106.01
C VAL BD 228 -114.86 14.96 105.63
N ASN BD 229 -114.08 15.68 106.46
CA ASN BD 229 -112.66 15.88 106.16
C ASN BD 229 -111.83 14.64 106.48
N ARG BD 230 -112.17 13.93 107.55
CA ARG BD 230 -111.39 12.77 107.97
C ARG BD 230 -112.30 11.75 108.61
N LEU BD 231 -112.21 10.50 108.16
CA LEU BD 231 -113.11 9.44 108.60
C LEU BD 231 -112.31 8.24 109.07
N ASP BD 232 -112.70 7.70 110.23
CA ASP BD 232 -112.14 6.44 110.74
C ASP BD 232 -113.30 5.51 111.05
N VAL BD 233 -113.23 4.29 110.53
CA VAL BD 233 -114.31 3.31 110.61
C VAL BD 233 -113.75 2.01 111.17
N GLU BD 234 -114.38 1.48 112.21
CA GLU BD 234 -113.98 0.23 112.84
C GLU BD 234 -115.21 -0.66 112.97
N LEU BD 235 -115.29 -1.70 112.15
CA LEU BD 235 -116.42 -2.62 112.17
C LEU BD 235 -115.96 -3.97 112.70
N TRP BD 236 -116.70 -4.54 113.66
CA TRP BD 236 -116.22 -5.77 114.30
C TRP BD 236 -116.89 -7.02 113.75
N ASP BD 237 -118.20 -7.18 113.89
CA ASP BD 237 -118.89 -8.29 113.24
C ASP BD 237 -120.36 -7.95 113.06
N PHE BD 238 -120.90 -8.39 111.91
CA PHE BD 238 -122.31 -8.24 111.51
C PHE BD 238 -122.77 -6.78 111.48
N ALA BD 239 -121.86 -5.88 111.12
CA ALA BD 239 -122.15 -4.45 111.08
C ALA BD 239 -122.08 -3.94 109.65
N GLN BD 240 -123.03 -3.07 109.29
CA GLN BD 240 -123.13 -2.53 107.94
C GLN BD 240 -123.05 -1.01 108.01
N PHE BD 241 -122.02 -0.47 107.36
CA PHE BD 241 -121.80 0.97 107.25
C PHE BD 241 -121.94 1.33 105.76
N LYS BD 242 -122.99 2.08 105.43
CA LYS BD 242 -123.21 2.54 104.07
C LYS BD 242 -122.78 4.01 103.96
N GLY BD 243 -121.47 4.22 103.90
CA GLY BD 243 -120.93 5.56 103.77
C GLY BD 243 -120.83 6.00 102.33
N LYS BD 244 -121.57 5.36 101.43
CA LYS BD 244 -121.80 5.90 100.11
C LYS BD 244 -122.59 7.20 100.24
N TYR BD 245 -122.31 8.13 99.30
CA TYR BD 245 -122.73 9.53 99.29
C TYR BD 245 -122.18 10.34 100.46
N LEU BD 246 -121.19 9.80 101.18
CA LEU BD 246 -120.46 10.51 102.22
C LEU BD 246 -119.03 10.64 101.73
N ARG BD 247 -118.70 11.78 101.12
CA ARG BD 247 -117.42 11.96 100.47
C ARG BD 247 -116.38 12.38 101.50
N ALA BD 248 -115.36 11.55 101.67
CA ALA BD 248 -114.31 11.76 102.67
C ALA BD 248 -112.99 12.04 101.98
N GLN BD 249 -112.27 13.06 102.45
CA GLN BD 249 -110.95 13.35 101.93
C GLN BD 249 -109.95 12.29 102.37
N ARG BD 250 -109.95 11.97 103.66
CA ARG BD 250 -109.09 10.93 104.23
C ARG BD 250 -109.98 9.85 104.81
N SER BD 251 -109.73 8.59 104.42
CA SER BD 251 -110.50 7.48 104.95
C SER BD 251 -109.56 6.41 105.50
N PHE BD 252 -109.80 6.00 106.74
CA PHE BD 252 -109.16 4.85 107.36
C PHE BD 252 -110.26 3.87 107.74
N VAL BD 253 -110.24 2.67 107.15
CA VAL BD 253 -111.32 1.70 107.32
C VAL BD 253 -110.70 0.37 107.75
N LYS BD 254 -111.21 -0.20 108.84
CA LYS BD 254 -110.82 -1.54 109.26
C LYS BD 254 -112.06 -2.38 109.51
N THR BD 255 -112.13 -3.53 108.85
CA THR BD 255 -113.24 -4.45 108.99
C THR BD 255 -112.74 -5.81 109.48
N HIS BD 256 -113.37 -6.32 110.53
CA HIS BD 256 -113.15 -7.67 111.02
C HIS BD 256 -114.29 -8.56 110.50
N ASP BD 257 -114.43 -9.75 111.10
CA ASP BD 257 -115.13 -10.87 110.48
C ASP BD 257 -116.61 -10.62 110.19
N LYS BD 258 -116.97 -10.76 108.91
CA LYS BD 258 -118.35 -10.68 108.40
C LYS BD 258 -118.99 -9.31 108.66
N SER BD 259 -118.31 -8.26 108.21
CA SER BD 259 -118.83 -6.90 108.30
C SER BD 259 -118.67 -6.21 106.95
N VAL BD 260 -119.59 -5.31 106.64
CA VAL BD 260 -119.68 -4.69 105.32
C VAL BD 260 -119.56 -3.17 105.46
N ALA BD 261 -118.61 -2.59 104.74
CA ALA BD 261 -118.44 -1.14 104.67
C ALA BD 261 -118.41 -0.72 103.21
N GLU BD 262 -119.13 0.35 102.89
CA GLU BD 262 -119.22 0.88 101.52
C GLU BD 262 -118.79 2.35 101.58
N ILE BD 263 -117.57 2.64 101.12
CA ILE BD 263 -116.95 3.95 101.33
C ILE BD 263 -116.88 4.72 100.01
N SER BD 264 -116.64 6.02 100.14
CA SER BD 264 -116.63 6.95 99.01
C SER BD 264 -115.46 7.93 99.12
N ALA BD 265 -114.25 7.41 99.35
CA ALA BD 265 -113.08 8.25 99.58
C ALA BD 265 -112.69 9.04 98.34
N VAL BD 266 -112.05 10.19 98.55
CA VAL BD 266 -111.81 11.19 97.50
C VAL BD 266 -110.31 11.39 97.25
N ASN BD 267 -109.55 11.66 98.31
CA ASN BD 267 -108.12 11.97 98.16
C ASN BD 267 -107.22 10.81 98.57
N HIS BD 268 -107.36 10.33 99.80
CA HIS BD 268 -106.53 9.24 100.32
C HIS BD 268 -107.40 8.18 100.98
N GLN BD 269 -107.20 6.94 100.57
CA GLN BD 269 -107.97 5.80 101.05
C GLN BD 269 -107.02 4.76 101.62
N SER BD 270 -107.29 4.31 102.84
CA SER BD 270 -106.49 3.27 103.50
C SER BD 270 -107.46 2.28 104.12
N SER BD 271 -107.43 1.04 103.65
CA SER BD 271 -108.42 0.04 104.03
C SER BD 271 -107.76 -1.28 104.41
N LEU BD 272 -108.37 -1.97 105.38
CA LEU BD 272 -107.90 -3.27 105.81
C LEU BD 272 -109.09 -4.18 106.09
N ALA BD 273 -109.06 -5.38 105.50
CA ALA BD 273 -110.07 -6.40 105.70
C ALA BD 273 -109.40 -7.62 106.31
N THR BD 274 -109.97 -8.14 107.40
CA THR BD 274 -109.27 -9.17 108.16
C THR BD 274 -109.62 -10.59 107.70
N ASP BD 275 -110.88 -10.99 107.83
CA ASP BD 275 -111.25 -12.38 107.57
C ASP BD 275 -112.72 -12.49 107.17
N ALA BD 276 -112.95 -12.85 105.90
CA ALA BD 276 -114.29 -12.99 105.31
C ALA BD 276 -115.11 -11.72 105.43
N SER BD 277 -114.44 -10.58 105.26
CA SER BD 277 -115.09 -9.27 105.27
C SER BD 277 -114.95 -8.61 103.91
N ASP BD 278 -115.81 -7.65 103.64
CA ASP BD 278 -115.89 -7.02 102.33
C ASP BD 278 -115.81 -5.51 102.47
N ILE BD 279 -114.94 -4.89 101.68
CA ILE BD 279 -114.84 -3.44 101.58
C ILE BD 279 -115.07 -3.07 100.13
N TYR BD 280 -116.09 -2.24 99.90
CA TYR BD 280 -116.42 -1.75 98.56
C TYR BD 280 -116.22 -0.24 98.55
N TYR BD 281 -115.58 0.27 97.51
CA TYR BD 281 -115.53 1.70 97.29
C TYR BD 281 -116.38 2.05 96.07
N TYR BD 282 -116.61 3.36 95.89
CA TYR BD 282 -117.41 3.84 94.78
C TYR BD 282 -116.81 5.06 94.09
N ASN BD 283 -115.62 5.48 94.50
CA ASN BD 283 -114.91 6.58 93.86
C ASN BD 283 -113.45 6.21 93.70
N LEU BD 284 -112.84 6.68 92.61
CA LEU BD 284 -111.43 6.44 92.34
C LEU BD 284 -110.65 7.57 92.99
N SER BD 285 -110.03 7.28 94.13
CA SER BD 285 -109.29 8.28 94.87
C SER BD 285 -107.94 8.56 94.21
N LYS BD 286 -107.33 9.67 94.63
CA LYS BD 286 -106.01 10.02 94.12
C LYS BD 286 -104.93 9.10 94.67
N THR BD 287 -105.15 8.54 95.86
CA THR BD 287 -104.22 7.59 96.44
C THR BD 287 -105.02 6.49 97.13
N ARG BD 288 -104.74 5.24 96.77
CA ARG BD 288 -105.44 4.07 97.27
C ARG BD 288 -104.45 3.09 97.87
N ALA BD 289 -104.79 2.54 99.05
CA ALA BD 289 -103.96 1.50 99.66
C ALA BD 289 -104.85 0.56 100.44
N ASP BD 290 -104.87 -0.72 100.04
CA ASP BD 290 -105.76 -1.72 100.60
C ASP BD 290 -104.95 -2.94 101.03
N PHE BD 291 -105.39 -3.58 102.11
CA PHE BD 291 -104.76 -4.80 102.58
C PHE BD 291 -105.83 -5.82 103.00
N MET BD 292 -105.55 -7.09 102.72
CA MET BD 292 -106.39 -8.22 103.10
C MET BD 292 -105.56 -9.19 103.91
N ALA BD 293 -106.17 -9.81 104.92
CA ALA BD 293 -105.40 -10.65 105.84
C ALA BD 293 -105.70 -12.14 105.69
N PHE BD 294 -106.94 -12.59 105.89
CA PHE BD 294 -107.23 -14.02 105.81
C PHE BD 294 -108.17 -14.36 104.66
N ASN BD 295 -109.36 -13.78 104.62
CA ASN BD 295 -110.32 -14.03 103.55
C ASN BD 295 -111.06 -12.76 103.15
N GLY BD 296 -110.68 -11.61 103.67
CA GLY BD 296 -111.32 -10.36 103.32
C GLY BD 296 -110.96 -9.93 101.91
N SER BD 297 -111.75 -8.99 101.40
CA SER BD 297 -111.60 -8.58 100.01
C SER BD 297 -112.07 -7.14 99.83
N VAL BD 298 -111.35 -6.39 99.00
CA VAL BD 298 -111.70 -5.03 98.63
C VAL BD 298 -112.01 -5.03 97.14
N LEU BD 299 -113.21 -4.58 96.78
CA LEU BD 299 -113.68 -4.68 95.40
C LEU BD 299 -113.93 -3.30 94.82
N ASP BD 300 -113.87 -3.22 93.49
CA ASP BD 300 -114.03 -1.94 92.80
C ASP BD 300 -115.49 -1.50 92.80
N MET BD 301 -116.39 -2.35 92.31
CA MET BD 301 -117.85 -2.18 92.39
C MET BD 301 -118.35 -0.90 91.73
N ARG BD 302 -117.76 -0.54 90.59
CA ARG BD 302 -118.25 0.60 89.83
C ARG BD 302 -119.16 0.12 88.70
N GLU BD 303 -119.56 1.04 87.82
CA GLU BD 303 -120.67 0.79 86.91
C GLU BD 303 -120.28 0.07 85.62
N TRP BD 304 -119.06 0.29 85.13
CA TRP BD 304 -118.44 -0.21 83.89
C TRP BD 304 -119.06 0.36 82.62
N GLY BD 305 -120.11 1.19 82.72
CA GLY BD 305 -120.77 1.71 81.54
C GLY BD 305 -121.05 3.20 81.63
N GLN BD 306 -120.51 3.85 82.67
CA GLN BD 306 -120.68 5.29 82.82
C GLN BD 306 -119.90 6.03 81.74
N SER BD 307 -120.49 7.12 81.24
CA SER BD 307 -119.91 7.83 80.11
C SER BD 307 -118.66 8.62 80.46
N ASP BD 308 -118.45 8.93 81.75
CA ASP BD 308 -117.29 9.67 82.21
C ASP BD 308 -116.47 8.87 83.22
N LEU BD 309 -116.30 7.58 82.97
CA LEU BD 309 -115.51 6.73 83.83
C LEU BD 309 -114.02 7.07 83.73
N LYS BD 310 -113.31 6.92 84.84
CA LYS BD 310 -111.90 7.26 84.93
C LYS BD 310 -111.06 6.01 85.10
N ASP BD 311 -109.95 5.96 84.38
CA ASP BD 311 -109.05 4.81 84.43
C ASP BD 311 -107.99 5.02 85.52
N PHE BD 312 -107.27 3.94 85.81
CA PHE BD 312 -106.15 4.02 86.74
C PHE BD 312 -105.01 4.83 86.15
N ASP BD 313 -104.19 5.40 87.02
CA ASP BD 313 -103.04 6.19 86.65
C ASP BD 313 -101.76 5.41 86.97
N ARG BD 314 -100.62 6.08 86.81
CA ARG BD 314 -99.37 5.58 87.35
C ARG BD 314 -99.41 5.49 88.87
N TYR BD 315 -100.17 6.38 89.51
CA TYR BD 315 -100.12 6.58 90.95
C TYR BD 315 -101.22 5.82 91.67
N ASN BD 316 -102.14 5.20 90.95
CA ASN BD 316 -103.27 4.48 91.53
C ASN BD 316 -103.24 2.98 91.26
N LYS BD 317 -102.34 2.51 90.39
CA LYS BD 317 -102.37 1.13 89.92
C LYS BD 317 -101.82 0.21 91.00
N GLN BD 318 -102.72 -0.35 91.80
CA GLN BD 318 -102.39 -1.38 92.78
C GLN BD 318 -103.09 -2.67 92.38
N PHE BD 319 -102.34 -3.76 92.36
CA PHE BD 319 -102.89 -5.04 91.92
C PHE BD 319 -103.17 -5.90 93.15
N PRO BD 320 -104.44 -6.22 93.45
CA PRO BD 320 -104.87 -6.98 94.63
C PRO BD 320 -104.32 -8.40 94.67
N GLY CD 40 -81.46 -34.50 68.19
CA GLY CD 40 -82.80 -35.01 68.28
C GLY CD 40 -83.86 -33.93 68.30
N CYS CD 41 -84.51 -33.72 67.15
CA CYS CD 41 -85.54 -32.69 67.05
C CYS CD 41 -86.87 -33.17 67.61
N CYS CD 42 -87.42 -34.24 67.05
CA CYS CD 42 -88.71 -34.77 67.50
C CYS CD 42 -88.51 -35.83 68.59
N SER CD 43 -87.81 -35.44 69.66
CA SER CD 43 -87.55 -36.36 70.76
C SER CD 43 -88.81 -36.52 71.62
N LYS CD 44 -88.95 -37.74 72.17
CA LYS CD 44 -90.14 -38.20 72.91
C LYS CD 44 -91.41 -38.07 72.06
N MET CD 45 -91.25 -38.28 70.75
CA MET CD 45 -92.34 -38.37 69.79
C MET CD 45 -92.01 -39.50 68.82
N GLY CD 46 -92.71 -39.54 67.70
CA GLY CD 46 -92.49 -40.61 66.74
C GLY CD 46 -91.40 -40.37 65.72
N GLY CD 47 -90.66 -39.28 65.81
CA GLY CD 47 -89.61 -38.97 64.86
C GLY CD 47 -90.09 -38.01 63.77
N ILE CD 48 -89.16 -37.66 62.90
CA ILE CD 48 -89.38 -36.61 61.90
C ILE CD 48 -90.18 -37.18 60.73
N ASN CD 49 -91.28 -36.52 60.39
CA ASN CD 49 -92.04 -36.90 59.20
C ASN CD 49 -91.46 -36.26 57.94
N TYR CD 50 -91.52 -34.93 57.84
CA TYR CD 50 -91.02 -34.21 56.67
C TYR CD 50 -90.81 -32.74 57.00
N CYS CD 51 -90.07 -32.07 56.12
CA CYS CD 51 -89.85 -30.63 56.17
C CYS CD 51 -90.98 -29.92 55.42
N ASP CD 52 -91.79 -29.15 56.16
CA ASP CD 52 -92.76 -28.25 55.57
C ASP CD 52 -92.05 -26.93 55.27
N SER CD 53 -91.80 -26.67 53.98
CA SER CD 53 -91.08 -25.48 53.55
C SER CD 53 -91.98 -24.27 53.43
N SER CD 54 -93.30 -24.44 53.49
CA SER CD 54 -94.21 -23.29 53.51
C SER CD 54 -94.08 -22.51 54.81
N ALA CD 55 -93.85 -23.22 55.92
CA ALA CD 55 -93.59 -22.60 57.21
C ALA CD 55 -92.13 -22.68 57.62
N GLY CD 56 -91.33 -23.48 56.92
CA GLY CD 56 -89.92 -23.62 57.27
C GLY CD 56 -89.65 -24.45 58.49
N ARG CD 57 -90.50 -25.43 58.79
CA ARG CD 57 -90.40 -26.19 60.02
C ARG CD 57 -90.54 -27.68 59.75
N LEU CD 58 -89.98 -28.49 60.65
CA LEU CD 58 -90.15 -29.92 60.57
C LEU CD 58 -91.49 -30.33 61.19
N VAL CD 59 -92.03 -31.44 60.71
CA VAL CD 59 -93.25 -32.03 61.24
C VAL CD 59 -92.88 -33.38 61.84
N CYS CD 60 -93.32 -33.62 63.07
CA CYS CD 60 -93.05 -34.90 63.72
C CYS CD 60 -94.06 -35.95 63.24
N ASN CD 61 -93.93 -37.17 63.75
CA ASN CD 61 -94.82 -38.24 63.34
C ASN CD 61 -96.18 -38.19 64.02
N ASN CD 62 -96.33 -37.36 65.05
CA ASN CD 62 -97.64 -36.96 65.52
C ASN CD 62 -98.08 -35.70 64.76
N GLY CD 63 -99.13 -35.04 65.22
CA GLY CD 63 -99.61 -33.87 64.52
C GLY CD 63 -99.04 -32.56 65.03
N PHE CD 64 -97.93 -32.64 65.78
CA PHE CD 64 -97.32 -31.47 66.38
C PHE CD 64 -96.19 -30.94 65.48
N TYR CD 65 -96.12 -29.61 65.37
CA TYR CD 65 -94.99 -28.98 64.71
C TYR CD 65 -93.75 -29.08 65.60
N SER CD 66 -92.59 -29.16 64.95
CA SER CD 66 -91.33 -29.24 65.66
C SER CD 66 -90.74 -27.84 65.85
N THR CD 67 -89.85 -27.73 66.83
CA THR CD 67 -89.18 -26.45 67.10
C THR CD 67 -87.95 -26.24 66.24
N CYS CD 68 -87.52 -27.25 65.49
CA CYS CD 68 -86.34 -27.13 64.64
C CYS CD 68 -86.68 -26.46 63.32
N TYR CD 69 -85.71 -25.74 62.78
CA TYR CD 69 -85.81 -25.17 61.44
C TYR CD 69 -85.25 -26.16 60.42
N CYS CD 70 -85.78 -26.09 59.19
CA CYS CD 70 -85.24 -26.90 58.11
C CYS CD 70 -85.09 -26.14 56.79
N THR CD 71 -85.47 -24.86 56.74
CA THR CD 71 -85.13 -23.98 55.63
C THR CD 71 -84.51 -22.72 56.19
N ARG CD 72 -83.81 -21.97 55.34
CA ARG CD 72 -83.21 -20.72 55.78
C ARG CD 72 -84.22 -19.58 55.75
N HIS CD 73 -85.33 -19.77 55.04
CA HIS CD 73 -86.40 -18.76 54.98
C HIS CD 73 -87.46 -19.05 56.04
N ALA CD 74 -87.00 -19.18 57.28
CA ALA CD 74 -87.86 -19.38 58.43
C ALA CD 74 -87.77 -18.15 59.33
N VAL CD 75 -88.80 -17.94 60.13
CA VAL CD 75 -88.86 -16.77 61.00
C VAL CD 75 -87.89 -16.94 62.15
N MET CD 76 -86.77 -16.24 62.08
CA MET CD 76 -85.74 -16.27 63.12
C MET CD 76 -85.69 -14.90 63.80
N ASP CD 77 -85.53 -14.91 65.12
CA ASP CD 77 -85.45 -13.66 65.89
C ASP CD 77 -83.98 -13.23 65.98
N LEU CD 78 -83.47 -12.78 64.83
CA LEU CD 78 -82.07 -12.36 64.73
C LEU CD 78 -81.92 -10.94 65.25
N GLN CD 79 -81.06 -10.75 66.24
CA GLN CD 79 -80.79 -9.45 66.82
C GLN CD 79 -79.31 -9.07 66.82
N PHE CD 80 -78.41 -10.03 66.64
CA PHE CD 80 -76.98 -9.78 66.70
C PHE CD 80 -76.35 -10.27 65.39
N LEU CD 81 -75.82 -9.34 64.61
CA LEU CD 81 -75.21 -9.65 63.33
C LEU CD 81 -73.75 -9.19 63.32
N MET CD 82 -72.90 -9.97 62.66
CA MET CD 82 -71.47 -9.72 62.61
C MET CD 82 -71.09 -9.02 61.30
N GLY CD 83 -69.83 -8.62 61.22
CA GLY CD 83 -69.31 -7.90 60.07
C GLY CD 83 -69.25 -6.41 60.31
N CYS CD 84 -68.38 -5.73 59.59
CA CYS CD 84 -68.25 -4.28 59.68
C CYS CD 84 -68.78 -3.61 58.43
N CYS CD 85 -68.84 -2.28 58.50
CA CYS CD 85 -69.61 -1.41 57.59
C CYS CD 85 -71.08 -1.83 57.52
N LEU CD 86 -71.62 -2.28 58.65
CA LEU CD 86 -73.05 -2.45 58.78
C LEU CD 86 -73.72 -1.09 58.94
N TRP CD 87 -74.99 -1.01 58.53
CA TRP CD 87 -75.78 0.22 58.41
C TRP CD 87 -75.11 1.23 57.48
N HIS CD 88 -74.38 0.72 56.50
CA HIS CD 88 -73.83 1.46 55.37
C HIS CD 88 -74.01 0.56 54.16
N GLY CD 89 -73.31 0.87 53.06
CA GLY CD 89 -73.43 0.02 51.89
C GLY CD 89 -72.66 -1.28 51.96
N GLY CD 90 -71.84 -1.48 52.97
CA GLY CD 90 -70.96 -2.63 53.07
C GLY CD 90 -69.53 -2.25 52.75
N VAL CD 91 -68.66 -3.26 52.82
CA VAL CD 91 -67.22 -3.04 52.63
C VAL CD 91 -66.94 -2.84 51.15
N TYR CD 92 -66.32 -1.72 50.80
CA TYR CD 92 -65.97 -1.43 49.41
C TYR CD 92 -64.76 -2.27 49.02
N PRO CD 93 -64.82 -3.02 47.92
CA PRO CD 93 -63.91 -4.16 47.74
C PRO CD 93 -62.51 -3.84 47.23
N GLN CD 94 -62.06 -2.59 47.32
CA GLN CD 94 -60.70 -2.27 46.90
C GLN CD 94 -59.68 -2.83 47.88
N LEU CD 95 -58.51 -3.17 47.35
CA LEU CD 95 -57.39 -3.59 48.19
C LEU CD 95 -56.52 -2.38 48.49
N ASN CD 96 -56.19 -2.19 49.77
CA ASN CD 96 -55.60 -0.96 50.25
C ASN CD 96 -54.14 -1.19 50.63
N SER CD 97 -53.30 -0.20 50.36
CA SER CD 97 -51.92 -0.23 50.83
C SER CD 97 -51.86 -0.09 52.35
N SER CD 98 -52.73 0.74 52.92
CA SER CD 98 -52.84 0.89 54.36
C SER CD 98 -53.87 -0.11 54.89
N GLY CD 99 -54.14 -0.05 56.19
CA GLY CD 99 -55.10 -0.96 56.79
C GLY CD 99 -56.48 -0.37 56.94
N LEU CD 100 -56.75 0.70 56.21
CA LEU CD 100 -58.05 1.37 56.31
C LEU CD 100 -59.15 0.55 55.66
N VAL CD 101 -60.33 0.59 56.25
CA VAL CD 101 -61.53 -0.05 55.72
C VAL CD 101 -62.55 1.03 55.45
N VAL CD 102 -63.00 1.13 54.20
CA VAL CD 102 -63.94 2.17 53.77
C VAL CD 102 -65.25 1.50 53.37
N CYS CD 103 -66.36 2.15 53.73
CA CYS CD 103 -67.68 1.66 53.35
C CYS CD 103 -68.07 2.22 51.98
N ASN CD 104 -69.21 1.73 51.47
CA ASN CD 104 -69.65 2.12 50.13
C ASN CD 104 -70.21 3.54 50.07
N ASP CD 105 -70.53 4.14 51.22
CA ASP CD 105 -71.01 5.51 51.26
C ASP CD 105 -69.95 6.52 51.68
N GLY CD 106 -68.68 6.13 51.68
CA GLY CD 106 -67.59 7.02 52.01
C GLY CD 106 -67.19 7.04 53.47
N TYR CD 107 -67.95 6.38 54.34
CA TYR CD 107 -67.58 6.33 55.75
C TYR CD 107 -66.38 5.41 55.97
N VAL CD 108 -65.60 5.73 56.99
CA VAL CD 108 -64.41 4.96 57.34
C VAL CD 108 -64.68 4.26 58.67
N SER CD 109 -64.56 2.94 58.68
CA SER CD 109 -64.83 2.14 59.87
C SER CD 109 -63.56 2.03 60.71
N GLU CD 110 -63.59 2.61 61.91
CA GLU CD 110 -62.42 2.60 62.78
C GLU CD 110 -62.19 1.23 63.42
N GLU CD 111 -63.24 0.41 63.56
CA GLU CD 111 -63.11 -0.86 64.24
C GLU CD 111 -62.37 -1.89 63.39
N CYS CD 112 -62.69 -1.97 62.10
CA CYS CD 112 -61.98 -2.88 61.21
C CYS CD 112 -60.68 -2.30 60.68
N SER CD 113 -60.40 -1.02 60.92
CA SER CD 113 -59.17 -0.41 60.45
C SER CD 113 -58.00 -0.85 61.31
N LEU CD 114 -56.90 -1.23 60.66
CA LEU CD 114 -55.69 -1.58 61.38
C LEU CD 114 -55.04 -0.32 61.92
N GLN CD 115 -54.51 -0.41 63.14
CA GLN CD 115 -53.94 0.73 63.81
C GLN CD 115 -52.59 1.13 63.22
N UNK DD 1 -108.50 -15.88 70.12
CA UNK DD 1 -109.24 -17.14 70.08
C UNK DD 1 -110.38 -17.14 71.10
N UNK DD 2 -109.99 -17.16 72.39
CA UNK DD 2 -110.83 -17.09 73.59
C UNK DD 2 -111.75 -18.29 73.79
N UNK DD 3 -111.73 -19.28 72.91
CA UNK DD 3 -112.54 -20.49 73.07
C UNK DD 3 -111.87 -21.60 72.29
N UNK DD 4 -111.23 -22.54 72.99
CA UNK DD 4 -110.55 -23.64 72.31
C UNK DD 4 -111.53 -24.69 71.80
N UNK DD 5 -112.62 -24.94 72.52
CA UNK DD 5 -113.63 -25.92 72.13
C UNK DD 5 -114.94 -25.16 71.88
N UNK DD 6 -115.17 -24.80 70.62
CA UNK DD 6 -116.39 -24.10 70.26
C UNK DD 6 -117.58 -25.07 70.26
N UNK DD 7 -118.76 -24.53 70.52
CA UNK DD 7 -119.97 -25.34 70.61
C UNK DD 7 -120.69 -25.36 69.27
N UNK DD 8 -121.44 -26.44 69.04
CA UNK DD 8 -122.21 -26.63 67.83
C UNK DD 8 -123.69 -26.69 68.19
N UNK DD 9 -124.39 -25.58 67.92
CA UNK DD 9 -125.83 -25.39 68.17
C UNK DD 9 -126.24 -25.68 69.61
N PHE ED 25 -92.89 -19.58 95.57
CA PHE ED 25 -92.16 -18.38 95.97
C PHE ED 25 -92.09 -17.38 94.82
N LYS ED 26 -92.28 -16.10 95.16
CA LYS ED 26 -92.32 -15.05 94.15
C LYS ED 26 -90.93 -14.73 93.63
N LYS ED 27 -90.82 -14.51 92.32
CA LYS ED 27 -89.57 -14.15 91.67
C LYS ED 27 -89.60 -12.70 91.19
N PRO ED 28 -88.46 -12.02 91.15
CA PRO ED 28 -88.41 -10.67 90.58
C PRO ED 28 -88.54 -10.71 89.07
N PRO ED 29 -88.91 -9.59 88.44
CA PRO ED 29 -88.89 -9.53 86.97
C PRO ED 29 -87.48 -9.70 86.43
N ILE ED 30 -87.39 -10.39 85.28
CA ILE ED 30 -86.07 -10.69 84.71
C ILE ED 30 -85.46 -9.46 84.07
N ASN ED 31 -86.27 -8.62 83.41
CA ASN ED 31 -85.80 -7.36 82.85
C ASN ED 31 -86.09 -6.20 83.80
N ASN ED 32 -85.59 -6.34 85.02
CA ASN ED 32 -85.83 -5.31 86.02
C ASN ED 32 -84.62 -4.39 86.16
N PRO ED 33 -84.84 -3.08 86.29
CA PRO ED 33 -83.72 -2.17 86.50
C PRO ED 33 -83.15 -2.28 87.91
N SER ED 34 -82.27 -3.26 88.12
CA SER ED 34 -81.56 -3.40 89.38
C SER ED 34 -80.19 -2.72 89.36
N ASP ED 35 -80.03 -1.71 88.50
CA ASP ED 35 -78.77 -1.01 88.32
C ASP ED 35 -79.05 0.49 88.31
N ASP ED 36 -78.17 1.26 88.97
CA ASP ED 36 -78.45 2.67 89.21
C ASP ED 36 -78.31 3.55 87.98
N ALA ED 37 -77.75 3.04 86.89
CA ALA ED 37 -77.79 3.75 85.62
C ALA ED 37 -78.98 3.34 84.78
N THR ED 38 -79.38 2.06 84.85
CA THR ED 38 -80.56 1.59 84.14
C THR ED 38 -81.84 2.19 84.70
N ILE ED 39 -81.88 2.45 86.01
CA ILE ED 39 -83.02 3.12 86.63
C ILE ED 39 -83.20 4.52 86.06
N LYS ED 40 -82.09 5.27 85.97
CA LYS ED 40 -82.13 6.63 85.43
C LYS ED 40 -82.49 6.63 83.95
N LEU ED 41 -81.95 5.68 83.18
CA LEU ED 41 -82.28 5.55 81.76
C LEU ED 41 -83.76 5.26 81.56
N ALA ED 42 -84.32 4.36 82.37
CA ALA ED 42 -85.72 3.97 82.21
C ALA ED 42 -86.67 5.09 82.63
N GLU ED 43 -86.35 5.81 83.71
CA GLU ED 43 -87.24 6.92 84.10
C GLU ED 43 -87.12 8.10 83.14
N ALA ED 44 -85.95 8.30 82.54
CA ALA ED 44 -85.82 9.29 81.47
C ALA ED 44 -86.67 8.91 80.26
N ALA ED 45 -86.70 7.61 79.92
CA ALA ED 45 -87.56 7.15 78.82
C ALA ED 45 -89.04 7.34 79.15
N VAL ED 46 -89.43 7.11 80.40
CA VAL ED 46 -90.81 7.32 80.83
C VAL ED 46 -91.20 8.79 80.73
N SER ED 47 -90.30 9.68 81.15
CA SER ED 47 -90.59 11.12 81.08
C SER ED 47 -90.66 11.60 79.62
N VAL ED 48 -89.80 11.05 78.75
CA VAL ED 48 -89.84 11.40 77.32
C VAL ED 48 -91.15 10.95 76.69
N SER ED 49 -91.62 9.73 77.04
CA SER ED 49 -92.89 9.23 76.52
C SER ED 49 -94.07 10.07 77.00
N ASP ED 50 -94.05 10.48 78.28
CA ASP ED 50 -95.11 11.33 78.80
C ASP ED 50 -95.13 12.70 78.13
N SER ED 51 -93.95 13.28 77.88
CA SER ED 51 -93.87 14.58 77.21
C SER ED 51 -94.33 14.49 75.75
N MET ED 52 -93.99 13.39 75.07
CA MET ED 52 -94.46 13.19 73.70
C MET ED 52 -95.98 13.01 73.66
N LEU ED 53 -96.55 12.32 74.66
CA LEU ED 53 -98.00 12.18 74.73
C LEU ED 53 -98.69 13.54 74.96
N GLU ED 54 -98.10 14.38 75.82
CA GLU ED 54 -98.64 15.72 76.03
C GLU ED 54 -98.55 16.57 74.76
N MET ED 55 -97.44 16.45 74.03
CA MET ED 55 -97.28 17.17 72.77
C MET ED 55 -98.31 16.71 71.73
N ALA ED 56 -98.60 15.40 71.70
CA ALA ED 56 -99.63 14.90 70.80
C ALA ED 56 -101.02 15.40 71.18
N LYS ED 57 -101.31 15.49 72.48
CA LYS ED 57 -102.58 16.05 72.95
C LYS ED 57 -102.72 17.50 72.56
N VAL ED 58 -101.64 18.28 72.65
CA VAL ED 58 -101.69 19.68 72.22
C VAL ED 58 -101.87 19.78 70.71
N GLU ED 59 -101.14 18.96 69.95
CA GLU ED 59 -101.09 19.14 68.50
C GLU ED 59 -102.35 18.65 67.79
N LYS ED 60 -102.98 17.57 68.27
CA LYS ED 60 -104.10 16.97 67.54
C LYS ED 60 -105.35 17.84 67.62
N VAL ED 61 -105.98 18.06 66.45
CA VAL ED 61 -107.24 18.77 66.34
C VAL ED 61 -108.30 17.79 65.82
N ILE ED 62 -109.50 17.87 66.38
CA ILE ED 62 -110.60 16.97 66.06
C ILE ED 62 -111.84 17.78 65.72
N THR ED 63 -112.93 17.09 65.45
CA THR ED 63 -114.25 17.67 65.23
C THR ED 63 -115.28 16.97 66.08
N PRO ED 64 -116.31 17.69 66.55
CA PRO ED 64 -117.38 17.03 67.28
C PRO ED 64 -118.22 16.17 66.36
N PRO ED 65 -118.84 15.10 66.87
CA PRO ED 65 -119.66 14.23 66.01
C PRO ED 65 -120.99 14.84 65.60
N SER ED 66 -121.40 15.96 66.19
CA SER ED 66 -122.68 16.58 65.82
C SER ED 66 -122.60 17.24 64.44
N LYS ED 67 -121.46 17.85 64.12
CA LYS ED 67 -121.29 18.56 62.86
C LYS ED 67 -120.35 17.83 61.90
N ASP ED 68 -120.21 16.52 62.06
CA ASP ED 68 -119.38 15.72 61.15
C ASP ED 68 -120.07 15.59 59.80
N ASN ED 69 -119.41 16.07 58.75
CA ASN ED 69 -119.99 16.09 57.40
C ASN ED 69 -119.68 14.78 56.68
N THR ED 70 -120.35 13.72 57.13
CA THR ED 70 -120.22 12.39 56.56
C THR ED 70 -121.60 11.78 56.47
N LEU ED 71 -121.89 11.11 55.35
CA LEU ED 71 -123.19 10.50 55.13
C LEU ED 71 -123.43 9.34 56.10
N THR ED 72 -124.59 9.35 56.74
CA THR ED 72 -124.96 8.29 57.66
C THR ED 72 -125.56 7.12 56.89
N ILE ED 73 -125.82 6.03 57.62
CA ILE ED 73 -126.42 4.85 57.03
C ILE ED 73 -127.90 5.12 56.79
N PRO ED 74 -128.39 4.97 55.55
CA PRO ED 74 -129.80 5.28 55.27
C PRO ED 74 -130.79 4.23 55.73
N ASN ED 75 -130.29 3.08 56.20
CA ASN ED 75 -130.98 1.91 56.75
C ASN ED 75 -132.28 1.50 56.03
N ALA ED 76 -132.27 1.58 54.70
CA ALA ED 76 -133.35 1.00 53.91
C ALA ED 76 -133.14 -0.51 53.81
N TYR ED 77 -134.22 -1.22 53.45
CA TYR ED 77 -134.14 -2.68 53.39
C TYR ED 77 -133.32 -3.15 52.19
N ASN ED 78 -133.39 -2.43 51.08
CA ASN ED 78 -132.68 -2.85 49.87
C ASN ED 78 -131.19 -2.52 49.90
N LEU ED 79 -130.72 -1.73 50.87
CA LEU ED 79 -129.34 -1.29 50.92
C LEU ED 79 -128.48 -2.09 51.89
N GLN ED 80 -129.02 -3.14 52.50
CA GLN ED 80 -128.27 -4.02 53.37
C GLN ED 80 -127.75 -5.27 52.67
N ALA ED 81 -127.94 -5.38 51.36
CA ALA ED 81 -127.42 -6.51 50.62
C ALA ED 81 -125.91 -6.40 50.45
N ARG ED 82 -125.20 -7.49 50.71
CA ARG ED 82 -123.76 -7.52 50.60
C ARG ED 82 -123.32 -7.54 49.14
N ALA ED 83 -122.10 -7.05 48.90
CA ALA ED 83 -121.57 -6.92 47.55
C ALA ED 83 -120.08 -7.24 47.55
N SER ED 84 -119.48 -7.21 46.36
CA SER ED 84 -118.06 -7.46 46.19
C SER ED 84 -117.58 -6.59 45.03
N VAL ED 85 -116.85 -5.53 45.33
CA VAL ED 85 -116.53 -4.48 44.37
C VAL ED 85 -115.01 -4.37 44.24
N ASP ED 86 -114.52 -4.31 43.01
CA ASP ED 86 -113.13 -3.99 42.72
C ASP ED 86 -113.14 -2.97 41.59
N TRP ED 87 -112.84 -1.71 41.92
CA TRP ED 87 -112.97 -0.62 40.96
C TRP ED 87 -111.98 0.49 41.30
N SER ED 88 -111.41 1.09 40.26
CA SER ED 88 -110.54 2.26 40.43
C SER ED 88 -110.74 3.14 39.19
N GLY ED 89 -111.62 4.12 39.31
CA GLY ED 89 -111.96 4.98 38.21
C GLY ED 89 -112.92 6.09 38.59
N PRO ED 90 -113.75 6.53 37.65
CA PRO ED 90 -114.70 7.62 37.91
C PRO ED 90 -115.80 7.22 38.88
N ILE ED 91 -116.34 8.23 39.55
CA ILE ED 91 -117.32 8.02 40.62
C ILE ED 91 -118.72 7.76 40.05
N GLU ED 92 -119.04 8.34 38.89
CA GLU ED 92 -120.42 8.33 38.39
C GLU ED 92 -120.84 6.94 37.92
N GLU ED 93 -119.95 6.23 37.23
CA GLU ED 93 -120.26 4.88 36.75
C GLU ED 93 -120.46 3.91 37.90
N LEU ED 94 -119.60 3.97 38.92
CA LEU ED 94 -119.73 3.11 40.08
C LEU ED 94 -120.99 3.43 40.89
N THR ED 95 -121.32 4.72 41.02
CA THR ED 95 -122.51 5.11 41.76
C THR ED 95 -123.78 4.68 41.03
N ALA ED 96 -123.79 4.79 39.70
CA ALA ED 96 -124.91 4.32 38.89
C ALA ED 96 -125.06 2.81 38.98
N ARG ED 97 -123.95 2.07 38.99
CA ARG ED 97 -124.02 0.61 39.11
C ARG ED 97 -124.50 0.20 40.50
N ILE ED 98 -124.09 0.93 41.54
CA ILE ED 98 -124.58 0.65 42.90
C ILE ED 98 -126.08 0.92 43.01
N ALA ED 99 -126.55 2.01 42.40
CA ALA ED 99 -127.98 2.32 42.39
C ALA ED 99 -128.78 1.28 41.61
N LYS ED 100 -128.24 0.81 40.47
CA LYS ED 100 -128.93 -0.20 39.69
C LYS ED 100 -128.96 -1.55 40.41
N ALA ED 101 -127.90 -1.87 41.16
CA ALA ED 101 -127.90 -3.08 41.97
C ALA ED 101 -128.85 -2.97 43.16
N ALA ED 102 -129.03 -1.76 43.70
CA ALA ED 102 -129.93 -1.53 44.82
C ALA ED 102 -131.35 -1.17 44.39
N HIS ED 103 -131.63 -1.21 43.07
CA HIS ED 103 -132.95 -0.99 42.48
C HIS ED 103 -133.49 0.41 42.78
N PHE ED 104 -132.59 1.38 42.86
CA PHE ED 104 -132.94 2.79 43.02
C PHE ED 104 -132.80 3.51 41.69
N ARG ED 105 -133.25 4.76 41.66
CA ARG ED 105 -132.95 5.61 40.52
C ARG ED 105 -131.70 6.44 40.83
N PHE ED 106 -131.10 6.99 39.78
CA PHE ED 106 -129.84 7.70 39.92
C PHE ED 106 -129.91 9.01 39.14
N ARG ED 107 -129.56 10.12 39.79
CA ARG ED 107 -129.56 11.41 39.11
C ARG ED 107 -128.35 12.24 39.52
N VAL ED 108 -127.94 13.13 38.62
CA VAL ED 108 -126.75 13.95 38.79
C VAL ED 108 -127.15 15.42 38.70
N LEU ED 109 -126.70 16.22 39.66
CA LEU ED 109 -126.88 17.68 39.63
C LEU ED 109 -125.51 18.33 39.68
N GLY ED 110 -125.17 19.07 38.62
CA GLY ED 110 -123.91 19.74 38.46
C GLY ED 110 -123.32 19.45 37.10
N LYS ED 111 -122.03 19.72 36.94
CA LYS ED 111 -121.32 19.44 35.71
C LYS ED 111 -120.00 18.75 36.02
N SER ED 112 -119.58 17.88 35.11
CA SER ED 112 -118.32 17.17 35.28
C SER ED 112 -117.15 18.10 34.96
N PRO ED 113 -116.09 18.08 35.77
CA PRO ED 113 -114.92 18.91 35.50
C PRO ED 113 -114.08 18.33 34.36
N SER ED 114 -113.02 19.06 34.00
CA SER ED 114 -112.10 18.57 32.98
C SER ED 114 -111.34 17.34 33.45
N VAL ED 115 -110.89 17.35 34.71
CA VAL ED 115 -110.28 16.18 35.33
C VAL ED 115 -111.35 15.51 36.19
N PRO ED 116 -111.72 14.26 35.90
CA PRO ED 116 -112.81 13.62 36.65
C PRO ED 116 -112.36 13.21 38.06
N VAL ED 117 -113.34 13.02 38.92
CA VAL ED 117 -113.08 12.59 40.29
C VAL ED 117 -112.84 11.10 40.29
N LEU ED 118 -111.69 10.69 40.82
CA LEU ED 118 -111.25 9.29 40.79
C LEU ED 118 -111.29 8.71 42.19
N ILE ED 119 -111.97 7.57 42.33
CA ILE ED 119 -112.05 6.85 43.60
C ILE ED 119 -111.51 5.44 43.39
N SER ED 120 -111.31 4.73 44.49
CA SER ED 120 -110.77 3.37 44.47
C SER ED 120 -111.43 2.57 45.59
N ILE ED 121 -112.30 1.64 45.20
CA ILE ED 121 -113.02 0.80 46.14
C ILE ED 121 -112.66 -0.65 45.87
N SER ED 122 -112.12 -1.34 46.88
CA SER ED 122 -111.73 -2.74 46.75
C SER ED 122 -112.17 -3.47 48.01
N THR ED 123 -113.36 -4.06 47.97
CA THR ED 123 -113.89 -4.83 49.09
C THR ED 123 -114.49 -6.13 48.59
N LYS ED 124 -114.51 -7.13 49.48
CA LYS ED 124 -114.97 -8.47 49.19
C LYS ED 124 -116.35 -8.77 49.76
N ASP ED 125 -116.65 -8.25 50.94
CA ASP ED 125 -117.95 -8.49 51.58
C ASP ED 125 -118.32 -7.23 52.36
N GLU ED 126 -119.12 -6.37 51.75
CA GLU ED 126 -119.48 -5.10 52.36
C GLU ED 126 -120.86 -4.68 51.86
N SER ED 127 -121.60 -3.99 52.72
CA SER ED 127 -122.94 -3.54 52.37
C SER ED 127 -122.89 -2.36 51.41
N LEU ED 128 -124.00 -2.17 50.68
CA LEU ED 128 -124.08 -1.12 49.68
C LEU ED 128 -124.10 0.27 50.32
N ALA ED 129 -124.72 0.39 51.49
CA ALA ED 129 -124.72 1.66 52.22
C ALA ED 129 -123.32 2.01 52.71
N GLU ED 130 -122.56 1.00 53.17
CA GLU ED 130 -121.19 1.23 53.59
C GLU ED 130 -120.30 1.59 52.40
N ILE ED 131 -120.56 0.98 51.25
CA ILE ED 131 -119.84 1.32 50.02
C ILE ED 131 -120.13 2.77 49.60
N LEU ED 132 -121.40 3.17 49.70
CA LEU ED 132 -121.78 4.55 49.38
C LEU ED 132 -121.16 5.55 50.36
N ARG ED 133 -121.09 5.18 51.65
CA ARG ED 133 -120.43 6.03 52.63
C ARG ED 133 -118.94 6.18 52.35
N ASP ED 134 -118.28 5.09 51.96
CA ASP ED 134 -116.86 5.17 51.60
C ASP ED 134 -116.65 6.00 50.33
N ILE ED 135 -117.57 5.89 49.37
CA ILE ED 135 -117.50 6.70 48.15
C ILE ED 135 -117.65 8.18 48.48
N ASP ED 136 -118.59 8.52 49.37
CA ASP ED 136 -118.82 9.91 49.74
C ASP ED 136 -117.62 10.46 50.52
N TYR ED 137 -117.01 9.62 51.37
CA TYR ED 137 -115.81 10.05 52.10
C TYR ED 137 -114.64 10.26 51.15
N GLN ED 138 -114.47 9.38 50.16
CA GLN ED 138 -113.35 9.50 49.23
C GLN ED 138 -113.56 10.62 48.21
N ALA ED 139 -114.81 11.03 47.97
CA ALA ED 139 -115.07 12.12 47.05
C ALA ED 139 -114.58 13.47 47.60
N GLY ED 140 -114.69 13.67 48.90
CA GLY ED 140 -114.21 14.89 49.51
C GLY ED 140 -115.15 16.07 49.32
N LYS ED 141 -114.59 17.25 49.09
CA LYS ED 141 -115.37 18.46 48.93
C LYS ED 141 -115.87 18.68 47.51
N LYS ED 142 -115.48 17.82 46.56
CA LYS ED 142 -115.84 18.04 45.17
C LYS ED 142 -117.20 17.46 44.82
N ALA ED 143 -117.65 16.43 45.53
CA ALA ED 143 -118.94 15.82 45.23
C ALA ED 143 -119.58 15.32 46.51
N SER ED 144 -120.90 15.13 46.44
CA SER ED 144 -121.68 14.61 47.56
C SER ED 144 -122.72 13.65 47.04
N ILE ED 145 -123.11 12.69 47.87
CA ILE ED 145 -124.11 11.69 47.53
C ILE ED 145 -125.24 11.78 48.55
N HIS ED 146 -126.46 11.96 48.06
CA HIS ED 146 -127.65 12.01 48.90
C HIS ED 146 -128.57 10.85 48.55
N VAL ED 147 -129.23 10.28 49.55
CA VAL ED 147 -130.10 9.13 49.38
C VAL ED 147 -131.49 9.51 49.86
N TYR ED 148 -132.48 9.39 48.98
CA TYR ED 148 -133.88 9.59 49.33
C TYR ED 148 -134.60 8.25 49.27
N PRO ED 149 -135.07 7.72 50.39
CA PRO ED 149 -135.71 6.38 50.38
C PRO ED 149 -137.21 6.40 50.16
N ASN ED 150 -137.87 7.54 50.41
CA ASN ED 150 -139.32 7.61 50.22
C ASN ED 150 -139.69 7.58 48.73
N SER ED 151 -138.98 8.35 47.92
CA SER ED 151 -138.95 8.18 46.47
C SER ED 151 -137.55 7.69 46.14
N GLN ED 152 -137.43 6.40 45.82
CA GLN ED 152 -136.16 5.67 45.93
C GLN ED 152 -135.13 6.13 44.90
N VAL ED 153 -134.31 7.11 45.29
CA VAL ED 153 -133.38 7.74 44.37
C VAL ED 153 -132.09 8.08 45.11
N VAL ED 154 -130.98 8.09 44.38
CA VAL ED 154 -129.72 8.64 44.85
C VAL ED 154 -129.31 9.78 43.93
N GLU ED 155 -128.62 10.76 44.51
CA GLU ED 155 -128.28 12.00 43.85
C GLU ED 155 -126.80 12.27 44.04
N LEU ED 156 -126.12 12.55 42.94
CA LEU ED 156 -124.70 12.95 42.95
C LEU ED 156 -124.65 14.43 42.65
N ARG ED 157 -124.26 15.22 43.64
CA ARG ED 157 -124.23 16.67 43.54
C ARG ED 157 -122.79 17.13 43.46
N TYR ED 158 -122.44 17.85 42.40
CA TYR ED 158 -121.10 18.38 42.24
C TYR ED 158 -120.95 19.71 42.97
N ALA ED 159 -119.70 20.10 43.18
CA ALA ED 159 -119.39 21.34 43.88
C ALA ED 159 -119.33 22.50 42.89
N LYS ED 160 -119.91 23.63 43.30
CA LYS ED 160 -119.92 24.82 42.45
C LYS ED 160 -118.57 25.52 42.45
N ILE FD 208 -121.39 32.97 86.90
CA ILE FD 208 -121.38 32.08 88.06
C ILE FD 208 -121.61 30.64 87.58
N ILE FD 209 -121.18 29.67 88.38
CA ILE FD 209 -121.34 28.26 88.05
C ILE FD 209 -121.56 27.52 89.37
N TYR FD 210 -122.33 26.43 89.29
CA TYR FD 210 -122.73 25.66 90.46
C TYR FD 210 -122.08 24.29 90.42
N TYR FD 211 -121.64 23.82 91.59
CA TYR FD 211 -121.09 22.49 91.76
C TYR FD 211 -121.89 21.75 92.82
N ILE FD 212 -121.79 20.42 92.81
CA ILE FD 212 -122.54 19.57 93.73
C ILE FD 212 -121.59 19.03 94.80
N GLN FD 213 -122.06 19.01 96.05
CA GLN FD 213 -121.28 18.52 97.17
C GLN FD 213 -121.65 17.09 97.56
N ALA FD 214 -122.93 16.82 97.75
CA ALA FD 214 -123.41 15.48 98.06
C ALA FD 214 -124.79 15.29 97.44
N VAL FD 215 -125.12 14.04 97.13
CA VAL FD 215 -126.36 13.71 96.44
C VAL FD 215 -127.03 12.53 97.14
N ILE FD 216 -128.36 12.59 97.24
CA ILE FD 216 -129.17 11.49 97.76
C ILE FD 216 -130.30 11.28 96.76
N PRO FD 217 -130.91 10.08 96.73
CA PRO FD 217 -132.16 9.95 95.96
C PRO FD 217 -133.27 10.85 96.49
N GLY FD 218 -133.62 11.87 95.70
CA GLY FD 218 -134.66 12.80 96.09
C GLY FD 218 -134.20 14.24 96.27
N ARG FD 219 -133.01 14.42 96.85
CA ARG FD 219 -132.53 15.74 97.24
C ARG FD 219 -131.06 15.88 96.87
N ALA FD 220 -130.60 17.13 96.72
CA ALA FD 220 -129.20 17.35 96.41
C ALA FD 220 -128.72 18.64 97.05
N TRP FD 221 -127.43 18.66 97.39
CA TRP FD 221 -126.75 19.79 98.00
C TRP FD 221 -125.82 20.40 96.96
N LEU FD 222 -125.92 21.71 96.77
CA LEU FD 222 -125.16 22.42 95.74
C LEU FD 222 -124.33 23.53 96.36
N ILE FD 223 -123.18 23.79 95.75
CA ILE FD 223 -122.28 24.86 96.17
C ILE FD 223 -121.98 25.72 94.95
N GLY FD 224 -121.89 27.04 95.17
CA GLY FD 224 -121.64 27.98 94.10
C GLY FD 224 -120.20 28.50 94.08
N SER FD 225 -119.97 29.46 93.18
CA SER FD 225 -118.65 30.08 93.08
C SER FD 225 -118.36 31.00 94.26
N ASN FD 226 -119.39 31.64 94.81
CA ASN FD 226 -119.24 32.56 95.93
C ASN FD 226 -119.25 31.86 97.28
N GLY FD 227 -119.41 30.54 97.31
CA GLY FD 227 -119.41 29.82 98.57
C GLY FD 227 -120.75 29.72 99.26
N SER FD 228 -121.86 29.94 98.54
CA SER FD 228 -123.19 29.89 99.12
C SER FD 228 -123.80 28.52 98.88
N THR FD 229 -124.30 27.91 99.94
CA THR FD 229 -124.92 26.60 99.85
C THR FD 229 -126.34 26.70 99.30
N LEU FD 230 -126.83 25.59 98.76
CA LEU FD 230 -128.18 25.53 98.23
C LEU FD 230 -128.69 24.10 98.35
N THR FD 231 -130.00 23.95 98.55
CA THR FD 231 -130.65 22.66 98.61
C THR FD 231 -131.69 22.58 97.51
N VAL FD 232 -131.63 21.54 96.69
CA VAL FD 232 -132.51 21.41 95.54
C VAL FD 232 -133.24 20.07 95.61
N ARG FD 233 -134.53 20.09 95.27
CA ARG FD 233 -135.39 18.93 95.19
C ARG FD 233 -135.43 18.43 93.74
N GLU FD 234 -136.37 17.51 93.48
CA GLU FD 234 -136.56 17.00 92.12
C GLU FD 234 -137.06 18.08 91.17
N GLY FD 235 -137.99 18.91 91.65
CA GLY FD 235 -138.46 20.04 90.85
C GLY FD 235 -138.48 21.34 91.61
N SER FD 236 -137.65 22.29 91.19
CA SER FD 236 -137.59 23.61 91.79
C SER FD 236 -136.97 24.57 90.78
N LYS FD 237 -136.62 25.77 91.23
CA LYS FD 237 -136.02 26.79 90.38
C LYS FD 237 -134.71 27.26 91.01
N ILE FD 238 -133.65 27.28 90.21
CA ILE FD 238 -132.34 27.79 90.63
C ILE FD 238 -131.90 28.85 89.62
N PRO FD 239 -131.14 29.87 90.03
CA PRO FD 239 -130.73 30.91 89.07
C PRO FD 239 -129.55 30.48 88.22
N GLY FD 240 -129.57 30.93 86.96
CA GLY FD 240 -128.50 30.67 86.01
C GLY FD 240 -128.57 29.34 85.31
N TYR FD 241 -129.52 28.48 85.66
CA TYR FD 241 -129.65 27.17 85.04
C TYR FD 241 -131.08 26.94 84.55
N GLY FD 242 -132.05 27.47 85.28
CA GLY FD 242 -133.44 27.30 84.92
C GLY FD 242 -134.20 26.38 85.87
N MET FD 243 -134.62 25.22 85.39
CA MET FD 243 -135.38 24.26 86.17
C MET FD 243 -134.76 22.88 86.04
N VAL FD 244 -134.65 22.17 87.16
CA VAL FD 244 -134.13 20.82 87.16
C VAL FD 244 -135.26 19.84 86.88
N LYS FD 245 -134.92 18.71 86.25
CA LYS FD 245 -135.92 17.70 85.94
C LYS FD 245 -135.49 16.28 86.28
N LEU FD 246 -134.23 16.05 86.63
CA LEU FD 246 -133.75 14.69 86.91
C LEU FD 246 -132.56 14.76 87.84
N ILE FD 247 -132.59 13.93 88.89
CA ILE FD 247 -131.48 13.78 89.82
C ILE FD 247 -131.04 12.33 89.80
N ASP FD 248 -129.80 12.08 89.40
CA ASP FD 248 -129.25 10.74 89.33
C ASP FD 248 -128.39 10.46 90.55
N SER FD 249 -128.60 9.31 91.18
CA SER FD 249 -127.89 8.93 92.39
C SER FD 249 -126.68 8.06 92.12
N LEU FD 250 -126.75 7.17 91.13
CA LEU FD 250 -125.61 6.31 90.80
C LEU FD 250 -124.49 7.12 90.16
N GLN FD 251 -124.84 8.03 89.27
CA GLN FD 251 -123.89 8.93 88.63
C GLN FD 251 -124.15 10.36 89.09
N GLY FD 252 -123.08 11.08 89.40
CA GLY FD 252 -123.21 12.43 89.92
C GLY FD 252 -123.50 13.45 88.85
N ARG FD 253 -124.72 13.46 88.33
CA ARG FD 253 -125.13 14.36 87.27
C ARG FD 253 -126.55 14.85 87.51
N ILE FD 254 -126.75 16.15 87.30
CA ILE FD 254 -128.08 16.75 87.38
C ILE FD 254 -128.31 17.56 86.11
N LEU FD 255 -129.35 17.21 85.35
CA LEU FD 255 -129.66 17.89 84.10
C LEU FD 255 -130.56 19.09 84.37
N THR FD 256 -130.36 20.16 83.60
CA THR FD 256 -131.17 21.36 83.74
C THR FD 256 -132.05 21.57 82.51
N SER FD 257 -132.92 22.58 82.61
CA SER FD 257 -133.81 22.91 81.50
C SER FD 257 -133.08 23.59 80.35
N SER FD 258 -131.97 24.27 80.64
CA SER FD 258 -131.22 24.99 79.62
C SER FD 258 -130.36 24.06 78.76
N GLY FD 259 -130.24 22.79 79.13
CA GLY FD 259 -129.47 21.84 78.37
C GLY FD 259 -128.07 21.57 78.89
N GLN FD 260 -127.79 21.88 80.15
CA GLN FD 260 -126.47 21.66 80.73
C GLN FD 260 -126.58 20.86 82.01
N VAL FD 261 -125.47 20.22 82.37
CA VAL FD 261 -125.43 19.22 83.43
C VAL FD 261 -124.49 19.71 84.53
N ILE FD 262 -124.97 19.71 85.76
CA ILE FD 262 -124.15 19.97 86.93
C ILE FD 262 -123.56 18.65 87.39
N LYS FD 263 -122.23 18.59 87.47
CA LYS FD 263 -121.49 17.41 87.87
C LYS FD 263 -120.57 17.74 89.05
N PHE FD 264 -119.79 16.76 89.46
CA PHE FD 264 -118.88 16.91 90.59
C PHE FD 264 -117.66 17.74 90.21
N SER FD 265 -116.85 18.05 91.22
CA SER FD 265 -115.64 18.83 91.00
C SER FD 265 -114.51 17.95 90.49
N GLN FD 266 -113.52 18.58 89.89
CA GLN FD 266 -112.37 17.87 89.34
C GLN FD 266 -111.07 18.29 90.03
N THR GD 28 -57.40 -13.32 70.51
CA THR GD 28 -58.56 -14.12 70.12
C THR GD 28 -59.42 -14.45 71.34
N GLY GD 29 -60.29 -13.51 71.72
CA GLY GD 29 -61.17 -13.71 72.85
C GLY GD 29 -60.78 -12.90 74.07
N SER GD 30 -60.22 -13.56 75.07
CA SER GD 30 -59.89 -12.92 76.33
C SER GD 30 -58.38 -12.67 76.44
N LEU GD 31 -58.01 -11.90 77.46
CA LEU GD 31 -56.60 -11.64 77.73
C LEU GD 31 -55.90 -12.91 78.20
N ALA GD 32 -56.59 -13.73 79.00
CA ALA GD 32 -56.06 -15.03 79.38
C ALA GD 32 -55.97 -15.98 78.19
N GLY GD 33 -56.90 -15.85 77.23
CA GLY GD 33 -56.79 -16.61 76.00
C GLY GD 33 -55.61 -16.19 75.16
N LEU GD 34 -55.28 -14.89 75.17
CA LEU GD 34 -54.06 -14.42 74.53
C LEU GD 34 -52.82 -14.94 75.25
N GLN GD 35 -52.85 -14.95 76.57
CA GLN GD 35 -51.71 -15.42 77.36
C GLN GD 35 -51.84 -16.91 77.65
N LYS GD 60 -59.84 -30.69 49.44
CA LYS GD 60 -60.89 -30.14 50.29
C LYS GD 60 -61.92 -29.38 49.44
N GLU GD 61 -61.43 -28.44 48.63
CA GLU GD 61 -62.31 -27.62 47.81
C GLU GD 61 -62.88 -28.37 46.61
N THR GD 62 -62.28 -29.49 46.23
CA THR GD 62 -62.80 -30.28 45.11
C THR GD 62 -63.98 -31.15 45.51
N ALA GD 63 -64.17 -31.40 46.81
CA ALA GD 63 -65.29 -32.22 47.27
C ALA GD 63 -66.62 -31.54 47.05
N LEU GD 64 -66.67 -30.21 47.25
CA LEU GD 64 -67.87 -29.44 46.96
C LEU GD 64 -68.20 -29.49 45.47
N SER GD 65 -67.18 -29.38 44.61
CA SER GD 65 -67.40 -29.38 43.17
C SER GD 65 -67.85 -30.75 42.66
N VAL GD 66 -67.31 -31.83 43.24
CA VAL GD 66 -67.76 -33.15 42.80
C VAL GD 66 -69.08 -33.56 43.44
N GLY GD 67 -69.49 -32.94 44.55
CA GLY GD 67 -70.77 -33.23 45.13
C GLY GD 67 -71.94 -32.46 44.54
N ALA GD 68 -71.66 -31.21 44.11
CA ALA GD 68 -72.72 -30.32 43.65
C ALA GD 68 -73.37 -30.80 42.36
N GLN GD 69 -72.57 -31.32 41.41
CA GLN GD 69 -73.11 -31.81 40.15
C GLN GD 69 -74.00 -33.03 40.34
N ALA GD 70 -73.57 -33.95 41.20
CA ALA GD 70 -74.35 -35.16 41.47
C ALA GD 70 -75.65 -34.82 42.22
N GLY GD 71 -75.56 -33.89 43.18
CA GLY GD 71 -76.78 -33.46 43.87
C GLY GD 71 -77.76 -32.75 42.96
N LEU GD 72 -77.25 -31.91 42.05
CA LEU GD 72 -78.09 -31.22 41.08
C LEU GD 72 -78.78 -32.19 40.14
N ALA GD 73 -78.03 -33.19 39.62
CA ALA GD 73 -78.60 -34.16 38.71
C ALA GD 73 -79.64 -35.06 39.41
N TRP GD 74 -79.34 -35.50 40.63
CA TRP GD 74 -80.27 -36.34 41.38
C TRP GD 74 -81.56 -35.60 41.72
N ARG GD 75 -81.44 -34.35 42.18
CA ARG GD 75 -82.63 -33.57 42.49
C ARG GD 75 -83.44 -33.24 41.24
N ALA GD 76 -82.76 -33.01 40.10
CA ALA GD 76 -83.47 -32.78 38.85
C ALA GD 76 -84.24 -34.02 38.40
N LYS GD 77 -83.65 -35.21 38.56
CA LYS GD 77 -84.34 -36.45 38.21
C LYS GD 77 -85.57 -36.67 39.11
N ILE GD 78 -85.43 -36.41 40.42
CA ILE GD 78 -86.57 -36.60 41.33
C ILE GD 78 -87.67 -35.57 41.03
N ILE GD 79 -87.29 -34.33 40.69
CA ILE GD 79 -88.27 -33.31 40.33
C ILE GD 79 -88.99 -33.68 39.03
N ASP GD 80 -88.27 -34.25 38.05
CA ASP GD 80 -88.89 -34.70 36.82
C ASP GD 80 -89.87 -35.84 37.06
N GLU GD 81 -89.52 -36.77 37.95
CA GLU GD 81 -90.43 -37.85 38.29
C GLU GD 81 -91.69 -37.33 39.00
N GLN GD 82 -91.52 -36.37 39.92
CA GLN GD 82 -92.68 -35.78 40.60
C GLN GD 82 -93.55 -34.97 39.63
N LEU GD 83 -92.95 -34.34 38.63
CA LEU GD 83 -93.72 -33.67 37.59
C LEU GD 83 -94.49 -34.66 36.74
N ASN GD 84 -93.88 -35.80 36.42
CA ASN GD 84 -94.55 -36.81 35.61
C ASN GD 84 -95.67 -37.53 36.38
N LYS GD 85 -95.60 -37.58 37.70
CA LYS GD 85 -96.68 -38.19 38.47
C LYS GD 85 -97.97 -37.38 38.43
N GLN GD 86 -97.88 -36.07 38.18
CA GLN GD 86 -99.05 -35.20 38.21
C GLN GD 86 -99.32 -34.54 36.86
N ALA GD 87 -99.34 -35.34 35.79
CA ALA GD 87 -99.44 -34.78 34.45
C ALA GD 87 -100.84 -34.25 34.14
N ARG GD 88 -101.88 -34.98 34.56
CA ARG GD 88 -103.24 -34.58 34.21
C ARG GD 88 -103.73 -33.39 35.04
N ASN GD 89 -103.29 -33.30 36.30
CA ASN GD 89 -103.69 -32.17 37.14
C ASN GD 89 -103.05 -30.87 36.64
N LEU GD 90 -101.82 -30.92 36.18
CA LEU GD 90 -101.17 -29.74 35.61
C LEU GD 90 -101.83 -29.33 34.30
N ASP GD 91 -102.29 -30.31 33.51
CA ASP GD 91 -103.04 -30.01 32.29
C ASP GD 91 -104.38 -29.38 32.61
N ALA GD 92 -105.01 -29.80 33.71
CA ALA GD 92 -106.27 -29.19 34.12
C ALA GD 92 -106.06 -27.77 34.65
N ILE GD 93 -104.94 -27.54 35.34
CA ILE GD 93 -104.70 -26.23 35.95
C ILE GD 93 -104.26 -25.21 34.91
N TYR GD 94 -103.21 -25.52 34.15
CA TYR GD 94 -102.67 -24.59 33.16
C TYR GD 94 -103.26 -24.90 31.78
N ASP GD 95 -104.53 -24.55 31.63
CA ASP GD 95 -105.28 -24.83 30.41
C ASP GD 95 -105.10 -23.64 29.47
N PHE GD 96 -104.02 -23.68 28.68
CA PHE GD 96 -103.78 -22.64 27.69
C PHE GD 96 -104.71 -22.75 26.48
N ASN GD 97 -105.30 -23.93 26.25
CA ASN GD 97 -106.07 -24.17 25.03
C ASN GD 97 -107.41 -23.44 25.03
N SER GD 98 -108.04 -23.29 26.20
CA SER GD 98 -109.35 -22.67 26.28
C SER GD 98 -109.29 -21.16 26.51
N LEU GD 99 -108.09 -20.57 26.46
CA LEU GD 99 -107.93 -19.12 26.53
C LEU GD 99 -107.64 -18.49 25.18
N VAL GD 100 -107.55 -19.30 24.11
CA VAL GD 100 -107.23 -18.80 22.78
C VAL GD 100 -108.45 -18.10 22.20
N LEU GD 101 -108.21 -17.02 21.46
CA LEU GD 101 -109.29 -16.21 20.88
C LEU GD 101 -109.84 -16.87 19.62
N GLU GD 102 -110.60 -16.09 18.84
CA GLU GD 102 -111.44 -16.64 17.78
C GLU GD 102 -110.63 -17.17 16.60
N HIS GD 103 -109.65 -16.41 16.12
CA HIS GD 103 -108.91 -16.76 14.91
C HIS GD 103 -107.58 -17.42 15.22
N ASN GD 104 -107.53 -18.23 16.29
CA ASN GD 104 -106.33 -18.88 16.83
C ASN GD 104 -105.24 -17.85 17.13
N ILE GD 105 -105.60 -16.91 18.00
CA ILE GD 105 -104.72 -15.82 18.41
C ILE GD 105 -104.50 -15.95 19.92
N LEU GD 106 -103.24 -16.01 20.33
CA LEU GD 106 -102.91 -16.05 21.74
C LEU GD 106 -103.20 -14.70 22.37
N PRO GD 107 -103.86 -14.64 23.54
CA PRO GD 107 -104.15 -13.35 24.15
C PRO GD 107 -102.88 -12.71 24.70
N PRO GD 108 -102.84 -11.39 24.79
CA PRO GD 108 -101.64 -10.71 25.31
C PRO GD 108 -101.53 -10.85 26.82
N VAL GD 109 -100.35 -10.47 27.33
CA VAL GD 109 -100.02 -10.56 28.74
C VAL GD 109 -100.02 -9.16 29.34
N LEU GD 110 -100.79 -8.97 30.40
CA LEU GD 110 -100.92 -7.68 31.07
C LEU GD 110 -100.39 -7.76 32.49
N LEU GD 111 -99.76 -6.70 32.95
CA LEU GD 111 -99.19 -6.60 34.28
C LEU GD 111 -99.82 -5.43 35.03
N GLU GD 112 -100.07 -5.63 36.33
CA GLU GD 112 -100.79 -4.70 37.17
C GLU GD 112 -99.95 -4.33 38.38
N GLY GD 113 -99.93 -3.04 38.71
CA GLY GD 113 -99.31 -2.58 39.94
C GLY GD 113 -100.23 -1.64 40.69
N ARG GD 114 -100.16 -1.70 42.01
CA ARG GD 114 -101.01 -0.90 42.88
C ARG GD 114 -100.16 -0.14 43.89
N ASN GD 115 -100.59 1.10 44.19
CA ASN GD 115 -100.04 1.96 45.24
C ASN GD 115 -98.54 2.22 45.03
N THR GD 116 -98.24 2.88 43.92
CA THR GD 116 -96.86 3.03 43.46
C THR GD 116 -96.28 4.35 43.97
N LEU GD 117 -95.08 4.30 44.54
CA LEU GD 117 -94.38 5.49 44.98
C LEU GD 117 -92.96 5.50 44.41
N ASN GD 118 -92.50 6.68 44.00
CA ASN GD 118 -91.14 6.87 43.55
C ASN GD 118 -90.56 8.14 44.15
N LEU GD 119 -89.49 7.98 44.91
CA LEU GD 119 -88.63 9.07 45.37
C LEU GD 119 -87.61 9.33 44.26
N ALA GD 120 -87.92 10.28 43.37
CA ALA GD 120 -87.04 10.58 42.25
C ALA GD 120 -85.74 11.22 42.72
N ASP GD 121 -85.83 12.23 43.57
CA ASP GD 121 -84.71 12.84 44.24
C ASP GD 121 -85.25 13.53 45.48
N ALA GD 122 -84.44 14.40 46.07
CA ALA GD 122 -84.95 15.28 47.12
C ALA GD 122 -85.92 16.29 46.55
N GLN GD 123 -86.79 16.81 47.42
CA GLN GD 123 -87.74 17.90 47.23
C GLN GD 123 -88.92 17.56 46.32
N SER GD 124 -88.99 16.35 45.75
CA SER GD 124 -90.05 16.00 44.83
C SER GD 124 -90.25 14.48 44.80
N ILE GD 125 -91.53 14.07 44.79
CA ILE GD 125 -91.91 12.66 44.71
C ILE GD 125 -93.03 12.50 43.70
N ARG GD 126 -93.17 11.28 43.16
CA ARG GD 126 -94.26 10.96 42.24
C ARG GD 126 -94.97 9.70 42.71
N ILE GD 127 -96.29 9.78 42.89
CA ILE GD 127 -97.07 8.63 43.32
C ILE GD 127 -98.18 8.37 42.31
N SER GD 128 -98.65 7.14 42.31
CA SER GD 128 -99.72 6.71 41.42
C SER GD 128 -100.59 5.69 42.13
N ASP GD 129 -101.87 5.68 41.78
CA ASP GD 129 -102.83 4.76 42.37
C ASP GD 129 -102.71 3.35 41.79
N ARG GD 130 -102.86 3.23 40.47
CA ARG GD 130 -102.73 1.95 39.79
C ARG GD 130 -102.00 2.16 38.46
N THR GD 131 -101.33 1.10 38.01
CA THR GD 131 -100.65 1.13 36.72
C THR GD 131 -100.87 -0.19 36.00
N TYR GD 132 -101.01 -0.10 34.67
CA TYR GD 132 -101.21 -1.26 33.80
C TYR GD 132 -100.20 -1.20 32.66
N LYS GD 133 -99.63 -2.36 32.34
CA LYS GD 133 -98.63 -2.47 31.29
C LYS GD 133 -98.92 -3.68 30.41
N VAL GD 134 -98.61 -3.56 29.12
CA VAL GD 134 -98.70 -4.67 28.18
C VAL GD 134 -97.30 -5.26 28.07
N ALA GD 135 -97.10 -6.44 28.66
CA ALA GD 135 -95.77 -7.05 28.65
C ALA GD 135 -95.48 -7.75 27.33
N LYS GD 136 -96.45 -8.52 26.82
CA LYS GD 136 -96.30 -9.24 25.55
C LYS GD 136 -97.53 -8.99 24.70
N GLN GD 137 -97.35 -9.13 23.38
CA GLN GD 137 -98.37 -8.76 22.41
C GLN GD 137 -98.94 -10.00 21.74
N ALA GD 138 -100.19 -9.87 21.27
CA ALA GD 138 -100.89 -10.98 20.63
C ALA GD 138 -100.30 -11.30 19.26
N HIS GD 139 -100.41 -12.57 18.86
CA HIS GD 139 -99.89 -13.04 17.59
C HIS GD 139 -100.64 -14.30 17.19
N PHE GD 140 -100.48 -14.67 15.92
CA PHE GD 140 -101.05 -15.92 15.43
C PHE GD 140 -100.25 -17.11 15.98
N ILE GD 141 -100.96 -18.19 16.30
CA ILE GD 141 -100.35 -19.42 16.76
C ILE GD 141 -100.93 -20.58 15.96
N THR GD 142 -100.16 -21.68 15.90
CA THR GD 142 -100.65 -22.93 15.35
C THR GD 142 -100.94 -23.97 16.42
N THR GD 143 -100.23 -23.93 17.53
CA THR GD 143 -100.39 -24.84 18.65
C THR GD 143 -100.47 -24.06 19.95
N PRO GD 144 -101.26 -24.55 20.92
CA PRO GD 144 -101.27 -23.91 22.24
C PRO GD 144 -100.03 -24.29 23.03
N PRO GD 145 -99.61 -23.44 23.97
CA PRO GD 145 -98.47 -23.80 24.82
C PRO GD 145 -98.84 -24.86 25.85
N THR GD 146 -97.81 -25.48 26.40
CA THR GD 146 -97.96 -26.51 27.42
C THR GD 146 -96.99 -26.25 28.57
N TRP GD 147 -97.23 -26.93 29.69
CA TRP GD 147 -96.42 -26.73 30.88
C TRP GD 147 -95.04 -27.36 30.79
N ARG GD 148 -94.81 -28.26 29.84
CA ARG GD 148 -93.52 -28.94 29.72
C ARG GD 148 -92.45 -28.00 29.17
N GLN GD 149 -92.83 -26.96 28.44
CA GLN GD 149 -91.87 -25.96 27.99
C GLN GD 149 -91.45 -25.01 29.10
N TYR GD 150 -92.16 -25.01 30.23
CA TYR GD 150 -91.85 -24.13 31.36
C TYR GD 150 -91.22 -24.86 32.53
N LEU GD 151 -91.75 -26.03 32.90
CA LEU GD 151 -91.43 -26.64 34.19
C LEU GD 151 -90.44 -27.80 34.11
N TRP GD 152 -90.23 -28.39 32.93
CA TRP GD 152 -89.38 -29.56 32.82
C TRP GD 152 -87.91 -29.17 32.97
N MET GD 153 -87.23 -29.82 33.91
CA MET GD 153 -85.81 -29.61 34.14
C MET GD 153 -84.98 -30.63 33.38
N ASP GD 154 -83.72 -30.29 33.18
CA ASP GD 154 -82.82 -31.03 32.30
C ASP GD 154 -82.02 -32.05 33.10
N TYR GD 155 -82.00 -33.30 32.62
CA TYR GD 155 -81.31 -34.39 33.30
C TYR GD 155 -80.33 -35.05 32.35
N VAL GD 156 -79.05 -34.96 32.68
CA VAL GD 156 -77.99 -35.72 32.00
C VAL GD 156 -77.17 -36.41 33.08
N LYS GD 157 -77.00 -37.73 32.94
CA LYS GD 157 -76.31 -38.52 33.96
C LYS GD 157 -74.82 -38.20 33.96
N PRO GD 158 -74.26 -37.69 35.07
CA PRO GD 158 -72.83 -37.41 35.14
C PRO GD 158 -72.03 -38.65 35.49
N GLU GD 159 -71.27 -39.16 34.52
CA GLU GD 159 -70.43 -40.33 34.71
C GLU GD 159 -68.94 -39.98 34.65
N ALA GD 160 -68.59 -38.77 35.10
CA ALA GD 160 -67.20 -38.29 35.08
C ALA GD 160 -66.82 -37.86 36.49
N PRO GD 161 -66.32 -38.79 37.32
CA PRO GD 161 -65.91 -38.47 38.69
C PRO GD 161 -64.65 -37.64 38.75
N LYS GD 173 -59.61 -39.10 53.24
CA LYS GD 173 -61.01 -39.39 53.52
C LYS GD 173 -61.39 -38.96 54.94
N GLU GD 174 -60.49 -38.22 55.59
CA GLU GD 174 -60.75 -37.73 56.94
C GLU GD 174 -61.79 -36.61 56.94
N ILE GD 175 -61.66 -35.66 56.01
CA ILE GD 175 -62.58 -34.53 55.90
C ILE GD 175 -63.27 -34.50 54.54
N TRP GD 176 -63.19 -35.60 53.79
CA TRP GD 176 -63.79 -35.65 52.44
C TRP GD 176 -65.31 -35.74 52.51
N CYS GD 177 -65.84 -36.50 53.47
CA CYS GD 177 -67.25 -36.85 53.49
C CYS GD 177 -68.13 -35.65 53.84
N ILE GD 178 -67.69 -34.83 54.80
CA ILE GD 178 -68.50 -33.69 55.24
C ILE GD 178 -68.59 -32.63 54.15
N TYR GD 179 -67.51 -32.42 53.41
CA TYR GD 179 -67.54 -31.44 52.32
C TYR GD 179 -68.29 -31.99 51.10
N THR GD 180 -68.24 -33.30 50.88
CA THR GD 180 -69.09 -33.90 49.84
C THR GD 180 -70.57 -33.75 50.18
N GLU GD 181 -70.91 -33.93 51.47
CA GLU GD 181 -72.29 -33.72 51.92
C GLU GD 181 -72.72 -32.25 51.77
N ARG GD 182 -71.81 -31.32 52.06
CA ARG GD 182 -72.09 -29.90 51.88
C ARG GD 182 -72.35 -29.56 50.41
N GLY GD 183 -71.55 -30.12 49.51
CA GLY GD 183 -71.79 -29.93 48.09
C GLY GD 183 -73.10 -30.54 47.62
N TRP GD 184 -73.47 -31.70 48.20
CA TRP GD 184 -74.74 -32.34 47.91
C TRP GD 184 -75.93 -31.45 48.29
N LYS GD 185 -75.86 -30.84 49.49
CA LYS GD 185 -76.90 -29.92 49.94
C LYS GD 185 -76.96 -28.68 49.06
N ASN GD 186 -75.80 -28.16 48.64
CA ASN GD 186 -75.77 -26.99 47.77
C ASN GD 186 -76.40 -27.28 46.40
N GLY GD 187 -76.14 -28.47 45.85
CA GLY GD 187 -76.76 -28.83 44.58
C GLY GD 187 -78.27 -29.00 44.68
N ILE GD 188 -78.75 -29.58 45.78
CA ILE GD 188 -80.19 -29.72 46.00
C ILE GD 188 -80.85 -28.34 46.11
N ASP GD 189 -80.22 -27.43 46.85
CA ASP GD 189 -80.75 -26.07 46.99
C ASP GD 189 -80.77 -25.32 45.65
N GLN GD 190 -79.74 -25.50 44.83
CA GLN GD 190 -79.70 -24.87 43.52
C GLN GD 190 -80.82 -25.36 42.61
N ALA GD 191 -81.06 -26.69 42.61
CA ALA GD 191 -82.15 -27.24 41.80
C ALA GD 191 -83.52 -26.75 42.27
N ASN GD 192 -83.69 -26.61 43.60
CA ASN GD 192 -84.94 -26.08 44.14
C ASN GD 192 -85.16 -24.63 43.73
N THR GD 193 -84.09 -23.83 43.71
CA THR GD 193 -84.18 -22.44 43.27
C THR GD 193 -84.57 -22.34 41.80
N ILE GD 194 -83.98 -23.20 40.95
CA ILE GD 194 -84.31 -23.22 39.53
C ILE GD 194 -85.77 -23.58 39.29
N LEU GD 195 -86.28 -24.58 40.04
CA LEU GD 195 -87.68 -24.98 39.92
C LEU GD 195 -88.62 -23.86 40.37
N GLU GD 196 -88.25 -23.14 41.44
CA GLU GD 196 -89.05 -22.02 41.93
C GLU GD 196 -89.13 -20.90 40.90
N GLU GD 197 -88.01 -20.60 40.22
CA GLU GD 197 -88.02 -19.56 39.18
C GLU GD 197 -88.87 -19.97 37.98
N ASN GD 198 -88.84 -21.26 37.60
CA ASN GD 198 -89.68 -21.74 36.51
C ASN GD 198 -91.17 -21.64 36.86
N ILE GD 199 -91.52 -21.97 38.10
CA ILE GD 199 -92.92 -21.87 38.56
C ILE GD 199 -93.38 -20.41 38.54
N ALA GD 200 -92.52 -19.49 38.97
CA ALA GD 200 -92.86 -18.06 38.93
C ALA GD 200 -93.07 -17.57 37.50
N ARG GD 201 -92.25 -18.04 36.55
CA ARG GD 201 -92.39 -17.63 35.16
C ARG GD 201 -93.71 -18.10 34.54
N ILE GD 202 -94.06 -19.38 34.76
CA ILE GD 202 -95.31 -19.89 34.19
C ILE GD 202 -96.53 -19.26 34.88
N LYS GD 203 -96.40 -18.93 36.17
CA LYS GD 203 -97.49 -18.26 36.88
C LYS GD 203 -97.73 -16.85 36.33
N GLU GD 204 -96.65 -16.10 36.05
CA GLU GD 204 -96.79 -14.78 35.45
C GLU GD 204 -97.44 -14.86 34.06
N ASP GD 205 -97.00 -15.82 33.24
CA ASP GD 205 -97.54 -15.93 31.88
C ASP GD 205 -99.00 -16.36 31.86
N PHE GD 206 -99.45 -17.15 32.85
CA PHE GD 206 -100.88 -17.47 32.92
C PHE GD 206 -101.70 -16.31 33.48
N GLY GD 207 -101.16 -15.62 34.51
CA GLY GD 207 -101.90 -14.55 35.15
C GLY GD 207 -102.12 -13.33 34.25
N GLY GD 208 -101.16 -13.04 33.36
CA GLY GD 208 -101.38 -11.96 32.41
C GLY GD 208 -102.51 -12.23 31.44
N MET GD 209 -102.65 -13.47 31.01
CA MET GD 209 -103.74 -13.86 30.11
C MET GD 209 -105.08 -13.85 30.83
N ILE GD 210 -105.08 -14.15 32.14
CA ILE GD 210 -106.32 -14.00 32.92
C ILE GD 210 -106.70 -12.52 33.05
N LEU GD 211 -105.70 -11.66 33.32
CA LEU GD 211 -105.94 -10.23 33.49
C LEU GD 211 -106.43 -9.57 32.20
N TYR GD 212 -105.99 -10.06 31.03
CA TYR GD 212 -106.49 -9.54 29.76
C TYR GD 212 -107.99 -9.79 29.60
N ARG GD 213 -108.46 -11.00 29.94
CA ARG GD 213 -109.88 -11.29 29.85
C ARG GD 213 -110.70 -10.47 30.84
N LYS GD 214 -110.16 -10.25 32.05
CA LYS GD 214 -110.89 -9.45 33.04
C LYS GD 214 -110.99 -7.99 32.61
N LEU GD 215 -109.90 -7.43 32.05
CA LEU GD 215 -109.94 -6.05 31.57
C LEU GD 215 -110.80 -5.92 30.31
N LEU GD 216 -110.88 -6.96 29.48
CA LEU GD 216 -111.79 -6.94 28.34
C LEU GD 216 -113.24 -7.00 28.79
N ALA GD 217 -113.52 -7.73 29.88
CA ALA GD 217 -114.85 -7.72 30.46
C ALA GD 217 -115.21 -6.35 31.02
N MET GD 218 -114.25 -5.66 31.64
CA MET GD 218 -114.52 -4.33 32.17
C MET GD 218 -114.27 -3.20 31.17
N ASN GD 219 -113.98 -3.54 29.90
CA ASN GD 219 -113.92 -2.60 28.77
C ASN GD 219 -112.80 -1.56 28.94
N MET GD 220 -111.58 -2.08 29.14
CA MET GD 220 -110.39 -1.23 29.20
C MET GD 220 -109.37 -1.51 28.11
N VAL GD 221 -109.48 -2.65 27.42
CA VAL GD 221 -108.59 -2.99 26.31
C VAL GD 221 -109.43 -3.11 25.05
N SER GD 222 -108.76 -2.98 23.91
CA SER GD 222 -109.49 -3.20 22.67
C SER GD 222 -109.25 -4.62 22.15
N PRO GD 223 -110.24 -5.26 21.55
CA PRO GD 223 -110.00 -6.59 20.95
C PRO GD 223 -109.22 -6.49 19.66
N PRO GD 224 -108.52 -7.55 19.26
CA PRO GD 224 -107.86 -7.53 17.94
C PRO GD 224 -108.86 -7.62 16.81
N TYR GD 225 -108.46 -7.05 15.66
CA TYR GD 225 -109.31 -6.97 14.48
C TYR GD 225 -108.68 -7.77 13.34
N VAL GD 226 -109.48 -8.61 12.70
CA VAL GD 226 -109.03 -9.56 11.68
C VAL GD 226 -109.68 -9.19 10.36
N SER GD 227 -108.88 -9.06 9.31
CA SER GD 227 -109.38 -8.86 7.96
C SER GD 227 -108.92 -10.01 7.08
N HIS GD 228 -109.85 -10.60 6.33
CA HIS GD 228 -109.57 -11.73 5.47
C HIS GD 228 -109.94 -11.38 4.03
N THR GD 229 -109.04 -11.71 3.11
CA THR GD 229 -109.27 -11.52 1.68
C THR GD 229 -109.43 -12.89 1.02
N ASP GD 230 -110.51 -13.06 0.28
CA ASP GD 230 -110.85 -14.34 -0.35
C ASP GD 230 -110.56 -14.23 -1.84
N LEU GD 231 -109.49 -14.88 -2.29
CA LEU GD 231 -109.22 -14.97 -3.71
C LEU GD 231 -109.93 -16.19 -4.29
N GLY GD 232 -110.06 -16.22 -5.62
CA GLY GD 232 -110.74 -17.33 -6.26
C GLY GD 232 -109.79 -18.46 -6.60
N VAL GD 233 -109.87 -18.95 -7.83
CA VAL GD 233 -108.95 -19.98 -8.31
C VAL GD 233 -107.76 -19.25 -8.93
N THR GD 234 -106.64 -19.25 -8.22
CA THR GD 234 -105.45 -18.53 -8.62
C THR GD 234 -104.36 -19.49 -9.06
N GLY GD 235 -103.43 -18.99 -9.86
CA GLY GD 235 -102.30 -19.76 -10.33
C GLY GD 235 -102.14 -19.69 -11.83
N ASP GD 236 -101.06 -20.29 -12.30
CA ASP GD 236 -100.74 -20.40 -13.72
C ASP GD 236 -101.08 -21.80 -14.20
N GLY GD 237 -100.67 -22.12 -15.43
CA GLY GD 237 -100.97 -23.41 -16.03
C GLY GD 237 -100.17 -24.57 -15.47
N SER GD 238 -99.13 -24.31 -14.68
CA SER GD 238 -98.32 -25.37 -14.09
C SER GD 238 -98.67 -25.65 -12.63
N GLU GD 239 -99.45 -24.79 -11.99
CA GLU GD 239 -99.81 -24.95 -10.58
C GLU GD 239 -101.04 -24.11 -10.29
N ILE GD 240 -102.04 -24.71 -9.65
CA ILE GD 240 -103.24 -23.98 -9.29
C ILE GD 240 -103.55 -24.19 -7.81
N HIS GD 241 -104.19 -23.18 -7.22
CA HIS GD 241 -104.76 -23.26 -5.88
C HIS GD 241 -106.25 -22.96 -5.98
N ILE GD 242 -107.06 -23.80 -5.36
CA ILE GD 242 -108.50 -23.77 -5.60
C ILE GD 242 -109.16 -22.61 -4.84
N ASP GD 243 -109.02 -22.61 -3.52
CA ASP GD 243 -109.63 -21.57 -2.68
C ASP GD 243 -108.53 -21.00 -1.79
N ASP GD 244 -108.13 -19.76 -2.08
CA ASP GD 244 -107.11 -19.07 -1.30
C ASP GD 244 -107.74 -18.02 -0.39
N ARG GD 245 -107.32 -18.00 0.86
CA ARG GD 245 -107.75 -16.97 1.81
C ARG GD 245 -106.54 -16.46 2.57
N VAL GD 246 -106.38 -15.15 2.59
CA VAL GD 246 -105.27 -14.50 3.28
C VAL GD 246 -105.84 -13.76 4.49
N LEU GD 247 -105.39 -14.13 5.68
CA LEU GD 247 -105.87 -13.54 6.92
C LEU GD 247 -104.79 -12.67 7.51
N ARG GD 248 -105.16 -11.46 7.93
CA ARG GD 248 -104.21 -10.51 8.49
C ARG GD 248 -104.88 -9.76 9.62
N ILE GD 249 -104.22 -9.65 10.76
CA ILE GD 249 -104.76 -8.85 11.84
C ILE GD 249 -104.21 -7.44 11.71
N THR GD 250 -105.11 -6.46 11.81
CA THR GD 250 -104.78 -5.07 11.49
C THR GD 250 -104.66 -4.17 12.70
N ALA GD 251 -105.35 -4.47 13.78
CA ALA GD 251 -105.31 -3.67 15.00
C ALA GD 251 -104.88 -4.55 16.16
N LEU GD 252 -103.73 -4.24 16.74
CA LEU GD 252 -103.28 -4.95 17.93
C LEU GD 252 -104.09 -4.49 19.14
N PRO GD 253 -104.25 -5.35 20.14
CA PRO GD 253 -104.92 -4.92 21.39
C PRO GD 253 -104.13 -3.85 22.12
N GLU GD 254 -104.85 -2.92 22.73
CA GLU GD 254 -104.19 -1.83 23.45
C GLU GD 254 -105.11 -1.33 24.55
N LEU GD 255 -104.48 -0.72 25.57
CA LEU GD 255 -105.18 -0.05 26.66
C LEU GD 255 -105.84 1.22 26.16
N ASN GD 256 -106.98 1.55 26.74
CA ASN GD 256 -107.62 2.83 26.43
C ASN GD 256 -107.43 3.85 27.57
N VAL GD 257 -107.38 5.12 27.19
CA VAL GD 257 -107.18 6.21 28.14
C VAL GD 257 -108.43 7.04 28.37
N ASN GD 258 -109.48 6.84 27.59
CA ASN GD 258 -110.74 7.53 27.80
C ASN GD 258 -111.55 6.77 28.84
N SER GD 259 -111.61 7.30 30.05
CA SER GD 259 -112.21 6.60 31.18
C SER GD 259 -113.72 6.72 31.24
N ALA GD 260 -114.34 7.47 30.33
CA ALA GD 260 -115.79 7.62 30.35
C ALA GD 260 -116.52 6.38 29.85
N GLU GD 261 -115.85 5.51 29.11
CA GLU GD 261 -116.46 4.31 28.57
C GLU GD 261 -116.20 3.06 29.42
N TRP GD 262 -115.54 3.21 30.56
CA TRP GD 262 -115.27 2.06 31.42
C TRP GD 262 -116.55 1.62 32.13
N ARG GD 263 -116.72 0.31 32.26
CA ARG GD 263 -117.93 -0.29 32.81
C ARG GD 263 -117.59 -1.01 34.11
N ALA GD 264 -118.34 -0.70 35.17
CA ALA GD 264 -118.10 -1.29 36.48
C ALA GD 264 -118.99 -2.52 36.69
N ALA GD 265 -118.56 -3.36 37.62
CA ALA GD 265 -119.27 -4.60 37.93
C ALA GD 265 -119.50 -4.69 39.43
N VAL GD 266 -120.75 -4.88 39.83
CA VAL GD 266 -121.12 -5.07 41.23
C VAL GD 266 -121.73 -6.46 41.36
N ALA GD 267 -121.10 -7.31 42.18
CA ALA GD 267 -121.49 -8.70 42.32
C ALA GD 267 -122.36 -8.86 43.56
N LYS GD 268 -123.57 -9.40 43.38
CA LYS GD 268 -124.47 -9.63 44.49
C LYS GD 268 -124.22 -10.99 45.15
N LYS HD 24 -100.38 -40.01 75.98
CA LYS HD 24 -99.96 -39.80 74.59
C LYS HD 24 -100.75 -38.68 73.94
N PHE HD 25 -100.05 -37.79 73.25
CA PHE HD 25 -100.67 -36.64 72.58
C PHE HD 25 -100.47 -36.76 71.09
N LYS HD 26 -101.56 -36.78 70.34
CA LYS HD 26 -101.52 -36.85 68.88
C LYS HD 26 -102.65 -36.00 68.31
N LYS HD 27 -102.49 -35.64 67.04
CA LYS HD 27 -103.47 -34.90 66.27
C LYS HD 27 -103.80 -35.68 65.00
N PRO HD 28 -105.07 -35.68 64.56
CA PRO HD 28 -105.56 -36.74 63.65
C PRO HD 28 -104.91 -36.79 62.26
N PRO HD 29 -104.68 -35.64 61.52
CA PRO HD 29 -104.10 -35.82 60.18
C PRO HD 29 -102.63 -36.16 60.19
N ILE HD 30 -102.31 -37.44 59.95
CA ILE HD 30 -100.93 -37.91 59.78
C ILE HD 30 -100.91 -38.69 58.46
N ASN HD 31 -100.56 -38.01 57.38
CA ASN HD 31 -100.54 -38.60 56.06
C ASN HD 31 -99.12 -39.05 55.69
N ASN HD 32 -98.93 -39.41 54.42
CA ASN HD 32 -97.61 -39.70 53.90
C ASN HD 32 -96.77 -38.43 53.84
N PRO HD 33 -95.44 -38.54 53.91
CA PRO HD 33 -94.60 -37.34 53.80
C PRO HD 33 -94.69 -36.67 52.43
N SER HD 34 -94.53 -35.36 52.43
CA SER HD 34 -94.75 -34.53 51.26
C SER HD 34 -93.43 -34.11 50.62
N ASP HD 35 -93.54 -33.57 49.41
CA ASP HD 35 -92.41 -33.08 48.65
C ASP HD 35 -92.55 -31.58 48.43
N ASP HD 36 -91.41 -30.87 48.49
CA ASP HD 36 -91.44 -29.42 48.39
C ASP HD 36 -91.80 -28.95 46.98
N ALA HD 37 -91.52 -29.77 45.97
CA ALA HD 37 -91.97 -29.47 44.61
C ALA HD 37 -93.49 -29.45 44.51
N THR HD 38 -94.14 -30.47 45.09
CA THR HD 38 -95.59 -30.51 45.13
C THR HD 38 -96.16 -29.39 46.00
N ILE HD 39 -95.44 -29.01 47.06
CA ILE HD 39 -95.84 -27.89 47.90
C ILE HD 39 -95.85 -26.58 47.10
N LYS HD 40 -94.79 -26.33 46.32
CA LYS HD 40 -94.70 -25.13 45.50
C LYS HD 40 -95.76 -25.13 44.39
N LEU HD 41 -96.01 -26.29 43.80
CA LEU HD 41 -97.05 -26.39 42.77
C LEU HD 41 -98.44 -26.11 43.35
N ALA HD 42 -98.70 -26.59 44.58
CA ALA HD 42 -99.97 -26.29 45.24
C ALA HD 42 -100.10 -24.81 45.57
N GLU HD 43 -99.02 -24.18 46.02
CA GLU HD 43 -99.05 -22.74 46.32
C GLU HD 43 -99.29 -21.91 45.07
N ALA HD 44 -98.77 -22.34 43.93
CA ALA HD 44 -99.08 -21.65 42.68
C ALA HD 44 -100.53 -21.89 42.26
N ALA HD 45 -101.01 -23.13 42.39
CA ALA HD 45 -102.31 -23.50 41.87
C ALA HD 45 -103.46 -22.89 42.65
N VAL HD 46 -103.28 -22.67 43.96
CA VAL HD 46 -104.35 -22.05 44.77
C VAL HD 46 -104.60 -20.60 44.32
N SER HD 47 -103.53 -19.84 44.07
CA SER HD 47 -103.69 -18.46 43.61
C SER HD 47 -104.17 -18.40 42.17
N VAL HD 48 -103.76 -19.36 41.33
CA VAL HD 48 -104.35 -19.46 39.98
C VAL HD 48 -105.85 -19.72 40.07
N SER HD 49 -106.25 -20.59 41.01
CA SER HD 49 -107.66 -20.96 41.16
C SER HD 49 -108.52 -19.79 41.64
N ASP HD 50 -108.04 -19.02 42.62
CA ASP HD 50 -108.92 -17.93 43.06
C ASP HD 50 -108.86 -16.71 42.15
N SER HD 51 -107.77 -16.56 41.36
CA SER HD 51 -107.80 -15.57 40.27
C SER HD 51 -108.86 -15.94 39.22
N MET HD 52 -108.92 -17.22 38.84
CA MET HD 52 -109.98 -17.68 37.93
C MET HD 52 -111.36 -17.51 38.53
N LEU HD 53 -111.50 -17.73 39.84
CA LEU HD 53 -112.79 -17.57 40.50
C LEU HD 53 -113.27 -16.12 40.48
N GLU HD 54 -112.38 -15.19 40.81
CA GLU HD 54 -112.72 -13.76 40.77
C GLU HD 54 -113.05 -13.29 39.36
N MET HD 55 -112.25 -13.70 38.38
CA MET HD 55 -112.47 -13.27 37.00
C MET HD 55 -113.74 -13.88 36.41
N ALA HD 56 -114.05 -15.14 36.75
CA ALA HD 56 -115.30 -15.74 36.31
C ALA HD 56 -116.51 -15.07 36.96
N LYS HD 57 -116.38 -14.67 38.23
CA LYS HD 57 -117.46 -13.93 38.89
C LYS HD 57 -117.72 -12.59 38.20
N VAL HD 58 -116.64 -11.86 37.86
CA VAL HD 58 -116.79 -10.57 37.18
C VAL HD 58 -117.42 -10.74 35.81
N GLU HD 59 -116.99 -11.77 35.05
CA GLU HD 59 -117.54 -11.98 33.72
C GLU HD 59 -119.01 -12.41 33.77
N LYS HD 60 -119.37 -13.24 34.77
CA LYS HD 60 -120.76 -13.65 34.93
C LYS HD 60 -121.65 -12.47 35.31
N VAL HD 61 -121.14 -11.56 36.15
CA VAL HD 61 -121.90 -10.36 36.50
C VAL HD 61 -122.07 -9.44 35.29
N ILE HD 62 -121.02 -9.27 34.49
CA ILE HD 62 -121.08 -8.36 33.34
C ILE HD 62 -122.02 -8.90 32.26
N THR HD 63 -121.87 -10.16 31.88
CA THR HD 63 -122.69 -10.75 30.82
C THR HD 63 -123.53 -11.89 31.34
N PRO HD 64 -124.83 -11.67 31.59
CA PRO HD 64 -125.70 -12.75 32.05
C PRO HD 64 -126.18 -13.61 30.89
N PRO HD 65 -125.94 -14.92 30.94
CA PRO HD 65 -126.43 -15.81 29.89
C PRO HD 65 -127.94 -16.00 29.98
N SER HD 66 -128.54 -16.34 28.84
CA SER HD 66 -129.98 -16.50 28.75
C SER HD 66 -130.43 -17.82 28.14
N LYS HD 67 -129.60 -18.52 27.37
CA LYS HD 67 -129.99 -19.73 26.69
C LYS HD 67 -129.11 -20.89 27.12
N ASP HD 68 -129.71 -22.09 27.12
CA ASP HD 68 -129.03 -23.32 27.49
C ASP HD 68 -129.17 -24.33 26.36
N ASN HD 69 -128.15 -25.18 26.20
CA ASN HD 69 -128.12 -26.13 25.08
C ASN HD 69 -128.94 -27.39 25.31
N THR HD 70 -129.87 -27.39 26.27
CA THR HD 70 -130.81 -28.49 26.42
C THR HD 70 -131.76 -28.56 25.23
N LEU HD 71 -132.11 -27.40 24.67
CA LEU HD 71 -132.95 -27.35 23.47
C LEU HD 71 -132.24 -27.95 22.26
N THR HD 72 -130.96 -27.65 22.09
CA THR HD 72 -130.21 -28.18 20.94
C THR HD 72 -129.84 -29.64 21.13
N ILE HD 73 -129.50 -30.03 22.36
CA ILE HD 73 -129.15 -31.42 22.66
C ILE HD 73 -130.14 -31.94 23.71
N PRO HD 74 -131.27 -32.50 23.30
CA PRO HD 74 -132.19 -33.12 24.25
C PRO HD 74 -131.77 -34.55 24.55
N ASN HD 75 -132.36 -35.09 25.62
CA ASN HD 75 -132.10 -36.48 26.00
C ASN HD 75 -133.22 -37.37 25.50
N ALA HD 76 -132.93 -38.67 25.45
CA ALA HD 76 -133.89 -39.66 24.97
C ALA HD 76 -133.51 -41.00 25.59
N TYR HD 77 -134.28 -42.03 25.24
CA TYR HD 77 -133.93 -43.38 25.63
C TYR HD 77 -132.67 -43.83 24.89
N ASN HD 78 -131.93 -44.75 25.52
CA ASN HD 78 -130.60 -45.26 25.14
C ASN HD 78 -129.55 -44.17 24.92
N LEU HD 79 -129.80 -42.96 25.42
CA LEU HD 79 -128.77 -41.97 25.70
C LEU HD 79 -128.46 -41.92 27.19
N GLN HD 80 -129.05 -42.81 27.98
CA GLN HD 80 -128.87 -42.85 29.42
C GLN HD 80 -127.91 -43.95 29.86
N ALA HD 81 -127.28 -44.65 28.92
CA ALA HD 81 -126.12 -45.47 29.27
C ALA HD 81 -124.98 -44.56 29.67
N ARG HD 82 -124.13 -45.03 30.57
CA ARG HD 82 -123.19 -44.12 31.19
C ARG HD 82 -121.77 -44.42 30.74
N ALA HD 83 -120.87 -43.48 31.01
CA ALA HD 83 -119.50 -43.61 30.56
C ALA HD 83 -118.56 -42.85 31.48
N SER HD 84 -117.36 -43.40 31.65
CA SER HD 84 -116.25 -42.70 32.29
C SER HD 84 -115.15 -42.54 31.25
N VAL HD 85 -114.71 -41.30 31.04
CA VAL HD 85 -113.90 -40.95 29.88
C VAL HD 85 -112.73 -40.07 30.31
N ASP HD 86 -111.56 -40.33 29.70
CA ASP HD 86 -110.36 -39.52 29.84
C ASP HD 86 -109.74 -39.39 28.45
N TRP HD 87 -110.02 -38.28 27.78
CA TRP HD 87 -109.64 -38.08 26.38
C TRP HD 87 -108.93 -36.74 26.24
N SER HD 88 -107.83 -36.72 25.48
CA SER HD 88 -107.01 -35.53 25.30
C SER HD 88 -106.62 -35.36 23.83
N GLY HD 89 -107.60 -35.46 22.94
CA GLY HD 89 -107.34 -35.36 21.52
C GLY HD 89 -108.42 -34.61 20.75
N PRO HD 90 -108.52 -34.87 19.46
CA PRO HD 90 -109.51 -34.17 18.63
C PRO HD 90 -110.95 -34.61 18.94
N ILE HD 91 -111.89 -33.78 18.48
CA ILE HD 91 -113.28 -33.91 18.89
C ILE HD 91 -114.02 -35.00 18.09
N GLU HD 92 -113.60 -35.24 16.84
CA GLU HD 92 -114.41 -36.04 15.92
C GLU HD 92 -114.41 -37.52 16.28
N GLU HD 93 -113.24 -38.07 16.64
CA GLU HD 93 -113.16 -39.49 16.99
C GLU HD 93 -113.92 -39.79 18.27
N LEU HD 94 -113.81 -38.91 19.27
CA LEU HD 94 -114.54 -39.09 20.52
C LEU HD 94 -116.04 -38.98 20.31
N THR HD 95 -116.48 -38.01 19.49
CA THR HD 95 -117.91 -37.87 19.20
C THR HD 95 -118.45 -39.08 18.42
N ALA HD 96 -117.64 -39.61 17.50
CA ALA HD 96 -118.05 -40.81 16.77
C ALA HD 96 -118.14 -42.03 17.67
N ARG HD 97 -117.22 -42.16 18.64
CA ARG HD 97 -117.30 -43.27 19.60
C ARG HD 97 -118.52 -43.15 20.50
N ILE HD 98 -118.84 -41.93 20.95
CA ILE HD 98 -120.04 -41.72 21.77
C ILE HD 98 -121.31 -42.03 20.97
N ALA HD 99 -121.37 -41.60 19.71
CA ALA HD 99 -122.52 -41.89 18.87
C ALA HD 99 -122.66 -43.39 18.57
N LYS HD 100 -121.54 -44.08 18.35
CA LYS HD 100 -121.57 -45.51 18.09
C LYS HD 100 -122.00 -46.29 19.33
N ALA HD 101 -121.58 -45.85 20.52
CA ALA HD 101 -122.05 -46.49 21.74
C ALA HD 101 -123.51 -46.16 22.03
N ALA HD 102 -123.99 -45.00 21.59
CA ALA HD 102 -125.38 -44.62 21.76
C ALA HD 102 -126.27 -45.11 20.61
N HIS HD 103 -125.70 -45.86 19.66
CA HIS HD 103 -126.42 -46.48 18.53
C HIS HD 103 -127.11 -45.44 17.65
N PHE HD 104 -126.44 -44.32 17.44
CA PHE HD 104 -126.94 -43.23 16.61
C PHE HD 104 -126.05 -43.07 15.39
N ARG HD 105 -126.64 -42.61 14.30
CA ARG HD 105 -125.85 -42.26 13.13
C ARG HD 105 -125.06 -41.00 13.39
N PHE HD 106 -123.91 -40.87 12.73
CA PHE HD 106 -123.02 -39.73 12.92
C PHE HD 106 -122.92 -38.95 11.62
N ARG HD 107 -123.11 -37.64 11.71
CA ARG HD 107 -123.08 -36.76 10.55
C ARG HD 107 -122.17 -35.58 10.83
N VAL HD 108 -121.40 -35.17 9.82
CA VAL HD 108 -120.50 -34.03 9.91
C VAL HD 108 -120.89 -33.02 8.83
N LEU HD 109 -121.05 -31.76 9.22
CA LEU HD 109 -121.27 -30.68 8.28
C LEU HD 109 -120.19 -29.62 8.42
N GLY HD 110 -119.83 -29.01 7.30
CA GLY HD 110 -118.73 -28.07 7.26
C GLY HD 110 -117.42 -28.79 7.02
N LYS HD 111 -116.37 -27.99 6.83
CA LYS HD 111 -115.03 -28.51 6.60
C LYS HD 111 -114.19 -28.31 7.84
N SER HD 112 -113.41 -29.34 8.18
CA SER HD 112 -112.53 -29.26 9.34
C SER HD 112 -111.39 -28.28 9.07
N PRO HD 113 -111.03 -27.44 10.04
CA PRO HD 113 -109.95 -26.47 9.81
C PRO HD 113 -108.60 -27.14 9.83
N SER HD 114 -107.60 -26.39 9.32
CA SER HD 114 -106.24 -26.91 9.29
C SER HD 114 -105.63 -26.99 10.68
N VAL HD 115 -105.90 -26.01 11.52
CA VAL HD 115 -105.55 -26.10 12.94
C VAL HD 115 -106.66 -26.90 13.62
N PRO HD 116 -106.35 -28.06 14.19
CA PRO HD 116 -107.42 -28.94 14.70
C PRO HD 116 -108.07 -28.41 15.96
N VAL HD 117 -109.32 -28.78 16.14
CA VAL HD 117 -110.09 -28.43 17.34
C VAL HD 117 -109.75 -29.47 18.40
N LEU HD 118 -109.13 -29.03 19.48
CA LEU HD 118 -108.65 -29.91 20.54
C LEU HD 118 -109.50 -29.75 21.80
N ILE HD 119 -109.86 -30.88 22.40
CA ILE HD 119 -110.63 -30.89 23.64
C ILE HD 119 -109.90 -31.76 24.65
N SER HD 120 -110.27 -31.58 25.92
CA SER HD 120 -109.70 -32.35 27.02
C SER HD 120 -110.81 -32.64 28.02
N ILE HD 121 -111.24 -33.90 28.08
CA ILE HD 121 -112.38 -34.31 28.89
C ILE HD 121 -111.90 -35.37 29.88
N SER HD 122 -112.21 -35.16 31.17
CA SER HD 122 -111.86 -36.13 32.22
C SER HD 122 -113.01 -36.19 33.21
N THR HD 123 -113.94 -37.13 32.97
CA THR HD 123 -115.12 -37.29 33.82
C THR HD 123 -115.14 -38.68 34.44
N LYS HD 124 -116.21 -38.95 35.18
CA LYS HD 124 -116.38 -40.24 35.84
C LYS HD 124 -117.88 -40.46 36.09
N ASP HD 125 -118.45 -41.44 35.39
CA ASP HD 125 -119.81 -41.96 35.61
C ASP HD 125 -120.88 -40.87 35.45
N GLU HD 126 -120.97 -40.38 34.22
CA GLU HD 126 -122.04 -39.44 33.85
C GLU HD 126 -122.60 -39.83 32.50
N SER HD 127 -123.81 -39.35 32.22
CA SER HD 127 -124.57 -39.79 31.06
C SER HD 127 -123.99 -39.22 29.76
N LEU HD 128 -124.34 -39.88 28.66
CA LEU HD 128 -123.83 -39.50 27.34
C LEU HD 128 -124.35 -38.14 26.89
N ALA HD 129 -125.59 -37.80 27.28
CA ALA HD 129 -126.11 -36.46 26.98
C ALA HD 129 -125.32 -35.38 27.71
N GLU HD 130 -124.94 -35.64 28.96
CA GLU HD 130 -124.11 -34.69 29.70
C GLU HD 130 -122.71 -34.60 29.12
N ILE HD 131 -122.17 -35.73 28.66
CA ILE HD 131 -120.85 -35.72 27.99
C ILE HD 131 -120.91 -34.89 26.71
N LEU HD 132 -121.96 -35.07 25.91
CA LEU HD 132 -122.11 -34.31 24.67
C LEU HD 132 -122.32 -32.83 24.94
N ARG HD 133 -123.04 -32.49 26.02
CA ARG HD 133 -123.21 -31.09 26.38
C ARG HD 133 -121.90 -30.45 26.84
N ASP HD 134 -121.09 -31.20 27.59
CA ASP HD 134 -119.79 -30.68 28.02
C ASP HD 134 -118.83 -30.51 26.84
N ILE HD 135 -118.86 -31.45 25.88
CA ILE HD 135 -118.05 -31.33 24.67
C ILE HD 135 -118.50 -30.13 23.84
N ASP HD 136 -119.81 -29.93 23.72
CA ASP HD 136 -120.35 -28.79 22.99
C ASP HD 136 -119.98 -27.46 23.66
N TYR HD 137 -119.97 -27.42 24.99
CA TYR HD 137 -119.58 -26.21 25.70
C TYR HD 137 -118.08 -25.94 25.55
N GLN HD 138 -117.26 -26.97 25.61
CA GLN HD 138 -115.82 -26.78 25.47
C GLN HD 138 -115.40 -26.50 24.02
N ALA HD 139 -116.23 -26.87 23.05
CA ALA HD 139 -115.92 -26.55 21.65
C ALA HD 139 -115.98 -25.05 21.41
N GLY HD 140 -116.94 -24.36 22.01
CA GLY HD 140 -117.01 -22.91 21.93
C GLY HD 140 -117.46 -22.37 20.59
N LYS HD 141 -116.62 -21.54 19.98
CA LYS HD 141 -116.95 -20.86 18.74
C LYS HD 141 -116.50 -21.61 17.49
N LYS HD 142 -115.96 -22.82 17.65
CA LYS HD 142 -115.39 -23.56 16.53
C LYS HD 142 -116.30 -24.66 16.00
N ALA HD 143 -117.05 -25.32 16.88
CA ALA HD 143 -117.89 -26.43 16.46
C ALA HD 143 -119.14 -26.48 17.32
N SER HD 144 -120.16 -27.17 16.81
CA SER HD 144 -121.42 -27.31 17.50
C SER HD 144 -121.94 -28.73 17.35
N ILE HD 145 -122.69 -29.18 18.36
CA ILE HD 145 -123.25 -30.53 18.43
C ILE HD 145 -124.76 -30.42 18.49
N HIS HD 146 -125.44 -31.18 17.63
CA HIS HD 146 -126.89 -31.27 17.62
C HIS HD 146 -127.31 -32.74 17.69
N VAL HD 147 -128.45 -33.00 18.31
CA VAL HD 147 -128.96 -34.35 18.47
C VAL HD 147 -130.42 -34.35 18.01
N TYR HD 148 -130.74 -35.23 17.05
CA TYR HD 148 -132.11 -35.44 16.62
C TYR HD 148 -132.54 -36.84 17.02
N PRO HD 149 -133.42 -36.99 18.03
CA PRO HD 149 -133.80 -38.33 18.49
C PRO HD 149 -134.81 -39.03 17.61
N ASN HD 150 -135.56 -38.29 16.78
CA ASN HD 150 -136.51 -38.93 15.89
C ASN HD 150 -135.81 -39.67 14.76
N SER HD 151 -134.73 -39.08 14.23
CA SER HD 151 -133.92 -39.75 13.22
C SER HD 151 -132.73 -40.49 13.80
N GLN HD 152 -132.49 -40.35 15.12
CA GLN HD 152 -131.36 -40.94 15.85
C GLN HD 152 -130.03 -40.52 15.22
N VAL HD 153 -129.82 -39.21 15.15
CA VAL HD 153 -128.69 -38.63 14.43
C VAL HD 153 -127.94 -37.68 15.37
N VAL HD 154 -126.63 -37.87 15.49
CA VAL HD 154 -125.75 -36.92 16.16
C VAL HD 154 -124.97 -36.18 15.08
N GLU HD 155 -125.08 -34.86 15.08
CA GLU HD 155 -124.51 -34.01 14.05
C GLU HD 155 -123.45 -33.10 14.67
N LEU HD 156 -122.28 -33.07 14.04
CA LEU HD 156 -121.20 -32.16 14.39
C LEU HD 156 -121.01 -31.20 13.23
N ARG HD 157 -121.15 -29.90 13.50
CA ARG HD 157 -121.01 -28.89 12.46
C ARG HD 157 -119.88 -27.94 12.80
N TYR HD 158 -119.08 -27.61 11.80
CA TYR HD 158 -117.98 -26.68 12.00
C TYR HD 158 -118.43 -25.25 11.74
N ALA HD 159 -117.68 -24.30 12.29
CA ALA HD 159 -118.05 -22.89 12.20
C ALA HD 159 -117.72 -22.33 10.81
N LYS HD 160 -118.51 -21.34 10.40
CA LYS HD 160 -118.29 -20.64 9.13
C LYS HD 160 -117.27 -19.53 9.36
N ILE HD 161 -116.01 -19.95 9.52
CA ILE HD 161 -114.89 -19.07 9.79
C ILE HD 161 -113.77 -19.44 8.82
N TYR HD 162 -112.75 -18.58 8.75
CA TYR HD 162 -111.66 -18.60 7.77
C TYR HD 162 -112.20 -18.56 6.34
N GLY ID 271 -89.39 20.12 34.98
CA GLY ID 271 -89.45 18.78 34.44
C GLY ID 271 -90.25 17.82 35.31
N ILE ID 272 -91.09 17.01 34.68
CA ILE ID 272 -91.88 16.03 35.42
C ILE ID 272 -90.98 14.89 35.88
N PRO ID 273 -91.03 14.49 37.15
CA PRO ID 273 -90.22 13.35 37.62
C PRO ID 273 -90.71 12.05 37.01
N PRO ID 274 -89.83 11.04 36.92
CA PRO ID 274 -90.26 9.75 36.36
C PRO ID 274 -91.28 9.06 37.26
N SER ID 275 -92.13 8.24 36.63
CA SER ID 275 -93.26 7.64 37.32
C SER ID 275 -92.80 6.54 38.26
N ALA ID 276 -92.13 5.53 37.72
CA ALA ID 276 -91.66 4.38 38.51
C ALA ID 276 -90.57 3.67 37.72
N ASN ID 277 -90.20 2.49 38.20
CA ASN ID 277 -89.37 1.55 37.45
C ASN ID 277 -90.23 0.35 37.07
N ASP ID 278 -90.19 -0.03 35.80
CA ASP ID 278 -91.05 -1.08 35.29
C ASP ID 278 -90.58 -2.49 35.66
N LEU ID 279 -89.38 -2.62 36.25
CA LEU ID 279 -88.92 -3.92 36.72
C LEU ID 279 -89.66 -4.39 37.96
N LEU ID 280 -90.30 -3.47 38.70
CA LEU ID 280 -90.99 -3.82 39.92
C LEU ID 280 -92.22 -4.68 39.67
N LEU ID 281 -92.81 -4.62 38.47
CA LEU ID 281 -93.90 -5.53 38.13
C LEU ID 281 -93.41 -6.98 38.03
N HIS ID 282 -92.24 -7.17 37.41
CA HIS ID 282 -91.64 -8.50 37.36
C HIS ID 282 -91.16 -8.96 38.73
N VAL ID 283 -90.68 -8.03 39.56
CA VAL ID 283 -90.31 -8.36 40.94
C VAL ID 283 -91.54 -8.78 41.74
N LEU ID 284 -92.68 -8.11 41.50
CA LEU ID 284 -93.93 -8.48 42.14
C LEU ID 284 -94.40 -9.86 41.70
N GLU ID 285 -94.26 -10.17 40.41
CA GLU ID 285 -94.63 -11.50 39.92
C GLU ID 285 -93.65 -12.57 40.36
N GLY ID 286 -92.42 -12.20 40.72
CA GLY ID 286 -91.42 -13.14 41.16
C GLY ID 286 -90.33 -13.44 40.14
N VAL ID 287 -90.48 -12.97 38.91
CA VAL ID 287 -89.48 -13.19 37.88
C VAL ID 287 -88.32 -12.23 38.11
N PRO ID 288 -87.07 -12.73 38.16
CA PRO ID 288 -85.93 -11.83 38.33
C PRO ID 288 -85.72 -10.97 37.10
N PRO ID 289 -85.15 -9.76 37.25
CA PRO ID 289 -84.82 -8.96 36.08
C PRO ID 289 -83.71 -9.59 35.28
N PRO ID 290 -83.68 -9.41 33.95
CA PRO ID 290 -82.65 -10.05 33.14
C PRO ID 290 -81.28 -9.42 33.35
N GLY ID 291 -80.26 -10.27 33.39
CA GLY ID 291 -78.90 -9.83 33.63
C GLY ID 291 -78.51 -9.71 35.09
N SER ID 292 -79.44 -9.95 36.00
CA SER ID 292 -79.17 -9.82 37.43
C SER ID 292 -78.58 -11.11 37.99
N ARG ID 293 -78.12 -11.03 39.25
CA ARG ID 293 -77.62 -12.19 39.97
C ARG ID 293 -78.35 -12.31 41.29
N ARG ID 294 -78.42 -13.54 41.80
CA ARG ID 294 -79.19 -13.81 43.00
C ARG ID 294 -78.40 -13.47 44.25
N LEU ID 295 -79.13 -13.11 45.30
CA LEU ID 295 -78.57 -12.90 46.63
C LEU ID 295 -79.23 -13.86 47.61
N VAL ID 296 -78.50 -14.19 48.66
CA VAL ID 296 -78.97 -15.14 49.68
C VAL ID 296 -79.50 -14.35 50.86
N VAL ID 297 -80.76 -14.61 51.22
CA VAL ID 297 -81.42 -13.92 52.32
C VAL ID 297 -81.76 -14.94 53.40
N SER ID 298 -81.35 -14.65 54.63
CA SER ID 298 -81.57 -15.54 55.76
C SER ID 298 -82.33 -14.82 56.86
N GLY ID 299 -83.13 -15.57 57.61
CA GLY ID 299 -83.85 -15.04 58.74
C GLY ID 299 -85.31 -14.74 58.50
N GLY ID 300 -85.79 -14.87 57.27
CA GLY ID 300 -87.19 -14.57 56.98
C GLY ID 300 -87.53 -14.92 55.55
N ASP ID 301 -88.80 -14.72 55.22
CA ASP ID 301 -89.34 -15.05 53.90
C ASP ID 301 -89.19 -13.84 52.99
N ALA ID 302 -88.09 -13.79 52.25
CA ALA ID 302 -87.82 -12.70 51.32
C ALA ID 302 -86.89 -13.19 50.23
N ARG ID 303 -86.98 -12.56 49.05
CA ARG ID 303 -86.06 -12.81 47.95
C ARG ID 303 -85.45 -11.50 47.50
N ALA ID 304 -84.20 -11.56 47.04
CA ALA ID 304 -83.48 -10.36 46.65
C ALA ID 304 -82.66 -10.62 45.39
N TRP ID 305 -82.56 -9.60 44.55
CA TRP ID 305 -81.73 -9.66 43.35
C TRP ID 305 -80.93 -8.37 43.22
N LEU ID 306 -79.80 -8.47 42.53
CA LEU ID 306 -78.92 -7.33 42.27
C LEU ID 306 -78.67 -7.22 40.77
N SER ID 307 -79.07 -6.10 40.18
CA SER ID 307 -78.98 -5.92 38.73
C SER ID 307 -78.01 -4.82 38.33
N ASN ID 308 -78.17 -3.61 38.84
CA ASN ID 308 -77.40 -2.43 38.42
C ASN ID 308 -76.86 -1.70 39.64
N GLU ID 309 -76.19 -2.46 40.52
CA GLU ID 309 -75.80 -2.03 41.88
C GLU ID 309 -76.99 -1.50 42.67
N LYS ID 310 -78.14 -2.14 42.49
CA LYS ID 310 -79.35 -1.85 43.27
C LYS ID 310 -79.99 -3.17 43.67
N MET ID 311 -80.59 -3.20 44.86
CA MET ID 311 -81.30 -4.37 45.33
C MET ID 311 -82.78 -4.28 44.97
N TYR ID 312 -83.34 -5.42 44.57
CA TYR ID 312 -84.78 -5.57 44.36
C TYR ID 312 -85.25 -6.67 45.30
N VAL ID 313 -86.18 -6.34 46.17
CA VAL ID 313 -86.61 -7.22 47.26
C VAL ID 313 -88.08 -7.54 47.09
N ARG ID 314 -88.41 -8.82 47.13
CA ARG ID 314 -89.79 -9.29 47.12
C ARG ID 314 -90.09 -9.98 48.43
N THR ID 315 -91.04 -9.43 49.18
CA THR ID 315 -91.44 -9.95 50.49
C THR ID 315 -92.81 -9.37 50.82
N ASN ID 316 -93.39 -9.86 51.91
CA ASN ID 316 -94.61 -9.28 52.47
C ASN ID 316 -94.40 -8.69 53.85
N LEU ID 317 -93.15 -8.47 54.27
CA LEU ID 317 -92.83 -7.80 55.51
C LEU ID 317 -92.78 -6.30 55.27
N THR ID 318 -92.50 -5.54 56.33
CA THR ID 318 -92.40 -4.09 56.28
C THR ID 318 -90.96 -3.69 56.57
N ILE ID 319 -90.30 -3.08 55.59
CA ILE ID 319 -88.90 -2.67 55.74
C ILE ID 319 -88.86 -1.36 56.52
N LEU ID 320 -88.08 -1.32 57.59
CA LEU ID 320 -88.12 -0.20 58.53
C LEU ID 320 -86.90 0.71 58.43
N SER ID 321 -85.69 0.21 58.65
CA SER ID 321 -84.54 1.10 58.78
C SER ID 321 -83.84 1.61 57.50
N PRO ID 322 -83.43 0.76 56.52
CA PRO ID 322 -82.43 1.25 55.56
C PRO ID 322 -82.95 2.22 54.52
N GLY ID 323 -84.25 2.30 54.30
CA GLY ID 323 -84.79 3.26 53.35
C GLY ID 323 -84.74 2.77 51.92
N TRP ID 324 -85.85 2.93 51.20
CA TRP ID 324 -85.97 2.46 49.82
C TRP ID 324 -86.22 3.62 48.88
N LEU ID 325 -85.98 3.39 47.60
CA LEU ID 325 -86.15 4.41 46.57
C LEU ID 325 -87.51 4.35 45.89
N ALA ID 326 -88.02 3.15 45.59
CA ALA ID 326 -89.31 3.03 44.95
C ALA ID 326 -90.06 1.83 45.51
N SER ID 327 -91.38 1.87 45.40
CA SER ID 327 -92.19 0.80 45.98
C SER ID 327 -93.45 0.56 45.17
N MET ID 328 -93.81 -0.72 45.06
CA MET ID 328 -95.07 -1.17 44.48
C MET ID 328 -95.71 -2.23 45.36
N THR ID 329 -97.02 -2.40 45.22
CA THR ID 329 -97.79 -3.34 46.02
C THR ID 329 -98.71 -4.13 45.10
N SER ID 330 -98.81 -5.45 45.33
CA SER ID 330 -99.68 -6.30 44.56
C SER ID 330 -101.07 -6.35 45.19
N ALA ID 331 -101.95 -7.18 44.62
CA ALA ID 331 -103.33 -7.25 45.10
C ALA ID 331 -103.47 -8.05 46.38
N ASP ID 332 -102.58 -9.02 46.61
CA ASP ID 332 -102.67 -9.90 47.77
C ASP ID 332 -101.79 -9.47 48.94
N GLY ID 333 -101.16 -8.31 48.85
CA GLY ID 333 -100.36 -7.80 49.95
C GLY ID 333 -98.87 -8.00 49.85
N THR ID 334 -98.36 -8.35 48.66
CA THR ID 334 -96.93 -8.53 48.47
C THR ID 334 -96.31 -7.20 48.05
N HIS ID 335 -95.18 -6.84 48.65
CA HIS ID 335 -94.50 -5.58 48.39
C HIS ID 335 -93.26 -5.82 47.54
N ALA ID 336 -92.96 -4.87 46.67
CA ALA ID 336 -91.74 -4.87 45.87
C ALA ID 336 -91.02 -3.54 46.09
N TYR ID 337 -89.73 -3.63 46.39
CA TYR ID 337 -88.92 -2.48 46.76
C TYR ID 337 -87.74 -2.30 45.82
N GLU ID 338 -87.39 -1.04 45.55
CA GLU ID 338 -86.15 -0.68 44.89
C GLU ID 338 -85.36 0.20 45.84
N MET ID 339 -84.10 -0.18 46.08
CA MET ID 339 -83.28 0.45 47.11
C MET ID 339 -81.82 0.22 46.80
N GLN ID 340 -80.95 0.89 47.56
CA GLN ID 340 -79.51 0.71 47.45
C GLN ID 340 -79.09 -0.59 48.14
N LYS ID 341 -77.84 -1.00 47.86
CA LYS ID 341 -77.34 -2.24 48.42
C LYS ID 341 -76.94 -2.07 49.89
N SER ID 342 -77.22 -3.10 50.69
CA SER ID 342 -76.93 -3.13 52.12
C SER ID 342 -76.95 -4.56 52.59
N PRO ID 343 -76.07 -4.96 53.51
CA PRO ID 343 -76.06 -6.35 53.99
C PRO ID 343 -77.02 -6.67 55.12
N VAL ID 344 -77.85 -5.72 55.54
CA VAL ID 344 -78.78 -5.94 56.65
C VAL ID 344 -80.09 -5.22 56.34
N LEU ID 345 -81.20 -5.82 56.75
CA LEU ID 345 -82.52 -5.20 56.65
C LEU ID 345 -83.21 -5.29 58.00
N LEU ID 346 -83.95 -4.26 58.36
CA LEU ID 346 -84.72 -4.24 59.59
C LEU ID 346 -86.20 -4.33 59.25
N VAL ID 347 -86.87 -5.36 59.75
CA VAL ID 347 -88.25 -5.63 59.39
C VAL ID 347 -89.11 -5.75 60.64
N SER ID 348 -90.41 -5.55 60.46
CA SER ID 348 -91.41 -5.81 61.47
C SER ID 348 -92.27 -6.98 61.01
N TRP ID 349 -92.37 -8.01 61.86
CA TRP ID 349 -93.01 -9.25 61.43
C TRP ID 349 -94.50 -9.27 61.77
N HIS ID 350 -94.84 -9.20 63.05
CA HIS ID 350 -96.22 -9.11 63.50
C HIS ID 350 -96.32 -8.15 64.68
N GLY ID 351 -95.65 -7.01 64.57
CA GLY ID 351 -95.50 -6.12 65.69
C GLY ID 351 -94.18 -6.27 66.42
N LYS ID 352 -93.28 -7.12 65.94
CA LYS ID 352 -91.99 -7.36 66.55
C LYS ID 352 -90.89 -7.07 65.53
N VAL ID 353 -89.86 -6.38 65.98
CA VAL ID 353 -88.78 -5.91 65.11
C VAL ID 353 -87.66 -6.95 65.09
N MET ID 354 -87.22 -7.34 63.90
CA MET ID 354 -86.13 -8.30 63.74
C MET ID 354 -85.30 -7.88 62.54
N GLN ID 355 -84.25 -8.67 62.25
CA GLN ID 355 -83.29 -8.35 61.21
C GLN ID 355 -83.16 -9.50 60.21
N LEU ID 356 -82.96 -9.13 58.95
CA LEU ID 356 -82.68 -10.07 57.87
C LEU ID 356 -81.26 -9.84 57.37
N LYS ID 357 -80.55 -10.93 57.10
CA LYS ID 357 -79.15 -10.88 56.71
C LYS ID 357 -79.03 -11.22 55.23
N VAL ID 358 -78.29 -10.39 54.49
CA VAL ID 358 -78.16 -10.50 53.04
C VAL ID 358 -76.71 -10.82 52.71
N GLU ID 359 -76.50 -11.89 51.95
CA GLU ID 359 -75.18 -12.32 51.51
C GLU ID 359 -75.06 -12.18 50.00
N GLY ID 360 -73.85 -12.42 49.51
CA GLY ID 360 -73.60 -12.44 48.08
C GLY ID 360 -73.41 -11.09 47.44
N LEU ID 361 -73.26 -10.02 48.22
CA LEU ID 361 -73.06 -8.69 47.67
C LEU ID 361 -71.64 -8.51 47.14
N LYS JD 40 -81.42 -48.91 25.19
CA LYS JD 40 -82.01 -47.87 26.02
C LYS JD 40 -83.53 -47.81 25.81
N LEU JD 41 -83.95 -48.14 24.59
CA LEU JD 41 -85.37 -48.21 24.28
C LEU JD 41 -85.99 -49.42 24.98
N PRO JD 42 -87.28 -49.34 25.34
CA PRO JD 42 -87.95 -50.51 25.91
C PRO JD 42 -88.13 -51.62 24.87
N CYS JD 43 -88.10 -52.86 25.35
CA CYS JD 43 -88.22 -54.03 24.50
C CYS JD 43 -89.62 -54.61 24.47
N ARG JD 44 -90.50 -54.19 25.36
CA ARG JD 44 -91.87 -54.70 25.41
C ARG JD 44 -92.73 -53.68 26.12
N VAL JD 45 -94.04 -53.92 26.11
CA VAL JD 45 -94.96 -53.14 26.93
C VAL JD 45 -94.75 -53.52 28.39
N ASP JD 46 -94.72 -52.52 29.27
CA ASP JD 46 -94.33 -52.75 30.65
C ASP JD 46 -95.42 -53.46 31.46
N GLY JD 47 -94.98 -54.31 32.37
CA GLY JD 47 -95.88 -55.03 33.25
C GLY JD 47 -96.71 -56.11 32.59
N ALA JD 48 -96.28 -56.60 31.43
CA ALA JD 48 -97.05 -57.58 30.68
C ALA JD 48 -96.14 -58.73 30.24
N CYS JD 49 -96.71 -59.94 30.23
CA CYS JD 49 -95.99 -61.12 29.79
C CYS JD 49 -96.97 -62.13 29.22
N ASP JD 50 -96.55 -62.81 28.15
CA ASP JD 50 -97.42 -63.77 27.47
C ASP JD 50 -97.68 -65.00 28.34
N ALA JD 51 -96.66 -65.44 29.08
CA ALA JD 51 -96.83 -66.55 30.02
C ALA JD 51 -97.80 -66.19 31.12
N THR JD 52 -97.73 -64.95 31.62
CA THR JD 52 -98.68 -64.47 32.61
C THR JD 52 -100.09 -64.41 32.04
N ILE JD 53 -100.23 -64.00 30.77
CA ILE JD 53 -101.53 -63.93 30.11
C ILE JD 53 -102.14 -65.33 30.00
N ILE JD 54 -101.35 -66.30 29.55
CA ILE JD 54 -101.83 -67.67 29.40
C ILE JD 54 -102.20 -68.28 30.75
N LYS JD 55 -101.36 -68.05 31.77
CA LYS JD 55 -101.61 -68.59 33.10
C LYS JD 55 -102.88 -68.00 33.72
N MET JD 56 -103.10 -66.69 33.55
CA MET JD 56 -104.29 -66.07 34.13
C MET JD 56 -105.57 -66.45 33.37
N MET JD 57 -105.50 -66.61 32.03
CA MET JD 57 -106.65 -67.13 31.30
C MET JD 57 -106.99 -68.56 31.73
N THR JD 58 -105.97 -69.40 31.91
CA THR JD 58 -106.20 -70.78 32.37
C THR JD 58 -106.78 -70.81 33.78
N ASP JD 59 -106.27 -69.95 34.67
CA ASP JD 59 -106.77 -69.91 36.05
C ASP JD 59 -108.21 -69.40 36.11
N LEU JD 60 -108.55 -68.38 35.30
CA LEU JD 60 -109.93 -67.89 35.28
C LEU JD 60 -110.88 -68.92 34.68
N ASN JD 61 -110.43 -69.66 33.65
CA ASN JD 61 -111.27 -70.70 33.08
C ASN JD 61 -111.46 -71.88 34.02
N LYS JD 62 -110.44 -72.20 34.83
CA LYS JD 62 -110.62 -73.26 35.83
C LYS JD 62 -111.50 -72.80 36.99
N LYS JD 63 -111.43 -71.53 37.39
CA LYS JD 63 -112.33 -71.04 38.44
C LYS JD 63 -113.77 -70.96 37.97
N GLY JD 64 -113.99 -70.60 36.71
CA GLY JD 64 -115.34 -70.60 36.18
C GLY JD 64 -115.73 -69.32 35.47
N ILE JD 65 -114.85 -68.33 35.48
CA ILE JD 65 -115.08 -67.08 34.75
C ILE JD 65 -114.70 -67.32 33.30
N LYS JD 66 -115.62 -67.05 32.38
CA LYS JD 66 -115.41 -67.43 30.99
C LYS JD 66 -114.59 -66.36 30.28
N VAL JD 67 -113.45 -66.76 29.73
CA VAL JD 67 -112.59 -65.86 28.96
C VAL JD 67 -112.54 -66.39 27.53
N ALA JD 68 -112.93 -65.54 26.58
CA ALA JD 68 -112.98 -65.93 25.17
C ALA JD 68 -112.29 -64.88 24.33
N SER JD 69 -111.65 -65.35 23.26
CA SER JD 69 -110.90 -64.48 22.34
C SER JD 69 -111.12 -64.97 20.92
N VAL JD 70 -111.73 -64.13 20.09
CA VAL JD 70 -111.93 -64.40 18.67
C VAL JD 70 -111.35 -63.24 17.88
N GLY JD 71 -110.32 -63.50 17.09
CA GLY JD 71 -109.64 -62.45 16.36
C GLY JD 71 -108.83 -61.55 17.27
N GLN JD 72 -109.29 -60.32 17.46
CA GLN JD 72 -108.70 -59.40 18.43
C GLN JD 72 -109.69 -58.92 19.47
N ASN JD 73 -110.89 -59.51 19.51
CA ASN JD 73 -111.90 -59.15 20.49
C ASN JD 73 -111.83 -60.11 21.68
N TYR JD 74 -111.95 -59.57 22.88
CA TYR JD 74 -111.87 -60.33 24.11
C TYR JD 74 -113.14 -60.13 24.93
N LEU JD 75 -113.64 -61.24 25.48
CA LEU JD 75 -114.87 -61.27 26.26
C LEU JD 75 -114.61 -61.95 27.59
N ILE JD 76 -115.05 -61.33 28.68
CA ILE JD 76 -115.02 -61.92 30.02
C ILE JD 76 -116.46 -61.98 30.51
N SER JD 77 -116.92 -63.18 30.84
CA SER JD 77 -118.28 -63.42 31.31
C SER JD 77 -118.24 -63.90 32.75
N ILE JD 78 -118.94 -63.18 33.63
CA ILE JD 78 -118.95 -63.47 35.06
C ILE JD 78 -120.40 -63.74 35.48
N PRO JD 79 -120.66 -64.83 36.21
CA PRO JD 79 -122.01 -65.01 36.79
C PRO JD 79 -122.27 -64.00 37.90
N ALA JD 80 -123.53 -63.60 38.03
CA ALA JD 80 -123.91 -62.60 39.02
C ALA JD 80 -123.88 -63.13 40.45
N SER JD 81 -123.96 -64.45 40.62
CA SER JD 81 -123.95 -65.02 41.96
C SER JD 81 -122.58 -64.93 42.61
N ALA JD 82 -121.52 -64.90 41.80
CA ALA JD 82 -120.16 -64.78 42.33
C ALA JD 82 -119.78 -63.34 42.67
N LEU JD 83 -120.63 -62.37 42.35
CA LEU JD 83 -120.35 -60.97 42.61
C LEU JD 83 -121.34 -60.33 43.57
N PHE JD 84 -122.64 -60.49 43.33
CA PHE JD 84 -123.67 -59.76 44.05
C PHE JD 84 -124.46 -60.70 44.95
N ALA JD 85 -125.36 -60.11 45.73
CA ALA JD 85 -126.24 -60.85 46.63
C ALA JD 85 -127.50 -61.26 45.87
N ASP JD 86 -128.54 -61.67 46.58
CA ASP JD 86 -129.77 -62.14 45.94
C ASP JD 86 -130.57 -60.98 45.36
N GLN JD 87 -130.30 -60.67 44.09
CA GLN JD 87 -131.02 -59.67 43.28
C GLN JD 87 -130.96 -58.28 43.90
N SER JD 88 -129.81 -57.92 44.45
CA SER JD 88 -129.56 -56.60 44.99
C SER JD 88 -128.24 -56.08 44.44
N PRO JD 89 -128.10 -54.75 44.25
CA PRO JD 89 -126.84 -54.17 43.74
C PRO JD 89 -125.79 -53.91 44.83
N ARG JD 90 -125.58 -54.90 45.69
CA ARG JD 90 -124.61 -54.82 46.77
C ARG JD 90 -123.56 -55.90 46.57
N LEU JD 91 -122.30 -55.49 46.47
CA LEU JD 91 -121.21 -56.44 46.33
C LEU JD 91 -120.93 -57.16 47.64
N ASN JD 92 -120.58 -58.43 47.54
CA ASN JD 92 -120.04 -59.15 48.69
C ASN JD 92 -118.62 -58.69 48.96
N TRP JD 93 -118.16 -58.93 50.20
CA TRP JD 93 -116.82 -58.52 50.57
C TRP JD 93 -115.76 -59.44 49.98
N ALA JD 94 -116.12 -60.69 49.67
CA ALA JD 94 -115.17 -61.66 49.14
C ALA JD 94 -114.99 -61.58 47.64
N SER JD 95 -115.85 -60.84 46.93
CA SER JD 95 -115.75 -60.73 45.48
C SER JD 95 -114.69 -59.72 45.04
N TYR JD 96 -114.11 -58.96 45.98
CA TYR JD 96 -113.10 -57.99 45.62
C TYR JD 96 -111.79 -58.67 45.21
N SER JD 97 -111.53 -59.88 45.70
CA SER JD 97 -110.37 -60.64 45.23
C SER JD 97 -110.54 -61.05 43.77
N LEU JD 98 -111.74 -61.48 43.39
CA LEU JD 98 -112.02 -61.79 42.00
C LEU JD 98 -111.94 -60.55 41.12
N LEU JD 99 -112.43 -59.41 41.63
CA LEU JD 99 -112.33 -58.16 40.88
C LEU JD 99 -110.88 -57.71 40.73
N ASN JD 100 -110.05 -57.96 41.75
CA ASN JD 100 -108.62 -57.68 41.66
C ASN JD 100 -107.93 -58.56 40.65
N GLU JD 101 -108.33 -59.84 40.57
CA GLU JD 101 -107.79 -60.74 39.56
C GLU JD 101 -108.19 -60.31 38.14
N ILE JD 102 -109.44 -59.85 37.99
CA ILE JD 102 -109.91 -59.37 36.69
C ILE JD 102 -109.17 -58.09 36.28
N ALA JD 103 -108.92 -57.20 37.24
CA ALA JD 103 -108.15 -55.98 36.96
C ALA JD 103 -106.69 -56.30 36.61
N ALA JD 104 -106.10 -57.27 37.31
CA ALA JD 104 -104.72 -57.69 37.00
C ALA JD 104 -104.65 -58.36 35.63
N PHE JD 105 -105.71 -59.05 35.20
CA PHE JD 105 -105.76 -59.53 33.83
C PHE JD 105 -105.91 -58.39 32.83
N LEU JD 106 -106.71 -57.39 33.16
CA LEU JD 106 -106.98 -56.28 32.24
C LEU JD 106 -105.79 -55.35 32.08
N LYS JD 107 -104.88 -55.29 33.06
CA LYS JD 107 -103.70 -54.44 32.93
C LYS JD 107 -102.67 -54.97 31.93
N GLN JD 108 -102.83 -56.19 31.42
CA GLN JD 108 -101.83 -56.79 30.54
C GLN JD 108 -101.97 -56.39 29.08
N PHE JD 109 -103.02 -55.64 28.73
CA PHE JD 109 -103.26 -55.29 27.33
C PHE JD 109 -103.26 -53.78 27.16
N ARG JD 110 -103.29 -53.35 25.90
CA ARG JD 110 -103.42 -51.95 25.53
C ARG JD 110 -104.74 -51.78 24.78
N LYS JD 111 -105.52 -50.77 25.18
CA LYS JD 111 -106.90 -50.69 24.74
C LYS JD 111 -107.39 -49.25 24.86
N ILE JD 112 -108.50 -48.98 24.19
CA ILE JD 112 -109.09 -47.64 24.13
C ILE JD 112 -110.43 -47.60 24.86
N ALA JD 113 -111.32 -48.56 24.57
CA ALA JD 113 -112.65 -48.58 25.14
C ALA JD 113 -112.97 -49.95 25.70
N ILE JD 114 -113.67 -49.95 26.83
CA ILE JD 114 -114.18 -51.16 27.48
C ILE JD 114 -115.69 -51.03 27.55
N THR JD 115 -116.41 -52.12 27.32
CA THR JD 115 -117.86 -52.14 27.45
C THR JD 115 -118.25 -53.12 28.56
N VAL JD 116 -119.07 -52.64 29.49
CA VAL JD 116 -119.59 -53.46 30.59
C VAL JD 116 -121.11 -53.49 30.45
N THR JD 117 -121.65 -54.71 30.31
CA THR JD 117 -123.08 -54.90 30.11
C THR JD 117 -123.61 -55.88 31.14
N SER JD 118 -124.79 -55.60 31.68
CA SER JD 118 -125.38 -56.45 32.70
C SER JD 118 -126.68 -57.06 32.21
N TYR JD 119 -126.93 -58.32 32.58
CA TYR JD 119 -128.16 -59.04 32.26
C TYR JD 119 -128.66 -59.76 33.50
N SER JD 120 -129.97 -59.78 33.68
CA SER JD 120 -130.59 -60.40 34.86
C SER JD 120 -131.78 -61.24 34.40
N SER JD 121 -132.59 -61.67 35.37
CA SER JD 121 -133.73 -62.55 35.14
C SER JD 121 -135.04 -61.80 35.46
N LYS JD 122 -136.15 -62.55 35.43
CA LYS JD 122 -137.48 -61.98 35.60
C LYS JD 122 -137.88 -62.07 37.07
N TYR JD 123 -138.01 -60.92 37.74
CA TYR JD 123 -138.40 -60.90 39.15
C TYR JD 123 -139.73 -60.20 39.38
N VAL JD 124 -139.84 -58.91 39.05
CA VAL JD 124 -141.05 -58.14 39.34
C VAL JD 124 -141.52 -57.42 38.09
N SER JD 125 -140.65 -56.58 37.53
CA SER JD 125 -141.01 -55.74 36.40
C SER JD 125 -139.75 -55.31 35.67
N VAL JD 126 -139.94 -54.92 34.40
CA VAL JD 126 -138.83 -54.62 33.51
C VAL JD 126 -138.08 -53.36 33.93
N LYS JD 127 -138.78 -52.39 34.53
CA LYS JD 127 -138.12 -51.19 35.05
C LYS JD 127 -137.19 -51.55 36.21
N ARG JD 128 -137.63 -52.44 37.09
CA ARG JD 128 -136.81 -52.90 38.20
C ARG JD 128 -135.63 -53.71 37.71
N GLU JD 129 -135.84 -54.52 36.66
CA GLU JD 129 -134.75 -55.26 36.01
C GLU JD 129 -133.68 -54.33 35.45
N ARG JD 130 -134.12 -53.31 34.70
CA ARG JD 130 -133.20 -52.38 34.06
C ARG JD 130 -132.44 -51.54 35.09
N ALA JD 131 -133.13 -51.09 36.14
CA ALA JD 131 -132.48 -50.33 37.20
C ALA JD 131 -131.45 -51.18 37.95
N LEU JD 132 -131.79 -52.45 38.23
CA LEU JD 132 -130.86 -53.36 38.90
C LEU JD 132 -129.62 -53.61 38.05
N THR JD 133 -129.80 -53.85 36.75
CA THR JD 133 -128.66 -54.13 35.88
C THR JD 133 -127.78 -52.90 35.69
N LEU JD 134 -128.39 -51.72 35.58
CA LEU JD 134 -127.61 -50.49 35.47
C LEU JD 134 -126.82 -50.21 36.74
N ALA JD 135 -127.43 -50.43 37.91
CA ALA JD 135 -126.71 -50.23 39.17
C ALA JD 135 -125.55 -51.22 39.33
N ARG JD 136 -125.76 -52.47 38.94
CA ARG JD 136 -124.70 -53.48 39.00
C ARG JD 136 -123.53 -53.13 38.08
N SER JD 137 -123.84 -52.70 36.85
CA SER JD 137 -122.78 -52.31 35.91
C SER JD 137 -122.04 -51.06 36.40
N ARG JD 138 -122.76 -50.12 37.00
CA ARG JD 138 -122.14 -48.91 37.55
C ARG JD 138 -121.17 -49.24 38.68
N VAL JD 139 -121.56 -50.14 39.58
CA VAL JD 139 -120.70 -50.51 40.71
C VAL JD 139 -119.45 -51.25 40.23
N VAL JD 140 -119.64 -52.20 39.29
CA VAL JD 140 -118.51 -52.99 38.77
C VAL JD 140 -117.52 -52.09 38.02
N SER JD 141 -118.03 -51.19 37.18
CA SER JD 141 -117.15 -50.30 36.45
C SER JD 141 -116.53 -49.23 37.34
N GLU JD 142 -117.21 -48.84 38.42
CA GLU JD 142 -116.60 -47.91 39.37
C GLU JD 142 -115.39 -48.54 40.07
N TYR JD 143 -115.50 -49.80 40.48
CA TYR JD 143 -114.34 -50.44 41.10
C TYR JD 143 -113.24 -50.70 40.08
N LEU JD 144 -113.61 -51.03 38.83
CA LEU JD 144 -112.60 -51.27 37.79
C LEU JD 144 -111.87 -49.98 37.42
N TRP JD 145 -112.59 -48.86 37.37
CA TRP JD 145 -111.95 -47.57 37.09
C TRP JD 145 -111.14 -47.08 38.28
N SER JD 146 -111.56 -47.41 39.50
CA SER JD 146 -110.75 -47.10 40.68
C SER JD 146 -109.43 -47.86 40.65
N GLN JD 147 -109.46 -49.12 40.23
CA GLN JD 147 -108.22 -49.83 39.95
C GLN JD 147 -107.57 -49.29 38.67
N GLY JD 148 -106.29 -49.59 38.51
CA GLY JD 148 -105.50 -48.93 37.49
C GLY JD 148 -105.48 -49.55 36.11
N VAL JD 149 -106.64 -49.63 35.46
CA VAL JD 149 -106.66 -50.05 34.06
C VAL JD 149 -106.40 -48.84 33.17
N ASP JD 150 -105.56 -49.03 32.16
CA ASP JD 150 -105.15 -47.92 31.29
C ASP JD 150 -106.00 -47.90 30.02
N SER JD 151 -107.25 -47.51 30.20
CA SER JD 151 -108.20 -47.37 29.12
C SER JD 151 -108.70 -45.92 29.07
N ARG JD 152 -109.18 -45.52 27.89
CA ARG JD 152 -109.67 -44.15 27.72
C ARG JD 152 -111.14 -44.02 28.09
N ILE JD 153 -111.99 -44.90 27.57
CA ILE JD 153 -113.43 -44.84 27.81
C ILE JD 153 -113.89 -46.18 28.36
N ILE JD 154 -114.76 -46.13 29.37
CA ILE JD 154 -115.50 -47.30 29.83
C ILE JD 154 -116.99 -46.97 29.73
N PHE JD 155 -117.72 -47.80 28.97
CA PHE JD 155 -119.17 -47.65 28.80
C PHE JD 155 -119.88 -48.67 29.68
N THR JD 156 -121.01 -48.25 30.24
CA THR JD 156 -121.82 -49.09 31.12
C THR JD 156 -123.25 -49.11 30.61
N GLN JD 157 -123.81 -50.32 30.51
CA GLN JD 157 -125.22 -50.49 30.16
C GLN JD 157 -125.79 -51.73 30.85
N GLY JD 158 -127.08 -51.66 31.13
CA GLY JD 158 -127.80 -52.80 31.66
C GLY JD 158 -129.03 -53.12 30.85
N LEU JD 159 -129.07 -54.31 30.24
CA LEU JD 159 -130.11 -54.62 29.27
C LEU JD 159 -131.30 -55.37 29.87
N GLY JD 160 -131.29 -55.63 31.17
CA GLY JD 160 -132.39 -56.35 31.80
C GLY JD 160 -132.38 -57.84 31.48
N SER JD 161 -133.46 -58.33 30.90
CA SER JD 161 -133.58 -59.73 30.49
C SER JD 161 -133.99 -59.83 29.03
N ASP JD 162 -133.48 -58.91 28.20
CA ASP JD 162 -133.89 -58.87 26.79
C ASP JD 162 -133.23 -59.97 25.99
N LYS JD 163 -131.95 -60.26 26.25
CA LYS JD 163 -131.18 -61.21 25.45
C LYS JD 163 -130.67 -62.33 26.35
N PRO JD 164 -131.40 -63.44 26.45
CA PRO JD 164 -130.87 -64.61 27.16
C PRO JD 164 -130.05 -65.51 26.25
N ILE JD 165 -129.11 -66.22 26.87
CA ILE JD 165 -128.23 -67.15 26.14
C ILE JD 165 -128.62 -68.59 26.35
N THR JD 166 -129.61 -68.87 27.20
CA THR JD 166 -129.99 -70.25 27.52
C THR JD 166 -131.49 -70.29 27.74
N SER JD 167 -132.17 -71.24 27.09
CA SER JD 167 -133.62 -71.35 27.20
C SER JD 167 -134.09 -71.93 28.52
N TYR JD 168 -133.18 -72.48 29.33
CA TYR JD 168 -133.51 -73.00 30.65
C TYR JD 168 -133.52 -71.84 31.64
N THR JD 169 -134.72 -71.35 31.97
CA THR JD 169 -134.88 -70.13 32.75
C THR JD 169 -135.59 -70.39 34.07
N LEU JD 170 -135.18 -71.43 34.79
CA LEU JD 170 -135.85 -71.79 36.04
C LEU JD 170 -135.21 -71.16 37.27
N GLY JD 171 -133.92 -70.82 37.22
CA GLY JD 171 -133.24 -70.25 38.36
C GLY JD 171 -133.49 -68.76 38.51
N GLY JD 172 -132.89 -68.21 39.57
CA GLY JD 172 -132.95 -66.79 39.83
C GLY JD 172 -131.65 -66.11 39.43
N ASP JD 173 -130.82 -65.76 40.41
CA ASP JD 173 -129.45 -65.35 40.12
C ASP JD 173 -128.53 -66.54 39.85
N ARG JD 174 -128.97 -67.75 40.17
CA ARG JD 174 -128.21 -68.96 39.86
C ARG JD 174 -128.40 -69.41 38.41
N SER JD 175 -129.29 -68.76 37.67
CA SER JD 175 -129.47 -69.08 36.26
C SER JD 175 -128.23 -68.65 35.46
N PRO JD 176 -127.85 -69.41 34.43
CA PRO JD 176 -126.68 -69.03 33.62
C PRO JD 176 -126.88 -67.76 32.80
N ASN JD 177 -128.11 -67.33 32.56
CA ASN JD 177 -128.37 -66.14 31.77
C ASN JD 177 -128.52 -64.87 32.62
N ALA JD 178 -128.03 -64.89 33.86
CA ALA JD 178 -127.90 -63.70 34.70
C ALA JD 178 -126.41 -63.49 34.93
N ARG JD 179 -125.86 -62.42 34.33
CA ARG JD 179 -124.41 -62.33 34.20
C ARG JD 179 -124.00 -60.88 33.98
N VAL JD 180 -122.69 -60.64 34.05
CA VAL JD 180 -122.08 -59.40 33.59
C VAL JD 180 -121.01 -59.74 32.57
N GLU JD 181 -120.91 -58.91 31.53
CA GLU JD 181 -120.00 -59.14 30.41
C GLU JD 181 -119.10 -57.92 30.23
N ILE JD 182 -117.81 -58.18 30.08
CA ILE JD 182 -116.80 -57.16 29.85
C ILE JD 182 -116.16 -57.46 28.50
N THR JD 183 -116.37 -56.59 27.52
CA THR JD 183 -115.87 -56.78 26.17
C THR JD 183 -114.91 -55.66 25.79
N PHE JD 184 -113.84 -56.01 25.09
CA PHE JD 184 -112.94 -55.01 24.55
C PHE JD 184 -112.22 -55.56 23.31
N ARG JD 185 -111.47 -54.69 22.66
CA ARG JD 185 -110.63 -55.05 21.52
C ARG JD 185 -109.18 -54.68 21.83
N ARG JD 186 -108.27 -55.64 21.62
CA ARG JD 186 -106.85 -55.37 21.77
C ARG JD 186 -106.37 -54.44 20.66
N ALA JD 187 -105.62 -53.41 21.04
CA ALA JD 187 -105.17 -52.39 20.10
C ALA JD 187 -103.69 -52.60 19.79
N VAL JD 188 -103.39 -52.78 18.50
CA VAL JD 188 -102.04 -53.00 17.95
C VAL JD 188 -101.35 -54.20 18.61
N CYS KD 42 -119.03 -65.07 63.35
CA CYS KD 42 -117.83 -64.23 63.27
C CYS KD 42 -118.21 -62.77 63.04
N PHE KD 43 -117.40 -62.07 62.25
CA PHE KD 43 -117.61 -60.66 61.95
C PHE KD 43 -117.63 -60.45 60.45
N HIS KD 44 -118.68 -59.78 59.96
CA HIS KD 44 -118.73 -59.36 58.57
C HIS KD 44 -118.08 -58.00 58.43
N PRO KD 45 -117.05 -57.85 57.60
CA PRO KD 45 -116.34 -56.55 57.46
C PRO KD 45 -117.23 -55.42 56.94
N PRO KD 46 -118.23 -55.66 56.01
CA PRO KD 46 -119.09 -54.47 55.80
C PRO KD 46 -120.17 -54.27 56.86
N TYR KD 47 -119.74 -53.65 57.97
CA TYR KD 47 -120.57 -53.15 59.07
C TYR KD 47 -121.34 -54.22 59.83
N ASN KD 48 -121.01 -55.50 59.63
CA ASN KD 48 -121.60 -56.66 60.32
C ASN KD 48 -123.12 -56.74 60.13
N ASN KD 49 -123.59 -56.30 58.95
CA ASN KD 49 -125.01 -56.24 58.57
C ASN KD 49 -125.84 -55.41 59.55
N PHE KD 50 -125.21 -54.37 60.14
CA PHE KD 50 -125.81 -53.46 61.13
C PHE KD 50 -126.40 -54.21 62.32
N GLN KD 51 -125.66 -55.22 62.79
CA GLN KD 51 -126.04 -56.02 63.93
C GLN KD 51 -125.09 -55.78 65.10
N PRO KD 52 -125.57 -55.90 66.34
CA PRO KD 52 -124.65 -55.81 67.49
C PRO KD 52 -123.74 -57.03 67.54
N ASP KD 53 -122.42 -56.77 67.52
CA ASP KD 53 -121.45 -57.85 67.44
C ASP KD 53 -121.31 -58.55 68.79
N ARG KD 54 -121.33 -59.88 68.77
CA ARG KD 54 -121.14 -60.69 69.96
C ARG KD 54 -119.64 -60.96 70.11
N ARG KD 55 -118.93 -59.95 70.57
CA ARG KD 55 -117.46 -59.99 70.62
C ARG KD 55 -116.94 -60.84 71.77
N ALA KD 56 -117.64 -60.85 72.91
CA ALA KD 56 -117.13 -61.49 74.11
C ALA KD 56 -117.21 -63.01 74.05
N VAL KD 57 -118.28 -63.55 73.46
CA VAL KD 57 -118.52 -64.98 73.51
C VAL KD 57 -117.52 -65.74 72.64
N LYS KD 58 -117.06 -65.14 71.54
CA LYS KD 58 -116.06 -65.78 70.70
C LYS KD 58 -114.72 -65.91 71.43
N ARG KD 59 -114.32 -64.87 72.16
CA ARG KD 59 -113.05 -64.91 72.88
C ARG KD 59 -113.13 -65.85 74.08
N VAL KD 60 -114.24 -65.83 74.82
CA VAL KD 60 -114.36 -66.77 75.94
C VAL KD 60 -114.67 -68.19 75.48
N GLY KD 61 -115.03 -68.39 74.21
CA GLY KD 61 -115.14 -69.73 73.68
C GLY KD 61 -113.85 -70.26 73.09
N VAL KD 62 -112.98 -69.38 72.60
CA VAL KD 62 -111.70 -69.85 72.08
C VAL KD 62 -110.65 -69.98 73.19
N ASP KD 63 -110.79 -69.23 74.28
CA ASP KD 63 -109.81 -69.34 75.37
C ASP KD 63 -110.29 -70.36 76.41
N THR KD 64 -110.48 -71.60 75.96
CA THR KD 64 -110.79 -72.71 76.86
C THR KD 64 -110.02 -73.98 76.55
N GLY KD 65 -109.30 -74.05 75.43
CA GLY KD 65 -108.55 -75.24 75.08
C GLY KD 65 -107.84 -75.11 73.74
N GLY KD 88 -108.79 -70.69 79.74
CA GLY KD 88 -109.50 -70.57 81.00
C GLY KD 88 -110.69 -69.63 80.94
N GLY KD 89 -111.76 -70.00 81.62
CA GLY KD 89 -112.96 -69.17 81.63
C GLY KD 89 -112.76 -67.85 82.37
N THR KD 90 -112.05 -67.89 83.50
CA THR KD 90 -111.76 -66.68 84.26
C THR KD 90 -110.80 -65.77 83.49
N VAL KD 91 -109.82 -66.37 82.81
CA VAL KD 91 -108.88 -65.59 81.99
C VAL KD 91 -109.60 -64.95 80.82
N GLY KD 92 -110.52 -65.68 80.18
CA GLY KD 92 -111.31 -65.10 79.11
C GLY KD 92 -112.25 -64.01 79.58
N LEU KD 93 -112.81 -64.17 80.78
CA LEU KD 93 -113.66 -63.13 81.34
C LEU KD 93 -112.86 -61.87 81.69
N VAL KD 94 -111.65 -62.04 82.21
CA VAL KD 94 -110.78 -60.90 82.50
C VAL KD 94 -110.38 -60.18 81.21
N ALA KD 95 -110.05 -60.95 80.17
CA ALA KD 95 -109.70 -60.35 78.87
C ALA KD 95 -110.90 -59.63 78.25
N SER KD 96 -112.10 -60.21 78.37
CA SER KD 96 -113.31 -59.58 77.86
C SER KD 96 -113.64 -58.29 78.61
N ILE KD 97 -113.51 -58.29 79.94
CA ILE KD 97 -113.84 -57.10 80.70
C ILE KD 97 -112.74 -56.04 80.57
N TYR KD 98 -111.55 -56.43 80.13
CA TYR KD 98 -110.55 -55.42 79.79
C TYR KD 98 -110.83 -54.82 78.42
N ARG KD 99 -111.14 -55.67 77.44
CA ARG KD 99 -111.36 -55.20 76.07
C ARG KD 99 -112.67 -54.43 75.91
N ASP KD 100 -113.65 -54.66 76.78
CA ASP KD 100 -114.91 -53.93 76.70
C ASP KD 100 -114.90 -52.64 77.52
N SER KD 101 -113.76 -52.27 78.10
CA SER KD 101 -113.69 -51.05 78.90
C SER KD 101 -113.71 -49.81 78.01
N LYS KD 102 -114.07 -48.68 78.62
CA LYS KD 102 -114.12 -47.43 77.88
C LYS KD 102 -112.72 -46.90 77.56
N ARG KD 103 -111.78 -47.10 78.49
CA ARG KD 103 -110.42 -46.58 78.30
C ARG KD 103 -109.69 -47.31 77.18
N LYS KD 104 -109.93 -48.62 77.03
CA LYS KD 104 -109.30 -49.35 75.94
C LYS KD 104 -109.92 -48.97 74.59
N ILE KD 105 -111.21 -48.64 74.57
CA ILE KD 105 -111.85 -48.11 73.37
C ILE KD 105 -111.26 -46.75 72.98
N ILE KD 106 -111.03 -45.89 73.98
CA ILE KD 106 -110.42 -44.59 73.75
C ILE KD 106 -108.98 -44.74 73.25
N ARG KD 107 -108.24 -45.71 73.81
CA ARG KD 107 -106.87 -45.95 73.37
C ARG KD 107 -106.83 -46.59 71.98
N ASP KD 108 -107.84 -47.39 71.62
CA ASP KD 108 -107.92 -47.92 70.26
C ASP KD 108 -108.20 -46.80 69.26
N LEU KD 109 -109.12 -45.90 69.60
CA LEU KD 109 -109.36 -44.71 68.76
C LEU KD 109 -108.15 -43.80 68.72
N GLN KD 110 -107.29 -43.86 69.74
CA GLN KD 110 -105.99 -43.20 69.71
C GLN KD 110 -105.03 -43.91 68.75
N LYS KD 111 -105.14 -45.24 68.64
CA LYS KD 111 -104.32 -45.97 67.67
C LYS KD 111 -104.71 -45.64 66.23
N GLN KD 112 -106.01 -45.57 65.94
CA GLN KD 112 -106.37 -44.89 64.69
C GLN KD 112 -106.29 -43.37 64.85
N ASP KD 113 -106.64 -42.65 63.80
CA ASP KD 113 -106.46 -41.20 63.77
C ASP KD 113 -107.72 -40.45 64.18
N ILE KD 114 -108.31 -40.78 65.33
CA ILE KD 114 -109.51 -40.10 65.82
C ILE KD 114 -109.23 -39.54 67.20
N GLN KD 115 -109.50 -38.25 67.39
CA GLN KD 115 -109.15 -37.58 68.63
C GLN KD 115 -110.38 -37.42 69.53
N TYR KD 116 -110.18 -37.61 70.83
CA TYR KD 116 -111.26 -37.47 71.82
C TYR KD 116 -110.87 -36.39 72.81
N VAL KD 117 -111.77 -35.44 73.04
CA VAL KD 117 -111.57 -34.34 73.99
C VAL KD 117 -112.73 -34.35 74.97
N GLU KD 118 -112.42 -34.38 76.26
CA GLU KD 118 -113.41 -34.29 77.32
C GLU KD 118 -113.09 -33.10 78.21
N TYR KD 119 -114.07 -32.21 78.38
CA TYR KD 119 -113.87 -30.99 79.17
C TYR KD 119 -115.21 -30.64 79.82
N GLY KD 120 -115.31 -30.88 81.12
CA GLY KD 120 -116.58 -30.67 81.80
C GLY KD 120 -117.49 -31.84 81.57
N ASP KD 121 -118.75 -31.55 81.20
CA ASP KD 121 -119.71 -32.58 80.85
C ASP KD 121 -120.01 -32.64 79.34
N THR KD 122 -119.07 -32.18 78.51
CA THR KD 122 -119.20 -32.21 77.06
C THR KD 122 -118.06 -33.02 76.48
N ARG KD 123 -118.37 -33.93 75.57
CA ARG KD 123 -117.38 -34.80 74.94
C ARG KD 123 -117.41 -34.58 73.43
N THR KD 124 -116.22 -34.62 72.83
CA THR KD 124 -116.04 -34.27 71.42
C THR KD 124 -115.12 -35.27 70.74
N LEU KD 125 -115.51 -35.71 69.56
CA LEU KD 125 -114.70 -36.56 68.70
C LEU KD 125 -114.34 -35.80 67.42
N ILE KD 126 -113.07 -35.91 67.02
CA ILE KD 126 -112.55 -35.26 65.83
C ILE KD 126 -112.10 -36.35 64.87
N ILE KD 127 -112.67 -36.33 63.66
CA ILE KD 127 -112.47 -37.37 62.64
C ILE KD 127 -111.97 -36.72 61.35
N PRO KD 128 -110.88 -37.21 60.75
CA PRO KD 128 -110.35 -36.58 59.54
C PRO KD 128 -111.05 -37.08 58.28
N THR KD 129 -111.54 -36.14 57.47
CA THR KD 129 -112.23 -36.49 56.23
C THR KD 129 -111.27 -37.05 55.19
N ASP KD 130 -110.00 -36.64 55.23
CA ASP KD 130 -109.00 -37.11 54.28
C ASP KD 130 -108.71 -38.60 54.41
N LYS KD 131 -108.93 -39.19 55.58
CA LYS KD 131 -108.77 -40.62 55.78
C LYS KD 131 -110.08 -41.37 55.92
N TYR KD 132 -111.15 -40.73 56.36
CA TYR KD 132 -112.42 -41.43 56.55
C TYR KD 132 -113.45 -41.11 55.48
N PHE KD 133 -113.07 -40.41 54.42
CA PHE KD 133 -113.95 -40.19 53.28
C PHE KD 133 -113.17 -40.39 51.99
N MET KD 134 -113.90 -40.68 50.92
CA MET KD 134 -113.30 -40.67 49.60
C MET KD 134 -113.03 -39.22 49.17
N PHE KD 135 -112.17 -39.07 48.16
CA PHE KD 135 -111.69 -37.74 47.77
C PHE KD 135 -112.80 -36.94 47.09
N SER KD 136 -113.13 -35.80 47.70
CA SER KD 136 -114.08 -34.80 47.16
C SER KD 136 -115.45 -35.40 46.87
N SER KD 137 -115.96 -36.18 47.82
CA SER KD 137 -117.23 -36.87 47.65
C SER KD 137 -117.81 -37.14 49.03
N PRO KD 138 -119.14 -37.26 49.14
CA PRO KD 138 -119.74 -37.70 50.41
C PRO KD 138 -119.74 -39.21 50.63
N ARG KD 139 -118.97 -39.97 49.88
CA ARG KD 139 -118.91 -41.41 50.05
C ARG KD 139 -118.01 -41.79 51.22
N LEU KD 140 -118.43 -42.76 52.00
CA LEU KD 140 -117.70 -43.20 53.18
C LEU KD 140 -116.67 -44.25 52.79
N ASN KD 141 -115.44 -44.08 53.26
CA ASN KD 141 -114.36 -45.01 52.92
C ASN KD 141 -114.54 -46.30 53.72
N GLU KD 142 -114.81 -47.40 53.00
CA GLU KD 142 -115.15 -48.67 53.64
C GLU KD 142 -113.93 -49.43 54.15
N ILE KD 143 -112.71 -49.01 53.79
CA ILE KD 143 -111.52 -49.65 54.32
C ILE KD 143 -111.31 -49.35 55.79
N CYS KD 144 -111.72 -48.16 56.25
CA CYS KD 144 -111.46 -47.70 57.61
C CYS KD 144 -112.62 -47.99 58.55
N TYR KD 145 -113.30 -49.11 58.35
CA TYR KD 145 -114.43 -49.53 59.19
C TYR KD 145 -114.15 -49.88 60.67
N PRO KD 146 -112.95 -50.33 61.12
CA PRO KD 146 -112.76 -50.46 62.58
C PRO KD 146 -112.87 -49.15 63.35
N GLY KD 147 -112.44 -48.03 62.76
CA GLY KD 147 -112.60 -46.75 63.42
C GLY KD 147 -114.06 -46.35 63.58
N LEU KD 148 -114.88 -46.58 62.55
CA LEU KD 148 -116.31 -46.29 62.63
C LEU KD 148 -117.00 -47.21 63.63
N ASN KD 149 -116.60 -48.48 63.67
CA ASN KD 149 -117.16 -49.41 64.65
C ASN KD 149 -116.78 -49.01 66.08
N ASN KD 150 -115.56 -48.49 66.26
CA ASN KD 150 -115.15 -48.00 67.58
C ASN KD 150 -115.89 -46.72 67.97
N VAL KD 151 -116.22 -45.87 66.99
CA VAL KD 151 -117.06 -44.70 67.28
C VAL KD 151 -118.45 -45.13 67.73
N ILE KD 152 -119.03 -46.14 67.07
CA ILE KD 152 -120.33 -46.68 67.51
C ILE KD 152 -120.23 -47.29 68.90
N ARG KD 153 -119.15 -48.02 69.17
CA ARG KD 153 -118.95 -48.64 70.48
C ARG KD 153 -118.78 -47.61 71.58
N LEU KD 154 -118.09 -46.50 71.30
CA LEU KD 154 -117.94 -45.43 72.28
C LEU KD 154 -119.25 -44.68 72.50
N LEU KD 155 -120.02 -44.45 71.42
CA LEU KD 155 -121.28 -43.73 71.55
C LEU KD 155 -122.37 -44.59 72.17
N ASN KD 156 -122.18 -45.91 72.24
CA ASN KD 156 -123.15 -46.78 72.90
C ASN KD 156 -123.19 -46.58 74.41
N PHE KD 157 -122.16 -45.97 75.01
CA PHE KD 157 -122.09 -45.80 76.45
C PHE KD 157 -122.98 -44.68 76.97
N TYR KD 158 -123.53 -43.83 76.11
CA TYR KD 158 -124.33 -42.68 76.51
C TYR KD 158 -125.67 -42.73 75.80
N PRO KD 159 -126.64 -43.47 76.35
CA PRO KD 159 -127.92 -43.67 75.64
C PRO KD 159 -128.93 -42.55 75.83
N GLN KD 160 -128.59 -41.47 76.54
CA GLN KD 160 -129.56 -40.41 76.80
C GLN KD 160 -129.15 -39.05 76.25
N SER KD 161 -127.93 -38.89 75.75
CA SER KD 161 -127.46 -37.59 75.31
C SER KD 161 -127.88 -37.30 73.88
N THR KD 162 -127.84 -36.02 73.52
CA THR KD 162 -128.11 -35.56 72.16
C THR KD 162 -126.80 -35.43 71.40
N ILE KD 163 -126.86 -35.61 70.08
CA ILE KD 163 -125.70 -35.70 69.22
C ILE KD 163 -125.72 -34.52 68.26
N TYR KD 164 -124.58 -33.82 68.15
CA TYR KD 164 -124.38 -32.81 67.10
C TYR KD 164 -123.19 -33.22 66.26
N VAL KD 165 -123.36 -33.17 64.94
CA VAL KD 165 -122.27 -33.46 64.01
C VAL KD 165 -122.10 -32.28 63.06
N ALA KD 166 -120.86 -31.87 62.85
CA ALA KD 166 -120.52 -30.70 62.06
C ALA KD 166 -119.38 -31.03 61.10
N GLY KD 167 -119.46 -30.50 59.89
CA GLY KD 167 -118.45 -30.72 58.86
C GLY KD 167 -117.68 -29.45 58.59
N PHE KD 168 -116.37 -29.59 58.35
CA PHE KD 168 -115.49 -28.45 58.08
C PHE KD 168 -114.52 -28.79 56.96
N THR KD 169 -114.26 -27.83 56.10
CA THR KD 169 -113.32 -27.96 54.99
C THR KD 169 -112.25 -26.87 55.06
N ASP KD 170 -111.35 -26.87 54.09
CA ASP KD 170 -110.29 -25.88 53.99
C ASP KD 170 -110.75 -24.68 53.14
N ASN KD 171 -109.81 -23.84 52.74
CA ASN KD 171 -110.13 -22.59 52.06
C ASN KD 171 -110.11 -22.69 50.54
N VAL KD 172 -109.87 -23.86 49.98
CA VAL KD 172 -109.76 -24.03 48.53
C VAL KD 172 -111.15 -24.28 47.96
N GLY KD 173 -111.52 -23.49 46.96
CA GLY KD 173 -112.76 -23.66 46.25
C GLY KD 173 -113.68 -22.47 46.42
N SER KD 174 -114.92 -22.64 45.97
CA SER KD 174 -115.94 -21.61 46.10
C SER KD 174 -116.73 -21.82 47.39
N ARG KD 175 -117.43 -20.75 47.81
CA ARG KD 175 -118.13 -20.75 49.09
C ARG KD 175 -119.29 -21.73 49.11
N SER KD 176 -120.09 -21.73 48.04
CA SER KD 176 -121.21 -22.66 47.92
C SER KD 176 -120.72 -24.10 47.78
N HIS KD 177 -119.60 -24.31 47.09
CA HIS KD 177 -119.02 -25.65 46.97
C HIS KD 177 -118.56 -26.18 48.32
N LYS KD 178 -117.90 -25.32 49.12
CA LYS KD 178 -117.45 -25.72 50.45
C LYS KD 178 -118.63 -26.03 51.37
N ARG KD 179 -119.66 -25.18 51.32
CA ARG KD 179 -120.85 -25.38 52.15
C ARG KD 179 -121.59 -26.66 51.77
N LYS KD 180 -121.73 -26.93 50.47
CA LYS KD 180 -122.43 -28.13 50.01
C LYS KD 180 -121.65 -29.40 50.34
N LEU KD 181 -120.32 -29.36 50.19
CA LEU KD 181 -119.50 -30.54 50.51
C LEU KD 181 -119.52 -30.84 52.00
N SER KD 182 -119.41 -29.80 52.85
CA SER KD 182 -119.47 -30.00 54.29
C SER KD 182 -120.85 -30.50 54.73
N GLN KD 183 -121.92 -29.95 54.13
CA GLN KD 183 -123.27 -30.39 54.46
C GLN KD 183 -123.51 -31.83 54.06
N ALA KD 184 -123.02 -32.23 52.87
CA ALA KD 184 -123.18 -33.60 52.41
C ALA KD 184 -122.42 -34.59 53.28
N GLN KD 185 -121.19 -34.24 53.69
CA GLN KD 185 -120.42 -35.12 54.57
C GLN KD 185 -121.06 -35.22 55.95
N ALA KD 186 -121.61 -34.12 56.47
CA ALA KD 186 -122.32 -34.15 57.74
C ALA KD 186 -123.58 -35.00 57.69
N GLU KD 187 -124.34 -34.90 56.58
CA GLU KD 187 -125.51 -35.75 56.40
C GLU KD 187 -125.15 -37.22 56.30
N THR KD 188 -124.04 -37.54 55.62
CA THR KD 188 -123.59 -38.93 55.51
C THR KD 188 -123.19 -39.49 56.87
N MET KD 189 -122.45 -38.71 57.66
CA MET KD 189 -122.05 -39.17 58.99
C MET KD 189 -123.24 -39.30 59.93
N MET KD 190 -124.22 -38.38 59.83
CA MET KD 190 -125.42 -38.46 60.64
C MET KD 190 -126.28 -39.67 60.26
N THR KD 191 -126.34 -39.98 58.97
CA THR KD 191 -127.08 -41.15 58.52
C THR KD 191 -126.41 -42.45 58.98
N PHE KD 192 -125.08 -42.48 58.95
CA PHE KD 192 -124.36 -43.64 59.48
C PHE KD 192 -124.55 -43.80 60.99
N LEU KD 193 -124.65 -42.68 61.71
CA LEU KD 193 -124.98 -42.76 63.14
C LEU KD 193 -126.42 -43.23 63.35
N TRP KD 194 -127.34 -42.80 62.48
CA TRP KD 194 -128.76 -43.15 62.63
C TRP KD 194 -129.01 -44.63 62.33
N ALA KD 195 -128.27 -45.19 61.37
CA ALA KD 195 -128.52 -46.54 60.91
C ALA KD 195 -128.06 -47.61 61.89
N ASN KD 196 -127.32 -47.26 62.94
CA ASN KD 196 -126.80 -48.23 63.90
C ASN KD 196 -127.64 -48.32 65.17
N GLY KD 197 -128.76 -47.62 65.25
CA GLY KD 197 -129.64 -47.75 66.41
C GLY KD 197 -130.03 -46.44 67.07
N ILE KD 198 -129.26 -45.38 66.82
CA ILE KD 198 -129.54 -44.09 67.43
C ILE KD 198 -130.76 -43.47 66.76
N ALA KD 199 -131.70 -42.99 67.58
CA ALA KD 199 -132.95 -42.45 67.08
C ALA KD 199 -132.73 -41.12 66.36
N ALA KD 200 -133.68 -40.79 65.48
CA ALA KD 200 -133.55 -39.61 64.62
C ALA KD 200 -133.78 -38.30 65.37
N LYS KD 201 -134.43 -38.34 66.53
CA LYS KD 201 -134.68 -37.12 67.29
C LYS KD 201 -133.51 -36.70 68.15
N ARG KD 202 -132.45 -37.52 68.23
CA ARG KD 202 -131.25 -37.19 68.98
C ARG KD 202 -130.12 -36.66 68.10
N LEU KD 203 -130.36 -36.49 66.81
CA LEU KD 203 -129.31 -36.16 65.86
C LEU KD 203 -129.61 -34.86 65.15
N LYS KD 204 -128.54 -34.11 64.86
CA LYS KD 204 -128.62 -32.90 64.05
C LYS KD 204 -127.27 -32.69 63.38
N ALA KD 205 -127.30 -32.32 62.10
CA ALA KD 205 -126.09 -32.20 61.30
C ALA KD 205 -125.99 -30.79 60.72
N GLU KD 206 -124.77 -30.28 60.63
CA GLU KD 206 -124.54 -28.96 60.08
C GLU KD 206 -123.17 -28.92 59.42
N GLY KD 207 -123.10 -28.29 58.25
CA GLY KD 207 -121.84 -28.16 57.55
C GLY KD 207 -121.38 -26.72 57.41
N TYR KD 208 -120.32 -26.36 58.13
CA TYR KD 208 -119.72 -25.04 57.99
C TYR KD 208 -118.57 -25.10 56.98
N GLY KD 209 -118.22 -23.94 56.44
CA GLY KD 209 -117.17 -23.92 55.44
C GLY KD 209 -115.80 -23.74 56.08
N ASP KD 210 -115.13 -22.65 55.74
CA ASP KD 210 -113.87 -22.27 56.40
C ASP KD 210 -114.12 -21.18 57.44
N LYS KD 211 -115.24 -21.30 58.15
CA LYS KD 211 -115.72 -20.21 59.01
C LYS KD 211 -114.85 -20.04 60.25
N ASN KD 212 -114.79 -21.07 61.09
CA ASN KD 212 -114.03 -21.03 62.35
C ASN KD 212 -113.00 -22.16 62.42
N ALA KD 213 -111.88 -21.93 61.75
CA ALA KD 213 -110.82 -22.91 61.63
C ALA KD 213 -110.00 -23.01 62.92
N ILE KD 214 -109.24 -24.09 63.04
CA ILE KD 214 -108.41 -24.33 64.21
C ILE KD 214 -106.92 -24.21 63.93
N SER KD 215 -106.53 -24.05 62.67
CA SER KD 215 -105.12 -23.88 62.32
C SER KD 215 -105.02 -22.82 61.23
N ASP KD 216 -103.83 -22.66 60.67
CA ASP KD 216 -103.58 -21.66 59.65
C ASP KD 216 -103.75 -22.27 58.26
N ASN KD 217 -104.51 -21.59 57.41
CA ASN KD 217 -104.79 -22.08 56.07
C ASN KD 217 -103.72 -21.67 55.05
N ALA KD 218 -102.73 -20.89 55.47
CA ALA KD 218 -101.64 -20.49 54.59
C ALA KD 218 -100.48 -21.47 54.59
N ILE KD 219 -100.56 -22.53 55.39
CA ILE KD 219 -99.52 -23.55 55.46
C ILE KD 219 -100.16 -24.91 55.21
N ILE KD 220 -99.32 -25.86 54.78
CA ILE KD 220 -99.82 -27.13 54.23
C ILE KD 220 -100.41 -28.00 55.34
N HIS KD 221 -99.65 -28.21 56.42
CA HIS KD 221 -100.10 -29.08 57.51
C HIS KD 221 -101.25 -28.44 58.28
N GLY KD 222 -101.21 -27.12 58.47
CA GLY KD 222 -102.31 -26.42 59.11
C GLY KD 222 -103.58 -26.44 58.29
N SER KD 223 -103.46 -26.36 56.96
CA SER KD 223 -104.63 -26.48 56.11
C SER KD 223 -105.16 -27.91 56.09
N ALA KD 224 -104.26 -28.90 56.21
CA ALA KD 224 -104.68 -30.29 56.27
C ALA KD 224 -105.41 -30.60 57.58
N GLN KD 225 -105.04 -29.92 58.66
CA GLN KD 225 -105.70 -30.15 59.95
C GLN KD 225 -107.10 -29.55 60.04
N ASN KD 226 -107.54 -28.78 59.04
CA ASN KD 226 -108.81 -28.07 59.14
C ASN KD 226 -110.00 -28.86 58.59
N ARG KD 227 -109.77 -29.79 57.67
CA ARG KD 227 -110.84 -30.57 57.08
C ARG KD 227 -111.21 -31.70 58.04
N ARG KD 228 -112.38 -31.61 58.66
CA ARG KD 228 -112.66 -32.50 59.79
C ARG KD 228 -114.17 -32.66 59.97
N ILE KD 229 -114.52 -33.65 60.78
CA ILE KD 229 -115.88 -33.89 61.27
C ILE KD 229 -115.84 -33.85 62.79
N GLU KD 230 -116.72 -33.02 63.38
CA GLU KD 230 -116.80 -32.83 64.82
C GLU KD 230 -118.08 -33.47 65.34
N ILE KD 231 -117.96 -34.34 66.34
CA ILE KD 231 -119.10 -34.98 66.97
C ILE KD 231 -119.13 -34.57 68.44
N GLN KD 232 -120.15 -33.83 68.84
CA GLN KD 232 -120.29 -33.35 70.21
C GLN KD 232 -121.50 -33.98 70.87
N TRP KD 233 -121.34 -34.34 72.15
CA TRP KD 233 -122.49 -34.77 72.95
C TRP KD 233 -122.28 -34.37 74.39
N PHE KD 234 -123.37 -34.38 75.15
CA PHE KD 234 -123.36 -33.94 76.54
C PHE KD 234 -123.09 -35.11 77.48
N GLU LD 29 -190.30 -59.30 74.15
CA GLU LD 29 -189.59 -59.98 73.07
C GLU LD 29 -190.55 -60.46 72.00
N VAL LD 30 -190.75 -59.65 70.95
CA VAL LD 30 -191.65 -59.98 69.86
C VAL LD 30 -190.92 -59.82 68.54
N LYS LD 31 -191.43 -60.51 67.53
CA LYS LD 31 -190.81 -60.53 66.20
C LYS LD 31 -191.43 -59.43 65.34
N LYS LD 32 -191.14 -59.46 64.04
CA LYS LD 32 -191.65 -58.47 63.10
C LYS LD 32 -192.54 -59.08 62.02
N GLN LD 33 -192.92 -60.35 62.16
CA GLN LD 33 -193.66 -61.04 61.12
C GLN LD 33 -195.11 -60.55 61.05
N GLY LD 34 -195.64 -60.49 59.83
CA GLY LD 34 -197.00 -60.07 59.59
C GLY LD 34 -197.22 -58.59 59.44
N THR LD 35 -196.17 -57.78 59.63
CA THR LD 35 -196.27 -56.33 59.53
C THR LD 35 -195.26 -55.81 58.53
N SER LD 36 -195.71 -54.97 57.61
CA SER LD 36 -194.86 -54.35 56.60
C SER LD 36 -194.36 -52.99 57.09
N SER LD 37 -193.38 -52.44 56.38
CA SER LD 37 -192.72 -51.21 56.79
C SER LD 37 -193.65 -50.01 56.58
N THR LD 38 -193.90 -49.26 57.64
CA THR LD 38 -194.76 -48.08 57.62
C THR LD 38 -193.96 -46.85 58.03
N ARG LD 39 -194.61 -45.69 57.94
CA ARG LD 39 -193.98 -44.40 58.20
C ARG LD 39 -194.41 -43.88 59.57
N GLN LD 40 -193.44 -43.39 60.34
CA GLN LD 40 -193.72 -42.81 61.65
C GLN LD 40 -192.93 -41.51 61.79
N PHE LD 41 -193.59 -40.49 62.34
CA PHE LD 41 -192.95 -39.23 62.71
C PHE LD 41 -192.96 -39.08 64.22
N ARG LD 42 -191.81 -38.77 64.80
CA ARG LD 42 -191.68 -38.61 66.24
C ARG LD 42 -190.83 -37.40 66.55
N GLN LD 43 -190.99 -36.87 67.75
CA GLN LD 43 -190.27 -35.69 68.21
C GLN LD 43 -189.30 -36.07 69.33
N VAL LD 44 -188.13 -35.43 69.33
CA VAL LD 44 -187.07 -35.72 70.29
C VAL LD 44 -186.59 -34.39 70.86
N SER LD 45 -185.97 -34.46 72.03
CA SER LD 45 -185.42 -33.30 72.71
C SER LD 45 -184.03 -32.98 72.17
N SER LD 46 -183.32 -32.09 72.86
CA SER LD 46 -181.98 -31.69 72.42
C SER LD 46 -180.97 -32.79 72.71
N PHE LD 47 -180.08 -33.01 71.74
CA PHE LD 47 -179.05 -34.04 71.84
C PHE LD 47 -177.82 -33.59 71.07
N ASN LD 48 -176.65 -34.10 71.49
CA ASN LD 48 -175.39 -33.75 70.86
C ASN LD 48 -174.50 -34.96 70.58
N GLN LD 49 -175.02 -36.18 70.75
CA GLN LD 49 -174.25 -37.39 70.52
C GLN LD 49 -175.24 -38.49 70.16
N ILE LD 50 -174.94 -39.25 69.10
CA ILE LD 50 -175.84 -40.29 68.61
C ILE LD 50 -175.12 -41.63 68.70
N VAL LD 51 -175.76 -42.61 69.33
CA VAL LD 51 -175.26 -43.98 69.41
C VAL LD 51 -176.31 -44.88 68.77
N VAL LD 52 -175.98 -45.47 67.63
CA VAL LD 52 -176.91 -46.30 66.87
C VAL LD 52 -176.37 -47.73 66.81
N GLN LD 53 -177.24 -48.68 67.16
CA GLN LD 53 -176.91 -50.11 67.10
C GLN LD 53 -177.99 -50.85 66.33
N GLY LD 54 -177.56 -51.77 65.47
CA GLY LD 54 -178.50 -52.63 64.76
C GLY LD 54 -178.37 -52.62 63.26
N ARG LD 55 -178.88 -53.68 62.61
CA ARG LD 55 -178.85 -53.81 61.16
C ARG LD 55 -179.92 -52.90 60.57
N LEU LD 56 -179.52 -51.67 60.24
CA LEU LD 56 -180.48 -50.65 59.83
C LEU LD 56 -179.74 -49.59 59.02
N ASN LD 57 -180.50 -48.60 58.56
CA ASN LD 57 -179.96 -47.51 57.75
C ASN LD 57 -180.26 -46.17 58.42
N VAL LD 58 -179.28 -45.28 58.40
CA VAL LD 58 -179.39 -43.95 58.98
C VAL LD 58 -179.15 -42.92 57.90
N ASN LD 59 -180.03 -41.92 57.82
CA ASN LD 59 -179.86 -40.77 56.96
C ASN LD 59 -179.80 -39.52 57.82
N LEU LD 60 -178.83 -38.66 57.56
CA LEU LD 60 -178.60 -37.45 58.35
C LEU LD 60 -178.89 -36.22 57.50
N HIS LD 61 -179.45 -35.19 58.14
CA HIS LD 61 -179.63 -33.90 57.50
C HIS LD 61 -179.28 -32.80 58.49
N THR LD 62 -179.26 -31.56 58.00
CA THR LD 62 -178.89 -30.41 58.81
C THR LD 62 -179.78 -29.23 58.43
N GLY LD 63 -180.46 -28.66 59.43
CA GLY LD 63 -181.30 -27.51 59.21
C GLY LD 63 -181.35 -26.64 60.44
N TYR LD 64 -182.01 -25.49 60.31
CA TYR LD 64 -182.16 -24.53 61.39
C TYR LD 64 -183.52 -24.65 62.07
N ASN LD 65 -184.27 -25.71 61.82
CA ASN LD 65 -185.58 -25.91 62.43
C ASN LD 65 -185.42 -26.70 63.73
N LYS LD 66 -186.53 -27.16 64.28
CA LYS LD 66 -186.51 -28.02 65.45
C LYS LD 66 -185.92 -29.37 65.10
N PRO LD 67 -185.26 -30.04 66.05
CA PRO LD 67 -184.77 -31.40 65.79
C PRO LD 67 -185.90 -32.41 65.73
N GLU LD 68 -185.78 -33.36 64.81
CA GLU LD 68 -186.78 -34.41 64.69
C GLU LD 68 -186.13 -35.68 64.14
N VAL LD 69 -186.85 -36.79 64.34
CA VAL LD 69 -186.40 -38.11 63.88
C VAL LD 69 -187.60 -38.85 63.28
N MET LD 70 -187.37 -39.51 62.14
CA MET LD 70 -188.36 -40.33 61.47
C MET LD 70 -187.91 -41.78 61.52
N LEU LD 71 -188.80 -42.67 61.96
CA LEU LD 71 -188.50 -44.09 62.14
C LEU LD 71 -189.40 -44.90 61.23
N ARG LD 72 -188.91 -45.21 60.02
CA ARG LD 72 -189.61 -46.10 59.10
C ARG LD 72 -189.35 -47.53 59.54
N GLY LD 73 -190.38 -48.22 60.00
CA GLY LD 73 -190.21 -49.58 60.49
C GLY LD 73 -191.55 -50.27 60.63
N ASP LD 74 -191.48 -51.53 61.06
CA ASP LD 74 -192.67 -52.34 61.24
C ASP LD 74 -193.44 -51.89 62.48
N PRO LD 75 -194.77 -51.76 62.39
CA PRO LD 75 -195.56 -51.29 63.55
C PRO LD 75 -195.54 -52.22 64.75
N ARG LD 76 -195.24 -53.51 64.56
CA ARG LD 76 -195.01 -54.39 65.70
C ARG LD 76 -193.72 -54.01 66.43
N ASP LD 77 -192.72 -53.54 65.71
CA ASP LD 77 -191.41 -53.23 66.27
C ASP LD 77 -191.16 -51.73 66.43
N LEU LD 78 -192.17 -50.88 66.23
CA LEU LD 78 -191.97 -49.46 66.51
C LEU LD 78 -191.84 -49.19 68.00
N VAL LD 79 -192.46 -50.03 68.83
CA VAL LD 79 -192.21 -49.96 70.28
C VAL LD 79 -190.79 -50.43 70.59
N GLN LD 80 -190.33 -51.47 69.89
CA GLN LD 80 -189.00 -52.02 70.14
C GLN LD 80 -187.89 -51.09 69.67
N VAL LD 81 -188.15 -50.28 68.64
CA VAL LD 81 -187.22 -49.24 68.23
C VAL LD 81 -187.23 -48.17 69.33
N ARG LD 82 -186.09 -48.00 69.99
CA ARG LD 82 -185.98 -47.17 71.18
C ARG LD 82 -185.28 -45.86 70.85
N THR LD 83 -185.94 -44.75 71.19
CA THR LD 83 -185.39 -43.41 71.01
C THR LD 83 -185.35 -42.76 72.39
N ILE LD 84 -184.26 -42.95 73.11
CA ILE LD 84 -184.14 -42.48 74.48
C ILE LD 84 -182.98 -41.49 74.58
N VAL LD 85 -183.12 -40.54 75.50
CA VAL LD 85 -182.18 -39.45 75.70
C VAL LD 85 -181.72 -39.50 77.15
N LYS LD 86 -180.41 -39.56 77.37
CA LYS LD 86 -179.82 -39.56 78.70
C LYS LD 86 -178.62 -38.61 78.69
N GLN LD 87 -178.79 -37.44 79.30
CA GLN LD 87 -177.76 -36.42 79.49
C GLN LD 87 -177.15 -35.97 78.15
N ASN LD 88 -178.00 -35.32 77.35
CA ASN LD 88 -177.64 -34.66 76.08
C ASN LD 88 -177.14 -35.67 75.04
N THR LD 89 -177.58 -36.93 75.15
CA THR LD 89 -177.24 -37.98 74.21
C THR LD 89 -178.50 -38.56 73.58
N LEU LD 90 -178.31 -39.47 72.63
CA LEU LD 90 -179.38 -40.16 71.96
C LEU LD 90 -178.96 -41.61 71.74
N TYR LD 91 -179.84 -42.55 72.09
CA TYR LD 91 -179.53 -43.98 72.02
C TYR LD 91 -180.56 -44.68 71.15
N VAL LD 92 -180.24 -44.85 69.87
CA VAL LD 92 -181.11 -45.54 68.92
C VAL LD 92 -180.56 -46.95 68.78
N SER LD 93 -181.15 -47.88 69.51
CA SER LD 93 -180.70 -49.27 69.51
C SER LD 93 -181.92 -50.17 69.66
N LEU LD 94 -181.65 -51.46 69.85
CA LEU LD 94 -182.71 -52.43 70.05
C LEU LD 94 -183.30 -52.32 71.45
N GLY LD 95 -184.61 -52.54 71.54
CA GLY LD 95 -185.30 -52.54 72.81
C GLY LD 95 -186.02 -53.85 73.04
N GLN LD 96 -186.06 -54.25 74.31
CA GLN LD 96 -186.65 -55.53 74.78
C GLN LD 96 -186.02 -56.72 74.06
N GLY LD 97 -184.70 -56.67 73.86
CA GLY LD 97 -183.99 -57.75 73.19
C GLY LD 97 -184.14 -57.70 71.68
N TYR LD 98 -183.52 -58.69 71.04
CA TYR LD 98 -183.58 -58.83 69.59
C TYR LD 98 -184.07 -60.25 69.28
N PRO LD 99 -185.38 -60.45 69.19
CA PRO LD 99 -185.87 -61.68 68.56
C PRO LD 99 -185.64 -61.68 67.05
N ASP LD 100 -186.16 -60.64 66.39
CA ASP LD 100 -186.06 -60.47 64.95
C ASP LD 100 -186.53 -59.08 64.50
N TYR LD 101 -185.72 -58.39 63.71
CA TYR LD 101 -186.18 -57.26 62.90
C TYR LD 101 -185.28 -57.13 61.69
N GLY LD 102 -185.89 -56.89 60.52
CA GLY LD 102 -185.16 -56.92 59.27
C GLY LD 102 -184.75 -55.58 58.71
N ALA LD 103 -185.67 -54.62 58.63
CA ALA LD 103 -185.42 -53.35 57.96
C ALA LD 103 -185.90 -52.19 58.81
N VAL LD 104 -185.00 -51.28 59.14
CA VAL LD 104 -185.31 -50.07 59.90
C VAL LD 104 -184.59 -48.91 59.22
N THR LD 105 -185.33 -47.81 58.96
CA THR LD 105 -184.76 -46.60 58.40
C THR LD 105 -184.94 -45.47 59.41
N VAL LD 106 -183.84 -44.81 59.76
CA VAL LD 106 -183.84 -43.73 60.74
C VAL LD 106 -183.34 -42.47 60.04
N ASP LD 107 -184.24 -41.55 59.74
CA ASP LD 107 -183.88 -40.25 59.21
C ASP LD 107 -183.83 -39.26 60.35
N ILE LD 108 -182.84 -38.37 60.34
CA ILE LD 108 -182.62 -37.48 61.47
C ILE LD 108 -182.32 -36.08 60.98
N LYS LD 109 -182.86 -35.07 61.69
CA LYS LD 109 -182.58 -33.67 61.44
C LYS LD 109 -182.31 -32.99 62.77
N THR LD 110 -181.21 -32.24 62.84
CA THR LD 110 -180.77 -31.62 64.09
C THR LD 110 -179.87 -30.43 63.74
N LYS LD 111 -179.24 -29.85 64.77
CA LYS LD 111 -178.37 -28.69 64.61
C LYS LD 111 -176.91 -29.00 64.91
N PHE LD 112 -176.62 -29.55 66.09
CA PHE LD 112 -175.25 -29.74 66.54
C PHE LD 112 -174.99 -31.21 66.83
N LEU LD 113 -173.88 -31.74 66.32
CA LEU LD 113 -173.43 -33.10 66.57
C LEU LD 113 -172.00 -33.06 67.11
N ASN LD 114 -171.72 -33.95 68.08
CA ASN LD 114 -170.40 -34.01 68.67
C ASN LD 114 -169.83 -35.42 68.81
N ARG LD 115 -170.62 -36.47 68.60
CA ARG LD 115 -170.12 -37.83 68.68
C ARG LD 115 -171.05 -38.76 67.91
N PHE LD 116 -170.46 -39.67 67.13
CA PHE LD 116 -171.21 -40.67 66.38
C PHE LD 116 -170.66 -42.05 66.71
N ARG LD 117 -171.53 -42.93 67.17
CA ARG LD 117 -171.20 -44.33 67.44
C ARG LD 117 -172.11 -45.20 66.57
N TYR LD 118 -171.54 -46.13 65.83
CA TYR LD 118 -172.34 -46.99 64.97
C TYR LD 118 -171.88 -48.44 65.10
N GLU LD 119 -172.83 -49.34 65.35
CA GLU LD 119 -172.52 -50.76 65.50
C GLU LD 119 -173.58 -51.62 64.84
N GLY LD 120 -173.15 -52.75 64.29
CA GLY LD 120 -174.07 -53.83 63.96
C GLY LD 120 -174.56 -53.96 62.53
N ALA LD 121 -173.64 -53.95 61.55
CA ALA LD 121 -173.90 -54.28 60.14
C ALA LD 121 -174.95 -53.35 59.52
N GLY LD 122 -174.57 -52.08 59.40
CA GLY LD 122 -175.52 -51.10 58.95
C GLY LD 122 -175.03 -50.09 57.93
N VAL LD 123 -175.89 -49.13 57.58
CA VAL LD 123 -175.60 -48.10 56.58
C VAL LD 123 -175.78 -46.73 57.22
N VAL LD 124 -174.83 -45.84 56.98
CA VAL LD 124 -174.91 -44.44 57.44
C VAL LD 124 -174.63 -43.53 56.25
N THR LD 125 -175.52 -42.57 56.01
CA THR LD 125 -175.33 -41.58 54.95
C THR LD 125 -175.59 -40.19 55.51
N GLY LD 126 -174.67 -39.26 55.24
CA GLY LD 126 -174.83 -37.89 55.71
C GLY LD 126 -174.04 -36.92 54.87
N ASN LD 127 -174.54 -35.68 54.80
CA ASN LD 127 -173.89 -34.65 54.00
C ASN LD 127 -174.23 -33.27 54.56
N ASN LD 128 -173.41 -32.29 54.15
CA ASN LD 128 -173.58 -30.86 54.47
C ASN LD 128 -173.64 -30.60 55.97
N LEU LD 129 -172.69 -31.20 56.69
CA LEU LD 129 -172.61 -31.08 58.14
C LEU LD 129 -171.46 -30.14 58.49
N ARG LD 130 -171.73 -29.17 59.36
CA ARG LD 130 -170.73 -28.22 59.82
C ARG LD 130 -170.52 -28.42 61.32
N THR LD 131 -169.25 -28.49 61.72
CA THR LD 131 -168.91 -28.78 63.11
C THR LD 131 -167.53 -28.23 63.42
N SER LD 132 -167.19 -28.23 64.71
CA SER LD 132 -165.85 -27.88 65.17
C SER LD 132 -165.01 -29.12 65.47
N TYR LD 133 -165.57 -30.08 66.20
CA TYR LD 133 -164.89 -31.32 66.51
C TYR LD 133 -165.93 -32.39 66.85
N LEU LD 134 -165.81 -33.56 66.22
CA LEU LD 134 -166.63 -34.71 66.56
C LEU LD 134 -165.87 -35.98 66.22
N ASP LD 135 -166.29 -37.08 66.85
CA ASP LD 135 -165.58 -38.35 66.80
C ASP LD 135 -166.46 -39.41 66.17
N LEU LD 136 -165.93 -40.09 65.15
CA LEU LD 136 -166.58 -41.24 64.52
C LEU LD 136 -166.06 -42.52 65.16
N TYR LD 137 -166.98 -43.44 65.48
CA TYR LD 137 -166.62 -44.78 65.93
C TYR LD 137 -167.48 -45.78 65.17
N LEU LD 138 -166.94 -46.32 64.08
CA LEU LD 138 -167.63 -47.30 63.26
C LEU LD 138 -167.20 -48.70 63.68
N ALA LD 139 -168.16 -49.62 63.75
CA ALA LD 139 -167.85 -51.00 64.10
C ALA LD 139 -168.70 -51.96 63.28
N ASN LD 140 -168.06 -53.03 62.79
CA ASN LD 140 -168.69 -54.22 62.25
C ASN LD 140 -169.57 -53.90 61.03
N GLU LD 141 -168.90 -53.51 59.95
CA GLU LD 141 -169.48 -53.27 58.62
C GLU LD 141 -170.52 -52.14 58.69
N GLY LD 142 -169.99 -50.94 58.91
CA GLY LD 142 -170.77 -49.74 58.72
C GLY LD 142 -170.47 -49.11 57.37
N THR LD 143 -171.33 -49.33 56.39
CA THR LD 143 -171.17 -48.73 55.06
C THR LD 143 -171.55 -47.26 55.18
N THR LD 144 -170.56 -46.38 55.13
CA THR LD 144 -170.71 -45.03 55.65
C THR LD 144 -170.25 -44.01 54.62
N ARG LD 145 -171.07 -42.98 54.41
CA ARG LD 145 -170.72 -41.86 53.52
C ARG LD 145 -170.92 -40.56 54.27
N LEU LD 146 -169.91 -39.71 54.25
CA LEU LD 146 -170.01 -38.31 54.69
C LEU LD 146 -169.57 -37.43 53.53
N ALA LD 147 -170.42 -36.49 53.15
CA ALA LD 147 -170.16 -35.60 52.02
C ALA LD 147 -170.28 -34.14 52.45
N GLY LD 148 -169.66 -33.80 53.58
CA GLY LD 148 -169.67 -32.45 54.07
C GLY LD 148 -168.29 -31.91 54.39
N ASN LD 149 -168.22 -30.84 55.18
CA ASN LD 149 -166.96 -30.23 55.60
C ASN LD 149 -166.74 -30.39 57.10
N ILE LD 150 -166.40 -31.62 57.50
CA ILE LD 150 -166.36 -32.02 58.90
C ILE LD 150 -164.90 -31.98 59.37
N GLY LD 151 -164.64 -31.14 60.36
CA GLY LD 151 -163.32 -31.07 60.97
C GLY LD 151 -163.24 -31.96 62.20
N LEU LD 152 -162.62 -33.12 62.06
CA LEU LD 152 -162.57 -34.14 63.10
C LEU LD 152 -161.13 -34.39 63.52
N GLN LD 153 -160.92 -34.57 64.82
CA GLN LD 153 -159.59 -34.82 65.38
C GLN LD 153 -159.35 -36.29 65.65
N LYS LD 154 -160.40 -37.08 65.89
CA LYS LD 154 -160.26 -38.51 66.09
C LYS LD 154 -161.28 -39.27 65.25
N LEU LD 155 -160.89 -40.46 64.83
CA LEU LD 155 -161.76 -41.34 64.05
C LEU LD 155 -161.33 -42.77 64.32
N GLU LD 156 -162.30 -43.68 64.39
CA GLU LD 156 -161.99 -45.08 64.65
C GLU LD 156 -162.87 -45.98 63.82
N ALA LD 157 -162.26 -46.95 63.15
CA ALA LD 157 -162.97 -48.03 62.47
C ALA LD 157 -162.51 -49.35 63.06
N VAL LD 158 -163.46 -50.20 63.45
CA VAL LD 158 -163.11 -51.41 64.19
C VAL LD 158 -162.69 -52.52 63.25
N GLY LD 159 -163.53 -52.85 62.26
CA GLY LD 159 -163.16 -53.92 61.35
C GLY LD 159 -164.19 -54.29 60.30
N ASN LD 160 -163.69 -54.68 59.12
CA ASN LD 160 -164.49 -55.20 58.00
C ASN LD 160 -165.56 -54.22 57.53
N GLY LD 161 -165.20 -52.95 57.48
CA GLY LD 161 -166.11 -51.92 57.01
C GLY LD 161 -165.42 -50.95 56.08
N VAL LD 162 -166.20 -50.40 55.16
CA VAL LD 162 -165.71 -49.41 54.22
C VAL LD 162 -166.18 -48.03 54.65
N THR LD 163 -165.39 -47.02 54.31
CA THR LD 163 -165.66 -45.63 54.67
C THR LD 163 -165.18 -44.72 53.56
N GLN LD 164 -166.05 -43.82 53.12
CA GLN LD 164 -165.74 -42.88 52.04
C GLN LD 164 -166.15 -41.49 52.54
N ILE LD 165 -165.16 -40.66 52.89
CA ILE LD 165 -165.40 -39.33 53.41
C ILE LD 165 -164.87 -38.31 52.42
N ASN LD 166 -165.72 -37.38 52.01
CA ASN LD 166 -165.37 -36.35 51.03
C ASN LD 166 -165.40 -34.99 51.74
N GLY LD 167 -164.25 -34.55 52.22
CA GLY LD 167 -164.12 -33.23 52.81
C GLY LD 167 -163.86 -33.23 54.30
N VAL LD 168 -162.60 -33.08 54.69
CA VAL LD 168 -162.20 -32.94 56.09
C VAL LD 168 -161.17 -31.82 56.18
N SER LD 169 -161.42 -30.84 57.04
CA SER LD 169 -160.51 -29.71 57.26
C SER LD 169 -160.26 -29.60 58.76
N SER LD 170 -159.19 -30.23 59.22
CA SER LD 170 -158.84 -30.27 60.64
C SER LD 170 -157.39 -29.87 60.83
N ARG LD 171 -157.11 -29.26 61.98
CA ARG LD 171 -155.76 -28.88 62.34
C ARG LD 171 -154.98 -29.99 63.02
N ASN LD 172 -155.65 -31.10 63.37
CA ASN LD 172 -154.99 -32.24 63.99
C ASN LD 172 -155.83 -33.47 63.74
N LEU LD 173 -155.15 -34.61 63.58
CA LEU LD 173 -155.82 -35.89 63.37
C LEU LD 173 -154.89 -37.01 63.79
N GLN LD 174 -155.42 -37.98 64.53
CA GLN LD 174 -154.69 -39.17 64.94
C GLN LD 174 -155.53 -40.38 64.60
N ILE LD 175 -154.98 -41.27 63.77
CA ILE LD 175 -155.69 -42.43 63.27
C ILE LD 175 -154.93 -43.68 63.69
N VAL LD 176 -155.62 -44.61 64.34
CA VAL LD 176 -155.08 -45.93 64.67
C VAL LD 176 -156.11 -46.98 64.29
N LEU LD 177 -155.65 -48.08 63.69
CA LEU LD 177 -156.51 -49.16 63.23
C LEU LD 177 -156.05 -50.47 63.84
N LYS LD 178 -157.01 -51.35 64.13
CA LYS LD 178 -156.72 -52.65 64.71
C LYS LD 178 -157.32 -53.83 63.94
N GLY LD 179 -158.35 -53.61 63.14
CA GLY LD 179 -158.96 -54.69 62.38
C GLY LD 179 -158.65 -54.61 60.90
N ASP LD 180 -159.66 -54.77 60.06
CA ASP LD 180 -159.50 -54.78 58.60
C ASP LD 180 -160.44 -53.75 57.96
N PRO LD 181 -160.14 -52.46 58.08
CA PRO LD 181 -161.00 -51.45 57.46
C PRO LD 181 -160.57 -51.09 56.05
N LYS LD 182 -161.44 -50.36 55.35
CA LYS LD 182 -161.14 -49.79 54.04
C LYS LD 182 -161.65 -48.35 54.06
N VAL LD 183 -160.82 -47.42 54.50
CA VAL LD 183 -161.22 -46.03 54.71
C VAL LD 183 -160.46 -45.13 53.74
N LEU LD 184 -161.19 -44.21 53.11
CA LEU LD 184 -160.56 -43.19 52.29
C LEU LD 184 -161.19 -41.84 52.62
N ILE LD 185 -160.33 -40.86 52.93
CA ILE LD 185 -160.73 -39.55 53.40
C ILE LD 185 -160.11 -38.51 52.48
N SER LD 186 -160.92 -37.54 52.03
CA SER LD 186 -160.44 -36.43 51.23
C SER LD 186 -160.53 -35.13 52.02
N GLY LD 187 -159.70 -34.17 51.64
CA GLY LD 187 -159.72 -32.86 52.27
C GLY LD 187 -158.36 -32.31 52.60
N PHE LD 188 -158.23 -31.73 53.80
CA PHE LD 188 -156.98 -31.14 54.27
C PHE LD 188 -156.75 -31.61 55.70
N VAL LD 189 -155.70 -32.40 55.91
CA VAL LD 189 -155.46 -33.06 57.19
C VAL LD 189 -154.04 -32.75 57.64
N ASN LD 190 -153.89 -32.25 58.87
CA ASN LD 190 -152.58 -32.07 59.49
C ASN LD 190 -152.31 -33.27 60.38
N LEU LD 191 -151.92 -34.38 59.75
CA LEU LD 191 -151.65 -35.62 60.47
C LEU LD 191 -150.35 -35.53 61.24
N ARG LD 192 -150.25 -36.30 62.32
CA ARG LD 192 -149.08 -36.30 63.18
C ARG LD 192 -148.46 -37.67 63.38
N GLN LD 193 -149.27 -38.71 63.52
CA GLN LD 193 -148.75 -40.05 63.77
C GLN LD 193 -149.69 -41.07 63.13
N LEU LD 194 -149.15 -42.24 62.82
CA LEU LD 194 -149.94 -43.30 62.22
C LEU LD 194 -149.32 -44.65 62.58
N ASP LD 195 -150.13 -45.52 63.18
CA ASP LD 195 -149.71 -46.87 63.54
C ASP LD 195 -150.73 -47.85 63.00
N MET LD 196 -150.27 -48.87 62.27
CA MET LD 196 -151.16 -49.89 61.73
C MET LD 196 -150.61 -51.28 62.02
N TYR LD 197 -151.46 -52.14 62.57
CA TYR LD 197 -151.13 -53.52 62.85
C TYR LD 197 -152.05 -54.53 62.19
N GLY LD 198 -153.12 -54.08 61.52
CA GLY LD 198 -154.08 -54.96 60.90
C GLY LD 198 -153.83 -55.14 59.42
N LYS LD 199 -154.90 -55.46 58.70
CA LYS LD 199 -154.85 -55.63 57.24
C LYS LD 199 -155.60 -54.53 56.52
N GLY LD 200 -155.41 -53.27 56.95
CA GLY LD 200 -156.19 -52.17 56.41
C GLY LD 200 -155.51 -51.42 55.27
N THR LD 201 -156.36 -50.72 54.52
CA THR LD 201 -155.96 -49.81 53.46
C THR LD 201 -156.49 -48.41 53.78
N LEU LD 202 -155.64 -47.41 53.60
CA LEU LD 202 -155.99 -46.03 53.89
C LEU LD 202 -155.37 -45.13 52.83
N SER LD 203 -156.16 -44.18 52.33
CA SER LD 203 -155.69 -43.22 51.34
C SER LD 203 -156.16 -41.83 51.71
N LEU LD 204 -155.25 -40.86 51.63
CA LEU LD 204 -155.55 -39.45 51.86
C LEU LD 204 -155.15 -38.64 50.63
N TYR LD 205 -155.99 -37.67 50.27
CA TYR LD 205 -155.77 -36.92 49.03
C TYR LD 205 -154.72 -35.82 49.23
N TRP LD 206 -155.00 -34.86 50.11
CA TRP LD 206 -154.09 -33.77 50.40
C TRP LD 206 -153.85 -33.69 51.89
N ILE LD 207 -152.57 -33.63 52.29
CA ILE LD 207 -152.19 -33.42 53.68
C ILE LD 207 -151.10 -32.37 53.75
N LYS LD 208 -151.20 -31.48 54.72
CA LYS LD 208 -150.16 -30.49 55.01
C LYS LD 208 -149.78 -30.68 56.48
N SER LD 209 -148.59 -31.22 56.71
CA SER LD 209 -148.16 -31.59 58.05
C SER LD 209 -146.75 -31.05 58.30
N ASP LD 210 -146.22 -31.36 59.47
CA ASP LD 210 -144.88 -30.94 59.88
C ASP LD 210 -143.97 -32.10 60.24
N THR LD 211 -144.50 -33.14 60.89
CA THR LD 211 -143.71 -34.31 61.24
C THR LD 211 -144.62 -35.52 61.28
N LEU LD 212 -144.33 -36.51 60.44
CA LEU LD 212 -145.07 -37.77 60.45
C LEU LD 212 -144.19 -38.91 60.96
N THR LD 213 -144.79 -39.77 61.78
CA THR LD 213 -144.18 -41.02 62.21
C THR LD 213 -145.14 -42.14 61.83
N ILE LD 214 -144.72 -42.98 60.89
CA ILE LD 214 -145.55 -44.05 60.34
C ILE LD 214 -144.94 -45.38 60.73
N ARG LD 215 -145.76 -46.24 61.34
CA ARG LD 215 -145.33 -47.59 61.70
C ARG LD 215 -146.32 -48.58 61.09
N ALA LD 216 -145.80 -49.55 60.33
CA ALA LD 216 -146.64 -50.58 59.74
C ALA LD 216 -146.11 -51.95 60.16
N LYS LD 217 -147.03 -52.79 60.65
CA LYS LD 217 -146.66 -54.01 61.34
C LYS LD 217 -146.92 -55.28 60.54
N LYS LD 218 -148.15 -55.55 60.12
CA LYS LD 218 -148.50 -56.87 59.61
C LYS LD 218 -148.80 -56.88 58.11
N ALA LD 219 -149.80 -56.12 57.65
CA ALA LD 219 -150.03 -55.93 56.22
C ALA LD 219 -150.79 -54.62 56.05
N ALA LD 220 -150.07 -53.54 55.79
CA ALA LD 220 -150.69 -52.22 55.74
C ALA LD 220 -150.56 -51.65 54.34
N LYS LD 221 -151.60 -50.94 53.90
CA LYS LD 221 -151.56 -50.19 52.66
C LYS LD 221 -151.86 -48.73 52.98
N ILE LD 222 -150.88 -47.86 52.74
CA ILE LD 222 -150.99 -46.43 53.03
C ILE LD 222 -150.69 -45.68 51.75
N GLN LD 223 -151.57 -44.74 51.39
CA GLN LD 223 -151.41 -43.95 50.16
C GLN LD 223 -151.67 -42.48 50.48
N LEU LD 224 -150.59 -41.71 50.64
CA LEU LD 224 -150.67 -40.30 50.98
C LEU LD 224 -150.12 -39.44 49.86
N ALA LD 225 -150.52 -38.17 49.87
CA ALA LD 225 -150.02 -37.17 48.93
C ALA LD 225 -150.16 -35.80 49.56
N GLY LD 226 -149.12 -34.98 49.43
CA GLY LD 226 -149.15 -33.64 49.99
C GLY LD 226 -147.74 -33.17 50.31
N ILE LD 227 -147.66 -32.25 51.28
CA ILE LD 227 -146.42 -31.59 51.65
C ILE LD 227 -146.12 -31.93 53.10
N VAL LD 228 -144.93 -32.47 53.36
CA VAL LD 228 -144.50 -32.91 54.69
C VAL LD 228 -143.09 -32.40 54.92
N ASN LD 229 -142.86 -31.75 56.07
CA ASN LD 229 -141.53 -31.24 56.37
C ASN LD 229 -140.58 -32.36 56.79
N ARG LD 230 -141.05 -33.30 57.62
CA ARG LD 230 -140.20 -34.35 58.15
C ARG LD 230 -140.99 -35.65 58.22
N LEU LD 231 -140.44 -36.73 57.65
CA LEU LD 231 -141.12 -38.01 57.56
C LEU LD 231 -140.24 -39.11 58.12
N ASP LD 232 -140.81 -39.96 58.96
CA ASP LD 232 -140.16 -41.16 59.45
C ASP LD 232 -141.07 -42.35 59.18
N VAL LD 233 -140.53 -43.37 58.52
CA VAL LD 233 -141.32 -44.52 58.08
C VAL LD 233 -140.61 -45.79 58.55
N GLU LD 234 -141.36 -46.68 59.22
CA GLU LD 234 -140.87 -47.98 59.63
C GLU LD 234 -141.83 -49.04 59.12
N LEU LD 235 -141.33 -49.98 58.33
CA LEU LD 235 -142.13 -51.10 57.84
C LEU LD 235 -141.51 -52.40 58.35
N TRP LD 236 -142.32 -53.27 58.94
CA TRP LD 236 -141.74 -54.46 59.56
C TRP LD 236 -141.77 -55.68 58.64
N ASP LD 237 -142.94 -56.17 58.26
CA ASP LD 237 -143.00 -57.22 57.25
C ASP LD 237 -144.35 -57.17 56.54
N PHE LD 238 -144.30 -57.49 55.23
CA PHE LD 238 -145.46 -57.56 54.33
C PHE LD 238 -146.23 -56.24 54.27
N ALA LD 239 -145.52 -55.12 54.40
CA ALA LD 239 -146.14 -53.80 54.42
C ALA LD 239 -145.70 -53.01 53.20
N GLN LD 240 -146.64 -52.25 52.63
CA GLN LD 240 -146.40 -51.45 51.45
C GLN LD 240 -146.70 -49.99 51.75
N PHE LD 241 -145.73 -49.12 51.50
CA PHE LD 241 -145.88 -47.68 51.68
C PHE LD 241 -145.75 -47.01 50.30
N LYS LD 242 -146.86 -46.46 49.82
CA LYS LD 242 -146.88 -45.74 48.55
C LYS LD 242 -146.82 -44.24 48.81
N GLY LD 243 -145.66 -43.76 49.25
CA GLY LD 243 -145.49 -42.35 49.53
C GLY LD 243 -145.10 -41.52 48.32
N LYS LD 244 -145.30 -42.08 47.12
CA LYS LD 244 -145.22 -41.30 45.91
C LYS LD 244 -146.32 -40.24 45.90
N TYR LD 245 -146.00 -39.09 45.29
CA TYR LD 245 -146.74 -37.82 45.29
C TYR LD 245 -146.85 -37.18 46.67
N LEU LD 246 -146.13 -37.70 47.66
CA LEU LD 246 -146.00 -37.09 48.98
C LEU LD 246 -144.57 -36.58 49.08
N ARG LD 247 -144.38 -35.28 48.92
CA ARG LD 247 -143.06 -34.68 48.82
C ARG LD 247 -142.56 -34.32 50.22
N ALA LD 248 -141.46 -34.95 50.63
CA ALA LD 248 -140.90 -34.76 51.96
C ALA LD 248 -139.56 -34.05 51.85
N GLN LD 249 -139.35 -33.04 52.69
CA GLN LD 249 -138.06 -32.36 52.75
C GLN LD 249 -137.00 -33.26 53.39
N ARG LD 250 -137.33 -33.86 54.52
CA ARG LD 250 -136.45 -34.80 55.20
C ARG LD 250 -137.15 -36.13 55.29
N SER LD 251 -136.46 -37.20 54.85
CA SER LD 251 -137.06 -38.53 54.89
C SER LD 251 -136.10 -39.50 55.59
N PHE LD 252 -136.64 -40.24 56.56
CA PHE LD 252 -135.96 -41.38 57.18
C PHE LD 252 -136.83 -42.60 56.94
N VAL LD 253 -136.28 -43.61 56.27
CA VAL LD 253 -137.04 -44.80 55.87
C VAL LD 253 -136.28 -46.04 56.34
N LYS LD 254 -136.96 -46.92 57.08
CA LYS LD 254 -136.39 -48.20 57.46
C LYS LD 254 -137.36 -49.33 57.08
N THR LD 255 -136.86 -50.29 56.32
CA THR LD 255 -137.66 -51.45 55.90
C THR LD 255 -136.99 -52.72 56.37
N HIS LD 256 -137.76 -53.57 57.06
CA HIS LD 256 -137.34 -54.91 57.43
C HIS LD 256 -137.99 -55.89 56.45
N ASP LD 257 -137.95 -57.18 56.80
CA ASP LD 257 -138.04 -58.28 55.83
C ASP LD 257 -139.33 -58.31 55.01
N LYS LD 258 -139.17 -58.33 53.68
CA LYS LD 258 -140.24 -58.45 52.69
C LYS LD 258 -141.26 -57.31 52.80
N SER LD 259 -140.76 -56.08 52.83
CA SER LD 259 -141.61 -54.90 52.83
C SER LD 259 -141.17 -53.96 51.71
N VAL LD 260 -142.13 -53.24 51.14
CA VAL LD 260 -141.91 -52.41 49.97
C VAL LD 260 -142.34 -50.99 50.28
N ALA LD 261 -141.44 -50.03 50.05
CA ALA LD 261 -141.75 -48.62 50.21
C ALA LD 261 -141.23 -47.84 49.01
N GLU LD 262 -142.00 -46.83 48.59
CA GLU LD 262 -141.50 -45.87 47.61
C GLU LD 262 -141.79 -44.46 48.09
N ILE LD 263 -140.82 -43.57 47.89
CA ILE LD 263 -140.80 -42.24 48.49
C ILE LD 263 -140.48 -41.19 47.42
N SER LD 264 -140.66 -39.93 47.78
CA SER LD 264 -140.46 -38.79 46.90
C SER LD 264 -139.71 -37.67 47.61
N ALA LD 265 -138.59 -38.00 48.24
CA ALA LD 265 -137.82 -37.05 49.04
C ALA LD 265 -137.22 -35.95 48.18
N VAL LD 266 -137.08 -34.76 48.77
CA VAL LD 266 -136.75 -33.54 48.04
C VAL LD 266 -135.36 -33.02 48.41
N ASN LD 267 -135.08 -32.86 49.70
CA ASN LD 267 -133.84 -32.26 50.16
C ASN LD 267 -132.86 -33.27 50.74
N HIS LD 268 -133.28 -34.05 51.74
CA HIS LD 268 -132.41 -35.03 52.38
C HIS LD 268 -133.13 -36.36 52.50
N GLN LD 269 -132.47 -37.42 52.01
CA GLN LD 269 -133.02 -38.76 52.00
C GLN LD 269 -132.07 -39.69 52.75
N SER LD 270 -132.61 -40.45 53.70
CA SER LD 270 -131.84 -41.42 54.46
C SER LD 270 -132.66 -42.71 54.53
N SER LD 271 -132.11 -43.79 53.98
CA SER LD 271 -132.89 -45.02 53.85
C SER LD 271 -132.05 -46.23 54.24
N LEU LD 272 -132.72 -47.24 54.76
CA LEU LD 272 -132.09 -48.50 55.17
C LEU LD 272 -133.00 -49.66 54.84
N ALA LD 273 -132.46 -50.64 54.12
CA ALA LD 273 -133.16 -51.87 53.79
C ALA LD 273 -132.42 -53.04 54.42
N THR LD 274 -133.15 -53.88 55.17
CA THR LD 274 -132.49 -54.90 55.98
C THR LD 274 -132.29 -56.21 55.23
N ASP LD 275 -133.37 -56.87 54.83
CA ASP LD 275 -133.25 -58.21 54.24
C ASP LD 275 -134.44 -58.49 53.32
N ALA LD 276 -134.16 -58.56 52.01
CA ALA LD 276 -135.14 -58.83 50.96
C ALA LD 276 -136.30 -57.84 50.97
N SER LD 277 -135.99 -56.58 51.29
CA SER LD 277 -136.94 -55.49 51.28
C SER LD 277 -136.58 -54.51 50.18
N ASP LD 278 -137.57 -53.74 49.74
CA ASP LD 278 -137.38 -52.87 48.58
C ASP LD 278 -137.73 -51.43 48.95
N ILE LD 279 -136.81 -50.52 48.67
CA ILE LD 279 -137.02 -49.08 48.80
C ILE LD 279 -136.80 -48.46 47.44
N TYR LD 280 -137.77 -47.69 46.98
CA TYR LD 280 -137.66 -46.96 45.73
C TYR LD 280 -137.85 -45.47 46.01
N TYR LD 281 -137.18 -44.64 45.21
CA TYR LD 281 -137.42 -43.21 45.24
C TYR LD 281 -137.83 -42.74 43.86
N TYR LD 282 -138.55 -41.61 43.81
CA TYR LD 282 -139.02 -41.07 42.55
C TYR LD 282 -138.56 -39.63 42.33
N ASN LD 283 -137.63 -39.14 43.14
CA ASN LD 283 -137.07 -37.80 42.98
C ASN LD 283 -135.61 -37.83 43.32
N LEU LD 284 -134.84 -36.94 42.70
CA LEU LD 284 -133.41 -36.82 42.97
C LEU LD 284 -133.21 -35.75 44.03
N SER LD 285 -132.91 -36.18 45.24
CA SER LD 285 -132.75 -35.25 46.35
C SER LD 285 -131.39 -34.55 46.29
N LYS LD 286 -131.27 -33.47 47.04
CA LYS LD 286 -130.00 -32.75 47.12
C LYS LD 286 -128.96 -33.53 47.90
N THR LD 287 -129.39 -34.36 48.85
CA THR LD 287 -128.47 -35.26 49.55
C THR LD 287 -129.16 -36.61 49.73
N ARG LD 288 -128.45 -37.67 49.36
CA ARG LD 288 -128.98 -39.03 49.36
C ARG LD 288 -128.02 -39.94 50.13
N ALA LD 289 -128.57 -40.78 51.01
CA ALA LD 289 -127.75 -41.75 51.74
C ALA LD 289 -128.58 -43.00 51.99
N ASP LD 290 -128.14 -44.12 51.42
CA ASP LD 290 -128.86 -45.39 51.48
C ASP LD 290 -127.94 -46.48 52.00
N PHE LD 291 -128.51 -47.40 52.76
CA PHE LD 291 -127.77 -48.53 53.29
C PHE LD 291 -128.56 -49.83 53.12
N MET LD 292 -127.81 -50.92 52.89
CA MET LD 292 -128.35 -52.24 52.61
C MET LD 292 -127.66 -53.23 53.54
N ALA LD 293 -128.43 -54.15 54.12
CA ALA LD 293 -127.86 -55.01 55.16
C ALA LD 293 -127.67 -56.46 54.73
N PHE LD 294 -128.73 -57.17 54.34
CA PHE LD 294 -128.59 -58.58 53.96
C PHE LD 294 -128.94 -58.81 52.50
N ASN LD 295 -130.16 -58.50 52.09
CA ASN LD 295 -130.59 -58.67 50.71
C ASN LD 295 -131.47 -57.52 50.24
N GLY LD 296 -131.59 -56.45 51.03
CA GLY LD 296 -132.39 -55.33 50.62
C GLY LD 296 -131.74 -54.54 49.49
N SER LD 297 -132.53 -53.69 48.84
CA SER LD 297 -132.06 -53.01 47.66
C SER LD 297 -132.77 -51.66 47.50
N VAL LD 298 -132.01 -50.64 47.15
CA VAL LD 298 -132.53 -49.30 46.86
C VAL LD 298 -132.26 -49.01 45.39
N LEU LD 299 -133.32 -48.73 44.64
CA LEU LD 299 -133.23 -48.59 43.20
C LEU LD 299 -133.64 -47.19 42.76
N ASP LD 300 -133.18 -46.82 41.56
CA ASP LD 300 -133.44 -45.47 41.04
C ASP LD 300 -134.90 -45.32 40.62
N MET LD 301 -135.37 -46.21 39.72
CA MET LD 301 -136.79 -46.34 39.33
C MET LD 301 -137.37 -45.06 38.73
N ARG LD 302 -136.61 -44.43 37.84
CA ARG LD 302 -137.10 -43.27 37.12
C ARG LD 302 -137.37 -43.63 35.66
N GLU LD 303 -137.78 -42.62 34.88
CA GLU LD 303 -138.41 -42.87 33.59
C GLU LD 303 -137.41 -43.19 32.47
N TRP LD 304 -136.21 -42.61 32.53
CA TRP LD 304 -135.10 -42.68 31.56
C TRP LD 304 -135.39 -41.97 30.23
N GLY LD 305 -136.59 -41.42 30.04
CA GLY LD 305 -136.93 -40.79 28.79
C GLY LD 305 -137.59 -39.43 28.95
N GLN LD 306 -137.60 -38.93 30.18
CA GLN LD 306 -138.16 -37.62 30.47
C GLN LD 306 -137.30 -36.52 29.85
N SER LD 307 -137.95 -35.47 29.34
CA SER LD 307 -137.24 -34.41 28.66
C SER LD 307 -136.44 -33.51 29.61
N ASP LD 308 -136.78 -33.51 30.89
CA ASP LD 308 -136.10 -32.67 31.89
C ASP LD 308 -135.49 -33.52 33.00
N LEU LD 309 -134.92 -34.67 32.62
CA LEU LD 309 -134.26 -35.53 33.60
C LEU LD 309 -132.97 -34.89 34.10
N LYS LD 310 -132.66 -35.14 35.37
CA LYS LD 310 -131.52 -34.53 36.04
C LYS LD 310 -130.47 -35.59 36.36
N ASP LD 311 -129.21 -35.24 36.14
CA ASP LD 311 -128.09 -36.14 36.37
C ASP LD 311 -127.54 -35.97 37.78
N PHE LD 312 -126.69 -36.92 38.18
CA PHE LD 312 -126.02 -36.84 39.46
C PHE LD 312 -125.00 -35.71 39.47
N ASP LD 313 -124.88 -35.05 40.62
CA ASP LD 313 -123.89 -34.01 40.83
C ASP LD 313 -122.68 -34.61 41.54
N ARG LD 314 -121.77 -33.74 41.99
CA ARG LD 314 -120.68 -34.17 42.85
C ARG LD 314 -121.19 -34.61 44.21
N TYR LD 315 -122.29 -34.03 44.67
CA TYR LD 315 -122.78 -34.22 46.02
C TYR LD 315 -123.85 -35.29 46.13
N ASN LD 316 -124.31 -35.82 44.99
CA ASN LD 316 -125.32 -36.87 44.95
C ASN LD 316 -124.77 -38.23 44.54
N LYS LD 317 -123.54 -38.29 44.03
CA LYS LD 317 -123.01 -39.49 43.39
C LYS LD 317 -122.60 -40.50 44.46
N GLN LD 318 -123.50 -41.40 44.78
CA GLN LD 318 -123.22 -42.55 45.63
C GLN LD 318 -123.35 -43.82 44.82
N PHE LD 319 -122.42 -44.76 45.03
CA PHE LD 319 -122.40 -46.00 44.28
C PHE LD 319 -122.85 -47.15 45.16
N PRO LD 320 -124.06 -47.72 44.94
CA PRO LD 320 -124.64 -48.78 45.76
C PRO LD 320 -123.84 -50.09 45.70
N GLY MD 40 -87.16 -64.67 26.56
CA GLY MD 40 -88.32 -65.41 26.11
C GLY MD 40 -89.54 -64.54 25.88
N CYS MD 41 -89.79 -64.20 24.62
CA CYS MD 41 -90.93 -63.35 24.29
C CYS MD 41 -92.22 -64.16 24.20
N CYS MD 42 -92.27 -65.17 23.33
CA CYS MD 42 -93.45 -66.01 23.19
C CYS MD 42 -93.38 -67.22 24.12
N SER MD 43 -93.17 -66.96 25.41
CA SER MD 43 -93.07 -68.02 26.40
C SER MD 43 -94.44 -68.61 26.70
N LYS MD 44 -94.45 -69.92 27.02
CA LYS MD 44 -95.66 -70.76 27.17
C LYS MD 44 -96.53 -70.74 25.91
N MET MD 45 -95.90 -70.57 24.75
CA MET MD 45 -96.55 -70.65 23.45
C MET MD 45 -95.62 -71.45 22.54
N GLY MD 46 -95.89 -71.42 21.25
CA GLY MD 46 -95.09 -72.19 20.32
C GLY MD 46 -93.82 -71.55 19.83
N GLY MD 47 -93.48 -70.35 20.30
CA GLY MD 47 -92.29 -69.65 19.86
C GLY MD 47 -92.60 -68.60 18.82
N ILE MD 48 -91.55 -67.87 18.44
CA ILE MD 48 -91.70 -66.69 17.58
C ILE MD 48 -91.86 -67.13 16.13
N ASN MD 49 -92.92 -66.64 15.47
CA ASN MD 49 -93.09 -66.89 14.04
C ASN MD 49 -92.30 -65.87 13.21
N TYR MD 50 -92.69 -64.60 13.28
CA TYR MD 50 -92.05 -63.55 12.49
C TYR MD 50 -92.40 -62.18 13.07
N CYS MD 51 -91.64 -61.18 12.63
CA CYS MD 51 -91.90 -59.78 12.97
C CYS MD 51 -92.86 -59.17 11.96
N ASP MD 52 -94.05 -58.79 12.42
CA ASP MD 52 -94.97 -57.98 11.64
C ASP MD 52 -94.53 -56.52 11.79
N SER MD 53 -93.96 -55.96 10.72
CA SER MD 53 -93.46 -54.59 10.74
C SER MD 53 -94.54 -53.56 10.47
N SER MD 54 -95.72 -53.98 10.03
CA SER MD 54 -96.84 -53.05 9.87
C SER MD 54 -97.35 -52.58 11.22
N ALA MD 55 -97.28 -53.44 12.24
CA ALA MD 55 -97.62 -53.07 13.62
C ALA MD 55 -96.39 -52.97 14.51
N GLY MD 56 -95.23 -53.42 14.04
CA GLY MD 56 -94.04 -53.41 14.87
C GLY MD 56 -94.06 -54.40 16.00
N ARG MD 57 -94.65 -55.58 15.79
CA ARG MD 57 -94.81 -56.55 16.86
C ARG MD 57 -94.44 -57.94 16.37
N LEU MD 58 -93.99 -58.78 17.30
CA LEU MD 58 -93.74 -60.18 16.99
C LEU MD 58 -95.05 -60.96 16.97
N VAL MD 59 -95.08 -62.03 16.18
CA VAL MD 59 -96.20 -62.95 16.13
C VAL MD 59 -95.71 -64.30 16.62
N CYS MD 60 -96.46 -64.90 17.54
CA CYS MD 60 -96.09 -66.20 18.07
C CYS MD 60 -96.54 -67.30 17.11
N ASN MD 61 -96.25 -68.55 17.48
CA ASN MD 61 -96.63 -69.68 16.62
C ASN MD 61 -98.11 -70.05 16.74
N ASN MD 62 -98.81 -69.52 17.73
CA ASN MD 62 -100.26 -69.51 17.72
C ASN MD 62 -100.74 -68.22 17.04
N GLY MD 63 -102.02 -67.91 17.14
CA GLY MD 63 -102.53 -66.73 16.49
C GLY MD 63 -102.54 -65.48 17.35
N PHE MD 64 -101.69 -65.45 18.37
CA PHE MD 64 -101.66 -64.35 19.34
C PHE MD 64 -100.50 -63.42 19.04
N TYR MD 65 -100.78 -62.11 19.13
CA TYR MD 65 -99.73 -61.12 19.05
C TYR MD 65 -98.89 -61.13 20.31
N SER MD 66 -97.59 -60.90 20.16
CA SER MD 66 -96.67 -60.87 21.28
C SER MD 66 -96.61 -59.47 21.89
N THR MD 67 -96.11 -59.40 23.12
CA THR MD 67 -95.97 -58.13 23.81
C THR MD 67 -94.64 -57.44 23.52
N CYS MD 68 -93.71 -58.11 22.85
CA CYS MD 68 -92.40 -57.55 22.55
C CYS MD 68 -92.45 -56.73 21.27
N TYR MD 69 -91.57 -55.73 21.20
CA TYR MD 69 -91.37 -54.94 20.00
C TYR MD 69 -90.25 -55.55 19.18
N CYS MD 70 -90.30 -55.30 17.86
CA CYS MD 70 -89.22 -55.70 16.98
C CYS MD 70 -88.83 -54.64 15.96
N THR MD 71 -89.54 -53.51 15.90
CA THR MD 71 -89.12 -52.34 15.14
C THR MD 71 -89.10 -51.14 16.08
N ARG MD 72 -88.36 -50.10 15.68
CA ARG MD 72 -88.33 -48.89 16.49
C ARG MD 72 -89.55 -48.00 16.23
N HIS MD 73 -90.25 -48.25 15.13
CA HIS MD 73 -91.47 -47.49 14.81
C HIS MD 73 -92.70 -48.24 15.34
N ALA MD 74 -92.64 -48.54 16.63
CA ALA MD 74 -93.75 -49.16 17.34
C ALA MD 74 -94.27 -48.20 18.39
N VAL MD 75 -95.55 -48.33 18.73
CA VAL MD 75 -96.19 -47.44 19.68
C VAL MD 75 -95.68 -47.73 21.08
N MET MD 76 -94.83 -46.85 21.60
CA MET MD 76 -94.33 -46.92 22.95
C MET MD 76 -94.83 -45.70 23.73
N ASP MD 77 -95.22 -45.92 24.98
CA ASP MD 77 -95.71 -44.84 25.84
C ASP MD 77 -94.53 -44.17 26.54
N LEU MD 78 -93.77 -43.41 25.76
CA LEU MD 78 -92.57 -42.74 26.26
C LEU MD 78 -92.96 -41.45 26.98
N GLN MD 79 -92.58 -41.36 28.26
CA GLN MD 79 -92.87 -40.18 29.06
C GLN MD 79 -91.62 -39.53 29.65
N PHE MD 80 -90.50 -40.23 29.71
CA PHE MD 80 -89.27 -39.72 30.34
C PHE MD 80 -88.17 -39.78 29.29
N LEU MD 81 -87.64 -38.61 28.92
CA LEU MD 81 -86.59 -38.50 27.92
C LEU MD 81 -85.39 -37.76 28.50
N MET MD 82 -84.19 -38.24 28.17
CA MET MD 82 -82.96 -37.67 28.71
C MET MD 82 -82.37 -36.64 27.74
N GLY MD 83 -81.30 -36.00 28.18
CA GLY MD 83 -80.65 -34.95 27.41
C GLY MD 83 -81.11 -33.57 27.84
N CYS MD 84 -80.26 -32.59 27.62
CA CYS MD 84 -80.58 -31.21 27.97
C CYS MD 84 -80.79 -30.36 26.72
N CYS MD 85 -81.21 -29.12 26.98
CA CYS MD 85 -81.84 -28.22 26.00
C CYS MD 85 -83.07 -28.89 25.35
N LEU MD 86 -83.80 -29.65 26.15
CA LEU MD 86 -85.11 -30.15 25.73
C LEU MD 86 -86.12 -29.01 25.77
N TRP MD 87 -87.12 -29.11 24.89
CA TRP MD 87 -88.13 -28.06 24.63
C TRP MD 87 -87.48 -26.75 24.18
N HIS MD 88 -86.34 -26.88 23.50
CA HIS MD 88 -85.69 -25.80 22.77
C HIS MD 88 -85.19 -26.42 21.47
N GLY MD 89 -84.31 -25.74 20.77
CA GLY MD 89 -83.80 -26.30 19.54
C GLY MD 89 -82.70 -27.32 19.68
N GLY MD 90 -82.30 -27.66 20.90
CA GLY MD 90 -81.22 -28.59 21.14
C GLY MD 90 -79.92 -27.89 21.48
N VAL MD 91 -78.90 -28.70 21.71
CA VAL MD 91 -77.59 -28.18 22.13
C VAL MD 91 -76.87 -27.61 20.91
N TYR MD 92 -76.50 -26.33 20.99
CA TYR MD 92 -75.79 -25.68 19.90
C TYR MD 92 -74.35 -26.15 19.89
N PRO MD 93 -73.83 -26.65 18.75
CA PRO MD 93 -72.61 -27.47 18.78
C PRO MD 93 -71.28 -26.72 18.87
N GLN MD 94 -71.31 -25.45 19.26
CA GLN MD 94 -70.06 -24.72 19.45
C GLN MD 94 -69.33 -25.22 20.70
N LEU MD 95 -68.01 -25.09 20.67
CA LEU MD 95 -67.17 -25.51 21.78
C LEU MD 95 -66.75 -24.27 22.58
N ASN MD 96 -66.96 -24.33 23.90
CA ASN MD 96 -66.85 -23.16 24.76
C ASN MD 96 -65.59 -23.24 25.62
N SER MD 97 -64.97 -22.08 25.83
CA SER MD 97 -63.88 -21.99 26.79
C SER MD 97 -64.37 -22.23 28.21
N SER MD 98 -65.56 -21.72 28.53
CA SER MD 98 -66.18 -21.95 29.82
C SER MD 98 -67.02 -23.23 29.75
N GLY MD 99 -67.74 -23.53 30.82
CA GLY MD 99 -68.56 -24.72 30.86
C GLY MD 99 -70.02 -24.46 30.54
N LEU MD 100 -70.30 -23.32 29.91
CA LEU MD 100 -71.67 -22.95 29.58
C LEU MD 100 -72.22 -23.81 28.46
N VAL MD 101 -73.49 -24.16 28.56
CA VAL MD 101 -74.22 -24.88 27.52
C VAL MD 101 -75.35 -23.98 27.05
N VAL MD 102 -75.38 -23.70 25.76
CA VAL MD 102 -76.36 -22.79 25.17
C VAL MD 102 -77.25 -23.59 24.22
N CYS MD 103 -78.55 -23.28 24.26
CA CYS MD 103 -79.49 -23.93 23.36
C CYS MD 103 -79.54 -23.19 22.02
N ASN MD 104 -80.28 -23.77 21.07
CA ASN MD 104 -80.30 -23.23 19.71
C ASN MD 104 -81.14 -21.96 19.60
N ASP MD 105 -81.98 -21.66 20.57
CA ASP MD 105 -82.79 -20.45 20.58
C ASP MD 105 -82.22 -19.34 21.45
N GLY MD 106 -80.97 -19.47 21.88
CA GLY MD 106 -80.33 -18.47 22.72
C GLY MD 106 -80.47 -18.72 24.21
N TYR MD 107 -81.27 -19.69 24.63
CA TYR MD 107 -81.41 -20.00 26.04
C TYR MD 107 -80.16 -20.69 26.57
N VAL MD 108 -79.88 -20.48 27.85
CA VAL MD 108 -78.72 -21.07 28.52
C VAL MD 108 -79.24 -22.09 29.51
N SER MD 109 -78.80 -23.34 29.36
CA SER MD 109 -79.22 -24.44 30.21
C SER MD 109 -78.32 -24.48 31.45
N GLU MD 110 -78.91 -24.19 32.61
CA GLU MD 110 -78.14 -24.16 33.86
C GLU MD 110 -77.81 -25.56 34.38
N GLU MD 111 -78.57 -26.58 33.98
CA GLU MD 111 -78.35 -27.93 34.50
C GLU MD 111 -77.08 -28.56 33.91
N CYS MD 112 -76.90 -28.45 32.59
CA CYS MD 112 -75.68 -28.95 31.97
C CYS MD 112 -74.51 -27.97 32.06
N SER MD 113 -74.74 -26.75 32.54
CA SER MD 113 -73.66 -25.79 32.71
C SER MD 113 -72.81 -26.16 33.90
N LEU MD 114 -71.48 -26.13 33.73
CA LEU MD 114 -70.57 -26.41 34.82
C LEU MD 114 -70.43 -25.16 35.70
N GLN MD 115 -70.40 -25.39 37.01
CA GLN MD 115 -70.30 -24.30 37.96
C GLN MD 115 -68.85 -23.86 38.16
N UNK ND 1 -117.22 -52.60 20.65
CA UNK ND 1 -117.56 -53.93 20.14
C UNK ND 1 -118.92 -54.38 20.64
N UNK ND 2 -119.00 -54.64 21.95
CA UNK ND 2 -120.18 -55.01 22.74
C UNK ND 2 -120.77 -56.38 22.39
N UNK ND 3 -120.19 -57.11 21.44
CA UNK ND 3 -120.67 -58.44 21.09
C UNK ND 3 -119.50 -59.21 20.48
N UNK ND 4 -118.87 -60.07 21.28
CA UNK ND 4 -117.72 -60.83 20.78
C UNK ND 4 -118.13 -61.94 19.83
N UNK ND 5 -119.31 -62.53 20.02
CA UNK ND 5 -119.83 -63.60 19.17
C UNK ND 5 -121.13 -63.12 18.56
N UNK ND 6 -121.05 -62.52 17.38
CA UNK ND 6 -122.24 -62.03 16.70
C UNK ND 6 -123.04 -63.19 16.12
N UNK ND 7 -124.33 -62.97 15.95
CA UNK ND 7 -125.25 -64.00 15.48
C UNK ND 7 -125.50 -63.84 13.98
N UNK ND 8 -125.59 -64.97 13.28
CA UNK ND 8 -125.82 -64.99 11.84
C UNK ND 8 -127.25 -65.44 11.61
N UNK ND 9 -128.12 -64.46 11.32
CA UNK ND 9 -129.55 -64.64 11.04
C UNK ND 9 -130.31 -65.40 12.12
N PHE OD 25 -110.71 -58.79 49.38
CA PHE OD 25 -110.53 -57.59 50.19
C PHE OD 25 -110.36 -56.36 49.30
N LYS OD 26 -110.96 -55.25 49.74
CA LYS OD 26 -110.94 -54.02 48.97
C LYS OD 26 -109.57 -53.36 49.02
N LYS OD 27 -109.21 -52.68 47.94
CA LYS OD 27 -107.94 -51.98 47.80
C LYS OD 27 -108.17 -50.50 47.51
N PRO OD 28 -107.28 -49.62 47.99
CA PRO OD 28 -107.40 -48.20 47.65
C PRO OD 28 -107.00 -47.95 46.21
N PRO OD 29 -107.44 -46.83 45.63
CA PRO OD 29 -106.96 -46.46 44.28
C PRO OD 29 -105.47 -46.17 44.29
N ILE OD 30 -104.80 -46.55 43.20
CA ILE OD 30 -103.34 -46.43 43.14
C ILE OD 30 -102.92 -44.98 42.97
N ASN OD 31 -103.68 -44.19 42.22
CA ASN OD 31 -103.42 -42.77 42.06
C ASN OD 31 -104.29 -41.95 43.01
N ASN OD 32 -104.14 -42.26 44.30
CA ASN OD 32 -104.97 -41.56 45.28
C ASN OD 32 -104.18 -40.44 45.96
N PRO OD 33 -104.79 -39.28 46.18
CA PRO OD 33 -104.10 -38.21 46.91
C PRO OD 33 -104.01 -38.51 48.40
N SER OD 34 -103.02 -39.29 48.80
CA SER OD 34 -102.75 -39.57 50.20
C SER OD 34 -101.73 -38.63 50.80
N ASP OD 35 -101.46 -37.51 50.14
CA ASP OD 35 -100.47 -36.53 50.57
C ASP OD 35 -101.13 -35.16 50.65
N ASP OD 36 -100.80 -34.40 51.70
CA ASP OD 36 -101.53 -33.17 52.00
C ASP OD 36 -101.24 -32.02 51.05
N ALA OD 37 -100.20 -32.14 50.21
CA ALA OD 37 -100.02 -31.18 49.13
C ALA OD 37 -100.73 -31.61 47.86
N THR OD 38 -100.77 -32.92 47.59
CA THR OD 38 -101.50 -33.45 46.43
C THR OD 38 -103.00 -33.23 46.57
N ILE OD 39 -103.51 -33.28 47.79
CA ILE OD 39 -104.93 -33.03 48.05
C ILE OD 39 -105.30 -31.59 47.67
N LYS OD 40 -104.47 -30.64 48.08
CA LYS OD 40 -104.69 -29.23 47.76
C LYS OD 40 -104.52 -28.96 46.26
N LEU OD 41 -103.54 -29.63 45.64
CA LEU OD 41 -103.33 -29.50 44.19
C LEU OD 41 -104.54 -30.00 43.40
N ALA OD 42 -105.10 -31.14 43.82
CA ALA OD 42 -106.23 -31.71 43.11
C ALA OD 42 -107.50 -30.89 43.34
N GLU OD 43 -107.68 -30.34 44.54
CA GLU OD 43 -108.82 -29.45 44.78
C GLU OD 43 -108.71 -28.18 43.94
N ALA OD 44 -107.50 -27.63 43.80
CA ALA OD 44 -107.30 -26.48 42.94
C ALA OD 44 -107.59 -26.80 41.48
N ALA OD 45 -107.20 -28.00 41.03
CA ALA OD 45 -107.50 -28.42 39.66
C ALA OD 45 -109.01 -28.55 39.42
N VAL OD 46 -109.73 -29.11 40.40
CA VAL OD 46 -111.19 -29.24 40.30
C VAL OD 46 -111.86 -27.87 40.23
N SER OD 47 -111.42 -26.92 41.06
CA SER OD 47 -112.02 -25.59 41.05
C SER OD 47 -111.68 -24.82 39.77
N VAL OD 48 -110.48 -25.01 39.21
CA VAL OD 48 -110.13 -24.40 37.94
C VAL OD 48 -110.99 -24.96 36.81
N SER OD 49 -111.24 -26.27 36.82
CA SER OD 49 -112.11 -26.89 35.82
C SER OD 49 -113.55 -26.37 35.93
N ASP OD 50 -114.04 -26.19 37.16
CA ASP OD 50 -115.37 -25.63 37.37
C ASP OD 50 -115.48 -24.20 36.86
N SER OD 51 -114.45 -23.37 37.13
CA SER OD 51 -114.45 -21.99 36.65
C SER OD 51 -114.39 -21.93 35.12
N MET OD 52 -113.62 -22.83 34.50
CA MET OD 52 -113.55 -22.85 33.05
C MET OD 52 -114.85 -23.31 32.42
N LEU OD 53 -115.55 -24.25 33.06
CA LEU OD 53 -116.88 -24.63 32.61
C LEU OD 53 -117.88 -23.48 32.73
N GLU OD 54 -117.77 -22.69 33.80
CA GLU OD 54 -118.60 -21.49 33.92
C GLU OD 54 -118.31 -20.48 32.82
N MET OD 55 -117.02 -20.31 32.48
CA MET OD 55 -116.64 -19.47 31.34
C MET OD 55 -117.27 -19.95 30.04
N ALA OD 56 -117.22 -21.25 29.78
CA ALA OD 56 -117.80 -21.80 28.55
C ALA OD 56 -119.31 -21.61 28.51
N LYS OD 57 -119.99 -21.82 29.66
CA LYS OD 57 -121.43 -21.65 29.73
C LYS OD 57 -121.86 -20.20 29.52
N VAL OD 58 -121.09 -19.24 30.05
CA VAL OD 58 -121.40 -17.84 29.82
C VAL OD 58 -121.12 -17.45 28.37
N GLU OD 59 -119.96 -17.86 27.85
CA GLU OD 59 -119.51 -17.34 26.55
C GLU OD 59 -120.22 -17.96 25.36
N LYS OD 60 -120.69 -19.21 25.46
CA LYS OD 60 -121.27 -19.86 24.29
C LYS OD 60 -122.66 -19.29 23.98
N VAL OD 61 -122.87 -18.92 22.72
CA VAL OD 61 -124.16 -18.47 22.21
C VAL OD 61 -124.69 -19.51 21.23
N ILE OD 62 -125.99 -19.79 21.32
CA ILE OD 62 -126.65 -20.82 20.52
C ILE OD 62 -127.84 -20.20 19.81
N THR OD 63 -128.54 -21.04 19.06
CA THR OD 63 -129.79 -20.72 18.39
C THR OD 63 -130.84 -21.77 18.74
N PRO OD 64 -132.11 -21.37 18.89
CA PRO OD 64 -133.15 -22.37 19.09
C PRO OD 64 -133.44 -23.12 17.80
N PRO OD 65 -133.90 -24.38 17.89
CA PRO OD 65 -134.12 -25.16 16.67
C PRO OD 65 -135.35 -24.74 15.86
N SER OD 66 -136.19 -23.85 16.40
CA SER OD 66 -137.36 -23.39 15.64
C SER OD 66 -136.95 -22.44 14.51
N LYS OD 67 -135.94 -21.60 14.74
CA LYS OD 67 -135.52 -20.59 13.78
C LYS OD 67 -134.16 -20.92 13.16
N ASP OD 68 -133.78 -22.20 13.15
CA ASP OD 68 -132.53 -22.63 12.55
C ASP OD 68 -132.64 -22.56 11.04
N ASN OD 69 -131.79 -21.73 10.41
CA ASN OD 69 -131.85 -21.51 8.97
C ASN OD 69 -130.99 -22.54 8.25
N THR OD 70 -131.49 -23.76 8.23
CA THR OD 70 -130.83 -24.89 7.58
C THR OD 70 -131.90 -25.72 6.89
N LEU OD 71 -131.59 -26.18 5.68
CA LEU OD 71 -132.54 -26.98 4.90
C LEU OD 71 -132.78 -28.33 5.57
N THR OD 72 -134.05 -28.70 5.68
CA THR OD 72 -134.43 -29.98 6.24
C THR OD 72 -134.40 -31.06 5.16
N ILE OD 73 -134.58 -32.31 5.60
CA ILE OD 73 -134.61 -33.44 4.68
C ILE OD 73 -135.95 -33.43 3.96
N PRO OD 74 -135.97 -33.39 2.61
CA PRO OD 74 -137.24 -33.33 1.89
C PRO OD 74 -138.00 -34.64 1.84
N ASN OD 75 -137.41 -35.73 2.32
CA ASN OD 75 -137.91 -37.12 2.37
C ASN OD 75 -138.64 -37.59 1.10
N ALA OD 76 -138.15 -37.19 -0.06
CA ALA OD 76 -138.64 -37.74 -1.31
C ALA OD 76 -138.03 -39.11 -1.55
N TYR OD 77 -138.70 -39.91 -2.38
CA TYR OD 77 -138.24 -41.27 -2.61
C TYR OD 77 -137.01 -41.31 -3.50
N ASN OD 78 -136.94 -40.41 -4.49
CA ASN OD 78 -135.81 -40.38 -5.41
C ASN OD 78 -134.56 -39.74 -4.82
N LEU OD 79 -134.68 -39.08 -3.67
CA LEU OD 79 -133.54 -38.42 -3.04
C LEU OD 79 -132.93 -39.24 -1.91
N GLN OD 80 -133.37 -40.48 -1.73
CA GLN OD 80 -132.81 -41.37 -0.72
C GLN OD 80 -131.70 -42.26 -1.25
N ALA OD 81 -131.35 -42.14 -2.52
CA ALA OD 81 -130.33 -42.99 -3.11
C ALA OD 81 -128.94 -42.57 -2.65
N ARG OD 82 -128.06 -43.56 -2.45
CA ARG OD 82 -126.71 -43.31 -1.99
C ARG OD 82 -125.83 -42.81 -3.13
N ALA OD 83 -124.74 -42.15 -2.76
CA ALA OD 83 -123.84 -41.57 -3.76
C ALA OD 83 -122.43 -41.52 -3.21
N SER OD 84 -121.47 -41.32 -4.11
CA SER OD 84 -120.06 -41.16 -3.78
C SER OD 84 -119.54 -39.95 -4.54
N VAL OD 85 -119.25 -38.87 -3.82
CA VAL OD 85 -118.97 -37.57 -4.44
C VAL OD 85 -117.62 -37.07 -3.95
N ASP OD 86 -116.74 -36.73 -4.88
CA ASP OD 86 -115.48 -36.04 -4.58
C ASP OD 86 -115.40 -34.81 -5.48
N TRP OD 87 -115.51 -33.62 -4.89
CA TRP OD 87 -115.61 -32.40 -5.65
C TRP OD 87 -115.10 -31.22 -4.82
N SER OD 88 -114.42 -30.29 -5.49
CA SER OD 88 -114.00 -29.03 -4.86
C SER OD 88 -114.02 -27.97 -5.95
N GLY OD 89 -115.12 -27.23 -6.04
CA GLY OD 89 -115.30 -26.24 -7.06
C GLY OD 89 -116.59 -25.46 -6.91
N PRO OD 90 -117.14 -24.97 -8.03
CA PRO OD 90 -118.37 -24.18 -7.98
C PRO OD 90 -119.59 -25.00 -7.57
N ILE OD 91 -120.57 -24.29 -7.02
CA ILE OD 91 -121.74 -24.93 -6.41
C ILE OD 91 -122.74 -25.34 -7.49
N GLU OD 92 -122.84 -24.57 -8.58
CA GLU OD 92 -123.90 -24.77 -9.57
C GLU OD 92 -123.72 -26.06 -10.35
N GLU OD 93 -122.49 -26.40 -10.72
CA GLU OD 93 -122.22 -27.62 -11.50
C GLU OD 93 -122.54 -28.87 -10.68
N LEU OD 94 -122.11 -28.88 -9.41
CA LEU OD 94 -122.40 -30.01 -8.53
C LEU OD 94 -123.89 -30.12 -8.24
N THR OD 95 -124.58 -28.98 -8.03
CA THR OD 95 -126.01 -29.02 -7.74
C THR OD 95 -126.80 -29.50 -8.95
N ALA OD 96 -126.39 -29.09 -10.15
CA ALA OD 96 -127.02 -29.57 -11.38
C ALA OD 96 -126.79 -31.07 -11.57
N ARG OD 97 -125.59 -31.57 -11.25
CA ARG OD 97 -125.34 -32.99 -11.33
C ARG OD 97 -126.16 -33.79 -10.30
N ILE OD 98 -126.32 -33.24 -9.10
CA ILE OD 98 -127.13 -33.90 -8.07
C ILE OD 98 -128.60 -33.95 -8.50
N ALA OD 99 -129.11 -32.85 -9.07
CA ALA OD 99 -130.49 -32.84 -9.57
C ALA OD 99 -130.69 -33.79 -10.74
N LYS OD 100 -129.70 -33.88 -11.64
CA LYS OD 100 -129.80 -34.79 -12.78
C LYS OD 100 -129.72 -36.24 -12.33
N ALA OD 101 -128.92 -36.53 -11.31
CA ALA OD 101 -128.87 -37.89 -10.76
C ALA OD 101 -130.15 -38.23 -10.00
N ALA OD 102 -130.79 -37.24 -9.39
CA ALA OD 102 -132.04 -37.45 -8.68
C ALA OD 102 -133.27 -37.29 -9.59
N HIS OD 103 -133.06 -37.07 -10.89
CA HIS OD 103 -134.10 -36.98 -11.92
C HIS OD 103 -135.06 -35.81 -11.65
N PHE OD 104 -134.53 -34.72 -11.12
CA PHE OD 104 -135.27 -33.49 -10.89
C PHE OD 104 -134.85 -32.45 -11.93
N ARG OD 105 -135.72 -31.47 -12.17
CA ARG OD 105 -135.29 -30.33 -12.94
C ARG OD 105 -134.47 -29.39 -12.06
N PHE OD 106 -133.73 -28.49 -12.69
CA PHE OD 106 -132.82 -27.62 -11.97
C PHE OD 106 -132.92 -26.21 -12.54
N ARG OD 107 -133.08 -25.22 -11.65
CA ARG OD 107 -133.19 -23.84 -12.08
C ARG OD 107 -132.42 -22.91 -11.15
N VAL OD 108 -131.94 -21.79 -11.71
CA VAL OD 108 -131.12 -20.82 -11.00
C VAL OD 108 -131.80 -19.47 -11.08
N LEU OD 109 -131.98 -18.83 -9.93
CA LEU OD 109 -132.48 -17.46 -9.85
C LEU OD 109 -131.46 -16.61 -9.09
N GLY OD 110 -131.11 -15.47 -9.68
CA GLY OD 110 -130.13 -14.58 -9.12
C GLY OD 110 -129.07 -14.24 -10.15
N LYS OD 111 -127.96 -13.68 -9.69
CA LYS OD 111 -126.84 -13.31 -10.55
C LYS OD 111 -125.55 -13.88 -9.97
N SER OD 112 -124.77 -14.54 -10.81
CA SER OD 112 -123.49 -15.09 -10.37
C SER OD 112 -122.49 -13.96 -10.18
N PRO OD 113 -121.77 -13.93 -9.05
CA PRO OD 113 -120.79 -12.85 -8.81
C PRO OD 113 -119.53 -13.05 -9.63
N SER OD 114 -118.61 -12.09 -9.50
CA SER OD 114 -117.32 -12.19 -10.17
C SER OD 114 -116.48 -13.31 -9.58
N VAL OD 115 -116.49 -13.46 -8.27
CA VAL OD 115 -115.85 -14.58 -7.57
C VAL OD 115 -116.93 -15.63 -7.30
N PRO OD 116 -116.83 -16.83 -7.85
CA PRO OD 116 -117.89 -17.83 -7.64
C PRO OD 116 -117.83 -18.43 -6.25
N VAL OD 117 -118.96 -19.00 -5.84
CA VAL OD 117 -119.06 -19.66 -4.54
C VAL OD 117 -118.43 -21.04 -4.66
N LEU OD 118 -117.45 -21.31 -3.81
CA LEU OD 118 -116.66 -22.55 -3.88
C LEU OD 118 -116.99 -23.42 -2.69
N ILE OD 119 -117.38 -24.67 -2.97
CA ILE OD 119 -117.67 -25.66 -1.95
C ILE OD 119 -116.73 -26.85 -2.17
N SER OD 120 -116.79 -27.81 -1.24
CA SER OD 120 -115.94 -29.00 -1.32
C SER OD 120 -116.64 -30.13 -0.57
N ILE OD 121 -117.08 -31.14 -1.31
CA ILE OD 121 -117.78 -32.30 -0.76
C ILE OD 121 -116.97 -33.54 -1.07
N SER OD 122 -116.64 -34.31 -0.03
CA SER OD 122 -115.85 -35.53 -0.18
C SER OD 122 -116.45 -36.61 0.71
N THR OD 123 -117.20 -37.52 0.09
CA THR OD 123 -117.81 -38.63 0.82
C THR OD 123 -117.94 -39.83 -0.10
N LYS OD 124 -118.02 -41.01 0.52
CA LYS OD 124 -118.12 -42.28 -0.18
C LYS OD 124 -119.51 -42.88 -0.15
N ASP OD 125 -120.30 -42.63 0.90
CA ASP OD 125 -121.63 -43.23 1.03
C ASP OD 125 -122.50 -42.23 1.80
N GLU OD 126 -123.28 -41.44 1.07
CA GLU OD 126 -124.18 -40.48 1.69
C GLU OD 126 -125.39 -40.29 0.77
N SER OD 127 -126.51 -39.90 1.36
CA SER OD 127 -127.72 -39.68 0.58
C SER OD 127 -127.67 -38.33 -0.12
N LEU OD 128 -128.45 -38.22 -1.20
CA LEU OD 128 -128.46 -37.00 -2.00
C LEU OD 128 -129.07 -35.83 -1.24
N ALA OD 129 -130.07 -36.10 -0.40
CA ALA OD 129 -130.65 -35.05 0.43
C ALA OD 129 -129.66 -34.53 1.47
N GLU OD 130 -128.86 -35.43 2.05
CA GLU OD 130 -127.84 -35.01 3.01
C GLU OD 130 -126.71 -34.26 2.32
N ILE OD 131 -126.38 -34.64 1.09
CA ILE OD 131 -125.40 -33.91 0.29
C ILE OD 131 -125.91 -32.50 -0.01
N LEU OD 132 -127.20 -32.38 -0.36
CA LEU OD 132 -127.81 -31.07 -0.61
C LEU OD 132 -127.84 -30.22 0.66
N ARG OD 133 -128.09 -30.84 1.81
CA ARG OD 133 -128.06 -30.12 3.08
C ARG OD 133 -126.66 -29.61 3.40
N ASP OD 134 -125.64 -30.43 3.15
CA ASP OD 134 -124.27 -30.00 3.38
C ASP OD 134 -123.85 -28.90 2.41
N ILE OD 135 -124.34 -28.97 1.16
CA ILE OD 135 -124.08 -27.92 0.18
C ILE OD 135 -124.71 -26.60 0.61
N ASP OD 136 -125.96 -26.66 1.11
CA ASP OD 136 -126.66 -25.45 1.53
C ASP OD 136 -125.99 -24.86 2.77
N TYR OD 137 -125.52 -25.72 3.70
CA TYR OD 137 -124.79 -25.24 4.87
C TYR OD 137 -123.45 -24.61 4.48
N GLN OD 138 -122.74 -25.21 3.52
CA GLN OD 138 -121.45 -24.68 3.12
C GLN OD 138 -121.57 -23.42 2.26
N ALA OD 139 -122.71 -23.22 1.61
CA ALA OD 139 -122.91 -22.01 0.82
C ALA OD 139 -123.02 -20.77 1.69
N GLY OD 140 -123.60 -20.89 2.88
CA GLY OD 140 -123.69 -19.77 3.80
C GLY OD 140 -124.82 -18.82 3.46
N LYS OD 141 -124.54 -17.52 3.57
CA LYS OD 141 -125.54 -16.48 3.33
C LYS OD 141 -125.56 -16.00 1.88
N LYS OD 142 -124.71 -16.55 1.01
CA LYS OD 142 -124.63 -16.10 -0.37
C LYS OD 142 -125.60 -16.82 -1.29
N ALA OD 143 -125.96 -18.07 -0.98
CA ALA OD 143 -126.87 -18.82 -1.83
C ALA OD 143 -127.70 -19.76 -0.97
N SER OD 144 -128.82 -20.21 -1.54
CA SER OD 144 -129.73 -21.13 -0.86
C SER OD 144 -130.27 -22.12 -1.88
N ILE OD 145 -130.66 -23.29 -1.38
CA ILE OD 145 -131.19 -24.38 -2.20
C ILE OD 145 -132.57 -24.73 -1.68
N HIS OD 146 -133.56 -24.69 -2.57
CA HIS OD 146 -134.93 -25.09 -2.25
C HIS OD 146 -135.30 -26.31 -3.08
N VAL OD 147 -136.07 -27.21 -2.49
CA VAL OD 147 -136.49 -28.44 -3.17
C VAL OD 147 -138.01 -28.46 -3.21
N TYR OD 148 -138.57 -28.55 -4.43
CA TYR OD 148 -140.00 -28.70 -4.59
C TYR OD 148 -140.29 -30.10 -5.12
N PRO OD 149 -140.95 -30.97 -4.33
CA PRO OD 149 -141.17 -32.36 -4.76
C PRO OD 149 -142.46 -32.58 -5.52
N ASN OD 150 -143.45 -31.68 -5.40
CA ASN OD 150 -144.70 -31.84 -6.13
C ASN OD 150 -144.50 -31.61 -7.62
N SER OD 151 -143.82 -30.52 -7.98
CA SER OD 151 -143.24 -30.33 -9.30
C SER OD 151 -141.74 -30.44 -9.12
N GLN OD 152 -141.18 -31.57 -9.52
CA GLN OD 152 -139.88 -32.02 -9.03
C GLN OD 152 -138.73 -31.15 -9.54
N VAL OD 153 -138.36 -30.15 -8.75
CA VAL OD 153 -137.38 -29.16 -9.17
C VAL OD 153 -136.51 -28.74 -8.00
N VAL OD 154 -135.27 -28.38 -8.32
CA VAL OD 154 -134.29 -27.87 -7.36
C VAL OD 154 -133.94 -26.44 -7.78
N GLU OD 155 -134.16 -25.51 -6.87
CA GLU OD 155 -133.95 -24.08 -7.10
C GLU OD 155 -132.70 -23.62 -6.36
N LEU OD 156 -131.79 -22.98 -7.09
CA LEU OD 156 -130.61 -22.35 -6.52
C LEU OD 156 -130.82 -20.85 -6.57
N ARG OD 157 -130.96 -20.22 -5.41
CA ARG OD 157 -131.29 -18.80 -5.31
C ARG OD 157 -130.11 -18.05 -4.72
N TYR OD 158 -129.65 -17.04 -5.44
CA TYR OD 158 -128.53 -16.22 -4.97
C TYR OD 158 -129.03 -15.12 -4.04
N ALA OD 159 -128.09 -14.48 -3.35
CA ALA OD 159 -128.40 -13.42 -2.41
C ALA OD 159 -128.25 -12.06 -3.09
N LYS OD 160 -129.18 -11.15 -2.79
CA LYS OD 160 -129.17 -9.81 -3.37
C LYS OD 160 -128.07 -8.95 -2.74
N ILE PD 208 -147.55 -12.01 37.96
CA ILE PD 208 -147.75 -13.11 38.90
C ILE PD 208 -147.53 -14.43 38.15
N ILE PD 209 -146.99 -15.42 38.85
CA ILE PD 209 -146.70 -16.73 38.29
C ILE PD 209 -147.27 -17.78 39.25
N TYR PD 210 -147.50 -18.98 38.73
CA TYR PD 210 -148.05 -20.08 39.51
C TYR PD 210 -147.09 -21.26 39.53
N TYR PD 211 -147.06 -21.96 40.66
CA TYR PD 211 -146.27 -23.18 40.82
C TYR PD 211 -147.17 -24.29 41.39
N ILE PD 212 -146.70 -25.52 41.28
CA ILE PD 212 -147.42 -26.69 41.76
C ILE PD 212 -146.74 -27.19 43.04
N GLN PD 213 -147.52 -27.78 43.94
CA GLN PD 213 -146.96 -28.42 45.12
C GLN PD 213 -147.05 -29.94 45.05
N ALA PD 214 -148.22 -30.46 44.70
CA ALA PD 214 -148.47 -31.90 44.67
C ALA PD 214 -149.48 -32.19 43.58
N VAL PD 215 -149.38 -33.39 43.01
CA VAL PD 215 -150.21 -33.80 41.89
C VAL PD 215 -150.72 -35.22 42.14
N ILE PD 216 -151.97 -35.46 41.80
CA ILE PD 216 -152.56 -36.79 41.81
C ILE PD 216 -153.23 -36.98 40.46
N PRO PD 217 -153.42 -38.24 40.01
CA PRO PD 217 -154.29 -38.46 38.85
C PRO PD 217 -155.70 -37.94 39.05
N GLY PD 218 -156.07 -36.91 38.29
CA GLY PD 218 -157.39 -36.31 38.41
C GLY PD 218 -157.40 -34.84 38.78
N ARG PD 219 -156.56 -34.44 39.74
CA ARG PD 219 -156.56 -33.06 40.21
C ARG PD 219 -155.18 -32.70 40.74
N ALA PD 220 -154.90 -31.40 40.82
CA ALA PD 220 -153.60 -30.93 41.26
C ALA PD 220 -153.76 -29.72 42.18
N TRP PD 221 -152.74 -29.51 43.01
CA TRP PD 221 -152.69 -28.44 44.01
C TRP PD 221 -151.63 -27.44 43.60
N LEU PD 222 -152.02 -26.16 43.48
CA LEU PD 222 -151.17 -25.12 42.92
C LEU PD 222 -150.96 -23.99 43.92
N ILE PD 223 -149.78 -23.36 43.81
CA ILE PD 223 -149.39 -22.25 44.68
C ILE PD 223 -148.92 -21.09 43.80
N GLY PD 224 -149.16 -19.87 44.27
CA GLY PD 224 -148.76 -18.68 43.55
C GLY PD 224 -147.62 -17.93 44.23
N SER PD 225 -147.30 -16.78 43.64
CA SER PD 225 -146.29 -15.90 44.23
C SER PD 225 -146.79 -15.24 45.51
N ASN PD 226 -148.10 -15.01 45.61
CA ASN PD 226 -148.70 -14.37 46.77
C ASN PD 226 -149.03 -15.36 47.89
N GLY PD 227 -148.77 -16.65 47.69
CA GLY PD 227 -149.04 -17.63 48.72
C GLY PD 227 -150.46 -18.12 48.80
N SER PD 228 -151.23 -18.01 47.72
CA SER PD 228 -152.62 -18.45 47.68
C SER PD 228 -152.70 -19.83 47.07
N THR PD 229 -153.39 -20.74 47.76
CA THR PD 229 -153.56 -22.10 47.28
C THR PD 229 -154.68 -22.17 46.25
N LEU PD 230 -154.62 -23.21 45.42
CA LEU PD 230 -155.64 -23.43 44.40
C LEU PD 230 -155.73 -24.92 44.11
N THR PD 231 -156.92 -25.38 43.73
CA THR PD 231 -157.15 -26.76 43.33
C THR PD 231 -157.67 -26.76 41.90
N VAL PD 232 -157.03 -27.55 41.03
CA VAL PD 232 -157.37 -27.57 39.61
C VAL PD 232 -157.76 -28.99 39.21
N ARG PD 233 -158.78 -29.10 38.36
CA ARG PD 233 -159.26 -30.34 37.80
C ARG PD 233 -158.72 -30.54 36.38
N GLU PD 234 -159.24 -31.56 35.70
CA GLU PD 234 -158.82 -31.82 34.31
C GLU PD 234 -159.29 -30.71 33.38
N GLY PD 235 -160.51 -30.22 33.59
CA GLY PD 235 -161.00 -29.07 32.85
C GLY PD 235 -161.55 -27.99 33.76
N SER PD 236 -160.90 -26.82 33.79
CA SER PD 236 -161.33 -25.70 34.61
C SER PD 236 -160.71 -24.43 34.03
N LYS PD 237 -160.83 -23.33 34.77
CA LYS PD 237 -160.29 -22.04 34.38
C LYS PD 237 -159.49 -21.45 35.52
N ILE PD 238 -158.27 -21.00 35.22
CA ILE PD 238 -157.42 -20.32 36.19
C ILE PD 238 -156.99 -18.98 35.60
N PRO PD 239 -156.76 -17.95 36.41
CA PRO PD 239 -156.32 -16.66 35.85
C PRO PD 239 -154.84 -16.67 35.49
N GLY PD 240 -154.51 -15.94 34.43
CA GLY PD 240 -153.14 -15.79 34.00
C GLY PD 240 -152.62 -16.86 33.07
N TYR PD 241 -153.33 -17.97 32.93
CA TYR PD 241 -152.89 -19.06 32.05
C TYR PD 241 -153.96 -19.48 31.06
N GLY PD 242 -155.23 -19.41 31.43
CA GLY PD 242 -156.30 -19.80 30.52
C GLY PD 242 -157.04 -21.04 30.95
N MET PD 243 -156.97 -22.10 30.13
CA MET PD 243 -157.71 -23.32 30.35
C MET PD 243 -156.76 -24.51 30.42
N VAL PD 244 -157.01 -25.41 31.36
CA VAL PD 244 -156.22 -26.63 31.50
C VAL PD 244 -156.83 -27.72 30.62
N LYS PD 245 -155.96 -28.50 29.96
CA LYS PD 245 -156.42 -29.60 29.11
C LYS PD 245 -155.75 -30.93 29.41
N LEU PD 246 -154.66 -30.95 30.19
CA LEU PD 246 -153.92 -32.18 30.44
C LEU PD 246 -153.19 -32.07 31.76
N ILE PD 247 -153.31 -33.11 32.59
CA ILE PD 247 -152.58 -33.22 33.85
C ILE PD 247 -151.80 -34.52 33.81
N ASP PD 248 -150.47 -34.42 33.92
CA ASP PD 248 -149.59 -35.57 33.89
C ASP PD 248 -149.18 -35.93 35.32
N SER PD 249 -149.28 -37.21 35.65
CA SER PD 249 -148.96 -37.70 36.99
C SER PD 249 -147.56 -38.30 37.07
N LEU PD 250 -147.09 -38.97 36.01
CA LEU PD 250 -145.75 -39.54 36.02
C LEU PD 250 -144.68 -38.46 35.94
N GLN PD 251 -144.92 -37.44 35.12
CA GLN PD 251 -144.03 -36.29 35.02
C GLN PD 251 -144.75 -35.06 35.58
N GLY PD 252 -144.02 -34.26 36.34
CA GLY PD 252 -144.61 -33.09 36.97
C GLY PD 252 -144.77 -31.92 36.02
N ARG PD 253 -145.72 -32.03 35.09
CA ARG PD 253 -145.98 -30.99 34.11
C ARG PD 253 -147.47 -30.92 33.81
N ILE PD 254 -147.97 -29.71 33.63
CA ILE PD 254 -149.37 -29.50 33.23
C ILE PD 254 -149.38 -28.40 32.16
N LEU PD 255 -149.96 -28.71 31.01
CA LEU PD 255 -150.05 -27.75 29.91
C LEU PD 255 -151.29 -26.88 30.06
N THR PD 256 -151.21 -25.65 29.55
CA THR PD 256 -152.33 -24.72 29.59
C THR PD 256 -152.75 -24.36 28.17
N SER PD 257 -153.84 -23.59 28.08
CA SER PD 257 -154.38 -23.18 26.79
C SER PD 257 -153.54 -22.11 26.12
N SER PD 258 -152.74 -21.35 26.87
CA SER PD 258 -151.90 -20.31 26.29
C SER PD 258 -150.63 -20.85 25.65
N GLY PD 259 -150.36 -22.15 25.79
CA GLY PD 259 -149.16 -22.74 25.23
C GLY PD 259 -148.00 -22.88 26.19
N GLN PD 260 -148.21 -22.64 27.48
CA GLN PD 260 -147.16 -22.74 28.48
C GLN PD 260 -147.45 -23.87 29.45
N VAL PD 261 -146.38 -24.39 30.05
CA VAL PD 261 -146.43 -25.56 30.92
C VAL PD 261 -146.02 -25.13 32.32
N ILE PD 262 -146.86 -25.47 33.31
CA ILE PD 262 -146.51 -25.28 34.71
C ILE PD 262 -145.88 -26.56 35.25
N LYS PD 263 -144.74 -26.39 35.94
CA LYS PD 263 -143.96 -27.51 36.45
C LYS PD 263 -143.62 -27.30 37.92
N PHE PD 264 -142.75 -28.15 38.47
CA PHE PD 264 -142.36 -28.05 39.87
C PHE PD 264 -141.38 -26.91 40.09
N SER PD 265 -141.09 -26.66 41.37
CA SER PD 265 -140.16 -25.61 41.74
C SER PD 265 -138.71 -26.08 41.55
N GLN PD 266 -137.80 -25.12 41.60
CA GLN PD 266 -136.37 -25.41 41.42
C GLN PD 266 -135.57 -24.91 42.62
N THR QD 28 -72.06 -40.06 40.78
CA THR QD 28 -72.77 -40.96 39.88
C THR QD 28 -73.87 -41.71 40.62
N GLY QD 29 -75.02 -41.08 40.77
CA GLY QD 29 -76.13 -41.70 41.45
C GLY QD 29 -76.39 -41.15 42.84
N SER QD 30 -76.04 -41.92 43.86
CA SER QD 30 -76.32 -41.56 45.25
C SER QD 30 -75.08 -41.01 45.93
N LEU QD 31 -75.30 -40.41 47.11
CA LEU QD 31 -74.20 -39.92 47.91
C LEU QD 31 -73.36 -41.08 48.46
N ALA QD 32 -74.02 -42.18 48.82
CA ALA QD 32 -73.29 -43.39 49.20
C ALA QD 32 -72.55 -44.00 48.02
N GLY QD 33 -73.10 -43.87 46.81
CA GLY QD 33 -72.37 -44.30 45.63
C GLY QD 33 -71.15 -43.45 45.35
N LEU QD 34 -71.24 -42.15 45.65
CA LEU QD 34 -70.05 -41.30 45.58
C LEU QD 34 -69.04 -41.67 46.64
N GLN QD 35 -69.50 -41.99 47.85
CA GLN QD 35 -68.61 -42.37 48.94
C GLN QD 35 -68.41 -43.88 48.97
N LYS QD 60 -62.45 -52.43 18.20
CA LYS QD 60 -63.81 -52.23 18.67
C LYS QD 60 -64.66 -51.51 17.63
N GLU QD 61 -64.19 -50.34 17.20
CA GLU QD 61 -64.92 -49.53 16.23
C GLU QD 61 -64.83 -50.08 14.81
N THR QD 62 -63.87 -50.95 14.54
CA THR QD 62 -63.77 -51.56 13.21
C THR QD 62 -64.75 -52.72 13.03
N ALA QD 63 -65.30 -53.26 14.13
CA ALA QD 63 -66.24 -54.36 14.04
C ALA QD 63 -67.57 -53.92 13.43
N LEU QD 64 -68.01 -52.70 13.77
CA LEU QD 64 -69.21 -52.12 13.16
C LEU QD 64 -69.02 -51.91 11.66
N SER QD 65 -67.84 -51.44 11.27
CA SER QD 65 -67.56 -51.18 9.86
C SER QD 65 -67.45 -52.46 9.05
N VAL QD 66 -66.89 -53.52 9.64
CA VAL QD 66 -66.81 -54.78 8.90
C VAL QD 66 -68.12 -55.56 8.96
N GLY QD 67 -69.01 -55.26 9.91
CA GLY QD 67 -70.31 -55.90 9.94
C GLY QD 67 -71.34 -55.28 9.02
N ALA QD 68 -71.33 -53.94 8.93
CA ALA QD 68 -72.34 -53.23 8.15
C ALA QD 68 -72.22 -53.52 6.66
N GLN QD 69 -70.98 -53.61 6.15
CA GLN QD 69 -70.76 -53.86 4.73
C GLN QD 69 -71.21 -55.27 4.32
N ALA QD 70 -71.06 -56.25 5.21
CA ALA QD 70 -71.54 -57.59 4.92
C ALA QD 70 -73.06 -57.66 5.03
N GLY QD 71 -73.63 -57.02 6.06
CA GLY QD 71 -75.07 -57.08 6.26
C GLY QD 71 -75.86 -56.38 5.17
N LEU QD 72 -75.33 -55.26 4.67
CA LEU QD 72 -75.98 -54.54 3.58
C LEU QD 72 -76.06 -55.37 2.30
N ALA QD 73 -74.95 -56.03 1.95
CA ALA QD 73 -74.91 -56.86 0.74
C ALA QD 73 -75.78 -58.10 0.88
N TRP QD 74 -75.77 -58.73 2.08
CA TRP QD 74 -76.60 -59.91 2.30
C TRP QD 74 -78.08 -59.58 2.23
N ARG QD 75 -78.50 -58.47 2.87
CA ARG QD 75 -79.89 -58.06 2.81
C ARG QD 75 -80.30 -57.63 1.40
N ALA QD 76 -79.38 -57.00 0.65
CA ALA QD 76 -79.67 -56.64 -0.74
C ALA QD 76 -79.87 -57.87 -1.61
N LYS QD 77 -79.07 -58.92 -1.40
CA LYS QD 77 -79.23 -60.17 -2.16
C LYS QD 77 -80.56 -60.86 -1.83
N ILE QD 78 -80.94 -60.88 -0.55
CA ILE QD 78 -82.22 -61.49 -0.16
C ILE QD 78 -83.40 -60.68 -0.71
N ILE QD 79 -83.29 -59.34 -0.71
CA ILE QD 79 -84.34 -58.49 -1.26
C ILE QD 79 -84.45 -58.69 -2.78
N ASP QD 80 -83.31 -58.88 -3.46
CA ASP QD 80 -83.33 -59.16 -4.90
C ASP QD 80 -84.00 -60.50 -5.21
N GLU QD 81 -83.74 -61.52 -4.39
CA GLU QD 81 -84.42 -62.80 -4.57
C GLU QD 81 -85.93 -62.68 -4.33
N GLN QD 82 -86.32 -61.94 -3.29
CA GLN QD 82 -87.75 -61.75 -3.02
C GLN QD 82 -88.43 -60.94 -4.11
N LEU QD 83 -87.71 -60.01 -4.73
CA LEU QD 83 -88.25 -59.26 -5.87
C LEU QD 83 -88.40 -60.17 -7.08
N ASN QD 84 -87.43 -61.06 -7.33
CA ASN QD 84 -87.51 -61.96 -8.47
C ASN QD 84 -88.56 -63.05 -8.30
N LYS QD 85 -88.94 -63.36 -7.05
CA LYS QD 85 -90.03 -64.33 -6.84
C LYS QD 85 -91.36 -63.80 -7.33
N GLN QD 86 -91.65 -62.51 -7.13
CA GLN QD 86 -92.93 -61.91 -7.42
C GLN QD 86 -92.91 -61.04 -8.68
N ALA QD 87 -92.26 -61.55 -9.73
CA ALA QD 87 -92.02 -60.73 -10.92
C ALA QD 87 -93.29 -60.46 -11.72
N ARG QD 88 -94.17 -61.46 -11.85
CA ARG QD 88 -95.36 -61.29 -12.68
C ARG QD 88 -96.42 -60.43 -12.00
N ASN QD 89 -96.53 -60.54 -10.67
CA ASN QD 89 -97.48 -59.71 -9.94
C ASN QD 89 -97.08 -58.24 -9.97
N LEU QD 90 -95.77 -57.97 -9.91
CA LEU QD 90 -95.30 -56.59 -10.03
C LEU QD 90 -95.57 -56.02 -11.42
N ASP QD 91 -95.42 -56.86 -12.46
CA ASP QD 91 -95.77 -56.44 -13.81
C ASP QD 91 -97.27 -56.17 -13.95
N ALA QD 92 -98.11 -56.97 -13.28
CA ALA QD 92 -99.54 -56.73 -13.31
C ALA QD 92 -99.92 -55.47 -12.53
N ILE QD 93 -99.21 -55.17 -11.45
CA ILE QD 93 -99.55 -54.01 -10.64
C ILE QD 93 -99.08 -52.72 -11.29
N TYR QD 94 -97.80 -52.63 -11.65
CA TYR QD 94 -97.23 -51.41 -12.20
C TYR QD 94 -97.22 -51.52 -13.73
N ASP QD 95 -98.41 -51.40 -14.30
CA ASP QD 95 -98.61 -51.54 -15.75
C ASP QD 95 -98.44 -50.15 -16.38
N PHE QD 96 -97.17 -49.81 -16.65
CA PHE QD 96 -96.87 -48.54 -17.31
C PHE QD 96 -97.25 -48.54 -18.78
N ASN QD 97 -97.39 -49.73 -19.39
CA ASN QD 97 -97.66 -49.81 -20.82
C ASN QD 97 -99.11 -49.43 -21.14
N SER QD 98 -100.03 -49.65 -20.20
CA SER QD 98 -101.45 -49.40 -20.41
C SER QD 98 -101.85 -47.96 -20.10
N LEU QD 99 -100.90 -47.11 -19.76
CA LEU QD 99 -101.18 -45.71 -19.47
C LEU QD 99 -100.62 -44.76 -20.52
N VAL QD 100 -99.94 -45.29 -21.53
CA VAL QD 100 -99.35 -44.48 -22.59
C VAL QD 100 -100.44 -43.93 -23.49
N LEU QD 101 -100.27 -42.69 -23.95
CA LEU QD 101 -101.26 -42.02 -24.80
C LEU QD 101 -101.17 -42.47 -26.24
N GLU QD 102 -101.80 -41.70 -27.15
CA GLU QD 102 -102.07 -42.17 -28.51
C GLU QD 102 -100.79 -42.24 -29.35
N HIS QD 103 -99.97 -41.19 -29.31
CA HIS QD 103 -98.78 -41.11 -30.16
C HIS QD 103 -97.51 -41.54 -29.44
N ASN QD 104 -97.63 -42.53 -28.54
CA ASN QD 104 -96.55 -43.00 -27.65
C ASN QD 104 -95.95 -41.85 -26.84
N ILE QD 105 -96.81 -41.22 -26.05
CA ILE QD 105 -96.43 -40.11 -25.18
C ILE QD 105 -96.71 -40.53 -23.74
N LEU QD 106 -95.69 -40.44 -22.89
CA LEU QD 106 -95.87 -40.73 -21.48
C LEU QD 106 -96.71 -39.64 -20.82
N PRO QD 107 -97.70 -39.99 -20.00
CA PRO QD 107 -98.52 -38.96 -19.37
C PRO QD 107 -97.74 -38.21 -18.31
N PRO QD 108 -98.09 -36.95 -18.04
CA PRO QD 108 -97.38 -36.18 -17.01
C PRO QD 108 -97.77 -36.63 -15.60
N VAL QD 109 -96.97 -36.17 -14.64
CA VAL QD 109 -97.13 -36.52 -13.24
C VAL QD 109 -97.71 -35.32 -12.51
N LEU QD 110 -98.80 -35.52 -11.77
CA LEU QD 110 -99.49 -34.47 -11.05
C LEU QD 110 -99.48 -34.77 -9.55
N LEU QD 111 -99.34 -33.71 -8.76
CA LEU QD 111 -99.28 -33.80 -7.31
C LEU QD 111 -100.42 -32.99 -6.69
N GLU QD 112 -101.02 -33.54 -5.65
CA GLU QD 112 -102.22 -33.01 -5.02
C GLU QD 112 -101.96 -32.71 -3.54
N GLY QD 113 -102.47 -31.57 -3.09
CA GLY QD 113 -102.42 -31.23 -1.68
C GLY QD 113 -103.76 -30.71 -1.21
N ARG QD 114 -104.09 -31.04 0.04
CA ARG QD 114 -105.37 -30.65 0.63
C ARG QD 114 -105.14 -29.99 1.98
N ASN QD 115 -105.96 -28.97 2.27
CA ASN QD 115 -106.04 -28.28 3.56
C ASN QD 115 -104.70 -27.68 3.96
N THR QD 116 -104.21 -26.75 3.14
CA THR QD 116 -102.86 -26.22 3.29
C THR QD 116 -102.88 -24.96 4.14
N LEU QD 117 -101.99 -24.88 5.12
CA LEU QD 117 -101.84 -23.67 5.92
C LEU QD 117 -100.37 -23.28 5.97
N ASN QD 118 -100.11 -21.96 5.90
CA ASN QD 118 -98.78 -21.42 6.06
C ASN QD 118 -98.82 -20.21 6.98
N LEU QD 119 -98.06 -20.28 8.06
CA LEU QD 119 -97.77 -19.15 8.93
C LEU QD 119 -96.51 -18.49 8.38
N ALA QD 120 -96.67 -17.44 7.57
CA ALA QD 120 -95.53 -16.77 6.97
C ALA QD 120 -94.72 -16.04 8.02
N ASP QD 121 -95.38 -15.26 8.87
CA ASP QD 121 -94.77 -14.61 10.01
C ASP QD 121 -95.88 -14.32 11.01
N ALA QD 122 -95.60 -13.45 11.97
CA ALA QD 122 -96.64 -12.96 12.85
C ALA QD 122 -97.60 -12.06 12.07
N GLN QD 123 -98.84 -11.99 12.56
CA GLN QD 123 -99.93 -11.09 12.17
C GLN QD 123 -100.55 -11.44 10.81
N SER QD 124 -100.07 -12.46 10.11
CA SER QD 124 -100.59 -12.79 8.78
C SER QD 124 -100.37 -14.26 8.47
N ILE QD 125 -101.43 -14.92 7.98
CA ILE QD 125 -101.38 -16.32 7.57
C ILE QD 125 -102.04 -16.47 6.20
N ARG QD 126 -101.69 -17.56 5.51
CA ARG QD 126 -102.29 -17.87 4.22
C ARG QD 126 -102.78 -19.31 4.21
N ILE QD 127 -104.04 -19.51 3.84
CA ILE QD 127 -104.63 -20.84 3.80
C ILE QD 127 -105.18 -21.12 2.41
N SER QD 128 -105.21 -22.41 2.07
CA SER QD 128 -105.74 -22.86 0.79
C SER QD 128 -106.49 -24.17 0.99
N ASP QD 129 -107.52 -24.36 0.18
CA ASP QD 129 -108.32 -25.57 0.27
C ASP QD 129 -107.68 -26.76 -0.44
N ARG QD 130 -107.30 -26.58 -1.71
CA ARG QD 130 -106.62 -27.61 -2.48
C ARG QD 130 -105.58 -26.97 -3.38
N THR QD 131 -104.55 -27.74 -3.70
CA THR QD 131 -103.52 -27.30 -4.63
C THR QD 131 -103.13 -28.45 -5.56
N TYR QD 132 -102.85 -28.09 -6.82
CA TYR QD 132 -102.45 -29.04 -7.85
C TYR QD 132 -101.17 -28.53 -8.49
N LYS QD 133 -100.22 -29.44 -8.71
CA LYS QD 133 -98.93 -29.07 -9.29
C LYS QD 133 -98.53 -30.10 -10.35
N VAL QD 134 -97.92 -29.61 -11.43
CA VAL QD 134 -97.33 -30.47 -12.45
C VAL QD 134 -95.88 -30.71 -12.07
N ALA QD 135 -95.53 -31.97 -11.76
CA ALA QD 135 -94.16 -32.29 -11.34
C ALA QD 135 -93.26 -32.60 -12.52
N LYS QD 136 -93.73 -33.45 -13.44
CA LYS QD 136 -92.99 -33.79 -14.65
C LYS QD 136 -93.89 -33.58 -15.86
N GLN QD 137 -93.27 -33.36 -17.02
CA GLN QD 137 -93.98 -33.00 -18.23
C GLN QD 137 -93.95 -34.17 -19.22
N ALA QD 138 -94.96 -34.19 -20.09
CA ALA QD 138 -95.10 -35.24 -21.09
C ALA QD 138 -94.03 -35.12 -22.17
N HIS QD 139 -93.62 -36.27 -22.72
CA HIS QD 139 -92.60 -36.31 -23.76
C HIS QD 139 -92.78 -37.58 -24.57
N PHE QD 140 -92.12 -37.61 -25.73
CA PHE QD 140 -92.11 -38.80 -26.57
C PHE QD 140 -91.28 -39.90 -25.93
N ILE QD 141 -91.72 -41.15 -26.08
CA ILE QD 141 -90.98 -42.31 -25.61
C ILE QD 141 -90.97 -43.36 -26.73
N THR QD 142 -89.98 -44.25 -26.66
CA THR QD 142 -89.92 -45.42 -27.51
C THR QD 142 -90.25 -46.71 -26.78
N THR QD 143 -89.97 -46.77 -25.47
CA THR QD 143 -90.23 -47.93 -24.63
C THR QD 143 -90.94 -47.49 -23.36
N PRO QD 144 -91.84 -48.32 -22.84
CA PRO QD 144 -92.48 -48.01 -21.55
C PRO QD 144 -91.54 -48.30 -20.39
N PRO QD 145 -91.71 -47.61 -19.27
CA PRO QD 145 -90.88 -47.90 -18.09
C PRO QD 145 -91.26 -49.21 -17.44
N THR QD 146 -90.35 -49.71 -16.60
CA THR QD 146 -90.54 -50.96 -15.88
C THR QD 146 -90.15 -50.78 -14.42
N TRP QD 147 -90.58 -51.72 -13.58
CA TRP QD 147 -90.32 -51.64 -12.15
C TRP QD 147 -88.87 -51.96 -11.80
N ARG QD 148 -88.12 -52.58 -12.71
CA ARG QD 148 -86.73 -52.93 -12.44
C ARG QD 148 -85.82 -51.71 -12.38
N GLN QD 149 -86.19 -50.62 -13.05
CA GLN QD 149 -85.42 -49.38 -12.95
C GLN QD 149 -85.66 -48.65 -11.64
N TYR QD 150 -86.68 -49.01 -10.88
CA TYR QD 150 -87.00 -48.40 -9.61
C TYR QD 150 -86.61 -49.26 -8.41
N LEU QD 151 -86.97 -50.54 -8.42
CA LEU QD 151 -86.94 -51.36 -7.22
C LEU QD 151 -85.70 -52.23 -7.06
N TRP QD 152 -84.95 -52.46 -8.14
CA TRP QD 152 -83.83 -53.39 -8.09
C TRP QD 152 -82.67 -52.79 -7.30
N MET QD 153 -82.10 -53.58 -6.39
CA MET QD 153 -80.99 -53.16 -5.56
C MET QD 153 -79.68 -53.75 -6.06
N ASP QD 154 -78.59 -53.07 -5.76
CA ASP QD 154 -77.28 -53.39 -6.30
C ASP QD 154 -76.55 -54.36 -5.38
N TYR QD 155 -76.02 -55.43 -5.95
CA TYR QD 155 -75.31 -56.46 -5.19
C TYR QD 155 -73.97 -56.75 -5.84
N VAL QD 156 -72.89 -56.46 -5.12
CA VAL QD 156 -71.54 -56.90 -5.46
C VAL QD 156 -71.00 -57.68 -4.27
N LYS QD 157 -70.51 -58.89 -4.52
CA LYS QD 157 -70.03 -59.75 -3.45
C LYS QD 157 -68.72 -59.21 -2.88
N PRO QD 158 -68.65 -58.87 -1.59
CA PRO QD 158 -67.40 -58.35 -1.03
C PRO QD 158 -66.47 -59.45 -0.55
N GLU QD 159 -65.26 -59.51 -1.11
CA GLU QD 159 -64.25 -60.47 -0.71
C GLU QD 159 -63.04 -59.77 -0.08
N ALA QD 160 -63.28 -58.68 0.64
CA ALA QD 160 -62.22 -57.88 1.27
C ALA QD 160 -62.52 -57.76 2.76
N PRO QD 161 -62.04 -58.72 3.58
CA PRO QD 161 -62.25 -58.67 5.03
C PRO QD 161 -61.44 -57.56 5.71
N LYS QD 173 -61.23 -61.21 20.81
CA LYS QD 173 -62.53 -61.78 20.47
C LYS QD 173 -63.48 -61.75 21.66
N GLU QD 174 -63.07 -61.02 22.71
CA GLU QD 174 -63.92 -60.91 23.89
C GLU QD 174 -65.12 -60.01 23.64
N ILE QD 175 -64.90 -58.86 23.00
CA ILE QD 175 -65.96 -57.90 22.69
C ILE QD 175 -66.14 -57.71 21.18
N TRP QD 176 -65.53 -58.58 20.38
CA TRP QD 176 -65.60 -58.46 18.93
C TRP QD 176 -66.99 -58.82 18.39
N CYS QD 177 -67.58 -59.89 18.95
CA CYS QD 177 -68.77 -60.49 18.35
C CYS QD 177 -70.01 -59.61 18.51
N ILE QD 178 -70.16 -58.96 19.66
CA ILE QD 178 -71.35 -58.14 19.92
C ILE QD 178 -71.35 -56.89 19.05
N TYR QD 179 -70.18 -56.28 18.82
CA TYR QD 179 -70.13 -55.12 17.94
C TYR QD 179 -70.24 -55.52 16.48
N THR QD 180 -69.74 -56.70 16.12
CA THR QD 180 -69.94 -57.23 14.77
C THR QD 180 -71.41 -57.49 14.48
N GLU QD 181 -72.13 -58.05 15.45
CA GLU QD 181 -73.56 -58.29 15.23
C GLU QD 181 -74.38 -57.00 15.29
N ARG QD 182 -73.91 -55.98 16.03
CA ARG QD 182 -74.57 -54.68 16.00
C ARG QD 182 -74.44 -54.02 14.62
N GLY QD 183 -73.24 -54.07 14.03
CA GLY QD 183 -73.09 -53.62 12.66
C GLY QD 183 -73.88 -54.45 11.66
N TRP QD 184 -74.02 -55.76 11.94
CA TRP QD 184 -74.82 -56.64 11.10
C TRP QD 184 -76.29 -56.22 11.11
N LYS QD 185 -76.81 -55.81 12.26
CA LYS QD 185 -78.17 -55.27 12.30
C LYS QD 185 -78.27 -53.92 11.58
N ASN QD 186 -77.24 -53.08 11.73
CA ASN QD 186 -77.26 -51.73 11.13
C ASN QD 186 -77.30 -51.78 9.62
N GLY QD 187 -76.56 -52.71 9.01
CA GLY QD 187 -76.58 -52.85 7.55
C GLY QD 187 -77.93 -53.28 7.01
N ILE QD 188 -78.60 -54.19 7.72
CA ILE QD 188 -79.93 -54.64 7.33
C ILE QD 188 -80.94 -53.50 7.43
N ASP QD 189 -80.81 -52.68 8.49
CA ASP QD 189 -81.69 -51.51 8.63
C ASP QD 189 -81.48 -50.50 7.50
N GLN QD 190 -80.22 -50.29 7.10
CA GLN QD 190 -79.91 -49.38 5.99
C GLN QD 190 -80.50 -49.88 4.67
N ALA QD 191 -80.39 -51.19 4.41
CA ALA QD 191 -80.95 -51.77 3.18
C ALA QD 191 -82.48 -51.65 3.16
N ASN QD 192 -83.12 -51.85 4.31
CA ASN QD 192 -84.57 -51.69 4.40
C ASN QD 192 -85.00 -50.25 4.14
N THR QD 193 -84.23 -49.29 4.65
CA THR QD 193 -84.52 -47.88 4.40
C THR QD 193 -84.41 -47.53 2.91
N ILE QD 194 -83.37 -48.06 2.24
CA ILE QD 194 -83.17 -47.81 0.81
C ILE QD 194 -84.34 -48.40 0.00
N LEU QD 195 -84.77 -49.62 0.34
CA LEU QD 195 -85.89 -50.25 -0.37
C LEU QD 195 -87.19 -49.48 -0.13
N GLU QD 196 -87.39 -48.95 1.09
CA GLU QD 196 -88.56 -48.13 1.38
C GLU QD 196 -88.61 -46.86 0.54
N GLU QD 197 -87.45 -46.20 0.38
CA GLU QD 197 -87.39 -45.00 -0.45
C GLU QD 197 -87.67 -45.30 -1.92
N ASN QD 198 -87.17 -46.45 -2.42
CA ASN QD 198 -87.45 -46.85 -3.80
C ASN QD 198 -88.94 -47.11 -4.03
N ILE QD 199 -89.58 -47.78 -3.07
CA ILE QD 199 -91.02 -48.07 -3.15
C ILE QD 199 -91.83 -46.76 -3.14
N ALA QD 200 -91.41 -45.80 -2.30
CA ALA QD 200 -92.08 -44.50 -2.25
C ALA QD 200 -91.96 -43.75 -3.58
N ARG QD 201 -90.78 -43.83 -4.21
CA ARG QD 201 -90.57 -43.14 -5.49
C ARG QD 201 -91.45 -43.71 -6.60
N ILE QD 202 -91.48 -45.05 -6.73
CA ILE QD 202 -92.28 -45.64 -7.80
C ILE QD 202 -93.78 -45.45 -7.54
N LYS QD 203 -94.19 -45.45 -6.26
CA LYS QD 203 -95.59 -45.19 -5.92
C LYS QD 203 -95.99 -43.76 -6.26
N GLU QD 204 -95.09 -42.79 -6.02
CA GLU QD 204 -95.37 -41.40 -6.38
C GLU QD 204 -95.53 -41.23 -7.90
N ASP QD 205 -94.64 -41.85 -8.67
CA ASP QD 205 -94.73 -41.73 -10.14
C ASP QD 205 -96.01 -42.35 -10.69
N PHE QD 206 -96.36 -43.55 -10.21
CA PHE QD 206 -97.57 -44.20 -10.71
C PHE QD 206 -98.84 -43.46 -10.26
N GLY QD 207 -98.85 -42.94 -9.03
CA GLY QD 207 -100.00 -42.18 -8.57
C GLY QD 207 -100.19 -40.87 -9.32
N GLY QD 208 -99.09 -40.21 -9.69
CA GLY QD 208 -99.19 -39.02 -10.53
C GLY QD 208 -99.75 -39.32 -11.91
N MET QD 209 -99.31 -40.44 -12.51
CA MET QD 209 -99.86 -40.82 -13.81
C MET QD 209 -101.34 -41.23 -13.72
N ILE QD 210 -101.78 -41.75 -12.58
CA ILE QD 210 -103.21 -42.01 -12.39
C ILE QD 210 -103.99 -40.71 -12.23
N LEU QD 211 -103.45 -39.77 -11.46
CA LEU QD 211 -104.13 -38.50 -11.18
C LEU QD 211 -104.27 -37.64 -12.43
N TYR QD 212 -103.34 -37.76 -13.39
CA TYR QD 212 -103.50 -37.07 -14.66
C TYR QD 212 -104.73 -37.55 -15.42
N ARG QD 213 -104.95 -38.87 -15.48
CA ARG QD 213 -106.14 -39.40 -16.15
C ARG QD 213 -107.42 -39.03 -15.42
N LYS QD 214 -107.36 -38.99 -14.07
CA LYS QD 214 -108.52 -38.57 -13.30
C LYS QD 214 -108.90 -37.11 -13.58
N LEU QD 215 -107.91 -36.21 -13.62
CA LEU QD 215 -108.21 -34.82 -13.90
C LEU QD 215 -108.57 -34.59 -15.37
N LEU QD 216 -108.09 -35.44 -16.28
CA LEU QD 216 -108.52 -35.38 -17.67
C LEU QD 216 -109.97 -35.81 -17.82
N ALA QD 217 -110.40 -36.81 -17.04
CA ALA QD 217 -111.80 -37.20 -17.02
C ALA QD 217 -112.66 -36.10 -16.40
N MET QD 218 -112.15 -35.41 -15.38
CA MET QD 218 -112.90 -34.33 -14.73
C MET QD 218 -112.70 -32.97 -15.39
N ASN QD 219 -111.99 -32.91 -16.53
CA ASN QD 219 -111.85 -31.72 -17.37
C ASN QD 219 -111.12 -30.58 -16.65
N MET QD 220 -109.99 -30.91 -16.04
CA MET QD 220 -109.14 -29.92 -15.39
C MET QD 220 -107.76 -29.79 -16.02
N VAL QD 221 -107.43 -30.63 -17.00
CA VAL QD 221 -106.18 -30.50 -17.76
C VAL QD 221 -106.51 -30.54 -19.24
N SER QD 222 -105.57 -30.05 -20.04
CA SER QD 222 -105.74 -30.18 -21.47
C SER QD 222 -104.91 -31.34 -22.00
N PRO QD 223 -105.40 -32.05 -23.03
CA PRO QD 223 -104.57 -33.09 -23.63
C PRO QD 223 -103.45 -32.48 -24.45
N PRO QD 224 -102.34 -33.20 -24.64
CA PRO QD 224 -101.29 -32.69 -25.53
C PRO QD 224 -101.73 -32.75 -26.98
N TYR QD 225 -101.30 -31.77 -27.76
CA TYR QD 225 -101.70 -31.68 -29.17
C TYR QD 225 -100.52 -31.94 -30.09
N VAL QD 226 -100.77 -32.76 -31.11
CA VAL QD 226 -99.73 -33.31 -31.99
C VAL QD 226 -100.02 -32.86 -33.41
N SER QD 227 -98.99 -32.35 -34.09
CA SER QD 227 -99.06 -32.01 -35.50
C SER QD 227 -98.08 -32.86 -36.28
N HIS QD 228 -98.54 -33.41 -37.40
CA HIS QD 228 -97.74 -34.28 -38.25
C HIS QD 228 -97.62 -33.67 -39.64
N THR QD 229 -96.42 -33.72 -40.21
CA THR QD 229 -96.13 -33.21 -41.54
C THR QD 229 -95.68 -34.37 -42.43
N ASP QD 230 -96.37 -34.56 -43.54
CA ASP QD 230 -96.09 -35.66 -44.47
C ASP QD 230 -95.36 -35.11 -45.68
N LEU QD 231 -94.19 -35.69 -45.98
CA LEU QD 231 -93.46 -35.38 -47.19
C LEU QD 231 -93.53 -36.57 -48.14
N GLY QD 232 -93.23 -36.31 -49.41
CA GLY QD 232 -93.26 -37.36 -50.40
C GLY QD 232 -91.96 -38.14 -50.46
N VAL QD 233 -91.41 -38.27 -51.67
CA VAL QD 233 -90.12 -38.92 -51.86
C VAL QD 233 -89.06 -37.82 -51.85
N THR QD 234 -88.26 -37.79 -50.79
CA THR QD 234 -87.26 -36.75 -50.58
C THR QD 234 -85.86 -37.34 -50.67
N GLY QD 235 -84.91 -36.49 -51.08
CA GLY QD 235 -83.52 -36.86 -51.16
C GLY QD 235 -82.92 -36.50 -52.49
N ASP QD 236 -81.62 -36.74 -52.61
CA ASP QD 236 -80.86 -36.51 -53.82
C ASP QD 236 -80.64 -37.84 -54.54
N GLY QD 237 -79.80 -37.82 -55.58
CA GLY QD 237 -79.57 -39.00 -56.38
C GLY QD 237 -78.70 -40.07 -55.75
N SER QD 238 -78.09 -39.79 -54.60
CA SER QD 238 -77.26 -40.77 -53.91
C SER QD 238 -77.95 -41.38 -52.70
N GLU QD 239 -79.05 -40.80 -52.22
CA GLU QD 239 -79.78 -41.32 -51.07
C GLU QD 239 -81.20 -40.82 -51.14
N ILE QD 240 -82.17 -41.73 -51.02
CA ILE QD 240 -83.58 -41.36 -51.06
C ILE QD 240 -84.31 -41.96 -49.88
N HIS QD 241 -85.38 -41.28 -49.47
CA HIS QD 241 -86.34 -41.77 -48.49
C HIS QD 241 -87.72 -41.76 -49.12
N ILE QD 242 -88.44 -42.88 -48.99
CA ILE QD 242 -89.66 -43.08 -49.77
C ILE QD 242 -90.83 -42.30 -49.17
N ASP QD 243 -91.12 -42.52 -47.89
CA ASP QD 243 -92.25 -41.87 -47.22
C ASP QD 243 -91.74 -41.31 -45.89
N ASP QD 244 -91.65 -39.98 -45.80
CA ASP QD 244 -91.18 -39.30 -44.61
C ASP QD 244 -92.33 -38.64 -43.87
N ARG QD 245 -92.34 -38.79 -42.55
CA ARG QD 245 -93.29 -38.08 -41.71
C ARG QD 245 -92.55 -37.51 -40.50
N VAL QD 246 -92.83 -36.25 -40.19
CA VAL QD 246 -92.24 -35.56 -39.04
C VAL QD 246 -93.36 -35.27 -38.07
N LEU QD 247 -93.25 -35.79 -36.86
CA LEU QD 247 -94.27 -35.61 -35.84
C LEU QD 247 -93.72 -34.70 -34.75
N ARG QD 248 -94.51 -33.71 -34.34
CA ARG QD 248 -94.08 -32.74 -33.36
C ARG QD 248 -95.27 -32.37 -32.49
N ILE QD 249 -95.11 -32.40 -31.18
CA ILE QD 249 -96.17 -31.94 -30.30
C ILE QD 249 -96.00 -30.43 -30.09
N THR QD 250 -97.10 -29.70 -30.22
CA THR QD 250 -97.06 -28.25 -30.23
C THR QD 250 -97.51 -27.61 -28.94
N ALA QD 251 -98.46 -28.22 -28.23
CA ALA QD 251 -98.94 -27.71 -26.96
C ALA QD 251 -98.96 -28.85 -25.94
N LEU QD 252 -98.26 -28.64 -24.83
CA LEU QD 252 -98.13 -29.55 -23.71
C LEU QD 252 -99.39 -29.50 -22.85
N PRO QD 253 -99.62 -30.54 -22.03
CA PRO QD 253 -100.71 -30.46 -21.05
C PRO QD 253 -100.47 -29.37 -20.01
N GLU QD 254 -101.55 -28.73 -19.58
CA GLU QD 254 -101.45 -27.69 -18.57
C GLU QD 254 -102.78 -27.59 -17.82
N LEU QD 255 -102.69 -27.08 -16.60
CA LEU QD 255 -103.84 -26.78 -15.77
C LEU QD 255 -104.57 -25.55 -16.30
N ASN QD 256 -105.89 -25.54 -16.17
CA ASN QD 256 -106.69 -24.38 -16.56
C ASN QD 256 -107.36 -23.77 -15.35
N VAL QD 257 -107.38 -22.43 -15.31
CA VAL QD 257 -107.92 -21.69 -14.18
C VAL QD 257 -109.37 -21.28 -14.38
N ASN QD 258 -109.97 -21.64 -15.50
CA ASN QD 258 -111.37 -21.31 -15.78
C ASN QD 258 -112.24 -22.39 -15.13
N SER QD 259 -112.73 -22.10 -13.93
CA SER QD 259 -113.50 -23.08 -13.16
C SER QD 259 -114.93 -23.24 -13.65
N ALA QD 260 -115.40 -22.39 -14.57
CA ALA QD 260 -116.75 -22.50 -15.09
C ALA QD 260 -116.93 -23.67 -16.04
N GLU QD 261 -115.84 -24.20 -16.59
CA GLU QD 261 -115.90 -25.30 -17.54
C GLU QD 261 -115.58 -26.65 -16.91
N TRP QD 262 -115.38 -26.70 -15.59
CA TRP QD 262 -115.19 -27.98 -14.92
C TRP QD 262 -116.52 -28.73 -14.85
N ARG QD 263 -116.43 -30.05 -14.93
CA ARG QD 263 -117.62 -30.91 -14.99
C ARG QD 263 -117.49 -31.99 -13.93
N ALA QD 264 -118.52 -32.12 -13.09
CA ALA QD 264 -118.48 -32.96 -11.90
C ALA QD 264 -118.88 -34.39 -12.20
N ALA QD 265 -118.69 -35.26 -11.20
CA ALA QD 265 -119.00 -36.68 -11.33
C ALA QD 265 -119.74 -37.14 -10.07
N VAL QD 266 -120.95 -37.65 -10.25
CA VAL QD 266 -121.74 -38.21 -9.16
C VAL QD 266 -121.96 -39.69 -9.47
N ALA QD 267 -121.51 -40.56 -8.56
CA ALA QD 267 -121.54 -42.00 -8.76
C ALA QD 267 -122.68 -42.60 -7.96
N LYS QD 268 -123.61 -43.28 -8.65
CA LYS QD 268 -124.73 -43.94 -7.99
C LYS QD 268 -124.31 -45.30 -7.45
N LYS RD 24 -105.57 -75.47 25.83
CA LYS RD 24 -104.77 -74.84 24.79
C LYS RD 24 -105.57 -73.75 24.08
N PHE RD 25 -104.93 -72.61 23.86
CA PHE RD 25 -105.53 -71.47 23.18
C PHE RD 25 -104.86 -71.26 21.84
N LYS RD 26 -105.66 -71.19 20.78
CA LYS RD 26 -105.13 -71.04 19.43
C LYS RD 26 -106.16 -70.32 18.56
N LYS RD 27 -105.65 -69.64 17.54
CA LYS RD 27 -106.43 -68.94 16.54
C LYS RD 27 -106.10 -69.51 15.16
N PRO RD 28 -107.07 -69.56 14.23
CA PRO RD 28 -106.94 -70.44 13.04
C PRO RD 28 -105.79 -70.08 12.10
N PRO RD 29 -105.65 -68.81 11.57
CA PRO RD 29 -104.68 -68.63 10.49
C PRO RD 29 -103.23 -68.59 10.97
N ILE RD 30 -102.50 -69.69 10.77
CA ILE RD 30 -101.08 -69.78 11.11
C ILE RD 30 -100.36 -70.20 9.83
N ASN RD 31 -99.87 -69.23 9.07
CA ASN RD 31 -99.28 -69.46 7.77
C ASN RD 31 -97.75 -69.49 7.90
N ASN RD 32 -97.08 -69.52 6.74
CA ASN RD 32 -95.63 -69.44 6.69
C ASN RD 32 -95.16 -68.05 7.14
N PRO RD 33 -93.94 -67.93 7.66
CA PRO RD 33 -93.42 -66.61 8.04
C PRO RD 33 -93.24 -65.69 6.86
N SER RD 34 -93.45 -64.39 7.10
CA SER RD 34 -93.49 -63.38 6.06
C SER RD 34 -92.22 -62.54 6.06
N ASP RD 35 -92.06 -61.77 4.99
CA ASP RD 35 -90.92 -60.89 4.80
C ASP RD 35 -91.38 -59.44 4.76
N ASP RD 36 -90.58 -58.56 5.35
CA ASP RD 36 -90.96 -57.15 5.46
C ASP RD 36 -90.94 -56.46 4.10
N ALA RD 37 -90.11 -56.94 3.16
CA ALA RD 37 -90.15 -56.43 1.81
C ALA RD 37 -91.49 -56.72 1.14
N THR RD 38 -91.99 -57.94 1.31
CA THR RD 38 -93.31 -58.29 0.78
C THR RD 38 -94.42 -57.53 1.49
N ILE RD 39 -94.23 -57.25 2.79
CA ILE RD 39 -95.20 -56.44 3.54
C ILE RD 39 -95.28 -55.03 2.98
N LYS RD 40 -94.12 -54.41 2.71
CA LYS RD 40 -94.09 -53.07 2.13
C LYS RD 40 -94.66 -53.04 0.71
N LEU RD 41 -94.37 -54.08 -0.09
CA LEU RD 41 -94.92 -54.17 -1.44
C LEU RD 41 -96.44 -54.30 -1.41
N ALA RD 42 -96.98 -55.11 -0.48
CA ALA RD 42 -98.43 -55.23 -0.35
C ALA RD 42 -99.06 -53.92 0.12
N GLU RD 43 -98.40 -53.21 1.03
CA GLU RD 43 -98.91 -51.92 1.50
C GLU RD 43 -98.97 -50.90 0.37
N ALA RD 44 -97.96 -50.89 -0.51
CA ALA RD 44 -98.03 -50.01 -1.67
C ALA RD 44 -99.11 -50.45 -2.66
N ALA RD 45 -99.25 -51.76 -2.86
CA ALA RD 45 -100.15 -52.28 -3.88
C ALA RD 45 -101.62 -52.08 -3.52
N VAL RD 46 -101.96 -52.10 -2.23
CA VAL RD 46 -103.35 -51.85 -1.82
C VAL RD 46 -103.76 -50.42 -2.16
N SER RD 47 -102.87 -49.45 -1.93
CA SER RD 47 -103.16 -48.05 -2.25
C SER RD 47 -103.22 -47.83 -3.76
N VAL RD 48 -102.35 -48.52 -4.51
CA VAL RD 48 -102.43 -48.47 -5.98
C VAL RD 48 -103.77 -49.03 -6.45
N SER RD 49 -104.21 -50.14 -5.84
CA SER RD 49 -105.45 -50.80 -6.25
C SER RD 49 -106.68 -49.94 -5.97
N ASP RD 50 -106.77 -49.31 -4.80
CA ASP RD 50 -107.98 -48.53 -4.57
C ASP RD 50 -107.94 -47.16 -5.25
N SER RD 51 -106.74 -46.63 -5.56
CA SER RD 51 -106.67 -45.47 -6.45
C SER RD 51 -107.19 -45.81 -7.84
N MET RD 52 -106.81 -46.98 -8.36
CA MET RD 52 -107.34 -47.42 -9.66
C MET RD 52 -108.84 -47.66 -9.60
N LEU RD 53 -109.35 -48.18 -8.48
CA LEU RD 53 -110.78 -48.39 -8.32
C LEU RD 53 -111.55 -47.06 -8.35
N GLU RD 54 -111.02 -46.04 -7.65
CA GLU RD 54 -111.65 -44.72 -7.65
C GLU RD 54 -111.65 -44.09 -9.05
N MET RD 55 -110.51 -44.15 -9.76
CA MET RD 55 -110.48 -43.49 -11.07
C MET RD 55 -111.30 -44.26 -12.11
N ALA RD 56 -111.39 -45.58 -11.96
CA ALA RD 56 -112.25 -46.37 -12.85
C ALA RD 56 -113.72 -46.06 -12.61
N LYS RD 57 -114.12 -45.87 -11.35
CA LYS RD 57 -115.48 -45.46 -11.04
C LYS RD 57 -115.81 -44.09 -11.62
N VAL RD 58 -114.87 -43.13 -11.49
CA VAL RD 58 -115.09 -41.78 -12.02
C VAL RD 58 -115.17 -41.80 -13.55
N GLU RD 59 -114.28 -42.54 -14.21
CA GLU RD 59 -114.29 -42.59 -15.68
C GLU RD 59 -115.54 -43.29 -16.21
N LYS RD 60 -116.00 -44.34 -15.53
CA LYS RD 60 -117.23 -45.01 -15.92
C LYS RD 60 -118.44 -44.08 -15.74
N VAL RD 61 -118.41 -43.24 -14.69
CA VAL RD 61 -119.49 -42.27 -14.49
C VAL RD 61 -119.49 -41.21 -15.60
N ILE RD 62 -118.31 -40.68 -15.95
CA ILE RD 62 -118.23 -39.63 -16.97
C ILE RD 62 -118.60 -40.15 -18.35
N THR RD 63 -118.04 -41.28 -18.76
CA THR RD 63 -118.28 -41.80 -20.12
C THR RD 63 -118.92 -43.19 -20.06
N PRO RD 64 -120.23 -43.29 -20.17
CA PRO RD 64 -120.88 -44.61 -20.27
C PRO RD 64 -120.64 -45.22 -21.64
N PRO RD 65 -120.11 -46.44 -21.70
CA PRO RD 65 -119.97 -47.11 -23.00
C PRO RD 65 -121.30 -47.55 -23.56
N SER RD 66 -121.35 -47.70 -24.88
CA SER RD 66 -122.57 -48.06 -25.58
C SER RD 66 -122.46 -49.27 -26.49
N LYS RD 67 -121.27 -49.65 -26.93
CA LYS RD 67 -121.09 -50.74 -27.86
C LYS RD 67 -120.14 -51.79 -27.29
N ASP RD 68 -120.35 -53.03 -27.69
CA ASP RD 68 -119.54 -54.17 -27.25
C ASP RD 68 -118.95 -54.85 -28.46
N ASN RD 69 -117.76 -55.43 -28.28
CA ASN RD 69 -117.02 -56.06 -29.37
C ASN RD 69 -117.49 -57.48 -29.68
N THR RD 70 -118.65 -57.90 -29.16
CA THR RD 70 -119.22 -59.18 -29.54
C THR RD 70 -119.68 -59.17 -31.00
N LEU RD 71 -120.14 -58.02 -31.48
CA LEU RD 71 -120.54 -57.89 -32.89
C LEU RD 71 -119.34 -58.01 -33.82
N THR RD 72 -118.20 -57.42 -33.45
CA THR RD 72 -117.01 -57.52 -34.30
C THR RD 72 -116.34 -58.87 -34.18
N ILE RD 73 -116.33 -59.46 -32.98
CA ILE RD 73 -115.75 -60.78 -32.77
C ILE RD 73 -116.83 -61.72 -32.25
N PRO RD 74 -117.57 -62.40 -33.13
CA PRO RD 74 -118.53 -63.40 -32.68
C PRO RD 74 -117.88 -64.76 -32.49
N ASN RD 75 -118.60 -65.64 -31.81
CA ASN RD 75 -118.15 -67.00 -31.61
C ASN RD 75 -118.77 -67.98 -32.60
N ALA RD 76 -118.16 -69.16 -32.68
CA ALA RD 76 -118.60 -70.21 -33.59
C ALA RD 76 -118.11 -71.55 -33.05
N TYR RD 77 -118.37 -72.61 -33.80
CA TYR RD 77 -117.80 -73.90 -33.48
C TYR RD 77 -116.29 -73.87 -33.72
N ASN RD 78 -115.57 -74.69 -32.96
CA ASN RD 78 -114.11 -74.82 -32.83
C ASN RD 78 -113.42 -73.51 -32.44
N LEU RD 79 -114.15 -72.51 -31.98
CA LEU RD 79 -113.62 -71.44 -31.14
C LEU RD 79 -113.87 -71.69 -29.67
N GLN RD 80 -114.43 -72.86 -29.34
CA GLN RD 80 -114.74 -73.23 -27.97
C GLN RD 80 -113.71 -74.17 -27.35
N ALA RD 81 -112.64 -74.48 -28.08
CA ALA RD 81 -111.49 -75.11 -27.45
C ALA RD 81 -110.82 -74.11 -26.52
N ARG RD 82 -110.19 -74.60 -25.46
CA ARG RD 82 -109.80 -73.69 -24.39
C ARG RD 82 -108.28 -73.56 -24.33
N ALA RD 83 -107.83 -72.53 -23.61
CA ALA RD 83 -106.41 -72.25 -23.55
C ALA RD 83 -106.06 -71.57 -22.23
N SER RD 84 -104.88 -71.90 -21.72
CA SER RD 84 -104.26 -71.17 -20.62
C SER RD 84 -102.97 -70.54 -21.15
N VAL RD 85 -102.85 -69.23 -21.02
CA VAL RD 85 -101.81 -68.48 -21.71
C VAL RD 85 -101.16 -67.48 -20.75
N ASP RD 86 -99.82 -67.40 -20.83
CA ASP RD 86 -99.00 -66.42 -20.13
C ASP RD 86 -98.01 -65.88 -21.16
N TRP RD 87 -98.35 -64.72 -21.73
CA TRP RD 87 -97.60 -64.13 -22.83
C TRP RD 87 -97.27 -62.67 -22.52
N SER RD 88 -96.04 -62.27 -22.79
CA SER RD 88 -95.54 -60.93 -22.48
C SER RD 88 -94.76 -60.36 -23.67
N GLY RD 89 -95.32 -60.47 -24.87
CA GLY RD 89 -94.64 -60.01 -26.06
C GLY RD 89 -95.55 -59.31 -27.04
N PRO RD 90 -95.16 -59.28 -28.32
CA PRO RD 90 -95.97 -58.62 -29.33
C PRO RD 90 -97.24 -59.39 -29.66
N ILE RD 91 -98.12 -58.73 -30.41
CA ILE RD 91 -99.49 -59.20 -30.60
C ILE RD 91 -99.62 -60.20 -31.75
N GLU RD 92 -98.77 -60.09 -32.78
CA GLU RD 92 -99.01 -60.80 -34.03
C GLU RD 92 -98.73 -62.30 -33.90
N GLU RD 93 -97.66 -62.66 -33.19
CA GLU RD 93 -97.32 -64.07 -33.01
C GLU RD 93 -98.37 -64.79 -32.15
N LEU RD 94 -98.82 -64.15 -31.07
CA LEU RD 94 -99.84 -64.73 -30.21
C LEU RD 94 -101.17 -64.88 -30.95
N THR RD 95 -101.56 -63.87 -31.73
CA THR RD 95 -102.81 -63.94 -32.50
C THR RD 95 -102.72 -65.02 -33.58
N ALA RD 96 -101.55 -65.17 -34.21
CA ALA RD 96 -101.35 -66.21 -35.20
C ALA RD 96 -101.41 -67.61 -34.59
N ARG RD 97 -100.85 -67.77 -33.39
CA ARG RD 97 -100.92 -69.07 -32.71
C ARG RD 97 -102.35 -69.41 -32.29
N ILE RD 98 -103.11 -68.41 -31.84
CA ILE RD 98 -104.52 -68.63 -31.49
C ILE RD 98 -105.33 -69.01 -32.73
N ALA RD 99 -105.08 -68.33 -33.85
CA ALA RD 99 -105.77 -68.65 -35.10
C ALA RD 99 -105.40 -70.04 -35.63
N LYS RD 100 -104.12 -70.42 -35.49
CA LYS RD 100 -103.69 -71.75 -35.95
C LYS RD 100 -104.28 -72.85 -35.08
N ALA RD 101 -104.42 -72.60 -33.78
CA ALA RD 101 -105.10 -73.58 -32.92
C ALA RD 101 -106.60 -73.62 -33.19
N ALA RD 102 -107.18 -72.49 -33.60
CA ALA RD 102 -108.60 -72.43 -33.92
C ALA RD 102 -108.90 -72.85 -35.35
N HIS RD 103 -107.86 -73.22 -36.12
CA HIS RD 103 -107.98 -73.71 -37.50
C HIS RD 103 -108.58 -72.67 -38.43
N PHE RD 104 -108.21 -71.41 -38.21
CA PHE RD 104 -108.66 -70.29 -39.02
C PHE RD 104 -107.48 -69.72 -39.79
N ARG RD 105 -107.77 -69.13 -40.94
CA ARG RD 105 -106.73 -68.41 -41.67
C ARG RD 105 -106.43 -67.09 -40.96
N PHE RD 106 -105.21 -66.60 -41.15
CA PHE RD 106 -104.75 -65.39 -40.48
C PHE RD 106 -104.45 -64.32 -41.52
N ARG RD 107 -104.94 -63.11 -41.29
CA ARG RD 107 -104.78 -62.00 -42.22
C ARG RD 107 -104.33 -60.75 -41.47
N VAL RD 108 -103.42 -60.00 -42.07
CA VAL RD 108 -102.90 -58.76 -41.50
C VAL RD 108 -103.20 -57.61 -42.46
N LEU RD 109 -103.75 -56.52 -41.92
CA LEU RD 109 -104.04 -55.32 -42.68
C LEU RD 109 -103.32 -54.12 -42.07
N GLY RD 110 -102.74 -53.29 -42.93
CA GLY RD 110 -102.09 -52.07 -42.51
C GLY RD 110 -100.59 -52.26 -42.27
N LYS RD 111 -99.92 -51.14 -42.09
CA LYS RD 111 -98.49 -51.12 -41.82
C LYS RD 111 -98.25 -51.31 -40.33
N SER RD 112 -97.34 -52.20 -39.98
CA SER RD 112 -96.94 -52.36 -38.59
C SER RD 112 -96.13 -51.14 -38.14
N PRO RD 113 -96.38 -50.63 -36.94
CA PRO RD 113 -95.63 -49.45 -36.48
C PRO RD 113 -94.20 -49.80 -36.10
N SER RD 114 -93.36 -48.76 -36.08
CA SER RD 114 -91.96 -48.95 -35.72
C SER RD 114 -91.81 -49.26 -34.23
N VAL RD 115 -92.58 -48.57 -33.39
CA VAL RD 115 -92.67 -48.92 -31.98
C VAL RD 115 -93.67 -50.07 -31.88
N PRO RD 116 -93.25 -51.24 -31.39
CA PRO RD 116 -94.14 -52.41 -31.42
C PRO RD 116 -95.29 -52.29 -30.42
N VAL RD 117 -96.40 -52.93 -30.77
CA VAL RD 117 -97.58 -52.98 -29.91
C VAL RD 117 -97.41 -54.17 -28.97
N LEU RD 118 -97.19 -53.89 -27.69
CA LEU RD 118 -96.93 -54.92 -26.69
C LEU RD 118 -98.18 -55.20 -25.89
N ILE RD 119 -98.40 -56.48 -25.59
CA ILE RD 119 -99.53 -56.92 -24.78
C ILE RD 119 -99.00 -57.83 -23.67
N SER RD 120 -99.83 -57.98 -22.64
CA SER RD 120 -99.49 -58.85 -21.51
C SER RD 120 -100.76 -59.61 -21.12
N ILE RD 121 -100.78 -60.92 -21.37
CA ILE RD 121 -101.93 -61.76 -21.09
C ILE RD 121 -101.49 -62.81 -20.07
N SER RD 122 -102.27 -62.97 -19.00
CA SER RD 122 -102.03 -64.03 -18.01
C SER RD 122 -103.39 -64.55 -17.56
N THR RD 123 -103.90 -65.56 -18.23
CA THR RD 123 -105.21 -66.12 -17.92
C THR RD 123 -105.10 -67.61 -17.63
N LYS RD 124 -106.26 -68.24 -17.40
CA LYS RD 124 -106.30 -69.66 -17.08
C LYS RD 124 -107.68 -70.19 -17.46
N ASP RD 125 -107.71 -71.09 -18.45
CA ASP RD 125 -108.87 -71.90 -18.83
C ASP RD 125 -110.08 -71.05 -19.23
N GLU RD 126 -109.92 -70.31 -20.34
CA GLU RD 126 -111.05 -69.64 -20.95
C GLU RD 126 -110.97 -69.81 -22.46
N SER RD 127 -112.08 -69.53 -23.13
CA SER RD 127 -112.22 -69.85 -24.54
C SER RD 127 -111.44 -68.87 -25.42
N LEU RD 128 -111.19 -69.30 -26.66
CA LEU RD 128 -110.39 -68.51 -27.60
C LEU RD 128 -111.10 -67.24 -28.02
N ALA RD 129 -112.44 -67.23 -28.02
CA ALA RD 129 -113.18 -66.00 -28.29
C ALA RD 129 -112.95 -64.97 -27.19
N GLU RD 130 -112.93 -65.41 -25.93
CA GLU RD 130 -112.63 -64.51 -24.83
C GLU RD 130 -111.18 -64.06 -24.84
N ILE RD 131 -110.26 -64.94 -25.26
CA ILE RD 131 -108.85 -64.56 -25.41
C ILE RD 131 -108.70 -63.47 -26.48
N LEU RD 132 -109.37 -63.65 -27.62
CA LEU RD 132 -109.30 -62.65 -28.69
C LEU RD 132 -109.96 -61.34 -28.30
N ARG RD 133 -111.06 -61.41 -27.53
CA ARG RD 133 -111.71 -60.19 -27.06
C ARG RD 133 -110.85 -59.44 -26.05
N ASP RD 134 -110.15 -60.17 -25.17
CA ASP RD 134 -109.24 -59.53 -24.22
C ASP RD 134 -108.04 -58.88 -24.92
N ILE RD 135 -107.49 -59.56 -25.93
CA ILE RD 135 -106.39 -59.00 -26.71
C ILE RD 135 -106.85 -57.76 -27.48
N ASP RD 136 -108.05 -57.82 -28.07
CA ASP RD 136 -108.60 -56.69 -28.79
C ASP RD 136 -108.89 -55.50 -27.88
N TYR RD 137 -109.32 -55.77 -26.65
CA TYR RD 137 -109.56 -54.68 -25.69
C TYR RD 137 -108.25 -54.07 -25.22
N GLN RD 138 -107.22 -54.89 -24.96
CA GLN RD 138 -105.96 -54.35 -24.50
C GLN RD 138 -105.16 -53.67 -25.61
N ALA RD 139 -105.44 -54.01 -26.88
CA ALA RD 139 -104.77 -53.33 -27.99
C ALA RD 139 -105.17 -51.85 -28.07
N GLY RD 140 -106.44 -51.54 -27.82
CA GLY RD 140 -106.84 -50.15 -27.68
C GLY RD 140 -106.96 -49.45 -29.01
N LYS RD 141 -106.29 -48.32 -29.14
CA LYS RD 141 -106.37 -47.46 -30.31
C LYS RD 141 -105.31 -47.77 -31.36
N LYS RD 142 -104.52 -48.82 -31.16
CA LYS RD 142 -103.43 -49.17 -32.07
C LYS RD 142 -103.78 -50.28 -33.04
N ALA RD 143 -104.57 -51.27 -32.62
CA ALA RD 143 -104.88 -52.39 -33.47
C ALA RD 143 -106.28 -52.90 -33.16
N SER RD 144 -106.83 -53.68 -34.09
CA SER RD 144 -108.16 -54.23 -33.95
C SER RD 144 -108.19 -55.66 -34.47
N ILE RD 145 -109.09 -56.46 -33.91
CA ILE RD 145 -109.26 -57.86 -34.24
C ILE RD 145 -110.67 -58.06 -34.78
N HIS RD 146 -110.78 -58.70 -35.94
CA HIS RD 146 -112.06 -59.07 -36.52
C HIS RD 146 -112.06 -60.55 -36.84
N VAL RD 147 -113.22 -61.18 -36.71
CA VAL RD 147 -113.38 -62.61 -36.95
C VAL RD 147 -114.54 -62.80 -37.92
N TYR RD 148 -114.29 -63.45 -39.05
CA TYR RD 148 -115.32 -63.81 -40.01
C TYR RD 148 -115.48 -65.32 -39.99
N PRO RD 149 -116.57 -65.85 -39.42
CA PRO RD 149 -116.70 -67.31 -39.30
C PRO RD 149 -117.17 -68.00 -40.57
N ASN RD 150 -117.84 -67.28 -41.47
CA ASN RD 150 -118.28 -67.90 -42.72
C ASN RD 150 -117.10 -68.18 -43.65
N SER RD 151 -116.07 -67.33 -43.62
CA SER RD 151 -114.86 -67.55 -44.38
C SER RD 151 -113.71 -68.07 -43.53
N GLN RD 152 -113.93 -68.21 -42.21
CA GLN RD 152 -112.98 -68.77 -41.24
C GLN RD 152 -111.67 -67.99 -41.22
N VAL RD 153 -111.78 -66.69 -40.97
CA VAL RD 153 -110.66 -65.76 -41.08
C VAL RD 153 -110.57 -64.93 -39.80
N VAL RD 154 -109.38 -64.90 -39.21
CA VAL RD 154 -109.05 -63.95 -38.13
C VAL RD 154 -108.16 -62.89 -38.74
N GLU RD 155 -108.58 -61.62 -38.64
CA GLU RD 155 -107.88 -60.52 -39.28
C GLU RD 155 -107.47 -59.49 -38.22
N LEU RD 156 -106.19 -59.14 -38.22
CA LEU RD 156 -105.63 -58.11 -37.37
C LEU RD 156 -105.33 -56.89 -38.23
N ARG RD 157 -105.91 -55.75 -37.86
CA ARG RD 157 -105.68 -54.51 -38.62
C ARG RD 157 -105.02 -53.48 -37.73
N TYR RD 158 -104.11 -52.71 -38.33
CA TYR RD 158 -103.41 -51.65 -37.62
C TYR RD 158 -104.12 -50.31 -37.86
N ALA RD 159 -103.93 -49.39 -36.92
CA ALA RD 159 -104.61 -48.10 -37.00
C ALA RD 159 -103.97 -47.21 -38.05
N LYS RD 160 -104.79 -46.33 -38.63
CA LYS RD 160 -104.33 -45.36 -39.62
C LYS RD 160 -103.78 -44.13 -38.90
N ILE RD 161 -102.61 -44.32 -38.31
CA ILE RD 161 -101.90 -43.29 -37.55
C ILE RD 161 -100.47 -43.30 -38.05
N TYR RD 162 -99.70 -42.28 -37.64
CA TYR RD 162 -98.36 -41.94 -38.13
C TYR RD 162 -98.38 -41.73 -39.65
N GLY SD 271 -97.57 -6.67 0.90
CA GLY SD 271 -97.43 -7.74 -0.06
C GLY SD 271 -98.16 -9.02 0.34
N ILE SD 272 -98.50 -9.82 -0.66
CA ILE SD 272 -99.20 -11.09 -0.39
C ILE SD 272 -98.21 -12.08 0.21
N PRO SD 273 -98.56 -12.76 1.31
CA PRO SD 273 -97.68 -13.80 1.88
C PRO SD 273 -97.56 -15.00 0.95
N PRO SD 274 -96.47 -15.76 1.02
CA PRO SD 274 -96.35 -16.96 0.19
C PRO SD 274 -97.38 -18.03 0.56
N SER SD 275 -97.76 -18.82 -0.43
CA SER SD 275 -98.86 -19.76 -0.26
C SER SD 275 -98.45 -20.95 0.58
N ALA SD 276 -97.37 -21.63 0.20
CA ALA SD 276 -96.92 -22.84 0.88
C ALA SD 276 -95.46 -23.10 0.49
N ASN SD 277 -94.97 -24.27 0.87
CA ASN SD 277 -93.71 -24.81 0.37
C ASN SD 277 -94.03 -26.04 -0.46
N ASP SD 278 -93.43 -26.13 -1.64
CA ASP SD 278 -93.76 -27.21 -2.58
C ASP SD 278 -93.06 -28.53 -2.26
N LEU SD 279 -92.16 -28.54 -1.26
CA LEU SD 279 -91.54 -29.79 -0.83
C LEU SD 279 -92.50 -30.67 -0.06
N LEU SD 280 -93.58 -30.10 0.50
CA LEU SD 280 -94.51 -30.87 1.31
C LEU SD 280 -95.34 -31.85 0.49
N LEU SD 281 -95.49 -31.61 -0.82
CA LEU SD 281 -96.11 -32.62 -1.68
C LEU SD 281 -95.26 -33.88 -1.79
N HIS SD 282 -93.94 -33.70 -1.94
CA HIS SD 282 -93.05 -34.85 -1.95
C HIS SD 282 -92.94 -35.51 -0.57
N VAL SD 283 -93.04 -34.72 0.49
CA VAL SD 283 -93.08 -35.27 1.85
C VAL SD 283 -94.34 -36.10 2.04
N LEU SD 284 -95.48 -35.62 1.51
CA LEU SD 284 -96.73 -36.36 1.57
C LEU SD 284 -96.66 -37.65 0.78
N GLU SD 285 -96.02 -37.62 -0.40
CA GLU SD 285 -95.84 -38.83 -1.18
C GLU SD 285 -94.82 -39.78 -0.55
N GLY SD 286 -93.91 -39.28 0.29
CA GLY SD 286 -92.93 -40.10 0.96
C GLY SD 286 -91.53 -39.98 0.42
N VAL SD 287 -91.34 -39.22 -0.66
CA VAL SD 287 -90.00 -39.04 -1.24
C VAL SD 287 -89.28 -37.94 -0.47
N PRO SD 288 -88.05 -38.17 -0.01
CA PRO SD 288 -87.32 -37.11 0.69
C PRO SD 288 -86.96 -35.98 -0.25
N PRO SD 289 -86.83 -34.75 0.27
CA PRO SD 289 -86.38 -33.64 -0.57
C PRO SD 289 -84.93 -33.83 -0.98
N PRO SD 290 -84.53 -33.33 -2.15
CA PRO SD 290 -83.16 -33.54 -2.62
C PRO SD 290 -82.16 -32.72 -1.82
N GLY SD 291 -81.00 -33.33 -1.55
CA GLY SD 291 -79.96 -32.69 -0.76
C GLY SD 291 -80.14 -32.77 0.73
N SER SD 292 -81.18 -33.45 1.21
CA SER SD 292 -81.47 -33.53 2.63
C SER SD 292 -80.72 -34.71 3.25
N ARG SD 293 -80.99 -34.97 4.52
CA ARG SD 293 -80.39 -36.08 5.24
C ARG SD 293 -81.41 -36.69 6.19
N ARG SD 294 -81.22 -37.96 6.52
CA ARG SD 294 -82.20 -38.69 7.29
C ARG SD 294 -82.02 -38.48 8.78
N LEU SD 295 -83.14 -38.52 9.52
CA LEU SD 295 -83.14 -38.47 10.96
C LEU SD 295 -83.84 -39.71 11.50
N VAL SD 296 -83.41 -40.15 12.68
CA VAL SD 296 -83.94 -41.36 13.30
C VAL SD 296 -85.05 -40.98 14.26
N VAL SD 297 -86.22 -41.60 14.08
CA VAL SD 297 -87.40 -41.33 14.91
C VAL SD 297 -87.77 -42.61 15.64
N SER SD 298 -87.91 -42.53 16.95
CA SER SD 298 -88.26 -43.67 17.78
C SER SD 298 -89.49 -43.36 18.62
N GLY SD 299 -90.27 -44.40 18.92
CA GLY SD 299 -91.44 -44.28 19.75
C GLY SD 299 -92.76 -44.25 19.00
N GLY SD 300 -92.75 -44.15 17.68
CA GLY SD 300 -93.98 -44.08 16.92
C GLY SD 300 -93.70 -44.17 15.44
N ASP SD 301 -94.78 -44.13 14.66
CA ASP SD 301 -94.71 -44.30 13.22
C ASP SD 301 -94.60 -42.91 12.60
N ALA SD 302 -93.37 -42.47 12.35
CA ALA SD 302 -93.12 -41.16 11.77
C ALA SD 302 -91.77 -41.18 11.08
N ARG SD 303 -91.64 -40.37 10.02
CA ARG SD 303 -90.39 -40.19 9.31
C ARG SD 303 -90.01 -38.71 9.33
N ALA SD 304 -88.71 -38.44 9.36
CA ALA SD 304 -88.23 -37.07 9.42
C ALA SD 304 -87.01 -36.89 8.54
N TRP SD 305 -86.89 -35.69 7.98
CA TRP SD 305 -85.72 -35.32 7.17
C TRP SD 305 -85.29 -33.90 7.52
N LEU SD 306 -84.01 -33.61 7.30
CA LEU SD 306 -83.44 -32.30 7.56
C LEU SD 306 -82.78 -31.79 6.30
N SER SD 307 -83.23 -30.63 5.80
CA SER SD 307 -82.73 -30.08 4.55
C SER SD 307 -82.01 -28.75 4.72
N ASN SD 308 -82.68 -27.76 5.31
CA ASN SD 308 -82.18 -26.39 5.40
C ASN SD 308 -82.30 -25.87 6.83
N GLU SD 309 -81.79 -26.67 7.78
CA GLU SD 309 -81.99 -26.48 9.23
C GLU SD 309 -83.47 -26.42 9.59
N LYS SD 310 -84.27 -27.23 8.90
CA LYS SD 310 -85.70 -27.38 9.18
C LYS SD 310 -86.04 -28.86 9.10
N MET SD 311 -86.88 -29.32 10.01
CA MET SD 311 -87.34 -30.71 9.93
C MET SD 311 -88.60 -30.80 9.08
N TYR SD 312 -88.68 -31.86 8.28
CA TYR SD 312 -89.87 -32.21 7.53
C TYR SD 312 -90.33 -33.57 8.05
N VAL SD 313 -91.56 -33.63 8.55
CA VAL SD 313 -92.07 -34.78 9.28
C VAL SD 313 -93.28 -35.33 8.53
N ARG SD 314 -93.25 -36.63 8.24
CA ARG SD 314 -94.38 -37.34 7.64
C ARG SD 314 -94.91 -38.34 8.66
N THR SD 315 -96.18 -38.17 9.05
CA THR SD 315 -96.82 -39.02 10.03
C THR SD 315 -98.34 -38.84 9.89
N ASN SD 316 -99.09 -39.66 10.62
CA ASN SD 316 -100.53 -39.52 10.72
C ASN SD 316 -101.00 -39.24 12.15
N LEU SD 317 -100.09 -38.88 13.05
CA LEU SD 317 -100.44 -38.44 14.39
C LEU SD 317 -100.69 -36.93 14.40
N THR SD 318 -101.01 -36.39 15.56
CA THR SD 318 -101.26 -34.96 15.74
C THR SD 318 -100.16 -34.38 16.62
N ILE SD 319 -99.42 -33.42 16.08
CA ILE SD 319 -98.32 -32.78 16.80
C ILE SD 319 -98.89 -31.69 17.70
N LEU SD 320 -98.55 -31.76 18.99
CA LEU SD 320 -99.18 -30.90 19.99
C LEU SD 320 -98.28 -29.77 20.48
N SER SD 321 -97.12 -30.08 21.06
CA SER SD 321 -96.33 -29.06 21.75
C SER SD 321 -95.42 -28.15 20.91
N PRO SD 322 -94.53 -28.64 20.02
CA PRO SD 322 -93.45 -27.75 19.56
C PRO SD 322 -93.88 -26.70 18.56
N GLY SD 323 -94.98 -26.89 17.85
CA GLY SD 323 -95.43 -25.88 16.90
C GLY SD 323 -94.76 -25.97 15.55
N TRP SD 324 -95.54 -25.87 14.48
CA TRP SD 324 -95.05 -26.02 13.12
C TRP SD 324 -95.24 -24.73 12.34
N LEU SD 325 -94.51 -24.62 11.23
CA LEU SD 325 -94.57 -23.45 10.37
C LEU SD 325 -95.55 -23.62 9.22
N ALA SD 326 -95.62 -24.79 8.61
CA ALA SD 326 -96.55 -25.02 7.51
C ALA SD 326 -97.09 -26.44 7.58
N SER SD 327 -98.26 -26.65 6.99
CA SER SD 327 -98.89 -27.97 7.04
C SER SD 327 -99.69 -28.26 5.79
N MET SD 328 -99.65 -29.54 5.38
CA MET SD 328 -100.47 -30.09 4.31
C MET SD 328 -101.07 -31.42 4.76
N THR SD 329 -102.14 -31.82 4.10
CA THR SD 329 -102.86 -33.05 4.40
C THR SD 329 -103.17 -33.77 3.09
N SER SD 330 -103.03 -35.10 3.09
CA SER SD 330 -103.35 -35.88 1.91
C SER SD 330 -104.81 -36.36 1.96
N ALA SD 331 -105.19 -37.18 0.98
CA ALA SD 331 -106.56 -37.65 0.90
C ALA SD 331 -106.85 -38.76 1.90
N ASP SD 332 -105.86 -39.57 2.26
CA ASP SD 332 -106.06 -40.71 3.14
C ASP SD 332 -105.80 -40.39 4.62
N GLY SD 333 -105.49 -39.15 4.95
CA GLY SD 333 -105.30 -38.76 6.33
C GLY SD 333 -103.87 -38.64 6.80
N THR SD 334 -102.90 -38.55 5.88
CA THR SD 334 -101.50 -38.38 6.24
C THR SD 334 -101.18 -36.90 6.27
N HIS SD 335 -100.45 -36.47 7.30
CA HIS SD 335 -100.09 -35.08 7.49
C HIS SD 335 -98.62 -34.85 7.16
N ALA SD 336 -98.32 -33.66 6.63
CA ALA SD 336 -96.95 -33.24 6.36
C ALA SD 336 -96.74 -31.89 7.03
N TYR SD 337 -95.65 -31.78 7.79
CA TYR SD 337 -95.35 -30.60 8.59
C TYR SD 337 -94.01 -30.01 8.20
N GLU SD 338 -93.92 -28.68 8.25
CA GLU SD 338 -92.66 -27.96 8.16
C GLU SD 338 -92.51 -27.15 9.44
N MET SD 339 -91.35 -27.29 10.09
CA MET SD 339 -91.11 -26.68 11.40
C MET SD 339 -89.61 -26.54 11.61
N GLN SD 340 -89.25 -25.94 12.75
CA GLN SD 340 -87.86 -25.85 13.17
C GLN SD 340 -87.41 -27.15 13.82
N LYS SD 341 -86.10 -27.32 13.94
CA LYS SD 341 -85.54 -28.54 14.50
C LYS SD 341 -85.73 -28.60 16.01
N SER SD 342 -85.96 -29.82 16.52
CA SER SD 342 -86.18 -30.08 17.94
C SER SD 342 -85.95 -31.55 18.18
N PRO SD 343 -85.33 -31.94 19.30
CA PRO SD 343 -85.06 -33.35 19.57
C PRO SD 343 -86.22 -34.13 20.19
N VAL SD 344 -87.40 -33.53 20.33
CA VAL SD 344 -88.52 -34.20 20.97
C VAL SD 344 -89.81 -33.70 20.31
N LEU SD 345 -90.76 -34.61 20.11
CA LEU SD 345 -92.09 -34.28 19.62
C LEU SD 345 -93.13 -34.78 20.61
N LEU SD 346 -94.18 -34.00 20.82
CA LEU SD 346 -95.30 -34.40 21.65
C LEU SD 346 -96.49 -34.69 20.75
N VAL SD 347 -97.03 -35.90 20.83
CA VAL SD 347 -98.08 -36.35 19.93
C VAL SD 347 -99.24 -36.91 20.74
N SER SD 348 -100.40 -36.95 20.09
CA SER SD 348 -101.59 -37.61 20.61
C SER SD 348 -101.93 -38.78 19.70
N TRP SD 349 -102.06 -39.97 20.28
CA TRP SD 349 -102.21 -41.18 19.47
C TRP SD 349 -103.68 -41.54 19.24
N HIS SD 350 -104.40 -41.85 20.31
CA HIS SD 350 -105.83 -42.14 20.23
C HIS SD 350 -106.53 -41.53 21.44
N GLY SD 351 -106.17 -40.28 21.76
CA GLY SD 351 -106.60 -39.65 22.99
C GLY SD 351 -105.57 -39.74 24.10
N LYS SD 352 -104.41 -40.31 23.83
CA LYS SD 352 -103.33 -40.42 24.81
C LYS SD 352 -102.13 -39.63 24.33
N VAL SD 353 -101.51 -38.88 25.24
CA VAL SD 353 -100.40 -37.99 24.92
C VAL SD 353 -99.10 -38.72 25.22
N MET SD 354 -98.20 -38.76 24.25
CA MET SD 354 -96.90 -39.40 24.40
C MET SD 354 -95.85 -38.61 23.63
N GLN SD 355 -94.61 -39.11 23.66
CA GLN SD 355 -93.48 -38.39 23.10
C GLN SD 355 -92.73 -39.25 22.09
N LEU SD 356 -92.14 -38.58 21.11
CA LEU SD 356 -91.31 -39.19 20.09
C LEU SD 356 -89.92 -38.59 20.14
N LYS SD 357 -88.90 -39.44 19.99
CA LYS SD 357 -87.51 -39.04 20.11
C LYS SD 357 -86.89 -38.89 18.73
N VAL SD 358 -86.19 -37.78 18.50
CA VAL SD 358 -85.55 -37.49 17.22
C VAL SD 358 -84.05 -37.46 17.42
N GLU SD 359 -83.33 -38.29 16.67
CA GLU SD 359 -81.89 -38.38 16.73
C GLU SD 359 -81.28 -37.88 15.42
N GLY SD 360 -79.96 -37.72 15.42
CA GLY SD 360 -79.23 -37.35 14.23
C GLY SD 360 -79.19 -35.87 13.92
N LEU SD 361 -79.65 -35.02 14.82
CA LEU SD 361 -79.64 -33.57 14.59
C LEU SD 361 -78.23 -33.00 14.73
N LYS TD 40 -68.83 -68.53 -14.62
CA LYS TD 40 -69.92 -67.85 -13.94
C LYS TD 40 -71.23 -68.02 -14.71
N LEU TD 41 -71.12 -68.16 -16.02
CA LEU TD 41 -72.27 -68.43 -16.86
C LEU TD 41 -72.77 -69.87 -16.62
N PRO TD 42 -74.08 -70.11 -16.77
CA PRO TD 42 -74.58 -71.48 -16.66
C PRO TD 42 -74.09 -72.37 -17.80
N CYS TD 43 -73.92 -73.65 -17.49
CA CYS TD 43 -73.40 -74.61 -18.46
C CYS TD 43 -74.48 -75.44 -19.12
N ARG TD 44 -75.71 -75.42 -18.60
CA ARG TD 44 -76.81 -76.18 -19.18
C ARG TD 44 -78.12 -75.53 -18.72
N VAL TD 45 -79.22 -76.03 -19.27
CA VAL TD 45 -80.54 -75.68 -18.75
C VAL TD 45 -80.72 -76.32 -17.38
N ASP TD 46 -81.27 -75.55 -16.44
CA ASP TD 46 -81.29 -75.98 -15.04
C ASP TD 46 -82.32 -77.09 -14.79
N GLY TD 47 -81.93 -78.04 -13.95
CA GLY TD 47 -82.80 -79.13 -13.57
C GLY TD 47 -83.07 -80.16 -14.65
N ALA TD 48 -82.19 -80.28 -15.63
CA ALA TD 48 -82.39 -81.20 -16.73
C ALA TD 48 -81.11 -81.99 -17.02
N CYS TD 49 -81.30 -83.24 -17.41
CA CYS TD 49 -80.18 -84.11 -17.77
C CYS TD 49 -80.65 -85.11 -18.81
N ASP TD 50 -79.75 -85.43 -19.76
CA ASP TD 50 -80.09 -86.34 -20.85
C ASP TD 50 -80.26 -87.77 -20.32
N ALA TD 51 -79.44 -88.16 -19.36
CA ALA TD 51 -79.57 -89.49 -18.74
C ALA TD 51 -80.89 -89.60 -17.99
N THR TD 52 -81.30 -88.52 -17.31
CA THR TD 52 -82.61 -88.48 -16.65
C THR TD 52 -83.74 -88.57 -17.66
N ILE TD 53 -83.60 -87.89 -18.80
CA ILE TD 53 -84.62 -87.94 -19.86
C ILE TD 53 -84.77 -89.37 -20.40
N ILE TD 54 -83.64 -90.04 -20.65
CA ILE TD 54 -83.66 -91.42 -21.13
C ILE TD 54 -84.26 -92.35 -20.07
N LYS TD 55 -83.95 -92.09 -18.80
CA LYS TD 55 -84.46 -92.92 -17.71
C LYS TD 55 -85.98 -92.81 -17.57
N MET TD 56 -86.52 -91.59 -17.60
CA MET TD 56 -87.99 -91.45 -17.52
C MET TD 56 -88.69 -91.93 -18.79
N MET TD 57 -88.06 -91.79 -19.96
CA MET TD 57 -88.65 -92.35 -21.18
C MET TD 57 -88.75 -93.87 -21.10
N THR TD 58 -87.67 -94.52 -20.65
CA THR TD 58 -87.67 -95.98 -20.50
C THR TD 58 -88.66 -96.44 -19.43
N ASP TD 59 -88.74 -95.69 -18.31
CA ASP TD 59 -89.65 -96.06 -17.24
C ASP TD 59 -91.10 -95.90 -17.66
N LEU TD 60 -91.42 -94.83 -18.39
CA LEU TD 60 -92.80 -94.64 -18.86
C LEU TD 60 -93.18 -95.67 -19.91
N ASN TD 61 -92.24 -96.01 -20.80
CA ASN TD 61 -92.54 -97.04 -21.81
C ASN TD 61 -92.68 -98.42 -21.19
N LYS TD 62 -91.93 -98.72 -20.12
CA LYS TD 62 -92.13 -99.98 -19.43
C LYS TD 62 -93.40 -99.98 -18.59
N LYS TD 63 -93.81 -98.81 -18.09
CA LYS TD 63 -95.04 -98.73 -17.31
C LYS TD 63 -96.28 -98.91 -18.19
N GLY TD 64 -96.28 -98.30 -19.37
CA GLY TD 64 -97.40 -98.47 -20.28
C GLY TD 64 -97.86 -97.19 -20.96
N ILE TD 65 -97.30 -96.06 -20.53
CA ILE TD 65 -97.59 -94.78 -21.16
C ILE TD 65 -96.68 -94.63 -22.36
N LYS TD 66 -97.26 -94.33 -23.52
CA LYS TD 66 -96.49 -94.33 -24.76
C LYS TD 66 -95.83 -92.98 -24.95
N VAL TD 67 -94.50 -93.00 -25.08
CA VAL TD 67 -93.71 -91.79 -25.34
C VAL TD 67 -93.04 -91.96 -26.70
N ALA TD 68 -93.29 -91.02 -27.61
CA ALA TD 68 -92.75 -91.09 -28.95
C ALA TD 68 -92.11 -89.76 -29.33
N SER TD 69 -91.06 -89.83 -30.13
CA SER TD 69 -90.31 -88.65 -30.57
C SER TD 69 -89.91 -88.82 -32.02
N VAL TD 70 -90.44 -87.97 -32.89
CA VAL TD 70 -90.09 -87.95 -34.31
C VAL TD 70 -89.60 -86.56 -34.65
N GLY TD 71 -88.33 -86.44 -35.03
CA GLY TD 71 -87.74 -85.15 -35.30
C GLY TD 71 -87.55 -84.33 -34.04
N GLN TD 72 -88.34 -83.26 -33.89
CA GLN TD 72 -88.37 -82.49 -32.66
C GLN TD 72 -89.76 -82.47 -32.03
N ASN TD 73 -90.68 -83.27 -32.53
CA ASN TD 73 -92.02 -83.37 -31.97
C ASN TD 73 -92.07 -84.52 -30.96
N TYR TD 74 -92.77 -84.29 -29.86
CA TYR TD 74 -92.90 -85.28 -28.79
C TYR TD 74 -94.37 -85.53 -28.49
N LEU TD 75 -94.71 -86.80 -28.30
CA LEU TD 75 -96.07 -87.25 -28.07
C LEU TD 75 -96.11 -88.16 -26.85
N ILE TD 76 -97.07 -87.91 -25.97
CA ILE TD 76 -97.35 -88.76 -24.82
C ILE TD 76 -98.79 -89.23 -24.93
N SER TD 77 -98.99 -90.54 -25.00
CA SER TD 77 -100.30 -91.15 -25.14
C SER TD 77 -100.61 -91.93 -23.87
N ILE TD 78 -101.77 -91.65 -23.28
CA ILE TD 78 -102.16 -92.19 -21.98
C ILE TD 78 -103.52 -92.87 -22.16
N PRO TD 79 -103.70 -94.12 -21.76
CA PRO TD 79 -105.05 -94.70 -21.73
C PRO TD 79 -105.92 -94.03 -20.67
N ALA TD 80 -107.21 -93.94 -20.98
CA ALA TD 80 -108.15 -93.25 -20.09
C ALA TD 80 -108.45 -94.06 -18.83
N SER TD 81 -108.25 -95.37 -18.86
CA SER TD 81 -108.52 -96.19 -17.68
C SER TD 81 -107.51 -95.97 -16.58
N ALA TD 82 -106.29 -95.56 -16.93
CA ALA TD 82 -105.26 -95.29 -15.93
C ALA TD 82 -105.42 -93.93 -15.26
N LEU TD 83 -106.32 -93.08 -15.75
CA LEU TD 83 -106.53 -91.75 -15.20
C LEU TD 83 -107.92 -91.55 -14.62
N PHE TD 84 -108.96 -91.87 -15.39
CA PHE TD 84 -110.33 -91.53 -15.02
C PHE TD 84 -111.11 -92.78 -14.63
N ALA TD 85 -112.34 -92.56 -14.18
CA ALA TD 85 -113.25 -93.63 -13.81
C ALA TD 85 -113.98 -94.13 -15.07
N ASP TD 86 -115.03 -94.93 -14.89
CA ASP TD 86 -115.76 -95.50 -16.01
C ASP TD 86 -116.64 -94.43 -16.63
N GLN TD 87 -116.09 -93.76 -17.66
CA GLN TD 87 -116.80 -92.80 -18.52
C GLN TD 87 -117.36 -91.62 -17.72
N SER TD 88 -116.61 -91.16 -16.74
CA SER TD 88 -116.93 -89.97 -15.95
C SER TD 88 -115.69 -89.09 -15.87
N PRO TD 89 -115.87 -87.74 -15.80
CA PRO TD 89 -114.72 -86.83 -15.72
C PRO TD 89 -114.19 -86.62 -14.30
N ARG TD 90 -114.00 -87.71 -13.58
CA ARG TD 90 -113.52 -87.68 -12.20
C ARG TD 90 -112.21 -88.46 -12.12
N LEU TD 91 -111.15 -87.77 -11.72
CA LEU TD 91 -109.85 -88.42 -11.56
C LEU TD 91 -109.83 -89.33 -10.34
N ASN TD 92 -109.12 -90.44 -10.45
CA ASN TD 92 -108.86 -91.27 -9.27
C ASN TD 92 -107.78 -90.60 -8.41
N TRP TD 93 -107.72 -91.03 -7.15
CA TRP TD 93 -106.74 -90.47 -6.24
C TRP TD 93 -105.34 -91.01 -6.50
N ALA TD 94 -105.23 -92.22 -7.06
CA ALA TD 94 -103.95 -92.85 -7.30
C ALA TD 94 -103.28 -92.41 -8.60
N SER TD 95 -104.00 -91.72 -9.49
CA SER TD 95 -103.43 -91.28 -10.76
C SER TD 95 -102.61 -90.00 -10.62
N TYR TD 96 -102.62 -89.37 -9.45
CA TYR TD 96 -101.84 -88.15 -9.25
C TYR TD 96 -100.35 -88.44 -9.21
N SER TD 97 -99.95 -89.66 -8.82
CA SER TD 97 -98.54 -90.04 -8.91
C SER TD 97 -98.08 -90.13 -10.36
N LEU TD 98 -98.92 -90.71 -11.23
CA LEU TD 98 -98.61 -90.76 -12.65
C LEU TD 98 -98.58 -89.36 -13.26
N LEU TD 99 -99.50 -88.48 -12.83
CA LEU TD 99 -99.50 -87.10 -13.32
C LEU TD 99 -98.26 -86.34 -12.83
N ASN TD 100 -97.80 -86.64 -11.61
CA ASN TD 100 -96.56 -86.05 -11.11
C ASN TD 100 -95.35 -86.53 -11.90
N GLU TD 101 -95.34 -87.81 -12.27
CA GLU TD 101 -94.26 -88.34 -13.12
C GLU TD 101 -94.26 -87.70 -14.50
N ILE TD 102 -95.45 -87.49 -15.07
CA ILE TD 102 -95.56 -86.84 -16.38
C ILE TD 102 -95.13 -85.38 -16.30
N ALA TD 103 -95.46 -84.69 -15.20
CA ALA TD 103 -95.01 -83.31 -15.01
C ALA TD 103 -93.49 -83.24 -14.82
N ALA TD 104 -92.92 -84.19 -14.08
CA ALA TD 104 -91.47 -84.23 -13.91
C ALA TD 104 -90.74 -84.54 -15.22
N PHE TD 105 -91.37 -85.32 -16.10
CA PHE TD 105 -90.81 -85.51 -17.44
C PHE TD 105 -90.94 -84.24 -18.27
N LEU TD 106 -92.06 -83.53 -18.14
CA LEU TD 106 -92.30 -82.33 -18.94
C LEU TD 106 -91.43 -81.15 -18.51
N LYS TD 107 -90.96 -81.13 -17.27
CA LYS TD 107 -90.06 -80.05 -16.84
C LYS TD 107 -88.66 -80.16 -17.44
N GLN TD 108 -88.33 -81.26 -18.13
CA GLN TD 108 -86.98 -81.46 -18.65
C GLN TD 108 -86.69 -80.68 -19.92
N PHE TD 109 -87.70 -80.15 -20.59
CA PHE TD 109 -87.52 -79.52 -21.90
C PHE TD 109 -87.88 -78.04 -21.83
N ARG TD 110 -87.58 -77.35 -22.93
CA ARG TD 110 -87.97 -75.96 -23.13
C ARG TD 110 -88.97 -75.91 -24.29
N LYS TD 111 -90.07 -75.20 -24.07
CA LYS TD 111 -91.21 -75.30 -24.98
C LYS TD 111 -92.07 -74.05 -24.87
N ILE TD 112 -92.93 -73.86 -25.87
CA ILE TD 112 -93.80 -72.70 -25.96
C ILE TD 112 -95.27 -73.09 -25.80
N ALA TD 113 -95.70 -74.13 -26.53
CA ALA TD 113 -97.10 -74.52 -26.56
C ALA TD 113 -97.23 -76.02 -26.33
N ILE TD 114 -98.25 -76.40 -25.57
CA ILE TD 114 -98.62 -77.78 -25.32
C ILE TD 114 -100.04 -77.98 -25.85
N THR TD 115 -100.31 -79.12 -26.47
CA THR TD 115 -101.66 -79.45 -26.92
C THR TD 115 -102.12 -80.71 -26.21
N VAL TD 116 -103.30 -80.64 -25.59
CA VAL TD 116 -103.91 -81.78 -24.90
C VAL TD 116 -105.23 -82.08 -25.59
N THR TD 117 -105.36 -83.30 -26.09
CA THR TD 117 -106.52 -83.71 -26.87
C THR TD 117 -107.09 -85.00 -26.29
N SER TD 118 -108.40 -85.07 -26.15
CA SER TD 118 -109.05 -86.22 -25.53
C SER TD 118 -109.93 -86.95 -26.53
N TYR TD 119 -109.88 -88.29 -26.49
CA TYR TD 119 -110.70 -89.14 -27.35
C TYR TD 119 -111.36 -90.21 -26.50
N SER TD 120 -112.63 -90.51 -26.82
CA SER TD 120 -113.41 -91.50 -26.08
C SER TD 120 -114.14 -92.39 -27.07
N SER TD 121 -115.08 -93.18 -26.56
CA SER TD 121 -115.84 -94.13 -27.34
C SER TD 121 -117.33 -93.77 -27.33
N LYS TD 122 -118.10 -94.49 -28.15
CA LYS TD 122 -119.52 -94.21 -28.34
C LYS TD 122 -120.32 -94.81 -27.19
N TYR TD 123 -121.00 -93.96 -26.41
CA TYR TD 123 -121.81 -94.43 -25.30
C TYR TD 123 -123.29 -94.13 -25.48
N VAL TD 124 -123.68 -92.87 -25.65
CA VAL TD 124 -125.09 -92.51 -25.73
C VAL TD 124 -125.33 -91.67 -26.98
N SER TD 125 -124.60 -90.57 -27.10
CA SER TD 125 -124.74 -89.67 -28.24
C SER TD 125 -123.40 -88.98 -28.47
N VAL TD 126 -123.39 -88.03 -29.40
CA VAL TD 126 -122.15 -87.33 -29.71
C VAL TD 126 -121.91 -86.15 -28.78
N LYS TD 127 -122.98 -85.47 -28.34
CA LYS TD 127 -122.83 -84.30 -27.48
C LYS TD 127 -122.26 -84.67 -26.12
N ARG TD 128 -122.71 -85.80 -25.58
CA ARG TD 128 -122.25 -86.24 -24.26
C ARG TD 128 -120.78 -86.64 -24.30
N GLU TD 129 -120.33 -87.28 -25.38
CA GLU TD 129 -118.94 -87.68 -25.44
C GLU TD 129 -118.00 -86.51 -25.77
N ARG TD 130 -118.45 -85.51 -26.56
CA ARG TD 130 -117.63 -84.31 -26.71
C ARG TD 130 -117.53 -83.53 -25.40
N ALA TD 131 -118.62 -83.43 -24.64
CA ALA TD 131 -118.57 -82.76 -23.34
C ALA TD 131 -117.69 -83.52 -22.36
N LEU TD 132 -117.74 -84.85 -22.38
CA LEU TD 132 -116.90 -85.67 -21.52
C LEU TD 132 -115.42 -85.50 -21.85
N THR TD 133 -115.07 -85.51 -23.15
CA THR TD 133 -113.68 -85.36 -23.53
C THR TD 133 -113.16 -83.96 -23.23
N LEU TD 134 -114.00 -82.93 -23.42
CA LEU TD 134 -113.60 -81.57 -23.07
C LEU TD 134 -113.38 -81.42 -21.57
N ALA TD 135 -114.24 -82.02 -20.75
CA ALA TD 135 -114.06 -81.97 -19.30
C ALA TD 135 -112.81 -82.71 -18.85
N ARG TD 136 -112.52 -83.87 -19.46
CA ARG TD 136 -111.31 -84.63 -19.13
C ARG TD 136 -110.05 -83.85 -19.49
N SER TD 137 -110.04 -83.23 -20.68
CA SER TD 137 -108.88 -82.43 -21.08
C SER TD 137 -108.71 -81.20 -20.20
N ARG TD 138 -109.83 -80.59 -19.78
CA ARG TD 138 -109.79 -79.45 -18.88
C ARG TD 138 -109.18 -79.82 -17.53
N VAL TD 139 -109.57 -80.97 -16.96
CA VAL TD 139 -109.06 -81.40 -15.67
C VAL TD 139 -107.56 -81.74 -15.76
N VAL TD 140 -107.16 -82.46 -16.82
CA VAL TD 140 -105.76 -82.86 -16.99
C VAL TD 140 -104.87 -81.63 -17.19
N SER TD 141 -105.31 -80.69 -18.03
CA SER TD 141 -104.53 -79.49 -18.25
C SER TD 141 -104.53 -78.56 -17.04
N GLU TD 142 -105.60 -78.57 -16.24
CA GLU TD 142 -105.62 -77.78 -15.02
C GLU TD 142 -104.60 -78.30 -14.02
N TYR TD 143 -104.51 -79.61 -13.84
CA TYR TD 143 -103.51 -80.13 -12.91
C TYR TD 143 -102.09 -79.94 -13.45
N LEU TD 144 -101.91 -80.07 -14.77
CA LEU TD 144 -100.59 -79.84 -15.36
C LEU TD 144 -100.16 -78.38 -15.24
N TRP TD 145 -101.09 -77.43 -15.40
CA TRP TD 145 -100.77 -76.02 -15.22
C TRP TD 145 -100.58 -75.68 -13.75
N SER TD 146 -101.27 -76.38 -12.85
CA SER TD 146 -101.04 -76.22 -11.42
C SER TD 146 -99.64 -76.65 -11.03
N GLN TD 147 -99.16 -77.75 -11.60
CA GLN TD 147 -97.75 -78.10 -11.45
C GLN TD 147 -96.90 -77.17 -12.32
N GLY TD 148 -95.59 -77.20 -12.07
CA GLY TD 148 -94.72 -76.18 -12.62
C GLY TD 148 -94.08 -76.45 -13.96
N VAL TD 149 -94.88 -76.66 -15.00
CA VAL TD 149 -94.35 -76.73 -16.36
C VAL TD 149 -94.10 -75.32 -16.87
N ASP TD 150 -92.95 -75.12 -17.51
CA ASP TD 150 -92.56 -73.79 -17.99
C ASP TD 150 -92.92 -73.62 -19.46
N SER TD 151 -94.22 -73.65 -19.72
CA SER TD 151 -94.76 -73.40 -21.05
C SER TD 151 -95.51 -72.07 -21.06
N ARG TD 152 -95.76 -71.58 -22.27
CA ARG TD 152 -96.48 -70.31 -22.41
C ARG TD 152 -97.96 -70.51 -22.67
N ILE TD 153 -98.32 -71.42 -23.58
CA ILE TD 153 -99.73 -71.68 -23.89
C ILE TD 153 -99.98 -73.19 -23.76
N ILE TD 154 -101.10 -73.53 -23.14
CA ILE TD 154 -101.63 -74.89 -23.15
C ILE TD 154 -103.02 -74.86 -23.78
N PHE TD 155 -103.19 -75.60 -24.88
CA PHE TD 155 -104.45 -75.73 -25.59
C PHE TD 155 -105.13 -77.03 -25.19
N THR TD 156 -106.45 -76.97 -25.00
CA THR TD 156 -107.24 -78.13 -24.60
C THR TD 156 -108.36 -78.33 -25.60
N GLN TD 157 -108.51 -79.56 -26.09
CA GLN TD 157 -109.62 -79.92 -26.96
C GLN TD 157 -110.05 -81.37 -26.71
N GLY TD 158 -111.33 -81.61 -26.94
CA GLY TD 158 -111.87 -82.96 -26.88
C GLY TD 158 -112.60 -83.31 -28.16
N LEU TD 159 -112.12 -84.33 -28.87
CA LEU TD 159 -112.64 -84.65 -30.20
C LEU TD 159 -113.72 -85.73 -30.17
N GLY TD 160 -114.07 -86.25 -29.00
CA GLY TD 160 -115.09 -87.27 -28.91
C GLY TD 160 -114.63 -88.62 -29.39
N SER TD 161 -115.27 -89.16 -30.43
CA SER TD 161 -114.92 -90.44 -31.01
C SER TD 161 -114.76 -90.32 -32.52
N ASP TD 162 -114.18 -89.21 -32.98
CA ASP TD 162 -114.06 -88.93 -34.40
C ASP TD 162 -112.83 -89.58 -35.04
N LYS TD 163 -111.73 -89.71 -34.31
CA LYS TD 163 -110.47 -90.19 -34.87
C LYS TD 163 -110.00 -91.42 -34.09
N PRO TD 164 -110.39 -92.61 -34.51
CA PRO TD 164 -109.88 -93.83 -33.88
C PRO TD 164 -108.60 -94.34 -34.52
N ILE TD 165 -107.76 -94.96 -33.70
CA ILE TD 165 -106.49 -95.52 -34.15
C ILE TD 165 -106.54 -97.03 -34.26
N THR TD 166 -107.66 -97.65 -33.90
CA THR TD 166 -107.78 -99.11 -33.92
C THR TD 166 -109.19 -99.46 -34.34
N SER TD 167 -109.33 -100.42 -35.27
CA SER TD 167 -110.64 -100.86 -35.73
C SER TD 167 -111.34 -101.78 -34.75
N TYR TD 168 -110.66 -102.24 -33.70
CA TYR TD 168 -111.25 -103.10 -32.68
C TYR TD 168 -111.92 -102.20 -31.64
N THR TD 169 -113.24 -102.08 -31.74
CA THR TD 169 -114.00 -101.13 -30.91
C THR TD 169 -115.01 -101.84 -30.02
N LEU TD 170 -114.60 -102.92 -29.36
CA LEU TD 170 -115.52 -103.69 -28.53
C LEU TD 170 -115.54 -103.23 -27.08
N GLY TD 171 -114.45 -102.66 -26.58
CA GLY TD 171 -114.38 -102.24 -25.19
C GLY TD 171 -115.05 -100.89 -24.95
N GLY TD 172 -115.03 -100.48 -23.68
CA GLY TD 172 -115.53 -99.18 -23.29
C GLY TD 172 -114.40 -98.19 -23.08
N ASP TD 173 -114.06 -97.92 -21.82
CA ASP TD 173 -112.83 -97.20 -21.52
C ASP TD 173 -111.60 -98.09 -21.58
N ARG TD 174 -111.79 -99.41 -21.66
CA ARG TD 174 -110.70 -100.36 -21.83
C ARG TD 174 -110.24 -100.48 -23.27
N SER TD 175 -110.96 -99.84 -24.20
CA SER TD 175 -110.57 -99.87 -25.61
C SER TD 175 -109.28 -99.08 -25.80
N PRO TD 176 -108.40 -99.51 -26.71
CA PRO TD 176 -107.16 -98.77 -26.95
C PRO TD 176 -107.37 -97.41 -27.61
N ASN TD 177 -108.50 -97.16 -28.25
CA ASN TD 177 -108.76 -95.89 -28.91
C ASN TD 177 -109.49 -94.88 -28.04
N ALA TD 178 -109.51 -95.09 -26.72
CA ALA TD 178 -109.99 -94.10 -25.76
C ALA TD 178 -108.78 -93.66 -24.95
N ARG TD 179 -108.38 -92.40 -25.11
CA ARG TD 179 -107.07 -91.98 -24.66
C ARG TD 179 -107.02 -90.47 -24.47
N VAL TD 180 -105.94 -90.01 -23.87
CA VAL TD 180 -105.58 -88.59 -23.85
C VAL TD 180 -104.17 -88.44 -24.39
N GLU TD 181 -103.97 -87.40 -25.20
CA GLU TD 181 -102.73 -87.19 -25.94
C GLU TD 181 -102.18 -85.82 -25.61
N ILE TD 182 -100.87 -85.77 -25.32
CA ILE TD 182 -100.16 -84.54 -25.02
C ILE TD 182 -99.04 -84.41 -26.05
N THR TD 183 -99.12 -83.39 -26.90
CA THR TD 183 -98.16 -83.18 -27.97
C THR TD 183 -97.48 -81.83 -27.79
N PHE TD 184 -96.18 -81.78 -28.09
CA PHE TD 184 -95.46 -80.51 -28.11
C PHE TD 184 -94.25 -80.62 -29.03
N ARG TD 185 -93.59 -79.49 -29.24
CA ARG TD 185 -92.34 -79.41 -29.98
C ARG TD 185 -91.25 -78.85 -29.09
N ARG TD 186 -90.12 -79.54 -29.03
CA ARG TD 186 -88.96 -79.03 -28.29
C ARG TD 186 -88.39 -77.81 -29.00
N ALA TD 187 -88.16 -76.73 -28.24
CA ALA TD 187 -87.70 -75.47 -28.79
C ALA TD 187 -86.21 -75.30 -28.55
N VAL TD 188 -85.45 -75.17 -29.65
CA VAL TD 188 -84.00 -75.00 -29.67
C VAL TD 188 -83.26 -76.12 -28.92
N CYS UD 42 -111.28 -100.08 3.69
CA CYS UD 42 -110.39 -99.02 4.18
C CYS UD 42 -111.03 -97.65 4.02
N PHE UD 43 -110.23 -96.65 3.68
CA PHE UD 43 -110.69 -95.28 3.53
C PHE UD 43 -110.26 -94.74 2.17
N HIS UD 44 -111.21 -94.18 1.43
CA HIS UD 44 -110.89 -93.47 0.20
C HIS UD 44 -110.62 -92.01 0.52
N PRO UD 45 -109.46 -91.47 0.18
CA PRO UD 45 -109.12 -90.06 0.51
C PRO UD 45 -110.05 -89.03 -0.14
N PRO UD 46 -110.58 -89.24 -1.40
CA PRO UD 46 -111.60 -88.23 -1.76
C PRO UD 46 -112.99 -88.50 -1.18
N TYR UD 47 -113.15 -88.10 0.09
CA TYR UD 47 -114.41 -88.03 0.85
C TYR UD 47 -115.07 -89.39 1.09
N ASN UD 48 -114.35 -90.49 0.83
CA ASN UD 48 -114.81 -91.88 1.05
C ASN UD 48 -116.12 -92.19 0.32
N ASN UD 49 -116.28 -91.60 -0.87
CA ASN UD 49 -117.46 -91.75 -1.73
C ASN UD 49 -118.76 -91.35 -1.03
N PHE UD 50 -118.66 -90.38 -0.11
CA PHE UD 50 -119.78 -89.85 0.69
C PHE UD 50 -120.50 -90.96 1.46
N GLN UD 51 -119.73 -91.90 2.01
CA GLN UD 51 -120.24 -93.02 2.78
C GLN UD 51 -119.87 -92.85 4.26
N PRO UD 52 -120.68 -93.39 5.17
CA PRO UD 52 -120.28 -93.39 6.60
C PRO UD 52 -119.12 -94.34 6.82
N ASP UD 53 -118.02 -93.80 7.35
CA ASP UD 53 -116.80 -94.57 7.51
C ASP UD 53 -116.92 -95.54 8.69
N ARG UD 54 -116.56 -96.80 8.44
CA ARG UD 54 -116.54 -97.82 9.49
C ARG UD 54 -115.17 -97.80 10.15
N ARG UD 55 -114.96 -96.78 10.98
CA ARG UD 55 -113.64 -96.52 11.56
C ARG UD 55 -113.31 -97.49 12.70
N ALA UD 56 -114.31 -97.86 13.49
CA ALA UD 56 -114.06 -98.63 14.71
C ALA UD 56 -113.73 -100.10 14.45
N VAL UD 57 -114.37 -100.71 13.43
CA VAL UD 57 -114.23 -102.14 13.21
C VAL UD 57 -112.84 -102.49 12.70
N LYS UD 58 -112.21 -101.58 11.94
CA LYS UD 58 -110.85 -101.80 11.47
C LYS UD 58 -109.86 -101.82 12.63
N ARG UD 59 -110.01 -100.90 13.59
CA ARG UD 59 -109.10 -100.85 14.72
C ARG UD 59 -109.33 -102.03 15.67
N VAL UD 60 -110.59 -102.39 15.93
CA VAL UD 60 -110.84 -103.54 16.80
C VAL UD 60 -110.60 -104.87 16.09
N GLY UD 61 -110.44 -104.88 14.77
CA GLY UD 61 -110.01 -106.07 14.08
C GLY UD 61 -108.50 -106.19 13.96
N VAL UD 62 -107.80 -105.06 13.92
CA VAL UD 62 -106.34 -105.11 13.83
C VAL UD 62 -105.71 -105.24 15.22
N ASP UD 63 -106.40 -104.82 16.28
CA ASP UD 63 -105.86 -104.99 17.63
C ASP UD 63 -106.38 -106.29 18.27
N THR UD 64 -106.09 -107.40 17.61
CA THR UD 64 -106.41 -108.72 18.15
C THR UD 64 -105.30 -109.75 17.98
N GLY UD 65 -104.25 -109.45 17.22
CA GLY UD 65 -103.16 -110.40 17.02
C GLY UD 65 -102.03 -109.83 16.18
N GLY UD 88 -106.01 -107.07 21.86
CA GLY UD 88 -107.11 -107.35 22.76
C GLY UD 88 -108.40 -106.67 22.35
N GLY UD 89 -109.52 -107.40 22.48
CA GLY UD 89 -110.82 -106.83 22.14
C GLY UD 89 -111.24 -105.72 23.07
N THR UD 90 -111.00 -105.90 24.38
CA THR UD 90 -111.33 -104.86 25.34
C THR UD 90 -110.45 -103.63 25.17
N VAL UD 91 -109.17 -103.83 24.85
CA VAL UD 91 -108.26 -102.72 24.61
C VAL UD 91 -108.68 -101.96 23.34
N GLY UD 92 -109.07 -102.70 22.30
CA GLY UD 92 -109.56 -102.05 21.09
C GLY UD 92 -110.86 -101.30 21.29
N LEU UD 93 -111.76 -101.86 22.13
CA LEU UD 93 -113.00 -101.17 22.46
C LEU UD 93 -112.74 -99.90 23.26
N VAL UD 94 -111.78 -99.94 24.19
CA VAL UD 94 -111.40 -98.76 24.97
C VAL UD 94 -110.81 -97.69 24.07
N ALA UD 95 -109.94 -98.09 23.13
CA ALA UD 95 -109.36 -97.14 22.18
C ALA UD 95 -110.42 -96.56 21.25
N SER UD 96 -111.38 -97.39 20.82
CA SER UD 96 -112.46 -96.91 19.97
C SER UD 96 -113.36 -95.92 20.69
N ILE UD 97 -113.73 -96.21 21.94
CA ILE UD 97 -114.62 -95.32 22.68
C ILE UD 97 -113.86 -94.07 23.14
N TYR UD 98 -112.54 -94.11 23.20
CA TYR UD 98 -111.78 -92.89 23.45
C TYR UD 98 -111.73 -92.02 22.20
N ARG UD 99 -111.37 -92.62 21.05
CA ARG UD 99 -111.19 -91.83 19.84
C ARG UD 99 -112.50 -91.43 19.17
N ASP UD 100 -113.62 -92.03 19.55
CA ASP UD 100 -114.92 -91.60 19.03
C ASP UD 100 -115.60 -90.57 19.92
N SER UD 101 -114.93 -90.11 20.97
CA SER UD 101 -115.51 -89.13 21.87
C SER UD 101 -115.54 -87.75 21.23
N LYS UD 102 -116.34 -86.86 21.82
CA LYS UD 102 -116.47 -85.50 21.30
C LYS UD 102 -115.23 -84.67 21.60
N ARG UD 103 -114.61 -84.87 22.76
CA ARG UD 103 -113.45 -84.08 23.15
C ARG UD 103 -112.24 -84.42 22.29
N LYS UD 104 -112.11 -85.69 21.88
CA LYS UD 104 -111.03 -86.08 20.98
C LYS UD 104 -111.20 -85.45 19.60
N ILE UD 105 -112.45 -85.36 19.13
CA ILE UD 105 -112.74 -84.70 17.86
C ILE UD 105 -112.44 -83.19 17.95
N ILE UD 106 -112.80 -82.57 19.07
CA ILE UD 106 -112.52 -81.14 19.28
C ILE UD 106 -111.01 -80.89 19.35
N ARG UD 107 -110.27 -81.76 20.03
CA ARG UD 107 -108.82 -81.61 20.10
C ARG UD 107 -108.14 -81.89 18.76
N ASP UD 108 -108.67 -82.82 17.96
CA ASP UD 108 -108.16 -83.02 16.61
C ASP UD 108 -108.41 -81.81 15.73
N LEU UD 109 -109.62 -81.23 15.82
CA LEU UD 109 -109.93 -80.02 15.08
C LEU UD 109 -109.09 -78.83 15.56
N GLN UD 110 -108.64 -78.86 16.81
CA GLN UD 110 -107.68 -77.87 17.29
C GLN UD 110 -106.27 -78.15 16.78
N LYS UD 111 -105.96 -79.42 16.50
CA LYS UD 111 -104.67 -79.74 15.87
C LYS UD 111 -104.61 -79.27 14.42
N GLN UD 112 -105.70 -79.41 13.66
CA GLN UD 112 -105.78 -78.58 12.46
C GLN UD 112 -106.21 -77.16 12.81
N ASP UD 113 -106.31 -76.31 11.81
CA ASP UD 113 -106.48 -74.88 12.07
C ASP UD 113 -107.93 -74.46 12.09
N ILE UD 114 -108.77 -75.13 12.87
CA ILE UD 114 -110.21 -74.85 12.95
C ILE UD 114 -110.56 -74.58 14.41
N GLN UD 115 -111.21 -73.45 14.66
CA GLN UD 115 -111.50 -73.03 16.02
C GLN UD 115 -112.93 -73.35 16.41
N TYR UD 116 -113.13 -73.76 17.67
CA TYR UD 116 -114.43 -74.13 18.20
C TYR UD 116 -114.75 -73.25 19.40
N VAL UD 117 -115.92 -72.61 19.38
CA VAL UD 117 -116.36 -71.72 20.45
C VAL UD 117 -117.74 -72.19 20.93
N GLU UD 118 -117.88 -72.41 22.23
CA GLU UD 118 -119.14 -72.76 22.85
C GLU UD 118 -119.48 -71.74 23.92
N TYR UD 119 -120.67 -71.15 23.82
CA TYR UD 119 -121.11 -70.12 24.76
C TYR UD 119 -122.61 -70.21 24.89
N GLY UD 120 -123.09 -70.71 26.02
CA GLY UD 120 -124.52 -70.93 26.19
C GLY UD 120 -124.94 -72.21 25.50
N ASP UD 121 -125.97 -72.12 24.67
CA ASP UD 121 -126.41 -73.25 23.84
C ASP UD 121 -126.16 -73.01 22.36
N THR UD 122 -125.22 -72.13 22.02
CA THR UD 122 -124.86 -71.83 20.64
C THR UD 122 -123.41 -72.22 20.42
N ARG UD 123 -123.16 -73.01 19.37
CA ARG UD 123 -121.83 -73.50 19.06
C ARG UD 123 -121.39 -72.95 17.71
N THR UD 124 -120.10 -72.62 17.61
CA THR UD 124 -119.57 -71.90 16.45
C THR UD 124 -118.24 -72.52 16.03
N LEU UD 125 -118.10 -72.77 14.73
CA LEU UD 125 -116.86 -73.26 14.13
C LEU UD 125 -116.31 -72.18 13.21
N ILE UD 126 -115.00 -71.93 13.31
CA ILE UD 126 -114.30 -70.94 12.51
C ILE UD 126 -113.30 -71.68 11.63
N ILE UD 127 -113.43 -71.51 10.32
CA ILE UD 127 -112.62 -72.24 9.34
C ILE UD 127 -111.92 -71.24 8.41
N PRO UD 128 -110.60 -71.34 8.22
CA PRO UD 128 -109.90 -70.36 7.37
C PRO UD 128 -109.96 -70.73 5.89
N THR UD 129 -110.40 -69.76 5.08
CA THR UD 129 -110.48 -69.98 3.64
C THR UD 129 -109.09 -70.04 3.00
N ASP UD 130 -108.09 -69.43 3.63
CA ASP UD 130 -106.73 -69.39 3.11
C ASP UD 130 -106.10 -70.78 3.09
N LYS UD 131 -106.55 -71.69 3.96
CA LYS UD 131 -106.08 -73.06 3.97
C LYS UD 131 -107.10 -74.07 3.48
N TYR UD 132 -108.40 -73.77 3.59
CA TYR UD 132 -109.43 -74.72 3.19
C TYR UD 132 -110.08 -74.37 1.85
N PHE UD 133 -109.53 -73.40 1.12
CA PHE UD 133 -110.00 -73.10 -0.22
C PHE UD 133 -108.81 -72.89 -1.14
N MET UD 134 -109.06 -73.01 -2.44
CA MET UD 134 -108.09 -72.58 -3.43
C MET UD 134 -108.00 -71.05 -3.44
N PHE UD 135 -106.93 -70.54 -4.03
CA PHE UD 135 -106.68 -69.10 -4.01
C PHE UD 135 -107.68 -68.35 -4.89
N SER UD 136 -108.48 -67.49 -4.26
CA SER UD 136 -109.41 -66.54 -4.90
C SER UD 136 -110.42 -67.26 -5.79
N SER UD 137 -110.91 -68.41 -5.34
CA SER UD 137 -111.85 -69.22 -6.10
C SER UD 137 -112.75 -69.96 -5.12
N PRO UD 138 -113.96 -70.32 -5.53
CA PRO UD 138 -114.82 -71.14 -4.66
C PRO UD 138 -114.53 -72.63 -4.70
N ARG UD 139 -113.38 -73.05 -5.23
CA ARG UD 139 -113.02 -74.46 -5.24
C ARG UD 139 -112.51 -74.89 -3.88
N LEU UD 140 -112.89 -76.10 -3.47
CA LEU UD 140 -112.52 -76.64 -2.17
C LEU UD 140 -111.18 -77.35 -2.26
N ASN UD 141 -110.30 -77.07 -1.30
CA ASN UD 141 -108.98 -77.70 -1.28
C ASN UD 141 -109.10 -79.14 -0.80
N GLU UD 142 -108.79 -80.08 -1.70
CA GLU UD 142 -108.97 -81.49 -1.41
C GLU UD 142 -107.85 -82.09 -0.58
N ILE UD 143 -106.73 -81.39 -0.41
CA ILE UD 143 -105.64 -81.90 0.41
C ILE UD 143 -105.97 -81.81 1.89
N CYS UD 144 -106.88 -80.91 2.27
CA CYS UD 144 -107.23 -80.68 3.67
C CYS UD 144 -108.51 -81.43 4.07
N TYR UD 145 -108.72 -82.61 3.51
CA TYR UD 145 -109.90 -83.44 3.81
C TYR UD 145 -110.06 -84.01 5.23
N PRO UD 146 -109.01 -84.29 6.03
CA PRO UD 146 -109.29 -84.69 7.44
C PRO UD 146 -110.01 -83.64 8.26
N GLY UD 147 -109.74 -82.35 8.03
CA GLY UD 147 -110.47 -81.30 8.73
C GLY UD 147 -111.94 -81.28 8.38
N LEU UD 148 -112.26 -81.44 7.09
CA LEU UD 148 -113.65 -81.49 6.66
C LEU UD 148 -114.36 -82.73 7.19
N ASN UD 149 -113.66 -83.87 7.21
CA ASN UD 149 -114.24 -85.09 7.77
C ASN UD 149 -114.49 -84.95 9.27
N ASN UD 150 -113.59 -84.25 9.98
CA ASN UD 150 -113.81 -84.01 11.41
C ASN UD 150 -114.94 -83.02 11.65
N VAL UD 151 -115.14 -82.05 10.74
CA VAL UD 151 -116.30 -81.17 10.83
C VAL UD 151 -117.60 -81.94 10.66
N ILE UD 152 -117.63 -82.88 9.70
CA ILE UD 152 -118.81 -83.74 9.52
C ILE UD 152 -119.03 -84.63 10.74
N ARG UD 153 -117.95 -85.17 11.31
CA ARG UD 153 -118.04 -86.02 12.50
C ARG UD 153 -118.55 -85.24 13.72
N LEU UD 154 -118.11 -83.99 13.87
CA LEU UD 154 -118.59 -83.17 14.97
C LEU UD 154 -120.05 -82.76 14.76
N LEU UD 155 -120.43 -82.45 13.53
CA LEU UD 155 -121.80 -82.03 13.25
C LEU UD 155 -122.78 -83.19 13.28
N ASN UD 156 -122.28 -84.44 13.23
CA ASN UD 156 -123.16 -85.60 13.34
C ASN UD 156 -123.76 -85.78 14.73
N PHE UD 157 -123.20 -85.12 15.76
CA PHE UD 157 -123.68 -85.28 17.13
C PHE UD 157 -124.97 -84.51 17.41
N TYR UD 158 -125.39 -83.62 16.52
CA TYR UD 158 -126.57 -82.77 16.74
C TYR UD 158 -127.52 -82.91 15.57
N PRO UD 159 -128.38 -83.93 15.58
CA PRO UD 159 -129.26 -84.19 14.43
C PRO UD 159 -130.55 -83.38 14.41
N GLN UD 160 -130.73 -82.40 15.31
CA GLN UD 160 -131.95 -81.62 15.36
C GLN UD 160 -131.75 -80.12 15.16
N SER UD 161 -130.52 -79.62 15.26
CA SER UD 161 -130.28 -78.19 15.21
C SER UD 161 -130.28 -77.67 13.77
N THR UD 162 -130.45 -76.36 13.63
CA THR UD 162 -130.37 -75.68 12.35
C THR UD 162 -128.97 -75.10 12.16
N ILE UD 163 -128.55 -75.03 10.91
CA ILE UD 163 -127.17 -74.68 10.56
C ILE UD 163 -127.18 -73.33 9.84
N TYR UD 164 -126.28 -72.43 10.26
CA TYR UD 164 -126.03 -71.20 9.53
C TYR UD 164 -124.56 -71.16 9.13
N VAL UD 165 -124.30 -70.88 7.86
CA VAL UD 165 -122.94 -70.74 7.35
C VAL UD 165 -122.79 -69.36 6.72
N ALA UD 166 -121.71 -68.67 7.08
CA ALA UD 166 -121.46 -67.31 6.65
C ALA UD 166 -120.02 -67.17 6.17
N GLY UD 167 -119.85 -66.42 5.08
CA GLY UD 167 -118.54 -66.19 4.48
C GLY UD 167 -118.07 -64.77 4.73
N PHE UD 168 -116.77 -64.60 4.98
CA PHE UD 168 -116.18 -63.29 5.24
C PHE UD 168 -114.84 -63.19 4.54
N THR UD 169 -114.57 -62.03 3.94
CA THR UD 169 -113.30 -61.73 3.29
C THR UD 169 -112.67 -60.49 3.91
N ASP UD 170 -111.53 -60.07 3.34
CA ASP UD 170 -110.81 -58.90 3.81
C ASP UD 170 -111.21 -57.67 2.98
N ASN UD 171 -110.47 -56.57 3.14
CA ASN UD 171 -110.86 -55.29 2.56
C ASN UD 171 -110.29 -55.03 1.17
N VAL UD 172 -109.53 -55.96 0.61
CA VAL UD 172 -108.91 -55.77 -0.69
C VAL UD 172 -109.90 -56.16 -1.78
N GLY UD 173 -110.18 -55.22 -2.68
CA GLY UD 173 -111.02 -55.45 -3.84
C GLY UD 173 -112.21 -54.50 -3.87
N SER UD 174 -113.17 -54.85 -4.72
CA SER UD 174 -114.41 -54.10 -4.85
C SER UD 174 -115.51 -54.75 -4.02
N ARG UD 175 -116.56 -53.97 -3.76
CA ARG UD 175 -117.65 -54.41 -2.88
C ARG UD 175 -118.42 -55.58 -3.46
N SER UD 176 -118.76 -55.49 -4.75
CA SER UD 176 -119.49 -56.58 -5.41
C SER UD 176 -118.62 -57.83 -5.54
N HIS UD 177 -117.31 -57.64 -5.75
CA HIS UD 177 -116.38 -58.77 -5.81
C HIS UD 177 -116.28 -59.49 -4.47
N LYS UD 178 -116.20 -58.72 -3.37
CA LYS UD 178 -116.15 -59.30 -2.04
C LYS UD 178 -117.43 -60.04 -1.71
N ARG UD 179 -118.58 -59.44 -2.04
CA ARG UD 179 -119.88 -60.07 -1.78
C ARG UD 179 -120.05 -61.34 -2.59
N LYS UD 180 -119.64 -61.33 -3.86
CA LYS UD 180 -119.77 -62.51 -4.71
C LYS UD 180 -118.84 -63.64 -4.28
N LEU UD 181 -117.61 -63.31 -3.87
CA LEU UD 181 -116.68 -64.33 -3.40
C LEU UD 181 -117.15 -64.96 -2.10
N SER UD 182 -117.65 -64.14 -1.16
CA SER UD 182 -118.17 -64.66 0.09
C SER UD 182 -119.40 -65.53 -0.13
N GLN UD 183 -120.31 -65.09 -1.02
CA GLN UD 183 -121.51 -65.87 -1.32
C GLN UD 183 -121.17 -67.20 -1.98
N ALA UD 184 -120.20 -67.20 -2.91
CA ALA UD 184 -119.80 -68.42 -3.59
C ALA UD 184 -119.15 -69.41 -2.62
N GLN UD 185 -118.28 -68.93 -1.72
CA GLN UD 185 -117.66 -69.82 -0.74
C GLN UD 185 -118.69 -70.35 0.25
N ALA UD 186 -119.67 -69.52 0.63
CA ALA UD 186 -120.74 -69.97 1.52
C ALA UD 186 -121.61 -71.04 0.87
N GLU UD 187 -121.95 -70.86 -0.42
CA GLU UD 187 -122.72 -71.88 -1.14
C GLU UD 187 -121.93 -73.18 -1.29
N THR UD 188 -120.62 -73.08 -1.54
CA THR UD 188 -119.79 -74.29 -1.65
C THR UD 188 -119.73 -75.06 -0.34
N MET UD 189 -119.55 -74.35 0.78
CA MET UD 189 -119.53 -75.00 2.09
C MET UD 189 -120.89 -75.58 2.45
N MET UD 190 -121.97 -74.88 2.10
CA MET UD 190 -123.32 -75.38 2.39
C MET UD 190 -123.63 -76.62 1.55
N THR UD 191 -123.17 -76.65 0.29
CA THR UD 191 -123.37 -77.83 -0.55
C THR UD 191 -122.56 -79.02 -0.03
N PHE UD 192 -121.34 -78.77 0.45
CA PHE UD 192 -120.56 -79.85 1.05
C PHE UD 192 -121.20 -80.37 2.33
N LEU UD 193 -121.84 -79.49 3.11
CA LEU UD 193 -122.58 -79.96 4.28
C LEU UD 193 -123.83 -80.73 3.88
N TRP UD 194 -124.50 -80.30 2.81
CA TRP UD 194 -125.74 -80.96 2.37
C TRP UD 194 -125.48 -82.34 1.78
N ALA UD 195 -124.34 -82.52 1.10
CA ALA UD 195 -124.05 -83.76 0.42
C ALA UD 195 -123.68 -84.91 1.36
N ASN UD 196 -123.47 -84.63 2.64
CA ASN UD 196 -123.05 -85.66 3.60
C ASN UD 196 -124.19 -86.16 4.47
N GLY UD 197 -125.43 -85.84 4.14
CA GLY UD 197 -126.59 -86.38 4.83
C GLY UD 197 -127.48 -85.34 5.48
N ILE UD 198 -127.00 -84.12 5.69
CA ILE UD 198 -127.81 -83.08 6.32
C ILE UD 198 -128.86 -82.59 5.34
N ALA UD 199 -130.10 -82.51 5.80
CA ALA UD 199 -131.22 -82.13 4.94
C ALA UD 199 -131.14 -80.66 4.55
N ALA UD 200 -131.77 -80.33 3.41
CA ALA UD 200 -131.66 -79.00 2.84
C ALA UD 200 -132.46 -77.95 3.60
N LYS UD 201 -133.46 -78.38 4.40
CA LYS UD 201 -134.26 -77.42 5.15
C LYS UD 201 -133.59 -76.98 6.44
N ARG UD 202 -132.48 -77.59 6.82
CA ARG UD 202 -131.73 -77.22 8.01
C ARG UD 202 -130.57 -76.28 7.73
N LEU UD 203 -130.38 -75.87 6.49
CA LEU UD 203 -129.21 -75.11 6.08
C LEU UD 203 -129.60 -73.76 5.50
N LYS UD 204 -128.77 -72.75 5.77
CA LYS UD 204 -128.90 -71.44 5.16
C LYS UD 204 -127.51 -70.83 5.06
N ALA UD 205 -127.22 -70.21 3.91
CA ALA UD 205 -125.89 -69.67 3.64
C ALA UD 205 -125.98 -68.18 3.35
N GLU UD 206 -124.97 -67.43 3.79
CA GLU UD 206 -124.93 -66.00 3.57
C GLU UD 206 -123.48 -65.54 3.49
N GLY UD 207 -123.19 -64.65 2.55
CA GLY UD 207 -121.86 -64.13 2.42
C GLY UD 207 -121.77 -62.63 2.64
N TYR UD 208 -121.10 -62.22 3.73
CA TYR UD 208 -120.87 -60.82 4.01
C TYR UD 208 -119.47 -60.43 3.53
N GLY UD 209 -119.28 -59.14 3.29
CA GLY UD 209 -117.99 -58.70 2.80
C GLY UD 209 -117.04 -58.38 3.93
N ASP UD 210 -116.62 -57.13 4.04
CA ASP UD 210 -115.83 -56.64 5.17
C ASP UD 210 -116.70 -55.88 6.16
N LYS UD 211 -117.92 -56.37 6.38
CA LYS UD 211 -118.93 -55.62 7.12
C LYS UD 211 -118.59 -55.56 8.60
N ASN UD 212 -118.52 -56.72 9.26
CA ASN UD 212 -118.27 -56.81 10.70
C ASN UD 212 -117.05 -57.72 11.01
N ALA UD 213 -115.87 -57.15 10.84
CA ALA UD 213 -114.62 -57.88 11.00
C ALA UD 213 -114.31 -58.07 12.48
N ILE UD 214 -113.32 -58.94 12.74
CA ILE UD 214 -112.92 -59.27 14.10
C ILE UD 214 -111.52 -58.79 14.44
N SER UD 215 -110.79 -58.25 13.48
CA SER UD 215 -109.43 -57.76 13.71
C SER UD 215 -109.24 -56.47 12.92
N ASP UD 216 -108.00 -56.00 12.86
CA ASP UD 216 -107.68 -54.76 12.17
C ASP UD 216 -107.24 -55.05 10.74
N ASN UD 217 -107.85 -54.37 9.79
CA ASN UD 217 -107.54 -54.56 8.37
C ASN UD 217 -106.35 -53.74 7.90
N ALA UD 218 -105.78 -52.90 8.75
CA ALA UD 218 -104.62 -52.10 8.40
C ALA UD 218 -103.31 -52.80 8.72
N ILE UD 219 -103.36 -54.01 9.29
CA ILE UD 219 -102.18 -54.78 9.63
C ILE UD 219 -102.30 -56.15 8.96
N ILE UD 220 -101.14 -56.79 8.76
CA ILE UD 220 -101.06 -57.97 7.90
C ILE UD 220 -101.72 -59.18 8.55
N HIS UD 221 -101.35 -59.46 9.80
CA HIS UD 221 -101.90 -60.63 10.50
C HIS UD 221 -103.38 -60.43 10.84
N GLY UD 222 -103.76 -59.21 11.22
CA GLY UD 222 -105.15 -58.93 11.48
C GLY UD 222 -106.02 -59.01 10.23
N SER UD 223 -105.49 -58.59 9.09
CA SER UD 223 -106.21 -58.74 7.83
C SER UD 223 -106.26 -60.19 7.39
N ALA UD 224 -105.23 -60.98 7.73
CA ALA UD 224 -105.26 -62.41 7.44
C ALA UD 224 -106.29 -63.15 8.29
N GLN UD 225 -106.52 -62.71 9.52
CA GLN UD 225 -107.49 -63.37 10.39
C GLN UD 225 -108.94 -63.08 10.02
N ASN UD 226 -109.20 -62.18 9.08
CA ASN UD 226 -110.57 -61.77 8.78
C ASN UD 226 -111.24 -62.62 7.70
N ARG UD 227 -110.48 -63.35 6.90
CA ARG UD 227 -111.03 -64.17 5.83
C ARG UD 227 -111.40 -65.53 6.41
N ARG UD 228 -112.69 -65.82 6.53
CA ARG UD 228 -113.11 -66.97 7.32
C ARG UD 228 -114.49 -67.45 6.89
N ILE UD 229 -114.83 -68.65 7.37
CA ILE UD 229 -116.16 -69.23 7.26
C ILE UD 229 -116.65 -69.53 8.67
N GLU UD 230 -117.84 -69.04 9.00
CA GLU UD 230 -118.45 -69.19 10.31
C GLU UD 230 -119.60 -70.17 10.21
N ILE UD 231 -119.60 -71.20 11.05
CA ILE UD 231 -120.67 -72.19 11.11
C ILE UD 231 -121.28 -72.14 12.50
N GLN UD 232 -122.53 -71.70 12.59
CA GLN UD 232 -123.22 -71.62 13.87
C GLN UD 232 -124.40 -72.59 13.91
N TRP UD 233 -124.60 -73.20 15.09
CA TRP UD 233 -125.80 -74.00 15.32
C TRP UD 233 -126.19 -73.91 16.78
N PHE UD 234 -127.44 -74.31 17.04
CA PHE UD 234 -127.99 -74.24 18.40
C PHE UD 234 -127.82 -75.57 19.13
N GLU VD 29 -180.71 -111.13 -12.70
CA GLU VD 29 -179.55 -111.48 -13.53
C GLU VD 29 -179.98 -111.88 -14.92
N VAL VD 30 -180.03 -110.91 -15.84
CA VAL VD 30 -180.43 -111.15 -17.22
C VAL VD 30 -179.37 -110.56 -18.14
N LYS VD 31 -179.30 -111.13 -19.34
CA LYS VD 31 -178.30 -110.75 -20.34
C LYS VD 31 -178.86 -109.62 -21.22
N LYS VD 32 -178.15 -109.33 -22.31
CA LYS VD 32 -178.55 -108.26 -23.23
C LYS VD 32 -178.79 -108.78 -24.65
N GLN VD 33 -178.82 -110.10 -24.84
CA GLN VD 33 -178.95 -110.66 -26.18
C GLN VD 33 -180.36 -110.47 -26.72
N GLY VD 34 -180.45 -110.21 -28.02
CA GLY VD 34 -181.72 -109.98 -28.69
C GLY VD 34 -182.22 -108.55 -28.67
N THR VD 35 -181.51 -107.64 -28.03
CA THR VD 35 -181.93 -106.25 -27.90
C THR VD 35 -180.84 -105.34 -28.44
N SER VD 36 -181.24 -104.41 -29.31
CA SER VD 36 -180.34 -103.41 -29.85
C SER VD 36 -180.41 -102.13 -29.01
N SER VD 37 -179.46 -101.22 -29.26
CA SER VD 37 -179.35 -100.02 -28.45
C SER VD 37 -180.45 -99.02 -28.82
N THR VD 38 -181.24 -98.62 -27.84
CA THR VD 38 -182.34 -97.69 -28.02
C THR VD 38 -182.10 -96.44 -27.18
N ARG VD 39 -182.95 -95.44 -27.39
CA ARG VD 39 -182.82 -94.14 -26.75
C ARG VD 39 -183.80 -94.04 -25.58
N GLN VD 40 -183.31 -93.53 -24.44
CA GLN VD 40 -184.14 -93.31 -23.27
C GLN VD 40 -183.83 -91.94 -22.68
N PHE VD 41 -184.87 -91.23 -22.27
CA PHE VD 41 -184.74 -89.98 -21.53
C PHE VD 41 -185.31 -90.18 -20.13
N ARG VD 42 -184.52 -89.83 -19.12
CA ARG VD 42 -184.92 -90.00 -17.73
C ARG VD 42 -184.59 -88.74 -16.94
N GLN VD 43 -185.31 -88.55 -15.84
CA GLN VD 43 -185.15 -87.38 -14.98
C GLN VD 43 -184.54 -87.80 -13.65
N VAL VD 44 -183.64 -86.96 -13.14
CA VAL VD 44 -182.92 -87.24 -11.90
C VAL VD 44 -183.00 -85.99 -11.02
N SER VD 45 -182.82 -86.20 -9.71
CA SER VD 45 -182.87 -85.12 -8.74
C SER VD 45 -181.51 -84.43 -8.65
N SER VD 46 -181.35 -83.58 -7.64
CA SER VD 46 -180.10 -82.84 -7.46
C SER VD 46 -179.00 -83.74 -6.93
N PHE VD 47 -177.81 -83.61 -7.51
CA PHE VD 47 -176.66 -84.42 -7.13
C PHE VD 47 -175.40 -83.57 -7.26
N ASN VD 48 -174.38 -83.93 -6.47
CA ASN VD 48 -173.13 -83.19 -6.43
C ASN VD 48 -171.90 -84.10 -6.56
N GLN VD 49 -172.10 -85.39 -6.80
CA GLN VD 49 -171.00 -86.34 -6.91
C GLN VD 49 -171.46 -87.48 -7.80
N ILE VD 50 -170.62 -87.90 -8.75
CA ILE VD 50 -170.97 -88.95 -9.70
C ILE VD 50 -169.98 -90.10 -9.56
N VAL VD 51 -170.50 -91.31 -9.34
CA VAL VD 51 -169.69 -92.53 -9.27
C VAL VD 51 -170.19 -93.46 -10.35
N VAL VD 52 -169.36 -93.74 -11.35
CA VAL VD 52 -169.72 -94.58 -12.49
C VAL VD 52 -168.85 -95.84 -12.49
N GLN VD 53 -169.51 -96.99 -12.59
CA GLN VD 53 -168.84 -98.28 -12.72
C GLN VD 53 -169.36 -99.00 -13.97
N GLY VD 54 -168.44 -99.57 -14.73
CA GLY VD 54 -168.81 -100.40 -15.87
C GLY VD 54 -168.19 -100.02 -17.19
N ARG VD 55 -168.16 -100.98 -18.13
CA ARG VD 55 -167.60 -100.78 -19.47
C ARG VD 55 -168.62 -100.00 -20.29
N LEU VD 56 -168.48 -98.68 -20.27
CA LEU VD 56 -169.48 -97.80 -20.88
C LEU VD 56 -168.82 -96.46 -21.21
N ASN VD 57 -169.63 -95.56 -21.78
CA ASN VD 57 -169.16 -94.24 -22.18
C ASN VD 57 -170.00 -93.17 -21.48
N VAL VD 58 -169.32 -92.10 -21.06
CA VAL VD 58 -169.96 -90.98 -20.36
C VAL VD 58 -169.66 -89.71 -21.15
N ASN VD 59 -170.70 -88.92 -21.42
CA ASN VD 59 -170.58 -87.59 -22.00
C ASN VD 59 -171.15 -86.59 -21.01
N LEU VD 60 -170.41 -85.51 -20.79
CA LEU VD 60 -170.79 -84.48 -19.83
C LEU VD 60 -171.12 -83.18 -20.55
N HIS VD 61 -172.15 -82.48 -20.08
CA HIS VD 61 -172.45 -81.15 -20.57
C HIS VD 61 -172.78 -80.25 -19.37
N THR VD 62 -172.91 -78.95 -19.64
CA THR VD 62 -173.16 -77.96 -18.60
C THR VD 62 -174.16 -76.94 -19.12
N GLY VD 63 -175.25 -76.75 -18.38
CA GLY VD 63 -176.26 -75.77 -18.74
C GLY VD 63 -176.96 -75.24 -17.51
N TYR VD 64 -177.76 -74.20 -17.71
CA TYR VD 64 -178.51 -73.56 -16.64
C TYR VD 64 -179.94 -74.08 -16.54
N ASN VD 65 -180.24 -75.20 -17.18
CA ASN VD 65 -181.57 -75.79 -17.15
C ASN VD 65 -181.68 -76.78 -16.00
N LYS VD 66 -182.74 -77.59 -16.00
CA LYS VD 66 -182.87 -78.66 -15.03
C LYS VD 66 -181.82 -79.74 -15.30
N PRO VD 67 -181.43 -80.51 -14.29
CA PRO VD 67 -180.53 -81.65 -14.54
C PRO VD 67 -181.27 -82.82 -15.18
N GLU VD 68 -180.60 -83.50 -16.09
CA GLU VD 68 -181.15 -84.72 -16.67
C GLU VD 68 -180.03 -85.67 -17.08
N VAL VD 69 -180.41 -86.92 -17.31
CA VAL VD 69 -179.49 -87.97 -17.75
C VAL VD 69 -180.17 -88.78 -18.85
N MET VD 70 -179.44 -89.06 -19.92
CA MET VD 70 -179.89 -89.90 -21.02
C MET VD 70 -179.10 -91.20 -21.01
N LEU VD 71 -179.81 -92.32 -21.04
CA LEU VD 71 -179.22 -93.66 -20.95
C LEU VD 71 -179.52 -94.42 -22.24
N ARG VD 72 -178.60 -94.37 -23.19
CA ARG VD 72 -178.69 -95.14 -24.42
C ARG VD 72 -178.20 -96.55 -24.13
N GLY VD 73 -179.11 -97.52 -24.19
CA GLY VD 73 -178.76 -98.90 -23.89
C GLY VD 73 -179.83 -99.85 -24.37
N ASP VD 74 -179.60 -101.12 -24.09
CA ASP VD 74 -180.54 -102.16 -24.50
C ASP VD 74 -181.78 -102.11 -23.61
N PRO VD 75 -182.98 -102.29 -24.18
CA PRO VD 75 -184.21 -102.27 -23.36
C PRO VD 75 -184.31 -103.40 -22.35
N ARG VD 76 -183.62 -104.52 -22.58
CA ARG VD 76 -183.55 -105.56 -21.57
C ARG VD 76 -182.72 -105.11 -20.37
N ASP VD 77 -181.68 -104.31 -20.61
CA ASP VD 77 -180.77 -103.88 -19.56
C ASP VD 77 -180.99 -102.43 -19.12
N LEU VD 78 -182.10 -101.80 -19.53
CA LEU VD 78 -182.40 -100.47 -19.01
C LEU VD 78 -182.73 -100.49 -17.53
N VAL VD 79 -183.35 -101.57 -17.05
CA VAL VD 79 -183.53 -101.77 -15.62
C VAL VD 79 -182.18 -102.06 -14.97
N GLN VD 80 -181.30 -102.78 -15.67
CA GLN VD 80 -179.99 -103.15 -15.12
C GLN VD 80 -179.07 -101.95 -14.98
N VAL VD 81 -179.22 -100.94 -15.85
CA VAL VD 81 -178.48 -99.70 -15.68
C VAL VD 81 -179.09 -98.97 -14.49
N ARG VD 82 -178.35 -98.90 -13.39
CA ARG VD 82 -178.87 -98.39 -12.13
C ARG VD 82 -178.56 -96.91 -12.00
N THR VD 83 -179.59 -96.11 -11.77
CA THR VD 83 -179.48 -94.67 -11.55
C THR VD 83 -180.10 -94.37 -10.19
N ILE VD 84 -179.29 -94.44 -9.14
CA ILE VD 84 -179.77 -94.25 -7.78
C ILE VD 84 -179.07 -93.05 -7.15
N VAL VD 85 -179.76 -92.42 -6.21
CA VAL VD 85 -179.30 -91.20 -5.55
C VAL VD 85 -179.36 -91.44 -4.05
N LYS VD 86 -178.24 -91.25 -3.36
CA LYS VD 86 -178.18 -91.40 -1.92
C LYS VD 86 -177.36 -90.25 -1.34
N GLN VD 87 -178.06 -89.31 -0.69
CA GLN VD 87 -177.47 -88.16 0.02
C GLN VD 87 -176.62 -87.30 -0.92
N ASN VD 88 -177.32 -86.69 -1.90
CA ASN VD 88 -176.76 -85.69 -2.83
C ASN VD 88 -175.67 -86.28 -3.72
N THR VD 89 -175.72 -87.59 -3.95
CA THR VD 89 -174.79 -88.29 -4.82
C THR VD 89 -175.55 -88.99 -5.95
N LEU VD 90 -174.80 -89.59 -6.87
CA LEU VD 90 -175.37 -90.34 -7.99
C LEU VD 90 -174.49 -91.55 -8.24
N TYR VD 91 -175.11 -92.73 -8.30
CA TYR VD 91 -174.41 -94.00 -8.51
C TYR VD 91 -174.89 -94.60 -9.83
N VAL VD 92 -174.10 -94.42 -10.89
CA VAL VD 92 -174.39 -95.01 -12.19
C VAL VD 92 -173.54 -96.27 -12.29
N SER VD 93 -174.16 -97.42 -12.07
CA SER VD 93 -173.45 -98.69 -12.08
C SER VD 93 -174.40 -99.80 -12.47
N LEU VD 94 -173.92 -101.04 -12.38
CA LEU VD 94 -174.71 -102.20 -12.75
C LEU VD 94 -175.74 -102.51 -11.68
N GLY VD 95 -176.87 -103.08 -12.11
CA GLY VD 95 -177.90 -103.53 -11.21
C GLY VD 95 -178.21 -105.00 -11.44
N GLN VD 96 -178.54 -105.70 -10.34
CA GLN VD 96 -178.83 -107.14 -10.33
C GLN VD 96 -177.68 -107.96 -10.92
N GLY VD 97 -176.44 -107.58 -10.58
CA GLY VD 97 -175.28 -108.29 -11.04
C GLY VD 97 -174.90 -107.95 -12.47
N TYR VD 98 -173.85 -108.61 -12.95
CA TYR VD 98 -173.36 -108.43 -14.32
C TYR VD 98 -173.30 -109.82 -14.97
N PRO VD 99 -174.39 -110.25 -15.61
CA PRO VD 99 -174.27 -111.37 -16.54
C PRO VD 99 -173.54 -110.95 -17.81
N ASP VD 100 -174.06 -109.91 -18.48
CA ASP VD 100 -173.52 -109.39 -19.73
C ASP VD 100 -174.17 -108.07 -20.12
N TYR VD 101 -173.35 -107.06 -20.44
CA TYR VD 101 -173.81 -105.90 -21.21
C TYR VD 101 -172.63 -105.35 -21.99
N GLY VD 102 -172.88 -104.97 -23.24
CA GLY VD 102 -171.81 -104.56 -24.12
C GLY VD 102 -171.61 -103.07 -24.32
N ALA VD 103 -172.68 -102.34 -24.59
CA ALA VD 103 -172.59 -100.92 -24.95
C ALA VD 103 -173.62 -100.12 -24.18
N VAL VD 104 -173.15 -99.15 -23.40
CA VAL VD 104 -174.02 -98.24 -22.65
C VAL VD 104 -173.45 -96.83 -22.81
N THR VD 105 -174.31 -95.88 -23.20
CA THR VD 105 -173.94 -94.48 -23.32
C THR VD 105 -174.73 -93.66 -22.30
N VAL VD 106 -174.03 -92.87 -21.50
CA VAL VD 106 -174.64 -92.06 -20.46
C VAL VD 106 -174.29 -90.61 -20.74
N ASP VD 107 -175.26 -89.83 -21.20
CA ASP VD 107 -175.10 -88.40 -21.36
C ASP VD 107 -175.70 -87.70 -20.16
N ILE VD 108 -175.04 -86.66 -19.67
CA ILE VD 108 -175.44 -86.04 -18.41
C ILE VD 108 -175.40 -84.52 -18.55
N LYS VD 109 -176.39 -83.86 -17.95
CA LYS VD 109 -176.45 -82.40 -17.87
C LYS VD 109 -176.86 -82.01 -16.46
N THR VD 110 -176.08 -81.11 -15.85
CA THR VD 110 -176.30 -80.67 -14.48
C THR VD 110 -175.65 -79.30 -14.29
N LYS VD 111 -175.61 -78.83 -13.04
CA LYS VD 111 -175.06 -77.52 -12.72
C LYS VD 111 -173.81 -77.61 -11.85
N PHE VD 112 -173.85 -78.33 -10.73
CA PHE VD 112 -172.75 -78.37 -9.77
C PHE VD 112 -172.15 -79.76 -9.71
N LEU VD 113 -170.82 -79.85 -9.81
CA LEU VD 113 -170.08 -81.09 -9.68
C LEU VD 113 -168.99 -80.92 -8.64
N ASN VD 114 -168.82 -81.90 -7.77
CA ASN VD 114 -167.82 -81.83 -6.71
C ASN VD 114 -166.97 -83.08 -6.55
N ARG VD 115 -167.33 -84.20 -7.17
CA ARG VD 115 -166.53 -85.42 -7.08
C ARG VD 115 -166.88 -86.33 -8.26
N PHE VD 116 -165.85 -86.93 -8.86
CA PHE VD 116 -166.05 -87.86 -9.97
C PHE VD 116 -165.22 -89.11 -9.74
N ARG VD 117 -165.88 -90.26 -9.75
CA ARG VD 117 -165.24 -91.56 -9.62
C ARG VD 117 -165.59 -92.39 -10.85
N TYR VD 118 -164.59 -93.02 -11.46
CA TYR VD 118 -164.78 -93.82 -12.65
C TYR VD 118 -164.03 -95.14 -12.53
N GLU VD 119 -164.73 -96.25 -12.77
CA GLU VD 119 -164.13 -97.57 -12.70
C GLU VD 119 -164.64 -98.47 -13.81
N GLY VD 120 -163.77 -99.34 -14.31
CA GLY VD 120 -164.18 -100.46 -15.12
C GLY VD 120 -164.13 -100.36 -16.63
N ALA VD 121 -162.98 -99.93 -17.19
CA ALA VD 121 -162.65 -99.99 -18.62
C ALA VD 121 -163.64 -99.19 -19.47
N GLY VD 122 -163.60 -97.87 -19.27
CA GLY VD 122 -164.57 -97.03 -19.94
C GLY VD 122 -164.05 -95.76 -20.57
N VAL VD 123 -164.96 -94.95 -21.11
CA VAL VD 123 -164.63 -93.71 -21.82
C VAL VD 123 -165.37 -92.56 -21.14
N VAL VD 124 -164.67 -91.45 -20.90
CA VAL VD 124 -165.25 -90.24 -20.32
C VAL VD 124 -164.86 -89.05 -21.18
N THR VD 125 -165.86 -88.26 -21.60
CA THR VD 125 -165.62 -87.03 -22.35
C THR VD 125 -166.39 -85.89 -21.70
N GLY VD 126 -165.72 -84.77 -21.47
CA GLY VD 126 -166.36 -83.59 -20.89
C GLY VD 126 -165.61 -82.33 -21.23
N ASN VD 127 -166.35 -81.22 -21.30
CA ASN VD 127 -165.77 -79.93 -21.62
C ASN VD 127 -166.64 -78.82 -21.07
N ASN VD 128 -166.04 -77.63 -20.99
CA ASN VD 128 -166.71 -76.37 -20.60
C ASN VD 128 -167.31 -76.46 -19.20
N LEU VD 129 -166.53 -76.98 -18.26
CA LEU VD 129 -166.98 -77.20 -16.89
C LEU VD 129 -166.33 -76.14 -16.00
N ARG VD 130 -167.15 -75.46 -15.20
CA ARG VD 130 -166.68 -74.44 -14.26
C ARG VD 130 -166.95 -74.91 -12.85
N THR VD 131 -165.94 -74.82 -11.99
CA THR VD 131 -166.03 -75.35 -10.64
C THR VD 131 -165.05 -74.62 -9.74
N SER VD 132 -165.21 -74.82 -8.44
CA SER VD 132 -164.27 -74.33 -7.44
C SER VD 132 -163.27 -75.40 -7.01
N TYR VD 133 -163.76 -76.60 -6.66
CA TYR VD 133 -162.89 -77.71 -6.29
C TYR VD 133 -163.65 -79.01 -6.52
N LEU VD 134 -163.01 -79.97 -7.20
CA LEU VD 134 -163.56 -81.31 -7.34
C LEU VD 134 -162.41 -82.29 -7.50
N ASP VD 135 -162.70 -83.56 -7.25
CA ASP VD 135 -161.69 -84.61 -7.18
C ASP VD 135 -161.96 -85.67 -8.23
N LEU VD 136 -160.93 -86.00 -9.01
CA LEU VD 136 -160.98 -87.07 -10.00
C LEU VD 136 -160.39 -88.35 -9.41
N TYR VD 137 -161.08 -89.46 -9.63
CA TYR VD 137 -160.54 -90.78 -9.29
C TYR VD 137 -160.81 -91.73 -10.45
N LEU VD 138 -159.79 -91.92 -11.29
CA LEU VD 138 -159.87 -92.80 -12.45
C LEU VD 138 -159.23 -94.14 -12.12
N ALA VD 139 -159.90 -95.23 -12.48
CA ALA VD 139 -159.35 -96.56 -12.24
C ALA VD 139 -159.61 -97.47 -13.43
N ASN VD 140 -158.58 -98.25 -13.78
CA ASN VD 140 -158.65 -99.40 -14.70
C ASN VD 140 -159.13 -98.98 -16.10
N GLU VD 141 -158.27 -98.20 -16.76
CA GLU VD 141 -158.42 -97.76 -18.15
C GLU VD 141 -159.70 -96.94 -18.33
N GLY VD 142 -159.66 -95.76 -17.72
CA GLY VD 142 -160.64 -94.74 -18.05
C GLY VD 142 -160.07 -93.76 -19.05
N THR VD 143 -160.40 -93.95 -20.33
CA THR VD 143 -159.89 -93.08 -21.39
C THR VD 143 -160.69 -91.78 -21.31
N THR VD 144 -160.02 -90.70 -20.90
CA THR VD 144 -160.69 -89.53 -20.37
C THR VD 144 -160.21 -88.27 -21.07
N ARG VD 145 -161.16 -87.41 -21.44
CA ARG VD 145 -160.85 -86.06 -21.92
C ARG VD 145 -161.64 -85.04 -21.11
N LEU VD 146 -160.95 -84.06 -20.56
CA LEU VD 146 -161.56 -82.86 -20.00
C LEU VD 146 -161.01 -81.65 -20.74
N ALA VD 147 -161.89 -80.83 -21.28
CA ALA VD 147 -161.51 -79.66 -22.08
C ALA VD 147 -162.17 -78.40 -21.53
N GLY VD 148 -162.10 -78.23 -20.21
CA GLY VD 148 -162.64 -77.04 -19.57
C GLY VD 148 -161.63 -76.32 -18.69
N ASN VD 149 -162.12 -75.46 -17.80
CA ASN VD 149 -161.28 -74.72 -16.85
C ASN VD 149 -161.55 -75.17 -15.40
N ILE VD 150 -161.04 -76.35 -15.07
CA ILE VD 150 -161.37 -77.04 -13.83
C ILE VD 150 -160.25 -76.77 -12.82
N GLY VD 151 -160.60 -76.15 -11.70
CA GLY VD 151 -159.65 -75.96 -10.62
C GLY VD 151 -159.73 -77.10 -9.62
N LEU VD 152 -158.82 -78.05 -9.71
CA LEU VD 152 -158.82 -79.23 -8.86
C LEU VD 152 -157.59 -79.25 -7.96
N GLN VD 153 -157.79 -79.68 -6.71
CA GLN VD 153 -156.72 -79.73 -5.73
C GLN VD 153 -156.17 -81.13 -5.55
N LYS VD 154 -156.97 -82.16 -5.83
CA LYS VD 154 -156.50 -83.54 -5.82
C LYS VD 154 -156.94 -84.25 -7.09
N LEU VD 155 -156.15 -85.25 -7.48
CA LEU VD 155 -156.43 -86.08 -8.63
C LEU VD 155 -155.76 -87.42 -8.43
N GLU VD 156 -156.42 -88.50 -8.85
CA GLU VD 156 -155.88 -89.84 -8.69
C GLU VD 156 -156.16 -90.68 -9.93
N ALA VD 157 -155.12 -91.32 -10.45
CA ALA VD 157 -155.23 -92.33 -11.50
C ALA VD 157 -154.58 -93.61 -10.98
N VAL VD 158 -155.30 -94.73 -11.09
CA VAL VD 158 -154.85 -95.96 -10.44
C VAL VD 158 -153.81 -96.66 -11.31
N GLY VD 159 -154.18 -97.03 -12.54
CA GLY VD 159 -153.24 -97.75 -13.38
C GLY VD 159 -153.73 -98.11 -14.76
N ASN VD 160 -152.79 -98.14 -15.73
CA ASN VD 160 -153.02 -98.56 -17.11
C ASN VD 160 -154.09 -97.72 -17.81
N GLY VD 161 -153.97 -96.41 -17.68
CA GLY VD 161 -154.91 -95.50 -18.31
C GLY VD 161 -154.22 -94.25 -18.79
N VAL VD 162 -154.80 -93.65 -19.84
CA VAL VD 162 -154.34 -92.39 -20.38
C VAL VD 162 -155.28 -91.28 -19.94
N THR VD 163 -154.74 -90.08 -19.78
CA THR VD 163 -155.51 -88.93 -19.34
C THR VD 163 -155.00 -87.67 -20.04
N GLN VD 164 -155.91 -86.93 -20.63
CA GLN VD 164 -155.62 -85.76 -21.45
C GLN VD 164 -156.48 -84.60 -20.96
N ILE VD 165 -155.93 -83.75 -20.09
CA ILE VD 165 -156.68 -82.64 -19.51
C ILE VD 165 -156.15 -81.34 -20.08
N ASN VD 166 -157.04 -80.54 -20.65
CA ASN VD 166 -156.69 -79.26 -21.27
C ASN VD 166 -157.32 -78.13 -20.44
N GLY VD 167 -156.55 -77.59 -19.51
CA GLY VD 167 -156.97 -76.43 -18.74
C GLY VD 167 -157.25 -76.71 -17.28
N VAL VD 168 -156.28 -76.39 -16.41
CA VAL VD 168 -156.44 -76.49 -14.97
C VAL VD 168 -155.83 -75.23 -14.35
N SER VD 169 -156.62 -74.53 -13.54
CA SER VD 169 -156.19 -73.31 -12.86
C SER VD 169 -156.50 -73.46 -11.38
N SER VD 170 -155.52 -73.94 -10.62
CA SER VD 170 -155.68 -74.17 -9.18
C SER VD 170 -154.51 -73.57 -8.43
N ARG VD 171 -154.77 -73.18 -7.19
CA ARG VD 171 -153.74 -72.63 -6.31
C ARG VD 171 -152.99 -73.70 -5.53
N ASN VD 172 -153.43 -74.96 -5.60
CA ASN VD 172 -152.75 -76.05 -4.93
C ASN VD 172 -153.09 -77.35 -5.64
N LEU VD 173 -152.12 -78.27 -5.69
CA LEU VD 173 -152.33 -79.57 -6.30
C LEU VD 173 -151.31 -80.54 -5.72
N GLN VD 174 -151.78 -81.73 -5.34
CA GLN VD 174 -150.93 -82.81 -4.85
C GLN VD 174 -151.25 -84.06 -5.65
N ILE VD 175 -150.23 -84.62 -6.31
CA ILE VD 175 -150.39 -85.78 -7.17
C ILE VD 175 -149.50 -86.91 -6.66
N VAL VD 176 -150.09 -88.07 -6.43
CA VAL VD 176 -149.35 -89.29 -6.11
C VAL VD 176 -149.89 -90.43 -6.98
N LEU VD 177 -148.97 -91.21 -7.54
CA LEU VD 177 -149.32 -92.29 -8.47
C LEU VD 177 -148.70 -93.59 -7.99
N LYS VD 178 -149.35 -94.70 -8.32
CA LYS VD 178 -148.90 -96.02 -7.88
C LYS VD 178 -148.93 -97.09 -8.96
N GLY VD 179 -149.39 -96.79 -10.17
CA GLY VD 179 -149.46 -97.79 -11.21
C GLY VD 179 -148.72 -97.42 -12.48
N ASP VD 180 -149.39 -97.57 -13.63
CA ASP VD 180 -148.82 -97.21 -14.93
C ASP VD 180 -149.73 -96.22 -15.67
N PRO VD 181 -149.78 -94.96 -15.24
CA PRO VD 181 -150.59 -93.97 -15.97
C PRO VD 181 -149.80 -93.21 -17.02
N LYS VD 182 -150.55 -92.62 -17.96
CA LYS VD 182 -150.00 -91.75 -19.00
C LYS VD 182 -150.84 -90.47 -19.00
N VAL VD 183 -150.41 -89.49 -18.23
CA VAL VD 183 -151.25 -88.33 -17.92
C VAL VD 183 -150.56 -87.02 -18.30
N LEU VD 184 -151.31 -86.17 -19.02
CA LEU VD 184 -150.82 -84.86 -19.40
C LEU VD 184 -151.89 -83.83 -19.05
N ILE VD 185 -151.48 -82.79 -18.32
CA ILE VD 185 -152.37 -81.75 -17.84
C ILE VD 185 -151.87 -80.40 -18.33
N SER VD 186 -152.78 -79.56 -18.81
CA SER VD 186 -152.47 -78.21 -19.26
C SER VD 186 -153.07 -77.19 -18.31
N GLY VD 187 -152.48 -76.00 -18.29
CA GLY VD 187 -153.03 -74.91 -17.50
C GLY VD 187 -152.03 -74.20 -16.61
N PHE VD 188 -152.43 -73.91 -15.38
CA PHE VD 188 -151.59 -73.22 -14.41
C PHE VD 188 -151.74 -73.93 -13.07
N VAL VD 189 -150.65 -74.54 -12.59
CA VAL VD 189 -150.69 -75.40 -11.42
C VAL VD 189 -149.62 -74.93 -10.44
N ASN VD 190 -150.01 -74.71 -9.18
CA ASN VD 190 -149.07 -74.42 -8.10
C ASN VD 190 -148.81 -75.73 -7.36
N LEU VD 191 -147.93 -76.54 -7.93
CA LEU VD 191 -147.61 -77.84 -7.37
C LEU VD 191 -146.73 -77.71 -6.14
N ARG VD 192 -146.83 -78.68 -5.23
CA ARG VD 192 -146.09 -78.66 -3.97
C ARG VD 192 -145.23 -79.89 -3.75
N GLN VD 193 -145.73 -81.08 -4.09
CA GLN VD 193 -144.99 -82.31 -3.87
C GLN VD 193 -145.36 -83.32 -4.93
N LEU VD 194 -144.46 -84.30 -5.14
CA LEU VD 194 -144.67 -85.32 -6.15
C LEU VD 194 -143.85 -86.55 -5.78
N ASP VD 195 -144.53 -87.66 -5.51
CA ASP VD 195 -143.90 -88.95 -5.27
C ASP VD 195 -144.41 -89.95 -6.29
N MET VD 196 -143.51 -90.61 -6.99
CA MET VD 196 -143.88 -91.65 -7.95
C MET VD 196 -143.05 -92.91 -7.68
N TYR VD 197 -143.74 -94.05 -7.55
CA TYR VD 197 -143.12 -95.34 -7.33
C TYR VD 197 -143.49 -96.37 -8.38
N GLY VD 198 -144.21 -95.98 -9.44
CA GLY VD 198 -144.70 -96.94 -10.41
C GLY VD 198 -143.91 -97.00 -11.70
N LYS VD 199 -144.63 -97.01 -12.83
CA LYS VD 199 -144.05 -97.03 -14.17
C LYS VD 199 -144.75 -96.01 -15.06
N GLY VD 200 -144.84 -94.77 -14.57
CA GLY VD 200 -145.76 -93.80 -15.13
C GLY VD 200 -145.14 -92.58 -15.76
N THR VD 201 -145.93 -91.92 -16.62
CA THR VD 201 -145.54 -90.70 -17.30
C THR VD 201 -146.50 -89.57 -16.97
N LEU VD 202 -145.94 -88.41 -16.59
CA LEU VD 202 -146.64 -87.18 -16.28
C LEU VD 202 -146.02 -86.02 -17.02
N SER VD 203 -146.87 -85.19 -17.63
CA SER VD 203 -146.37 -83.94 -18.19
C SER VD 203 -147.33 -82.79 -17.88
N LEU VD 204 -146.75 -81.65 -17.51
CA LEU VD 204 -147.46 -80.42 -17.27
C LEU VD 204 -146.85 -79.33 -18.14
N TYR VD 205 -147.68 -78.39 -18.60
CA TYR VD 205 -147.20 -77.38 -19.53
C TYR VD 205 -146.64 -76.16 -18.80
N TRP VD 206 -147.46 -75.51 -17.98
CA TRP VD 206 -147.03 -74.32 -17.24
C TRP VD 206 -147.33 -74.50 -15.76
N ILE VD 207 -146.33 -74.25 -14.92
CA ILE VD 207 -146.48 -74.30 -13.47
C ILE VD 207 -145.79 -73.08 -12.87
N LYS VD 208 -146.41 -72.48 -11.86
CA LYS VD 208 -145.85 -71.36 -11.12
C LYS VD 208 -145.91 -71.73 -9.64
N SER VD 209 -144.86 -72.37 -9.16
CA SER VD 209 -144.81 -72.90 -7.79
C SER VD 209 -143.79 -72.11 -6.98
N ASP VD 210 -143.60 -72.55 -5.73
CA ASP VD 210 -142.65 -71.94 -4.81
C ASP VD 210 -141.64 -72.93 -4.25
N THR VD 211 -142.05 -74.16 -3.97
CA THR VD 211 -141.15 -75.19 -3.49
C THR VD 211 -141.64 -76.54 -3.96
N LEU VD 212 -140.83 -77.23 -4.75
CA LEU VD 212 -141.17 -78.54 -5.29
C LEU VD 212 -140.27 -79.61 -4.70
N THR VD 213 -140.86 -80.75 -4.36
CA THR VD 213 -140.14 -81.92 -3.85
C THR VD 213 -140.51 -83.11 -4.73
N ILE VD 214 -139.54 -83.62 -5.48
CA ILE VD 214 -139.73 -84.69 -6.44
C ILE VD 214 -139.03 -85.93 -5.90
N ARG VD 215 -139.76 -87.04 -5.82
CA ARG VD 215 -139.20 -88.32 -5.37
C ARG VD 215 -139.60 -89.41 -6.35
N ALA VD 216 -138.66 -89.88 -7.16
CA ALA VD 216 -138.92 -90.91 -8.15
C ALA VD 216 -138.20 -92.19 -7.78
N LYS VD 217 -138.94 -93.30 -7.79
CA LYS VD 217 -138.45 -94.57 -7.26
C LYS VD 217 -138.17 -95.60 -8.34
N LYS VD 218 -139.16 -96.01 -9.13
CA LYS VD 218 -139.01 -97.19 -9.98
C LYS VD 218 -138.91 -96.85 -11.46
N ALA VD 219 -139.92 -96.20 -12.04
CA ALA VD 219 -139.86 -95.74 -13.43
C ALA VD 219 -140.84 -94.59 -13.56
N ALA VD 220 -140.32 -93.38 -13.58
CA ALA VD 220 -141.14 -92.19 -13.66
C ALA VD 220 -140.57 -91.25 -14.70
N LYS VD 221 -141.44 -90.81 -15.62
CA LYS VD 221 -141.09 -89.79 -16.60
C LYS VD 221 -141.87 -88.53 -16.22
N ILE VD 222 -141.15 -87.44 -15.97
CA ILE VD 222 -141.75 -86.19 -15.53
C ILE VD 222 -141.31 -85.10 -16.50
N GLN VD 223 -142.28 -84.37 -17.05
CA GLN VD 223 -141.98 -83.29 -17.99
C GLN VD 223 -142.65 -82.00 -17.50
N LEU VD 224 -141.88 -81.13 -16.88
CA LEU VD 224 -142.38 -79.86 -16.35
C LEU VD 224 -141.74 -78.69 -17.09
N ALA VD 225 -142.43 -77.56 -17.04
CA ALA VD 225 -141.92 -76.30 -17.57
C ALA VD 225 -142.62 -75.16 -16.85
N GLY VD 226 -141.86 -74.16 -16.44
CA GLY VD 226 -142.43 -73.02 -15.74
C GLY VD 226 -141.40 -72.41 -14.81
N ILE VD 227 -141.91 -71.76 -13.76
CA ILE VD 227 -141.10 -71.02 -12.81
C ILE VD 227 -141.24 -71.66 -11.43
N VAL VD 228 -140.11 -72.02 -10.83
CA VAL VD 228 -140.08 -72.63 -9.51
C VAL VD 228 -138.99 -71.93 -8.70
N ASN VD 229 -139.35 -71.47 -7.50
CA ASN VD 229 -138.39 -70.75 -6.66
C ASN VD 229 -137.37 -71.69 -6.00
N ARG VD 230 -137.77 -72.92 -5.68
CA ARG VD 230 -136.88 -73.86 -5.00
C ARG VD 230 -137.27 -75.27 -5.37
N LEU VD 231 -136.30 -76.05 -5.85
CA LEU VD 231 -136.54 -77.39 -6.37
C LEU VD 231 -135.65 -78.39 -5.65
N ASP VD 232 -136.22 -79.49 -5.21
CA ASP VD 232 -135.48 -80.62 -4.65
C ASP VD 232 -135.88 -81.87 -5.40
N VAL VD 233 -134.89 -82.60 -5.92
CA VAL VD 233 -135.13 -83.76 -6.77
C VAL VD 233 -134.33 -84.94 -6.22
N GLU VD 234 -135.01 -86.07 -6.01
CA GLU VD 234 -134.37 -87.32 -5.63
C GLU VD 234 -134.79 -88.40 -6.62
N LEU VD 235 -133.80 -89.00 -7.29
CA LEU VD 235 -134.05 -90.09 -8.23
C LEU VD 235 -133.32 -91.33 -7.73
N TRP VD 236 -134.02 -92.47 -7.67
CA TRP VD 236 -133.40 -93.64 -7.07
C TRP VD 236 -132.82 -94.62 -8.08
N ASP VD 237 -133.65 -95.23 -8.94
CA ASP VD 237 -133.11 -96.05 -10.01
C ASP VD 237 -134.08 -96.13 -11.18
N PHE VD 238 -133.51 -96.11 -12.39
CA PHE VD 238 -134.23 -96.13 -13.68
C PHE VD 238 -135.26 -95.01 -13.79
N ALA VD 239 -134.93 -93.84 -13.26
CA ALA VD 239 -135.82 -92.69 -13.26
C ALA VD 239 -135.20 -91.57 -14.08
N GLN VD 240 -136.03 -90.92 -14.89
CA GLN VD 240 -135.62 -89.83 -15.75
C GLN VD 240 -136.44 -88.58 -15.40
N PHE VD 241 -135.75 -87.51 -15.06
CA PHE VD 241 -136.40 -86.24 -14.72
C PHE VD 241 -135.97 -85.21 -15.75
N LYS VD 242 -136.86 -84.93 -16.71
CA LYS VD 242 -136.61 -83.93 -17.74
C LYS VD 242 -137.12 -82.57 -17.28
N GLY VD 243 -136.38 -81.98 -16.33
CA GLY VD 243 -136.72 -80.67 -15.83
C GLY VD 243 -136.18 -79.54 -16.67
N LYS VD 244 -135.76 -79.80 -17.90
CA LYS VD 244 -135.47 -78.76 -18.87
C LYS VD 244 -136.75 -77.98 -19.18
N TYR VD 245 -136.57 -76.67 -19.45
CA TYR VD 245 -137.58 -75.62 -19.60
C TYR VD 245 -138.29 -75.28 -18.29
N LEU VD 246 -137.91 -75.92 -17.18
CA LEU VD 246 -138.38 -75.55 -15.85
C LEU VD 246 -137.24 -74.80 -15.17
N ARG VD 247 -137.36 -73.48 -15.11
CA ARG VD 247 -136.28 -72.64 -14.60
C ARG VD 247 -136.40 -72.53 -13.09
N ALA VD 248 -135.36 -72.98 -12.40
CA ALA VD 248 -135.34 -73.00 -10.93
C ALA VD 248 -134.29 -72.03 -10.42
N GLN VD 249 -134.67 -71.21 -9.43
CA GLN VD 249 -133.73 -70.32 -8.79
C GLN VD 249 -132.73 -71.11 -7.94
N ARG VD 250 -133.24 -72.00 -7.10
CA ARG VD 250 -132.42 -72.88 -6.27
C ARG VD 250 -132.70 -74.32 -6.67
N SER VD 251 -131.65 -75.09 -6.93
CA SER VD 251 -131.83 -76.49 -7.28
C SER VD 251 -130.96 -77.37 -6.39
N PHE VD 252 -131.56 -78.39 -5.80
CA PHE VD 252 -130.87 -79.47 -5.12
C PHE VD 252 -131.24 -80.76 -5.82
N VAL VD 253 -130.24 -81.47 -6.36
CA VAL VD 253 -130.48 -82.66 -7.18
C VAL VD 253 -129.62 -83.80 -6.64
N LYS VD 254 -130.24 -84.95 -6.36
CA LYS VD 254 -129.53 -86.15 -5.97
C LYS VD 254 -129.98 -87.32 -6.83
N THR VD 255 -129.01 -87.96 -7.49
CA THR VD 255 -129.28 -89.11 -8.36
C THR VD 255 -128.50 -90.32 -7.84
N HIS VD 256 -129.21 -91.43 -7.67
CA HIS VD 256 -128.62 -92.72 -7.35
C HIS VD 256 -128.56 -93.56 -8.63
N ASP VD 257 -128.34 -94.87 -8.47
CA ASP VD 257 -127.82 -95.73 -9.53
C ASP VD 257 -128.71 -95.81 -10.77
N LYS VD 258 -128.10 -95.46 -11.92
CA LYS VD 258 -128.72 -95.51 -13.26
C LYS VD 258 -129.97 -94.63 -13.34
N SER VD 259 -129.82 -93.36 -12.98
CA SER VD 259 -130.88 -92.37 -13.10
C SER VD 259 -130.34 -91.15 -13.84
N VAL VD 260 -131.24 -90.47 -14.56
CA VAL VD 260 -130.88 -89.36 -15.43
C VAL VD 260 -131.70 -88.14 -15.07
N ALA VD 261 -131.03 -87.02 -14.80
CA ALA VD 261 -131.69 -85.75 -14.53
C ALA VD 261 -131.17 -84.69 -15.50
N GLU VD 262 -132.09 -83.85 -15.99
CA GLU VD 262 -131.77 -82.75 -16.88
C GLU VD 262 -132.38 -81.47 -16.31
N ILE VD 263 -131.53 -80.59 -15.77
CA ILE VD 263 -131.98 -79.43 -15.00
C ILE VD 263 -131.58 -78.15 -15.71
N SER VD 264 -132.22 -77.05 -15.29
CA SER VD 264 -132.06 -75.73 -15.89
C SER VD 264 -131.95 -74.65 -14.82
N ALA VD 265 -131.06 -74.85 -13.84
CA ALA VD 265 -130.93 -73.95 -12.70
C ALA VD 265 -130.43 -72.57 -13.12
N VAL VD 266 -130.81 -71.55 -12.35
CA VAL VD 266 -130.63 -70.16 -12.72
C VAL VD 266 -129.65 -69.45 -11.78
N ASN VD 267 -129.88 -69.53 -10.47
CA ASN VD 267 -129.07 -68.79 -9.50
C ASN VD 267 -128.09 -69.68 -8.75
N HIS VD 268 -128.59 -70.72 -8.09
CA HIS VD 268 -127.76 -71.62 -7.31
C HIS VD 268 -128.08 -73.07 -7.66
N GLN VD 269 -127.04 -73.83 -7.97
CA GLN VD 269 -127.16 -75.23 -8.37
C GLN VD 269 -126.30 -76.09 -7.46
N SER VD 270 -126.92 -77.13 -6.89
CA SER VD 270 -126.23 -78.07 -6.03
C SER VD 270 -126.64 -79.48 -6.45
N SER VD 271 -125.67 -80.27 -6.92
CA SER VD 271 -125.98 -81.57 -7.51
C SER VD 271 -125.04 -82.64 -6.98
N LEU VD 272 -125.57 -83.86 -6.87
CA LEU VD 272 -124.81 -85.02 -6.43
C LEU VD 272 -125.22 -86.24 -7.24
N ALA VD 273 -124.24 -86.91 -7.82
CA ALA VD 273 -124.42 -88.15 -8.56
C ALA VD 273 -123.66 -89.26 -7.86
N THR VD 274 -124.34 -90.38 -7.60
CA THR VD 274 -123.75 -91.40 -6.73
C THR VD 274 -122.96 -92.44 -7.51
N ASP VD 275 -123.62 -93.18 -8.40
CA ASP VD 275 -122.97 -94.31 -9.06
C ASP VD 275 -123.63 -94.61 -10.40
N ALA VD 276 -122.89 -94.35 -11.49
CA ALA VD 276 -123.35 -94.57 -12.87
C ALA VD 276 -124.65 -93.81 -13.17
N SER VD 277 -124.76 -92.60 -12.64
CA SER VD 277 -125.91 -91.74 -12.86
C SER VD 277 -125.47 -90.51 -13.63
N ASP VD 278 -126.45 -89.83 -14.24
CA ASP VD 278 -126.16 -88.72 -15.13
C ASP VD 278 -126.95 -87.49 -14.74
N ILE VD 279 -126.26 -86.37 -14.57
CA ILE VD 279 -126.87 -85.07 -14.36
C ILE VD 279 -126.39 -84.15 -15.48
N TYR VD 280 -127.32 -83.58 -16.22
CA TYR VD 280 -127.01 -82.62 -17.28
C TYR VD 280 -127.73 -81.31 -16.99
N TYR VD 281 -126.98 -80.22 -16.94
CA TYR VD 281 -127.59 -78.91 -16.81
C TYR VD 281 -127.64 -78.23 -18.18
N TYR VD 282 -128.55 -77.28 -18.31
CA TYR VD 282 -128.70 -76.58 -19.58
C TYR VD 282 -128.62 -75.07 -19.46
N ASN VD 283 -128.31 -74.54 -18.27
CA ASN VD 283 -128.10 -73.12 -18.06
C ASN VD 283 -126.88 -72.93 -17.18
N LEU VD 284 -126.17 -71.83 -17.41
CA LEU VD 284 -125.01 -71.48 -16.60
C LEU VD 284 -125.49 -70.65 -15.42
N SER VD 285 -125.53 -71.27 -14.24
CA SER VD 285 -126.01 -70.60 -13.05
C SER VD 285 -124.95 -69.64 -12.50
N LYS VD 286 -125.40 -68.77 -11.59
CA LYS VD 286 -124.47 -67.83 -10.96
C LYS VD 286 -123.56 -68.54 -9.96
N THR VD 287 -124.04 -69.61 -9.34
CA THR VD 287 -123.20 -70.41 -8.46
C THR VD 287 -123.51 -71.88 -8.71
N ARG VD 288 -122.44 -72.67 -8.91
CA ARG VD 288 -122.55 -74.07 -9.29
C ARG VD 288 -121.72 -74.91 -8.34
N ALA VD 289 -122.27 -76.03 -7.88
CA ALA VD 289 -121.51 -76.97 -7.03
C ALA VD 289 -122.02 -78.37 -7.30
N ASP VD 290 -121.11 -79.23 -7.79
CA ASP VD 290 -121.44 -80.58 -8.19
C ASP VD 290 -120.50 -81.57 -7.51
N PHE VD 291 -121.03 -82.74 -7.17
CA PHE VD 291 -120.22 -83.80 -6.57
C PHE VD 291 -120.58 -85.14 -7.20
N MET VD 292 -119.55 -85.98 -7.38
CA MET VD 292 -119.68 -87.33 -7.92
C MET VD 292 -119.06 -88.31 -6.94
N ALA VD 293 -119.68 -89.48 -6.78
CA ALA VD 293 -119.24 -90.41 -5.73
C ALA VD 293 -118.54 -91.66 -6.28
N PHE VD 294 -119.20 -92.46 -7.12
CA PHE VD 294 -118.57 -93.68 -7.63
C PHE VD 294 -118.34 -93.63 -9.13
N ASN VD 295 -119.40 -93.48 -9.92
CA ASN VD 295 -119.29 -93.42 -11.37
C ASN VD 295 -120.26 -92.42 -11.98
N GLY VD 296 -120.99 -91.66 -11.17
CA GLY VD 296 -121.88 -90.66 -11.71
C GLY VD 296 -121.14 -89.49 -12.29
N SER VD 297 -121.86 -88.71 -13.11
CA SER VD 297 -121.21 -87.62 -13.83
C SER VD 297 -122.19 -86.50 -14.09
N VAL VD 298 -121.69 -85.27 -14.01
CA VAL VD 298 -122.42 -84.06 -14.34
C VAL VD 298 -121.76 -83.43 -15.56
N LEU VD 299 -122.54 -83.16 -16.60
CA LEU VD 299 -122.00 -82.73 -17.88
C LEU VD 299 -122.55 -81.36 -18.26
N ASP VD 300 -121.79 -80.65 -19.11
CA ASP VD 300 -122.17 -79.29 -19.50
C ASP VD 300 -123.34 -79.30 -20.47
N MET VD 301 -123.22 -80.07 -21.56
CA MET VD 301 -124.31 -80.39 -22.50
C MET VD 301 -124.95 -79.15 -23.15
N ARG VD 302 -124.16 -78.11 -23.42
CA ARG VD 302 -124.67 -76.95 -24.13
C ARG VD 302 -124.31 -77.05 -25.61
N GLU VD 303 -124.60 -75.98 -26.34
CA GLU VD 303 -124.65 -76.07 -27.81
C GLU VD 303 -123.28 -75.93 -28.46
N TRP VD 304 -122.42 -75.04 -27.92
CA TRP VD 304 -121.10 -74.60 -28.38
C TRP VD 304 -121.16 -73.74 -29.63
N GLY VD 305 -122.33 -73.53 -30.24
CA GLY VD 305 -122.43 -72.77 -31.46
C GLY VD 305 -123.42 -71.62 -31.36
N GLN VD 306 -123.97 -71.41 -30.17
CA GLN VD 306 -124.88 -70.30 -29.95
C GLN VD 306 -124.13 -68.97 -30.01
N SER VD 307 -124.76 -67.97 -30.63
CA SER VD 307 -124.08 -66.71 -30.89
C SER VD 307 -123.91 -65.85 -29.64
N ASP VD 308 -124.65 -66.12 -28.57
CA ASP VD 308 -124.55 -65.39 -27.31
C ASP VD 308 -124.28 -66.36 -26.17
N LEU VD 309 -123.33 -67.26 -26.38
CA LEU VD 309 -122.93 -68.20 -25.35
C LEU VD 309 -122.13 -67.49 -24.26
N LYS VD 310 -122.30 -67.93 -23.02
CA LYS VD 310 -121.67 -67.30 -21.86
C LYS VD 310 -120.54 -68.19 -21.35
N ASP VD 311 -119.42 -67.55 -21.00
CA ASP VD 311 -118.26 -68.26 -20.50
C ASP VD 311 -118.28 -68.30 -18.97
N PHE VD 312 -117.37 -69.11 -18.42
CA PHE VD 312 -117.20 -69.16 -16.98
C PHE VD 312 -116.57 -67.87 -16.45
N ASP VD 313 -116.82 -67.59 -15.18
CA ASP VD 313 -116.27 -66.45 -14.48
C ASP VD 313 -115.27 -66.90 -13.44
N ARG VD 314 -114.79 -65.96 -12.64
CA ARG VD 314 -114.03 -66.31 -11.44
C ARG VD 314 -114.87 -67.09 -10.43
N TYR VD 315 -116.19 -66.88 -10.45
CA TYR VD 315 -117.08 -67.38 -9.42
C TYR VD 315 -117.79 -68.66 -9.82
N ASN VD 316 -117.63 -69.10 -11.07
CA ASN VD 316 -118.28 -70.30 -11.58
C ASN VD 316 -117.31 -71.40 -11.98
N LYS VD 317 -116.00 -71.11 -12.01
CA LYS VD 317 -115.02 -72.03 -12.56
C LYS VD 317 -114.75 -73.15 -11.58
N GLN VD 318 -115.40 -74.29 -11.79
CA GLN VD 318 -115.13 -75.51 -11.04
C GLN VD 318 -114.65 -76.59 -12.00
N PHE VD 319 -113.61 -77.31 -11.60
CA PHE VD 319 -113.01 -78.31 -12.47
C PHE VD 319 -113.38 -79.71 -11.98
N PRO VD 320 -114.16 -80.48 -12.77
CA PRO VD 320 -114.65 -81.82 -12.39
C PRO VD 320 -113.54 -82.84 -12.14
N GLY WD 40 -70.35 -84.96 -17.69
CA GLY WD 40 -70.97 -85.79 -18.71
C GLY WD 40 -72.25 -85.21 -19.26
N CYS WD 41 -72.17 -84.67 -20.49
CA CYS WD 41 -73.34 -84.06 -21.11
C CYS WD 41 -74.25 -85.10 -21.75
N CYS WD 42 -73.70 -85.89 -22.69
CA CYS WD 42 -74.48 -86.91 -23.39
C CYS WD 42 -74.39 -88.25 -22.66
N SER WD 43 -74.73 -88.23 -21.37
CA SER WD 43 -74.68 -89.44 -20.55
C SER WD 43 -75.86 -90.34 -20.90
N LYS WD 44 -75.59 -91.66 -20.82
CA LYS WD 44 -76.49 -92.74 -21.28
C LYS WD 44 -76.86 -92.58 -22.75
N MET WD 45 -75.95 -92.01 -23.54
CA MET WD 45 -76.08 -91.91 -24.99
C MET WD 45 -74.71 -92.26 -25.58
N GLY WD 46 -74.54 -91.98 -26.87
CA GLY WD 46 -73.30 -92.36 -27.53
C GLY WD 46 -72.16 -91.37 -27.42
N GLY WD 47 -72.32 -90.28 -26.67
CA GLY WD 47 -71.28 -89.28 -26.54
C GLY WD 47 -71.48 -88.11 -27.49
N ILE WD 48 -70.61 -87.12 -27.35
CA ILE WD 48 -70.77 -85.83 -28.02
C ILE WD 48 -70.34 -85.98 -29.49
N ASN WD 49 -71.23 -85.59 -30.41
CA ASN WD 49 -70.86 -85.55 -31.82
C ASN WD 49 -70.15 -84.25 -32.17
N TYR WD 50 -70.85 -83.11 -32.06
CA TYR WD 50 -70.27 -81.81 -32.37
C TYR WD 50 -71.11 -80.70 -31.74
N CYS WD 51 -70.52 -79.51 -31.66
CA CYS WD 51 -71.20 -78.30 -31.24
C CYS WD 51 -71.86 -77.64 -32.44
N ASP WD 52 -73.19 -77.60 -32.44
CA ASP WD 52 -73.94 -76.84 -33.43
C ASP WD 52 -74.07 -75.40 -32.93
N SER WD 53 -73.36 -74.48 -33.59
CA SER WD 53 -73.34 -73.09 -33.20
C SER WD 53 -74.52 -72.30 -33.74
N SER WD 54 -75.31 -72.88 -34.65
CA SER WD 54 -76.52 -72.21 -35.13
C SER WD 54 -77.57 -72.16 -34.03
N ALA WD 55 -77.62 -73.20 -33.19
CA ALA WD 55 -78.49 -73.22 -32.02
C ALA WD 55 -77.72 -73.09 -30.71
N GLY WD 56 -76.40 -73.15 -30.75
CA GLY WD 56 -75.58 -73.09 -29.54
C GLY WD 56 -75.73 -74.29 -28.64
N ARG WD 57 -75.85 -75.48 -29.23
CA ARG WD 57 -76.10 -76.68 -28.43
C ARG WD 57 -75.21 -77.82 -28.92
N LEU WD 58 -74.90 -78.74 -28.00
CA LEU WD 58 -74.19 -79.94 -28.37
C LEU WD 58 -75.14 -80.97 -28.98
N VAL WD 59 -74.61 -81.77 -29.90
CA VAL WD 59 -75.35 -82.87 -30.51
C VAL WD 59 -74.72 -84.17 -30.02
N CYS WD 60 -75.56 -85.10 -29.56
CA CYS WD 60 -75.05 -86.38 -29.11
C CYS WD 60 -74.86 -87.31 -30.32
N ASN WD 61 -74.39 -88.53 -30.06
CA ASN WD 61 -74.16 -89.47 -31.15
C ASN WD 61 -75.44 -90.14 -31.65
N ASN WD 62 -76.55 -89.98 -30.92
CA ASN WD 62 -77.87 -90.25 -31.46
C ASN WD 62 -78.40 -88.96 -32.09
N GLY WD 63 -79.69 -88.94 -32.43
CA GLY WD 63 -80.25 -87.76 -33.06
C GLY WD 63 -80.85 -86.76 -32.10
N PHE WD 64 -80.51 -86.87 -30.82
CA PHE WD 64 -81.08 -86.01 -29.79
C PHE WD 64 -80.17 -84.83 -29.52
N TYR WD 65 -80.78 -83.65 -29.36
CA TYR WD 65 -80.05 -82.48 -28.89
C TYR WD 65 -79.70 -82.63 -27.42
N SER WD 66 -78.53 -82.14 -27.04
CA SER WD 66 -78.10 -82.18 -25.65
C SER WD 66 -78.62 -80.95 -24.90
N THR WD 67 -78.62 -81.05 -23.57
CA THR WD 67 -79.03 -79.94 -22.72
C THR WD 67 -77.89 -78.98 -22.41
N CYS WD 68 -76.66 -79.32 -22.77
CA CYS WD 68 -75.51 -78.46 -22.48
C CYS WD 68 -75.36 -77.38 -23.53
N TYR WD 69 -74.87 -76.22 -23.10
CA TYR WD 69 -74.52 -75.14 -23.99
C TYR WD 69 -73.08 -75.30 -24.46
N CYS WD 70 -72.79 -74.80 -25.66
CA CYS WD 70 -71.43 -74.82 -26.18
C CYS WD 70 -70.99 -73.50 -26.81
N THR WD 71 -71.87 -72.49 -26.87
CA THR WD 71 -71.48 -71.13 -27.21
C THR WD 71 -72.08 -70.18 -26.18
N ARG WD 72 -71.57 -68.95 -26.16
CA ARG WD 72 -72.13 -67.96 -25.24
C ARG WD 72 -73.38 -67.30 -25.81
N HIS WD 73 -73.61 -67.44 -27.12
CA HIS WD 73 -74.79 -66.88 -27.77
C HIS WD 73 -75.89 -67.94 -27.84
N ALA WD 74 -76.21 -68.50 -26.68
CA ALA WD 74 -77.27 -69.48 -26.53
C ALA WD 74 -78.37 -68.88 -25.67
N VAL WD 75 -79.59 -69.37 -25.85
CA VAL WD 75 -80.74 -68.85 -25.12
C VAL WD 75 -80.69 -69.35 -23.68
N MET WD 76 -80.30 -68.46 -22.76
CA MET WD 76 -80.28 -68.74 -21.33
C MET WD 76 -81.33 -67.88 -20.65
N ASP WD 77 -82.00 -68.44 -19.65
CA ASP WD 77 -83.02 -67.72 -18.90
C ASP WD 77 -82.36 -66.99 -17.72
N LEU WD 78 -81.64 -65.92 -18.06
CA LEU WD 78 -80.91 -65.15 -17.07
C LEU WD 78 -81.84 -64.16 -16.38
N GLN WD 79 -81.97 -64.27 -15.06
CA GLN WD 79 -82.79 -63.38 -14.27
C GLN WD 79 -82.03 -62.66 -13.17
N PHE WD 80 -80.83 -63.09 -12.83
CA PHE WD 80 -80.06 -62.54 -11.71
C PHE WD 80 -78.66 -62.20 -12.22
N LEU WD 81 -78.35 -60.90 -12.27
CA LEU WD 81 -77.05 -60.41 -12.71
C LEU WD 81 -76.44 -59.52 -11.64
N MET WD 82 -75.12 -59.65 -11.46
CA MET WD 82 -74.41 -58.93 -10.42
C MET WD 82 -73.83 -57.62 -10.95
N GLY WD 83 -73.16 -56.89 -10.08
CA GLY WD 83 -72.62 -55.58 -10.41
C GLY WD 83 -73.55 -54.47 -9.95
N CYS WD 84 -72.96 -53.29 -9.75
CA CYS WD 84 -73.73 -52.12 -9.36
C CYS WD 84 -73.74 -51.08 -10.47
N CYS WD 85 -74.55 -50.03 -10.25
CA CYS WD 85 -75.00 -49.08 -11.28
C CYS WD 85 -75.69 -49.81 -12.44
N LEU WD 86 -76.40 -50.89 -12.12
CA LEU WD 86 -77.29 -51.52 -13.09
C LEU WD 86 -78.54 -50.67 -13.26
N TRP WD 87 -79.15 -50.77 -14.45
CA TRP WD 87 -80.26 -49.93 -14.92
C TRP WD 87 -79.88 -48.45 -14.91
N HIS WD 88 -78.60 -48.18 -15.13
CA HIS WD 88 -78.05 -46.85 -15.40
C HIS WD 88 -77.01 -47.04 -16.49
N GLY WD 89 -76.15 -46.03 -16.69
CA GLY WD 89 -75.13 -46.18 -17.70
C GLY WD 89 -73.95 -47.06 -17.32
N GLY WD 90 -73.86 -47.48 -16.06
CA GLY WD 90 -72.73 -48.23 -15.56
C GLY WD 90 -71.87 -47.38 -14.64
N VAL WD 91 -70.79 -47.98 -14.16
CA VAL WD 91 -69.90 -47.33 -13.21
C VAL WD 91 -69.00 -46.35 -13.97
N TYR WD 92 -69.04 -45.08 -13.57
CA TYR WD 92 -68.21 -44.06 -14.20
C TYR WD 92 -66.77 -44.21 -13.71
N PRO WD 93 -65.79 -44.32 -14.61
CA PRO WD 93 -64.48 -44.90 -14.22
C PRO WD 93 -63.50 -43.97 -13.53
N GLN WD 94 -63.96 -42.86 -12.96
CA GLN WD 94 -63.06 -41.97 -12.23
C GLN WD 94 -62.59 -42.61 -10.93
N LEU WD 95 -61.37 -42.26 -10.53
CA LEU WD 95 -60.85 -42.70 -9.24
C LEU WD 95 -61.13 -41.62 -8.20
N ASN WD 96 -61.67 -42.04 -7.06
CA ASN WD 96 -62.23 -41.13 -6.06
C ASN WD 96 -61.40 -41.17 -4.79
N SER WD 97 -61.24 -39.99 -4.17
CA SER WD 97 -60.61 -39.94 -2.86
C SER WD 97 -61.51 -40.57 -1.80
N SER WD 98 -62.81 -40.35 -1.90
CA SER WD 98 -63.78 -40.97 -1.00
C SER WD 98 -64.23 -42.31 -1.56
N GLY WD 99 -65.14 -42.97 -0.85
CA GLY WD 99 -65.68 -44.25 -1.24
C GLY WD 99 -66.95 -44.19 -2.06
N LEU WD 100 -67.34 -43.02 -2.55
CA LEU WD 100 -68.57 -42.89 -3.30
C LEU WD 100 -68.42 -43.50 -4.70
N VAL WD 101 -69.51 -44.13 -5.16
CA VAL WD 101 -69.57 -44.70 -6.50
C VAL WD 101 -70.68 -43.98 -7.25
N VAL WD 102 -70.33 -43.40 -8.40
CA VAL WD 102 -71.24 -42.59 -9.20
C VAL WD 102 -71.50 -43.31 -10.52
N CYS WD 103 -72.75 -43.29 -10.98
CA CYS WD 103 -73.11 -43.89 -12.25
C CYS WD 103 -72.97 -42.86 -13.38
N ASN WD 104 -73.16 -43.32 -14.61
CA ASN WD 104 -72.95 -42.48 -15.78
C ASN WD 104 -74.06 -41.46 -15.98
N ASP WD 105 -75.20 -41.60 -15.31
CA ASP WD 105 -76.28 -40.64 -15.41
C ASP WD 105 -76.34 -39.67 -14.23
N GLY WD 106 -75.29 -39.62 -13.41
CA GLY WD 106 -75.25 -38.76 -12.25
C GLY WD 106 -75.77 -39.37 -10.97
N TYR WD 107 -76.33 -40.57 -11.03
CA TYR WD 107 -76.83 -41.24 -9.84
C TYR WD 107 -75.68 -41.73 -8.98
N VAL WD 108 -75.95 -41.85 -7.68
CA VAL WD 108 -74.96 -42.32 -6.70
C VAL WD 108 -75.46 -43.63 -6.13
N SER WD 109 -74.63 -44.68 -6.23
CA SER WD 109 -75.00 -46.02 -5.77
C SER WD 109 -74.64 -46.15 -4.30
N GLU WD 110 -75.67 -46.14 -3.44
CA GLU WD 110 -75.44 -46.26 -2.00
C GLU WD 110 -75.01 -47.65 -1.60
N GLU WD 111 -75.31 -48.67 -2.41
CA GLU WD 111 -74.90 -50.04 -2.08
C GLU WD 111 -73.39 -50.22 -2.28
N CYS WD 112 -72.85 -49.73 -3.39
CA CYS WD 112 -71.41 -49.76 -3.60
C CYS WD 112 -70.67 -48.62 -2.92
N SER WD 113 -71.38 -47.61 -2.43
CA SER WD 113 -70.73 -46.51 -1.71
C SER WD 113 -70.33 -46.98 -0.31
N LEU WD 114 -69.09 -46.66 0.07
CA LEU WD 114 -68.58 -47.03 1.39
C LEU WD 114 -69.02 -45.99 2.41
N GLN WD 115 -69.38 -46.47 3.60
CA GLN WD 115 -69.82 -45.59 4.68
C GLN WD 115 -68.64 -44.85 5.29
N UNK XD 1 -98.66 -78.24 -32.98
CA UNK XD 1 -98.43 -79.44 -33.76
C UNK XD 1 -99.70 -80.27 -33.88
N UNK XD 2 -100.15 -80.81 -32.74
CA UNK XD 2 -101.38 -81.58 -32.51
C UNK XD 2 -101.40 -82.94 -33.20
N UNK XD 3 -100.36 -83.32 -33.94
CA UNK XD 3 -100.30 -84.63 -34.60
C UNK XD 3 -98.83 -84.97 -34.80
N UNK XD 4 -98.31 -85.91 -34.02
CA UNK XD 4 -96.91 -86.30 -34.15
C UNK XD 4 -96.67 -87.19 -35.36
N UNK XD 5 -97.65 -88.03 -35.72
CA UNK XD 5 -97.54 -88.93 -36.85
C UNK XD 5 -98.64 -88.58 -37.84
N UNK XD 6 -98.32 -87.73 -38.81
CA UNK XD 6 -99.29 -87.33 -39.82
C UNK XD 6 -99.51 -88.47 -40.82
N UNK XD 7 -100.67 -88.45 -41.46
CA UNK XD 7 -101.07 -89.49 -42.37
C UNK XD 7 -100.85 -89.07 -43.82
N UNK XD 8 -100.48 -90.03 -44.65
CA UNK XD 8 -100.22 -89.81 -46.07
C UNK XD 8 -101.34 -90.46 -46.87
N UNK XD 9 -102.25 -89.63 -47.40
CA UNK XD 9 -103.40 -90.03 -48.22
C UNK XD 9 -104.30 -91.06 -47.55
N PHE YD 25 -100.53 -89.27 -5.13
CA PHE YD 25 -101.02 -88.30 -4.15
C PHE YD 25 -100.92 -86.86 -4.68
N LYS YD 26 -101.93 -86.07 -4.37
CA LYS YD 26 -102.02 -84.71 -4.87
C LYS YD 26 -101.00 -83.80 -4.19
N LYS YD 27 -100.52 -82.82 -4.94
CA LYS YD 27 -99.55 -81.84 -4.46
C LYS YD 27 -100.10 -80.42 -4.61
N PRO YD 28 -99.71 -79.50 -3.73
CA PRO YD 28 -100.10 -78.09 -3.91
C PRO YD 28 -99.32 -77.46 -5.04
N PRO YD 29 -99.80 -76.32 -5.58
CA PRO YD 29 -99.00 -75.57 -6.55
C PRO YD 29 -97.70 -75.05 -5.94
N ILE YD 30 -96.65 -75.05 -6.75
CA ILE YD 30 -95.34 -74.66 -6.24
C ILE YD 30 -95.26 -73.15 -6.03
N ASN YD 31 -95.88 -72.36 -6.91
CA ASN YD 31 -95.94 -70.91 -6.74
C ASN YD 31 -97.28 -70.51 -6.11
N ASN YD 32 -97.54 -71.07 -4.93
CA ASN YD 32 -98.81 -70.79 -4.28
C ASN YD 32 -98.62 -69.74 -3.19
N PRO YD 33 -99.56 -68.80 -3.06
CA PRO YD 33 -99.47 -67.82 -1.97
C PRO YD 33 -99.81 -68.43 -0.62
N SER YD 34 -98.83 -69.08 0.00
CA SER YD 34 -98.98 -69.60 1.35
C SER YD 34 -98.48 -68.64 2.41
N ASP YD 35 -98.40 -67.35 2.07
CA ASP YD 35 -97.90 -66.32 2.97
C ASP YD 35 -98.92 -65.19 3.03
N ASP YD 36 -99.12 -64.64 4.22
CA ASP YD 36 -100.20 -63.69 4.46
C ASP YD 36 -99.95 -62.30 3.88
N ALA YD 37 -98.74 -62.00 3.42
CA ALA YD 37 -98.46 -60.80 2.65
C ALA YD 37 -98.53 -61.04 1.15
N THR YD 38 -98.07 -62.22 0.70
CA THR YD 38 -98.17 -62.60 -0.70
C THR YD 38 -99.62 -62.75 -1.15
N ILE YD 39 -100.49 -63.20 -0.24
CA ILE YD 39 -101.93 -63.29 -0.54
C ILE YD 39 -102.50 -61.91 -0.84
N LYS YD 40 -102.18 -60.92 0.01
CA LYS YD 40 -102.67 -59.56 -0.17
C LYS YD 40 -102.10 -58.91 -1.43
N LEU YD 41 -100.81 -59.19 -1.72
CA LEU YD 41 -100.19 -58.72 -2.95
C LEU YD 41 -100.87 -59.29 -4.19
N ALA YD 42 -101.22 -60.58 -4.15
CA ALA YD 42 -101.84 -61.23 -5.30
C ALA YD 42 -103.27 -60.74 -5.52
N GLU YD 43 -104.04 -60.55 -4.45
CA GLU YD 43 -105.38 -59.97 -4.61
C GLU YD 43 -105.33 -58.53 -5.10
N ALA YD 44 -104.33 -57.75 -4.65
CA ALA YD 44 -104.16 -56.40 -5.18
C ALA YD 44 -103.85 -56.41 -6.67
N ALA YD 45 -103.00 -57.36 -7.11
CA ALA YD 45 -102.69 -57.50 -8.53
C ALA YD 45 -103.93 -57.89 -9.35
N VAL YD 46 -104.75 -58.80 -8.81
CA VAL YD 46 -105.97 -59.23 -9.48
C VAL YD 46 -106.94 -58.05 -9.63
N SER YD 47 -107.11 -57.25 -8.57
CA SER YD 47 -108.02 -56.11 -8.63
C SER YD 47 -107.50 -55.02 -9.57
N VAL YD 48 -106.17 -54.83 -9.62
CA VAL YD 48 -105.59 -53.87 -10.56
C VAL YD 48 -105.83 -54.30 -12.01
N SER YD 49 -105.66 -55.60 -12.29
CA SER YD 49 -105.90 -56.10 -13.65
C SER YD 49 -107.38 -56.01 -14.04
N ASP YD 50 -108.27 -56.24 -13.08
CA ASP YD 50 -109.71 -56.10 -13.33
C ASP YD 50 -110.07 -54.65 -13.63
N SER YD 51 -109.46 -53.72 -12.89
CA SER YD 51 -109.68 -52.29 -13.13
C SER YD 51 -109.13 -51.86 -14.50
N MET YD 52 -107.97 -52.41 -14.90
CA MET YD 52 -107.44 -52.16 -16.24
C MET YD 52 -108.38 -52.65 -17.34
N LEU YD 53 -108.94 -53.86 -17.16
CA LEU YD 53 -109.88 -54.39 -18.14
C LEU YD 53 -111.14 -53.54 -18.25
N GLU YD 54 -111.67 -53.09 -17.10
CA GLU YD 54 -112.85 -52.24 -17.10
C GLU YD 54 -112.57 -50.88 -17.76
N MET YD 55 -111.41 -50.29 -17.47
CA MET YD 55 -111.05 -49.00 -18.06
C MET YD 55 -110.84 -49.11 -19.56
N ALA YD 56 -110.24 -50.21 -20.03
CA ALA YD 56 -110.09 -50.44 -21.46
C ALA YD 56 -111.45 -50.65 -22.14
N LYS YD 57 -112.37 -51.35 -21.46
CA LYS YD 57 -113.72 -51.55 -21.99
C LYS YD 57 -114.46 -50.22 -22.11
N VAL YD 58 -114.26 -49.32 -21.15
CA VAL YD 58 -114.86 -47.99 -21.26
C VAL YD 58 -114.23 -47.20 -22.40
N GLU YD 59 -112.90 -47.23 -22.51
CA GLU YD 59 -112.21 -46.33 -23.44
C GLU YD 59 -112.31 -46.78 -24.90
N LYS YD 60 -112.40 -48.07 -25.19
CA LYS YD 60 -112.34 -48.52 -26.58
C LYS YD 60 -113.64 -48.23 -27.31
N VAL YD 61 -113.52 -47.66 -28.52
CA VAL YD 61 -114.65 -47.39 -29.40
C VAL YD 61 -114.52 -48.30 -30.62
N ILE YD 62 -115.65 -48.86 -31.06
CA ILE YD 62 -115.71 -49.78 -32.19
C ILE YD 62 -116.71 -49.25 -33.21
N THR YD 63 -116.83 -49.98 -34.32
CA THR YD 63 -117.85 -49.74 -35.33
C THR YD 63 -118.63 -51.03 -35.58
N PRO YD 64 -119.93 -50.93 -35.89
CA PRO YD 64 -120.67 -52.13 -36.26
C PRO YD 64 -120.23 -52.65 -37.62
N PRO YD 65 -120.35 -53.96 -37.87
CA PRO YD 65 -119.92 -54.50 -39.17
C PRO YD 65 -120.85 -54.17 -40.32
N SER YD 66 -122.03 -53.62 -40.06
CA SER YD 66 -122.94 -53.29 -41.15
C SER YD 66 -122.49 -52.06 -41.92
N LYS YD 67 -121.93 -51.06 -41.22
CA LYS YD 67 -121.52 -49.81 -41.84
C LYS YD 67 -120.00 -49.68 -41.94
N ASP YD 68 -119.28 -50.81 -41.95
CA ASP YD 68 -117.83 -50.77 -42.09
C ASP YD 68 -117.46 -50.42 -43.52
N ASN YD 69 -116.64 -49.37 -43.69
CA ASN YD 69 -116.28 -48.86 -45.01
C ASN YD 69 -114.98 -49.51 -45.47
N THR YD 70 -115.09 -50.79 -45.83
CA THR YD 70 -113.97 -51.58 -46.32
C THR YD 70 -114.48 -52.44 -47.47
N LEU YD 71 -113.68 -52.51 -48.54
CA LEU YD 71 -114.05 -53.30 -49.72
C LEU YD 71 -114.12 -54.79 -49.37
N THR YD 72 -115.19 -55.43 -49.81
CA THR YD 72 -115.38 -56.86 -49.61
C THR YD 72 -114.70 -57.65 -50.73
N ILE YD 73 -114.69 -58.97 -50.57
CA ILE YD 73 -114.11 -59.85 -51.58
C ILE YD 73 -115.07 -59.92 -52.76
N PRO YD 74 -114.64 -59.56 -53.97
CA PRO YD 74 -115.54 -59.55 -55.12
C PRO YD 74 -115.76 -60.91 -55.78
N ASN YD 75 -115.17 -61.97 -55.21
CA ASN YD 75 -115.34 -63.40 -55.50
C ASN YD 75 -115.41 -63.81 -56.98
N ALA YD 76 -114.75 -63.05 -57.84
CA ALA YD 76 -114.60 -63.43 -59.23
C ALA YD 76 -113.57 -64.55 -59.38
N TYR YD 77 -113.70 -65.30 -60.47
CA TYR YD 77 -112.82 -66.44 -60.68
C TYR YD 77 -111.40 -66.00 -61.04
N ASN YD 78 -111.27 -64.90 -61.79
CA ASN YD 78 -109.96 -64.41 -62.20
C ASN YD 78 -109.20 -63.72 -61.07
N LEU YD 79 -109.89 -63.31 -60.01
CA LEU YD 79 -109.27 -62.60 -58.90
C LEU YD 79 -108.85 -63.52 -57.75
N GLN YD 80 -109.02 -64.83 -57.91
CA GLN YD 80 -108.61 -65.78 -56.87
C GLN YD 80 -107.19 -66.29 -57.06
N ALA YD 81 -106.49 -65.80 -58.07
CA ALA YD 81 -105.12 -66.25 -58.32
C ALA YD 81 -104.16 -65.66 -57.28
N ARG YD 82 -103.13 -66.44 -56.95
CA ARG YD 82 -102.16 -66.05 -55.95
C ARG YD 82 -100.99 -65.31 -56.60
N ALA YD 83 -100.40 -64.38 -55.85
CA ALA YD 83 -99.35 -63.52 -56.37
C ALA YD 83 -98.28 -63.31 -55.30
N SER YD 84 -97.21 -62.60 -55.68
CA SER YD 84 -96.09 -62.29 -54.80
C SER YD 84 -95.65 -60.87 -55.13
N VAL YD 85 -95.93 -59.93 -54.23
CA VAL YD 85 -95.78 -58.50 -54.50
C VAL YD 85 -94.86 -57.89 -53.46
N ASP YD 86 -93.85 -57.17 -53.92
CA ASP YD 86 -93.00 -56.35 -53.05
C ASP YD 86 -92.98 -54.97 -53.70
N TRP YD 87 -93.60 -53.99 -53.04
CA TRP YD 87 -93.75 -52.67 -53.64
C TRP YD 87 -93.92 -51.64 -52.53
N SER YD 88 -93.33 -50.46 -52.73
CA SER YD 88 -93.50 -49.33 -51.82
C SER YD 88 -93.44 -48.06 -52.68
N GLY YD 89 -94.60 -47.57 -53.09
CA GLY YD 89 -94.68 -46.43 -53.96
C GLY YD 89 -96.11 -45.97 -54.20
N PRO YD 90 -96.36 -45.35 -55.37
CA PRO YD 90 -97.70 -44.86 -55.67
C PRO YD 90 -98.71 -45.97 -55.89
N ILE YD 91 -99.97 -45.62 -55.65
CA ILE YD 91 -101.05 -46.60 -55.66
C ILE YD 91 -101.49 -46.95 -57.09
N GLU YD 92 -101.44 -45.99 -58.02
CA GLU YD 92 -102.00 -46.16 -59.36
C GLU YD 92 -101.21 -47.18 -60.18
N GLU YD 93 -99.89 -47.15 -60.07
CA GLU YD 93 -99.03 -48.05 -60.85
C GLU YD 93 -99.24 -49.50 -60.44
N LEU YD 94 -99.25 -49.75 -59.12
CA LEU YD 94 -99.49 -51.10 -58.59
C LEU YD 94 -100.91 -51.57 -58.90
N THR YD 95 -101.90 -50.68 -58.80
CA THR YD 95 -103.28 -51.07 -59.08
C THR YD 95 -103.46 -51.40 -60.56
N ALA YD 96 -102.77 -50.67 -61.45
CA ALA YD 96 -102.80 -50.98 -62.87
C ALA YD 96 -102.16 -52.33 -63.16
N ARG YD 97 -101.04 -52.65 -62.49
CA ARG YD 97 -100.42 -53.96 -62.70
C ARG YD 97 -101.29 -55.09 -62.16
N ILE YD 98 -101.99 -54.85 -61.05
CA ILE YD 98 -102.91 -55.84 -60.49
C ILE YD 98 -104.07 -56.09 -61.43
N ALA YD 99 -104.61 -55.01 -62.03
CA ALA YD 99 -105.69 -55.16 -63.01
C ALA YD 99 -105.23 -55.88 -64.28
N LYS YD 100 -104.00 -55.60 -64.73
CA LYS YD 100 -103.47 -56.31 -65.90
C LYS YD 100 -103.26 -57.79 -65.61
N ALA YD 101 -102.75 -58.11 -64.40
CA ALA YD 101 -102.56 -59.51 -64.02
C ALA YD 101 -103.89 -60.23 -63.83
N ALA YD 102 -104.94 -59.50 -63.42
CA ALA YD 102 -106.26 -60.08 -63.29
C ALA YD 102 -107.09 -59.97 -64.57
N HIS YD 103 -106.49 -59.45 -65.65
CA HIS YD 103 -107.10 -59.36 -66.99
C HIS YD 103 -108.35 -58.49 -67.00
N PHE YD 104 -108.36 -57.46 -66.15
CA PHE YD 104 -109.43 -56.48 -66.10
C PHE YD 104 -108.98 -55.21 -66.81
N ARG YD 105 -109.94 -54.33 -67.08
CA ARG YD 105 -109.59 -52.98 -67.51
C ARG YD 105 -109.40 -52.11 -66.28
N PHE YD 106 -108.75 -50.96 -66.47
CA PHE YD 106 -108.42 -50.09 -65.36
C PHE YD 106 -108.75 -48.65 -65.72
N ARG YD 107 -109.45 -47.95 -64.83
CA ARG YD 107 -109.79 -46.56 -65.07
C ARG YD 107 -109.70 -45.75 -63.79
N VAL YD 108 -109.42 -44.45 -63.94
CA VAL YD 108 -109.21 -43.53 -62.84
C VAL YD 108 -110.21 -42.38 -62.97
N LEU YD 109 -110.90 -42.08 -61.88
CA LEU YD 109 -111.79 -40.92 -61.80
C LEU YD 109 -111.34 -40.02 -60.65
N GLY YD 110 -110.87 -38.84 -60.98
CA GLY YD 110 -110.44 -37.87 -60.00
C GLY YD 110 -109.23 -37.11 -60.51
N LYS YD 111 -108.55 -36.44 -59.58
CA LYS YD 111 -107.35 -35.67 -59.88
C LYS YD 111 -106.25 -36.07 -58.92
N SER YD 112 -105.07 -36.34 -59.46
CA SER YD 112 -103.93 -36.71 -58.62
C SER YD 112 -103.42 -35.47 -57.87
N PRO YD 113 -103.16 -35.58 -56.57
CA PRO YD 113 -102.68 -34.42 -55.80
C PRO YD 113 -101.20 -34.15 -56.08
N SER YD 114 -100.70 -33.08 -55.47
CA SER YD 114 -99.29 -32.74 -55.58
C SER YD 114 -98.41 -33.77 -54.88
N VAL YD 115 -98.82 -34.22 -53.70
CA VAL YD 115 -98.16 -35.30 -52.99
C VAL YD 115 -98.93 -36.58 -53.29
N PRO YD 116 -98.31 -37.59 -53.90
CA PRO YD 116 -99.06 -38.80 -54.25
C PRO YD 116 -99.36 -39.67 -53.03
N VAL YD 117 -100.35 -40.53 -53.20
CA VAL YD 117 -100.72 -41.48 -52.15
C VAL YD 117 -99.75 -42.66 -52.21
N LEU YD 118 -99.06 -42.91 -51.10
CA LEU YD 118 -98.01 -43.92 -51.04
C LEU YD 118 -98.46 -45.10 -50.19
N ILE YD 119 -98.38 -46.30 -50.76
CA ILE YD 119 -98.73 -47.53 -50.07
C ILE YD 119 -97.49 -48.43 -50.02
N SER YD 120 -97.62 -49.53 -49.30
CA SER YD 120 -96.51 -50.47 -49.15
C SER YD 120 -97.09 -51.87 -48.98
N ILE YD 121 -96.91 -52.72 -49.99
CA ILE YD 121 -97.42 -54.08 -49.98
C ILE YD 121 -96.23 -55.03 -50.09
N SER YD 122 -96.08 -55.92 -49.12
CA SER YD 122 -94.99 -56.90 -49.10
C SER YD 122 -95.57 -58.24 -48.70
N THR YD 123 -96.00 -59.03 -49.69
CA THR YD 123 -96.55 -60.35 -49.44
C THR YD 123 -95.94 -61.34 -50.42
N LYS YD 124 -95.92 -62.61 -50.00
CA LYS YD 124 -95.31 -63.70 -50.73
C LYS YD 124 -96.33 -64.64 -51.38
N ASP YD 125 -97.45 -64.88 -50.70
CA ASP YD 125 -98.48 -65.78 -51.24
C ASP YD 125 -99.84 -65.25 -50.77
N GLU YD 126 -100.48 -64.47 -51.62
CA GLU YD 126 -101.74 -63.83 -51.26
C GLU YD 126 -102.56 -63.60 -52.52
N SER YD 127 -103.88 -63.69 -52.39
CA SER YD 127 -104.78 -63.52 -53.52
C SER YD 127 -104.86 -62.05 -53.96
N LEU YD 128 -105.21 -61.85 -55.23
CA LEU YD 128 -105.27 -60.51 -55.81
C LEU YD 128 -106.40 -59.68 -55.19
N ALA YD 129 -107.52 -60.32 -54.85
CA ALA YD 129 -108.61 -59.62 -54.16
C ALA YD 129 -108.19 -59.17 -52.77
N GLU YD 130 -107.42 -60.01 -52.07
CA GLU YD 130 -106.92 -59.63 -50.75
C GLU YD 130 -105.90 -58.51 -50.84
N ILE YD 131 -105.08 -58.52 -51.89
CA ILE YD 131 -104.13 -57.44 -52.14
C ILE YD 131 -104.86 -56.13 -52.43
N LEU YD 132 -105.94 -56.21 -53.22
CA LEU YD 132 -106.76 -55.03 -53.51
C LEU YD 132 -107.46 -54.50 -52.25
N ARG YD 133 -107.91 -55.41 -51.38
CA ARG YD 133 -108.51 -55.00 -50.12
C ARG YD 133 -107.50 -54.30 -49.21
N ASP YD 134 -106.27 -54.83 -49.17
CA ASP YD 134 -105.22 -54.19 -48.38
C ASP YD 134 -104.83 -52.83 -48.95
N ILE YD 135 -104.83 -52.71 -50.29
CA ILE YD 135 -104.56 -51.42 -50.95
C ILE YD 135 -105.65 -50.41 -50.62
N ASP YD 136 -106.91 -50.84 -50.64
CA ASP YD 136 -108.03 -49.93 -50.34
C ASP YD 136 -108.00 -49.51 -48.87
N TYR YD 137 -107.64 -50.44 -47.97
CA TYR YD 137 -107.51 -50.09 -46.56
C TYR YD 137 -106.36 -49.13 -46.32
N GLN YD 138 -105.22 -49.34 -46.98
CA GLN YD 138 -104.07 -48.47 -46.80
C GLN YD 138 -104.25 -47.11 -47.46
N ALA YD 139 -105.11 -47.01 -48.47
CA ALA YD 139 -105.35 -45.71 -49.11
C ALA YD 139 -106.07 -44.75 -48.17
N GLY YD 140 -106.97 -45.26 -47.34
CA GLY YD 140 -107.67 -44.43 -46.40
C GLY YD 140 -108.83 -43.65 -47.00
N LYS YD 141 -108.95 -42.38 -46.63
CA LYS YD 141 -110.03 -41.53 -47.12
C LYS YD 141 -109.66 -40.77 -48.38
N LYS YD 142 -108.44 -40.93 -48.89
CA LYS YD 142 -108.02 -40.18 -50.06
C LYS YD 142 -108.45 -40.85 -51.36
N ALA YD 143 -108.55 -42.17 -51.38
CA ALA YD 143 -108.91 -42.88 -52.61
C ALA YD 143 -109.70 -44.12 -52.26
N SER YD 144 -110.41 -44.63 -53.26
CA SER YD 144 -111.20 -45.85 -53.13
C SER YD 144 -111.05 -46.69 -54.39
N ILE YD 145 -111.24 -47.99 -54.23
CA ILE YD 145 -111.13 -48.94 -55.34
C ILE YD 145 -112.46 -49.68 -55.47
N HIS YD 146 -113.06 -49.62 -56.64
CA HIS YD 146 -114.30 -50.34 -56.95
C HIS YD 146 -114.03 -51.38 -58.02
N VAL YD 147 -114.64 -52.55 -57.88
CA VAL YD 147 -114.47 -53.65 -58.81
C VAL YD 147 -115.83 -53.97 -59.42
N TYR YD 148 -115.91 -53.89 -60.75
CA TYR YD 148 -117.11 -54.27 -61.48
C TYR YD 148 -116.82 -55.56 -62.25
N PRO YD 149 -117.48 -56.67 -61.91
CA PRO YD 149 -117.18 -57.94 -62.60
C PRO YD 149 -118.02 -58.22 -63.82
N ASN YD 150 -119.18 -57.57 -63.96
CA ASN YD 150 -120.02 -57.80 -65.12
C ASN YD 150 -119.40 -57.19 -66.38
N SER YD 151 -118.95 -55.95 -66.29
CA SER YD 151 -118.03 -55.35 -67.25
C SER YD 151 -116.70 -55.24 -66.51
N GLN YD 152 -115.75 -56.12 -66.84
CA GLN YD 152 -114.62 -56.42 -65.97
C GLN YD 152 -113.64 -55.26 -65.86
N VAL YD 153 -113.84 -54.41 -64.85
CA VAL YD 153 -113.08 -53.17 -64.73
C VAL YD 153 -112.79 -52.88 -63.25
N VAL YD 154 -111.67 -52.20 -63.02
CA VAL YD 154 -111.27 -51.72 -61.70
C VAL YD 154 -111.16 -50.20 -61.79
N GLU YD 155 -111.89 -49.52 -60.90
CA GLU YD 155 -111.96 -48.07 -60.89
C GLU YD 155 -111.27 -47.54 -59.64
N LEU YD 156 -110.36 -46.59 -59.84
CA LEU YD 156 -109.70 -45.89 -58.74
C LEU YD 156 -110.29 -44.49 -58.67
N ARG YD 157 -110.99 -44.20 -57.59
CA ARG YD 157 -111.73 -42.94 -57.45
C ARG YD 157 -111.06 -42.11 -56.36
N TYR YD 158 -110.65 -40.89 -56.71
CA TYR YD 158 -110.02 -39.99 -55.76
C TYR YD 158 -111.08 -39.23 -54.97
N ALA YD 159 -110.64 -38.61 -53.87
CA ALA YD 159 -111.52 -37.83 -53.00
C ALA YD 159 -111.42 -36.36 -53.37
N LYS YD 160 -112.57 -35.69 -53.43
CA LYS YD 160 -112.62 -34.28 -53.78
C LYS YD 160 -112.25 -33.41 -52.58
N ILE ZD 208 -143.45 -50.29 -23.44
CA ILE ZD 208 -143.15 -51.49 -22.67
C ILE ZD 208 -142.28 -52.44 -23.49
N ILE ZD 209 -141.57 -53.34 -22.78
CA ILE ZD 209 -140.70 -54.31 -23.40
C ILE ZD 209 -140.93 -55.66 -22.72
N TYR ZD 210 -141.04 -56.71 -23.52
CA TYR ZD 210 -141.34 -58.06 -23.03
C TYR ZD 210 -140.08 -58.89 -22.94
N TYR ZD 211 -140.05 -59.78 -21.94
CA TYR ZD 211 -139.04 -60.82 -21.83
C TYR ZD 211 -139.74 -62.16 -21.63
N ILE ZD 212 -139.13 -63.21 -22.16
CA ILE ZD 212 -139.72 -64.55 -22.09
C ILE ZD 212 -139.52 -65.10 -20.69
N GLN ZD 213 -140.53 -65.82 -20.20
CA GLN ZD 213 -140.52 -66.41 -18.87
C GLN ZD 213 -140.23 -67.91 -18.90
N ALA ZD 214 -140.93 -68.64 -19.76
CA ALA ZD 214 -140.66 -70.05 -19.99
C ALA ZD 214 -141.02 -70.37 -21.44
N VAL ZD 215 -140.41 -71.42 -21.97
CA VAL ZD 215 -140.54 -71.76 -23.38
C VAL ZD 215 -140.82 -73.24 -23.52
N ILE ZD 216 -141.58 -73.59 -24.56
CA ILE ZD 216 -141.83 -74.97 -24.96
C ILE ZD 216 -141.88 -74.99 -26.48
N PRO ZD 217 -141.62 -76.15 -27.10
CA PRO ZD 217 -141.90 -76.25 -28.55
C PRO ZD 217 -143.37 -76.04 -28.87
N GLY ZD 218 -143.68 -74.93 -29.52
CA GLY ZD 218 -145.04 -74.62 -29.90
C GLY ZD 218 -145.62 -73.38 -29.24
N ARG ZD 219 -145.30 -73.16 -27.96
CA ARG ZD 219 -145.94 -72.11 -27.18
C ARG ZD 219 -144.89 -71.40 -26.32
N ALA ZD 220 -145.21 -70.18 -25.89
CA ALA ZD 220 -144.30 -69.46 -25.03
C ALA ZD 220 -145.07 -68.59 -24.05
N TRP ZD 221 -144.45 -68.34 -22.90
CA TRP ZD 221 -145.00 -67.53 -21.83
C TRP ZD 221 -144.16 -66.28 -21.69
N LEU ZD 222 -144.79 -65.12 -21.77
CA LEU ZD 222 -144.10 -63.84 -21.77
C LEU ZD 222 -144.54 -63.00 -20.57
N ILE ZD 223 -143.61 -62.18 -20.09
CA ILE ZD 223 -143.87 -61.22 -19.01
C ILE ZD 223 -143.39 -59.86 -19.50
N GLY ZD 224 -144.08 -58.80 -19.07
CA GLY ZD 224 -143.77 -57.45 -19.48
C GLY ZD 224 -143.19 -56.60 -18.37
N SER ZD 225 -142.97 -55.33 -18.71
CA SER ZD 225 -142.45 -54.37 -17.74
C SER ZD 225 -143.48 -54.02 -16.68
N ASN ZD 226 -144.77 -54.04 -17.04
CA ASN ZD 226 -145.84 -53.75 -16.09
C ASN ZD 226 -146.21 -54.95 -15.22
N GLY ZD 227 -145.66 -56.13 -15.49
CA GLY ZD 227 -145.96 -57.30 -14.70
C GLY ZD 227 -147.16 -58.11 -15.17
N SER ZD 228 -147.59 -57.93 -16.41
CA SER ZD 228 -148.75 -58.64 -16.95
C SER ZD 228 -148.26 -59.84 -17.77
N THR ZD 229 -148.84 -61.00 -17.50
CA THR ZD 229 -148.47 -62.22 -18.20
C THR ZD 229 -149.14 -62.27 -19.56
N LEU ZD 230 -148.56 -63.10 -20.45
CA LEU ZD 230 -149.12 -63.29 -21.78
C LEU ZD 230 -148.74 -64.67 -22.27
N THR ZD 231 -149.61 -65.28 -23.06
CA THR ZD 231 -149.36 -66.58 -23.67
C THR ZD 231 -149.39 -66.39 -25.18
N VAL ZD 232 -148.31 -66.83 -25.86
CA VAL ZD 232 -148.16 -66.59 -27.28
C VAL ZD 232 -147.93 -67.93 -27.99
N ARG ZD 233 -148.56 -68.08 -29.15
CA ARG ZD 233 -148.39 -69.23 -30.03
C ARG ZD 233 -147.45 -68.84 -31.17
N GLU ZD 234 -147.34 -69.73 -32.16
CA GLU ZD 234 -146.59 -69.39 -33.37
C GLU ZD 234 -147.29 -68.29 -34.17
N GLY ZD 235 -148.58 -68.47 -34.43
CA GLY ZD 235 -149.34 -67.44 -35.11
C GLY ZD 235 -150.35 -66.75 -34.23
N SER ZD 236 -150.04 -65.53 -33.80
CA SER ZD 236 -150.94 -64.72 -32.97
C SER ZD 236 -150.55 -63.25 -33.12
N LYS ZD 237 -151.13 -62.40 -32.28
CA LYS ZD 237 -150.85 -60.98 -32.30
C LYS ZD 237 -150.40 -60.53 -30.91
N ILE ZD 238 -149.28 -59.82 -30.85
CA ILE ZD 238 -148.81 -59.22 -29.61
C ILE ZD 238 -148.60 -57.72 -29.86
N PRO ZD 239 -148.81 -56.87 -28.86
CA PRO ZD 239 -148.66 -55.42 -29.11
C PRO ZD 239 -147.21 -54.96 -29.04
N GLY ZD 240 -146.88 -53.99 -29.90
CA GLY ZD 240 -145.58 -53.36 -29.89
C GLY ZD 240 -144.49 -54.08 -30.64
N TYR ZD 241 -144.74 -55.30 -31.12
CA TYR ZD 241 -143.73 -56.07 -31.82
C TYR ZD 241 -144.19 -56.52 -33.21
N GLY ZD 242 -145.44 -56.95 -33.35
CA GLY ZD 242 -145.99 -57.36 -34.62
C GLY ZD 242 -146.26 -58.85 -34.66
N MET ZD 243 -145.91 -59.48 -35.78
CA MET ZD 243 -146.19 -60.89 -36.02
C MET ZD 243 -145.00 -61.74 -35.60
N VAL ZD 244 -145.27 -62.85 -34.93
CA VAL ZD 244 -144.25 -63.82 -34.56
C VAL ZD 244 -144.11 -64.82 -35.71
N LYS ZD 245 -142.88 -64.97 -36.22
CA LYS ZD 245 -142.64 -65.90 -37.31
C LYS ZD 245 -141.88 -67.16 -36.90
N LEU ZD 246 -141.22 -67.16 -35.74
CA LEU ZD 246 -140.43 -68.31 -35.33
C LEU ZD 246 -140.34 -68.32 -33.81
N ILE ZD 247 -140.43 -69.52 -33.24
CA ILE ZD 247 -140.21 -69.74 -31.82
C ILE ZD 247 -139.16 -70.84 -31.67
N ASP ZD 248 -138.05 -70.51 -31.03
CA ASP ZD 248 -136.94 -71.43 -30.86
C ASP ZD 248 -136.96 -72.01 -29.45
N SER ZD 249 -136.77 -73.33 -29.35
CA SER ZD 249 -136.81 -74.03 -28.07
C SER ZD 249 -135.43 -74.31 -27.51
N LEU ZD 250 -134.44 -74.60 -28.37
CA LEU ZD 250 -133.08 -74.84 -27.89
C LEU ZD 250 -132.43 -73.56 -27.40
N GLN ZD 251 -132.68 -72.45 -28.09
CA GLN ZD 251 -132.21 -71.14 -27.68
C GLN ZD 251 -133.41 -70.26 -27.36
N GLY ZD 252 -133.29 -69.46 -26.31
CA GLY ZD 252 -134.40 -68.64 -25.86
C GLY ZD 252 -134.59 -67.40 -26.70
N ARG ZD 253 -135.09 -67.57 -27.93
CA ARG ZD 253 -135.26 -66.48 -28.88
C ARG ZD 253 -136.66 -66.52 -29.47
N ILE ZD 254 -137.29 -65.36 -29.56
CA ILE ZD 254 -138.54 -65.19 -30.30
C ILE ZD 254 -138.35 -64.05 -31.29
N LEU ZD 255 -138.45 -64.35 -32.58
CA LEU ZD 255 -138.28 -63.36 -33.62
C LEU ZD 255 -139.61 -62.69 -33.95
N THR ZD 256 -139.59 -61.37 -34.10
CA THR ZD 256 -140.81 -60.64 -34.43
C THR ZD 256 -140.75 -60.10 -35.85
N SER ZD 257 -141.89 -59.60 -36.31
CA SER ZD 257 -141.99 -59.07 -37.67
C SER ZD 257 -141.30 -57.72 -37.82
N SER ZD 258 -141.15 -56.97 -36.73
CA SER ZD 258 -140.47 -55.68 -36.80
C SER ZD 258 -138.97 -55.82 -36.95
N GLY ZD 259 -138.41 -56.99 -36.63
CA GLY ZD 259 -136.99 -57.23 -36.80
C GLY ZD 259 -136.22 -57.22 -35.49
N GLN ZD 260 -136.84 -57.71 -34.42
CA GLN ZD 260 -136.18 -57.78 -33.13
C GLN ZD 260 -136.51 -59.10 -32.45
N VAL ZD 261 -135.65 -59.46 -31.51
CA VAL ZD 261 -135.68 -60.76 -30.85
C VAL ZD 261 -135.96 -60.56 -29.37
N ILE ZD 262 -136.98 -61.24 -28.86
CA ILE ZD 262 -137.26 -61.30 -27.44
C ILE ZD 262 -136.47 -62.46 -26.85
N LYS ZD 263 -135.68 -62.15 -25.82
CA LYS ZD 263 -134.80 -63.11 -25.16
C LYS ZD 263 -135.14 -63.20 -23.68
N PHE ZD 264 -134.33 -63.94 -22.93
CA PHE ZD 264 -134.50 -64.05 -21.49
C PHE ZD 264 -134.00 -62.78 -20.80
N SER ZD 265 -134.33 -62.67 -19.52
CA SER ZD 265 -133.88 -61.54 -18.72
C SER ZD 265 -132.43 -61.72 -18.32
N GLN ZD 266 -131.81 -60.62 -17.90
CA GLN ZD 266 -130.41 -60.63 -17.52
C GLN ZD 266 -130.24 -60.26 -16.04
#